data_8I4M
#
_entry.id   8I4M
#
loop_
_entity.id
_entity.type
_entity.pdbx_description
1 polymer 'Portal protein(gp 16) of the cyanophage P-SCSP1u'
2 polymer 'Nozzle protein(gp 23) of the cyanophage P-SCSP1u'
3 polymer 'Adaptor protein(gp22) of the cyanophage P-SCSP1u'
4 polymer 'Fiber protein(gp 28) of the cyanophage P-SCSP1u'
#
loop_
_entity_poly.entity_id
_entity_poly.type
_entity_poly.pdbx_seq_one_letter_code
_entity_poly.pdbx_strand_id
1 'polypeptide(L)'
;MKTRLTNNVDRQSALYGSSGGTAAQRYEQLRVDRNSPLKRARDCSKVTIPGLIEDENYGDAGRLDTPYQSSGARGVGHMT
SKLAVTLFPTNEHFFKLEIDSLAILASDQNPEMITEFDSALVKVEQAVMRMFETIGGRAAMHEALKHLLVGGNVLLYVSD
EGIKVIHLDSYVLCRDPMGNVTEIVVEEEIFKDALPEEYLDEEDDDDDDMGKKMVKIYTCIKFMDDQCHWYQEIKGKEVP
GTHGKCAADVAPWIALRQDRVDSEMYGRSYVEQYYGDLLALENLYKAILEASASLSKVLFLCNPNGTTRPRTLSQASNGS
IVQGNAADVTVLQAAGKSQDLQIANQTIERIENRLAFAFMLNTAIQRPGERVTAEEIRYMAQELDAGISGLYSILSRELQ
LPLVRRLIHILRRKRKLPDFPRSEVTGEPLIKEKAVTGIEAIGRGDDRNKLIDFITTANQALGPQAMTQFLNVEEALRRL
AASGSIDTTNLVKTKAQLQQEAAAQAEAEQQAQQQQLLETGIKSPAMAQAVKNFQGADPERAAQALSAITSETGGIDADQ
LTEAV
;
S,T,U,V,W,X,Y,Z,a,b,c,d
2 'polypeptide(L)'
;MPLISSSIPNLINGVSQQPAALRLASQAEEVINCMPSPVEGLKKRPPMQHIKKLFAGSAGTGRPFTHIVDRDGVIRYLIF
IQDNAIKVFDLDGNAQTVSTPNGTSYLNITGEPSSTFRVASIADFTFIVNREKTVAMDTTNKSYNWGTKSMVFIKSADFS
TTYRVKLNGTEKSVTTGNSSGSAPDTVTIASDLATQLNTISGFTVTSTDYIIRITKDDGGDYTLESSDTKTADATSAIKG
TVDSITDLPTIAEHNFTVRIQGSATTAFDDYFVKFEATAGSGFGPGVWRETVAPNIDHLLDKSTMPHTLVRNANGTFTFA
QFNYTGRVAGDTTTAPNPTFVGSKIKNINLFRNRLVFLADENVILSAADSFERFFPETVQTLLDSDPIDISSGGTSVNFL
NSSLAFANTLLLFSLHGQFRLDTGSTSVGTALTPKTATITAITTFDIVDAIDPIGVGRTVYFGIPKGDFSGLREYFLPDA
SGPIPLSEEVTSSVPRFVPGNLISMSPSVSEEVITMISKDQPRRVYIYKFFFDDDQKLQSSWSYWEVAANKTLLGGNVLD
SDLYTCVEYSDGVYLEKTQLRPETVDSGTEFEILLDRKTTEAACSTSLINSGALGVQTVITLPYPMSGTGTMAVVGRFAS
NNTIAHGQVIKATAETLTGGASGNGTMTVPGDLSSAKFFVGEIYNMTYEFSTPYLKETPPGGGLAVLANPRLQLRTWSIV
FDETSNFSMKITPGQRDELTYPFNGYKIGSGQFPIGTPSLATGRFRVPVMAQNIETKIVLFSDSPLPCRVQSAEWEGWYQ
ERARRL
;
A,B,C,D,E,F
3 'polypeptide(L)'
;MAARTSFLDAVNRVLQMLGEAPVNSLQGQFGLAKQAEVALNDVSRTIQTEGWSFNTDLEKKLERNSSNEIELSSNVSRVV
VDNLEYPDIDVVQRGDKLYDRKNNRYTFDEDLIVDMTTILEWDLLPEHARQYITIKAGRQLQEAIIGSAELTKLNLTQEV
EARSAFLEEETTKSEHSMLRGHLNRTSPVNTYIPSRTLER
;
G,H,I,J,K,L,q,r,s,t,u,v
4 'polypeptide(L)'
;MAFAQRIITSNSAGDQEFTFTFDYIKEEHIKVFVNFVEKAQGTGSNEFQVITNTTPKKISLNTGLSADNTRVEIRRVSSL
STPLVDFADGSTLTAADLDTAEKQSLFIDQELDDALKQGISIDTSTGVPTLNSQRLSNVSDPVNAQDAVTKAYLERSGSI
TSTQILNGTIVDADINASAAIAKSKLAALNIVNADVNASAAIAGSKLADASIAYTKIQNVSATNRILGRDSSGAGVIEEI
TPANLRTMINVEDGATADQSAAEIRTLVESASDSNVFTDADHTKLNAIEASADVTDATNVDAAGAVMNSDTSTAAMQFVI
DEDTFGSNLDTKVPTQQSVKAYITATSQPLDSELSQLAGMQSGTASKLADSTALTADIADLNQLDGMAKETSITNSNTKF
PTSAAVVNFVANQIAPVGGLEVIADEDSFPATQPVSGVVISISNADGLVINNAGEASNARTVGSGSDNVTIKNFPASLRN
QTLAPNLGLLVSSTGASQEYNYHKLLAKETDVLQLSDDINDFNNRYRVENTLPAANDSSNHDGDLVYAKEEKKIYVYSGD
YNGTPVGSFGEVQSIGNFFISTLSPAFNGSLQDFTITNAPSNAQQIILSINGVIQKPNSGTSTPSEGFALSGSTIKLAAA
PPSGADYFAIVLGSTVNIGTPSNNTVTSSILQNGSVIEAKLGSGAVTRTKLNLVSTSSAPGLEVKGDGSSDGYLQLNCSQ
NSHGIKLKSPPHSAGQSYTLTFPSNIVSGQFLTTDANGNLSWAAVVTDLVNDTSPQLGGNLDCNDKNILLNDSSGSANNR
IRLGASQDFALFHNGTINIIEAVSGDLHLRLNGSEEGIIVKQNGAVELYYDNSKKFHTSSVGATVTGNLFLSGGYINLND
NYSYGMGSGNRAQLYHSGNHQYLLNTVGNMYFQPKSGENGIVIIPDDAVELYHNNVKRLETTSGGVTVSGSVTATGHLFV
GANTHYLYFTSTAGYSPRIGNADGGTGVNMTFHTNNTMRMMLQNDGHLRPASNNTYDLGTSSDRWRNVYTNDLNLSNEGG
ANDVDGTWGSYTIQEGAEDLFLINKRTSKKYKFNLTEVS
;
e,f,g,h,j,l,i,k,m,n,o,p,M,N,O,P,Q,R
#
# COMPACT_ATOMS: atom_id res chain seq x y z
N MET A 1 -6.18 -71.83 -72.01
CA MET A 1 -5.48 -72.40 -73.16
C MET A 1 -4.02 -72.67 -72.82
N LYS A 2 -3.12 -71.96 -73.51
CA LYS A 2 -1.68 -72.20 -73.37
C LYS A 2 -1.17 -71.43 -72.17
N THR A 3 -0.82 -72.16 -71.11
CA THR A 3 -0.19 -71.57 -69.94
C THR A 3 1.27 -71.27 -70.30
N ARG A 4 1.52 -70.06 -70.81
CA ARG A 4 2.87 -69.65 -71.20
C ARG A 4 3.28 -68.47 -70.33
N LEU A 5 3.79 -68.78 -69.16
CA LEU A 5 4.37 -67.77 -68.28
C LEU A 5 5.90 -67.83 -68.27
N THR A 6 6.48 -68.79 -68.97
CA THR A 6 7.92 -68.90 -69.13
C THR A 6 8.26 -68.84 -70.61
N ASN A 7 9.42 -68.27 -70.94
CA ASN A 7 9.79 -68.07 -72.33
C ASN A 7 10.04 -69.40 -73.03
N ASN A 8 9.89 -69.39 -74.34
CA ASN A 8 10.03 -70.58 -75.18
C ASN A 8 11.41 -70.68 -75.80
N VAL A 9 12.44 -70.24 -75.09
CA VAL A 9 13.78 -70.17 -75.66
C VAL A 9 14.68 -71.29 -75.13
N ASP A 10 14.69 -71.50 -73.82
CA ASP A 10 15.45 -72.59 -73.23
C ASP A 10 14.58 -73.78 -72.89
N ARG A 11 13.38 -73.84 -73.48
CA ARG A 11 12.48 -74.97 -73.23
C ARG A 11 13.07 -76.26 -73.78
N GLN A 12 12.83 -77.35 -73.05
CA GLN A 12 13.48 -78.62 -73.34
C GLN A 12 12.49 -79.74 -73.07
N SER A 13 13.01 -80.96 -73.02
CA SER A 13 12.17 -82.11 -72.68
C SER A 13 12.08 -82.28 -71.17
N ALA A 14 11.21 -83.19 -70.75
CA ALA A 14 11.00 -83.44 -69.32
C ALA A 14 12.23 -84.12 -68.73
N LEU A 15 13.04 -83.36 -68.00
CA LEU A 15 14.28 -83.88 -67.42
C LEU A 15 14.19 -84.09 -65.92
N TYR A 16 13.28 -83.42 -65.22
CA TYR A 16 13.12 -83.56 -63.78
C TYR A 16 11.75 -84.13 -63.48
N GLY A 17 11.71 -85.18 -62.67
CA GLY A 17 10.48 -85.82 -62.28
C GLY A 17 10.00 -85.37 -60.91
N SER A 18 9.31 -86.28 -60.22
CA SER A 18 8.77 -86.03 -58.88
C SER A 18 9.59 -86.72 -57.80
N SER A 19 10.92 -86.68 -57.92
CA SER A 19 11.81 -87.41 -57.02
C SER A 19 11.82 -86.74 -55.65
N GLY A 20 10.79 -87.04 -54.87
CA GLY A 20 10.71 -86.57 -53.50
C GLY A 20 9.77 -85.40 -53.30
N GLY A 21 8.55 -85.68 -52.86
CA GLY A 21 7.61 -84.64 -52.51
C GLY A 21 7.18 -83.78 -53.68
N THR A 22 6.41 -82.74 -53.35
CA THR A 22 5.95 -81.76 -54.31
C THR A 22 6.38 -80.38 -53.84
N ALA A 23 6.49 -79.45 -54.79
CA ALA A 23 6.93 -78.10 -54.45
C ALA A 23 5.98 -77.42 -53.49
N ALA A 24 4.71 -77.85 -53.46
CA ALA A 24 3.77 -77.30 -52.48
C ALA A 24 4.22 -77.60 -51.05
N GLN A 25 4.71 -78.83 -50.82
CA GLN A 25 5.20 -79.18 -49.49
C GLN A 25 6.42 -78.36 -49.12
N ARG A 26 7.34 -78.14 -50.06
CA ARG A 26 8.50 -77.30 -49.78
C ARG A 26 8.07 -75.88 -49.45
N TYR A 27 7.09 -75.36 -50.19
CA TYR A 27 6.59 -74.01 -49.92
C TYR A 27 5.97 -73.93 -48.53
N GLU A 28 5.18 -74.93 -48.16
CA GLU A 28 4.56 -74.93 -46.84
C GLU A 28 5.61 -75.06 -45.74
N GLN A 29 6.72 -75.76 -46.02
CA GLN A 29 7.79 -75.85 -45.04
C GLN A 29 8.52 -74.51 -44.87
N LEU A 30 8.79 -73.83 -45.99
CA LEU A 30 9.60 -72.62 -45.94
C LEU A 30 8.81 -71.36 -45.56
N ARG A 31 7.48 -71.38 -45.65
CA ARG A 31 6.73 -70.19 -45.29
C ARG A 31 6.89 -69.85 -43.81
N VAL A 32 7.17 -70.84 -42.97
CA VAL A 32 7.36 -70.56 -41.54
C VAL A 32 8.55 -69.64 -41.34
N ASP A 33 9.66 -69.93 -42.03
CA ASP A 33 10.81 -69.04 -41.97
C ASP A 33 10.49 -67.71 -42.66
N ARG A 34 9.78 -67.75 -43.79
CA ARG A 34 9.47 -66.53 -44.52
C ARG A 34 8.57 -65.58 -43.74
N ASN A 35 7.91 -66.06 -42.68
CA ASN A 35 6.90 -65.26 -41.99
C ASN A 35 7.42 -63.90 -41.54
N SER A 36 8.42 -63.88 -40.66
CA SER A 36 8.76 -62.64 -39.96
C SER A 36 9.14 -61.47 -40.87
N PRO A 37 9.99 -61.64 -41.89
CA PRO A 37 10.28 -60.50 -42.77
C PRO A 37 9.05 -59.94 -43.46
N LEU A 38 8.06 -60.79 -43.74
CA LEU A 38 6.80 -60.29 -44.28
C LEU A 38 6.12 -59.34 -43.31
N LYS A 39 6.11 -59.69 -42.03
CA LYS A 39 5.51 -58.81 -41.03
C LYS A 39 6.26 -57.49 -40.94
N ARG A 40 7.60 -57.54 -40.94
CA ARG A 40 8.37 -56.30 -40.89
C ARG A 40 8.08 -55.42 -42.09
N ALA A 41 8.07 -56.01 -43.28
CA ALA A 41 7.80 -55.25 -44.49
C ALA A 41 6.39 -54.67 -44.48
N ARG A 42 5.42 -55.45 -44.00
CA ARG A 42 4.04 -54.97 -43.96
C ARG A 42 3.91 -53.79 -43.01
N ASP A 43 4.54 -53.85 -41.84
CA ASP A 43 4.44 -52.72 -40.91
C ASP A 43 5.15 -51.49 -41.45
N CYS A 44 6.32 -51.66 -42.08
CA CYS A 44 7.00 -50.52 -42.68
C CYS A 44 6.15 -49.89 -43.77
N SER A 45 5.55 -50.72 -44.63
CA SER A 45 4.68 -50.18 -45.67
C SER A 45 3.51 -49.42 -45.05
N LYS A 46 2.90 -50.00 -44.01
CA LYS A 46 1.80 -49.31 -43.35
C LYS A 46 2.21 -47.95 -42.83
N VAL A 47 3.43 -47.84 -42.32
CA VAL A 47 3.82 -46.54 -41.76
C VAL A 47 4.26 -45.57 -42.86
N THR A 48 4.62 -46.05 -44.06
CA THR A 48 4.99 -45.12 -45.13
C THR A 48 3.91 -44.96 -46.18
N ILE A 49 3.43 -46.05 -46.77
CA ILE A 49 2.39 -45.98 -47.80
C ILE A 49 1.30 -47.00 -47.47
N PRO A 50 0.10 -46.56 -47.11
CA PRO A 50 -0.84 -47.46 -46.42
C PRO A 50 -1.22 -48.70 -47.21
N GLY A 51 -1.33 -48.61 -48.53
CA GLY A 51 -1.87 -49.73 -49.29
C GLY A 51 -0.93 -50.47 -50.20
N LEU A 52 0.38 -50.28 -50.03
CA LEU A 52 1.34 -50.88 -50.95
C LEU A 52 1.40 -52.39 -50.77
N ILE A 53 1.73 -52.85 -49.57
CA ILE A 53 1.77 -54.28 -49.24
C ILE A 53 0.58 -54.55 -48.33
N GLU A 54 -0.29 -55.45 -48.76
CA GLU A 54 -1.56 -55.69 -48.08
C GLU A 54 -1.63 -57.10 -47.52
N ASP A 55 -2.43 -57.24 -46.47
CA ASP A 55 -2.77 -58.55 -45.95
C ASP A 55 -3.65 -59.30 -46.95
N GLU A 56 -3.77 -60.61 -46.76
CA GLU A 56 -4.51 -61.45 -47.69
C GLU A 56 -6.01 -61.21 -47.65
N ASN A 57 -6.51 -60.47 -46.66
CA ASN A 57 -7.94 -60.19 -46.55
C ASN A 57 -8.21 -58.69 -46.50
N TYR A 58 -7.48 -57.91 -47.29
CA TYR A 58 -7.73 -56.48 -47.46
C TYR A 58 -7.60 -56.10 -48.93
N GLY A 59 -8.20 -56.90 -49.80
CA GLY A 59 -8.10 -56.70 -51.24
C GLY A 59 -9.32 -56.04 -51.84
N ASP A 60 -10.21 -56.87 -52.41
CA ASP A 60 -11.38 -56.41 -53.13
C ASP A 60 -12.24 -55.44 -52.31
N ALA A 61 -12.48 -55.76 -51.05
CA ALA A 61 -13.37 -54.98 -50.19
C ALA A 61 -12.73 -54.69 -48.85
N GLY A 62 -11.47 -54.27 -48.87
CA GLY A 62 -10.79 -53.83 -47.68
C GLY A 62 -10.57 -52.32 -47.67
N ARG A 63 -10.49 -51.75 -46.48
CA ARG A 63 -10.26 -50.32 -46.31
C ARG A 63 -8.95 -50.08 -45.59
N LEU A 64 -8.16 -49.15 -46.12
CA LEU A 64 -6.90 -48.74 -45.51
C LEU A 64 -7.06 -47.40 -44.80
N ASP A 65 -6.10 -47.09 -43.95
CA ASP A 65 -6.10 -45.87 -43.15
C ASP A 65 -5.18 -44.83 -43.79
N THR A 66 -5.10 -43.67 -43.13
CA THR A 66 -4.18 -42.64 -43.56
C THR A 66 -3.34 -42.15 -42.38
N PRO A 67 -2.07 -41.87 -42.59
CA PRO A 67 -1.21 -41.42 -41.49
C PRO A 67 -1.45 -39.95 -41.18
N TYR A 68 -0.72 -39.44 -40.20
CA TYR A 68 -0.76 -38.03 -39.83
C TYR A 68 0.56 -37.34 -40.12
N GLN A 69 1.33 -37.89 -41.06
CA GLN A 69 2.54 -37.25 -41.54
C GLN A 69 2.84 -37.77 -42.94
N SER A 70 3.35 -36.89 -43.79
CA SER A 70 3.57 -37.22 -45.19
C SER A 70 5.06 -37.25 -45.56
N SER A 71 5.95 -37.28 -44.56
CA SER A 71 7.38 -37.34 -44.87
C SER A 71 7.73 -38.66 -45.56
N GLY A 72 7.15 -39.76 -45.10
CA GLY A 72 7.50 -41.06 -45.65
C GLY A 72 7.16 -41.19 -47.12
N ALA A 73 5.94 -40.79 -47.50
CA ALA A 73 5.52 -40.90 -48.89
C ALA A 73 6.38 -40.05 -49.81
N ARG A 74 6.58 -38.78 -49.42
CA ARG A 74 7.39 -37.88 -50.24
C ARG A 74 8.81 -38.41 -50.39
N GLY A 75 9.40 -38.85 -49.27
CA GLY A 75 10.76 -39.37 -49.33
C GLY A 75 10.89 -40.60 -50.20
N VAL A 76 9.96 -41.54 -50.05
CA VAL A 76 10.01 -42.78 -50.84
C VAL A 76 9.87 -42.46 -52.32
N GLY A 77 8.89 -41.61 -52.68
CA GLY A 77 8.71 -41.27 -54.07
C GLY A 77 9.92 -40.58 -54.66
N HIS A 78 10.46 -39.60 -53.93
CA HIS A 78 11.58 -38.83 -54.45
C HIS A 78 12.82 -39.71 -54.62
N MET A 79 13.11 -40.54 -53.61
CA MET A 79 14.27 -41.44 -53.71
C MET A 79 14.10 -42.43 -54.84
N THR A 80 12.90 -43.02 -54.97
CA THR A 80 12.68 -43.99 -56.04
C THR A 80 12.90 -43.35 -57.41
N SER A 81 12.33 -42.17 -57.61
CA SER A 81 12.47 -41.51 -58.91
C SER A 81 13.93 -41.18 -59.20
N LYS A 82 14.63 -40.62 -58.21
CA LYS A 82 16.02 -40.22 -58.44
C LYS A 82 16.90 -41.44 -58.70
N LEU A 83 16.71 -42.52 -57.94
CA LEU A 83 17.49 -43.72 -58.16
C LEU A 83 17.22 -44.32 -59.53
N ALA A 84 15.95 -44.37 -59.94
CA ALA A 84 15.62 -44.93 -61.25
C ALA A 84 16.21 -44.09 -62.37
N VAL A 85 16.16 -42.77 -62.23
CA VAL A 85 16.70 -41.90 -63.29
C VAL A 85 18.22 -42.04 -63.36
N THR A 86 18.89 -42.03 -62.21
CA THR A 86 20.35 -42.08 -62.20
C THR A 86 20.88 -43.44 -62.67
N LEU A 87 20.27 -44.53 -62.18
CA LEU A 87 20.77 -45.86 -62.49
C LEU A 87 20.63 -46.20 -63.96
N PHE A 88 19.58 -45.71 -64.62
CA PHE A 88 19.31 -45.99 -66.03
C PHE A 88 19.14 -44.68 -66.77
N PRO A 89 20.24 -43.97 -67.04
CA PRO A 89 20.12 -42.69 -67.74
C PRO A 89 19.52 -42.85 -69.12
N THR A 90 18.70 -41.88 -69.51
CA THR A 90 18.02 -41.93 -70.80
C THR A 90 18.93 -41.58 -71.96
N ASN A 91 19.91 -40.70 -71.74
CA ASN A 91 20.74 -40.21 -72.85
C ASN A 91 22.03 -41.02 -72.99
N GLU A 92 22.82 -41.12 -71.92
CA GLU A 92 24.03 -41.92 -71.94
C GLU A 92 23.68 -43.40 -71.89
N HIS A 93 24.55 -44.22 -72.48
CA HIS A 93 24.40 -45.66 -72.36
C HIS A 93 24.71 -46.08 -70.93
N PHE A 94 23.92 -47.02 -70.40
CA PHE A 94 24.11 -47.44 -69.02
C PHE A 94 25.06 -48.63 -68.90
N PHE A 95 25.63 -49.10 -70.01
CA PHE A 95 26.60 -50.17 -69.97
C PHE A 95 27.53 -50.02 -71.17
N LYS A 96 28.68 -50.66 -71.09
CA LYS A 96 29.71 -50.53 -72.12
C LYS A 96 30.25 -51.91 -72.50
N LEU A 97 30.01 -52.31 -73.74
CA LEU A 97 30.61 -53.52 -74.30
C LEU A 97 31.98 -53.12 -74.84
N GLU A 98 33.02 -53.44 -74.08
CA GLU A 98 34.36 -52.92 -74.34
C GLU A 98 35.26 -54.05 -74.82
N ILE A 99 35.94 -53.81 -75.94
CA ILE A 99 36.86 -54.81 -76.49
C ILE A 99 38.04 -55.00 -75.55
N ASP A 100 38.44 -56.24 -75.35
CA ASP A 100 39.60 -56.55 -74.51
C ASP A 100 40.86 -56.36 -75.35
N SER A 101 41.53 -55.21 -75.18
CA SER A 101 42.80 -55.01 -75.84
C SER A 101 43.89 -55.90 -75.26
N LEU A 102 43.63 -56.53 -74.11
CA LEU A 102 44.51 -57.59 -73.62
C LEU A 102 44.55 -58.74 -74.63
N ALA A 103 43.40 -59.16 -75.13
CA ALA A 103 43.35 -60.19 -76.15
C ALA A 103 43.98 -59.69 -77.45
N ILE A 104 43.87 -58.39 -77.72
CA ILE A 104 44.53 -57.81 -78.89
C ILE A 104 46.04 -57.97 -78.78
N LEU A 105 46.60 -57.66 -77.60
CA LEU A 105 48.02 -57.84 -77.38
C LEU A 105 48.41 -59.31 -77.45
N ALA A 106 47.60 -60.19 -76.85
CA ALA A 106 47.93 -61.61 -76.82
C ALA A 106 47.94 -62.21 -78.22
N SER A 107 46.98 -61.83 -79.05
CA SER A 107 46.90 -62.34 -80.41
C SER A 107 47.78 -61.58 -81.39
N ASP A 108 48.49 -60.54 -80.93
CA ASP A 108 49.29 -59.67 -81.79
C ASP A 108 48.43 -59.08 -82.90
N GLN A 109 47.27 -58.55 -82.51
CA GLN A 109 46.29 -58.06 -83.46
C GLN A 109 46.78 -56.77 -84.13
N ASN A 110 46.39 -56.60 -85.39
CA ASN A 110 46.74 -55.38 -86.11
C ASN A 110 45.91 -54.21 -85.59
N PRO A 111 46.54 -53.11 -85.16
CA PRO A 111 45.77 -51.97 -84.65
C PRO A 111 44.87 -51.31 -85.69
N GLU A 112 44.97 -51.70 -86.96
CA GLU A 112 44.13 -51.09 -87.98
C GLU A 112 42.68 -51.55 -87.89
N MET A 113 42.45 -52.77 -87.37
CA MET A 113 41.09 -53.30 -87.26
C MET A 113 40.32 -52.76 -86.04
N ILE A 114 40.96 -52.00 -85.17
CA ILE A 114 40.29 -51.53 -83.96
C ILE A 114 39.13 -50.61 -84.31
N THR A 115 39.27 -49.82 -85.39
CA THR A 115 38.19 -48.95 -85.81
C THR A 115 36.94 -49.75 -86.18
N GLU A 116 37.12 -50.81 -86.97
CA GLU A 116 35.99 -51.65 -87.37
C GLU A 116 35.41 -52.39 -86.18
N PHE A 117 36.28 -52.84 -85.27
CA PHE A 117 35.79 -53.52 -84.07
C PHE A 117 34.95 -52.57 -83.22
N ASP A 118 35.39 -51.32 -83.06
CA ASP A 118 34.62 -50.35 -82.31
C ASP A 118 33.29 -50.06 -82.98
N SER A 119 33.28 -49.95 -84.31
CA SER A 119 32.02 -49.75 -85.02
C SER A 119 31.05 -50.90 -84.75
N ALA A 120 31.53 -52.14 -84.89
CA ALA A 120 30.67 -53.30 -84.65
C ALA A 120 30.17 -53.31 -83.21
N LEU A 121 31.03 -52.96 -82.25
CA LEU A 121 30.64 -52.94 -80.86
C LEU A 121 29.57 -51.89 -80.59
N VAL A 122 29.67 -50.72 -81.22
CA VAL A 122 28.66 -49.69 -80.98
C VAL A 122 27.34 -50.10 -81.60
N LYS A 123 27.36 -50.78 -82.77
CA LYS A 123 26.11 -51.30 -83.30
C LYS A 123 25.49 -52.32 -82.36
N VAL A 124 26.31 -53.22 -81.80
CA VAL A 124 25.78 -54.22 -80.88
C VAL A 124 25.21 -53.55 -79.63
N GLU A 125 25.89 -52.52 -79.12
CA GLU A 125 25.41 -51.80 -77.94
C GLU A 125 24.03 -51.19 -78.20
N GLN A 126 23.89 -50.48 -79.33
CA GLN A 126 22.60 -49.84 -79.58
C GLN A 126 21.53 -50.88 -79.85
N ALA A 127 21.89 -52.01 -80.46
CA ALA A 127 20.93 -53.08 -80.65
C ALA A 127 20.42 -53.62 -79.32
N VAL A 128 21.33 -53.85 -78.38
CA VAL A 128 20.95 -54.35 -77.06
C VAL A 128 20.05 -53.34 -76.37
N MET A 129 20.40 -52.05 -76.45
CA MET A 129 19.57 -51.05 -75.78
C MET A 129 18.19 -50.95 -76.39
N ARG A 130 18.08 -51.01 -77.72
CA ARG A 130 16.75 -50.91 -78.33
C ARG A 130 15.91 -52.12 -77.95
N MET A 131 16.52 -53.30 -77.92
CA MET A 131 15.78 -54.50 -77.51
C MET A 131 15.29 -54.33 -76.09
N PHE A 132 16.14 -53.81 -75.20
CA PHE A 132 15.74 -53.57 -73.82
C PHE A 132 14.58 -52.60 -73.75
N GLU A 133 14.65 -51.50 -74.49
CA GLU A 133 13.60 -50.49 -74.45
C GLU A 133 12.30 -51.01 -75.05
N THR A 134 12.38 -51.99 -75.95
CA THR A 134 11.17 -52.53 -76.57
C THR A 134 10.27 -53.20 -75.53
N ILE A 135 10.86 -53.94 -74.61
CA ILE A 135 10.09 -54.73 -73.65
C ILE A 135 9.68 -53.88 -72.44
N GLY A 136 9.92 -52.58 -72.52
CA GLY A 136 9.45 -51.66 -71.50
C GLY A 136 10.08 -51.87 -70.15
N GLY A 137 11.42 -51.93 -70.09
CA GLY A 137 12.09 -52.21 -68.84
C GLY A 137 12.04 -51.08 -67.84
N ARG A 138 11.75 -49.86 -68.29
CA ARG A 138 11.80 -48.71 -67.40
C ARG A 138 10.73 -48.81 -66.30
N ALA A 139 9.50 -49.13 -66.69
CA ALA A 139 8.42 -49.21 -65.71
C ALA A 139 8.65 -50.35 -64.72
N ALA A 140 9.09 -51.50 -65.22
CA ALA A 140 9.38 -52.62 -64.33
C ALA A 140 10.51 -52.27 -63.36
N MET A 141 11.55 -51.59 -63.87
CA MET A 141 12.64 -51.16 -63.00
C MET A 141 12.14 -50.21 -61.92
N HIS A 142 11.27 -49.27 -62.29
CA HIS A 142 10.75 -48.31 -61.33
C HIS A 142 9.96 -49.03 -60.23
N GLU A 143 9.08 -49.95 -60.62
CA GLU A 143 8.26 -50.65 -59.63
C GLU A 143 9.12 -51.53 -58.73
N ALA A 144 10.10 -52.23 -59.31
CA ALA A 144 10.97 -53.08 -58.52
C ALA A 144 11.79 -52.26 -57.53
N LEU A 145 12.29 -51.11 -57.96
CA LEU A 145 13.05 -50.26 -57.05
C LEU A 145 12.16 -49.75 -55.92
N LYS A 146 10.91 -49.39 -56.23
CA LYS A 146 10.02 -48.92 -55.18
C LYS A 146 9.77 -50.02 -54.14
N HIS A 147 9.51 -51.25 -54.60
CA HIS A 147 9.35 -52.34 -53.65
C HIS A 147 10.64 -52.60 -52.88
N LEU A 148 11.79 -52.43 -53.52
CA LEU A 148 13.05 -52.66 -52.82
C LEU A 148 13.25 -51.68 -51.68
N LEU A 149 12.99 -50.40 -51.93
CA LEU A 149 13.09 -49.43 -50.83
C LEU A 149 12.05 -49.69 -49.75
N VAL A 150 10.81 -49.99 -50.13
CA VAL A 150 9.77 -50.15 -49.12
C VAL A 150 9.91 -51.50 -48.41
N GLY A 151 10.11 -52.58 -49.16
CA GLY A 151 10.09 -53.91 -48.58
C GLY A 151 11.45 -54.51 -48.30
N GLY A 152 12.38 -54.34 -49.23
CA GLY A 152 13.72 -54.88 -49.07
C GLY A 152 14.00 -56.16 -49.82
N ASN A 153 13.00 -56.75 -50.48
CA ASN A 153 13.20 -57.95 -51.26
C ASN A 153 12.27 -57.93 -52.47
N VAL A 154 12.77 -58.47 -53.58
CA VAL A 154 11.97 -58.59 -54.80
C VAL A 154 12.67 -59.55 -55.73
N LEU A 155 11.89 -60.36 -56.44
CA LEU A 155 12.40 -61.37 -57.35
C LEU A 155 11.99 -61.00 -58.77
N LEU A 156 12.95 -61.02 -59.69
CA LEU A 156 12.74 -60.62 -61.08
C LEU A 156 12.75 -61.84 -61.99
N TYR A 157 11.97 -61.77 -63.06
CA TYR A 157 12.00 -62.75 -64.14
C TYR A 157 12.18 -62.01 -65.46
N VAL A 158 13.17 -62.43 -66.24
CA VAL A 158 13.52 -61.75 -67.50
C VAL A 158 13.17 -62.67 -68.65
N SER A 159 12.40 -62.15 -69.61
CA SER A 159 12.02 -62.91 -70.79
C SER A 159 11.85 -61.94 -71.95
N ASP A 160 11.79 -62.51 -73.16
CA ASP A 160 11.65 -61.69 -74.36
C ASP A 160 10.33 -60.94 -74.37
N GLU A 161 9.26 -61.58 -73.87
CA GLU A 161 7.94 -60.93 -73.87
C GLU A 161 7.93 -59.71 -72.95
N GLY A 162 8.51 -59.83 -71.77
CA GLY A 162 8.53 -58.70 -70.85
C GLY A 162 9.16 -59.09 -69.53
N ILE A 163 9.28 -58.09 -68.66
CA ILE A 163 9.83 -58.26 -67.32
C ILE A 163 8.67 -58.36 -66.34
N LYS A 164 8.65 -59.43 -65.56
CA LYS A 164 7.62 -59.66 -64.57
C LYS A 164 8.23 -59.63 -63.18
N VAL A 165 7.66 -58.81 -62.29
CA VAL A 165 8.13 -58.70 -60.92
C VAL A 165 7.24 -59.56 -60.03
N ILE A 166 7.80 -60.01 -58.92
CA ILE A 166 7.07 -60.82 -57.94
C ILE A 166 7.31 -60.23 -56.56
N HIS A 167 6.23 -59.98 -55.83
CA HIS A 167 6.34 -59.40 -54.51
C HIS A 167 6.92 -60.42 -53.53
N LEU A 168 7.33 -59.92 -52.36
CA LEU A 168 7.91 -60.79 -51.34
C LEU A 168 6.90 -61.82 -50.85
N ASP A 169 5.62 -61.54 -50.97
CA ASP A 169 4.59 -62.38 -50.37
C ASP A 169 4.29 -63.64 -51.19
N SER A 170 4.95 -63.85 -52.32
CA SER A 170 4.60 -64.97 -53.19
C SER A 170 5.79 -65.85 -53.58
N TYR A 171 6.85 -65.86 -52.77
CA TYR A 171 7.96 -66.77 -53.04
C TYR A 171 8.77 -66.98 -51.78
N VAL A 172 9.51 -68.08 -51.75
CA VAL A 172 10.41 -68.42 -50.65
C VAL A 172 11.72 -68.93 -51.24
N LEU A 173 12.78 -68.87 -50.43
CA LEU A 173 14.10 -69.30 -50.88
C LEU A 173 14.97 -69.62 -49.68
N CYS A 174 16.04 -70.37 -49.94
CA CYS A 174 17.03 -70.73 -48.93
C CYS A 174 18.42 -70.28 -49.40
N ARG A 175 19.23 -69.78 -48.48
CA ARG A 175 20.57 -69.31 -48.78
C ARG A 175 21.58 -69.96 -47.86
N ASP A 176 22.77 -70.24 -48.39
CA ASP A 176 23.89 -70.58 -47.54
C ASP A 176 24.40 -69.33 -46.84
N PRO A 177 25.09 -69.48 -45.70
CA PRO A 177 25.70 -68.32 -45.06
C PRO A 177 26.71 -67.60 -45.94
N MET A 178 27.28 -68.28 -46.93
CA MET A 178 28.14 -67.60 -47.90
C MET A 178 27.37 -66.55 -48.67
N GLY A 179 26.15 -66.86 -49.12
CA GLY A 179 25.33 -65.92 -49.85
C GLY A 179 24.80 -66.44 -51.17
N ASN A 180 25.03 -67.71 -51.50
CA ASN A 180 24.59 -68.28 -52.77
C ASN A 180 23.22 -68.93 -52.59
N VAL A 181 22.23 -68.46 -53.33
CA VAL A 181 20.89 -69.02 -53.25
C VAL A 181 20.87 -70.39 -53.91
N THR A 182 20.29 -71.37 -53.24
CA THR A 182 20.23 -72.74 -53.74
C THR A 182 18.91 -73.12 -54.38
N GLU A 183 17.78 -72.68 -53.83
CA GLU A 183 16.48 -73.14 -54.31
C GLU A 183 15.44 -72.04 -54.09
N ILE A 184 14.61 -71.82 -55.11
CA ILE A 184 13.55 -70.82 -55.07
C ILE A 184 12.23 -71.50 -55.44
N VAL A 185 11.21 -71.23 -54.64
CA VAL A 185 9.85 -71.73 -54.92
C VAL A 185 8.95 -70.53 -55.10
N VAL A 186 8.19 -70.52 -56.20
CA VAL A 186 7.25 -69.44 -56.50
C VAL A 186 5.85 -70.03 -56.54
N GLU A 187 4.94 -69.42 -55.79
CA GLU A 187 3.54 -69.83 -55.75
C GLU A 187 2.69 -68.74 -56.36
N GLU A 188 1.76 -69.12 -57.23
CA GLU A 188 0.99 -68.11 -57.94
C GLU A 188 -0.40 -68.66 -58.23
N GLU A 189 -1.35 -67.74 -58.31
CA GLU A 189 -2.78 -68.02 -58.37
C GLU A 189 -3.38 -67.41 -59.63
N ILE A 190 -4.13 -68.22 -60.39
CA ILE A 190 -4.69 -67.84 -61.68
C ILE A 190 -6.05 -68.51 -61.86
N PHE A 191 -6.91 -67.88 -62.66
CA PHE A 191 -8.20 -68.48 -63.00
C PHE A 191 -8.00 -69.75 -63.80
N LYS A 192 -9.02 -70.61 -63.79
CA LYS A 192 -8.92 -71.90 -64.46
C LYS A 192 -9.14 -71.82 -65.96
N ASP A 193 -9.58 -70.68 -66.49
CA ASP A 193 -9.89 -70.60 -67.92
C ASP A 193 -8.64 -70.72 -68.78
N ALA A 194 -7.50 -70.21 -68.32
CA ALA A 194 -6.29 -70.22 -69.13
C ALA A 194 -5.50 -71.51 -69.01
N LEU A 195 -5.95 -72.47 -68.21
CA LEU A 195 -5.22 -73.71 -68.00
C LEU A 195 -5.59 -74.77 -69.03
N PRO A 196 -4.73 -75.76 -69.25
CA PRO A 196 -5.07 -76.84 -70.18
C PRO A 196 -6.32 -77.60 -69.74
N GLU A 197 -7.11 -78.02 -70.72
CA GLU A 197 -8.39 -78.67 -70.43
C GLU A 197 -8.23 -80.07 -69.84
N GLU A 198 -7.18 -80.79 -70.22
CA GLU A 198 -6.94 -82.09 -69.62
C GLU A 198 -6.69 -81.98 -68.11
N TYR A 199 -6.20 -80.83 -67.66
CA TYR A 199 -5.92 -80.61 -66.26
C TYR A 199 -7.09 -79.99 -65.50
N LEU A 200 -8.23 -79.78 -66.16
CA LEU A 200 -9.43 -79.30 -65.51
C LEU A 200 -10.17 -80.49 -64.91
N ASP A 201 -10.33 -80.48 -63.59
CA ASP A 201 -10.87 -81.63 -62.88
C ASP A 201 -12.40 -81.69 -63.03
N GLU A 202 -12.96 -82.83 -62.61
CA GLU A 202 -14.41 -83.00 -62.67
C GLU A 202 -15.12 -81.99 -61.78
N GLU A 203 -14.61 -81.75 -60.58
CA GLU A 203 -15.23 -80.80 -59.67
C GLU A 203 -15.22 -79.40 -60.26
N ASP A 204 -14.11 -78.99 -60.88
CA ASP A 204 -14.09 -77.73 -61.60
C ASP A 204 -15.05 -77.74 -62.78
N ASP A 205 -15.14 -78.87 -63.48
CA ASP A 205 -16.12 -79.01 -64.57
C ASP A 205 -17.54 -78.95 -64.04
N ASP A 206 -17.78 -79.50 -62.84
CA ASP A 206 -19.11 -79.48 -62.23
C ASP A 206 -19.51 -78.09 -61.74
N ASP A 207 -18.58 -77.13 -61.72
CA ASP A 207 -18.85 -75.80 -61.20
C ASP A 207 -19.36 -74.88 -62.30
N ASP A 208 -20.31 -74.02 -61.95
CA ASP A 208 -20.78 -72.97 -62.85
C ASP A 208 -20.11 -71.63 -62.55
N ASP A 209 -19.11 -71.62 -61.67
CA ASP A 209 -18.38 -70.39 -61.31
C ASP A 209 -17.02 -70.35 -62.01
N MET A 210 -16.97 -70.78 -63.27
CA MET A 210 -15.71 -70.78 -64.02
C MET A 210 -15.07 -69.40 -64.05
N GLY A 211 -15.89 -68.35 -64.10
CA GLY A 211 -15.41 -66.99 -63.99
C GLY A 211 -15.20 -66.51 -62.57
N LYS A 212 -15.41 -67.39 -61.57
CA LYS A 212 -15.23 -67.03 -60.17
C LYS A 212 -14.54 -68.11 -59.34
N LYS A 213 -14.10 -69.23 -59.95
CA LYS A 213 -13.38 -70.28 -59.25
C LYS A 213 -11.97 -70.37 -59.83
N MET A 214 -11.01 -70.71 -58.96
CA MET A 214 -9.60 -70.54 -59.27
C MET A 214 -8.78 -71.75 -58.87
N VAL A 215 -7.64 -71.89 -59.54
CA VAL A 215 -6.72 -73.02 -59.34
C VAL A 215 -5.30 -72.49 -59.17
N LYS A 216 -4.60 -72.97 -58.15
CA LYS A 216 -3.23 -72.55 -57.90
C LYS A 216 -2.26 -73.18 -58.90
N ILE A 217 -1.20 -72.44 -59.25
CA ILE A 217 -0.13 -72.93 -60.10
C ILE A 217 1.20 -72.64 -59.43
N TYR A 218 2.04 -73.66 -59.28
CA TYR A 218 3.30 -73.54 -58.57
C TYR A 218 4.47 -73.50 -59.54
N THR A 219 5.66 -73.25 -58.98
CA THR A 219 6.90 -73.20 -59.73
C THR A 219 8.05 -73.57 -58.81
N CYS A 220 9.05 -74.28 -59.34
CA CYS A 220 10.21 -74.70 -58.56
C CYS A 220 11.48 -74.31 -59.30
N ILE A 221 12.46 -73.81 -58.55
CA ILE A 221 13.75 -73.39 -59.11
C ILE A 221 14.85 -74.10 -58.33
N LYS A 222 15.81 -74.67 -59.05
CA LYS A 222 16.96 -75.31 -58.42
C LYS A 222 18.23 -74.79 -59.07
N PHE A 223 19.24 -74.56 -58.23
CA PHE A 223 20.52 -74.01 -58.67
C PHE A 223 21.61 -75.01 -58.34
N MET A 224 22.17 -75.65 -59.36
CA MET A 224 23.24 -76.62 -59.17
C MET A 224 24.17 -76.60 -60.37
N ASP A 225 25.44 -76.93 -60.11
CA ASP A 225 26.50 -77.00 -61.12
C ASP A 225 26.40 -75.85 -62.12
N ASP A 226 26.20 -74.65 -61.59
CA ASP A 226 26.05 -73.40 -62.34
C ASP A 226 25.12 -73.55 -63.55
N GLN A 227 24.11 -74.40 -63.45
CA GLN A 227 23.03 -74.48 -64.45
C GLN A 227 21.71 -74.60 -63.69
N CYS A 228 20.90 -73.57 -63.78
CA CYS A 228 19.61 -73.57 -63.11
C CYS A 228 18.64 -74.54 -63.80
N HIS A 229 17.66 -75.01 -63.04
CA HIS A 229 16.62 -75.88 -63.55
C HIS A 229 15.28 -75.44 -62.98
N TRP A 230 14.25 -75.47 -63.81
CA TRP A 230 12.92 -75.07 -63.35
C TRP A 230 11.86 -75.84 -64.11
N TYR A 231 10.68 -75.93 -63.50
CA TYR A 231 9.52 -76.57 -64.12
C TYR A 231 8.27 -76.07 -63.41
N GLN A 232 7.16 -76.11 -64.14
CA GLN A 232 5.87 -75.71 -63.60
C GLN A 232 5.03 -76.94 -63.30
N GLU A 233 4.30 -76.88 -62.19
CA GLU A 233 3.46 -77.99 -61.76
C GLU A 233 2.08 -77.47 -61.40
N ILE A 234 1.11 -78.37 -61.44
CA ILE A 234 -0.26 -78.07 -61.02
C ILE A 234 -0.90 -79.35 -60.50
N LYS A 235 -1.42 -79.29 -59.28
CA LYS A 235 -2.05 -80.43 -58.62
C LYS A 235 -1.10 -81.62 -58.53
N GLY A 236 0.17 -81.33 -58.26
CA GLY A 236 1.14 -82.35 -57.95
C GLY A 236 1.81 -83.03 -59.13
N LYS A 237 1.48 -82.65 -60.36
CA LYS A 237 2.11 -83.23 -61.55
C LYS A 237 2.56 -82.12 -62.47
N GLU A 238 3.69 -82.33 -63.13
CA GLU A 238 4.31 -81.28 -63.93
C GLU A 238 3.53 -81.03 -65.21
N VAL A 239 3.59 -79.80 -65.69
CA VAL A 239 2.93 -79.42 -66.94
C VAL A 239 3.85 -79.75 -68.11
N PRO A 240 3.38 -80.45 -69.13
CA PRO A 240 4.26 -80.81 -70.25
C PRO A 240 4.78 -79.57 -70.96
N GLY A 241 6.04 -79.65 -71.40
CA GLY A 241 6.66 -78.58 -72.15
C GLY A 241 7.07 -77.37 -71.34
N THR A 242 7.05 -77.45 -70.02
CA THR A 242 7.43 -76.33 -69.17
C THR A 242 8.86 -76.41 -68.66
N HIS A 243 9.62 -77.42 -69.07
CA HIS A 243 10.98 -77.58 -68.60
C HIS A 243 11.90 -76.56 -69.24
N GLY A 244 13.01 -76.26 -68.56
CA GLY A 244 13.99 -75.33 -69.07
C GLY A 244 15.32 -75.55 -68.37
N LYS A 245 16.39 -75.11 -69.05
CA LYS A 245 17.74 -75.29 -68.53
C LYS A 245 18.67 -74.31 -69.20
N CYS A 246 19.48 -73.61 -68.41
CA CYS A 246 20.47 -72.68 -68.93
C CYS A 246 21.54 -72.47 -67.86
N ALA A 247 22.67 -71.90 -68.29
CA ALA A 247 23.78 -71.69 -67.39
C ALA A 247 23.45 -70.60 -66.36
N ALA A 248 24.17 -70.66 -65.23
CA ALA A 248 23.87 -69.75 -64.12
C ALA A 248 24.12 -68.31 -64.50
N ASP A 249 25.20 -68.03 -65.22
CA ASP A 249 25.53 -66.65 -65.58
C ASP A 249 24.53 -66.04 -66.55
N VAL A 250 23.64 -66.83 -67.14
CA VAL A 250 22.61 -66.32 -68.04
C VAL A 250 21.24 -66.75 -67.53
N ALA A 251 21.14 -66.93 -66.22
CA ALA A 251 19.87 -67.37 -65.63
C ALA A 251 18.81 -66.28 -65.77
N PRO A 252 17.54 -66.67 -65.89
CA PRO A 252 16.47 -65.68 -66.02
C PRO A 252 15.93 -65.14 -64.70
N TRP A 253 16.33 -65.70 -63.56
CA TRP A 253 15.82 -65.29 -62.26
C TRP A 253 16.90 -64.58 -61.47
N ILE A 254 16.57 -63.42 -60.91
CA ILE A 254 17.52 -62.58 -60.20
C ILE A 254 16.92 -62.23 -58.84
N ALA A 255 17.73 -62.39 -57.79
CA ALA A 255 17.31 -62.05 -56.43
C ALA A 255 18.05 -60.81 -55.97
N LEU A 256 17.37 -60.00 -55.15
CA LEU A 256 17.90 -58.72 -54.69
C LEU A 256 17.72 -58.62 -53.18
N ARG A 257 18.55 -57.78 -52.57
CA ARG A 257 18.37 -57.42 -51.17
C ARG A 257 18.99 -56.05 -50.93
N GLN A 258 18.34 -55.25 -50.10
CA GLN A 258 18.71 -53.84 -49.95
C GLN A 258 20.03 -53.68 -49.23
N ASP A 259 20.10 -54.11 -47.98
CA ASP A 259 21.31 -54.01 -47.18
C ASP A 259 21.95 -55.38 -47.11
N ARG A 260 23.19 -55.47 -47.59
CA ARG A 260 23.86 -56.76 -47.62
C ARG A 260 24.28 -57.14 -46.21
N VAL A 261 23.34 -57.70 -45.45
CA VAL A 261 23.58 -58.18 -44.10
C VAL A 261 23.77 -59.69 -44.19
N ASP A 262 24.96 -60.16 -43.84
CA ASP A 262 25.28 -61.57 -44.02
C ASP A 262 24.48 -62.44 -43.05
N SER A 263 24.39 -63.72 -43.37
CA SER A 263 23.72 -64.71 -42.54
C SER A 263 22.25 -64.36 -42.31
N GLU A 264 21.61 -63.81 -43.34
CA GLU A 264 20.17 -63.55 -43.32
C GLU A 264 19.56 -64.02 -44.63
N MET A 265 18.52 -64.84 -44.54
CA MET A 265 17.86 -65.31 -45.73
C MET A 265 17.09 -64.20 -46.43
N TYR A 266 16.58 -63.23 -45.67
CA TYR A 266 15.86 -62.09 -46.23
C TYR A 266 16.49 -60.80 -45.71
N GLY A 267 16.58 -59.80 -46.59
CA GLY A 267 17.25 -58.57 -46.26
C GLY A 267 16.38 -57.64 -45.43
N ARG A 268 16.91 -56.45 -45.19
CA ARG A 268 16.25 -55.42 -44.39
C ARG A 268 15.97 -54.21 -45.26
N SER A 269 14.73 -53.71 -45.19
CA SER A 269 14.35 -52.56 -45.97
C SER A 269 15.06 -51.30 -45.47
N TYR A 270 15.20 -50.32 -46.37
CA TYR A 270 15.86 -49.08 -46.00
C TYR A 270 15.05 -48.32 -44.94
N VAL A 271 13.73 -48.28 -45.09
CA VAL A 271 12.89 -47.51 -44.16
C VAL A 271 12.94 -48.09 -42.74
N GLU A 272 13.41 -49.34 -42.60
CA GLU A 272 13.60 -49.90 -41.28
C GLU A 272 14.61 -49.09 -40.47
N GLN A 273 15.50 -48.37 -41.15
CA GLN A 273 16.50 -47.56 -40.47
C GLN A 273 15.84 -46.48 -39.64
N TYR A 274 14.83 -45.80 -40.20
CA TYR A 274 14.22 -44.64 -39.55
C TYR A 274 12.76 -44.87 -39.18
N TYR A 275 12.33 -46.14 -39.14
CA TYR A 275 10.96 -46.45 -38.71
C TYR A 275 10.62 -45.82 -37.36
N GLY A 276 11.55 -45.91 -36.39
CA GLY A 276 11.26 -45.39 -35.07
C GLY A 276 11.05 -43.89 -35.06
N ASP A 277 11.94 -43.14 -35.72
CA ASP A 277 11.78 -41.70 -35.80
C ASP A 277 10.51 -41.33 -36.54
N LEU A 278 10.17 -42.09 -37.59
CA LEU A 278 8.93 -41.84 -38.29
C LEU A 278 7.73 -42.01 -37.38
N LEU A 279 7.74 -43.06 -36.55
CA LEU A 279 6.65 -43.29 -35.61
C LEU A 279 6.54 -42.16 -34.60
N ALA A 280 7.67 -41.72 -34.06
CA ALA A 280 7.66 -40.64 -33.08
C ALA A 280 7.13 -39.34 -33.70
N LEU A 281 7.56 -39.03 -34.93
CA LEU A 281 7.07 -37.84 -35.60
C LEU A 281 5.56 -37.91 -35.84
N GLU A 282 5.08 -39.09 -36.25
CA GLU A 282 3.65 -39.27 -36.44
C GLU A 282 2.88 -39.01 -35.16
N ASN A 283 3.34 -39.58 -34.06
CA ASN A 283 2.63 -39.40 -32.80
C ASN A 283 2.63 -37.95 -32.36
N LEU A 284 3.77 -37.26 -32.51
CA LEU A 284 3.84 -35.86 -32.06
C LEU A 284 2.94 -34.97 -32.91
N TYR A 285 2.91 -35.19 -34.23
CA TYR A 285 1.99 -34.43 -35.08
C TYR A 285 0.55 -34.66 -34.66
N LYS A 286 0.16 -35.91 -34.40
CA LYS A 286 -1.24 -36.11 -34.02
C LYS A 286 -1.52 -35.44 -32.68
N ALA A 287 -0.54 -35.46 -31.77
CA ALA A 287 -0.75 -34.86 -30.46
C ALA A 287 -1.01 -33.36 -30.58
N ILE A 288 -0.17 -32.65 -31.33
CA ILE A 288 -0.40 -31.20 -31.45
C ILE A 288 -1.71 -30.93 -32.15
N LEU A 289 -2.06 -31.75 -33.15
CA LEU A 289 -3.34 -31.57 -33.82
C LEU A 289 -4.51 -31.74 -32.84
N GLU A 290 -4.45 -32.76 -31.97
CA GLU A 290 -5.54 -32.99 -31.03
C GLU A 290 -5.63 -31.88 -29.99
N ALA A 291 -4.49 -31.38 -29.53
CA ALA A 291 -4.53 -30.26 -28.59
C ALA A 291 -5.17 -29.05 -29.24
N SER A 292 -4.81 -28.76 -30.49
CA SER A 292 -5.43 -27.64 -31.19
C SER A 292 -6.92 -27.86 -31.40
N ALA A 293 -7.32 -29.11 -31.65
CA ALA A 293 -8.74 -29.43 -31.79
C ALA A 293 -9.49 -29.12 -30.50
N SER A 294 -8.93 -29.53 -29.37
CA SER A 294 -9.59 -29.29 -28.10
C SER A 294 -9.64 -27.80 -27.77
N LEU A 295 -8.64 -27.04 -28.18
CA LEU A 295 -8.56 -25.63 -27.78
C LEU A 295 -9.57 -24.76 -28.53
N SER A 296 -9.79 -25.01 -29.82
CA SER A 296 -10.49 -24.06 -30.68
C SER A 296 -11.92 -23.77 -30.26
N LYS A 297 -12.47 -24.50 -29.28
CA LYS A 297 -13.84 -24.27 -28.85
C LYS A 297 -13.97 -22.91 -28.17
N VAL A 298 -15.14 -22.29 -28.32
CA VAL A 298 -15.44 -21.00 -27.71
C VAL A 298 -16.75 -21.10 -26.94
N LEU A 299 -16.73 -20.66 -25.69
CA LEU A 299 -17.90 -20.66 -24.83
C LEU A 299 -18.03 -19.31 -24.14
N PHE A 300 -19.17 -19.10 -23.49
CA PHE A 300 -19.41 -17.90 -22.71
C PHE A 300 -19.76 -18.30 -21.28
N LEU A 301 -19.64 -17.34 -20.36
CA LEU A 301 -19.83 -17.63 -18.94
C LEU A 301 -20.42 -16.39 -18.28
N CYS A 302 -21.48 -16.59 -17.50
CA CYS A 302 -22.11 -15.51 -16.74
C CYS A 302 -21.77 -15.64 -15.26
N ASN A 303 -21.36 -14.52 -14.67
CA ASN A 303 -21.04 -14.52 -13.25
C ASN A 303 -22.33 -14.37 -12.45
N PRO A 304 -22.69 -15.33 -11.60
CA PRO A 304 -23.93 -15.21 -10.83
C PRO A 304 -23.96 -13.99 -9.92
N ASN A 305 -22.80 -13.55 -9.42
CA ASN A 305 -22.75 -12.36 -8.58
C ASN A 305 -23.13 -11.10 -9.36
N GLY A 306 -23.07 -11.15 -10.68
CA GLY A 306 -23.44 -10.02 -11.50
C GLY A 306 -24.95 -9.93 -11.67
N THR A 307 -25.35 -9.08 -12.61
CA THR A 307 -26.75 -8.79 -12.88
C THR A 307 -27.03 -8.89 -14.38
N THR A 308 -26.52 -9.93 -15.02
CA THR A 308 -26.73 -10.18 -16.43
C THR A 308 -27.56 -11.43 -16.64
N ARG A 309 -28.67 -11.29 -17.36
CA ARG A 309 -29.54 -12.42 -17.65
C ARG A 309 -29.14 -13.05 -18.97
N PRO A 310 -29.05 -14.37 -19.05
CA PRO A 310 -28.72 -15.00 -20.35
C PRO A 310 -29.73 -14.69 -21.44
N ARG A 311 -31.02 -14.61 -21.08
CA ARG A 311 -32.04 -14.31 -22.08
C ARG A 311 -31.81 -12.94 -22.71
N THR A 312 -31.44 -11.96 -21.89
CA THR A 312 -31.21 -10.62 -22.40
C THR A 312 -30.07 -10.60 -23.41
N LEU A 313 -28.98 -11.31 -23.11
CA LEU A 313 -27.84 -11.33 -24.02
C LEU A 313 -28.17 -12.09 -25.31
N SER A 314 -28.84 -13.23 -25.19
CA SER A 314 -29.11 -14.03 -26.38
C SER A 314 -30.14 -13.38 -27.29
N GLN A 315 -31.24 -12.90 -26.72
CA GLN A 315 -32.37 -12.40 -27.52
C GLN A 315 -32.10 -11.03 -28.13
N ALA A 316 -31.27 -10.21 -27.51
CA ALA A 316 -31.09 -8.84 -27.97
C ALA A 316 -30.49 -8.81 -29.37
N SER A 317 -30.95 -7.87 -30.18
CA SER A 317 -30.49 -7.71 -31.56
C SER A 317 -29.17 -6.95 -31.58
N ASN A 318 -28.63 -6.77 -32.79
CA ASN A 318 -27.34 -6.11 -32.93
C ASN A 318 -27.46 -4.60 -32.73
N GLY A 319 -26.47 -4.02 -32.05
CA GLY A 319 -26.41 -2.59 -31.87
C GLY A 319 -27.31 -2.03 -30.79
N SER A 320 -28.00 -2.88 -30.04
CA SER A 320 -28.96 -2.40 -29.06
C SER A 320 -28.25 -1.96 -27.78
N ILE A 321 -29.05 -1.59 -26.78
CA ILE A 321 -28.56 -1.22 -25.46
C ILE A 321 -29.33 -2.04 -24.43
N VAL A 322 -28.61 -2.80 -23.62
CA VAL A 322 -29.24 -3.64 -22.60
C VAL A 322 -28.67 -3.28 -21.24
N GLN A 323 -29.20 -3.91 -20.19
CA GLN A 323 -28.75 -3.67 -18.82
C GLN A 323 -27.76 -4.77 -18.45
N GLY A 324 -26.54 -4.37 -18.11
CA GLY A 324 -25.54 -5.34 -17.69
C GLY A 324 -24.20 -4.67 -17.48
N ASN A 325 -23.27 -5.44 -16.92
CA ASN A 325 -21.90 -5.00 -16.71
C ASN A 325 -20.97 -5.95 -17.46
N ALA A 326 -20.06 -5.37 -18.25
CA ALA A 326 -19.20 -6.19 -19.11
C ALA A 326 -18.17 -6.98 -18.32
N ALA A 327 -17.96 -6.66 -17.05
CA ALA A 327 -16.95 -7.35 -16.26
C ALA A 327 -17.36 -8.75 -15.83
N ASP A 328 -18.65 -9.09 -15.91
CA ASP A 328 -19.10 -10.40 -15.46
C ASP A 328 -19.01 -11.45 -16.57
N VAL A 329 -19.45 -11.10 -17.77
CA VAL A 329 -19.44 -12.06 -18.86
C VAL A 329 -18.03 -12.24 -19.38
N THR A 330 -17.52 -13.47 -19.31
CA THR A 330 -16.16 -13.79 -19.71
C THR A 330 -16.19 -14.97 -20.67
N VAL A 331 -15.04 -15.23 -21.29
CA VAL A 331 -14.90 -16.28 -22.29
C VAL A 331 -13.89 -17.30 -21.79
N LEU A 332 -14.26 -18.58 -21.87
CA LEU A 332 -13.37 -19.64 -21.42
C LEU A 332 -12.15 -19.72 -22.33
N GLN A 333 -10.97 -19.75 -21.71
CA GLN A 333 -9.73 -19.75 -22.48
C GLN A 333 -8.64 -20.43 -21.66
N ALA A 334 -7.59 -20.86 -22.37
CA ALA A 334 -6.41 -21.47 -21.75
C ALA A 334 -5.38 -20.37 -21.52
N ALA A 335 -5.04 -20.13 -20.26
CA ALA A 335 -4.19 -19.00 -19.90
C ALA A 335 -2.81 -19.11 -20.54
N GLY A 336 -2.01 -20.07 -20.11
CA GLY A 336 -0.72 -20.28 -20.73
C GLY A 336 -0.50 -21.70 -21.21
N LYS A 337 -0.52 -21.89 -22.53
CA LYS A 337 -0.18 -23.18 -23.12
C LYS A 337 0.68 -22.98 -24.36
N SER A 338 0.94 -21.71 -24.69
CA SER A 338 1.71 -21.41 -25.90
C SER A 338 3.13 -21.94 -25.82
N GLN A 339 3.80 -21.77 -24.67
CA GLN A 339 5.22 -22.09 -24.58
C GLN A 339 5.47 -23.58 -24.85
N ASP A 340 4.66 -24.45 -24.24
CA ASP A 340 4.85 -25.88 -24.44
C ASP A 340 4.58 -26.27 -25.89
N LEU A 341 3.58 -25.62 -26.51
CA LEU A 341 3.29 -25.91 -27.91
C LEU A 341 4.44 -25.46 -28.81
N GLN A 342 5.08 -24.33 -28.49
CA GLN A 342 6.26 -23.93 -29.25
C GLN A 342 7.41 -24.89 -29.05
N ILE A 343 7.58 -25.42 -27.84
CA ILE A 343 8.62 -26.42 -27.61
C ILE A 343 8.35 -27.66 -28.47
N ALA A 344 7.10 -28.11 -28.50
CA ALA A 344 6.75 -29.26 -29.32
C ALA A 344 6.97 -28.98 -30.80
N ASN A 345 6.64 -27.76 -31.25
CA ASN A 345 6.91 -27.38 -32.63
C ASN A 345 8.40 -27.42 -32.94
N GLN A 346 9.23 -26.95 -32.00
CA GLN A 346 10.67 -26.98 -32.21
C GLN A 346 11.19 -28.40 -32.36
N THR A 347 10.75 -29.30 -31.47
CA THR A 347 11.26 -30.67 -31.56
C THR A 347 10.73 -31.38 -32.81
N ILE A 348 9.49 -31.08 -33.20
CA ILE A 348 8.95 -31.66 -34.43
C ILE A 348 9.73 -31.17 -35.63
N GLU A 349 10.06 -29.88 -35.66
CA GLU A 349 10.85 -29.33 -36.76
C GLU A 349 12.22 -29.98 -36.82
N ARG A 350 12.86 -30.19 -35.66
CA ARG A 350 14.16 -30.84 -35.66
C ARG A 350 14.07 -32.26 -36.20
N ILE A 351 13.08 -33.02 -35.75
CA ILE A 351 12.95 -34.41 -36.22
C ILE A 351 12.68 -34.45 -37.71
N GLU A 352 11.78 -33.59 -38.19
CA GLU A 352 11.46 -33.56 -39.61
C GLU A 352 12.67 -33.16 -40.44
N ASN A 353 13.45 -32.18 -39.98
CA ASN A 353 14.63 -31.76 -40.71
C ASN A 353 15.65 -32.89 -40.78
N ARG A 354 15.84 -33.61 -39.67
CA ARG A 354 16.76 -34.74 -39.68
C ARG A 354 16.31 -35.80 -40.68
N LEU A 355 15.02 -36.13 -40.67
CA LEU A 355 14.50 -37.13 -41.60
C LEU A 355 14.63 -36.68 -43.05
N ALA A 356 14.36 -35.40 -43.32
CA ALA A 356 14.47 -34.90 -44.68
C ALA A 356 15.91 -34.93 -45.15
N PHE A 357 16.85 -34.63 -44.25
CA PHE A 357 18.26 -34.76 -44.59
C PHE A 357 18.62 -36.21 -44.88
N ALA A 358 18.06 -37.14 -44.12
CA ALA A 358 18.38 -38.56 -44.31
C ALA A 358 17.79 -39.13 -45.60
N PHE A 359 16.62 -38.65 -46.01
CA PHE A 359 15.97 -39.15 -47.22
C PHE A 359 16.36 -38.36 -48.46
N MET A 360 17.32 -37.44 -48.34
CA MET A 360 17.92 -36.75 -49.48
C MET A 360 16.89 -35.99 -50.32
N LEU A 361 15.89 -35.43 -49.65
CA LEU A 361 14.98 -34.52 -50.31
C LEU A 361 15.69 -33.21 -50.68
N ASN A 362 14.92 -32.27 -51.20
CA ASN A 362 15.48 -31.05 -51.75
C ASN A 362 15.25 -29.83 -50.86
N THR A 363 14.30 -29.91 -49.92
CA THR A 363 13.99 -28.75 -49.10
C THR A 363 15.11 -28.45 -48.10
N ALA A 364 15.83 -29.49 -47.66
CA ALA A 364 16.86 -29.31 -46.63
C ALA A 364 18.00 -28.41 -47.09
N ILE A 365 18.31 -28.39 -48.38
CA ILE A 365 19.41 -27.58 -48.87
C ILE A 365 19.07 -26.09 -48.77
N GLN A 366 17.81 -25.72 -49.03
CA GLN A 366 17.43 -24.32 -49.03
C GLN A 366 17.54 -23.74 -47.62
N ARG A 367 18.37 -22.70 -47.49
CA ARG A 367 18.60 -22.06 -46.19
C ARG A 367 17.95 -20.69 -46.19
N PRO A 368 16.85 -20.50 -45.47
CA PRO A 368 16.29 -19.15 -45.35
C PRO A 368 17.25 -18.23 -44.63
N GLY A 369 17.29 -16.96 -45.07
CA GLY A 369 18.09 -15.93 -44.44
C GLY A 369 18.91 -15.11 -45.41
N GLU A 370 19.34 -15.70 -46.52
CA GLU A 370 20.16 -14.99 -47.50
C GLU A 370 20.29 -15.82 -48.75
N ARG A 371 21.07 -15.30 -49.70
CA ARG A 371 21.36 -16.00 -50.93
C ARG A 371 22.33 -17.15 -50.69
N VAL A 372 22.39 -18.07 -51.66
CA VAL A 372 23.35 -19.17 -51.67
C VAL A 372 24.00 -19.21 -53.04
N THR A 373 25.33 -19.26 -53.06
CA THR A 373 26.06 -19.25 -54.31
C THR A 373 25.86 -20.55 -55.08
N ALA A 374 26.13 -20.49 -56.39
CA ALA A 374 26.00 -21.68 -57.23
C ALA A 374 26.99 -22.75 -56.80
N GLU A 375 28.20 -22.35 -56.43
CA GLU A 375 29.20 -23.32 -55.98
C GLU A 375 28.75 -24.02 -54.70
N GLU A 376 28.09 -23.27 -53.80
CA GLU A 376 27.52 -23.89 -52.61
C GLU A 376 26.48 -24.94 -52.96
N ILE A 377 25.63 -24.64 -53.94
CA ILE A 377 24.60 -25.58 -54.36
C ILE A 377 25.24 -26.82 -54.97
N ARG A 378 26.30 -26.64 -55.75
CA ARG A 378 27.05 -27.77 -56.29
C ARG A 378 27.64 -28.61 -55.17
N TYR A 379 28.15 -27.95 -54.12
CA TYR A 379 28.73 -28.67 -52.99
C TYR A 379 27.68 -29.52 -52.28
N MET A 380 26.50 -28.95 -52.03
CA MET A 380 25.44 -29.73 -51.38
C MET A 380 24.93 -30.84 -52.28
N ALA A 381 24.90 -30.60 -53.60
CA ALA A 381 24.52 -31.67 -54.53
C ALA A 381 25.53 -32.81 -54.49
N GLN A 382 26.82 -32.48 -54.40
CA GLN A 382 27.83 -33.51 -54.23
C GLN A 382 27.60 -34.30 -52.95
N GLU A 383 27.28 -33.61 -51.86
CA GLU A 383 26.98 -34.31 -50.61
C GLU A 383 25.81 -35.26 -50.77
N LEU A 384 24.74 -34.79 -51.42
CA LEU A 384 23.56 -35.62 -51.59
C LEU A 384 23.85 -36.84 -52.46
N ASP A 385 24.60 -36.67 -53.55
CA ASP A 385 24.96 -37.81 -54.37
C ASP A 385 25.86 -38.78 -53.61
N ALA A 386 26.73 -38.24 -52.76
CA ALA A 386 27.62 -39.09 -51.98
C ALA A 386 26.85 -39.96 -50.98
N GLY A 387 25.82 -39.39 -50.36
CA GLY A 387 25.15 -40.05 -49.26
C GLY A 387 24.47 -41.38 -49.55
N ILE A 388 24.51 -41.89 -50.80
CA ILE A 388 23.78 -43.10 -51.15
C ILE A 388 24.74 -44.02 -51.92
N SER A 389 26.05 -43.70 -51.82
CA SER A 389 27.06 -44.38 -52.63
C SER A 389 27.01 -45.89 -52.46
N GLY A 390 26.85 -46.37 -51.22
CA GLY A 390 26.75 -47.81 -51.01
C GLY A 390 25.60 -48.42 -51.77
N LEU A 391 24.46 -47.73 -51.79
CA LEU A 391 23.30 -48.27 -52.50
C LEU A 391 23.53 -48.30 -54.02
N TYR A 392 24.07 -47.23 -54.59
CA TYR A 392 24.34 -47.31 -56.03
C TYR A 392 25.35 -48.41 -56.33
N SER A 393 26.36 -48.58 -55.48
CA SER A 393 27.36 -49.60 -55.72
C SER A 393 26.75 -50.99 -55.70
N ILE A 394 25.98 -51.30 -54.66
CA ILE A 394 25.43 -52.65 -54.55
C ILE A 394 24.42 -52.92 -55.66
N LEU A 395 23.61 -51.91 -56.02
CA LEU A 395 22.67 -52.12 -57.12
C LEU A 395 23.40 -52.34 -58.44
N SER A 396 24.48 -51.59 -58.69
CA SER A 396 25.24 -51.78 -59.91
C SER A 396 25.85 -53.17 -59.96
N ARG A 397 26.37 -53.66 -58.83
CA ARG A 397 27.00 -54.97 -58.83
C ARG A 397 25.97 -56.09 -58.91
N GLU A 398 24.74 -55.85 -58.45
CA GLU A 398 23.74 -56.90 -58.36
C GLU A 398 22.83 -56.97 -59.59
N LEU A 399 22.21 -55.86 -59.98
CA LEU A 399 21.16 -55.86 -60.99
C LEU A 399 21.67 -55.67 -62.41
N GLN A 400 22.57 -54.70 -62.64
CA GLN A 400 22.91 -54.30 -64.01
C GLN A 400 23.61 -55.43 -64.76
N LEU A 401 24.67 -55.98 -64.19
CA LEU A 401 25.49 -56.94 -64.94
C LEU A 401 24.73 -58.23 -65.30
N PRO A 402 24.08 -58.92 -64.37
CA PRO A 402 23.33 -60.11 -64.76
C PRO A 402 22.22 -59.83 -65.76
N LEU A 403 21.56 -58.66 -65.65
CA LEU A 403 20.48 -58.35 -66.58
C LEU A 403 21.02 -58.20 -68.00
N VAL A 404 22.12 -57.46 -68.16
CA VAL A 404 22.67 -57.29 -69.50
C VAL A 404 23.23 -58.60 -70.03
N ARG A 405 23.78 -59.44 -69.14
CA ARG A 405 24.27 -60.74 -69.60
C ARG A 405 23.12 -61.62 -70.08
N ARG A 406 22.01 -61.65 -69.35
CA ARG A 406 20.86 -62.44 -69.78
C ARG A 406 20.30 -61.89 -71.09
N LEU A 407 20.27 -60.55 -71.22
CA LEU A 407 19.77 -59.94 -72.45
C LEU A 407 20.63 -60.30 -73.64
N ILE A 408 21.95 -60.28 -73.46
CA ILE A 408 22.81 -60.60 -74.59
C ILE A 408 22.71 -62.09 -74.92
N HIS A 409 22.51 -62.94 -73.91
CA HIS A 409 22.34 -64.36 -74.18
C HIS A 409 21.06 -64.64 -74.95
N ILE A 410 19.95 -64.01 -74.55
CA ILE A 410 18.69 -64.23 -75.27
C ILE A 410 18.79 -63.69 -76.69
N LEU A 411 19.48 -62.55 -76.85
CA LEU A 411 19.68 -61.99 -78.18
C LEU A 411 20.48 -62.95 -79.06
N ARG A 412 21.54 -63.54 -78.49
CA ARG A 412 22.33 -64.50 -79.26
C ARG A 412 21.52 -65.73 -79.63
N ARG A 413 20.74 -66.26 -78.68
CA ARG A 413 19.98 -67.47 -78.95
C ARG A 413 18.91 -67.23 -80.00
N LYS A 414 18.36 -66.02 -80.06
CA LYS A 414 17.38 -65.73 -81.10
C LYS A 414 17.99 -65.66 -82.49
N ARG A 415 19.32 -65.71 -82.60
CA ARG A 415 20.10 -65.69 -83.85
C ARG A 415 20.03 -64.35 -84.56
N LYS A 416 19.76 -63.26 -83.84
CA LYS A 416 19.77 -61.95 -84.46
C LYS A 416 21.17 -61.35 -84.54
N LEU A 417 22.15 -61.97 -83.91
CA LEU A 417 23.55 -61.54 -83.96
C LEU A 417 24.43 -62.77 -83.83
N PRO A 418 25.49 -62.88 -84.65
CA PRO A 418 26.39 -64.03 -84.52
C PRO A 418 27.12 -64.07 -83.18
N ASP A 419 27.78 -65.19 -82.90
CA ASP A 419 28.39 -65.43 -81.60
C ASP A 419 29.62 -64.55 -81.38
N PHE A 420 29.86 -64.22 -80.12
CA PHE A 420 31.05 -63.47 -79.75
C PHE A 420 32.30 -64.32 -79.95
N PRO A 421 33.39 -63.75 -80.45
CA PRO A 421 34.65 -64.48 -80.52
C PRO A 421 35.18 -64.78 -79.13
N ARG A 422 35.86 -65.91 -79.01
CA ARG A 422 36.36 -66.39 -77.73
C ARG A 422 37.89 -66.44 -77.74
N SER A 423 38.48 -66.27 -76.56
CA SER A 423 39.92 -66.25 -76.43
C SER A 423 40.52 -67.61 -76.80
N GLU A 424 41.63 -67.58 -77.53
CA GLU A 424 42.34 -68.82 -77.84
C GLU A 424 43.12 -69.32 -76.62
N VAL A 425 43.68 -68.40 -75.84
CA VAL A 425 44.49 -68.78 -74.68
C VAL A 425 43.60 -69.25 -73.54
N THR A 426 42.55 -68.48 -73.24
CA THR A 426 41.74 -68.71 -72.04
C THR A 426 40.32 -69.19 -72.34
N GLY A 427 39.77 -68.85 -73.49
CA GLY A 427 38.38 -69.16 -73.80
C GLY A 427 37.39 -68.10 -73.36
N GLU A 428 37.84 -67.07 -72.64
CA GLU A 428 36.95 -66.02 -72.21
C GLU A 428 36.50 -65.19 -73.40
N PRO A 429 35.28 -64.65 -73.36
CA PRO A 429 34.82 -63.78 -74.44
C PRO A 429 35.73 -62.57 -74.60
N LEU A 430 35.94 -62.16 -75.86
CA LEU A 430 36.86 -61.06 -76.13
C LEU A 430 36.31 -59.71 -75.72
N ILE A 431 35.04 -59.62 -75.34
CA ILE A 431 34.43 -58.37 -74.93
C ILE A 431 33.66 -58.60 -73.64
N LYS A 432 33.85 -57.71 -72.67
CA LYS A 432 33.20 -57.80 -71.36
C LYS A 432 32.22 -56.64 -71.20
N GLU A 433 31.65 -56.54 -70.00
CA GLU A 433 30.59 -55.59 -69.71
C GLU A 433 30.94 -54.75 -68.49
N LYS A 434 30.46 -53.52 -68.47
CA LYS A 434 30.76 -52.56 -67.42
C LYS A 434 29.47 -52.07 -66.78
N ALA A 435 29.62 -51.26 -65.74
CA ALA A 435 28.50 -50.59 -65.10
C ALA A 435 28.86 -49.13 -64.85
N VAL A 436 27.94 -48.22 -65.14
CA VAL A 436 28.15 -46.79 -64.96
C VAL A 436 27.01 -46.24 -64.13
N THR A 437 27.35 -45.63 -62.99
CA THR A 437 26.33 -45.13 -62.05
C THR A 437 26.71 -43.74 -61.56
N GLY A 438 25.71 -42.86 -61.52
CA GLY A 438 25.87 -41.60 -60.80
C GLY A 438 26.73 -40.60 -61.54
N ILE A 439 27.75 -40.10 -60.83
CA ILE A 439 28.61 -39.04 -61.37
C ILE A 439 29.33 -39.52 -62.61
N GLU A 440 29.64 -40.82 -62.71
CA GLU A 440 30.26 -41.35 -63.92
C GLU A 440 29.35 -41.16 -65.12
N ALA A 441 28.06 -41.47 -64.97
CA ALA A 441 27.11 -41.28 -66.05
C ALA A 441 26.90 -39.80 -66.35
N ILE A 442 26.86 -38.97 -65.31
CA ILE A 442 26.69 -37.53 -65.52
C ILE A 442 27.87 -36.94 -66.26
N GLY A 443 29.08 -37.43 -65.97
CA GLY A 443 30.30 -36.82 -66.47
C GLY A 443 31.09 -37.65 -67.48
N ARG A 444 30.46 -38.62 -68.13
CA ARG A 444 31.06 -39.13 -69.35
C ARG A 444 31.16 -38.03 -70.39
N GLY A 445 30.16 -37.15 -70.44
CA GLY A 445 30.28 -35.93 -71.21
C GLY A 445 31.43 -35.06 -70.73
N ASP A 446 31.68 -35.05 -69.42
CA ASP A 446 32.84 -34.32 -68.90
C ASP A 446 34.14 -34.96 -69.34
N ASP A 447 34.18 -36.30 -69.45
CA ASP A 447 35.34 -36.99 -70.00
C ASP A 447 35.60 -36.56 -71.43
N ARG A 448 34.55 -36.53 -72.24
CA ARG A 448 34.67 -36.04 -73.62
C ARG A 448 35.16 -34.60 -73.64
N ASN A 449 34.60 -33.78 -72.75
CA ASN A 449 34.99 -32.37 -72.67
C ASN A 449 36.46 -32.25 -72.29
N LYS A 450 36.94 -33.11 -71.39
CA LYS A 450 38.35 -33.07 -70.99
C LYS A 450 39.25 -33.46 -72.15
N LEU A 451 38.86 -34.48 -72.92
CA LEU A 451 39.65 -34.86 -74.09
C LEU A 451 39.72 -33.71 -75.09
N ILE A 452 38.57 -33.11 -75.40
CA ILE A 452 38.54 -32.03 -76.38
C ILE A 452 39.28 -30.80 -75.85
N ASP A 453 39.21 -30.56 -74.54
CA ASP A 453 39.90 -29.43 -73.94
C ASP A 453 41.41 -29.64 -73.98
N PHE A 454 41.86 -30.89 -73.77
CA PHE A 454 43.28 -31.20 -73.94
C PHE A 454 43.73 -30.92 -75.37
N ILE A 455 42.92 -31.36 -76.34
CA ILE A 455 43.25 -31.13 -77.74
C ILE A 455 43.33 -29.63 -78.04
N THR A 456 42.34 -28.87 -77.56
CA THR A 456 42.29 -27.45 -77.85
C THR A 456 43.40 -26.69 -77.15
N THR A 457 43.74 -27.07 -75.92
CA THR A 457 44.84 -26.41 -75.22
C THR A 457 46.17 -26.70 -75.90
N ALA A 458 46.35 -27.93 -76.38
CA ALA A 458 47.55 -28.23 -77.18
C ALA A 458 47.59 -27.37 -78.44
N ASN A 459 46.45 -27.25 -79.12
CA ASN A 459 46.41 -26.44 -80.33
C ASN A 459 46.74 -24.98 -80.04
N GLN A 460 46.22 -24.44 -78.93
CA GLN A 460 46.55 -23.07 -78.54
C GLN A 460 48.03 -22.93 -78.26
N ALA A 461 48.61 -23.90 -77.55
CA ALA A 461 50.02 -23.82 -77.19
C ALA A 461 50.93 -23.90 -78.41
N LEU A 462 50.53 -24.66 -79.44
CA LEU A 462 51.42 -24.93 -80.56
C LEU A 462 50.94 -24.26 -81.85
N GLY A 463 49.64 -24.17 -82.08
CA GLY A 463 49.11 -23.48 -83.22
C GLY A 463 48.83 -24.41 -84.39
N PRO A 464 48.82 -23.86 -85.61
CA PRO A 464 48.68 -24.72 -86.80
C PRO A 464 49.92 -25.56 -87.07
N GLN A 465 51.09 -25.15 -86.57
CA GLN A 465 52.27 -25.99 -86.70
C GLN A 465 52.17 -27.22 -85.82
N ALA A 466 51.18 -27.28 -84.93
CA ALA A 466 50.94 -28.50 -84.17
C ALA A 466 50.64 -29.66 -85.08
N MET A 467 49.94 -29.42 -86.17
CA MET A 467 49.20 -30.41 -86.95
C MET A 467 50.11 -31.59 -87.50
N THR A 468 51.38 -31.69 -87.10
CA THR A 468 52.35 -32.58 -87.74
C THR A 468 52.55 -33.94 -87.06
N GLN A 469 52.97 -34.06 -85.78
CA GLN A 469 53.45 -35.37 -85.32
C GLN A 469 53.18 -35.85 -83.87
N PHE A 470 52.30 -35.22 -83.06
CA PHE A 470 51.88 -35.83 -81.78
C PHE A 470 50.39 -36.14 -81.70
N LEU A 471 49.50 -35.15 -81.75
CA LEU A 471 48.09 -35.33 -81.38
C LEU A 471 47.19 -35.17 -82.61
N ASN A 472 46.48 -36.23 -82.95
CA ASN A 472 45.79 -36.31 -84.24
C ASN A 472 44.75 -35.21 -84.40
N VAL A 473 44.69 -34.63 -85.59
CA VAL A 473 43.68 -33.62 -85.91
C VAL A 473 42.29 -34.27 -86.01
N GLU A 474 42.22 -35.60 -85.95
CA GLU A 474 41.02 -36.37 -85.65
C GLU A 474 39.94 -36.27 -86.74
N GLU A 475 40.19 -35.51 -87.82
CA GLU A 475 39.60 -35.79 -89.13
C GLU A 475 38.10 -36.14 -89.13
N ALA A 476 37.20 -35.18 -88.88
CA ALA A 476 35.80 -35.55 -88.69
C ALA A 476 34.95 -35.53 -89.98
N LEU A 477 34.88 -36.64 -90.75
CA LEU A 477 33.74 -36.87 -91.66
C LEU A 477 33.23 -38.32 -91.65
N ARG A 478 34.12 -39.33 -91.55
CA ARG A 478 33.77 -40.70 -91.90
C ARG A 478 33.35 -41.56 -90.69
N ARG A 479 34.27 -41.74 -89.73
CA ARG A 479 34.13 -42.82 -88.73
C ARG A 479 33.27 -42.42 -87.54
N LEU A 480 33.52 -41.27 -86.92
CA LEU A 480 32.61 -40.79 -85.90
C LEU A 480 31.20 -40.59 -86.44
N ALA A 481 31.04 -40.42 -87.75
CA ALA A 481 29.74 -40.53 -88.37
C ALA A 481 29.19 -41.94 -88.20
N ALA A 482 30.05 -42.94 -88.37
CA ALA A 482 29.68 -44.33 -88.09
C ALA A 482 29.62 -44.63 -86.60
N SER A 483 30.24 -43.78 -85.77
CA SER A 483 30.08 -43.85 -84.32
C SER A 483 28.72 -43.29 -83.96
N GLY A 484 28.08 -43.87 -82.96
CA GLY A 484 26.68 -43.56 -82.74
C GLY A 484 25.80 -43.97 -83.89
N SER A 485 26.01 -45.18 -84.42
CA SER A 485 25.30 -45.70 -85.58
C SER A 485 25.59 -44.87 -86.82
N ILE A 486 24.69 -44.94 -87.81
CA ILE A 486 24.79 -44.24 -89.09
C ILE A 486 25.96 -44.80 -89.89
N ASP A 487 25.83 -44.84 -91.21
CA ASP A 487 26.87 -45.40 -92.06
C ASP A 487 27.82 -44.30 -92.55
N THR A 488 28.87 -44.73 -93.24
CA THR A 488 29.86 -43.84 -93.81
C THR A 488 29.32 -43.33 -95.15
N THR A 489 30.22 -42.77 -95.98
CA THR A 489 29.91 -42.31 -97.33
C THR A 489 28.99 -41.11 -97.30
N ASN A 490 27.98 -41.10 -98.17
CA ASN A 490 27.04 -40.01 -98.33
C ASN A 490 27.78 -38.78 -98.87
N LEU A 491 28.19 -37.84 -98.02
CA LEU A 491 29.11 -36.81 -98.52
C LEU A 491 30.49 -37.38 -98.79
N VAL A 492 30.89 -38.42 -98.07
CA VAL A 492 32.29 -38.84 -98.09
C VAL A 492 32.70 -39.15 -99.52
N LYS A 493 33.62 -38.34 -100.05
CA LYS A 493 34.28 -38.70 -101.29
C LYS A 493 35.22 -39.85 -100.94
N THR A 494 34.77 -41.09 -101.16
CA THR A 494 35.50 -42.26 -100.70
C THR A 494 36.90 -42.26 -101.27
N LYS A 495 37.81 -42.94 -100.56
CA LYS A 495 39.19 -43.01 -101.01
C LYS A 495 39.27 -43.49 -102.45
N ALA A 496 38.42 -44.44 -102.84
CA ALA A 496 38.32 -44.82 -104.24
C ALA A 496 37.84 -43.64 -105.09
N GLN A 497 36.78 -42.95 -104.66
CA GLN A 497 36.28 -41.80 -105.41
C GLN A 497 37.30 -40.68 -105.45
N LEU A 498 37.96 -40.40 -104.32
CA LEU A 498 38.96 -39.35 -104.30
C LEU A 498 40.13 -39.67 -105.22
N GLN A 499 40.60 -40.92 -105.20
CA GLN A 499 41.68 -41.32 -106.11
C GLN A 499 41.24 -41.22 -107.56
N GLN A 500 40.01 -41.64 -107.86
CA GLN A 500 39.51 -41.56 -109.23
C GLN A 500 39.45 -40.11 -109.72
N GLU A 501 38.90 -39.21 -108.89
CA GLU A 501 38.79 -37.82 -109.28
C GLU A 501 40.16 -37.16 -109.37
N ALA A 502 41.08 -37.52 -108.47
CA ALA A 502 42.44 -36.99 -108.56
C ALA A 502 43.13 -37.46 -109.84
N ALA A 503 42.91 -38.71 -110.23
CA ALA A 503 43.47 -39.22 -111.48
C ALA A 503 42.86 -38.49 -112.67
N ALA A 504 41.56 -38.23 -112.64
CA ALA A 504 40.92 -37.49 -113.72
C ALA A 504 41.47 -36.07 -113.80
N GLN A 505 41.64 -35.42 -112.65
CA GLN A 505 42.23 -34.08 -112.63
C GLN A 505 43.66 -34.10 -113.16
N ALA A 506 44.43 -35.13 -112.79
CA ALA A 506 45.79 -35.26 -113.28
C ALA A 506 45.82 -35.43 -114.78
N GLU A 507 44.91 -36.25 -115.32
CA GLU A 507 44.84 -36.43 -116.77
C GLU A 507 44.45 -35.13 -117.45
N ALA A 508 43.51 -34.38 -116.86
CA ALA A 508 43.10 -33.11 -117.45
C ALA A 508 44.24 -32.10 -117.47
N GLU A 509 44.98 -32.00 -116.37
CA GLU A 509 46.09 -31.06 -116.35
C GLU A 509 47.24 -31.52 -117.23
N GLN A 510 47.39 -32.83 -117.41
CA GLN A 510 48.35 -33.35 -118.38
C GLN A 510 47.95 -32.97 -119.80
N GLN A 511 46.66 -33.11 -120.12
CA GLN A 511 46.16 -32.69 -121.42
C GLN A 511 46.37 -31.20 -121.62
N ALA A 512 46.25 -30.41 -120.56
CA ALA A 512 46.64 -29.01 -120.63
C ALA A 512 48.13 -28.89 -120.94
N GLN A 513 48.96 -29.69 -120.26
CA GLN A 513 50.39 -29.73 -120.58
C GLN A 513 50.63 -30.38 -121.93
N GLN A 514 49.88 -31.43 -122.25
CA GLN A 514 49.99 -32.06 -123.57
C GLN A 514 49.61 -31.06 -124.65
N GLN A 515 50.50 -30.90 -125.63
CA GLN A 515 50.31 -29.93 -126.71
C GLN A 515 50.04 -28.55 -126.14
N GLN A 516 51.00 -28.06 -125.34
CA GLN A 516 50.88 -26.73 -124.79
C GLN A 516 50.96 -25.70 -125.91
N LEU A 517 49.82 -25.06 -126.22
CA LEU A 517 49.73 -24.17 -127.37
C LEU A 517 50.16 -24.90 -128.63
N LEU A 518 51.43 -24.72 -129.01
CA LEU A 518 52.07 -25.37 -130.14
C LEU A 518 51.43 -24.89 -131.44
N GLU A 519 50.22 -25.33 -131.77
CA GLU A 519 49.58 -24.92 -133.03
C GLU A 519 49.60 -23.41 -133.19
N THR A 520 49.36 -22.70 -132.08
CA THR A 520 49.58 -21.26 -132.03
C THR A 520 50.88 -20.89 -131.34
N GLY A 521 51.47 -21.82 -130.56
CA GLY A 521 52.60 -21.47 -129.73
C GLY A 521 53.91 -21.34 -130.49
N ILE A 522 54.05 -22.02 -131.62
CA ILE A 522 55.33 -22.00 -132.32
C ILE A 522 55.62 -20.61 -132.86
N LYS A 523 56.92 -20.33 -133.02
CA LYS A 523 57.43 -19.00 -133.31
C LYS A 523 57.09 -18.49 -134.71
N SER A 524 57.31 -19.31 -135.73
CA SER A 524 57.11 -18.91 -137.12
C SER A 524 56.73 -20.15 -137.91
N PRO A 525 56.00 -19.98 -139.02
CA PRO A 525 55.44 -21.15 -139.71
C PRO A 525 56.47 -21.86 -140.59
N ALA A 526 57.67 -22.11 -140.07
CA ALA A 526 58.70 -22.72 -140.89
C ALA A 526 58.38 -24.16 -141.23
N MET A 527 57.87 -24.94 -140.26
CA MET A 527 57.54 -26.33 -140.58
C MET A 527 56.22 -26.42 -141.33
N ALA A 528 55.37 -25.39 -141.23
CA ALA A 528 54.22 -25.32 -142.14
C ALA A 528 54.69 -25.11 -143.57
N GLN A 529 55.65 -24.21 -143.77
CA GLN A 529 56.27 -24.04 -145.07
C GLN A 529 56.96 -25.31 -145.52
N ALA A 530 57.53 -26.05 -144.55
CA ALA A 530 58.14 -27.34 -144.85
C ALA A 530 57.12 -28.34 -145.34
N VAL A 531 55.95 -28.39 -144.71
CA VAL A 531 54.88 -29.27 -145.15
C VAL A 531 54.45 -28.91 -146.56
N LYS A 532 54.36 -27.60 -146.84
CA LYS A 532 54.03 -27.16 -148.19
C LYS A 532 55.10 -27.58 -149.19
N ASN A 533 56.37 -27.47 -148.81
CA ASN A 533 57.48 -27.83 -149.70
C ASN A 533 57.48 -29.33 -149.99
N PHE A 534 57.24 -30.14 -148.96
CA PHE A 534 57.10 -31.58 -149.16
C PHE A 534 55.92 -31.86 -150.07
N GLN A 535 54.83 -31.11 -149.88
CA GLN A 535 53.73 -31.13 -150.83
C GLN A 535 54.20 -30.72 -152.22
N GLY A 536 54.95 -29.63 -152.31
CA GLY A 536 55.36 -29.08 -153.59
C GLY A 536 56.55 -29.76 -154.22
N ALA A 537 57.69 -29.74 -153.55
CA ALA A 537 58.95 -30.18 -154.15
C ALA A 537 59.13 -31.69 -154.08
N ASP A 538 58.82 -32.38 -155.19
CA ASP A 538 59.08 -33.80 -155.39
C ASP A 538 58.62 -34.65 -154.20
N PRO A 539 57.32 -34.89 -154.05
CA PRO A 539 56.82 -35.64 -152.88
C PRO A 539 57.53 -36.96 -152.63
N GLU A 540 58.06 -37.62 -153.67
CA GLU A 540 58.83 -38.84 -153.45
C GLU A 540 60.20 -38.52 -152.85
N ARG A 541 60.86 -37.48 -153.38
CA ARG A 541 62.09 -37.02 -152.74
C ARG A 541 61.79 -36.50 -151.35
N ALA A 542 60.60 -35.92 -151.15
CA ALA A 542 60.19 -35.52 -149.80
C ALA A 542 60.00 -36.71 -148.88
N ALA A 543 59.52 -37.85 -149.42
CA ALA A 543 59.39 -39.05 -148.60
C ALA A 543 60.75 -39.62 -148.23
N GLN A 544 61.69 -39.62 -149.19
CA GLN A 544 63.06 -40.02 -148.87
C GLN A 544 63.67 -39.07 -147.84
N ALA A 545 63.34 -37.78 -147.93
CA ALA A 545 63.76 -36.78 -146.97
C ALA A 545 63.19 -37.06 -145.58
N LEU A 546 61.92 -37.47 -145.50
CA LEU A 546 61.33 -37.81 -144.21
C LEU A 546 61.96 -39.09 -143.65
N SER A 547 62.34 -40.02 -144.52
CA SER A 547 63.10 -41.18 -144.08
C SER A 547 64.45 -40.76 -143.51
N ALA A 548 65.11 -39.78 -144.14
CA ALA A 548 66.36 -39.27 -143.60
C ALA A 548 66.13 -38.55 -142.28
N ILE A 549 64.98 -37.89 -142.13
CA ILE A 549 64.61 -37.31 -140.83
C ILE A 549 64.51 -38.39 -139.77
N THR A 550 63.82 -39.49 -140.09
CA THR A 550 63.71 -40.60 -139.16
C THR A 550 65.03 -41.36 -139.03
N SER A 551 66.02 -41.03 -139.86
CA SER A 551 67.38 -41.54 -139.68
C SER A 551 68.21 -40.67 -138.75
N GLU A 552 68.04 -39.34 -138.80
CA GLU A 552 68.71 -38.47 -137.83
C GLU A 552 68.23 -38.74 -136.41
N THR A 553 67.03 -39.29 -136.28
CA THR A 553 66.49 -39.86 -135.05
C THR A 553 66.27 -41.35 -135.31
N GLY A 554 65.54 -42.01 -134.41
CA GLY A 554 65.19 -43.40 -134.66
C GLY A 554 64.43 -44.01 -133.51
N GLY A 555 64.22 -45.32 -133.64
CA GLY A 555 63.52 -46.09 -132.62
C GLY A 555 62.04 -45.80 -132.52
N ILE A 556 61.46 -45.29 -133.60
CA ILE A 556 60.04 -45.02 -133.67
C ILE A 556 59.47 -45.74 -134.89
N ASP A 557 58.33 -46.40 -134.71
CA ASP A 557 57.69 -47.11 -135.81
C ASP A 557 57.03 -46.12 -136.76
N ALA A 558 57.44 -46.15 -138.03
CA ALA A 558 56.81 -45.30 -139.04
C ALA A 558 55.35 -45.66 -139.25
N ASP A 559 54.94 -46.87 -138.86
CA ASP A 559 53.54 -47.26 -138.93
C ASP A 559 52.68 -46.51 -137.91
N GLN A 560 53.29 -45.87 -136.93
CA GLN A 560 52.54 -45.03 -136.00
C GLN A 560 52.31 -43.63 -136.55
N LEU A 561 53.04 -43.24 -137.59
CA LEU A 561 52.80 -41.94 -138.23
C LEU A 561 51.49 -41.95 -139.02
N THR A 562 51.11 -43.11 -139.55
CA THR A 562 49.89 -43.24 -140.34
C THR A 562 48.67 -43.56 -139.49
N GLU A 563 48.67 -43.17 -138.22
CA GLU A 563 47.51 -43.29 -137.34
C GLU A 563 47.14 -41.95 -136.72
N ALA A 564 47.30 -40.87 -137.49
CA ALA A 564 46.97 -39.53 -137.00
C ALA A 564 45.67 -39.04 -137.61
N MET B 1 -34.03 -46.81 -84.40
CA MET B 1 -33.21 -46.63 -85.59
C MET B 1 -31.92 -47.43 -85.48
N LYS B 2 -30.89 -46.97 -86.19
CA LYS B 2 -29.64 -47.71 -86.31
C LYS B 2 -28.82 -47.52 -85.04
N THR B 3 -28.79 -48.54 -84.19
CA THR B 3 -27.99 -48.53 -82.97
C THR B 3 -26.53 -48.80 -83.33
N ARG B 4 -25.74 -47.73 -83.43
CA ARG B 4 -24.32 -47.85 -83.76
C ARG B 4 -23.51 -47.17 -82.68
N LEU B 5 -23.25 -47.90 -81.59
CA LEU B 5 -22.24 -47.52 -80.61
C LEU B 5 -20.93 -48.25 -80.83
N THR B 6 -20.86 -49.12 -81.84
CA THR B 6 -19.68 -49.90 -82.17
C THR B 6 -19.23 -49.57 -83.58
N ASN B 7 -17.92 -49.66 -83.81
CA ASN B 7 -17.35 -49.31 -85.09
C ASN B 7 -17.69 -50.35 -86.15
N ASN B 8 -17.46 -49.96 -87.41
CA ASN B 8 -17.65 -50.83 -88.55
C ASN B 8 -16.35 -51.46 -89.03
N VAL B 9 -15.45 -51.77 -88.09
CA VAL B 9 -14.13 -52.27 -88.45
C VAL B 9 -14.01 -53.76 -88.21
N ASP B 10 -14.75 -54.32 -87.24
CA ASP B 10 -14.59 -55.72 -86.85
C ASP B 10 -15.93 -56.44 -86.64
N ARG B 11 -17.04 -55.91 -87.15
CA ARG B 11 -18.29 -56.63 -87.01
C ARG B 11 -18.28 -57.92 -87.84
N GLN B 12 -18.89 -58.96 -87.29
CA GLN B 12 -18.89 -60.28 -87.90
C GLN B 12 -20.30 -60.85 -87.80
N SER B 13 -20.44 -62.13 -88.16
CA SER B 13 -21.73 -62.78 -88.04
C SER B 13 -21.97 -63.25 -86.60
N ALA B 14 -23.18 -63.74 -86.34
CA ALA B 14 -23.55 -64.19 -85.00
C ALA B 14 -22.78 -65.45 -84.66
N LEU B 15 -22.03 -65.41 -83.55
CA LEU B 15 -21.18 -66.53 -83.15
C LEU B 15 -21.55 -67.13 -81.80
N TYR B 16 -22.17 -66.38 -80.90
CA TYR B 16 -22.64 -66.91 -79.62
C TYR B 16 -24.08 -66.52 -79.37
N GLY B 17 -24.84 -67.43 -78.78
CA GLY B 17 -26.20 -67.17 -78.36
C GLY B 17 -26.30 -66.91 -76.87
N SER B 18 -27.35 -67.47 -76.27
CA SER B 18 -27.66 -67.27 -74.85
C SER B 18 -27.30 -68.49 -74.01
N SER B 19 -26.14 -69.10 -74.26
CA SER B 19 -25.75 -70.34 -73.57
C SER B 19 -25.40 -70.03 -72.12
N GLY B 20 -26.45 -69.87 -71.31
CA GLY B 20 -26.30 -69.68 -69.88
C GLY B 20 -26.53 -68.26 -69.42
N GLY B 21 -27.73 -67.99 -68.90
CA GLY B 21 -28.04 -66.69 -68.33
C GLY B 21 -28.08 -65.57 -69.36
N THR B 22 -28.30 -64.37 -68.84
CA THR B 22 -28.30 -63.16 -69.64
C THR B 22 -27.31 -62.16 -69.03
N ALA B 23 -26.96 -61.15 -69.82
CA ALA B 23 -26.03 -60.14 -69.34
C ALA B 23 -26.59 -59.39 -68.13
N ALA B 24 -27.91 -59.22 -68.08
CA ALA B 24 -28.52 -58.54 -66.93
C ALA B 24 -28.27 -59.32 -65.64
N GLN B 25 -28.39 -60.64 -65.69
CA GLN B 25 -28.16 -61.44 -64.50
C GLN B 25 -26.72 -61.34 -64.01
N ARG B 26 -25.76 -61.37 -64.94
CA ARG B 26 -24.36 -61.23 -64.55
C ARG B 26 -24.09 -59.84 -63.99
N TYR B 27 -24.72 -58.82 -64.57
CA TYR B 27 -24.56 -57.46 -64.04
C TYR B 27 -25.09 -57.36 -62.62
N GLU B 28 -26.25 -57.96 -62.37
CA GLU B 28 -26.80 -57.97 -61.01
C GLU B 28 -25.91 -58.74 -60.06
N GLN B 29 -25.31 -59.85 -60.53
CA GLN B 29 -24.43 -60.62 -59.67
C GLN B 29 -23.17 -59.85 -59.30
N LEU B 30 -22.61 -59.10 -60.25
CA LEU B 30 -21.35 -58.39 -59.99
C LEU B 30 -21.54 -57.04 -59.32
N ARG B 31 -22.75 -56.48 -59.33
CA ARG B 31 -22.97 -55.23 -58.61
C ARG B 31 -22.69 -55.38 -57.12
N VAL B 32 -22.91 -56.58 -56.58
CA VAL B 32 -22.68 -56.81 -55.16
C VAL B 32 -21.23 -56.53 -54.81
N ASP B 33 -20.30 -57.06 -55.61
CA ASP B 33 -18.89 -56.81 -55.35
C ASP B 33 -18.50 -55.39 -55.74
N ARG B 34 -19.12 -54.82 -56.77
CA ARG B 34 -18.79 -53.46 -57.19
C ARG B 34 -19.26 -52.39 -56.21
N ASN B 35 -20.15 -52.75 -55.27
CA ASN B 35 -20.80 -51.75 -54.43
C ASN B 35 -19.80 -50.84 -53.72
N SER B 36 -18.96 -51.42 -52.86
CA SER B 36 -18.17 -50.60 -51.93
C SER B 36 -17.24 -49.60 -52.60
N PRO B 37 -16.43 -49.96 -53.60
CA PRO B 37 -15.56 -48.95 -54.22
C PRO B 37 -16.31 -47.78 -54.79
N LEU B 38 -17.55 -47.99 -55.27
CA LEU B 38 -18.37 -46.87 -55.71
C LEU B 38 -18.64 -45.91 -54.56
N LYS B 39 -18.95 -46.45 -53.37
CA LYS B 39 -19.18 -45.59 -52.21
C LYS B 39 -17.92 -44.82 -51.84
N ARG B 40 -16.77 -45.49 -51.86
CA ARG B 40 -15.53 -44.79 -51.53
C ARG B 40 -15.26 -43.65 -52.51
N ALA B 41 -15.43 -43.92 -53.81
CA ALA B 41 -15.22 -42.90 -54.82
C ALA B 41 -16.20 -41.75 -54.66
N ARG B 42 -17.45 -42.07 -54.32
CA ARG B 42 -18.46 -41.03 -54.15
C ARG B 42 -18.12 -40.13 -52.97
N ASP B 43 -17.68 -40.71 -51.85
CA ASP B 43 -17.29 -39.89 -50.71
C ASP B 43 -16.08 -39.01 -51.03
N CYS B 44 -15.07 -39.59 -51.70
CA CYS B 44 -13.91 -38.78 -52.07
C CYS B 44 -14.30 -37.64 -52.99
N SER B 45 -15.12 -37.93 -53.99
CA SER B 45 -15.58 -36.88 -54.90
C SER B 45 -16.33 -35.80 -54.14
N LYS B 46 -17.21 -36.18 -53.22
CA LYS B 46 -17.95 -35.21 -52.43
C LYS B 46 -17.00 -34.31 -51.64
N VAL B 47 -15.91 -34.88 -51.14
CA VAL B 47 -15.02 -34.04 -50.35
C VAL B 47 -14.14 -33.15 -51.23
N THR B 48 -13.91 -33.52 -52.50
CA THR B 48 -13.11 -32.66 -53.37
C THR B 48 -13.96 -31.83 -54.32
N ILE B 49 -14.78 -32.46 -55.16
CA ILE B 49 -15.63 -31.73 -56.11
C ILE B 49 -17.06 -32.21 -55.96
N PRO B 50 -17.98 -31.33 -55.53
CA PRO B 50 -19.29 -31.82 -55.04
C PRO B 50 -20.09 -32.63 -56.04
N GLY B 51 -20.01 -32.30 -57.33
CA GLY B 51 -20.92 -32.92 -58.28
C GLY B 51 -20.29 -33.76 -59.37
N LEU B 52 -19.09 -34.28 -59.15
CA LEU B 52 -18.42 -35.05 -60.20
C LEU B 52 -19.05 -36.42 -60.34
N ILE B 53 -19.00 -37.23 -59.31
CA ILE B 53 -19.66 -38.54 -59.28
C ILE B 53 -20.93 -38.38 -58.44
N GLU B 54 -22.06 -38.78 -59.00
CA GLU B 54 -23.36 -38.43 -58.45
C GLU B 54 -24.11 -39.66 -57.96
N ASP B 55 -25.01 -39.42 -57.01
CA ASP B 55 -25.98 -40.42 -56.59
C ASP B 55 -27.06 -40.57 -57.66
N GLU B 56 -27.73 -41.73 -57.66
CA GLU B 56 -28.71 -42.00 -58.70
C GLU B 56 -29.94 -41.11 -58.62
N ASN B 57 -30.13 -40.37 -57.52
CA ASN B 57 -31.28 -39.49 -57.38
C ASN B 57 -30.85 -38.04 -57.14
N TYR B 58 -29.76 -37.62 -57.77
CA TYR B 58 -29.28 -36.25 -57.72
C TYR B 58 -28.95 -35.74 -59.11
N GLY B 59 -29.87 -35.96 -60.05
CA GLY B 59 -29.63 -35.60 -61.44
C GLY B 59 -30.28 -34.30 -61.86
N ASP B 60 -31.40 -34.39 -62.57
CA ASP B 60 -32.09 -33.21 -63.09
C ASP B 60 -32.51 -32.26 -61.98
N ALA B 61 -32.90 -32.80 -60.82
CA ALA B 61 -33.45 -32.02 -59.72
C ALA B 61 -32.76 -32.37 -58.42
N GLY B 62 -31.42 -32.41 -58.44
CA GLY B 62 -30.63 -32.57 -57.24
C GLY B 62 -29.81 -31.35 -56.93
N ARG B 63 -29.64 -31.08 -55.64
CA ARG B 63 -28.87 -29.93 -55.15
C ARG B 63 -27.58 -30.40 -54.50
N LEU B 64 -26.48 -29.73 -54.85
CA LEU B 64 -25.17 -30.05 -54.33
C LEU B 64 -24.71 -29.00 -53.32
N ASP B 65 -23.92 -29.45 -52.35
CA ASP B 65 -23.38 -28.60 -51.31
C ASP B 65 -22.03 -28.06 -51.73
N THR B 66 -21.42 -27.26 -50.85
CA THR B 66 -20.10 -26.72 -51.09
C THR B 66 -19.21 -26.93 -49.86
N PRO B 67 -17.93 -27.19 -50.05
CA PRO B 67 -17.02 -27.39 -48.92
C PRO B 67 -16.59 -26.06 -48.33
N TYR B 68 -15.82 -26.14 -47.23
CA TYR B 68 -15.26 -24.97 -46.59
C TYR B 68 -13.75 -24.91 -46.77
N GLN B 69 -13.25 -25.48 -47.87
CA GLN B 69 -11.85 -25.36 -48.25
C GLN B 69 -11.73 -25.66 -49.74
N SER B 70 -10.82 -24.97 -50.40
CA SER B 70 -10.66 -25.09 -51.85
C SER B 70 -9.33 -25.68 -52.25
N SER B 71 -8.60 -26.30 -51.33
CA SER B 71 -7.35 -26.95 -51.70
C SER B 71 -7.58 -28.14 -52.62
N GLY B 72 -8.63 -28.92 -52.35
CA GLY B 72 -8.84 -30.13 -53.13
C GLY B 72 -9.12 -29.86 -54.59
N ALA B 73 -10.00 -28.90 -54.87
CA ALA B 73 -10.37 -28.62 -56.26
C ALA B 73 -9.17 -28.08 -57.04
N ARG B 74 -8.43 -27.15 -56.45
CA ARG B 74 -7.25 -26.60 -57.12
C ARG B 74 -6.22 -27.69 -57.36
N GLY B 75 -6.00 -28.55 -56.36
CA GLY B 75 -5.04 -29.63 -56.53
C GLY B 75 -5.44 -30.59 -57.64
N VAL B 76 -6.72 -30.98 -57.66
CA VAL B 76 -7.18 -31.92 -58.69
C VAL B 76 -7.02 -31.30 -60.08
N GLY B 77 -7.44 -30.04 -60.22
CA GLY B 77 -7.35 -29.40 -61.53
C GLY B 77 -5.91 -29.26 -62.01
N HIS B 78 -5.03 -28.79 -61.14
CA HIS B 78 -3.63 -28.63 -61.53
C HIS B 78 -2.99 -29.97 -61.85
N MET B 79 -3.29 -30.99 -61.04
CA MET B 79 -2.73 -32.31 -61.27
C MET B 79 -3.16 -32.87 -62.62
N THR B 80 -4.46 -32.84 -62.92
CA THR B 80 -4.93 -33.42 -64.16
C THR B 80 -4.42 -32.63 -65.36
N SER B 81 -4.36 -31.30 -65.23
CA SER B 81 -3.86 -30.50 -66.34
C SER B 81 -2.41 -30.82 -66.65
N LYS B 82 -1.56 -30.83 -65.62
CA LYS B 82 -0.15 -31.13 -65.85
C LYS B 82 0.04 -32.56 -66.37
N LEU B 83 -0.72 -33.51 -65.82
CA LEU B 83 -0.59 -34.89 -66.28
C LEU B 83 -0.97 -35.02 -67.75
N ALA B 84 -2.06 -34.37 -68.17
CA ALA B 84 -2.46 -34.43 -69.57
C ALA B 84 -1.43 -33.76 -70.46
N VAL B 85 -0.93 -32.59 -70.05
CA VAL B 85 -0.02 -31.83 -70.92
C VAL B 85 1.33 -32.52 -71.01
N THR B 86 1.68 -33.34 -70.01
CA THR B 86 2.97 -34.02 -70.03
C THR B 86 2.88 -35.36 -70.74
N LEU B 87 1.83 -36.14 -70.46
CA LEU B 87 1.72 -37.48 -71.03
C LEU B 87 1.50 -37.44 -72.54
N PHE B 88 0.87 -36.39 -73.05
CA PHE B 88 0.61 -36.22 -74.47
C PHE B 88 1.13 -34.87 -74.91
N PRO B 89 2.45 -34.74 -75.10
CA PRO B 89 3.01 -33.44 -75.49
C PRO B 89 2.46 -32.97 -76.82
N THR B 90 2.24 -31.66 -76.92
CA THR B 90 1.61 -31.09 -78.11
C THR B 90 2.58 -30.99 -79.29
N ASN B 91 3.86 -30.75 -79.04
CA ASN B 91 4.82 -30.53 -80.12
C ASN B 91 5.50 -31.84 -80.50
N GLU B 92 6.20 -32.46 -79.56
CA GLU B 92 6.89 -33.72 -79.80
C GLU B 92 5.89 -34.86 -79.93
N HIS B 93 6.25 -35.87 -80.73
CA HIS B 93 5.46 -37.08 -80.79
C HIS B 93 5.56 -37.84 -79.47
N PHE B 94 4.45 -38.46 -79.07
CA PHE B 94 4.40 -39.17 -77.81
C PHE B 94 4.76 -40.65 -77.96
N PHE B 95 5.08 -41.11 -79.16
CA PHE B 95 5.49 -42.49 -79.36
C PHE B 95 6.38 -42.58 -80.58
N LYS B 96 7.32 -43.52 -80.54
CA LYS B 96 8.30 -43.70 -81.60
C LYS B 96 8.14 -45.08 -82.21
N LEU B 97 7.80 -45.12 -83.50
CA LEU B 97 7.75 -46.36 -84.27
C LEU B 97 9.15 -46.59 -84.83
N GLU B 98 9.92 -47.45 -84.19
CA GLU B 98 11.35 -47.55 -84.42
C GLU B 98 11.69 -48.87 -85.08
N ILE B 99 12.53 -48.80 -86.13
CA ILE B 99 12.94 -49.99 -86.86
C ILE B 99 13.82 -50.87 -85.97
N ASP B 100 13.55 -52.17 -85.99
CA ASP B 100 14.34 -53.12 -85.23
C ASP B 100 15.61 -53.44 -86.01
N SER B 101 16.75 -52.91 -85.54
CA SER B 101 18.01 -53.17 -86.21
C SER B 101 18.46 -54.62 -86.03
N LEU B 102 17.85 -55.35 -85.10
CA LEU B 102 18.12 -56.78 -85.01
C LEU B 102 17.71 -57.50 -86.28
N ALA B 103 16.54 -57.13 -86.83
CA ALA B 103 16.13 -57.70 -88.11
C ALA B 103 17.07 -57.27 -89.22
N ILE B 104 17.56 -56.03 -89.16
CA ILE B 104 18.50 -55.54 -90.16
C ILE B 104 19.77 -56.39 -90.16
N LEU B 105 20.28 -56.71 -88.96
CA LEU B 105 21.48 -57.52 -88.87
C LEU B 105 21.20 -58.97 -89.26
N ALA B 106 20.07 -59.52 -88.80
CA ALA B 106 19.77 -60.93 -89.05
C ALA B 106 19.55 -61.21 -90.54
N SER B 107 18.83 -60.33 -91.23
CA SER B 107 18.59 -60.52 -92.65
C SER B 107 19.75 -60.02 -93.50
N ASP B 108 20.82 -59.51 -92.87
CA ASP B 108 21.96 -58.92 -93.58
C ASP B 108 21.49 -57.77 -94.46
N GLN B 109 20.67 -56.90 -93.89
CA GLN B 109 20.09 -55.81 -94.64
C GLN B 109 21.13 -54.73 -94.94
N ASN B 110 21.06 -54.18 -96.15
CA ASN B 110 22.02 -53.18 -96.57
C ASN B 110 21.72 -51.85 -95.90
N PRO B 111 22.71 -51.19 -95.28
CA PRO B 111 22.45 -49.91 -94.61
C PRO B 111 22.06 -48.78 -95.53
N GLU B 112 22.10 -48.98 -96.85
CA GLU B 112 21.73 -47.91 -97.77
C GLU B 112 20.24 -47.60 -97.74
N MET B 113 19.39 -48.61 -97.57
CA MET B 113 17.94 -48.41 -97.54
C MET B 113 17.42 -47.85 -96.22
N ILE B 114 18.25 -47.68 -95.19
CA ILE B 114 17.74 -47.19 -93.91
C ILE B 114 17.19 -45.78 -94.05
N THR B 115 17.70 -44.99 -94.99
CA THR B 115 17.14 -43.66 -95.22
C THR B 115 15.70 -43.75 -95.70
N GLU B 116 15.43 -44.62 -96.68
CA GLU B 116 14.07 -44.81 -97.15
C GLU B 116 13.17 -45.38 -96.07
N PHE B 117 13.70 -46.33 -95.28
CA PHE B 117 12.92 -46.89 -94.20
C PHE B 117 12.55 -45.82 -93.17
N ASP B 118 13.49 -44.94 -92.84
CA ASP B 118 13.21 -43.86 -91.90
C ASP B 118 12.19 -42.88 -92.47
N SER B 119 12.27 -42.60 -93.78
CA SER B 119 11.27 -41.75 -94.40
C SER B 119 9.88 -42.36 -94.29
N ALA B 120 9.77 -43.67 -94.58
CA ALA B 120 8.49 -44.33 -94.44
C ALA B 120 8.00 -44.30 -92.99
N LEU B 121 8.90 -44.53 -92.04
CA LEU B 121 8.52 -44.54 -90.64
C LEU B 121 8.02 -43.17 -90.19
N VAL B 122 8.69 -42.10 -90.60
CA VAL B 122 8.24 -40.77 -90.19
C VAL B 122 6.93 -40.39 -90.87
N LYS B 123 6.74 -40.84 -92.11
CA LYS B 123 5.45 -40.61 -92.76
C LYS B 123 4.32 -41.31 -92.00
N VAL B 124 4.55 -42.56 -91.59
CA VAL B 124 3.55 -43.28 -90.80
C VAL B 124 3.35 -42.58 -89.46
N GLU B 125 4.44 -42.06 -88.88
CA GLU B 125 4.34 -41.30 -87.63
C GLU B 125 3.35 -40.15 -87.78
N GLN B 126 3.55 -39.32 -88.79
CA GLN B 126 2.70 -38.15 -88.95
C GLN B 126 1.27 -38.56 -89.28
N ALA B 127 1.10 -39.63 -90.08
CA ALA B 127 -0.25 -40.08 -90.41
C ALA B 127 -1.01 -40.53 -89.17
N VAL B 128 -0.36 -41.32 -88.32
CA VAL B 128 -1.01 -41.83 -87.12
C VAL B 128 -1.34 -40.69 -86.17
N MET B 129 -0.39 -39.77 -85.96
CA MET B 129 -0.65 -38.66 -85.05
C MET B 129 -1.79 -37.78 -85.57
N ARG B 130 -1.82 -37.53 -86.88
CA ARG B 130 -2.89 -36.76 -87.47
C ARG B 130 -4.25 -37.42 -87.25
N MET B 131 -4.34 -38.72 -87.56
CA MET B 131 -5.64 -39.38 -87.46
C MET B 131 -6.08 -39.43 -86.00
N PHE B 132 -5.12 -39.57 -85.08
CA PHE B 132 -5.44 -39.47 -83.66
C PHE B 132 -6.03 -38.11 -83.32
N GLU B 133 -5.42 -37.04 -83.84
CA GLU B 133 -5.93 -35.70 -83.57
C GLU B 133 -7.30 -35.47 -84.21
N THR B 134 -7.60 -36.21 -85.28
CA THR B 134 -8.88 -36.02 -85.96
C THR B 134 -10.05 -36.40 -85.07
N ILE B 135 -9.93 -37.50 -84.33
CA ILE B 135 -11.03 -38.02 -83.53
C ILE B 135 -11.14 -37.26 -82.20
N GLY B 136 -10.32 -36.23 -82.03
CA GLY B 136 -10.41 -35.38 -80.85
C GLY B 136 -10.13 -36.11 -79.56
N GLY B 137 -9.03 -36.86 -79.51
CA GLY B 137 -8.75 -37.68 -78.34
C GLY B 137 -8.28 -36.90 -77.13
N ARG B 138 -7.83 -35.65 -77.33
CA ARG B 138 -7.28 -34.89 -76.21
C ARG B 138 -8.32 -34.67 -75.12
N ALA B 139 -9.54 -34.28 -75.50
CA ALA B 139 -10.58 -34.05 -74.51
C ALA B 139 -10.96 -35.33 -73.77
N ALA B 140 -11.06 -36.43 -74.50
CA ALA B 140 -11.38 -37.71 -73.87
C ALA B 140 -10.31 -38.12 -72.87
N MET B 141 -9.03 -37.97 -73.24
CA MET B 141 -7.96 -38.29 -72.30
C MET B 141 -8.00 -37.36 -71.09
N HIS B 142 -8.32 -36.08 -71.30
CA HIS B 142 -8.39 -35.16 -70.17
C HIS B 142 -9.47 -35.58 -69.19
N GLU B 143 -10.67 -35.88 -69.70
CA GLU B 143 -11.76 -36.29 -68.82
C GLU B 143 -11.45 -37.62 -68.13
N ALA B 144 -10.85 -38.56 -68.86
CA ALA B 144 -10.48 -39.83 -68.26
C ALA B 144 -9.45 -39.64 -67.16
N LEU B 145 -8.47 -38.76 -67.37
CA LEU B 145 -7.47 -38.50 -66.34
C LEU B 145 -8.11 -37.88 -65.11
N LYS B 146 -9.04 -36.96 -65.30
CA LYS B 146 -9.71 -36.36 -64.15
C LYS B 146 -10.47 -37.43 -63.36
N HIS B 147 -11.22 -38.28 -64.04
CA HIS B 147 -11.95 -39.35 -63.35
C HIS B 147 -11.00 -40.31 -62.66
N LEU B 148 -9.88 -40.63 -63.29
CA LEU B 148 -8.90 -41.53 -62.69
C LEU B 148 -8.32 -40.94 -61.41
N LEU B 149 -8.00 -39.64 -61.43
CA LEU B 149 -7.51 -39.00 -60.22
C LEU B 149 -8.55 -39.00 -59.12
N VAL B 150 -9.81 -38.72 -59.45
CA VAL B 150 -10.84 -38.62 -58.42
C VAL B 150 -11.34 -39.99 -58.00
N GLY B 151 -11.67 -40.84 -58.98
CA GLY B 151 -12.29 -42.12 -58.68
C GLY B 151 -11.33 -43.29 -58.60
N GLY B 152 -10.40 -43.38 -59.55
CA GLY B 152 -9.44 -44.46 -59.57
C GLY B 152 -9.72 -45.56 -60.57
N ASN B 153 -10.88 -45.55 -61.21
CA ASN B 153 -11.21 -46.58 -62.20
C ASN B 153 -11.98 -45.93 -63.34
N VAL B 154 -11.66 -46.34 -64.57
CA VAL B 154 -12.32 -45.81 -65.75
C VAL B 154 -12.11 -46.78 -66.90
N LEU B 155 -13.13 -46.96 -67.73
CA LEU B 155 -13.09 -47.89 -68.85
C LEU B 155 -13.18 -47.11 -70.15
N LEU B 156 -12.24 -47.36 -71.05
CA LEU B 156 -12.15 -46.66 -72.32
C LEU B 156 -12.67 -47.54 -73.45
N TYR B 157 -13.26 -46.90 -74.46
CA TYR B 157 -13.61 -47.55 -75.71
C TYR B 157 -13.04 -46.74 -76.86
N VAL B 158 -12.21 -47.38 -77.68
CA VAL B 158 -11.55 -46.73 -78.80
C VAL B 158 -12.25 -47.15 -80.09
N SER B 159 -12.64 -46.17 -80.90
CA SER B 159 -13.40 -46.44 -82.10
C SER B 159 -12.92 -45.51 -83.21
N ASP B 160 -13.36 -45.79 -84.44
CA ASP B 160 -13.07 -44.90 -85.55
C ASP B 160 -13.74 -43.56 -85.37
N GLU B 161 -14.99 -43.55 -84.90
CA GLU B 161 -15.72 -42.30 -84.73
C GLU B 161 -15.14 -41.46 -83.60
N GLY B 162 -14.84 -42.08 -82.47
CA GLY B 162 -14.31 -41.33 -81.34
C GLY B 162 -14.06 -42.24 -80.17
N ILE B 163 -13.64 -41.63 -79.06
CA ILE B 163 -13.30 -42.34 -77.83
C ILE B 163 -14.38 -42.02 -76.80
N LYS B 164 -15.01 -43.06 -76.28
CA LYS B 164 -16.08 -42.91 -75.31
C LYS B 164 -15.61 -43.44 -73.96
N VAL B 165 -15.79 -42.62 -72.91
CA VAL B 165 -15.43 -43.01 -71.56
C VAL B 165 -16.70 -43.49 -70.86
N ILE B 166 -16.53 -44.46 -69.96
CA ILE B 166 -17.63 -45.00 -69.17
C ILE B 166 -17.25 -44.92 -67.71
N HIS B 167 -18.09 -44.28 -66.91
CA HIS B 167 -17.80 -44.11 -65.50
C HIS B 167 -17.92 -45.43 -64.76
N LEU B 168 -17.36 -45.46 -63.54
CA LEU B 168 -17.35 -46.68 -62.75
C LEU B 168 -18.76 -47.15 -62.41
N ASP B 169 -19.74 -46.25 -62.43
CA ASP B 169 -21.10 -46.60 -62.06
C ASP B 169 -21.83 -47.41 -63.14
N SER B 170 -21.24 -47.58 -64.32
CA SER B 170 -21.94 -48.19 -65.44
C SER B 170 -21.21 -49.40 -66.02
N TYR B 171 -20.39 -50.09 -65.23
CA TYR B 171 -19.79 -51.33 -65.69
C TYR B 171 -19.26 -52.13 -64.50
N VAL B 172 -19.02 -53.41 -64.73
CA VAL B 172 -18.48 -54.33 -63.73
C VAL B 172 -17.52 -55.28 -64.42
N LEU B 173 -16.65 -55.91 -63.61
CA LEU B 173 -15.65 -56.82 -64.16
C LEU B 173 -15.14 -57.73 -63.05
N CYS B 174 -14.47 -58.81 -63.47
CA CYS B 174 -13.83 -59.77 -62.57
C CYS B 174 -12.39 -59.98 -63.01
N ARG B 175 -11.48 -60.06 -62.04
CA ARG B 175 -10.06 -60.25 -62.31
C ARG B 175 -9.52 -61.44 -61.53
N ASP B 176 -8.50 -62.07 -62.08
CA ASP B 176 -7.73 -63.04 -61.32
C ASP B 176 -6.77 -62.29 -60.39
N PRO B 177 -6.31 -62.94 -59.33
CA PRO B 177 -5.28 -62.31 -58.48
C PRO B 177 -3.98 -62.04 -59.20
N MET B 178 -3.69 -62.70 -60.32
CA MET B 178 -2.56 -62.29 -61.15
C MET B 178 -2.72 -60.88 -61.65
N GLY B 179 -3.90 -60.54 -62.18
CA GLY B 179 -4.17 -59.23 -62.74
C GLY B 179 -4.78 -59.24 -64.13
N ASN B 180 -5.11 -60.42 -64.66
CA ASN B 180 -5.72 -60.52 -65.98
C ASN B 180 -7.23 -60.51 -65.85
N VAL B 181 -7.87 -59.52 -66.48
CA VAL B 181 -9.33 -59.45 -66.45
C VAL B 181 -9.90 -60.51 -67.39
N THR B 182 -11.12 -60.97 -67.10
CA THR B 182 -11.75 -62.01 -67.89
C THR B 182 -13.07 -61.61 -68.53
N GLU B 183 -13.93 -60.90 -67.81
CA GLU B 183 -15.26 -60.59 -68.33
C GLU B 183 -15.66 -59.19 -67.87
N ILE B 184 -16.29 -58.44 -68.79
CA ILE B 184 -16.75 -57.09 -68.51
C ILE B 184 -18.20 -56.97 -68.98
N VAL B 185 -19.04 -56.39 -68.13
CA VAL B 185 -20.43 -56.11 -68.48
C VAL B 185 -20.66 -54.61 -68.35
N VAL B 186 -21.17 -54.00 -69.40
CA VAL B 186 -21.43 -52.56 -69.44
C VAL B 186 -22.92 -52.34 -69.64
N GLU B 187 -23.52 -51.49 -68.81
CA GLU B 187 -24.94 -51.20 -68.87
C GLU B 187 -25.16 -49.72 -69.13
N GLU B 188 -26.07 -49.42 -70.06
CA GLU B 188 -26.38 -48.05 -70.41
C GLU B 188 -27.86 -47.97 -70.76
N GLU B 189 -28.40 -46.76 -70.73
CA GLU B 189 -29.83 -46.53 -70.92
C GLU B 189 -30.04 -45.45 -71.98
N ILE B 190 -30.95 -45.72 -72.92
CA ILE B 190 -31.18 -44.86 -74.06
C ILE B 190 -32.67 -44.70 -74.32
N PHE B 191 -33.04 -43.63 -75.01
CA PHE B 191 -34.42 -43.43 -75.43
C PHE B 191 -34.80 -44.44 -76.49
N LYS B 192 -36.07 -44.82 -76.50
CA LYS B 192 -36.56 -45.85 -77.42
C LYS B 192 -36.53 -45.39 -78.88
N ASP B 193 -36.29 -44.10 -79.14
CA ASP B 193 -36.30 -43.61 -80.52
C ASP B 193 -35.17 -44.21 -81.35
N ALA B 194 -34.02 -44.47 -80.73
CA ALA B 194 -32.85 -44.91 -81.48
C ALA B 194 -32.77 -46.42 -81.64
N LEU B 195 -33.69 -47.18 -81.05
CA LEU B 195 -33.66 -48.63 -81.12
C LEU B 195 -34.43 -49.14 -82.34
N PRO B 196 -34.11 -50.35 -82.82
CA PRO B 196 -34.86 -50.91 -83.95
C PRO B 196 -36.33 -51.10 -83.60
N GLU B 197 -37.20 -50.87 -84.59
CA GLU B 197 -38.63 -50.96 -84.38
C GLU B 197 -39.08 -52.37 -84.04
N GLU B 198 -38.39 -53.40 -84.54
CA GLU B 198 -38.77 -54.77 -84.20
C GLU B 198 -38.61 -55.05 -82.72
N TYR B 199 -37.72 -54.32 -82.04
CA TYR B 199 -37.52 -54.48 -80.61
C TYR B 199 -38.46 -53.61 -79.79
N LEU B 200 -39.25 -52.75 -80.42
CA LEU B 200 -40.23 -51.93 -79.72
C LEU B 200 -41.46 -52.78 -79.44
N ASP B 201 -41.70 -53.05 -78.16
CA ASP B 201 -42.80 -53.93 -77.77
C ASP B 201 -44.12 -53.18 -77.79
N GLU B 202 -45.19 -53.91 -77.47
CA GLU B 202 -46.53 -53.33 -77.51
C GLU B 202 -46.72 -52.26 -76.46
N GLU B 203 -46.24 -52.50 -75.24
CA GLU B 203 -46.45 -51.53 -74.15
C GLU B 203 -45.77 -50.21 -74.44
N ASP B 204 -44.55 -50.25 -74.98
CA ASP B 204 -43.88 -49.01 -75.37
C ASP B 204 -44.63 -48.30 -76.49
N ASP B 205 -45.22 -49.08 -77.41
CA ASP B 205 -46.04 -48.49 -78.46
C ASP B 205 -47.33 -47.89 -77.91
N ASP B 206 -47.88 -48.49 -76.85
CA ASP B 206 -49.13 -48.02 -76.27
C ASP B 206 -48.97 -46.75 -75.45
N ASP B 207 -47.73 -46.32 -75.19
CA ASP B 207 -47.48 -45.14 -74.37
C ASP B 207 -47.27 -43.91 -75.23
N ASP B 208 -47.76 -42.78 -74.76
CA ASP B 208 -47.63 -41.50 -75.46
C ASP B 208 -46.44 -40.69 -74.98
N ASP B 209 -45.47 -41.32 -74.33
CA ASP B 209 -44.30 -40.65 -73.76
C ASP B 209 -43.01 -41.09 -74.42
N MET B 210 -42.99 -41.17 -75.76
CA MET B 210 -41.78 -41.61 -76.46
C MET B 210 -40.58 -40.75 -76.12
N GLY B 211 -40.81 -39.48 -75.80
CA GLY B 211 -39.77 -38.58 -75.34
C GLY B 211 -39.52 -38.59 -73.85
N LYS B 212 -40.14 -39.51 -73.11
CA LYS B 212 -39.98 -39.57 -71.66
C LYS B 212 -39.84 -40.97 -71.10
N LYS B 213 -39.73 -42.01 -71.92
CA LYS B 213 -39.50 -43.37 -71.45
C LYS B 213 -38.24 -43.93 -72.09
N MET B 214 -37.44 -44.64 -71.30
CA MET B 214 -36.17 -45.18 -71.76
C MET B 214 -36.24 -46.70 -71.79
N VAL B 215 -35.29 -47.30 -72.51
CA VAL B 215 -35.12 -48.75 -72.57
C VAL B 215 -33.66 -49.09 -72.34
N LYS B 216 -33.40 -49.98 -71.39
CA LYS B 216 -32.04 -50.36 -71.05
C LYS B 216 -31.41 -51.20 -72.15
N ILE B 217 -30.12 -51.02 -72.36
CA ILE B 217 -29.34 -51.80 -73.32
C ILE B 217 -28.01 -52.17 -72.67
N TYR B 218 -27.66 -53.45 -72.74
CA TYR B 218 -26.47 -53.97 -72.10
C TYR B 218 -25.38 -54.27 -73.12
N THR B 219 -24.20 -54.62 -72.62
CA THR B 219 -23.07 -55.02 -73.44
C THR B 219 -22.27 -56.06 -72.67
N CYS B 220 -21.83 -57.11 -73.36
CA CYS B 220 -21.09 -58.21 -72.74
C CYS B 220 -19.70 -58.29 -73.35
N ILE B 221 -18.70 -58.54 -72.52
CA ILE B 221 -17.32 -58.67 -72.95
C ILE B 221 -16.75 -59.96 -72.38
N LYS B 222 -16.11 -60.76 -73.22
CA LYS B 222 -15.44 -61.98 -72.79
C LYS B 222 -14.04 -62.01 -73.35
N PHE B 223 -13.08 -62.34 -72.49
CA PHE B 223 -11.67 -62.40 -72.85
C PHE B 223 -11.20 -63.84 -72.76
N MET B 224 -10.92 -64.45 -73.91
CA MET B 224 -10.46 -65.83 -73.93
C MET B 224 -9.73 -66.09 -75.25
N ASP B 225 -8.84 -67.10 -75.21
CA ASP B 225 -7.90 -67.40 -76.30
C ASP B 225 -7.36 -66.12 -76.95
N ASP B 226 -6.86 -65.22 -76.09
CA ASP B 226 -6.38 -63.89 -76.43
C ASP B 226 -7.14 -63.28 -77.61
N GLN B 227 -8.47 -63.33 -77.55
CA GLN B 227 -9.34 -62.76 -78.58
C GLN B 227 -10.59 -62.23 -77.87
N CYS B 228 -10.62 -60.94 -77.62
CA CYS B 228 -11.77 -60.35 -76.94
C CYS B 228 -13.01 -60.44 -77.84
N HIS B 229 -14.14 -60.68 -77.21
CA HIS B 229 -15.40 -60.90 -77.91
C HIS B 229 -16.51 -60.11 -77.23
N TRP B 230 -17.44 -59.58 -78.03
CA TRP B 230 -18.49 -58.74 -77.48
C TRP B 230 -19.74 -58.85 -78.35
N TYR B 231 -20.88 -58.54 -77.73
CA TYR B 231 -22.15 -58.45 -78.43
C TYR B 231 -23.11 -57.63 -77.60
N GLN B 232 -24.12 -57.07 -78.25
CA GLN B 232 -25.11 -56.23 -77.60
C GLN B 232 -26.45 -56.94 -77.54
N GLU B 233 -27.08 -56.90 -76.36
CA GLU B 233 -28.38 -57.53 -76.18
C GLU B 233 -29.32 -56.54 -75.51
N ILE B 234 -30.58 -56.60 -75.92
CA ILE B 234 -31.65 -55.83 -75.27
C ILE B 234 -32.85 -56.76 -75.04
N LYS B 235 -33.43 -56.68 -73.85
CA LYS B 235 -34.60 -57.47 -73.48
C LYS B 235 -34.35 -58.97 -73.67
N GLY B 236 -33.13 -59.41 -73.36
CA GLY B 236 -32.81 -60.82 -73.32
C GLY B 236 -32.43 -61.46 -74.63
N LYS B 237 -32.42 -60.72 -75.73
CA LYS B 237 -32.04 -61.28 -77.03
C LYS B 237 -31.01 -60.38 -77.69
N GLU B 238 -30.08 -61.00 -78.42
CA GLU B 238 -28.98 -60.25 -79.02
C GLU B 238 -29.46 -59.44 -80.22
N VAL B 239 -28.79 -58.32 -80.44
CA VAL B 239 -29.12 -57.43 -81.56
C VAL B 239 -28.32 -57.88 -82.79
N PRO B 240 -28.97 -58.05 -83.94
CA PRO B 240 -28.24 -58.48 -85.14
C PRO B 240 -27.23 -57.44 -85.60
N GLY B 241 -26.09 -57.92 -86.07
CA GLY B 241 -25.09 -57.06 -86.68
C GLY B 241 -24.17 -56.33 -85.72
N THR B 242 -24.27 -56.59 -84.42
CA THR B 242 -23.42 -55.95 -83.43
C THR B 242 -22.29 -56.84 -82.94
N HIS B 243 -22.09 -58.00 -83.55
CA HIS B 243 -21.02 -58.90 -83.15
C HIS B 243 -19.66 -58.30 -83.50
N GLY B 244 -18.61 -58.90 -82.96
CA GLY B 244 -17.26 -58.47 -83.26
C GLY B 244 -16.24 -59.46 -82.74
N LYS B 245 -15.00 -59.28 -83.19
CA LYS B 245 -13.89 -60.12 -82.77
C LYS B 245 -12.58 -59.49 -83.19
N CYS B 246 -11.60 -59.48 -82.29
CA CYS B 246 -10.26 -59.00 -82.60
C CYS B 246 -9.29 -59.57 -81.58
N ALA B 247 -8.00 -59.49 -81.90
CA ALA B 247 -6.98 -60.04 -81.04
C ALA B 247 -6.87 -59.25 -79.74
N ALA B 248 -6.28 -59.89 -78.72
CA ALA B 248 -6.21 -59.29 -77.40
C ALA B 248 -5.38 -58.01 -77.40
N ASP B 249 -4.24 -58.01 -78.10
CA ASP B 249 -3.36 -56.85 -78.09
C ASP B 249 -3.85 -55.72 -78.99
N VAL B 250 -4.92 -55.93 -79.75
CA VAL B 250 -5.53 -54.86 -80.53
C VAL B 250 -6.96 -54.64 -80.04
N ALA B 251 -7.22 -54.98 -78.79
CA ALA B 251 -8.55 -54.87 -78.23
C ALA B 251 -8.99 -53.41 -78.18
N PRO B 252 -10.26 -53.13 -78.46
CA PRO B 252 -10.77 -51.75 -78.39
C PRO B 252 -11.12 -51.29 -76.98
N TRP B 253 -11.03 -52.16 -75.99
CA TRP B 253 -11.42 -51.84 -74.63
C TRP B 253 -10.19 -51.87 -73.74
N ILE B 254 -10.01 -50.84 -72.92
CA ILE B 254 -8.86 -50.70 -72.04
C ILE B 254 -9.36 -50.47 -70.63
N ALA B 255 -8.84 -51.22 -69.68
CA ALA B 255 -9.16 -51.06 -68.27
C ALA B 255 -7.98 -50.46 -67.54
N LEU B 256 -8.27 -49.53 -66.62
CA LEU B 256 -7.23 -48.79 -65.92
C LEU B 256 -7.44 -48.90 -64.42
N ARG B 257 -6.40 -48.54 -63.68
CA ARG B 257 -6.48 -48.42 -62.23
C ARG B 257 -5.33 -47.56 -61.75
N GLN B 258 -5.62 -46.68 -60.79
CA GLN B 258 -4.65 -45.66 -60.38
C GLN B 258 -3.45 -46.29 -59.68
N ASP B 259 -3.68 -46.93 -58.54
CA ASP B 259 -2.64 -47.57 -57.77
C ASP B 259 -2.73 -49.07 -58.02
N ARG B 260 -1.64 -49.65 -58.51
CA ARG B 260 -1.65 -51.08 -58.79
C ARG B 260 -1.58 -51.85 -57.49
N VAL B 261 -2.75 -52.12 -56.90
CA VAL B 261 -2.87 -52.87 -55.66
C VAL B 261 -3.33 -54.28 -56.02
N ASP B 262 -2.46 -55.26 -55.79
CA ASP B 262 -2.73 -56.61 -56.24
C ASP B 262 -3.89 -57.22 -55.48
N SER B 263 -4.52 -58.23 -56.11
CA SER B 263 -5.63 -58.97 -55.53
C SER B 263 -6.82 -58.05 -55.22
N GLU B 264 -7.03 -57.06 -56.08
CA GLU B 264 -8.16 -56.15 -55.94
C GLU B 264 -8.83 -55.99 -57.29
N MET B 265 -10.14 -56.20 -57.33
CA MET B 265 -10.88 -56.01 -58.58
C MET B 265 -11.00 -54.52 -58.93
N TYR B 266 -10.84 -53.64 -57.95
CA TYR B 266 -10.89 -52.21 -58.18
C TYR B 266 -9.80 -51.53 -57.37
N GLY B 267 -9.13 -50.55 -57.96
CA GLY B 267 -8.02 -49.89 -57.33
C GLY B 267 -8.46 -48.85 -56.31
N ARG B 268 -7.48 -48.09 -55.84
CA ARG B 268 -7.70 -47.02 -54.86
C ARG B 268 -7.40 -45.68 -55.51
N SER B 269 -8.29 -44.72 -55.32
CA SER B 269 -8.07 -43.39 -55.86
C SER B 269 -6.91 -42.71 -55.15
N TYR B 270 -6.26 -41.80 -55.87
CA TYR B 270 -5.13 -41.09 -55.28
C TYR B 270 -5.56 -40.21 -54.11
N VAL B 271 -6.71 -39.55 -54.24
CA VAL B 271 -7.19 -38.67 -53.18
C VAL B 271 -7.45 -39.42 -51.89
N GLU B 272 -7.78 -40.71 -51.99
CA GLU B 272 -7.99 -41.53 -50.79
C GLU B 272 -6.77 -41.53 -49.88
N GLN B 273 -5.59 -41.28 -50.44
CA GLN B 273 -4.38 -41.21 -49.63
C GLN B 273 -4.48 -40.11 -48.58
N TYR B 274 -4.97 -38.93 -48.98
CA TYR B 274 -5.00 -37.76 -48.11
C TYR B 274 -6.41 -37.35 -47.72
N TYR B 275 -7.40 -38.24 -47.93
CA TYR B 275 -8.77 -37.96 -47.54
C TYR B 275 -8.89 -37.51 -46.10
N GLY B 276 -8.18 -38.17 -45.19
CA GLY B 276 -8.30 -37.83 -43.77
C GLY B 276 -7.82 -36.43 -43.47
N ASP B 277 -6.64 -36.08 -43.98
CA ASP B 277 -6.11 -34.73 -43.77
C ASP B 277 -7.04 -33.69 -44.39
N LEU B 278 -7.60 -34.00 -45.57
CA LEU B 278 -8.53 -33.09 -46.20
C LEU B 278 -9.74 -32.83 -45.32
N LEU B 279 -10.31 -33.90 -44.75
CA LEU B 279 -11.47 -33.76 -43.88
C LEU B 279 -11.13 -32.93 -42.64
N ALA B 280 -9.97 -33.20 -42.03
CA ALA B 280 -9.58 -32.46 -40.84
C ALA B 280 -9.41 -30.98 -41.15
N LEU B 281 -8.77 -30.65 -42.27
CA LEU B 281 -8.59 -29.25 -42.64
C LEU B 281 -9.93 -28.58 -42.88
N GLU B 282 -10.85 -29.28 -43.56
CA GLU B 282 -12.19 -28.75 -43.79
C GLU B 282 -12.87 -28.40 -42.48
N ASN B 283 -12.87 -29.33 -41.52
CA ASN B 283 -13.57 -29.08 -40.27
C ASN B 283 -12.93 -27.95 -39.48
N LEU B 284 -11.60 -27.88 -39.48
CA LEU B 284 -10.91 -26.81 -38.75
C LEU B 284 -11.21 -25.44 -39.36
N TYR B 285 -11.24 -25.37 -40.69
CA TYR B 285 -11.63 -24.12 -41.36
C TYR B 285 -13.03 -23.71 -40.92
N LYS B 286 -13.95 -24.66 -40.88
CA LYS B 286 -15.30 -24.32 -40.45
C LYS B 286 -15.31 -23.84 -39.01
N ALA B 287 -14.47 -24.44 -38.17
CA ALA B 287 -14.39 -24.03 -36.77
C ALA B 287 -13.94 -22.58 -36.62
N ILE B 288 -12.86 -22.20 -37.32
CA ILE B 288 -12.35 -20.84 -37.16
C ILE B 288 -13.35 -19.84 -37.75
N LEU B 289 -14.00 -20.19 -38.86
CA LEU B 289 -15.04 -19.32 -39.40
C LEU B 289 -16.18 -19.16 -38.42
N GLU B 290 -16.53 -20.24 -37.72
CA GLU B 290 -17.60 -20.22 -36.73
C GLU B 290 -17.26 -19.23 -35.62
N ALA B 291 -16.06 -19.36 -35.04
CA ALA B 291 -15.65 -18.46 -33.96
C ALA B 291 -15.62 -17.02 -34.43
N SER B 292 -15.11 -16.78 -35.64
CA SER B 292 -15.07 -15.41 -36.15
C SER B 292 -16.48 -14.84 -36.31
N ALA B 293 -17.42 -15.67 -36.77
CA ALA B 293 -18.80 -15.22 -36.88
C ALA B 293 -19.35 -14.83 -35.52
N SER B 294 -19.05 -15.63 -34.50
CA SER B 294 -19.58 -15.35 -33.17
C SER B 294 -18.99 -14.06 -32.57
N LEU B 295 -17.71 -13.80 -32.82
CA LEU B 295 -17.07 -12.66 -32.15
C LEU B 295 -17.40 -11.33 -32.79
N SER B 296 -18.00 -11.33 -33.97
CA SER B 296 -18.18 -10.07 -34.71
C SER B 296 -19.35 -9.23 -34.20
N LYS B 297 -20.19 -9.75 -33.31
CA LYS B 297 -21.33 -9.00 -32.82
C LYS B 297 -20.87 -7.88 -31.89
N VAL B 298 -21.65 -6.80 -31.86
CA VAL B 298 -21.35 -5.64 -31.02
C VAL B 298 -22.58 -5.31 -30.18
N LEU B 299 -22.39 -5.17 -28.87
CA LEU B 299 -23.45 -4.85 -27.94
C LEU B 299 -22.99 -3.75 -27.00
N PHE B 300 -23.95 -3.14 -26.32
CA PHE B 300 -23.68 -2.13 -25.30
C PHE B 300 -24.29 -2.58 -23.98
N LEU B 301 -23.63 -2.23 -22.89
CA LEU B 301 -24.07 -2.69 -21.57
C LEU B 301 -24.09 -1.49 -20.63
N CYS B 302 -25.24 -1.23 -20.02
CA CYS B 302 -25.41 -0.10 -19.12
C CYS B 302 -25.41 -0.57 -17.67
N ASN B 303 -24.65 0.12 -16.83
CA ASN B 303 -24.50 -0.28 -15.44
C ASN B 303 -25.64 0.31 -14.61
N PRO B 304 -26.43 -0.50 -13.93
CA PRO B 304 -27.52 0.06 -13.10
C PRO B 304 -27.04 0.95 -11.98
N ASN B 305 -25.87 0.67 -11.41
CA ASN B 305 -25.36 1.50 -10.32
C ASN B 305 -24.99 2.90 -10.78
N GLY B 306 -24.77 3.10 -12.08
CA GLY B 306 -24.48 4.41 -12.61
C GLY B 306 -25.72 5.26 -12.75
N THR B 307 -25.56 6.38 -13.45
CA THR B 307 -26.62 7.36 -13.63
C THR B 307 -26.79 7.68 -15.11
N THR B 308 -26.84 6.65 -15.95
CA THR B 308 -27.06 6.80 -17.38
C THR B 308 -28.37 6.12 -17.75
N ARG B 309 -29.20 6.83 -18.51
CA ARG B 309 -30.48 6.28 -18.93
C ARG B 309 -30.39 5.81 -20.37
N PRO B 310 -30.83 4.59 -20.69
CA PRO B 310 -30.71 4.11 -22.08
C PRO B 310 -31.42 5.00 -23.10
N ARG B 311 -32.58 5.56 -22.74
CA ARG B 311 -33.30 6.41 -23.68
C ARG B 311 -32.48 7.64 -24.02
N THR B 312 -31.80 8.21 -23.04
CA THR B 312 -30.97 9.39 -23.29
C THR B 312 -29.85 9.06 -24.28
N LEU B 313 -29.21 7.90 -24.10
CA LEU B 313 -28.14 7.50 -25.01
C LEU B 313 -28.66 7.26 -26.42
N SER B 314 -29.83 6.62 -26.53
CA SER B 314 -30.34 6.29 -27.86
C SER B 314 -30.84 7.53 -28.60
N GLN B 315 -31.59 8.38 -27.91
CA GLN B 315 -32.28 9.50 -28.58
C GLN B 315 -31.35 10.67 -28.91
N ALA B 316 -30.26 10.85 -28.17
CA ALA B 316 -29.43 12.02 -28.35
C ALA B 316 -28.81 12.04 -29.74
N SER B 317 -28.74 13.24 -30.32
CA SER B 317 -28.18 13.44 -31.65
C SER B 317 -26.66 13.63 -31.56
N ASN B 318 -26.01 13.62 -32.72
CA ASN B 318 -24.57 13.70 -32.77
C ASN B 318 -24.07 15.05 -32.27
N GLY B 319 -22.97 15.02 -31.52
CA GLY B 319 -22.35 16.23 -31.02
C GLY B 319 -23.03 16.86 -29.83
N SER B 320 -24.07 16.25 -29.30
CA SER B 320 -24.83 16.84 -28.20
C SER B 320 -24.11 16.63 -26.88
N ILE B 321 -24.70 17.17 -25.80
CA ILE B 321 -24.21 16.96 -24.45
C ILE B 321 -25.39 16.50 -23.60
N VAL B 322 -25.25 15.34 -22.98
CA VAL B 322 -26.28 14.83 -22.07
C VAL B 322 -25.63 14.51 -20.74
N GLN B 323 -26.43 14.07 -19.78
CA GLN B 323 -25.96 13.76 -18.43
C GLN B 323 -25.63 12.27 -18.37
N GLY B 324 -24.40 11.95 -17.98
CA GLY B 324 -24.01 10.56 -17.83
C GLY B 324 -22.53 10.45 -17.53
N ASN B 325 -22.13 9.23 -17.19
CA ASN B 325 -20.74 8.91 -16.91
C ASN B 325 -20.28 7.85 -17.89
N ALA B 326 -19.17 8.13 -18.59
CA ALA B 326 -18.69 7.21 -19.61
C ALA B 326 -18.02 5.97 -19.02
N ALA B 327 -17.75 5.96 -17.71
CA ALA B 327 -17.09 4.82 -17.11
C ALA B 327 -18.03 3.64 -16.89
N ASP B 328 -19.34 3.83 -17.03
CA ASP B 328 -20.28 2.73 -16.76
C ASP B 328 -20.74 2.05 -18.05
N VAL B 329 -20.80 2.78 -19.15
CA VAL B 329 -21.16 2.19 -20.43
C VAL B 329 -19.98 1.38 -20.95
N THR B 330 -20.19 0.10 -21.17
CA THR B 330 -19.14 -0.81 -21.60
C THR B 330 -19.65 -1.68 -22.75
N VAL B 331 -18.72 -2.20 -23.52
CA VAL B 331 -19.02 -3.01 -24.70
C VAL B 331 -18.59 -4.44 -24.42
N LEU B 332 -19.47 -5.39 -24.70
CA LEU B 332 -19.17 -6.80 -24.51
C LEU B 332 -18.11 -7.27 -25.50
N GLN B 333 -17.11 -7.99 -25.01
CA GLN B 333 -16.05 -8.49 -25.86
C GLN B 333 -15.43 -9.72 -25.21
N ALA B 334 -14.66 -10.46 -26.01
CA ALA B 334 -13.92 -11.63 -25.55
C ALA B 334 -12.55 -11.14 -25.07
N ALA B 335 -12.25 -11.36 -23.79
CA ALA B 335 -11.05 -10.81 -23.18
C ALA B 335 -9.78 -11.35 -23.84
N GLY B 336 -9.50 -12.63 -23.65
CA GLY B 336 -8.34 -13.22 -24.30
C GLY B 336 -8.68 -14.47 -25.10
N LYS B 337 -8.62 -14.37 -26.43
CA LYS B 337 -8.83 -15.53 -27.27
C LYS B 337 -7.82 -15.58 -28.42
N SER B 338 -7.04 -14.50 -28.57
CA SER B 338 -6.14 -14.39 -29.70
C SER B 338 -5.11 -15.51 -29.74
N GLN B 339 -4.62 -15.95 -28.57
CA GLN B 339 -3.61 -17.01 -28.55
C GLN B 339 -4.15 -18.30 -29.13
N ASP B 340 -5.37 -18.69 -28.73
CA ASP B 340 -5.93 -19.93 -29.22
C ASP B 340 -6.20 -19.86 -30.72
N LEU B 341 -6.73 -18.74 -31.20
CA LEU B 341 -6.99 -18.59 -32.62
C LEU B 341 -5.70 -18.60 -33.42
N GLN B 342 -4.63 -18.02 -32.88
CA GLN B 342 -3.37 -18.04 -33.60
C GLN B 342 -2.75 -19.44 -33.62
N ILE B 343 -2.96 -20.22 -32.55
CA ILE B 343 -2.51 -21.61 -32.57
C ILE B 343 -3.26 -22.39 -33.64
N ALA B 344 -4.58 -22.21 -33.71
CA ALA B 344 -5.37 -22.89 -34.74
C ALA B 344 -4.94 -22.47 -36.13
N ASN B 345 -4.65 -21.18 -36.33
CA ASN B 345 -4.16 -20.72 -37.62
C ASN B 345 -2.83 -21.36 -37.97
N GLN B 346 -1.93 -21.48 -36.99
CA GLN B 346 -0.64 -22.10 -37.24
C GLN B 346 -0.79 -23.55 -37.69
N THR B 347 -1.62 -24.32 -36.98
CA THR B 347 -1.74 -25.73 -37.34
C THR B 347 -2.48 -25.89 -38.68
N ILE B 348 -3.47 -25.03 -38.94
CA ILE B 348 -4.16 -25.08 -40.23
C ILE B 348 -3.18 -24.76 -41.36
N GLU B 349 -2.34 -23.75 -41.16
CA GLU B 349 -1.35 -23.40 -42.18
C GLU B 349 -0.37 -24.54 -42.42
N ARG B 350 0.07 -25.21 -41.35
CA ARG B 350 0.99 -26.32 -41.52
C ARG B 350 0.34 -27.46 -42.32
N ILE B 351 -0.91 -27.80 -41.98
CA ILE B 351 -1.60 -28.86 -42.71
C ILE B 351 -1.78 -28.47 -44.17
N GLU B 352 -2.15 -27.22 -44.42
CA GLU B 352 -2.35 -26.75 -45.79
C GLU B 352 -1.05 -26.83 -46.58
N ASN B 353 0.07 -26.43 -45.97
CA ASN B 353 1.35 -26.51 -46.64
C ASN B 353 1.72 -27.95 -46.96
N ARG B 354 1.46 -28.87 -46.02
CA ARG B 354 1.72 -30.29 -46.28
C ARG B 354 0.92 -30.78 -47.48
N LEU B 355 -0.37 -30.46 -47.51
CA LEU B 355 -1.21 -30.90 -48.62
C LEU B 355 -0.77 -30.28 -49.93
N ALA B 356 -0.40 -29.00 -49.91
CA ALA B 356 0.03 -28.33 -51.13
C ALA B 356 1.31 -28.95 -51.67
N PHE B 357 2.25 -29.29 -50.78
CA PHE B 357 3.44 -29.99 -51.22
C PHE B 357 3.10 -31.36 -51.79
N ALA B 358 2.15 -32.05 -51.17
CA ALA B 358 1.75 -33.37 -51.67
C ALA B 358 1.13 -33.32 -53.06
N PHE B 359 0.26 -32.34 -53.31
CA PHE B 359 -0.41 -32.24 -54.61
C PHE B 359 0.41 -31.51 -55.65
N MET B 360 1.65 -31.11 -55.31
CA MET B 360 2.65 -30.63 -56.27
C MET B 360 2.24 -29.30 -56.91
N LEU B 361 1.30 -28.61 -56.28
CA LEU B 361 0.98 -27.25 -56.73
C LEU B 361 2.20 -26.35 -56.60
N ASN B 362 2.13 -25.20 -57.28
CA ASN B 362 3.26 -24.29 -57.37
C ASN B 362 3.32 -23.28 -56.23
N THR B 363 2.29 -23.23 -55.38
CA THR B 363 2.23 -22.18 -54.35
C THR B 363 3.21 -22.45 -53.21
N ALA B 364 3.29 -23.70 -52.75
CA ALA B 364 4.19 -24.02 -51.64
C ALA B 364 5.66 -23.90 -52.04
N ILE B 365 5.93 -23.77 -53.33
CA ILE B 365 7.30 -23.67 -53.83
C ILE B 365 7.92 -22.34 -53.41
N GLN B 366 7.14 -21.26 -53.42
CA GLN B 366 7.67 -19.94 -53.08
C GLN B 366 8.13 -19.89 -51.63
N ARG B 367 9.32 -19.31 -51.41
CA ARG B 367 9.82 -19.04 -50.07
C ARG B 367 9.79 -17.54 -49.83
N PRO B 368 8.83 -17.02 -49.06
CA PRO B 368 8.72 -15.57 -48.91
C PRO B 368 9.91 -14.97 -48.16
N GLY B 369 10.36 -13.81 -48.64
CA GLY B 369 11.30 -12.97 -47.92
C GLY B 369 12.57 -12.65 -48.68
N GLU B 370 13.15 -13.64 -49.37
CA GLU B 370 14.46 -13.46 -49.98
C GLU B 370 14.48 -14.07 -51.37
N ARG B 371 15.46 -13.63 -52.16
CA ARG B 371 15.57 -14.04 -53.55
C ARG B 371 15.86 -15.53 -53.69
N VAL B 372 15.40 -16.11 -54.80
CA VAL B 372 15.66 -17.50 -55.15
C VAL B 372 16.30 -17.52 -56.53
N THR B 373 17.38 -18.27 -56.67
CA THR B 373 18.12 -18.32 -57.92
C THR B 373 17.39 -19.18 -58.95
N ALA B 374 17.77 -19.00 -60.22
CA ALA B 374 17.20 -19.82 -61.29
C ALA B 374 17.62 -21.27 -61.14
N GLU B 375 18.87 -21.52 -60.72
CA GLU B 375 19.31 -22.88 -60.49
C GLU B 375 18.53 -23.53 -59.36
N GLU B 376 18.23 -22.78 -58.30
CA GLU B 376 17.37 -23.29 -57.23
C GLU B 376 16.01 -23.67 -57.77
N ILE B 377 15.44 -22.81 -58.62
CA ILE B 377 14.10 -23.05 -59.16
C ILE B 377 14.11 -24.32 -60.01
N ARG B 378 15.16 -24.49 -60.83
CA ARG B 378 15.28 -25.72 -61.61
C ARG B 378 15.42 -26.93 -60.71
N TYR B 379 16.15 -26.79 -59.60
CA TYR B 379 16.35 -27.89 -58.67
C TYR B 379 15.03 -28.37 -58.07
N MET B 380 14.22 -27.43 -57.58
CA MET B 380 12.94 -27.83 -56.99
C MET B 380 11.92 -28.21 -58.05
N ALA B 381 12.07 -27.70 -59.27
CA ALA B 381 11.26 -28.22 -60.38
C ALA B 381 11.59 -29.67 -60.66
N GLN B 382 12.88 -30.02 -60.59
CA GLN B 382 13.28 -31.43 -60.66
C GLN B 382 12.62 -32.23 -59.55
N GLU B 383 12.56 -31.65 -58.33
CA GLU B 383 11.87 -32.33 -57.24
C GLU B 383 10.41 -32.62 -57.58
N LEU B 384 9.68 -31.61 -58.05
CA LEU B 384 8.27 -31.82 -58.38
C LEU B 384 8.09 -32.83 -59.50
N ASP B 385 8.94 -32.79 -60.53
CA ASP B 385 8.85 -33.78 -61.60
C ASP B 385 9.13 -35.18 -61.07
N ALA B 386 10.07 -35.29 -60.12
CA ALA B 386 10.39 -36.59 -59.54
C ALA B 386 9.25 -37.12 -58.69
N GLY B 387 8.46 -36.23 -58.09
CA GLY B 387 7.46 -36.64 -57.13
C GLY B 387 6.37 -37.58 -57.64
N ILE B 388 6.10 -37.63 -58.95
CA ILE B 388 4.97 -38.40 -59.45
C ILE B 388 5.48 -39.38 -60.52
N SER B 389 6.74 -39.78 -60.37
CA SER B 389 7.36 -40.66 -61.36
C SER B 389 6.66 -42.01 -61.45
N GLY B 390 6.21 -42.53 -60.31
CA GLY B 390 5.50 -43.80 -60.34
C GLY B 390 4.23 -43.74 -61.17
N LEU B 391 3.44 -42.67 -60.99
CA LEU B 391 2.23 -42.51 -61.79
C LEU B 391 2.57 -42.34 -63.27
N TYR B 392 3.59 -41.54 -63.58
CA TYR B 392 3.96 -41.41 -65.00
C TYR B 392 4.33 -42.76 -65.58
N SER B 393 5.09 -43.56 -64.85
CA SER B 393 5.54 -44.85 -65.36
C SER B 393 4.36 -45.80 -65.57
N ILE B 394 3.47 -45.88 -64.59
CA ILE B 394 2.36 -46.83 -64.72
C ILE B 394 1.42 -46.41 -65.84
N LEU B 395 1.16 -45.11 -65.97
CA LEU B 395 0.32 -44.66 -67.07
C LEU B 395 0.98 -44.92 -68.42
N SER B 396 2.30 -44.70 -68.52
CA SER B 396 3.00 -44.99 -69.76
C SER B 396 2.91 -46.47 -70.12
N ARG B 397 2.99 -47.34 -69.11
CA ARG B 397 2.92 -48.77 -69.39
C ARG B 397 1.50 -49.20 -69.75
N GLU B 398 0.49 -48.55 -69.17
CA GLU B 398 -0.88 -49.03 -69.27
C GLU B 398 -1.68 -48.42 -70.43
N LEU B 399 -1.52 -47.12 -70.70
CA LEU B 399 -2.40 -46.42 -71.62
C LEU B 399 -1.81 -46.21 -73.00
N GLN B 400 -0.58 -45.70 -73.09
CA GLN B 400 -0.03 -45.29 -74.37
C GLN B 400 0.11 -46.46 -75.33
N LEU B 401 0.76 -47.54 -74.89
CA LEU B 401 1.06 -48.65 -75.80
C LEU B 401 -0.19 -49.33 -76.34
N PRO B 402 -1.16 -49.77 -75.53
CA PRO B 402 -2.36 -50.37 -76.12
C PRO B 402 -3.13 -49.44 -77.01
N LEU B 403 -3.18 -48.14 -76.67
CA LEU B 403 -3.91 -47.19 -77.49
C LEU B 403 -3.30 -47.09 -78.88
N VAL B 404 -1.99 -46.92 -78.96
CA VAL B 404 -1.35 -46.80 -80.26
C VAL B 404 -1.42 -48.12 -81.03
N ARG B 405 -1.33 -49.26 -80.33
CA ARG B 405 -1.44 -50.54 -81.02
C ARG B 405 -2.81 -50.70 -81.66
N ARG B 406 -3.88 -50.40 -80.91
CA ARG B 406 -5.22 -50.44 -81.48
C ARG B 406 -5.35 -49.44 -82.62
N LEU B 407 -4.71 -48.29 -82.49
CA LEU B 407 -4.77 -47.27 -83.54
C LEU B 407 -4.18 -47.78 -84.84
N ILE B 408 -2.98 -48.38 -84.78
CA ILE B 408 -2.37 -48.91 -86.00
C ILE B 408 -3.19 -50.07 -86.54
N HIS B 409 -3.77 -50.90 -85.68
CA HIS B 409 -4.58 -52.01 -86.18
C HIS B 409 -5.79 -51.50 -86.95
N ILE B 410 -6.48 -50.50 -86.40
CA ILE B 410 -7.65 -49.93 -87.09
C ILE B 410 -7.22 -49.29 -88.40
N LEU B 411 -6.10 -48.56 -88.37
CA LEU B 411 -5.61 -47.91 -89.59
C LEU B 411 -5.31 -48.93 -90.67
N ARG B 412 -4.67 -50.04 -90.30
CA ARG B 412 -4.33 -51.06 -91.28
C ARG B 412 -5.58 -51.74 -91.83
N ARG B 413 -6.56 -52.02 -90.96
CA ARG B 413 -7.79 -52.62 -91.43
C ARG B 413 -8.52 -51.69 -92.39
N LYS B 414 -8.43 -50.38 -92.17
CA LYS B 414 -9.03 -49.41 -93.07
C LYS B 414 -8.35 -49.38 -94.43
N ARG B 415 -7.19 -50.02 -94.58
CA ARG B 415 -6.42 -50.13 -95.81
C ARG B 415 -5.83 -48.80 -96.25
N LYS B 416 -5.63 -47.85 -95.34
CA LYS B 416 -4.97 -46.60 -95.70
C LYS B 416 -3.45 -46.74 -95.72
N LEU B 417 -2.92 -47.89 -95.31
CA LEU B 417 -1.50 -48.15 -95.29
C LEU B 417 -1.28 -49.66 -95.40
N PRO B 418 -0.36 -50.10 -96.27
CA PRO B 418 -0.09 -51.54 -96.38
C PRO B 418 0.47 -52.15 -95.11
N ASP B 419 0.43 -53.48 -95.02
CA ASP B 419 0.77 -54.19 -93.79
C ASP B 419 2.25 -54.07 -93.48
N PHE B 420 2.56 -54.13 -92.19
CA PHE B 420 3.95 -54.07 -91.76
C PHE B 420 4.69 -55.33 -92.17
N PRO B 421 5.95 -55.21 -92.60
CA PRO B 421 6.76 -56.41 -92.84
C PRO B 421 6.94 -57.20 -91.55
N ARG B 422 7.00 -58.52 -91.69
CA ARG B 422 7.16 -59.42 -90.56
C ARG B 422 8.49 -60.14 -90.65
N SER B 423 9.03 -60.50 -89.48
CA SER B 423 10.32 -61.17 -89.43
C SER B 423 10.26 -62.55 -90.07
N GLU B 424 11.32 -62.92 -90.77
CA GLU B 424 11.39 -64.26 -91.34
C GLU B 424 11.65 -65.31 -90.28
N VAL B 425 12.57 -65.02 -89.36
CA VAL B 425 12.95 -66.00 -88.33
C VAL B 425 11.83 -66.16 -87.31
N THR B 426 11.25 -65.05 -86.85
CA THR B 426 10.32 -65.07 -85.73
C THR B 426 8.88 -64.72 -86.11
N GLY B 427 8.68 -63.85 -87.11
CA GLY B 427 7.36 -63.42 -87.48
C GLY B 427 6.89 -62.13 -86.82
N GLU B 428 7.66 -61.60 -85.87
CA GLU B 428 7.30 -60.34 -85.24
C GLU B 428 7.47 -59.19 -86.23
N PRO B 429 6.68 -58.13 -86.11
CA PRO B 429 6.84 -56.98 -87.00
C PRO B 429 8.22 -56.38 -86.86
N LEU B 430 8.75 -55.89 -87.98
CA LEU B 430 10.11 -55.35 -88.00
C LEU B 430 10.22 -54.01 -87.28
N ILE B 431 9.11 -53.39 -86.90
CA ILE B 431 9.12 -52.08 -86.27
C ILE B 431 8.25 -52.14 -85.01
N LYS B 432 8.76 -51.63 -83.90
CA LYS B 432 8.09 -51.67 -82.61
C LYS B 432 7.87 -50.26 -82.08
N GLU B 433 7.42 -50.17 -80.83
CA GLU B 433 6.92 -48.93 -80.25
C GLU B 433 7.65 -48.60 -78.95
N LYS B 434 7.53 -47.33 -78.54
CA LYS B 434 8.20 -46.82 -77.35
C LYS B 434 7.37 -45.67 -76.81
N ALA B 435 7.33 -45.54 -75.48
CA ALA B 435 6.53 -44.53 -74.81
C ALA B 435 7.44 -43.51 -74.16
N VAL B 436 7.11 -42.22 -74.31
CA VAL B 436 7.94 -41.12 -73.86
C VAL B 436 7.12 -40.29 -72.86
N THR B 437 7.66 -40.09 -71.66
CA THR B 437 6.96 -39.37 -70.60
C THR B 437 7.91 -38.42 -69.88
N GLY B 438 7.43 -37.20 -69.65
CA GLY B 438 8.10 -36.32 -68.70
C GLY B 438 9.37 -35.69 -69.25
N ILE B 439 10.45 -35.83 -68.48
CA ILE B 439 11.73 -35.21 -68.83
C ILE B 439 12.24 -35.73 -70.17
N GLU B 440 11.91 -36.98 -70.52
CA GLU B 440 12.28 -37.51 -71.82
C GLU B 440 11.63 -36.69 -72.94
N ALA B 441 10.34 -36.40 -72.80
CA ALA B 441 9.65 -35.58 -73.80
C ALA B 441 10.19 -34.16 -73.80
N ILE B 442 10.48 -33.62 -72.62
CA ILE B 442 11.01 -32.25 -72.54
C ILE B 442 12.38 -32.16 -73.20
N GLY B 443 13.21 -33.17 -73.04
CA GLY B 443 14.59 -33.12 -73.46
C GLY B 443 14.96 -34.02 -74.62
N ARG B 444 14.00 -34.47 -75.42
CA ARG B 444 14.37 -34.96 -76.74
C ARG B 444 15.08 -33.88 -77.53
N GLY B 445 14.61 -32.63 -77.41
CA GLY B 445 15.36 -31.51 -77.94
C GLY B 445 16.74 -31.38 -77.34
N ASP B 446 16.87 -31.69 -76.04
CA ASP B 446 18.19 -31.68 -75.41
C ASP B 446 19.08 -32.78 -75.96
N ASP B 447 18.52 -33.93 -76.31
CA ASP B 447 19.30 -34.99 -76.95
C ASP B 447 19.79 -34.55 -78.32
N ARG B 448 18.90 -33.92 -79.10
CA ARG B 448 19.30 -33.34 -80.38
C ARG B 448 20.42 -32.31 -80.18
N ASN B 449 20.27 -31.47 -79.16
CA ASN B 449 21.28 -30.46 -78.86
C ASN B 449 22.58 -31.10 -78.43
N LYS B 450 22.52 -32.22 -77.72
CA LYS B 450 23.73 -32.94 -77.35
C LYS B 450 24.46 -33.47 -78.57
N LEU B 451 23.72 -34.06 -79.51
CA LEU B 451 24.34 -34.55 -80.74
C LEU B 451 24.99 -33.40 -81.51
N ILE B 452 24.25 -32.31 -81.67
CA ILE B 452 24.76 -31.17 -82.43
C ILE B 452 25.93 -30.52 -81.71
N ASP B 453 25.89 -30.48 -80.38
CA ASP B 453 26.97 -29.87 -79.62
C ASP B 453 28.22 -30.72 -79.67
N PHE B 454 28.07 -32.05 -79.68
CA PHE B 454 29.22 -32.92 -79.92
C PHE B 454 29.81 -32.66 -81.29
N ILE B 455 28.95 -32.53 -82.31
CA ILE B 455 29.44 -32.25 -83.66
C ILE B 455 30.18 -30.92 -83.71
N THR B 456 29.59 -29.90 -83.09
CA THR B 456 30.18 -28.56 -83.10
C THR B 456 31.48 -28.53 -82.31
N THR B 457 31.54 -29.22 -81.19
CA THR B 457 32.77 -29.28 -80.41
C THR B 457 33.88 -29.99 -81.19
N ALA B 458 33.53 -31.06 -81.91
CA ALA B 458 34.50 -31.69 -82.78
C ALA B 458 34.98 -30.73 -83.86
N ASN B 459 34.06 -29.98 -84.46
CA ASN B 459 34.45 -29.03 -85.51
C ASN B 459 35.37 -27.95 -84.94
N GLN B 460 35.08 -27.47 -83.74
CA GLN B 460 35.95 -26.49 -83.08
C GLN B 460 37.33 -27.07 -82.83
N ALA B 461 37.39 -28.30 -82.32
CA ALA B 461 38.67 -28.90 -81.99
C ALA B 461 39.50 -29.18 -83.23
N LEU B 462 38.87 -29.51 -84.35
CA LEU B 462 39.61 -29.96 -85.52
C LEU B 462 39.62 -28.91 -86.63
N GLY B 463 38.57 -28.11 -86.76
CA GLY B 463 38.53 -27.03 -87.72
C GLY B 463 38.15 -27.48 -89.11
N PRO B 464 38.34 -26.61 -90.10
CA PRO B 464 38.18 -27.02 -91.49
C PRO B 464 38.80 -28.37 -91.82
N GLN B 465 39.91 -28.73 -91.18
CA GLN B 465 40.55 -30.01 -91.46
C GLN B 465 39.75 -31.18 -90.87
N ALA B 466 38.71 -30.90 -90.09
CA ALA B 466 37.85 -31.97 -89.61
C ALA B 466 37.20 -32.72 -90.76
N MET B 467 36.84 -32.01 -91.80
CA MET B 467 35.82 -32.41 -92.78
C MET B 467 36.22 -33.74 -93.55
N THR B 468 37.29 -34.42 -93.13
CA THR B 468 37.83 -35.58 -93.84
C THR B 468 37.29 -36.93 -93.40
N GLN B 469 37.48 -37.39 -92.14
CA GLN B 469 37.39 -38.84 -91.94
C GLN B 469 36.79 -39.41 -90.63
N PHE B 470 36.23 -38.61 -89.70
CA PHE B 470 35.49 -39.19 -88.57
C PHE B 470 34.00 -38.83 -88.54
N LEU B 471 33.63 -37.56 -88.40
CA LEU B 471 32.26 -37.17 -88.03
C LEU B 471 31.64 -36.35 -89.15
N ASN B 472 30.59 -36.89 -89.77
CA ASN B 472 30.04 -36.33 -91.00
C ASN B 472 29.56 -34.89 -90.81
N VAL B 473 29.80 -34.07 -91.83
CA VAL B 473 29.30 -32.70 -91.84
C VAL B 473 27.78 -32.68 -92.04
N GLU B 474 27.17 -33.84 -92.20
CA GLU B 474 25.73 -34.06 -92.06
C GLU B 474 24.88 -33.30 -93.09
N GLU B 475 25.50 -32.59 -94.03
CA GLU B 475 24.92 -32.36 -95.36
C GLU B 475 23.46 -31.95 -95.39
N ALA B 476 23.10 -30.72 -94.99
CA ALA B 476 21.68 -30.36 -94.92
C ALA B 476 21.12 -29.71 -96.20
N LEU B 477 20.60 -30.48 -97.17
CA LEU B 477 19.59 -29.96 -98.11
C LEU B 477 18.43 -30.93 -98.39
N ARG B 478 18.71 -32.24 -98.49
CA ARG B 478 17.76 -33.18 -99.11
C ARG B 478 16.90 -33.92 -98.10
N ARG B 479 17.52 -34.73 -97.22
CA ARG B 479 16.81 -35.77 -96.47
C ARG B 479 16.07 -35.22 -95.26
N LEU B 480 16.72 -34.40 -94.42
CA LEU B 480 16.04 -33.75 -93.31
C LEU B 480 14.88 -32.88 -93.78
N ALA B 481 14.90 -32.43 -95.04
CA ALA B 481 13.71 -31.80 -95.62
C ALA B 481 12.61 -32.83 -95.81
N ALA B 482 12.99 -34.08 -96.15
CA ALA B 482 12.06 -35.19 -96.19
C ALA B 482 11.84 -35.82 -94.82
N SER B 483 12.67 -35.49 -93.84
CA SER B 483 12.48 -35.90 -92.45
C SER B 483 11.56 -34.90 -91.77
N GLY B 484 10.79 -35.37 -90.80
CA GLY B 484 9.68 -34.57 -90.32
C GLY B 484 8.67 -34.28 -91.40
N SER B 485 8.40 -35.27 -92.27
CA SER B 485 7.54 -35.16 -93.44
C SER B 485 8.16 -34.26 -94.51
N ILE B 486 7.32 -33.75 -95.41
CA ILE B 486 7.71 -33.00 -96.61
C ILE B 486 8.59 -33.90 -97.50
N ASP B 487 8.69 -33.55 -98.78
CA ASP B 487 9.47 -34.35 -99.72
C ASP B 487 10.80 -33.66 -100.05
N THR B 488 11.58 -34.34 -100.88
CA THR B 488 12.85 -33.82 -101.37
C THR B 488 12.62 -33.02 -102.67
N THR B 489 13.70 -32.71 -103.38
CA THR B 489 13.70 -31.94 -104.62
C THR B 489 13.37 -30.48 -104.38
N ASN B 490 12.62 -29.88 -105.31
CA ASN B 490 12.26 -28.46 -105.28
C ASN B 490 13.52 -27.61 -105.40
N LEU B 491 14.04 -27.09 -104.29
CA LEU B 491 15.34 -26.42 -104.34
C LEU B 491 16.47 -27.40 -104.63
N VAL B 492 16.30 -28.66 -104.24
CA VAL B 492 17.35 -29.65 -104.41
C VAL B 492 17.64 -29.84 -105.89
N LYS B 493 18.86 -29.51 -106.31
CA LYS B 493 19.32 -29.93 -107.62
C LYS B 493 19.51 -31.44 -107.58
N THR B 494 18.62 -32.19 -108.23
CA THR B 494 18.67 -33.64 -108.13
C THR B 494 19.98 -34.17 -108.68
N LYS B 495 20.40 -35.32 -108.15
CA LYS B 495 21.66 -35.92 -108.60
C LYS B 495 21.66 -36.13 -110.11
N ALA B 496 20.52 -36.51 -110.68
CA ALA B 496 20.41 -36.61 -112.14
C ALA B 496 20.59 -35.24 -112.79
N GLN B 497 19.90 -34.22 -112.28
CA GLN B 497 20.03 -32.88 -112.85
C GLN B 497 21.42 -32.32 -112.63
N LEU B 498 22.01 -32.56 -111.45
CA LEU B 498 23.36 -32.10 -111.20
C LEU B 498 24.35 -32.75 -112.15
N GLN B 499 24.21 -34.05 -112.38
CA GLN B 499 25.08 -34.74 -113.33
C GLN B 499 24.88 -34.21 -114.75
N GLN B 500 23.62 -33.95 -115.13
CA GLN B 500 23.35 -33.41 -116.46
C GLN B 500 23.99 -32.04 -116.64
N GLU B 501 23.87 -31.18 -115.63
CA GLU B 501 24.47 -29.85 -115.73
C GLU B 501 25.99 -29.92 -115.69
N ALA B 502 26.56 -30.85 -114.93
CA ALA B 502 28.00 -31.05 -114.94
C ALA B 502 28.47 -31.50 -116.32
N ALA B 503 27.72 -32.40 -116.96
CA ALA B 503 28.07 -32.84 -118.30
C ALA B 503 27.98 -31.70 -119.30
N ALA B 504 26.93 -30.87 -119.18
CA ALA B 504 26.80 -29.71 -120.06
C ALA B 504 27.95 -28.73 -119.85
N GLN B 505 28.34 -28.51 -118.60
CA GLN B 505 29.48 -27.64 -118.30
C GLN B 505 30.76 -28.19 -118.90
N ALA B 506 30.97 -29.51 -118.76
CA ALA B 506 32.16 -30.13 -119.32
C ALA B 506 32.17 -30.01 -120.84
N GLU B 507 31.02 -30.19 -121.48
CA GLU B 507 30.94 -30.02 -122.93
C GLU B 507 31.23 -28.58 -123.33
N ALA B 508 30.72 -27.61 -122.57
CA ALA B 508 30.99 -26.21 -122.88
C ALA B 508 32.48 -25.89 -122.75
N GLU B 509 33.11 -26.38 -121.68
CA GLU B 509 34.55 -26.14 -121.53
C GLU B 509 35.34 -26.85 -122.63
N GLN B 510 34.92 -28.04 -123.03
CA GLN B 510 35.59 -28.72 -124.14
C GLN B 510 35.42 -27.94 -125.44
N GLN B 511 34.24 -27.38 -125.67
CA GLN B 511 34.05 -26.51 -126.82
C GLN B 511 34.97 -25.31 -126.75
N ALA B 512 35.20 -24.78 -125.56
CA ALA B 512 36.21 -23.74 -125.38
C ALA B 512 37.60 -24.26 -125.77
N GLN B 513 37.93 -25.48 -125.33
CA GLN B 513 39.26 -26.04 -125.61
C GLN B 513 39.41 -26.40 -127.09
N GLN B 514 38.38 -26.98 -127.70
CA GLN B 514 38.48 -27.33 -129.11
C GLN B 514 38.62 -26.06 -129.95
N GLN B 515 39.53 -26.10 -130.91
CA GLN B 515 39.91 -24.94 -131.73
C GLN B 515 40.19 -23.72 -130.85
N GLN B 516 40.80 -23.98 -129.70
CA GLN B 516 41.20 -22.91 -128.79
C GLN B 516 42.04 -21.91 -129.55
N LEU B 517 41.52 -20.70 -129.72
CA LEU B 517 42.04 -19.76 -130.72
C LEU B 517 42.19 -20.48 -132.05
N LEU B 518 43.44 -20.80 -132.40
CA LEU B 518 43.78 -21.47 -133.66
C LEU B 518 43.46 -20.56 -134.84
N GLU B 519 42.17 -20.40 -135.18
CA GLU B 519 41.80 -19.84 -136.47
C GLU B 519 42.40 -18.47 -136.68
N THR B 520 42.70 -17.78 -135.57
CA THR B 520 43.42 -16.52 -135.60
C THR B 520 44.68 -16.54 -134.75
N GLY B 521 44.71 -17.34 -133.68
CA GLY B 521 45.87 -17.35 -132.81
C GLY B 521 47.10 -17.98 -133.43
N ILE B 522 46.91 -18.82 -134.45
CA ILE B 522 48.03 -19.46 -135.13
C ILE B 522 48.98 -18.42 -135.73
N LYS B 523 50.23 -18.84 -135.90
CA LYS B 523 51.36 -17.94 -136.17
C LYS B 523 51.11 -16.94 -137.30
N SER B 524 50.93 -17.44 -138.50
CA SER B 524 50.81 -16.64 -139.71
C SER B 524 50.13 -17.49 -140.77
N PRO B 525 49.41 -16.88 -141.70
CA PRO B 525 48.59 -17.68 -142.62
C PRO B 525 49.42 -18.45 -143.63
N ALA B 526 50.40 -19.22 -143.16
CA ALA B 526 51.15 -20.08 -144.07
C ALA B 526 50.25 -21.13 -144.70
N MET B 527 49.34 -21.70 -143.91
CA MET B 527 48.37 -22.65 -144.46
C MET B 527 47.43 -21.96 -145.44
N ALA B 528 47.04 -20.71 -145.16
CA ALA B 528 46.20 -19.99 -146.11
C ALA B 528 46.94 -19.75 -147.43
N GLN B 529 48.21 -19.34 -147.34
CA GLN B 529 49.01 -19.12 -148.54
C GLN B 529 49.25 -20.42 -149.29
N ALA B 530 49.46 -21.51 -148.54
CA ALA B 530 49.63 -22.82 -149.17
C ALA B 530 48.34 -23.27 -149.86
N VAL B 531 47.18 -22.96 -149.27
CA VAL B 531 45.91 -23.24 -149.92
C VAL B 531 45.80 -22.41 -151.19
N LYS B 532 46.22 -21.15 -151.13
CA LYS B 532 46.29 -20.31 -152.31
C LYS B 532 47.12 -20.97 -153.40
N ASN B 533 48.26 -21.54 -153.03
CA ASN B 533 49.13 -22.20 -154.00
C ASN B 533 48.49 -23.47 -154.54
N PHE B 534 47.78 -24.21 -153.69
CA PHE B 534 47.10 -25.43 -154.12
C PHE B 534 46.06 -25.09 -155.18
N GLN B 535 45.17 -24.16 -154.86
CA GLN B 535 44.06 -23.82 -155.75
C GLN B 535 44.57 -23.19 -157.04
N GLY B 536 45.60 -22.36 -156.94
CA GLY B 536 46.15 -21.68 -158.10
C GLY B 536 46.95 -22.59 -159.02
N ALA B 537 48.00 -23.22 -158.50
CA ALA B 537 48.91 -24.00 -159.32
C ALA B 537 48.40 -25.42 -159.56
N ASP B 538 47.77 -25.65 -160.72
CA ASP B 538 47.35 -26.97 -161.18
C ASP B 538 46.55 -27.72 -160.12
N PRO B 539 45.27 -27.38 -159.93
CA PRO B 539 44.47 -28.03 -158.87
C PRO B 539 44.56 -29.54 -158.83
N GLU B 540 44.79 -30.20 -159.97
CA GLU B 540 45.00 -31.65 -159.95
C GLU B 540 46.33 -32.01 -159.30
N ARG B 541 47.37 -31.22 -159.59
CA ARG B 541 48.64 -31.40 -158.88
C ARG B 541 48.46 -31.11 -157.39
N ALA B 542 47.61 -30.13 -157.06
CA ALA B 542 47.28 -29.89 -155.67
C ALA B 542 46.61 -31.09 -155.03
N ALA B 543 45.70 -31.75 -155.76
CA ALA B 543 45.03 -32.94 -155.22
C ALA B 543 46.02 -34.08 -154.99
N GLN B 544 46.91 -34.33 -155.96
CA GLN B 544 47.86 -35.42 -155.78
C GLN B 544 48.87 -35.11 -154.69
N ALA B 545 49.26 -33.84 -154.55
CA ALA B 545 50.16 -33.45 -153.48
C ALA B 545 49.49 -33.50 -152.11
N LEU B 546 48.19 -33.20 -152.04
CA LEU B 546 47.45 -33.41 -150.80
C LEU B 546 47.34 -34.89 -150.48
N SER B 547 47.22 -35.73 -151.50
CA SER B 547 47.27 -37.17 -151.28
C SER B 547 48.62 -37.59 -150.72
N ALA B 548 49.71 -37.00 -151.24
CA ALA B 548 51.03 -37.28 -150.68
C ALA B 548 51.13 -36.82 -149.22
N ILE B 549 50.57 -35.64 -148.91
CA ILE B 549 50.56 -35.16 -147.54
C ILE B 549 49.80 -36.11 -146.63
N THR B 550 48.62 -36.57 -147.08
CA THR B 550 47.86 -37.55 -146.32
C THR B 550 48.52 -38.93 -146.32
N SER B 551 49.53 -39.13 -147.18
CA SER B 551 50.36 -40.32 -147.10
C SER B 551 51.47 -40.18 -146.08
N GLU B 552 51.96 -38.95 -145.83
CA GLU B 552 52.84 -38.72 -144.70
C GLU B 552 52.17 -39.13 -143.39
N THR B 553 50.84 -39.04 -143.34
CA THR B 553 50.01 -39.47 -142.23
C THR B 553 49.09 -40.58 -142.74
N GLY B 554 48.06 -40.91 -141.95
CA GLY B 554 47.07 -41.85 -142.43
C GLY B 554 46.07 -42.23 -141.36
N GLY B 555 45.39 -43.35 -141.62
CA GLY B 555 44.41 -43.88 -140.69
C GLY B 555 43.18 -43.01 -140.51
N ILE B 556 42.85 -42.23 -141.54
CA ILE B 556 41.69 -41.36 -141.51
C ILE B 556 40.99 -41.44 -142.87
N ASP B 557 39.69 -41.66 -142.85
CA ASP B 557 38.92 -41.73 -144.09
C ASP B 557 38.88 -40.38 -144.78
N ALA B 558 39.18 -40.36 -146.08
CA ALA B 558 39.06 -39.13 -146.86
C ALA B 558 37.60 -38.72 -147.04
N ASP B 559 36.66 -39.65 -146.87
CA ASP B 559 35.24 -39.31 -146.94
C ASP B 559 34.80 -38.45 -145.76
N GLN B 560 35.58 -38.42 -144.68
CA GLN B 560 35.30 -37.49 -143.59
C GLN B 560 35.79 -36.08 -143.89
N LEU B 561 36.71 -35.93 -144.84
CA LEU B 561 37.17 -34.60 -145.23
C LEU B 561 36.11 -33.84 -146.00
N THR B 562 35.21 -34.55 -146.68
CA THR B 562 34.14 -33.92 -147.44
C THR B 562 32.84 -33.83 -146.64
N GLU B 563 32.92 -33.72 -145.32
CA GLU B 563 31.76 -33.46 -144.46
C GLU B 563 32.02 -32.27 -143.55
N ALA B 564 32.91 -31.37 -143.96
CA ALA B 564 33.24 -30.19 -143.15
C ALA B 564 32.73 -28.91 -143.81
N MET C 1 -45.13 -8.16 -91.54
CA MET C 1 -44.33 -8.29 -92.75
C MET C 1 -43.64 -9.66 -92.80
N LYS C 2 -42.44 -9.68 -93.37
CA LYS C 2 -41.72 -10.93 -93.63
C LYS C 2 -41.03 -11.37 -92.34
N THR C 3 -41.62 -12.37 -91.69
CA THR C 3 -41.03 -12.97 -90.49
C THR C 3 -39.88 -13.88 -90.91
N ARG C 4 -38.66 -13.36 -90.90
CA ARG C 4 -37.47 -14.13 -91.24
C ARG C 4 -36.53 -14.14 -90.04
N LEU C 5 -36.76 -15.08 -89.13
CA LEU C 5 -35.84 -15.35 -88.05
C LEU C 5 -34.92 -16.53 -88.35
N THR C 6 -35.25 -17.31 -89.39
CA THR C 6 -34.46 -18.46 -89.81
C THR C 6 -33.83 -18.17 -91.16
N ASN C 7 -32.59 -18.62 -91.33
CA ASN C 7 -31.88 -18.41 -92.58
C ASN C 7 -32.53 -19.20 -93.71
N ASN C 8 -32.42 -18.66 -94.92
CA ASN C 8 -33.11 -19.19 -96.10
C ASN C 8 -32.24 -20.17 -96.88
N VAL C 9 -31.37 -20.89 -96.19
CA VAL C 9 -30.44 -21.80 -96.85
C VAL C 9 -31.02 -23.21 -97.00
N ASP C 10 -31.69 -23.72 -95.97
CA ASP C 10 -32.24 -25.06 -95.99
C ASP C 10 -33.77 -25.06 -95.97
N ARG C 11 -34.39 -23.96 -96.37
CA ARG C 11 -35.84 -23.90 -96.41
C ARG C 11 -36.38 -24.86 -97.47
N GLN C 12 -37.55 -25.44 -97.18
CA GLN C 12 -38.11 -26.49 -98.01
C GLN C 12 -39.63 -26.38 -97.99
N SER C 13 -40.29 -27.40 -98.50
CA SER C 13 -41.74 -27.46 -98.48
C SER C 13 -42.23 -27.99 -97.12
N ALA C 14 -43.55 -27.91 -96.92
CA ALA C 14 -44.15 -28.35 -95.67
C ALA C 14 -44.07 -29.86 -95.55
N LEU C 15 -43.15 -30.35 -94.72
CA LEU C 15 -42.96 -31.78 -94.53
C LEU C 15 -43.49 -32.30 -93.21
N TYR C 16 -43.67 -31.44 -92.21
CA TYR C 16 -44.18 -31.83 -90.90
C TYR C 16 -45.48 -31.09 -90.65
N GLY C 17 -46.51 -31.83 -90.28
CA GLY C 17 -47.81 -31.28 -89.98
C GLY C 17 -48.03 -31.08 -88.49
N SER C 18 -49.29 -31.20 -88.08
CA SER C 18 -49.70 -31.08 -86.68
C SER C 18 -49.99 -32.43 -86.06
N SER C 19 -49.16 -33.43 -86.35
CA SER C 19 -49.42 -34.81 -85.93
C SER C 19 -49.18 -34.93 -84.43
N GLY C 20 -50.18 -34.52 -83.66
CA GLY C 20 -50.16 -34.68 -82.22
C GLY C 20 -49.81 -33.43 -81.46
N GLY C 21 -50.82 -32.74 -80.95
CA GLY C 21 -50.61 -31.59 -80.08
C GLY C 21 -49.96 -30.42 -80.79
N THR C 22 -49.67 -29.40 -79.99
CA THR C 22 -48.97 -28.21 -80.45
C THR C 22 -47.74 -27.99 -79.58
N ALA C 23 -46.78 -27.25 -80.13
CA ALA C 23 -45.55 -26.99 -79.38
C ALA C 23 -45.81 -26.24 -78.09
N ALA C 24 -46.90 -25.48 -78.03
CA ALA C 24 -47.25 -24.79 -76.80
C ALA C 24 -47.52 -25.76 -75.67
N GLN C 25 -48.23 -26.85 -75.95
CA GLN C 25 -48.50 -27.86 -74.93
C GLN C 25 -47.21 -28.53 -74.47
N ARG C 26 -46.30 -28.83 -75.40
CA ARG C 26 -45.03 -29.44 -75.02
C ARG C 26 -44.22 -28.49 -74.14
N TYR C 27 -44.20 -27.20 -74.48
CA TYR C 27 -43.49 -26.22 -73.68
C TYR C 27 -44.10 -26.13 -72.29
N GLU C 28 -45.43 -26.13 -72.20
CA GLU C 28 -46.09 -26.09 -70.90
C GLU C 28 -45.78 -27.32 -70.08
N GLN C 29 -45.64 -28.48 -70.74
CA GLN C 29 -45.31 -29.70 -70.02
C GLN C 29 -43.87 -29.68 -69.50
N LEU C 30 -42.94 -29.18 -70.32
CA LEU C 30 -41.52 -29.23 -69.95
C LEU C 30 -41.08 -28.10 -69.03
N ARG C 31 -41.85 -27.03 -68.92
CA ARG C 31 -41.44 -25.93 -68.03
C ARG C 31 -41.41 -26.38 -66.57
N VAL C 32 -42.23 -27.36 -66.20
CA VAL C 32 -42.23 -27.85 -64.83
C VAL C 32 -40.87 -28.44 -64.47
N ASP C 33 -40.31 -29.23 -65.38
CA ASP C 33 -38.96 -29.75 -65.16
C ASP C 33 -37.94 -28.62 -65.24
N ARG C 34 -38.11 -27.69 -66.19
CA ARG C 34 -37.16 -26.59 -66.36
C ARG C 34 -37.12 -25.64 -65.16
N ASN C 35 -38.12 -25.70 -64.28
CA ASN C 35 -38.24 -24.70 -63.22
C ASN C 35 -36.96 -24.58 -62.38
N SER C 36 -36.57 -25.66 -61.69
CA SER C 36 -35.54 -25.54 -60.65
C SER C 36 -34.22 -24.98 -61.14
N PRO C 37 -33.64 -25.43 -62.25
CA PRO C 37 -32.38 -24.83 -62.71
C PRO C 37 -32.51 -23.34 -62.96
N LEU C 38 -33.68 -22.87 -63.39
CA LEU C 38 -33.89 -21.43 -63.53
C LEU C 38 -33.74 -20.73 -62.20
N LYS C 39 -34.31 -21.30 -61.13
CA LYS C 39 -34.18 -20.69 -59.81
C LYS C 39 -32.73 -20.65 -59.36
N ARG C 40 -32.00 -21.76 -59.57
CA ARG C 40 -30.59 -21.78 -59.18
C ARG C 40 -29.80 -20.72 -59.93
N ALA C 41 -30.01 -20.63 -61.24
CA ALA C 41 -29.30 -19.64 -62.04
C ALA C 41 -29.67 -18.23 -61.62
N ARG C 42 -30.94 -18.00 -61.30
CA ARG C 42 -31.38 -16.68 -60.89
C ARG C 42 -30.73 -16.26 -59.58
N ASP C 43 -30.67 -17.17 -58.60
CA ASP C 43 -30.03 -16.83 -57.34
C ASP C 43 -28.52 -16.59 -57.52
N CYS C 44 -27.86 -17.42 -58.33
CA CYS C 44 -26.44 -17.21 -58.58
C CYS C 44 -26.21 -15.86 -59.25
N SER C 45 -27.01 -15.52 -60.25
CA SER C 45 -26.87 -14.22 -60.90
C SER C 45 -27.09 -13.10 -59.90
N LYS C 46 -28.12 -13.21 -59.06
CA LYS C 46 -28.37 -12.18 -58.06
C LYS C 46 -27.17 -11.99 -57.15
N VAL C 47 -26.46 -13.09 -56.83
CA VAL C 47 -25.34 -12.91 -55.90
C VAL C 47 -24.09 -12.40 -56.62
N THR C 48 -23.96 -12.61 -57.94
CA THR C 48 -22.79 -12.07 -58.64
C THR C 48 -23.09 -10.75 -59.36
N ILE C 49 -24.06 -10.75 -60.28
CA ILE C 49 -24.40 -9.55 -61.04
C ILE C 49 -25.89 -9.32 -60.94
N PRO C 50 -26.34 -8.28 -60.25
CA PRO C 50 -27.75 -8.23 -59.80
C PRO C 50 -28.79 -8.32 -60.90
N GLY C 51 -28.53 -7.72 -62.06
CA GLY C 51 -29.58 -7.63 -63.06
C GLY C 51 -29.38 -8.44 -64.32
N LEU C 52 -28.49 -9.42 -64.31
CA LEU C 52 -28.20 -10.17 -65.53
C LEU C 52 -29.36 -11.06 -65.92
N ILE C 53 -29.72 -12.01 -65.06
CA ILE C 53 -30.89 -12.86 -65.26
C ILE C 53 -31.99 -12.30 -64.37
N GLU C 54 -33.14 -11.98 -64.99
CA GLU C 54 -34.19 -11.23 -64.32
C GLU C 54 -35.46 -12.05 -64.20
N ASP C 55 -36.27 -11.69 -63.20
CA ASP C 55 -37.62 -12.23 -63.09
C ASP C 55 -38.50 -11.61 -64.16
N GLU C 56 -39.65 -12.26 -64.41
CA GLU C 56 -40.55 -11.80 -65.47
C GLU C 56 -41.23 -10.49 -65.14
N ASN C 57 -41.14 -10.00 -63.91
CA ASN C 57 -41.74 -8.74 -63.53
C ASN C 57 -40.73 -7.80 -62.89
N TYR C 58 -39.50 -7.79 -63.40
CA TYR C 58 -38.47 -6.82 -63.04
C TYR C 58 -37.78 -6.28 -64.28
N GLY C 59 -38.59 -5.90 -65.28
CA GLY C 59 -38.07 -5.42 -66.54
C GLY C 59 -38.13 -3.92 -66.69
N ASP C 60 -39.16 -3.45 -67.40
CA ASP C 60 -39.32 -2.04 -67.74
C ASP C 60 -39.23 -1.12 -66.52
N ALA C 61 -39.89 -1.48 -65.43
CA ALA C 61 -39.97 -0.63 -64.25
C ALA C 61 -39.68 -1.42 -62.99
N GLY C 62 -38.61 -2.21 -63.01
CA GLY C 62 -38.15 -2.91 -61.84
C GLY C 62 -36.83 -2.33 -61.32
N ARG C 63 -36.61 -2.48 -60.02
CA ARG C 63 -35.39 -2.01 -59.38
C ARG C 63 -34.62 -3.19 -58.81
N LEU C 64 -33.32 -3.21 -59.10
CA LEU C 64 -32.41 -4.23 -58.58
C LEU C 64 -31.62 -3.66 -57.41
N ASP C 65 -31.01 -4.57 -56.64
CA ASP C 65 -30.22 -4.21 -55.48
C ASP C 65 -28.74 -4.23 -55.81
N THR C 66 -27.92 -3.98 -54.79
CA THR C 66 -26.48 -4.10 -54.93
C THR C 66 -25.89 -4.90 -53.78
N PRO C 67 -24.90 -5.74 -54.04
CA PRO C 67 -24.26 -6.49 -52.97
C PRO C 67 -23.29 -5.60 -52.19
N TYR C 68 -22.65 -6.20 -51.19
CA TYR C 68 -21.63 -5.53 -50.39
C TYR C 68 -20.26 -6.17 -50.59
N GLN C 69 -20.08 -6.83 -51.73
CA GLN C 69 -18.78 -7.35 -52.12
C GLN C 69 -18.71 -7.40 -53.64
N SER C 70 -17.52 -7.19 -54.19
CA SER C 70 -17.35 -7.11 -55.63
C SER C 70 -16.46 -8.21 -56.19
N SER C 71 -16.15 -9.24 -55.39
CA SER C 71 -15.33 -10.34 -55.90
C SER C 71 -16.03 -11.06 -57.05
N GLY C 72 -17.34 -11.28 -56.91
CA GLY C 72 -18.06 -12.02 -57.94
C GLY C 72 -18.04 -11.32 -59.28
N ALA C 73 -18.34 -10.03 -59.29
CA ALA C 73 -18.41 -9.30 -60.56
C ALA C 73 -17.04 -9.23 -61.22
N ARG C 74 -16.02 -8.87 -60.45
CA ARG C 74 -14.67 -8.78 -61.00
C ARG C 74 -14.22 -10.12 -61.54
N GLY C 75 -14.45 -11.19 -60.77
CA GLY C 75 -14.04 -12.51 -61.22
C GLY C 75 -14.76 -12.94 -62.49
N VAL C 76 -16.07 -12.72 -62.55
CA VAL C 76 -16.83 -13.11 -63.74
C VAL C 76 -16.33 -12.35 -64.96
N GLY C 77 -16.16 -11.03 -64.83
CA GLY C 77 -15.68 -10.26 -65.96
C GLY C 77 -14.30 -10.69 -66.42
N HIS C 78 -13.38 -10.86 -65.47
CA HIS C 78 -12.02 -11.21 -65.82
C HIS C 78 -11.96 -12.58 -66.49
N MET C 79 -12.63 -13.57 -65.90
CA MET C 79 -12.60 -14.91 -66.47
C MET C 79 -13.26 -14.95 -67.84
N THR C 80 -14.40 -14.27 -68.00
CA THR C 80 -15.06 -14.25 -69.30
C THR C 80 -14.17 -13.64 -70.36
N SER C 81 -13.55 -12.49 -70.05
CA SER C 81 -12.68 -11.86 -71.04
C SER C 81 -11.50 -12.74 -71.39
N LYS C 82 -10.85 -13.34 -70.38
CA LYS C 82 -9.68 -14.16 -70.66
C LYS C 82 -10.04 -15.39 -71.47
N LEU C 83 -11.15 -16.06 -71.12
CA LEU C 83 -11.57 -17.24 -71.87
C LEU C 83 -11.91 -16.88 -73.32
N ALA C 84 -12.63 -15.77 -73.51
CA ALA C 84 -12.99 -15.37 -74.88
C ALA C 84 -11.74 -15.02 -75.68
N VAL C 85 -10.74 -14.40 -75.04
CA VAL C 85 -9.53 -14.03 -75.75
C VAL C 85 -8.74 -15.27 -76.15
N THR C 86 -8.56 -16.21 -75.21
CA THR C 86 -7.70 -17.34 -75.50
C THR C 86 -8.38 -18.35 -76.41
N LEU C 87 -9.71 -18.43 -76.36
CA LEU C 87 -10.40 -19.43 -77.17
C LEU C 87 -10.46 -19.01 -78.63
N PHE C 88 -10.54 -17.72 -78.92
CA PHE C 88 -10.62 -17.20 -80.29
C PHE C 88 -9.55 -16.15 -80.47
N PRO C 89 -8.29 -16.56 -80.57
CA PRO C 89 -7.20 -15.58 -80.71
C PRO C 89 -7.36 -14.76 -81.98
N THR C 90 -7.05 -13.47 -81.88
CA THR C 90 -7.14 -12.58 -83.04
C THR C 90 -5.93 -12.70 -83.95
N ASN C 91 -4.80 -13.19 -83.42
CA ASN C 91 -3.55 -13.26 -84.18
C ASN C 91 -3.53 -14.54 -85.00
N GLU C 92 -3.60 -15.69 -84.35
CA GLU C 92 -3.43 -16.97 -85.01
C GLU C 92 -4.78 -17.65 -85.22
N HIS C 93 -4.88 -18.40 -86.31
CA HIS C 93 -6.11 -19.11 -86.63
C HIS C 93 -6.47 -20.09 -85.51
N PHE C 94 -7.75 -20.15 -85.18
CA PHE C 94 -8.24 -21.00 -84.11
C PHE C 94 -8.65 -22.38 -84.58
N PHE C 95 -8.55 -22.66 -85.88
CA PHE C 95 -8.85 -23.99 -86.39
C PHE C 95 -7.94 -24.27 -87.58
N LYS C 96 -7.74 -25.55 -87.87
CA LYS C 96 -6.82 -25.98 -88.92
C LYS C 96 -7.51 -26.97 -89.83
N LEU C 97 -7.65 -26.61 -91.10
CA LEU C 97 -8.13 -27.52 -92.14
C LEU C 97 -6.92 -28.25 -92.70
N GLU C 98 -6.77 -29.51 -92.32
CA GLU C 98 -5.54 -30.25 -92.54
C GLU C 98 -5.77 -31.42 -93.50
N ILE C 99 -4.88 -31.54 -94.48
CA ILE C 99 -5.02 -32.59 -95.48
C ILE C 99 -4.74 -33.95 -94.84
N ASP C 100 -5.55 -34.94 -95.20
CA ASP C 100 -5.39 -36.29 -94.67
C ASP C 100 -4.33 -37.01 -95.50
N SER C 101 -3.13 -37.12 -94.95
CA SER C 101 -2.06 -37.87 -95.63
C SER C 101 -2.35 -39.36 -95.66
N LEU C 102 -3.30 -39.84 -94.86
CA LEU C 102 -3.74 -41.23 -95.00
C LEU C 102 -4.35 -41.46 -96.38
N ALA C 103 -5.20 -40.53 -96.82
CA ALA C 103 -5.74 -40.61 -98.17
C ALA C 103 -4.64 -40.44 -99.21
N ILE C 104 -3.63 -39.62 -98.91
CA ILE C 104 -2.50 -39.46 -99.82
C ILE C 104 -1.78 -40.78 -100.00
N LEU C 105 -1.53 -41.49 -98.90
CA LEU C 105 -0.86 -42.79 -98.98
C LEU C 105 -1.73 -43.81 -99.69
N ALA C 106 -3.02 -43.83 -99.37
CA ALA C 106 -3.93 -44.81 -99.97
C ALA C 106 -4.06 -44.60 -101.47
N SER C 107 -4.13 -43.35 -101.91
CA SER C 107 -4.27 -43.03 -103.33
C SER C 107 -2.93 -43.02 -104.06
N ASP C 108 -1.82 -43.24 -103.35
CA ASP C 108 -0.48 -43.15 -103.93
C ASP C 108 -0.27 -41.80 -104.59
N GLN C 109 -0.61 -40.75 -103.85
CA GLN C 109 -0.57 -39.39 -104.38
C GLN C 109 0.87 -38.93 -104.60
N ASN C 110 1.06 -38.12 -105.63
CA ASN C 110 2.38 -37.56 -105.91
C ASN C 110 2.72 -36.48 -104.89
N PRO C 111 3.84 -36.60 -104.18
CA PRO C 111 4.19 -35.56 -103.18
C PRO C 111 4.45 -34.19 -103.78
N GLU C 112 4.42 -34.04 -105.10
CA GLU C 112 4.63 -32.73 -105.69
C GLU C 112 3.40 -31.84 -105.58
N MET C 113 2.20 -32.43 -105.51
CA MET C 113 0.96 -31.66 -105.42
C MET C 113 0.68 -31.10 -104.03
N ILE C 114 1.44 -31.49 -103.01
CA ILE C 114 1.13 -31.07 -101.64
C ILE C 114 1.27 -29.56 -101.50
N THR C 115 2.20 -28.96 -102.23
CA THR C 115 2.36 -27.50 -102.18
C THR C 115 1.10 -26.79 -102.64
N GLU C 116 0.56 -27.22 -103.79
CA GLU C 116 -0.66 -26.61 -104.31
C GLU C 116 -1.84 -26.88 -103.40
N PHE C 117 -1.91 -28.10 -102.85
CA PHE C 117 -3.00 -28.41 -101.92
C PHE C 117 -2.93 -27.53 -100.68
N ASP C 118 -1.72 -27.30 -100.16
CA ASP C 118 -1.57 -26.43 -99.00
C ASP C 118 -1.96 -25.00 -99.32
N SER C 119 -1.58 -24.51 -100.51
CA SER C 119 -1.99 -23.16 -100.90
C SER C 119 -3.51 -23.05 -100.97
N ALA C 120 -4.17 -24.02 -101.59
CA ALA C 120 -5.62 -24.00 -101.66
C ALA C 120 -6.24 -24.05 -100.27
N LEU C 121 -5.67 -24.89 -99.39
CA LEU C 121 -6.23 -25.03 -98.05
C LEU C 121 -6.07 -23.76 -97.22
N VAL C 122 -4.92 -23.09 -97.33
CA VAL C 122 -4.76 -21.85 -96.57
C VAL C 122 -5.68 -20.77 -97.13
N LYS C 123 -5.90 -20.76 -98.44
CA LYS C 123 -6.88 -19.83 -99.00
C LYS C 123 -8.27 -20.10 -98.44
N VAL C 124 -8.67 -21.37 -98.37
CA VAL C 124 -9.98 -21.70 -97.83
C VAL C 124 -10.07 -21.32 -96.36
N GLU C 125 -8.99 -21.56 -95.60
CA GLU C 125 -8.97 -21.20 -94.19
C GLU C 125 -9.21 -19.71 -94.00
N GLN C 126 -8.45 -18.87 -94.72
CA GLN C 126 -8.63 -17.44 -94.54
C GLN C 126 -10.00 -16.99 -95.04
N ALA C 127 -10.53 -17.63 -96.09
CA ALA C 127 -11.86 -17.28 -96.55
C ALA C 127 -12.91 -17.57 -95.48
N VAL C 128 -12.80 -18.73 -94.83
CA VAL C 128 -13.78 -19.09 -93.80
C VAL C 128 -13.67 -18.14 -92.62
N MET C 129 -12.44 -17.83 -92.19
CA MET C 129 -12.28 -16.87 -91.09
C MET C 129 -12.82 -15.50 -91.46
N ARG C 130 -12.64 -15.07 -92.71
CA ARG C 130 -13.19 -13.79 -93.15
C ARG C 130 -14.71 -13.80 -93.07
N MET C 131 -15.34 -14.87 -93.55
CA MET C 131 -16.80 -14.92 -93.52
C MET C 131 -17.29 -14.93 -92.08
N PHE C 132 -16.60 -15.67 -91.20
CA PHE C 132 -16.97 -15.69 -89.79
C PHE C 132 -16.86 -14.29 -89.18
N GLU C 133 -15.76 -13.59 -89.45
CA GLU C 133 -15.59 -12.26 -88.87
C GLU C 133 -16.59 -11.27 -89.46
N THR C 134 -17.13 -11.57 -90.65
CA THR C 134 -18.12 -10.68 -91.25
C THR C 134 -19.38 -10.59 -90.38
N ILE C 135 -19.84 -11.71 -89.84
CA ILE C 135 -21.10 -11.76 -89.12
C ILE C 135 -20.90 -11.38 -87.66
N GLY C 136 -19.70 -10.94 -87.30
CA GLY C 136 -19.43 -10.44 -85.96
C GLY C 136 -19.60 -11.47 -84.86
N GLY C 137 -18.95 -12.62 -85.00
CA GLY C 137 -19.14 -13.68 -84.03
C GLY C 137 -18.45 -13.44 -82.70
N ARG C 138 -17.53 -12.48 -82.64
CA ARG C 138 -16.78 -12.24 -81.41
C ARG C 138 -17.71 -11.78 -80.28
N ALA C 139 -18.58 -10.82 -80.56
CA ALA C 139 -19.47 -10.31 -79.52
C ALA C 139 -20.45 -11.38 -79.04
N ALA C 140 -21.01 -12.15 -79.98
CA ALA C 140 -21.91 -13.23 -79.60
C ALA C 140 -21.19 -14.27 -78.76
N MET C 141 -19.95 -14.60 -79.13
CA MET C 141 -19.16 -15.54 -78.33
C MET C 141 -18.94 -15.02 -76.93
N HIS C 142 -18.62 -13.73 -76.81
CA HIS C 142 -18.38 -13.13 -75.49
C HIS C 142 -19.63 -13.21 -74.63
N GLU C 143 -20.78 -12.83 -75.20
CA GLU C 143 -22.03 -12.85 -74.44
C GLU C 143 -22.42 -14.26 -74.04
N ALA C 144 -22.27 -15.22 -74.96
CA ALA C 144 -22.59 -16.60 -74.67
C ALA C 144 -21.70 -17.15 -73.58
N LEU C 145 -20.40 -16.84 -73.62
CA LEU C 145 -19.50 -17.30 -72.57
C LEU C 145 -19.89 -16.70 -71.22
N LYS C 146 -20.28 -15.43 -71.21
CA LYS C 146 -20.70 -14.81 -69.95
C LYS C 146 -21.92 -15.52 -69.37
N HIS C 147 -22.94 -15.76 -70.20
CA HIS C 147 -24.11 -16.48 -69.68
C HIS C 147 -23.76 -17.90 -69.26
N LEU C 148 -22.87 -18.57 -69.99
CA LEU C 148 -22.46 -19.92 -69.60
C LEU C 148 -21.80 -19.91 -68.24
N LEU C 149 -20.92 -18.94 -67.98
CA LEU C 149 -20.25 -18.87 -66.70
C LEU C 149 -21.23 -18.57 -65.58
N VAL C 150 -22.16 -17.64 -65.80
CA VAL C 150 -23.07 -17.25 -64.73
C VAL C 150 -24.21 -18.26 -64.58
N GLY C 151 -24.81 -18.66 -65.70
CA GLY C 151 -26.00 -19.49 -65.65
C GLY C 151 -25.75 -20.97 -65.80
N GLY C 152 -24.90 -21.35 -66.75
CA GLY C 152 -24.59 -22.75 -66.99
C GLY C 152 -25.28 -23.38 -68.18
N ASN C 153 -26.19 -22.67 -68.83
CA ASN C 153 -26.85 -23.21 -70.02
C ASN C 153 -27.11 -22.06 -70.99
N VAL C 154 -27.00 -22.35 -72.28
CA VAL C 154 -27.27 -21.36 -73.32
C VAL C 154 -27.43 -22.09 -74.65
N LEU C 155 -28.31 -21.59 -75.51
CA LEU C 155 -28.59 -22.19 -76.80
C LEU C 155 -28.22 -21.22 -77.91
N LEU C 156 -27.47 -21.70 -78.89
CA LEU C 156 -26.98 -20.86 -79.98
C LEU C 156 -27.75 -21.17 -81.27
N TYR C 157 -27.91 -20.15 -82.10
CA TYR C 157 -28.43 -20.32 -83.45
C TYR C 157 -27.47 -19.68 -84.43
N VAL C 158 -27.02 -20.45 -85.41
CA VAL C 158 -26.02 -20.00 -86.37
C VAL C 158 -26.69 -19.82 -87.73
N SER C 159 -26.51 -18.64 -88.32
CA SER C 159 -27.07 -18.33 -89.63
C SER C 159 -26.15 -17.35 -90.33
N ASP C 160 -26.36 -17.22 -91.65
CA ASP C 160 -25.52 -16.32 -92.43
C ASP C 160 -25.70 -14.87 -92.00
N GLU C 161 -26.93 -14.49 -91.63
CA GLU C 161 -27.18 -13.12 -91.21
C GLU C 161 -26.46 -12.78 -89.91
N GLY C 162 -26.50 -13.67 -88.93
CA GLY C 162 -25.82 -13.42 -87.68
C GLY C 162 -26.04 -14.55 -86.70
N ILE C 163 -25.39 -14.42 -85.54
CA ILE C 163 -25.48 -15.39 -84.46
C ILE C 163 -26.42 -14.83 -83.41
N LYS C 164 -27.47 -15.58 -83.08
CA LYS C 164 -28.45 -15.17 -82.09
C LYS C 164 -28.41 -16.13 -80.91
N VAL C 165 -28.26 -15.58 -79.71
CA VAL C 165 -28.22 -16.37 -78.49
C VAL C 165 -29.61 -16.36 -77.87
N ILE C 166 -29.90 -17.40 -77.08
CA ILE C 166 -31.17 -17.52 -76.38
C ILE C 166 -30.88 -17.87 -74.93
N HIS C 167 -31.44 -17.10 -74.00
CA HIS C 167 -31.20 -17.31 -72.59
C HIS C 167 -31.88 -18.58 -72.12
N LEU C 168 -31.50 -19.03 -70.92
CA LEU C 168 -32.04 -20.27 -70.38
C LEU C 168 -33.55 -20.19 -70.16
N ASP C 169 -34.07 -18.99 -69.90
CA ASP C 169 -35.47 -18.83 -69.56
C ASP C 169 -36.41 -19.01 -70.74
N SER C 170 -35.89 -19.15 -71.97
CA SER C 170 -36.73 -19.13 -73.15
C SER C 170 -36.63 -20.40 -74.00
N TYR C 171 -36.21 -21.53 -73.39
CA TYR C 171 -36.22 -22.78 -74.13
C TYR C 171 -36.21 -23.95 -73.16
N VAL C 172 -36.72 -25.08 -73.65
CA VAL C 172 -36.77 -26.32 -72.88
C VAL C 172 -36.33 -27.46 -73.78
N LEU C 173 -35.91 -28.56 -73.16
CA LEU C 173 -35.42 -29.72 -73.92
C LEU C 173 -35.42 -30.95 -73.03
N CYS C 174 -35.25 -32.10 -73.67
CA CYS C 174 -35.12 -33.40 -73.00
C CYS C 174 -33.86 -34.09 -73.48
N ARG C 175 -33.19 -34.79 -72.58
CA ARG C 175 -31.95 -35.50 -72.89
C ARG C 175 -32.05 -36.94 -72.40
N ASP C 176 -31.53 -37.87 -73.20
CA ASP C 176 -31.34 -39.22 -72.73
C ASP C 176 -30.19 -39.27 -71.72
N PRO C 177 -30.17 -40.26 -70.84
CA PRO C 177 -29.07 -40.36 -69.87
C PRO C 177 -27.70 -40.44 -70.49
N MET C 178 -27.57 -41.00 -71.70
CA MET C 178 -26.27 -41.00 -72.36
C MET C 178 -25.83 -39.59 -72.72
N GLY C 179 -26.76 -38.73 -73.15
CA GLY C 179 -26.46 -37.32 -73.36
C GLY C 179 -26.88 -36.76 -74.70
N ASN C 180 -27.61 -37.50 -75.52
CA ASN C 180 -28.03 -37.01 -76.84
C ASN C 180 -29.38 -36.34 -76.73
N VAL C 181 -29.45 -35.06 -77.11
CA VAL C 181 -30.71 -34.33 -77.04
C VAL C 181 -31.65 -34.81 -78.13
N THR C 182 -32.94 -34.91 -77.81
CA THR C 182 -33.93 -35.40 -78.74
C THR C 182 -34.88 -34.33 -79.26
N GLU C 183 -35.23 -33.34 -78.44
CA GLU C 183 -36.23 -32.36 -78.84
C GLU C 183 -35.99 -31.05 -78.10
N ILE C 184 -36.07 -29.94 -78.83
CA ILE C 184 -35.87 -28.61 -78.27
C ILE C 184 -37.05 -27.74 -78.65
N VAL C 185 -37.61 -27.02 -77.68
CA VAL C 185 -38.73 -26.10 -77.91
C VAL C 185 -38.28 -24.70 -77.49
N VAL C 186 -38.46 -23.73 -78.39
CA VAL C 186 -38.08 -22.34 -78.14
C VAL C 186 -39.33 -21.47 -78.26
N GLU C 187 -39.58 -20.66 -77.24
CA GLU C 187 -40.73 -19.75 -77.21
C GLU C 187 -40.24 -18.31 -77.14
N GLU C 188 -40.81 -17.46 -77.99
CA GLU C 188 -40.41 -16.07 -78.06
C GLU C 188 -41.65 -15.22 -78.29
N GLU C 189 -41.61 -13.99 -77.78
CA GLU C 189 -42.78 -13.12 -77.73
C GLU C 189 -42.45 -11.82 -78.47
N ILE C 190 -43.28 -11.46 -79.45
CA ILE C 190 -42.94 -10.41 -80.40
C ILE C 190 -44.16 -9.54 -80.70
N PHE C 191 -43.91 -8.31 -81.15
CA PHE C 191 -44.97 -7.42 -81.58
C PHE C 191 -45.64 -7.95 -82.84
N LYS C 192 -46.87 -7.49 -83.09
CA LYS C 192 -47.66 -7.99 -84.21
C LYS C 192 -47.36 -7.28 -85.52
N ASP C 193 -46.52 -6.24 -85.53
CA ASP C 193 -46.30 -5.47 -86.74
C ASP C 193 -45.48 -6.23 -87.78
N ALA C 194 -44.50 -7.03 -87.34
CA ALA C 194 -43.57 -7.69 -88.26
C ALA C 194 -44.11 -8.99 -88.83
N LEU C 195 -45.32 -9.39 -88.46
CA LEU C 195 -45.87 -10.69 -88.80
C LEU C 195 -46.61 -10.66 -90.14
N PRO C 196 -46.90 -11.83 -90.71
CA PRO C 196 -47.80 -11.87 -91.88
C PRO C 196 -49.18 -11.34 -91.53
N GLU C 197 -49.78 -10.63 -92.50
CA GLU C 197 -51.07 -10.00 -92.25
C GLU C 197 -52.23 -10.98 -92.25
N GLU C 198 -52.13 -12.08 -92.99
CA GLU C 198 -53.17 -13.11 -92.94
C GLU C 198 -53.28 -13.73 -91.55
N TYR C 199 -52.19 -13.67 -90.77
CA TYR C 199 -52.17 -14.22 -89.42
C TYR C 199 -52.57 -13.22 -88.36
N LEU C 200 -52.95 -11.99 -88.75
CA LEU C 200 -53.44 -10.99 -87.82
C LEU C 200 -54.92 -11.22 -87.57
N ASP C 201 -55.29 -11.50 -86.33
CA ASP C 201 -56.66 -11.84 -86.00
C ASP C 201 -57.54 -10.60 -85.95
N GLU C 202 -58.86 -10.84 -85.89
CA GLU C 202 -59.81 -9.73 -85.82
C GLU C 202 -59.62 -8.93 -84.54
N GLU C 203 -59.38 -9.61 -83.42
CA GLU C 203 -59.20 -8.90 -82.14
C GLU C 203 -57.97 -8.01 -82.18
N ASP C 204 -56.87 -8.49 -82.76
CA ASP C 204 -55.71 -7.64 -82.95
C ASP C 204 -56.00 -6.49 -83.90
N ASP C 205 -56.77 -6.74 -84.96
CA ASP C 205 -57.17 -5.67 -85.85
C ASP C 205 -58.10 -4.68 -85.15
N ASP C 206 -58.91 -5.15 -84.22
CA ASP C 206 -59.81 -4.29 -83.47
C ASP C 206 -59.09 -3.41 -82.45
N ASP C 207 -57.81 -3.65 -82.21
CA ASP C 207 -57.06 -2.91 -81.20
C ASP C 207 -56.36 -1.71 -81.82
N ASP C 208 -56.34 -0.61 -81.08
CA ASP C 208 -55.57 0.57 -81.44
C ASP C 208 -54.19 0.58 -80.80
N ASP C 209 -53.82 -0.51 -80.13
CA ASP C 209 -52.53 -0.64 -79.44
C ASP C 209 -51.55 -1.48 -80.23
N MET C 210 -51.53 -1.32 -81.56
CA MET C 210 -50.62 -2.07 -82.40
C MET C 210 -49.16 -1.90 -81.97
N GLY C 211 -48.82 -0.72 -81.46
CA GLY C 211 -47.51 -0.47 -80.90
C GLY C 211 -47.35 -0.85 -79.45
N LYS C 212 -48.38 -1.46 -78.84
CA LYS C 212 -48.31 -1.89 -77.45
C LYS C 212 -48.91 -3.27 -77.22
N LYS C 213 -49.36 -3.97 -78.27
CA LYS C 213 -49.89 -5.31 -78.14
C LYS C 213 -49.00 -6.28 -78.91
N MET C 214 -48.67 -7.40 -78.27
CA MET C 214 -47.75 -8.39 -78.81
C MET C 214 -48.40 -9.77 -78.79
N VAL C 215 -47.87 -10.67 -79.61
CA VAL C 215 -48.35 -12.05 -79.69
C VAL C 215 -47.15 -12.99 -79.73
N LYS C 216 -47.33 -14.19 -79.19
CA LYS C 216 -46.25 -15.15 -79.06
C LYS C 216 -45.99 -15.89 -80.38
N ILE C 217 -44.75 -16.33 -80.57
CA ILE C 217 -44.36 -17.18 -81.69
C ILE C 217 -43.48 -18.29 -81.15
N TYR C 218 -43.79 -19.53 -81.53
CA TYR C 218 -43.10 -20.70 -81.00
C TYR C 218 -42.19 -21.32 -82.05
N THR C 219 -41.34 -22.24 -81.59
CA THR C 219 -40.43 -22.97 -82.46
C THR C 219 -40.23 -24.37 -81.88
N CYS C 220 -40.25 -25.38 -82.75
CA CYS C 220 -40.08 -26.76 -82.35
C CYS C 220 -38.90 -27.35 -83.10
N ILE C 221 -38.07 -28.11 -82.38
CA ILE C 221 -36.89 -28.76 -82.95
C ILE C 221 -36.97 -30.24 -82.62
N LYS C 222 -36.74 -31.08 -83.62
CA LYS C 222 -36.69 -32.52 -83.44
C LYS C 222 -35.40 -33.07 -84.04
N PHE C 223 -34.83 -34.06 -83.36
CA PHE C 223 -33.55 -34.66 -83.76
C PHE C 223 -33.79 -36.14 -84.01
N MET C 224 -33.66 -36.56 -85.26
CA MET C 224 -33.87 -37.95 -85.63
C MET C 224 -33.06 -38.28 -86.87
N ASP C 225 -32.67 -39.56 -86.98
CA ASP C 225 -31.89 -40.09 -88.11
C ASP C 225 -30.82 -39.12 -88.57
N ASP C 226 -30.06 -38.61 -87.59
CA ASP C 226 -29.02 -37.59 -87.77
C ASP C 226 -29.45 -36.49 -88.73
N GLN C 227 -30.73 -36.11 -88.69
CA GLN C 227 -31.28 -35.04 -89.52
C GLN C 227 -32.24 -34.24 -88.66
N CYS C 228 -31.82 -33.04 -88.24
CA CYS C 228 -32.68 -32.20 -87.43
C CYS C 228 -33.85 -31.68 -88.27
N HIS C 229 -34.96 -31.43 -87.59
CA HIS C 229 -36.16 -30.91 -88.21
C HIS C 229 -36.73 -29.79 -87.36
N TRP C 230 -37.19 -28.72 -88.02
CA TRP C 230 -37.72 -27.58 -87.29
C TRP C 230 -38.77 -26.87 -88.13
N TYR C 231 -39.66 -26.16 -87.45
CA TYR C 231 -40.70 -25.38 -88.09
C TYR C 231 -41.23 -24.36 -87.09
N GLN C 232 -41.71 -23.24 -87.62
CA GLN C 232 -42.26 -22.16 -86.81
C GLN C 232 -43.79 -22.20 -86.86
N GLU C 233 -44.42 -21.96 -85.72
CA GLU C 233 -45.86 -21.97 -85.63
C GLU C 233 -46.34 -20.76 -84.83
N ILE C 234 -47.58 -20.38 -85.08
CA ILE C 234 -48.23 -19.31 -84.33
C ILE C 234 -49.72 -19.58 -84.24
N LYS C 235 -50.26 -19.51 -83.02
CA LYS C 235 -51.68 -19.75 -82.77
C LYS C 235 -52.12 -21.12 -83.28
N GLY C 236 -51.26 -22.11 -83.11
CA GLY C 236 -51.60 -23.49 -83.37
C GLY C 236 -51.48 -23.96 -84.81
N LYS C 237 -51.02 -23.11 -85.73
CA LYS C 237 -50.84 -23.52 -87.12
C LYS C 237 -49.50 -23.01 -87.62
N GLU C 238 -48.81 -23.86 -88.40
CA GLU C 238 -47.50 -23.50 -88.90
C GLU C 238 -47.59 -22.41 -89.96
N VAL C 239 -46.55 -21.59 -90.02
CA VAL C 239 -46.46 -20.55 -91.05
C VAL C 239 -45.80 -21.15 -92.28
N PRO C 240 -46.25 -20.81 -93.49
CA PRO C 240 -45.66 -21.40 -94.68
C PRO C 240 -44.21 -20.96 -94.88
N GLY C 241 -43.41 -21.85 -95.45
CA GLY C 241 -42.07 -21.51 -95.86
C GLY C 241 -41.02 -21.50 -94.77
N THR C 242 -41.36 -21.96 -93.56
CA THR C 242 -40.39 -21.99 -92.47
C THR C 242 -39.86 -23.39 -92.18
N HIS C 243 -40.22 -24.38 -93.00
CA HIS C 243 -39.69 -25.72 -92.82
C HIS C 243 -38.22 -25.77 -93.21
N GLY C 244 -37.50 -26.73 -92.61
CA GLY C 244 -36.09 -26.90 -92.92
C GLY C 244 -35.64 -28.30 -92.62
N LYS C 245 -34.49 -28.65 -93.19
CA LYS C 245 -33.90 -29.97 -92.98
C LYS C 245 -32.40 -29.89 -93.27
N CYS C 246 -31.62 -30.58 -92.45
CA CYS C 246 -30.18 -30.68 -92.67
C CYS C 246 -29.63 -31.78 -91.78
N ALA C 247 -28.45 -32.27 -92.13
CA ALA C 247 -27.83 -33.37 -91.41
C ALA C 247 -27.39 -32.91 -90.02
N ALA C 248 -27.24 -33.88 -89.10
CA ALA C 248 -26.94 -33.56 -87.72
C ALA C 248 -25.60 -32.86 -87.59
N ASP C 249 -24.58 -33.32 -88.30
CA ASP C 249 -23.25 -32.74 -88.20
C ASP C 249 -23.20 -31.30 -88.71
N VAL C 250 -24.23 -30.84 -89.42
CA VAL C 250 -24.26 -29.48 -89.92
C VAL C 250 -25.49 -28.77 -89.37
N ALA C 251 -25.95 -29.19 -88.19
CA ALA C 251 -27.15 -28.63 -87.61
C ALA C 251 -26.95 -27.16 -87.24
N PRO C 252 -27.99 -26.33 -87.34
CA PRO C 252 -27.87 -24.92 -87.01
C PRO C 252 -28.02 -24.59 -85.53
N TRP C 253 -28.43 -25.54 -84.70
CA TRP C 253 -28.65 -25.31 -83.29
C TRP C 253 -27.64 -26.09 -82.46
N ILE C 254 -27.04 -25.42 -81.48
CA ILE C 254 -26.02 -26.01 -80.62
C ILE C 254 -26.41 -25.75 -79.18
N ALA C 255 -26.38 -26.80 -78.35
CA ALA C 255 -26.63 -26.68 -76.93
C ALA C 255 -25.33 -26.85 -76.17
N LEU C 256 -25.24 -26.20 -75.01
CA LEU C 256 -24.04 -26.20 -74.19
C LEU C 256 -24.38 -26.48 -72.75
N ARG C 257 -23.35 -26.84 -71.98
CA ARG C 257 -23.47 -26.96 -70.53
C ARG C 257 -22.08 -26.84 -69.92
N GLN C 258 -22.01 -26.20 -68.75
CA GLN C 258 -20.72 -25.86 -68.17
C GLN C 258 -19.98 -27.08 -67.65
N ASP C 259 -20.56 -27.77 -66.68
CA ASP C 259 -19.94 -28.94 -66.08
C ASP C 259 -20.69 -30.17 -66.55
N ARG C 260 -19.97 -31.11 -67.17
CA ARG C 260 -20.61 -32.31 -67.68
C ARG C 260 -20.96 -33.24 -66.53
N VAL C 261 -22.14 -33.05 -65.94
CA VAL C 261 -22.65 -33.92 -64.89
C VAL C 261 -23.72 -34.80 -65.52
N ASP C 262 -23.43 -36.10 -65.60
CA ASP C 262 -24.29 -37.00 -66.35
C ASP C 262 -25.65 -37.14 -65.69
N SER C 263 -26.61 -37.61 -66.49
CA SER C 263 -27.98 -37.85 -66.02
C SER C 263 -28.62 -36.57 -65.49
N GLU C 264 -28.28 -35.44 -66.09
CA GLU C 264 -28.85 -34.15 -65.74
C GLU C 264 -29.27 -33.45 -67.01
N MET C 265 -30.54 -33.04 -67.09
CA MET C 265 -31.02 -32.34 -68.27
C MET C 265 -30.43 -30.95 -68.38
N TYR C 266 -30.14 -30.30 -67.25
CA TYR C 266 -29.54 -28.97 -67.23
C TYR C 266 -28.30 -29.00 -66.35
N GLY C 267 -27.24 -28.37 -66.82
CA GLY C 267 -25.97 -28.40 -66.13
C GLY C 267 -25.93 -27.44 -64.95
N ARG C 268 -24.75 -27.36 -64.35
CA ARG C 268 -24.51 -26.52 -63.19
C ARG C 268 -23.51 -25.43 -63.54
N SER C 269 -23.83 -24.20 -63.15
CA SER C 269 -22.94 -23.08 -63.43
C SER C 269 -21.66 -23.19 -62.61
N TYR C 270 -20.61 -22.54 -63.09
CA TYR C 270 -19.33 -22.57 -62.39
C TYR C 270 -19.43 -21.90 -61.02
N VAL C 271 -20.09 -20.74 -60.97
CA VAL C 271 -20.14 -19.97 -59.72
C VAL C 271 -20.94 -20.70 -58.64
N GLU C 272 -21.70 -21.74 -59.02
CA GLU C 272 -22.36 -22.58 -58.03
C GLU C 272 -21.35 -23.25 -57.11
N GLN C 273 -20.12 -23.42 -57.59
CA GLN C 273 -19.08 -24.03 -56.78
C GLN C 273 -18.80 -23.21 -55.53
N TYR C 274 -18.71 -21.89 -55.68
CA TYR C 274 -18.29 -20.99 -54.61
C TYR C 274 -19.41 -20.06 -54.15
N TYR C 275 -20.66 -20.36 -54.52
CA TYR C 275 -21.79 -19.59 -54.02
C TYR C 275 -21.78 -19.45 -52.50
N GLY C 276 -21.48 -20.54 -51.79
CA GLY C 276 -21.51 -20.50 -50.34
C GLY C 276 -20.48 -19.55 -49.75
N ASP C 277 -19.24 -19.63 -50.25
CA ASP C 277 -18.20 -18.73 -49.78
C ASP C 277 -18.53 -17.29 -50.13
N LEU C 278 -19.11 -17.08 -51.31
CA LEU C 278 -19.52 -15.73 -51.70
C LEU C 278 -20.54 -15.17 -50.70
N LEU C 279 -21.52 -15.98 -50.33
CA LEU C 279 -22.54 -15.54 -49.38
C LEU C 279 -21.92 -15.23 -48.02
N ALA C 280 -21.04 -16.10 -47.54
CA ALA C 280 -20.42 -15.88 -46.24
C ALA C 280 -19.59 -14.60 -46.23
N LEU C 281 -18.80 -14.40 -47.28
CA LEU C 281 -17.98 -13.18 -47.35
C LEU C 281 -18.84 -11.94 -47.42
N GLU C 282 -19.94 -11.99 -48.17
CA GLU C 282 -20.85 -10.86 -48.26
C GLU C 282 -21.43 -10.51 -46.89
N ASN C 283 -21.88 -11.52 -46.16
CA ASN C 283 -22.48 -11.27 -44.86
C ASN C 283 -21.46 -10.72 -43.88
N LEU C 284 -20.24 -11.24 -43.91
CA LEU C 284 -19.21 -10.72 -43.02
C LEU C 284 -18.88 -9.27 -43.35
N TYR C 285 -18.83 -8.92 -44.64
CA TYR C 285 -18.56 -7.54 -45.02
C TYR C 285 -19.63 -6.61 -44.47
N LYS C 286 -20.90 -6.99 -44.65
CA LYS C 286 -21.95 -6.10 -44.18
C LYS C 286 -21.91 -5.99 -42.66
N ALA C 287 -21.56 -7.09 -41.99
CA ALA C 287 -21.42 -7.06 -40.54
C ALA C 287 -20.36 -6.05 -40.10
N ILE C 288 -19.15 -6.13 -40.66
CA ILE C 288 -18.10 -5.23 -40.21
C ILE C 288 -18.46 -3.79 -40.57
N LEU C 289 -19.08 -3.58 -41.73
CA LEU C 289 -19.49 -2.24 -42.11
C LEU C 289 -20.51 -1.67 -41.11
N GLU C 290 -21.48 -2.49 -40.71
CA GLU C 290 -22.49 -2.02 -39.77
C GLU C 290 -21.88 -1.70 -38.41
N ALA C 291 -20.96 -2.55 -37.94
CA ALA C 291 -20.30 -2.27 -36.66
C ALA C 291 -19.53 -0.96 -36.73
N SER C 292 -18.80 -0.75 -37.82
CA SER C 292 -18.04 0.50 -37.95
C SER C 292 -18.96 1.70 -38.01
N ALA C 293 -20.09 1.57 -38.71
CA ALA C 293 -21.04 2.69 -38.78
C ALA C 293 -21.60 3.01 -37.40
N SER C 294 -21.89 1.98 -36.61
CA SER C 294 -22.37 2.22 -35.25
C SER C 294 -21.32 2.89 -34.38
N LEU C 295 -20.05 2.52 -34.55
CA LEU C 295 -19.02 3.03 -33.66
C LEU C 295 -18.74 4.53 -33.87
N SER C 296 -18.81 5.02 -35.10
CA SER C 296 -18.29 6.34 -35.42
C SER C 296 -19.03 7.49 -34.73
N LYS C 297 -20.08 7.22 -33.97
CA LYS C 297 -20.78 8.28 -33.27
C LYS C 297 -19.93 8.85 -32.15
N VAL C 298 -20.12 10.14 -31.86
CA VAL C 298 -19.39 10.83 -30.80
C VAL C 298 -20.39 11.57 -29.93
N LEU C 299 -20.28 11.39 -28.61
CA LEU C 299 -21.15 12.03 -27.64
C LEU C 299 -20.32 12.55 -26.48
N PHE C 300 -20.89 13.51 -25.75
CA PHE C 300 -20.26 14.06 -24.55
C PHE C 300 -21.09 13.67 -23.33
N LEU C 301 -20.44 13.64 -22.18
CA LEU C 301 -21.09 13.16 -20.97
C LEU C 301 -20.65 14.02 -19.79
N CYS C 302 -21.61 14.56 -19.05
CA CYS C 302 -21.34 15.37 -17.88
C CYS C 302 -21.60 14.55 -16.62
N ASN C 303 -20.66 14.60 -15.69
CA ASN C 303 -20.81 13.87 -14.43
C ASN C 303 -21.57 14.74 -13.44
N PRO C 304 -22.74 14.30 -12.96
CA PRO C 304 -23.50 15.14 -12.02
C PRO C 304 -22.75 15.45 -10.73
N ASN C 305 -21.88 14.56 -10.29
CA ASN C 305 -21.10 14.82 -9.08
C ASN C 305 -20.13 15.99 -9.26
N GLY C 306 -19.85 16.37 -10.50
CA GLY C 306 -18.97 17.49 -10.77
C GLY C 306 -19.69 18.81 -10.67
N THR C 307 -19.04 19.84 -11.21
CA THR C 307 -19.56 21.20 -11.16
C THR C 307 -19.47 21.85 -12.54
N THR C 308 -19.89 21.11 -13.57
CA THR C 308 -19.88 21.60 -14.94
C THR C 308 -21.32 21.72 -15.44
N ARG C 309 -21.68 22.92 -15.90
CA ARG C 309 -23.01 23.18 -16.46
C ARG C 309 -22.97 22.97 -17.96
N PRO C 310 -23.93 22.24 -18.53
CA PRO C 310 -23.95 22.11 -20.01
C PRO C 310 -24.08 23.43 -20.73
N ARG C 311 -24.84 24.38 -20.19
CA ARG C 311 -25.02 25.66 -20.86
C ARG C 311 -23.70 26.39 -21.02
N THR C 312 -22.88 26.39 -19.98
CA THR C 312 -21.59 27.08 -20.05
C THR C 312 -20.70 26.45 -21.11
N LEU C 313 -20.64 25.12 -21.15
CA LEU C 313 -19.79 24.44 -22.13
C LEU C 313 -20.26 24.70 -23.55
N SER C 314 -21.57 24.66 -23.77
CA SER C 314 -22.08 24.83 -25.14
C SER C 314 -21.96 26.27 -25.61
N GLN C 315 -22.33 27.23 -24.75
CA GLN C 315 -22.43 28.63 -25.15
C GLN C 315 -21.07 29.31 -25.27
N ALA C 316 -20.07 28.88 -24.50
CA ALA C 316 -18.80 29.58 -24.47
C ALA C 316 -18.11 29.55 -25.82
N SER C 317 -17.53 30.68 -26.20
CA SER C 317 -16.81 30.81 -27.46
C SER C 317 -15.44 30.13 -27.36
N ASN C 318 -14.68 30.20 -28.45
CA ASN C 318 -13.40 29.52 -28.51
C ASN C 318 -12.31 30.31 -27.80
N GLY C 319 -11.45 29.61 -27.07
CA GLY C 319 -10.33 30.22 -26.38
C GLY C 319 -10.66 30.90 -25.08
N SER C 320 -11.89 30.80 -24.59
CA SER C 320 -12.28 31.49 -23.37
C SER C 320 -11.86 30.69 -22.14
N ILE C 321 -12.17 31.23 -20.97
CA ILE C 321 -11.96 30.56 -19.69
C ILE C 321 -13.30 30.47 -18.99
N VAL C 322 -13.72 29.25 -18.67
CA VAL C 322 -14.98 29.04 -17.95
C VAL C 322 -14.70 28.15 -16.75
N GLN C 323 -15.70 28.01 -15.88
CA GLN C 323 -15.56 27.26 -14.64
C GLN C 323 -15.92 25.80 -14.90
N GLY C 324 -15.00 24.90 -14.56
CA GLY C 324 -15.26 23.48 -14.70
C GLY C 324 -14.02 22.67 -14.36
N ASN C 325 -14.19 21.36 -14.37
CA ASN C 325 -13.11 20.43 -14.13
C ASN C 325 -13.06 19.43 -15.28
N ALA C 326 -11.88 19.31 -15.92
CA ALA C 326 -11.77 18.48 -17.12
C ALA C 326 -11.96 17.00 -16.83
N ALA C 327 -11.80 16.57 -15.58
CA ALA C 327 -12.01 15.16 -15.25
C ALA C 327 -13.47 14.76 -15.25
N ASP C 328 -14.39 15.73 -15.35
CA ASP C 328 -15.81 15.42 -15.31
C ASP C 328 -16.36 15.07 -16.69
N VAL C 329 -16.02 15.88 -17.70
CA VAL C 329 -16.57 15.67 -19.03
C VAL C 329 -15.81 14.54 -19.72
N THR C 330 -16.54 13.51 -20.14
CA THR C 330 -15.96 12.35 -20.79
C THR C 330 -16.72 12.04 -22.07
N VAL C 331 -16.03 11.35 -22.99
CA VAL C 331 -16.58 11.03 -24.29
C VAL C 331 -16.89 9.54 -24.34
N LEU C 332 -18.09 9.21 -24.80
CA LEU C 332 -18.50 7.82 -24.88
C LEU C 332 -17.67 7.08 -25.93
N GLN C 333 -17.13 5.93 -25.54
CA GLN C 333 -16.26 5.17 -26.42
C GLN C 333 -16.32 3.69 -26.06
N ALA C 334 -15.91 2.85 -27.01
CA ALA C 334 -15.85 1.40 -26.83
C ALA C 334 -14.42 1.04 -26.44
N ALA C 335 -14.25 0.55 -25.21
CA ALA C 335 -12.92 0.32 -24.67
C ALA C 335 -12.14 -0.70 -25.48
N GLY C 336 -12.55 -1.97 -25.44
CA GLY C 336 -11.88 -2.97 -26.25
C GLY C 336 -12.79 -3.66 -27.24
N LYS C 337 -12.66 -3.31 -28.52
CA LYS C 337 -13.36 -4.02 -29.57
C LYS C 337 -12.44 -4.21 -30.76
N SER C 338 -11.21 -3.70 -30.65
CA SER C 338 -10.27 -3.75 -31.77
C SER C 338 -9.85 -5.19 -32.09
N GLN C 339 -9.61 -6.01 -31.07
CA GLN C 339 -9.05 -7.34 -31.30
C GLN C 339 -10.00 -8.20 -32.13
N ASP C 340 -11.29 -8.18 -31.79
CA ASP C 340 -12.26 -8.97 -32.53
C ASP C 340 -12.40 -8.47 -33.96
N LEU C 341 -12.34 -7.15 -34.15
CA LEU C 341 -12.39 -6.61 -35.51
C LEU C 341 -11.17 -7.03 -36.31
N GLN C 342 -10.00 -7.08 -35.69
CA GLN C 342 -8.82 -7.58 -36.39
C GLN C 342 -8.94 -9.05 -36.73
N ILE C 343 -9.52 -9.86 -35.85
CA ILE C 343 -9.74 -11.27 -36.16
C ILE C 343 -10.68 -11.41 -37.35
N ALA C 344 -11.75 -10.62 -37.36
CA ALA C 344 -12.68 -10.64 -38.48
C ALA C 344 -11.99 -10.20 -39.77
N ASN C 345 -11.14 -9.18 -39.69
CA ASN C 345 -10.38 -8.76 -40.86
C ASN C 345 -9.50 -9.89 -41.38
N GLN C 346 -8.83 -10.61 -40.47
CA GLN C 346 -7.98 -11.71 -40.88
C GLN C 346 -8.78 -12.77 -41.63
N THR C 347 -9.94 -13.15 -41.07
CA THR C 347 -10.70 -14.23 -41.70
C THR C 347 -11.31 -13.79 -43.03
N ILE C 348 -11.78 -12.54 -43.13
CA ILE C 348 -12.35 -12.09 -44.40
C ILE C 348 -11.27 -11.97 -45.45
N GLU C 349 -10.07 -11.54 -45.04
CA GLU C 349 -8.95 -11.52 -45.98
C GLU C 349 -8.62 -12.92 -46.47
N ARG C 350 -8.63 -13.90 -45.57
CA ARG C 350 -8.37 -15.28 -45.98
C ARG C 350 -9.40 -15.76 -46.99
N ILE C 351 -10.68 -15.51 -46.72
CA ILE C 351 -11.74 -15.97 -47.63
C ILE C 351 -11.61 -15.27 -48.98
N GLU C 352 -11.35 -13.96 -48.97
CA GLU C 352 -11.21 -13.22 -50.22
C GLU C 352 -10.01 -13.71 -51.02
N ASN C 353 -8.89 -14.00 -50.34
CA ASN C 353 -7.73 -14.51 -51.05
C ASN C 353 -8.01 -15.86 -51.67
N ARG C 354 -8.71 -16.74 -50.94
CA ARG C 354 -9.06 -18.03 -51.50
C ARG C 354 -9.94 -17.88 -52.73
N LEU C 355 -10.94 -17.00 -52.65
CA LEU C 355 -11.82 -16.78 -53.79
C LEU C 355 -11.08 -16.19 -54.98
N ALA C 356 -10.19 -15.23 -54.73
CA ALA C 356 -9.43 -14.62 -55.81
C ALA C 356 -8.51 -15.63 -56.47
N PHE C 357 -7.91 -16.53 -55.68
CA PHE C 357 -7.11 -17.59 -56.26
C PHE C 357 -7.97 -18.53 -57.10
N ALA C 358 -9.17 -18.84 -56.62
CA ALA C 358 -10.06 -19.74 -57.35
C ALA C 358 -10.54 -19.14 -58.67
N PHE C 359 -10.83 -17.84 -58.72
CA PHE C 359 -11.31 -17.20 -59.93
C PHE C 359 -10.18 -16.76 -60.85
N MET C 360 -8.93 -17.06 -60.49
CA MET C 360 -7.78 -16.92 -61.37
C MET C 360 -7.54 -15.46 -61.77
N LEU C 361 -7.89 -14.55 -60.86
CA LEU C 361 -7.52 -13.15 -61.04
C LEU C 361 -6.00 -12.99 -60.95
N ASN C 362 -5.56 -11.75 -61.11
CA ASN C 362 -4.15 -11.44 -61.22
C ASN C 362 -3.55 -10.90 -59.93
N THR C 363 -4.36 -10.54 -58.95
CA THR C 363 -3.83 -9.95 -57.72
C THR C 363 -3.18 -10.98 -56.83
N ALA C 364 -3.65 -12.23 -56.87
CA ALA C 364 -3.16 -13.26 -55.96
C ALA C 364 -1.67 -13.56 -56.13
N ILE C 365 -1.12 -13.37 -57.33
CA ILE C 365 0.28 -13.71 -57.56
C ILE C 365 1.20 -12.73 -56.82
N GLN C 366 0.82 -11.46 -56.78
CA GLN C 366 1.68 -10.44 -56.17
C GLN C 366 1.90 -10.72 -54.69
N ARG C 367 3.18 -10.85 -54.31
CA ARG C 367 3.56 -11.13 -52.94
C ARG C 367 4.16 -9.87 -52.33
N PRO C 368 3.46 -9.18 -51.44
CA PRO C 368 4.05 -7.98 -50.81
C PRO C 368 5.28 -8.34 -49.99
N GLY C 369 6.26 -7.43 -49.99
CA GLY C 369 7.46 -7.55 -49.18
C GLY C 369 8.74 -7.56 -50.01
N GLU C 370 8.74 -8.21 -51.17
CA GLU C 370 9.94 -8.33 -51.96
C GLU C 370 9.55 -8.61 -53.41
N ARG C 371 10.55 -8.48 -54.29
CA ARG C 371 10.35 -8.72 -55.71
C ARG C 371 10.23 -10.22 -56.00
N VAL C 372 9.80 -10.53 -57.22
CA VAL C 372 9.72 -11.90 -57.71
C VAL C 372 10.44 -11.96 -59.05
N THR C 373 11.03 -13.11 -59.35
CA THR C 373 11.76 -13.27 -60.60
C THR C 373 10.78 -13.46 -61.76
N ALA C 374 11.29 -13.21 -62.97
CA ALA C 374 10.49 -13.41 -64.17
C ALA C 374 10.11 -14.88 -64.33
N GLU C 375 11.03 -15.79 -64.01
CA GLU C 375 10.73 -17.22 -64.08
C GLU C 375 9.64 -17.59 -63.08
N GLU C 376 9.64 -16.94 -61.91
CA GLU C 376 8.58 -17.16 -60.93
C GLU C 376 7.23 -16.73 -61.49
N ILE C 377 7.20 -15.59 -62.18
CA ILE C 377 5.95 -15.11 -62.77
C ILE C 377 5.49 -16.05 -63.88
N ARG C 378 6.42 -16.58 -64.66
CA ARG C 378 6.07 -17.58 -65.67
C ARG C 378 5.50 -18.84 -65.02
N TYR C 379 6.07 -19.25 -63.88
CA TYR C 379 5.57 -20.41 -63.15
C TYR C 379 4.14 -20.18 -62.66
N MET C 380 3.88 -18.99 -62.10
CA MET C 380 2.52 -18.67 -61.64
C MET C 380 1.55 -18.60 -62.81
N ALA C 381 1.99 -18.06 -63.95
CA ALA C 381 1.14 -18.00 -65.14
C ALA C 381 0.82 -19.41 -65.64
N GLN C 382 1.81 -20.32 -65.59
CA GLN C 382 1.54 -21.71 -65.93
C GLN C 382 0.48 -22.30 -65.01
N GLU C 383 0.58 -22.04 -63.70
CA GLU C 383 -0.44 -22.53 -62.78
C GLU C 383 -1.82 -21.98 -63.12
N LEU C 384 -1.88 -20.68 -63.42
CA LEU C 384 -3.16 -20.05 -63.71
C LEU C 384 -3.78 -20.61 -64.99
N ASP C 385 -2.97 -20.82 -66.02
CA ASP C 385 -3.48 -21.43 -67.25
C ASP C 385 -3.93 -22.87 -67.00
N ALA C 386 -3.19 -23.60 -66.16
CA ALA C 386 -3.53 -24.98 -65.89
C ALA C 386 -4.86 -25.11 -65.16
N GLY C 387 -5.15 -24.18 -64.25
CA GLY C 387 -6.31 -24.33 -63.38
C GLY C 387 -7.68 -24.34 -64.06
N ILE C 388 -7.76 -24.28 -65.39
CA ILE C 388 -9.05 -24.21 -66.07
C ILE C 388 -9.03 -25.20 -67.25
N SER C 389 -8.02 -26.08 -67.24
CA SER C 389 -7.79 -26.99 -68.35
C SER C 389 -9.05 -27.76 -68.74
N GLY C 390 -9.81 -28.23 -67.76
CA GLY C 390 -11.04 -28.93 -68.06
C GLY C 390 -12.02 -28.08 -68.84
N LEU C 391 -12.14 -26.80 -68.46
CA LEU C 391 -13.07 -25.92 -69.16
C LEU C 391 -12.62 -25.65 -70.59
N TYR C 392 -11.32 -25.36 -70.80
CA TYR C 392 -10.90 -25.15 -72.19
C TYR C 392 -11.10 -26.42 -73.01
N SER C 393 -10.81 -27.59 -72.44
CA SER C 393 -10.96 -28.83 -73.19
C SER C 393 -12.42 -29.07 -73.58
N ILE C 394 -13.33 -28.93 -72.62
CA ILE C 394 -14.73 -29.23 -72.92
C ILE C 394 -15.31 -28.22 -73.91
N LEU C 395 -14.93 -26.93 -73.77
CA LEU C 395 -15.41 -25.94 -74.73
C LEU C 395 -14.86 -26.22 -76.12
N SER C 396 -13.59 -26.61 -76.23
CA SER C 396 -13.03 -26.93 -77.53
C SER C 396 -13.75 -28.11 -78.17
N ARG C 397 -14.08 -29.12 -77.37
CA ARG C 397 -14.75 -30.30 -77.92
C ARG C 397 -16.21 -30.00 -78.26
N GLU C 398 -16.83 -29.04 -77.58
CA GLU C 398 -18.26 -28.81 -77.73
C GLU C 398 -18.61 -27.72 -78.74
N LEU C 399 -17.95 -26.56 -78.68
CA LEU C 399 -18.37 -25.38 -79.42
C LEU C 399 -17.61 -25.18 -80.73
N GLN C 400 -16.28 -25.33 -80.72
CA GLN C 400 -15.48 -24.94 -81.88
C GLN C 400 -15.78 -25.81 -83.08
N LEU C 401 -15.73 -27.13 -82.93
CA LEU C 401 -15.86 -28.02 -84.07
C LEU C 401 -17.23 -27.96 -84.74
N PRO C 402 -18.35 -28.08 -84.03
CA PRO C 402 -19.65 -27.97 -84.73
C PRO C 402 -19.86 -26.62 -85.38
N LEU C 403 -19.38 -25.55 -84.76
CA LEU C 403 -19.55 -24.22 -85.34
C LEU C 403 -18.84 -24.11 -86.69
N VAL C 404 -17.59 -24.57 -86.75
CA VAL C 404 -16.85 -24.47 -88.01
C VAL C 404 -17.45 -25.41 -89.04
N ARG C 405 -17.94 -26.59 -88.61
CA ARG C 405 -18.59 -27.48 -89.56
C ARG C 405 -19.84 -26.86 -90.17
N ARG C 406 -20.69 -26.27 -89.33
CA ARG C 406 -21.88 -25.60 -89.85
C ARG C 406 -21.51 -24.43 -90.76
N LEU C 407 -20.45 -23.70 -90.38
CA LEU C 407 -20.01 -22.57 -91.18
C LEU C 407 -19.58 -23.01 -92.57
N ILE C 408 -18.77 -24.06 -92.65
CA ILE C 408 -18.29 -24.49 -93.96
C ILE C 408 -19.44 -25.10 -94.77
N HIS C 409 -20.38 -25.78 -94.11
CA HIS C 409 -21.54 -26.27 -94.86
C HIS C 409 -22.36 -25.12 -95.44
N ILE C 410 -22.56 -24.05 -94.66
CA ILE C 410 -23.28 -22.88 -95.16
C ILE C 410 -22.55 -22.30 -96.37
N LEU C 411 -21.23 -22.16 -96.25
CA LEU C 411 -20.44 -21.58 -97.33
C LEU C 411 -20.51 -22.44 -98.58
N ARG C 412 -20.49 -23.76 -98.41
CA ARG C 412 -20.60 -24.66 -99.56
C ARG C 412 -21.96 -24.52 -100.23
N ARG C 413 -23.03 -24.45 -99.43
CA ARG C 413 -24.36 -24.33 -100.01
C ARG C 413 -24.52 -23.02 -100.76
N LYS C 414 -23.87 -21.96 -100.27
CA LYS C 414 -23.95 -20.68 -100.98
C LYS C 414 -23.23 -20.70 -102.32
N ARG C 415 -22.46 -21.74 -102.62
CA ARG C 415 -21.73 -21.96 -103.87
C ARG C 415 -20.54 -21.02 -104.02
N LYS C 416 -20.00 -20.50 -102.92
CA LYS C 416 -18.80 -19.66 -103.01
C LYS C 416 -17.51 -20.47 -103.05
N LEU C 417 -17.58 -21.78 -102.86
CA LEU C 417 -16.42 -22.66 -102.95
C LEU C 417 -16.91 -24.03 -103.38
N PRO C 418 -16.22 -24.68 -104.34
CA PRO C 418 -16.60 -26.03 -104.74
C PRO C 418 -16.50 -27.05 -103.62
N ASP C 419 -17.04 -28.24 -103.85
CA ASP C 419 -17.18 -29.24 -102.80
C ASP C 419 -15.85 -29.87 -102.44
N PHE C 420 -15.75 -30.34 -101.20
CA PHE C 420 -14.56 -31.04 -100.75
C PHE C 420 -14.45 -32.40 -101.42
N PRO C 421 -13.26 -32.80 -101.85
CA PRO C 421 -13.07 -34.16 -102.37
C PRO C 421 -13.28 -35.19 -101.26
N ARG C 422 -13.77 -36.36 -101.67
CA ARG C 422 -14.11 -37.42 -100.73
C ARG C 422 -13.27 -38.66 -101.01
N SER C 423 -13.07 -39.46 -99.96
CA SER C 423 -12.25 -40.65 -100.07
C SER C 423 -12.89 -41.68 -100.99
N GLU C 424 -12.07 -42.33 -101.81
CA GLU C 424 -12.57 -43.43 -102.64
C GLU C 424 -12.79 -44.68 -101.81
N VAL C 425 -11.93 -44.93 -100.82
CA VAL C 425 -12.03 -46.15 -100.03
C VAL C 425 -13.15 -46.02 -99.00
N THR C 426 -13.21 -44.89 -98.29
CA THR C 426 -14.11 -44.73 -97.16
C THR C 426 -15.24 -43.74 -97.41
N GLY C 427 -15.04 -42.75 -98.27
CA GLY C 427 -16.00 -41.70 -98.47
C GLY C 427 -15.85 -40.52 -97.55
N GLU C 428 -14.96 -40.61 -96.56
CA GLU C 428 -14.73 -39.50 -95.64
C GLU C 428 -14.09 -38.32 -96.38
N PRO C 429 -14.37 -37.10 -95.94
CA PRO C 429 -13.69 -35.94 -96.55
C PRO C 429 -12.18 -36.04 -96.41
N LEU C 430 -11.47 -35.62 -97.45
CA LEU C 430 -10.02 -35.73 -97.46
C LEU C 430 -9.34 -34.76 -96.51
N ILE C 431 -10.08 -33.83 -95.90
CA ILE C 431 -9.52 -32.84 -95.00
C ILE C 431 -10.42 -32.73 -93.78
N LYS C 432 -9.82 -32.70 -92.59
CA LYS C 432 -10.53 -32.68 -91.32
C LYS C 432 -10.20 -31.39 -90.58
N GLU C 433 -10.66 -31.33 -89.33
CA GLU C 433 -10.61 -30.12 -88.52
C GLU C 433 -9.93 -30.41 -87.18
N LYS C 434 -9.38 -29.35 -86.58
CA LYS C 434 -8.67 -29.47 -85.32
C LYS C 434 -8.78 -28.16 -84.55
N ALA C 435 -8.92 -28.28 -83.23
CA ALA C 435 -9.19 -27.15 -82.35
C ALA C 435 -7.94 -26.81 -81.56
N VAL C 436 -7.76 -25.51 -81.26
CA VAL C 436 -6.58 -25.01 -80.57
C VAL C 436 -7.04 -24.19 -79.37
N THR C 437 -6.48 -24.48 -78.19
CA THR C 437 -6.84 -23.78 -76.97
C THR C 437 -5.61 -23.46 -76.14
N GLY C 438 -5.50 -22.20 -75.73
CA GLY C 438 -4.55 -21.84 -74.68
C GLY C 438 -3.10 -21.87 -75.12
N ILE C 439 -2.31 -22.68 -74.42
CA ILE C 439 -0.86 -22.69 -74.64
C ILE C 439 -0.52 -23.14 -76.05
N GLU C 440 -1.35 -24.01 -76.65
CA GLU C 440 -1.11 -24.43 -78.03
C GLU C 440 -1.18 -23.23 -78.98
N ALA C 441 -2.20 -22.38 -78.81
CA ALA C 441 -2.32 -21.19 -79.65
C ALA C 441 -1.22 -20.19 -79.33
N ILE C 442 -0.85 -20.06 -78.05
CA ILE C 442 0.22 -19.13 -77.68
C ILE C 442 1.54 -19.57 -78.28
N GLY C 443 1.79 -20.88 -78.34
CA GLY C 443 3.08 -21.40 -78.74
C GLY C 443 3.13 -22.12 -80.06
N ARG C 444 2.15 -21.93 -80.94
CA ARG C 444 2.38 -22.29 -82.34
C ARG C 444 3.53 -21.45 -82.89
N GLY C 445 3.63 -20.19 -82.46
CA GLY C 445 4.83 -19.42 -82.73
C GLY C 445 6.08 -20.07 -82.15
N ASP C 446 5.95 -20.68 -80.97
CA ASP C 446 7.08 -21.42 -80.40
C ASP C 446 7.42 -22.66 -81.24
N ASP C 447 6.41 -23.28 -81.85
CA ASP C 447 6.66 -24.40 -82.77
C ASP C 447 7.46 -23.93 -83.97
N ARG C 448 7.06 -22.80 -84.55
CA ARG C 448 7.83 -22.22 -85.64
C ARG C 448 9.24 -21.87 -85.20
N ASN C 449 9.36 -21.32 -83.98
CA ASN C 449 10.67 -21.00 -83.43
C ASN C 449 11.52 -22.24 -83.26
N LYS C 450 10.92 -23.34 -82.82
CA LYS C 450 11.65 -24.60 -82.68
C LYS C 450 12.14 -25.11 -84.02
N LEU C 451 11.28 -25.04 -85.04
CA LEU C 451 11.70 -25.47 -86.38
C LEU C 451 12.87 -24.63 -86.89
N ILE C 452 12.74 -23.30 -86.79
CA ILE C 452 13.79 -22.42 -87.29
C ILE C 452 15.06 -22.57 -86.46
N ASP C 453 14.91 -22.78 -85.15
CA ASP C 453 16.08 -22.97 -84.29
C ASP C 453 16.79 -24.28 -84.60
N PHE C 454 16.03 -25.32 -84.92
CA PHE C 454 16.65 -26.58 -85.36
C PHE C 454 17.42 -26.37 -86.65
N ILE C 455 16.82 -25.64 -87.60
CA ILE C 455 17.49 -25.36 -88.87
C ILE C 455 18.78 -24.58 -88.64
N THR C 456 18.71 -23.51 -87.84
CA THR C 456 19.87 -22.66 -87.61
C THR C 456 20.94 -23.38 -86.80
N THR C 457 20.53 -24.22 -85.84
CA THR C 457 21.48 -25.00 -85.06
C THR C 457 22.21 -26.01 -85.94
N ALA C 458 21.49 -26.67 -86.84
CA ALA C 458 22.16 -27.55 -87.80
C ALA C 458 23.13 -26.76 -88.67
N ASN C 459 22.71 -25.58 -89.14
CA ASN C 459 23.61 -24.77 -89.96
C ASN C 459 24.87 -24.37 -89.20
N GLN C 460 24.72 -24.02 -87.92
CA GLN C 460 25.88 -23.70 -87.10
C GLN C 460 26.80 -24.91 -86.97
N ALA C 461 26.22 -26.09 -86.74
CA ALA C 461 27.04 -27.29 -86.56
C ALA C 461 27.76 -27.68 -87.83
N LEU C 462 27.18 -27.38 -88.99
CA LEU C 462 27.71 -27.88 -90.26
C LEU C 462 28.23 -26.77 -91.16
N GLY C 463 27.52 -25.65 -91.28
CA GLY C 463 28.00 -24.52 -92.03
C GLY C 463 27.49 -24.49 -93.46
N PRO C 464 28.13 -23.68 -94.30
CA PRO C 464 27.75 -23.66 -95.73
C PRO C 464 27.83 -25.01 -96.40
N GLN C 465 28.74 -25.90 -95.94
CA GLN C 465 28.83 -27.22 -96.55
C GLN C 465 27.64 -28.09 -96.19
N ALA C 466 26.79 -27.64 -95.26
CA ALA C 466 25.56 -28.35 -94.98
C ALA C 466 24.65 -28.38 -96.21
N MET C 467 24.74 -27.36 -97.05
CA MET C 467 23.73 -26.97 -98.02
C MET C 467 23.42 -28.11 -99.09
N THR C 468 23.99 -29.31 -98.93
CA THR C 468 23.94 -30.37 -99.94
C THR C 468 22.82 -31.40 -99.79
N GLN C 469 22.64 -32.08 -98.64
CA GLN C 469 21.84 -33.32 -98.73
C GLN C 469 20.91 -33.74 -97.58
N PHE C 470 20.69 -32.97 -96.50
CA PHE C 470 19.63 -33.29 -95.54
C PHE C 470 18.51 -32.25 -95.44
N LEU C 471 18.78 -31.02 -95.05
CA LEU C 471 17.75 -30.05 -94.65
C LEU C 471 17.79 -28.84 -95.59
N ASN C 472 16.71 -28.67 -96.35
CA ASN C 472 16.71 -27.72 -97.46
C ASN C 472 16.97 -26.29 -97.00
N VAL C 473 17.70 -25.54 -97.83
CA VAL C 473 17.90 -24.11 -97.61
C VAL C 473 16.58 -23.34 -97.77
N GLU C 474 15.53 -24.04 -98.19
CA GLU C 474 14.13 -23.61 -98.07
C GLU C 474 13.80 -22.38 -98.91
N GLU C 475 14.71 -21.92 -99.78
CA GLU C 475 14.32 -21.32 -101.07
C GLU C 475 13.20 -20.29 -100.97
N ALA C 476 13.48 -19.05 -100.55
CA ALA C 476 12.43 -18.20 -99.97
C ALA C 476 11.97 -17.01 -100.84
N LEU C 477 11.46 -17.23 -102.07
CA LEU C 477 10.78 -16.15 -102.78
C LEU C 477 9.32 -16.47 -103.16
N ARG C 478 9.03 -17.70 -103.61
CA ARG C 478 7.78 -17.99 -104.31
C ARG C 478 6.64 -18.41 -103.38
N ARG C 479 6.78 -19.53 -102.66
CA ARG C 479 5.64 -20.26 -102.11
C ARG C 479 5.23 -19.78 -100.71
N LEU C 480 6.18 -19.68 -99.77
CA LEU C 480 5.83 -19.14 -98.45
C LEU C 480 5.27 -17.74 -98.54
N ALA C 481 5.55 -17.01 -99.63
CA ALA C 481 4.75 -15.83 -99.94
C ALA C 481 3.29 -16.20 -100.10
N ALA C 482 3.00 -17.18 -100.97
CA ALA C 482 1.65 -17.68 -101.15
C ALA C 482 1.10 -18.34 -99.90
N SER C 483 1.97 -18.78 -98.98
CA SER C 483 1.56 -19.19 -97.66
C SER C 483 1.16 -17.94 -96.88
N GLY C 484 0.07 -18.04 -96.13
CA GLY C 484 -0.58 -16.83 -95.66
C GLY C 484 -1.15 -16.00 -96.78
N SER C 485 -1.75 -16.65 -97.78
CA SER C 485 -2.40 -16.03 -98.93
C SER C 485 -1.40 -15.27 -99.81
N ILE C 486 -1.91 -14.32 -100.60
CA ILE C 486 -1.21 -13.52 -101.61
C ILE C 486 -0.66 -14.45 -102.69
N ASP C 487 -0.47 -13.91 -103.89
CA ASP C 487 -0.08 -14.73 -105.02
C ASP C 487 1.44 -14.81 -105.16
N THR C 488 1.87 -15.69 -106.06
CA THR C 488 3.28 -15.87 -106.38
C THR C 488 3.67 -14.80 -107.40
N THR C 489 4.82 -14.98 -108.05
CA THR C 489 5.30 -14.10 -109.12
C THR C 489 5.63 -12.71 -108.58
N ASN C 490 5.18 -11.68 -109.29
CA ASN C 490 5.48 -10.28 -108.95
C ASN C 490 7.00 -10.09 -109.04
N LEU C 491 7.69 -10.22 -107.91
CA LEU C 491 9.15 -10.23 -107.96
C LEU C 491 9.68 -11.40 -108.74
N VAL C 492 9.04 -12.57 -108.60
CA VAL C 492 9.63 -13.84 -108.99
C VAL C 492 10.01 -13.81 -110.46
N LYS C 493 11.29 -13.95 -110.74
CA LYS C 493 11.71 -14.30 -112.10
C LYS C 493 11.27 -15.74 -112.30
N THR C 494 10.13 -15.94 -112.96
CA THR C 494 9.53 -17.26 -113.02
C THR C 494 10.47 -18.23 -113.73
N LYS C 495 10.26 -19.52 -113.47
CA LYS C 495 11.07 -20.55 -114.11
C LYS C 495 11.09 -20.38 -115.61
N ALA C 496 9.93 -20.04 -116.20
CA ALA C 496 9.91 -19.70 -117.62
C ALA C 496 10.74 -18.46 -117.92
N GLN C 497 10.58 -17.40 -117.11
CA GLN C 497 11.36 -16.19 -117.31
C GLN C 497 12.85 -16.44 -117.09
N LEU C 498 13.19 -17.20 -116.04
CA LEU C 498 14.60 -17.48 -115.78
C LEU C 498 15.21 -18.30 -116.91
N GLN C 499 14.48 -19.29 -117.43
CA GLN C 499 14.98 -20.07 -118.55
C GLN C 499 15.14 -19.20 -119.80
N GLN C 500 14.18 -18.30 -120.04
CA GLN C 500 14.26 -17.42 -121.20
C GLN C 500 15.49 -16.51 -121.10
N GLU C 501 15.70 -15.91 -119.93
CA GLU C 501 16.83 -15.02 -119.75
C GLU C 501 18.16 -15.77 -119.79
N ALA C 502 18.18 -17.00 -119.26
CA ALA C 502 19.39 -17.82 -119.36
C ALA C 502 19.70 -18.17 -120.81
N ALA C 503 18.66 -18.47 -121.60
CA ALA C 503 18.87 -18.74 -123.01
C ALA C 503 19.37 -17.50 -123.75
N ALA C 504 18.82 -16.33 -123.41
CA ALA C 504 19.29 -15.09 -124.02
C ALA C 504 20.75 -14.81 -123.66
N GLN C 505 21.11 -15.03 -122.39
CA GLN C 505 22.50 -14.85 -121.97
C GLN C 505 23.41 -15.84 -122.66
N ALA C 506 22.95 -17.09 -122.83
CA ALA C 506 23.73 -18.09 -123.54
C ALA C 506 23.95 -17.69 -125.00
N GLU C 507 22.91 -17.17 -125.65
CA GLU C 507 23.05 -16.72 -127.03
C GLU C 507 24.00 -15.53 -127.11
N ALA C 508 23.95 -14.63 -126.12
CA ALA C 508 24.86 -13.49 -126.11
C ALA C 508 26.31 -13.95 -125.96
N GLU C 509 26.57 -14.87 -125.03
CA GLU C 509 27.94 -15.34 -124.87
C GLU C 509 28.38 -16.19 -126.06
N GLN C 510 27.44 -16.85 -126.74
CA GLN C 510 27.77 -17.54 -127.98
C GLN C 510 28.17 -16.56 -129.08
N GLN C 511 27.45 -15.43 -129.17
CA GLN C 511 27.82 -14.37 -130.11
C GLN C 511 29.22 -13.86 -129.77
N ALA C 512 29.52 -13.74 -128.48
CA ALA C 512 30.88 -13.42 -128.06
C ALA C 512 31.87 -14.48 -128.52
N GLN C 513 31.50 -15.76 -128.40
CA GLN C 513 32.40 -16.84 -128.82
C GLN C 513 32.53 -16.90 -130.32
N GLN C 514 31.42 -16.82 -131.05
CA GLN C 514 31.50 -16.82 -132.51
C GLN C 514 32.17 -15.54 -132.98
N GLN C 515 33.09 -15.68 -133.93
CA GLN C 515 33.89 -14.57 -134.43
C GLN C 515 34.58 -13.83 -133.28
N GLN C 516 35.27 -14.61 -132.44
CA GLN C 516 36.21 -14.03 -131.49
C GLN C 516 37.23 -13.20 -132.22
N LEU C 517 37.19 -11.88 -132.03
CA LEU C 517 38.13 -10.97 -132.68
C LEU C 517 38.08 -11.19 -134.18
N LEU C 518 39.01 -12.02 -134.68
CA LEU C 518 39.01 -12.51 -136.06
C LEU C 518 39.28 -11.35 -137.01
N GLU C 519 38.29 -10.48 -137.22
CA GLU C 519 38.45 -9.39 -138.18
C GLU C 519 39.61 -8.48 -137.80
N THR C 520 39.97 -8.46 -136.52
CA THR C 520 41.28 -8.00 -136.08
C THR C 520 42.16 -9.12 -135.57
N GLY C 521 41.57 -10.24 -135.17
CA GLY C 521 42.32 -11.27 -134.47
C GLY C 521 43.29 -12.04 -135.35
N ILE C 522 43.10 -12.00 -136.68
CA ILE C 522 43.96 -12.82 -137.53
C ILE C 522 45.40 -12.32 -137.47
N LYS C 523 46.30 -13.24 -137.81
CA LYS C 523 47.75 -13.04 -137.75
C LYS C 523 48.26 -12.00 -138.76
N SER C 524 47.93 -12.18 -140.04
CA SER C 524 48.52 -11.39 -141.12
C SER C 524 47.56 -11.41 -142.31
N PRO C 525 47.51 -10.31 -143.11
CA PRO C 525 46.37 -10.11 -144.03
C PRO C 525 46.48 -10.96 -145.28
N ALA C 526 46.91 -12.21 -145.13
CA ALA C 526 47.18 -13.03 -146.30
C ALA C 526 45.91 -13.41 -147.03
N MET C 527 44.81 -13.67 -146.30
CA MET C 527 43.57 -14.02 -146.99
C MET C 527 42.90 -12.79 -147.59
N ALA C 528 43.14 -11.61 -147.04
CA ALA C 528 42.72 -10.40 -147.75
C ALA C 528 43.49 -10.24 -149.05
N GLN C 529 44.80 -10.49 -149.01
CA GLN C 529 45.59 -10.48 -150.24
C GLN C 529 45.07 -11.53 -151.21
N ALA C 530 44.62 -12.66 -150.67
CA ALA C 530 44.01 -13.70 -151.49
C ALA C 530 42.73 -13.20 -152.16
N VAL C 531 41.89 -12.48 -151.42
CA VAL C 531 40.68 -11.91 -152.00
C VAL C 531 41.03 -10.94 -153.11
N LYS C 532 42.06 -10.13 -152.88
CA LYS C 532 42.54 -9.20 -153.90
C LYS C 532 43.01 -9.94 -155.15
N ASN C 533 43.72 -11.06 -154.96
CA ASN C 533 44.20 -11.84 -156.09
C ASN C 533 43.05 -12.54 -156.80
N PHE C 534 42.00 -12.91 -156.05
CA PHE C 534 40.77 -13.43 -156.65
C PHE C 534 40.17 -12.38 -157.56
N GLN C 535 40.12 -11.13 -157.09
CA GLN C 535 39.71 -10.02 -157.93
C GLN C 535 40.67 -9.85 -159.10
N GLY C 536 41.97 -9.84 -158.83
CA GLY C 536 42.96 -9.55 -159.84
C GLY C 536 43.30 -10.69 -160.78
N ALA C 537 43.81 -11.79 -160.21
CA ALA C 537 44.36 -12.87 -161.04
C ALA C 537 43.29 -13.82 -161.54
N ASP C 538 42.83 -13.58 -162.77
CA ASP C 538 41.92 -14.47 -163.51
C ASP C 538 40.73 -14.90 -162.66
N PRO C 539 39.73 -14.04 -162.46
CA PRO C 539 38.62 -14.41 -161.58
C PRO C 539 37.93 -15.71 -161.95
N GLU C 540 37.94 -16.11 -163.22
CA GLU C 540 37.37 -17.40 -163.59
C GLU C 540 38.27 -18.54 -163.13
N ARG C 541 39.58 -18.40 -163.35
CA ARG C 541 40.51 -19.37 -162.78
C ARG C 541 40.48 -19.32 -161.26
N ALA C 542 40.21 -18.13 -160.69
CA ALA C 542 40.03 -18.03 -159.25
C ALA C 542 38.80 -18.80 -158.78
N ALA C 543 37.72 -18.80 -159.58
CA ALA C 543 36.53 -19.57 -159.23
C ALA C 543 36.79 -21.06 -159.32
N GLN C 544 37.49 -21.49 -160.38
CA GLN C 544 37.88 -22.90 -160.46
C GLN C 544 38.79 -23.28 -159.30
N ALA C 545 39.67 -22.37 -158.90
CA ALA C 545 40.52 -22.57 -157.73
C ALA C 545 39.72 -22.68 -156.45
N LEU C 546 38.68 -21.87 -156.29
CA LEU C 546 37.81 -21.98 -155.12
C LEU C 546 37.04 -23.31 -155.14
N SER C 547 36.67 -23.78 -156.33
CA SER C 547 36.09 -25.12 -156.43
C SER C 547 37.08 -26.18 -155.99
N ALA C 548 38.35 -26.02 -156.36
CA ALA C 548 39.39 -26.93 -155.88
C ALA C 548 39.52 -26.87 -154.37
N ILE C 549 39.40 -25.67 -153.80
CA ILE C 549 39.44 -25.50 -152.35
C ILE C 549 38.29 -26.27 -151.71
N THR C 550 37.08 -26.10 -152.24
CA THR C 550 35.93 -26.83 -151.72
C THR C 550 35.97 -28.30 -152.11
N SER C 551 36.94 -28.71 -152.92
CA SER C 551 37.20 -30.12 -153.15
C SER C 551 38.18 -30.71 -152.14
N GLU C 552 39.17 -29.92 -151.69
CA GLU C 552 40.02 -30.37 -150.58
C GLU C 552 39.20 -30.59 -149.31
N THR C 553 38.08 -29.90 -149.19
CA THR C 553 37.05 -30.11 -148.19
C THR C 553 35.78 -30.52 -148.92
N GLY C 554 34.66 -30.51 -148.23
CA GLY C 554 33.39 -30.76 -148.90
C GLY C 554 32.23 -30.83 -147.94
N GLY C 555 31.09 -31.26 -148.48
CA GLY C 555 29.87 -31.41 -147.70
C GLY C 555 29.26 -30.10 -147.25
N ILE C 556 29.49 -29.04 -148.02
CA ILE C 556 28.86 -27.75 -147.78
C ILE C 556 28.26 -27.26 -149.09
N ASP C 557 27.02 -26.78 -149.02
CA ASP C 557 26.34 -26.29 -150.21
C ASP C 557 26.92 -24.95 -150.65
N ALA C 558 27.37 -24.87 -151.90
CA ALA C 558 27.90 -23.62 -152.43
C ALA C 558 26.82 -22.54 -152.52
N ASP C 559 25.55 -22.93 -152.54
CA ASP C 559 24.47 -21.96 -152.55
C ASP C 559 24.34 -21.22 -151.22
N GLN C 560 24.96 -21.75 -150.16
CA GLN C 560 24.98 -21.03 -148.89
C GLN C 560 26.08 -19.98 -148.83
N LEU C 561 27.08 -20.07 -149.72
CA LEU C 561 28.12 -19.06 -149.76
C LEU C 561 27.60 -17.75 -150.34
N THR C 562 26.62 -17.82 -151.25
CA THR C 562 26.06 -16.65 -151.90
C THR C 562 24.92 -16.02 -151.10
N GLU C 563 24.87 -16.26 -149.79
CA GLU C 563 23.87 -15.65 -148.92
C GLU C 563 24.52 -14.82 -147.83
N ALA C 564 25.62 -14.13 -148.17
CA ALA C 564 26.32 -13.28 -147.22
C ALA C 564 25.93 -11.83 -147.38
N MET D 1 -12.45 61.61 -80.57
CA MET D 1 -11.73 61.23 -81.78
C MET D 1 -12.50 60.16 -82.56
N LYS D 2 -11.76 59.29 -83.25
CA LYS D 2 -12.37 58.22 -84.04
C LYS D 2 -12.66 57.04 -83.13
N THR D 3 -13.95 56.80 -82.89
CA THR D 3 -14.39 55.65 -82.09
C THR D 3 -14.34 54.41 -82.97
N ARG D 4 -13.25 53.65 -82.89
CA ARG D 4 -13.09 52.42 -83.66
C ARG D 4 -12.79 51.28 -82.69
N LEU D 5 -13.85 50.70 -82.12
CA LEU D 5 -13.73 49.47 -81.35
C LEU D 5 -14.13 48.25 -82.15
N THR D 6 -14.65 48.45 -83.36
CA THR D 6 -15.02 47.37 -84.26
C THR D 6 -14.17 47.45 -85.52
N ASN D 7 -13.89 46.29 -86.10
CA ASN D 7 -13.03 46.24 -87.28
C ASN D 7 -13.73 46.85 -88.49
N ASN D 8 -12.91 47.29 -89.44
CA ASN D 8 -13.39 47.94 -90.66
C ASN D 8 -13.40 46.99 -91.85
N VAL D 9 -13.70 45.71 -91.63
CA VAL D 9 -13.66 44.73 -92.70
C VAL D 9 -15.04 44.44 -93.25
N ASP D 10 -16.07 44.49 -92.39
CA ASP D 10 -17.45 44.26 -92.82
C ASP D 10 -18.35 45.47 -92.59
N ARG D 11 -17.76 46.66 -92.48
CA ARG D 11 -18.57 47.85 -92.26
C ARG D 11 -19.42 48.16 -93.49
N GLN D 12 -20.62 48.68 -93.23
CA GLN D 12 -21.61 48.88 -94.28
C GLN D 12 -22.35 50.19 -94.00
N SER D 13 -23.47 50.37 -94.70
CA SER D 13 -24.32 51.53 -94.46
C SER D 13 -25.32 51.24 -93.35
N ALA D 14 -26.07 52.27 -92.97
CA ALA D 14 -27.04 52.15 -91.89
C ALA D 14 -28.21 51.29 -92.35
N LEU D 15 -28.24 50.03 -91.90
CA LEU D 15 -29.29 49.09 -92.27
C LEU D 15 -30.31 48.84 -91.17
N TYR D 16 -29.94 49.04 -89.91
CA TYR D 16 -30.83 48.82 -88.79
C TYR D 16 -31.10 50.14 -88.08
N GLY D 17 -32.37 50.46 -87.89
CA GLY D 17 -32.78 51.67 -87.22
C GLY D 17 -33.12 51.45 -85.76
N SER D 18 -34.03 52.29 -85.26
CA SER D 18 -34.47 52.25 -83.86
C SER D 18 -35.85 51.62 -83.73
N SER D 19 -36.12 50.54 -84.46
CA SER D 19 -37.44 49.93 -84.51
C SER D 19 -37.70 49.20 -83.19
N GLY D 20 -38.11 49.97 -82.18
CA GLY D 20 -38.50 49.41 -80.91
C GLY D 20 -37.47 49.52 -79.82
N GLY D 21 -37.60 50.53 -78.96
CA GLY D 21 -36.74 50.66 -77.80
C GLY D 21 -35.28 50.91 -78.15
N THR D 22 -34.48 50.99 -77.09
CA THR D 22 -33.04 51.18 -77.19
C THR D 22 -32.34 50.02 -76.49
N ALA D 23 -31.09 49.78 -76.87
CA ALA D 23 -30.34 48.66 -76.31
C ALA D 23 -30.17 48.81 -74.80
N ALA D 24 -30.20 50.04 -74.29
CA ALA D 24 -30.11 50.24 -72.86
C ALA D 24 -31.29 49.61 -72.14
N GLN D 25 -32.50 49.75 -72.70
CA GLN D 25 -33.67 49.14 -72.09
C GLN D 25 -33.57 47.62 -72.09
N ARG D 26 -33.11 47.04 -73.19
CA ARG D 26 -32.94 45.59 -73.24
C ARG D 26 -31.91 45.13 -72.22
N TYR D 27 -30.80 45.88 -72.08
CA TYR D 27 -29.78 45.53 -71.11
C TYR D 27 -30.33 45.58 -69.69
N GLU D 28 -31.11 46.62 -69.38
CA GLU D 28 -31.70 46.73 -68.05
C GLU D 28 -32.70 45.61 -67.81
N GLN D 29 -33.42 45.18 -68.85
CA GLN D 29 -34.36 44.08 -68.69
C GLN D 29 -33.64 42.76 -68.42
N LEU D 30 -32.53 42.52 -69.12
CA LEU D 30 -31.82 41.24 -69.00
C LEU D 30 -30.88 41.17 -67.80
N ARG D 31 -30.53 42.30 -67.20
CA ARG D 31 -29.61 42.25 -66.07
C ARG D 31 -30.23 41.52 -64.88
N VAL D 32 -31.57 41.54 -64.77
CA VAL D 32 -32.23 40.82 -63.67
C VAL D 32 -31.94 39.33 -63.78
N ASP D 33 -32.06 38.77 -64.99
CA ASP D 33 -31.69 37.38 -65.20
C ASP D 33 -30.19 37.18 -64.99
N ARG D 34 -29.37 38.09 -65.50
CA ARG D 34 -27.92 37.95 -65.36
C ARG D 34 -27.43 38.03 -63.93
N ASN D 35 -28.26 38.50 -62.99
CA ASN D 35 -27.81 38.76 -61.63
C ASN D 35 -27.14 37.54 -60.99
N SER D 36 -27.89 36.45 -60.80
CA SER D 36 -27.43 35.37 -59.93
C SER D 36 -26.10 34.73 -60.38
N PRO D 37 -25.89 34.39 -61.65
CA PRO D 37 -24.59 33.82 -62.03
C PRO D 37 -23.43 34.74 -61.73
N LEU D 38 -23.64 36.05 -61.78
CA LEU D 38 -22.59 36.98 -61.37
C LEU D 38 -22.23 36.78 -59.90
N LYS D 39 -23.24 36.61 -59.04
CA LYS D 39 -22.97 36.37 -57.63
C LYS D 39 -22.20 35.07 -57.43
N ARG D 40 -22.60 34.01 -58.13
CA ARG D 40 -21.91 32.74 -57.99
C ARG D 40 -20.46 32.87 -58.43
N ALA D 41 -20.22 33.51 -59.58
CA ALA D 41 -18.86 33.70 -60.06
C ALA D 41 -18.05 34.55 -59.10
N ARG D 42 -18.67 35.58 -58.53
CA ARG D 42 -17.97 36.45 -57.59
C ARG D 42 -17.55 35.71 -56.34
N ASP D 43 -18.43 34.86 -55.79
CA ASP D 43 -18.05 34.12 -54.59
C ASP D 43 -16.97 33.09 -54.90
N CYS D 44 -17.06 32.42 -56.06
CA CYS D 44 -16.01 31.47 -56.42
C CYS D 44 -14.67 32.18 -56.59
N SER D 45 -14.67 33.36 -57.23
CA SER D 45 -13.44 34.13 -57.35
C SER D 45 -12.90 34.51 -55.98
N LYS D 46 -13.78 34.97 -55.09
CA LYS D 46 -13.34 35.39 -53.77
C LYS D 46 -12.68 34.25 -53.01
N VAL D 47 -13.23 33.04 -53.15
CA VAL D 47 -12.63 31.93 -52.40
C VAL D 47 -11.37 31.42 -53.09
N THR D 48 -11.21 31.65 -54.40
CA THR D 48 -10.03 31.15 -55.09
C THR D 48 -8.96 32.22 -55.34
N ILE D 49 -9.35 33.39 -55.83
CA ILE D 49 -8.40 34.49 -56.07
C ILE D 49 -9.09 35.81 -55.73
N PRO D 50 -8.65 36.50 -54.67
CA PRO D 50 -9.49 37.55 -54.08
C PRO D 50 -9.87 38.68 -55.02
N GLY D 51 -8.99 39.08 -55.93
CA GLY D 51 -9.24 40.29 -56.69
C GLY D 51 -9.52 40.11 -58.17
N LEU D 52 -9.85 38.89 -58.60
CA LEU D 52 -10.05 38.65 -60.02
C LEU D 52 -11.35 39.29 -60.51
N ILE D 53 -12.47 38.87 -59.94
CA ILE D 53 -13.78 39.46 -60.26
C ILE D 53 -14.17 40.32 -59.07
N GLU D 54 -14.42 41.60 -59.32
CA GLU D 54 -14.63 42.56 -58.25
C GLU D 54 -16.04 43.16 -58.30
N ASP D 55 -16.48 43.67 -57.15
CA ASP D 55 -17.72 44.43 -57.10
C ASP D 55 -17.51 45.80 -57.73
N GLU D 56 -18.62 46.48 -58.02
CA GLU D 56 -18.55 47.78 -58.69
C GLU D 56 -18.00 48.88 -57.81
N ASN D 57 -17.81 48.64 -56.50
CA ASN D 57 -17.26 49.64 -55.60
C ASN D 57 -16.06 49.10 -54.84
N TYR D 58 -15.22 48.32 -55.50
CA TYR D 58 -13.96 47.84 -54.96
C TYR D 58 -12.86 47.95 -55.99
N GLY D 59 -12.79 49.09 -56.67
CA GLY D 59 -11.83 49.32 -57.73
C GLY D 59 -10.65 50.16 -57.31
N ASP D 60 -10.71 51.45 -57.63
CA ASP D 60 -9.63 52.39 -57.40
C ASP D 60 -9.11 52.39 -55.96
N ALA D 61 -10.04 52.36 -55.00
CA ALA D 61 -9.68 52.48 -53.59
C ALA D 61 -10.39 51.42 -52.76
N GLY D 62 -10.34 50.17 -53.22
CA GLY D 62 -10.86 49.05 -52.47
C GLY D 62 -9.75 48.15 -51.96
N ARG D 63 -10.03 47.47 -50.86
CA ARG D 63 -9.09 46.53 -50.26
C ARG D 63 -9.66 45.12 -50.26
N LEU D 64 -8.86 44.16 -50.71
CA LEU D 64 -9.23 42.76 -50.74
C LEU D 64 -8.63 42.03 -49.55
N ASP D 65 -9.10 40.81 -49.33
CA ASP D 65 -8.74 40.00 -48.18
C ASP D 65 -8.00 38.75 -48.68
N THR D 66 -7.21 38.14 -47.79
CA THR D 66 -6.45 36.96 -48.21
C THR D 66 -6.93 35.71 -47.47
N PRO D 67 -7.05 34.59 -48.17
CA PRO D 67 -7.58 33.38 -47.56
C PRO D 67 -6.53 32.72 -46.66
N TYR D 68 -6.93 31.62 -46.03
CA TYR D 68 -6.04 30.83 -45.19
C TYR D 68 -5.70 29.49 -45.85
N GLN D 69 -5.71 29.45 -47.18
CA GLN D 69 -5.27 28.28 -47.92
C GLN D 69 -4.91 28.70 -49.33
N SER D 70 -3.93 28.01 -49.93
CA SER D 70 -3.43 28.36 -51.24
C SER D 70 -3.64 27.25 -52.27
N SER D 71 -4.48 26.26 -51.98
CA SER D 71 -4.75 25.21 -52.96
C SER D 71 -5.46 25.78 -54.18
N GLY D 72 -6.42 26.68 -53.97
CA GLY D 72 -7.19 27.20 -55.09
C GLY D 72 -6.35 27.96 -56.08
N ALA D 73 -5.49 28.85 -55.59
CA ALA D 73 -4.67 29.67 -56.49
C ALA D 73 -3.69 28.82 -57.28
N ARG D 74 -2.99 27.91 -56.59
CA ARG D 74 -2.04 27.04 -57.26
C ARG D 74 -2.74 26.18 -58.31
N GLY D 75 -3.88 25.60 -57.94
CA GLY D 75 -4.61 24.77 -58.88
C GLY D 75 -5.08 25.54 -60.10
N VAL D 76 -5.64 26.73 -59.88
CA VAL D 76 -6.14 27.53 -61.00
C VAL D 76 -4.98 27.90 -61.93
N GLY D 77 -3.86 28.36 -61.37
CA GLY D 77 -2.73 28.72 -62.21
C GLY D 77 -2.20 27.54 -63.01
N HIS D 78 -2.01 26.41 -62.33
CA HIS D 78 -1.46 25.23 -63.00
C HIS D 78 -2.40 24.75 -64.11
N MET D 79 -3.70 24.68 -63.80
CA MET D 79 -4.66 24.20 -64.79
C MET D 79 -4.73 25.14 -65.99
N THR D 80 -4.78 26.45 -65.74
CA THR D 80 -4.84 27.40 -66.85
C THR D 80 -3.62 27.29 -67.73
N SER D 81 -2.44 27.24 -67.12
CA SER D 81 -1.21 27.16 -67.92
C SER D 81 -1.18 25.88 -68.74
N LYS D 82 -1.50 24.75 -68.12
CA LYS D 82 -1.44 23.48 -68.84
C LYS D 82 -2.46 23.43 -69.97
N LEU D 83 -3.68 23.92 -69.73
CA LEU D 83 -4.69 23.93 -70.78
C LEU D 83 -4.28 24.83 -71.93
N ALA D 84 -3.74 26.02 -71.63
CA ALA D 84 -3.31 26.91 -72.69
C ALA D 84 -2.17 26.32 -73.50
N VAL D 85 -1.22 25.67 -72.82
CA VAL D 85 -0.08 25.09 -73.53
C VAL D 85 -0.55 23.95 -74.43
N THR D 86 -1.42 23.08 -73.90
CA THR D 86 -1.84 21.91 -74.66
C THR D 86 -2.74 22.28 -75.83
N LEU D 87 -3.70 23.17 -75.59
CA LEU D 87 -4.68 23.50 -76.64
C LEU D 87 -4.02 24.20 -77.82
N PHE D 88 -2.98 25.00 -77.58
CA PHE D 88 -2.31 25.77 -78.62
C PHE D 88 -0.81 25.49 -78.55
N PRO D 89 -0.37 24.34 -79.03
CA PRO D 89 1.05 24.01 -78.97
C PRO D 89 1.88 24.98 -79.79
N THR D 90 3.05 25.33 -79.25
CA THR D 90 3.95 26.25 -79.94
C THR D 90 4.69 25.56 -81.09
N ASN D 91 4.84 24.24 -81.03
CA ASN D 91 5.66 23.51 -81.99
C ASN D 91 4.81 23.07 -83.19
N GLU D 92 3.78 22.27 -82.94
CA GLU D 92 3.03 21.65 -84.01
C GLU D 92 1.75 22.43 -84.30
N HIS D 93 1.30 22.35 -85.54
CA HIS D 93 0.11 23.08 -85.97
C HIS D 93 -1.10 22.65 -85.16
N PHE D 94 -1.88 23.62 -84.70
CA PHE D 94 -3.07 23.33 -83.91
C PHE D 94 -4.31 23.12 -84.77
N PHE D 95 -4.19 23.23 -86.09
CA PHE D 95 -5.28 22.92 -87.00
C PHE D 95 -4.69 22.43 -88.30
N LYS D 96 -5.48 21.67 -89.05
CA LYS D 96 -5.03 21.09 -90.30
C LYS D 96 -6.00 21.44 -91.42
N LEU D 97 -5.49 22.13 -92.44
CA LEU D 97 -6.28 22.51 -93.61
C LEU D 97 -6.12 21.41 -94.64
N GLU D 98 -7.07 20.49 -94.68
CA GLU D 98 -6.90 19.21 -95.38
C GLU D 98 -7.73 19.17 -96.65
N ILE D 99 -7.08 18.77 -97.75
CA ILE D 99 -7.75 18.66 -99.04
C ILE D 99 -8.77 17.53 -98.99
N ASP D 100 -9.92 17.75 -99.64
CA ASP D 100 -10.97 16.73 -99.72
C ASP D 100 -10.64 15.81 -100.89
N SER D 101 -10.02 14.66 -100.58
CA SER D 101 -9.83 13.62 -101.58
C SER D 101 -11.15 13.06 -102.08
N LEU D 102 -12.24 13.24 -101.32
CA LEU D 102 -13.57 12.92 -101.82
C LEU D 102 -13.91 13.77 -103.04
N ALA D 103 -13.61 15.06 -102.98
CA ALA D 103 -13.79 15.92 -104.14
C ALA D 103 -12.84 15.53 -105.26
N ILE D 104 -11.65 15.05 -104.91
CA ILE D 104 -10.72 14.55 -105.91
C ILE D 104 -11.32 13.37 -106.67
N LEU D 105 -11.91 12.43 -105.93
CA LEU D 105 -12.57 11.29 -106.55
C LEU D 105 -13.76 11.73 -107.40
N ALA D 106 -14.56 12.66 -106.87
CA ALA D 106 -15.75 13.12 -107.59
C ALA D 106 -15.38 13.80 -108.89
N SER D 107 -14.33 14.60 -108.88
CA SER D 107 -13.90 15.32 -110.08
C SER D 107 -12.98 14.49 -110.97
N ASP D 108 -12.62 13.28 -110.56
CA ASP D 108 -11.67 12.44 -111.29
C ASP D 108 -10.34 13.17 -111.47
N GLN D 109 -9.83 13.72 -110.38
CA GLN D 109 -8.64 14.54 -110.42
C GLN D 109 -7.39 13.69 -110.67
N ASN D 110 -6.42 14.29 -111.35
CA ASN D 110 -5.16 13.62 -111.60
C ASN D 110 -4.34 13.54 -110.32
N PRO D 111 -3.91 12.35 -109.90
CA PRO D 111 -3.12 12.24 -108.66
C PRO D 111 -1.77 12.94 -108.73
N GLU D 112 -1.35 13.41 -109.90
CA GLU D 112 -0.07 14.10 -110.01
C GLU D 112 -0.12 15.48 -109.36
N MET D 113 -1.30 16.09 -109.27
CA MET D 113 -1.43 17.46 -108.76
C MET D 113 -1.52 17.53 -107.25
N ILE D 114 -1.62 16.39 -106.55
CA ILE D 114 -1.78 16.41 -105.10
C ILE D 114 -0.55 16.99 -104.43
N THR D 115 0.63 16.81 -105.04
CA THR D 115 1.84 17.39 -104.48
C THR D 115 1.76 18.90 -104.45
N GLU D 116 1.37 19.51 -105.58
CA GLU D 116 1.25 20.97 -105.65
C GLU D 116 0.14 21.46 -104.73
N PHE D 117 -0.96 20.71 -104.65
CA PHE D 117 -2.04 21.10 -103.75
C PHE D 117 -1.58 21.08 -102.29
N ASP D 118 -0.80 20.08 -101.92
CA ASP D 118 -0.26 20.01 -100.57
C ASP D 118 0.69 21.17 -100.29
N SER D 119 1.53 21.51 -101.27
CA SER D 119 2.41 22.66 -101.09
C SER D 119 1.62 23.94 -100.87
N ALA D 120 0.58 24.17 -101.69
CA ALA D 120 -0.25 25.35 -101.52
C ALA D 120 -0.94 25.35 -100.15
N LEU D 121 -1.45 24.21 -99.73
CA LEU D 121 -2.15 24.13 -98.44
C LEU D 121 -1.22 24.40 -97.28
N VAL D 122 0.00 23.86 -97.32
CA VAL D 122 0.93 24.09 -96.21
C VAL D 122 1.37 25.55 -96.19
N LYS D 123 1.53 26.17 -97.36
CA LYS D 123 1.83 27.59 -97.39
C LYS D 123 0.70 28.40 -96.77
N VAL D 124 -0.55 28.05 -97.10
CA VAL D 124 -1.69 28.76 -96.51
C VAL D 124 -1.73 28.57 -95.00
N GLU D 125 -1.44 27.35 -94.54
CA GLU D 125 -1.42 27.09 -93.10
C GLU D 125 -0.40 27.97 -92.40
N GLN D 126 0.82 28.02 -92.92
CA GLN D 126 1.85 28.84 -92.27
C GLN D 126 1.48 30.31 -92.32
N ALA D 127 0.86 30.77 -93.41
CA ALA D 127 0.46 32.17 -93.49
C ALA D 127 -0.61 32.48 -92.45
N VAL D 128 -1.57 31.56 -92.27
CA VAL D 128 -2.61 31.76 -91.28
C VAL D 128 -2.02 31.86 -89.89
N MET D 129 -1.12 30.94 -89.55
CA MET D 129 -0.55 30.99 -88.20
C MET D 129 0.37 32.19 -88.01
N ARG D 130 1.04 32.64 -89.07
CA ARG D 130 1.83 33.86 -88.95
C ARG D 130 0.93 35.06 -88.64
N MET D 131 -0.19 35.19 -89.35
CA MET D 131 -1.06 36.32 -89.09
C MET D 131 -1.68 36.21 -87.71
N PHE D 132 -2.02 35.00 -87.28
CA PHE D 132 -2.56 34.81 -85.93
C PHE D 132 -1.56 35.22 -84.87
N GLU D 133 -0.31 34.77 -85.00
CA GLU D 133 0.71 35.13 -84.02
C GLU D 133 1.02 36.62 -84.06
N THR D 134 0.75 37.26 -85.20
CA THR D 134 0.97 38.71 -85.29
C THR D 134 0.07 39.46 -84.32
N ILE D 135 -1.18 39.03 -84.17
CA ILE D 135 -2.16 39.77 -83.37
C ILE D 135 -2.06 39.35 -81.90
N GLY D 136 -1.09 38.51 -81.57
CA GLY D 136 -0.85 38.16 -80.19
C GLY D 136 -1.97 37.41 -79.50
N GLY D 137 -2.44 36.33 -80.15
CA GLY D 137 -3.59 35.62 -79.61
C GLY D 137 -3.29 34.82 -78.35
N ARG D 138 -2.01 34.51 -78.10
CA ARG D 138 -1.68 33.63 -76.98
C ARG D 138 -2.07 34.24 -75.64
N ALA D 139 -1.74 35.52 -75.43
CA ALA D 139 -2.04 36.15 -74.15
C ALA D 139 -3.54 36.28 -73.92
N ALA D 140 -4.27 36.70 -74.96
CA ALA D 140 -5.72 36.81 -74.83
C ALA D 140 -6.36 35.45 -74.58
N MET D 141 -5.88 34.41 -75.25
CA MET D 141 -6.38 33.07 -74.99
C MET D 141 -6.09 32.64 -73.56
N HIS D 142 -4.91 32.98 -73.05
CA HIS D 142 -4.57 32.63 -71.67
C HIS D 142 -5.54 33.28 -70.70
N GLU D 143 -5.77 34.59 -70.87
CA GLU D 143 -6.68 35.30 -69.98
C GLU D 143 -8.10 34.76 -70.10
N ALA D 144 -8.55 34.46 -71.32
CA ALA D 144 -9.88 33.93 -71.51
C ALA D 144 -10.04 32.57 -70.84
N LEU D 145 -9.02 31.71 -70.95
CA LEU D 145 -9.09 30.41 -70.29
C LEU D 145 -9.15 30.57 -68.77
N LYS D 146 -8.36 31.49 -68.23
CA LYS D 146 -8.40 31.73 -66.79
C LYS D 146 -9.78 32.17 -66.34
N HIS D 147 -10.37 33.12 -67.06
CA HIS D 147 -11.72 33.58 -66.71
C HIS D 147 -12.73 32.46 -66.86
N LEU D 148 -12.60 31.62 -67.88
CA LEU D 148 -13.53 30.50 -68.06
C LEU D 148 -13.43 29.53 -66.89
N LEU D 149 -12.22 29.22 -66.46
CA LEU D 149 -12.07 28.30 -65.33
C LEU D 149 -12.65 28.90 -64.05
N VAL D 150 -12.42 30.19 -63.81
CA VAL D 150 -12.89 30.78 -62.56
C VAL D 150 -14.36 31.12 -62.63
N GLY D 151 -14.80 31.76 -63.71
CA GLY D 151 -16.16 32.26 -63.79
C GLY D 151 -17.12 31.34 -64.53
N GLY D 152 -16.70 30.81 -65.68
CA GLY D 152 -17.53 29.94 -66.47
C GLY D 152 -18.18 30.58 -67.68
N ASN D 153 -18.01 31.88 -67.88
CA ASN D 153 -18.56 32.56 -69.05
C ASN D 153 -17.60 33.65 -69.48
N VAL D 154 -17.45 33.80 -70.80
CA VAL D 154 -16.59 34.83 -71.37
C VAL D 154 -16.96 35.02 -72.83
N LEU D 155 -16.95 36.26 -73.30
CA LEU D 155 -17.34 36.59 -74.66
C LEU D 155 -16.14 37.16 -75.40
N LEU D 156 -15.85 36.59 -76.57
CA LEU D 156 -14.69 36.98 -77.36
C LEU D 156 -15.11 37.83 -78.55
N TYR D 157 -14.23 38.75 -78.93
CA TYR D 157 -14.38 39.52 -80.17
C TYR D 157 -13.09 39.40 -80.97
N VAL D 158 -13.20 39.04 -82.24
CA VAL D 158 -12.06 38.78 -83.10
C VAL D 158 -12.00 39.85 -84.18
N SER D 159 -10.84 40.48 -84.32
CA SER D 159 -10.64 41.51 -85.34
C SER D 159 -9.18 41.49 -85.77
N ASP D 160 -8.91 42.14 -86.90
CA ASP D 160 -7.55 42.18 -87.42
C ASP D 160 -6.62 42.92 -86.48
N GLU D 161 -7.12 43.93 -85.77
CA GLU D 161 -6.28 44.69 -84.86
C GLU D 161 -5.87 43.85 -83.65
N GLY D 162 -6.81 43.10 -83.08
CA GLY D 162 -6.48 42.25 -81.95
C GLY D 162 -7.72 41.56 -81.42
N ILE D 163 -7.50 40.73 -80.39
CA ILE D 163 -8.56 39.98 -79.74
C ILE D 163 -8.86 40.67 -78.42
N LYS D 164 -10.13 41.02 -78.20
CA LYS D 164 -10.57 41.69 -77.00
C LYS D 164 -11.54 40.79 -76.24
N VAL D 165 -11.24 40.55 -74.97
CA VAL D 165 -12.11 39.74 -74.11
C VAL D 165 -13.01 40.67 -73.32
N ILE D 166 -14.20 40.18 -72.98
CA ILE D 166 -15.17 40.93 -72.19
C ILE D 166 -15.60 40.06 -71.02
N HIS D 167 -15.50 40.60 -69.81
CA HIS D 167 -15.87 39.84 -68.63
C HIS D 167 -17.37 39.63 -68.58
N LEU D 168 -17.79 38.71 -67.71
CA LEU D 168 -19.21 38.39 -67.58
C LEU D 168 -20.00 39.60 -67.08
N ASP D 169 -19.36 40.51 -66.36
CA ASP D 169 -20.06 41.63 -65.75
C ASP D 169 -20.34 42.77 -66.72
N SER D 170 -20.24 42.56 -68.03
CA SER D 170 -20.43 43.63 -69.00
C SER D 170 -21.21 43.20 -70.23
N TYR D 171 -21.97 42.11 -70.16
CA TYR D 171 -22.81 41.72 -71.28
C TYR D 171 -23.92 40.81 -70.80
N VAL D 172 -24.99 40.75 -71.60
CA VAL D 172 -26.14 39.89 -71.32
C VAL D 172 -26.58 39.24 -72.64
N LEU D 173 -27.30 38.13 -72.52
CA LEU D 173 -27.73 37.39 -73.70
C LEU D 173 -28.89 36.48 -73.33
N CYS D 174 -29.59 36.00 -74.36
CA CYS D 174 -30.68 35.04 -74.23
C CYS D 174 -30.40 33.84 -75.11
N ARG D 175 -30.73 32.65 -74.59
CA ARG D 175 -30.54 31.40 -75.32
C ARG D 175 -31.85 30.63 -75.38
N ASP D 176 -32.09 30.00 -76.51
CA ASP D 176 -33.17 29.02 -76.59
C ASP D 176 -32.76 27.77 -75.82
N PRO D 177 -33.73 26.98 -75.37
CA PRO D 177 -33.39 25.70 -74.72
C PRO D 177 -32.63 24.76 -75.62
N MET D 178 -32.73 24.92 -76.94
CA MET D 178 -31.91 24.13 -77.85
C MET D 178 -30.43 24.43 -77.66
N GLY D 179 -30.06 25.69 -77.53
CA GLY D 179 -28.69 26.09 -77.33
C GLY D 179 -28.17 27.16 -78.27
N ASN D 180 -29.03 27.74 -79.12
CA ASN D 180 -28.61 28.75 -80.08
C ASN D 180 -28.86 30.14 -79.50
N VAL D 181 -27.81 30.96 -79.45
CA VAL D 181 -27.93 32.30 -78.91
C VAL D 181 -28.58 33.21 -79.95
N THR D 182 -29.59 33.97 -79.51
CA THR D 182 -30.34 34.83 -80.42
C THR D 182 -29.93 36.30 -80.36
N GLU D 183 -29.61 36.83 -79.19
CA GLU D 183 -29.32 38.25 -79.07
C GLU D 183 -28.34 38.49 -77.93
N ILE D 184 -27.35 39.34 -78.18
CA ILE D 184 -26.33 39.68 -77.20
C ILE D 184 -26.29 41.21 -77.08
N VAL D 185 -26.26 41.71 -75.85
CA VAL D 185 -26.12 43.13 -75.58
C VAL D 185 -24.84 43.34 -74.78
N VAL D 186 -23.97 44.21 -75.26
CA VAL D 186 -22.73 44.56 -74.59
C VAL D 186 -22.78 46.02 -74.19
N GLU D 187 -22.62 46.28 -72.90
CA GLU D 187 -22.60 47.63 -72.37
C GLU D 187 -21.19 47.96 -71.91
N GLU D 188 -20.72 49.16 -72.25
CA GLU D 188 -19.35 49.52 -71.96
C GLU D 188 -19.30 51.04 -71.79
N GLU D 189 -18.27 51.52 -71.09
CA GLU D 189 -18.21 52.92 -70.68
C GLU D 189 -16.83 53.51 -70.97
N ILE D 190 -16.81 54.77 -71.42
CA ILE D 190 -15.60 55.38 -71.97
C ILE D 190 -15.53 56.84 -71.55
N PHE D 191 -14.30 57.37 -71.48
CA PHE D 191 -14.12 58.80 -71.32
C PHE D 191 -14.61 59.52 -72.57
N LYS D 192 -15.10 60.75 -72.37
CA LYS D 192 -15.73 61.50 -73.45
C LYS D 192 -14.74 62.02 -74.47
N ASP D 193 -13.43 61.92 -74.21
CA ASP D 193 -12.45 62.49 -75.14
C ASP D 193 -12.40 61.74 -76.45
N ALA D 194 -12.75 60.45 -76.45
CA ALA D 194 -12.54 59.62 -77.63
C ALA D 194 -13.72 59.61 -78.61
N LEU D 195 -14.82 60.28 -78.28
CA LEU D 195 -16.01 60.21 -79.11
C LEU D 195 -16.04 61.32 -80.16
N PRO D 196 -16.89 61.19 -81.18
CA PRO D 196 -17.10 62.32 -82.10
C PRO D 196 -17.65 63.53 -81.37
N GLU D 197 -17.21 64.71 -81.81
CA GLU D 197 -17.56 65.95 -81.12
C GLU D 197 -19.02 66.33 -81.30
N GLU D 198 -19.65 65.91 -82.40
CA GLU D 198 -21.08 66.21 -82.58
C GLU D 198 -21.92 65.53 -81.50
N TYR D 199 -21.44 64.42 -80.94
CA TYR D 199 -22.16 63.69 -79.91
C TYR D 199 -21.80 64.12 -78.50
N LEU D 200 -20.94 65.12 -78.35
CA LEU D 200 -20.62 65.70 -77.06
C LEU D 200 -21.69 66.71 -76.69
N ASP D 201 -22.39 66.47 -75.58
CA ASP D 201 -23.53 67.28 -75.21
C ASP D 201 -23.08 68.61 -74.59
N GLU D 202 -24.05 69.52 -74.43
CA GLU D 202 -23.76 70.81 -73.83
C GLU D 202 -23.31 70.65 -72.38
N GLU D 203 -23.97 69.77 -71.62
CA GLU D 203 -23.59 69.56 -70.23
C GLU D 203 -22.18 69.02 -70.12
N ASP D 204 -21.80 68.08 -71.00
CA ASP D 204 -20.42 67.62 -71.04
C ASP D 204 -19.47 68.75 -71.46
N ASP D 205 -19.90 69.59 -72.41
CA ASP D 205 -19.11 70.75 -72.79
C ASP D 205 -19.00 71.74 -71.64
N ASP D 206 -20.04 71.85 -70.82
CA ASP D 206 -20.03 72.77 -69.68
C ASP D 206 -19.14 72.28 -68.53
N ASP D 207 -18.65 71.05 -68.59
CA ASP D 207 -17.86 70.48 -67.51
C ASP D 207 -16.37 70.71 -67.74
N ASP D 208 -15.66 71.04 -66.66
CA ASP D 208 -14.22 71.14 -66.66
C ASP D 208 -13.54 69.83 -66.28
N ASP D 209 -14.32 68.76 -66.10
CA ASP D 209 -13.80 67.44 -65.73
C ASP D 209 -13.75 66.50 -66.93
N MET D 210 -13.36 67.03 -68.09
CA MET D 210 -13.24 66.21 -69.28
C MET D 210 -12.36 64.99 -69.06
N GLY D 211 -11.31 65.13 -68.24
CA GLY D 211 -10.46 64.02 -67.85
C GLY D 211 -10.98 63.22 -66.67
N LYS D 212 -12.17 63.55 -66.15
CA LYS D 212 -12.73 62.82 -65.02
C LYS D 212 -14.22 62.51 -65.18
N LYS D 213 -14.84 62.84 -66.31
CA LYS D 213 -16.24 62.54 -66.56
C LYS D 213 -16.35 61.55 -67.70
N MET D 214 -17.22 60.56 -67.54
CA MET D 214 -17.32 59.44 -68.46
C MET D 214 -18.73 59.38 -69.05
N VAL D 215 -18.86 58.58 -70.11
CA VAL D 215 -20.09 58.46 -70.87
C VAL D 215 -20.22 57.04 -71.40
N LYS D 216 -21.43 56.49 -71.31
CA LYS D 216 -21.67 55.11 -71.68
C LYS D 216 -21.70 54.93 -73.20
N ILE D 217 -21.41 53.72 -73.65
CA ILE D 217 -21.54 53.34 -75.06
C ILE D 217 -21.98 51.89 -75.12
N TYR D 218 -23.11 51.65 -75.79
CA TYR D 218 -23.72 50.33 -75.83
C TYR D 218 -23.41 49.63 -77.14
N THR D 219 -23.79 48.36 -77.21
CA THR D 219 -23.62 47.55 -78.42
C THR D 219 -24.73 46.52 -78.47
N CYS D 220 -25.31 46.33 -79.65
CA CYS D 220 -26.41 45.39 -79.84
C CYS D 220 -25.99 44.31 -80.84
N ILE D 221 -26.30 43.06 -80.52
CA ILE D 221 -25.97 41.92 -81.36
C ILE D 221 -27.27 41.16 -81.63
N LYS D 222 -27.52 40.86 -82.91
CA LYS D 222 -28.68 40.06 -83.28
C LYS D 222 -28.26 38.94 -84.21
N PHE D 223 -28.86 37.77 -84.02
CA PHE D 223 -28.54 36.57 -84.79
C PHE D 223 -29.81 36.10 -85.48
N MET D 224 -29.86 36.22 -86.81
CA MET D 224 -31.01 35.77 -87.58
C MET D 224 -30.55 35.39 -88.98
N ASP D 225 -31.29 34.46 -89.59
CA ASP D 225 -31.03 33.96 -90.94
C ASP D 225 -29.54 33.81 -91.22
N ASP D 226 -28.87 33.09 -90.32
CA ASP D 226 -27.44 32.80 -90.33
C ASP D 226 -26.58 34.02 -90.68
N GLN D 227 -27.03 35.21 -90.30
CA GLN D 227 -26.33 36.45 -90.59
C GLN D 227 -26.43 37.35 -89.37
N CYS D 228 -25.30 37.58 -88.70
CA CYS D 228 -25.29 38.46 -87.55
C CYS D 228 -25.42 39.91 -87.97
N HIS D 229 -25.91 40.74 -87.05
CA HIS D 229 -26.04 42.17 -87.27
C HIS D 229 -25.69 42.91 -85.99
N TRP D 230 -24.88 43.96 -86.12
CA TRP D 230 -24.48 44.73 -84.95
C TRP D 230 -24.35 46.20 -85.31
N TYR D 231 -24.46 47.04 -84.27
CA TYR D 231 -24.31 48.47 -84.42
C TYR D 231 -24.03 49.06 -83.05
N GLN D 232 -23.35 50.20 -83.04
CA GLN D 232 -23.04 50.92 -81.81
C GLN D 232 -23.96 52.11 -81.65
N GLU D 233 -24.48 52.28 -80.44
CA GLU D 233 -25.36 53.40 -80.15
C GLU D 233 -24.83 54.14 -78.93
N ILE D 234 -25.16 55.42 -78.85
CA ILE D 234 -24.82 56.25 -77.70
C ILE D 234 -25.92 57.28 -77.48
N LYS D 235 -26.43 57.35 -76.26
CA LYS D 235 -27.50 58.28 -75.89
C LYS D 235 -28.73 58.08 -76.78
N GLY D 236 -29.03 56.82 -77.09
CA GLY D 236 -30.26 56.47 -77.77
C GLY D 236 -30.23 56.54 -79.29
N LYS D 237 -29.12 56.94 -79.90
CA LYS D 237 -29.03 57.02 -81.34
C LYS D 237 -27.74 56.37 -81.82
N GLU D 238 -27.80 55.71 -82.97
CA GLU D 238 -26.67 54.94 -83.46
C GLU D 238 -25.57 55.85 -83.98
N VAL D 239 -24.34 55.34 -83.93
CA VAL D 239 -23.18 56.09 -84.42
C VAL D 239 -23.01 55.79 -85.90
N PRO D 240 -22.84 56.82 -86.75
CA PRO D 240 -22.69 56.56 -88.19
C PRO D 240 -21.47 55.72 -88.50
N GLY D 241 -21.62 54.83 -89.48
CA GLY D 241 -20.51 54.01 -89.93
C GLY D 241 -20.14 52.86 -89.04
N THR D 242 -20.97 52.53 -88.05
CA THR D 242 -20.70 51.42 -87.14
C THR D 242 -21.44 50.15 -87.51
N HIS D 243 -22.22 50.15 -88.58
CA HIS D 243 -22.99 48.99 -88.98
C HIS D 243 -22.09 47.92 -89.58
N GLY D 244 -22.56 46.67 -89.54
CA GLY D 244 -21.82 45.56 -90.13
C GLY D 244 -22.71 44.36 -90.28
N LYS D 245 -22.29 43.46 -91.16
CA LYS D 245 -23.04 42.24 -91.42
C LYS D 245 -22.11 41.18 -91.99
N CYS D 246 -22.28 39.94 -91.55
CA CYS D 246 -21.52 38.82 -92.07
C CYS D 246 -22.24 37.53 -91.75
N ALA D 247 -21.83 36.45 -92.41
CA ALA D 247 -22.48 35.16 -92.24
C ALA D 247 -22.21 34.59 -90.85
N ALA D 248 -23.10 33.70 -90.41
CA ALA D 248 -23.01 33.16 -89.05
C ALA D 248 -21.71 32.38 -88.84
N ASP D 249 -21.33 31.55 -89.82
CA ASP D 249 -20.13 30.73 -89.66
C ASP D 249 -18.86 31.55 -89.63
N VAL D 250 -18.91 32.83 -89.97
CA VAL D 250 -17.73 33.69 -89.95
C VAL D 250 -17.99 34.88 -89.04
N ALA D 251 -18.87 34.70 -88.06
CA ALA D 251 -19.22 35.78 -87.16
C ALA D 251 -18.03 36.16 -86.28
N PRO D 252 -17.91 37.44 -85.91
CA PRO D 252 -16.78 37.88 -85.08
C PRO D 252 -16.96 37.70 -83.59
N TRP D 253 -18.12 37.22 -83.14
CA TRP D 253 -18.40 37.09 -81.72
C TRP D 253 -18.59 35.62 -81.37
N ILE D 254 -17.92 35.18 -80.30
CA ILE D 254 -17.95 33.80 -79.87
C ILE D 254 -18.34 33.77 -78.40
N ALA D 255 -19.31 32.92 -78.06
CA ALA D 255 -19.73 32.71 -76.68
C ALA D 255 -19.21 31.36 -76.20
N LEU D 256 -18.92 31.29 -74.90
CA LEU D 256 -18.34 30.09 -74.31
C LEU D 256 -19.08 29.73 -73.03
N ARG D 257 -18.94 28.48 -72.62
CA ARG D 257 -19.44 28.03 -71.33
C ARG D 257 -18.68 26.77 -70.93
N GLN D 258 -18.38 26.67 -69.63
CA GLN D 258 -17.47 25.63 -69.15
C GLN D 258 -18.12 24.26 -69.22
N ASP D 259 -19.19 24.06 -68.46
CA ASP D 259 -19.89 22.79 -68.41
C ASP D 259 -21.18 22.91 -69.20
N ARG D 260 -21.34 22.07 -70.22
CA ARG D 260 -22.53 22.14 -71.05
C ARG D 260 -23.72 21.60 -70.26
N VAL D 261 -24.42 22.48 -69.56
CA VAL D 261 -25.63 22.13 -68.83
C VAL D 261 -26.80 22.74 -69.56
N ASP D 262 -27.67 21.90 -70.11
CA ASP D 262 -28.72 22.36 -71.00
C ASP D 262 -29.76 23.18 -70.24
N SER D 263 -30.52 23.97 -71.00
CA SER D 263 -31.59 24.79 -70.45
C SER D 263 -31.07 25.78 -69.40
N GLU D 264 -29.88 26.29 -69.62
CA GLU D 264 -29.28 27.29 -68.74
C GLU D 264 -28.69 28.41 -69.60
N MET D 265 -29.13 29.64 -69.34
CA MET D 265 -28.59 30.76 -70.11
C MET D 265 -27.13 31.03 -69.77
N TYR D 266 -26.69 30.66 -68.57
CA TYR D 266 -25.31 30.83 -68.15
C TYR D 266 -24.81 29.52 -67.55
N GLY D 267 -23.59 29.13 -67.90
CA GLY D 267 -23.02 27.88 -67.45
C GLY D 267 -22.49 27.99 -66.03
N ARG D 268 -21.91 26.88 -65.57
CA ARG D 268 -21.36 26.77 -64.22
C ARG D 268 -19.85 26.61 -64.31
N SER D 269 -19.13 27.33 -63.44
CA SER D 269 -17.69 27.27 -63.44
C SER D 269 -17.20 25.91 -62.93
N TYR D 270 -15.97 25.57 -63.29
CA TYR D 270 -15.39 24.30 -62.86
C TYR D 270 -15.21 24.27 -61.34
N VAL D 271 -14.72 25.37 -60.75
CA VAL D 271 -14.45 25.38 -59.33
C VAL D 271 -15.72 25.33 -58.49
N GLU D 272 -16.88 25.53 -59.12
CA GLU D 272 -18.14 25.32 -58.42
C GLU D 272 -18.29 23.88 -57.97
N GLN D 273 -17.60 22.96 -58.64
CA GLN D 273 -17.64 21.55 -58.26
C GLN D 273 -17.12 21.34 -56.85
N TYR D 274 -16.01 22.00 -56.50
CA TYR D 274 -15.31 21.76 -55.25
C TYR D 274 -15.29 22.97 -54.33
N TYR D 275 -16.16 23.95 -54.60
CA TYR D 275 -16.31 25.09 -53.70
C TYR D 275 -16.51 24.66 -52.24
N GLY D 276 -17.36 23.66 -52.02
CA GLY D 276 -17.64 23.24 -50.66
C GLY D 276 -16.42 22.68 -49.94
N ASP D 277 -15.69 21.80 -50.61
CA ASP D 277 -14.48 21.23 -50.03
C ASP D 277 -13.45 22.33 -49.77
N LEU D 278 -13.33 23.27 -50.70
CA LEU D 278 -12.42 24.39 -50.49
C LEU D 278 -12.78 25.17 -49.24
N LEU D 279 -14.07 25.45 -49.05
CA LEU D 279 -14.52 26.19 -47.87
C LEU D 279 -14.21 25.41 -46.59
N ALA D 280 -14.50 24.11 -46.59
CA ALA D 280 -14.26 23.31 -45.40
C ALA D 280 -12.77 23.27 -45.04
N LEU D 281 -11.92 23.06 -46.05
CA LEU D 281 -10.48 23.03 -45.78
C LEU D 281 -9.98 24.37 -45.29
N GLU D 282 -10.50 25.46 -45.85
CA GLU D 282 -10.14 26.79 -45.40
C GLU D 282 -10.47 26.98 -43.92
N ASN D 283 -11.69 26.62 -43.53
CA ASN D 283 -12.11 26.80 -42.14
C ASN D 283 -11.27 25.93 -41.20
N LEU D 284 -10.97 24.68 -41.61
CA LEU D 284 -10.16 23.82 -40.75
C LEU D 284 -8.75 24.37 -40.58
N TYR D 285 -8.15 24.88 -41.65
CA TYR D 285 -6.83 25.49 -41.55
C TYR D 285 -6.84 26.66 -40.57
N LYS D 286 -7.87 27.50 -40.67
CA LYS D 286 -7.96 28.62 -39.73
C LYS D 286 -8.10 28.12 -38.29
N ALA D 287 -8.88 27.05 -38.11
CA ALA D 287 -9.08 26.50 -36.76
C ALA D 287 -7.76 26.04 -36.15
N ILE D 288 -6.99 25.23 -36.90
CA ILE D 288 -5.75 24.72 -36.33
C ILE D 288 -4.76 25.85 -36.10
N LEU D 289 -4.73 26.83 -37.00
CA LEU D 289 -3.84 27.97 -36.80
C LEU D 289 -4.18 28.72 -35.52
N GLU D 290 -5.46 28.95 -35.27
CA GLU D 290 -5.85 29.69 -34.08
C GLU D 290 -5.56 28.90 -32.80
N ALA D 291 -5.79 27.59 -32.83
CA ALA D 291 -5.47 26.76 -31.67
C ALA D 291 -3.98 26.83 -31.35
N SER D 292 -3.14 26.67 -32.38
CA SER D 292 -1.70 26.76 -32.15
C SER D 292 -1.30 28.15 -31.69
N ALA D 293 -2.03 29.17 -32.15
CA ALA D 293 -1.77 30.52 -31.70
C ALA D 293 -2.00 30.65 -30.20
N SER D 294 -3.12 30.11 -29.72
CA SER D 294 -3.42 30.21 -28.30
C SER D 294 -2.48 29.36 -27.45
N LEU D 295 -1.95 28.26 -28.00
CA LEU D 295 -1.13 27.38 -27.19
C LEU D 295 0.28 27.94 -26.95
N SER D 296 0.74 28.88 -27.78
CA SER D 296 2.14 29.29 -27.73
C SER D 296 2.49 30.17 -26.53
N LYS D 297 1.50 30.70 -25.81
CA LYS D 297 1.78 31.59 -24.71
C LYS D 297 2.46 30.85 -23.56
N VAL D 298 3.31 31.57 -22.82
CA VAL D 298 4.04 31.01 -21.69
C VAL D 298 3.83 31.90 -20.48
N LEU D 299 3.48 31.29 -19.35
CA LEU D 299 3.25 32.00 -18.10
C LEU D 299 3.87 31.22 -16.95
N PHE D 300 4.13 31.92 -15.86
CA PHE D 300 4.67 31.33 -14.65
C PHE D 300 3.65 31.46 -13.53
N LEU D 301 3.64 30.48 -12.64
CA LEU D 301 2.62 30.42 -11.59
C LEU D 301 3.29 30.02 -10.28
N CYS D 302 3.10 30.83 -9.25
CA CYS D 302 3.69 30.59 -7.93
C CYS D 302 2.65 30.00 -6.99
N ASN D 303 3.06 28.95 -6.27
CA ASN D 303 2.15 28.30 -5.33
C ASN D 303 2.15 29.05 -4.00
N PRO D 304 1.01 29.56 -3.54
CA PRO D 304 1.00 30.27 -2.25
C PRO D 304 1.42 29.41 -1.08
N ASN D 305 1.13 28.12 -1.10
CA ASN D 305 1.55 27.23 -0.01
C ASN D 305 3.06 27.12 0.08
N GLY D 306 3.78 27.42 -1.00
CA GLY D 306 5.22 27.42 -0.98
C GLY D 306 5.79 28.66 -0.33
N THR D 307 7.11 28.81 -0.45
CA THR D 307 7.84 29.92 0.15
C THR D 307 8.70 30.63 -0.88
N THR D 308 8.12 30.91 -2.05
CA THR D 308 8.82 31.59 -3.13
C THR D 308 8.18 32.95 -3.37
N ARG D 309 8.99 34.00 -3.28
CA ARG D 309 8.52 35.36 -3.51
C ARG D 309 8.71 35.74 -4.97
N PRO D 310 7.71 36.34 -5.62
CA PRO D 310 7.90 36.75 -7.02
C PRO D 310 9.04 37.73 -7.22
N ARG D 311 9.23 38.65 -6.27
CA ARG D 311 10.27 39.66 -6.42
C ARG D 311 11.65 39.02 -6.46
N THR D 312 11.88 38.01 -5.62
CA THR D 312 13.17 37.34 -5.60
C THR D 312 13.46 36.67 -6.94
N LEU D 313 12.46 35.97 -7.49
CA LEU D 313 12.66 35.29 -8.77
C LEU D 313 12.90 36.28 -9.90
N SER D 314 12.14 37.38 -9.92
CA SER D 314 12.28 38.32 -11.03
C SER D 314 13.59 39.09 -10.95
N GLN D 315 13.94 39.58 -9.75
CA GLN D 315 15.08 40.47 -9.60
C GLN D 315 16.42 39.76 -9.68
N ALA D 316 16.49 38.49 -9.31
CA ALA D 316 17.78 37.81 -9.22
C ALA D 316 18.42 37.66 -10.60
N SER D 317 19.73 37.83 -10.64
CA SER D 317 20.50 37.74 -11.87
C SER D 317 20.76 36.28 -12.23
N ASN D 318 21.38 36.07 -13.38
CA ASN D 318 21.66 34.72 -13.85
C ASN D 318 22.73 34.04 -13.00
N GLY D 319 22.52 32.76 -12.74
CA GLY D 319 23.51 31.95 -12.04
C GLY D 319 23.56 32.15 -10.54
N SER D 320 22.68 32.95 -9.97
CA SER D 320 22.72 33.24 -8.55
C SER D 320 22.10 32.09 -7.76
N ILE D 321 22.03 32.26 -6.45
CA ILE D 321 21.40 31.30 -5.55
C ILE D 321 20.40 32.06 -4.69
N VAL D 322 19.14 31.65 -4.72
CA VAL D 322 18.10 32.31 -3.94
C VAL D 322 17.38 31.27 -3.09
N GLN D 323 16.41 31.73 -2.31
CA GLN D 323 15.66 30.85 -1.41
C GLN D 323 14.34 30.48 -2.08
N GLY D 324 14.11 29.19 -2.22
CA GLY D 324 12.86 28.72 -2.80
C GLY D 324 12.87 27.22 -2.98
N ASN D 325 11.72 26.69 -3.37
CA ASN D 325 11.56 25.28 -3.69
C ASN D 325 11.04 25.15 -5.11
N ALA D 326 11.74 24.37 -5.94
CA ALA D 326 11.41 24.29 -7.35
C ALA D 326 10.07 23.60 -7.60
N ALA D 327 9.52 22.90 -6.60
CA ALA D 327 8.24 22.23 -6.78
C ALA D 327 7.06 23.19 -6.77
N ASP D 328 7.28 24.46 -6.40
CA ASP D 328 6.16 25.40 -6.34
C ASP D 328 5.96 26.11 -7.68
N VAL D 329 7.04 26.62 -8.27
CA VAL D 329 6.92 27.38 -9.50
C VAL D 329 6.66 26.44 -10.66
N THR D 330 5.49 26.58 -11.29
CA THR D 330 5.08 25.73 -12.40
C THR D 330 4.66 26.59 -13.58
N VAL D 331 4.72 26.01 -14.76
CA VAL D 331 4.41 26.70 -16.01
C VAL D 331 3.09 26.18 -16.53
N LEU D 332 2.20 27.10 -16.91
CA LEU D 332 0.89 26.72 -17.43
C LEU D 332 1.04 26.02 -18.77
N GLN D 333 0.32 24.91 -18.94
CA GLN D 333 0.42 24.12 -20.17
C GLN D 333 -0.88 23.37 -20.39
N ALA D 334 -1.06 22.89 -21.61
CA ALA D 334 -2.20 22.07 -22.00
C ALA D 334 -1.76 20.62 -21.94
N ALA D 335 -2.39 19.84 -21.06
CA ALA D 335 -1.94 18.48 -20.78
C ALA D 335 -2.03 17.59 -22.02
N GLY D 336 -3.24 17.29 -22.48
CA GLY D 336 -3.39 16.49 -23.68
C GLY D 336 -4.26 17.14 -24.73
N LYS D 337 -3.64 17.59 -25.83
CA LYS D 337 -4.40 18.09 -26.97
C LYS D 337 -3.77 17.58 -28.26
N SER D 338 -2.62 16.91 -28.15
CA SER D 338 -1.90 16.47 -29.33
C SER D 338 -2.71 15.49 -30.17
N GLN D 339 -3.50 14.63 -29.53
CA GLN D 339 -4.27 13.63 -30.27
C GLN D 339 -5.30 14.29 -31.18
N ASP D 340 -6.05 15.26 -30.65
CA ASP D 340 -7.06 15.91 -31.46
C ASP D 340 -6.45 16.71 -32.59
N LEU D 341 -5.34 17.40 -32.32
CA LEU D 341 -4.67 18.15 -33.36
C LEU D 341 -4.12 17.23 -34.44
N GLN D 342 -3.65 16.04 -34.04
CA GLN D 342 -3.18 15.06 -35.01
C GLN D 342 -4.33 14.54 -35.86
N ILE D 343 -5.51 14.32 -35.27
CA ILE D 343 -6.67 13.92 -36.04
C ILE D 343 -7.03 15.00 -37.06
N ALA D 344 -7.00 16.26 -36.62
CA ALA D 344 -7.30 17.36 -37.54
C ALA D 344 -6.27 17.43 -38.66
N ASN D 345 -4.99 17.22 -38.34
CA ASN D 345 -3.97 17.20 -39.38
C ASN D 345 -4.22 16.07 -40.37
N GLN D 346 -4.62 14.89 -39.89
CA GLN D 346 -4.89 13.78 -40.78
C GLN D 346 -6.04 14.10 -41.74
N THR D 347 -7.13 14.63 -41.20
CA THR D 347 -8.29 14.90 -42.07
C THR D 347 -7.99 16.04 -43.05
N ILE D 348 -7.25 17.07 -42.60
CA ILE D 348 -6.93 18.17 -43.51
C ILE D 348 -5.98 17.69 -44.60
N GLU D 349 -5.05 16.79 -44.26
CA GLU D 349 -4.18 16.21 -45.27
C GLU D 349 -4.97 15.40 -46.28
N ARG D 350 -5.95 14.63 -45.81
CA ARG D 350 -6.77 13.85 -46.73
C ARG D 350 -7.56 14.75 -47.67
N ILE D 351 -8.17 15.80 -47.13
CA ILE D 351 -8.94 16.73 -47.96
C ILE D 351 -8.03 17.40 -48.99
N GLU D 352 -6.86 17.86 -48.56
CA GLU D 352 -5.94 18.52 -49.47
C GLU D 352 -5.48 17.56 -50.57
N ASN D 353 -5.21 16.31 -50.21
CA ASN D 353 -4.81 15.33 -51.21
C ASN D 353 -5.91 15.09 -52.23
N ARG D 354 -7.15 14.97 -51.77
CA ARG D 354 -8.27 14.79 -52.69
C ARG D 354 -8.39 15.97 -53.65
N LEU D 355 -8.31 17.20 -53.11
CA LEU D 355 -8.44 18.38 -53.96
C LEU D 355 -7.29 18.47 -54.95
N ALA D 356 -6.06 18.18 -54.49
CA ALA D 356 -4.90 18.25 -55.38
C ALA D 356 -5.00 17.22 -56.49
N PHE D 357 -5.48 16.01 -56.17
CA PHE D 357 -5.68 15.01 -57.21
C PHE D 357 -6.76 15.43 -58.19
N ALA D 358 -7.79 16.13 -57.70
CA ALA D 358 -8.85 16.61 -58.59
C ALA D 358 -8.38 17.74 -59.50
N PHE D 359 -7.49 18.60 -59.02
CA PHE D 359 -6.97 19.69 -59.84
C PHE D 359 -5.74 19.28 -60.66
N MET D 360 -5.37 18.00 -60.60
CA MET D 360 -4.38 17.40 -61.50
C MET D 360 -3.02 18.08 -61.42
N LEU D 361 -2.70 18.58 -60.24
CA LEU D 361 -1.34 19.05 -59.97
C LEU D 361 -0.36 17.88 -60.06
N ASN D 362 0.93 18.22 -60.00
CA ASN D 362 2.00 17.23 -60.12
C ASN D 362 2.44 16.68 -58.77
N THR D 363 1.97 17.26 -57.66
CA THR D 363 2.45 16.84 -56.35
C THR D 363 1.88 15.49 -55.94
N ALA D 364 0.60 15.25 -56.25
CA ALA D 364 -0.07 14.05 -55.79
C ALA D 364 0.54 12.77 -56.34
N ILE D 365 1.25 12.85 -57.46
CA ILE D 365 1.81 11.64 -58.07
C ILE D 365 2.95 11.08 -57.23
N GLN D 366 3.82 11.95 -56.71
CA GLN D 366 5.00 11.48 -55.99
C GLN D 366 4.59 10.68 -54.75
N ARG D 367 5.07 9.44 -54.69
CA ARG D 367 4.81 8.58 -53.55
C ARG D 367 6.04 8.55 -52.67
N PRO D 368 6.02 9.17 -51.49
CA PRO D 368 7.19 9.11 -50.60
C PRO D 368 7.47 7.69 -50.15
N GLY D 369 8.77 7.37 -50.01
CA GLY D 369 9.20 6.10 -49.46
C GLY D 369 10.11 5.30 -50.37
N GLU D 370 9.85 5.33 -51.68
CA GLU D 370 10.58 4.44 -52.58
C GLU D 370 10.47 5.05 -53.97
N ARG D 371 11.37 4.64 -54.86
CA ARG D 371 11.41 5.15 -56.23
C ARG D 371 10.12 4.82 -56.99
N VAL D 372 9.93 5.51 -58.11
CA VAL D 372 8.87 5.20 -59.07
C VAL D 372 9.50 5.03 -60.44
N THR D 373 9.12 3.96 -61.14
CA THR D 373 9.69 3.66 -62.43
C THR D 373 9.19 4.66 -63.48
N ALA D 374 9.95 4.77 -64.58
CA ALA D 374 9.57 5.68 -65.65
C ALA D 374 8.22 5.27 -66.26
N GLU D 375 8.00 3.96 -66.43
CA GLU D 375 6.73 3.50 -66.95
C GLU D 375 5.59 3.85 -66.00
N GLU D 376 5.84 3.76 -64.69
CA GLU D 376 4.83 4.17 -63.71
C GLU D 376 4.49 5.65 -63.89
N ILE D 377 5.50 6.49 -64.09
CA ILE D 377 5.27 7.92 -64.24
C ILE D 377 4.51 8.20 -65.53
N ARG D 378 4.82 7.46 -66.59
CA ARG D 378 4.04 7.56 -67.83
C ARG D 378 2.59 7.17 -67.58
N TYR D 379 2.36 6.16 -66.74
CA TYR D 379 1.01 5.75 -66.40
C TYR D 379 0.25 6.86 -65.68
N MET D 380 0.89 7.49 -64.70
CA MET D 380 0.24 8.61 -63.99
C MET D 380 0.00 9.77 -64.94
N ALA D 381 0.92 10.03 -65.86
CA ALA D 381 0.72 11.10 -66.83
C ALA D 381 -0.47 10.80 -67.74
N GLN D 382 -0.62 9.53 -68.14
CA GLN D 382 -1.79 9.14 -68.91
C GLN D 382 -3.07 9.38 -68.12
N GLU D 383 -3.05 9.04 -66.83
CA GLU D 383 -4.23 9.30 -66.00
C GLU D 383 -4.55 10.80 -65.94
N LEU D 384 -3.52 11.63 -65.75
CA LEU D 384 -3.73 13.06 -65.64
C LEU D 384 -4.28 13.63 -66.95
N ASP D 385 -3.74 13.19 -68.09
CA ASP D 385 -4.27 13.67 -69.36
C ASP D 385 -5.70 13.19 -69.58
N ALA D 386 -6.00 11.96 -69.15
CA ALA D 386 -7.34 11.42 -69.33
C ALA D 386 -8.36 12.17 -68.48
N GLY D 387 -7.95 12.69 -67.34
CA GLY D 387 -8.90 13.28 -66.40
C GLY D 387 -9.67 14.49 -66.88
N ILE D 388 -9.25 15.16 -67.96
CA ILE D 388 -9.87 16.42 -68.37
C ILE D 388 -10.30 16.30 -69.83
N SER D 389 -10.60 15.06 -70.24
CA SER D 389 -10.92 14.79 -71.64
C SER D 389 -12.16 15.53 -72.09
N GLY D 390 -13.20 15.56 -71.25
CA GLY D 390 -14.41 16.28 -71.62
C GLY D 390 -14.15 17.75 -71.89
N LEU D 391 -13.31 18.37 -71.05
CA LEU D 391 -12.99 19.78 -71.25
C LEU D 391 -12.21 20.00 -72.54
N TYR D 392 -11.19 19.18 -72.82
CA TYR D 392 -10.48 19.40 -74.07
C TYR D 392 -11.42 19.21 -75.26
N SER D 393 -12.30 18.23 -75.19
CA SER D 393 -13.21 17.97 -76.30
C SER D 393 -14.15 19.16 -76.53
N ILE D 394 -14.79 19.64 -75.46
CA ILE D 394 -15.75 20.73 -75.63
C ILE D 394 -15.05 22.01 -76.08
N LEU D 395 -13.85 22.29 -75.55
CA LEU D 395 -13.13 23.46 -76.00
C LEU D 395 -12.73 23.34 -77.47
N SER D 396 -12.28 22.16 -77.89
CA SER D 396 -11.90 21.97 -79.29
C SER D 396 -13.11 22.18 -80.19
N ARG D 397 -14.29 21.70 -79.77
CA ARG D 397 -15.47 21.84 -80.61
C ARG D 397 -16.00 23.27 -80.61
N GLU D 398 -15.78 24.02 -79.54
CA GLU D 398 -16.42 25.33 -79.39
C GLU D 398 -15.53 26.50 -79.80
N LEU D 399 -14.23 26.43 -79.59
CA LEU D 399 -13.35 27.59 -79.74
C LEU D 399 -12.48 27.53 -80.99
N GLN D 400 -11.80 26.41 -81.22
CA GLN D 400 -10.81 26.35 -82.28
C GLN D 400 -11.44 26.55 -83.66
N LEU D 401 -12.47 25.77 -83.98
CA LEU D 401 -13.02 25.81 -85.34
C LEU D 401 -13.63 27.17 -85.69
N PRO D 402 -14.50 27.78 -84.88
CA PRO D 402 -15.01 29.11 -85.25
C PRO D 402 -13.92 30.15 -85.36
N LEU D 403 -12.89 30.08 -84.51
CA LEU D 403 -11.83 31.08 -84.55
C LEU D 403 -11.07 31.00 -85.87
N VAL D 404 -10.69 29.78 -86.28
CA VAL D 404 -9.95 29.65 -87.52
C VAL D 404 -10.83 30.00 -88.72
N ARG D 405 -12.12 29.67 -88.66
CA ARG D 405 -13.01 30.05 -89.75
C ARG D 405 -13.10 31.57 -89.88
N ARG D 406 -13.30 32.28 -88.77
CA ARG D 406 -13.36 33.73 -88.83
C ARG D 406 -12.03 34.31 -89.30
N LEU D 407 -10.93 33.74 -88.84
CA LEU D 407 -9.61 34.20 -89.24
C LEU D 407 -9.43 34.09 -90.75
N ILE D 408 -9.78 32.93 -91.32
CA ILE D 408 -9.55 32.73 -92.74
C ILE D 408 -10.50 33.58 -93.56
N HIS D 409 -11.74 33.79 -93.08
CA HIS D 409 -12.63 34.71 -93.78
C HIS D 409 -12.08 36.12 -93.79
N ILE D 410 -11.55 36.58 -92.66
CA ILE D 410 -10.95 37.91 -92.58
C ILE D 410 -9.78 38.02 -93.56
N LEU D 411 -8.95 37.00 -93.59
CA LEU D 411 -7.79 37.00 -94.47
C LEU D 411 -8.22 37.04 -95.93
N ARG D 412 -9.26 36.27 -96.28
CA ARG D 412 -9.75 36.29 -97.65
C ARG D 412 -10.30 37.66 -98.02
N ARG D 413 -11.05 38.28 -97.11
CA ARG D 413 -11.60 39.61 -97.41
C ARG D 413 -10.49 40.63 -97.59
N LYS D 414 -9.39 40.48 -96.84
CA LYS D 414 -8.28 41.41 -97.00
C LYS D 414 -7.58 41.28 -98.35
N ARG D 415 -7.89 40.24 -99.12
CA ARG D 415 -7.35 39.97 -100.45
C ARG D 415 -5.88 39.55 -100.42
N LYS D 416 -5.41 38.98 -99.31
CA LYS D 416 -4.03 38.50 -99.28
C LYS D 416 -3.90 37.07 -99.81
N LEU D 417 -5.02 36.41 -100.11
CA LEU D 417 -5.03 35.07 -100.66
C LEU D 417 -6.29 34.89 -101.49
N PRO D 418 -6.19 34.29 -102.68
CA PRO D 418 -7.39 34.07 -103.50
C PRO D 418 -8.39 33.12 -102.84
N ASP D 419 -9.59 33.04 -103.41
CA ASP D 419 -10.68 32.32 -102.77
C ASP D 419 -10.48 30.81 -102.89
N PHE D 420 -11.03 30.08 -101.91
CA PHE D 420 -10.98 28.63 -101.94
C PHE D 420 -11.84 28.10 -103.09
N PRO D 421 -11.38 27.08 -103.80
CA PRO D 421 -12.24 26.44 -104.81
C PRO D 421 -13.42 25.75 -104.14
N ARG D 422 -14.54 25.72 -104.86
CA ARG D 422 -15.78 25.18 -104.34
C ARG D 422 -16.22 23.97 -105.15
N SER D 423 -16.93 23.06 -104.49
CA SER D 423 -17.38 21.84 -105.12
C SER D 423 -18.37 22.13 -106.25
N GLU D 424 -18.22 21.42 -107.37
CA GLU D 424 -19.18 21.56 -108.46
C GLU D 424 -20.47 20.81 -108.14
N VAL D 425 -20.38 19.72 -107.39
CA VAL D 425 -21.56 18.91 -107.10
C VAL D 425 -22.36 19.52 -105.94
N THR D 426 -21.68 19.88 -104.86
CA THR D 426 -22.35 20.32 -103.65
C THR D 426 -22.15 21.79 -103.33
N GLY D 427 -21.08 22.42 -103.82
CA GLY D 427 -20.77 23.79 -103.48
C GLY D 427 -19.94 23.96 -102.23
N GLU D 428 -19.70 22.88 -101.49
CA GLU D 428 -18.89 22.96 -100.28
C GLU D 428 -17.44 23.27 -100.65
N PRO D 429 -16.71 23.97 -99.77
CA PRO D 429 -15.29 24.21 -100.04
C PRO D 429 -14.52 22.90 -100.16
N LEU D 430 -13.55 22.89 -101.08
CA LEU D 430 -12.80 21.68 -101.36
C LEU D 430 -11.83 21.30 -100.23
N ILE D 431 -11.66 22.15 -99.23
CA ILE D 431 -10.75 21.89 -98.13
C ILE D 431 -11.43 22.25 -96.83
N LYS D 432 -11.35 21.35 -95.85
CA LYS D 432 -12.00 21.49 -94.55
C LYS D 432 -10.95 21.65 -93.46
N GLU D 433 -11.42 21.68 -92.21
CA GLU D 433 -10.58 21.96 -91.05
C GLU D 433 -10.78 20.88 -89.99
N LYS D 434 -9.75 20.67 -89.17
CA LYS D 434 -9.79 19.72 -88.08
C LYS D 434 -9.06 20.31 -86.88
N ALA D 435 -9.43 19.83 -85.69
CA ALA D 435 -8.84 20.31 -84.44
C ALA D 435 -8.05 19.18 -83.80
N VAL D 436 -6.94 19.55 -83.15
CA VAL D 436 -6.04 18.60 -82.51
C VAL D 436 -5.83 19.04 -81.07
N THR D 437 -6.03 18.11 -80.12
CA THR D 437 -5.89 18.41 -78.70
C THR D 437 -5.18 17.28 -77.98
N GLY D 438 -4.25 17.64 -77.10
CA GLY D 438 -3.72 16.68 -76.14
C GLY D 438 -2.74 15.69 -76.75
N ILE D 439 -3.03 14.40 -76.52
CA ILE D 439 -2.12 13.34 -76.93
C ILE D 439 -1.96 13.31 -78.45
N GLU D 440 -3.01 13.70 -79.19
CA GLU D 440 -2.89 13.75 -80.65
C GLU D 440 -1.82 14.76 -81.08
N ALA D 441 -1.83 15.94 -80.46
CA ALA D 441 -0.82 16.95 -80.78
C ALA D 441 0.56 16.53 -80.28
N ILE D 442 0.61 15.86 -79.11
CA ILE D 442 1.89 15.40 -78.59
C ILE D 442 2.49 14.34 -79.51
N GLY D 443 1.65 13.49 -80.09
CA GLY D 443 2.12 12.34 -80.83
C GLY D 443 1.85 12.35 -82.32
N ARG D 444 1.59 13.50 -82.92
CA ARG D 444 1.73 13.58 -84.38
C ARG D 444 3.17 13.29 -84.78
N GLY D 445 4.13 13.73 -83.96
CA GLY D 445 5.50 13.26 -84.13
C GLY D 445 5.63 11.76 -83.99
N ASP D 446 4.85 11.16 -83.09
CA ASP D 446 4.82 9.70 -82.98
C ASP D 446 4.22 9.06 -84.22
N ASP D 447 3.24 9.72 -84.86
CA ASP D 447 2.69 9.23 -86.12
C ASP D 447 3.77 9.22 -87.20
N ARG D 448 4.54 10.31 -87.29
CA ARG D 448 5.65 10.35 -88.23
C ARG D 448 6.67 9.26 -87.90
N ASN D 449 6.94 9.07 -86.60
CA ASN D 449 7.88 8.03 -86.18
C ASN D 449 7.38 6.65 -86.58
N LYS D 450 6.08 6.40 -86.45
CA LYS D 450 5.51 5.12 -86.84
C LYS D 450 5.61 4.91 -88.34
N LEU D 451 5.36 5.94 -89.13
CA LEU D 451 5.51 5.82 -90.57
C LEU D 451 6.96 5.47 -90.94
N ILE D 452 7.92 6.21 -90.38
CA ILE D 452 9.32 5.97 -90.69
C ILE D 452 9.76 4.61 -90.17
N ASP D 453 9.23 4.19 -89.01
CA ASP D 453 9.59 2.88 -88.46
C ASP D 453 9.02 1.76 -89.32
N PHE D 454 7.82 1.94 -89.86
CA PHE D 454 7.28 0.97 -90.81
C PHE D 454 8.17 0.87 -92.05
N ILE D 455 8.60 2.02 -92.57
CA ILE D 455 9.48 2.03 -93.74
C ILE D 455 10.79 1.32 -93.43
N THR D 456 11.37 1.61 -92.27
CA THR D 456 12.67 1.04 -91.90
C THR D 456 12.55 -0.46 -91.62
N THR D 457 11.46 -0.89 -90.99
CA THR D 457 11.26 -2.31 -90.75
C THR D 457 11.08 -3.07 -92.06
N ALA D 458 10.35 -2.49 -93.01
CA ALA D 458 10.26 -3.08 -94.34
C ALA D 458 11.64 -3.19 -94.97
N ASN D 459 12.44 -2.12 -94.87
CA ASN D 459 13.78 -2.15 -95.45
C ASN D 459 14.64 -3.23 -94.80
N GLN D 460 14.56 -3.37 -93.48
CA GLN D 460 15.31 -4.42 -92.81
C GLN D 460 14.87 -5.80 -93.27
N ALA D 461 13.55 -6.01 -93.39
CA ALA D 461 13.04 -7.32 -93.77
C ALA D 461 13.43 -7.68 -95.20
N LEU D 462 13.52 -6.68 -96.09
CA LEU D 462 13.71 -6.97 -97.51
C LEU D 462 15.10 -6.55 -97.99
N GLY D 463 15.65 -5.45 -97.50
CA GLY D 463 16.99 -5.05 -97.85
C GLY D 463 17.03 -4.03 -98.97
N PRO D 464 18.15 -3.97 -99.69
CA PRO D 464 18.21 -3.08 -100.86
C PRO D 464 17.43 -3.61 -102.05
N GLN D 465 17.16 -4.92 -102.10
CA GLN D 465 16.29 -5.45 -103.13
C GLN D 465 14.85 -5.01 -102.92
N ALA D 466 14.54 -4.43 -101.76
CA ALA D 466 13.22 -3.85 -101.56
C ALA D 466 12.95 -2.73 -102.55
N MET D 467 13.97 -1.95 -102.87
CA MET D 467 13.91 -0.61 -103.44
C MET D 467 13.07 -0.52 -104.76
N THR D 468 12.40 -1.57 -105.24
CA THR D 468 11.86 -1.61 -106.60
C THR D 468 10.35 -1.44 -106.74
N GLN D 469 9.49 -2.10 -105.94
CA GLN D 469 8.08 -2.16 -106.37
C GLN D 469 6.92 -2.08 -105.36
N PHE D 470 7.13 -1.85 -104.04
CA PHE D 470 6.03 -1.53 -103.12
C PHE D 470 6.14 -0.15 -102.46
N LEU D 471 7.17 0.12 -101.67
CA LEU D 471 7.21 1.29 -100.77
C LEU D 471 8.34 2.23 -101.18
N ASN D 472 7.99 3.42 -101.62
CA ASN D 472 8.92 4.33 -102.28
C ASN D 472 10.10 4.68 -101.36
N VAL D 473 11.29 4.77 -101.97
CA VAL D 473 12.48 5.24 -101.26
C VAL D 473 12.36 6.72 -100.92
N GLU D 474 11.29 7.37 -101.36
CA GLU D 474 10.82 8.67 -100.88
C GLU D 474 11.79 9.81 -101.17
N GLU D 475 12.91 9.54 -101.86
CA GLU D 475 13.55 10.53 -102.72
C GLU D 475 13.68 11.93 -102.13
N ALA D 476 14.57 12.14 -101.14
CA ALA D 476 14.55 13.40 -100.39
C ALA D 476 15.52 14.49 -100.89
N LEU D 477 15.14 15.32 -101.88
CA LEU D 477 15.79 16.62 -102.07
C LEU D 477 14.81 17.78 -102.34
N ARG D 478 13.73 17.52 -103.10
CA ARG D 478 12.96 18.59 -103.74
C ARG D 478 11.72 19.01 -102.94
N ARG D 479 10.78 18.08 -102.72
CA ARG D 479 9.42 18.44 -102.33
C ARG D 479 9.25 18.61 -100.82
N LEU D 480 9.74 17.66 -100.01
CA LEU D 480 9.76 17.89 -98.57
C LEU D 480 10.56 19.13 -98.20
N ALA D 481 11.48 19.57 -99.07
CA ALA D 481 12.07 20.89 -98.92
C ALA D 481 11.01 21.96 -99.04
N ALA D 482 10.07 21.79 -99.96
CA ALA D 482 8.92 22.68 -100.09
C ALA D 482 7.84 22.39 -99.04
N SER D 483 7.89 21.23 -98.39
CA SER D 483 7.02 20.91 -97.27
C SER D 483 7.57 21.59 -96.03
N GLY D 484 6.66 22.06 -95.17
CA GLY D 484 7.08 22.97 -94.12
C GLY D 484 7.63 24.27 -94.66
N SER D 485 7.00 24.79 -95.73
CA SER D 485 7.45 25.98 -96.46
C SER D 485 8.78 25.75 -97.16
N ILE D 486 9.50 26.84 -97.45
CA ILE D 486 10.73 26.85 -98.24
C ILE D 486 10.43 26.40 -99.66
N ASP D 487 11.26 26.82 -100.62
CA ASP D 487 11.04 26.48 -102.02
C ASP D 487 11.94 25.33 -102.45
N THR D 488 11.76 24.92 -103.69
CA THR D 488 12.55 23.87 -104.31
C THR D 488 13.84 24.48 -104.86
N THR D 489 14.55 23.74 -105.72
CA THR D 489 15.75 24.18 -106.42
C THR D 489 16.90 24.40 -105.45
N ASN D 490 17.65 25.49 -105.64
CA ASN D 490 18.85 25.79 -104.87
C ASN D 490 19.88 24.69 -105.11
N LEU D 491 19.94 23.70 -104.23
CA LEU D 491 20.79 22.53 -104.51
C LEU D 491 20.31 21.78 -105.73
N VAL D 492 18.99 21.70 -105.92
CA VAL D 492 18.39 20.74 -106.83
C VAL D 492 18.94 20.95 -108.24
N LYS D 493 19.62 19.93 -108.76
CA LYS D 493 19.84 19.86 -110.19
C LYS D 493 18.49 19.55 -110.83
N THR D 494 17.80 20.57 -111.31
CA THR D 494 16.43 20.41 -111.78
C THR D 494 16.37 19.40 -112.92
N LYS D 495 15.18 18.82 -113.11
CA LYS D 495 15.00 17.85 -114.18
C LYS D 495 15.47 18.42 -115.52
N ALA D 496 15.18 19.70 -115.77
CA ALA D 496 15.72 20.35 -116.96
C ALA D 496 17.24 20.41 -116.92
N GLN D 497 17.80 20.82 -115.77
CA GLN D 497 19.26 20.88 -115.64
C GLN D 497 19.89 19.50 -115.74
N LEU D 498 19.28 18.49 -115.09
CA LEU D 498 19.82 17.15 -115.17
C LEU D 498 19.78 16.60 -116.59
N GLN D 499 18.67 16.85 -117.30
CA GLN D 499 18.58 16.41 -118.70
C GLN D 499 19.61 17.13 -119.57
N GLN D 500 19.80 18.43 -119.35
CA GLN D 500 20.78 19.18 -120.12
C GLN D 500 22.19 18.65 -119.88
N GLU D 501 22.55 18.42 -118.62
CA GLU D 501 23.88 17.93 -118.31
C GLU D 501 24.08 16.50 -118.80
N ALA D 502 23.04 15.67 -118.73
CA ALA D 502 23.13 14.31 -119.27
C ALA D 502 23.32 14.34 -120.78
N ALA D 503 22.62 15.25 -121.47
CA ALA D 503 22.82 15.40 -122.91
C ALA D 503 24.22 15.86 -123.23
N ALA D 504 24.75 16.80 -122.45
CA ALA D 504 26.13 17.25 -122.65
C ALA D 504 27.12 16.11 -122.42
N GLN D 505 26.90 15.32 -121.38
CA GLN D 505 27.76 14.16 -121.12
C GLN D 505 27.68 13.16 -122.26
N ALA D 506 26.47 12.92 -122.78
CA ALA D 506 26.30 11.99 -123.88
C ALA D 506 27.02 12.50 -125.12
N GLU D 507 26.92 13.79 -125.41
CA GLU D 507 27.65 14.35 -126.55
C GLU D 507 29.15 14.23 -126.35
N ALA D 508 29.64 14.46 -125.12
CA ALA D 508 31.06 14.36 -124.86
C ALA D 508 31.56 12.93 -125.04
N GLU D 509 30.82 11.95 -124.54
CA GLU D 509 31.25 10.57 -124.72
C GLU D 509 31.13 10.12 -126.17
N GLN D 510 30.14 10.66 -126.90
CA GLN D 510 30.06 10.40 -128.34
C GLN D 510 31.27 10.97 -129.07
N GLN D 511 31.67 12.19 -128.71
CA GLN D 511 32.86 12.78 -129.30
C GLN D 511 34.10 11.95 -128.99
N ALA D 512 34.16 11.41 -127.77
CA ALA D 512 35.21 10.45 -127.44
C ALA D 512 35.16 9.25 -128.38
N GLN D 513 33.97 8.66 -128.55
CA GLN D 513 33.81 7.57 -129.52
C GLN D 513 34.04 8.06 -130.94
N GLN D 514 33.54 9.25 -131.27
CA GLN D 514 33.77 9.81 -132.59
C GLN D 514 35.26 9.98 -132.84
N GLN D 515 35.72 9.48 -133.98
CA GLN D 515 37.14 9.45 -134.31
C GLN D 515 37.92 8.79 -133.17
N GLN D 516 37.47 7.58 -132.80
CA GLN D 516 38.13 6.83 -131.75
C GLN D 516 39.56 6.54 -132.19
N LEU D 517 40.53 7.19 -131.54
CA LEU D 517 41.92 7.14 -131.99
C LEU D 517 41.99 7.55 -133.46
N LEU D 518 42.02 6.55 -134.34
CA LEU D 518 41.98 6.73 -135.79
C LEU D 518 43.30 7.35 -136.26
N GLU D 519 43.51 8.64 -136.02
CA GLU D 519 44.69 9.32 -136.56
C GLU D 519 45.97 8.65 -136.10
N THR D 520 45.97 8.13 -134.88
CA THR D 520 46.99 7.17 -134.44
C THR D 520 46.49 5.74 -134.47
N GLY D 521 45.17 5.53 -134.53
CA GLY D 521 44.64 4.20 -134.38
C GLY D 521 44.86 3.29 -135.57
N ILE D 522 45.06 3.86 -136.76
CA ILE D 522 45.16 3.01 -137.94
C ILE D 522 46.44 2.18 -137.90
N LYS D 523 46.39 1.07 -138.61
CA LYS D 523 47.44 0.05 -138.60
C LYS D 523 48.74 0.50 -139.26
N SER D 524 48.65 1.06 -140.46
CA SER D 524 49.82 1.43 -141.25
C SER D 524 49.42 2.54 -142.21
N PRO D 525 50.35 3.43 -142.57
CA PRO D 525 49.96 4.66 -143.28
C PRO D 525 49.61 4.42 -144.74
N ALA D 526 48.76 3.43 -145.02
CA ALA D 526 48.48 3.10 -146.41
C ALA D 526 47.62 4.18 -147.07
N MET D 527 46.64 4.72 -146.35
CA MET D 527 45.82 5.76 -146.96
C MET D 527 46.57 7.09 -147.00
N ALA D 528 47.51 7.30 -146.08
CA ALA D 528 48.39 8.45 -146.21
C ALA D 528 49.26 8.35 -147.45
N GLN D 529 49.83 7.17 -147.70
CA GLN D 529 50.60 6.94 -148.91
C GLN D 529 49.69 7.03 -150.14
N ALA D 530 48.42 6.66 -149.97
CA ALA D 530 47.44 6.80 -151.05
C ALA D 530 47.22 8.27 -151.39
N VAL D 531 47.09 9.12 -150.37
CA VAL D 531 46.98 10.56 -150.60
C VAL D 531 48.22 11.06 -151.32
N LYS D 532 49.40 10.59 -150.88
CA LYS D 532 50.64 10.96 -151.54
C LYS D 532 50.63 10.57 -153.02
N ASN D 533 50.14 9.38 -153.32
CA ASN D 533 50.03 8.93 -154.71
C ASN D 533 49.06 9.79 -155.50
N PHE D 534 47.94 10.15 -154.87
CA PHE D 534 46.95 11.00 -155.53
C PHE D 534 47.55 12.36 -155.89
N GLN D 535 48.33 12.94 -154.98
CA GLN D 535 49.00 14.20 -155.28
C GLN D 535 50.06 14.02 -156.35
N GLY D 536 50.83 12.93 -156.26
CA GLY D 536 51.91 12.68 -157.19
C GLY D 536 51.46 12.16 -158.54
N ALA D 537 50.78 11.01 -158.55
CA ALA D 537 50.44 10.33 -159.79
C ALA D 537 49.17 10.87 -160.43
N ASP D 538 49.34 11.81 -161.38
CA ASP D 538 48.26 12.33 -162.21
C ASP D 538 47.05 12.77 -161.39
N PRO D 539 47.12 13.93 -160.73
CA PRO D 539 46.00 14.36 -159.86
C PRO D 539 44.64 14.38 -160.56
N GLU D 540 44.60 14.56 -161.88
CA GLU D 540 43.34 14.48 -162.59
C GLU D 540 42.86 13.03 -162.70
N ARG D 541 43.79 12.11 -163.00
CA ARG D 541 43.45 10.70 -162.94
C ARG D 541 43.11 10.30 -161.51
N ALA D 542 43.73 10.95 -160.53
CA ALA D 542 43.37 10.72 -159.13
C ALA D 542 41.96 11.22 -158.83
N ALA D 543 41.54 12.31 -159.45
CA ALA D 543 40.17 12.78 -159.28
C ALA D 543 39.17 11.84 -159.92
N GLN D 544 39.49 11.32 -161.10
CA GLN D 544 38.65 10.28 -161.71
C GLN D 544 38.63 9.02 -160.84
N ALA D 545 39.77 8.72 -160.20
CA ALA D 545 39.85 7.63 -159.25
C ALA D 545 38.94 7.84 -158.04
N LEU D 546 38.88 9.07 -157.53
CA LEU D 546 37.98 9.36 -156.41
C LEU D 546 36.52 9.33 -156.86
N SER D 547 36.26 9.67 -158.13
CA SER D 547 34.93 9.45 -158.69
C SER D 547 34.59 7.96 -158.72
N ALA D 548 35.55 7.13 -159.10
CA ALA D 548 35.35 5.68 -159.03
C ALA D 548 35.13 5.23 -157.59
N ILE D 549 35.79 5.90 -156.64
CA ILE D 549 35.54 5.64 -155.22
C ILE D 549 34.08 5.91 -154.88
N THR D 550 33.59 7.08 -155.26
CA THR D 550 32.18 7.43 -155.02
C THR D 550 31.25 6.64 -155.91
N SER D 551 31.78 5.83 -156.82
CA SER D 551 30.99 4.87 -157.58
C SER D 551 30.89 3.51 -156.90
N GLU D 552 31.99 3.02 -156.30
CA GLU D 552 31.92 1.77 -155.56
C GLU D 552 31.02 1.89 -154.34
N THR D 553 30.86 3.10 -153.82
CA THR D 553 29.85 3.47 -152.85
C THR D 553 28.94 4.50 -153.51
N GLY D 554 28.09 5.15 -152.72
CA GLY D 554 27.26 6.20 -153.28
C GLY D 554 26.33 6.80 -152.26
N GLY D 555 25.43 7.65 -152.74
CA GLY D 555 24.46 8.31 -151.91
C GLY D 555 25.04 9.31 -150.94
N ILE D 556 26.17 9.91 -151.32
CA ILE D 556 26.80 10.97 -150.55
C ILE D 556 27.10 12.14 -151.47
N ASP D 557 26.77 13.35 -151.04
CA ASP D 557 27.04 14.53 -151.84
C ASP D 557 28.52 14.85 -151.83
N ALA D 558 29.13 14.90 -153.01
CA ALA D 558 30.54 15.25 -153.11
C ALA D 558 30.80 16.69 -152.68
N ASP D 559 29.75 17.53 -152.65
CA ASP D 559 29.89 18.89 -152.16
C ASP D 559 30.12 18.94 -150.65
N GLN D 560 29.87 17.84 -149.94
CA GLN D 560 30.18 17.80 -148.52
C GLN D 560 31.64 17.46 -148.25
N LEU D 561 32.35 16.95 -149.25
CA LEU D 561 33.79 16.69 -149.10
C LEU D 561 34.59 17.98 -149.04
N THR D 562 34.14 19.02 -149.75
CA THR D 562 34.83 20.30 -149.80
C THR D 562 34.44 21.23 -148.66
N GLU D 563 33.97 20.68 -147.54
CA GLU D 563 33.69 21.46 -146.34
C GLU D 563 34.47 20.95 -145.14
N ALA D 564 35.69 20.48 -145.38
CA ALA D 564 36.55 19.97 -144.31
C ALA D 564 37.61 21.00 -143.93
N MET E 1 -36.94 31.52 -89.40
CA MET E 1 -36.20 31.19 -90.61
C MET E 1 -36.59 29.82 -91.13
N LYS E 2 -35.62 29.12 -91.72
CA LYS E 2 -35.84 27.80 -92.29
C LYS E 2 -35.59 26.77 -91.20
N THR E 3 -36.63 26.01 -90.85
CA THR E 3 -36.52 24.96 -89.85
C THR E 3 -35.82 23.76 -90.46
N ARG E 4 -34.49 23.70 -90.34
CA ARG E 4 -33.69 22.62 -90.90
C ARG E 4 -32.87 21.98 -89.79
N LEU E 5 -33.49 21.04 -89.07
CA LEU E 5 -32.78 20.18 -88.14
C LEU E 5 -32.53 18.79 -88.71
N THR E 6 -33.08 18.50 -89.88
CA THR E 6 -32.90 17.22 -90.55
C THR E 6 -32.24 17.45 -91.90
N ASN E 7 -31.38 16.51 -92.29
CA ASN E 7 -30.65 16.63 -93.55
C ASN E 7 -31.61 16.55 -94.73
N ASN E 8 -31.22 17.20 -95.82
CA ASN E 8 -31.96 17.17 -97.07
C ASN E 8 -31.43 16.10 -98.03
N VAL E 9 -30.86 15.02 -97.48
CA VAL E 9 -30.30 13.96 -98.30
C VAL E 9 -31.36 12.93 -98.67
N ASP E 10 -32.30 12.65 -97.76
CA ASP E 10 -33.36 11.68 -98.00
C ASP E 10 -34.74 12.32 -97.92
N ARG E 11 -34.85 13.62 -98.17
CA ARG E 11 -36.14 14.29 -98.11
C ARG E 11 -37.04 13.80 -99.24
N GLN E 12 -38.35 13.86 -99.00
CA GLN E 12 -39.33 13.39 -99.96
C GLN E 12 -40.61 14.20 -99.80
N SER E 13 -41.61 13.87 -100.61
CA SER E 13 -42.90 14.54 -100.50
C SER E 13 -43.71 13.95 -99.34
N ALA E 14 -44.89 14.52 -99.11
CA ALA E 14 -45.74 14.12 -98.01
C ALA E 14 -46.33 12.74 -98.29
N LEU E 15 -46.07 11.79 -97.38
CA LEU E 15 -46.54 10.42 -97.54
C LEU E 15 -47.50 9.95 -96.44
N TYR E 16 -47.49 10.60 -95.28
CA TYR E 16 -48.44 10.29 -94.21
C TYR E 16 -49.04 11.56 -93.64
N GLY E 17 -50.33 11.50 -93.33
CA GLY E 17 -51.03 12.57 -92.64
C GLY E 17 -51.21 12.29 -91.16
N SER E 18 -52.38 12.66 -90.64
CA SER E 18 -52.70 12.56 -89.22
C SER E 18 -53.63 11.40 -88.92
N SER E 19 -53.40 10.23 -89.54
CA SER E 19 -54.32 9.10 -89.41
C SER E 19 -54.18 8.50 -88.01
N GLY E 20 -54.84 9.14 -87.06
CA GLY E 20 -54.89 8.67 -85.69
C GLY E 20 -54.01 9.43 -84.72
N GLY E 21 -54.60 10.37 -84.00
CA GLY E 21 -53.90 11.10 -82.96
C GLY E 21 -52.79 12.00 -83.51
N THR E 22 -52.09 12.61 -82.57
CA THR E 22 -50.94 13.45 -82.87
C THR E 22 -49.74 12.97 -82.05
N ALA E 23 -48.55 13.36 -82.49
CA ALA E 23 -47.33 12.92 -81.80
C ALA E 23 -47.30 13.41 -80.37
N ALA E 24 -47.94 14.55 -80.08
CA ALA E 24 -48.00 15.04 -78.71
C ALA E 24 -48.75 14.06 -77.81
N GLN E 25 -49.85 13.50 -78.30
CA GLN E 25 -50.61 12.54 -77.50
C GLN E 25 -49.79 11.28 -77.24
N ARG E 26 -49.07 10.79 -78.26
CA ARG E 26 -48.24 9.62 -78.05
C ARG E 26 -47.11 9.91 -77.06
N TYR E 27 -46.53 11.11 -77.13
CA TYR E 27 -45.50 11.49 -76.18
C TYR E 27 -46.04 11.51 -74.75
N GLU E 28 -47.23 12.08 -74.57
CA GLU E 28 -47.84 12.11 -73.25
C GLU E 28 -48.18 10.71 -72.77
N GLN E 29 -48.55 9.81 -73.68
CA GLN E 29 -48.84 8.44 -73.31
C GLN E 29 -47.59 7.70 -72.86
N LEU E 30 -46.46 7.91 -73.55
CA LEU E 30 -45.25 7.16 -73.27
C LEU E 30 -44.41 7.74 -72.14
N ARG E 31 -44.62 9.00 -71.79
CA ARG E 31 -43.87 9.57 -70.66
C ARG E 31 -44.19 8.83 -69.37
N VAL E 32 -45.37 8.22 -69.27
CA VAL E 32 -45.75 7.49 -68.06
C VAL E 32 -44.78 6.34 -67.82
N ASP E 33 -44.48 5.57 -68.87
CA ASP E 33 -43.52 4.49 -68.71
C ASP E 33 -42.09 5.02 -68.66
N ARG E 34 -41.81 6.13 -69.35
CA ARG E 34 -40.46 6.69 -69.31
C ARG E 34 -40.10 7.28 -67.96
N ASN E 35 -41.07 7.51 -67.08
CA ASN E 35 -40.82 8.26 -65.84
C ASN E 35 -39.68 7.67 -65.02
N SER E 36 -39.83 6.43 -64.56
CA SER E 36 -38.95 5.91 -63.51
C SER E 36 -37.47 5.87 -63.90
N PRO E 37 -37.07 5.38 -65.08
CA PRO E 37 -35.64 5.39 -65.40
C PRO E 37 -35.03 6.77 -65.38
N LEU E 38 -35.81 7.80 -65.71
CA LEU E 38 -35.33 9.17 -65.57
C LEU E 38 -34.99 9.48 -64.12
N LYS E 39 -35.84 9.07 -63.18
CA LYS E 39 -35.57 9.30 -61.77
C LYS E 39 -34.30 8.57 -61.34
N ARG E 40 -34.13 7.32 -61.78
CA ARG E 40 -32.93 6.58 -61.43
C ARG E 40 -31.68 7.28 -61.96
N ALA E 41 -31.71 7.69 -63.22
CA ALA E 41 -30.56 8.36 -63.81
C ALA E 41 -30.27 9.68 -63.11
N ARG E 42 -31.31 10.41 -62.73
CA ARG E 42 -31.12 11.68 -62.04
C ARG E 42 -30.48 11.48 -60.68
N ASP E 43 -30.92 10.46 -59.93
CA ASP E 43 -30.30 10.20 -58.64
C ASP E 43 -28.84 9.78 -58.79
N CYS E 44 -28.56 8.90 -59.76
CA CYS E 44 -27.17 8.48 -59.97
C CYS E 44 -26.29 9.67 -60.33
N SER E 45 -26.77 10.52 -61.24
CA SER E 45 -26.02 11.71 -61.59
C SER E 45 -25.78 12.59 -60.38
N LYS E 46 -26.81 12.80 -59.57
CA LYS E 46 -26.67 13.62 -58.37
C LYS E 46 -25.58 13.07 -57.46
N VAL E 47 -25.50 11.74 -57.35
CA VAL E 47 -24.48 11.20 -56.44
C VAL E 47 -23.09 11.24 -57.07
N THR E 48 -22.98 11.26 -58.41
CA THR E 48 -21.66 11.29 -59.03
C THR E 48 -21.27 12.70 -59.52
N ILE E 49 -22.09 13.32 -60.34
CA ILE E 49 -21.80 14.66 -60.88
C ILE E 49 -23.01 15.54 -60.69
N PRO E 50 -22.92 16.58 -59.85
CA PRO E 50 -24.13 17.24 -59.35
C PRO E 50 -25.03 17.83 -60.44
N GLY E 51 -24.47 18.31 -61.54
CA GLY E 51 -25.28 19.04 -62.49
C GLY E 51 -25.34 18.50 -63.90
N LEU E 52 -25.11 17.20 -64.08
CA LEU E 52 -25.11 16.65 -65.43
C LEU E 52 -26.53 16.54 -65.98
N ILE E 53 -27.37 15.74 -65.34
CA ILE E 53 -28.78 15.60 -65.68
C ILE E 53 -29.57 16.42 -64.68
N GLU E 54 -30.42 17.31 -65.17
CA GLU E 54 -31.04 18.33 -64.34
C GLU E 54 -32.55 18.15 -64.25
N ASP E 55 -33.12 18.61 -63.14
CA ASP E 55 -34.55 18.75 -62.99
C ASP E 55 -35.05 19.91 -63.86
N GLU E 56 -36.33 19.88 -64.20
CA GLU E 56 -36.87 20.88 -65.11
C GLU E 56 -36.88 22.29 -64.51
N ASN E 57 -36.69 22.43 -63.21
CA ASN E 57 -36.70 23.75 -62.57
C ASN E 57 -35.37 24.05 -61.90
N TYR E 58 -34.27 23.65 -62.51
CA TYR E 58 -32.92 23.94 -62.03
C TYR E 58 -32.03 24.39 -63.17
N GLY E 59 -32.52 25.31 -63.99
CA GLY E 59 -31.80 25.74 -65.17
C GLY E 59 -31.07 27.06 -65.01
N ASP E 60 -31.67 28.13 -65.52
CA ASP E 60 -31.05 29.46 -65.49
C ASP E 60 -30.76 29.91 -64.07
N ALA E 61 -31.64 29.59 -63.13
CA ALA E 61 -31.54 30.06 -61.75
C ALA E 61 -31.72 28.91 -60.77
N GLY E 62 -31.03 27.80 -61.04
CA GLY E 62 -31.00 26.69 -60.11
C GLY E 62 -29.62 26.49 -59.51
N ARG E 63 -29.60 26.07 -58.25
CA ARG E 63 -28.36 25.85 -57.52
C ARG E 63 -28.18 24.37 -57.22
N LEU E 64 -26.97 23.87 -57.46
CA LEU E 64 -26.63 22.47 -57.24
C LEU E 64 -25.68 22.33 -56.07
N ASP E 65 -25.78 21.19 -55.39
CA ASP E 65 -24.99 20.88 -54.21
C ASP E 65 -23.66 20.25 -54.61
N THR E 66 -22.87 19.87 -53.60
CA THR E 66 -21.62 19.18 -53.82
C THR E 66 -21.51 17.97 -52.90
N PRO E 67 -20.90 16.88 -53.36
CA PRO E 67 -20.76 15.69 -52.53
C PRO E 67 -19.58 15.83 -51.58
N TYR E 68 -19.44 14.84 -50.69
CA TYR E 68 -18.32 14.78 -49.76
C TYR E 68 -17.37 13.65 -50.13
N GLN E 69 -17.31 13.30 -51.41
CA GLN E 69 -16.32 12.35 -51.92
C GLN E 69 -16.20 12.56 -53.41
N SER E 70 -14.96 12.50 -53.91
CA SER E 70 -14.68 12.77 -55.32
C SER E 70 -14.35 11.52 -56.11
N SER E 71 -14.68 10.34 -55.59
CA SER E 71 -14.41 9.11 -56.33
C SER E 71 -15.25 9.03 -57.59
N GLY E 72 -16.53 9.41 -57.51
CA GLY E 72 -17.43 9.23 -58.63
C GLY E 72 -17.02 10.03 -59.86
N ALA E 73 -16.71 11.32 -59.65
CA ALA E 73 -16.35 12.18 -60.77
C ALA E 73 -15.07 11.70 -61.44
N ARG E 74 -14.06 11.38 -60.64
CA ARG E 74 -12.80 10.91 -61.19
C ARG E 74 -12.99 9.61 -61.95
N GLY E 75 -13.76 8.69 -61.38
CA GLY E 75 -14.01 7.43 -62.07
C GLY E 75 -14.73 7.60 -63.38
N VAL E 76 -15.79 8.42 -63.39
CA VAL E 76 -16.54 8.64 -64.62
C VAL E 76 -15.65 9.28 -65.67
N GLY E 77 -14.89 10.31 -65.29
CA GLY E 77 -14.05 10.99 -66.26
C GLY E 77 -12.98 10.08 -66.85
N HIS E 78 -12.28 9.35 -65.99
CA HIS E 78 -11.23 8.47 -66.48
C HIS E 78 -11.81 7.37 -67.38
N MET E 79 -12.93 6.79 -66.96
CA MET E 79 -13.53 5.71 -67.73
C MET E 79 -13.98 6.20 -69.11
N THR E 80 -14.66 7.35 -69.17
CA THR E 80 -15.15 7.82 -70.45
C THR E 80 -13.99 8.22 -71.36
N SER E 81 -12.94 8.81 -70.78
CA SER E 81 -11.79 9.19 -71.59
C SER E 81 -11.12 7.96 -72.21
N LYS E 82 -10.86 6.95 -71.38
CA LYS E 82 -10.21 5.75 -71.91
C LYS E 82 -11.10 5.03 -72.91
N LEU E 83 -12.41 4.99 -72.65
CA LEU E 83 -13.33 4.35 -73.59
C LEU E 83 -13.32 5.07 -74.92
N ALA E 84 -13.35 6.41 -74.91
CA ALA E 84 -13.33 7.15 -76.17
C ALA E 84 -12.01 6.94 -76.91
N VAL E 85 -10.89 6.96 -76.19
CA VAL E 85 -9.60 6.86 -76.86
C VAL E 85 -9.37 5.46 -77.39
N THR E 86 -10.04 4.47 -76.80
CA THR E 86 -9.86 3.09 -77.26
C THR E 86 -10.82 2.75 -78.39
N LEU E 87 -12.08 3.16 -78.27
CA LEU E 87 -13.08 2.80 -79.28
C LEU E 87 -12.77 3.42 -80.63
N PHE E 88 -12.27 4.64 -80.66
CA PHE E 88 -11.96 5.36 -81.90
C PHE E 88 -10.51 5.80 -81.85
N PRO E 89 -9.57 4.89 -82.08
CA PRO E 89 -8.15 5.26 -82.04
C PRO E 89 -7.83 6.33 -83.07
N THR E 90 -6.97 7.27 -82.69
CA THR E 90 -6.62 8.38 -83.57
C THR E 90 -5.71 7.94 -84.71
N ASN E 91 -4.81 6.98 -84.45
CA ASN E 91 -3.82 6.58 -85.45
C ASN E 91 -4.41 5.57 -86.44
N GLU E 92 -4.83 4.41 -85.94
CA GLU E 92 -5.27 3.34 -86.81
C GLU E 92 -6.77 3.48 -87.13
N HIS E 93 -7.13 2.99 -88.32
CA HIS E 93 -8.53 3.00 -88.73
C HIS E 93 -9.36 2.17 -87.76
N PHE E 94 -10.50 2.71 -87.35
CA PHE E 94 -11.39 2.01 -86.44
C PHE E 94 -12.29 1.01 -87.14
N PHE E 95 -12.21 0.92 -88.47
CA PHE E 95 -12.95 -0.07 -89.22
C PHE E 95 -12.15 -0.45 -90.45
N LYS E 96 -12.45 -1.62 -90.99
CA LYS E 96 -11.73 -2.15 -92.15
C LYS E 96 -12.73 -2.58 -93.21
N LEU E 97 -12.65 -1.96 -94.39
CA LEU E 97 -13.43 -2.37 -95.55
C LEU E 97 -12.66 -3.51 -96.23
N GLU E 98 -13.27 -4.70 -96.22
CA GLU E 98 -12.60 -5.91 -96.67
C GLU E 98 -13.27 -6.44 -97.92
N ILE E 99 -12.45 -6.78 -98.93
CA ILE E 99 -12.98 -7.37 -100.15
C ILE E 99 -13.31 -8.83 -99.89
N ASP E 100 -14.53 -9.22 -100.25
CA ASP E 100 -15.00 -10.58 -100.01
C ASP E 100 -14.25 -11.51 -100.95
N SER E 101 -13.23 -12.18 -100.43
CA SER E 101 -12.50 -13.18 -101.21
C SER E 101 -13.41 -14.34 -101.63
N LEU E 102 -14.51 -14.55 -100.89
CA LEU E 102 -15.49 -15.54 -101.31
C LEU E 102 -16.08 -15.19 -102.65
N ALA E 103 -16.40 -13.91 -102.86
CA ALA E 103 -16.89 -13.46 -104.16
C ALA E 103 -15.80 -13.58 -105.22
N ILE E 104 -14.54 -13.33 -104.85
CA ILE E 104 -13.44 -13.49 -105.79
C ILE E 104 -13.36 -14.92 -106.28
N LEU E 105 -13.48 -15.88 -105.36
CA LEU E 105 -13.46 -17.29 -105.75
C LEU E 105 -14.69 -17.66 -106.55
N ALA E 106 -15.87 -17.15 -106.15
CA ALA E 106 -17.11 -17.51 -106.81
C ALA E 106 -17.14 -17.04 -108.26
N SER E 107 -16.69 -15.81 -108.51
CA SER E 107 -16.69 -15.27 -109.86
C SER E 107 -15.46 -15.67 -110.66
N ASP E 108 -14.58 -16.49 -110.09
CA ASP E 108 -13.32 -16.88 -110.73
C ASP E 108 -12.50 -15.64 -111.08
N GLN E 109 -12.39 -14.72 -110.13
CA GLN E 109 -11.71 -13.45 -110.37
C GLN E 109 -10.20 -13.66 -110.44
N ASN E 110 -9.57 -12.95 -111.36
CA ASN E 110 -8.11 -13.06 -111.52
C ASN E 110 -7.40 -12.40 -110.34
N PRO E 111 -6.43 -13.07 -109.73
CA PRO E 111 -5.72 -12.47 -108.58
C PRO E 111 -4.88 -11.25 -108.94
N GLU E 112 -4.78 -10.91 -110.23
CA GLU E 112 -3.98 -9.75 -110.61
C GLU E 112 -4.66 -8.44 -110.25
N MET E 113 -5.99 -8.37 -110.35
CA MET E 113 -6.73 -7.15 -110.06
C MET E 113 -6.79 -6.82 -108.57
N ILE E 114 -6.35 -7.72 -107.69
CA ILE E 114 -6.51 -7.48 -106.26
C ILE E 114 -5.70 -6.28 -105.81
N THR E 115 -4.60 -5.98 -106.51
CA THR E 115 -3.82 -4.78 -106.16
C THR E 115 -4.63 -3.51 -106.40
N GLU E 116 -5.25 -3.40 -107.58
CA GLU E 116 -6.11 -2.25 -107.85
C GLU E 116 -7.29 -2.22 -106.90
N PHE E 117 -7.83 -3.40 -106.56
CA PHE E 117 -8.96 -3.46 -105.65
C PHE E 117 -8.60 -2.93 -104.28
N ASP E 118 -7.43 -3.32 -103.75
CA ASP E 118 -7.04 -2.86 -102.43
C ASP E 118 -6.64 -1.39 -102.44
N SER E 119 -6.09 -0.92 -103.56
CA SER E 119 -5.85 0.51 -103.69
C SER E 119 -7.16 1.29 -103.61
N ALA E 120 -8.18 0.85 -104.35
CA ALA E 120 -9.48 1.51 -104.27
C ALA E 120 -10.04 1.43 -102.85
N LEU E 121 -9.88 0.29 -102.20
CA LEU E 121 -10.41 0.12 -100.85
C LEU E 121 -9.74 1.08 -99.87
N VAL E 122 -8.42 1.21 -99.94
CA VAL E 122 -7.73 2.10 -99.00
C VAL E 122 -8.09 3.56 -99.29
N LYS E 123 -8.24 3.91 -100.57
CA LYS E 123 -8.68 5.26 -100.89
C LYS E 123 -10.06 5.55 -100.30
N VAL E 124 -10.99 4.61 -100.46
CA VAL E 124 -12.32 4.78 -99.88
C VAL E 124 -12.25 4.88 -98.36
N GLU E 125 -11.38 4.07 -97.76
CA GLU E 125 -11.25 4.06 -96.30
C GLU E 125 -10.80 5.41 -95.78
N GLN E 126 -9.73 5.96 -96.36
CA GLN E 126 -9.26 7.27 -95.91
C GLN E 126 -10.30 8.35 -96.19
N ALA E 127 -11.01 8.23 -97.32
CA ALA E 127 -12.05 9.21 -97.62
C ALA E 127 -13.15 9.19 -96.55
N VAL E 128 -13.56 8.00 -96.14
CA VAL E 128 -14.61 7.88 -95.13
C VAL E 128 -14.14 8.46 -93.80
N MET E 129 -12.91 8.12 -93.40
CA MET E 129 -12.39 8.65 -92.15
C MET E 129 -12.27 10.17 -92.19
N ARG E 130 -11.83 10.73 -93.31
CA ARG E 130 -11.74 12.18 -93.44
C ARG E 130 -13.10 12.84 -93.32
N MET E 131 -14.11 12.28 -94.00
CA MET E 131 -15.44 12.87 -93.93
C MET E 131 -15.99 12.77 -92.51
N PHE E 132 -15.73 11.65 -91.83
CA PHE E 132 -16.12 11.50 -90.44
C PHE E 132 -15.48 12.59 -89.58
N GLU E 133 -14.18 12.84 -89.78
CA GLU E 133 -13.51 13.83 -88.95
C GLU E 133 -13.98 15.24 -89.27
N THR E 134 -14.39 15.49 -90.51
CA THR E 134 -14.83 16.84 -90.89
C THR E 134 -16.06 17.27 -90.09
N ILE E 135 -17.02 16.37 -89.90
CA ILE E 135 -18.26 16.71 -89.23
C ILE E 135 -18.10 16.63 -87.72
N GLY E 136 -16.86 16.40 -87.27
CA GLY E 136 -16.55 16.46 -85.85
C GLY E 136 -17.22 15.40 -85.01
N GLY E 137 -16.85 14.13 -85.24
CA GLY E 137 -17.48 13.04 -84.50
C GLY E 137 -16.87 12.80 -83.14
N ARG E 138 -15.65 13.28 -82.90
CA ARG E 138 -14.97 12.96 -81.66
C ARG E 138 -15.68 13.55 -80.45
N ALA E 139 -16.01 14.85 -80.51
CA ALA E 139 -16.64 15.50 -79.38
C ALA E 139 -18.03 14.92 -79.10
N ALA E 140 -18.81 14.69 -80.15
CA ALA E 140 -20.13 14.10 -79.97
C ALA E 140 -20.03 12.70 -79.37
N MET E 141 -19.07 11.91 -79.85
CA MET E 141 -18.88 10.56 -79.31
C MET E 141 -18.50 10.63 -77.84
N HIS E 142 -17.62 11.57 -77.48
CA HIS E 142 -17.20 11.71 -76.10
C HIS E 142 -18.38 12.07 -75.20
N GLU E 143 -19.18 13.04 -75.61
CA GLU E 143 -20.33 13.44 -74.80
C GLU E 143 -21.34 12.31 -74.69
N ALA E 144 -21.59 11.59 -75.79
CA ALA E 144 -22.52 10.47 -75.77
C ALA E 144 -22.03 9.38 -74.83
N LEU E 145 -20.73 9.09 -74.86
CA LEU E 145 -20.19 8.06 -73.97
C LEU E 145 -20.31 8.47 -72.51
N LYS E 146 -20.06 9.74 -72.20
CA LYS E 146 -20.21 10.20 -70.83
C LYS E 146 -21.66 10.05 -70.37
N HIS E 147 -22.61 10.45 -71.21
CA HIS E 147 -24.03 10.30 -70.84
C HIS E 147 -24.40 8.82 -70.68
N LEU E 148 -23.86 7.96 -71.54
CA LEU E 148 -24.16 6.54 -71.45
C LEU E 148 -23.64 5.95 -70.14
N LEU E 149 -22.42 6.35 -69.73
CA LEU E 149 -21.89 5.88 -68.46
C LEU E 149 -22.75 6.39 -67.29
N VAL E 150 -23.15 7.66 -67.32
CA VAL E 150 -23.87 8.21 -66.18
C VAL E 150 -25.35 7.82 -66.23
N GLY E 151 -25.99 7.97 -67.38
CA GLY E 151 -27.42 7.77 -67.47
C GLY E 151 -27.84 6.39 -67.92
N GLY E 152 -27.13 5.82 -68.88
CA GLY E 152 -27.44 4.51 -69.40
C GLY E 152 -28.24 4.47 -70.69
N ASN E 153 -28.75 5.62 -71.15
CA ASN E 153 -29.50 5.67 -72.40
C ASN E 153 -29.16 6.95 -73.13
N VAL E 154 -29.15 6.88 -74.45
CA VAL E 154 -28.87 8.06 -75.29
C VAL E 154 -29.33 7.77 -76.70
N LEU E 155 -29.68 8.81 -77.45
CA LEU E 155 -30.17 8.69 -78.81
C LEU E 155 -29.35 9.60 -79.71
N LEU E 156 -28.91 9.06 -80.85
CA LEU E 156 -28.06 9.79 -81.78
C LEU E 156 -28.79 10.07 -83.08
N TYR E 157 -28.47 11.20 -83.70
CA TYR E 157 -28.93 11.53 -85.04
C TYR E 157 -27.72 11.86 -85.90
N VAL E 158 -27.47 11.02 -86.91
CA VAL E 158 -26.33 11.18 -87.81
C VAL E 158 -26.78 11.97 -89.02
N SER E 159 -26.02 13.01 -89.36
CA SER E 159 -26.39 13.90 -90.45
C SER E 159 -25.12 14.37 -91.16
N ASP E 160 -25.32 14.94 -92.34
CA ASP E 160 -24.19 15.51 -93.07
C ASP E 160 -23.59 16.69 -92.33
N GLU E 161 -24.43 17.53 -91.72
CA GLU E 161 -23.94 18.69 -91.00
C GLU E 161 -23.16 18.29 -89.75
N GLY E 162 -23.67 17.33 -88.99
CA GLY E 162 -23.00 16.90 -87.78
C GLY E 162 -23.83 15.91 -87.01
N ILE E 163 -23.33 15.55 -85.83
CA ILE E 163 -23.98 14.59 -84.95
C ILE E 163 -24.67 15.39 -83.84
N LYS E 164 -25.96 15.15 -83.67
CA LYS E 164 -26.73 15.75 -82.59
C LYS E 164 -27.15 14.67 -81.61
N VAL E 165 -26.80 14.85 -80.34
CA VAL E 165 -27.16 13.91 -79.29
C VAL E 165 -28.39 14.44 -78.56
N ILE E 166 -29.21 13.52 -78.08
CA ILE E 166 -30.43 13.86 -77.36
C ILE E 166 -30.43 13.14 -76.02
N HIS E 167 -30.64 13.88 -74.94
CA HIS E 167 -30.65 13.28 -73.62
C HIS E 167 -31.91 12.45 -73.42
N LEU E 168 -31.87 11.61 -72.38
CA LEU E 168 -33.00 10.74 -72.09
C LEU E 168 -34.27 11.53 -71.75
N ASP E 169 -34.11 12.79 -71.34
CA ASP E 169 -35.25 13.58 -70.89
C ASP E 169 -36.11 14.11 -72.05
N SER E 170 -35.70 13.91 -73.30
CA SER E 170 -36.40 14.52 -74.42
C SER E 170 -36.80 13.53 -75.51
N TYR E 171 -37.03 12.26 -75.16
CA TYR E 171 -37.58 11.32 -76.13
C TYR E 171 -38.13 10.11 -75.40
N VAL E 172 -38.97 9.34 -76.13
CA VAL E 172 -39.57 8.12 -75.62
C VAL E 172 -39.57 7.08 -76.73
N LEU E 173 -39.72 5.82 -76.35
CA LEU E 173 -39.71 4.73 -77.33
C LEU E 173 -40.38 3.51 -76.73
N CYS E 174 -40.79 2.60 -77.61
CA CYS E 174 -41.38 1.32 -77.24
C CYS E 174 -40.60 0.19 -77.91
N ARG E 175 -40.44 -0.93 -77.20
CA ARG E 175 -39.66 -2.06 -77.69
C ARG E 175 -40.45 -3.36 -77.50
N ASP E 176 -40.17 -4.33 -78.37
CA ASP E 176 -40.63 -5.68 -78.15
C ASP E 176 -39.68 -6.42 -77.21
N PRO E 177 -40.14 -7.51 -76.59
CA PRO E 177 -39.21 -8.35 -75.82
C PRO E 177 -38.09 -8.95 -76.66
N MET E 178 -38.26 -9.02 -77.99
CA MET E 178 -37.13 -9.30 -78.86
C MET E 178 -36.00 -8.29 -78.65
N GLY E 179 -36.32 -7.01 -78.67
CA GLY E 179 -35.32 -5.96 -78.64
C GLY E 179 -35.37 -5.02 -79.82
N ASN E 180 -36.34 -5.18 -80.73
CA ASN E 180 -36.48 -4.30 -81.87
C ASN E 180 -37.36 -3.12 -81.49
N VAL E 181 -36.78 -1.92 -81.53
CA VAL E 181 -37.57 -0.72 -81.27
C VAL E 181 -38.50 -0.46 -82.45
N THR E 182 -39.72 -0.03 -82.14
CA THR E 182 -40.73 0.20 -83.17
C THR E 182 -41.02 1.67 -83.43
N GLU E 183 -41.13 2.49 -82.40
CA GLU E 183 -41.55 3.87 -82.57
C GLU E 183 -40.81 4.77 -81.60
N ILE E 184 -40.38 5.94 -82.08
CA ILE E 184 -39.67 6.91 -81.28
C ILE E 184 -40.32 8.27 -81.47
N VAL E 185 -40.53 8.98 -80.37
CA VAL E 185 -41.06 10.34 -80.38
C VAL E 185 -40.06 11.25 -79.68
N VAL E 186 -39.67 12.33 -80.34
CA VAL E 186 -38.70 13.28 -79.80
C VAL E 186 -39.37 14.64 -79.68
N GLU E 187 -39.25 15.26 -78.51
CA GLU E 187 -39.83 16.57 -78.24
C GLU E 187 -38.72 17.56 -77.95
N GLU E 188 -38.84 18.76 -78.51
CA GLU E 188 -37.84 19.81 -78.34
C GLU E 188 -38.53 21.16 -78.42
N GLU E 189 -37.85 22.17 -77.88
CA GLU E 189 -38.43 23.50 -77.74
C GLU E 189 -37.46 24.53 -78.31
N ILE E 190 -37.97 25.42 -79.15
CA ILE E 190 -37.14 26.35 -79.90
C ILE E 190 -37.84 27.71 -79.96
N PHE E 191 -37.04 28.77 -80.04
CA PHE E 191 -37.59 30.12 -80.17
C PHE E 191 -38.37 30.26 -81.47
N LYS E 192 -39.44 31.06 -81.42
CA LYS E 192 -40.33 31.22 -82.57
C LYS E 192 -39.68 31.95 -83.73
N ASP E 193 -38.51 32.56 -83.54
CA ASP E 193 -37.86 33.29 -84.63
C ASP E 193 -37.44 32.35 -85.76
N ALA E 194 -37.15 31.09 -85.44
CA ALA E 194 -36.66 30.15 -86.44
C ALA E 194 -37.75 29.42 -87.19
N LEU E 195 -39.02 29.59 -86.81
CA LEU E 195 -40.11 28.84 -87.41
C LEU E 195 -40.69 29.58 -88.61
N PRO E 196 -41.32 28.85 -89.54
CA PRO E 196 -41.98 29.51 -90.67
C PRO E 196 -43.08 30.45 -90.20
N GLU E 197 -43.21 31.58 -90.91
CA GLU E 197 -44.16 32.62 -90.51
C GLU E 197 -45.60 32.18 -90.62
N GLU E 198 -45.92 31.26 -91.55
CA GLU E 198 -47.30 30.82 -91.67
C GLU E 198 -47.77 30.08 -90.43
N TYR E 199 -46.85 29.50 -89.66
CA TYR E 199 -47.20 28.79 -88.45
C TYR E 199 -47.25 29.69 -87.23
N LEU E 200 -46.90 30.97 -87.37
CA LEU E 200 -46.97 31.92 -86.28
C LEU E 200 -48.41 32.41 -86.15
N ASP E 201 -49.07 32.05 -85.06
CA ASP E 201 -50.47 32.40 -84.87
C ASP E 201 -50.61 33.84 -84.39
N GLU E 202 -51.87 34.26 -84.21
CA GLU E 202 -52.15 35.64 -83.84
C GLU E 202 -51.65 35.95 -82.44
N GLU E 203 -51.84 35.03 -81.48
CA GLU E 203 -51.44 35.30 -80.10
C GLU E 203 -49.94 35.50 -79.98
N ASP E 204 -49.15 34.68 -80.68
CA ASP E 204 -47.70 34.88 -80.69
C ASP E 204 -47.34 36.20 -81.36
N ASP E 205 -48.09 36.60 -82.39
CA ASP E 205 -47.86 37.88 -83.04
C ASP E 205 -48.24 39.04 -82.13
N ASP E 206 -49.27 38.86 -81.30
CA ASP E 206 -49.76 39.93 -80.43
C ASP E 206 -48.83 40.21 -79.25
N ASP E 207 -47.82 39.37 -79.02
CA ASP E 207 -46.94 39.53 -77.88
C ASP E 207 -45.68 40.27 -78.26
N ASP E 208 -45.14 41.02 -77.30
CA ASP E 208 -43.90 41.78 -77.47
C ASP E 208 -42.69 41.04 -76.92
N ASP E 209 -42.79 39.73 -76.72
CA ASP E 209 -41.72 38.92 -76.13
C ASP E 209 -41.20 37.88 -77.10
N MET E 210 -40.95 38.26 -78.36
CA MET E 210 -40.43 37.30 -79.34
C MET E 210 -39.12 36.69 -78.88
N GLY E 211 -38.32 37.43 -78.11
CA GLY E 211 -37.09 36.95 -77.54
C GLY E 211 -37.24 36.25 -76.20
N LYS E 212 -38.46 36.02 -75.74
CA LYS E 212 -38.68 35.37 -74.45
C LYS E 212 -39.80 34.35 -74.43
N LYS E 213 -40.39 34.00 -75.58
CA LYS E 213 -41.40 32.96 -75.65
C LYS E 213 -40.98 31.92 -76.69
N MET E 214 -41.24 30.66 -76.39
CA MET E 214 -40.85 29.54 -77.24
C MET E 214 -42.08 28.85 -77.80
N VAL E 215 -41.86 28.00 -78.79
CA VAL E 215 -42.91 27.17 -79.36
C VAL E 215 -42.41 25.74 -79.48
N LYS E 216 -43.18 24.79 -78.95
CA LYS E 216 -42.80 23.39 -78.97
C LYS E 216 -42.84 22.83 -80.39
N ILE E 217 -41.87 21.97 -80.71
CA ILE E 217 -41.79 21.29 -82.00
C ILE E 217 -41.50 19.83 -81.75
N TYR E 218 -42.26 18.94 -82.39
CA TYR E 218 -42.18 17.51 -82.15
C TYR E 218 -41.58 16.80 -83.35
N THR E 219 -41.32 15.50 -83.16
CA THR E 219 -40.80 14.64 -84.20
C THR E 219 -41.31 13.22 -83.97
N CYS E 220 -41.64 12.51 -85.04
CA CYS E 220 -42.16 11.16 -84.96
C CYS E 220 -41.28 10.21 -85.75
N ILE E 221 -41.07 9.01 -85.23
CA ILE E 221 -40.28 7.98 -85.89
C ILE E 221 -41.10 6.70 -85.91
N LYS E 222 -41.21 6.08 -87.08
CA LYS E 222 -41.90 4.81 -87.23
C LYS E 222 -40.99 3.84 -87.97
N PHE E 223 -40.93 2.61 -87.46
CA PHE E 223 -40.08 1.56 -88.01
C PHE E 223 -40.97 0.43 -88.49
N MET E 224 -40.94 0.17 -89.80
CA MET E 224 -41.72 -0.93 -90.37
C MET E 224 -41.14 -1.30 -91.72
N ASP E 225 -41.33 -2.57 -92.10
CA ASP E 225 -40.82 -3.15 -93.33
C ASP E 225 -39.40 -2.67 -93.63
N ASP E 226 -38.53 -2.78 -92.61
CA ASP E 226 -37.16 -2.27 -92.61
C ASP E 226 -37.01 -0.97 -93.39
N GLN E 227 -37.93 -0.03 -93.19
CA GLN E 227 -37.83 1.30 -93.77
C GLN E 227 -38.31 2.30 -92.71
N CYS E 228 -37.35 2.94 -92.03
CA CYS E 228 -37.71 3.95 -91.06
C CYS E 228 -38.34 5.16 -91.74
N HIS E 229 -39.23 5.82 -91.01
CA HIS E 229 -39.99 6.95 -91.54
C HIS E 229 -40.14 8.01 -90.47
N TRP E 230 -40.03 9.29 -90.86
CA TRP E 230 -40.08 10.38 -89.91
C TRP E 230 -40.70 11.61 -90.57
N TYR E 231 -41.27 12.46 -89.72
CA TYR E 231 -41.78 13.76 -90.15
C TYR E 231 -41.88 14.67 -88.94
N GLN E 232 -41.84 15.97 -89.19
CA GLN E 232 -41.88 16.99 -88.14
C GLN E 232 -43.21 17.71 -88.16
N GLU E 233 -43.79 17.90 -86.98
CA GLU E 233 -45.05 18.60 -86.86
C GLU E 233 -44.97 19.63 -85.75
N ILE E 234 -45.68 20.74 -85.94
CA ILE E 234 -45.85 21.76 -84.91
C ILE E 234 -47.31 22.17 -84.85
N LYS E 235 -47.85 22.27 -83.64
CA LYS E 235 -49.24 22.69 -83.42
C LYS E 235 -50.22 21.81 -84.17
N GLY E 236 -49.95 20.50 -84.22
CA GLY E 236 -50.91 19.54 -84.70
C GLY E 236 -50.91 19.27 -86.19
N LYS E 237 -50.13 19.99 -86.97
CA LYS E 237 -50.07 19.76 -88.41
C LYS E 237 -48.62 19.70 -88.87
N GLU E 238 -48.38 18.89 -89.90
CA GLU E 238 -47.02 18.57 -90.29
C GLU E 238 -46.34 19.75 -90.99
N VAL E 239 -45.02 19.82 -90.86
CA VAL E 239 -44.24 20.86 -91.52
C VAL E 239 -43.92 20.41 -92.94
N PRO E 240 -44.25 21.21 -93.96
CA PRO E 240 -43.98 20.80 -95.34
C PRO E 240 -42.49 20.68 -95.60
N GLY E 241 -42.13 19.70 -96.42
CA GLY E 241 -40.75 19.50 -96.82
C GLY E 241 -39.86 18.82 -95.81
N THR E 242 -40.42 18.33 -94.70
CA THR E 242 -39.63 17.67 -93.67
C THR E 242 -39.69 16.15 -93.75
N HIS E 243 -40.33 15.60 -94.78
CA HIS E 243 -40.50 14.16 -94.89
C HIS E 243 -39.18 13.49 -95.23
N GLY E 244 -39.13 12.18 -95.01
CA GLY E 244 -37.94 11.39 -95.33
C GLY E 244 -38.26 9.92 -95.38
N LYS E 245 -37.33 9.17 -95.95
CA LYS E 245 -37.45 7.71 -96.03
C LYS E 245 -36.10 7.11 -96.37
N CYS E 246 -35.74 6.04 -95.67
CA CYS E 246 -34.53 5.28 -95.96
C CYS E 246 -34.65 3.91 -95.33
N ALA E 247 -33.82 2.99 -95.80
CA ALA E 247 -33.85 1.62 -95.30
C ALA E 247 -33.36 1.56 -93.86
N ALA E 248 -33.76 0.50 -93.16
CA ALA E 248 -33.41 0.37 -91.74
C ALA E 248 -31.91 0.23 -91.55
N ASP E 249 -31.25 -0.50 -92.45
CA ASP E 249 -29.80 -0.69 -92.34
C ASP E 249 -29.02 0.60 -92.53
N VAL E 250 -29.63 1.65 -93.07
CA VAL E 250 -28.96 2.92 -93.30
C VAL E 250 -29.70 4.01 -92.54
N ALA E 251 -30.33 3.64 -91.44
CA ALA E 251 -31.12 4.58 -90.66
C ALA E 251 -30.21 5.66 -90.05
N PRO E 252 -30.71 6.89 -89.95
CA PRO E 252 -29.93 7.96 -89.32
C PRO E 252 -30.06 8.00 -87.81
N TRP E 253 -30.99 7.25 -87.22
CA TRP E 253 -31.26 7.28 -85.80
C TRP E 253 -30.78 5.97 -85.17
N ILE E 254 -30.04 6.09 -84.07
CA ILE E 254 -29.43 4.93 -83.41
C ILE E 254 -29.79 4.98 -81.93
N ALA E 255 -30.26 3.86 -81.40
CA ALA E 255 -30.60 3.75 -79.99
C ALA E 255 -29.60 2.83 -79.28
N LEU E 256 -29.22 3.22 -78.07
CA LEU E 256 -28.20 2.52 -77.30
C LEU E 256 -28.73 2.17 -75.92
N ARG E 257 -28.02 1.25 -75.26
CA ARG E 257 -28.28 0.93 -73.88
C ARG E 257 -27.04 0.29 -73.28
N GLN E 258 -26.73 0.65 -72.04
CA GLN E 258 -25.46 0.27 -71.43
C GLN E 258 -25.40 -1.24 -71.17
N ASP E 259 -26.27 -1.74 -70.31
CA ASP E 259 -26.34 -3.16 -70.00
C ASP E 259 -27.54 -3.74 -70.73
N ARG E 260 -27.29 -4.71 -71.59
CA ARG E 260 -28.39 -5.32 -72.32
C ARG E 260 -29.19 -6.19 -71.36
N VAL E 261 -30.22 -5.60 -70.75
CA VAL E 261 -31.14 -6.31 -69.87
C VAL E 261 -32.43 -6.50 -70.63
N ASP E 262 -32.74 -7.75 -70.95
CA ASP E 262 -33.86 -8.05 -71.83
C ASP E 262 -35.19 -7.66 -71.18
N SER E 263 -36.20 -7.47 -72.01
CA SER E 263 -37.55 -7.12 -71.56
C SER E 263 -37.57 -5.81 -70.78
N GLU E 264 -36.73 -4.87 -71.19
CA GLU E 264 -36.67 -3.55 -70.59
C GLU E 264 -36.67 -2.50 -71.68
N MET E 265 -37.58 -1.53 -71.59
CA MET E 265 -37.61 -0.46 -72.58
C MET E 265 -36.45 0.51 -72.39
N TYR E 266 -35.89 0.57 -71.19
CA TYR E 266 -34.73 1.41 -70.91
C TYR E 266 -33.73 0.62 -70.10
N GLY E 267 -32.44 0.87 -70.36
CA GLY E 267 -31.38 0.11 -69.74
C GLY E 267 -31.07 0.59 -68.33
N ARG E 268 -29.99 0.04 -67.79
CA ARG E 268 -29.50 0.38 -66.46
C ARG E 268 -28.12 1.02 -66.58
N SER E 269 -27.94 2.16 -65.92
CA SER E 269 -26.66 2.83 -65.95
C SER E 269 -25.61 2.00 -65.22
N TYR E 270 -24.36 2.16 -65.65
CA TYR E 270 -23.27 1.40 -65.03
C TYR E 270 -23.07 1.81 -63.58
N VAL E 271 -23.17 3.10 -63.28
CA VAL E 271 -22.98 3.60 -61.92
C VAL E 271 -24.00 2.99 -60.96
N GLU E 272 -25.18 2.63 -61.45
CA GLU E 272 -26.19 2.00 -60.60
C GLU E 272 -25.66 0.73 -59.95
N GLN E 273 -24.67 0.08 -60.56
CA GLN E 273 -24.08 -1.11 -59.97
C GLN E 273 -23.48 -0.82 -58.59
N TYR E 274 -22.76 0.29 -58.47
CA TYR E 274 -22.05 0.63 -57.25
C TYR E 274 -22.64 1.84 -56.54
N TYR E 275 -23.87 2.23 -56.90
CA TYR E 275 -24.53 3.36 -56.25
C TYR E 275 -24.57 3.21 -54.74
N GLY E 276 -24.90 2.01 -54.24
CA GLY E 276 -25.01 1.83 -52.80
C GLY E 276 -23.69 2.02 -52.08
N ASP E 277 -22.63 1.42 -52.61
CA ASP E 277 -21.31 1.59 -52.01
C ASP E 277 -20.89 3.06 -52.06
N LEU E 278 -21.21 3.74 -53.16
CA LEU E 278 -20.89 5.16 -53.28
C LEU E 278 -21.59 5.95 -52.19
N LEU E 279 -22.87 5.67 -51.96
CA LEU E 279 -23.62 6.38 -50.92
C LEU E 279 -23.04 6.12 -49.54
N ALA E 280 -22.68 4.86 -49.25
CA ALA E 280 -22.12 4.54 -47.95
C ALA E 280 -20.79 5.24 -47.73
N LEU E 281 -19.93 5.26 -48.75
CA LEU E 281 -18.66 5.95 -48.64
C LEU E 281 -18.87 7.45 -48.41
N GLU E 282 -19.83 8.04 -49.12
CA GLU E 282 -20.14 9.45 -48.92
C GLU E 282 -20.55 9.73 -47.47
N ASN E 283 -21.46 8.92 -46.94
CA ASN E 283 -21.93 9.14 -45.57
C ASN E 283 -20.80 8.99 -44.57
N LEU E 284 -19.94 7.97 -44.74
CA LEU E 284 -18.85 7.76 -43.80
C LEU E 284 -17.83 8.90 -43.85
N TYR E 285 -17.53 9.41 -45.05
CA TYR E 285 -16.67 10.57 -45.17
C TYR E 285 -17.25 11.75 -44.41
N LYS E 286 -18.56 11.99 -44.58
CA LYS E 286 -19.19 13.06 -43.84
C LYS E 286 -19.05 12.83 -42.34
N ALA E 287 -19.20 11.59 -41.90
CA ALA E 287 -19.12 11.27 -40.48
C ALA E 287 -17.76 11.63 -39.90
N ILE E 288 -16.69 11.18 -40.55
CA ILE E 288 -15.35 11.43 -40.00
C ILE E 288 -15.03 12.92 -40.05
N LEU E 289 -15.43 13.61 -41.13
CA LEU E 289 -15.22 15.05 -41.18
C LEU E 289 -15.96 15.75 -40.04
N GLU E 290 -17.18 15.30 -39.76
CA GLU E 290 -18.00 15.91 -38.73
C GLU E 290 -17.34 15.76 -37.37
N ALA E 291 -16.92 14.53 -37.03
CA ALA E 291 -16.28 14.29 -35.75
C ALA E 291 -14.99 15.11 -35.62
N SER E 292 -14.20 15.16 -36.68
CA SER E 292 -12.95 15.93 -36.63
C SER E 292 -13.23 17.41 -36.40
N ALA E 293 -14.25 17.95 -37.07
CA ALA E 293 -14.60 19.36 -36.87
C ALA E 293 -15.03 19.60 -35.43
N SER E 294 -15.78 18.66 -34.85
CA SER E 294 -16.23 18.82 -33.47
C SER E 294 -15.07 18.76 -32.49
N LEU E 295 -14.06 17.93 -32.75
CA LEU E 295 -12.98 17.75 -31.78
C LEU E 295 -11.95 18.87 -31.83
N SER E 296 -11.96 19.71 -32.86
CA SER E 296 -10.90 20.70 -33.03
C SER E 296 -11.05 21.89 -32.09
N LYS E 297 -12.15 22.00 -31.36
CA LYS E 297 -12.33 23.12 -30.44
C LYS E 297 -11.40 23.00 -29.25
N VAL E 298 -10.94 24.15 -28.75
CA VAL E 298 -10.05 24.21 -27.60
C VAL E 298 -10.68 25.11 -26.54
N LEU E 299 -10.83 24.58 -25.33
CA LEU E 299 -11.39 25.32 -24.21
C LEU E 299 -10.43 25.22 -23.03
N PHE E 300 -10.69 26.04 -22.01
CA PHE E 300 -9.97 26.00 -20.76
C PHE E 300 -10.95 25.78 -19.63
N LEU E 301 -10.43 25.32 -18.49
CA LEU E 301 -11.28 25.00 -17.35
C LEU E 301 -10.53 25.36 -16.08
N CYS E 302 -11.17 26.14 -15.21
CA CYS E 302 -10.59 26.56 -13.94
C CYS E 302 -11.25 25.82 -12.79
N ASN E 303 -10.44 25.23 -11.92
CA ASN E 303 -10.96 24.47 -10.80
C ASN E 303 -11.36 25.39 -9.67
N PRO E 304 -12.62 25.39 -9.23
CA PRO E 304 -13.01 26.26 -8.12
C PRO E 304 -12.27 25.98 -6.83
N ASN E 305 -11.91 24.72 -6.56
CA ASN E 305 -11.21 24.39 -5.33
C ASN E 305 -9.78 24.95 -5.31
N GLY E 306 -9.24 25.34 -6.46
CA GLY E 306 -7.93 25.93 -6.52
C GLY E 306 -7.95 27.40 -6.15
N THR E 307 -6.81 28.04 -6.36
CA THR E 307 -6.63 29.45 -6.02
C THR E 307 -6.12 30.23 -7.24
N THR E 308 -6.77 30.02 -8.38
CA THR E 308 -6.45 30.73 -9.60
C THR E 308 -7.65 31.56 -10.04
N ARG E 309 -7.42 32.85 -10.27
CA ARG E 309 -8.49 33.74 -10.70
C ARG E 309 -8.46 33.88 -12.21
N PRO E 310 -9.59 33.67 -12.90
CA PRO E 310 -9.58 33.74 -14.36
C PRO E 310 -9.12 35.09 -14.91
N ARG E 311 -9.46 36.18 -14.24
CA ARG E 311 -9.02 37.49 -14.71
C ARG E 311 -7.50 37.59 -14.67
N THR E 312 -6.87 36.99 -13.66
CA THR E 312 -5.41 37.00 -13.60
C THR E 312 -4.81 36.28 -14.79
N LEU E 313 -5.38 35.14 -15.17
CA LEU E 313 -4.86 34.39 -16.32
C LEU E 313 -5.07 35.16 -17.61
N SER E 314 -6.24 35.77 -17.78
CA SER E 314 -6.53 36.45 -19.05
C SER E 314 -5.73 37.74 -19.20
N GLN E 315 -5.64 38.53 -18.13
CA GLN E 315 -5.05 39.85 -18.21
C GLN E 315 -3.52 39.83 -18.23
N ALA E 316 -2.89 38.76 -17.76
CA ALA E 316 -1.44 38.74 -17.61
C ALA E 316 -0.77 38.80 -18.97
N SER E 317 0.37 39.48 -19.02
CA SER E 317 1.16 39.61 -20.23
C SER E 317 2.17 38.46 -20.33
N ASN E 318 2.83 38.35 -21.48
CA ASN E 318 3.73 37.25 -21.74
C ASN E 318 4.94 37.29 -20.82
N GLY E 319 5.35 36.12 -20.35
CA GLY E 319 6.54 35.99 -19.54
C GLY E 319 6.40 36.46 -18.11
N SER E 320 5.20 36.82 -17.67
CA SER E 320 5.01 37.38 -16.34
C SER E 320 5.00 36.27 -15.29
N ILE E 321 4.85 36.68 -14.03
CA ILE E 321 4.74 35.76 -12.90
C ILE E 321 3.52 36.14 -12.10
N VAL E 322 2.57 35.22 -11.97
CA VAL E 322 1.35 35.46 -11.22
C VAL E 322 1.21 34.41 -10.13
N GLN E 323 0.19 34.54 -9.30
CA GLN E 323 -0.06 33.61 -8.21
C GLN E 323 -1.05 32.56 -8.69
N GLY E 324 -0.67 31.29 -8.59
CA GLY E 324 -1.57 30.22 -8.97
C GLY E 324 -0.85 28.89 -8.98
N ASN E 325 -1.64 27.84 -9.17
CA ASN E 325 -1.14 26.48 -9.28
C ASN E 325 -1.55 25.92 -10.63
N ALA E 326 -0.58 25.42 -11.40
CA ALA E 326 -0.87 24.95 -12.75
C ALA E 326 -1.65 23.65 -12.76
N ALA E 327 -1.75 22.96 -11.62
CA ALA E 327 -2.48 21.71 -11.57
C ALA E 327 -3.98 21.89 -11.66
N ASP E 328 -4.50 23.10 -11.44
CA ASP E 328 -5.95 23.31 -11.46
C ASP E 328 -6.45 23.59 -12.87
N VAL E 329 -5.71 24.39 -13.63
CA VAL E 329 -6.16 24.75 -14.97
C VAL E 329 -5.92 23.59 -15.92
N THR E 330 -6.99 23.11 -16.54
CA THR E 330 -6.95 21.95 -17.42
C THR E 330 -7.69 22.27 -18.71
N VAL E 331 -7.37 21.51 -19.76
CA VAL E 331 -7.94 21.71 -21.09
C VAL E 331 -8.87 20.55 -21.40
N LEU E 332 -10.06 20.88 -21.89
CA LEU E 332 -11.04 19.86 -22.25
C LEU E 332 -10.60 19.10 -23.48
N GLN E 333 -10.68 17.77 -23.41
CA GLN E 333 -10.28 16.93 -24.53
C GLN E 333 -11.02 15.59 -24.45
N ALA E 334 -10.99 14.86 -25.56
CA ALA E 334 -11.61 13.54 -25.65
C ALA E 334 -10.57 12.51 -25.22
N ALA E 335 -10.90 11.73 -24.19
CA ALA E 335 -9.94 10.81 -23.59
C ALA E 335 -9.46 9.76 -24.59
N GLY E 336 -10.35 8.86 -25.00
CA GLY E 336 -10.00 7.88 -26.00
C GLY E 336 -10.98 7.83 -27.15
N LYS E 337 -10.55 8.31 -28.32
CA LYS E 337 -11.39 8.23 -29.51
C LYS E 337 -10.57 7.83 -30.73
N SER E 338 -9.26 7.64 -30.53
CA SER E 338 -8.38 7.32 -31.65
C SER E 338 -8.71 5.96 -32.26
N GLN E 339 -8.99 4.95 -31.43
CA GLN E 339 -9.20 3.61 -31.95
C GLN E 339 -10.44 3.55 -32.86
N ASP E 340 -11.53 4.17 -32.42
CA ASP E 340 -12.75 4.16 -33.22
C ASP E 340 -12.53 4.88 -34.55
N LEU E 341 -11.85 6.02 -34.50
CA LEU E 341 -11.60 6.79 -35.72
C LEU E 341 -10.70 6.03 -36.68
N GLN E 342 -9.70 5.31 -36.15
CA GLN E 342 -8.83 4.56 -37.05
C GLN E 342 -9.55 3.35 -37.63
N ILE E 343 -10.49 2.75 -36.88
CA ILE E 343 -11.30 1.69 -37.46
C ILE E 343 -12.15 2.23 -38.61
N ALA E 344 -12.76 3.41 -38.40
CA ALA E 344 -13.54 4.02 -39.47
C ALA E 344 -12.67 4.33 -40.68
N ASN E 345 -11.44 4.83 -40.44
CA ASN E 345 -10.52 5.08 -41.54
C ASN E 345 -10.18 3.80 -42.29
N GLN E 346 -9.96 2.70 -41.57
CA GLN E 346 -9.64 1.44 -42.22
C GLN E 346 -10.77 0.99 -43.12
N THR E 347 -12.00 1.03 -42.63
CA THR E 347 -13.11 0.56 -43.45
C THR E 347 -13.37 1.50 -44.63
N ILE E 348 -13.19 2.81 -44.43
CA ILE E 348 -13.33 3.75 -45.53
C ILE E 348 -12.29 3.49 -46.59
N GLU E 349 -11.05 3.23 -46.18
CA GLU E 349 -9.99 2.96 -47.14
C GLU E 349 -10.26 1.67 -47.90
N ARG E 350 -10.77 0.65 -47.22
CA ARG E 350 -11.11 -0.59 -47.92
C ARG E 350 -12.20 -0.37 -48.95
N ILE E 351 -13.25 0.36 -48.59
CA ILE E 351 -14.33 0.64 -49.55
C ILE E 351 -13.80 1.43 -50.73
N GLU E 352 -12.96 2.44 -50.46
CA GLU E 352 -12.39 3.26 -51.53
C GLU E 352 -11.54 2.41 -52.46
N ASN E 353 -10.73 1.51 -51.91
CA ASN E 353 -9.90 0.65 -52.74
C ASN E 353 -10.76 -0.25 -53.61
N ARG E 354 -11.83 -0.80 -53.05
CA ARG E 354 -12.72 -1.63 -53.85
C ARG E 354 -13.33 -0.84 -55.00
N LEU E 355 -13.80 0.38 -54.72
CA LEU E 355 -14.40 1.19 -55.78
C LEU E 355 -13.37 1.57 -56.83
N ALA E 356 -12.14 1.90 -56.41
CA ALA E 356 -11.10 2.28 -57.35
C ALA E 356 -10.73 1.12 -58.25
N PHE E 357 -10.68 -0.09 -57.69
CA PHE E 357 -10.45 -1.27 -58.52
C PHE E 357 -11.61 -1.50 -59.49
N ALA E 358 -12.84 -1.26 -59.04
CA ALA E 358 -14.00 -1.45 -59.90
C ALA E 358 -14.03 -0.49 -61.07
N PHE E 359 -13.71 0.79 -60.84
CA PHE E 359 -13.73 1.78 -61.92
C PHE E 359 -12.43 1.81 -62.70
N MET E 360 -11.52 0.87 -62.44
CA MET E 360 -10.32 0.63 -63.26
C MET E 360 -9.42 1.86 -63.36
N LEU E 361 -9.48 2.71 -62.34
CA LEU E 361 -8.53 3.81 -62.23
C LEU E 361 -7.12 3.25 -62.07
N ASN E 362 -6.13 4.10 -62.35
CA ASN E 362 -4.74 3.68 -62.32
C ASN E 362 -4.14 3.67 -60.92
N THR E 363 -4.83 4.24 -59.92
CA THR E 363 -4.21 4.43 -58.61
C THR E 363 -4.08 3.14 -57.84
N ALA E 364 -5.10 2.28 -57.89
CA ALA E 364 -5.08 1.03 -57.12
C ALA E 364 -4.00 0.08 -57.58
N ILE E 365 -3.40 0.33 -58.75
CA ILE E 365 -2.37 -0.53 -59.30
C ILE E 365 -1.07 -0.44 -58.50
N GLN E 366 -0.70 0.76 -58.07
CA GLN E 366 0.55 0.94 -57.35
C GLN E 366 0.52 0.23 -56.00
N ARG E 367 1.53 -0.59 -55.75
CA ARG E 367 1.69 -1.27 -54.48
C ARG E 367 2.81 -0.60 -53.70
N PRO E 368 2.52 0.16 -52.65
CA PRO E 368 3.59 0.85 -51.92
C PRO E 368 4.51 -0.14 -51.22
N GLY E 369 5.80 0.19 -51.19
CA GLY E 369 6.78 -0.53 -50.41
C GLY E 369 7.96 -1.06 -51.21
N GLU E 370 7.71 -1.61 -52.39
CA GLU E 370 8.77 -2.28 -53.14
C GLU E 370 8.59 -2.01 -54.63
N ARG E 371 9.65 -2.32 -55.38
CA ARG E 371 9.66 -2.13 -56.82
C ARG E 371 8.69 -3.06 -57.52
N VAL E 372 8.21 -2.63 -58.68
CA VAL E 372 7.35 -3.44 -59.54
C VAL E 372 8.00 -3.55 -60.91
N THR E 373 8.05 -4.77 -61.43
CA THR E 373 8.70 -5.02 -62.71
C THR E 373 7.81 -4.55 -63.86
N ALA E 374 8.44 -4.35 -65.02
CA ALA E 374 7.70 -3.96 -66.22
C ALA E 374 6.74 -5.07 -66.64
N GLU E 375 7.16 -6.33 -66.51
CA GLU E 375 6.28 -7.44 -66.86
C GLU E 375 5.07 -7.48 -65.94
N GLU E 376 5.25 -7.19 -64.66
CA GLU E 376 4.13 -7.10 -63.74
C GLU E 376 3.15 -6.01 -64.15
N ILE E 377 3.69 -4.85 -64.53
CA ILE E 377 2.83 -3.73 -64.94
C ILE E 377 2.04 -4.10 -66.20
N ARG E 378 2.70 -4.76 -67.15
CA ARG E 378 2.00 -5.24 -68.33
C ARG E 378 0.92 -6.25 -67.95
N TYR E 379 1.21 -7.12 -66.98
CA TYR E 379 0.25 -8.11 -66.53
C TYR E 379 -1.02 -7.47 -66.00
N MET E 380 -0.87 -6.50 -65.10
CA MET E 380 -2.07 -5.89 -64.50
C MET E 380 -2.74 -4.92 -65.47
N ALA E 381 -1.99 -4.38 -66.43
CA ALA E 381 -2.61 -3.64 -67.52
C ALA E 381 -3.49 -4.56 -68.38
N GLN E 382 -3.01 -5.79 -68.62
CA GLN E 382 -3.85 -6.79 -69.27
C GLN E 382 -5.10 -7.06 -68.46
N GLU E 383 -4.96 -7.16 -67.13
CA GLU E 383 -6.12 -7.34 -66.28
C GLU E 383 -7.13 -6.20 -66.45
N LEU E 384 -6.64 -4.95 -66.44
CA LEU E 384 -7.53 -3.81 -66.57
C LEU E 384 -8.23 -3.80 -67.93
N ASP E 385 -7.50 -4.09 -69.01
CA ASP E 385 -8.14 -4.13 -70.32
C ASP E 385 -9.15 -5.27 -70.39
N ALA E 386 -8.90 -6.36 -69.67
CA ALA E 386 -9.84 -7.47 -69.64
C ALA E 386 -11.12 -7.10 -68.90
N GLY E 387 -11.00 -6.26 -67.87
CA GLY E 387 -12.11 -6.00 -66.97
C GLY E 387 -13.38 -5.45 -67.60
N ILE E 388 -13.31 -4.79 -68.76
CA ILE E 388 -14.48 -4.11 -69.32
C ILE E 388 -14.70 -4.64 -70.75
N SER E 389 -14.29 -5.89 -70.97
CA SER E 389 -14.38 -6.50 -72.29
C SER E 389 -15.81 -6.58 -72.79
N GLY E 390 -16.75 -6.91 -71.90
CA GLY E 390 -18.15 -6.98 -72.30
C GLY E 390 -18.65 -5.65 -72.82
N LEU E 391 -18.29 -4.56 -72.14
CA LEU E 391 -18.73 -3.25 -72.59
C LEU E 391 -18.09 -2.88 -73.93
N TYR E 392 -16.79 -3.14 -74.11
CA TYR E 392 -16.22 -2.87 -75.42
C TYR E 392 -16.92 -3.68 -76.50
N SER E 393 -17.25 -4.94 -76.21
CA SER E 393 -17.88 -5.79 -77.22
C SER E 393 -19.26 -5.27 -77.59
N ILE E 394 -20.07 -4.93 -76.60
CA ILE E 394 -21.44 -4.49 -76.90
C ILE E 394 -21.41 -3.14 -77.61
N LEU E 395 -20.50 -2.25 -77.22
CA LEU E 395 -20.38 -0.97 -77.93
C LEU E 395 -19.95 -1.18 -79.38
N SER E 396 -19.01 -2.10 -79.62
CA SER E 396 -18.60 -2.38 -80.99
C SER E 396 -19.76 -2.93 -81.80
N ARG E 397 -20.56 -3.80 -81.20
CA ARG E 397 -21.71 -4.34 -81.90
C ARG E 397 -22.73 -3.26 -82.24
N GLU E 398 -22.98 -2.34 -81.30
CA GLU E 398 -24.12 -1.43 -81.38
C GLU E 398 -23.81 -0.12 -82.11
N LEU E 399 -22.62 0.46 -81.93
CA LEU E 399 -22.36 1.81 -82.40
C LEU E 399 -21.52 1.87 -83.67
N GLN E 400 -20.40 1.15 -83.72
CA GLN E 400 -19.46 1.32 -84.81
C GLN E 400 -20.06 0.93 -86.15
N LEU E 401 -20.63 -0.27 -86.24
CA LEU E 401 -21.12 -0.77 -87.52
C LEU E 401 -22.29 0.04 -88.08
N PRO E 402 -23.36 0.32 -87.34
CA PRO E 402 -24.43 1.15 -87.92
C PRO E 402 -23.97 2.54 -88.29
N LEU E 403 -23.07 3.14 -87.50
CA LEU E 403 -22.58 4.47 -87.80
C LEU E 403 -21.85 4.48 -89.13
N VAL E 404 -20.94 3.53 -89.34
CA VAL E 404 -20.18 3.51 -90.58
C VAL E 404 -21.11 3.19 -91.75
N ARG E 405 -22.10 2.32 -91.55
CA ARG E 405 -23.04 2.02 -92.64
C ARG E 405 -23.83 3.26 -93.04
N ARG E 406 -24.37 4.00 -92.08
CA ARG E 406 -25.11 5.22 -92.41
C ARG E 406 -24.19 6.24 -93.08
N LEU E 407 -22.96 6.35 -92.60
CA LEU E 407 -22.00 7.28 -93.19
C LEU E 407 -21.75 6.95 -94.66
N ILE E 408 -21.49 5.68 -94.96
CA ILE E 408 -21.15 5.33 -96.33
C ILE E 408 -22.38 5.44 -97.22
N HIS E 409 -23.57 5.15 -96.69
CA HIS E 409 -24.78 5.36 -97.48
C HIS E 409 -24.97 6.82 -97.83
N ILE E 410 -24.77 7.72 -96.86
CA ILE E 410 -24.86 9.15 -97.15
C ILE E 410 -23.84 9.54 -98.21
N LEU E 411 -22.61 9.02 -98.07
CA LEU E 411 -21.55 9.33 -99.02
C LEU E 411 -21.95 8.90 -100.44
N ARG E 412 -22.53 7.70 -100.57
CA ARG E 412 -22.96 7.23 -101.88
C ARG E 412 -24.08 8.10 -102.43
N ARG E 413 -25.05 8.45 -101.59
CA ARG E 413 -26.17 9.26 -102.06
C ARG E 413 -25.69 10.63 -102.53
N LYS E 414 -24.62 11.14 -101.94
CA LYS E 414 -24.06 12.43 -102.36
C LYS E 414 -23.45 12.35 -103.76
N ARG E 415 -23.28 11.14 -104.31
CA ARG E 415 -22.67 10.86 -105.61
C ARG E 415 -21.18 11.20 -105.60
N LYS E 416 -20.57 11.30 -104.43
CA LYS E 416 -19.15 11.64 -104.33
C LYS E 416 -18.26 10.42 -104.50
N LEU E 417 -18.84 9.23 -104.63
CA LEU E 417 -18.14 7.99 -104.94
C LEU E 417 -19.14 7.04 -105.58
N PRO E 418 -18.81 6.46 -106.74
CA PRO E 418 -19.76 5.56 -107.42
C PRO E 418 -20.12 4.32 -106.60
N ASP E 419 -21.20 3.66 -107.00
CA ASP E 419 -21.77 2.56 -106.23
C ASP E 419 -20.85 1.35 -106.23
N PHE E 420 -20.97 0.54 -105.17
CA PHE E 420 -20.19 -0.68 -105.08
C PHE E 420 -20.74 -1.75 -106.02
N PRO E 421 -19.90 -2.64 -106.53
CA PRO E 421 -20.41 -3.81 -107.24
C PRO E 421 -21.17 -4.73 -106.29
N ARG E 422 -22.15 -5.43 -106.84
CA ARG E 422 -22.97 -6.34 -106.07
C ARG E 422 -22.76 -7.77 -106.58
N SER E 423 -22.94 -8.73 -105.68
CA SER E 423 -22.74 -10.13 -106.03
C SER E 423 -23.73 -10.57 -107.09
N GLU E 424 -23.26 -11.38 -108.03
CA GLU E 424 -24.16 -11.92 -109.06
C GLU E 424 -25.04 -13.01 -108.48
N VAL E 425 -24.47 -13.88 -107.66
CA VAL E 425 -25.23 -15.01 -107.11
C VAL E 425 -26.24 -14.53 -106.08
N THR E 426 -25.81 -13.63 -105.17
CA THR E 426 -26.62 -13.25 -104.02
C THR E 426 -27.08 -11.80 -104.04
N GLY E 427 -26.30 -10.89 -104.61
CA GLY E 427 -26.63 -9.48 -104.60
C GLY E 427 -26.03 -8.68 -103.48
N GLU E 428 -25.37 -9.33 -102.51
CA GLU E 428 -24.74 -8.61 -101.43
C GLU E 428 -23.52 -7.85 -101.95
N PRO E 429 -23.19 -6.72 -101.34
CA PRO E 429 -22.00 -5.97 -101.75
C PRO E 429 -20.73 -6.81 -101.61
N LEU E 430 -19.80 -6.61 -102.54
CA LEU E 430 -18.56 -7.38 -102.55
C LEU E 430 -17.61 -6.96 -101.43
N ILE E 431 -17.91 -5.88 -100.71
CA ILE E 431 -17.04 -5.38 -99.65
C ILE E 431 -17.87 -5.19 -98.39
N LYS E 432 -17.40 -5.73 -97.28
CA LYS E 432 -18.10 -5.66 -96.00
C LYS E 432 -17.22 -4.95 -94.97
N GLU E 433 -17.69 -4.96 -93.72
CA GLU E 433 -17.11 -4.13 -92.67
C GLU E 433 -16.72 -4.97 -91.46
N LYS E 434 -15.82 -4.41 -90.65
CA LYS E 434 -15.28 -5.05 -89.47
C LYS E 434 -15.02 -4.00 -88.40
N ALA E 435 -15.22 -4.37 -87.14
CA ALA E 435 -15.03 -3.46 -86.02
C ALA E 435 -13.83 -3.90 -85.20
N VAL E 436 -12.96 -2.96 -84.86
CA VAL E 436 -11.71 -3.21 -84.15
C VAL E 436 -11.75 -2.46 -82.82
N THR E 437 -11.55 -3.18 -81.72
CA THR E 437 -11.64 -2.60 -80.39
C THR E 437 -10.50 -3.10 -79.50
N GLY E 438 -9.85 -2.15 -78.82
CA GLY E 438 -8.96 -2.51 -77.73
C GLY E 438 -7.62 -3.04 -78.18
N ILE E 439 -7.27 -4.23 -77.68
CA ILE E 439 -5.97 -4.83 -77.96
C ILE E 439 -5.80 -5.06 -79.45
N GLU E 440 -6.90 -5.31 -80.17
CA GLU E 440 -6.81 -5.46 -81.62
C GLU E 440 -6.29 -4.18 -82.28
N ALA E 441 -6.84 -3.03 -81.86
CA ALA E 441 -6.37 -1.75 -82.38
C ALA E 441 -4.94 -1.46 -81.94
N ILE E 442 -4.61 -1.81 -80.69
CA ILE E 442 -3.25 -1.57 -80.20
C ILE E 442 -2.24 -2.41 -80.98
N GLY E 443 -2.60 -3.65 -81.31
CA GLY E 443 -1.67 -4.58 -81.89
C GLY E 443 -1.90 -4.94 -83.35
N ARG E 444 -2.63 -4.12 -84.10
CA ARG E 444 -2.52 -4.20 -85.54
C ARG E 444 -1.07 -3.98 -85.98
N GLY E 445 -0.39 -3.03 -85.33
CA GLY E 445 1.04 -2.90 -85.52
C GLY E 445 1.79 -4.16 -85.12
N ASP E 446 1.33 -4.85 -84.08
CA ASP E 446 1.96 -6.12 -83.71
C ASP E 446 1.72 -7.19 -84.76
N ASP E 447 0.57 -7.17 -85.43
CA ASP E 447 0.33 -8.11 -86.53
C ASP E 447 1.26 -7.83 -87.70
N ARG E 448 1.42 -6.55 -88.05
CA ARG E 448 2.39 -6.18 -89.07
C ARG E 448 3.79 -6.62 -88.66
N ASN E 449 4.14 -6.42 -87.39
CA ASN E 449 5.44 -6.84 -86.89
C ASN E 449 5.58 -8.36 -86.93
N LYS E 450 4.51 -9.10 -86.69
CA LYS E 450 4.55 -10.54 -86.79
C LYS E 450 4.85 -10.98 -88.21
N LEU E 451 4.17 -10.39 -89.20
CA LEU E 451 4.45 -10.73 -90.60
C LEU E 451 5.90 -10.39 -90.96
N ILE E 452 6.34 -9.19 -90.60
CA ILE E 452 7.69 -8.75 -90.94
C ILE E 452 8.73 -9.59 -90.22
N ASP E 453 8.45 -9.99 -88.98
CA ASP E 453 9.39 -10.81 -88.21
C ASP E 453 9.47 -12.22 -88.76
N PHE E 454 8.34 -12.76 -89.24
CA PHE E 454 8.38 -14.05 -89.92
C PHE E 454 9.24 -13.96 -91.18
N ILE E 455 9.08 -12.88 -91.94
CA ILE E 455 9.89 -12.69 -93.14
C ILE E 455 11.37 -12.57 -92.78
N THR E 456 11.67 -11.78 -91.75
CA THR E 456 13.06 -11.58 -91.34
C THR E 456 13.67 -12.87 -90.81
N THR E 457 12.91 -13.66 -90.05
CA THR E 457 13.41 -14.92 -89.54
C THR E 457 13.70 -15.89 -90.67
N ALA E 458 12.82 -15.93 -91.68
CA ALA E 458 13.11 -16.76 -92.85
C ALA E 458 14.37 -16.29 -93.55
N ASN E 459 14.54 -14.98 -93.69
CA ASN E 459 15.74 -14.45 -94.36
C ASN E 459 17.00 -14.80 -93.57
N GLN E 460 16.95 -14.69 -92.25
CA GLN E 460 18.08 -15.08 -91.42
C GLN E 460 18.40 -16.56 -91.56
N ALA E 461 17.37 -17.40 -91.54
CA ALA E 461 17.57 -18.84 -91.62
C ALA E 461 18.16 -19.26 -92.96
N LEU E 462 17.76 -18.60 -94.05
CA LEU E 462 18.09 -19.08 -95.38
C LEU E 462 19.11 -18.20 -96.10
N GLY E 463 19.12 -16.89 -95.82
CA GLY E 463 20.19 -16.02 -96.28
C GLY E 463 19.94 -15.40 -97.64
N PRO E 464 21.00 -14.87 -98.26
CA PRO E 464 20.92 -14.46 -99.66
C PRO E 464 20.19 -15.46 -100.54
N GLN E 465 20.37 -16.76 -100.29
CA GLN E 465 19.66 -17.78 -101.07
C GLN E 465 18.16 -17.73 -100.83
N ALA E 466 17.72 -17.03 -99.77
CA ALA E 466 16.29 -16.90 -99.50
C ALA E 466 15.62 -15.91 -100.45
N MET E 467 16.20 -15.69 -101.61
CA MET E 467 15.56 -14.85 -102.61
C MET E 467 14.92 -15.73 -103.76
N THR E 468 14.74 -17.04 -103.56
CA THR E 468 14.47 -17.94 -104.68
C THR E 468 13.04 -18.48 -104.78
N GLN E 469 12.51 -19.20 -103.78
CA GLN E 469 11.27 -19.94 -104.10
C GLN E 469 10.21 -20.13 -103.01
N PHE E 470 10.31 -19.55 -101.80
CA PHE E 470 9.20 -19.58 -100.84
C PHE E 470 8.62 -18.21 -100.49
N LEU E 471 9.38 -17.29 -99.89
CA LEU E 471 8.79 -16.14 -99.19
C LEU E 471 9.25 -14.82 -99.80
N ASN E 472 8.35 -14.17 -100.53
CA ASN E 472 8.70 -13.10 -101.45
C ASN E 472 9.33 -11.92 -100.71
N VAL E 473 10.35 -11.31 -101.34
CA VAL E 473 11.09 -10.22 -100.73
C VAL E 473 10.32 -8.90 -100.81
N GLU E 474 9.10 -8.91 -101.34
CA GLU E 474 8.07 -7.89 -101.12
C GLU E 474 8.43 -6.50 -101.67
N GLU E 475 9.58 -6.36 -102.35
CA GLU E 475 9.75 -5.35 -103.41
C GLU E 475 9.27 -3.94 -103.09
N ALA E 476 9.95 -3.18 -102.22
CA ALA E 476 9.38 -1.90 -101.78
C ALA E 476 9.83 -0.67 -102.58
N LEU E 477 9.14 -0.30 -103.68
CA LEU E 477 9.10 1.10 -104.15
C LEU E 477 7.70 1.58 -104.59
N ARG E 478 6.93 0.74 -105.28
CA ARG E 478 5.76 1.21 -106.05
C ARG E 478 4.46 1.21 -105.25
N ARG E 479 4.01 0.03 -104.82
CA ARG E 479 2.62 -0.17 -104.40
C ARG E 479 2.35 0.32 -102.98
N LEU E 480 3.19 -0.06 -102.01
CA LEU E 480 3.04 0.46 -100.66
C LEU E 480 3.16 1.97 -100.60
N ALA E 481 3.78 2.59 -101.60
CA ALA E 481 3.70 4.05 -101.75
C ALA E 481 2.28 4.45 -102.14
N ALA E 482 1.59 3.61 -102.91
CA ALA E 482 0.18 3.80 -103.21
C ALA E 482 -0.73 3.19 -102.14
N SER E 483 -0.19 2.38 -101.24
CA SER E 483 -0.91 1.88 -100.09
C SER E 483 -0.82 2.91 -98.97
N GLY E 484 -1.86 2.98 -98.15
CA GLY E 484 -1.99 4.13 -97.28
C GLY E 484 -2.12 5.42 -98.06
N SER E 485 -2.83 5.37 -99.19
CA SER E 485 -3.00 6.47 -100.13
C SER E 485 -1.70 6.82 -100.84
N ILE E 486 -1.62 8.05 -101.34
CA ILE E 486 -0.55 8.53 -102.22
C ILE E 486 -0.52 7.71 -103.50
N ASP E 487 0.03 8.26 -104.58
CA ASP E 487 0.08 7.55 -105.84
C ASP E 487 1.46 6.93 -106.07
N THR E 488 1.57 6.21 -107.18
CA THR E 488 2.83 5.62 -107.61
C THR E 488 3.60 6.64 -108.45
N THR E 489 4.62 6.16 -109.17
CA THR E 489 5.48 6.97 -110.04
C THR E 489 6.37 7.87 -109.21
N ASN E 490 6.61 9.09 -109.70
CA ASN E 490 7.52 10.05 -109.07
C ASN E 490 8.94 9.49 -109.08
N LEU E 491 9.40 8.94 -107.94
CA LEU E 491 10.68 8.23 -107.94
C LEU E 491 10.60 6.94 -108.74
N VAL E 492 9.41 6.33 -108.81
CA VAL E 492 9.26 5.07 -109.52
C VAL E 492 9.60 5.24 -110.98
N LYS E 493 10.65 4.57 -111.44
CA LYS E 493 10.86 4.42 -112.87
C LYS E 493 9.78 3.49 -113.38
N THR E 494 8.80 4.03 -114.10
CA THR E 494 7.67 3.22 -114.54
C THR E 494 8.14 2.08 -115.43
N LYS E 495 7.38 0.98 -115.41
CA LYS E 495 7.73 -0.17 -116.22
C LYS E 495 7.88 0.21 -117.69
N ALA E 496 7.02 1.12 -118.16
CA ALA E 496 7.18 1.64 -119.52
C ALA E 496 8.49 2.40 -119.67
N GLN E 497 8.78 3.31 -118.74
CA GLN E 497 10.04 4.06 -118.80
C GLN E 497 11.24 3.15 -118.62
N LEU E 498 11.15 2.17 -117.71
CA LEU E 498 12.25 1.23 -117.53
C LEU E 498 12.50 0.41 -118.78
N GLN E 499 11.43 -0.05 -119.44
CA GLN E 499 11.60 -0.78 -120.70
C GLN E 499 12.18 0.10 -121.78
N GLN E 500 11.74 1.36 -121.84
CA GLN E 500 12.28 2.29 -122.84
C GLN E 500 13.77 2.52 -122.62
N GLU E 501 14.18 2.70 -121.36
CA GLU E 501 15.59 2.92 -121.07
C GLU E 501 16.40 1.64 -121.28
N ALA E 502 15.81 0.48 -121.02
CA ALA E 502 16.49 -0.78 -121.33
C ALA E 502 16.70 -0.93 -122.82
N ALA E 503 15.70 -0.56 -123.63
CA ALA E 503 15.86 -0.60 -125.08
C ALA E 503 16.92 0.38 -125.55
N ALA E 504 16.94 1.58 -124.95
CA ALA E 504 17.96 2.56 -125.30
C ALA E 504 19.35 2.05 -124.95
N GLN E 505 19.49 1.41 -123.78
CA GLN E 505 20.77 0.82 -123.39
C GLN E 505 21.17 -0.30 -124.34
N ALA E 506 20.22 -1.13 -124.75
CA ALA E 506 20.51 -2.20 -125.68
C ALA E 506 20.98 -1.65 -127.02
N GLU E 507 20.32 -0.61 -127.53
CA GLU E 507 20.75 0.01 -128.76
C GLU E 507 22.12 0.66 -128.62
N ALA E 508 22.37 1.30 -127.48
CA ALA E 508 23.67 1.93 -127.25
C ALA E 508 24.79 0.91 -127.21
N GLU E 509 24.57 -0.22 -126.52
CA GLU E 509 25.63 -1.23 -126.48
C GLU E 509 25.74 -1.99 -127.79
N GLN E 510 24.66 -2.07 -128.57
CA GLN E 510 24.78 -2.63 -129.91
C GLN E 510 25.61 -1.73 -130.81
N GLN E 511 25.42 -0.42 -130.70
CA GLN E 511 26.30 0.52 -131.39
C GLN E 511 27.73 0.38 -130.88
N ALA E 512 27.89 0.13 -129.58
CA ALA E 512 29.20 -0.17 -129.03
C ALA E 512 29.73 -1.50 -129.55
N GLN E 513 28.84 -2.32 -130.14
CA GLN E 513 29.27 -3.55 -130.77
C GLN E 513 29.37 -3.41 -132.28
N GLN E 514 28.61 -2.48 -132.86
CA GLN E 514 28.65 -2.29 -134.30
C GLN E 514 30.02 -1.75 -134.72
N GLN E 515 30.48 -2.19 -135.88
CA GLN E 515 31.75 -1.78 -136.47
C GLN E 515 32.89 -1.84 -135.45
N GLN E 516 32.96 -2.96 -134.73
CA GLN E 516 33.99 -3.18 -133.73
C GLN E 516 35.36 -2.84 -134.25
N LEU E 517 35.97 -1.80 -133.69
CA LEU E 517 37.22 -1.27 -134.21
C LEU E 517 37.14 -1.17 -135.72
N LEU E 518 37.57 -2.24 -136.41
CA LEU E 518 37.40 -2.40 -137.84
C LEU E 518 38.17 -1.31 -138.58
N GLU E 519 37.61 -0.09 -138.62
CA GLU E 519 38.17 0.99 -139.43
C GLU E 519 39.63 1.27 -139.08
N THR E 520 40.01 1.05 -137.83
CA THR E 520 41.41 1.02 -137.45
C THR E 520 41.86 -0.32 -136.91
N GLY E 521 40.94 -1.12 -136.39
CA GLY E 521 41.33 -2.37 -135.77
C GLY E 521 41.79 -3.42 -136.75
N ILE E 522 41.46 -3.26 -138.03
CA ILE E 522 41.70 -4.34 -138.98
C ILE E 522 43.19 -4.63 -139.08
N LYS E 523 43.48 -5.88 -139.43
CA LYS E 523 44.81 -6.42 -139.64
C LYS E 523 45.77 -5.47 -140.36
N SER E 524 45.42 -5.05 -141.58
CA SER E 524 46.21 -4.08 -142.32
C SER E 524 45.32 -3.47 -143.38
N PRO E 525 45.69 -2.31 -143.93
CA PRO E 525 44.83 -1.69 -144.95
C PRO E 525 44.93 -2.42 -146.28
N ALA E 526 44.75 -3.75 -146.24
CA ALA E 526 44.71 -4.51 -147.47
C ALA E 526 43.55 -4.08 -148.34
N MET E 527 42.39 -3.83 -147.73
CA MET E 527 41.25 -3.33 -148.48
C MET E 527 41.52 -1.94 -149.03
N ALA E 528 42.20 -1.08 -148.26
CA ALA E 528 42.53 0.25 -148.75
C ALA E 528 43.49 0.18 -149.94
N GLN E 529 44.50 -0.66 -149.86
CA GLN E 529 45.45 -0.81 -150.96
C GLN E 529 44.78 -1.40 -152.19
N ALA E 530 43.93 -2.42 -151.99
CA ALA E 530 43.18 -2.98 -153.10
C ALA E 530 42.25 -1.94 -153.71
N VAL E 531 41.68 -1.06 -152.87
CA VAL E 531 40.84 0.04 -153.37
C VAL E 531 41.66 0.98 -154.24
N LYS E 532 42.87 1.32 -153.77
CA LYS E 532 43.77 2.15 -154.57
C LYS E 532 44.05 1.50 -155.92
N ASN E 533 44.24 0.18 -155.92
CA ASN E 533 44.49 -0.53 -157.17
C ASN E 533 43.24 -0.55 -158.06
N PHE E 534 42.06 -0.60 -157.43
CA PHE E 534 40.80 -0.54 -158.18
C PHE E 534 40.67 0.78 -158.91
N GLN E 535 40.82 1.89 -158.17
CA GLN E 535 40.63 3.21 -158.78
C GLN E 535 41.75 3.51 -159.77
N GLY E 536 42.98 3.15 -159.43
CA GLY E 536 44.13 3.39 -160.29
C GLY E 536 44.11 2.63 -161.60
N ALA E 537 43.79 1.34 -161.53
CA ALA E 537 43.87 0.49 -162.71
C ALA E 537 42.51 0.28 -163.38
N ASP E 538 42.21 1.08 -164.41
CA ASP E 538 41.02 0.91 -165.25
C ASP E 538 39.75 0.80 -164.42
N PRO E 539 39.24 1.90 -163.87
CA PRO E 539 38.06 1.82 -162.99
C PRO E 539 36.90 1.02 -163.55
N GLU E 540 36.77 0.91 -164.87
CA GLU E 540 35.73 0.07 -165.45
C GLU E 540 36.00 -1.40 -165.18
N ARG E 541 37.25 -1.84 -165.37
CA ARG E 541 37.59 -3.22 -165.01
C ARG E 541 37.53 -3.41 -163.50
N ALA E 542 37.75 -2.34 -162.74
CA ALA E 542 37.54 -2.40 -161.30
C ALA E 542 36.08 -2.67 -160.96
N ALA E 543 35.15 -2.01 -161.67
CA ALA E 543 33.74 -2.27 -161.45
C ALA E 543 33.37 -3.69 -161.88
N GLN E 544 33.93 -4.16 -162.99
CA GLN E 544 33.66 -5.53 -163.42
C GLN E 544 34.16 -6.55 -162.39
N ALA E 545 35.36 -6.32 -161.86
CA ALA E 545 35.90 -7.21 -160.83
C ALA E 545 35.15 -7.11 -159.52
N LEU E 546 34.61 -5.92 -159.19
CA LEU E 546 33.73 -5.79 -158.04
C LEU E 546 32.44 -6.59 -158.25
N SER E 547 31.93 -6.58 -159.49
CA SER E 547 30.77 -7.42 -159.80
C SER E 547 31.11 -8.90 -159.64
N ALA E 548 32.31 -9.30 -160.06
CA ALA E 548 32.74 -10.69 -159.85
C ALA E 548 32.84 -11.03 -158.37
N ILE E 549 33.37 -10.10 -157.57
CA ILE E 549 33.47 -10.31 -156.12
C ILE E 549 32.08 -10.45 -155.52
N THR E 550 31.14 -9.58 -155.90
CA THR E 550 29.77 -9.70 -155.44
C THR E 550 29.08 -10.93 -156.02
N SER E 551 29.65 -11.54 -157.06
CA SER E 551 29.18 -12.82 -157.56
C SER E 551 29.72 -13.99 -156.74
N GLU E 552 30.89 -13.83 -156.11
CA GLU E 552 31.33 -14.80 -155.13
C GLU E 552 30.31 -14.93 -153.99
N THR E 553 29.57 -13.86 -153.72
CA THR E 553 28.49 -13.81 -152.75
C THR E 553 27.19 -13.50 -153.50
N GLY E 554 26.14 -13.17 -152.76
CA GLY E 554 24.91 -12.75 -153.39
C GLY E 554 23.81 -12.44 -152.39
N GLY E 555 22.61 -12.27 -152.93
CA GLY E 555 21.43 -12.01 -152.12
C GLY E 555 21.44 -10.65 -151.45
N ILE E 556 22.10 -9.68 -152.08
CA ILE E 556 22.14 -8.31 -151.58
C ILE E 556 21.96 -7.36 -152.76
N ASP E 557 21.06 -6.40 -152.61
CA ASP E 557 20.82 -5.41 -153.67
C ASP E 557 22.01 -4.47 -153.79
N ALA E 558 22.51 -4.31 -155.02
CA ALA E 558 23.58 -3.34 -155.25
C ALA E 558 23.10 -1.90 -155.09
N ASP E 559 21.79 -1.67 -155.13
CA ASP E 559 21.26 -0.34 -154.89
C ASP E 559 21.42 0.08 -153.43
N GLN E 560 21.67 -0.87 -152.53
CA GLN E 560 22.00 -0.52 -151.15
C GLN E 560 23.45 -0.09 -151.00
N LEU E 561 24.30 -0.40 -151.98
CA LEU E 561 25.68 0.07 -151.92
C LEU E 561 25.78 1.57 -152.17
N THR E 562 24.81 2.14 -152.90
CA THR E 562 24.84 3.56 -153.24
C THR E 562 24.00 4.41 -152.28
N GLU E 563 23.88 4.02 -151.01
CA GLU E 563 23.30 4.87 -149.98
C GLU E 563 24.19 4.93 -148.74
N ALA E 564 25.49 4.71 -148.92
CA ALA E 564 26.43 4.73 -147.80
C ALA E 564 27.20 6.04 -147.76
N MET F 1 58.75 66.16 -50.51
CA MET F 1 59.12 66.65 -51.83
C MET F 1 57.87 66.87 -52.69
N LYS F 2 57.74 66.10 -53.76
CA LYS F 2 56.66 66.28 -54.73
C LYS F 2 55.41 65.59 -54.21
N THR F 3 54.43 66.39 -53.80
CA THR F 3 53.13 65.87 -53.41
C THR F 3 52.36 65.50 -54.67
N ARG F 4 52.51 64.25 -55.11
CA ARG F 4 51.85 63.76 -56.33
C ARG F 4 50.92 62.63 -55.94
N LEU F 5 49.71 62.98 -55.51
CA LEU F 5 48.66 62.01 -55.28
C LEU F 5 47.59 62.04 -56.36
N THR F 6 47.72 62.95 -57.33
CA THR F 6 46.85 63.01 -58.49
C THR F 6 47.69 62.83 -59.74
N ASN F 7 47.11 62.17 -60.75
CA ASN F 7 47.85 61.83 -61.95
C ASN F 7 48.22 63.09 -62.74
N ASN F 8 49.26 62.97 -63.54
CA ASN F 8 49.80 64.06 -64.33
C ASN F 8 49.30 64.06 -65.76
N VAL F 9 48.07 63.63 -65.98
CA VAL F 9 47.55 63.48 -67.34
C VAL F 9 46.61 64.61 -67.71
N ASP F 10 45.72 65.00 -66.80
CA ASP F 10 44.79 66.11 -67.05
C ASP F 10 45.19 67.36 -66.26
N ARG F 11 46.44 67.43 -65.80
CA ARG F 11 46.90 68.60 -65.07
C ARG F 11 46.92 69.82 -65.98
N GLN F 12 46.59 70.97 -65.39
CA GLN F 12 46.38 72.19 -66.16
C GLN F 12 46.90 73.36 -65.34
N SER F 13 46.58 74.56 -65.79
CA SER F 13 46.94 75.76 -65.06
C SER F 13 45.91 76.06 -63.97
N ALA F 14 46.24 77.00 -63.10
CA ALA F 14 45.36 77.37 -61.99
C ALA F 14 44.11 78.05 -62.53
N LEU F 15 42.98 77.33 -62.55
CA LEU F 15 41.74 77.84 -63.08
C LEU F 15 40.71 78.18 -62.02
N TYR F 16 40.83 77.61 -60.82
CA TYR F 16 39.89 77.87 -59.73
C TYR F 16 40.65 78.50 -58.57
N GLY F 17 40.12 79.61 -58.08
CA GLY F 17 40.71 80.33 -56.95
C GLY F 17 40.03 80.00 -55.65
N SER F 18 40.04 80.98 -54.74
CA SER F 18 39.44 80.85 -53.42
C SER F 18 38.11 81.60 -53.32
N SER F 19 37.28 81.50 -54.36
CA SER F 19 36.04 82.27 -54.45
C SER F 19 35.02 81.71 -53.47
N GLY F 20 35.17 82.10 -52.20
CA GLY F 20 34.23 81.75 -51.16
C GLY F 20 34.69 80.62 -50.25
N GLY F 21 35.24 80.99 -49.09
CA GLY F 21 35.58 80.01 -48.08
C GLY F 21 36.69 79.06 -48.51
N THR F 22 36.95 78.08 -47.64
CA THR F 22 37.92 77.03 -47.90
C THR F 22 37.22 75.68 -47.77
N ALA F 23 37.78 74.68 -48.45
CA ALA F 23 37.18 73.36 -48.43
C ALA F 23 37.13 72.77 -47.02
N ALA F 24 38.01 73.25 -46.13
CA ALA F 24 37.95 72.82 -44.74
C ALA F 24 36.62 73.22 -44.10
N GLN F 25 36.16 74.44 -44.38
CA GLN F 25 34.88 74.89 -43.85
C GLN F 25 33.73 74.05 -44.41
N ARG F 26 33.78 73.73 -45.70
CA ARG F 26 32.73 72.88 -46.29
C ARG F 26 32.74 71.50 -45.64
N TYR F 27 33.93 70.95 -45.40
CA TYR F 27 34.04 69.65 -44.75
C TYR F 27 33.46 69.70 -43.34
N GLU F 28 33.78 70.75 -42.58
CA GLU F 28 33.24 70.88 -41.24
C GLU F 28 31.73 71.05 -41.25
N GLN F 29 31.20 71.69 -42.29
CA GLN F 29 29.75 71.82 -42.41
C GLN F 29 29.08 70.48 -42.72
N LEU F 30 29.68 69.70 -43.62
CA LEU F 30 29.04 68.48 -44.08
C LEU F 30 29.26 67.28 -43.16
N ARG F 31 30.25 67.34 -42.26
CA ARG F 31 30.47 66.20 -41.37
C ARG F 31 29.28 65.96 -40.46
N VAL F 32 28.51 67.01 -40.15
CA VAL F 32 27.34 66.84 -39.30
C VAL F 32 26.34 65.90 -39.94
N ASP F 33 26.08 66.10 -41.24
CA ASP F 33 25.22 65.17 -41.96
C ASP F 33 25.89 63.81 -42.11
N ARG F 34 27.19 63.79 -42.38
CA ARG F 34 27.90 62.52 -42.55
C ARG F 34 27.93 61.66 -41.29
N ASN F 35 27.63 62.25 -40.13
CA ASN F 35 27.80 61.55 -38.85
C ASN F 35 27.08 60.20 -38.82
N SER F 36 25.75 60.22 -38.93
CA SER F 36 24.95 59.03 -38.61
C SER F 36 25.33 57.79 -39.42
N PRO F 37 25.48 57.84 -40.75
CA PRO F 37 25.87 56.62 -41.47
C PRO F 37 27.19 56.06 -41.00
N LEU F 38 28.12 56.92 -40.55
CA LEU F 38 29.35 56.41 -39.98
C LEU F 38 29.09 55.56 -38.74
N LYS F 39 28.19 56.02 -37.88
CA LYS F 39 27.84 55.23 -36.69
C LYS F 39 27.22 53.90 -37.08
N ARG F 40 26.31 53.92 -38.04
CA ARG F 40 25.68 52.65 -38.47
C ARG F 40 26.73 51.69 -39.02
N ALA F 41 27.62 52.19 -39.87
CA ALA F 41 28.65 51.34 -40.45
C ALA F 41 29.59 50.82 -39.38
N ARG F 42 29.95 51.66 -38.40
CA ARG F 42 30.84 51.23 -37.34
C ARG F 42 30.22 50.13 -36.50
N ASP F 43 28.94 50.27 -36.16
CA ASP F 43 28.30 49.22 -35.36
C ASP F 43 28.16 47.92 -36.15
N CYS F 44 27.81 48.01 -37.44
CA CYS F 44 27.73 46.80 -38.26
C CYS F 44 29.08 46.11 -38.35
N SER F 45 30.15 46.89 -38.57
CA SER F 45 31.48 46.31 -38.61
C SER F 45 31.82 45.64 -37.28
N LYS F 46 31.50 46.30 -36.17
CA LYS F 46 31.77 45.72 -34.87
C LYS F 46 31.05 44.39 -34.70
N VAL F 47 29.84 44.27 -35.22
CA VAL F 47 29.12 43.01 -35.03
C VAL F 47 29.58 41.94 -36.02
N THR F 48 30.22 42.31 -37.14
CA THR F 48 30.71 41.29 -38.07
C THR F 48 32.21 41.08 -37.99
N ILE F 49 33.00 42.13 -38.13
CA ILE F 49 34.47 42.03 -38.09
C ILE F 49 35.00 43.11 -37.16
N PRO F 50 35.56 42.73 -36.00
CA PRO F 50 35.75 43.71 -34.91
C PRO F 50 36.62 44.91 -35.28
N GLY F 51 37.64 44.72 -36.10
CA GLY F 51 38.60 45.79 -36.30
C GLY F 51 38.64 46.43 -37.68
N LEU F 52 37.60 46.20 -38.49
CA LEU F 52 37.63 46.70 -39.87
C LEU F 52 37.51 48.22 -39.90
N ILE F 53 36.42 48.75 -39.36
CA ILE F 53 36.21 50.20 -39.27
C ILE F 53 36.38 50.59 -37.80
N GLU F 54 37.33 51.48 -37.53
CA GLU F 54 37.72 51.81 -36.18
C GLU F 54 37.40 53.26 -35.84
N ASP F 55 37.21 53.51 -34.55
CA ASP F 55 37.11 54.87 -34.05
C ASP F 55 38.48 55.56 -34.16
N GLU F 56 38.45 56.89 -34.05
CA GLU F 56 39.67 57.68 -34.21
C GLU F 56 40.67 57.49 -33.07
N ASN F 57 40.27 56.84 -31.98
CA ASN F 57 41.18 56.61 -30.86
C ASN F 57 41.27 55.14 -30.50
N TYR F 58 41.31 54.27 -31.51
CA TYR F 58 41.56 52.84 -31.35
C TYR F 58 42.52 52.34 -32.42
N GLY F 59 43.60 53.10 -32.63
CA GLY F 59 44.56 52.78 -33.68
C GLY F 59 45.82 52.13 -33.16
N ASP F 60 46.87 52.93 -32.96
CA ASP F 60 48.18 52.46 -32.56
C ASP F 60 48.15 51.58 -31.32
N ALA F 61 47.41 52.01 -30.29
CA ALA F 61 47.38 51.31 -29.01
C ALA F 61 45.95 51.12 -28.53
N GLY F 62 45.08 50.66 -29.42
CA GLY F 62 43.73 50.29 -29.07
C GLY F 62 43.54 48.79 -29.11
N ARG F 63 42.58 48.31 -28.30
CA ARG F 63 42.26 46.89 -28.25
C ARG F 63 40.81 46.66 -28.68
N LEU F 64 40.62 45.66 -29.54
CA LEU F 64 39.31 45.27 -30.01
C LEU F 64 38.85 44.00 -29.28
N ASP F 65 37.57 43.71 -29.41
CA ASP F 65 36.96 42.56 -28.75
C ASP F 65 36.74 41.44 -29.77
N THR F 66 36.17 40.33 -29.29
CA THR F 66 35.80 39.23 -30.16
C THR F 66 34.36 38.81 -29.90
N PRO F 67 33.60 38.48 -30.94
CA PRO F 67 32.21 38.08 -30.77
C PRO F 67 32.11 36.65 -30.26
N TYR F 68 30.87 36.20 -30.07
CA TYR F 68 30.59 34.83 -29.68
C TYR F 68 29.89 34.07 -30.81
N GLN F 69 30.07 34.52 -32.04
CA GLN F 69 29.58 33.81 -33.21
C GLN F 69 30.41 34.21 -34.42
N SER F 70 30.64 33.26 -35.32
CA SER F 70 31.49 33.48 -36.48
C SER F 70 30.73 33.43 -37.80
N SER F 71 29.40 33.50 -37.76
CA SER F 71 28.64 33.49 -39.00
C SER F 71 28.93 34.74 -39.84
N GLY F 72 29.03 35.89 -39.18
CA GLY F 72 29.22 37.12 -39.93
C GLY F 72 30.53 37.15 -40.70
N ALA F 73 31.63 36.76 -40.05
CA ALA F 73 32.92 36.79 -40.70
C ALA F 73 32.97 35.83 -41.89
N ARG F 74 32.51 34.60 -41.67
CA ARG F 74 32.51 33.60 -42.75
C ARG F 74 31.65 34.07 -43.91
N GLY F 75 30.46 34.58 -43.62
CA GLY F 75 29.58 35.04 -44.68
C GLY F 75 30.17 36.19 -45.46
N VAL F 76 30.73 37.18 -44.76
CA VAL F 76 31.30 38.34 -45.43
C VAL F 76 32.46 37.92 -46.32
N GLY F 77 33.35 37.09 -45.79
CA GLY F 77 34.49 36.64 -46.59
C GLY F 77 34.06 35.86 -47.82
N HIS F 78 33.12 34.92 -47.63
CA HIS F 78 32.69 34.08 -48.73
C HIS F 78 32.00 34.91 -49.82
N MET F 79 31.09 35.81 -49.40
CA MET F 79 30.40 36.64 -50.38
C MET F 79 31.36 37.56 -51.11
N THR F 80 32.31 38.17 -50.38
CA THR F 80 33.26 39.06 -51.03
C THR F 80 34.08 38.32 -52.07
N SER F 81 34.58 37.13 -51.71
CA SER F 81 35.41 36.38 -52.65
C SER F 81 34.59 35.98 -53.88
N LYS F 82 33.38 35.47 -53.67
CA LYS F 82 32.57 35.02 -54.80
C LYS F 82 32.20 36.18 -55.71
N LEU F 83 31.81 37.32 -55.13
CA LEU F 83 31.47 38.48 -55.94
C LEU F 83 32.67 38.98 -56.73
N ALA F 84 33.85 39.03 -56.10
CA ALA F 84 35.04 39.50 -56.80
C ALA F 84 35.41 38.56 -57.93
N VAL F 85 35.30 37.25 -57.70
CA VAL F 85 35.66 36.28 -58.75
C VAL F 85 34.68 36.37 -59.90
N THR F 86 33.38 36.42 -59.60
CA THR F 86 32.37 36.42 -60.66
C THR F 86 32.40 37.71 -61.46
N LEU F 87 32.51 38.86 -60.77
CA LEU F 87 32.42 40.14 -61.45
C LEU F 87 33.60 40.38 -62.39
N PHE F 88 34.79 39.87 -62.04
CA PHE F 88 36.00 40.06 -62.84
C PHE F 88 36.62 38.70 -63.12
N PRO F 89 36.04 37.94 -64.04
CA PRO F 89 36.58 36.61 -64.35
C PRO F 89 38.01 36.69 -64.86
N THR F 90 38.82 35.73 -64.44
CA THR F 90 40.23 35.70 -64.86
C THR F 90 40.39 35.19 -66.28
N ASN F 91 39.49 34.33 -66.75
CA ASN F 91 39.66 33.68 -68.06
C ASN F 91 38.95 34.47 -69.15
N GLU F 92 37.63 34.65 -69.03
CA GLU F 92 36.88 35.40 -70.02
C GLU F 92 37.10 36.90 -69.82
N HIS F 93 36.97 37.65 -70.91
CA HIS F 93 37.04 39.10 -70.83
C HIS F 93 35.81 39.62 -70.11
N PHE F 94 36.00 40.60 -69.24
CA PHE F 94 34.88 41.13 -68.46
C PHE F 94 34.18 42.29 -69.16
N PHE F 95 34.61 42.66 -70.36
CA PHE F 95 33.96 43.70 -71.13
C PHE F 95 34.19 43.42 -72.61
N LYS F 96 33.35 44.02 -73.45
CA LYS F 96 33.39 43.78 -74.88
C LYS F 96 33.33 45.09 -75.64
N LEU F 97 34.41 45.42 -76.35
CA LEU F 97 34.44 46.54 -77.27
C LEU F 97 33.87 46.06 -78.59
N GLU F 98 32.62 46.40 -78.86
CA GLU F 98 31.87 45.82 -79.96
C GLU F 98 31.62 46.88 -81.03
N ILE F 99 31.95 46.54 -82.28
CA ILE F 99 31.75 47.44 -83.39
C ILE F 99 30.26 47.66 -83.61
N ASP F 100 29.89 48.91 -83.88
CA ASP F 100 28.49 49.24 -84.17
C ASP F 100 28.21 48.95 -85.63
N SER F 101 27.58 47.79 -85.90
CA SER F 101 27.17 47.50 -87.26
C SER F 101 26.03 48.40 -87.72
N LEU F 102 25.41 49.12 -86.79
CA LEU F 102 24.50 50.20 -87.17
C LEU F 102 25.22 51.26 -87.98
N ALA F 103 26.41 51.66 -87.51
CA ALA F 103 27.22 52.61 -88.27
C ALA F 103 27.69 52.00 -89.58
N ILE F 104 27.92 50.67 -89.59
CA ILE F 104 28.29 49.99 -90.82
C ILE F 104 27.18 50.11 -91.84
N LEU F 105 25.94 49.87 -91.42
CA LEU F 105 24.80 50.03 -92.31
C LEU F 105 24.63 51.48 -92.75
N ALA F 106 24.78 52.42 -91.82
CA ALA F 106 24.59 53.83 -92.15
C ALA F 106 25.61 54.31 -93.16
N SER F 107 26.87 53.90 -93.01
CA SER F 107 27.92 54.31 -93.93
C SER F 107 28.00 53.44 -95.18
N ASP F 108 27.13 52.42 -95.28
CA ASP F 108 27.17 51.46 -96.39
C ASP F 108 28.55 50.82 -96.48
N GLN F 109 29.05 50.36 -95.33
CA GLN F 109 30.40 49.83 -95.25
C GLN F 109 30.50 48.48 -95.95
N ASN F 110 31.67 48.22 -96.52
CA ASN F 110 31.91 46.94 -97.17
C ASN F 110 32.07 45.84 -96.12
N PRO F 111 31.29 44.76 -96.20
CA PRO F 111 31.42 43.68 -95.20
C PRO F 111 32.76 42.97 -95.21
N GLU F 112 33.62 43.27 -96.19
CA GLU F 112 34.92 42.60 -96.24
C GLU F 112 35.85 43.12 -95.15
N MET F 113 35.70 44.37 -94.73
CA MET F 113 36.57 44.96 -93.71
C MET F 113 36.20 44.55 -92.28
N ILE F 114 35.10 43.82 -92.09
CA ILE F 114 34.68 43.48 -90.73
C ILE F 114 35.70 42.57 -90.05
N THR F 115 36.35 41.71 -90.83
CA THR F 115 37.38 40.83 -90.26
C THR F 115 38.54 41.65 -89.69
N GLU F 116 39.02 42.64 -90.45
CA GLU F 116 40.11 43.48 -89.98
C GLU F 116 39.67 44.33 -88.80
N PHE F 117 38.44 44.83 -88.83
CA PHE F 117 37.93 45.61 -87.70
C PHE F 117 37.87 44.77 -86.43
N ASP F 118 37.40 43.52 -86.56
CA ASP F 118 37.36 42.62 -85.41
C ASP F 118 38.76 42.32 -84.88
N SER F 119 39.72 42.12 -85.78
CA SER F 119 41.09 41.91 -85.33
C SER F 119 41.61 43.11 -84.55
N ALA F 120 41.41 44.32 -85.09
CA ALA F 120 41.87 45.51 -84.39
C ALA F 120 41.19 45.64 -83.03
N LEU F 121 39.89 45.36 -82.98
CA LEU F 121 39.16 45.47 -81.73
C LEU F 121 39.67 44.47 -80.69
N VAL F 122 40.00 43.24 -81.11
CA VAL F 122 40.48 42.27 -80.15
C VAL F 122 41.86 42.67 -79.63
N LYS F 123 42.71 43.23 -80.51
CA LYS F 123 44.00 43.74 -80.02
C LYS F 123 43.79 44.87 -79.02
N VAL F 124 42.86 45.78 -79.30
CA VAL F 124 42.58 46.87 -78.36
C VAL F 124 42.08 46.32 -77.03
N GLU F 125 41.19 45.32 -77.08
CA GLU F 125 40.65 44.73 -75.86
C GLU F 125 41.77 44.13 -75.00
N GLN F 126 42.64 43.34 -75.63
CA GLN F 126 43.69 42.70 -74.84
C GLN F 126 44.69 43.74 -74.32
N ALA F 127 44.94 44.79 -75.09
CA ALA F 127 45.81 45.86 -74.59
C ALA F 127 45.21 46.54 -73.38
N VAL F 128 43.90 46.81 -73.42
CA VAL F 128 43.21 47.44 -72.29
C VAL F 128 43.30 46.55 -71.06
N MET F 129 43.03 45.26 -71.23
CA MET F 129 43.09 44.36 -70.08
C MET F 129 44.51 44.23 -69.54
N ARG F 130 45.51 44.24 -70.42
CA ARG F 130 46.90 44.20 -69.96
C ARG F 130 47.22 45.42 -69.13
N MET F 131 46.80 46.61 -69.59
CA MET F 131 47.06 47.82 -68.81
C MET F 131 46.34 47.74 -67.47
N PHE F 132 45.10 47.26 -67.46
CA PHE F 132 44.37 47.13 -66.19
C PHE F 132 45.07 46.19 -65.23
N GLU F 133 45.53 45.04 -65.72
CA GLU F 133 46.18 44.07 -64.85
C GLU F 133 47.55 44.58 -64.39
N THR F 134 48.17 45.48 -65.15
CA THR F 134 49.46 46.04 -64.76
C THR F 134 49.35 46.79 -63.43
N ILE F 135 48.29 47.57 -63.26
CA ILE F 135 48.17 48.46 -62.11
C ILE F 135 47.54 47.72 -60.93
N GLY F 136 47.38 46.41 -61.06
CA GLY F 136 46.93 45.59 -59.94
C GLY F 136 45.52 45.89 -59.47
N GLY F 137 44.57 45.90 -60.39
CA GLY F 137 43.21 46.27 -60.03
C GLY F 137 42.48 45.23 -59.22
N ARG F 138 42.96 43.98 -59.22
CA ARG F 138 42.24 42.91 -58.55
C ARG F 138 42.19 43.13 -57.03
N ALA F 139 43.33 43.45 -56.43
CA ALA F 139 43.37 43.65 -54.98
C ALA F 139 42.53 44.85 -54.56
N ALA F 140 42.63 45.96 -55.31
CA ALA F 140 41.82 47.12 -55.00
C ALA F 140 40.34 46.81 -55.13
N MET F 141 39.96 46.06 -56.17
CA MET F 141 38.57 45.67 -56.32
C MET F 141 38.11 44.83 -55.15
N HIS F 142 38.94 43.89 -54.71
CA HIS F 142 38.56 43.03 -53.59
C HIS F 142 38.34 43.85 -52.33
N GLU F 143 39.27 44.75 -52.02
CA GLU F 143 39.13 45.56 -50.81
C GLU F 143 37.91 46.48 -50.89
N ALA F 144 37.70 47.11 -52.04
CA ALA F 144 36.55 47.99 -52.20
C ALA F 144 35.24 47.22 -52.05
N LEU F 145 35.17 46.03 -52.61
CA LEU F 145 33.96 45.22 -52.46
C LEU F 145 33.72 44.84 -51.01
N LYS F 146 34.80 44.49 -50.29
CA LYS F 146 34.65 44.13 -48.88
C LYS F 146 34.10 45.31 -48.09
N HIS F 147 34.66 46.51 -48.31
CA HIS F 147 34.11 47.68 -47.63
C HIS F 147 32.68 47.96 -48.05
N LEU F 148 32.33 47.70 -49.31
CA LEU F 148 30.97 47.94 -49.76
C LEU F 148 29.97 47.05 -49.05
N LEU F 149 30.29 45.76 -48.92
CA LEU F 149 29.40 44.88 -48.17
C LEU F 149 29.34 45.26 -46.70
N VAL F 150 30.48 45.56 -46.08
CA VAL F 150 30.47 45.84 -44.66
C VAL F 150 29.90 47.24 -44.37
N GLY F 151 30.35 48.24 -45.11
CA GLY F 151 29.99 49.61 -44.80
C GLY F 151 28.86 50.19 -45.64
N GLY F 152 28.88 49.92 -46.94
CA GLY F 152 27.87 50.42 -47.84
C GLY F 152 28.26 51.63 -48.65
N ASN F 153 29.44 52.19 -48.43
CA ASN F 153 29.91 53.33 -49.20
C ASN F 153 31.42 53.24 -49.37
N VAL F 154 31.91 53.68 -50.51
CA VAL F 154 33.34 53.73 -50.79
C VAL F 154 33.58 54.60 -52.01
N LEU F 155 34.67 55.38 -51.99
CA LEU F 155 35.00 56.29 -53.08
C LEU F 155 36.30 55.84 -53.73
N LEU F 156 36.28 55.74 -55.06
CA LEU F 156 37.42 55.24 -55.83
C LEU F 156 38.11 56.38 -56.55
N TYR F 157 39.42 56.25 -56.71
CA TYR F 157 40.22 57.15 -57.55
C TYR F 157 41.02 56.31 -58.52
N VAL F 158 40.93 56.63 -59.81
CA VAL F 158 41.56 55.86 -60.86
C VAL F 158 42.68 56.68 -61.48
N SER F 159 43.87 56.11 -61.55
CA SER F 159 45.02 56.79 -62.13
C SER F 159 45.96 55.74 -62.73
N ASP F 160 46.89 56.21 -63.56
CA ASP F 160 47.82 55.30 -64.22
C ASP F 160 48.72 54.61 -63.21
N GLU F 161 49.12 55.31 -62.15
CA GLU F 161 49.99 54.71 -61.15
C GLU F 161 49.31 53.58 -60.41
N GLY F 162 48.06 53.76 -60.03
CA GLY F 162 47.34 52.70 -59.33
C GLY F 162 45.96 53.17 -58.90
N ILE F 163 45.22 52.24 -58.31
CA ILE F 163 43.87 52.49 -57.82
C ILE F 163 43.96 52.70 -56.31
N LYS F 164 43.44 53.83 -55.84
CA LYS F 164 43.45 54.18 -54.43
C LYS F 164 42.02 54.23 -53.92
N VAL F 165 41.75 53.52 -52.83
CA VAL F 165 40.42 53.49 -52.22
C VAL F 165 40.42 54.45 -51.04
N ILE F 166 39.24 54.97 -50.72
CA ILE F 166 39.06 55.87 -49.59
C ILE F 166 37.89 55.38 -48.77
N HIS F 167 38.09 55.23 -47.47
CA HIS F 167 37.04 54.76 -46.59
C HIS F 167 35.98 55.83 -46.41
N LEU F 168 34.82 55.41 -45.87
CA LEU F 168 33.71 56.34 -45.66
C LEU F 168 34.08 57.44 -44.67
N ASP F 169 35.06 57.18 -43.79
CA ASP F 169 35.36 58.10 -42.71
C ASP F 169 36.19 59.29 -43.15
N SER F 170 36.57 59.40 -44.42
CA SER F 170 37.48 60.46 -44.86
C SER F 170 36.97 61.26 -46.05
N TYR F 171 35.65 61.30 -46.27
CA TYR F 171 35.11 62.16 -47.32
C TYR F 171 33.64 62.43 -47.06
N VAL F 172 33.15 63.51 -47.66
CA VAL F 172 31.74 63.90 -47.59
C VAL F 172 31.29 64.33 -48.98
N LEU F 173 29.98 64.30 -49.18
CA LEU F 173 29.41 64.65 -50.47
C LEU F 173 27.94 65.02 -50.31
N CYS F 174 27.41 65.72 -51.32
CA CYS F 174 26.01 66.11 -51.38
C CYS F 174 25.40 65.59 -52.67
N ARG F 175 24.15 65.13 -52.59
CA ARG F 175 23.43 64.60 -53.73
C ARG F 175 22.09 65.28 -53.87
N ASP F 176 21.66 65.48 -55.12
CA ASP F 176 20.28 65.86 -55.38
C ASP F 176 19.38 64.64 -55.17
N PRO F 177 18.09 64.86 -54.90
CA PRO F 177 17.16 63.73 -54.80
C PRO F 177 17.07 62.92 -56.08
N MET F 178 17.42 63.50 -57.23
CA MET F 178 17.50 62.72 -58.46
C MET F 178 18.56 61.62 -58.36
N GLY F 179 19.72 61.95 -57.81
CA GLY F 179 20.80 60.99 -57.64
C GLY F 179 22.14 61.42 -58.19
N ASN F 180 22.26 62.63 -58.71
CA ASN F 180 23.50 63.12 -59.30
C ASN F 180 24.32 63.84 -58.24
N VAL F 181 25.54 63.34 -58.00
CA VAL F 181 26.41 63.96 -57.01
C VAL F 181 26.95 65.28 -57.56
N THR F 182 26.90 66.32 -56.74
CA THR F 182 27.35 67.65 -57.15
C THR F 182 28.73 68.02 -56.65
N GLU F 183 29.09 67.66 -55.42
CA GLU F 183 30.35 68.12 -54.85
C GLU F 183 30.87 67.09 -53.87
N ILE F 184 32.17 66.83 -53.93
CA ILE F 184 32.84 65.87 -53.05
C ILE F 184 34.03 66.55 -52.40
N VAL F 185 34.17 66.38 -51.09
CA VAL F 185 35.30 66.89 -50.33
C VAL F 185 36.03 65.71 -49.71
N VAL F 186 37.34 65.64 -49.91
CA VAL F 186 38.17 64.55 -49.39
C VAL F 186 39.19 65.17 -48.44
N GLU F 187 39.25 64.64 -47.22
CA GLU F 187 40.19 65.10 -46.20
C GLU F 187 41.19 63.99 -45.94
N GLU F 188 42.47 64.34 -45.91
CA GLU F 188 43.53 63.37 -45.72
C GLU F 188 44.68 64.01 -44.99
N GLU F 189 45.52 63.19 -44.38
CA GLU F 189 46.62 63.67 -43.55
C GLU F 189 47.89 62.90 -43.89
N ILE F 190 49.01 63.62 -43.95
CA ILE F 190 50.30 63.06 -44.36
C ILE F 190 51.40 63.74 -43.56
N PHE F 191 52.50 63.02 -43.37
CA PHE F 191 53.66 63.57 -42.69
C PHE F 191 54.23 64.76 -43.47
N LYS F 192 54.80 65.71 -42.75
CA LYS F 192 55.28 66.96 -43.34
C LYS F 192 56.52 66.77 -44.19
N ASP F 193 57.16 65.60 -44.16
CA ASP F 193 58.39 65.41 -44.92
C ASP F 193 58.14 65.41 -46.43
N ALA F 194 56.99 64.92 -46.87
CA ALA F 194 56.71 64.82 -48.30
C ALA F 194 56.11 66.08 -48.90
N LEU F 195 55.90 67.12 -48.10
CA LEU F 195 55.28 68.35 -48.58
C LEU F 195 56.33 69.33 -49.12
N PRO F 196 55.92 70.27 -49.97
CA PRO F 196 56.87 71.29 -50.45
C PRO F 196 57.42 72.12 -49.30
N GLU F 197 58.70 72.49 -49.44
CA GLU F 197 59.39 73.19 -48.37
C GLU F 197 58.90 74.62 -48.17
N GLU F 198 58.47 75.28 -49.25
CA GLU F 198 57.91 76.62 -49.12
C GLU F 198 56.65 76.62 -48.25
N TYR F 199 55.95 75.48 -48.20
CA TYR F 199 54.72 75.36 -47.42
C TYR F 199 54.96 74.85 -46.01
N LEU F 200 56.22 74.62 -45.63
CA LEU F 200 56.57 74.22 -44.27
C LEU F 200 56.68 75.48 -43.42
N ASP F 201 55.83 75.58 -42.39
CA ASP F 201 55.73 76.79 -41.60
C ASP F 201 56.90 76.90 -40.61
N GLU F 202 57.02 78.08 -40.00
CA GLU F 202 58.07 78.31 -39.01
C GLU F 202 57.89 77.39 -37.81
N GLU F 203 56.65 77.23 -37.34
CA GLU F 203 56.40 76.37 -36.19
C GLU F 203 56.78 74.92 -36.49
N ASP F 204 56.45 74.44 -37.69
CA ASP F 204 56.90 73.12 -38.09
C ASP F 204 58.42 73.07 -38.20
N ASP F 205 59.03 74.14 -38.72
CA ASP F 205 60.49 74.22 -38.76
C ASP F 205 61.08 74.25 -37.36
N ASP F 206 60.40 74.90 -36.41
CA ASP F 206 60.87 74.97 -35.04
C ASP F 206 60.74 73.64 -34.29
N ASP F 207 60.06 72.66 -34.88
CA ASP F 207 59.82 71.39 -34.21
C ASP F 207 60.94 70.39 -34.55
N ASP F 208 61.34 69.61 -33.55
CA ASP F 208 62.25 68.50 -33.73
C ASP F 208 61.53 67.17 -33.93
N ASP F 209 60.20 67.20 -34.04
CA ASP F 209 59.39 66.01 -34.24
C ASP F 209 58.95 65.87 -35.68
N MET F 210 59.83 66.18 -36.62
CA MET F 210 59.51 66.09 -38.04
C MET F 210 59.03 64.68 -38.41
N GLY F 211 59.58 63.66 -37.77
CA GLY F 211 59.12 62.30 -37.95
C GLY F 211 57.93 61.91 -37.12
N LYS F 212 57.36 62.85 -36.35
CA LYS F 212 56.21 62.58 -35.50
C LYS F 212 55.13 63.65 -35.54
N LYS F 213 55.27 64.67 -36.39
CA LYS F 213 54.28 65.73 -36.51
C LYS F 213 53.67 65.70 -37.90
N MET F 214 52.37 65.99 -37.97
CA MET F 214 51.58 65.76 -39.17
C MET F 214 50.88 67.04 -39.62
N VAL F 215 50.63 67.13 -40.93
CA VAL F 215 49.96 68.27 -41.53
C VAL F 215 48.84 67.76 -42.44
N LYS F 216 47.64 68.31 -42.25
CA LYS F 216 46.49 67.88 -43.03
C LYS F 216 46.56 68.42 -44.45
N ILE F 217 46.06 67.62 -45.40
CA ILE F 217 45.98 68.00 -46.80
C ILE F 217 44.57 67.72 -47.30
N TYR F 218 43.92 68.73 -47.87
CA TYR F 218 42.53 68.62 -48.28
C TYR F 218 42.41 68.48 -49.79
N THR F 219 41.19 68.22 -50.24
CA THR F 219 40.89 68.07 -51.66
C THR F 219 39.43 68.48 -51.88
N CYS F 220 39.15 69.11 -53.02
CA CYS F 220 37.82 69.56 -53.35
C CYS F 220 37.44 69.05 -54.74
N ILE F 221 36.20 68.61 -54.89
CA ILE F 221 35.67 68.09 -56.14
C ILE F 221 34.40 68.84 -56.48
N LYS F 222 34.29 69.30 -57.71
CA LYS F 222 33.07 69.96 -58.19
C LYS F 222 32.64 69.35 -59.51
N PHE F 223 31.33 69.15 -59.66
CA PHE F 223 30.75 68.52 -60.84
C PHE F 223 29.81 69.52 -61.48
N MET F 224 30.20 70.04 -62.65
CA MET F 224 29.35 70.98 -63.37
C MET F 224 29.59 70.83 -64.86
N ASP F 225 28.55 71.13 -65.65
CA ASP F 225 28.56 71.09 -67.11
C ASP F 225 29.33 69.87 -67.63
N ASP F 226 29.01 68.71 -67.04
CA ASP F 226 29.63 67.42 -67.33
C ASP F 226 31.15 67.50 -67.50
N GLN F 227 31.80 68.37 -66.73
CA GLN F 227 33.26 68.41 -66.64
C GLN F 227 33.62 68.63 -65.17
N CYS F 228 34.21 67.62 -64.55
CA CYS F 228 34.62 67.73 -63.16
C CYS F 228 35.80 68.69 -63.02
N HIS F 229 35.94 69.25 -61.82
CA HIS F 229 37.05 70.13 -61.49
C HIS F 229 37.55 69.78 -60.10
N TRP F 230 38.87 69.78 -59.92
CA TRP F 230 39.45 69.46 -58.63
C TRP F 230 40.75 70.22 -58.44
N TYR F 231 41.13 70.39 -57.18
CA TYR F 231 42.40 71.02 -56.81
C TYR F 231 42.74 70.62 -55.39
N GLN F 232 44.03 70.62 -55.08
CA GLN F 232 44.52 70.31 -53.74
C GLN F 232 44.91 71.59 -53.02
N GLU F 233 44.58 71.65 -51.73
CA GLU F 233 44.90 72.82 -50.93
C GLU F 233 45.58 72.36 -49.65
N ILE F 234 46.32 73.30 -49.05
CA ILE F 234 46.93 73.07 -47.75
C ILE F 234 47.05 74.40 -47.02
N LYS F 235 46.54 74.45 -45.78
CA LYS F 235 46.54 75.66 -44.97
C LYS F 235 45.84 76.82 -45.68
N GLY F 236 44.75 76.50 -46.39
CA GLY F 236 43.90 77.52 -46.96
C GLY F 236 44.31 78.07 -48.31
N LYS F 237 45.42 77.61 -48.88
CA LYS F 237 45.86 78.07 -50.20
C LYS F 237 46.18 76.88 -51.07
N GLU F 238 45.88 77.01 -52.36
CA GLU F 238 46.00 75.88 -53.27
C GLU F 238 47.46 75.57 -53.56
N VAL F 239 47.72 74.29 -53.83
CA VAL F 239 49.08 73.84 -54.17
C VAL F 239 49.29 74.04 -55.67
N PRO F 240 50.37 74.69 -56.10
CA PRO F 240 50.59 74.92 -57.53
C PRO F 240 50.69 73.61 -58.31
N GLY F 241 50.14 73.62 -59.51
CA GLY F 241 50.23 72.47 -60.39
C GLY F 241 49.33 71.32 -60.05
N THR F 242 48.38 71.50 -59.14
CA THR F 242 47.47 70.43 -58.74
C THR F 242 46.12 70.50 -59.44
N HIS F 243 45.92 71.47 -60.33
CA HIS F 243 44.65 71.62 -61.02
C HIS F 243 44.45 70.52 -62.06
N GLY F 244 43.20 70.25 -62.38
CA GLY F 244 42.86 69.27 -63.40
C GLY F 244 41.43 69.46 -63.86
N LYS F 245 41.17 68.96 -65.07
CA LYS F 245 39.86 69.11 -65.68
C LYS F 245 39.67 68.04 -66.75
N CYS F 246 38.52 67.39 -66.73
CA CYS F 246 38.18 66.39 -67.73
C CYS F 246 36.67 66.22 -67.76
N ALA F 247 36.19 65.58 -68.82
CA ALA F 247 34.75 65.40 -68.99
C ALA F 247 34.19 64.42 -67.97
N ALA F 248 32.89 64.54 -67.71
CA ALA F 248 32.26 63.74 -66.67
C ALA F 248 32.31 62.25 -66.99
N ASP F 249 32.08 61.89 -68.25
CA ASP F 249 32.06 60.48 -68.63
C ASP F 249 33.43 59.82 -68.52
N VAL F 250 34.49 60.60 -68.35
CA VAL F 250 35.84 60.05 -68.19
C VAL F 250 36.42 60.56 -66.88
N ALA F 251 35.56 60.86 -65.91
CA ALA F 251 36.01 61.38 -64.63
C ALA F 251 36.81 60.32 -63.87
N PRO F 252 37.79 60.74 -63.07
CA PRO F 252 38.60 59.78 -62.31
C PRO F 252 38.01 59.35 -60.98
N TRP F 253 36.92 59.96 -60.54
CA TRP F 253 36.33 59.67 -59.23
C TRP F 253 34.98 59.00 -59.42
N ILE F 254 34.76 57.91 -58.69
CA ILE F 254 33.55 57.10 -58.83
C ILE F 254 32.96 56.89 -57.43
N ALA F 255 31.66 57.09 -57.31
CA ALA F 255 30.95 56.88 -56.05
C ALA F 255 30.07 55.64 -56.16
N LEU F 256 29.92 54.93 -55.05
CA LEU F 256 29.18 53.68 -55.01
C LEU F 256 28.20 53.70 -53.84
N ARG F 257 27.16 52.88 -53.96
CA ARG F 257 26.26 52.64 -52.84
C ARG F 257 25.62 51.27 -53.03
N GLN F 258 25.43 50.56 -51.91
CA GLN F 258 25.04 49.15 -51.97
C GLN F 258 23.59 49.01 -52.43
N ASP F 259 22.65 49.53 -51.65
CA ASP F 259 21.23 49.45 -51.96
C ASP F 259 20.79 50.80 -52.50
N ARG F 260 20.29 50.81 -53.73
CA ARG F 260 19.89 52.07 -54.34
C ARG F 260 18.59 52.55 -53.70
N VAL F 261 18.71 53.19 -52.53
CA VAL F 261 17.58 53.77 -51.82
C VAL F 261 17.57 55.26 -52.12
N ASP F 262 16.51 55.72 -52.79
CA ASP F 262 16.47 57.09 -53.25
C ASP F 262 16.35 58.06 -52.08
N SER F 263 16.69 59.32 -52.34
CA SER F 263 16.60 60.40 -51.35
C SER F 263 17.43 60.11 -50.11
N GLU F 264 18.59 59.50 -50.31
CA GLU F 264 19.55 59.28 -49.24
C GLU F 264 20.94 59.67 -49.73
N MET F 265 21.61 60.54 -48.98
CA MET F 265 22.95 60.95 -49.36
C MET F 265 23.95 59.81 -49.18
N TYR F 266 23.71 58.91 -48.23
CA TYR F 266 24.58 57.76 -48.00
C TYR F 266 23.73 56.49 -48.00
N GLY F 267 24.26 55.44 -48.60
CA GLY F 267 23.53 54.20 -48.76
C GLY F 267 23.51 53.37 -47.49
N ARG F 268 22.91 52.18 -47.61
CA ARG F 268 22.76 51.25 -46.50
C ARG F 268 23.55 49.98 -46.80
N SER F 269 24.32 49.54 -45.83
CA SER F 269 25.13 48.33 -45.99
C SER F 269 24.23 47.09 -46.06
N TYR F 270 24.75 46.05 -46.70
CA TYR F 270 23.98 44.82 -46.84
C TYR F 270 23.75 44.16 -45.48
N VAL F 271 24.76 44.16 -44.61
CA VAL F 271 24.64 43.49 -43.31
C VAL F 271 23.60 44.18 -42.43
N GLU F 272 23.22 45.41 -42.76
CA GLU F 272 22.14 46.07 -42.03
C GLU F 272 20.84 45.29 -42.14
N GLN F 273 20.70 44.50 -43.21
CA GLN F 273 19.48 43.71 -43.39
C GLN F 273 19.30 42.71 -42.26
N TYR F 274 20.38 42.04 -41.86
CA TYR F 274 20.30 40.95 -40.89
C TYR F 274 21.05 41.26 -39.60
N TYR F 275 21.35 42.53 -39.35
CA TYR F 275 21.99 42.93 -38.09
C TYR F 275 21.22 42.42 -36.88
N GLY F 276 19.90 42.55 -36.89
CA GLY F 276 19.11 42.14 -35.73
C GLY F 276 19.20 40.65 -35.45
N ASP F 277 19.05 39.83 -36.49
CA ASP F 277 19.16 38.39 -36.32
C ASP F 277 20.55 38.00 -35.88
N LEU F 278 21.57 38.68 -36.41
CA LEU F 278 22.94 38.42 -35.99
C LEU F 278 23.10 38.70 -34.49
N LEU F 279 22.55 39.81 -34.03
CA LEU F 279 22.61 40.16 -32.61
C LEU F 279 21.92 39.11 -31.75
N ALA F 280 20.73 38.67 -32.17
CA ALA F 280 20.00 37.67 -31.40
C ALA F 280 20.76 36.36 -31.33
N LEU F 281 21.32 35.92 -32.45
CA LEU F 281 22.11 34.69 -32.46
C LEU F 281 23.32 34.81 -31.53
N GLU F 282 24.00 35.96 -31.57
CA GLU F 282 25.15 36.17 -30.69
C GLU F 282 24.73 36.06 -29.23
N ASN F 283 23.64 36.71 -28.86
CA ASN F 283 23.21 36.69 -27.46
C ASN F 283 22.84 35.29 -27.01
N LEU F 284 22.10 34.55 -27.86
CA LEU F 284 21.72 33.19 -27.48
C LEU F 284 22.93 32.28 -27.34
N TYR F 285 23.92 32.42 -28.23
CA TYR F 285 25.14 31.63 -28.11
C TYR F 285 25.85 31.92 -26.79
N LYS F 286 25.96 33.20 -26.44
CA LYS F 286 26.60 33.52 -25.17
C LYS F 286 25.81 32.96 -24.00
N ALA F 287 24.49 32.97 -24.09
CA ALA F 287 23.64 32.43 -23.05
C ALA F 287 23.92 30.96 -22.82
N ILE F 288 23.89 30.15 -23.88
CA ILE F 288 24.08 28.72 -23.71
C ILE F 288 25.50 28.42 -23.23
N LEU F 289 26.50 29.16 -23.74
CA LEU F 289 27.86 28.95 -23.28
C LEU F 289 27.99 29.24 -21.79
N GLU F 290 27.38 30.34 -21.31
CA GLU F 290 27.48 30.67 -19.91
C GLU F 290 26.77 29.64 -19.03
N ALA F 291 25.60 29.16 -19.47
CA ALA F 291 24.91 28.13 -18.70
C ALA F 291 25.75 26.87 -18.60
N SER F 292 26.35 26.45 -19.71
CA SER F 292 27.19 25.26 -19.68
C SER F 292 28.40 25.47 -18.77
N ALA F 293 29.00 26.66 -18.80
CA ALA F 293 30.15 26.93 -17.94
C ALA F 293 29.75 26.86 -16.48
N SER F 294 28.57 27.39 -16.14
CA SER F 294 28.11 27.31 -14.75
C SER F 294 27.84 25.88 -14.32
N LEU F 295 27.31 25.05 -15.23
CA LEU F 295 26.91 23.70 -14.84
C LEU F 295 28.09 22.79 -14.56
N SER F 296 29.19 22.92 -15.31
CA SER F 296 30.26 21.92 -15.31
C SER F 296 30.92 21.72 -13.95
N LYS F 297 30.62 22.55 -12.95
CA LYS F 297 31.23 22.39 -11.64
C LYS F 297 30.78 21.10 -10.98
N VAL F 298 31.66 20.51 -10.18
CA VAL F 298 31.39 19.28 -9.45
C VAL F 298 31.72 19.48 -7.98
N LEU F 299 30.78 19.15 -7.11
CA LEU F 299 30.97 19.26 -5.66
C LEU F 299 30.50 17.96 -5.00
N PHE F 300 30.83 17.84 -3.72
CA PHE F 300 30.39 16.71 -2.91
C PHE F 300 29.61 17.23 -1.71
N LEU F 301 28.81 16.36 -1.10
CA LEU F 301 27.93 16.75 -0.02
C LEU F 301 27.83 15.60 0.97
N CYS F 302 27.97 15.90 2.26
CA CYS F 302 27.84 14.90 3.32
C CYS F 302 26.54 15.12 4.08
N ASN F 303 25.81 14.04 4.29
CA ASN F 303 24.57 14.12 5.04
C ASN F 303 24.87 14.08 6.53
N PRO F 304 24.51 15.12 7.30
CA PRO F 304 24.81 15.09 8.74
C PRO F 304 24.14 13.94 9.47
N ASN F 305 22.96 13.51 9.02
CA ASN F 305 22.29 12.37 9.63
C ASN F 305 23.08 11.07 9.46
N GLY F 306 24.00 11.02 8.50
CA GLY F 306 24.83 9.87 8.30
C GLY F 306 25.99 9.82 9.26
N THR F 307 26.90 8.88 8.99
CA THR F 307 28.07 8.63 9.84
C THR F 307 29.34 8.63 9.01
N THR F 308 29.48 9.61 8.13
CA THR F 308 30.65 9.75 7.28
C THR F 308 31.41 11.01 7.65
N ARG F 309 32.69 10.86 7.96
CA ARG F 309 33.55 11.98 8.31
C ARG F 309 34.24 12.50 7.06
N PRO F 310 34.28 13.82 6.83
CA PRO F 310 35.01 14.33 5.66
C PRO F 310 36.49 13.97 5.66
N ARG F 311 37.12 13.96 6.84
CA ARG F 311 38.53 13.62 6.92
C ARG F 311 38.78 12.20 6.43
N THR F 312 37.90 11.27 6.80
CA THR F 312 38.07 9.89 6.39
C THR F 312 38.02 9.75 4.87
N LEU F 313 37.07 10.44 4.24
CA LEU F 313 36.94 10.35 2.78
C LEU F 313 38.12 11.01 2.08
N SER F 314 38.55 12.18 2.57
CA SER F 314 39.62 12.90 1.87
C SER F 314 40.97 12.22 2.05
N GLN F 315 41.30 11.82 3.28
CA GLN F 315 42.62 11.30 3.58
C GLN F 315 42.84 9.88 3.08
N ALA F 316 41.79 9.07 2.96
CA ALA F 316 41.96 7.67 2.62
C ALA F 316 42.56 7.52 1.23
N SER F 317 43.44 6.53 1.08
CA SER F 317 44.10 6.27 -0.19
C SER F 317 43.18 5.45 -1.10
N ASN F 318 43.67 5.16 -2.30
CA ASN F 318 42.87 4.45 -3.28
C ASN F 318 42.76 2.96 -2.94
N GLY F 319 41.57 2.40 -3.14
CA GLY F 319 41.34 0.99 -2.95
C GLY F 319 41.17 0.55 -1.51
N SER F 320 41.15 1.48 -0.56
CA SER F 320 41.08 1.13 0.85
C SER F 320 39.65 0.75 1.24
N ILE F 321 39.46 0.48 2.53
CA ILE F 321 38.15 0.19 3.09
C ILE F 321 37.95 1.08 4.31
N VAL F 322 36.91 1.90 4.28
CA VAL F 322 36.63 2.83 5.37
C VAL F 322 35.25 2.56 5.92
N GLN F 323 34.87 3.29 6.96
CA GLN F 323 33.56 3.16 7.60
C GLN F 323 32.65 4.24 7.05
N GLY F 324 31.54 3.84 6.45
CA GLY F 324 30.58 4.80 5.93
C GLY F 324 29.48 4.10 5.18
N ASN F 325 28.48 4.90 4.78
CA ASN F 325 27.37 4.42 3.98
C ASN F 325 27.27 5.27 2.72
N ALA F 326 27.20 4.61 1.56
CA ALA F 326 27.24 5.34 0.29
C ALA F 326 25.99 6.15 0.03
N ALA F 327 24.92 5.92 0.78
CA ALA F 327 23.67 6.64 0.53
C ALA F 327 23.70 8.08 1.01
N ASP F 328 24.67 8.44 1.87
CA ASP F 328 24.69 9.80 2.41
C ASP F 328 25.47 10.76 1.50
N VAL F 329 26.63 10.33 1.01
CA VAL F 329 27.45 11.21 0.19
C VAL F 329 26.85 11.30 -1.20
N THR F 330 26.50 12.51 -1.62
CA THR F 330 25.86 12.76 -2.89
C THR F 330 26.61 13.86 -3.63
N VAL F 331 26.28 14.04 -4.91
CA VAL F 331 26.94 14.99 -5.78
C VAL F 331 25.92 16.02 -6.25
N LEU F 332 26.27 17.29 -6.13
CA LEU F 332 25.37 18.36 -6.55
C LEU F 332 25.18 18.33 -8.06
N GLN F 333 23.93 18.36 -8.50
CA GLN F 333 23.62 18.26 -9.91
C GLN F 333 22.30 18.97 -10.19
N ALA F 334 22.09 19.29 -11.47
CA ALA F 334 20.87 19.92 -11.94
C ALA F 334 19.96 18.80 -12.46
N ALA F 335 18.80 18.64 -11.80
CA ALA F 335 17.93 17.50 -12.09
C ALA F 335 17.43 17.52 -13.52
N GLY F 336 16.59 18.50 -13.87
CA GLY F 336 16.16 18.63 -15.25
C GLY F 336 16.39 20.00 -15.84
N LYS F 337 17.37 20.11 -16.73
CA LYS F 337 17.58 21.35 -17.47
C LYS F 337 17.88 21.02 -18.93
N SER F 338 17.92 19.73 -19.25
CA SER F 338 18.27 19.32 -20.61
C SER F 338 17.26 19.81 -21.63
N GLN F 339 15.96 19.68 -21.34
CA GLN F 339 14.93 19.95 -22.33
C GLN F 339 14.98 21.41 -22.81
N ASP F 340 15.13 22.35 -21.89
CA ASP F 340 15.19 23.75 -22.28
C ASP F 340 16.44 24.03 -23.10
N LEU F 341 17.55 23.38 -22.75
CA LEU F 341 18.77 23.56 -23.53
C LEU F 341 18.61 23.00 -24.95
N GLN F 342 17.91 21.88 -25.09
CA GLN F 342 17.64 21.38 -26.43
C GLN F 342 16.73 22.31 -27.21
N ILE F 343 15.76 22.93 -26.55
CA ILE F 343 14.91 23.90 -27.23
C ILE F 343 15.75 25.09 -27.72
N ALA F 344 16.65 25.58 -26.86
CA ALA F 344 17.53 26.67 -27.27
C ALA F 344 18.44 26.25 -28.42
N ASN F 345 18.94 25.02 -28.39
CA ASN F 345 19.75 24.53 -29.50
C ASN F 345 18.95 24.50 -30.79
N GLN F 346 17.68 24.08 -30.71
CA GLN F 346 16.84 24.03 -31.91
C GLN F 346 16.65 25.42 -32.49
N THR F 347 16.33 26.41 -31.64
CA THR F 347 16.10 27.74 -32.17
C THR F 347 17.39 28.37 -32.70
N ILE F 348 18.52 28.08 -32.05
CA ILE F 348 19.80 28.58 -32.55
C ILE F 348 20.11 27.97 -33.90
N GLU F 349 19.85 26.68 -34.06
CA GLU F 349 20.09 26.02 -35.33
C GLU F 349 19.21 26.62 -36.42
N ARG F 350 17.95 26.89 -36.11
CA ARG F 350 17.06 27.49 -37.10
C ARG F 350 17.56 28.87 -37.52
N ILE F 351 17.95 29.71 -36.55
CA ILE F 351 18.42 31.05 -36.87
C ILE F 351 19.69 30.98 -37.72
N GLU F 352 20.62 30.11 -37.33
CA GLU F 352 21.87 29.99 -38.07
C GLU F 352 21.63 29.49 -39.48
N ASN F 353 20.72 28.52 -39.64
CA ASN F 353 20.42 28.01 -40.98
C ASN F 353 19.80 29.09 -41.85
N ARG F 354 18.90 29.89 -41.28
CA ARG F 354 18.31 30.99 -42.04
C ARG F 354 19.38 31.99 -42.48
N LEU F 355 20.27 32.34 -41.57
CA LEU F 355 21.33 33.29 -41.91
C LEU F 355 22.28 32.73 -42.96
N ALA F 356 22.62 31.45 -42.85
CA ALA F 356 23.51 30.83 -43.82
C ALA F 356 22.85 30.78 -45.19
N PHE F 357 21.55 30.51 -45.24
CA PHE F 357 20.82 30.57 -46.50
C PHE F 357 20.84 31.99 -47.07
N ALA F 358 20.70 32.99 -46.22
CA ALA F 358 20.67 34.38 -46.69
C ALA F 358 22.02 34.86 -47.18
N PHE F 359 23.11 34.40 -46.58
CA PHE F 359 24.45 34.83 -46.98
C PHE F 359 25.05 33.93 -48.05
N MET F 360 24.28 32.99 -48.59
CA MET F 360 24.65 32.19 -49.76
C MET F 360 25.96 31.40 -49.53
N LEU F 361 26.14 30.93 -48.30
CA LEU F 361 27.22 30.00 -48.02
C LEU F 361 26.94 28.64 -48.67
N ASN F 362 27.82 27.69 -48.40
CA ASN F 362 27.78 26.41 -49.08
C ASN F 362 27.28 25.27 -48.21
N THR F 363 27.23 25.45 -46.89
CA THR F 363 26.81 24.37 -46.01
C THR F 363 25.31 24.12 -46.12
N ALA F 364 24.53 25.15 -46.41
CA ALA F 364 23.07 25.02 -46.45
C ALA F 364 22.60 24.05 -47.52
N ILE F 365 23.32 23.93 -48.63
CA ILE F 365 22.88 23.03 -49.70
C ILE F 365 22.99 21.58 -49.27
N GLN F 366 24.03 21.24 -48.51
CA GLN F 366 24.25 19.86 -48.11
C GLN F 366 23.13 19.39 -47.19
N ARG F 367 22.43 18.33 -47.61
CA ARG F 367 21.32 17.80 -46.86
C ARG F 367 21.71 16.44 -46.27
N PRO F 368 21.95 16.34 -44.97
CA PRO F 368 22.21 15.03 -44.37
C PRO F 368 20.99 14.12 -44.51
N GLY F 369 21.24 12.83 -44.73
CA GLY F 369 20.19 11.83 -44.80
C GLY F 369 20.31 10.89 -46.00
N GLU F 370 20.83 11.40 -47.12
CA GLU F 370 20.93 10.58 -48.32
C GLU F 370 21.78 11.31 -49.35
N ARG F 371 21.92 10.68 -50.52
CA ARG F 371 22.64 11.28 -51.63
C ARG F 371 21.84 12.41 -52.25
N VAL F 372 22.52 13.25 -53.02
CA VAL F 372 21.90 14.31 -53.81
C VAL F 372 22.44 14.22 -55.23
N THR F 373 21.54 14.24 -56.20
CA THR F 373 21.94 14.10 -57.59
C THR F 373 22.68 15.34 -58.07
N ALA F 374 23.44 15.17 -59.16
CA ALA F 374 24.17 16.29 -59.74
C ALA F 374 23.21 17.37 -60.25
N GLU F 375 22.09 16.95 -60.84
CA GLU F 375 21.11 17.92 -61.33
C GLU F 375 20.52 18.73 -60.17
N GLU F 376 20.31 18.09 -59.02
CA GLU F 376 19.85 18.81 -57.84
C GLU F 376 20.86 19.86 -57.42
N ILE F 377 22.15 19.50 -57.44
CA ILE F 377 23.20 20.46 -57.06
C ILE F 377 23.24 21.62 -58.03
N ARG F 378 23.07 21.34 -59.34
CA ARG F 378 22.99 22.41 -60.32
C ARG F 378 21.78 23.32 -60.06
N TYR F 379 20.66 22.72 -59.65
CA TYR F 379 19.46 23.49 -59.34
C TYR F 379 19.71 24.44 -58.16
N MET F 380 20.32 23.93 -57.10
CA MET F 380 20.61 24.79 -55.94
C MET F 380 21.65 25.85 -56.29
N ALA F 381 22.61 25.51 -57.15
CA ALA F 381 23.58 26.50 -57.60
C ALA F 381 22.90 27.61 -58.39
N GLN F 382 21.92 27.25 -59.23
CA GLN F 382 21.13 28.26 -59.93
C GLN F 382 20.40 29.16 -58.94
N GLU F 383 19.82 28.56 -57.90
CA GLU F 383 19.13 29.36 -56.89
C GLU F 383 20.10 30.34 -56.22
N LEU F 384 21.29 29.86 -55.86
CA LEU F 384 22.26 30.71 -55.19
C LEU F 384 22.73 31.85 -56.09
N ASP F 385 22.99 31.55 -57.37
CA ASP F 385 23.38 32.62 -58.28
C ASP F 385 22.24 33.62 -58.47
N ALA F 386 21.00 33.12 -58.49
CA ALA F 386 19.85 34.00 -58.65
C ALA F 386 19.70 34.97 -57.49
N GLY F 387 19.94 34.49 -56.27
CA GLY F 387 19.62 35.27 -55.07
C GLY F 387 20.35 36.59 -54.90
N ILE F 388 21.24 36.99 -55.82
CA ILE F 388 22.05 38.19 -55.64
C ILE F 388 21.97 39.02 -56.93
N SER F 389 20.98 38.67 -57.77
CA SER F 389 20.89 39.25 -59.11
C SER F 389 20.85 40.77 -59.08
N GLY F 390 20.09 41.35 -58.15
CA GLY F 390 20.05 42.79 -58.05
C GLY F 390 21.42 43.38 -57.78
N LEU F 391 22.19 42.73 -56.92
CA LEU F 391 23.52 43.25 -56.61
C LEU F 391 24.46 43.16 -57.82
N TYR F 392 24.48 42.02 -58.52
CA TYR F 392 25.33 41.99 -59.71
C TYR F 392 24.88 43.02 -60.73
N SER F 393 23.57 43.22 -60.89
CA SER F 393 23.10 44.19 -61.87
C SER F 393 23.55 45.61 -61.52
N ILE F 394 23.34 46.01 -60.27
CA ILE F 394 23.69 47.39 -59.89
C ILE F 394 25.20 47.60 -59.96
N LEU F 395 25.98 46.60 -59.53
CA LEU F 395 27.43 46.75 -59.62
C LEU F 395 27.89 46.84 -61.07
N SER F 396 27.29 46.03 -61.96
CA SER F 396 27.67 46.10 -63.37
C SER F 396 27.33 47.47 -63.95
N ARG F 397 26.17 48.02 -63.59
CA ARG F 397 25.77 49.31 -64.15
C ARG F 397 26.58 50.46 -63.55
N GLU F 398 27.10 50.29 -62.33
CA GLU F 398 27.76 51.38 -61.61
C GLU F 398 29.27 51.39 -61.82
N LEU F 399 29.94 50.27 -61.55
CA LEU F 399 31.40 50.22 -61.48
C LEU F 399 32.06 49.90 -62.81
N GLN F 400 31.57 48.90 -63.53
CA GLN F 400 32.31 48.38 -64.69
C GLN F 400 32.42 49.41 -65.80
N LEU F 401 31.30 49.98 -66.23
CA LEU F 401 31.31 50.85 -67.41
C LEU F 401 32.12 52.12 -67.20
N PRO F 402 31.92 52.92 -66.14
CA PRO F 402 32.76 54.10 -65.98
C PRO F 402 34.24 53.78 -65.82
N LEU F 403 34.57 52.66 -65.18
CA LEU F 403 35.98 52.30 -65.01
C LEU F 403 36.63 52.03 -66.35
N VAL F 404 35.98 51.23 -67.20
CA VAL F 404 36.57 50.93 -68.51
C VAL F 404 36.60 52.18 -69.38
N ARG F 405 35.61 53.07 -69.25
CA ARG F 405 35.65 54.31 -70.01
C ARG F 405 36.81 55.19 -69.58
N ARG F 406 37.04 55.32 -68.27
CA ARG F 406 38.17 56.11 -67.80
C ARG F 406 39.48 55.48 -68.24
N LEU F 407 39.56 54.15 -68.20
CA LEU F 407 40.77 53.46 -68.62
C LEU F 407 41.06 53.69 -70.09
N ILE F 408 40.03 53.63 -70.94
CA ILE F 408 40.27 53.84 -72.36
C ILE F 408 40.62 55.30 -72.62
N HIS F 409 40.06 56.23 -71.85
CA HIS F 409 40.41 57.64 -72.03
C HIS F 409 41.87 57.90 -71.65
N ILE F 410 42.32 57.36 -70.52
CA ILE F 410 43.71 57.55 -70.11
C ILE F 410 44.65 56.90 -71.13
N LEU F 411 44.27 55.72 -71.63
CA LEU F 411 45.08 55.05 -72.64
C LEU F 411 45.18 55.90 -73.91
N ARG F 412 44.06 56.50 -74.33
CA ARG F 412 44.10 57.37 -75.51
C ARG F 412 44.96 58.60 -75.28
N ARG F 413 44.84 59.23 -74.11
CA ARG F 413 45.60 60.45 -73.85
C ARG F 413 47.09 60.15 -73.79
N LYS F 414 47.47 58.97 -73.31
CA LYS F 414 48.89 58.62 -73.29
C LYS F 414 49.48 58.44 -74.68
N ARG F 415 48.64 58.40 -75.72
CA ARG F 415 49.01 58.27 -77.13
C ARG F 415 49.53 56.88 -77.47
N LYS F 416 49.13 55.85 -76.71
CA LYS F 416 49.54 54.49 -77.04
C LYS F 416 48.61 53.85 -78.07
N LEU F 417 47.50 54.50 -78.40
CA LEU F 417 46.56 54.03 -79.41
C LEU F 417 45.90 55.24 -80.06
N PRO F 418 45.75 55.23 -81.39
CA PRO F 418 45.07 56.35 -82.05
C PRO F 418 43.60 56.48 -81.66
N ASP F 419 42.98 57.59 -82.03
CA ASP F 419 41.63 57.90 -81.58
C ASP F 419 40.60 57.01 -82.25
N PHE F 420 39.50 56.77 -81.54
CA PHE F 420 38.39 56.01 -82.09
C PHE F 420 37.70 56.81 -83.19
N PRO F 421 37.31 56.15 -84.29
CA PRO F 421 36.51 56.84 -85.31
C PRO F 421 35.14 57.22 -84.76
N ARG F 422 34.62 58.35 -85.25
CA ARG F 422 33.37 58.90 -84.78
C ARG F 422 32.34 58.90 -85.88
N SER F 423 31.07 58.81 -85.49
CA SER F 423 29.98 58.74 -86.45
C SER F 423 29.88 60.05 -87.23
N GLU F 424 29.65 59.93 -88.55
CA GLU F 424 29.42 61.12 -89.35
C GLU F 424 28.02 61.68 -89.13
N VAL F 425 27.04 60.81 -88.93
CA VAL F 425 25.66 61.26 -88.75
C VAL F 425 25.45 61.83 -87.35
N THR F 426 25.94 61.14 -86.33
CA THR F 426 25.64 61.49 -84.95
C THR F 426 26.85 61.98 -84.16
N GLY F 427 28.06 61.58 -84.52
CA GLY F 427 29.24 61.90 -83.75
C GLY F 427 29.57 60.91 -82.66
N GLU F 428 28.70 59.94 -82.41
CA GLU F 428 28.96 58.94 -81.38
C GLU F 428 30.12 58.03 -81.81
N PRO F 429 30.90 57.54 -80.85
CA PRO F 429 31.98 56.61 -81.21
C PRO F 429 31.42 55.36 -81.87
N LEU F 430 32.16 54.85 -82.86
CA LEU F 430 31.70 53.70 -83.63
C LEU F 430 31.73 52.40 -82.84
N ILE F 431 32.32 52.39 -81.65
CA ILE F 431 32.42 51.19 -80.82
C ILE F 431 32.02 51.55 -79.41
N LYS F 432 31.16 50.74 -78.80
CA LYS F 432 30.67 50.95 -77.45
C LYS F 432 31.18 49.83 -76.54
N GLU F 433 30.70 49.86 -75.30
CA GLU F 433 31.19 48.96 -74.25
C GLU F 433 30.04 48.22 -73.62
N LYS F 434 30.31 46.99 -73.16
CA LYS F 434 29.31 46.12 -72.58
C LYS F 434 29.73 45.72 -71.17
N ALA F 435 28.85 44.98 -70.49
CA ALA F 435 29.13 44.40 -69.19
C ALA F 435 28.65 42.95 -69.18
N VAL F 436 29.47 42.06 -68.63
CA VAL F 436 29.15 40.63 -68.56
C VAL F 436 29.31 40.19 -67.11
N THR F 437 28.23 39.67 -66.53
CA THR F 437 28.24 39.28 -65.12
C THR F 437 27.57 37.92 -64.94
N GLY F 438 28.20 37.08 -64.12
CA GLY F 438 27.53 35.87 -63.65
C GLY F 438 27.44 34.78 -64.69
N ILE F 439 26.20 34.31 -64.91
CA ILE F 439 25.97 33.19 -65.81
C ILE F 439 26.38 33.55 -67.24
N GLU F 440 26.29 34.82 -67.62
CA GLU F 440 26.75 35.23 -68.94
C GLU F 440 28.25 34.99 -69.09
N ALA F 441 29.03 35.35 -68.07
CA ALA F 441 30.46 35.10 -68.11
C ALA F 441 30.77 33.61 -68.05
N ILE F 442 30.01 32.86 -67.26
CA ILE F 442 30.24 31.42 -67.16
C ILE F 442 29.93 30.73 -68.48
N GLY F 443 28.91 31.20 -69.19
CA GLY F 443 28.43 30.53 -70.37
C GLY F 443 28.63 31.24 -71.68
N ARG F 444 29.56 32.19 -71.75
CA ARG F 444 30.05 32.58 -73.07
C ARG F 444 30.70 31.39 -73.77
N GLY F 445 31.40 30.54 -73.00
CA GLY F 445 31.82 29.26 -73.53
C GLY F 445 30.65 28.40 -73.96
N ASP F 446 29.52 28.47 -73.24
CA ASP F 446 28.32 27.76 -73.67
C ASP F 446 27.77 28.32 -74.97
N ASP F 447 27.88 29.63 -75.17
CA ASP F 447 27.48 30.24 -76.44
C ASP F 447 28.33 29.69 -77.59
N ARG F 448 29.65 29.64 -77.37
CA ARG F 448 30.54 29.04 -78.37
C ARG F 448 30.17 27.59 -78.62
N ASN F 449 29.88 26.84 -77.54
CA ASN F 449 29.51 25.44 -77.66
C ASN F 449 28.22 25.30 -78.46
N LYS F 450 27.26 26.21 -78.25
CA LYS F 450 26.00 26.16 -78.99
C LYS F 450 26.24 26.43 -80.47
N LEU F 451 27.09 27.40 -80.80
CA LEU F 451 27.41 27.67 -82.20
C LEU F 451 28.04 26.44 -82.85
N ILE F 452 29.04 25.85 -82.18
CA ILE F 452 29.73 24.70 -82.75
C ILE F 452 28.79 23.50 -82.84
N ASP F 453 27.88 23.36 -81.86
CA ASP F 453 26.94 22.26 -81.88
C ASP F 453 25.93 22.42 -83.00
N PHE F 454 25.51 23.65 -83.28
CA PHE F 454 24.66 23.91 -84.44
C PHE F 454 25.38 23.52 -85.73
N ILE F 455 26.66 23.90 -85.84
CA ILE F 455 27.43 23.56 -87.03
C ILE F 455 27.54 22.04 -87.16
N THR F 456 27.83 21.35 -86.06
CA THR F 456 28.04 19.91 -86.10
C THR F 456 26.74 19.16 -86.39
N THR F 457 25.62 19.62 -85.83
CA THR F 457 24.35 18.95 -86.11
C THR F 457 23.93 19.20 -87.56
N ALA F 458 24.24 20.37 -88.11
CA ALA F 458 24.01 20.59 -89.54
C ALA F 458 24.86 19.62 -90.36
N ASN F 459 26.12 19.46 -89.99
CA ASN F 459 26.99 18.55 -90.72
C ASN F 459 26.49 17.11 -90.64
N GLN F 460 26.02 16.69 -89.47
CA GLN F 460 25.46 15.36 -89.33
C GLN F 460 24.22 15.18 -90.19
N ALA F 461 23.35 16.19 -90.20
CA ALA F 461 22.11 16.09 -90.97
C ALA F 461 22.37 16.05 -92.47
N LEU F 462 23.41 16.74 -92.94
CA LEU F 462 23.63 16.89 -94.37
C LEU F 462 24.87 16.13 -94.86
N GLY F 463 25.93 16.06 -94.06
CA GLY F 463 27.10 15.30 -94.43
C GLY F 463 28.16 16.14 -95.10
N PRO F 464 29.03 15.50 -95.89
CA PRO F 464 30.01 16.28 -96.66
C PRO F 464 29.40 17.04 -97.81
N GLN F 465 28.22 16.63 -98.29
CA GLN F 465 27.53 17.41 -99.31
C GLN F 465 26.99 18.72 -98.73
N ALA F 466 27.04 18.88 -97.41
CA ALA F 466 26.68 20.16 -96.80
C ALA F 466 27.60 21.26 -97.31
N MET F 467 28.86 20.94 -97.51
CA MET F 467 29.98 21.89 -97.59
C MET F 467 29.79 23.00 -98.71
N THR F 468 28.63 23.10 -99.38
CA THR F 468 28.46 23.91 -100.58
C THR F 468 27.88 25.31 -100.36
N GLN F 469 26.66 25.50 -99.80
CA GLN F 469 26.04 26.84 -99.93
C GLN F 469 25.21 27.44 -98.78
N PHE F 470 25.19 26.90 -97.54
CA PHE F 470 24.58 27.62 -96.41
C PHE F 470 25.56 27.99 -95.30
N LEU F 471 26.17 27.03 -94.61
CA LEU F 471 26.89 27.28 -93.35
C LEU F 471 28.39 27.03 -93.53
N ASN F 472 29.17 28.09 -93.33
CA ASN F 472 30.57 28.09 -93.72
C ASN F 472 31.37 27.02 -92.98
N VAL F 473 32.26 26.35 -93.72
CA VAL F 473 33.16 25.37 -93.12
C VAL F 473 34.20 26.05 -92.24
N GLU F 474 34.23 27.38 -92.26
CA GLU F 474 34.87 28.23 -91.25
C GLU F 474 36.40 28.06 -91.21
N GLU F 475 36.99 27.22 -92.06
CA GLU F 475 38.36 27.42 -92.56
C GLU F 475 39.39 27.81 -91.50
N ALA F 476 39.79 26.92 -90.60
CA ALA F 476 40.65 27.34 -89.49
C ALA F 476 42.16 27.25 -89.75
N LEU F 477 42.80 28.29 -90.33
CA LEU F 477 44.24 28.49 -90.17
C LEU F 477 44.66 29.94 -89.90
N ARG F 478 44.00 30.92 -90.54
CA ARG F 478 44.55 32.29 -90.64
C ARG F 478 44.01 33.23 -89.57
N ARG F 479 42.68 33.48 -89.58
CA ARG F 479 42.10 34.62 -88.88
C ARG F 479 41.80 34.36 -87.40
N LEU F 480 41.13 33.25 -87.07
CA LEU F 480 41.01 32.88 -85.67
C LEU F 480 42.36 32.68 -85.01
N ALA F 481 43.41 32.41 -85.78
CA ALA F 481 44.77 32.52 -85.27
C ALA F 481 45.08 33.95 -84.87
N ALA F 482 44.64 34.92 -85.68
CA ALA F 482 44.74 36.33 -85.33
C ALA F 482 43.70 36.74 -84.29
N SER F 483 42.65 35.95 -84.10
CA SER F 483 41.71 36.13 -83.00
C SER F 483 42.37 35.64 -81.73
N GLY F 484 42.11 36.32 -80.62
CA GLY F 484 42.90 36.08 -79.43
C GLY F 484 44.36 36.42 -79.62
N SER F 485 44.65 37.58 -80.22
CA SER F 485 46.00 38.03 -80.55
C SER F 485 46.66 37.11 -81.55
N ILE F 486 48.00 37.11 -81.58
CA ILE F 486 48.83 36.32 -82.48
C ILE F 486 48.61 36.78 -83.93
N ASP F 487 49.67 36.73 -84.73
CA ASP F 487 49.57 37.18 -86.11
C ASP F 487 49.24 36.02 -87.05
N THR F 488 49.03 36.36 -88.31
CA THR F 488 48.73 35.40 -89.35
C THR F 488 50.04 34.79 -89.86
N THR F 489 50.00 34.14 -91.02
CA THR F 489 51.17 33.59 -91.69
C THR F 489 51.75 32.41 -90.91
N ASN F 490 53.08 32.37 -90.78
CA ASN F 490 53.81 31.30 -90.13
C ASN F 490 53.63 30.02 -90.94
N LEU F 491 52.71 29.13 -90.56
CA LEU F 491 52.40 28.04 -91.48
C LEU F 491 51.65 28.51 -92.72
N VAL F 492 50.92 29.62 -92.61
CA VAL F 492 49.98 29.99 -93.66
C VAL F 492 50.74 30.18 -94.96
N LYS F 493 50.51 29.30 -95.92
CA LYS F 493 50.94 29.56 -97.28
C LYS F 493 50.07 30.69 -97.79
N THR F 494 50.59 31.91 -97.74
CA THR F 494 49.78 33.08 -98.04
C THR F 494 49.21 33.00 -99.44
N LYS F 495 48.10 33.70 -99.66
CA LYS F 495 47.46 33.70 -100.98
C LYS F 495 48.48 34.05 -102.06
N ALA F 496 49.37 35.00 -101.77
CA ALA F 496 50.47 35.27 -102.70
C ALA F 496 51.38 34.05 -102.85
N GLN F 497 51.77 33.43 -101.73
CA GLN F 497 52.62 32.24 -101.80
C GLN F 497 51.91 31.08 -102.48
N LEU F 498 50.63 30.88 -102.16
CA LEU F 498 49.88 29.79 -102.77
C LEU F 498 49.76 30.01 -104.28
N GLN F 499 49.47 31.24 -104.71
CA GLN F 499 49.39 31.52 -106.13
C GLN F 499 50.74 31.33 -106.81
N GLN F 500 51.82 31.76 -106.16
CA GLN F 500 53.15 31.59 -106.74
C GLN F 500 53.49 30.12 -106.90
N GLU F 501 53.24 29.31 -105.88
CA GLU F 501 53.55 27.89 -105.96
C GLU F 501 52.64 27.17 -106.95
N ALA F 502 51.37 27.58 -107.03
CA ALA F 502 50.48 27.00 -108.04
C ALA F 502 50.95 27.35 -109.44
N ALA F 503 51.43 28.58 -109.66
CA ALA F 503 51.97 28.95 -110.96
C ALA F 503 53.23 28.15 -111.28
N ALA F 504 54.09 27.95 -110.28
CA ALA F 504 55.29 27.14 -110.50
C ALA F 504 54.92 25.70 -110.85
N GLN F 505 53.94 25.13 -110.14
CA GLN F 505 53.47 23.78 -110.44
C GLN F 505 52.86 23.71 -111.84
N ALA F 506 52.10 24.75 -112.22
CA ALA F 506 51.52 24.79 -113.55
C ALA F 506 52.59 24.84 -114.63
N GLU F 507 53.63 25.65 -114.41
CA GLU F 507 54.73 25.72 -115.36
C GLU F 507 55.47 24.38 -115.43
N ALA F 508 55.65 23.71 -114.29
CA ALA F 508 56.32 22.41 -114.29
C ALA F 508 55.51 21.37 -115.04
N GLU F 509 54.19 21.33 -114.83
CA GLU F 509 53.38 20.35 -115.54
C GLU F 509 53.26 20.71 -117.02
N GLN F 510 53.32 22.00 -117.35
CA GLN F 510 53.38 22.40 -118.75
C GLN F 510 54.68 21.93 -119.40
N GLN F 511 55.81 22.08 -118.70
CA GLN F 511 57.08 21.57 -119.19
C GLN F 511 57.02 20.06 -119.36
N ALA F 512 56.30 19.37 -118.48
CA ALA F 512 56.02 17.96 -118.70
C ALA F 512 55.23 17.76 -119.99
N GLN F 513 54.21 18.59 -120.19
CA GLN F 513 53.46 18.55 -121.45
C GLN F 513 54.30 19.08 -122.61
N GLN F 514 55.11 20.10 -122.36
CA GLN F 514 56.01 20.64 -123.38
C GLN F 514 57.04 19.59 -123.76
N GLN F 515 57.15 19.32 -125.05
CA GLN F 515 58.02 18.25 -125.56
C GLN F 515 57.69 16.94 -124.85
N GLN F 516 56.43 16.53 -124.96
CA GLN F 516 56.03 15.24 -124.41
C GLN F 516 56.74 14.14 -125.19
N LEU F 517 57.76 13.54 -124.59
CA LEU F 517 58.63 12.59 -125.27
C LEU F 517 59.25 13.21 -126.53
N LEU F 518 58.65 12.94 -127.70
CA LEU F 518 59.16 13.35 -129.00
C LEU F 518 60.49 12.68 -129.30
N GLU F 519 61.57 13.18 -128.71
CA GLU F 519 62.92 12.72 -129.06
C GLU F 519 63.05 11.22 -128.91
N THR F 520 62.27 10.62 -128.01
CA THR F 520 62.02 9.18 -128.06
C THR F 520 60.62 8.84 -128.53
N GLY F 521 59.68 9.77 -128.44
CA GLY F 521 58.28 9.43 -128.63
C GLY F 521 57.88 9.21 -130.08
N ILE F 522 58.65 9.74 -131.02
CA ILE F 522 58.24 9.65 -132.43
C ILE F 522 58.35 8.23 -132.93
N LYS F 523 57.58 7.95 -133.98
CA LYS F 523 57.40 6.62 -134.55
C LYS F 523 58.67 6.02 -135.15
N SER F 524 59.32 6.76 -136.05
CA SER F 524 60.46 6.25 -136.80
C SER F 524 61.31 7.43 -137.22
N PRO F 525 62.62 7.24 -137.43
CA PRO F 525 63.51 8.39 -137.60
C PRO F 525 63.48 8.98 -138.99
N ALA F 526 62.28 9.24 -139.53
CA ALA F 526 62.20 9.75 -140.89
C ALA F 526 62.72 11.17 -141.00
N MET F 527 62.39 12.03 -140.04
CA MET F 527 62.91 13.40 -140.11
C MET F 527 64.36 13.47 -139.68
N ALA F 528 64.83 12.48 -138.92
CA ALA F 528 66.27 12.36 -138.70
C ALA F 528 67.00 12.02 -140.00
N GLN F 529 66.44 11.07 -140.75
CA GLN F 529 66.96 10.76 -142.08
C GLN F 529 66.86 11.98 -142.98
N ALA F 530 65.80 12.77 -142.80
CA ALA F 530 65.64 14.01 -143.56
C ALA F 530 66.74 15.01 -143.23
N VAL F 531 67.07 15.15 -141.95
CA VAL F 531 68.16 16.04 -141.53
C VAL F 531 69.46 15.57 -142.16
N LYS F 532 69.68 14.25 -142.20
CA LYS F 532 70.87 13.72 -142.83
C LYS F 532 70.88 14.01 -144.34
N ASN F 533 69.70 13.91 -144.97
CA ASN F 533 69.60 14.17 -146.41
C ASN F 533 69.88 15.64 -146.73
N PHE F 534 69.34 16.54 -145.90
CA PHE F 534 69.65 17.97 -146.05
C PHE F 534 71.15 18.19 -145.85
N GLN F 535 71.72 17.49 -144.88
CA GLN F 535 73.17 17.44 -144.73
C GLN F 535 73.82 16.91 -146.01
N GLY F 536 73.32 15.80 -146.52
CA GLY F 536 73.92 15.14 -147.67
C GLY F 536 73.57 15.75 -149.01
N ALA F 537 72.29 15.75 -149.37
CA ALA F 537 71.87 16.11 -150.72
C ALA F 537 71.76 17.62 -150.91
N ASP F 538 72.79 18.22 -151.49
CA ASP F 538 72.80 19.62 -151.93
C ASP F 538 72.27 20.57 -150.85
N PRO F 539 73.06 20.87 -149.81
CA PRO F 539 72.56 21.71 -148.72
C PRO F 539 71.94 23.03 -149.16
N GLU F 540 72.37 23.59 -150.29
CA GLU F 540 71.73 24.80 -150.81
C GLU F 540 70.34 24.48 -151.38
N ARG F 541 70.24 23.39 -152.14
CA ARG F 541 68.93 22.92 -152.57
C ARG F 541 68.10 22.51 -151.36
N ALA F 542 68.75 22.00 -150.30
CA ALA F 542 68.04 21.71 -149.07
C ALA F 542 67.50 22.98 -148.41
N ALA F 543 68.26 24.08 -148.46
CA ALA F 543 67.77 25.33 -147.92
C ALA F 543 66.59 25.87 -148.73
N GLN F 544 66.67 25.76 -150.06
CA GLN F 544 65.53 26.15 -150.89
C GLN F 544 64.32 25.26 -150.60
N ALA F 545 64.57 23.98 -150.35
CA ALA F 545 63.52 23.05 -149.95
C ALA F 545 62.89 23.44 -148.61
N LEU F 546 63.70 23.87 -147.64
CA LEU F 546 63.15 24.32 -146.37
C LEU F 546 62.36 25.62 -146.54
N SER F 547 62.79 26.48 -147.47
CA SER F 547 61.98 27.64 -147.80
C SER F 547 60.65 27.23 -148.40
N ALA F 548 60.65 26.19 -149.25
CA ALA F 548 59.39 25.66 -149.77
C ALA F 548 58.52 25.11 -148.65
N ILE F 549 59.13 24.45 -147.67
CA ILE F 549 58.40 23.97 -146.50
C ILE F 549 57.74 25.14 -145.77
N THR F 550 58.51 26.19 -145.51
CA THR F 550 57.98 27.38 -144.85
C THR F 550 57.03 28.16 -145.75
N SER F 551 56.95 27.79 -147.02
CA SER F 551 55.90 28.30 -147.89
C SER F 551 54.63 27.48 -147.80
N GLU F 552 54.73 26.16 -147.62
CA GLU F 552 53.54 25.35 -147.38
C GLU F 552 52.86 25.74 -146.07
N THR F 553 53.62 26.33 -145.15
CA THR F 553 53.14 26.99 -143.95
C THR F 553 53.54 28.45 -144.05
N GLY F 554 53.44 29.18 -142.95
CA GLY F 554 53.93 30.55 -142.95
C GLY F 554 53.63 31.27 -141.67
N GLY F 555 53.92 32.57 -141.68
CA GLY F 555 53.67 33.44 -140.54
C GLY F 555 54.60 33.18 -139.36
N ILE F 556 55.79 32.66 -139.64
CA ILE F 556 56.81 32.44 -138.62
C ILE F 556 58.11 33.08 -139.10
N ASP F 557 58.77 33.80 -138.20
CA ASP F 557 60.04 34.45 -138.55
C ASP F 557 61.14 33.42 -138.64
N ALA F 558 61.77 33.33 -139.81
CA ALA F 558 62.91 32.42 -139.98
C ALA F 558 64.09 32.81 -139.10
N ASP F 559 64.13 34.06 -138.64
CA ASP F 559 65.16 34.49 -137.69
C ASP F 559 64.98 33.86 -136.32
N GLN F 560 63.82 33.28 -136.03
CA GLN F 560 63.64 32.54 -134.79
C GLN F 560 64.15 31.12 -134.89
N LEU F 561 64.39 30.61 -136.10
CA LEU F 561 64.97 29.29 -136.26
C LEU F 561 66.44 29.27 -135.87
N THR F 562 67.14 30.39 -136.05
CA THR F 562 68.55 30.50 -135.73
C THR F 562 68.79 30.94 -134.28
N GLU F 563 67.85 30.64 -133.38
CA GLU F 563 68.02 30.86 -131.95
C GLU F 563 67.79 29.59 -131.15
N ALA F 564 68.20 28.44 -131.71
CA ALA F 564 68.04 27.16 -131.03
C ALA F 564 69.36 26.68 -130.46
N MET G 1 22.02 75.06 -65.87
CA MET G 1 22.59 74.80 -67.19
C MET G 1 21.58 74.08 -68.08
N LYS G 2 22.08 73.24 -68.99
CA LYS G 2 21.23 72.59 -69.99
C LYS G 2 20.41 71.51 -69.30
N THR G 3 19.11 71.77 -69.13
CA THR G 3 18.19 70.80 -68.57
C THR G 3 17.77 69.83 -69.67
N ARG G 4 18.47 68.69 -69.76
CA ARG G 4 18.19 67.68 -70.78
C ARG G 4 17.89 66.35 -70.10
N LEU G 5 16.63 66.17 -69.72
CA LEU G 5 16.14 64.88 -69.25
C LEU G 5 15.35 64.14 -70.31
N THR G 6 14.95 64.83 -71.38
CA THR G 6 14.22 64.25 -72.49
C THR G 6 15.10 64.26 -73.74
N ASN G 7 15.00 63.20 -74.54
CA ASN G 7 15.79 63.11 -75.75
C ASN G 7 15.37 64.17 -76.76
N ASN G 8 16.33 64.57 -77.59
CA ASN G 8 16.10 65.54 -78.65
C ASN G 8 15.77 64.87 -79.98
N VAL G 9 15.16 63.69 -79.94
CA VAL G 9 14.83 62.96 -81.16
C VAL G 9 13.49 63.41 -81.73
N ASP G 10 12.54 63.80 -80.86
CA ASP G 10 11.23 64.26 -81.29
C ASP G 10 10.94 65.67 -80.81
N ARG G 11 11.97 66.46 -80.52
CA ARG G 11 11.76 67.82 -80.03
C ARG G 11 11.10 68.68 -81.12
N GLN G 12 10.28 69.63 -80.68
CA GLN G 12 9.54 70.48 -81.60
C GLN G 12 9.42 71.87 -80.98
N SER G 13 8.74 72.76 -81.70
CA SER G 13 8.50 74.09 -81.19
C SER G 13 7.33 74.10 -80.21
N ALA G 14 7.06 75.26 -79.63
CA ALA G 14 6.02 75.41 -78.63
C ALA G 14 4.65 75.26 -79.29
N LEU G 15 3.86 74.30 -78.80
CA LEU G 15 2.54 74.03 -79.36
C LEU G 15 1.39 74.21 -78.37
N TYR G 16 1.64 74.04 -77.07
CA TYR G 16 0.64 74.31 -76.05
C TYR G 16 1.20 75.28 -75.02
N GLY G 17 0.33 76.16 -74.54
CA GLY G 17 0.63 77.05 -73.42
C GLY G 17 -0.01 76.59 -72.13
N SER G 18 -0.50 77.56 -71.36
CA SER G 18 -1.09 77.33 -70.05
C SER G 18 -2.61 77.40 -70.07
N SER G 19 -3.25 76.84 -71.09
CA SER G 19 -4.69 76.97 -71.27
C SER G 19 -5.40 76.10 -70.23
N GLY G 20 -5.50 76.63 -69.02
CA GLY G 20 -6.24 75.98 -67.95
C GLY G 20 -5.35 75.34 -66.89
N GLY G 21 -5.12 76.06 -65.80
CA GLY G 21 -4.38 75.52 -64.68
C GLY G 21 -2.91 75.27 -64.99
N THR G 22 -2.23 74.70 -64.00
CA THR G 22 -0.83 74.32 -64.11
C THR G 22 -0.68 72.86 -63.73
N ALA G 23 0.44 72.27 -64.13
CA ALA G 23 0.69 70.87 -63.81
C ALA G 23 0.76 70.63 -62.30
N ALA G 24 1.19 71.63 -61.54
CA ALA G 24 1.22 71.49 -60.08
C ALA G 24 -0.18 71.30 -59.52
N GLN G 25 -1.15 72.07 -60.03
CA GLN G 25 -2.52 71.91 -59.55
C GLN G 25 -3.08 70.54 -59.88
N ARG G 26 -2.80 70.03 -61.09
CA ARG G 26 -3.28 68.71 -61.45
C ARG G 26 -2.62 67.63 -60.60
N TYR G 27 -1.33 67.78 -60.30
CA TYR G 27 -0.65 66.83 -59.43
C TYR G 27 -1.26 66.83 -58.04
N GLU G 28 -1.53 68.02 -57.50
CA GLU G 28 -2.16 68.10 -56.19
C GLU G 28 -3.57 67.53 -56.21
N GLN G 29 -4.26 67.64 -57.34
CA GLN G 29 -5.61 67.09 -57.43
C GLN G 29 -5.58 65.56 -57.49
N LEU G 30 -4.62 64.98 -58.21
CA LEU G 30 -4.59 63.54 -58.40
C LEU G 30 -3.91 62.79 -57.25
N ARG G 31 -3.07 63.47 -56.45
CA ARG G 31 -2.44 62.77 -55.33
C ARG G 31 -3.48 62.26 -54.33
N VAL G 32 -4.64 62.92 -54.24
CA VAL G 32 -5.67 62.49 -53.31
C VAL G 32 -6.12 61.08 -53.64
N ASP G 33 -6.37 60.81 -54.92
CA ASP G 33 -6.74 59.46 -55.33
C ASP G 33 -5.55 58.52 -55.31
N ARG G 34 -4.35 59.03 -55.57
CA ARG G 34 -3.16 58.18 -55.56
C ARG G 34 -2.78 57.72 -54.15
N ASN G 35 -3.29 58.38 -53.11
CA ASN G 35 -2.83 58.13 -51.74
C ASN G 35 -2.82 56.65 -51.38
N SER G 36 -3.97 55.99 -51.40
CA SER G 36 -4.09 54.67 -50.79
C SER G 36 -3.16 53.61 -51.37
N PRO G 37 -3.04 53.45 -52.70
CA PRO G 37 -2.11 52.44 -53.22
C PRO G 37 -0.68 52.65 -52.76
N LEU G 38 -0.26 53.91 -52.57
CA LEU G 38 1.07 54.15 -52.01
C LEU G 38 1.19 53.56 -50.62
N LYS G 39 0.15 53.73 -49.79
CA LYS G 39 0.19 53.16 -48.44
C LYS G 39 0.26 51.64 -48.50
N ARG G 40 -0.54 51.02 -49.38
CA ARG G 40 -0.50 49.57 -49.49
C ARG G 40 0.88 49.08 -49.91
N ALA G 41 1.47 49.73 -50.91
CA ALA G 41 2.79 49.33 -51.38
C ALA G 41 3.85 49.54 -50.29
N ARG G 42 3.74 50.62 -49.54
CA ARG G 42 4.70 50.88 -48.47
C ARG G 42 4.61 49.81 -47.39
N ASP G 43 3.39 49.43 -47.00
CA ASP G 43 3.23 48.38 -45.99
C ASP G 43 3.78 47.05 -46.49
N CYS G 44 3.48 46.69 -47.74
CA CYS G 44 3.99 45.43 -48.28
C CYS G 44 5.51 45.44 -48.32
N SER G 45 6.10 46.55 -48.78
CA SER G 45 7.55 46.64 -48.81
C SER G 45 8.14 46.50 -47.42
N LYS G 46 7.54 47.19 -46.43
CA LYS G 46 8.03 47.10 -45.06
C LYS G 46 8.01 45.66 -44.57
N VAL G 47 6.98 44.90 -44.94
CA VAL G 47 6.93 43.52 -44.44
C VAL G 47 7.90 42.62 -45.21
N THR G 48 8.26 42.96 -46.46
CA THR G 48 9.20 42.11 -47.21
C THR G 48 10.62 42.64 -47.20
N ILE G 49 10.85 43.88 -47.63
CA ILE G 49 12.18 44.46 -47.67
C ILE G 49 12.14 45.84 -47.01
N PRO G 50 12.82 46.03 -45.88
CA PRO G 50 12.52 47.19 -45.02
C PRO G 50 12.65 48.54 -45.70
N GLY G 51 13.61 48.73 -46.58
CA GLY G 51 13.90 50.06 -47.07
C GLY G 51 13.75 50.29 -48.56
N LEU G 52 12.90 49.50 -49.23
CA LEU G 52 12.76 49.64 -50.67
C LEU G 52 11.95 50.87 -51.03
N ILE G 53 10.69 50.91 -50.60
CA ILE G 53 9.83 52.08 -50.77
C ILE G 53 9.79 52.80 -49.44
N GLU G 54 10.14 54.08 -49.43
CA GLU G 54 10.42 54.80 -48.20
C GLU G 54 9.40 55.90 -47.95
N ASP G 55 9.25 56.24 -46.67
CA ASP G 55 8.50 57.42 -46.26
C ASP G 55 9.30 58.68 -46.60
N GLU G 56 8.60 59.80 -46.72
CA GLU G 56 9.28 61.04 -47.12
C GLU G 56 10.23 61.58 -46.06
N ASN G 57 10.15 61.08 -44.83
CA ASN G 57 11.02 61.57 -43.76
C ASN G 57 11.87 60.44 -43.18
N TYR G 58 12.29 59.50 -44.01
CA TYR G 58 13.21 58.43 -43.62
C TYR G 58 14.37 58.33 -44.61
N GLY G 59 14.95 59.47 -44.95
CA GLY G 59 16.01 59.51 -45.94
C GLY G 59 17.41 59.54 -45.35
N ASP G 60 18.07 60.69 -45.45
CA ASP G 60 19.47 60.83 -45.04
C ASP G 60 19.68 60.45 -43.59
N ALA G 61 18.66 60.63 -42.75
CA ALA G 61 18.75 60.35 -41.32
C ALA G 61 17.55 59.53 -40.85
N GLY G 62 17.20 58.49 -41.62
CA GLY G 62 16.17 57.56 -41.22
C GLY G 62 16.74 56.19 -40.91
N ARG G 63 16.11 55.51 -39.94
CA ARG G 63 16.54 54.19 -39.51
C ARG G 63 15.47 53.16 -39.87
N LEU G 64 15.91 52.02 -40.39
CA LEU G 64 15.02 50.94 -40.81
C LEU G 64 15.13 49.76 -39.86
N ASP G 65 14.00 49.08 -39.67
CA ASP G 65 13.91 47.93 -38.80
C ASP G 65 14.15 46.64 -39.60
N THR G 66 14.10 45.51 -38.90
CA THR G 66 14.28 44.23 -39.55
C THR G 66 13.17 43.26 -39.15
N PRO G 67 12.74 42.40 -40.05
CA PRO G 67 11.69 41.42 -39.71
C PRO G 67 12.32 40.22 -39.01
N TYR G 68 11.45 39.29 -38.60
CA TYR G 68 11.88 38.06 -37.93
C TYR G 68 11.64 36.85 -38.83
N GLN G 69 11.55 37.07 -40.14
CA GLN G 69 11.48 35.98 -41.10
C GLN G 69 12.08 36.46 -42.41
N SER G 70 12.81 35.58 -43.09
CA SER G 70 13.52 35.94 -44.31
C SER G 70 12.95 35.26 -45.54
N SER G 71 11.74 34.71 -45.46
CA SER G 71 11.14 34.08 -46.64
C SER G 71 10.79 35.12 -47.70
N GLY G 72 10.27 36.28 -47.28
CA GLY G 72 9.83 37.27 -48.25
C GLY G 72 10.96 37.81 -49.10
N ALA G 73 12.07 38.17 -48.47
CA ALA G 73 13.20 38.74 -49.21
C ALA G 73 13.77 37.74 -50.19
N ARG G 74 13.96 36.49 -49.74
CA ARG G 74 14.49 35.46 -50.62
C ARG G 74 13.54 35.20 -51.79
N GLY G 75 12.25 35.13 -51.51
CA GLY G 75 11.28 34.91 -52.58
C GLY G 75 11.31 36.03 -53.60
N VAL G 76 11.33 37.28 -53.14
CA VAL G 76 11.37 38.42 -54.06
C VAL G 76 12.62 38.36 -54.92
N GLY G 77 13.78 38.13 -54.29
CA GLY G 77 15.02 38.09 -55.06
C GLY G 77 15.02 36.98 -56.09
N HIS G 78 14.63 35.77 -55.69
CA HIS G 78 14.67 34.64 -56.60
C HIS G 78 13.69 34.81 -57.75
N MET G 79 12.47 35.24 -57.44
CA MET G 79 11.47 35.41 -58.49
C MET G 79 11.88 36.51 -59.46
N THR G 80 12.40 37.63 -58.95
CA THR G 80 12.84 38.70 -59.83
C THR G 80 13.96 38.24 -60.73
N SER G 81 14.94 37.51 -60.18
CA SER G 81 16.07 37.05 -60.98
C SER G 81 15.61 36.10 -62.08
N LYS G 82 14.77 35.12 -61.72
CA LYS G 82 14.33 34.16 -62.73
C LYS G 82 13.46 34.84 -63.80
N LEU G 83 12.60 35.77 -63.38
CA LEU G 83 11.78 36.50 -64.34
C LEU G 83 12.66 37.31 -65.30
N ALA G 84 13.69 37.97 -64.78
CA ALA G 84 14.56 38.76 -65.64
C ALA G 84 15.31 37.87 -66.62
N VAL G 85 15.80 36.71 -66.15
CA VAL G 85 16.61 35.86 -67.00
C VAL G 85 15.75 35.15 -68.04
N THR G 86 14.46 34.97 -67.73
CA THR G 86 13.57 34.30 -68.67
C THR G 86 13.00 35.26 -69.70
N LEU G 87 12.56 36.45 -69.26
CA LEU G 87 11.91 37.38 -70.17
C LEU G 87 12.87 37.93 -71.21
N PHE G 88 14.15 38.09 -70.85
CA PHE G 88 15.17 38.61 -71.76
C PHE G 88 16.35 37.65 -71.77
N PRO G 89 16.22 36.52 -72.47
CA PRO G 89 17.31 35.55 -72.49
C PRO G 89 18.58 36.14 -73.06
N THR G 90 19.73 35.77 -72.48
CA THR G 90 21.00 36.34 -72.88
C THR G 90 21.49 35.78 -74.21
N ASN G 91 21.08 34.57 -74.58
CA ASN G 91 21.58 33.94 -75.78
C ASN G 91 20.64 34.20 -76.97
N GLU G 92 19.38 33.76 -76.86
CA GLU G 92 18.44 33.86 -77.95
C GLU G 92 17.80 35.24 -77.99
N HIS G 93 17.45 35.69 -79.19
CA HIS G 93 16.75 36.95 -79.34
C HIS G 93 15.38 36.87 -78.70
N PHE G 94 15.02 37.92 -77.95
CA PHE G 94 13.74 37.95 -77.26
C PHE G 94 12.61 38.42 -78.16
N PHE G 95 12.90 38.76 -79.41
CA PHE G 95 11.88 39.16 -80.36
C PHE G 95 12.30 38.70 -81.75
N LYS G 96 11.31 38.49 -82.61
CA LYS G 96 11.54 38.03 -83.97
C LYS G 96 10.82 38.94 -84.95
N LEU G 97 11.58 39.47 -85.91
CA LEU G 97 11.01 40.23 -87.01
C LEU G 97 10.73 39.26 -88.15
N GLU G 98 9.44 39.08 -88.46
CA GLU G 98 9.00 38.10 -89.44
C GLU G 98 8.48 38.81 -90.68
N ILE G 99 9.01 38.44 -91.84
CA ILE G 99 8.50 38.97 -93.10
C ILE G 99 7.10 38.42 -93.33
N ASP G 100 6.17 39.31 -93.64
CA ASP G 100 4.77 38.94 -93.82
C ASP G 100 4.65 38.17 -95.14
N SER G 101 4.56 36.84 -95.04
CA SER G 101 4.34 36.03 -96.23
C SER G 101 3.00 36.34 -96.88
N LEU G 102 2.05 36.90 -96.13
CA LEU G 102 0.80 37.36 -96.73
C LEU G 102 1.06 38.43 -97.77
N ALA G 103 1.95 39.38 -97.45
CA ALA G 103 2.32 40.41 -98.42
C ALA G 103 3.06 39.80 -99.60
N ILE G 104 3.89 38.78 -99.34
CA ILE G 104 4.60 38.11 -100.42
C ILE G 104 3.62 37.49 -101.41
N LEU G 105 2.58 36.83 -100.88
CA LEU G 105 1.56 36.25 -101.75
C LEU G 105 0.75 37.33 -102.45
N ALA G 106 0.40 38.41 -101.73
CA ALA G 106 -0.46 39.44 -102.29
C ALA G 106 0.23 40.17 -103.43
N SER G 107 1.50 40.50 -103.27
CA SER G 107 2.23 41.22 -104.32
C SER G 107 2.80 40.29 -105.39
N ASP G 108 2.55 38.98 -105.28
CA ASP G 108 3.11 37.98 -106.19
C ASP G 108 4.64 38.07 -106.19
N GLN G 109 5.22 38.11 -105.00
CA GLN G 109 6.66 38.26 -104.85
C GLN G 109 7.36 36.95 -105.23
N ASN G 110 8.51 37.09 -105.88
CA ASN G 110 9.28 35.92 -106.28
C ASN G 110 9.94 35.28 -105.06
N PRO G 111 9.79 33.97 -104.86
CA PRO G 111 10.40 33.34 -103.67
C PRO G 111 11.91 33.31 -103.70
N GLU G 112 12.55 33.72 -104.81
CA GLU G 112 14.01 33.70 -104.87
C GLU G 112 14.63 34.76 -103.96
N MET G 113 14.01 35.92 -103.84
CA MET G 113 14.56 37.02 -103.05
C MET G 113 14.42 36.82 -101.55
N ILE G 114 13.71 35.78 -101.10
CA ILE G 114 13.46 35.63 -99.67
C ILE G 114 14.76 35.41 -98.91
N THR G 115 15.79 34.88 -99.57
CA THR G 115 17.08 34.73 -98.91
C THR G 115 17.69 36.09 -98.57
N GLU G 116 17.68 37.02 -99.53
CA GLU G 116 18.17 38.36 -99.28
C GLU G 116 17.30 39.07 -98.23
N PHE G 117 15.99 38.87 -98.30
CA PHE G 117 15.11 39.47 -97.28
C PHE G 117 15.44 38.93 -95.89
N ASP G 118 15.70 37.62 -95.77
CA ASP G 118 16.05 37.06 -94.47
C ASP G 118 17.40 37.59 -93.98
N SER G 119 18.35 37.77 -94.90
CA SER G 119 19.63 38.36 -94.51
C SER G 119 19.43 39.77 -93.97
N ALA G 120 18.61 40.57 -94.67
CA ALA G 120 18.33 41.92 -94.19
C ALA G 120 17.65 41.88 -92.83
N LEU G 121 16.70 40.97 -92.65
CA LEU G 121 15.97 40.88 -91.39
C LEU G 121 16.90 40.51 -90.24
N VAL G 122 17.80 39.54 -90.45
CA VAL G 122 18.69 39.14 -89.36
C VAL G 122 19.69 40.26 -89.06
N LYS G 123 20.15 40.98 -90.08
CA LYS G 123 21.03 42.12 -89.84
C LYS G 123 20.32 43.17 -88.99
N VAL G 124 19.07 43.50 -89.34
CA VAL G 124 18.32 44.47 -88.57
C VAL G 124 18.09 43.98 -87.15
N GLU G 125 17.83 42.67 -87.00
CA GLU G 125 17.58 42.11 -85.68
C GLU G 125 18.79 42.26 -84.78
N GLN G 126 19.97 41.88 -85.28
CA GLN G 126 21.16 42.00 -84.45
C GLN G 126 21.50 43.46 -84.18
N ALA G 127 21.25 44.33 -85.16
CA ALA G 127 21.51 45.75 -84.94
C ALA G 127 20.63 46.30 -83.82
N VAL G 128 19.35 45.93 -83.82
CA VAL G 128 18.44 46.39 -82.78
C VAL G 128 18.86 45.85 -81.42
N MET G 129 19.22 44.56 -81.37
CA MET G 129 19.65 43.99 -80.10
C MET G 129 20.91 44.66 -79.58
N ARG G 130 21.88 44.95 -80.45
CA ARG G 130 23.09 45.64 -80.03
C ARG G 130 22.76 47.03 -79.49
N MET G 131 21.91 47.77 -80.20
CA MET G 131 21.57 49.11 -79.74
C MET G 131 20.88 49.05 -78.39
N PHE G 132 19.98 48.07 -78.22
CA PHE G 132 19.31 47.88 -76.94
C PHE G 132 20.32 47.61 -75.83
N GLU G 133 21.28 46.72 -76.08
CA GLU G 133 22.24 46.39 -75.04
C GLU G 133 23.21 47.53 -74.77
N THR G 134 23.35 48.46 -75.72
CA THR G 134 24.24 49.61 -75.52
C THR G 134 23.78 50.47 -74.35
N ILE G 135 22.46 50.71 -74.26
CA ILE G 135 21.92 51.64 -73.27
C ILE G 135 21.74 50.96 -71.92
N GLY G 136 22.23 49.72 -71.81
CA GLY G 136 22.18 49.01 -70.54
C GLY G 136 20.78 48.70 -70.06
N GLY G 137 19.97 48.10 -70.94
CA GLY G 137 18.58 47.84 -70.61
C GLY G 137 18.39 46.76 -69.56
N ARG G 138 19.40 45.90 -69.37
CA ARG G 138 19.24 44.78 -68.44
C ARG G 138 19.04 45.27 -67.01
N ALA G 139 19.88 46.22 -66.57
CA ALA G 139 19.77 46.71 -65.20
C ALA G 139 18.45 47.43 -64.96
N ALA G 140 18.05 48.29 -65.90
CA ALA G 140 16.78 48.98 -65.76
C ALA G 140 15.61 48.01 -65.74
N MET G 141 15.65 46.98 -66.59
CA MET G 141 14.60 45.98 -66.59
C MET G 141 14.55 45.23 -65.27
N HIS G 142 15.73 44.90 -64.72
CA HIS G 142 15.77 44.20 -63.43
C HIS G 142 15.16 45.05 -62.32
N GLU G 143 15.54 46.33 -62.26
CA GLU G 143 15.01 47.19 -61.21
C GLU G 143 13.51 47.40 -61.37
N ALA G 144 13.05 47.56 -62.62
CA ALA G 144 11.61 47.72 -62.86
C ALA G 144 10.86 46.47 -62.45
N LEU G 145 11.40 45.28 -62.75
CA LEU G 145 10.74 44.05 -62.34
C LEU G 145 10.67 43.93 -60.83
N LYS G 146 11.75 44.32 -60.13
CA LYS G 146 11.72 44.28 -58.67
C LYS G 146 10.63 45.20 -58.13
N HIS G 147 10.55 46.42 -58.63
CA HIS G 147 9.52 47.34 -58.15
C HIS G 147 8.12 46.84 -58.49
N LEU G 148 7.96 46.24 -59.67
CA LEU G 148 6.66 45.68 -60.05
C LEU G 148 6.26 44.56 -59.11
N LEU G 149 7.21 43.71 -58.73
CA LEU G 149 6.90 42.62 -57.81
C LEU G 149 6.52 43.16 -56.43
N VAL G 150 7.29 44.11 -55.91
CA VAL G 150 7.02 44.59 -54.55
C VAL G 150 5.86 45.57 -54.54
N GLY G 151 5.85 46.52 -55.47
CA GLY G 151 4.87 47.59 -55.43
C GLY G 151 3.64 47.39 -56.30
N GLY G 152 3.85 46.92 -57.53
CA GLY G 152 2.77 46.65 -58.44
C GLY G 152 2.55 47.68 -59.52
N ASN G 153 3.19 48.85 -59.43
CA ASN G 153 3.04 49.88 -60.44
C ASN G 153 4.38 50.55 -60.66
N VAL G 154 4.69 50.85 -61.92
CA VAL G 154 5.95 51.50 -62.28
C VAL G 154 5.82 52.16 -63.64
N LEU G 155 6.61 53.20 -63.88
CA LEU G 155 6.56 53.96 -65.13
C LEU G 155 7.94 54.00 -65.75
N LEU G 156 8.02 53.71 -67.03
CA LEU G 156 9.29 53.65 -67.76
C LEU G 156 9.41 54.82 -68.71
N TYR G 157 10.64 55.28 -68.92
CA TYR G 157 10.96 56.26 -69.95
C TYR G 157 12.09 55.73 -70.81
N VAL G 158 11.81 55.50 -72.09
CA VAL G 158 12.78 54.96 -73.03
C VAL G 158 13.37 56.12 -73.82
N SER G 159 14.70 56.18 -73.87
CA SER G 159 15.38 57.28 -74.52
C SER G 159 16.62 56.76 -75.22
N ASP G 160 17.21 57.61 -76.05
CA ASP G 160 18.47 57.25 -76.71
C ASP G 160 19.59 57.09 -75.69
N GLU G 161 19.66 58.00 -74.72
CA GLU G 161 20.72 57.92 -73.72
C GLU G 161 20.56 56.71 -72.80
N GLY G 162 19.34 56.45 -72.33
CA GLY G 162 19.12 55.34 -71.44
C GLY G 162 17.67 55.25 -71.03
N ILE G 163 17.40 54.32 -70.13
CA ILE G 163 16.05 54.06 -69.64
C ILE G 163 15.98 54.50 -68.19
N LYS G 164 15.07 55.43 -67.90
CA LYS G 164 14.89 55.97 -66.55
C LYS G 164 13.58 55.44 -65.98
N VAL G 165 13.64 54.87 -64.78
CA VAL G 165 12.46 54.35 -64.10
C VAL G 165 11.94 55.41 -63.13
N ILE G 166 10.63 55.42 -62.93
CA ILE G 166 9.99 56.34 -62.01
C ILE G 166 9.19 55.53 -61.01
N HIS G 167 9.41 55.78 -59.72
CA HIS G 167 8.70 55.03 -58.69
C HIS G 167 7.26 55.53 -58.57
N LEU G 168 6.44 54.73 -57.89
CA LEU G 168 5.02 55.06 -57.75
C LEU G 168 4.81 56.36 -57.00
N ASP G 169 5.78 56.77 -56.19
CA ASP G 169 5.64 57.98 -55.39
C ASP G 169 5.86 59.26 -56.18
N SER G 170 6.24 59.18 -57.46
CA SER G 170 6.64 60.35 -58.22
C SER G 170 5.84 60.54 -59.51
N TYR G 171 4.62 59.99 -59.59
CA TYR G 171 3.78 60.27 -60.74
C TYR G 171 2.33 59.91 -60.40
N VAL G 172 1.41 60.51 -61.18
CA VAL G 172 -0.02 60.25 -61.05
C VAL G 172 -0.60 60.13 -62.45
N LEU G 173 -1.78 59.52 -62.53
CA LEU G 173 -2.43 59.31 -63.82
C LEU G 173 -3.91 59.03 -63.61
N CYS G 174 -4.67 59.14 -64.71
CA CYS G 174 -6.08 58.81 -64.75
C CYS G 174 -6.35 57.85 -65.90
N ARG G 175 -7.28 56.91 -65.69
CA ARG G 175 -7.60 55.90 -66.68
C ARG G 175 -9.10 55.80 -66.87
N ASP G 176 -9.52 55.41 -68.07
CA ASP G 176 -10.88 54.98 -68.27
C ASP G 176 -11.01 53.51 -67.84
N PRO G 177 -12.20 53.09 -67.44
CA PRO G 177 -12.36 51.69 -67.03
C PRO G 177 -12.11 50.67 -68.13
N MET G 178 -12.04 51.08 -69.40
CA MET G 178 -11.49 50.17 -70.40
C MET G 178 -10.04 49.83 -70.09
N GLY G 179 -9.23 50.83 -69.77
CA GLY G 179 -7.82 50.66 -69.55
C GLY G 179 -6.93 51.60 -70.32
N ASN G 180 -7.50 52.60 -71.00
CA ASN G 180 -6.72 53.57 -71.78
C ASN G 180 -6.39 54.77 -70.90
N VAL G 181 -5.11 54.93 -70.58
CA VAL G 181 -4.68 56.07 -69.78
C VAL G 181 -4.76 57.34 -70.63
N THR G 182 -5.12 58.45 -70.00
CA THR G 182 -5.29 59.71 -70.70
C THR G 182 -4.27 60.77 -70.36
N GLU G 183 -3.85 60.88 -69.09
CA GLU G 183 -2.98 61.97 -68.69
C GLU G 183 -2.04 61.49 -67.58
N ILE G 184 -0.79 61.91 -67.65
CA ILE G 184 0.23 61.56 -66.67
C ILE G 184 0.97 62.82 -66.25
N VAL G 185 1.15 63.00 -64.94
CA VAL G 185 1.90 64.11 -64.39
C VAL G 185 3.03 63.54 -63.54
N VAL G 186 4.25 64.01 -63.79
CA VAL G 186 5.44 63.52 -63.09
C VAL G 186 6.08 64.69 -62.36
N GLU G 187 6.35 64.51 -61.07
CA GLU G 187 6.97 65.53 -60.24
C GLU G 187 8.33 65.04 -59.77
N GLU G 188 9.34 65.88 -59.90
CA GLU G 188 10.70 65.51 -59.52
C GLU G 188 11.43 66.76 -59.06
N GLU G 189 12.49 66.55 -58.28
CA GLU G 189 13.18 67.63 -57.60
C GLU G 189 14.68 67.54 -57.88
N ILE G 190 15.27 68.67 -58.28
CA ILE G 190 16.67 68.71 -58.69
C ILE G 190 17.30 69.98 -58.15
N PHE G 191 18.64 69.98 -58.05
CA PHE G 191 19.37 71.14 -57.58
C PHE G 191 19.28 72.28 -58.60
N LYS G 192 19.35 73.51 -58.09
CA LYS G 192 19.25 74.68 -58.94
C LYS G 192 20.44 74.87 -59.87
N ASP G 193 21.54 74.14 -59.66
CA ASP G 193 22.72 74.30 -60.49
C ASP G 193 22.47 73.88 -61.94
N ALA G 194 21.59 72.90 -62.15
CA ALA G 194 21.36 72.36 -63.48
C ALA G 194 20.29 73.10 -64.26
N LEU G 195 19.62 74.08 -63.66
CA LEU G 195 18.52 74.77 -64.30
C LEU G 195 19.01 76.01 -65.05
N PRO G 196 18.27 76.46 -66.07
CA PRO G 196 18.66 77.67 -66.78
C PRO G 196 18.69 78.89 -65.87
N GLU G 197 19.65 79.77 -66.12
CA GLU G 197 19.86 80.94 -65.26
C GLU G 197 18.71 81.93 -65.33
N GLU G 198 18.01 82.01 -66.48
CA GLU G 198 16.89 82.94 -66.59
C GLU G 198 15.77 82.57 -65.62
N TYR G 199 15.66 81.30 -65.25
CA TYR G 199 14.65 80.85 -64.32
C TYR G 199 15.09 80.98 -62.86
N LEU G 200 16.34 81.35 -62.61
CA LEU G 200 16.83 81.53 -61.25
C LEU G 200 16.30 82.85 -60.70
N ASP G 201 15.58 82.77 -59.60
CA ASP G 201 14.90 83.93 -59.03
C ASP G 201 15.86 84.73 -58.15
N GLU G 202 15.37 85.89 -57.71
CA GLU G 202 16.16 86.74 -56.82
C GLU G 202 16.41 86.08 -55.48
N GLU G 203 15.37 85.45 -54.90
CA GLU G 203 15.53 84.82 -53.60
C GLU G 203 16.54 83.67 -53.65
N ASP G 204 16.50 82.85 -54.70
CA ASP G 204 17.49 81.80 -54.85
C ASP G 204 18.89 82.38 -55.03
N ASP G 205 19.00 83.50 -55.74
CA ASP G 205 20.29 84.17 -55.88
C ASP G 205 20.76 84.77 -54.57
N ASP G 206 19.82 85.23 -53.74
CA ASP G 206 20.16 85.85 -52.46
C ASP G 206 20.62 84.85 -51.42
N ASP G 207 20.49 83.55 -51.67
CA ASP G 207 20.86 82.53 -50.70
C ASP G 207 22.25 81.99 -50.97
N ASP G 208 22.98 81.70 -49.89
CA ASP G 208 24.32 81.15 -49.95
C ASP G 208 24.34 79.63 -49.86
N ASP G 209 23.21 78.98 -50.14
CA ASP G 209 23.08 77.53 -50.04
C ASP G 209 22.78 76.89 -51.40
N MET G 210 23.52 77.29 -52.45
CA MET G 210 23.29 76.73 -53.77
C MET G 210 23.41 75.22 -53.79
N GLY G 211 24.27 74.67 -52.94
CA GLY G 211 24.43 73.24 -52.80
C GLY G 211 23.51 72.59 -51.79
N LYS G 212 22.52 73.33 -51.26
CA LYS G 212 21.61 72.77 -50.27
C LYS G 212 20.15 73.18 -50.47
N LYS G 213 19.80 73.86 -51.56
CA LYS G 213 18.41 74.18 -51.86
C LYS G 213 18.06 73.64 -53.24
N MET G 214 16.86 73.08 -53.37
CA MET G 214 16.40 72.46 -54.60
C MET G 214 15.27 73.30 -55.21
N VAL G 215 14.93 72.97 -56.45
CA VAL G 215 13.80 73.59 -57.15
C VAL G 215 13.00 72.49 -57.83
N LYS G 216 11.69 72.48 -57.60
CA LYS G 216 10.81 71.47 -58.17
C LYS G 216 10.66 71.67 -59.67
N ILE G 217 10.58 70.56 -60.40
CA ILE G 217 10.38 70.58 -61.85
C ILE G 217 9.36 69.50 -62.20
N TYR G 218 8.36 69.86 -62.99
CA TYR G 218 7.24 68.98 -63.30
C TYR G 218 7.27 68.57 -64.77
N THR G 219 6.42 67.60 -65.09
CA THR G 219 6.27 67.11 -66.46
C THR G 219 4.82 66.71 -66.67
N CYS G 220 4.27 67.03 -67.84
CA CYS G 220 2.87 66.75 -68.17
C CYS G 220 2.81 65.84 -69.38
N ILE G 221 1.81 64.95 -69.41
CA ILE G 221 1.61 64.02 -70.50
C ILE G 221 0.13 64.04 -70.87
N LYS G 222 -0.15 64.18 -72.17
CA LYS G 222 -1.52 64.13 -72.66
C LYS G 222 -1.61 63.17 -73.84
N PHE G 223 -2.60 62.29 -73.79
CA PHE G 223 -2.80 61.27 -74.80
C PHE G 223 -4.10 61.58 -75.54
N MET G 224 -3.99 61.89 -76.83
CA MET G 224 -5.16 62.14 -77.65
C MET G 224 -4.80 61.94 -79.11
N ASP G 225 -5.83 61.63 -79.91
CA ASP G 225 -5.72 61.36 -81.35
C ASP G 225 -4.47 60.53 -81.67
N ASP G 226 -4.31 59.43 -80.92
CA ASP G 226 -3.15 58.56 -80.93
C ASP G 226 -1.85 59.34 -81.16
N GLN G 227 -1.68 60.44 -80.44
CA GLN G 227 -0.47 61.26 -80.53
C GLN G 227 -0.17 61.83 -79.16
N CYS G 228 0.74 61.18 -78.43
CA CYS G 228 1.09 61.65 -77.11
C CYS G 228 1.84 62.97 -77.18
N HIS G 229 1.69 63.78 -76.14
CA HIS G 229 2.32 65.09 -76.07
C HIS G 229 2.85 65.34 -74.67
N TRP G 230 3.92 66.13 -74.58
CA TRP G 230 4.56 66.39 -73.30
C TRP G 230 5.33 67.71 -73.36
N TYR G 231 5.54 68.30 -72.19
CA TYR G 231 6.37 69.48 -72.05
C TYR G 231 6.79 69.60 -70.59
N GLN G 232 7.86 70.35 -70.35
CA GLN G 232 8.40 70.55 -69.02
C GLN G 232 8.21 71.99 -68.58
N GLU G 233 7.77 72.17 -67.34
CA GLU G 233 7.53 73.50 -66.81
C GLU G 233 8.15 73.62 -65.42
N ILE G 234 8.60 74.83 -65.10
CA ILE G 234 9.09 75.15 -63.77
C ILE G 234 8.54 76.51 -63.34
N LYS G 235 7.97 76.55 -62.14
CA LYS G 235 7.37 77.77 -61.58
C LYS G 235 6.32 78.38 -62.52
N GLY G 236 5.48 77.51 -63.09
CA GLY G 236 4.29 77.96 -63.78
C GLY G 236 4.46 78.34 -65.24
N LYS G 237 5.68 78.34 -65.78
CA LYS G 237 5.90 78.67 -67.18
C LYS G 237 6.78 77.60 -67.82
N GLU G 238 6.46 77.27 -69.07
CA GLU G 238 7.09 76.16 -69.74
C GLU G 238 8.56 76.46 -70.07
N VAL G 239 9.36 75.41 -70.07
CA VAL G 239 10.78 75.54 -70.43
C VAL G 239 10.91 75.50 -71.95
N PRO G 240 11.53 76.50 -72.57
CA PRO G 240 11.65 76.50 -74.03
C PRO G 240 12.51 75.34 -74.51
N GLY G 241 12.13 74.79 -75.66
CA GLY G 241 12.89 73.72 -76.28
C GLY G 241 12.63 72.34 -75.72
N THR G 242 11.68 72.19 -74.80
CA THR G 242 11.38 70.90 -74.19
C THR G 242 10.15 70.23 -74.81
N HIS G 243 9.58 70.79 -75.85
CA HIS G 243 8.38 70.23 -76.46
C HIS G 243 8.71 68.95 -77.22
N GLY G 244 7.66 68.19 -77.54
CA GLY G 244 7.82 66.96 -78.30
C GLY G 244 6.49 66.47 -78.81
N LYS G 245 6.57 65.49 -79.71
CA LYS G 245 5.38 64.90 -80.31
C LYS G 245 5.76 63.60 -81.01
N CYS G 246 4.94 62.57 -80.81
CA CYS G 246 5.11 61.31 -81.52
C CYS G 246 3.81 60.53 -81.43
N ALA G 247 3.66 59.56 -82.33
CA ALA G 247 2.46 58.74 -82.36
C ALA G 247 2.38 57.85 -81.12
N ALA G 248 1.15 57.51 -80.74
CA ALA G 248 0.94 56.70 -79.54
C ALA G 248 1.59 55.33 -79.67
N ASP G 249 1.62 54.79 -80.89
CA ASP G 249 2.22 53.48 -81.11
C ASP G 249 3.74 53.49 -80.94
N VAL G 250 4.36 54.66 -80.90
CA VAL G 250 5.81 54.77 -80.73
C VAL G 250 6.10 55.64 -79.52
N ALA G 251 5.21 55.62 -78.54
CA ALA G 251 5.34 56.48 -77.38
C ALA G 251 6.59 56.11 -76.57
N PRO G 252 7.28 57.11 -76.01
CA PRO G 252 8.45 56.83 -75.17
C PRO G 252 8.10 56.47 -73.74
N TRP G 253 6.85 56.62 -73.32
CA TRP G 253 6.42 56.37 -71.96
C TRP G 253 5.54 55.14 -71.92
N ILE G 254 5.82 54.24 -70.99
CA ILE G 254 5.09 52.98 -70.85
C ILE G 254 4.62 52.85 -69.41
N ALA G 255 3.34 52.52 -69.24
CA ALA G 255 2.77 52.29 -67.92
C ALA G 255 2.48 50.80 -67.74
N LEU G 256 2.75 50.30 -66.54
CA LEU G 256 2.62 48.88 -66.23
C LEU G 256 1.76 48.69 -64.99
N ARG G 257 1.30 47.45 -64.82
CA ARG G 257 0.58 47.06 -63.61
C ARG G 257 0.65 45.54 -63.49
N GLN G 258 0.82 45.05 -62.26
CA GLN G 258 1.12 43.64 -62.04
C GLN G 258 -0.08 42.76 -62.38
N ASP G 259 -1.18 42.94 -61.65
CA ASP G 259 -2.39 42.17 -61.89
C ASP G 259 -3.40 43.07 -62.59
N ARG G 260 -3.81 42.67 -63.78
CA ARG G 260 -4.79 43.47 -64.51
C ARG G 260 -6.13 43.33 -63.81
N VAL G 261 -6.46 44.30 -62.96
CA VAL G 261 -7.75 44.36 -62.27
C VAL G 261 -8.50 45.54 -62.83
N ASP G 262 -9.61 45.27 -63.50
CA ASP G 262 -10.31 46.31 -64.24
C ASP G 262 -10.91 47.34 -63.31
N SER G 263 -11.17 48.53 -63.86
CA SER G 263 -11.79 49.64 -63.11
C SER G 263 -10.93 50.06 -61.93
N GLU G 264 -9.61 50.01 -62.10
CA GLU G 264 -8.67 50.41 -61.07
C GLU G 264 -7.58 51.27 -61.70
N MET G 265 -7.35 52.46 -61.12
CA MET G 265 -6.28 53.31 -61.64
C MET G 265 -4.92 52.78 -61.27
N TYR G 266 -4.82 51.95 -60.23
CA TYR G 266 -3.57 51.36 -59.81
C TYR G 266 -3.81 49.89 -59.48
N GLY G 267 -2.86 49.04 -59.87
CA GLY G 267 -3.00 47.61 -59.71
C GLY G 267 -2.71 47.16 -58.28
N ARG G 268 -2.61 45.85 -58.13
CA ARG G 268 -2.30 45.23 -56.85
C ARG G 268 -0.98 44.48 -56.96
N SER G 269 -0.11 44.70 -55.98
CA SER G 269 1.17 43.99 -55.96
C SER G 269 0.94 42.50 -55.75
N TYR G 270 1.86 41.70 -56.26
CA TYR G 270 1.74 40.25 -56.13
C TYR G 270 1.83 39.82 -54.67
N VAL G 271 2.74 40.42 -53.91
CA VAL G 271 2.94 40.02 -52.52
C VAL G 271 1.73 40.35 -51.66
N GLU G 272 0.83 41.22 -52.14
CA GLU G 272 -0.41 41.48 -51.43
C GLU G 272 -1.23 40.20 -51.29
N GLN G 273 -1.06 39.25 -52.22
CA GLN G 273 -1.78 37.99 -52.14
C GLN G 273 -1.47 37.25 -50.84
N TYR G 274 -0.20 37.23 -50.45
CA TYR G 274 0.26 36.45 -49.29
C TYR G 274 0.72 37.32 -48.13
N TYR G 275 0.36 38.62 -48.16
CA TYR G 275 0.67 39.51 -47.04
C TYR G 275 0.21 38.94 -45.70
N GLY G 276 -1.01 38.41 -45.65
CA GLY G 276 -1.53 37.91 -44.39
C GLY G 276 -0.72 36.74 -43.84
N ASP G 277 -0.41 35.77 -44.71
CA ASP G 277 0.40 34.65 -44.29
C ASP G 277 1.79 35.11 -43.86
N LEU G 278 2.36 36.08 -44.56
CA LEU G 278 3.65 36.63 -44.17
C LEU G 278 3.59 37.20 -42.76
N LEU G 279 2.56 37.98 -42.47
CA LEU G 279 2.45 38.58 -41.14
C LEU G 279 2.28 37.52 -40.06
N ALA G 280 1.44 36.52 -40.32
CA ALA G 280 1.23 35.46 -39.33
C ALA G 280 2.51 34.69 -39.05
N LEU G 281 3.25 34.33 -40.11
CA LEU G 281 4.49 33.61 -39.91
C LEU G 281 5.51 34.46 -39.16
N GLU G 282 5.58 35.75 -39.47
CA GLU G 282 6.48 36.64 -38.75
C GLU G 282 6.17 36.65 -37.26
N ASN G 283 4.91 36.84 -36.91
CA ASN G 283 4.57 36.93 -35.49
C ASN G 283 4.82 35.61 -34.78
N LEU G 284 4.53 34.48 -35.44
CA LEU G 284 4.76 33.19 -34.79
C LEU G 284 6.25 32.91 -34.60
N TYR G 285 7.08 33.28 -35.57
CA TYR G 285 8.52 33.19 -35.39
C TYR G 285 8.97 33.99 -34.18
N LYS G 286 8.44 35.21 -34.06
CA LYS G 286 8.78 36.01 -32.89
C LYS G 286 8.36 35.31 -31.60
N ALA G 287 7.17 34.71 -31.61
CA ALA G 287 6.66 34.04 -30.41
C ALA G 287 7.58 32.92 -29.95
N ILE G 288 7.98 32.05 -30.89
CA ILE G 288 8.81 30.93 -30.50
C ILE G 288 10.18 31.41 -30.04
N LEU G 289 10.74 32.43 -30.72
CA LEU G 289 12.01 32.98 -30.25
C LEU G 289 11.88 33.55 -28.86
N GLU G 290 10.76 34.21 -28.57
CA GLU G 290 10.54 34.84 -27.27
C GLU G 290 10.48 33.79 -26.17
N ALA G 291 9.69 32.73 -26.39
CA ALA G 291 9.60 31.67 -25.39
C ALA G 291 10.95 31.01 -25.16
N SER G 292 11.69 30.76 -26.25
CA SER G 292 13.01 30.14 -26.10
C SER G 292 13.96 31.04 -25.32
N ALA G 293 13.90 32.35 -25.56
CA ALA G 293 14.73 33.28 -24.81
C ALA G 293 14.39 33.24 -23.32
N SER G 294 13.09 33.18 -23.00
CA SER G 294 12.70 33.15 -21.60
C SER G 294 13.12 31.85 -20.91
N LEU G 295 13.07 30.72 -21.61
CA LEU G 295 13.34 29.45 -20.96
C LEU G 295 14.84 29.21 -20.72
N SER G 296 15.71 29.99 -21.35
CA SER G 296 17.13 29.69 -21.30
C SER G 296 17.81 30.12 -20.00
N LYS G 297 17.09 30.80 -19.11
CA LYS G 297 17.68 31.22 -17.84
C LYS G 297 17.88 30.02 -16.91
N VAL G 298 18.89 30.11 -16.06
CA VAL G 298 19.22 29.05 -15.12
C VAL G 298 19.37 29.66 -13.72
N LEU G 299 18.65 29.10 -12.76
CA LEU G 299 18.69 29.54 -11.37
C LEU G 299 18.86 28.34 -10.46
N PHE G 300 19.28 28.62 -9.22
CA PHE G 300 19.41 27.60 -8.20
C PHE G 300 18.47 27.92 -7.04
N LEU G 301 17.93 26.88 -6.42
CA LEU G 301 16.94 27.07 -5.37
C LEU G 301 17.28 26.14 -4.22
N CYS G 302 17.37 26.70 -3.01
CA CYS G 302 17.69 25.93 -1.82
C CYS G 302 16.47 25.83 -0.91
N ASN G 303 16.18 24.62 -0.46
CA ASN G 303 15.04 24.38 0.42
C ASN G 303 15.38 24.81 1.83
N PRO G 304 14.64 25.75 2.43
CA PRO G 304 14.94 26.17 3.81
C PRO G 304 14.85 25.04 4.82
N ASN G 305 13.98 24.06 4.60
CA ASN G 305 13.86 22.95 5.55
C ASN G 305 15.11 22.09 5.58
N GLY G 306 15.98 22.20 4.59
CA GLY G 306 17.21 21.44 4.56
C GLY G 306 18.29 22.07 5.42
N THR G 307 19.50 21.56 5.26
CA THR G 307 20.66 22.00 6.04
C THR G 307 21.81 22.39 5.12
N THR G 308 21.50 23.17 4.08
CA THR G 308 22.50 23.67 3.16
C THR G 308 22.54 25.20 3.23
N ARG G 309 23.73 25.75 3.42
CA ARG G 309 23.89 27.19 3.50
C ARG G 309 24.37 27.72 2.15
N PRO G 310 23.76 28.79 1.62
CA PRO G 310 24.20 29.31 0.32
C PRO G 310 25.66 29.73 0.27
N ARG G 311 26.19 30.26 1.37
CA ARG G 311 27.59 30.67 1.37
C ARG G 311 28.51 29.48 1.14
N THR G 312 28.19 28.35 1.74
CA THR G 312 29.01 27.15 1.56
C THR G 312 29.03 26.72 0.10
N LEU G 313 27.87 26.73 -0.56
CA LEU G 313 27.82 26.35 -1.96
C LEU G 313 28.58 27.33 -2.84
N SER G 314 28.46 28.62 -2.57
CA SER G 314 29.09 29.61 -3.44
C SER G 314 30.60 29.64 -3.26
N GLN G 315 31.08 29.61 -2.02
CA GLN G 315 32.49 29.81 -1.73
C GLN G 315 33.33 28.57 -1.98
N ALA G 316 32.74 27.38 -1.93
CA ALA G 316 33.52 26.15 -2.01
C ALA G 316 34.22 26.04 -3.36
N SER G 317 35.48 25.63 -3.32
CA SER G 317 36.28 25.45 -4.52
C SER G 317 35.98 24.09 -5.15
N ASN G 318 36.40 23.92 -6.40
CA ASN G 318 36.08 22.70 -7.13
C ASN G 318 36.76 21.50 -6.52
N GLY G 319 36.04 20.38 -6.48
CA GLY G 319 36.56 19.14 -5.93
C GLY G 319 36.51 19.04 -4.43
N SER G 320 36.06 20.08 -3.73
CA SER G 320 36.00 20.06 -2.28
C SER G 320 34.82 19.21 -1.82
N ILE G 321 34.79 18.94 -0.51
CA ILE G 321 33.72 18.15 0.10
C ILE G 321 33.18 18.95 1.28
N VAL G 322 31.91 19.37 1.18
CA VAL G 322 31.31 20.19 2.22
C VAL G 322 30.05 19.51 2.75
N GLN G 323 29.41 20.11 3.74
CA GLN G 323 28.26 19.52 4.42
C GLN G 323 26.98 19.99 3.74
N GLY G 324 26.16 19.05 3.30
CA GLY G 324 24.89 19.38 2.68
C GLY G 324 24.20 18.15 2.16
N ASN G 325 22.99 18.37 1.63
CA ASN G 325 22.18 17.32 1.04
C ASN G 325 21.79 17.72 -0.37
N ALA G 326 22.15 16.88 -1.35
CA ALA G 326 21.89 17.23 -2.74
C ALA G 326 20.41 17.18 -3.11
N ALA G 327 19.59 16.53 -2.28
CA ALA G 327 18.16 16.49 -2.56
C ALA G 327 17.47 17.82 -2.28
N ASP G 328 18.17 18.78 -1.68
CA ASP G 328 17.54 20.06 -1.34
C ASP G 328 17.73 21.08 -2.46
N VAL G 329 18.95 21.20 -2.99
CA VAL G 329 19.22 22.17 -4.04
C VAL G 329 18.56 21.72 -5.33
N THR G 330 17.74 22.60 -5.91
CA THR G 330 17.00 22.29 -7.12
C THR G 330 17.12 23.45 -8.10
N VAL G 331 16.98 23.12 -9.38
CA VAL G 331 17.10 24.09 -10.47
C VAL G 331 15.71 24.33 -11.05
N LEU G 332 15.36 25.60 -11.22
CA LEU G 332 14.05 25.96 -11.77
C LEU G 332 13.98 25.62 -13.25
N GLN G 333 12.87 25.00 -13.66
CA GLN G 333 12.67 24.63 -15.05
C GLN G 333 11.18 24.51 -15.32
N ALA G 334 10.85 24.47 -16.62
CA ALA G 334 9.47 24.30 -17.08
C ALA G 334 9.21 22.80 -17.22
N ALA G 335 8.23 22.30 -16.48
CA ALA G 335 7.97 20.87 -16.43
C ALA G 335 7.60 20.31 -17.81
N GLY G 336 6.44 20.69 -18.32
CA GLY G 336 6.06 20.27 -19.65
C GLY G 336 5.68 21.42 -20.57
N LYS G 337 6.55 21.71 -21.54
CA LYS G 337 6.25 22.75 -22.52
C LYS G 337 6.62 22.29 -23.93
N SER G 338 7.31 21.16 -24.03
CA SER G 338 7.81 20.70 -25.32
C SER G 338 6.69 20.43 -26.31
N GLN G 339 5.55 19.93 -25.83
CA GLN G 339 4.46 19.56 -26.72
C GLN G 339 3.92 20.77 -27.49
N ASP G 340 3.63 21.85 -26.76
CA ASP G 340 3.07 23.03 -27.40
C ASP G 340 4.07 23.66 -28.37
N LEU G 341 5.35 23.70 -27.98
CA LEU G 341 6.35 24.28 -28.86
C LEU G 341 6.53 23.42 -30.12
N GLN G 342 6.44 22.10 -29.99
CA GLN G 342 6.54 21.26 -31.18
C GLN G 342 5.31 21.43 -32.07
N ILE G 343 4.14 21.65 -31.49
CA ILE G 343 2.96 21.94 -32.29
C ILE G 343 3.13 23.24 -33.06
N ALA G 344 3.64 24.27 -32.38
CA ALA G 344 3.88 25.55 -33.04
C ALA G 344 4.92 25.40 -34.15
N ASN G 345 5.95 24.59 -33.90
CA ASN G 345 6.94 24.34 -34.95
C ASN G 345 6.30 23.65 -36.15
N GLN G 346 5.41 22.68 -35.91
CA GLN G 346 4.74 22.01 -37.01
C GLN G 346 3.94 23.00 -37.86
N THR G 347 3.15 23.85 -37.20
CA THR G 347 2.31 24.76 -37.98
C THR G 347 3.15 25.82 -38.68
N ILE G 348 4.22 26.28 -38.04
CA ILE G 348 5.12 27.24 -38.69
C ILE G 348 5.76 26.61 -39.91
N GLU G 349 6.21 25.36 -39.79
CA GLU G 349 6.82 24.68 -40.92
C GLU G 349 5.83 24.51 -42.06
N ARG G 350 4.57 24.18 -41.73
CA ARG G 350 3.56 24.03 -42.78
C ARG G 350 3.32 25.36 -43.50
N ILE G 351 3.20 26.45 -42.74
CA ILE G 351 2.98 27.76 -43.37
C ILE G 351 4.16 28.13 -44.24
N GLU G 352 5.39 27.90 -43.74
CA GLU G 352 6.58 28.24 -44.51
C GLU G 352 6.67 27.41 -45.79
N ASN G 353 6.31 26.13 -45.71
CA ASN G 353 6.31 25.30 -46.91
C ASN G 353 5.29 25.80 -47.93
N ARG G 354 4.10 26.20 -47.45
CA ARG G 354 3.10 26.75 -48.37
C ARG G 354 3.62 28.01 -49.05
N LEU G 355 4.25 28.89 -48.28
CA LEU G 355 4.79 30.13 -48.85
C LEU G 355 5.91 29.82 -49.85
N ALA G 356 6.76 28.85 -49.53
CA ALA G 356 7.86 28.50 -50.42
C ALA G 356 7.34 27.93 -51.73
N PHE G 357 6.31 27.08 -51.65
CA PHE G 357 5.71 26.57 -52.87
C PHE G 357 5.07 27.70 -53.68
N ALA G 358 4.41 28.65 -53.02
CA ALA G 358 3.78 29.75 -53.72
C ALA G 358 4.78 30.67 -54.40
N PHE G 359 5.88 31.00 -53.74
CA PHE G 359 6.87 31.92 -54.28
C PHE G 359 7.83 31.26 -55.25
N MET G 360 7.69 29.96 -55.48
CA MET G 360 8.38 29.27 -56.58
C MET G 360 9.90 29.24 -56.35
N LEU G 361 10.26 29.10 -55.07
CA LEU G 361 11.65 28.79 -54.72
C LEU G 361 11.95 27.32 -55.01
N ASN G 362 13.24 26.99 -55.00
CA ASN G 362 13.69 25.64 -55.30
C ASN G 362 13.76 24.74 -54.07
N THR G 363 13.58 25.29 -52.86
CA THR G 363 13.81 24.49 -51.66
C THR G 363 12.67 23.50 -51.40
N ALA G 364 11.42 23.93 -51.58
CA ALA G 364 10.29 23.05 -51.29
C ALA G 364 10.19 21.92 -52.30
N ILE G 365 10.95 21.98 -53.39
CA ILE G 365 10.92 20.95 -54.41
C ILE G 365 11.51 19.65 -53.89
N GLN G 366 12.64 19.73 -53.21
CA GLN G 366 13.36 18.54 -52.77
C GLN G 366 12.57 17.78 -51.72
N ARG G 367 12.51 16.45 -51.88
CA ARG G 367 11.76 15.58 -50.99
C ARG G 367 12.71 14.78 -50.12
N PRO G 368 12.69 14.93 -48.81
CA PRO G 368 13.63 14.16 -47.96
C PRO G 368 13.32 12.67 -48.00
N GLY G 369 14.39 11.87 -47.92
CA GLY G 369 14.27 10.44 -47.68
C GLY G 369 14.80 9.56 -48.79
N GLU G 370 14.40 9.83 -50.03
CA GLU G 370 14.67 8.89 -51.11
C GLU G 370 15.09 9.64 -52.37
N ARG G 371 15.67 8.90 -53.30
CA ARG G 371 16.18 9.46 -54.55
C ARG G 371 15.04 10.00 -55.41
N VAL G 372 15.37 10.99 -56.24
CA VAL G 372 14.45 11.56 -57.21
C VAL G 372 15.06 11.43 -58.59
N THR G 373 14.26 10.95 -59.53
CA THR G 373 14.74 10.72 -60.89
C THR G 373 14.84 12.04 -61.66
N ALA G 374 15.59 12.00 -62.76
CA ALA G 374 15.72 13.18 -63.61
C ALA G 374 14.39 13.53 -64.26
N GLU G 375 13.63 12.52 -64.67
CA GLU G 375 12.31 12.77 -65.26
C GLU G 375 11.37 13.41 -64.24
N GLU G 376 11.43 12.97 -62.99
CA GLU G 376 10.63 13.61 -61.94
C GLU G 376 11.01 15.08 -61.80
N ILE G 377 12.32 15.37 -61.78
CA ILE G 377 12.76 16.74 -61.61
C ILE G 377 12.30 17.60 -62.78
N ARG G 378 12.37 17.05 -63.99
CA ARG G 378 11.83 17.76 -65.16
C ARG G 378 10.34 18.01 -65.00
N TYR G 379 9.61 17.04 -64.46
CA TYR G 379 8.17 17.20 -64.25
C TYR G 379 7.88 18.37 -63.32
N MET G 380 8.55 18.44 -62.18
CA MET G 380 8.26 19.52 -61.24
C MET G 380 8.84 20.85 -61.70
N ALA G 381 9.89 20.82 -62.54
CA ALA G 381 10.32 22.05 -63.20
C ALA G 381 9.27 22.56 -64.17
N GLN G 382 8.62 21.64 -64.89
CA GLN G 382 7.47 22.01 -65.71
C GLN G 382 6.37 22.64 -64.87
N GLU G 383 6.11 22.06 -63.69
CA GLU G 383 5.12 22.63 -62.79
C GLU G 383 5.48 24.07 -62.40
N LEU G 384 6.74 24.30 -62.04
CA LEU G 384 7.15 25.65 -61.66
C LEU G 384 7.02 26.62 -62.82
N ASP G 385 7.43 26.22 -64.02
CA ASP G 385 7.31 27.11 -65.17
C ASP G 385 5.84 27.39 -65.47
N ALA G 386 4.97 26.41 -65.20
CA ALA G 386 3.55 26.62 -65.43
C ALA G 386 2.94 27.58 -64.41
N GLY G 387 3.48 27.59 -63.19
CA GLY G 387 2.85 28.33 -62.11
C GLY G 387 2.73 29.83 -62.28
N ILE G 388 3.48 30.45 -63.19
CA ILE G 388 3.50 31.91 -63.29
C ILE G 388 3.26 32.28 -64.76
N SER G 389 2.56 31.39 -65.46
CA SER G 389 2.30 31.57 -66.88
C SER G 389 1.51 32.85 -67.15
N GLY G 390 0.53 33.16 -66.29
CA GLY G 390 -0.22 34.38 -66.48
C GLY G 390 0.64 35.62 -66.42
N LEU G 391 1.57 35.66 -65.46
CA LEU G 391 2.47 36.80 -65.37
C LEU G 391 3.39 36.90 -66.58
N TYR G 392 3.95 35.77 -67.04
CA TYR G 392 4.76 35.85 -68.25
C TYR G 392 3.94 36.35 -69.42
N SER G 393 2.70 35.88 -69.56
CA SER G 393 1.87 36.30 -70.69
C SER G 393 1.58 37.79 -70.65
N ILE G 394 1.17 38.29 -69.49
CA ILE G 394 0.80 39.72 -69.42
C ILE G 394 2.03 40.59 -69.61
N LEU G 395 3.18 40.19 -69.06
CA LEU G 395 4.40 40.96 -69.27
C LEU G 395 4.81 40.95 -70.72
N SER G 396 4.70 39.81 -71.40
CA SER G 396 5.02 39.76 -72.82
C SER G 396 4.11 40.68 -73.62
N ARG G 397 2.82 40.71 -73.27
CA ARG G 397 1.90 41.57 -74.00
C ARG G 397 2.16 43.05 -73.73
N GLU G 398 2.62 43.39 -72.52
CA GLU G 398 2.69 44.79 -72.10
C GLU G 398 4.04 45.44 -72.33
N LEU G 399 5.15 44.75 -72.04
CA LEU G 399 6.47 45.38 -72.01
C LEU G 399 7.30 45.11 -73.25
N GLN G 400 7.42 43.85 -73.66
CA GLN G 400 8.37 43.50 -74.72
C GLN G 400 8.01 44.18 -76.04
N LEU G 401 6.73 44.19 -76.40
CA LEU G 401 6.35 44.65 -77.73
C LEU G 401 6.41 46.16 -77.89
N PRO G 402 5.79 46.98 -77.02
CA PRO G 402 5.93 48.43 -77.18
C PRO G 402 7.36 48.91 -77.07
N LEU G 403 8.18 48.24 -76.25
CA LEU G 403 9.57 48.62 -76.11
C LEU G 403 10.31 48.45 -77.43
N VAL G 404 10.13 47.31 -78.10
CA VAL G 404 10.82 47.10 -79.36
C VAL G 404 10.27 48.02 -80.44
N ARG G 405 8.97 48.31 -80.42
CA ARG G 405 8.44 49.25 -81.41
C ARG G 405 9.06 50.63 -81.23
N ARG G 406 9.13 51.13 -79.99
CA ARG G 406 9.73 52.43 -79.75
C ARG G 406 11.21 52.42 -80.11
N LEU G 407 11.90 51.32 -79.82
CA LEU G 407 13.32 51.21 -80.16
C LEU G 407 13.51 51.32 -81.67
N ILE G 408 12.71 50.60 -82.45
CA ILE G 408 12.86 50.64 -83.89
C ILE G 408 12.48 52.00 -84.43
N HIS G 409 11.48 52.66 -83.83
CA HIS G 409 11.12 54.00 -84.29
C HIS G 409 12.25 54.99 -84.05
N ILE G 410 12.87 54.93 -82.88
CA ILE G 410 14.02 55.80 -82.59
C ILE G 410 15.14 55.53 -83.57
N LEU G 411 15.42 54.25 -83.82
CA LEU G 411 16.48 53.87 -84.74
C LEU G 411 16.23 54.43 -86.12
N ARG G 412 14.99 54.33 -86.61
CA ARG G 412 14.67 54.87 -87.92
C ARG G 412 14.79 56.38 -87.95
N ARG G 413 14.28 57.05 -86.91
CA ARG G 413 14.37 58.51 -86.88
C ARG G 413 15.81 58.99 -86.87
N LYS G 414 16.71 58.20 -86.30
CA LYS G 414 18.13 58.53 -86.34
C LYS G 414 18.71 58.45 -87.75
N ARG G 415 17.93 57.99 -88.74
CA ARG G 415 18.35 57.78 -90.13
C ARG G 415 19.45 56.73 -90.20
N LYS G 416 19.60 55.90 -89.18
CA LYS G 416 20.68 54.91 -89.16
C LYS G 416 20.35 53.71 -90.04
N LEU G 417 19.07 53.47 -90.33
CA LEU G 417 18.62 52.41 -91.20
C LEU G 417 17.43 52.92 -92.01
N PRO G 418 17.43 52.71 -93.32
CA PRO G 418 16.32 53.21 -94.14
C PRO G 418 14.95 52.65 -93.74
N ASP G 419 13.90 53.34 -94.18
CA ASP G 419 12.54 53.05 -93.73
C ASP G 419 12.07 51.68 -94.21
N PHE G 420 11.18 51.09 -93.42
CA PHE G 420 10.60 49.79 -93.78
C PHE G 420 9.68 49.95 -94.98
N PRO G 421 9.62 48.95 -95.85
CA PRO G 421 8.61 48.96 -96.92
C PRO G 421 7.21 48.81 -96.35
N ARG G 422 6.24 49.41 -97.03
CA ARG G 422 4.85 49.40 -96.59
C ARG G 422 3.99 48.69 -97.63
N SER G 423 2.89 48.12 -97.15
CA SER G 423 2.00 47.37 -98.04
C SER G 423 1.33 48.30 -99.03
N GLU G 424 1.17 47.81 -100.27
CA GLU G 424 0.44 48.59 -101.27
C GLU G 424 -1.06 48.56 -101.02
N VAL G 425 -1.59 47.38 -100.66
CA VAL G 425 -3.03 47.25 -100.46
C VAL G 425 -3.48 47.97 -99.19
N THR G 426 -2.73 47.79 -98.09
CA THR G 426 -3.15 48.27 -96.78
C THR G 426 -2.29 49.38 -96.22
N GLY G 427 -0.98 49.37 -96.48
CA GLY G 427 -0.08 50.34 -95.91
C GLY G 427 0.67 49.87 -94.67
N GLU G 428 0.30 48.72 -94.11
CA GLU G 428 1.02 48.20 -92.95
C GLU G 428 2.43 47.77 -93.34
N PRO G 429 3.39 47.87 -92.42
CA PRO G 429 4.75 47.43 -92.73
C PRO G 429 4.79 45.96 -93.10
N LEU G 430 5.66 45.62 -94.06
CA LEU G 430 5.76 44.25 -94.54
C LEU G 430 6.40 43.32 -93.52
N ILE G 431 6.95 43.85 -92.43
CA ILE G 431 7.63 43.04 -91.42
C ILE G 431 7.07 43.41 -90.06
N LYS G 432 6.66 42.39 -89.30
CA LYS G 432 6.05 42.56 -87.98
C LYS G 432 6.91 41.86 -86.92
N GLU G 433 6.37 41.81 -85.71
CA GLU G 433 7.14 41.40 -84.53
C GLU G 433 6.41 40.30 -83.76
N LYS G 434 7.15 39.66 -82.86
CA LYS G 434 6.64 38.56 -82.07
C LYS G 434 7.44 38.49 -80.76
N ALA G 435 6.77 38.08 -79.68
CA ALA G 435 7.37 38.03 -78.35
C ALA G 435 7.52 36.58 -77.91
N VAL G 436 8.70 36.25 -77.39
CA VAL G 436 9.04 34.88 -76.99
C VAL G 436 9.31 34.87 -75.49
N THR G 437 8.63 33.97 -74.77
CA THR G 437 8.75 33.89 -73.33
C THR G 437 8.84 32.44 -72.86
N GLY G 438 9.77 32.19 -71.95
CA GLY G 438 9.76 30.94 -71.19
C GLY G 438 10.22 29.74 -72.00
N ILE G 439 9.37 28.71 -72.02
CA ILE G 439 9.72 27.46 -72.68
C ILE G 439 9.95 27.67 -74.17
N GLU G 440 9.28 28.66 -74.77
CA GLU G 440 9.54 28.99 -76.17
C GLU G 440 10.98 29.43 -76.38
N ALA G 441 11.47 30.31 -75.49
CA ALA G 441 12.86 30.74 -75.58
C ALA G 441 13.82 29.60 -75.27
N ILE G 442 13.47 28.75 -74.31
CA ILE G 442 14.33 27.61 -73.97
C ILE G 442 14.42 26.64 -75.14
N GLY G 443 13.32 26.43 -75.84
CA GLY G 443 13.24 25.40 -76.86
C GLY G 443 13.14 25.88 -78.29
N ARG G 444 13.53 27.13 -78.57
CA ARG G 444 13.83 27.47 -79.97
C ARG G 444 14.94 26.57 -80.50
N GLY G 445 15.96 26.32 -79.67
CA GLY G 445 16.95 25.32 -80.01
C GLY G 445 16.33 23.94 -80.19
N ASP G 446 15.30 23.62 -79.40
CA ASP G 446 14.62 22.35 -79.59
C ASP G 446 13.84 22.30 -80.90
N ASP G 447 13.30 23.43 -81.34
CA ASP G 447 12.67 23.50 -82.66
C ASP G 447 13.67 23.27 -83.77
N ARG G 448 14.84 23.91 -83.66
CA ARG G 448 15.93 23.65 -84.61
C ARG G 448 16.32 22.18 -84.59
N ASN G 449 16.42 21.60 -83.40
CA ASN G 449 16.76 20.19 -83.26
C ASN G 449 15.68 19.29 -83.86
N LYS G 450 14.42 19.69 -83.72
CA LYS G 450 13.34 18.91 -84.33
C LYS G 450 13.43 18.93 -85.85
N LEU G 451 13.71 20.11 -86.43
CA LEU G 451 13.86 20.18 -87.88
C LEU G 451 15.05 19.33 -88.34
N ILE G 452 16.18 19.46 -87.65
CA ILE G 452 17.38 18.71 -88.02
C ILE G 452 17.17 17.21 -87.83
N ASP G 453 16.44 16.83 -86.77
CA ASP G 453 16.17 15.42 -86.51
C ASP G 453 15.22 14.84 -87.53
N PHE G 454 14.24 15.64 -88.00
CA PHE G 454 13.39 15.19 -89.09
C PHE G 454 14.20 14.96 -90.35
N ILE G 455 15.12 15.88 -90.65
CA ILE G 455 15.98 15.73 -91.82
C ILE G 455 16.84 14.48 -91.69
N THR G 456 17.43 14.28 -90.51
CA THR G 456 18.30 13.13 -90.27
C THR G 456 17.52 11.82 -90.34
N THR G 457 16.30 11.80 -89.78
CA THR G 457 15.47 10.59 -89.84
C THR G 457 15.10 10.26 -91.29
N ALA G 458 14.76 11.29 -92.07
CA ALA G 458 14.50 11.04 -93.49
C ALA G 458 15.74 10.49 -94.19
N ASN G 459 16.91 11.06 -93.89
CA ASN G 459 18.15 10.57 -94.51
C ASN G 459 18.43 9.13 -94.12
N GLN G 460 18.20 8.78 -92.85
CA GLN G 460 18.37 7.40 -92.40
C GLN G 460 17.41 6.47 -93.13
N ALA G 461 16.15 6.89 -93.26
CA ALA G 461 15.16 6.04 -93.89
C ALA G 461 15.44 5.83 -95.36
N LEU G 462 16.00 6.84 -96.05
CA LEU G 462 16.13 6.78 -97.50
C LEU G 462 17.58 6.55 -97.92
N GLY G 463 18.56 7.06 -97.17
CA GLY G 463 19.94 6.72 -97.40
C GLY G 463 20.63 7.61 -98.39
N PRO G 464 21.74 7.13 -98.98
CA PRO G 464 22.35 7.84 -100.10
C PRO G 464 21.36 8.22 -101.19
N GLN G 465 20.36 7.37 -101.46
CA GLN G 465 19.37 7.67 -102.49
C GLN G 465 18.46 8.80 -102.09
N ALA G 466 18.56 9.30 -100.85
CA ALA G 466 17.65 10.35 -100.40
C ALA G 466 17.77 11.59 -101.28
N MET G 467 18.97 11.98 -101.63
CA MET G 467 19.27 13.35 -102.05
C MET G 467 18.63 13.74 -103.41
N THR G 468 17.58 13.04 -103.84
CA THR G 468 16.95 13.25 -105.15
C THR G 468 15.77 14.22 -105.16
N GLN G 469 14.63 13.94 -104.49
CA GLN G 469 13.43 14.71 -104.86
C GLN G 469 12.41 15.11 -103.78
N PHE G 470 12.63 14.90 -102.47
CA PHE G 470 11.76 15.47 -101.44
C PHE G 470 12.43 16.48 -100.52
N LEU G 471 13.41 16.08 -99.71
CA LEU G 471 13.86 16.87 -98.56
C LEU G 471 15.31 17.31 -98.76
N ASN G 472 15.51 18.62 -98.83
CA ASN G 472 16.75 19.18 -99.36
C ASN G 472 17.92 18.96 -98.39
N VAL G 473 19.09 18.68 -98.95
CA VAL G 473 20.29 18.44 -98.15
C VAL G 473 20.89 19.76 -97.64
N GLU G 474 20.28 20.88 -97.97
CA GLU G 474 20.44 22.16 -97.27
C GLU G 474 21.85 22.76 -97.36
N GLU G 475 22.79 22.13 -98.08
CA GLU G 475 23.93 22.83 -98.68
C GLU G 475 24.68 23.80 -97.76
N ALA G 476 25.41 23.34 -96.74
CA ALA G 476 25.96 24.29 -95.78
C ALA G 476 27.37 24.83 -96.13
N LEU G 477 27.50 25.93 -96.90
CA LEU G 477 28.69 26.80 -96.83
C LEU G 477 28.37 28.31 -96.85
N ARG G 478 27.40 28.75 -97.65
CA ARG G 478 27.28 30.17 -98.01
C ARG G 478 26.32 30.94 -97.10
N ARG G 479 25.03 30.58 -97.12
CA ARG G 479 23.97 31.45 -96.60
C ARG G 479 23.91 31.50 -95.08
N LEU G 480 23.95 30.35 -94.40
CA LEU G 480 24.00 30.37 -92.94
C LEU G 480 25.27 31.02 -92.42
N ALA G 481 26.30 31.17 -93.25
CA ALA G 481 27.41 32.05 -92.91
C ALA G 481 26.97 33.51 -92.92
N ALA G 482 25.98 33.82 -93.75
CA ALA G 482 25.33 35.13 -93.72
C ALA G 482 24.14 35.18 -92.77
N SER G 483 23.67 34.03 -92.28
CA SER G 483 22.64 33.95 -91.26
C SER G 483 23.31 34.04 -89.90
N GLY G 484 22.62 34.65 -88.95
CA GLY G 484 23.30 35.06 -87.73
C GLY G 484 24.40 36.06 -88.01
N SER G 485 24.18 36.96 -88.97
CA SER G 485 25.15 37.94 -89.46
C SER G 485 26.33 37.29 -90.17
N ILE G 486 27.46 37.99 -90.23
CA ILE G 486 28.64 37.64 -91.01
C ILE G 486 28.26 37.58 -92.49
N ASP G 487 29.24 37.68 -93.38
CA ASP G 487 28.97 37.66 -94.81
C ASP G 487 29.34 36.31 -95.42
N THR G 488 28.97 36.16 -96.68
CA THR G 488 29.33 34.98 -97.48
C THR G 488 30.76 35.15 -98.00
N THR G 489 31.13 34.32 -98.97
CA THR G 489 32.46 34.28 -99.59
C THR G 489 33.50 33.72 -98.63
N ASN G 490 34.68 34.33 -98.61
CA ASN G 490 35.83 33.86 -97.83
C ASN G 490 36.25 32.48 -98.35
N LEU G 491 35.80 31.40 -97.71
CA LEU G 491 35.98 30.08 -98.31
C LEU G 491 35.26 29.99 -99.65
N VAL G 492 34.08 30.58 -99.74
CA VAL G 492 33.15 30.26 -100.83
C VAL G 492 33.80 30.59 -102.15
N LYS G 493 34.07 29.57 -102.95
CA LYS G 493 34.42 29.79 -104.35
C LYS G 493 33.15 30.32 -105.00
N THR G 494 33.10 31.63 -105.25
CA THR G 494 31.86 32.25 -105.72
C THR G 494 31.41 31.61 -107.03
N LYS G 495 30.10 31.65 -107.27
CA LYS G 495 29.56 31.08 -108.49
C LYS G 495 30.28 31.62 -109.71
N ALA G 496 30.62 32.92 -109.70
CA ALA G 496 31.44 33.47 -110.78
C ALA G 496 32.83 32.83 -110.80
N GLN G 497 33.48 32.73 -109.63
CA GLN G 497 34.81 32.13 -109.58
C GLN G 497 34.76 30.64 -109.91
N LEU G 498 33.73 29.93 -109.43
CA LEU G 498 33.60 28.52 -109.76
C LEU G 498 33.39 28.32 -111.25
N GLN G 499 32.56 29.15 -111.87
CA GLN G 499 32.37 29.05 -113.32
C GLN G 499 33.65 29.37 -114.07
N GLN G 500 34.39 30.38 -113.61
CA GLN G 500 35.66 30.71 -114.26
C GLN G 500 36.65 29.55 -114.17
N GLU G 501 36.75 28.94 -112.99
CA GLU G 501 37.68 27.82 -112.83
C GLU G 501 37.22 26.60 -113.62
N ALA G 502 35.90 26.36 -113.69
CA ALA G 502 35.40 25.28 -114.52
C ALA G 502 35.72 25.52 -115.99
N ALA G 503 35.59 26.76 -116.45
CA ALA G 503 35.95 27.10 -117.82
C ALA G 503 37.44 26.90 -118.07
N ALA G 504 38.27 27.29 -117.11
CA ALA G 504 39.71 27.07 -117.24
C ALA G 504 40.03 25.59 -117.30
N GLN G 505 39.39 24.78 -116.45
CA GLN G 505 39.59 23.33 -116.48
C GLN G 505 39.16 22.75 -117.81
N ALA G 506 38.01 23.20 -118.33
CA ALA G 506 37.53 22.71 -119.62
C ALA G 506 38.50 23.07 -120.74
N GLU G 507 39.03 24.30 -120.72
CA GLU G 507 40.01 24.70 -121.72
C GLU G 507 41.28 23.87 -121.61
N ALA G 508 41.73 23.60 -120.39
CA ALA G 508 42.94 22.80 -120.20
C ALA G 508 42.74 21.38 -120.71
N GLU G 509 41.60 20.75 -120.40
CA GLU G 509 41.38 19.40 -120.87
C GLU G 509 41.15 19.36 -122.37
N GLN G 510 40.57 20.41 -122.94
CA GLN G 510 40.46 20.49 -124.41
C GLN G 510 41.83 20.60 -125.04
N GLN G 511 42.72 21.41 -124.46
CA GLN G 511 44.10 21.48 -124.94
C GLN G 511 44.77 20.12 -124.85
N ALA G 512 44.48 19.37 -123.78
CA ALA G 512 44.94 17.99 -123.71
C ALA G 512 44.39 17.17 -124.87
N GLN G 513 43.10 17.33 -125.17
CA GLN G 513 42.51 16.66 -126.32
C GLN G 513 42.99 17.29 -127.63
N GLN G 514 43.21 18.61 -127.65
CA GLN G 514 43.75 19.24 -128.84
C GLN G 514 45.14 18.69 -129.13
N GLN G 515 45.36 18.33 -130.39
CA GLN G 515 46.60 17.68 -130.84
C GLN G 515 46.97 16.50 -129.94
N GLN G 516 45.93 15.79 -129.50
CA GLN G 516 46.11 14.65 -128.61
C GLN G 516 47.08 13.65 -129.23
N LEU G 517 48.25 13.52 -128.61
CA LEU G 517 49.39 12.85 -129.24
C LEU G 517 49.59 13.38 -130.65
N LEU G 518 49.20 12.59 -131.65
CA LEU G 518 49.34 12.96 -133.05
C LEU G 518 50.81 13.13 -133.39
N GLU G 519 51.44 14.20 -132.89
CA GLU G 519 52.75 14.62 -133.36
C GLU G 519 53.79 13.50 -133.23
N THR G 520 53.60 12.61 -132.26
CA THR G 520 54.40 11.40 -132.17
C THR G 520 53.58 10.13 -132.26
N GLY G 521 52.29 10.18 -131.90
CA GLY G 521 51.50 8.97 -131.87
C GLY G 521 51.08 8.46 -133.23
N ILE G 522 51.14 9.33 -134.25
CA ILE G 522 50.67 8.95 -135.59
C ILE G 522 51.42 7.72 -136.10
N LYS G 523 50.76 7.00 -137.01
CA LYS G 523 51.21 5.70 -137.49
C LYS G 523 52.70 5.64 -137.80
N SER G 524 53.15 6.42 -138.77
CA SER G 524 54.54 6.49 -139.21
C SER G 524 54.72 7.80 -139.93
N PRO G 525 55.94 8.31 -140.04
CA PRO G 525 56.11 9.65 -140.62
C PRO G 525 55.87 9.67 -142.12
N ALA G 526 54.68 9.21 -142.53
CA ALA G 526 54.30 9.30 -143.93
C ALA G 526 54.21 10.75 -144.38
N MET G 527 53.61 11.62 -143.56
CA MET G 527 53.53 13.03 -143.89
C MET G 527 54.91 13.69 -143.85
N ALA G 528 55.78 13.24 -142.94
CA ALA G 528 57.15 13.78 -142.92
C ALA G 528 57.88 13.42 -144.20
N GLN G 529 57.78 12.16 -144.64
CA GLN G 529 58.43 11.77 -145.89
C GLN G 529 57.80 12.46 -147.09
N ALA G 530 56.48 12.67 -147.03
CA ALA G 530 55.81 13.43 -148.09
C ALA G 530 56.30 14.87 -148.14
N VAL G 531 56.52 15.47 -146.97
CA VAL G 531 57.06 16.83 -146.92
C VAL G 531 58.47 16.86 -147.50
N LYS G 532 59.25 15.81 -147.21
CA LYS G 532 60.57 15.69 -147.82
C LYS G 532 60.47 15.62 -149.35
N ASN G 533 59.51 14.84 -149.85
CA ASN G 533 59.34 14.73 -151.30
C ASN G 533 58.89 16.04 -151.91
N PHE G 534 57.98 16.75 -151.23
CA PHE G 534 57.51 18.04 -151.71
C PHE G 534 58.63 19.06 -151.76
N GLN G 535 59.40 19.17 -150.68
CA GLN G 535 60.46 20.18 -150.61
C GLN G 535 61.55 19.89 -151.63
N GLY G 536 61.86 18.61 -151.84
CA GLY G 536 62.90 18.23 -152.77
C GLY G 536 62.47 18.26 -154.23
N ALA G 537 61.42 17.51 -154.56
CA ALA G 537 61.00 17.35 -155.95
C ALA G 537 60.23 18.56 -156.46
N ASP G 538 60.92 19.47 -157.15
CA ASP G 538 60.34 20.59 -157.89
C ASP G 538 59.33 21.35 -157.04
N PRO G 539 59.80 22.18 -156.09
CA PRO G 539 58.88 22.80 -155.11
C PRO G 539 57.69 23.53 -155.72
N GLU G 540 57.81 24.04 -156.94
CA GLU G 540 56.64 24.67 -157.58
C GLU G 540 55.58 23.63 -157.91
N ARG G 541 55.99 22.47 -158.43
CA ARG G 541 55.04 21.38 -158.64
C ARG G 541 54.57 20.82 -157.30
N ALA G 542 55.39 20.93 -156.26
CA ALA G 542 54.91 20.61 -154.92
C ALA G 542 53.79 21.55 -154.49
N ALA G 543 53.92 22.85 -154.81
CA ALA G 543 52.87 23.80 -154.50
C ALA G 543 51.60 23.51 -155.30
N GLN G 544 51.75 23.12 -156.57
CA GLN G 544 50.56 22.78 -157.36
C GLN G 544 49.92 21.49 -156.85
N ALA G 545 50.72 20.55 -156.36
CA ALA G 545 50.17 19.37 -155.71
C ALA G 545 49.47 19.70 -154.41
N LEU G 546 49.99 20.68 -153.65
CA LEU G 546 49.29 21.14 -152.45
C LEU G 546 47.98 21.83 -152.83
N SER G 547 47.96 22.52 -153.96
CA SER G 547 46.70 23.07 -154.47
C SER G 547 45.72 21.96 -154.79
N ALA G 548 46.21 20.86 -155.39
CA ALA G 548 45.35 19.70 -155.62
C ALA G 548 44.86 19.11 -154.30
N ILE G 549 45.72 19.12 -153.27
CA ILE G 549 45.31 18.68 -151.94
C ILE G 549 44.14 19.53 -151.44
N THR G 550 44.29 20.85 -151.52
CA THR G 550 43.23 21.76 -151.09
C THR G 550 42.04 21.72 -152.04
N SER G 551 42.18 21.09 -153.20
CA SER G 551 41.06 20.84 -154.09
C SER G 551 40.29 19.57 -153.73
N GLU G 552 40.97 18.54 -153.24
CA GLU G 552 40.27 17.37 -152.71
C GLU G 552 39.37 17.75 -151.55
N THR G 553 39.72 18.80 -150.82
CA THR G 553 38.94 19.38 -149.74
C THR G 553 38.57 20.81 -150.14
N GLY G 554 38.06 21.58 -149.18
CA GLY G 554 37.77 22.98 -149.45
C GLY G 554 37.17 23.69 -148.27
N GLY G 555 36.69 24.90 -148.53
CA GLY G 555 36.03 25.71 -147.52
C GLY G 555 36.96 26.21 -146.43
N ILE G 556 38.25 26.35 -146.74
CA ILE G 556 39.24 26.84 -145.81
C ILE G 556 40.14 27.83 -146.52
N ASP G 557 40.31 29.01 -145.93
CA ASP G 557 41.17 30.04 -146.51
C ASP G 557 42.62 29.60 -146.44
N ALA G 558 43.33 29.71 -147.57
CA ALA G 558 44.76 29.43 -147.59
C ALA G 558 45.56 30.48 -146.85
N ASP G 559 44.99 31.68 -146.64
CA ASP G 559 45.67 32.71 -145.87
C ASP G 559 45.77 32.34 -144.39
N GLN G 560 45.00 31.34 -143.93
CA GLN G 560 45.18 30.82 -142.59
C GLN G 560 46.32 29.81 -142.51
N LEU G 561 46.79 29.30 -143.65
CA LEU G 561 47.93 28.40 -143.64
C LEU G 561 49.23 29.15 -143.38
N THR G 562 49.28 30.44 -143.71
CA THR G 562 50.48 31.26 -143.52
C THR G 562 50.45 32.02 -142.20
N GLU G 563 49.80 31.49 -141.16
CA GLU G 563 49.80 32.10 -139.84
C GLU G 563 50.14 31.07 -138.76
N ALA G 564 50.58 29.88 -139.17
CA ALA G 564 50.94 28.82 -138.23
C ALA G 564 52.42 28.89 -137.87
N MET H 1 97.60 2.53 -30.75
CA MET H 1 97.96 2.57 -32.17
C MET H 1 97.56 3.89 -32.81
N LYS H 2 97.17 3.81 -34.09
CA LYS H 2 96.88 5.00 -34.89
C LYS H 2 95.49 5.51 -34.52
N THR H 3 95.45 6.59 -33.74
CA THR H 3 94.19 7.25 -33.39
C THR H 3 93.72 8.08 -34.58
N ARG H 4 92.86 7.51 -35.41
CA ARG H 4 92.31 8.21 -36.58
C ARG H 4 90.80 8.29 -36.44
N LEU H 5 90.33 9.32 -35.72
CA LEU H 5 88.93 9.64 -35.67
C LEU H 5 88.56 10.76 -36.64
N THR H 6 89.55 11.49 -37.15
CA THR H 6 89.33 12.57 -38.10
C THR H 6 89.88 12.16 -39.45
N ASN H 7 89.16 12.55 -40.51
CA ASN H 7 89.57 12.22 -41.87
C ASN H 7 90.86 12.95 -42.23
N ASN H 8 91.65 12.30 -43.08
CA ASN H 8 92.99 12.75 -43.43
C ASN H 8 93.00 13.64 -44.66
N VAL H 9 91.92 14.38 -44.89
CA VAL H 9 91.78 15.19 -46.09
C VAL H 9 92.34 16.60 -45.88
N ASP H 10 92.05 17.23 -44.74
CA ASP H 10 92.49 18.58 -44.48
C ASP H 10 93.53 18.65 -43.36
N ARG H 11 94.22 17.54 -43.09
CA ARG H 11 95.24 17.55 -42.06
C ARG H 11 96.41 18.45 -42.46
N GLN H 12 96.98 19.11 -41.47
CA GLN H 12 97.99 20.14 -41.70
C GLN H 12 99.04 20.06 -40.60
N SER H 13 99.92 21.05 -40.56
CA SER H 13 100.92 21.12 -39.51
C SER H 13 100.31 21.74 -38.25
N ALA H 14 101.09 21.74 -37.17
CA ALA H 14 100.63 22.28 -35.90
C ALA H 14 100.52 23.80 -36.00
N LEU H 15 99.30 24.31 -36.13
CA LEU H 15 99.06 25.73 -36.26
C LEU H 15 98.49 26.38 -35.01
N TYR H 16 97.86 25.60 -34.12
CA TYR H 16 97.29 26.12 -32.89
C TYR H 16 97.98 25.45 -31.71
N GLY H 17 98.44 26.25 -30.76
CA GLY H 17 99.10 25.77 -29.57
C GLY H 17 98.17 25.71 -28.39
N SER H 18 98.74 25.87 -27.20
CA SER H 18 98.00 25.87 -25.94
C SER H 18 97.81 27.28 -25.39
N SER H 19 97.48 28.23 -26.26
CA SER H 19 97.41 29.64 -25.89
C SER H 19 96.15 29.88 -25.05
N GLY H 20 96.26 29.57 -23.76
CA GLY H 20 95.21 29.85 -22.81
C GLY H 20 94.37 28.63 -22.44
N GLY H 21 94.69 28.04 -21.28
CA GLY H 21 93.90 26.94 -20.76
C GLY H 21 93.92 25.70 -21.63
N THR H 22 93.10 24.73 -21.21
CA THR H 22 92.91 23.49 -21.93
C THR H 22 91.43 23.30 -22.21
N ALA H 23 91.13 22.48 -23.23
CA ALA H 23 89.73 22.25 -23.59
C ALA H 23 88.96 21.62 -22.46
N ALA H 24 89.65 20.90 -21.56
CA ALA H 24 88.96 20.31 -20.41
C ALA H 24 88.36 21.39 -19.52
N GLN H 25 89.11 22.47 -19.28
CA GLN H 25 88.57 23.56 -18.47
C GLN H 25 87.38 24.21 -19.14
N ARG H 26 87.44 24.41 -20.46
CA ARG H 26 86.30 25.01 -21.16
C ARG H 26 85.07 24.10 -21.07
N TYR H 27 85.27 22.79 -21.21
CA TYR H 27 84.16 21.85 -21.10
C TYR H 27 83.57 21.89 -19.70
N GLU H 28 84.43 21.94 -18.69
CA GLU H 28 83.94 22.02 -17.31
C GLU H 28 83.17 23.31 -17.07
N GLN H 29 83.59 24.40 -17.71
CA GLN H 29 82.88 25.67 -17.55
C GLN H 29 81.52 25.64 -18.23
N LEU H 30 81.45 25.04 -19.43
CA LEU H 30 80.22 25.08 -20.20
C LEU H 30 79.21 24.01 -19.80
N ARG H 31 79.62 22.97 -19.08
CA ARG H 31 78.66 21.94 -18.69
C ARG H 31 77.60 22.49 -17.74
N VAL H 32 77.93 23.53 -16.97
CA VAL H 32 76.96 24.13 -16.07
C VAL H 32 75.78 24.68 -16.85
N ASP H 33 76.06 25.40 -17.95
CA ASP H 33 75.00 25.87 -18.82
C ASP H 33 74.31 24.71 -19.52
N ARG H 34 75.09 23.72 -19.98
CA ARG H 34 74.51 22.59 -20.69
C ARG H 34 73.60 21.72 -19.83
N ASN H 35 73.64 21.88 -18.51
CA ASN H 35 72.92 20.99 -17.61
C ASN H 35 71.43 20.88 -17.95
N SER H 36 70.70 22.00 -17.85
CA SER H 36 69.23 21.93 -17.86
C SER H 36 68.66 21.29 -19.12
N PRO H 37 69.08 21.63 -20.34
CA PRO H 37 68.52 20.94 -21.51
C PRO H 37 68.74 19.45 -21.48
N LEU H 38 69.85 18.99 -20.89
CA LEU H 38 70.04 17.55 -20.73
C LEU H 38 68.95 16.95 -19.86
N LYS H 39 68.59 17.63 -18.76
CA LYS H 39 67.53 17.12 -17.90
C LYS H 39 66.20 17.07 -18.64
N ARG H 40 65.89 18.13 -19.40
CA ARG H 40 64.63 18.14 -20.15
C ARG H 40 64.59 16.99 -21.16
N ALA H 41 65.69 16.81 -21.90
CA ALA H 41 65.74 15.73 -22.88
C ALA H 41 65.65 14.37 -22.21
N ARG H 42 66.29 14.21 -21.05
CA ARG H 42 66.25 12.94 -20.35
C ARG H 42 64.83 12.60 -19.89
N ASP H 43 64.11 13.59 -19.34
CA ASP H 43 62.75 13.32 -18.91
C ASP H 43 61.83 13.02 -20.11
N CYS H 44 61.99 13.77 -21.21
CA CYS H 44 61.19 13.48 -22.39
C CYS H 44 61.46 12.08 -22.91
N SER H 45 62.73 11.69 -22.98
CA SER H 45 63.06 10.34 -23.43
C SER H 45 62.46 9.31 -22.50
N LYS H 46 62.56 9.51 -21.19
CA LYS H 46 61.97 8.58 -20.25
C LYS H 46 60.48 8.42 -20.48
N VAL H 47 59.79 9.50 -20.84
CA VAL H 47 58.34 9.37 -21.00
C VAL H 47 57.98 8.77 -22.37
N THR H 48 58.86 8.87 -23.37
CA THR H 48 58.53 8.23 -24.66
C THR H 48 59.22 6.88 -24.85
N ILE H 49 60.55 6.84 -24.77
CA ILE H 49 61.30 5.59 -24.96
C ILE H 49 62.26 5.42 -23.79
N PRO H 50 62.02 4.45 -22.91
CA PRO H 50 62.67 4.50 -21.58
C PRO H 50 64.19 4.53 -21.59
N GLY H 51 64.83 3.83 -22.53
CA GLY H 51 66.27 3.68 -22.45
C GLY H 51 67.08 4.39 -23.51
N LEU H 52 66.48 5.34 -24.23
CA LEU H 52 67.18 5.98 -25.33
C LEU H 52 68.31 6.88 -24.82
N ILE H 53 67.94 7.90 -24.06
CA ILE H 53 68.92 8.77 -23.41
C ILE H 53 69.01 8.33 -21.95
N GLU H 54 70.22 8.00 -21.51
CA GLU H 54 70.42 7.35 -20.22
C GLU H 54 71.28 8.19 -19.29
N ASP H 55 71.11 7.97 -18.00
CA ASP H 55 71.99 8.56 -17.00
C ASP H 55 73.36 7.87 -17.05
N GLU H 56 74.36 8.53 -16.46
CA GLU H 56 75.72 8.02 -16.50
C GLU H 56 75.91 6.75 -15.68
N ASN H 57 74.93 6.38 -14.85
CA ASN H 57 75.03 5.16 -14.05
C ASN H 57 73.83 4.24 -14.27
N TYR H 58 73.37 4.15 -15.52
CA TYR H 58 72.36 3.19 -15.93
C TYR H 58 72.76 2.52 -17.24
N GLY H 59 74.02 2.10 -17.32
CA GLY H 59 74.56 1.50 -18.53
C GLY H 59 74.66 -0.01 -18.47
N ASP H 60 75.86 -0.50 -18.17
CA ASP H 60 76.18 -1.93 -18.18
C ASP H 60 75.21 -2.75 -17.34
N ALA H 61 74.89 -2.28 -16.13
CA ALA H 61 74.05 -3.03 -15.19
C ALA H 61 72.97 -2.16 -14.60
N GLY H 62 72.28 -1.40 -15.46
CA GLY H 62 71.13 -0.63 -15.04
C GLY H 62 69.84 -1.22 -15.59
N ARG H 63 68.75 -0.97 -14.87
CA ARG H 63 67.43 -1.43 -15.28
C ARG H 63 66.51 -0.24 -15.54
N LEU H 64 65.83 -0.27 -16.67
CA LEU H 64 64.86 0.75 -17.05
C LEU H 64 63.45 0.25 -16.79
N ASP H 65 62.51 1.19 -16.76
CA ASP H 65 61.11 0.90 -16.51
C ASP H 65 60.33 0.84 -17.82
N THR H 66 59.02 0.65 -17.70
CA THR H 66 58.13 0.70 -18.84
C THR H 66 56.92 1.58 -18.53
N PRO H 67 56.45 2.36 -19.50
CA PRO H 67 55.26 3.17 -19.28
C PRO H 67 54.00 2.30 -19.38
N TYR H 68 52.86 2.96 -19.21
CA TYR H 68 51.55 2.31 -19.33
C TYR H 68 50.77 2.90 -20.50
N GLN H 69 51.48 3.46 -21.47
CA GLN H 69 50.89 3.91 -22.72
C GLN H 69 51.95 3.85 -23.81
N SER H 70 51.53 3.56 -25.03
CA SER H 70 52.44 3.35 -26.15
C SER H 70 52.27 4.37 -27.26
N SER H 71 51.51 5.45 -27.02
CA SER H 71 51.35 6.47 -28.05
C SER H 71 52.69 7.13 -28.38
N GLY H 72 53.50 7.41 -27.37
CA GLY H 72 54.76 8.09 -27.61
C GLY H 72 55.70 7.28 -28.49
N ALA H 73 55.88 6.01 -28.17
CA ALA H 73 56.81 5.17 -28.93
C ALA H 73 56.35 5.00 -30.37
N ARG H 74 55.08 4.68 -30.56
CA ARG H 74 54.54 4.50 -31.91
C ARG H 74 54.66 5.78 -32.71
N GLY H 75 54.31 6.92 -32.10
CA GLY H 75 54.39 8.19 -32.81
C GLY H 75 55.81 8.54 -33.19
N VAL H 76 56.76 8.36 -32.26
CA VAL H 76 58.15 8.68 -32.55
C VAL H 76 58.66 7.80 -33.70
N GLY H 77 58.41 6.50 -33.63
CA GLY H 77 58.87 5.63 -34.69
C GLY H 77 58.27 5.97 -36.04
N HIS H 78 56.95 6.18 -36.07
CA HIS H 78 56.27 6.47 -37.32
C HIS H 78 56.76 7.77 -37.93
N MET H 79 56.84 8.83 -37.11
CA MET H 79 57.27 10.13 -37.63
C MET H 79 58.71 10.08 -38.10
N THR H 80 59.59 9.42 -37.34
CA THR H 80 60.99 9.34 -37.74
C THR H 80 61.12 8.61 -39.08
N SER H 81 60.43 7.47 -39.22
CA SER H 81 60.52 6.73 -40.47
C SER H 81 60.00 7.54 -41.63
N LYS H 82 58.85 8.20 -41.46
CA LYS H 82 58.26 8.95 -42.56
C LYS H 82 59.14 10.13 -42.95
N LEU H 83 59.68 10.86 -41.97
CA LEU H 83 60.55 11.99 -42.27
C LEU H 83 61.81 11.53 -42.98
N ALA H 84 62.42 10.43 -42.51
CA ALA H 84 63.63 9.93 -43.16
C ALA H 84 63.34 9.49 -44.59
N VAL H 85 62.17 8.87 -44.81
CA VAL H 85 61.84 8.41 -46.15
C VAL H 85 61.62 9.59 -47.10
N THR H 86 60.85 10.59 -46.65
CA THR H 86 60.50 11.67 -47.56
C THR H 86 61.67 12.62 -47.77
N LEU H 87 62.56 12.75 -46.78
CA LEU H 87 63.66 13.71 -46.91
C LEU H 87 64.75 13.19 -47.85
N PHE H 88 64.96 11.88 -47.89
CA PHE H 88 65.99 11.26 -48.73
C PHE H 88 65.35 10.17 -49.55
N PRO H 89 64.56 10.53 -50.56
CA PRO H 89 63.88 9.50 -51.36
C PRO H 89 64.87 8.59 -52.06
N THR H 90 64.55 7.30 -52.10
CA THR H 90 65.39 6.32 -52.75
C THR H 90 65.24 6.35 -54.27
N ASN H 91 64.09 6.81 -54.76
CA ASN H 91 63.79 6.78 -56.19
C ASN H 91 64.41 7.99 -56.88
N GLU H 92 64.02 9.19 -56.46
CA GLU H 92 64.43 10.41 -57.14
C GLU H 92 65.53 11.12 -56.36
N HIS H 93 66.42 11.78 -57.10
CA HIS H 93 67.52 12.51 -56.48
C HIS H 93 66.99 13.58 -55.54
N PHE H 94 67.64 13.72 -54.39
CA PHE H 94 67.22 14.67 -53.37
C PHE H 94 67.90 16.02 -53.50
N PHE H 95 68.78 16.21 -54.48
CA PHE H 95 69.40 17.50 -54.72
C PHE H 95 69.64 17.66 -56.21
N LYS H 96 69.68 18.91 -56.66
CA LYS H 96 69.82 19.22 -58.07
C LYS H 96 70.98 20.18 -58.28
N LEU H 97 71.95 19.77 -59.09
CA LEU H 97 73.05 20.63 -59.51
C LEU H 97 72.65 21.27 -60.83
N GLU H 98 72.18 22.51 -60.77
CA GLU H 98 71.58 23.17 -61.92
C GLU H 98 72.53 24.22 -62.48
N ILE H 99 72.71 24.22 -63.79
CA ILE H 99 73.56 25.19 -64.45
C ILE H 99 72.92 26.57 -64.35
N ASP H 100 73.71 27.57 -63.96
CA ASP H 100 73.24 28.95 -63.88
C ASP H 100 73.30 29.55 -65.28
N SER H 101 72.15 29.63 -65.95
CA SER H 101 72.14 30.25 -67.27
C SER H 101 72.26 31.76 -67.19
N LEU H 102 72.27 32.33 -65.99
CA LEU H 102 72.69 33.72 -65.84
C LEU H 102 74.12 33.90 -66.33
N ALA H 103 75.01 32.98 -65.95
CA ALA H 103 76.37 33.01 -66.47
C ALA H 103 76.40 32.75 -67.97
N ILE H 104 75.47 31.92 -68.46
CA ILE H 104 75.37 31.69 -69.90
C ILE H 104 75.04 32.99 -70.62
N LEU H 105 74.07 33.74 -70.10
CA LEU H 105 73.69 35.02 -70.70
C LEU H 105 74.83 36.03 -70.60
N ALA H 106 75.50 36.08 -69.45
CA ALA H 106 76.58 37.04 -69.26
C ALA H 106 77.75 36.75 -70.19
N SER H 107 78.09 35.47 -70.36
CA SER H 107 79.21 35.08 -71.22
C SER H 107 78.80 34.94 -72.68
N ASP H 108 77.52 35.14 -73.00
CA ASP H 108 77.01 34.95 -74.36
C ASP H 108 77.29 33.53 -74.86
N GLN H 109 77.01 32.55 -74.00
CA GLN H 109 77.31 31.16 -74.29
C GLN H 109 76.43 30.63 -75.42
N ASN H 110 77.01 29.72 -76.21
CA ASN H 110 76.26 29.11 -77.29
C ASN H 110 75.27 28.10 -76.74
N PRO H 111 73.97 28.23 -77.05
CA PRO H 111 72.98 27.27 -76.54
C PRO H 111 73.18 25.85 -77.03
N GLU H 112 74.15 25.60 -77.92
CA GLU H 112 74.38 24.24 -78.39
C GLU H 112 75.11 23.40 -77.35
N MET H 113 75.90 24.03 -76.48
CA MET H 113 76.66 23.32 -75.46
C MET H 113 75.83 22.88 -74.26
N ILE H 114 74.57 23.32 -74.16
CA ILE H 114 73.78 23.02 -72.96
C ILE H 114 73.53 21.52 -72.85
N THR H 115 73.40 20.83 -73.97
CA THR H 115 73.20 19.37 -73.92
C THR H 115 74.39 18.68 -73.28
N GLU H 116 75.61 19.04 -73.70
CA GLU H 116 76.80 18.43 -73.14
C GLU H 116 76.97 18.82 -71.68
N PHE H 117 76.66 20.06 -71.34
CA PHE H 117 76.75 20.48 -69.95
C PHE H 117 75.78 19.71 -69.08
N ASP H 118 74.56 19.48 -69.58
CA ASP H 118 73.58 18.69 -68.83
C ASP H 118 74.04 17.25 -68.65
N SER H 119 74.62 16.67 -69.70
CA SER H 119 75.15 15.31 -69.57
C SER H 119 76.23 15.23 -68.50
N ALA H 120 77.18 16.18 -68.53
CA ALA H 120 78.23 16.19 -67.51
C ALA H 120 77.64 16.38 -66.13
N LEU H 121 76.64 17.26 -66.00
CA LEU H 121 76.06 17.54 -64.68
C LEU H 121 75.31 16.33 -64.14
N VAL H 122 74.57 15.61 -64.98
CA VAL H 122 73.88 14.43 -64.50
C VAL H 122 74.87 13.33 -64.12
N LYS H 123 75.98 13.23 -64.87
CA LYS H 123 77.03 12.29 -64.47
C LYS H 123 77.59 12.65 -63.10
N VAL H 124 77.86 13.93 -62.86
CA VAL H 124 78.39 14.36 -61.57
C VAL H 124 77.36 14.08 -60.47
N GLU H 125 76.09 14.34 -60.74
CA GLU H 125 75.04 14.10 -59.75
C GLU H 125 75.02 12.63 -59.34
N GLN H 126 74.99 11.72 -60.31
CA GLN H 126 74.94 10.32 -59.95
C GLN H 126 76.22 9.86 -59.26
N ALA H 127 77.37 10.43 -59.66
CA ALA H 127 78.61 10.08 -58.98
C ALA H 127 78.57 10.49 -57.52
N VAL H 128 78.08 11.70 -57.24
CA VAL H 128 78.00 12.18 -55.86
C VAL H 128 77.04 11.32 -55.06
N MET H 129 75.89 10.98 -55.63
CA MET H 129 74.95 10.12 -54.92
C MET H 129 75.52 8.75 -54.66
N ARG H 130 76.27 8.19 -55.61
CA ARG H 130 76.91 6.90 -55.40
C ARG H 130 77.92 6.97 -54.25
N MET H 131 78.73 8.02 -54.22
CA MET H 131 79.73 8.12 -53.16
C MET H 131 79.03 8.27 -51.81
N PHE H 132 77.95 9.06 -51.76
CA PHE H 132 77.18 9.21 -50.53
C PHE H 132 76.62 7.88 -50.07
N GLU H 133 76.04 7.11 -50.99
CA GLU H 133 75.45 5.82 -50.61
C GLU H 133 76.52 4.83 -50.21
N THR H 134 77.76 5.04 -50.66
CA THR H 134 78.85 4.14 -50.28
C THR H 134 79.09 4.16 -48.77
N ILE H 135 79.06 5.34 -48.16
CA ILE H 135 79.41 5.49 -46.76
C ILE H 135 78.21 5.24 -45.87
N GLY H 136 77.10 4.79 -46.45
CA GLY H 136 75.95 4.38 -45.68
C GLY H 136 75.28 5.49 -44.89
N GLY H 137 74.97 6.60 -45.56
CA GLY H 137 74.43 7.75 -44.86
C GLY H 137 72.98 7.58 -44.41
N ARG H 138 72.28 6.60 -44.98
CA ARG H 138 70.87 6.43 -44.64
C ARG H 138 70.67 6.10 -43.16
N ALA H 139 71.45 5.15 -42.65
CA ALA H 139 71.29 4.74 -41.25
C ALA H 139 71.66 5.88 -40.31
N ALA H 140 72.75 6.60 -40.60
CA ALA H 140 73.13 7.73 -39.77
C ALA H 140 72.06 8.81 -39.80
N MET H 141 71.48 9.07 -40.98
CA MET H 141 70.40 10.04 -41.07
C MET H 141 69.21 9.62 -40.23
N HIS H 142 68.86 8.33 -40.28
CA HIS H 142 67.73 7.84 -39.51
C HIS H 142 67.97 8.03 -38.01
N GLU H 143 69.16 7.63 -37.54
CA GLU H 143 69.46 7.75 -36.12
C GLU H 143 69.50 9.22 -35.67
N ALA H 144 70.09 10.08 -36.49
CA ALA H 144 70.15 11.51 -36.16
C ALA H 144 68.76 12.11 -36.09
N LEU H 145 67.89 11.74 -37.03
CA LEU H 145 66.52 12.25 -37.00
C LEU H 145 65.79 11.77 -35.76
N LYS H 146 66.01 10.51 -35.36
CA LYS H 146 65.37 10.01 -34.15
C LYS H 146 65.81 10.81 -32.93
N HIS H 147 67.12 11.03 -32.77
CA HIS H 147 67.58 11.82 -31.64
C HIS H 147 67.08 13.26 -31.70
N LEU H 148 67.03 13.84 -32.90
CA LEU H 148 66.50 15.19 -33.04
C LEU H 148 65.06 15.27 -32.58
N LEU H 149 64.24 14.30 -32.97
CA LEU H 149 62.84 14.30 -32.56
C LEU H 149 62.70 14.13 -31.06
N VAL H 150 63.47 13.21 -30.47
CA VAL H 150 63.31 12.93 -29.05
C VAL H 150 64.02 13.98 -28.20
N GLY H 151 65.26 14.32 -28.56
CA GLY H 151 66.08 15.19 -27.73
C GLY H 151 66.06 16.65 -28.13
N GLY H 152 66.17 16.93 -29.43
CA GLY H 152 66.17 18.28 -29.92
C GLY H 152 67.52 18.84 -30.30
N ASN H 153 68.61 18.12 -30.02
CA ASN H 153 69.94 18.58 -30.40
C ASN H 153 70.79 17.38 -30.79
N VAL H 154 71.65 17.56 -31.78
CA VAL H 154 72.56 16.51 -32.22
C VAL H 154 73.66 17.13 -33.07
N LEU H 155 74.87 16.60 -32.99
CA LEU H 155 76.02 17.11 -33.72
C LEU H 155 76.53 16.04 -34.67
N LEU H 156 76.74 16.41 -35.92
CA LEU H 156 77.17 15.48 -36.96
C LEU H 156 78.62 15.72 -37.31
N TYR H 157 79.31 14.64 -37.69
CA TYR H 157 80.65 14.72 -38.24
C TYR H 157 80.68 13.97 -39.57
N VAL H 158 81.11 14.65 -40.62
CA VAL H 158 81.09 14.10 -41.97
C VAL H 158 82.53 13.83 -42.40
N SER H 159 82.80 12.60 -42.84
CA SER H 159 84.12 12.21 -43.30
C SER H 159 83.97 11.15 -44.37
N ASP H 160 85.05 10.92 -45.12
CA ASP H 160 85.02 9.93 -46.20
C ASP H 160 84.77 8.53 -45.66
N GLU H 161 85.33 8.22 -44.48
CA GLU H 161 85.16 6.89 -43.92
C GLU H 161 83.71 6.63 -43.52
N GLY H 162 83.05 7.60 -42.89
CA GLY H 162 81.68 7.42 -42.50
C GLY H 162 81.16 8.63 -41.77
N ILE H 163 79.88 8.57 -41.41
CA ILE H 163 79.20 9.63 -40.69
C ILE H 163 79.05 9.19 -39.24
N LYS H 164 79.57 9.99 -38.31
CA LYS H 164 79.52 9.69 -36.89
C LYS H 164 78.66 10.74 -36.19
N VAL H 165 77.67 10.28 -35.44
CA VAL H 165 76.78 11.16 -34.68
C VAL H 165 77.29 11.25 -33.26
N ILE H 166 76.96 12.35 -32.58
CA ILE H 166 77.33 12.56 -31.19
C ILE H 166 76.09 13.02 -30.44
N HIS H 167 75.79 12.34 -29.34
CA HIS H 167 74.60 12.65 -28.56
C HIS H 167 74.77 13.98 -27.83
N LEU H 168 73.65 14.51 -27.32
CA LEU H 168 73.68 15.80 -26.66
C LEU H 168 74.56 15.78 -25.42
N ASP H 169 74.69 14.63 -24.77
CA ASP H 169 75.41 14.55 -23.51
C ASP H 169 76.92 14.67 -23.65
N SER H 170 77.45 14.68 -24.88
CA SER H 170 78.89 14.61 -25.08
C SER H 170 79.46 15.81 -25.83
N TYR H 171 78.79 16.95 -25.81
CA TYR H 171 79.36 18.15 -26.41
C TYR H 171 78.70 19.38 -25.84
N VAL H 172 79.43 20.50 -25.89
CA VAL H 172 78.96 21.80 -25.43
C VAL H 172 79.36 22.85 -26.45
N LEU H 173 78.64 23.98 -26.43
CA LEU H 173 78.89 25.04 -27.38
C LEU H 173 78.29 26.34 -26.87
N CYS H 174 78.69 27.45 -27.52
CA CYS H 174 78.15 28.77 -27.26
C CYS H 174 77.65 29.38 -28.56
N ARG H 175 76.55 30.13 -28.48
CA ARG H 175 75.96 30.79 -29.63
C ARG H 175 75.71 32.25 -29.34
N ASP H 176 75.95 33.10 -30.33
CA ASP H 176 75.53 34.48 -30.24
C ASP H 176 74.01 34.55 -30.38
N PRO H 177 73.38 35.61 -29.86
CA PRO H 177 71.93 35.75 -30.02
C PRO H 177 71.48 35.80 -31.48
N MET H 178 72.35 36.23 -32.40
CA MET H 178 72.01 36.16 -33.82
C MET H 178 71.83 34.71 -34.27
N GLY H 179 72.68 33.80 -33.81
CA GLY H 179 72.53 32.39 -34.11
C GLY H 179 73.76 31.73 -34.70
N ASN H 180 74.90 32.40 -34.72
CA ASN H 180 76.12 31.83 -35.28
C ASN H 180 76.96 31.21 -34.17
N VAL H 181 77.25 29.92 -34.30
CA VAL H 181 78.04 29.23 -33.28
C VAL H 181 79.50 29.68 -33.40
N THR H 182 80.15 29.85 -32.25
CA THR H 182 81.54 30.30 -32.20
C THR H 182 82.52 29.22 -31.80
N GLU H 183 82.15 28.31 -30.90
CA GLU H 183 83.10 27.33 -30.38
C GLU H 183 82.34 26.08 -29.94
N ILE H 184 82.91 24.93 -30.28
CA ILE H 184 82.32 23.63 -29.94
C ILE H 184 83.39 22.77 -29.29
N VAL H 185 83.04 22.15 -28.17
CA VAL H 185 83.94 21.25 -27.45
C VAL H 185 83.28 19.88 -27.37
N VAL H 186 84.01 18.85 -27.79
CA VAL H 186 83.53 17.47 -27.79
C VAL H 186 84.44 16.64 -26.90
N GLU H 187 83.85 15.91 -25.95
CA GLU H 187 84.58 15.06 -25.03
C GLU H 187 84.16 13.61 -25.24
N GLU H 188 85.15 12.72 -25.34
CA GLU H 188 84.86 11.31 -25.57
C GLU H 188 85.86 10.49 -24.76
N GLU H 189 85.45 9.29 -24.36
CA GLU H 189 86.18 8.47 -23.40
C GLU H 189 86.44 7.11 -24.02
N ILE H 190 87.71 6.69 -24.08
CA ILE H 190 88.11 5.56 -24.90
C ILE H 190 89.14 4.71 -24.15
N PHE H 191 89.25 3.44 -24.54
CA PHE H 191 90.27 2.54 -24.00
C PHE H 191 91.66 3.01 -24.41
N LYS H 192 92.66 2.56 -23.66
CA LYS H 192 94.04 3.00 -23.89
C LYS H 192 94.76 2.19 -24.96
N ASP H 193 94.15 1.11 -25.48
CA ASP H 193 94.87 0.25 -26.42
C ASP H 193 95.07 0.91 -27.78
N ALA H 194 94.10 1.69 -28.25
CA ALA H 194 94.15 2.25 -29.60
C ALA H 194 94.97 3.53 -29.70
N LEU H 195 95.56 3.98 -28.61
CA LEU H 195 96.23 5.27 -28.55
C LEU H 195 97.69 5.17 -28.95
N PRO H 196 98.36 6.30 -29.21
CA PRO H 196 99.82 6.27 -29.36
C PRO H 196 100.51 5.82 -28.08
N GLU H 197 101.59 5.06 -28.25
CA GLU H 197 102.28 4.49 -27.10
C GLU H 197 103.12 5.51 -26.33
N GLU H 198 103.61 6.55 -27.01
CA GLU H 198 104.34 7.60 -26.30
C GLU H 198 103.42 8.32 -25.32
N TYR H 199 102.11 8.29 -25.55
CA TYR H 199 101.15 8.95 -24.69
C TYR H 199 100.61 8.04 -23.59
N LEU H 200 101.12 6.81 -23.49
CA LEU H 200 100.74 5.90 -22.42
C LEU H 200 101.60 6.19 -21.20
N ASP H 201 100.97 6.58 -20.11
CA ASP H 201 101.68 7.00 -18.92
C ASP H 201 102.21 5.79 -18.14
N GLU H 202 103.08 6.08 -17.17
CA GLU H 202 103.64 5.01 -16.35
C GLU H 202 102.56 4.29 -15.55
N GLU H 203 101.61 5.06 -14.99
CA GLU H 203 100.54 4.45 -14.20
C GLU H 203 99.70 3.52 -15.04
N ASP H 204 99.37 3.92 -16.28
CA ASP H 204 98.66 3.02 -17.18
C ASP H 204 99.52 1.80 -17.52
N ASP H 205 100.83 2.00 -17.72
CA ASP H 205 101.72 0.87 -17.96
C ASP H 205 101.82 -0.03 -16.73
N ASP H 206 101.71 0.54 -15.53
CA ASP H 206 101.77 -0.23 -14.31
C ASP H 206 100.50 -1.05 -14.06
N ASP H 207 99.46 -0.84 -14.85
CA ASP H 207 98.18 -1.52 -14.64
C ASP H 207 98.11 -2.79 -15.48
N ASP H 208 97.52 -3.82 -14.90
CA ASP H 208 97.21 -5.06 -15.62
C ASP H 208 95.79 -5.05 -16.17
N ASP H 209 95.09 -3.93 -16.06
CA ASP H 209 93.70 -3.80 -16.53
C ASP H 209 93.63 -3.05 -17.84
N MET H 210 94.57 -3.32 -18.76
CA MET H 210 94.58 -2.66 -20.06
C MET H 210 93.26 -2.85 -20.80
N GLY H 211 92.61 -3.99 -20.60
CA GLY H 211 91.30 -4.25 -21.15
C GLY H 211 90.15 -3.75 -20.30
N LYS H 212 90.44 -3.07 -19.19
CA LYS H 212 89.41 -2.52 -18.32
C LYS H 212 89.70 -1.11 -17.83
N LYS H 213 90.78 -0.48 -18.28
CA LYS H 213 91.10 0.89 -17.91
C LYS H 213 91.07 1.78 -19.15
N MET H 214 90.42 2.93 -19.04
CA MET H 214 90.21 3.84 -20.14
C MET H 214 90.69 5.24 -19.77
N VAL H 215 90.97 6.04 -20.80
CA VAL H 215 91.41 7.41 -20.63
C VAL H 215 90.65 8.30 -21.61
N LYS H 216 90.39 9.54 -21.20
CA LYS H 216 89.58 10.47 -21.97
C LYS H 216 90.39 11.12 -23.09
N ILE H 217 89.69 11.51 -24.15
CA ILE H 217 90.26 12.25 -25.27
C ILE H 217 89.30 13.38 -25.62
N TYR H 218 89.82 14.58 -25.76
CA TYR H 218 89.01 15.78 -25.98
C TYR H 218 89.16 16.28 -27.41
N THR H 219 88.28 17.20 -27.77
CA THR H 219 88.30 17.83 -29.09
C THR H 219 87.79 19.26 -28.95
N CYS H 220 88.47 20.20 -29.60
CA CYS H 220 88.11 21.60 -29.56
C CYS H 220 87.84 22.10 -30.98
N ILE H 221 86.78 22.90 -31.13
CA ILE H 221 86.39 23.45 -32.42
C ILE H 221 86.28 24.96 -32.27
N LYS H 222 86.87 25.71 -33.19
CA LYS H 222 86.76 27.15 -33.21
C LYS H 222 86.33 27.61 -34.59
N PHE H 223 85.46 28.61 -34.63
CA PHE H 223 84.89 29.13 -35.86
C PHE H 223 85.28 30.60 -35.98
N MET H 224 86.10 30.92 -36.98
CA MET H 224 86.56 32.29 -37.19
C MET H 224 86.90 32.49 -38.65
N ASP H 225 86.76 33.74 -39.10
CA ASP H 225 87.05 34.17 -40.48
C ASP H 225 86.58 33.12 -41.50
N ASP H 226 85.34 32.67 -41.32
CA ASP H 226 84.72 31.61 -42.12
C ASP H 226 85.68 30.45 -42.39
N GLN H 227 86.52 30.12 -41.41
CA GLN H 227 87.46 29.00 -41.52
C GLN H 227 87.50 28.30 -40.16
N CYS H 228 86.88 27.13 -40.08
CA CYS H 228 86.88 26.39 -38.83
C CYS H 228 88.27 25.86 -38.52
N HIS H 229 88.55 25.72 -37.23
CA HIS H 229 89.83 25.18 -36.74
C HIS H 229 89.55 24.16 -35.67
N TRP H 230 90.30 23.06 -35.70
CA TRP H 230 90.11 22.00 -34.72
C TRP H 230 91.41 21.25 -34.49
N TYR H 231 91.49 20.60 -33.34
CA TYR H 231 92.65 19.80 -32.96
C TYR H 231 92.25 18.88 -31.81
N GLN H 232 92.93 17.75 -31.74
CA GLN H 232 92.69 16.76 -30.69
C GLN H 232 93.78 16.84 -29.63
N GLU H 233 93.37 16.70 -28.37
CA GLU H 233 94.31 16.76 -27.27
C GLU H 233 94.02 15.64 -26.28
N ILE H 234 95.04 15.28 -25.51
CA ILE H 234 94.89 14.30 -24.45
C ILE H 234 95.87 14.64 -23.33
N LYS H 235 95.36 14.67 -22.09
CA LYS H 235 96.17 14.97 -20.92
C LYS H 235 96.89 16.31 -21.05
N GLY H 236 96.21 17.29 -21.65
CA GLY H 236 96.69 18.65 -21.68
C GLY H 236 97.65 19.00 -22.79
N LYS H 237 97.98 18.07 -23.68
CA LYS H 237 98.87 18.36 -24.79
C LYS H 237 98.30 17.78 -26.08
N GLU H 238 98.41 18.53 -27.16
CA GLU H 238 97.86 18.10 -28.43
C GLU H 238 98.65 16.93 -29.01
N VAL H 239 97.95 16.07 -29.72
CA VAL H 239 98.60 14.95 -30.41
C VAL H 239 99.04 15.42 -31.81
N PRO H 240 100.22 15.02 -32.26
CA PRO H 240 100.70 15.49 -33.57
C PRO H 240 99.84 14.98 -34.70
N GLY H 241 99.74 15.79 -35.75
CA GLY H 241 99.09 15.38 -36.98
C GLY H 241 97.59 15.42 -36.99
N THR H 242 96.95 15.93 -35.94
CA THR H 242 95.50 16.01 -35.89
C THR H 242 94.97 17.39 -36.21
N HIS H 243 95.82 18.34 -36.54
CA HIS H 243 95.37 19.67 -36.91
C HIS H 243 94.65 19.63 -38.25
N GLY H 244 93.73 20.58 -38.44
CA GLY H 244 92.98 20.67 -39.68
C GLY H 244 92.47 22.07 -39.89
N LYS H 245 92.07 22.34 -41.13
CA LYS H 245 91.58 23.67 -41.50
C LYS H 245 90.81 23.57 -42.79
N CYS H 246 89.70 24.31 -42.88
CA CYS H 246 88.90 24.38 -44.10
C CYS H 246 87.92 25.53 -43.96
N ALA H 247 87.38 25.96 -45.10
CA ALA H 247 86.46 27.08 -45.12
C ALA H 247 85.13 26.70 -44.46
N ALA H 248 84.40 27.73 -44.00
CA ALA H 248 83.18 27.48 -43.25
C ALA H 248 82.13 26.76 -44.08
N ASP H 249 81.98 27.16 -45.36
CA ASP H 249 80.96 26.55 -46.20
C ASP H 249 81.24 25.08 -46.49
N VAL H 250 82.45 24.59 -46.21
CA VAL H 250 82.78 23.18 -46.42
C VAL H 250 83.20 22.56 -45.10
N ALA H 251 82.68 23.10 -43.99
CA ALA H 251 83.08 22.62 -42.68
C ALA H 251 82.61 21.18 -42.46
N PRO H 252 83.38 20.38 -41.71
CA PRO H 252 82.99 18.99 -41.46
C PRO H 252 82.01 18.79 -40.31
N TRP H 253 81.72 19.82 -39.53
CA TRP H 253 80.85 19.70 -38.36
C TRP H 253 79.59 20.51 -38.59
N ILE H 254 78.44 19.91 -38.30
CA ILE H 254 77.14 20.54 -38.49
C ILE H 254 76.34 20.40 -37.20
N ALA H 255 75.77 21.50 -36.74
CA ALA H 255 74.90 21.51 -35.57
C ALA H 255 73.46 21.69 -36.00
N LEU H 256 72.54 21.13 -35.22
CA LEU H 256 71.13 21.15 -35.54
C LEU H 256 70.32 21.55 -34.32
N ARG H 257 69.06 21.93 -34.56
CA ARG H 257 68.11 22.17 -33.49
C ARG H 257 66.71 22.05 -34.06
N GLN H 258 65.79 21.51 -33.27
CA GLN H 258 64.47 21.16 -33.77
C GLN H 258 63.63 22.39 -34.05
N ASP H 259 63.34 23.18 -33.01
CA ASP H 259 62.52 24.38 -33.13
C ASP H 259 63.42 25.59 -33.01
N ARG H 260 63.40 26.44 -34.03
CA ARG H 260 64.25 27.62 -34.01
C ARG H 260 63.69 28.66 -33.05
N VAL H 261 64.05 28.54 -31.77
CA VAL H 261 63.68 29.51 -30.76
C VAL H 261 64.91 30.38 -30.49
N ASP H 262 64.81 31.65 -30.84
CA ASP H 262 65.98 32.52 -30.81
C ASP H 262 66.44 32.76 -29.38
N SER H 263 67.70 33.21 -29.26
CA SER H 263 68.31 33.53 -27.98
C SER H 263 68.33 32.31 -27.05
N GLU H 264 68.49 31.12 -27.63
CA GLU H 264 68.59 29.89 -26.87
C GLU H 264 69.78 29.10 -27.38
N MET H 265 70.69 28.73 -26.48
CA MET H 265 71.86 27.96 -26.90
C MET H 265 71.48 26.54 -27.29
N TYR H 266 70.44 25.98 -26.66
CA TYR H 266 69.98 24.64 -26.98
C TYR H 266 68.48 24.70 -27.29
N GLY H 267 68.07 23.99 -28.33
CA GLY H 267 66.70 24.03 -28.78
C GLY H 267 65.78 23.17 -27.92
N ARG H 268 64.53 23.10 -28.36
CA ARG H 268 63.49 22.34 -27.67
C ARG H 268 63.03 21.20 -28.54
N SER H 269 62.92 20.01 -27.96
CA SER H 269 62.48 18.84 -28.70
C SER H 269 61.00 18.98 -29.07
N TYR H 270 60.60 18.25 -30.11
CA TYR H 270 59.22 18.30 -30.56
C TYR H 270 58.28 17.73 -29.50
N VAL H 271 58.65 16.61 -28.88
CA VAL H 271 57.75 15.94 -27.93
C VAL H 271 57.56 16.78 -26.68
N GLU H 272 58.38 17.81 -26.47
CA GLU H 272 58.16 18.74 -25.38
C GLU H 272 56.82 19.45 -25.53
N GLN H 273 56.32 19.55 -26.76
CA GLN H 273 55.03 20.18 -27.00
C GLN H 273 53.91 19.44 -26.29
N TYR H 274 53.92 18.12 -26.35
CA TYR H 274 52.82 17.30 -25.85
C TYR H 274 53.23 16.44 -24.66
N TYR H 275 54.36 16.76 -24.03
CA TYR H 275 54.77 16.06 -22.80
C TYR H 275 53.65 16.04 -21.76
N GLY H 276 52.97 17.18 -21.58
CA GLY H 276 51.94 17.23 -20.55
C GLY H 276 50.77 16.30 -20.84
N ASP H 277 50.27 16.31 -22.07
CA ASP H 277 49.19 15.41 -22.43
C ASP H 277 49.63 13.96 -22.33
N LEU H 278 50.87 13.67 -22.70
CA LEU H 278 51.39 12.31 -22.55
C LEU H 278 51.34 11.87 -21.09
N LEU H 279 51.79 12.74 -20.19
CA LEU H 279 51.78 12.41 -18.76
C LEU H 279 50.36 12.19 -18.26
N ALA H 280 49.43 13.06 -18.64
CA ALA H 280 48.06 12.91 -18.18
C ALA H 280 47.44 11.61 -18.68
N LEU H 281 47.66 11.29 -19.96
CA LEU H 281 47.12 10.05 -20.50
C LEU H 281 47.72 8.83 -19.82
N GLU H 282 49.03 8.87 -19.53
CA GLU H 282 49.67 7.75 -18.84
C GLU H 282 49.06 7.55 -17.46
N ASN H 283 48.87 8.63 -16.72
CA ASN H 283 48.33 8.50 -15.38
C ASN H 283 46.90 7.99 -15.41
N LEU H 284 46.10 8.47 -16.35
CA LEU H 284 44.72 7.99 -16.45
C LEU H 284 44.69 6.51 -16.80
N TYR H 285 45.59 6.06 -17.69
CA TYR H 285 45.62 4.64 -18.04
C TYR H 285 45.93 3.80 -16.83
N LYS H 286 46.94 4.18 -16.06
CA LYS H 286 47.30 3.38 -14.90
C LYS H 286 46.17 3.38 -13.88
N ALA H 287 45.48 4.52 -13.75
CA ALA H 287 44.33 4.60 -12.87
C ALA H 287 43.25 3.60 -13.25
N ILE H 288 42.83 3.60 -14.51
CA ILE H 288 41.74 2.69 -14.89
C ILE H 288 42.19 1.25 -14.77
N LEU H 289 43.47 0.96 -15.10
CA LEU H 289 43.97 -0.39 -14.95
C LEU H 289 43.93 -0.84 -13.49
N GLU H 290 44.34 0.04 -12.57
CA GLU H 290 44.34 -0.32 -11.15
C GLU H 290 42.93 -0.55 -10.65
N ALA H 291 41.99 0.30 -11.06
CA ALA H 291 40.59 0.10 -10.64
C ALA H 291 40.06 -1.24 -11.14
N SER H 292 40.34 -1.57 -12.40
CA SER H 292 39.88 -2.84 -12.95
C SER H 292 40.51 -4.02 -12.22
N ALA H 293 41.81 -3.91 -11.89
CA ALA H 293 42.47 -4.98 -11.17
C ALA H 293 41.84 -5.18 -9.79
N SER H 294 41.50 -4.07 -9.12
CA SER H 294 40.85 -4.19 -7.82
C SER H 294 39.47 -4.82 -7.93
N LEU H 295 38.73 -4.53 -9.00
CA LEU H 295 37.36 -5.01 -9.10
C LEU H 295 37.27 -6.51 -9.32
N SER H 296 38.19 -7.10 -10.07
CA SER H 296 38.02 -8.47 -10.57
C SER H 296 37.99 -9.53 -9.48
N LYS H 297 38.18 -9.16 -8.22
CA LYS H 297 38.13 -10.14 -7.14
C LYS H 297 36.70 -10.65 -6.93
N VAL H 298 36.58 -11.90 -6.51
CA VAL H 298 35.29 -12.53 -6.25
C VAL H 298 35.32 -13.17 -4.87
N LEU H 299 34.31 -12.89 -4.06
CA LEU H 299 34.17 -13.42 -2.71
C LEU H 299 32.74 -13.88 -2.49
N PHE H 300 32.58 -14.75 -1.50
CA PHE H 300 31.26 -15.23 -1.09
C PHE H 300 30.96 -14.73 0.31
N LEU H 301 29.67 -14.62 0.64
CA LEU H 301 29.26 -14.03 1.90
C LEU H 301 28.07 -14.81 2.45
N CYS H 302 28.19 -15.27 3.69
CA CYS H 302 27.13 -15.98 4.38
C CYS H 302 26.42 -15.06 5.36
N ASN H 303 25.10 -15.07 5.33
CA ASN H 303 24.32 -14.24 6.24
C ASN H 303 24.10 -15.00 7.54
N PRO H 304 24.57 -14.49 8.68
CA PRO H 304 24.38 -15.23 9.94
C PRO H 304 22.93 -15.47 10.30
N ASN H 305 22.03 -14.57 9.91
CA ASN H 305 20.61 -14.76 10.19
C ASN H 305 20.04 -15.96 9.46
N GLY H 306 20.72 -16.45 8.42
CA GLY H 306 20.29 -17.61 7.69
C GLY H 306 20.67 -18.90 8.38
N THR H 307 20.57 -19.99 7.63
CA THR H 307 20.85 -21.34 8.14
C THR H 307 21.77 -22.08 7.18
N THR H 308 22.83 -21.41 6.72
CA THR H 308 23.79 -22.01 5.82
C THR H 308 25.14 -22.12 6.52
N ARG H 309 25.68 -23.34 6.56
CA ARG H 309 26.98 -23.60 7.15
C ARG H 309 28.07 -23.50 6.08
N PRO H 310 29.16 -22.79 6.32
CA PRO H 310 30.25 -22.77 5.32
C PRO H 310 30.82 -24.14 5.02
N ARG H 311 30.92 -25.02 6.02
CA ARG H 311 31.49 -26.34 5.80
C ARG H 311 30.67 -27.13 4.79
N THR H 312 29.35 -27.07 4.90
CA THR H 312 28.49 -27.80 3.98
C THR H 312 28.65 -27.30 2.56
N LEU H 313 28.69 -25.98 2.38
CA LEU H 313 28.83 -25.42 1.05
C LEU H 313 30.17 -25.76 0.43
N SER H 314 31.25 -25.69 1.21
CA SER H 314 32.57 -25.95 0.66
C SER H 314 32.78 -27.43 0.37
N GLN H 315 32.40 -28.30 1.30
CA GLN H 315 32.70 -29.72 1.20
C GLN H 315 31.83 -30.45 0.19
N ALA H 316 30.61 -29.99 -0.04
CA ALA H 316 29.68 -30.75 -0.88
C ALA H 316 30.18 -30.84 -2.31
N SER H 317 30.01 -32.01 -2.91
CA SER H 317 30.42 -32.26 -4.27
C SER H 317 29.43 -31.63 -5.25
N ASN H 318 29.68 -31.82 -6.54
CA ASN H 318 28.87 -31.18 -7.57
C ASN H 318 27.58 -31.96 -7.81
N GLY H 319 26.48 -31.22 -7.97
CA GLY H 319 25.20 -31.81 -8.27
C GLY H 319 24.45 -32.37 -7.08
N SER H 320 24.95 -32.19 -5.87
CA SER H 320 24.32 -32.76 -4.69
C SER H 320 23.17 -31.89 -4.20
N ILE H 321 22.51 -32.34 -3.15
CA ILE H 321 21.48 -31.57 -2.46
C ILE H 321 21.93 -31.37 -1.02
N VAL H 322 21.99 -30.11 -0.59
CA VAL H 322 22.35 -29.80 0.79
C VAL H 322 21.32 -28.84 1.35
N GLN H 323 21.38 -28.59 2.66
CA GLN H 323 20.41 -27.77 3.35
C GLN H 323 20.88 -26.32 3.33
N GLY H 324 20.05 -25.43 2.82
CA GLY H 324 20.36 -24.01 2.80
C GLY H 324 19.30 -23.24 2.06
N ASN H 325 19.46 -21.91 2.08
CA ASN H 325 18.57 -21.00 1.37
C ASN H 325 19.40 -20.10 0.47
N ALA H 326 19.05 -20.06 -0.82
CA ALA H 326 19.87 -19.33 -1.79
C ALA H 326 19.84 -17.83 -1.56
N ALA H 327 18.85 -17.31 -0.86
CA ALA H 327 18.79 -15.88 -0.59
C ALA H 327 19.82 -15.43 0.44
N ASP H 328 20.50 -16.38 1.10
CA ASP H 328 21.47 -16.01 2.13
C ASP H 328 22.84 -15.76 1.55
N VAL H 329 23.31 -16.65 0.68
CA VAL H 329 24.66 -16.53 0.14
C VAL H 329 24.68 -15.49 -0.97
N THR H 330 25.52 -14.47 -0.80
CA THR H 330 25.62 -13.38 -1.75
C THR H 330 27.09 -13.15 -2.11
N VAL H 331 27.30 -12.56 -3.29
CA VAL H 331 28.64 -12.32 -3.81
C VAL H 331 28.93 -10.83 -3.73
N LEU H 332 30.11 -10.50 -3.21
CA LEU H 332 30.50 -9.10 -3.08
C LEU H 332 30.70 -8.47 -4.46
N GLN H 333 30.09 -7.31 -4.66
CA GLN H 333 30.14 -6.65 -5.97
C GLN H 333 29.97 -5.15 -5.78
N ALA H 334 30.41 -4.40 -6.79
CA ALA H 334 30.29 -2.95 -6.82
C ALA H 334 29.03 -2.61 -7.62
N ALA H 335 28.04 -2.02 -6.94
CA ALA H 335 26.74 -1.80 -7.55
C ALA H 335 26.82 -0.87 -8.76
N GLY H 336 27.12 0.41 -8.53
CA GLY H 336 27.28 1.32 -9.63
C GLY H 336 28.64 1.96 -9.72
N LYS H 337 29.47 1.51 -10.66
CA LYS H 337 30.74 2.16 -10.93
C LYS H 337 30.97 2.24 -12.43
N SER H 338 30.02 1.68 -13.20
CA SER H 338 30.18 1.62 -14.64
C SER H 338 30.18 3.01 -15.28
N GLN H 339 29.30 3.90 -14.83
CA GLN H 339 29.12 5.19 -15.49
C GLN H 339 30.40 6.01 -15.43
N ASP H 340 31.05 6.06 -14.27
CA ASP H 340 32.28 6.82 -14.14
C ASP H 340 33.40 6.22 -14.98
N LEU H 341 33.45 4.89 -15.05
CA LEU H 341 34.44 4.25 -15.89
C LEU H 341 34.21 4.57 -17.36
N GLN H 342 32.94 4.63 -17.79
CA GLN H 342 32.66 5.02 -19.17
C GLN H 342 33.05 6.48 -19.43
N ILE H 343 32.82 7.36 -18.46
CA ILE H 343 33.24 8.75 -18.62
C ILE H 343 34.77 8.84 -18.77
N ALA H 344 35.49 8.08 -17.93
CA ALA H 344 36.94 8.04 -18.03
C ALA H 344 37.38 7.49 -19.38
N ASN H 345 36.70 6.45 -19.88
CA ASN H 345 37.02 5.92 -21.18
C ASN H 345 36.82 6.97 -22.27
N GLN H 346 35.73 7.73 -22.18
CA GLN H 346 35.48 8.78 -23.16
C GLN H 346 36.60 9.80 -23.17
N THR H 347 37.01 10.27 -21.98
CA THR H 347 38.02 11.31 -21.95
C THR H 347 39.39 10.79 -22.38
N ILE H 348 39.74 9.56 -22.02
CA ILE H 348 41.04 9.04 -22.43
C ILE H 348 41.05 8.80 -23.93
N GLU H 349 39.92 8.35 -24.49
CA GLU H 349 39.81 8.22 -25.94
C GLU H 349 39.99 9.56 -26.62
N ARG H 350 39.38 10.62 -26.07
CA ARG H 350 39.54 11.95 -26.66
C ARG H 350 41.00 12.39 -26.64
N ILE H 351 41.68 12.21 -25.51
CA ILE H 351 43.08 12.62 -25.41
C ILE H 351 43.94 11.82 -26.38
N GLU H 352 43.70 10.51 -26.45
CA GLU H 352 44.49 9.66 -27.35
C GLU H 352 44.26 10.06 -28.81
N ASN H 353 43.01 10.36 -29.17
CA ASN H 353 42.73 10.78 -30.55
C ASN H 353 43.43 12.09 -30.87
N ARG H 354 43.41 13.04 -29.93
CA ARG H 354 44.10 14.30 -30.16
C ARG H 354 45.60 14.08 -30.36
N LEU H 355 46.20 13.24 -29.51
CA LEU H 355 47.63 12.97 -29.62
C LEU H 355 47.95 12.27 -30.94
N ALA H 356 47.13 11.30 -31.34
CA ALA H 356 47.37 10.57 -32.57
C ALA H 356 47.25 11.50 -33.78
N PHE H 357 46.29 12.42 -33.75
CA PHE H 357 46.19 13.41 -34.81
C PHE H 357 47.41 14.31 -34.84
N ALA H 358 47.92 14.69 -33.66
CA ALA H 358 49.09 15.55 -33.59
C ALA H 358 50.35 14.87 -34.11
N PHE H 359 50.54 13.58 -33.83
CA PHE H 359 51.72 12.87 -34.25
C PHE H 359 51.60 12.31 -35.67
N MET H 360 50.49 12.60 -36.36
CA MET H 360 50.33 12.34 -37.79
C MET H 360 50.41 10.84 -38.11
N LEU H 361 49.97 10.03 -37.16
CA LEU H 361 49.79 8.61 -37.44
C LEU H 361 48.69 8.41 -38.47
N ASN H 362 48.43 7.14 -38.80
CA ASN H 362 47.53 6.79 -39.88
C ASN H 362 46.16 6.33 -39.39
N THR H 363 46.00 6.07 -38.09
CA THR H 363 44.74 5.55 -37.59
C THR H 363 43.67 6.64 -37.52
N ALA H 364 44.08 7.90 -37.34
CA ALA H 364 43.12 8.98 -37.14
C ALA H 364 42.23 9.21 -38.35
N ILE H 365 42.72 8.90 -39.56
CA ILE H 365 41.93 9.16 -40.77
C ILE H 365 40.73 8.22 -40.85
N GLN H 366 40.92 6.97 -40.45
CA GLN H 366 39.84 5.98 -40.57
C GLN H 366 38.63 6.38 -39.74
N ARG H 367 37.49 6.53 -40.41
CA ARG H 367 36.25 6.94 -39.76
C ARG H 367 35.32 5.75 -39.69
N PRO H 368 35.10 5.14 -38.53
CA PRO H 368 34.09 4.09 -38.42
C PRO H 368 32.71 4.64 -38.72
N GLY H 369 31.88 3.81 -39.38
CA GLY H 369 30.51 4.17 -39.71
C GLY H 369 30.19 4.05 -41.19
N GLU H 370 31.12 4.46 -42.06
CA GLU H 370 30.90 4.37 -43.50
C GLU H 370 32.24 4.46 -44.20
N ARG H 371 32.21 4.14 -45.49
CA ARG H 371 33.41 4.21 -46.32
C ARG H 371 33.80 5.65 -46.61
N VAL H 372 35.02 5.83 -47.11
CA VAL H 372 35.54 7.13 -47.50
C VAL H 372 36.03 7.04 -48.94
N THR H 373 35.78 8.09 -49.71
CA THR H 373 36.19 8.12 -51.10
C THR H 373 37.70 8.26 -51.22
N ALA H 374 38.21 7.90 -52.40
CA ALA H 374 39.65 8.04 -52.65
C ALA H 374 40.07 9.50 -52.59
N GLU H 375 39.23 10.39 -53.12
CA GLU H 375 39.53 11.82 -53.05
C GLU H 375 39.57 12.30 -51.61
N GLU H 376 38.70 11.75 -50.76
CA GLU H 376 38.74 12.09 -49.33
C GLU H 376 40.06 11.67 -48.70
N ILE H 377 40.54 10.47 -49.07
CA ILE H 377 41.81 9.98 -48.53
C ILE H 377 42.96 10.85 -49.02
N ARG H 378 42.90 11.29 -50.28
CA ARG H 378 43.90 12.22 -50.79
C ARG H 378 43.87 13.54 -50.03
N TYR H 379 42.67 14.02 -49.69
CA TYR H 379 42.52 15.24 -48.92
C TYR H 379 43.15 15.10 -47.54
N MET H 380 42.88 13.98 -46.87
CA MET H 380 43.48 13.74 -45.56
C MET H 380 44.99 13.60 -45.64
N ALA H 381 45.49 12.96 -46.70
CA ALA H 381 46.93 12.85 -46.90
C ALA H 381 47.56 14.21 -47.12
N GLN H 382 46.87 15.09 -47.86
CA GLN H 382 47.35 16.46 -48.01
C GLN H 382 47.44 17.16 -46.66
N GLU H 383 46.42 16.99 -45.82
CA GLU H 383 46.46 17.59 -44.48
C GLU H 383 47.64 17.06 -43.68
N LEU H 384 47.86 15.74 -43.73
CA LEU H 384 48.94 15.13 -42.96
C LEU H 384 50.30 15.63 -43.43
N ASP H 385 50.50 15.72 -44.74
CA ASP H 385 51.76 16.25 -45.26
C ASP H 385 51.94 17.71 -44.88
N ALA H 386 50.85 18.48 -44.90
CA ALA H 386 50.93 19.90 -44.57
C ALA H 386 51.33 20.12 -43.12
N GLY H 387 50.84 19.28 -42.22
CA GLY H 387 51.01 19.52 -40.79
C GLY H 387 52.44 19.53 -40.26
N ILE H 388 53.47 19.38 -41.11
CA ILE H 388 54.85 19.30 -40.65
C ILE H 388 55.71 20.18 -41.55
N SER H 389 55.04 21.03 -42.33
CA SER H 389 55.72 21.85 -43.34
C SER H 389 56.89 22.63 -42.76
N GLY H 390 56.71 23.21 -41.56
CA GLY H 390 57.81 23.92 -40.94
C GLY H 390 59.02 23.03 -40.71
N LEU H 391 58.80 21.80 -40.26
CA LEU H 391 59.92 20.90 -40.00
C LEU H 391 60.63 20.51 -41.28
N TYR H 392 59.87 20.15 -42.34
CA TYR H 392 60.58 19.83 -43.58
C TYR H 392 61.36 21.03 -44.10
N SER H 393 60.78 22.23 -44.01
CA SER H 393 61.47 23.40 -44.51
C SER H 393 62.76 23.66 -43.75
N ILE H 394 62.70 23.64 -42.41
CA ILE H 394 63.88 23.95 -41.62
C ILE H 394 64.95 22.89 -41.81
N LEU H 395 64.56 21.61 -41.89
CA LEU H 395 65.55 20.57 -42.12
C LEU H 395 66.19 20.71 -43.49
N SER H 396 65.39 21.05 -44.51
CA SER H 396 65.97 21.25 -45.84
C SER H 396 66.97 22.40 -45.84
N ARG H 397 66.65 23.48 -45.14
CA ARG H 397 67.55 24.63 -45.12
C ARG H 397 68.79 24.35 -44.28
N GLU H 398 68.70 23.47 -43.29
CA GLU H 398 69.79 23.27 -42.34
C GLU H 398 70.72 22.12 -42.70
N LEU H 399 70.18 20.95 -43.04
CA LEU H 399 70.97 19.73 -43.16
C LEU H 399 71.39 19.40 -44.59
N GLN H 400 70.47 19.53 -45.54
CA GLN H 400 70.74 19.02 -46.88
C GLN H 400 71.85 19.80 -47.58
N LEU H 401 71.74 21.13 -47.60
CA LEU H 401 72.69 21.93 -48.37
C LEU H 401 74.12 21.86 -47.83
N PRO H 402 74.39 22.08 -46.54
CA PRO H 402 75.78 21.97 -46.07
C PRO H 402 76.36 20.58 -46.24
N LEU H 403 75.53 19.54 -46.09
CA LEU H 403 76.04 18.17 -46.26
C LEU H 403 76.52 17.94 -47.68
N VAL H 404 75.71 18.33 -48.67
CA VAL H 404 76.11 18.11 -50.06
C VAL H 404 77.30 18.99 -50.42
N ARG H 405 77.37 20.21 -49.85
CA ARG H 405 78.53 21.05 -50.12
C ARG H 405 79.81 20.42 -49.58
N ARG H 406 79.77 19.92 -48.35
CA ARG H 406 80.94 19.25 -47.79
C ARG H 406 81.29 18.00 -48.59
N LEU H 407 80.28 17.26 -49.04
CA LEU H 407 80.51 16.06 -49.82
C LEU H 407 81.24 16.39 -51.12
N ILE H 408 80.78 17.41 -51.84
CA ILE H 408 81.41 17.73 -53.12
C ILE H 408 82.80 18.30 -52.88
N HIS H 409 83.01 19.05 -51.80
CA HIS H 409 84.36 19.52 -51.51
C HIS H 409 85.30 18.37 -51.23
N ILE H 410 84.84 17.37 -50.47
CA ILE H 410 85.65 16.18 -50.21
C ILE H 410 86.00 15.49 -51.52
N LEU H 411 85.00 15.31 -52.38
CA LEU H 411 85.22 14.62 -53.64
C LEU H 411 86.21 15.38 -54.51
N ARG H 412 86.11 16.71 -54.53
CA ARG H 412 87.05 17.51 -55.30
C ARG H 412 88.47 17.38 -54.76
N ARG H 413 88.62 17.41 -53.44
CA ARG H 413 89.95 17.28 -52.86
C ARG H 413 90.56 15.92 -53.16
N LYS H 414 89.73 14.88 -53.21
CA LYS H 414 90.25 13.55 -53.54
C LYS H 414 90.72 13.44 -54.99
N ARG H 415 90.44 14.43 -55.83
CA ARG H 415 90.84 14.53 -57.23
C ARG H 415 90.10 13.54 -58.12
N LYS H 416 88.91 13.10 -57.72
CA LYS H 416 88.13 12.21 -58.57
C LYS H 416 87.29 12.96 -59.61
N LEU H 417 87.26 14.29 -59.53
CA LEU H 417 86.56 15.12 -60.49
C LEU H 417 87.24 16.47 -60.53
N PRO H 418 87.48 17.02 -61.74
CA PRO H 418 88.10 18.36 -61.83
C PRO H 418 87.24 19.45 -61.22
N ASP H 419 87.81 20.64 -61.10
CA ASP H 419 87.19 21.72 -60.35
C ASP H 419 86.02 22.33 -61.12
N PHE H 420 85.07 22.89 -60.37
CA PHE H 420 83.94 23.57 -60.97
C PHE H 420 84.40 24.88 -61.62
N PRO H 421 83.90 25.20 -62.80
CA PRO H 421 84.20 26.51 -63.40
C PRO H 421 83.57 27.63 -62.58
N ARG H 422 84.24 28.78 -62.59
CA ARG H 422 83.85 29.92 -61.79
C ARG H 422 83.52 31.11 -62.68
N SER H 423 82.66 31.99 -62.17
CA SER H 423 82.21 33.14 -62.94
C SER H 423 83.35 34.11 -63.19
N GLU H 424 83.39 34.66 -64.41
CA GLU H 424 84.39 35.70 -64.71
C GLU H 424 83.99 37.03 -64.09
N VAL H 425 82.69 37.29 -63.97
CA VAL H 425 82.23 38.58 -63.45
C VAL H 425 82.22 38.57 -61.93
N THR H 426 81.66 37.53 -61.32
CA THR H 426 81.47 37.47 -59.88
C THR H 426 82.40 36.50 -59.16
N GLY H 427 82.87 35.46 -59.84
CA GLY H 427 83.65 34.42 -59.21
C GLY H 427 82.85 33.32 -58.59
N GLU H 428 81.52 33.44 -58.56
CA GLU H 428 80.67 32.40 -58.01
C GLU H 428 80.72 31.16 -58.90
N PRO H 429 80.55 29.97 -58.31
CA PRO H 429 80.48 28.75 -59.13
C PRO H 429 79.33 28.83 -60.12
N LEU H 430 79.56 28.31 -61.32
CA LEU H 430 78.57 28.39 -62.38
C LEU H 430 77.37 27.50 -62.13
N ILE H 431 77.41 26.63 -61.13
CA ILE H 431 76.32 25.70 -60.84
C ILE H 431 76.07 25.70 -59.33
N LYS H 432 74.80 25.77 -58.95
CA LYS H 432 74.38 25.85 -57.56
C LYS H 432 73.56 24.62 -57.18
N GLU H 433 72.99 24.66 -55.98
CA GLU H 433 72.33 23.51 -55.38
C GLU H 433 70.91 23.87 -54.96
N LYS H 434 70.06 22.85 -54.89
CA LYS H 434 68.66 23.04 -54.54
C LYS H 434 68.15 21.79 -53.82
N ALA H 435 67.29 22.02 -52.84
CA ALA H 435 66.80 20.97 -51.94
C ALA H 435 65.36 20.64 -52.28
N VAL H 436 64.98 19.37 -52.11
CA VAL H 436 63.64 18.89 -52.44
C VAL H 436 63.08 18.18 -51.22
N THR H 437 61.85 18.53 -50.84
CA THR H 437 61.19 17.94 -49.68
C THR H 437 59.72 17.65 -49.98
N GLY H 438 59.30 16.42 -49.68
CA GLY H 438 57.89 16.11 -49.62
C GLY H 438 57.21 16.06 -50.97
N ILE H 439 56.18 16.89 -51.14
CA ILE H 439 55.34 16.84 -52.33
C ILE H 439 56.14 17.18 -53.58
N GLU H 440 57.17 18.01 -53.46
CA GLU H 440 58.02 18.31 -54.61
C GLU H 440 58.72 17.05 -55.11
N ALA H 441 59.26 16.25 -54.20
CA ALA H 441 59.91 15.01 -54.58
C ALA H 441 58.90 13.99 -55.09
N ILE H 442 57.71 13.95 -54.48
CA ILE H 442 56.68 13.02 -54.92
C ILE H 442 56.21 13.37 -56.33
N GLY H 443 56.14 14.66 -56.64
CA GLY H 443 55.55 15.10 -57.89
C GLY H 443 56.49 15.72 -58.89
N ARG H 444 57.80 15.50 -58.77
CA ARG H 444 58.65 15.73 -59.93
C ARG H 444 58.24 14.82 -61.07
N GLY H 445 57.81 13.60 -60.75
CA GLY H 445 57.15 12.76 -61.74
C GLY H 445 55.90 13.41 -62.29
N ASP H 446 55.16 14.12 -61.44
CA ASP H 446 53.99 14.86 -61.93
C ASP H 446 54.41 16.01 -62.84
N ASP H 447 55.57 16.63 -62.58
CA ASP H 447 56.10 17.65 -63.48
C ASP H 447 56.40 17.07 -64.84
N ARG H 448 57.06 15.91 -64.87
CA ARG H 448 57.30 15.22 -66.13
C ARG H 448 55.98 14.86 -66.82
N ASN H 449 55.00 14.40 -66.03
CA ASN H 449 53.69 14.08 -66.56
C ASN H 449 53.03 15.31 -67.17
N LYS H 450 53.16 16.46 -66.51
CA LYS H 450 52.60 17.70 -67.04
C LYS H 450 53.25 18.09 -68.35
N LEU H 451 54.58 17.97 -68.44
CA LEU H 451 55.27 18.28 -69.68
C LEU H 451 54.80 17.36 -70.81
N ILE H 452 54.77 16.06 -70.56
CA ILE H 452 54.38 15.10 -71.59
C ILE H 452 52.91 15.26 -71.94
N ASP H 453 52.06 15.59 -70.96
CA ASP H 453 50.66 15.80 -71.22
C ASP H 453 50.44 17.05 -72.06
N PHE H 454 51.23 18.10 -71.82
CA PHE H 454 51.15 19.29 -72.65
C PHE H 454 51.55 18.96 -74.08
N ILE H 455 52.62 18.17 -74.24
CA ILE H 455 53.07 17.78 -75.57
C ILE H 455 51.99 16.97 -76.29
N THR H 456 51.43 15.97 -75.61
CA THR H 456 50.43 15.11 -76.21
C THR H 456 49.12 15.86 -76.49
N THR H 457 48.75 16.78 -75.60
CA THR H 457 47.56 17.59 -75.82
C THR H 457 47.72 18.49 -77.03
N ALA H 458 48.89 19.11 -77.18
CA ALA H 458 49.16 19.88 -78.38
C ALA H 458 49.09 19.00 -79.63
N ASN H 459 49.67 17.80 -79.56
CA ASN H 459 49.63 16.90 -80.70
C ASN H 459 48.19 16.52 -81.06
N GLN H 460 47.36 16.27 -80.05
CA GLN H 460 45.95 15.98 -80.30
C GLN H 460 45.27 17.16 -80.97
N ALA H 461 45.53 18.38 -80.48
CA ALA H 461 44.87 19.55 -81.04
C ALA H 461 45.32 19.83 -82.47
N LEU H 462 46.55 19.46 -82.82
CA LEU H 462 47.11 19.85 -84.11
C LEU H 462 47.37 18.66 -85.02
N GLY H 463 47.91 17.56 -84.50
CA GLY H 463 48.08 16.37 -85.28
C GLY H 463 49.48 16.24 -85.88
N PRO H 464 49.62 15.34 -86.87
CA PRO H 464 50.90 15.22 -87.56
C PRO H 464 51.38 16.52 -88.19
N GLN H 465 50.46 17.40 -88.60
CA GLN H 465 50.87 18.67 -89.18
C GLN H 465 51.46 19.61 -88.14
N ALA H 466 51.35 19.25 -86.86
CA ALA H 466 52.04 20.03 -85.83
C ALA H 466 53.55 19.98 -86.02
N MET H 467 54.05 18.90 -86.58
CA MET H 467 55.44 18.47 -86.48
C MET H 467 56.46 19.52 -87.08
N THR H 468 56.00 20.72 -87.48
CA THR H 468 56.80 21.69 -88.22
C THR H 468 57.51 22.76 -87.38
N GLN H 469 56.82 23.54 -86.51
CA GLN H 469 57.48 24.80 -86.10
C GLN H 469 57.31 25.34 -84.67
N PHE H 470 56.66 24.65 -83.72
CA PHE H 470 56.70 25.09 -82.30
C PHE H 470 57.36 24.11 -81.35
N LEU H 471 56.84 22.89 -81.18
CA LEU H 471 57.24 22.00 -80.09
C LEU H 471 57.86 20.72 -80.66
N ASN H 472 59.14 20.51 -80.39
CA ASN H 472 59.91 19.49 -81.08
C ASN H 472 59.36 18.09 -80.84
N VAL H 473 59.43 17.26 -81.88
CA VAL H 473 59.08 15.84 -81.77
C VAL H 473 60.08 15.11 -80.87
N GLU H 474 61.14 15.79 -80.45
CA GLU H 474 61.99 15.43 -79.33
C GLU H 474 62.78 14.14 -79.57
N GLU H 475 62.78 13.60 -80.80
CA GLU H 475 63.95 12.90 -81.34
C GLU H 475 64.62 11.93 -80.38
N ALA H 476 64.10 10.71 -80.20
CA ALA H 476 64.36 9.95 -78.97
C ALA H 476 65.27 8.72 -79.14
N LEU H 477 66.51 8.85 -79.63
CA LEU H 477 67.46 7.73 -79.54
C LEU H 477 68.76 8.08 -78.79
N ARG H 478 69.32 9.28 -78.98
CA ARG H 478 70.70 9.56 -78.58
C ARG H 478 70.82 10.08 -77.13
N ARG H 479 70.25 11.25 -76.84
CA ARG H 479 70.66 12.06 -75.68
C ARG H 479 69.91 11.71 -74.40
N LEU H 480 68.57 11.65 -74.42
CA LEU H 480 67.84 11.21 -73.24
C LEU H 480 68.25 9.83 -72.78
N ALA H 481 68.82 9.01 -73.66
CA ALA H 481 69.55 7.84 -73.22
C ALA H 481 70.69 8.24 -72.30
N ALA H 482 71.54 9.16 -72.76
CA ALA H 482 72.63 9.68 -71.95
C ALA H 482 72.13 10.46 -70.74
N SER H 483 70.88 10.94 -70.78
CA SER H 483 70.20 11.47 -69.61
C SER H 483 69.89 10.30 -68.69
N GLY H 484 70.09 10.50 -67.39
CA GLY H 484 70.15 9.35 -66.50
C GLY H 484 71.34 8.46 -66.79
N SER H 485 72.49 9.06 -67.10
CA SER H 485 73.75 8.36 -67.37
C SER H 485 73.67 7.50 -68.62
N ILE H 486 74.57 6.52 -68.73
CA ILE H 486 74.80 5.62 -69.86
C ILE H 486 75.23 6.44 -71.07
N ASP H 487 75.94 5.81 -71.99
CA ASP H 487 76.52 6.53 -73.11
C ASP H 487 75.58 6.55 -74.31
N THR H 488 75.97 7.32 -75.32
CA THR H 488 75.24 7.44 -76.57
C THR H 488 75.67 6.28 -77.48
N THR H 489 75.35 6.38 -78.77
CA THR H 489 75.76 5.41 -79.79
C THR H 489 75.10 4.06 -79.54
N ASN H 490 75.89 2.99 -79.63
CA ASN H 490 75.40 1.62 -79.50
C ASN H 490 74.41 1.36 -80.63
N LEU H 491 73.12 1.54 -80.37
CA LEU H 491 72.15 1.50 -81.46
C LEU H 491 72.39 2.59 -82.48
N VAL H 492 72.77 3.78 -82.01
CA VAL H 492 72.66 5.00 -82.81
C VAL H 492 73.48 4.85 -84.08
N LYS H 493 72.79 4.92 -85.22
CA LYS H 493 73.50 5.14 -86.47
C LYS H 493 73.99 6.58 -86.41
N THR H 494 75.25 6.76 -86.04
CA THR H 494 75.77 8.10 -85.76
C THR H 494 75.67 8.98 -87.00
N LYS H 495 75.66 10.30 -86.77
CA LYS H 495 75.60 11.24 -87.88
C LYS H 495 76.67 10.94 -88.91
N ALA H 496 77.88 10.59 -88.45
CA ALA H 496 78.91 10.15 -89.38
C ALA H 496 78.50 8.86 -90.08
N GLN H 497 78.01 7.88 -89.34
CA GLN H 497 77.56 6.62 -89.95
C GLN H 497 76.38 6.84 -90.88
N LEU H 498 75.42 7.67 -90.48
CA LEU H 498 74.28 7.93 -91.33
C LEU H 498 74.69 8.63 -92.62
N GLN H 499 75.60 9.60 -92.53
CA GLN H 499 76.10 10.27 -93.72
C GLN H 499 76.86 9.31 -94.62
N GLN H 500 77.67 8.43 -94.03
CA GLN H 500 78.42 7.45 -94.81
C GLN H 500 77.47 6.51 -95.56
N GLU H 501 76.46 6.00 -94.86
CA GLU H 501 75.52 5.08 -95.49
C GLU H 501 74.66 5.79 -96.54
N ALA H 502 74.29 7.05 -96.29
CA ALA H 502 73.57 7.81 -97.29
C ALA H 502 74.41 8.05 -98.53
N ALA H 503 75.71 8.32 -98.35
CA ALA H 503 76.60 8.47 -99.50
C ALA H 503 76.74 7.15 -100.26
N ALA H 504 76.84 6.04 -99.54
CA ALA H 504 76.90 4.75 -100.21
C ALA H 504 75.63 4.45 -100.99
N GLN H 505 74.47 4.75 -100.40
CA GLN H 505 73.21 4.56 -101.10
C GLN H 505 73.11 5.47 -102.33
N ALA H 506 73.58 6.70 -102.20
CA ALA H 506 73.60 7.62 -103.33
C ALA H 506 74.49 7.10 -104.45
N GLU H 507 75.66 6.58 -104.11
CA GLU H 507 76.53 6.01 -105.13
C GLU H 507 75.90 4.79 -105.77
N ALA H 508 75.19 3.97 -104.98
CA ALA H 508 74.52 2.81 -105.54
C ALA H 508 73.43 3.21 -106.53
N GLU H 509 72.61 4.19 -106.15
CA GLU H 509 71.56 4.63 -107.08
C GLU H 509 72.15 5.35 -108.28
N GLN H 510 73.29 6.02 -108.11
CA GLN H 510 74.00 6.58 -109.26
C GLN H 510 74.47 5.50 -110.22
N GLN H 511 75.02 4.42 -109.67
CA GLN H 511 75.39 3.27 -110.50
C GLN H 511 74.17 2.73 -111.22
N ALA H 512 73.02 2.68 -110.54
CA ALA H 512 71.79 2.29 -111.19
C ALA H 512 71.45 3.23 -112.34
N GLN H 513 71.60 4.54 -112.11
CA GLN H 513 71.29 5.51 -113.16
C GLN H 513 72.30 5.45 -114.30
N GLN H 514 73.60 5.41 -113.99
CA GLN H 514 74.60 5.35 -115.04
C GLN H 514 74.53 4.02 -115.76
N GLN H 515 74.69 4.06 -117.07
CA GLN H 515 74.52 2.89 -117.93
C GLN H 515 73.16 2.25 -117.67
N GLN H 516 72.13 3.10 -117.57
CA GLN H 516 70.77 2.61 -117.38
C GLN H 516 70.40 1.71 -118.54
N LEU H 517 70.26 0.40 -118.26
CA LEU H 517 70.07 -0.59 -119.31
C LEU H 517 71.19 -0.45 -120.34
N LEU H 518 70.90 0.28 -121.41
CA LEU H 518 71.88 0.65 -122.43
C LEU H 518 72.29 -0.60 -123.21
N GLU H 519 73.13 -1.47 -122.63
CA GLU H 519 73.67 -2.60 -123.37
C GLU H 519 72.57 -3.51 -123.90
N THR H 520 71.42 -3.49 -123.24
CA THR H 520 70.18 -3.99 -123.82
C THR H 520 69.20 -2.88 -124.15
N GLY H 521 69.36 -1.70 -123.55
CA GLY H 521 68.35 -0.67 -123.66
C GLY H 521 68.32 0.03 -124.99
N ILE H 522 69.37 -0.11 -125.80
CA ILE H 522 69.41 0.62 -127.06
C ILE H 522 68.30 0.18 -128.00
N LYS H 523 68.06 1.03 -128.99
CA LYS H 523 67.04 0.81 -130.02
C LYS H 523 67.37 -0.35 -130.96
N SER H 524 68.54 -0.31 -131.59
CA SER H 524 68.90 -1.26 -132.63
C SER H 524 70.42 -1.27 -132.76
N PRO H 525 71.02 -2.41 -133.14
CA PRO H 525 72.48 -2.54 -133.05
C PRO H 525 73.25 -1.86 -134.17
N ALA H 526 72.88 -0.60 -134.47
CA ALA H 526 73.56 0.08 -135.56
C ALA H 526 74.98 0.48 -135.17
N MET H 527 75.21 0.80 -133.89
CA MET H 527 76.57 1.12 -133.47
C MET H 527 77.42 -0.14 -133.36
N ALA H 528 76.80 -1.29 -133.07
CA ALA H 528 77.54 -2.54 -133.16
C ALA H 528 77.94 -2.84 -134.59
N GLN H 529 77.01 -2.65 -135.53
CA GLN H 529 77.35 -2.79 -136.94
C GLN H 529 78.42 -1.78 -137.34
N ALA H 530 78.38 -0.59 -136.71
CA ALA H 530 79.40 0.42 -136.94
C ALA H 530 80.77 -0.05 -136.48
N VAL H 531 80.84 -0.66 -135.29
CA VAL H 531 82.11 -1.21 -134.80
C VAL H 531 82.61 -2.28 -135.76
N LYS H 532 81.71 -3.15 -136.22
CA LYS H 532 82.07 -4.16 -137.21
C LYS H 532 82.65 -3.52 -138.46
N ASN H 533 82.03 -2.45 -138.94
CA ASN H 533 82.51 -1.76 -140.13
C ASN H 533 83.88 -1.14 -139.90
N PHE H 534 84.09 -0.58 -138.70
CA PHE H 534 85.40 -0.01 -138.36
C PHE H 534 86.47 -1.09 -138.42
N GLN H 535 86.19 -2.25 -137.84
CA GLN H 535 87.16 -3.34 -137.87
C GLN H 535 87.35 -3.85 -139.29
N GLY H 536 86.26 -3.94 -140.06
CA GLY H 536 86.34 -4.43 -141.42
C GLY H 536 86.83 -3.41 -142.43
N ALA H 537 86.12 -2.29 -142.56
CA ALA H 537 86.41 -1.33 -143.62
C ALA H 537 87.52 -0.35 -143.26
N ASP H 538 88.73 -0.62 -143.72
CA ASP H 538 89.89 0.27 -143.63
C ASP H 538 90.08 0.81 -142.22
N PRO H 539 90.59 0.01 -141.28
CA PRO H 539 90.72 0.48 -139.89
C PRO H 539 91.51 1.77 -139.74
N GLU H 540 92.45 2.07 -140.65
CA GLU H 540 93.15 3.34 -140.60
C GLU H 540 92.25 4.50 -141.02
N ARG H 541 91.48 4.29 -142.10
CA ARG H 541 90.47 5.28 -142.46
C ARG H 541 89.39 5.34 -141.40
N ALA H 542 89.13 4.22 -140.72
CA ALA H 542 88.21 4.24 -139.59
C ALA H 542 88.75 5.08 -138.43
N ALA H 543 90.07 5.05 -138.21
CA ALA H 543 90.67 5.89 -137.16
C ALA H 543 90.62 7.36 -137.53
N GLN H 544 90.90 7.69 -138.80
CA GLN H 544 90.76 9.07 -139.25
C GLN H 544 89.30 9.52 -139.13
N ALA H 545 88.37 8.62 -139.43
CA ALA H 545 86.95 8.89 -139.25
C ALA H 545 86.58 9.13 -137.80
N LEU H 546 87.15 8.35 -136.87
CA LEU H 546 86.91 8.59 -135.45
C LEU H 546 87.49 9.92 -135.01
N SER H 547 88.63 10.31 -135.59
CA SER H 547 89.16 11.65 -135.34
C SER H 547 88.20 12.72 -135.84
N ALA H 548 87.58 12.48 -137.00
CA ALA H 548 86.56 13.40 -137.49
C ALA H 548 85.36 13.46 -136.55
N ILE H 549 84.98 12.31 -136.00
CA ILE H 549 83.89 12.27 -135.01
C ILE H 549 84.24 13.11 -133.80
N THR H 550 85.45 12.94 -133.27
CA THR H 550 85.91 13.73 -132.14
C THR H 550 86.20 15.17 -132.54
N SER H 551 86.15 15.49 -133.84
CA SER H 551 86.18 16.87 -134.30
C SER H 551 84.79 17.49 -134.36
N GLU H 552 83.75 16.71 -134.69
CA GLU H 552 82.39 17.21 -134.60
C GLU H 552 82.04 17.56 -133.16
N THR H 553 82.70 16.92 -132.20
CA THR H 553 82.67 17.24 -130.79
C THR H 553 84.10 17.65 -130.39
N GLY H 554 84.35 17.73 -129.09
CA GLY H 554 85.72 17.98 -128.64
C GLY H 554 85.81 18.15 -127.15
N GLY H 555 87.00 18.58 -126.71
CA GLY H 555 87.27 18.82 -125.32
C GLY H 555 87.35 17.56 -124.48
N ILE H 556 87.70 16.44 -125.11
CA ILE H 556 87.91 15.18 -124.40
C ILE H 556 89.26 14.62 -124.82
N ASP H 557 90.05 14.17 -123.84
CA ASP H 557 91.36 13.62 -124.13
C ASP H 557 91.23 12.23 -124.75
N ALA H 558 91.83 12.04 -125.93
CA ALA H 558 91.82 10.74 -126.57
C ALA H 558 92.59 9.70 -125.78
N ASP H 559 93.49 10.13 -124.88
CA ASP H 559 94.21 9.20 -124.04
C ASP H 559 93.31 8.57 -122.97
N GLN H 560 92.13 9.15 -122.73
CA GLN H 560 91.17 8.54 -121.81
C GLN H 560 90.34 7.46 -122.50
N LEU H 561 90.29 7.45 -123.83
CA LEU H 561 89.58 6.40 -124.55
C LEU H 561 90.32 5.07 -124.47
N THR H 562 91.64 5.10 -124.38
CA THR H 562 92.48 3.91 -124.33
C THR H 562 92.66 3.39 -122.92
N GLU H 563 91.75 3.72 -122.00
CA GLU H 563 91.78 3.21 -120.63
C GLU H 563 90.51 2.44 -120.29
N ALA H 564 90.00 1.68 -121.26
CA ALA H 564 88.79 0.89 -121.05
C ALA H 564 89.12 -0.56 -120.75
N MET I 1 86.08 41.21 -36.89
CA MET I 1 86.38 40.92 -38.28
C MET I 1 85.44 41.68 -39.21
N LYS I 2 85.21 41.13 -40.40
CA LYS I 2 84.47 41.81 -41.44
C LYS I 2 82.98 41.69 -41.15
N THR I 3 82.38 42.80 -40.70
CA THR I 3 80.94 42.85 -40.43
C THR I 3 80.21 43.04 -41.76
N ARG I 4 79.76 41.95 -42.36
CA ARG I 4 79.05 41.99 -43.63
C ARG I 4 77.66 41.39 -43.45
N LEU I 5 76.73 42.22 -43.00
CA LEU I 5 75.31 41.91 -43.06
C LEU I 5 74.63 42.59 -44.24
N THR I 6 75.40 43.28 -45.08
CA THR I 6 74.87 44.00 -46.23
C THR I 6 75.56 43.53 -47.49
N ASN I 7 74.83 43.58 -48.61
CA ASN I 7 75.32 43.05 -49.87
C ASN I 7 76.38 43.97 -50.48
N ASN I 8 77.07 43.44 -51.49
CA ASN I 8 78.10 44.16 -52.21
C ASN I 8 77.53 44.89 -53.43
N VAL I 9 76.26 45.26 -53.38
CA VAL I 9 75.58 45.74 -54.58
C VAL I 9 75.36 47.25 -54.54
N ASP I 10 75.15 47.83 -53.36
CA ASP I 10 74.75 49.23 -53.27
C ASP I 10 75.54 50.04 -52.23
N ARG I 11 76.64 49.53 -51.71
CA ARG I 11 77.43 50.35 -50.80
C ARG I 11 78.07 51.52 -51.52
N GLN I 12 78.17 52.64 -50.80
CA GLN I 12 78.66 53.90 -51.35
C GLN I 12 79.62 54.51 -50.34
N SER I 13 79.98 55.76 -50.57
CA SER I 13 80.80 56.47 -49.60
C SER I 13 79.94 57.03 -48.47
N ALA I 14 80.61 57.60 -47.46
CA ALA I 14 79.91 58.15 -46.31
C ALA I 14 79.16 59.41 -46.70
N LEU I 15 77.82 59.39 -46.52
CA LEU I 15 76.97 60.51 -46.92
C LEU I 15 76.22 61.17 -45.78
N TYR I 16 75.89 60.43 -44.72
CA TYR I 16 75.28 61.02 -43.54
C TYR I 16 76.16 60.81 -42.32
N GLY I 17 76.26 61.85 -41.50
CA GLY I 17 76.89 61.78 -40.20
C GLY I 17 75.90 61.64 -39.06
N SER I 18 76.24 62.24 -37.93
CA SER I 18 75.45 62.16 -36.70
C SER I 18 74.65 63.42 -36.42
N SER I 19 74.01 63.98 -37.45
CA SER I 19 73.29 65.25 -37.31
C SER I 19 72.01 65.03 -36.52
N GLY I 20 72.17 64.96 -35.19
CA GLY I 20 71.03 64.87 -34.30
C GLY I 20 70.81 63.50 -33.70
N GLY I 21 71.26 63.31 -32.46
CA GLY I 21 71.02 62.08 -31.73
C GLY I 21 71.74 60.88 -32.34
N THR I 22 71.47 59.73 -31.72
CA THR I 22 72.01 58.45 -32.18
C THR I 22 70.86 57.48 -32.38
N ALA I 23 71.14 56.40 -33.13
CA ALA I 23 70.12 55.40 -33.39
C ALA I 23 69.61 54.76 -32.10
N ALA I 24 70.46 54.64 -31.10
CA ALA I 24 70.03 54.08 -29.82
C ALA I 24 68.96 54.94 -29.17
N GLN I 25 69.13 56.26 -29.22
CA GLN I 25 68.13 57.15 -28.63
C GLN I 25 66.78 57.03 -29.33
N ARG I 26 66.80 56.96 -30.66
CA ARG I 26 65.55 56.81 -31.40
C ARG I 26 64.90 55.46 -31.11
N TYR I 27 65.71 54.41 -30.97
CA TYR I 27 65.17 53.10 -30.63
C TYR I 27 64.51 53.13 -29.26
N GLU I 28 65.16 53.78 -28.28
CA GLU I 28 64.56 53.90 -26.96
C GLU I 28 63.28 54.73 -27.00
N GLN I 29 63.25 55.76 -27.84
CA GLN I 29 62.05 56.58 -27.96
C GLN I 29 60.88 55.80 -28.55
N LEU I 30 61.15 54.97 -29.56
CA LEU I 30 60.07 54.24 -30.23
C LEU I 30 59.67 52.95 -29.53
N ARG I 31 60.50 52.43 -28.62
CA ARG I 31 60.10 51.25 -27.86
C ARG I 31 58.83 51.50 -27.06
N VAL I 32 58.62 52.74 -26.62
CA VAL I 32 57.44 53.06 -25.82
C VAL I 32 56.18 52.78 -26.62
N ASP I 33 56.14 53.22 -27.88
CA ASP I 33 54.97 52.93 -28.70
C ASP I 33 54.94 51.46 -29.13
N ARG I 34 56.10 50.85 -29.35
CA ARG I 34 56.13 49.45 -29.78
C ARG I 34 55.71 48.49 -28.68
N ASN I 35 55.65 48.94 -27.42
CA ASN I 35 55.46 48.03 -26.29
C ASN I 35 54.23 47.14 -26.46
N SER I 36 53.04 47.74 -26.53
CA SER I 36 51.80 46.98 -26.39
C SER I 36 51.60 45.90 -27.45
N PRO I 37 51.79 46.15 -28.75
CA PRO I 37 51.59 45.07 -29.73
C PRO I 37 52.49 43.88 -29.48
N LEU I 38 53.69 44.09 -28.94
CA LEU I 38 54.53 42.97 -28.55
C LEU I 38 53.85 42.12 -27.50
N LYS I 39 53.23 42.76 -26.50
CA LYS I 39 52.52 42.00 -25.47
C LYS I 39 51.36 41.21 -26.07
N ARG I 40 50.60 41.84 -26.97
CA ARG I 40 49.49 41.13 -27.59
C ARG I 40 49.98 39.92 -28.37
N ALA I 41 51.04 40.09 -29.16
CA ALA I 41 51.59 38.98 -29.93
C ALA I 41 52.12 37.88 -29.02
N ARG I 42 52.74 38.27 -27.91
CA ARG I 42 53.27 37.28 -26.97
C ARG I 42 52.15 36.46 -26.35
N ASP I 43 51.05 37.11 -25.95
CA ASP I 43 49.92 36.37 -25.39
C ASP I 43 49.31 35.43 -26.43
N CYS I 44 49.13 35.91 -27.66
CA CYS I 44 48.57 35.05 -28.70
C CYS I 44 49.47 33.85 -28.97
N SER I 45 50.79 34.08 -29.03
CA SER I 45 51.72 32.96 -29.21
C SER I 45 51.61 31.98 -28.06
N LYS I 46 51.56 32.48 -26.82
CA LYS I 46 51.49 31.60 -25.66
C LYS I 46 50.24 30.73 -25.72
N VAL I 47 49.12 31.30 -26.14
CA VAL I 47 47.91 30.48 -26.21
C VAL I 47 47.94 29.54 -27.42
N THR I 48 48.74 29.86 -28.45
CA THR I 48 48.78 29.02 -29.65
C THR I 48 49.99 28.10 -29.69
N ILE I 49 51.20 28.65 -29.61
CA ILE I 49 52.43 27.84 -29.60
C ILE I 49 53.34 28.35 -28.49
N PRO I 50 53.63 27.53 -27.48
CA PRO I 50 54.20 28.07 -26.23
C PRO I 50 55.52 28.82 -26.41
N GLY I 51 56.36 28.41 -27.35
CA GLY I 51 57.70 28.97 -27.40
C GLY I 51 58.09 29.71 -28.66
N LEU I 52 57.11 30.20 -29.42
CA LEU I 52 57.42 30.87 -30.69
C LEU I 52 58.02 32.24 -30.43
N ILE I 53 57.25 33.13 -29.81
CA ILE I 53 57.73 34.45 -29.42
C ILE I 53 57.99 34.40 -27.93
N GLU I 54 59.19 34.80 -27.52
CA GLU I 54 59.68 34.53 -26.17
C GLU I 54 59.88 35.82 -25.38
N ASP I 55 59.80 35.70 -24.06
CA ASP I 55 60.21 36.76 -23.15
C ASP I 55 61.73 36.86 -23.12
N GLU I 56 62.23 38.02 -22.72
CA GLU I 56 63.67 38.24 -22.75
C GLU I 56 64.43 37.40 -21.73
N ASN I 57 63.74 36.75 -20.78
CA ASN I 57 64.39 35.93 -19.78
C ASN I 57 63.88 34.49 -19.81
N TYR I 58 63.57 33.99 -21.01
CA TYR I 58 63.15 32.61 -21.22
C TYR I 58 63.92 31.98 -22.37
N GLY I 59 65.24 32.14 -22.37
CA GLY I 59 66.07 31.68 -23.46
C GLY I 59 66.78 30.38 -23.18
N ASP I 60 68.07 30.44 -22.86
CA ASP I 60 68.88 29.26 -22.62
C ASP I 60 68.33 28.41 -21.49
N ALA I 61 67.79 29.05 -20.46
CA ALA I 61 67.34 28.37 -19.25
C ALA I 61 65.92 28.79 -18.88
N GLY I 62 65.03 28.80 -19.87
CA GLY I 62 63.62 29.03 -19.62
C GLY I 62 62.78 27.81 -19.90
N ARG I 63 61.71 27.64 -19.12
CA ARG I 63 60.81 26.50 -19.26
C ARG I 63 59.46 26.97 -19.79
N LEU I 64 58.93 26.24 -20.77
CA LEU I 64 57.66 26.57 -21.39
C LEU I 64 56.58 25.58 -20.95
N ASP I 65 55.35 26.08 -20.88
CA ASP I 65 54.18 25.30 -20.49
C ASP I 65 53.55 24.67 -21.73
N THR I 66 52.45 23.94 -21.50
CA THR I 66 51.70 23.34 -22.58
C THR I 66 50.21 23.60 -22.39
N PRO I 67 49.46 23.81 -23.47
CA PRO I 67 48.03 24.08 -23.36
C PRO I 67 47.26 22.78 -23.16
N TYR I 68 45.95 22.91 -22.96
CA TYR I 68 45.05 21.78 -22.83
C TYR I 68 44.14 21.65 -24.06
N GLN I 69 44.62 22.12 -25.20
CA GLN I 69 43.93 21.93 -26.47
C GLN I 69 44.93 22.11 -27.60
N SER I 70 44.76 21.35 -28.67
CA SER I 70 45.70 21.34 -29.78
C SER I 70 45.10 21.86 -31.07
N SER I 71 43.94 22.53 -31.01
CA SER I 71 43.36 23.09 -32.22
C SER I 71 44.23 24.21 -32.78
N GLY I 72 44.78 25.05 -31.91
CA GLY I 72 45.53 26.20 -32.38
C GLY I 72 46.78 25.82 -33.17
N ALA I 73 47.55 24.86 -32.64
CA ALA I 73 48.80 24.48 -33.31
C ALA I 73 48.53 23.86 -34.67
N ARG I 74 47.57 22.94 -34.74
CA ARG I 74 47.21 22.31 -36.00
C ARG I 74 46.72 23.34 -37.00
N GLY I 75 45.86 24.27 -36.54
CA GLY I 75 45.36 25.30 -37.42
C GLY I 75 46.46 26.18 -37.97
N VAL I 76 47.38 26.63 -37.11
CA VAL I 76 48.46 27.48 -37.56
C VAL I 76 49.34 26.76 -38.56
N GLY I 77 49.70 25.51 -38.25
CA GLY I 77 50.55 24.75 -39.17
C GLY I 77 49.91 24.55 -40.53
N HIS I 78 48.65 24.12 -40.53
CA HIS I 78 47.97 23.86 -41.80
C HIS I 78 47.81 25.17 -42.59
N MET I 79 47.47 26.25 -41.90
CA MET I 79 47.29 27.54 -42.57
C MET I 79 48.58 28.00 -43.22
N THR I 80 49.69 27.99 -42.48
CA THR I 80 50.93 28.49 -43.04
C THR I 80 51.42 27.59 -44.17
N SER I 81 51.24 26.27 -44.02
CA SER I 81 51.67 25.37 -45.08
C SER I 81 50.90 25.62 -46.37
N LYS I 82 49.57 25.69 -46.28
CA LYS I 82 48.78 25.92 -47.48
C LYS I 82 49.07 27.28 -48.08
N LEU I 83 49.24 28.30 -47.23
CA LEU I 83 49.52 29.64 -47.74
C LEU I 83 50.85 29.67 -48.49
N ALA I 84 51.88 29.03 -47.94
CA ALA I 84 53.17 29.00 -48.61
C ALA I 84 53.09 28.22 -49.92
N VAL I 85 52.40 27.08 -49.91
CA VAL I 85 52.38 26.22 -51.10
C VAL I 85 51.54 26.85 -52.20
N THR I 86 50.60 27.73 -51.82
CA THR I 86 49.76 28.36 -52.82
C THR I 86 50.37 29.65 -53.35
N LEU I 87 50.92 30.48 -52.47
CA LEU I 87 51.45 31.77 -52.87
C LEU I 87 52.70 31.63 -53.75
N PHE I 88 53.47 30.56 -53.55
CA PHE I 88 54.67 30.29 -54.33
C PHE I 88 54.58 28.88 -54.91
N PRO I 89 53.80 28.70 -55.98
CA PRO I 89 53.65 27.37 -56.55
C PRO I 89 54.98 26.81 -57.03
N THR I 90 55.16 25.50 -56.84
CA THR I 90 56.43 24.86 -57.16
C THR I 90 56.61 24.63 -58.65
N ASN I 91 55.53 24.37 -59.39
CA ASN I 91 55.65 24.05 -60.80
C ASN I 91 55.49 25.30 -61.67
N GLU I 92 54.35 25.96 -61.56
CA GLU I 92 54.09 27.17 -62.32
C GLU I 92 54.90 28.34 -61.78
N HIS I 93 55.24 29.27 -62.67
CA HIS I 93 55.89 30.50 -62.24
C HIS I 93 54.91 31.36 -61.44
N PHE I 94 55.41 32.00 -60.39
CA PHE I 94 54.58 32.84 -59.54
C PHE I 94 54.49 34.27 -60.04
N PHE I 95 55.16 34.60 -61.14
CA PHE I 95 55.08 35.93 -61.72
C PHE I 95 55.18 35.81 -63.23
N LYS I 96 54.66 36.83 -63.93
CA LYS I 96 54.70 36.87 -65.37
C LYS I 96 55.34 38.17 -65.82
N LEU I 97 56.50 38.06 -66.46
CA LEU I 97 57.19 39.21 -67.05
C LEU I 97 56.62 39.40 -68.45
N GLU I 98 55.70 40.35 -68.59
CA GLU I 98 54.84 40.44 -69.76
C GLU I 98 55.18 41.67 -70.57
N ILE I 99 55.33 41.47 -71.89
CA ILE I 99 55.62 42.57 -72.80
C ILE I 99 54.41 43.49 -72.90
N ASP I 100 54.65 44.79 -72.85
CA ASP I 100 53.58 45.79 -72.97
C ASP I 100 53.23 45.94 -74.44
N SER I 101 52.07 45.41 -74.84
CA SER I 101 51.61 45.58 -76.22
C SER I 101 51.29 47.04 -76.52
N LEU I 102 51.03 47.85 -75.49
CA LEU I 102 50.78 49.27 -75.72
C LEU I 102 52.00 49.94 -76.35
N ALA I 103 53.20 49.60 -75.85
CA ALA I 103 54.41 50.13 -76.47
C ALA I 103 54.60 49.58 -77.87
N ILE I 104 54.21 48.32 -78.09
CA ILE I 104 54.30 47.73 -79.43
C ILE I 104 53.46 48.53 -80.41
N LEU I 105 52.24 48.88 -80.01
CA LEU I 105 51.36 49.67 -80.87
C LEU I 105 51.89 51.10 -81.02
N ALA I 106 52.39 51.70 -79.93
CA ALA I 106 52.83 53.08 -79.97
C ALA I 106 54.03 53.27 -80.88
N SER I 107 55.00 52.37 -80.80
CA SER I 107 56.19 52.47 -81.64
C SER I 107 55.99 51.89 -83.03
N ASP I 108 54.79 51.41 -83.34
CA ASP I 108 54.50 50.72 -84.61
C ASP I 108 55.44 49.53 -84.80
N GLN I 109 55.55 48.73 -83.75
CA GLN I 109 56.47 47.59 -83.76
C GLN I 109 55.93 46.47 -84.65
N ASN I 110 56.84 45.83 -85.38
CA ASN I 110 56.46 44.77 -86.29
C ASN I 110 56.13 43.50 -85.49
N PRO I 111 54.98 42.87 -85.72
CA PRO I 111 54.61 41.66 -84.97
C PRO I 111 55.52 40.47 -85.25
N GLU I 112 56.45 40.57 -86.19
CA GLU I 112 57.34 39.45 -86.49
C GLU I 112 58.34 39.19 -85.36
N MET I 113 58.84 40.24 -84.69
CA MET I 113 59.81 40.09 -83.61
C MET I 113 59.19 39.63 -82.29
N ILE I 114 57.86 39.50 -82.18
CA ILE I 114 57.27 39.13 -80.90
C ILE I 114 57.70 37.73 -80.48
N THR I 115 58.01 36.86 -81.45
CA THR I 115 58.52 35.54 -81.09
C THR I 115 59.87 35.65 -80.36
N GLU I 116 60.79 36.44 -80.91
CA GLU I 116 62.08 36.62 -80.27
C GLU I 116 61.93 37.32 -78.92
N PHE I 117 61.02 38.31 -78.85
CA PHE I 117 60.79 38.98 -77.58
C PHE I 117 60.25 38.02 -76.53
N ASP I 118 59.34 37.12 -76.92
CA ASP I 118 58.81 36.14 -75.99
C ASP I 118 59.90 35.15 -75.54
N SER I 119 60.77 34.76 -76.47
CA SER I 119 61.89 33.89 -76.09
C SER I 119 62.78 34.57 -75.06
N ALA I 120 63.12 35.84 -75.30
CA ALA I 120 63.93 36.58 -74.34
C ALA I 120 63.22 36.68 -72.99
N LEU I 121 61.92 36.96 -73.02
CA LEU I 121 61.17 37.12 -71.77
C LEU I 121 61.15 35.82 -70.98
N VAL I 122 60.91 34.69 -71.65
CA VAL I 122 60.85 33.42 -70.92
C VAL I 122 62.24 33.04 -70.39
N LYS I 123 63.29 33.35 -71.15
CA LYS I 123 64.64 33.11 -70.64
C LYS I 123 64.90 33.93 -69.38
N VAL I 124 64.52 35.21 -69.39
CA VAL I 124 64.71 36.06 -68.22
C VAL I 124 63.90 35.53 -67.04
N GLU I 125 62.66 35.09 -67.30
CA GLU I 125 61.83 34.57 -66.23
C GLU I 125 62.47 33.35 -65.57
N GLN I 126 62.95 32.40 -66.39
CA GLN I 126 63.56 31.22 -65.82
C GLN I 126 64.84 31.57 -65.07
N ALA I 127 65.60 32.55 -65.58
CA ALA I 127 66.82 32.95 -64.89
C ALA I 127 66.51 33.54 -63.53
N VAL I 128 65.51 34.41 -63.45
CA VAL I 128 65.12 35.01 -62.18
C VAL I 128 64.63 33.93 -61.22
N MET I 129 63.81 33.00 -61.71
CA MET I 129 63.31 31.94 -60.84
C MET I 129 64.44 31.08 -60.29
N ARG I 130 65.42 30.72 -61.13
CA ARG I 130 66.52 29.90 -60.64
C ARG I 130 67.35 30.66 -59.61
N MET I 131 67.65 31.92 -59.88
CA MET I 131 68.49 32.66 -58.94
C MET I 131 67.76 32.86 -57.62
N PHE I 132 66.44 33.03 -57.69
CA PHE I 132 65.64 33.05 -56.46
C PHE I 132 65.76 31.74 -55.71
N GLU I 133 65.66 30.61 -56.41
CA GLU I 133 65.76 29.32 -55.75
C GLU I 133 67.14 29.08 -55.16
N THR I 134 68.17 29.71 -55.73
CA THR I 134 69.53 29.51 -55.24
C THR I 134 69.69 30.01 -53.81
N ILE I 135 69.12 31.18 -53.50
CA ILE I 135 69.30 31.80 -52.20
C ILE I 135 68.40 31.14 -51.16
N GLY I 136 67.67 30.11 -51.57
CA GLY I 136 66.85 29.35 -50.64
C GLY I 136 65.74 30.16 -50.01
N GLY I 137 64.97 30.86 -50.84
CA GLY I 137 63.95 31.76 -50.33
C GLY I 137 62.72 31.05 -49.78
N ARG I 138 62.52 29.79 -50.15
CA ARG I 138 61.31 29.08 -49.71
C ARG I 138 61.23 29.00 -48.19
N ALA I 139 62.32 28.62 -47.54
CA ALA I 139 62.32 28.49 -46.09
C ALA I 139 62.09 29.84 -45.42
N ALA I 140 62.73 30.89 -45.94
CA ALA I 140 62.54 32.22 -45.36
C ALA I 140 61.09 32.67 -45.49
N MET I 141 60.47 32.46 -46.65
CA MET I 141 59.07 32.80 -46.80
C MET I 141 58.19 31.97 -45.86
N HIS I 142 58.52 30.70 -45.67
CA HIS I 142 57.72 29.86 -44.78
C HIS I 142 57.77 30.39 -43.35
N GLU I 143 58.97 30.70 -42.87
CA GLU I 143 59.10 31.21 -41.51
C GLU I 143 58.43 32.57 -41.36
N ALA I 144 58.58 33.43 -42.37
CA ALA I 144 57.94 34.74 -42.33
C ALA I 144 56.42 34.61 -42.30
N LEU I 145 55.87 33.68 -43.09
CA LEU I 145 54.43 33.46 -43.09
C LEU I 145 53.95 32.97 -41.73
N LYS I 146 54.70 32.06 -41.11
CA LYS I 146 54.32 31.58 -39.78
C LYS I 146 54.30 32.73 -38.78
N HIS I 147 55.35 33.55 -38.78
CA HIS I 147 55.38 34.68 -37.85
C HIS I 147 54.25 35.68 -38.14
N LEU I 148 53.95 35.90 -39.42
CA LEU I 148 52.87 36.81 -39.78
C LEU I 148 51.52 36.30 -39.27
N LEU I 149 51.28 35.00 -39.42
CA LEU I 149 50.04 34.44 -38.90
C LEU I 149 49.97 34.56 -37.39
N VAL I 150 51.07 34.30 -36.69
CA VAL I 150 51.02 34.31 -35.23
C VAL I 150 51.12 35.73 -34.68
N GLY I 151 52.07 36.51 -35.18
CA GLY I 151 52.32 37.83 -34.63
C GLY I 151 51.64 38.97 -35.35
N GLY I 152 51.69 38.96 -36.69
CA GLY I 152 51.09 39.99 -37.49
C GLY I 152 52.04 41.02 -38.05
N ASN I 153 53.30 41.01 -37.65
CA ASN I 153 54.28 41.96 -38.17
C ASN I 153 55.61 41.25 -38.35
N VAL I 154 56.29 41.55 -39.45
CA VAL I 154 57.59 40.96 -39.74
C VAL I 154 58.30 41.83 -40.77
N LEU I 155 59.62 41.97 -40.60
CA LEU I 155 60.43 42.81 -41.47
C LEU I 155 61.41 41.94 -42.24
N LEU I 156 61.41 42.09 -43.56
CA LEU I 156 62.25 41.28 -44.44
C LEU I 156 63.47 42.08 -44.89
N TYR I 157 64.56 41.39 -45.15
CA TYR I 157 65.74 41.95 -45.78
C TYR I 157 66.17 41.05 -46.92
N VAL I 158 66.20 41.58 -48.14
CA VAL I 158 66.54 40.83 -49.33
C VAL I 158 67.96 41.18 -49.74
N SER I 159 68.79 40.17 -49.94
CA SER I 159 70.19 40.38 -50.26
C SER I 159 70.64 39.33 -51.26
N ASP I 160 71.84 39.53 -51.80
CA ASP I 160 72.41 38.54 -52.71
C ASP I 160 72.69 37.24 -51.98
N GLU I 161 73.22 37.31 -50.76
CA GLU I 161 73.55 36.10 -50.01
C GLU I 161 72.30 35.33 -49.60
N GLY I 162 71.29 36.03 -49.09
CA GLY I 162 70.09 35.36 -48.64
C GLY I 162 69.09 36.35 -48.09
N ILE I 163 67.98 35.81 -47.60
CA ILE I 163 66.88 36.60 -47.05
C ILE I 163 66.88 36.40 -45.54
N LYS I 164 66.98 37.49 -44.80
CA LYS I 164 67.01 37.46 -43.34
C LYS I 164 65.72 38.07 -42.80
N VAL I 165 65.06 37.34 -41.91
CA VAL I 165 63.84 37.82 -41.26
C VAL I 165 64.22 38.38 -39.90
N ILE I 166 63.49 39.42 -39.48
CA ILE I 166 63.71 40.06 -38.18
C ILE I 166 62.37 40.08 -37.45
N HIS I 167 62.36 39.52 -36.24
CA HIS I 167 61.14 39.45 -35.47
C HIS I 167 60.72 40.84 -34.98
N LEU I 168 59.46 40.94 -34.54
CA LEU I 168 58.92 42.22 -34.10
C LEU I 168 59.68 42.76 -32.89
N ASP I 169 60.32 41.89 -32.13
CA ASP I 169 61.00 42.32 -30.92
C ASP I 169 62.31 43.05 -31.18
N SER I 170 62.78 43.12 -32.44
CA SER I 170 64.10 43.66 -32.74
C SER I 170 64.06 44.80 -33.75
N TYR I 171 62.93 45.50 -33.88
CA TYR I 171 62.90 46.69 -34.72
C TYR I 171 61.71 47.55 -34.34
N VAL I 172 61.75 48.82 -34.76
CA VAL I 172 60.69 49.79 -34.53
C VAL I 172 60.56 50.66 -35.77
N LEU I 173 59.40 51.29 -35.91
CA LEU I 173 59.14 52.13 -37.07
C LEU I 173 58.02 53.11 -36.76
N CYS I 174 57.92 54.14 -37.60
CA CYS I 174 56.87 55.14 -37.52
C CYS I 174 56.20 55.28 -38.89
N ARG I 175 54.87 55.36 -38.89
CA ARG I 175 54.09 55.49 -40.11
C ARG I 175 53.18 56.71 -40.01
N ASP I 176 52.86 57.28 -41.17
CA ASP I 176 51.77 58.22 -41.23
C ASP I 176 50.45 57.45 -41.25
N PRO I 177 49.37 58.07 -40.76
CA PRO I 177 48.06 57.43 -40.90
C PRO I 177 47.63 57.21 -42.34
N MET I 178 48.26 57.88 -43.31
CA MET I 178 48.04 57.52 -44.71
C MET I 178 48.48 56.09 -44.99
N GLY I 179 49.67 55.70 -44.51
CA GLY I 179 50.19 54.37 -44.71
C GLY I 179 51.62 54.29 -45.19
N ASN I 180 52.31 55.42 -45.32
CA ASN I 180 53.69 55.44 -45.79
C ASN I 180 54.64 55.47 -44.60
N VAL I 181 55.49 54.45 -44.50
CA VAL I 181 56.48 54.41 -43.43
C VAL I 181 57.59 55.41 -43.75
N THR I 182 58.24 55.92 -42.70
CA THR I 182 59.29 56.92 -42.87
C THR I 182 60.64 56.50 -42.33
N GLU I 183 60.69 55.88 -41.15
CA GLU I 183 61.97 55.57 -40.53
C GLU I 183 61.88 54.24 -39.80
N ILE I 184 62.93 53.43 -39.94
CA ILE I 184 63.02 52.12 -39.31
C ILE I 184 64.35 52.01 -38.58
N VAL I 185 64.30 51.54 -37.34
CA VAL I 185 65.49 51.28 -36.54
C VAL I 185 65.51 49.80 -36.17
N VAL I 186 66.61 49.13 -36.47
CA VAL I 186 66.76 47.70 -36.20
C VAL I 186 67.93 47.52 -35.24
N GLU I 187 67.72 46.75 -34.18
CA GLU I 187 68.73 46.51 -33.17
C GLU I 187 69.02 45.02 -33.07
N GLU I 188 70.30 44.68 -33.00
CA GLU I 188 70.73 43.29 -32.90
C GLU I 188 72.00 43.23 -32.06
N GLU I 189 72.27 42.05 -31.51
CA GLU I 189 73.37 41.86 -30.59
C GLU I 189 74.24 40.70 -31.07
N ILE I 190 75.54 40.94 -31.17
CA ILE I 190 76.47 39.96 -31.74
C ILE I 190 77.71 39.88 -30.86
N PHE I 191 78.44 38.77 -30.98
CA PHE I 191 79.68 38.59 -30.25
C PHE I 191 80.75 39.56 -30.77
N LYS I 192 81.66 39.93 -29.88
CA LYS I 192 82.72 40.88 -30.24
C LYS I 192 83.74 40.31 -31.21
N ASP I 193 83.71 39.00 -31.47
CA ASP I 193 84.71 38.41 -32.35
C ASP I 193 84.56 38.88 -33.79
N ALA I 194 83.33 39.15 -34.24
CA ALA I 194 83.09 39.50 -35.63
C ALA I 194 83.19 40.99 -35.91
N LEU I 195 83.41 41.81 -34.89
CA LEU I 195 83.50 43.25 -35.06
C LEU I 195 84.94 43.69 -35.36
N PRO I 196 85.12 44.84 -36.01
CA PRO I 196 86.47 45.33 -36.27
C PRO I 196 87.24 45.58 -34.98
N GLU I 197 88.54 45.27 -35.02
CA GLU I 197 89.38 45.45 -33.84
C GLU I 197 89.51 46.91 -33.42
N GLU I 198 89.43 47.84 -34.36
CA GLU I 198 89.50 49.25 -34.01
C GLU I 198 88.33 49.66 -33.12
N TYR I 199 87.20 48.97 -33.24
CA TYR I 199 86.03 49.26 -32.41
C TYR I 199 86.04 48.50 -31.10
N LEU I 200 87.02 47.62 -30.88
CA LEU I 200 87.15 46.90 -29.63
C LEU I 200 87.81 47.81 -28.60
N ASP I 201 87.07 48.17 -27.56
CA ASP I 201 87.57 49.11 -26.57
C ASP I 201 88.48 48.40 -25.56
N GLU I 202 89.01 49.19 -24.62
CA GLU I 202 89.95 48.66 -23.64
C GLU I 202 89.27 47.67 -22.69
N GLU I 203 88.07 48.00 -22.22
CA GLU I 203 87.40 47.12 -21.26
C GLU I 203 87.10 45.76 -21.85
N ASP I 204 86.65 45.71 -23.10
CA ASP I 204 86.42 44.43 -23.75
C ASP I 204 87.73 43.66 -23.92
N ASP I 205 88.83 44.38 -24.18
CA ASP I 205 90.13 43.74 -24.27
C ASP I 205 90.60 43.23 -22.91
N ASP I 206 90.24 43.93 -21.83
CA ASP I 206 90.66 43.55 -20.49
C ASP I 206 89.91 42.34 -19.95
N ASP I 207 88.86 41.88 -20.63
CA ASP I 207 88.05 40.77 -20.16
C ASP I 207 88.48 39.48 -20.82
N ASP I 208 88.45 38.38 -20.05
CA ASP I 208 88.82 37.06 -20.51
C ASP I 208 87.62 36.25 -20.99
N ASP I 209 86.49 36.91 -21.29
CA ASP I 209 85.27 36.24 -21.69
C ASP I 209 84.86 36.59 -23.12
N MET I 210 85.81 36.56 -24.06
CA MET I 210 85.51 36.91 -25.45
C MET I 210 84.39 36.03 -26.00
N GLY I 211 84.28 34.80 -25.53
CA GLY I 211 83.21 33.91 -25.90
C GLY I 211 81.96 34.02 -25.06
N LYS I 212 81.88 35.02 -24.17
CA LYS I 212 80.72 35.18 -23.31
C LYS I 212 80.26 36.63 -23.12
N LYS I 213 80.83 37.59 -23.85
CA LYS I 213 80.38 38.97 -23.80
C LYS I 213 80.01 39.43 -25.20
N MET I 214 78.90 40.17 -25.30
CA MET I 214 78.37 40.64 -26.57
C MET I 214 78.51 42.15 -26.66
N VAL I 215 78.36 42.66 -27.88
CA VAL I 215 78.35 44.10 -28.14
C VAL I 215 77.19 44.41 -29.08
N LYS I 216 76.35 45.37 -28.68
CA LYS I 216 75.18 45.73 -29.47
C LYS I 216 75.57 46.47 -30.74
N ILE I 217 74.82 46.23 -31.81
CA ILE I 217 75.01 46.91 -33.08
C ILE I 217 73.64 47.28 -33.63
N TYR I 218 73.48 48.54 -34.03
CA TYR I 218 72.20 49.06 -34.49
C TYR I 218 72.21 49.24 -36.01
N THR I 219 71.05 49.59 -36.54
CA THR I 219 70.87 49.90 -37.96
C THR I 219 69.80 50.97 -38.09
N CYS I 220 70.04 51.95 -38.95
CA CYS I 220 69.11 53.05 -39.15
C CYS I 220 68.61 53.05 -40.59
N ILE I 221 67.32 53.33 -40.76
CA ILE I 221 66.67 53.38 -42.06
C ILE I 221 65.91 54.69 -42.18
N LYS I 222 66.11 55.40 -43.28
CA LYS I 222 65.38 56.63 -43.56
C LYS I 222 64.82 56.57 -44.97
N PHE I 223 63.54 56.93 -45.10
CA PHE I 223 62.84 56.91 -46.38
C PHE I 223 62.49 58.34 -46.76
N MET I 224 63.13 58.85 -47.80
CA MET I 224 62.89 60.21 -48.25
C MET I 224 63.34 60.35 -49.70
N ASP I 225 62.73 61.30 -50.41
CA ASP I 225 62.87 61.50 -51.86
C ASP I 225 62.93 60.17 -52.59
N ASP I 226 61.95 59.31 -52.29
CA ASP I 226 61.84 57.92 -52.77
C ASP I 226 63.20 57.27 -52.98
N GLN I 227 64.08 57.38 -51.99
CA GLN I 227 65.41 56.78 -52.03
C GLN I 227 65.78 56.39 -50.60
N CYS I 228 65.59 55.12 -50.28
CA CYS I 228 65.90 54.65 -48.93
C CYS I 228 67.40 54.71 -48.66
N HIS I 229 67.75 55.14 -47.46
CA HIS I 229 69.13 55.28 -47.03
C HIS I 229 69.32 54.54 -45.72
N TRP I 230 70.50 53.93 -45.56
CA TRP I 230 70.79 53.16 -44.35
C TRP I 230 72.27 53.21 -44.04
N TYR I 231 72.59 53.02 -42.76
CA TYR I 231 73.98 52.91 -42.32
C TYR I 231 73.99 52.18 -40.98
N GLN I 232 75.13 51.59 -40.66
CA GLN I 232 75.31 50.84 -39.43
C GLN I 232 76.23 51.58 -38.47
N GLU I 233 75.81 51.66 -37.20
CA GLU I 233 76.60 52.34 -36.19
C GLU I 233 76.73 51.44 -34.97
N ILE I 234 77.90 51.50 -34.34
CA ILE I 234 78.15 50.83 -33.07
C ILE I 234 78.83 51.81 -32.12
N LYS I 235 78.37 51.85 -30.88
CA LYS I 235 78.94 52.71 -29.84
C LYS I 235 78.95 54.18 -30.28
N GLY I 236 77.90 54.59 -30.98
CA GLY I 236 77.71 55.99 -31.31
C GLY I 236 78.41 56.50 -32.54
N LYS I 237 79.17 55.67 -33.24
CA LYS I 237 79.87 56.10 -34.45
C LYS I 237 79.60 55.11 -35.57
N GLU I 238 79.51 55.63 -36.80
CA GLU I 238 79.15 54.81 -37.94
C GLU I 238 80.29 53.90 -38.36
N VAL I 239 79.94 52.75 -38.91
CA VAL I 239 80.92 51.78 -39.39
C VAL I 239 81.29 52.13 -40.83
N PRO I 240 82.57 52.32 -41.15
CA PRO I 240 82.95 52.67 -42.52
C PRO I 240 82.61 51.54 -43.50
N GLY I 241 82.22 51.95 -44.71
CA GLY I 241 81.90 50.99 -45.75
C GLY I 241 80.54 50.34 -45.67
N THR I 242 79.72 50.73 -44.70
CA THR I 242 78.39 50.15 -44.53
C THR I 242 77.29 51.01 -45.12
N HIS I 243 77.63 52.10 -45.80
CA HIS I 243 76.64 52.99 -46.37
C HIS I 243 75.94 52.31 -47.56
N GLY I 244 74.82 52.89 -47.98
CA GLY I 244 74.10 52.39 -49.14
C GLY I 244 73.05 53.38 -49.60
N LYS I 245 72.52 53.11 -50.78
CA LYS I 245 71.47 53.96 -51.36
C LYS I 245 70.86 53.24 -52.55
N CYS I 246 69.53 53.28 -52.64
CA CYS I 246 68.82 52.73 -53.79
C CYS I 246 67.42 53.34 -53.84
N ALA I 247 66.77 53.18 -54.99
CA ALA I 247 65.45 53.77 -55.19
C ALA I 247 64.40 53.07 -54.32
N ALA I 248 63.29 53.77 -54.10
CA ALA I 248 62.26 53.27 -53.19
C ALA I 248 61.65 51.97 -53.70
N ASP I 249 61.37 51.88 -55.00
CA ASP I 249 60.73 50.70 -55.54
C ASP I 249 61.68 49.51 -55.73
N VAL I 250 62.97 49.69 -55.48
CA VAL I 250 63.92 48.59 -55.50
C VAL I 250 64.55 48.47 -54.11
N ALA I 251 63.82 48.91 -53.08
CA ALA I 251 64.34 48.89 -51.73
C ALA I 251 64.54 47.45 -51.26
N PRO I 252 65.61 47.20 -50.49
CA PRO I 252 65.86 45.84 -49.97
C PRO I 252 65.05 45.50 -48.74
N TRP I 253 64.32 46.45 -48.17
CA TRP I 253 63.59 46.26 -46.93
C TRP I 253 62.09 46.31 -47.21
N ILE I 254 61.36 45.33 -46.71
CA ILE I 254 59.92 45.22 -46.93
C ILE I 254 59.23 45.11 -45.58
N ALA I 255 58.20 45.93 -45.37
CA ALA I 255 57.40 45.88 -44.15
C ALA I 255 56.04 45.30 -44.47
N LEU I 256 55.54 44.48 -43.56
CA LEU I 256 54.29 43.75 -43.77
C LEU I 256 53.35 43.98 -42.60
N ARG I 257 52.08 43.63 -42.81
CA ARG I 257 51.09 43.64 -41.75
C ARG I 257 49.92 42.77 -42.19
N GLN I 258 49.41 41.95 -41.26
CA GLN I 258 48.42 40.94 -41.60
C GLN I 258 47.10 41.58 -42.03
N ASP I 259 46.46 42.30 -41.12
CA ASP I 259 45.20 42.97 -41.40
C ASP I 259 45.49 44.44 -41.62
N ARG I 260 45.16 44.95 -42.80
CA ARG I 260 45.41 46.37 -43.07
C ARG I 260 44.43 47.21 -42.28
N VAL I 261 44.84 47.63 -41.09
CA VAL I 261 44.02 48.47 -40.21
C VAL I 261 44.63 49.86 -40.23
N ASP I 262 43.90 50.82 -40.76
CA ASP I 262 44.45 52.15 -40.99
C ASP I 262 44.74 52.86 -39.67
N SER I 263 45.65 53.83 -39.73
CA SER I 263 46.01 54.65 -38.57
C SER I 263 46.58 53.81 -37.44
N GLU I 264 47.31 52.75 -37.80
CA GLU I 264 47.97 51.89 -36.82
C GLU I 264 49.41 51.66 -37.26
N MET I 265 50.35 51.88 -36.34
CA MET I 265 51.75 51.61 -36.67
C MET I 265 52.05 50.12 -36.70
N TYR I 266 51.19 49.30 -36.08
CA TYR I 266 51.35 47.86 -36.08
C TYR I 266 49.98 47.22 -36.27
N GLY I 267 49.92 46.16 -37.07
CA GLY I 267 48.67 45.52 -37.39
C GLY I 267 48.21 44.58 -36.30
N ARG I 268 47.16 43.83 -36.62
CA ARG I 268 46.57 42.86 -35.71
C ARG I 268 46.79 41.46 -36.27
N SER I 269 47.22 40.54 -35.41
CA SER I 269 47.41 39.16 -35.83
C SER I 269 46.08 38.51 -36.15
N TYR I 270 46.11 37.52 -37.04
CA TYR I 270 44.88 36.82 -37.40
C TYR I 270 44.32 36.05 -36.21
N VAL I 271 45.19 35.41 -35.42
CA VAL I 271 44.73 34.63 -34.27
C VAL I 271 44.00 35.50 -33.25
N GLU I 272 44.33 36.80 -33.18
CA GLU I 272 43.64 37.71 -32.27
C GLU I 272 42.14 37.72 -32.53
N GLN I 273 41.72 37.38 -33.74
CA GLN I 273 40.29 37.33 -34.05
C GLN I 273 39.58 36.30 -33.16
N TYR I 274 40.18 35.13 -32.98
CA TYR I 274 39.53 34.02 -32.27
C TYR I 274 40.24 33.69 -30.95
N TYR I 275 41.08 34.59 -30.47
CA TYR I 275 41.74 34.40 -29.17
C TYR I 275 40.75 34.07 -28.07
N GLY I 276 39.62 34.78 -28.02
CA GLY I 276 38.67 34.56 -26.95
C GLY I 276 38.07 33.16 -26.98
N ASP I 277 37.65 32.72 -28.17
CA ASP I 277 37.11 31.37 -28.31
C ASP I 277 38.16 30.33 -27.95
N LEU I 278 39.40 30.56 -28.35
CA LEU I 278 40.47 29.62 -28.00
C LEU I 278 40.62 29.52 -26.50
N LEU I 279 40.61 30.65 -25.80
CA LEU I 279 40.76 30.63 -24.34
C LEU I 279 39.59 29.90 -23.69
N ALA I 280 38.37 30.16 -24.15
CA ALA I 280 37.21 29.50 -23.56
C ALA I 280 37.27 27.99 -23.77
N LEU I 281 37.63 27.56 -24.98
CA LEU I 281 37.74 26.13 -25.25
C LEU I 281 38.82 25.49 -24.37
N GLU I 282 39.95 26.17 -24.21
CA GLU I 282 41.01 25.68 -23.34
C GLU I 282 40.50 25.47 -21.92
N ASN I 283 39.81 26.47 -21.37
CA ASN I 283 39.34 26.35 -19.99
C ASN I 283 38.33 25.22 -19.85
N LEU I 284 37.41 25.09 -20.81
CA LEU I 284 36.41 24.03 -20.72
C LEU I 284 37.04 22.65 -20.81
N TYR I 285 38.05 22.49 -21.69
CA TYR I 285 38.75 21.22 -21.77
C TYR I 285 39.39 20.88 -20.44
N LYS I 286 40.04 21.86 -19.80
CA LYS I 286 40.63 21.59 -18.50
C LYS I 286 39.57 21.20 -17.49
N ALA I 287 38.41 21.86 -17.55
CA ALA I 287 37.32 21.56 -16.62
C ALA I 287 36.89 20.11 -16.72
N ILE I 288 36.60 19.65 -17.93
CA ILE I 288 36.11 18.28 -18.09
C ILE I 288 37.20 17.28 -17.71
N LEU I 289 38.46 17.60 -18.04
CA LEU I 289 39.54 16.70 -17.67
C LEU I 289 39.65 16.56 -16.15
N GLU I 290 39.53 17.67 -15.42
CA GLU I 290 39.65 17.59 -13.96
C GLU I 290 38.46 16.86 -13.35
N ALA I 291 37.26 17.07 -13.88
CA ALA I 291 36.10 16.33 -13.38
C ALA I 291 36.29 14.84 -13.57
N SER I 292 36.78 14.44 -14.75
CA SER I 292 37.05 13.02 -14.99
C SER I 292 38.12 12.50 -14.04
N ALA I 293 39.13 13.33 -13.76
CA ALA I 293 40.16 12.93 -12.80
C ALA I 293 39.56 12.64 -11.44
N SER I 294 38.65 13.51 -11.00
CA SER I 294 38.03 13.31 -9.69
C SER I 294 37.15 12.07 -9.65
N LEU I 295 36.42 11.79 -10.73
CA LEU I 295 35.44 10.70 -10.68
C LEU I 295 36.09 9.33 -10.77
N SER I 296 37.36 9.24 -11.17
CA SER I 296 37.98 7.95 -11.43
C SER I 296 38.39 7.19 -10.18
N LYS I 297 38.35 7.81 -9.01
CA LYS I 297 38.75 7.13 -7.79
C LYS I 297 37.72 6.07 -7.40
N VAL I 298 38.20 5.02 -6.72
CA VAL I 298 37.35 3.92 -6.27
C VAL I 298 37.58 3.71 -4.78
N LEU I 299 36.49 3.66 -4.01
CA LEU I 299 36.54 3.45 -2.57
C LEU I 299 35.50 2.41 -2.18
N PHE I 300 35.66 1.89 -0.97
CA PHE I 300 34.71 0.95 -0.39
C PHE I 300 34.19 1.52 0.93
N LEU I 301 32.92 1.25 1.21
CA LEU I 301 32.29 1.82 2.41
C LEU I 301 31.59 0.69 3.16
N CYS I 302 31.94 0.53 4.43
CA CYS I 302 31.38 -0.53 5.26
C CYS I 302 30.34 0.05 6.22
N ASN I 303 29.18 -0.60 6.28
CA ASN I 303 28.08 -0.11 7.11
C ASN I 303 28.25 -0.59 8.54
N PRO I 304 28.33 0.30 9.52
CA PRO I 304 28.46 -0.16 10.92
C PRO I 304 27.28 -0.98 11.40
N ASN I 305 26.07 -0.71 10.92
CA ASN I 305 24.91 -1.46 11.37
C ASN I 305 24.93 -2.91 10.89
N GLY I 306 25.72 -3.21 9.87
CA GLY I 306 25.85 -4.57 9.39
C GLY I 306 26.78 -5.39 10.27
N THR I 307 27.13 -6.57 9.76
CA THR I 307 27.98 -7.51 10.48
C THR I 307 29.15 -7.94 9.61
N THR I 308 29.81 -6.98 8.99
CA THR I 308 31.00 -7.22 8.18
C THR I 308 32.20 -6.54 8.83
N ARG I 309 33.29 -7.27 8.96
CA ARG I 309 34.49 -6.71 9.55
C ARG I 309 35.49 -6.36 8.46
N PRO I 310 36.06 -5.15 8.47
CA PRO I 310 37.01 -4.78 7.40
C PRO I 310 38.21 -5.72 7.28
N ARG I 311 38.73 -6.22 8.41
CA ARG I 311 39.87 -7.12 8.35
C ARG I 311 39.52 -8.40 7.61
N THR I 312 38.32 -8.92 7.84
CA THR I 312 37.88 -10.13 7.16
C THR I 312 37.83 -9.92 5.64
N LEU I 313 37.31 -8.77 5.21
CA LEU I 313 37.23 -8.48 3.78
C LEU I 313 38.62 -8.33 3.19
N SER I 314 39.53 -7.66 3.89
CA SER I 314 40.86 -7.42 3.33
C SER I 314 41.70 -8.69 3.28
N GLN I 315 41.69 -9.47 4.36
CA GLN I 315 42.60 -10.61 4.48
C GLN I 315 42.18 -11.82 3.67
N ALA I 316 40.87 -11.98 3.41
CA ALA I 316 40.38 -13.20 2.77
C ALA I 316 40.96 -13.35 1.37
N SER I 317 41.30 -14.59 1.02
CA SER I 317 41.87 -14.90 -0.28
C SER I 317 40.76 -15.14 -1.30
N ASN I 318 41.16 -15.25 -2.56
CA ASN I 318 40.19 -15.37 -3.65
C ASN I 318 39.44 -16.69 -3.56
N GLY I 319 38.13 -16.64 -3.84
CA GLY I 319 37.30 -17.83 -3.86
C GLY I 319 36.90 -18.35 -2.50
N SER I 320 37.25 -17.66 -1.42
CA SER I 320 36.96 -18.14 -0.08
C SER I 320 35.52 -17.84 0.30
N ILE I 321 35.12 -18.28 1.49
CA ILE I 321 33.81 -17.98 2.07
C ILE I 321 34.03 -17.43 3.46
N VAL I 322 33.52 -16.22 3.70
CA VAL I 322 33.58 -15.60 5.02
C VAL I 322 32.18 -15.19 5.44
N GLN I 323 32.05 -14.68 6.66
CA GLN I 323 30.77 -14.28 7.21
C GLN I 323 30.55 -12.80 6.90
N GLY I 324 29.44 -12.49 6.23
CA GLY I 324 29.11 -11.11 5.94
C GLY I 324 27.88 -11.02 5.08
N ASN I 325 27.39 -9.79 4.92
CA ASN I 325 26.24 -9.49 4.09
C ASN I 325 26.66 -8.52 2.99
N ALA I 326 26.39 -8.89 1.74
CA ALA I 326 26.82 -8.08 0.61
C ALA I 326 25.97 -6.82 0.45
N ALA I 327 24.85 -6.72 1.15
CA ALA I 327 23.99 -5.56 1.00
C ALA I 327 24.51 -4.33 1.74
N ASP I 328 25.53 -4.49 2.60
CA ASP I 328 26.01 -3.34 3.37
C ASP I 328 27.28 -2.75 2.77
N VAL I 329 28.10 -3.57 2.13
CA VAL I 329 29.30 -3.06 1.47
C VAL I 329 28.88 -2.34 0.19
N THR I 330 29.22 -1.06 0.10
CA THR I 330 28.85 -0.23 -1.03
C THR I 330 30.06 0.56 -1.52
N VAL I 331 30.00 1.00 -2.77
CA VAL I 331 31.08 1.72 -3.41
C VAL I 331 30.63 3.15 -3.65
N LEU I 332 31.47 4.11 -3.28
CA LEU I 332 31.17 5.52 -3.47
C LEU I 332 31.18 5.87 -4.96
N GLN I 333 30.15 6.58 -5.40
CA GLN I 333 30.04 6.98 -6.79
C GLN I 333 29.20 8.25 -6.88
N ALA I 334 29.27 8.89 -8.05
CA ALA I 334 28.46 10.07 -8.36
C ALA I 334 27.17 9.59 -8.98
N ALA I 335 26.04 9.89 -8.33
CA ALA I 335 24.75 9.35 -8.74
C ALA I 335 24.38 9.78 -10.16
N GLY I 336 24.08 11.07 -10.33
CA GLY I 336 23.77 11.57 -11.66
C GLY I 336 24.62 12.76 -12.06
N LYS I 337 25.54 12.56 -13.01
CA LYS I 337 26.34 13.66 -13.52
C LYS I 337 26.46 13.58 -15.04
N SER I 338 25.99 12.48 -15.63
CA SER I 338 26.20 12.25 -17.05
C SER I 338 25.56 13.33 -17.90
N GLN I 339 24.39 13.84 -17.50
CA GLN I 339 23.71 14.86 -18.29
C GLN I 339 24.55 16.13 -18.41
N ASP I 340 25.11 16.58 -17.29
CA ASP I 340 25.91 17.80 -17.30
C ASP I 340 27.17 17.63 -18.14
N LEU I 341 27.83 16.48 -17.99
CA LEU I 341 29.05 16.23 -18.75
C LEU I 341 28.74 16.14 -20.24
N GLN I 342 27.60 15.55 -20.61
CA GLN I 342 27.24 15.48 -22.02
C GLN I 342 26.88 16.86 -22.57
N ILE I 343 26.28 17.72 -21.76
CA ILE I 343 26.03 19.09 -22.21
C ILE I 343 27.35 19.81 -22.46
N ALA I 344 28.30 19.65 -21.54
CA ALA I 344 29.61 20.29 -21.72
C ALA I 344 30.31 19.75 -22.96
N ASN I 345 30.22 18.44 -23.20
CA ASN I 345 30.81 17.86 -24.40
C ASN I 345 30.16 18.42 -25.65
N GLN I 346 28.83 18.59 -25.65
CA GLN I 346 28.15 19.14 -26.81
C GLN I 346 28.63 20.54 -27.11
N THR I 347 28.71 21.39 -26.09
CA THR I 347 29.10 22.77 -26.36
C THR I 347 30.58 22.86 -26.75
N ILE I 348 31.43 22.02 -26.15
CA ILE I 348 32.84 22.00 -26.54
C ILE I 348 32.98 21.57 -28.00
N GLU I 349 32.23 20.54 -28.40
CA GLU I 349 32.28 20.08 -29.78
C GLU I 349 31.81 21.16 -30.74
N ARG I 350 30.75 21.88 -30.38
CA ARG I 350 30.27 22.95 -31.26
C ARG I 350 31.30 24.06 -31.40
N ILE I 351 31.92 24.47 -30.29
CA ILE I 351 32.94 25.51 -30.36
C ILE I 351 34.12 25.05 -31.21
N GLU I 352 34.54 23.80 -31.03
CA GLU I 352 35.68 23.27 -31.78
C GLU I 352 35.34 23.21 -33.26
N ASN I 353 34.11 22.83 -33.61
CA ASN I 353 33.71 22.80 -35.00
C ASN I 353 33.73 24.20 -35.60
N ARG I 354 33.26 25.20 -34.85
CA ARG I 354 33.32 26.58 -35.33
C ARG I 354 34.76 27.00 -35.61
N LEU I 355 35.66 26.71 -34.66
CA LEU I 355 37.06 27.08 -34.84
C LEU I 355 37.69 26.35 -36.03
N ALA I 356 37.37 25.06 -36.18
CA ALA I 356 37.93 24.29 -37.29
C ALA I 356 37.46 24.84 -38.63
N PHE I 357 36.18 25.19 -38.73
CA PHE I 357 35.68 25.82 -39.95
C PHE I 357 36.38 27.14 -40.20
N ALA I 358 36.62 27.93 -39.14
CA ALA I 358 37.30 29.21 -39.30
C ALA I 358 38.73 29.06 -39.79
N PHE I 359 39.49 28.09 -39.27
CA PHE I 359 40.88 27.91 -39.66
C PHE I 359 41.03 27.05 -40.91
N MET I 360 39.92 26.66 -41.53
CA MET I 360 39.91 26.06 -42.87
C MET I 360 40.60 24.70 -42.93
N LEU I 361 40.77 24.09 -41.76
CA LEU I 361 41.26 22.71 -41.71
C LEU I 361 40.30 21.78 -42.44
N ASN I 362 40.81 20.60 -42.79
CA ASN I 362 40.07 19.64 -43.60
C ASN I 362 39.16 18.73 -42.78
N THR I 363 39.26 18.78 -41.44
CA THR I 363 38.52 17.81 -40.63
C THR I 363 37.03 18.14 -40.57
N ALA I 364 36.68 19.42 -40.40
CA ALA I 364 35.27 19.79 -40.32
C ALA I 364 34.54 19.59 -41.63
N ILE I 365 35.29 19.36 -42.72
CA ILE I 365 34.69 19.17 -44.03
C ILE I 365 33.92 17.86 -44.10
N GLN I 366 34.42 16.80 -43.45
CA GLN I 366 33.78 15.50 -43.50
C GLN I 366 32.40 15.53 -42.83
N ARG I 367 31.41 14.94 -43.49
CA ARG I 367 30.08 14.77 -42.92
C ARG I 367 29.88 13.30 -42.62
N PRO I 368 29.95 12.87 -41.35
CA PRO I 368 29.88 11.44 -41.05
C PRO I 368 28.51 10.85 -41.36
N GLY I 369 28.50 9.66 -41.96
CA GLY I 369 27.32 8.84 -42.08
C GLY I 369 26.97 8.46 -43.51
N GLU I 370 27.07 9.41 -44.44
CA GLU I 370 26.56 9.17 -45.79
C GLU I 370 27.57 9.67 -46.81
N ARG I 371 27.46 9.13 -48.03
CA ARG I 371 28.42 9.40 -49.08
C ARG I 371 28.37 10.86 -49.52
N VAL I 372 29.53 11.35 -49.97
CA VAL I 372 29.67 12.69 -50.52
C VAL I 372 30.24 12.57 -51.93
N THR I 373 29.62 13.27 -52.87
CA THR I 373 30.03 13.18 -54.26
C THR I 373 31.30 13.98 -54.52
N ALA I 374 31.95 13.68 -55.64
CA ALA I 374 33.13 14.43 -56.04
C ALA I 374 32.80 15.89 -56.35
N GLU I 375 31.64 16.11 -56.98
CA GLU I 375 31.20 17.48 -57.25
C GLU I 375 30.96 18.25 -55.95
N GLU I 376 30.37 17.58 -54.95
CA GLU I 376 30.19 18.19 -53.64
C GLU I 376 31.54 18.57 -53.04
N ILE I 377 32.52 17.66 -53.14
CA ILE I 377 33.84 17.92 -52.56
C ILE I 377 34.50 19.11 -53.26
N ARG I 378 34.38 19.18 -54.59
CA ARG I 378 34.91 20.34 -55.31
C ARG I 378 34.19 21.63 -54.88
N TYR I 379 32.89 21.53 -54.64
CA TYR I 379 32.10 22.70 -54.25
C TYR I 379 32.59 23.27 -52.92
N MET I 380 32.75 22.41 -51.92
CA MET I 380 33.21 22.89 -50.61
C MET I 380 34.71 23.21 -50.63
N ALA I 381 35.47 22.60 -51.53
CA ALA I 381 36.85 23.05 -51.72
C ALA I 381 36.88 24.48 -52.28
N GLN I 382 35.96 24.79 -53.19
CA GLN I 382 35.78 26.17 -53.64
C GLN I 382 35.45 27.07 -52.45
N GLU I 383 34.60 26.60 -51.55
CA GLU I 383 34.29 27.38 -50.34
C GLU I 383 35.55 27.69 -49.54
N LEU I 384 36.37 26.67 -49.27
CA LEU I 384 37.59 26.90 -48.49
C LEU I 384 38.56 27.83 -49.21
N ASP I 385 38.72 27.68 -50.53
CA ASP I 385 39.59 28.59 -51.26
C ASP I 385 39.05 30.01 -51.22
N ALA I 386 37.72 30.17 -51.24
CA ALA I 386 37.13 31.49 -51.18
C ALA I 386 37.32 32.13 -49.82
N GLY I 387 37.39 31.31 -48.77
CA GLY I 387 37.40 31.84 -47.42
C GLY I 387 38.55 32.77 -47.05
N ILE I 388 39.68 32.72 -47.75
CA ILE I 388 40.86 33.48 -47.35
C ILE I 388 41.31 34.36 -48.52
N SER I 389 40.35 34.73 -49.37
CA SER I 389 40.66 35.51 -50.56
C SER I 389 41.26 36.87 -50.22
N GLY I 390 40.75 37.50 -49.16
CA GLY I 390 41.31 38.79 -48.76
C GLY I 390 42.78 38.70 -48.41
N LEU I 391 43.16 37.68 -47.63
CA LEU I 391 44.56 37.49 -47.29
C LEU I 391 45.40 37.20 -48.53
N TYR I 392 44.89 36.34 -49.43
CA TYR I 392 45.67 36.09 -50.65
C TYR I 392 45.89 37.39 -51.43
N SER I 393 44.85 38.20 -51.55
CA SER I 393 44.95 39.44 -52.32
C SER I 393 45.94 40.40 -51.69
N ILE I 394 45.86 40.59 -50.37
CA ILE I 394 46.75 41.57 -49.74
C ILE I 394 48.19 41.10 -49.78
N LEU I 395 48.43 39.80 -49.58
CA LEU I 395 49.79 39.30 -49.70
C LEU I 395 50.32 39.43 -51.12
N SER I 396 49.47 39.16 -52.12
CA SER I 396 49.90 39.32 -53.51
C SER I 396 50.27 40.77 -53.80
N ARG I 397 49.50 41.71 -53.26
CA ARG I 397 49.80 43.12 -53.50
C ARG I 397 51.05 43.57 -52.76
N GLU I 398 51.31 43.00 -51.58
CA GLU I 398 52.35 43.52 -50.70
C GLU I 398 53.71 42.84 -50.87
N LEU I 399 53.76 41.54 -51.09
CA LEU I 399 55.01 40.78 -51.03
C LEU I 399 55.59 40.46 -52.40
N GLN I 400 54.77 39.92 -53.31
CA GLN I 400 55.30 39.37 -54.55
C GLN I 400 55.95 40.45 -55.42
N LEU I 401 55.23 41.54 -55.67
CA LEU I 401 55.74 42.57 -56.58
C LEU I 401 57.02 43.23 -56.09
N PRO I 402 57.11 43.73 -54.85
CA PRO I 402 58.39 44.31 -54.41
C PRO I 402 59.52 43.31 -54.40
N LEU I 403 59.24 42.05 -54.05
CA LEU I 403 60.30 41.06 -54.00
C LEU I 403 60.90 40.83 -55.39
N VAL I 404 60.04 40.61 -56.39
CA VAL I 404 60.54 40.37 -57.73
C VAL I 404 61.21 41.62 -58.29
N ARG I 405 60.71 42.81 -57.93
CA ARG I 405 61.32 44.04 -58.42
C ARG I 405 62.72 44.21 -57.86
N ARG I 406 62.89 44.01 -56.54
CA ARG I 406 64.23 44.06 -55.95
C ARG I 406 65.12 42.98 -56.55
N LEU I 407 64.55 41.80 -56.83
CA LEU I 407 65.32 40.72 -57.41
C LEU I 407 65.88 41.10 -58.78
N ILE I 408 65.03 41.64 -59.64
CA ILE I 408 65.51 42.00 -60.98
C ILE I 408 66.48 43.16 -60.90
N HIS I 409 66.27 44.11 -59.99
CA HIS I 409 67.24 45.20 -59.84
C HIS I 409 68.61 44.67 -59.43
N ILE I 410 68.64 43.75 -58.45
CA ILE I 410 69.90 43.15 -58.03
C ILE I 410 70.55 42.43 -59.20
N LEU I 411 69.77 41.66 -59.94
CA LEU I 411 70.30 40.91 -61.08
C LEU I 411 70.91 41.85 -62.11
N ARG I 412 70.21 42.95 -62.42
CA ARG I 412 70.72 43.89 -63.42
C ARG I 412 71.99 44.58 -62.95
N ARG I 413 72.04 44.97 -61.67
CA ARG I 413 73.27 45.58 -61.15
C ARG I 413 74.42 44.60 -61.20
N LYS I 414 74.15 43.31 -61.00
CA LYS I 414 75.18 42.29 -61.11
C LYS I 414 75.70 42.13 -62.54
N ARG I 415 75.03 42.72 -63.53
CA ARG I 415 75.39 42.72 -64.94
C ARG I 415 75.26 41.34 -65.58
N LYS I 416 74.44 40.46 -65.02
CA LYS I 416 74.20 39.16 -65.65
C LYS I 416 73.16 39.25 -66.76
N LEU I 417 72.54 40.41 -66.95
CA LEU I 417 71.56 40.64 -67.99
C LEU I 417 71.55 42.12 -68.35
N PRO I 418 71.56 42.46 -69.63
CA PRO I 418 71.51 43.88 -70.02
C PRO I 418 70.22 44.57 -69.62
N ASP I 419 70.25 45.90 -69.58
CA ASP I 419 69.15 46.70 -69.07
C ASP I 419 67.91 46.55 -69.95
N PHE I 420 66.74 46.69 -69.32
CA PHE I 420 65.48 46.61 -70.05
C PHE I 420 65.32 47.83 -70.96
N PRO I 421 64.77 47.66 -72.15
CA PRO I 421 64.43 48.82 -72.97
C PRO I 421 63.39 49.68 -72.27
N ARG I 422 63.49 50.99 -72.50
CA ARG I 422 62.57 51.95 -71.90
C ARG I 422 61.73 52.61 -72.98
N SER I 423 60.54 53.05 -72.59
CA SER I 423 59.62 53.67 -73.53
C SER I 423 60.18 55.00 -74.04
N GLU I 424 59.97 55.28 -75.32
CA GLU I 424 60.38 56.56 -75.88
C GLU I 424 59.45 57.69 -75.41
N VAL I 425 58.14 57.44 -75.43
CA VAL I 425 57.18 58.48 -75.07
C VAL I 425 57.22 58.77 -73.56
N THR I 426 57.25 57.71 -72.75
CA THR I 426 57.08 57.85 -71.31
C THR I 426 58.33 57.51 -70.51
N GLY I 427 59.16 56.59 -70.98
CA GLY I 427 60.33 56.16 -70.24
C GLY I 427 60.13 54.96 -69.35
N GLU I 428 58.90 54.47 -69.20
CA GLU I 428 58.65 53.28 -68.42
C GLU I 428 59.22 52.05 -69.14
N PRO I 429 59.62 51.03 -68.39
CA PRO I 429 60.12 49.80 -69.03
C PRO I 429 59.04 49.17 -69.91
N LEU I 430 59.47 48.58 -71.02
CA LEU I 430 58.55 47.99 -71.98
C LEU I 430 57.91 46.70 -71.47
N ILE I 431 58.37 46.16 -70.35
CA ILE I 431 57.87 44.90 -69.83
C ILE I 431 57.59 45.06 -68.35
N LYS I 432 56.41 44.62 -67.90
CA LYS I 432 55.95 44.78 -66.54
C LYS I 432 55.66 43.41 -65.91
N GLU I 433 55.07 43.45 -64.71
CA GLU I 433 54.95 42.27 -63.86
C GLU I 433 53.51 42.03 -63.45
N LYS I 434 53.23 40.81 -63.00
CA LYS I 434 51.89 40.36 -62.63
C LYS I 434 52.03 39.28 -61.57
N ALA I 435 51.10 39.28 -60.62
CA ALA I 435 51.13 38.35 -59.49
C ALA I 435 49.98 37.35 -59.62
N VAL I 436 50.27 36.07 -59.39
CA VAL I 436 49.33 34.98 -59.59
C VAL I 436 49.15 34.26 -58.26
N THR I 437 47.89 34.14 -57.80
CA THR I 437 47.59 33.52 -56.52
C THR I 437 46.38 32.60 -56.63
N GLY I 438 46.50 31.43 -56.03
CA GLY I 438 45.32 30.59 -55.80
C GLY I 438 44.83 29.88 -57.05
N ILE I 439 43.53 30.05 -57.31
CA ILE I 439 42.89 29.35 -58.42
C ILE I 439 43.51 29.76 -59.75
N GLU I 440 44.03 30.98 -59.84
CA GLU I 440 44.74 31.40 -61.05
C GLU I 440 45.97 30.52 -61.29
N ALA I 441 46.75 30.28 -60.24
CA ALA I 441 47.92 29.41 -60.36
C ALA I 441 47.50 27.97 -60.64
N ILE I 442 46.43 27.51 -60.00
CA ILE I 442 45.96 26.14 -60.21
C ILE I 442 45.49 25.95 -61.66
N GLY I 443 44.83 26.95 -62.22
CA GLY I 443 44.18 26.82 -63.51
C GLY I 443 44.80 27.61 -64.64
N ARG I 444 46.06 28.03 -64.53
CA ARG I 444 46.78 28.41 -65.74
C ARG I 444 46.83 27.23 -66.72
N GLY I 445 47.01 26.03 -66.19
CA GLY I 445 46.85 24.84 -67.01
C GLY I 445 45.45 24.71 -67.58
N ASP I 446 44.43 25.12 -66.81
CA ASP I 446 43.08 25.11 -67.34
C ASP I 446 42.90 26.12 -68.45
N ASP I 447 43.57 27.28 -68.37
CA ASP I 447 43.53 28.25 -69.45
C ASP I 447 44.17 27.69 -70.72
N ARG I 448 45.32 27.04 -70.56
CA ARG I 448 45.95 26.34 -71.68
C ARG I 448 45.01 25.31 -72.27
N ASN I 449 44.36 24.54 -71.40
CA ASN I 449 43.41 23.53 -71.85
C ASN I 449 42.21 24.16 -72.55
N LYS I 450 41.79 25.34 -72.10
CA LYS I 450 40.70 26.03 -72.78
C LYS I 450 41.10 26.45 -74.18
N LEU I 451 42.30 27.00 -74.34
CA LEU I 451 42.78 27.36 -75.67
C LEU I 451 42.86 26.14 -76.58
N ILE I 452 43.44 25.05 -76.06
CA ILE I 452 43.60 23.85 -76.87
C ILE I 452 42.24 23.22 -77.17
N ASP I 453 41.31 23.28 -76.22
CA ASP I 453 39.99 22.69 -76.44
C ASP I 453 39.20 23.50 -77.44
N PHE I 454 39.36 24.82 -77.45
CA PHE I 454 38.77 25.63 -78.50
C PHE I 454 39.34 25.25 -79.86
N ILE I 455 40.66 25.07 -79.93
CA ILE I 455 41.30 24.67 -81.18
C ILE I 455 40.78 23.32 -81.64
N THR I 456 40.70 22.36 -80.71
CA THR I 456 40.26 21.01 -81.05
C THR I 456 38.79 20.99 -81.45
N THR I 457 37.95 21.77 -80.77
CA THR I 457 36.54 21.86 -81.13
C THR I 457 36.37 22.46 -82.52
N ALA I 458 37.17 23.49 -82.84
CA ALA I 458 37.15 24.02 -84.20
C ALA I 458 37.57 22.96 -85.21
N ASN I 459 38.62 22.19 -84.90
CA ASN I 459 39.06 21.16 -85.81
C ASN I 459 38.00 20.09 -86.02
N GLN I 460 37.30 19.72 -84.94
CA GLN I 460 36.20 18.76 -85.05
C GLN I 460 35.07 19.32 -85.92
N ALA I 461 34.72 20.58 -85.70
CA ALA I 461 33.61 21.17 -86.45
C ALA I 461 33.95 21.31 -87.93
N LEU I 462 35.21 21.58 -88.27
CA LEU I 462 35.57 21.91 -89.64
C LEU I 462 36.33 20.77 -90.32
N GLY I 463 37.11 19.99 -89.58
CA GLY I 463 37.78 18.83 -90.13
C GLY I 463 39.06 19.17 -90.85
N PRO I 464 39.58 18.21 -91.62
CA PRO I 464 40.71 18.51 -92.50
C PRO I 464 40.58 19.82 -93.26
N GLN I 465 39.36 20.22 -93.64
CA GLN I 465 39.17 21.46 -94.38
C GLN I 465 39.34 22.68 -93.50
N ALA I 466 39.52 22.49 -92.19
CA ALA I 466 39.80 23.62 -91.32
C ALA I 466 41.11 24.30 -91.71
N MET I 467 42.09 23.53 -92.14
CA MET I 467 43.49 23.91 -92.07
C MET I 467 43.82 25.14 -93.02
N THR I 468 42.79 25.83 -93.51
CA THR I 468 42.95 26.90 -94.50
C THR I 468 43.06 28.30 -93.93
N GLN I 469 42.04 28.85 -93.22
CA GLN I 469 42.01 30.32 -93.13
C GLN I 469 41.50 30.99 -91.83
N PHE I 470 41.19 30.29 -90.73
CA PHE I 470 40.91 30.99 -89.46
C PHE I 470 41.90 30.69 -88.34
N LEU I 471 42.02 29.44 -87.88
CA LEU I 471 42.68 29.13 -86.61
C LEU I 471 43.90 28.24 -86.86
N ASN I 472 45.08 28.77 -86.57
CA ASN I 472 46.32 28.13 -86.97
C ASN I 472 46.48 26.74 -86.36
N VAL I 473 47.03 25.81 -87.15
CA VAL I 473 47.33 24.47 -86.67
C VAL I 473 48.53 24.48 -85.72
N GLU I 474 49.11 25.66 -85.48
CA GLU I 474 50.01 25.94 -84.37
C GLU I 474 51.30 25.14 -84.40
N GLU I 475 51.53 24.33 -85.45
CA GLU I 475 52.88 24.01 -85.93
C GLU I 475 53.91 23.64 -84.87
N ALA I 476 53.82 22.47 -84.23
CA ALA I 476 54.73 22.16 -83.14
C ALA I 476 56.02 21.43 -83.56
N LEU I 477 57.12 22.13 -83.91
CA LEU I 477 58.47 21.58 -83.79
C LEU I 477 59.50 22.57 -83.22
N ARG I 478 59.43 23.85 -83.59
CA ARG I 478 60.57 24.77 -83.41
C ARG I 478 60.45 25.61 -82.14
N ARG I 479 59.42 26.47 -82.05
CA ARG I 479 59.40 27.58 -81.10
C ARG I 479 59.01 27.15 -79.68
N LEU I 480 57.93 26.38 -79.54
CA LEU I 480 57.58 25.85 -78.23
C LEU I 480 58.68 24.98 -77.64
N ALA I 481 59.56 24.42 -78.48
CA ALA I 481 60.78 23.81 -77.98
C ALA I 481 61.72 24.86 -77.40
N ALA I 482 61.73 26.06 -77.99
CA ALA I 482 62.44 27.19 -77.43
C ALA I 482 61.62 27.94 -76.38
N SER I 483 60.32 27.64 -76.28
CA SER I 483 59.47 28.18 -75.23
C SER I 483 59.58 27.26 -74.02
N GLY I 484 59.43 27.83 -72.83
CA GLY I 484 59.81 27.10 -71.64
C GLY I 484 61.28 26.76 -71.64
N SER I 485 62.12 27.69 -72.11
CA SER I 485 63.57 27.52 -72.29
C SER I 485 63.88 26.52 -73.39
N ILE I 486 65.11 25.98 -73.37
CA ILE I 486 65.67 25.13 -74.42
C ILE I 486 65.74 25.92 -75.73
N ASP I 487 66.60 25.48 -76.65
CA ASP I 487 66.76 26.17 -77.93
C ASP I 487 66.06 25.42 -79.05
N THR I 488 66.13 26.00 -80.25
CA THR I 488 65.60 25.40 -81.46
C THR I 488 66.68 24.52 -82.11
N THR I 489 66.43 24.11 -83.36
CA THR I 489 67.30 23.25 -84.16
C THR I 489 67.31 21.82 -83.62
N ASN I 490 68.48 21.18 -83.68
CA ASN I 490 68.65 19.78 -83.29
C ASN I 490 67.85 18.87 -84.22
N LEU I 491 66.66 18.43 -83.79
CA LEU I 491 65.79 17.72 -84.72
C LEU I 491 65.25 18.64 -85.80
N VAL I 492 65.13 19.93 -85.52
CA VAL I 492 64.56 20.86 -86.48
C VAL I 492 65.44 20.92 -87.71
N LYS I 493 64.90 20.52 -88.86
CA LYS I 493 65.53 20.83 -90.12
C LYS I 493 65.42 22.34 -90.34
N THR I 494 66.52 23.06 -90.20
CA THR I 494 66.47 24.51 -90.28
C THR I 494 65.97 24.96 -91.65
N LYS I 495 65.35 26.12 -91.68
CA LYS I 495 64.83 26.65 -92.94
C LYS I 495 65.93 26.73 -93.99
N ALA I 496 67.14 27.11 -93.59
CA ALA I 496 68.26 27.10 -94.52
C ALA I 496 68.57 25.68 -95.00
N GLN I 497 68.66 24.73 -94.06
CA GLN I 497 68.94 23.35 -94.45
C GLN I 497 67.78 22.75 -95.26
N LEU I 498 66.54 23.07 -94.89
CA LEU I 498 65.40 22.58 -95.66
C LEU I 498 65.43 23.13 -97.08
N GLN I 499 65.75 24.41 -97.24
CA GLN I 499 65.86 24.99 -98.57
C GLN I 499 67.00 24.36 -99.36
N GLN I 500 68.13 24.12 -98.70
CA GLN I 500 69.27 23.48 -99.37
C GLN I 500 68.90 22.08 -99.85
N GLU I 501 68.23 21.31 -99.01
CA GLU I 501 67.84 19.96 -99.40
C GLU I 501 66.77 19.98 -100.48
N ALA I 502 65.85 20.95 -100.44
CA ALA I 502 64.88 21.09 -101.51
C ALA I 502 65.56 21.42 -102.83
N ALA I 503 66.57 22.29 -102.79
CA ALA I 503 67.33 22.61 -104.01
C ALA I 503 68.07 21.40 -104.53
N ALA I 504 68.68 20.62 -103.62
CA ALA I 504 69.36 19.40 -104.04
C ALA I 504 68.39 18.40 -104.65
N GLN I 505 67.20 18.27 -104.06
CA GLN I 505 66.18 17.38 -104.62
C GLN I 505 65.74 17.85 -105.99
N ALA I 506 65.54 19.16 -106.15
CA ALA I 506 65.15 19.70 -107.45
C ALA I 506 66.23 19.46 -108.49
N GLU I 507 67.50 19.63 -108.11
CA GLU I 507 68.59 19.35 -109.03
C GLU I 507 68.64 17.87 -109.41
N ALA I 508 68.40 16.98 -108.44
CA ALA I 508 68.39 15.55 -108.74
C ALA I 508 67.27 15.20 -109.69
N GLU I 509 66.07 15.74 -109.46
CA GLU I 509 64.97 15.48 -110.39
C GLU I 509 65.24 16.07 -111.76
N GLN I 510 65.86 17.25 -111.83
CA GLN I 510 66.22 17.81 -113.13
C GLN I 510 67.24 16.94 -113.85
N GLN I 511 68.21 16.39 -113.10
CA GLN I 511 69.15 15.45 -113.68
C GLN I 511 68.43 14.22 -114.22
N ALA I 512 67.37 13.79 -113.52
CA ALA I 512 66.52 12.73 -114.04
C ALA I 512 65.86 13.17 -115.34
N GLN I 513 65.36 14.40 -115.39
CA GLN I 513 64.67 14.88 -116.59
C GLN I 513 65.64 15.13 -117.73
N GLN I 514 66.82 15.69 -117.46
CA GLN I 514 67.78 15.92 -118.53
C GLN I 514 68.24 14.60 -119.10
N GLN I 515 68.32 14.53 -120.42
CA GLN I 515 68.61 13.31 -121.17
C GLN I 515 67.75 12.14 -120.68
N GLN I 516 66.49 12.47 -120.35
CA GLN I 516 65.53 11.45 -119.93
C GLN I 516 65.47 10.37 -120.98
N LEU I 517 65.91 9.17 -120.63
CA LEU I 517 66.23 8.13 -121.60
C LEU I 517 67.13 8.73 -122.68
N LEU I 518 66.54 8.98 -123.86
CA LEU I 518 67.24 9.52 -125.02
C LEU I 518 68.30 8.54 -125.51
N GLU I 519 69.42 8.41 -124.79
CA GLU I 519 70.61 7.78 -125.37
C GLU I 519 70.31 6.37 -125.86
N THR I 520 69.28 5.74 -125.27
CA THR I 520 68.77 4.47 -125.74
C THR I 520 67.30 4.49 -126.07
N GLY I 521 66.51 5.37 -125.43
CA GLY I 521 65.08 5.39 -125.68
C GLY I 521 64.70 5.94 -127.03
N ILE I 522 65.59 6.74 -127.65
CA ILE I 522 65.32 7.30 -128.96
C ILE I 522 65.06 6.20 -130.00
N LYS I 523 64.32 6.58 -131.04
CA LYS I 523 63.69 5.65 -131.97
C LYS I 523 64.63 4.56 -132.50
N SER I 524 65.65 4.95 -133.24
CA SER I 524 66.57 4.04 -133.90
C SER I 524 67.84 4.82 -134.20
N PRO I 525 68.99 4.15 -134.27
CA PRO I 525 70.25 4.89 -134.38
C PRO I 525 70.44 5.50 -135.75
N ALA I 526 69.45 6.24 -136.23
CA ALA I 526 69.61 6.98 -137.47
C ALA I 526 70.71 8.02 -137.32
N MET I 527 70.77 8.69 -136.17
CA MET I 527 71.84 9.65 -135.92
C MET I 527 73.20 8.96 -135.81
N ALA I 528 73.24 7.77 -135.21
CA ALA I 528 74.50 7.03 -135.16
C ALA I 528 74.98 6.66 -136.56
N GLN I 529 74.07 6.15 -137.39
CA GLN I 529 74.39 5.83 -138.77
C GLN I 529 74.79 7.09 -139.53
N ALA I 530 74.15 8.22 -139.22
CA ALA I 530 74.48 9.48 -139.85
C ALA I 530 75.89 9.93 -139.48
N VAL I 531 76.28 9.77 -138.22
CA VAL I 531 77.64 10.09 -137.82
C VAL I 531 78.63 9.16 -138.52
N LYS I 532 78.25 7.90 -138.68
CA LYS I 532 79.06 6.97 -139.46
C LYS I 532 79.25 7.46 -140.89
N ASN I 533 78.17 7.95 -141.51
CA ASN I 533 78.26 8.48 -142.86
C ASN I 533 79.13 9.74 -142.91
N PHE I 534 79.01 10.58 -141.88
CA PHE I 534 79.82 11.80 -141.81
C PHE I 534 81.30 11.46 -141.78
N GLN I 535 81.69 10.61 -140.82
CA GLN I 535 83.10 10.31 -140.63
C GLN I 535 83.68 9.53 -141.81
N GLY I 536 82.88 8.63 -142.38
CA GLY I 536 83.32 7.82 -143.49
C GLY I 536 83.44 8.58 -144.79
N ALA I 537 82.36 9.22 -145.22
CA ALA I 537 82.33 9.90 -146.51
C ALA I 537 82.90 11.31 -146.42
N ASP I 538 84.18 11.48 -146.79
CA ASP I 538 84.84 12.78 -146.90
C ASP I 538 84.65 13.63 -145.65
N PRO I 539 85.40 13.35 -144.58
CA PRO I 539 85.20 14.10 -143.31
C PRO I 539 85.15 15.61 -143.48
N GLU I 540 85.84 16.18 -144.48
CA GLU I 540 85.73 17.61 -144.73
C GLU I 540 84.35 17.97 -145.26
N ARG I 541 83.81 17.13 -146.15
CA ARG I 541 82.44 17.33 -146.60
C ARG I 541 81.47 17.16 -145.44
N ALA I 542 81.78 16.25 -144.51
CA ALA I 542 80.99 16.13 -143.30
C ALA I 542 81.03 17.40 -142.47
N ALA I 543 82.21 18.03 -142.36
CA ALA I 543 82.32 19.26 -141.61
C ALA I 543 81.51 20.39 -142.26
N GLN I 544 81.62 20.54 -143.58
CA GLN I 544 80.86 21.60 -144.23
C GLN I 544 79.37 21.34 -144.19
N ALA I 545 78.96 20.07 -144.26
CA ALA I 545 77.55 19.75 -144.15
C ALA I 545 77.02 19.94 -142.73
N LEU I 546 77.86 19.68 -141.72
CA LEU I 546 77.48 20.00 -140.35
C LEU I 546 77.37 21.52 -140.16
N SER I 547 78.23 22.28 -140.86
CA SER I 547 78.09 23.73 -140.86
C SER I 547 76.76 24.15 -141.48
N ALA I 548 76.36 23.49 -142.57
CA ALA I 548 75.05 23.77 -143.17
C ALA I 548 73.92 23.42 -142.21
N ILE I 549 74.04 22.29 -141.50
CA ILE I 549 73.03 21.91 -140.52
C ILE I 549 72.94 22.96 -139.41
N THR I 550 74.09 23.42 -138.90
CA THR I 550 74.10 24.48 -137.90
C THR I 550 73.70 25.82 -138.49
N SER I 551 73.63 25.92 -139.81
CA SER I 551 73.05 27.09 -140.47
C SER I 551 71.53 27.00 -140.55
N GLU I 552 70.98 25.78 -140.64
CA GLU I 552 69.53 25.61 -140.48
C GLU I 552 69.06 26.14 -139.13
N THR I 553 69.93 26.10 -138.13
CA THR I 553 69.73 26.64 -136.80
C THR I 553 70.78 27.74 -136.56
N GLY I 554 70.91 28.16 -135.31
CA GLY I 554 71.98 29.09 -134.98
C GLY I 554 71.92 29.58 -133.56
N GLY I 555 72.62 30.69 -133.33
CA GLY I 555 72.62 31.34 -132.03
C GLY I 555 73.33 30.54 -130.96
N ILE I 556 74.25 29.67 -131.36
CA ILE I 556 75.01 28.84 -130.43
C ILE I 556 76.47 28.85 -130.87
N ASP I 557 77.37 29.11 -129.93
CA ASP I 557 78.80 29.11 -130.23
C ASP I 557 79.27 27.71 -130.57
N ALA I 558 80.01 27.58 -131.68
CA ALA I 558 80.62 26.31 -132.02
C ALA I 558 81.74 25.93 -131.06
N ASP I 559 82.29 26.91 -130.34
CA ASP I 559 83.31 26.60 -129.33
C ASP I 559 82.74 25.85 -128.15
N GLN I 560 81.42 25.88 -127.95
CA GLN I 560 80.78 25.05 -126.94
C GLN I 560 80.63 23.60 -127.39
N LEU I 561 80.68 23.35 -128.70
CA LEU I 561 80.58 21.98 -129.19
C LEU I 561 81.85 21.19 -128.89
N THR I 562 82.99 21.87 -128.77
CA THR I 562 84.25 21.22 -128.46
C THR I 562 84.57 21.22 -126.97
N GLU I 563 83.56 21.22 -126.11
CA GLU I 563 83.72 21.06 -124.67
C GLU I 563 82.85 19.94 -124.13
N ALA I 564 82.50 18.98 -124.98
CA ALA I 564 81.65 17.87 -124.58
C ALA I 564 82.43 16.56 -124.54
N MET J 1 64.16 -67.02 -41.91
CA MET J 1 64.79 -66.78 -43.20
C MET J 1 65.93 -65.78 -43.07
N LYS J 2 66.23 -65.05 -44.15
CA LYS J 2 67.36 -64.13 -44.17
C LYS J 2 66.97 -62.85 -43.44
N THR J 3 67.67 -62.57 -42.33
CA THR J 3 67.46 -61.35 -41.58
C THR J 3 68.12 -60.17 -42.29
N ARG J 4 67.34 -59.45 -43.09
CA ARG J 4 67.83 -58.28 -43.82
C ARG J 4 66.95 -57.09 -43.46
N LEU J 5 67.27 -56.43 -42.35
CA LEU J 5 66.67 -55.15 -42.01
C LEU J 5 67.57 -53.97 -42.36
N THR J 6 68.79 -54.25 -42.81
CA THR J 6 69.74 -53.23 -43.25
C THR J 6 70.06 -53.43 -44.71
N ASN J 7 70.34 -52.33 -45.42
CA ASN J 7 70.58 -52.40 -46.84
C ASN J 7 71.93 -53.09 -47.13
N ASN J 8 72.04 -53.62 -48.34
CA ASN J 8 73.23 -54.34 -48.78
C ASN J 8 74.12 -53.49 -49.67
N VAL J 9 74.21 -52.19 -49.38
CA VAL J 9 74.99 -51.29 -50.23
C VAL J 9 76.36 -51.00 -49.63
N ASP J 10 76.45 -50.96 -48.29
CA ASP J 10 77.71 -50.71 -47.61
C ASP J 10 78.12 -51.87 -46.71
N ARG J 11 77.60 -53.07 -46.96
CA ARG J 11 77.96 -54.22 -46.13
C ARG J 11 79.43 -54.59 -46.34
N GLN J 12 80.05 -55.05 -45.25
CA GLN J 12 81.48 -55.30 -45.24
C GLN J 12 81.75 -56.55 -44.41
N SER J 13 83.02 -56.76 -44.06
CA SER J 13 83.39 -57.86 -43.20
C SER J 13 83.29 -57.45 -41.74
N ALA J 14 83.51 -58.42 -40.85
CA ALA J 14 83.40 -58.18 -39.41
C ALA J 14 84.56 -57.32 -38.94
N LEU J 15 84.29 -56.03 -38.71
CA LEU J 15 85.32 -55.09 -38.28
C LEU J 15 85.23 -54.72 -36.81
N TYR J 16 84.06 -54.83 -36.20
CA TYR J 16 83.87 -54.49 -34.79
C TYR J 16 83.50 -55.75 -34.02
N GLY J 17 84.23 -56.01 -32.95
CA GLY J 17 83.99 -57.15 -32.10
C GLY J 17 83.17 -56.81 -30.87
N SER J 18 83.40 -57.57 -29.80
CA SER J 18 82.71 -57.40 -28.53
C SER J 18 83.58 -56.73 -27.48
N SER J 19 84.33 -55.69 -27.88
CA SER J 19 85.30 -55.04 -27.00
C SER J 19 84.55 -54.20 -25.97
N GLY J 20 84.07 -54.87 -24.92
CA GLY J 20 83.44 -54.21 -23.80
C GLY J 20 81.93 -54.27 -23.80
N GLY J 21 81.37 -55.21 -23.04
CA GLY J 21 79.94 -55.29 -22.85
C GLY J 21 79.17 -55.62 -24.11
N THR J 22 77.85 -55.63 -23.96
CA THR J 22 76.92 -55.87 -25.07
C THR J 22 75.99 -54.68 -25.19
N ALA J 23 75.41 -54.52 -26.38
CA ALA J 23 74.52 -53.39 -26.61
C ALA J 23 73.31 -53.42 -25.70
N ALA J 24 72.92 -54.61 -25.22
CA ALA J 24 71.80 -54.70 -24.29
C ALA J 24 72.11 -53.98 -22.99
N GLN J 25 73.35 -54.12 -22.50
CA GLN J 25 73.74 -53.43 -21.27
C GLN J 25 73.72 -51.91 -21.46
N ARG J 26 74.22 -51.44 -22.60
CA ARG J 26 74.18 -50.00 -22.86
C ARG J 26 72.75 -49.50 -22.95
N TYR J 27 71.87 -50.27 -23.59
CA TYR J 27 70.47 -49.88 -23.70
C TYR J 27 69.82 -49.80 -22.33
N GLU J 28 70.09 -50.79 -21.47
CA GLU J 28 69.55 -50.77 -20.12
C GLU J 28 70.09 -49.60 -19.31
N GLN J 29 71.35 -49.23 -19.54
CA GLN J 29 71.91 -48.09 -18.83
C GLN J 29 71.27 -46.78 -19.27
N LEU J 30 71.02 -46.63 -20.58
CA LEU J 30 70.49 -45.37 -21.10
C LEU J 30 68.98 -45.24 -20.97
N ARG J 31 68.25 -46.34 -20.73
CA ARG J 31 66.81 -46.22 -20.61
C ARG J 31 66.41 -45.39 -19.40
N VAL J 32 67.24 -45.36 -18.36
CA VAL J 32 66.93 -44.54 -17.19
C VAL J 32 66.86 -43.06 -17.58
N ASP J 33 67.83 -42.61 -18.37
CA ASP J 33 67.77 -41.24 -18.88
C ASP J 33 66.59 -41.08 -19.84
N ARG J 34 66.36 -42.06 -20.72
CA ARG J 34 65.28 -41.94 -21.69
C ARG J 34 63.90 -41.93 -21.05
N ASN J 35 63.79 -42.30 -19.77
CA ASN J 35 62.47 -42.47 -19.14
C ASN J 35 61.58 -41.23 -19.29
N SER J 36 62.00 -40.11 -18.70
CA SER J 36 61.09 -38.97 -18.52
C SER J 36 60.52 -38.42 -19.84
N PRO J 37 61.31 -38.17 -20.88
CA PRO J 37 60.71 -37.68 -22.13
C PRO J 37 59.65 -38.61 -22.69
N LEU J 38 59.79 -39.92 -22.48
CA LEU J 38 58.75 -40.84 -22.89
C LEU J 38 57.44 -40.55 -22.15
N LYS J 39 57.52 -40.28 -20.85
CA LYS J 39 56.32 -39.95 -20.09
C LYS J 39 55.68 -38.65 -20.60
N ARG J 40 56.50 -37.64 -20.87
CA ARG J 40 55.97 -36.38 -21.39
C ARG J 40 55.27 -36.59 -22.73
N ALA J 41 55.92 -37.33 -23.63
CA ALA J 41 55.33 -37.60 -24.94
C ALA J 41 54.05 -38.40 -24.80
N ARG J 42 54.03 -39.36 -23.88
CA ARG J 42 52.84 -40.18 -23.68
C ARG J 42 51.67 -39.34 -23.18
N ASP J 43 51.91 -38.44 -22.23
CA ASP J 43 50.81 -37.62 -21.74
C ASP J 43 50.32 -36.65 -22.81
N CYS J 44 51.24 -36.07 -23.58
CA CYS J 44 50.81 -35.19 -24.68
C CYS J 44 49.98 -35.96 -25.70
N SER J 45 50.41 -37.17 -26.05
CA SER J 45 49.62 -37.98 -26.96
C SER J 45 48.24 -38.28 -26.38
N LYS J 46 48.18 -38.63 -25.09
CA LYS J 46 46.91 -38.97 -24.48
C LYS J 46 45.95 -37.78 -24.52
N VAL J 47 46.45 -36.58 -24.28
CA VAL J 47 45.55 -35.44 -24.30
C VAL J 47 45.21 -35.04 -25.74
N THR J 48 46.03 -35.42 -26.72
CA THR J 48 45.77 -35.03 -28.10
C THR J 48 45.12 -36.16 -28.91
N ILE J 49 45.78 -37.31 -29.04
CA ILE J 49 45.24 -38.45 -29.77
C ILE J 49 45.42 -39.70 -28.93
N PRO J 50 44.32 -40.30 -28.45
CA PRO J 50 44.44 -41.26 -27.34
C PRO J 50 45.35 -42.45 -27.61
N GLY J 51 45.37 -42.98 -28.83
CA GLY J 51 46.05 -44.23 -29.07
C GLY J 51 47.32 -44.16 -29.90
N LEU J 52 47.90 -42.97 -30.05
CA LEU J 52 49.07 -42.84 -30.91
C LEU J 52 50.30 -43.46 -30.26
N ILE J 53 50.68 -42.97 -29.08
CA ILE J 53 51.78 -43.53 -28.31
C ILE J 53 51.16 -44.29 -27.15
N GLU J 54 51.48 -45.57 -27.03
CA GLU J 54 50.82 -46.44 -26.07
C GLU J 54 51.80 -46.99 -25.04
N ASP J 55 51.26 -47.39 -23.89
CA ASP J 55 52.04 -48.09 -22.89
C ASP J 55 52.31 -49.53 -23.38
N GLU J 56 53.26 -50.19 -22.72
CA GLU J 56 53.66 -51.52 -23.13
C GLU J 56 52.60 -52.58 -22.84
N ASN J 57 51.55 -52.25 -22.10
CA ASN J 57 50.49 -53.20 -21.80
C ASN J 57 49.12 -52.65 -22.18
N TYR J 58 49.05 -51.92 -23.29
CA TYR J 58 47.80 -51.44 -23.87
C TYR J 58 47.79 -51.68 -25.38
N GLY J 59 48.19 -52.88 -25.80
CA GLY J 59 48.28 -53.21 -27.20
C GLY J 59 47.14 -54.06 -27.70
N ASP J 60 47.36 -55.37 -27.78
CA ASP J 60 46.42 -56.33 -28.34
C ASP J 60 45.04 -56.22 -27.72
N ALA J 61 44.96 -56.10 -26.40
CA ALA J 61 43.70 -56.11 -25.67
C ALA J 61 43.64 -54.96 -24.67
N GLY J 62 43.97 -53.75 -25.13
CA GLY J 62 43.82 -52.57 -24.32
C GLY J 62 42.72 -51.66 -24.85
N ARG J 63 42.12 -50.91 -23.94
CA ARG J 63 41.06 -49.95 -24.28
C ARG J 63 41.52 -48.53 -23.98
N LEU J 64 41.32 -47.64 -24.95
CA LEU J 64 41.66 -46.23 -24.81
C LEU J 64 40.41 -45.43 -24.49
N ASP J 65 40.61 -44.18 -24.09
CA ASP J 65 39.56 -43.30 -23.63
C ASP J 65 39.46 -42.11 -24.60
N THR J 66 38.30 -41.46 -24.62
CA THR J 66 38.10 -40.35 -25.54
C THR J 66 37.95 -39.04 -24.79
N PRO J 67 38.57 -37.97 -25.27
CA PRO J 67 38.52 -36.68 -24.56
C PRO J 67 37.17 -36.00 -24.76
N TYR J 68 37.03 -34.85 -24.11
CA TYR J 68 35.83 -34.02 -24.24
C TYR J 68 36.11 -32.76 -25.06
N GLN J 69 37.09 -32.83 -25.96
CA GLN J 69 37.37 -31.73 -26.87
C GLN J 69 38.11 -32.28 -28.08
N SER J 70 37.90 -31.66 -29.24
CA SER J 70 38.49 -32.11 -30.49
C SER J 70 39.42 -31.09 -31.12
N SER J 71 39.81 -30.05 -30.37
CA SER J 71 40.74 -29.07 -30.94
C SER J 71 42.10 -29.69 -31.22
N GLY J 72 42.58 -30.54 -30.31
CA GLY J 72 43.91 -31.12 -30.47
C GLY J 72 44.02 -31.99 -31.71
N ALA J 73 43.05 -32.87 -31.93
CA ALA J 73 43.11 -33.78 -33.06
C ALA J 73 43.03 -33.03 -34.38
N ARG J 74 42.07 -32.10 -34.49
CA ARG J 74 41.93 -31.31 -35.71
C ARG J 74 43.19 -30.51 -35.98
N GLY J 75 43.74 -29.88 -34.95
CA GLY J 75 44.94 -29.08 -35.14
C GLY J 75 46.12 -29.93 -35.57
N VAL J 76 46.32 -31.08 -34.93
CA VAL J 76 47.45 -31.93 -35.29
C VAL J 76 47.32 -32.43 -36.72
N GLY J 77 46.12 -32.88 -37.10
CA GLY J 77 45.94 -33.34 -38.47
C GLY J 77 46.18 -32.25 -39.49
N HIS J 78 45.60 -31.08 -39.26
CA HIS J 78 45.74 -29.97 -40.20
C HIS J 78 47.19 -29.54 -40.32
N MET J 79 47.88 -29.40 -39.19
CA MET J 79 49.28 -28.97 -39.21
C MET J 79 50.16 -30.00 -39.90
N THR J 80 49.97 -31.28 -39.60
CA THR J 80 50.79 -32.31 -40.22
C THR J 80 50.59 -32.33 -41.72
N SER J 81 49.33 -32.26 -42.18
CA SER J 81 49.07 -32.30 -43.61
C SER J 81 49.68 -31.09 -44.30
N LYS J 82 49.50 -29.90 -43.72
CA LYS J 82 50.01 -28.69 -44.37
C LYS J 82 51.54 -28.69 -44.41
N LEU J 83 52.18 -29.10 -43.32
CA LEU J 83 53.64 -29.16 -43.31
C LEU J 83 54.17 -30.17 -44.33
N ALA J 84 53.53 -31.34 -44.40
CA ALA J 84 53.98 -32.34 -45.38
C ALA J 84 53.80 -31.86 -46.80
N VAL J 85 52.67 -31.19 -47.08
CA VAL J 85 52.42 -30.70 -48.44
C VAL J 85 53.42 -29.62 -48.80
N THR J 86 53.67 -28.68 -47.88
CA THR J 86 54.55 -27.56 -48.19
C THR J 86 56.00 -27.99 -48.31
N LEU J 87 56.47 -28.82 -47.37
CA LEU J 87 57.88 -29.20 -47.36
C LEU J 87 58.27 -30.01 -48.60
N PHE J 88 57.35 -30.83 -49.12
CA PHE J 88 57.61 -31.69 -50.26
C PHE J 88 56.54 -31.48 -51.32
N PRO J 89 56.62 -30.37 -52.04
CA PRO J 89 55.61 -30.08 -53.07
C PRO J 89 55.60 -31.14 -54.16
N THR J 90 54.40 -31.48 -54.61
CA THR J 90 54.26 -32.48 -55.67
C THR J 90 54.60 -31.90 -57.04
N ASN J 91 54.45 -30.59 -57.22
CA ASN J 91 54.62 -29.96 -58.53
C ASN J 91 56.09 -29.62 -58.76
N GLU J 92 56.66 -28.78 -57.90
CA GLU J 92 58.00 -28.26 -58.12
C GLU J 92 59.02 -29.05 -57.29
N HIS J 93 60.23 -29.18 -57.85
CA HIS J 93 61.26 -29.98 -57.21
C HIS J 93 61.62 -29.35 -55.86
N PHE J 94 61.78 -30.21 -54.85
CA PHE J 94 62.05 -29.72 -53.50
C PHE J 94 63.53 -29.49 -53.24
N PHE J 95 64.39 -29.73 -54.22
CA PHE J 95 65.81 -29.44 -54.08
C PHE J 95 66.36 -29.06 -55.45
N LYS J 96 67.47 -28.32 -55.44
CA LYS J 96 68.08 -27.85 -56.67
C LYS J 96 69.55 -28.26 -56.70
N LEU J 97 69.92 -29.03 -57.72
CA LEU J 97 71.30 -29.47 -57.91
C LEU J 97 71.97 -28.46 -58.83
N GLU J 98 72.71 -27.52 -58.24
CA GLU J 98 73.13 -26.31 -58.93
C GLU J 98 74.62 -26.34 -59.22
N ILE J 99 74.98 -26.05 -60.47
CA ILE J 99 76.38 -26.01 -60.87
C ILE J 99 77.09 -24.86 -60.19
N ASP J 100 78.34 -25.08 -59.79
CA ASP J 100 79.15 -24.04 -59.18
C ASP J 100 79.81 -23.22 -60.27
N SER J 101 79.19 -22.09 -60.61
CA SER J 101 79.82 -21.13 -61.51
C SER J 101 81.11 -20.56 -60.94
N LEU J 102 81.30 -20.65 -59.62
CA LEU J 102 82.60 -20.32 -59.04
C LEU J 102 83.68 -21.25 -59.56
N ALA J 103 83.39 -22.55 -59.63
CA ALA J 103 84.33 -23.48 -60.23
C ALA J 103 84.50 -23.21 -61.71
N ILE J 104 83.43 -22.74 -62.38
CA ILE J 104 83.54 -22.36 -63.78
C ILE J 104 84.54 -21.22 -63.94
N LEU J 105 84.44 -20.20 -63.09
CA LEU J 105 85.38 -19.09 -63.13
C LEU J 105 86.79 -19.55 -62.80
N ALA J 106 86.94 -20.41 -61.80
CA ALA J 106 88.26 -20.88 -61.39
C ALA J 106 88.93 -21.67 -62.51
N SER J 107 88.17 -22.52 -63.21
CA SER J 107 88.71 -23.34 -64.28
C SER J 107 88.75 -22.62 -65.62
N ASP J 108 88.25 -21.38 -65.69
CA ASP J 108 88.14 -20.63 -66.94
C ASP J 108 87.33 -21.42 -67.97
N GLN J 109 86.18 -21.90 -67.54
CA GLN J 109 85.35 -22.77 -68.38
C GLN J 109 84.71 -21.98 -69.51
N ASN J 110 84.52 -22.67 -70.64
CA ASN J 110 83.85 -22.05 -71.78
C ASN J 110 82.36 -21.91 -71.49
N PRO J 111 81.80 -20.70 -71.61
CA PRO J 111 80.36 -20.52 -71.34
C PRO J 111 79.46 -21.27 -72.32
N GLU J 112 80.00 -21.84 -73.39
CA GLU J 112 79.17 -22.59 -74.32
C GLU J 112 78.69 -23.92 -73.74
N MET J 113 79.42 -24.47 -72.78
CA MET J 113 79.09 -25.78 -72.22
C MET J 113 78.06 -25.73 -71.11
N ILE J 114 77.67 -24.54 -70.65
CA ILE J 114 76.72 -24.45 -69.54
C ILE J 114 75.37 -25.00 -69.93
N THR J 115 75.01 -24.90 -71.21
CA THR J 115 73.75 -25.48 -71.67
C THR J 115 73.73 -27.00 -71.47
N GLU J 116 74.79 -27.67 -71.90
CA GLU J 116 74.88 -29.12 -71.76
C GLU J 116 74.97 -29.51 -70.28
N PHE J 117 75.69 -28.72 -69.49
CA PHE J 117 75.78 -29.00 -68.06
C PHE J 117 74.41 -28.88 -67.41
N ASP J 118 73.62 -27.87 -67.79
CA ASP J 118 72.28 -27.72 -67.25
C ASP J 118 71.39 -28.88 -67.66
N SER J 119 71.51 -29.33 -68.91
CA SER J 119 70.74 -30.49 -69.34
C SER J 119 71.09 -31.73 -68.51
N ALA J 120 72.37 -31.98 -68.30
CA ALA J 120 72.79 -33.12 -67.49
C ALA J 120 72.27 -32.99 -66.06
N LEU J 121 72.36 -31.79 -65.49
CA LEU J 121 71.92 -31.59 -64.11
C LEU J 121 70.42 -31.79 -63.97
N VAL J 122 69.63 -31.30 -64.92
CA VAL J 122 68.19 -31.49 -64.81
C VAL J 122 67.81 -32.96 -65.01
N LYS J 123 68.53 -33.67 -65.87
CA LYS J 123 68.30 -35.10 -66.00
C LYS J 123 68.60 -35.82 -64.69
N VAL J 124 69.71 -35.46 -64.04
CA VAL J 124 70.06 -36.08 -62.77
C VAL J 124 69.00 -35.76 -61.71
N GLU J 125 68.52 -34.52 -61.70
CA GLU J 125 67.47 -34.12 -60.75
C GLU J 125 66.22 -34.98 -60.93
N GLN J 126 65.76 -35.14 -62.18
CA GLN J 126 64.56 -35.93 -62.40
C GLN J 126 64.79 -37.38 -62.03
N ALA J 127 65.99 -37.92 -62.30
CA ALA J 127 66.27 -39.30 -61.95
C ALA J 127 66.23 -39.49 -60.44
N VAL J 128 66.82 -38.54 -59.70
CA VAL J 128 66.82 -38.63 -58.24
C VAL J 128 65.39 -38.59 -57.70
N MET J 129 64.58 -37.65 -58.21
CA MET J 129 63.21 -37.58 -57.74
C MET J 129 62.42 -38.83 -58.09
N ARG J 130 62.65 -39.39 -59.28
CA ARG J 130 61.94 -40.60 -59.66
C ARG J 130 62.29 -41.75 -58.71
N MET J 131 63.58 -41.92 -58.40
CA MET J 131 63.95 -43.02 -57.52
C MET J 131 63.37 -42.79 -56.12
N PHE J 132 63.37 -41.53 -55.66
CA PHE J 132 62.78 -41.22 -54.36
C PHE J 132 61.29 -41.56 -54.33
N GLU J 133 60.56 -41.19 -55.37
CA GLU J 133 59.14 -41.49 -55.42
C GLU J 133 58.90 -42.99 -55.55
N THR J 134 59.87 -43.72 -56.08
CA THR J 134 59.73 -45.17 -56.18
C THR J 134 59.62 -45.82 -54.81
N ILE J 135 60.39 -45.34 -53.84
CA ILE J 135 60.46 -45.98 -52.53
C ILE J 135 59.36 -45.47 -51.61
N GLY J 136 58.46 -44.66 -52.15
CA GLY J 136 57.30 -44.22 -51.40
C GLY J 136 57.62 -43.38 -50.18
N GLY J 137 58.46 -42.36 -50.36
CA GLY J 137 58.89 -41.55 -49.24
C GLY J 137 57.80 -40.67 -48.66
N ARG J 138 56.75 -40.38 -49.43
CA ARG J 138 55.75 -39.43 -48.98
C ARG J 138 55.02 -39.91 -47.73
N ALA J 139 54.60 -41.19 -47.72
CA ALA J 139 53.85 -41.70 -46.58
C ALA J 139 54.71 -41.76 -45.32
N ALA J 140 55.95 -42.23 -45.47
CA ALA J 140 56.86 -42.30 -44.33
C ALA J 140 57.16 -40.90 -43.80
N MET J 141 57.35 -39.93 -44.69
CA MET J 141 57.56 -38.55 -44.25
C MET J 141 56.34 -38.03 -43.51
N HIS J 142 55.14 -38.35 -44.00
CA HIS J 142 53.92 -37.91 -43.32
C HIS J 142 53.86 -38.46 -41.91
N GLU J 143 54.10 -39.77 -41.76
CA GLU J 143 54.06 -40.38 -40.43
C GLU J 143 55.14 -39.80 -39.52
N ALA J 144 56.34 -39.58 -40.06
CA ALA J 144 57.42 -39.02 -39.26
C ALA J 144 57.08 -37.60 -38.80
N LEU J 145 56.49 -36.80 -39.68
CA LEU J 145 56.10 -35.45 -39.28
C LEU J 145 55.05 -35.49 -38.19
N LYS J 146 54.07 -36.39 -38.31
CA LYS J 146 53.06 -36.50 -37.27
C LYS J 146 53.67 -36.87 -35.93
N HIS J 147 54.58 -37.85 -35.92
CA HIS J 147 55.24 -38.24 -34.68
C HIS J 147 56.07 -37.10 -34.13
N LEU J 148 56.75 -36.35 -34.99
CA LEU J 148 57.55 -35.22 -34.53
C LEU J 148 56.68 -34.16 -33.87
N LEU J 149 55.53 -33.85 -34.48
CA LEU J 149 54.64 -32.86 -33.88
C LEU J 149 54.09 -33.33 -32.54
N VAL J 150 53.72 -34.60 -32.44
CA VAL J 150 53.11 -35.08 -31.20
C VAL J 150 54.18 -35.38 -30.15
N GLY J 151 55.23 -36.10 -30.53
CA GLY J 151 56.23 -36.54 -29.57
C GLY J 151 57.44 -35.65 -29.44
N GLY J 152 58.01 -35.24 -30.57
CA GLY J 152 59.19 -34.40 -30.58
C GLY J 152 60.48 -35.11 -30.90
N ASN J 153 60.47 -36.43 -31.05
CA ASN J 153 61.67 -37.18 -31.40
C ASN J 153 61.29 -38.34 -32.31
N VAL J 154 62.13 -38.59 -33.31
CA VAL J 154 61.92 -39.69 -34.25
C VAL J 154 63.22 -39.97 -34.98
N LEU J 155 63.51 -41.25 -35.20
CA LEU J 155 64.75 -41.69 -35.82
C LEU J 155 64.45 -42.34 -37.16
N LEU J 156 65.10 -41.88 -38.21
CA LEU J 156 64.86 -42.35 -39.57
C LEU J 156 65.99 -43.29 -40.01
N TYR J 157 65.64 -44.26 -40.85
CA TYR J 157 66.60 -45.12 -41.52
C TYR J 157 66.29 -45.10 -43.01
N VAL J 158 67.30 -44.82 -43.82
CA VAL J 158 67.13 -44.67 -45.26
C VAL J 158 67.84 -45.83 -45.96
N SER J 159 67.13 -46.51 -46.85
CA SER J 159 67.69 -47.62 -47.61
C SER J 159 67.00 -47.68 -48.96
N ASP J 160 67.61 -48.43 -49.88
CA ASP J 160 67.06 -48.55 -51.21
C ASP J 160 65.69 -49.24 -51.19
N GLU J 161 65.51 -50.19 -50.27
CA GLU J 161 64.23 -50.89 -50.19
C GLU J 161 63.10 -49.98 -49.72
N GLY J 162 63.37 -49.16 -48.72
CA GLY J 162 62.35 -48.24 -48.24
C GLY J 162 62.84 -47.47 -47.03
N ILE J 163 61.98 -46.57 -46.56
CA ILE J 163 62.26 -45.74 -45.40
C ILE J 163 61.49 -46.30 -44.22
N LYS J 164 62.19 -46.60 -43.13
CA LYS J 164 61.61 -47.16 -41.93
C LYS J 164 61.75 -46.17 -40.78
N VAL J 165 60.64 -45.84 -40.14
CA VAL J 165 60.64 -44.94 -38.99
C VAL J 165 60.66 -45.78 -37.72
N ILE J 166 61.25 -45.22 -36.67
CA ILE J 166 61.32 -45.88 -35.37
C ILE J 166 60.80 -44.91 -34.32
N HIS J 167 59.84 -45.34 -33.52
CA HIS J 167 59.26 -44.49 -32.50
C HIS J 167 60.28 -44.22 -31.40
N LEU J 168 59.96 -43.22 -30.56
CA LEU J 168 60.86 -42.86 -29.48
C LEU J 168 61.01 -43.99 -28.47
N ASP J 169 60.01 -44.86 -28.37
CA ASP J 169 60.01 -45.91 -27.36
C ASP J 169 60.88 -47.11 -27.73
N SER J 170 61.76 -46.99 -28.72
CA SER J 170 62.56 -48.13 -29.17
C SER J 170 64.00 -47.78 -29.48
N TYR J 171 64.51 -46.66 -28.96
CA TYR J 171 65.91 -46.33 -29.15
C TYR J 171 66.37 -45.35 -28.09
N VAL J 172 67.68 -45.31 -27.86
CA VAL J 172 68.30 -44.40 -26.92
C VAL J 172 69.58 -43.85 -27.54
N LEU J 173 70.03 -42.71 -27.03
CA LEU J 173 71.20 -42.05 -27.58
C LEU J 173 71.77 -41.07 -26.56
N CYS J 174 73.00 -40.65 -26.82
CA CYS J 174 73.70 -39.65 -26.01
C CYS J 174 74.18 -38.52 -26.90
N ARG J 175 74.06 -37.29 -26.42
CA ARG J 175 74.51 -36.11 -27.14
C ARG J 175 75.48 -35.31 -26.30
N ASP J 176 76.50 -34.75 -26.95
CA ASP J 176 77.33 -33.76 -26.31
C ASP J 176 76.54 -32.46 -26.15
N PRO J 177 76.93 -31.60 -25.20
CA PRO J 177 76.25 -30.32 -25.06
C PRO J 177 76.31 -29.45 -26.30
N MET J 178 77.33 -29.63 -27.14
CA MET J 178 77.36 -28.90 -28.41
C MET J 178 76.22 -29.30 -29.32
N GLY J 179 75.93 -30.60 -29.41
CA GLY J 179 74.82 -31.08 -30.19
C GLY J 179 75.13 -32.20 -31.15
N ASN J 180 76.30 -32.82 -31.07
CA ASN J 180 76.68 -33.90 -31.98
C ASN J 180 76.40 -35.24 -31.31
N VAL J 181 75.61 -36.08 -31.97
CA VAL J 181 75.27 -37.39 -31.41
C VAL J 181 76.44 -38.34 -31.58
N THR J 182 76.80 -39.03 -30.49
CA THR J 182 77.94 -39.94 -30.51
C THR J 182 77.58 -41.40 -30.66
N GLU J 183 76.48 -41.85 -30.04
CA GLU J 183 76.15 -43.27 -30.05
C GLU J 183 74.64 -43.45 -29.96
N ILE J 184 74.11 -44.35 -30.79
CA ILE J 184 72.69 -44.66 -30.82
C ILE J 184 72.52 -46.16 -30.65
N VAL J 185 71.59 -46.57 -29.79
CA VAL J 185 71.25 -47.97 -29.60
C VAL J 185 69.78 -48.16 -29.96
N VAL J 186 69.50 -49.10 -30.85
CA VAL J 186 68.15 -49.42 -31.26
C VAL J 186 67.85 -50.85 -30.84
N GLU J 187 66.80 -51.02 -30.05
CA GLU J 187 66.35 -52.32 -29.58
C GLU J 187 65.03 -52.67 -30.27
N GLU J 188 64.93 -53.91 -30.75
CA GLU J 188 63.76 -54.30 -31.53
C GLU J 188 63.54 -55.79 -31.31
N GLU J 189 62.32 -56.25 -31.56
CA GLU J 189 61.93 -57.61 -31.19
C GLU J 189 61.17 -58.26 -32.34
N ILE J 190 61.41 -59.56 -32.56
CA ILE J 190 60.97 -60.24 -33.77
C ILE J 190 60.59 -61.68 -33.44
N PHE J 191 59.67 -62.23 -34.23
CA PHE J 191 59.38 -63.65 -34.15
C PHE J 191 60.59 -64.46 -34.60
N LYS J 192 60.75 -65.64 -34.01
CA LYS J 192 61.93 -66.47 -34.24
C LYS J 192 61.95 -67.11 -35.62
N ASP J 193 60.87 -67.03 -36.39
CA ASP J 193 60.83 -67.69 -37.69
C ASP J 193 61.79 -67.05 -38.69
N ALA J 194 62.09 -65.76 -38.54
CA ALA J 194 62.83 -65.02 -39.55
C ALA J 194 64.34 -65.02 -39.35
N LEU J 195 64.85 -65.68 -38.32
CA LEU J 195 66.28 -65.63 -38.01
C LEU J 195 67.02 -66.80 -38.65
N PRO J 196 68.36 -66.72 -38.72
CA PRO J 196 69.13 -67.90 -39.11
C PRO J 196 68.95 -69.04 -38.11
N GLU J 197 68.92 -70.27 -38.63
CA GLU J 197 68.62 -71.42 -37.81
C GLU J 197 69.74 -71.77 -36.85
N GLU J 198 70.98 -71.41 -37.17
CA GLU J 198 72.08 -71.65 -36.24
C GLU J 198 71.91 -70.87 -34.95
N TYR J 199 71.20 -69.74 -35.01
CA TYR J 199 70.99 -68.91 -33.83
C TYR J 199 69.70 -69.25 -33.08
N LEU J 200 68.96 -70.26 -33.53
CA LEU J 200 67.79 -70.73 -32.82
C LEU J 200 68.22 -71.69 -31.72
N ASP J 201 67.91 -71.33 -30.48
CA ASP J 201 68.41 -72.08 -29.33
C ASP J 201 67.60 -73.36 -29.12
N GLU J 202 68.13 -74.22 -28.25
CA GLU J 202 67.44 -75.47 -27.93
C GLU J 202 66.09 -75.22 -27.29
N GLU J 203 66.03 -74.26 -26.36
CA GLU J 203 64.77 -73.95 -25.69
C GLU J 203 63.73 -73.46 -26.68
N ASP J 204 64.14 -72.60 -27.63
CA ASP J 204 63.23 -72.19 -28.70
C ASP J 204 62.84 -73.38 -29.57
N ASP J 205 63.81 -74.27 -29.85
CA ASP J 205 63.49 -75.48 -30.59
C ASP J 205 62.55 -76.40 -29.81
N ASP J 206 62.67 -76.41 -28.49
CA ASP J 206 61.81 -77.23 -27.64
C ASP J 206 60.39 -76.69 -27.53
N ASP J 207 60.12 -75.49 -28.03
CA ASP J 207 58.82 -74.86 -27.90
C ASP J 207 57.95 -75.16 -29.12
N ASP J 208 56.67 -75.40 -28.86
CA ASP J 208 55.67 -75.56 -29.92
C ASP J 208 54.97 -74.24 -30.23
N ASP J 209 55.40 -73.14 -29.63
CA ASP J 209 54.82 -71.82 -29.84
C ASP J 209 55.69 -70.98 -30.77
N MET J 210 56.24 -71.60 -31.81
CA MET J 210 57.06 -70.88 -32.78
C MET J 210 56.32 -69.68 -33.37
N GLY J 211 55.01 -69.80 -33.56
CA GLY J 211 54.17 -68.71 -33.99
C GLY J 211 53.70 -67.79 -32.87
N LYS J 212 54.13 -68.04 -31.63
CA LYS J 212 53.74 -67.21 -30.51
C LYS J 212 54.88 -66.86 -29.56
N LYS J 213 56.12 -67.26 -29.87
CA LYS J 213 57.27 -66.93 -29.04
C LYS J 213 58.21 -66.02 -29.82
N MET J 214 58.73 -65.00 -29.15
CA MET J 214 59.51 -63.95 -29.79
C MET J 214 60.90 -63.88 -29.20
N VAL J 215 61.79 -63.20 -29.90
CA VAL J 215 63.20 -63.09 -29.55
C VAL J 215 63.70 -61.70 -29.92
N LYS J 216 64.49 -61.11 -29.03
CA LYS J 216 64.97 -59.74 -29.21
C LYS J 216 66.09 -59.69 -30.25
N ILE J 217 66.26 -58.52 -30.86
CA ILE J 217 67.37 -58.25 -31.76
C ILE J 217 67.78 -56.79 -31.60
N TYR J 218 69.04 -56.56 -31.26
CA TYR J 218 69.54 -55.24 -30.94
C TYR J 218 70.31 -54.65 -32.12
N THR J 219 70.66 -53.38 -32.00
CA THR J 219 71.44 -52.67 -33.01
C THR J 219 72.28 -51.61 -32.32
N CYS J 220 73.53 -51.49 -32.72
CA CYS J 220 74.46 -50.53 -32.13
C CYS J 220 74.93 -49.56 -33.20
N ILE J 221 74.95 -48.27 -32.86
CA ILE J 221 75.38 -47.21 -33.77
C ILE J 221 76.49 -46.43 -33.08
N LYS J 222 77.59 -46.21 -33.79
CA LYS J 222 78.69 -45.41 -33.26
C LYS J 222 79.12 -44.38 -34.30
N PHE J 223 79.43 -43.19 -33.82
CA PHE J 223 79.81 -42.07 -34.67
C PHE J 223 81.20 -41.60 -34.26
N MET J 224 82.19 -41.81 -35.13
CA MET J 224 83.55 -41.38 -34.86
C MET J 224 84.25 -41.13 -36.18
N ASP J 225 85.23 -40.23 -36.14
CA ASP J 225 86.06 -39.86 -37.30
C ASP J 225 85.23 -39.77 -38.58
N ASP J 226 84.15 -38.99 -38.48
CA ASP J 226 83.16 -38.76 -39.55
C ASP J 226 82.80 -40.03 -40.33
N GLN J 227 82.77 -41.17 -39.64
CA GLN J 227 82.47 -42.46 -40.25
C GLN J 227 81.63 -43.26 -39.27
N CYS J 228 80.36 -43.48 -39.62
CA CYS J 228 79.49 -44.27 -38.75
C CYS J 228 79.85 -45.75 -38.85
N HIS J 229 79.48 -46.48 -37.80
CA HIS J 229 79.69 -47.93 -37.75
C HIS J 229 78.50 -48.58 -37.06
N TRP J 230 77.99 -49.66 -37.65
CA TRP J 230 76.85 -50.34 -37.07
C TRP J 230 76.95 -51.84 -37.31
N TYR J 231 76.26 -52.59 -36.46
CA TYR J 231 76.23 -54.04 -36.55
C TYR J 231 75.02 -54.54 -35.76
N GLN J 232 74.50 -55.68 -36.18
CA GLN J 232 73.37 -56.31 -35.50
C GLN J 232 73.86 -57.45 -34.63
N GLU J 233 73.33 -57.52 -33.41
CA GLU J 233 73.68 -58.58 -32.49
C GLU J 233 72.41 -59.24 -31.98
N ILE J 234 72.55 -60.50 -31.58
CA ILE J 234 71.45 -61.25 -30.98
C ILE J 234 72.02 -62.22 -29.96
N LYS J 235 71.48 -62.18 -28.74
CA LYS J 235 71.93 -63.04 -27.64
C LYS J 235 73.42 -62.86 -27.38
N GLY J 236 73.90 -61.63 -27.47
CA GLY J 236 75.25 -61.28 -27.08
C GLY J 236 76.32 -61.48 -28.13
N LYS J 237 75.99 -61.96 -29.32
CA LYS J 237 76.97 -62.16 -30.38
C LYS J 237 76.44 -61.58 -31.68
N GLU J 238 77.35 -61.01 -32.48
CA GLU J 238 76.96 -60.33 -33.69
C GLU J 238 76.53 -61.31 -34.77
N VAL J 239 75.66 -60.84 -35.65
CA VAL J 239 75.19 -61.65 -36.78
C VAL J 239 76.15 -61.49 -37.95
N PRO J 240 76.62 -62.57 -38.57
CA PRO J 240 77.56 -62.44 -39.67
C PRO J 240 76.97 -61.66 -40.83
N GLY J 241 77.82 -60.85 -41.48
CA GLY J 241 77.41 -60.11 -42.66
C GLY J 241 76.54 -58.90 -42.39
N THR J 242 76.42 -58.46 -41.14
CA THR J 242 75.61 -57.29 -40.81
C THR J 242 76.44 -56.03 -40.61
N HIS J 243 77.75 -56.10 -40.79
CA HIS J 243 78.60 -54.94 -40.60
C HIS J 243 78.45 -53.95 -41.74
N GLY J 244 78.78 -52.69 -41.47
CA GLY J 244 78.74 -51.67 -42.50
C GLY J 244 79.50 -50.43 -42.05
N LYS J 245 79.87 -49.62 -43.03
CA LYS J 245 80.64 -48.40 -42.76
C LYS J 245 80.43 -47.43 -43.90
N CYS J 246 80.26 -46.15 -43.58
CA CYS J 246 80.16 -45.10 -44.58
C CYS J 246 80.46 -43.76 -43.93
N ALA J 247 80.70 -42.75 -44.77
CA ALA J 247 81.07 -41.44 -44.28
C ALA J 247 79.88 -40.77 -43.56
N ALA J 248 80.21 -39.81 -42.69
CA ALA J 248 79.18 -39.18 -41.88
C ALA J 248 78.16 -38.42 -42.72
N ASP J 249 78.63 -37.69 -43.73
CA ASP J 249 77.72 -36.90 -44.56
C ASP J 249 76.79 -37.76 -45.40
N VAL J 250 77.04 -39.06 -45.49
CA VAL J 250 76.18 -39.96 -46.26
C VAL J 250 75.66 -41.06 -45.35
N ALA J 251 75.57 -40.77 -44.05
CA ALA J 251 75.12 -41.77 -43.10
C ALA J 251 73.65 -42.12 -43.33
N PRO J 252 73.26 -43.37 -43.07
CA PRO J 252 71.87 -43.79 -43.29
C PRO J 252 70.91 -43.49 -42.14
N TRP J 253 71.41 -42.93 -41.04
CA TRP J 253 70.58 -42.68 -39.86
C TRP J 253 70.50 -41.19 -39.60
N ILE J 254 69.28 -40.69 -39.38
CA ILE J 254 69.03 -39.27 -39.17
C ILE J 254 68.24 -39.11 -37.89
N ALA J 255 68.68 -38.21 -37.02
CA ALA J 255 67.98 -37.88 -35.79
C ALA J 255 67.33 -36.51 -35.92
N LEU J 256 66.19 -36.35 -35.27
CA LEU J 256 65.39 -35.13 -35.37
C LEU J 256 65.00 -34.65 -33.97
N ARG J 257 64.65 -33.37 -33.90
CA ARG J 257 64.07 -32.81 -32.68
C ARG J 257 63.29 -31.55 -33.05
N GLN J 258 62.15 -31.36 -32.39
CA GLN J 258 61.22 -30.31 -32.81
C GLN J 258 61.76 -28.93 -32.49
N ASP J 259 61.95 -28.63 -31.21
CA ASP J 259 62.45 -27.34 -30.77
C ASP J 259 63.91 -27.49 -30.37
N ARG J 260 64.78 -26.73 -31.02
CA ARG J 260 66.20 -26.82 -30.71
C ARG J 260 66.45 -26.17 -29.36
N VAL J 261 66.42 -26.97 -28.30
CA VAL J 261 66.73 -26.52 -26.95
C VAL J 261 68.05 -27.16 -26.56
N ASP J 262 69.07 -26.32 -26.38
CA ASP J 262 70.42 -26.83 -26.20
C ASP J 262 70.56 -27.54 -24.85
N SER J 263 71.61 -28.36 -24.77
CA SER J 263 71.93 -29.12 -23.55
C SER J 263 70.78 -30.02 -23.12
N GLU J 264 70.08 -30.59 -24.10
CA GLU J 264 69.01 -31.54 -23.85
C GLU J 264 69.18 -32.72 -24.78
N MET J 265 69.25 -33.93 -24.19
CA MET J 265 69.40 -35.12 -25.02
C MET J 265 68.15 -35.42 -25.82
N TYR J 266 66.99 -34.97 -25.35
CA TYR J 266 65.73 -35.15 -26.04
C TYR J 266 64.99 -33.82 -26.08
N GLY J 267 64.42 -33.49 -27.25
CA GLY J 267 63.73 -32.24 -27.44
C GLY J 267 62.34 -32.25 -26.84
N ARG J 268 61.64 -31.13 -27.05
CA ARG J 268 60.29 -30.95 -26.52
C ARG J 268 59.32 -30.84 -27.69
N SER J 269 58.17 -31.51 -27.56
CA SER J 269 57.17 -31.50 -28.61
C SER J 269 56.52 -30.12 -28.71
N TYR J 270 55.94 -29.85 -29.88
CA TYR J 270 55.28 -28.57 -30.09
C TYR J 270 54.06 -28.42 -29.18
N VAL J 271 53.26 -29.49 -29.04
CA VAL J 271 52.02 -29.40 -28.27
C VAL J 271 52.30 -29.23 -26.78
N GLU J 272 53.55 -29.44 -26.35
CA GLU J 272 53.93 -29.15 -24.98
C GLU J 272 53.75 -27.67 -24.68
N GLN J 273 53.80 -26.82 -25.71
CA GLN J 273 53.60 -25.39 -25.52
C GLN J 273 52.22 -25.09 -24.95
N TYR J 274 51.18 -25.75 -25.48
CA TYR J 274 49.81 -25.42 -25.15
C TYR J 274 49.09 -26.56 -24.43
N TYR J 275 49.85 -27.53 -23.90
CA TYR J 275 49.25 -28.60 -23.09
C TYR J 275 48.35 -28.05 -21.99
N GLY J 276 48.81 -27.01 -21.29
CA GLY J 276 48.03 -26.50 -20.17
C GLY J 276 46.70 -25.91 -20.60
N ASP J 277 46.71 -25.09 -21.64
CA ASP J 277 45.47 -24.53 -22.15
C ASP J 277 44.54 -25.62 -22.66
N LEU J 278 45.10 -26.64 -23.32
CA LEU J 278 44.28 -27.76 -23.77
C LEU J 278 43.59 -28.44 -22.60
N LEU J 279 44.34 -28.67 -21.51
CA LEU J 279 43.76 -29.32 -20.34
C LEU J 279 42.65 -28.47 -19.73
N ALA J 280 42.89 -27.17 -19.61
CA ALA J 280 41.87 -26.28 -19.02
C ALA J 280 40.61 -26.26 -19.86
N LEU J 281 40.76 -26.15 -21.19
CA LEU J 281 39.59 -26.15 -22.07
C LEU J 281 38.83 -27.46 -21.98
N GLU J 282 39.57 -28.57 -21.92
CA GLU J 282 38.94 -29.89 -21.77
C GLU J 282 38.09 -29.95 -20.51
N ASN J 283 38.66 -29.53 -19.38
CA ASN J 283 37.92 -29.63 -18.13
C ASN J 283 36.71 -28.70 -18.12
N LEU J 284 36.84 -27.51 -18.71
CA LEU J 284 35.70 -26.59 -18.76
C LEU J 284 34.57 -27.16 -19.63
N TYR J 285 34.92 -27.76 -20.77
CA TYR J 285 33.92 -28.43 -21.60
C TYR J 285 33.18 -29.49 -20.80
N LYS J 286 33.93 -30.31 -20.06
CA LYS J 286 33.28 -31.34 -19.25
C LYS J 286 32.35 -30.72 -18.21
N ALA J 287 32.78 -29.61 -17.60
CA ALA J 287 31.96 -28.95 -16.59
C ALA J 287 30.63 -28.51 -17.16
N ILE J 288 30.66 -27.79 -18.29
CA ILE J 288 29.41 -27.27 -18.84
C ILE J 288 28.52 -28.41 -19.31
N LEU J 289 29.12 -29.47 -19.87
CA LEU J 289 28.32 -30.61 -20.29
C LEU J 289 27.61 -31.26 -19.11
N GLU J 290 28.32 -31.42 -17.99
CA GLU J 290 27.70 -32.06 -16.83
C GLU J 290 26.60 -31.18 -16.24
N ALA J 291 26.81 -29.87 -16.19
CA ALA J 291 25.77 -28.98 -15.69
C ALA J 291 24.52 -29.07 -16.56
N SER J 292 24.69 -29.06 -17.88
CA SER J 292 23.55 -29.20 -18.77
C SER J 292 22.88 -30.56 -18.59
N ALA J 293 23.67 -31.59 -18.31
CA ALA J 293 23.11 -32.91 -18.06
C ALA J 293 22.19 -32.88 -16.84
N SER J 294 22.63 -32.23 -15.78
CA SER J 294 21.83 -32.17 -14.57
C SER J 294 20.58 -31.31 -14.75
N LEU J 295 20.66 -30.28 -15.59
CA LEU J 295 19.53 -29.36 -15.71
C LEU J 295 18.37 -29.94 -16.52
N SER J 296 18.62 -30.96 -17.35
CA SER J 296 17.62 -31.41 -18.31
C SER J 296 16.48 -32.21 -17.67
N LYS J 297 16.62 -32.65 -16.42
CA LYS J 297 15.59 -33.46 -15.80
C LYS J 297 14.32 -32.65 -15.57
N VAL J 298 13.18 -33.34 -15.60
CA VAL J 298 11.88 -32.72 -15.39
C VAL J 298 11.12 -33.50 -14.33
N LEU J 299 10.55 -32.79 -13.37
CA LEU J 299 9.78 -33.40 -12.28
C LEU J 299 8.55 -32.55 -12.00
N PHE J 300 7.56 -33.18 -11.39
CA PHE J 300 6.33 -32.52 -11.00
C PHE J 300 6.22 -32.52 -9.48
N LEU J 301 5.61 -31.48 -8.94
CA LEU J 301 5.56 -31.29 -7.48
C LEU J 301 4.17 -30.81 -7.10
N CYS J 302 3.53 -31.53 -6.19
CA CYS J 302 2.17 -31.20 -5.74
C CYS J 302 2.23 -30.51 -4.39
N ASN J 303 1.47 -29.42 -4.25
CA ASN J 303 1.44 -28.67 -3.00
C ASN J 303 0.44 -29.32 -2.05
N PRO J 304 0.87 -29.75 -0.87
CA PRO J 304 -0.08 -30.36 0.08
C PRO J 304 -1.20 -29.43 0.51
N ASN J 305 -0.93 -28.12 0.61
CA ASN J 305 -1.97 -27.17 0.99
C ASN J 305 -3.08 -27.10 -0.06
N GLY J 306 -2.81 -27.51 -1.30
CA GLY J 306 -3.82 -27.56 -2.33
C GLY J 306 -4.71 -28.77 -2.20
N THR J 307 -5.54 -28.97 -3.22
CA THR J 307 -6.52 -30.05 -3.25
C THR J 307 -6.38 -30.86 -4.53
N THR J 308 -5.16 -31.21 -4.89
CA THR J 308 -4.87 -32.00 -6.07
C THR J 308 -4.31 -33.35 -5.67
N ARG J 309 -4.95 -34.42 -6.12
CA ARG J 309 -4.51 -35.78 -5.83
C ARG J 309 -3.60 -36.28 -6.94
N PRO J 310 -2.45 -36.89 -6.62
CA PRO J 310 -1.59 -37.42 -7.69
C PRO J 310 -2.28 -38.45 -8.57
N ARG J 311 -3.12 -39.30 -7.98
CA ARG J 311 -3.77 -40.35 -8.75
C ARG J 311 -4.66 -39.76 -9.84
N THR J 312 -5.39 -38.70 -9.50
CA THR J 312 -6.27 -38.08 -10.48
C THR J 312 -5.48 -37.51 -11.64
N LEU J 313 -4.37 -36.83 -11.36
CA LEU J 313 -3.57 -36.26 -12.44
C LEU J 313 -2.94 -37.33 -13.31
N SER J 314 -2.44 -38.41 -12.69
CA SER J 314 -1.77 -39.44 -13.48
C SER J 314 -2.75 -40.25 -14.30
N GLN J 315 -3.88 -40.66 -13.71
CA GLN J 315 -4.80 -41.58 -14.34
C GLN J 315 -5.65 -40.93 -15.43
N ALA J 316 -5.93 -39.64 -15.32
CA ALA J 316 -6.85 -38.99 -16.25
C ALA J 316 -6.29 -38.98 -17.66
N SER J 317 -7.17 -39.17 -18.63
CA SER J 317 -6.80 -39.21 -20.04
C SER J 317 -6.68 -37.78 -20.60
N ASN J 318 -6.29 -37.68 -21.86
CA ASN J 318 -6.09 -36.39 -22.49
C ASN J 318 -7.42 -35.68 -22.72
N GLY J 319 -7.42 -34.37 -22.49
CA GLY J 319 -8.58 -33.56 -22.78
C GLY J 319 -9.71 -33.64 -21.78
N SER J 320 -9.53 -34.37 -20.69
CA SER J 320 -10.59 -34.55 -19.71
C SER J 320 -10.70 -33.32 -18.83
N ILE J 321 -11.61 -33.37 -17.85
CA ILE J 321 -11.78 -32.33 -16.86
C ILE J 321 -11.75 -32.98 -15.49
N VAL J 322 -10.85 -32.54 -14.63
CA VAL J 322 -10.70 -33.10 -13.29
C VAL J 322 -10.80 -31.98 -12.27
N GLN J 323 -10.72 -32.33 -10.99
CA GLN J 323 -10.82 -31.37 -9.90
C GLN J 323 -9.41 -31.01 -9.45
N GLY J 324 -9.10 -29.72 -9.47
CA GLY J 324 -7.80 -29.27 -9.00
C GLY J 324 -7.64 -27.79 -9.25
N ASN J 325 -6.54 -27.25 -8.73
CA ASN J 325 -6.16 -25.86 -8.94
C ASN J 325 -4.76 -25.83 -9.54
N ALA J 326 -4.63 -25.14 -10.68
CA ALA J 326 -3.36 -25.16 -11.41
C ALA J 326 -2.24 -24.44 -10.68
N ALA J 327 -2.56 -23.66 -9.65
CA ALA J 327 -1.53 -22.95 -8.91
C ALA J 327 -0.75 -23.86 -7.97
N ASP J 328 -1.21 -25.09 -7.75
CA ASP J 328 -0.52 -25.99 -6.83
C ASP J 328 0.57 -26.78 -7.55
N VAL J 329 0.23 -27.39 -8.69
CA VAL J 329 1.19 -28.24 -9.38
C VAL J 329 2.24 -27.38 -10.07
N THR J 330 3.49 -27.55 -9.67
CA THR J 330 4.60 -26.76 -10.18
C THR J 330 5.71 -27.70 -10.63
N VAL J 331 6.56 -27.21 -11.54
CA VAL J 331 7.65 -27.99 -12.11
C VAL J 331 8.96 -27.47 -11.54
N LEU J 332 9.81 -28.38 -11.09
CA LEU J 332 11.10 -28.00 -10.53
C LEU J 332 11.99 -27.41 -11.61
N GLN J 333 12.64 -26.30 -11.30
CA GLN J 333 13.49 -25.61 -12.26
C GLN J 333 14.56 -24.84 -11.53
N ALA J 334 15.59 -24.45 -12.28
CA ALA J 334 16.69 -23.62 -11.78
C ALA J 334 16.39 -22.18 -12.18
N ALA J 335 16.22 -21.31 -11.18
CA ALA J 335 15.76 -19.96 -11.42
C ALA J 335 16.74 -19.16 -12.28
N GLY J 336 17.91 -18.86 -11.73
CA GLY J 336 18.91 -18.16 -12.51
C GLY J 336 20.26 -18.85 -12.55
N LYS J 337 20.61 -19.41 -13.72
CA LYS J 337 21.93 -19.96 -13.92
C LYS J 337 22.46 -19.57 -15.29
N SER J 338 21.61 -18.94 -16.10
CA SER J 338 21.98 -18.61 -17.47
C SER J 338 23.17 -17.67 -17.52
N GLN J 339 23.28 -16.74 -16.57
CA GLN J 339 24.37 -15.77 -16.61
C GLN J 339 25.72 -16.46 -16.44
N ASP J 340 25.82 -17.36 -15.45
CA ASP J 340 27.09 -18.05 -15.21
C ASP J 340 27.46 -18.95 -16.38
N LEU J 341 26.47 -19.65 -16.94
CA LEU J 341 26.74 -20.51 -18.08
C LEU J 341 27.17 -19.68 -19.29
N GLN J 342 26.59 -18.48 -19.46
CA GLN J 342 27.02 -17.61 -20.54
C GLN J 342 28.44 -17.09 -20.33
N ILE J 343 28.81 -16.79 -19.09
CA ILE J 343 30.20 -16.41 -18.79
C ILE J 343 31.13 -17.55 -19.15
N ALA J 344 30.77 -18.78 -18.78
CA ALA J 344 31.58 -19.94 -19.12
C ALA J 344 31.69 -20.11 -20.63
N ASN J 345 30.58 -19.91 -21.35
CA ASN J 345 30.63 -19.99 -22.80
C ASN J 345 31.56 -18.94 -23.38
N GLN J 346 31.51 -17.72 -22.86
CA GLN J 346 32.39 -16.67 -23.36
C GLN J 346 33.85 -17.05 -23.17
N THR J 347 34.21 -17.51 -21.96
CA THR J 347 35.61 -17.80 -21.71
C THR J 347 36.10 -19.02 -22.50
N ILE J 348 35.26 -20.04 -22.64
CA ILE J 348 35.68 -21.22 -23.40
C ILE J 348 35.82 -20.87 -24.88
N GLU J 349 34.93 -20.03 -25.39
CA GLU J 349 35.07 -19.56 -26.77
C GLU J 349 36.39 -18.80 -26.95
N ARG J 350 36.73 -17.93 -25.99
CA ARG J 350 37.98 -17.19 -26.10
C ARG J 350 39.19 -18.12 -26.10
N ILE J 351 39.18 -19.12 -25.20
CA ILE J 351 40.29 -20.06 -25.15
C ILE J 351 40.41 -20.85 -26.45
N GLU J 352 39.27 -21.31 -26.96
CA GLU J 352 39.27 -22.08 -28.21
C GLU J 352 39.78 -21.23 -29.36
N ASN J 353 39.37 -19.96 -29.42
CA ASN J 353 39.85 -19.07 -30.47
C ASN J 353 41.35 -18.88 -30.39
N ARG J 354 41.88 -18.68 -29.17
CA ARG J 354 43.32 -18.53 -29.02
C ARG J 354 44.05 -19.78 -29.50
N LEU J 355 43.58 -20.96 -29.09
CA LEU J 355 44.25 -22.19 -29.49
C LEU J 355 44.16 -22.41 -31.00
N ALA J 356 43.00 -22.13 -31.58
CA ALA J 356 42.83 -22.31 -33.03
C ALA J 356 43.75 -21.36 -33.80
N PHE J 357 43.89 -20.12 -33.32
CA PHE J 357 44.80 -19.19 -33.97
C PHE J 357 46.23 -19.65 -33.83
N ALA J 358 46.57 -20.28 -32.69
CA ALA J 358 47.93 -20.79 -32.50
C ALA J 358 48.23 -22.00 -33.39
N PHE J 359 47.24 -22.85 -33.64
CA PHE J 359 47.43 -24.02 -34.50
C PHE J 359 47.20 -23.71 -35.96
N MET J 360 46.94 -22.45 -36.30
CA MET J 360 46.94 -21.95 -37.68
C MET J 360 45.90 -22.66 -38.56
N LEU J 361 44.81 -23.10 -37.93
CA LEU J 361 43.67 -23.58 -38.70
C LEU J 361 43.10 -22.46 -39.57
N ASN J 362 42.17 -22.84 -40.44
CA ASN J 362 41.55 -21.89 -41.36
C ASN J 362 40.28 -21.26 -40.79
N THR J 363 39.79 -21.73 -39.66
CA THR J 363 38.52 -21.23 -39.12
C THR J 363 38.67 -19.84 -38.54
N ALA J 364 39.78 -19.58 -37.85
CA ALA J 364 39.95 -18.31 -37.13
C ALA J 364 39.96 -17.10 -38.05
N ILE J 365 40.27 -17.28 -39.34
CA ILE J 365 40.36 -16.15 -40.26
C ILE J 365 38.99 -15.56 -40.53
N GLN J 366 37.98 -16.41 -40.73
CA GLN J 366 36.67 -15.93 -41.13
C GLN J 366 36.08 -15.03 -40.05
N ARG J 367 35.72 -13.80 -40.45
CA ARG J 367 35.10 -12.84 -39.55
C ARG J 367 33.61 -12.80 -39.82
N PRO J 368 32.76 -13.32 -38.94
CA PRO J 368 31.32 -13.24 -39.17
C PRO J 368 30.85 -11.80 -39.18
N GLY J 369 29.88 -11.51 -40.05
CA GLY J 369 29.22 -10.21 -40.11
C GLY J 369 29.30 -9.53 -41.46
N GLU J 370 30.42 -9.66 -42.15
CA GLU J 370 30.61 -8.94 -43.40
C GLU J 370 31.67 -9.64 -44.23
N ARG J 371 31.70 -9.32 -45.52
CA ARG J 371 32.66 -9.88 -46.45
C ARG J 371 34.09 -9.55 -46.05
N VAL J 372 35.03 -10.29 -46.62
CA VAL J 372 36.46 -10.01 -46.53
C VAL J 372 37.03 -9.98 -47.94
N THR J 373 37.81 -8.94 -48.23
CA THR J 373 38.38 -8.78 -49.56
C THR J 373 39.43 -9.85 -49.84
N ALA J 374 39.70 -10.08 -51.12
CA ALA J 374 40.70 -11.06 -51.52
C ALA J 374 42.08 -10.66 -51.00
N GLU J 375 42.41 -9.37 -51.06
CA GLU J 375 43.69 -8.90 -50.53
C GLU J 375 43.76 -9.13 -49.03
N GLU J 376 42.65 -8.95 -48.32
CA GLU J 376 42.63 -9.27 -46.89
C GLU J 376 42.94 -10.73 -46.64
N ILE J 377 42.35 -11.62 -47.44
CA ILE J 377 42.57 -13.05 -47.27
C ILE J 377 44.02 -13.40 -47.58
N ARG J 378 44.60 -12.75 -48.59
CA ARG J 378 46.03 -12.93 -48.86
C ARG J 378 46.86 -12.47 -47.68
N TYR J 379 46.45 -11.39 -47.01
CA TYR J 379 47.15 -10.90 -45.83
C TYR J 379 47.12 -11.93 -44.71
N MET J 380 45.94 -12.51 -44.45
CA MET J 380 45.84 -13.54 -43.42
C MET J 380 46.66 -14.77 -43.79
N ALA J 381 46.67 -15.14 -45.08
CA ALA J 381 47.49 -16.27 -45.51
C ALA J 381 48.97 -16.00 -45.30
N GLN J 382 49.41 -14.77 -45.57
CA GLN J 382 50.79 -14.39 -45.27
C GLN J 382 51.09 -14.53 -43.79
N GLU J 383 50.15 -14.09 -42.93
CA GLU J 383 50.36 -14.24 -41.49
C GLU J 383 50.48 -15.72 -41.12
N LEU J 384 49.60 -16.56 -41.66
CA LEU J 384 49.62 -17.98 -41.33
C LEU J 384 50.92 -18.64 -41.77
N ASP J 385 51.39 -18.31 -42.98
CA ASP J 385 52.66 -18.86 -43.44
C ASP J 385 53.81 -18.36 -42.57
N ALA J 386 53.77 -17.09 -42.17
CA ALA J 386 54.84 -16.51 -41.37
C ALA J 386 54.91 -17.16 -39.99
N GLY J 387 53.78 -17.60 -39.46
CA GLY J 387 53.73 -18.08 -38.09
C GLY J 387 54.58 -19.30 -37.78
N ILE J 388 55.04 -20.06 -38.77
CA ILE J 388 55.71 -21.34 -38.52
C ILE J 388 57.07 -21.32 -39.22
N SER J 389 57.62 -20.11 -39.38
CA SER J 389 58.86 -19.93 -40.12
C SER J 389 60.02 -20.66 -39.46
N GLY J 390 60.12 -20.59 -38.14
CA GLY J 390 61.19 -21.30 -37.46
C GLY J 390 61.15 -22.79 -37.71
N LEU J 391 59.95 -23.37 -37.69
CA LEU J 391 59.84 -24.80 -37.95
C LEU J 391 60.22 -25.16 -39.37
N TYR J 392 59.75 -24.39 -40.37
CA TYR J 392 60.18 -24.74 -41.73
C TYR J 392 61.68 -24.61 -41.87
N SER J 393 62.28 -23.58 -41.26
CA SER J 393 63.72 -23.39 -41.39
C SER J 393 64.48 -24.54 -40.77
N ILE J 394 64.13 -24.93 -39.54
CA ILE J 394 64.88 -26.00 -38.87
C ILE J 394 64.69 -27.33 -39.59
N LEU J 395 63.47 -27.60 -40.07
CA LEU J 395 63.26 -28.84 -40.82
C LEU J 395 64.04 -28.84 -42.12
N SER J 396 64.08 -27.71 -42.83
CA SER J 396 64.85 -27.66 -44.07
C SER J 396 66.33 -27.89 -43.81
N ARG J 397 66.84 -27.33 -42.70
CA ARG J 397 68.26 -27.50 -42.41
C ARG J 397 68.58 -28.90 -41.91
N GLU J 398 67.63 -29.58 -41.28
CA GLU J 398 67.91 -30.85 -40.61
C GLU J 398 67.57 -32.08 -41.44
N LEU J 399 66.51 -32.03 -42.24
CA LEU J 399 65.98 -33.22 -42.90
C LEU J 399 66.28 -33.29 -44.39
N GLN J 400 66.03 -32.21 -45.12
CA GLN J 400 66.10 -32.28 -46.58
C GLN J 400 67.53 -32.56 -47.05
N LEU J 401 68.50 -31.78 -46.60
CA LEU J 401 69.86 -31.90 -47.11
C LEU J 401 70.49 -33.26 -46.81
N PRO J 402 70.49 -33.78 -45.58
CA PRO J 402 71.06 -35.11 -45.36
C PRO J 402 70.35 -36.20 -46.14
N LEU J 403 69.03 -36.09 -46.30
CA LEU J 403 68.30 -37.12 -47.03
C LEU J 403 68.73 -37.17 -48.48
N VAL J 404 68.80 -36.01 -49.14
CA VAL J 404 69.20 -35.99 -50.55
C VAL J 404 70.65 -36.41 -50.70
N ARG J 405 71.51 -36.04 -49.74
CA ARG J 405 72.90 -36.47 -49.82
C ARG J 405 73.03 -37.98 -49.73
N ARG J 406 72.33 -38.59 -48.76
CA ARG J 406 72.36 -40.05 -48.64
C ARG J 406 71.77 -40.71 -49.88
N LEU J 407 70.70 -40.13 -50.41
CA LEU J 407 70.06 -40.67 -51.61
C LEU J 407 71.03 -40.68 -52.78
N ILE J 408 71.72 -39.56 -53.00
CA ILE J 408 72.60 -39.48 -54.17
C ILE J 408 73.83 -40.36 -53.97
N HIS J 409 74.31 -40.50 -52.73
CA HIS J 409 75.41 -41.44 -52.50
C HIS J 409 74.99 -42.87 -52.79
N ILE J 410 73.78 -43.25 -52.36
CA ILE J 410 73.27 -44.59 -52.64
C ILE J 410 73.18 -44.82 -54.14
N LEU J 411 72.64 -43.82 -54.85
CA LEU J 411 72.49 -43.93 -56.30
C LEU J 411 73.84 -44.07 -56.98
N ARG J 412 74.83 -43.30 -56.54
CA ARG J 412 76.17 -43.41 -57.12
C ARG J 412 76.77 -44.78 -56.86
N ARG J 413 76.61 -45.31 -55.65
CA ARG J 413 77.16 -46.63 -55.34
C ARG J 413 76.48 -47.71 -56.20
N LYS J 414 75.19 -47.54 -56.48
CA LYS J 414 74.51 -48.51 -57.33
C LYS J 414 75.01 -48.51 -58.77
N ARG J 415 75.82 -47.52 -59.16
CA ARG J 415 76.41 -47.36 -60.49
C ARG J 415 75.40 -47.00 -61.56
N LYS J 416 74.29 -46.36 -61.20
CA LYS J 416 73.32 -45.92 -62.20
C LYS J 416 73.67 -44.55 -62.77
N LEU J 417 74.67 -43.88 -62.21
CA LEU J 417 75.13 -42.58 -62.68
C LEU J 417 76.61 -42.43 -62.35
N PRO J 418 77.41 -41.93 -63.29
CA PRO J 418 78.85 -41.73 -63.00
C PRO J 418 79.08 -40.70 -61.91
N ASP J 419 80.32 -40.63 -61.42
CA ASP J 419 80.64 -39.82 -60.26
C ASP J 419 80.64 -38.33 -60.59
N PHE J 420 80.33 -37.52 -59.59
CA PHE J 420 80.37 -36.08 -59.75
C PHE J 420 81.81 -35.61 -59.97
N PRO J 421 82.04 -34.66 -60.87
CA PRO J 421 83.38 -34.07 -60.99
C PRO J 421 83.73 -33.29 -59.74
N ARG J 422 85.02 -33.26 -59.41
CA ARG J 422 85.53 -32.64 -58.20
C ARG J 422 86.45 -31.48 -58.54
N SER J 423 86.52 -30.53 -57.62
CA SER J 423 87.33 -29.34 -57.84
C SER J 423 88.81 -29.68 -57.87
N GLU J 424 89.54 -29.06 -58.80
CA GLU J 424 90.99 -29.24 -58.86
C GLU J 424 91.68 -28.44 -57.76
N VAL J 425 91.09 -27.30 -57.39
CA VAL J 425 91.74 -26.42 -56.39
C VAL J 425 91.42 -26.90 -54.98
N THR J 426 90.16 -27.21 -54.70
CA THR J 426 89.71 -27.53 -53.35
C THR J 426 89.31 -28.98 -53.16
N GLY J 427 88.90 -29.67 -54.22
CA GLY J 427 88.40 -31.02 -54.11
C GLY J 427 86.91 -31.12 -53.84
N GLU J 428 86.24 -30.00 -53.59
CA GLU J 428 84.81 -30.02 -53.35
C GLU J 428 84.06 -30.40 -54.63
N PRO J 429 82.92 -31.06 -54.49
CA PRO J 429 82.12 -31.38 -55.68
C PRO J 429 81.72 -30.11 -56.42
N LEU J 430 81.71 -30.20 -57.75
CA LEU J 430 81.44 -29.04 -58.59
C LEU J 430 79.97 -28.61 -58.55
N ILE J 431 79.10 -29.38 -57.92
CA ILE J 431 77.67 -29.07 -57.85
C ILE J 431 77.19 -29.30 -56.42
N LYS J 432 76.46 -28.33 -55.89
CA LYS J 432 75.97 -28.35 -54.52
C LYS J 432 74.44 -28.46 -54.50
N GLU J 433 73.87 -28.37 -53.30
CA GLU J 433 72.44 -28.58 -53.09
C GLU J 433 71.85 -27.43 -52.31
N LYS J 434 70.55 -27.19 -52.52
CA LYS J 434 69.82 -26.16 -51.81
C LYS J 434 68.43 -26.67 -51.47
N ALA J 435 67.84 -26.10 -50.42
CA ALA J 435 66.51 -26.49 -49.95
C ALA J 435 65.53 -25.35 -50.17
N VAL J 436 64.29 -25.70 -50.50
CA VAL J 436 63.23 -24.73 -50.78
C VAL J 436 62.04 -25.07 -49.91
N THR J 437 61.52 -24.06 -49.20
CA THR J 437 60.39 -24.25 -48.30
C THR J 437 59.40 -23.09 -48.41
N GLY J 438 58.12 -23.41 -48.45
CA GLY J 438 57.09 -22.40 -48.25
C GLY J 438 56.90 -21.50 -49.46
N ILE J 439 56.97 -20.19 -49.19
CA ILE J 439 56.68 -19.19 -50.21
C ILE J 439 57.67 -19.29 -51.36
N GLU J 440 58.91 -19.69 -51.10
CA GLU J 440 59.88 -19.86 -52.17
C GLU J 440 59.43 -20.94 -53.16
N ALA J 441 58.94 -22.06 -52.64
CA ALA J 441 58.44 -23.13 -53.50
C ALA J 441 57.14 -22.71 -54.19
N ILE J 442 56.29 -21.96 -53.49
CA ILE J 442 55.04 -21.50 -54.09
C ILE J 442 55.33 -20.54 -55.24
N GLY J 443 56.35 -19.71 -55.10
CA GLY J 443 56.61 -18.64 -56.03
C GLY J 443 57.87 -18.74 -56.86
N ARG J 444 58.45 -19.94 -56.99
CA ARG J 444 59.40 -20.13 -58.08
C ARG J 444 58.70 -19.92 -59.43
N GLY J 445 57.44 -20.32 -59.53
CA GLY J 445 56.63 -19.92 -60.67
C GLY J 445 56.50 -18.42 -60.78
N ASP J 446 56.41 -17.72 -59.64
CA ASP J 446 56.39 -16.27 -59.67
C ASP J 446 57.73 -15.70 -60.14
N ASP J 447 58.83 -16.37 -59.81
CA ASP J 447 60.14 -15.97 -60.32
C ASP J 447 60.18 -16.07 -61.84
N ARG J 448 59.69 -17.19 -62.37
CA ARG J 448 59.59 -17.35 -63.82
C ARG J 448 58.69 -16.27 -64.41
N ASN J 449 57.56 -15.99 -63.74
CA ASN J 449 56.65 -14.96 -64.20
C ASN J 449 57.33 -13.59 -64.22
N LYS J 450 58.14 -13.30 -63.21
CA LYS J 450 58.85 -12.03 -63.17
C LYS J 450 59.88 -11.93 -64.29
N LEU J 451 60.60 -13.02 -64.56
CA LEU J 451 61.54 -13.02 -65.68
C LEU J 451 60.82 -12.75 -67.01
N ILE J 452 59.72 -13.47 -67.25
CA ILE J 452 58.99 -13.30 -68.50
C ILE J 452 58.35 -11.92 -68.57
N ASP J 453 57.89 -11.39 -67.43
CA ASP J 453 57.30 -10.07 -67.40
C ASP J 453 58.34 -8.99 -67.68
N PHE J 454 59.55 -9.18 -67.17
CA PHE J 454 60.65 -8.27 -67.50
C PHE J 454 60.94 -8.29 -68.99
N ILE J 455 60.97 -9.49 -69.58
CA ILE J 455 61.21 -9.62 -71.02
C ILE J 455 60.11 -8.92 -71.80
N THR J 456 58.86 -9.15 -71.41
CA THR J 456 57.72 -8.59 -72.14
C THR J 456 57.65 -7.08 -71.98
N THR J 457 57.96 -6.56 -70.79
CA THR J 457 57.96 -5.12 -70.59
C THR J 457 59.06 -4.46 -71.41
N ALA J 458 60.23 -5.10 -71.49
CA ALA J 458 61.27 -4.59 -72.39
C ALA J 458 60.79 -4.58 -73.84
N ASN J 459 60.13 -5.66 -74.25
CA ASN J 459 59.63 -5.72 -75.62
C ASN J 459 58.60 -4.63 -75.89
N GLN J 460 57.70 -4.38 -74.94
CA GLN J 460 56.73 -3.31 -75.09
C GLN J 460 57.41 -1.96 -75.20
N ALA J 461 58.40 -1.72 -74.35
CA ALA J 461 59.08 -0.42 -74.35
C ALA J 461 59.86 -0.19 -75.63
N LEU J 462 60.42 -1.25 -76.23
CA LEU J 462 61.32 -1.09 -77.36
C LEU J 462 60.72 -1.58 -78.67
N GLY J 463 59.92 -2.65 -78.64
CA GLY J 463 59.24 -3.13 -79.83
C GLY J 463 60.01 -4.23 -80.54
N PRO J 464 59.73 -4.40 -81.83
CA PRO J 464 60.51 -5.38 -82.61
C PRO J 464 61.93 -4.92 -82.90
N GLN J 465 62.19 -3.60 -82.84
CA GLN J 465 63.56 -3.13 -82.96
C GLN J 465 64.40 -3.51 -81.75
N ALA J 466 63.75 -3.98 -80.67
CA ALA J 466 64.49 -4.50 -79.54
C ALA J 466 65.35 -5.69 -79.95
N MET J 467 64.85 -6.51 -80.84
CA MET J 467 65.25 -7.90 -81.08
C MET J 467 66.79 -8.06 -81.36
N THR J 468 67.64 -7.04 -81.30
CA THR J 468 68.99 -7.12 -81.84
C THR J 468 70.13 -7.24 -80.83
N GLN J 469 70.18 -6.48 -79.72
CA GLN J 469 71.46 -6.40 -78.99
C GLN J 469 71.51 -6.36 -77.45
N PHE J 470 70.41 -6.48 -76.69
CA PHE J 470 70.50 -6.69 -75.23
C PHE J 470 69.90 -8.01 -74.75
N LEU J 471 68.61 -8.26 -74.93
CA LEU J 471 67.89 -9.35 -74.25
C LEU J 471 67.38 -10.35 -75.27
N ASN J 472 67.91 -11.57 -75.22
CA ASN J 472 67.70 -12.55 -76.28
C ASN J 472 66.22 -12.87 -76.48
N VAL J 473 65.83 -13.05 -77.75
CA VAL J 473 64.49 -13.49 -78.09
C VAL J 473 64.27 -14.95 -77.66
N GLU J 474 65.31 -15.59 -77.13
CA GLU J 474 65.24 -16.83 -76.36
C GLU J 474 64.73 -18.02 -77.19
N GLU J 475 64.49 -17.84 -78.49
CA GLU J 475 64.64 -18.91 -79.47
C GLU J 475 64.06 -20.26 -79.06
N ALA J 476 62.74 -20.43 -79.01
CA ALA J 476 62.16 -21.62 -78.39
C ALA J 476 61.82 -22.78 -79.35
N LEU J 477 62.77 -23.68 -79.66
CA LEU J 477 62.41 -25.01 -80.16
C LEU J 477 63.25 -26.15 -79.53
N ARG J 478 64.55 -25.92 -79.32
CA ARG J 478 65.50 -27.01 -79.11
C ARG J 478 65.75 -27.32 -77.63
N ARG J 479 66.28 -26.35 -76.87
CA ARG J 479 66.92 -26.63 -75.58
C ARG J 479 65.94 -26.68 -74.42
N LEU J 480 65.04 -25.69 -74.30
CA LEU J 480 63.98 -25.80 -73.31
C LEU J 480 63.11 -27.03 -73.53
N ALA J 481 63.11 -27.56 -74.76
CA ALA J 481 62.55 -28.89 -74.99
C ALA J 481 63.33 -29.94 -74.20
N ALA J 482 64.65 -29.80 -74.17
CA ALA J 482 65.50 -30.67 -73.35
C ALA J 482 65.49 -30.25 -71.88
N SER J 483 65.04 -29.04 -71.56
CA SER J 483 64.83 -28.61 -70.19
C SER J 483 63.54 -29.21 -69.67
N GLY J 484 63.52 -29.58 -68.40
CA GLY J 484 62.45 -30.42 -67.90
C GLY J 484 62.43 -31.78 -68.58
N SER J 485 63.61 -32.36 -68.82
CA SER J 485 63.79 -33.62 -69.55
C SER J 485 63.39 -33.49 -71.01
N ILE J 486 63.06 -34.62 -71.64
CA ILE J 486 62.79 -34.74 -73.07
C ILE J 486 64.04 -34.39 -73.87
N ASP J 487 64.14 -34.91 -75.08
CA ASP J 487 65.32 -34.68 -75.91
C ASP J 487 65.04 -33.60 -76.96
N THR J 488 66.08 -33.28 -77.71
CA THR J 488 66.02 -32.30 -78.79
C THR J 488 65.51 -33.00 -80.05
N THR J 489 65.68 -32.35 -81.21
CA THR J 489 65.34 -32.89 -82.52
C THR J 489 63.83 -33.07 -82.66
N ASN J 490 63.42 -34.20 -83.25
CA ASN J 490 62.02 -34.48 -83.56
C ASN J 490 61.53 -33.44 -84.57
N LEU J 491 60.88 -32.38 -84.09
CA LEU J 491 60.53 -31.27 -84.98
C LEU J 491 61.78 -30.59 -85.53
N VAL J 492 62.82 -30.49 -84.71
CA VAL J 492 63.93 -29.58 -84.98
C VAL J 492 64.56 -29.92 -86.33
N LYS J 493 64.50 -28.96 -87.25
CA LYS J 493 65.39 -29.01 -88.40
C LYS J 493 66.78 -28.70 -87.89
N THR J 494 67.58 -29.74 -87.65
CA THR J 494 68.86 -29.56 -86.98
C THR J 494 69.76 -28.65 -87.79
N LYS J 495 70.74 -28.04 -87.11
CA LYS J 495 71.68 -27.16 -87.79
C LYS J 495 72.31 -27.84 -88.99
N ALA J 496 72.64 -29.12 -88.87
CA ALA J 496 73.10 -29.88 -90.02
C ALA J 496 72.02 -29.99 -91.09
N GLN J 497 70.79 -30.33 -90.67
CA GLN J 497 69.69 -30.43 -91.63
C GLN J 497 69.38 -29.08 -92.26
N LEU J 498 69.36 -28.02 -91.46
CA LEU J 498 69.09 -26.69 -92.01
C LEU J 498 70.17 -26.27 -92.99
N GLN J 499 71.44 -26.53 -92.67
CA GLN J 499 72.52 -26.20 -93.60
C GLN J 499 72.41 -27.01 -94.88
N GLN J 500 72.08 -28.30 -94.77
CA GLN J 500 71.94 -29.15 -95.94
C GLN J 500 70.82 -28.65 -96.84
N GLU J 501 69.66 -28.33 -96.25
CA GLU J 501 68.53 -27.86 -97.05
C GLU J 501 68.80 -26.48 -97.63
N ALA J 502 69.49 -25.61 -96.89
CA ALA J 502 69.87 -24.32 -97.44
C ALA J 502 70.83 -24.46 -98.61
N ALA J 503 71.78 -25.40 -98.51
CA ALA J 503 72.68 -25.66 -99.62
C ALA J 503 71.93 -26.20 -100.83
N ALA J 504 70.96 -27.09 -100.61
CA ALA J 504 70.15 -27.60 -101.71
C ALA J 504 69.34 -26.49 -102.36
N GLN J 505 68.75 -25.60 -101.54
CA GLN J 505 68.02 -24.46 -102.07
C GLN J 505 68.93 -23.54 -102.86
N ALA J 506 70.14 -23.31 -102.36
CA ALA J 506 71.09 -22.46 -103.07
C ALA J 506 71.47 -23.08 -104.41
N GLU J 507 71.71 -24.39 -104.43
CA GLU J 507 72.01 -25.06 -105.70
C GLU J 507 70.84 -24.98 -106.66
N ALA J 508 69.62 -25.13 -106.15
CA ALA J 508 68.45 -25.05 -107.02
C ALA J 508 68.28 -23.66 -107.61
N GLU J 509 68.45 -22.62 -106.80
CA GLU J 509 68.32 -21.27 -107.34
C GLU J 509 69.48 -20.94 -108.27
N GLN J 510 70.67 -21.49 -108.02
CA GLN J 510 71.77 -21.32 -108.96
C GLN J 510 71.45 -21.97 -110.30
N GLN J 511 70.88 -23.18 -110.27
CA GLN J 511 70.47 -23.85 -111.49
C GLN J 511 69.42 -23.04 -112.23
N ALA J 512 68.50 -22.42 -111.47
CA ALA J 512 67.57 -21.48 -112.08
C ALA J 512 68.31 -20.35 -112.77
N GLN J 513 69.26 -19.72 -112.07
CA GLN J 513 70.08 -18.69 -112.68
C GLN J 513 70.97 -19.26 -113.77
N GLN J 514 71.51 -20.46 -113.56
CA GLN J 514 72.31 -21.11 -114.58
C GLN J 514 71.49 -21.34 -115.85
N GLN J 515 72.05 -20.93 -116.98
CA GLN J 515 71.38 -21.06 -118.27
C GLN J 515 70.04 -20.34 -118.22
N GLN J 516 70.05 -19.17 -117.56
CA GLN J 516 68.85 -18.36 -117.40
C GLN J 516 68.22 -18.11 -118.76
N LEU J 517 67.03 -18.68 -118.98
CA LEU J 517 66.40 -18.71 -120.29
C LEU J 517 67.38 -19.27 -121.32
N LEU J 518 68.07 -18.37 -122.02
CA LEU J 518 69.12 -18.69 -122.98
C LEU J 518 68.53 -19.38 -124.20
N GLU J 519 68.18 -20.68 -124.10
CA GLU J 519 67.70 -21.41 -125.26
C GLU J 519 66.56 -20.68 -125.94
N THR J 520 65.58 -20.25 -125.16
CA THR J 520 64.55 -19.32 -125.63
C THR J 520 64.94 -17.87 -125.42
N GLY J 521 65.97 -17.60 -124.60
CA GLY J 521 66.25 -16.24 -124.20
C GLY J 521 66.97 -15.41 -125.25
N ILE J 522 67.67 -16.06 -126.18
CA ILE J 522 68.49 -15.30 -127.12
C ILE J 522 67.61 -14.47 -128.04
N LYS J 523 68.20 -13.41 -128.58
CA LYS J 523 67.51 -12.40 -129.37
C LYS J 523 67.13 -12.89 -130.77
N SER J 524 68.06 -13.54 -131.46
CA SER J 524 67.86 -13.98 -132.83
C SER J 524 68.80 -15.14 -133.12
N PRO J 525 68.37 -16.10 -133.94
CA PRO J 525 69.11 -17.37 -134.04
C PRO J 525 70.41 -17.26 -134.82
N ALA J 526 71.24 -16.26 -134.50
CA ALA J 526 72.45 -16.06 -135.28
C ALA J 526 73.47 -17.15 -135.02
N MET J 527 73.58 -17.61 -133.76
CA MET J 527 74.55 -18.68 -133.48
C MET J 527 74.03 -20.03 -133.97
N ALA J 528 72.71 -20.21 -134.00
CA ALA J 528 72.16 -21.40 -134.64
C ALA J 528 72.46 -21.41 -136.14
N GLN J 529 72.27 -20.26 -136.79
CA GLN J 529 72.62 -20.16 -138.21
C GLN J 529 74.13 -20.32 -138.40
N ALA J 530 74.91 -19.88 -137.41
CA ALA J 530 76.35 -20.08 -137.45
C ALA J 530 76.71 -21.56 -137.39
N VAL J 531 76.04 -22.32 -136.53
CA VAL J 531 76.24 -23.76 -136.47
C VAL J 531 75.88 -24.37 -137.82
N LYS J 532 74.77 -23.92 -138.41
CA LYS J 532 74.37 -24.41 -139.72
C LYS J 532 75.45 -24.13 -140.76
N ASN J 533 76.04 -22.94 -140.71
CA ASN J 533 77.13 -22.60 -141.64
C ASN J 533 78.34 -23.48 -141.40
N PHE J 534 78.66 -23.76 -140.13
CA PHE J 534 79.79 -24.62 -139.80
C PHE J 534 79.59 -26.02 -140.39
N GLN J 535 78.38 -26.56 -140.26
CA GLN J 535 78.09 -27.86 -140.85
C GLN J 535 78.13 -27.79 -142.37
N GLY J 536 77.57 -26.73 -142.94
CA GLY J 536 77.52 -26.59 -144.39
C GLY J 536 78.81 -26.15 -145.03
N ALA J 537 79.33 -24.99 -144.63
CA ALA J 537 80.48 -24.41 -145.30
C ALA J 537 81.80 -24.96 -144.78
N ASP J 538 82.34 -25.96 -145.47
CA ASP J 538 83.68 -26.51 -145.24
C ASP J 538 83.90 -26.85 -143.76
N PRO J 539 83.33 -27.95 -143.27
CA PRO J 539 83.46 -28.28 -141.84
C PRO J 539 84.90 -28.30 -141.33
N GLU J 540 85.88 -28.59 -142.19
CA GLU J 540 87.28 -28.51 -141.77
C GLU J 540 87.72 -27.06 -141.61
N ARG J 541 87.34 -26.20 -142.56
CA ARG J 541 87.57 -24.77 -142.37
C ARG J 541 86.78 -24.25 -141.19
N ALA J 542 85.61 -24.86 -140.91
CA ALA J 542 84.86 -24.50 -139.71
C ALA J 542 85.59 -24.92 -138.44
N ALA J 543 86.31 -26.06 -138.47
CA ALA J 543 87.11 -26.46 -137.33
C ALA J 543 88.29 -25.52 -137.12
N GLN J 544 88.93 -25.11 -138.22
CA GLN J 544 89.98 -24.09 -138.10
C GLN J 544 89.41 -22.78 -137.59
N ALA J 545 88.18 -22.46 -137.98
CA ALA J 545 87.47 -21.30 -137.46
C ALA J 545 87.22 -21.40 -135.97
N LEU J 546 86.86 -22.58 -135.48
CA LEU J 546 86.66 -22.77 -134.04
C LEU J 546 88.00 -22.72 -133.31
N SER J 547 89.09 -23.14 -133.96
CA SER J 547 90.41 -22.92 -133.41
C SER J 547 90.71 -21.42 -133.29
N ALA J 548 90.33 -20.65 -134.31
CA ALA J 548 90.45 -19.20 -134.21
C ALA J 548 89.58 -18.63 -133.10
N ILE J 549 88.42 -19.25 -132.87
CA ILE J 549 87.59 -18.91 -131.72
C ILE J 549 88.36 -19.11 -130.42
N THR J 550 88.96 -20.28 -130.25
CA THR J 550 89.75 -20.55 -129.06
C THR J 550 91.06 -19.78 -129.05
N SER J 551 91.37 -19.08 -130.13
CA SER J 551 92.49 -18.13 -130.14
C SER J 551 92.10 -16.73 -129.70
N GLU J 552 90.92 -16.24 -130.12
CA GLU J 552 90.46 -14.93 -129.66
C GLU J 552 90.20 -14.93 -128.16
N THR J 553 89.90 -16.09 -127.59
CA THR J 553 89.89 -16.34 -126.15
C THR J 553 90.97 -17.39 -125.88
N GLY J 554 90.96 -17.94 -124.67
CA GLY J 554 91.92 -18.99 -124.37
C GLY J 554 91.79 -19.49 -122.95
N GLY J 555 92.73 -20.34 -122.57
CA GLY J 555 92.78 -20.91 -121.24
C GLY J 555 91.63 -21.85 -120.94
N ILE J 556 91.10 -22.52 -121.96
CA ILE J 556 90.07 -23.52 -121.81
C ILE J 556 90.50 -24.77 -122.57
N ASP J 557 90.37 -25.93 -121.94
CA ASP J 557 90.73 -27.18 -122.59
C ASP J 557 89.69 -27.55 -123.63
N ALA J 558 90.12 -27.70 -124.89
CA ALA J 558 89.21 -28.12 -125.95
C ALA J 558 88.67 -29.52 -125.72
N ASP J 559 89.35 -30.32 -124.88
CA ASP J 559 88.85 -31.65 -124.54
C ASP J 559 87.61 -31.59 -123.66
N GLN J 560 87.29 -30.42 -123.08
CA GLN J 560 86.06 -30.28 -122.33
C GLN J 560 84.87 -29.96 -123.24
N LEU J 561 85.12 -29.56 -124.48
CA LEU J 561 84.03 -29.34 -125.42
C LEU J 561 83.39 -30.65 -125.88
N THR J 562 84.18 -31.73 -125.94
CA THR J 562 83.71 -33.03 -126.38
C THR J 562 83.12 -33.86 -125.25
N GLU J 563 82.64 -33.21 -124.19
CA GLU J 563 81.95 -33.89 -123.09
C GLU J 563 80.55 -33.31 -122.88
N ALA J 564 79.89 -32.89 -123.97
CA ALA J 564 78.55 -32.34 -123.89
C ALA J 564 77.51 -33.36 -124.32
N MET K 1 89.10 -37.10 -32.14
CA MET K 1 89.48 -36.90 -33.53
C MET K 1 90.17 -35.55 -33.72
N LYS K 2 89.97 -34.95 -34.87
CA LYS K 2 90.58 -33.66 -35.20
C LYS K 2 89.67 -32.56 -34.71
N THR K 3 90.16 -31.75 -33.77
CA THR K 3 89.41 -30.62 -33.24
C THR K 3 89.43 -29.49 -34.27
N ARG K 4 88.44 -29.45 -35.15
CA ARG K 4 88.34 -28.43 -36.20
C ARG K 4 87.01 -27.71 -36.04
N LEU K 5 86.98 -26.70 -35.18
CA LEU K 5 85.86 -25.80 -35.08
C LEU K 5 86.11 -24.48 -35.78
N THR K 6 87.33 -24.24 -36.24
CA THR K 6 87.70 -23.03 -36.96
C THR K 6 88.20 -23.39 -38.34
N ASN K 7 87.89 -22.55 -39.32
CA ASN K 7 88.29 -22.80 -40.70
C ASN K 7 89.80 -22.76 -40.83
N ASN K 8 90.31 -23.52 -41.81
CA ASN K 8 91.72 -23.55 -42.14
C ASN K 8 92.06 -22.59 -43.27
N VAL K 9 91.33 -21.49 -43.38
CA VAL K 9 91.57 -20.52 -44.44
C VAL K 9 92.58 -19.47 -44.00
N ASP K 10 92.57 -19.10 -42.72
CA ASP K 10 93.51 -18.12 -42.19
C ASP K 10 94.39 -18.70 -41.09
N ARG K 11 94.60 -20.01 -41.08
CA ARG K 11 95.43 -20.62 -40.05
C ARG K 11 96.89 -20.20 -40.21
N GLN K 12 97.59 -20.16 -39.08
CA GLN K 12 98.98 -19.71 -39.06
C GLN K 12 99.72 -20.47 -37.96
N SER K 13 101.01 -20.17 -37.82
CA SER K 13 101.80 -20.79 -36.77
C SER K 13 101.55 -20.11 -35.43
N ALA K 14 102.17 -20.64 -34.39
CA ALA K 14 101.99 -20.12 -33.03
C ALA K 14 102.62 -18.75 -32.91
N LEU K 15 101.82 -17.75 -32.54
CA LEU K 15 102.29 -16.38 -32.43
C LEU K 15 102.17 -15.79 -31.02
N TYR K 16 101.29 -16.33 -30.19
CA TYR K 16 101.17 -15.89 -28.80
C TYR K 16 101.16 -17.09 -27.88
N GLY K 17 101.81 -16.94 -26.73
CA GLY K 17 101.79 -17.94 -25.67
C GLY K 17 100.85 -17.56 -24.55
N SER K 18 101.28 -17.86 -23.32
CA SER K 18 100.47 -17.65 -22.12
C SER K 18 100.92 -16.43 -21.32
N SER K 19 101.26 -15.34 -22.00
CA SER K 19 101.83 -14.17 -21.34
C SER K 19 100.75 -13.47 -20.52
N GLY K 20 100.49 -14.02 -19.34
CA GLY K 20 99.56 -13.44 -18.39
C GLY K 20 98.23 -14.15 -18.31
N GLY K 21 98.09 -15.02 -17.31
CA GLY K 21 96.82 -15.69 -17.06
C GLY K 21 96.42 -16.66 -18.15
N THR K 22 95.23 -17.23 -17.98
CA THR K 22 94.62 -18.13 -18.94
C THR K 22 93.23 -17.62 -19.28
N ALA K 23 92.71 -18.08 -20.42
CA ALA K 23 91.39 -17.63 -20.86
C ALA K 23 90.31 -18.02 -19.86
N ALA K 24 90.51 -19.11 -19.11
CA ALA K 24 89.55 -19.48 -18.09
C ALA K 24 89.44 -18.41 -17.01
N GLN K 25 90.57 -17.86 -16.58
CA GLN K 25 90.55 -16.82 -15.57
C GLN K 25 89.83 -15.56 -16.08
N ARG K 26 90.09 -15.18 -17.33
CA ARG K 26 89.40 -14.02 -17.89
C ARG K 26 87.90 -14.28 -18.00
N TYR K 27 87.51 -15.50 -18.38
CA TYR K 27 86.10 -15.85 -18.44
C TYR K 27 85.45 -15.72 -17.07
N GLU K 28 86.11 -16.24 -16.04
CA GLU K 28 85.57 -16.15 -14.69
C GLU K 28 85.51 -14.70 -14.23
N GLN K 29 86.46 -13.87 -14.66
CA GLN K 29 86.43 -12.46 -14.29
C GLN K 29 85.27 -11.72 -14.95
N LEU K 30 84.99 -12.03 -16.22
CA LEU K 30 83.97 -11.30 -16.96
C LEU K 30 82.56 -11.82 -16.76
N ARG K 31 82.40 -13.05 -16.25
CA ARG K 31 81.06 -13.54 -15.98
C ARG K 31 80.36 -12.70 -14.93
N VAL K 32 81.13 -12.04 -14.05
CA VAL K 32 80.53 -11.21 -13.01
C VAL K 32 79.72 -10.08 -13.63
N ASP K 33 80.31 -9.40 -14.62
CA ASP K 33 79.56 -8.34 -15.30
C ASP K 33 78.53 -8.91 -16.26
N ARG K 34 78.79 -10.08 -16.84
CA ARG K 34 77.82 -10.69 -17.75
C ARG K 34 76.56 -11.19 -17.04
N ASN K 35 76.59 -11.32 -15.71
CA ASN K 35 75.51 -11.98 -14.99
C ASN K 35 74.14 -11.36 -15.29
N SER K 36 73.96 -10.08 -14.96
CA SER K 36 72.61 -9.51 -14.93
C SER K 36 71.87 -9.56 -16.27
N PRO K 37 72.46 -9.17 -17.40
CA PRO K 37 71.71 -9.25 -18.66
C PRO K 37 71.22 -10.65 -18.97
N LEU K 38 71.97 -11.67 -18.55
CA LEU K 38 71.48 -13.04 -18.71
C LEU K 38 70.20 -13.25 -17.93
N LYS K 39 70.12 -12.73 -16.71
CA LYS K 39 68.90 -12.87 -15.92
C LYS K 39 67.74 -12.15 -16.60
N ARG K 40 67.99 -10.95 -17.12
CA ARG K 40 66.93 -10.22 -17.81
C ARG K 40 66.42 -11.00 -19.02
N ALA K 41 67.34 -11.51 -19.83
CA ALA K 41 66.96 -12.26 -21.01
C ALA K 41 66.20 -13.53 -20.64
N ARG K 42 66.63 -14.20 -19.56
CA ARG K 42 65.95 -15.41 -19.14
C ARG K 42 64.52 -15.13 -18.68
N ASP K 43 64.32 -14.04 -17.92
CA ASP K 43 62.97 -13.69 -17.51
C ASP K 43 62.09 -13.33 -18.70
N CYS K 44 62.63 -12.55 -19.64
CA CYS K 44 61.83 -12.19 -20.82
C CYS K 44 61.46 -13.44 -21.62
N SER K 45 62.41 -14.34 -21.83
CA SER K 45 62.11 -15.58 -22.52
C SER K 45 61.04 -16.37 -21.79
N LYS K 46 61.16 -16.48 -20.47
CA LYS K 46 60.16 -17.21 -19.69
C LYS K 46 58.77 -16.62 -19.89
N VAL K 47 58.67 -15.29 -19.98
CA VAL K 47 57.34 -14.72 -20.14
C VAL K 47 56.84 -14.86 -21.58
N THR K 48 57.72 -14.98 -22.57
CA THR K 48 57.26 -15.12 -23.94
C THR K 48 57.30 -16.56 -24.45
N ILE K 49 58.44 -17.22 -24.37
CA ILE K 49 58.59 -18.60 -24.86
C ILE K 49 59.26 -19.44 -23.77
N PRO K 50 58.55 -20.40 -23.19
CA PRO K 50 59.01 -20.98 -21.91
C PRO K 50 60.39 -21.61 -21.97
N GLY K 51 60.78 -22.20 -23.09
CA GLY K 51 62.01 -22.98 -23.09
C GLY K 51 63.09 -22.55 -24.06
N LEU K 52 63.11 -21.28 -24.46
CA LEU K 52 64.10 -20.82 -25.43
C LEU K 52 65.48 -20.70 -24.78
N ILE K 53 65.61 -19.83 -23.79
CA ILE K 53 66.84 -19.68 -23.03
C ILE K 53 66.63 -20.39 -21.70
N GLU K 54 67.55 -21.28 -21.35
CA GLU K 54 67.34 -22.21 -20.25
C GLU K 54 68.32 -21.98 -19.11
N ASP K 55 67.88 -22.33 -17.91
CA ASP K 55 68.76 -22.41 -16.76
C ASP K 55 69.70 -23.62 -16.90
N GLU K 56 70.84 -23.57 -16.20
CA GLU K 56 71.83 -24.63 -16.36
C GLU K 56 71.37 -25.97 -15.83
N ASN K 57 70.28 -26.02 -15.07
CA ASN K 57 69.79 -27.28 -14.52
C ASN K 57 68.37 -27.58 -15.00
N TYR K 58 68.06 -27.26 -16.25
CA TYR K 58 66.78 -27.56 -16.87
C TYR K 58 66.98 -28.12 -18.27
N GLY K 59 67.87 -29.10 -18.40
CA GLY K 59 68.22 -29.64 -19.69
C GLY K 59 67.56 -30.97 -20.02
N ASP K 60 68.30 -32.06 -19.84
CA ASP K 60 67.81 -33.39 -20.18
C ASP K 60 66.56 -33.74 -19.37
N ALA K 61 66.52 -33.32 -18.11
CA ALA K 61 65.43 -33.68 -17.20
C ALA K 61 64.89 -32.45 -16.49
N GLY K 62 64.63 -31.39 -17.26
CA GLY K 62 63.99 -30.21 -16.74
C GLY K 62 62.60 -30.02 -17.33
N ARG K 63 61.69 -29.51 -16.51
CA ARG K 63 60.31 -29.27 -16.93
C ARG K 63 60.02 -27.78 -16.97
N LEU K 64 59.37 -27.34 -18.04
CA LEU K 64 59.02 -25.94 -18.26
C LEU K 64 57.52 -25.74 -18.14
N ASP K 65 57.14 -24.55 -17.71
CA ASP K 65 55.75 -24.18 -17.49
C ASP K 65 55.14 -23.62 -18.78
N THR K 66 53.88 -23.19 -18.67
CA THR K 66 53.20 -22.56 -19.79
C THR K 66 52.50 -21.29 -19.33
N PRO K 67 52.46 -20.26 -20.17
CA PRO K 67 51.79 -19.02 -19.79
C PRO K 67 50.29 -19.12 -19.99
N TYR K 68 49.58 -18.07 -19.56
CA TYR K 68 48.14 -17.98 -19.73
C TYR K 68 47.78 -16.92 -20.77
N GLN K 69 48.68 -16.66 -21.71
CA GLN K 69 48.40 -15.79 -22.85
C GLN K 69 49.39 -16.12 -23.94
N SER K 70 48.91 -16.13 -25.19
CA SER K 70 49.71 -16.53 -26.34
C SER K 70 50.12 -15.35 -27.21
N SER K 71 50.00 -14.12 -26.70
CA SER K 71 50.39 -12.97 -27.50
C SER K 71 51.88 -12.96 -27.77
N GLY K 72 52.69 -13.29 -26.75
CA GLY K 72 54.13 -13.16 -26.90
C GLY K 72 54.70 -14.08 -27.97
N ALA K 73 54.30 -15.35 -27.95
CA ALA K 73 54.83 -16.31 -28.91
C ALA K 73 54.45 -15.93 -30.33
N ARG K 74 53.18 -15.58 -30.54
CA ARG K 74 52.73 -15.19 -31.87
C ARG K 74 53.46 -13.95 -32.36
N GLY K 75 53.61 -12.96 -31.48
CA GLY K 75 54.31 -11.75 -31.87
C GLY K 75 55.76 -12.00 -32.24
N VAL K 76 56.47 -12.78 -31.41
CA VAL K 76 57.86 -13.08 -31.69
C VAL K 76 57.99 -13.82 -33.01
N GLY K 77 57.16 -14.84 -33.22
CA GLY K 77 57.26 -15.62 -34.43
C GLY K 77 56.98 -14.80 -35.68
N HIS K 78 55.89 -14.03 -35.66
CA HIS K 78 55.56 -13.22 -36.83
C HIS K 78 56.63 -12.18 -37.10
N MET K 79 57.13 -11.53 -36.05
CA MET K 79 58.14 -10.49 -36.24
C MET K 79 59.43 -11.08 -36.80
N THR K 80 59.91 -12.20 -36.26
CA THR K 80 61.16 -12.76 -36.76
C THR K 80 60.99 -13.26 -38.19
N SER K 81 59.84 -13.84 -38.51
CA SER K 81 59.63 -14.32 -39.87
C SER K 81 59.64 -13.16 -40.87
N LYS K 82 58.90 -12.09 -40.57
CA LYS K 82 58.87 -10.96 -41.49
C LYS K 82 60.24 -10.30 -41.59
N LEU K 83 60.95 -10.19 -40.46
CA LEU K 83 62.28 -9.60 -40.50
C LEU K 83 63.23 -10.42 -41.37
N ALA K 84 63.18 -11.75 -41.24
CA ALA K 84 64.04 -12.60 -42.05
C ALA K 84 63.69 -12.49 -43.53
N VAL K 85 62.39 -12.48 -43.84
CA VAL K 85 61.99 -12.49 -45.25
C VAL K 85 62.26 -11.13 -45.89
N THR K 86 62.33 -10.07 -45.07
CA THR K 86 62.59 -8.74 -45.63
C THR K 86 64.08 -8.47 -45.73
N LEU K 87 64.86 -8.82 -44.71
CA LEU K 87 66.29 -8.50 -44.70
C LEU K 87 67.03 -9.23 -45.80
N PHE K 88 66.66 -10.47 -46.09
CA PHE K 88 67.32 -11.29 -47.11
C PHE K 88 66.27 -11.78 -48.09
N PRO K 89 65.82 -10.92 -49.00
CA PRO K 89 64.80 -11.34 -49.97
C PRO K 89 65.30 -12.49 -50.83
N THR K 90 64.39 -13.43 -51.11
CA THR K 90 64.76 -14.61 -51.88
C THR K 90 64.96 -14.29 -53.36
N ASN K 91 64.19 -13.35 -53.90
CA ASN K 91 64.24 -13.06 -55.33
C ASN K 91 65.40 -12.11 -55.66
N GLU K 92 65.37 -10.92 -55.11
CA GLU K 92 66.34 -9.89 -55.47
C GLU K 92 67.59 -10.00 -54.61
N HIS K 93 68.72 -9.61 -55.19
CA HIS K 93 69.99 -9.58 -54.46
C HIS K 93 69.88 -8.66 -53.26
N PHE K 94 70.37 -9.12 -52.12
CA PHE K 94 70.34 -8.32 -50.90
C PHE K 94 71.50 -7.35 -50.81
N PHE K 95 72.40 -7.35 -51.80
CA PHE K 95 73.50 -6.40 -51.84
C PHE K 95 73.85 -6.14 -53.29
N LYS K 96 74.49 -5.00 -53.54
CA LYS K 96 74.86 -4.59 -54.89
C LYS K 96 76.32 -4.17 -54.92
N LEU K 97 77.10 -4.84 -55.77
CA LEU K 97 78.49 -4.47 -56.02
C LEU K 97 78.49 -3.43 -57.13
N GLU K 98 78.82 -2.19 -56.78
CA GLU K 98 78.76 -1.07 -57.71
C GLU K 98 80.16 -0.64 -58.09
N ILE K 99 80.41 -0.55 -59.40
CA ILE K 99 81.69 -0.03 -59.88
C ILE K 99 81.76 1.45 -59.58
N ASP K 100 82.86 1.88 -58.97
CA ASP K 100 83.04 3.27 -58.58
C ASP K 100 83.21 4.10 -59.84
N SER K 101 82.15 4.79 -60.26
CA SER K 101 82.25 5.71 -61.38
C SER K 101 83.23 6.84 -61.10
N LEU K 102 83.47 7.16 -59.83
CA LEU K 102 84.49 8.14 -59.49
C LEU K 102 85.86 7.69 -59.97
N ALA K 103 86.18 6.41 -59.77
CA ALA K 103 87.44 5.87 -60.28
C ALA K 103 87.46 5.89 -61.80
N ILE K 104 86.33 5.61 -62.43
CA ILE K 104 86.24 5.66 -63.89
C ILE K 104 86.59 7.05 -64.40
N LEU K 105 86.04 8.08 -63.75
CA LEU K 105 86.35 9.46 -64.14
C LEU K 105 87.80 9.80 -63.83
N ALA K 106 88.29 9.37 -62.67
CA ALA K 106 89.65 9.73 -62.25
C ALA K 106 90.70 9.14 -63.19
N SER K 107 90.53 7.88 -63.59
CA SER K 107 91.50 7.25 -64.47
C SER K 107 91.24 7.54 -65.94
N ASP K 108 90.24 8.38 -66.26
CA ASP K 108 89.86 8.67 -67.63
C ASP K 108 89.51 7.37 -68.38
N GLN K 109 88.73 6.53 -67.72
CA GLN K 109 88.38 5.23 -68.28
C GLN K 109 87.39 5.39 -69.44
N ASN K 110 87.60 4.58 -70.47
CA ASN K 110 86.72 4.63 -71.63
C ASN K 110 85.36 4.04 -71.30
N PRO K 111 84.26 4.72 -71.64
CA PRO K 111 82.93 4.18 -71.33
C PRO K 111 82.57 2.91 -72.07
N GLU K 112 83.42 2.46 -73.01
CA GLU K 112 83.09 1.25 -73.76
C GLU K 112 83.26 -0.01 -72.91
N MET K 113 84.25 -0.03 -72.01
CA MET K 113 84.50 -1.20 -71.18
C MET K 113 83.46 -1.42 -70.09
N ILE K 114 82.55 -0.46 -69.87
CA ILE K 114 81.61 -0.58 -68.75
C ILE K 114 80.69 -1.78 -68.94
N THR K 115 80.43 -2.18 -70.20
CA THR K 115 79.60 -3.35 -70.44
C THR K 115 80.28 -4.61 -69.92
N GLU K 116 81.57 -4.79 -70.27
CA GLU K 116 82.31 -5.93 -69.74
C GLU K 116 82.42 -5.86 -68.23
N PHE K 117 82.60 -4.64 -67.70
CA PHE K 117 82.72 -4.47 -66.26
C PHE K 117 81.45 -4.91 -65.54
N ASP K 118 80.29 -4.51 -66.06
CA ASP K 118 79.04 -4.88 -65.39
C ASP K 118 78.72 -6.35 -65.58
N SER K 119 79.13 -6.93 -66.71
CA SER K 119 79.02 -8.37 -66.87
C SER K 119 79.83 -9.11 -65.81
N ALA K 120 81.08 -8.69 -65.61
CA ALA K 120 81.89 -9.29 -64.56
C ALA K 120 81.26 -9.09 -63.20
N LEU K 121 80.70 -7.90 -62.96
CA LEU K 121 80.09 -7.62 -61.67
C LEU K 121 78.88 -8.51 -61.39
N VAL K 122 78.02 -8.71 -62.40
CA VAL K 122 76.84 -9.56 -62.17
C VAL K 122 77.26 -11.01 -62.00
N LYS K 123 78.29 -11.45 -62.74
CA LYS K 123 78.80 -12.80 -62.52
C LYS K 123 79.30 -12.99 -61.10
N VAL K 124 80.09 -12.03 -60.60
CA VAL K 124 80.58 -12.11 -59.24
C VAL K 124 79.43 -12.09 -58.25
N GLU K 125 78.41 -11.27 -58.51
CA GLU K 125 77.27 -11.15 -57.61
C GLU K 125 76.55 -12.48 -57.47
N GLN K 126 76.21 -13.11 -58.60
CA GLN K 126 75.52 -14.39 -58.52
C GLN K 126 76.41 -15.45 -57.88
N ALA K 127 77.73 -15.40 -58.15
CA ALA K 127 78.63 -16.35 -57.52
C ALA K 127 78.62 -16.22 -56.01
N VAL K 128 78.64 -14.98 -55.51
CA VAL K 128 78.64 -14.74 -54.07
C VAL K 128 77.33 -15.23 -53.46
N MET K 129 76.21 -14.91 -54.11
CA MET K 129 74.92 -15.37 -53.57
C MET K 129 74.83 -16.88 -53.56
N ARG K 130 75.31 -17.55 -54.61
CA ARG K 130 75.30 -19.01 -54.65
C ARG K 130 76.14 -19.60 -53.53
N MET K 131 77.34 -19.05 -53.31
CA MET K 131 78.19 -19.57 -52.26
C MET K 131 77.53 -19.36 -50.90
N PHE K 132 76.90 -18.20 -50.71
CA PHE K 132 76.16 -17.94 -49.48
C PHE K 132 75.07 -18.98 -49.27
N GLU K 133 74.31 -19.29 -50.32
CA GLU K 133 73.21 -20.23 -50.17
C GLU K 133 73.73 -21.65 -49.93
N THR K 134 74.90 -21.98 -50.47
CA THR K 134 75.44 -23.33 -50.30
C THR K 134 75.69 -23.67 -48.84
N ILE K 135 76.24 -22.72 -48.08
CA ILE K 135 76.60 -22.96 -46.69
C ILE K 135 75.39 -22.77 -45.79
N GLY K 136 74.23 -22.55 -46.38
CA GLY K 136 72.98 -22.51 -45.63
C GLY K 136 72.87 -21.36 -44.67
N GLY K 137 72.82 -20.13 -45.18
CA GLY K 137 72.77 -18.97 -44.31
C GLY K 137 71.37 -18.64 -43.82
N ARG K 138 70.34 -19.14 -44.51
CA ARG K 138 68.97 -18.75 -44.18
C ARG K 138 68.57 -19.23 -42.79
N ALA K 139 68.80 -20.51 -42.50
CA ALA K 139 68.39 -21.05 -41.20
C ALA K 139 69.16 -20.40 -40.05
N ALA K 140 70.47 -20.22 -40.23
CA ALA K 140 71.27 -19.59 -39.19
C ALA K 140 70.82 -18.15 -38.96
N MET K 141 70.52 -17.42 -40.05
CA MET K 141 70.05 -16.06 -39.91
C MET K 141 68.71 -16.02 -39.19
N HIS K 142 67.82 -16.95 -39.50
CA HIS K 142 66.52 -17.00 -38.85
C HIS K 142 66.67 -17.23 -37.35
N GLU K 143 67.50 -18.21 -36.98
CA GLU K 143 67.69 -18.51 -35.55
C GLU K 143 68.34 -17.34 -34.84
N ALA K 144 69.33 -16.71 -35.47
CA ALA K 144 69.99 -15.56 -34.86
C ALA K 144 69.02 -14.41 -34.66
N LEU K 145 68.15 -14.16 -35.64
CA LEU K 145 67.17 -13.10 -35.51
C LEU K 145 66.19 -13.38 -34.39
N LYS K 146 65.75 -14.64 -34.27
CA LYS K 146 64.84 -14.98 -33.17
C LYS K 146 65.50 -14.75 -31.82
N HIS K 147 66.77 -15.18 -31.67
CA HIS K 147 67.48 -14.95 -30.42
C HIS K 147 67.66 -13.46 -30.14
N LEU K 148 67.94 -12.68 -31.19
CA LEU K 148 68.13 -11.24 -31.02
C LEU K 148 66.84 -10.58 -30.55
N LEU K 149 65.71 -10.99 -31.12
CA LEU K 149 64.43 -10.44 -30.66
C LEU K 149 64.16 -10.83 -29.21
N VAL K 150 64.41 -12.08 -28.84
CA VAL K 150 64.06 -12.52 -27.48
C VAL K 150 65.13 -12.08 -26.48
N GLY K 151 66.40 -12.30 -26.80
CA GLY K 151 67.45 -12.05 -25.83
C GLY K 151 68.12 -10.70 -25.94
N GLY K 152 68.35 -10.24 -27.17
CA GLY K 152 68.98 -8.96 -27.40
C GLY K 152 70.46 -9.00 -27.70
N ASN K 153 71.10 -10.16 -27.57
CA ASN K 153 72.51 -10.28 -27.88
C ASN K 153 72.77 -11.63 -28.53
N VAL K 154 73.73 -11.67 -29.44
CA VAL K 154 74.10 -12.91 -30.12
C VAL K 154 75.46 -12.71 -30.79
N LEU K 155 76.19 -13.80 -30.97
CA LEU K 155 77.53 -13.76 -31.56
C LEU K 155 77.59 -14.77 -32.69
N LEU K 156 78.12 -14.34 -33.84
CA LEU K 156 78.19 -15.16 -35.04
C LEU K 156 79.62 -15.52 -35.37
N TYR K 157 79.81 -16.71 -35.95
CA TYR K 157 81.09 -17.12 -36.51
C TYR K 157 80.86 -17.55 -37.95
N VAL K 158 81.44 -16.82 -38.89
CA VAL K 158 81.31 -17.08 -40.32
C VAL K 158 82.47 -17.95 -40.76
N SER K 159 82.16 -19.03 -41.46
CA SER K 159 83.17 -19.99 -41.87
C SER K 159 82.79 -20.55 -43.23
N ASP K 160 83.77 -21.21 -43.87
CA ASP K 160 83.50 -21.87 -45.15
C ASP K 160 82.50 -23.01 -44.97
N GLU K 161 82.62 -23.77 -43.88
CA GLU K 161 81.72 -24.89 -43.65
C GLU K 161 80.30 -24.42 -43.39
N GLY K 162 80.14 -23.39 -42.57
CA GLY K 162 78.81 -22.90 -42.27
C GLY K 162 78.86 -21.81 -41.20
N ILE K 163 77.67 -21.39 -40.79
CA ILE K 163 77.52 -20.33 -39.78
C ILE K 163 77.16 -21.01 -38.47
N LYS K 164 77.93 -20.73 -37.43
CA LYS K 164 77.66 -21.22 -36.08
C LYS K 164 77.28 -20.04 -35.19
N VAL K 165 76.11 -20.13 -34.57
CA VAL K 165 75.63 -19.10 -33.65
C VAL K 165 75.93 -19.53 -32.23
N ILE K 166 76.19 -18.55 -31.37
CA ILE K 166 76.49 -18.80 -29.97
C ILE K 166 75.54 -17.97 -29.11
N HIS K 167 74.89 -18.62 -28.16
CA HIS K 167 73.95 -17.93 -27.29
C HIS K 167 74.70 -17.04 -26.31
N LEU K 168 73.96 -16.12 -25.69
CA LEU K 168 74.55 -15.20 -24.73
C LEU K 168 75.15 -15.92 -23.53
N ASP K 169 74.70 -17.14 -23.26
CA ASP K 169 75.14 -17.86 -22.07
C ASP K 169 76.55 -18.44 -22.20
N SER K 170 77.18 -18.35 -23.37
CA SER K 170 78.45 -19.03 -23.59
C SER K 170 79.55 -18.11 -24.12
N TYR K 171 79.50 -16.81 -23.81
CA TYR K 171 80.61 -15.92 -24.16
C TYR K 171 80.51 -14.64 -23.35
N VAL K 172 81.63 -13.92 -23.30
CA VAL K 172 81.72 -12.63 -22.61
C VAL K 172 82.56 -11.69 -23.45
N LEU K 173 82.43 -10.40 -23.18
CA LEU K 173 83.17 -9.39 -23.94
C LEU K 173 83.24 -8.09 -23.14
N CYS K 174 84.18 -7.24 -23.53
CA CYS K 174 84.37 -5.91 -22.95
C CYS K 174 84.36 -4.87 -24.05
N ARG K 175 83.76 -3.72 -23.77
CA ARG K 175 83.62 -2.64 -24.75
C ARG K 175 84.06 -1.32 -24.16
N ASP K 176 84.53 -0.43 -25.03
CA ASP K 176 84.74 0.96 -24.64
C ASP K 176 83.43 1.73 -24.75
N PRO K 177 83.33 2.88 -24.08
CA PRO K 177 82.16 3.75 -24.29
C PRO K 177 82.02 4.24 -25.72
N MET K 178 83.10 4.21 -26.51
CA MET K 178 82.96 4.38 -27.95
C MET K 178 82.00 3.37 -28.55
N GLY K 179 82.19 2.09 -28.23
CA GLY K 179 81.45 1.02 -28.85
C GLY K 179 82.30 -0.01 -29.54
N ASN K 180 83.63 0.12 -29.47
CA ASN K 180 84.53 -0.84 -30.10
C ASN K 180 84.81 -1.96 -29.11
N VAL K 181 84.42 -3.19 -29.46
CA VAL K 181 84.73 -4.34 -28.62
C VAL K 181 86.21 -4.65 -28.73
N THR K 182 86.83 -5.02 -27.60
CA THR K 182 88.25 -5.29 -27.56
C THR K 182 88.61 -6.76 -27.41
N GLU K 183 87.87 -7.50 -26.58
CA GLU K 183 88.26 -8.88 -26.29
C GLU K 183 87.01 -9.72 -26.07
N ILE K 184 87.04 -10.94 -26.62
CA ILE K 184 85.92 -11.88 -26.52
C ILE K 184 86.47 -13.23 -26.07
N VAL K 185 85.79 -13.85 -25.10
CA VAL K 185 86.11 -15.18 -24.63
C VAL K 185 84.89 -16.05 -24.80
N VAL K 186 85.06 -17.20 -25.46
CA VAL K 186 83.97 -18.13 -25.72
C VAL K 186 84.30 -19.47 -25.06
N GLU K 187 83.34 -20.01 -24.30
CA GLU K 187 83.51 -21.26 -23.60
C GLU K 187 82.49 -22.27 -24.12
N GLU K 188 82.95 -23.50 -24.35
CA GLU K 188 82.09 -24.56 -24.85
C GLU K 188 82.58 -25.89 -24.29
N GLU K 189 81.70 -26.88 -24.31
CA GLU K 189 81.96 -28.17 -23.69
C GLU K 189 81.66 -29.28 -24.69
N ILE K 190 82.61 -30.21 -24.85
CA ILE K 190 82.55 -31.22 -25.89
C ILE K 190 83.02 -32.55 -25.31
N PHE K 191 82.49 -33.65 -25.86
CA PHE K 191 82.92 -34.98 -25.45
C PHE K 191 84.40 -35.19 -25.77
N LYS K 192 85.07 -35.94 -24.89
CA LYS K 192 86.50 -36.17 -25.02
C LYS K 192 86.88 -37.00 -26.24
N ASP K 193 85.92 -37.64 -26.90
CA ASP K 193 86.23 -38.46 -28.06
C ASP K 193 86.79 -37.63 -29.21
N ALA K 194 86.41 -36.36 -29.30
CA ALA K 194 86.82 -35.52 -30.43
C ALA K 194 88.15 -34.81 -30.19
N LEU K 195 88.73 -34.91 -29.01
CA LEU K 195 89.95 -34.18 -28.68
C LEU K 195 91.20 -34.99 -29.04
N PRO K 196 92.33 -34.30 -29.27
CA PRO K 196 93.58 -35.02 -29.52
C PRO K 196 93.97 -35.88 -28.32
N GLU K 197 94.53 -37.06 -28.64
CA GLU K 197 94.86 -38.03 -27.60
C GLU K 197 95.95 -37.55 -26.66
N GLU K 198 96.86 -36.70 -27.13
CA GLU K 198 97.92 -36.22 -26.25
C GLU K 198 97.38 -35.38 -25.11
N TYR K 199 96.20 -34.78 -25.29
CA TYR K 199 95.59 -33.96 -24.25
C TYR K 199 94.72 -34.78 -23.30
N LEU K 200 94.55 -36.08 -23.54
CA LEU K 200 93.77 -36.94 -22.66
C LEU K 200 94.65 -37.34 -21.48
N ASP K 201 94.22 -36.99 -20.28
CA ASP K 201 95.01 -37.25 -19.09
C ASP K 201 94.85 -38.70 -18.64
N GLU K 202 95.56 -39.03 -17.55
CA GLU K 202 95.44 -40.36 -16.98
C GLU K 202 94.07 -40.59 -16.35
N GLU K 203 93.55 -39.58 -15.64
CA GLU K 203 92.27 -39.73 -14.98
C GLU K 203 91.14 -39.96 -15.97
N ASP K 204 91.14 -39.22 -17.09
CA ASP K 204 90.15 -39.44 -18.12
C ASP K 204 90.32 -40.82 -18.75
N ASP K 205 91.56 -41.28 -18.89
CA ASP K 205 91.81 -42.63 -19.40
C ASP K 205 91.38 -43.69 -18.39
N ASP K 206 91.51 -43.39 -17.10
CA ASP K 206 91.17 -44.36 -16.05
C ASP K 206 89.67 -44.57 -15.89
N ASP K 207 88.84 -43.76 -16.52
CA ASP K 207 87.40 -43.85 -16.36
C ASP K 207 86.78 -44.68 -17.49
N ASP K 208 85.68 -45.36 -17.16
CA ASP K 208 84.93 -46.17 -18.12
C ASP K 208 83.72 -45.43 -18.67
N ASP K 209 83.69 -44.10 -18.57
CA ASP K 209 82.56 -43.29 -19.00
C ASP K 209 82.94 -42.33 -20.12
N MET K 210 83.66 -42.83 -21.14
CA MET K 210 84.05 -41.97 -22.26
C MET K 210 82.83 -41.37 -22.95
N GLY K 211 81.70 -42.07 -22.93
CA GLY K 211 80.45 -41.58 -23.47
C GLY K 211 79.60 -40.80 -22.51
N LYS K 212 80.12 -40.48 -21.31
CA LYS K 212 79.35 -39.72 -20.33
C LYS K 212 80.15 -38.66 -19.58
N LYS K 213 81.40 -38.39 -19.96
CA LYS K 213 82.18 -37.32 -19.37
C LYS K 213 82.68 -36.38 -20.47
N MET K 214 82.68 -35.09 -20.18
CA MET K 214 83.07 -34.06 -21.14
C MET K 214 84.35 -33.38 -20.67
N VAL K 215 84.93 -32.59 -21.58
CA VAL K 215 86.11 -31.78 -21.27
C VAL K 215 85.89 -30.39 -21.84
N LYS K 216 86.07 -29.38 -20.99
CA LYS K 216 85.87 -27.99 -21.39
C LYS K 216 86.94 -27.54 -22.38
N ILE K 217 86.53 -26.75 -23.37
CA ILE K 217 87.43 -26.18 -24.36
C ILE K 217 87.09 -24.71 -24.51
N TYR K 218 88.11 -23.86 -24.46
CA TYR K 218 87.94 -22.41 -24.47
C TYR K 218 88.42 -21.81 -25.79
N THR K 219 88.14 -20.52 -25.94
CA THR K 219 88.57 -19.75 -27.11
C THR K 219 88.80 -18.31 -26.69
N CYS K 220 89.81 -17.67 -27.25
CA CYS K 220 90.17 -16.30 -26.91
C CYS K 220 90.17 -15.44 -28.17
N ILE K 221 89.68 -14.21 -28.05
CA ILE K 221 89.64 -13.27 -29.15
C ILE K 221 90.26 -11.96 -28.68
N LYS K 222 91.22 -11.45 -29.45
CA LYS K 222 91.85 -10.17 -29.15
C LYS K 222 91.80 -9.28 -30.38
N PHE K 223 91.39 -8.02 -30.17
CA PHE K 223 91.23 -7.05 -31.24
C PHE K 223 92.23 -5.93 -31.01
N MET K 224 93.17 -5.76 -31.94
CA MET K 224 94.15 -4.69 -31.84
C MET K 224 94.74 -4.41 -33.21
N ASP K 225 95.13 -3.14 -33.41
CA ASP K 225 95.68 -2.63 -34.66
C ASP K 225 94.97 -3.23 -35.88
N ASP K 226 93.63 -3.14 -35.84
CA ASP K 226 92.71 -3.71 -36.82
C ASP K 226 93.18 -5.05 -37.41
N GLN K 227 93.68 -5.94 -36.56
CA GLN K 227 93.89 -7.34 -36.93
C GLN K 227 93.44 -8.19 -35.75
N CYS K 228 92.27 -8.82 -35.87
CA CYS K 228 91.80 -9.72 -34.83
C CYS K 228 92.70 -10.96 -34.77
N HIS K 229 92.80 -11.52 -33.57
CA HIS K 229 93.64 -12.68 -33.33
C HIS K 229 92.94 -13.64 -32.39
N TRP K 230 93.08 -14.95 -32.65
CA TRP K 230 92.38 -15.95 -31.87
C TRP K 230 93.22 -17.21 -31.78
N TYR K 231 92.98 -17.98 -30.73
CA TYR K 231 93.60 -19.29 -30.55
C TYR K 231 92.74 -20.10 -29.59
N GLN K 232 92.82 -21.42 -29.71
CA GLN K 232 92.06 -22.34 -28.88
C GLN K 232 92.96 -23.02 -27.87
N GLU K 233 92.50 -23.08 -26.63
CA GLU K 233 93.27 -23.73 -25.58
C GLU K 233 92.37 -24.67 -24.80
N ILE K 234 92.96 -25.76 -24.32
CA ILE K 234 92.31 -26.68 -23.40
C ILE K 234 93.26 -27.01 -22.26
N LYS K 235 92.75 -26.97 -21.03
CA LYS K 235 93.52 -27.28 -19.84
C LYS K 235 94.77 -26.40 -19.71
N GLY K 236 94.64 -25.13 -20.10
CA GLY K 236 95.67 -24.15 -19.83
C GLY K 236 96.79 -24.06 -20.85
N LYS K 237 96.81 -24.91 -21.87
CA LYS K 237 97.84 -24.82 -22.90
C LYS K 237 97.19 -24.86 -24.27
N GLU K 238 97.78 -24.14 -25.22
CA GLU K 238 97.14 -23.91 -26.50
C GLU K 238 97.14 -25.16 -27.37
N VAL K 239 96.12 -25.28 -28.21
CA VAL K 239 96.02 -26.40 -29.15
C VAL K 239 96.85 -26.08 -30.39
N PRO K 240 97.80 -26.94 -30.77
CA PRO K 240 98.61 -26.65 -31.95
C PRO K 240 97.78 -26.61 -33.22
N GLY K 241 98.16 -25.70 -34.12
CA GLY K 241 97.50 -25.58 -35.41
C GLY K 241 96.18 -24.84 -35.41
N THR K 242 95.77 -24.27 -34.27
CA THR K 242 94.51 -23.55 -34.18
C THR K 242 94.67 -22.05 -34.31
N HIS K 243 95.87 -21.56 -34.57
CA HIS K 243 96.10 -20.12 -34.65
C HIS K 243 95.47 -19.55 -35.91
N GLY K 244 95.26 -18.23 -35.90
CA GLY K 244 94.72 -17.53 -37.04
C GLY K 244 95.00 -16.04 -36.93
N LYS K 245 94.81 -15.35 -38.05
CA LYS K 245 95.04 -13.91 -38.11
C LYS K 245 94.40 -13.36 -39.37
N CYS K 246 93.67 -12.26 -39.22
CA CYS K 246 93.09 -11.57 -40.37
C CYS K 246 92.74 -10.15 -39.97
N ALA K 247 92.55 -9.30 -40.97
CA ALA K 247 92.25 -7.90 -40.73
C ALA K 247 90.87 -7.74 -40.11
N ALA K 248 90.66 -6.61 -39.42
CA ALA K 248 89.41 -6.38 -38.73
C ALA K 248 88.24 -6.28 -39.69
N ASP K 249 88.45 -5.65 -40.85
CA ASP K 249 87.38 -5.49 -41.83
C ASP K 249 86.94 -6.82 -42.45
N VAL K 250 87.72 -7.88 -42.28
CA VAL K 250 87.37 -9.18 -42.82
C VAL K 250 87.29 -10.20 -41.68
N ALA K 251 86.96 -9.71 -40.49
CA ALA K 251 86.91 -10.57 -39.31
C ALA K 251 85.79 -11.62 -39.46
N PRO K 252 86.03 -12.83 -38.95
CA PRO K 252 84.99 -13.86 -38.99
C PRO K 252 83.98 -13.77 -37.86
N TRP K 253 84.23 -12.96 -36.85
CA TRP K 253 83.38 -12.86 -35.67
C TRP K 253 82.65 -11.53 -35.69
N ILE K 254 81.33 -11.58 -35.47
CA ILE K 254 80.47 -10.41 -35.55
C ILE K 254 79.65 -10.32 -34.27
N ALA K 255 79.63 -9.15 -33.65
CA ALA K 255 78.84 -8.92 -32.44
C ALA K 255 77.68 -7.99 -32.74
N LEU K 256 76.53 -8.30 -32.15
CA LEU K 256 75.29 -7.58 -32.44
C LEU K 256 74.67 -7.10 -31.13
N ARG K 257 73.73 -6.16 -31.26
CA ARG K 257 72.92 -5.72 -30.14
C ARG K 257 71.65 -5.08 -30.69
N GLN K 258 70.52 -5.35 -30.03
CA GLN K 258 69.22 -4.98 -30.56
C GLN K 258 69.04 -3.46 -30.56
N ASP K 259 69.05 -2.85 -29.38
CA ASP K 259 68.91 -1.41 -29.24
C ASP K 259 70.30 -0.85 -28.92
N ARG K 260 70.78 0.05 -29.77
CA ARG K 260 72.08 0.64 -29.52
C ARG K 260 71.96 1.59 -28.34
N VAL K 261 72.22 1.08 -27.13
CA VAL K 261 72.23 1.87 -25.91
C VAL K 261 73.68 2.06 -25.51
N ASP K 262 74.15 3.30 -25.59
CA ASP K 262 75.57 3.57 -25.41
C ASP K 262 75.99 3.28 -23.97
N SER K 263 77.30 3.05 -23.79
CA SER K 263 77.89 2.80 -22.47
C SER K 263 77.30 1.55 -21.83
N GLU K 264 77.00 0.55 -22.64
CA GLU K 264 76.48 -0.72 -22.17
C GLU K 264 77.23 -1.86 -22.83
N MET K 265 77.77 -2.78 -22.03
CA MET K 265 78.46 -3.92 -22.60
C MET K 265 77.50 -4.92 -23.23
N TYR K 266 76.23 -4.89 -22.82
CA TYR K 266 75.20 -5.75 -23.40
C TYR K 266 73.95 -4.92 -23.65
N GLY K 267 73.23 -5.24 -24.72
CA GLY K 267 72.08 -4.47 -25.12
C GLY K 267 70.83 -4.85 -24.34
N ARG K 268 69.71 -4.30 -24.81
CA ARG K 268 68.41 -4.55 -24.21
C ARG K 268 67.53 -5.24 -25.24
N SER K 269 66.89 -6.33 -24.84
CA SER K 269 65.99 -7.05 -25.73
C SER K 269 64.77 -6.20 -26.05
N TYR K 270 64.21 -6.43 -27.24
CA TYR K 270 63.05 -5.66 -27.66
C TYR K 270 61.84 -5.96 -26.77
N VAL K 271 61.65 -7.23 -26.40
CA VAL K 271 60.52 -7.62 -25.57
C VAL K 271 60.54 -6.91 -24.22
N GLU K 272 61.72 -6.54 -23.73
CA GLU K 272 61.83 -5.81 -22.47
C GLU K 272 61.03 -4.52 -22.50
N GLN K 273 60.81 -3.95 -23.69
CA GLN K 273 60.02 -2.74 -23.80
C GLN K 273 58.61 -2.95 -23.26
N TYR K 274 57.98 -4.08 -23.61
CA TYR K 274 56.59 -4.34 -23.27
C TYR K 274 56.44 -5.47 -22.26
N TYR K 275 57.54 -5.85 -21.60
CA TYR K 275 57.50 -6.89 -20.57
C TYR K 275 56.42 -6.63 -19.51
N GLY K 276 56.34 -5.39 -19.03
CA GLY K 276 55.38 -5.09 -17.97
C GLY K 276 53.94 -5.27 -18.42
N ASP K 277 53.61 -4.74 -19.60
CA ASP K 277 52.26 -4.92 -20.13
C ASP K 277 51.96 -6.39 -20.36
N LEU K 278 52.95 -7.14 -20.84
CA LEU K 278 52.76 -8.57 -21.03
C LEU K 278 52.43 -9.26 -19.72
N LEU K 279 53.15 -8.92 -18.65
CA LEU K 279 52.89 -9.53 -17.35
C LEU K 279 51.50 -9.17 -16.84
N ALA K 280 51.09 -7.91 -16.99
CA ALA K 280 49.78 -7.50 -16.53
C ALA K 280 48.67 -8.24 -17.29
N LEU K 281 48.83 -8.36 -18.62
CA LEU K 281 47.85 -9.08 -19.41
C LEU K 281 47.76 -10.54 -18.98
N GLU K 282 48.92 -11.16 -18.73
CA GLU K 282 48.94 -12.54 -18.25
C GLU K 282 48.16 -12.69 -16.95
N ASN K 283 48.42 -11.80 -15.98
CA ASN K 283 47.76 -11.90 -14.70
C ASN K 283 46.26 -11.72 -14.84
N LEU K 284 45.83 -10.74 -15.65
CA LEU K 284 44.39 -10.50 -15.80
C LEU K 284 43.68 -11.66 -16.50
N TYR K 285 44.34 -12.25 -17.51
CA TYR K 285 43.78 -13.45 -18.13
C TYR K 285 43.59 -14.55 -17.10
N LYS K 286 44.60 -14.75 -16.26
CA LYS K 286 44.46 -15.76 -15.22
C LYS K 286 43.30 -15.43 -14.29
N ALA K 287 43.13 -14.15 -13.97
CA ALA K 287 42.05 -13.73 -13.07
C ALA K 287 40.68 -14.08 -13.64
N ILE K 288 40.44 -13.72 -14.89
CA ILE K 288 39.12 -13.97 -15.46
C ILE K 288 38.88 -15.47 -15.61
N LEU K 289 39.91 -16.23 -15.99
CA LEU K 289 39.76 -17.68 -16.06
C LEU K 289 39.43 -18.25 -14.68
N GLU K 290 40.06 -17.71 -13.65
CA GLU K 290 39.87 -18.21 -12.29
C GLU K 290 38.44 -17.98 -11.84
N ALA K 291 37.94 -16.76 -12.03
CA ALA K 291 36.56 -16.45 -11.66
C ALA K 291 35.57 -17.32 -12.43
N SER K 292 35.82 -17.50 -13.74
CA SER K 292 34.91 -18.33 -14.52
C SER K 292 34.91 -19.77 -14.02
N ALA K 293 36.08 -20.29 -13.65
CA ALA K 293 36.14 -21.63 -13.09
C ALA K 293 35.34 -21.74 -11.81
N SER K 294 35.44 -20.71 -10.95
CA SER K 294 34.72 -20.76 -9.68
C SER K 294 33.21 -20.67 -9.89
N LEU K 295 32.75 -19.91 -10.88
CA LEU K 295 31.31 -19.69 -11.03
C LEU K 295 30.61 -20.87 -11.72
N SER K 296 31.35 -21.77 -12.35
CA SER K 296 30.72 -22.81 -13.15
C SER K 296 30.11 -23.93 -12.32
N LYS K 297 30.32 -23.95 -11.01
CA LYS K 297 29.75 -24.99 -10.17
C LYS K 297 28.25 -24.80 -10.04
N VAL K 298 27.53 -25.92 -9.95
CA VAL K 298 26.09 -25.93 -9.78
C VAL K 298 25.72 -26.72 -8.53
N LEU K 299 24.97 -26.09 -7.63
CA LEU K 299 24.51 -26.73 -6.41
C LEU K 299 23.01 -26.57 -6.29
N PHE K 300 22.43 -27.30 -5.35
CA PHE K 300 21.02 -27.18 -5.02
C PHE K 300 20.88 -26.84 -3.54
N LEU K 301 19.72 -26.32 -3.19
CA LEU K 301 19.48 -25.88 -1.81
C LEU K 301 18.04 -26.17 -1.45
N CYS K 302 17.83 -26.85 -0.32
CA CYS K 302 16.50 -27.18 0.16
C CYS K 302 16.15 -26.33 1.37
N ASN K 303 14.97 -25.73 1.34
CA ASN K 303 14.55 -24.85 2.42
C ASN K 303 13.96 -25.66 3.56
N PRO K 304 14.52 -25.59 4.77
CA PRO K 304 13.96 -26.37 5.88
C PRO K 304 12.52 -26.01 6.21
N ASN K 305 12.13 -24.74 6.03
CA ASN K 305 10.76 -24.34 6.34
C ASN K 305 9.75 -24.95 5.37
N GLY K 306 10.20 -25.44 4.22
CA GLY K 306 9.31 -26.08 3.27
C GLY K 306 9.01 -27.52 3.66
N THR K 307 8.36 -28.21 2.73
CA THR K 307 7.94 -29.60 2.94
C THR K 307 8.45 -30.48 1.81
N THR K 308 9.72 -30.34 1.48
CA THR K 308 10.37 -31.16 0.46
C THR K 308 11.47 -31.98 1.11
N ARG K 309 11.45 -33.28 0.87
CA ARG K 309 12.47 -34.17 1.42
C ARG K 309 13.54 -34.42 0.37
N PRO K 310 14.82 -34.24 0.71
CA PRO K 310 15.88 -34.42 -0.31
C PRO K 310 15.90 -35.82 -0.91
N ARG K 311 15.61 -36.85 -0.12
CA ARG K 311 15.59 -38.20 -0.65
C ARG K 311 14.52 -38.35 -1.72
N THR K 312 13.39 -37.68 -1.54
CA THR K 312 12.34 -37.74 -2.55
C THR K 312 12.81 -37.14 -3.87
N LEU K 313 13.51 -36.02 -3.80
CA LEU K 313 14.01 -35.38 -5.01
C LEU K 313 15.07 -36.23 -5.69
N SER K 314 15.99 -36.81 -4.91
CA SER K 314 17.07 -37.58 -5.52
C SER K 314 16.56 -38.91 -6.09
N GLN K 315 15.70 -39.59 -5.37
CA GLN K 315 15.29 -40.95 -5.73
C GLN K 315 14.26 -40.98 -6.86
N ALA K 316 13.54 -39.90 -7.09
CA ALA K 316 12.44 -39.91 -8.05
C ALA K 316 12.95 -40.10 -9.46
N SER K 317 12.19 -40.84 -10.26
CA SER K 317 12.51 -41.07 -11.65
C SER K 317 11.93 -39.97 -12.53
N ASN K 318 12.30 -39.97 -13.81
CA ASN K 318 11.90 -38.92 -14.72
C ASN K 318 10.39 -38.93 -14.95
N GLY K 319 9.81 -37.74 -15.03
CA GLY K 319 8.40 -37.59 -15.33
C GLY K 319 7.45 -37.95 -14.22
N SER K 320 7.96 -38.23 -13.02
CA SER K 320 7.11 -38.67 -11.93
C SER K 320 6.39 -37.49 -11.29
N ILE K 321 5.57 -37.79 -10.29
CA ILE K 321 4.86 -36.78 -9.51
C ILE K 321 5.11 -37.06 -8.04
N VAL K 322 5.71 -36.11 -7.34
CA VAL K 322 5.99 -36.26 -5.92
C VAL K 322 5.35 -35.11 -5.16
N GLN K 323 5.44 -35.15 -3.83
CA GLN K 323 4.86 -34.13 -2.97
C GLN K 323 5.93 -33.08 -2.67
N GLY K 324 5.64 -31.82 -2.98
CA GLY K 324 6.57 -30.76 -2.68
C GLY K 324 6.13 -29.46 -3.31
N ASN K 325 6.82 -28.39 -2.93
CA ASN K 325 6.61 -27.06 -3.48
C ASN K 325 7.89 -26.61 -4.15
N ALA K 326 7.79 -26.20 -5.42
CA ALA K 326 8.98 -25.83 -6.18
C ALA K 326 9.58 -24.50 -5.73
N ALA K 327 8.83 -23.72 -4.93
CA ALA K 327 9.35 -22.44 -4.47
C ALA K 327 10.44 -22.58 -3.43
N ASP K 328 10.60 -23.75 -2.80
CA ASP K 328 11.61 -23.90 -1.77
C ASP K 328 12.97 -24.27 -2.34
N VAL K 329 12.99 -25.17 -3.31
CA VAL K 329 14.25 -25.64 -3.88
C VAL K 329 14.81 -24.55 -4.79
N THR K 330 16.01 -24.09 -4.50
CA THR K 330 16.66 -23.00 -5.23
C THR K 330 18.10 -23.40 -5.55
N VAL K 331 18.66 -22.71 -6.54
CA VAL K 331 20.00 -23.00 -7.04
C VAL K 331 20.92 -21.84 -6.67
N LEU K 332 22.08 -22.16 -6.12
CA LEU K 332 23.05 -21.14 -5.73
C LEU K 332 23.66 -20.49 -6.96
N GLN K 333 23.71 -19.16 -6.95
CA GLN K 333 24.27 -18.42 -8.08
C GLN K 333 24.76 -17.07 -7.59
N ALA K 334 25.58 -16.42 -8.42
CA ALA K 334 26.11 -15.09 -8.15
C ALA K 334 25.12 -14.06 -8.69
N ALA K 335 24.62 -13.20 -7.80
CA ALA K 335 23.56 -12.27 -8.16
C ALA K 335 23.99 -11.32 -9.26
N GLY K 336 24.92 -10.42 -8.97
CA GLY K 336 25.44 -9.54 -9.99
C GLY K 336 26.95 -9.55 -10.09
N LYS K 337 27.49 -10.13 -11.15
CA LYS K 337 28.93 -10.11 -11.37
C LYS K 337 29.25 -9.83 -12.83
N SER K 338 28.21 -9.68 -13.66
CA SER K 338 28.43 -9.48 -15.08
C SER K 338 29.14 -8.16 -15.38
N GLN K 339 28.76 -7.08 -14.68
CA GLN K 339 29.33 -5.76 -14.99
C GLN K 339 30.84 -5.74 -14.73
N ASP K 340 31.25 -6.28 -13.59
CA ASP K 340 32.68 -6.29 -13.25
C ASP K 340 33.45 -7.13 -14.26
N LEU K 341 32.92 -8.29 -14.63
CA LEU K 341 33.61 -9.15 -15.58
C LEU K 341 33.70 -8.49 -16.95
N GLN K 342 32.67 -7.77 -17.38
CA GLN K 342 32.73 -7.12 -18.69
C GLN K 342 33.70 -5.93 -18.66
N ILE K 343 33.81 -5.26 -17.51
CA ILE K 343 34.83 -4.22 -17.39
C ILE K 343 36.23 -4.82 -17.52
N ALA K 344 36.46 -5.95 -16.85
CA ALA K 344 37.75 -6.63 -16.97
C ALA K 344 38.01 -7.06 -18.41
N ASN K 345 36.97 -7.56 -19.09
CA ASN K 345 37.14 -7.94 -20.49
C ASN K 345 37.48 -6.73 -21.35
N GLN K 346 36.84 -5.58 -21.10
CA GLN K 346 37.14 -4.39 -21.88
C GLN K 346 38.59 -3.97 -21.71
N THR K 347 39.08 -3.93 -20.48
CA THR K 347 40.46 -3.49 -20.28
C THR K 347 41.45 -4.51 -20.83
N ILE K 348 41.14 -5.81 -20.72
CA ILE K 348 41.99 -6.83 -21.29
C ILE K 348 42.07 -6.68 -22.80
N GLU K 349 40.91 -6.43 -23.43
CA GLU K 349 40.89 -6.27 -24.89
C GLU K 349 41.68 -5.04 -25.31
N ARG K 350 41.57 -3.95 -24.55
CA ARG K 350 42.35 -2.75 -24.88
C ARG K 350 43.84 -3.02 -24.78
N ILE K 351 44.28 -3.69 -23.72
CA ILE K 351 45.70 -4.00 -23.57
C ILE K 351 46.17 -4.91 -24.71
N GLU K 352 45.36 -5.91 -25.04
CA GLU K 352 45.71 -6.83 -26.12
C GLU K 352 45.83 -6.10 -27.45
N ASN K 353 44.89 -5.19 -27.73
CA ASN K 353 44.96 -4.42 -28.97
C ASN K 353 46.20 -3.55 -29.02
N ARG K 354 46.56 -2.93 -27.90
CA ARG K 354 47.78 -2.12 -27.86
C ARG K 354 49.01 -2.98 -28.15
N LEU K 355 49.08 -4.16 -27.52
CA LEU K 355 50.23 -5.03 -27.75
C LEU K 355 50.27 -5.53 -29.19
N ALA K 356 49.12 -5.87 -29.76
CA ALA K 356 49.06 -6.35 -31.13
C ALA K 356 49.49 -5.27 -32.11
N PHE K 357 49.10 -4.02 -31.86
CA PHE K 357 49.58 -2.92 -32.68
C PHE K 357 51.08 -2.73 -32.53
N ALA K 358 51.60 -2.89 -31.30
CA ALA K 358 53.03 -2.73 -31.07
C ALA K 358 53.86 -3.78 -31.79
N PHE K 359 53.45 -5.05 -31.75
CA PHE K 359 54.20 -6.12 -32.40
C PHE K 359 53.88 -6.25 -33.89
N MET K 360 53.09 -5.33 -34.43
CA MET K 360 52.88 -5.19 -35.88
C MET K 360 52.28 -6.46 -36.50
N LEU K 361 51.57 -7.23 -35.69
CA LEU K 361 50.80 -8.35 -36.22
C LEU K 361 49.73 -7.84 -37.18
N ASN K 362 49.24 -8.73 -38.04
CA ASN K 362 48.28 -8.37 -39.07
C ASN K 362 46.86 -8.28 -38.55
N THR K 363 46.59 -8.73 -37.33
CA THR K 363 45.21 -8.84 -36.86
C THR K 363 44.61 -7.48 -36.53
N ALA K 364 45.37 -6.60 -35.89
CA ALA K 364 44.82 -5.32 -35.45
C ALA K 364 44.42 -4.41 -36.61
N ILE K 365 44.85 -4.76 -37.83
CA ILE K 365 44.55 -3.94 -39.00
C ILE K 365 43.06 -4.01 -39.35
N GLN K 366 42.47 -5.20 -39.29
CA GLN K 366 41.08 -5.36 -39.70
C GLN K 366 40.15 -4.57 -38.79
N ARG K 367 39.28 -3.76 -39.39
CA ARG K 367 38.27 -3.03 -38.67
C ARG K 367 36.94 -3.75 -38.85
N PRO K 368 36.42 -4.44 -37.84
CA PRO K 368 35.21 -5.24 -38.04
C PRO K 368 34.01 -4.38 -38.39
N GLY K 369 33.18 -4.89 -39.31
CA GLY K 369 31.89 -4.33 -39.62
C GLY K 369 31.70 -3.94 -41.07
N GLU K 370 32.72 -3.36 -41.70
CA GLU K 370 32.52 -2.77 -43.03
C GLU K 370 33.74 -3.03 -43.90
N ARG K 371 33.60 -2.66 -45.17
CA ARG K 371 34.64 -2.88 -46.17
C ARG K 371 35.81 -1.91 -45.97
N VAL K 372 36.98 -2.34 -46.43
CA VAL K 372 38.18 -1.51 -46.45
C VAL K 372 38.72 -1.50 -47.87
N THR K 373 39.05 -0.31 -48.37
CA THR K 373 39.55 -0.17 -49.72
C THR K 373 40.97 -0.70 -49.83
N ALA K 374 41.38 -1.00 -51.06
CA ALA K 374 42.74 -1.46 -51.30
C ALA K 374 43.74 -0.36 -50.98
N GLU K 375 43.40 0.89 -51.29
CA GLU K 375 44.29 2.01 -50.97
C GLU K 375 44.47 2.16 -49.47
N GLU K 376 43.40 1.94 -48.70
CA GLU K 376 43.50 1.98 -47.24
C GLU K 376 44.44 0.89 -46.73
N ILE K 377 44.32 -0.31 -47.30
CA ILE K 377 45.17 -1.42 -46.89
C ILE K 377 46.63 -1.12 -47.21
N ARG K 378 46.89 -0.56 -48.39
CA ARG K 378 48.25 -0.16 -48.74
C ARG K 378 48.76 0.91 -47.78
N TYR K 379 47.90 1.85 -47.40
CA TYR K 379 48.26 2.91 -46.47
C TYR K 379 48.71 2.33 -45.13
N MET K 380 47.91 1.41 -44.58
CA MET K 380 48.25 0.88 -43.26
C MET K 380 49.41 -0.11 -43.33
N ALA K 381 49.60 -0.76 -44.49
CA ALA K 381 50.81 -1.55 -44.70
C ALA K 381 52.04 -0.65 -44.73
N GLN K 382 51.92 0.54 -45.33
CA GLN K 382 52.99 1.52 -45.26
C GLN K 382 53.28 1.89 -43.82
N GLU K 383 52.23 2.10 -43.03
CA GLU K 383 52.42 2.38 -41.60
C GLU K 383 53.20 1.26 -40.92
N LEU K 384 52.81 0.00 -41.17
CA LEU K 384 53.49 -1.12 -40.51
C LEU K 384 54.95 -1.21 -40.94
N ASP K 385 55.23 -1.03 -42.23
CA ASP K 385 56.62 -1.07 -42.67
C ASP K 385 57.41 0.09 -42.07
N ALA K 386 56.75 1.23 -41.85
CA ALA K 386 57.42 2.37 -41.24
C ALA K 386 57.74 2.10 -39.77
N GLY K 387 56.89 1.33 -39.09
CA GLY K 387 57.00 1.18 -37.65
C GLY K 387 58.31 0.63 -37.11
N ILE K 388 59.08 -0.13 -37.90
CA ILE K 388 60.27 -0.81 -37.39
C ILE K 388 61.48 -0.39 -38.26
N SER K 389 61.39 0.83 -38.80
CA SER K 389 62.42 1.34 -39.70
C SER K 389 63.78 1.43 -39.00
N GLY K 390 63.79 1.87 -37.74
CA GLY K 390 65.05 1.95 -37.02
C GLY K 390 65.73 0.61 -36.89
N LEU K 391 64.96 -0.44 -36.61
CA LEU K 391 65.54 -1.77 -36.50
C LEU K 391 66.06 -2.26 -37.85
N TYR K 392 65.30 -2.06 -38.94
CA TYR K 392 65.85 -2.45 -40.23
C TYR K 392 67.14 -1.69 -40.53
N SER K 393 67.19 -0.41 -40.20
CA SER K 393 68.38 0.39 -40.49
C SER K 393 69.59 -0.11 -39.71
N ILE K 394 69.42 -0.35 -38.40
CA ILE K 394 70.56 -0.76 -37.60
C ILE K 394 71.02 -2.15 -38.00
N LEU K 395 70.08 -3.06 -38.32
CA LEU K 395 70.47 -4.38 -38.79
C LEU K 395 71.23 -4.29 -40.10
N SER K 396 70.78 -3.44 -41.03
CA SER K 396 71.49 -3.29 -42.29
C SER K 396 72.89 -2.76 -42.06
N ARG K 397 73.03 -1.80 -41.14
CA ARG K 397 74.35 -1.24 -40.86
C ARG K 397 75.27 -2.30 -40.26
N GLU K 398 74.75 -3.13 -39.35
CA GLU K 398 75.57 -3.99 -38.51
C GLU K 398 75.86 -5.37 -39.11
N LEU K 399 74.91 -5.96 -39.83
CA LEU K 399 75.04 -7.35 -40.22
C LEU K 399 75.39 -7.56 -41.69
N GLN K 400 74.73 -6.84 -42.60
CA GLN K 400 74.86 -7.14 -44.02
C GLN K 400 76.27 -6.85 -44.52
N LEU K 401 76.79 -5.65 -44.25
CA LEU K 401 78.11 -5.29 -44.77
C LEU K 401 79.23 -6.16 -44.23
N PRO K 402 79.39 -6.38 -42.91
CA PRO K 402 80.48 -7.25 -42.45
C PRO K 402 80.36 -8.67 -42.96
N LEU K 403 79.14 -9.20 -43.07
CA LEU K 403 78.96 -10.56 -43.54
C LEU K 403 79.41 -10.70 -45.00
N VAL K 404 78.96 -9.79 -45.86
CA VAL K 404 79.34 -9.87 -47.26
C VAL K 404 80.83 -9.62 -47.42
N ARG K 405 81.41 -8.73 -46.60
CA ARG K 405 82.84 -8.48 -46.70
C ARG K 405 83.66 -9.70 -46.31
N ARG K 406 83.30 -10.36 -45.20
CA ARG K 406 84.01 -11.57 -44.82
C ARG K 406 83.83 -12.67 -45.87
N LEU K 407 82.63 -12.77 -46.44
CA LEU K 407 82.38 -13.76 -47.47
C LEU K 407 83.26 -13.54 -48.68
N ILE K 408 83.35 -12.30 -49.16
CA ILE K 408 84.13 -12.05 -50.36
C ILE K 408 85.62 -12.20 -50.07
N HIS K 409 86.06 -11.84 -48.87
CA HIS K 409 87.46 -12.08 -48.52
C HIS K 409 87.79 -13.56 -48.51
N ILE K 410 86.92 -14.39 -47.95
CA ILE K 410 87.13 -15.84 -47.97
C ILE K 410 87.18 -16.34 -49.41
N LEU K 411 86.26 -15.84 -50.23
CA LEU K 411 86.21 -16.24 -51.63
C LEU K 411 87.52 -15.91 -52.34
N ARG K 412 88.06 -14.72 -52.10
CA ARG K 412 89.32 -14.35 -52.72
C ARG K 412 90.46 -15.24 -52.21
N ARG K 413 90.51 -15.48 -50.90
CA ARG K 413 91.59 -16.29 -50.35
C ARG K 413 91.56 -17.71 -50.91
N LYS K 414 90.36 -18.20 -51.24
CA LYS K 414 90.26 -19.52 -51.83
C LYS K 414 90.83 -19.57 -53.25
N ARG K 415 91.15 -18.43 -53.84
CA ARG K 415 91.68 -18.26 -55.20
C ARG K 415 90.63 -18.64 -56.24
N LYS K 416 89.35 -18.68 -55.86
CA LYS K 416 88.30 -19.05 -56.81
C LYS K 416 87.85 -17.88 -57.67
N LEU K 417 88.39 -16.68 -57.42
CA LEU K 417 88.17 -15.50 -58.24
C LEU K 417 89.36 -14.56 -58.02
N PRO K 418 89.99 -14.09 -59.10
CA PRO K 418 91.16 -13.22 -58.95
C PRO K 418 90.86 -11.91 -58.24
N ASP K 419 91.91 -11.24 -57.78
CA ASP K 419 91.79 -10.06 -56.92
C ASP K 419 91.20 -8.87 -57.68
N PHE K 420 90.48 -8.03 -56.95
CA PHE K 420 89.91 -6.83 -57.53
C PHE K 420 90.98 -5.79 -57.81
N PRO K 421 90.82 -4.97 -58.84
CA PRO K 421 91.73 -3.85 -59.04
C PRO K 421 91.60 -2.83 -57.92
N ARG K 422 92.71 -2.16 -57.63
CA ARG K 422 92.76 -1.15 -56.59
C ARG K 422 93.05 0.21 -57.22
N SER K 423 92.57 1.26 -56.54
CA SER K 423 92.73 2.62 -57.05
C SER K 423 94.20 3.00 -57.11
N GLU K 424 94.58 3.72 -58.16
CA GLU K 424 95.95 4.21 -58.25
C GLU K 424 96.18 5.38 -57.31
N VAL K 425 95.22 6.30 -57.23
CA VAL K 425 95.39 7.49 -56.39
C VAL K 425 95.33 7.12 -54.91
N THR K 426 94.35 6.29 -54.53
CA THR K 426 94.06 6.04 -53.13
C THR K 426 94.34 4.61 -52.68
N GLY K 427 94.20 3.63 -53.57
CA GLY K 427 94.38 2.23 -53.21
C GLY K 427 93.11 1.51 -52.79
N GLU K 428 92.00 2.20 -52.65
CA GLU K 428 90.75 1.55 -52.32
C GLU K 428 90.26 0.71 -53.50
N PRO K 429 89.54 -0.38 -53.24
CA PRO K 429 89.01 -1.19 -54.33
C PRO K 429 88.07 -0.36 -55.21
N LEU K 430 88.10 -0.65 -56.51
CA LEU K 430 87.27 0.09 -57.46
C LEU K 430 85.79 -0.25 -57.35
N ILE K 431 85.44 -1.26 -56.54
CA ILE K 431 84.07 -1.74 -56.44
C ILE K 431 83.70 -1.83 -54.96
N LYS K 432 82.57 -1.22 -54.59
CA LYS K 432 82.12 -1.19 -53.21
C LYS K 432 80.74 -1.84 -53.08
N GLU K 433 80.16 -1.73 -51.90
CA GLU K 433 78.98 -2.50 -51.52
C GLU K 433 77.86 -1.58 -51.04
N LYS K 434 76.64 -2.11 -51.08
CA LYS K 434 75.43 -1.40 -50.70
C LYS K 434 74.45 -2.38 -50.07
N ALA K 435 73.67 -1.88 -49.12
CA ALA K 435 72.69 -2.70 -48.40
C ALA K 435 71.28 -2.24 -48.76
N VAL K 436 70.42 -3.20 -49.09
CA VAL K 436 69.04 -2.94 -49.53
C VAL K 436 68.09 -3.58 -48.54
N THR K 437 67.18 -2.78 -47.96
CA THR K 437 66.27 -3.26 -46.94
C THR K 437 64.86 -2.74 -47.19
N GLY K 438 63.89 -3.64 -47.11
CA GLY K 438 62.49 -3.23 -47.02
C GLY K 438 61.91 -2.79 -48.36
N ILE K 439 61.35 -1.58 -48.36
CA ILE K 439 60.67 -1.05 -49.54
C ILE K 439 61.65 -0.93 -50.71
N GLU K 440 62.93 -0.70 -50.43
CA GLU K 440 63.93 -0.67 -51.49
C GLU K 440 64.01 -2.01 -52.22
N ALA K 441 64.04 -3.11 -51.44
CA ALA K 441 64.06 -4.44 -52.04
C ALA K 441 62.74 -4.74 -52.74
N ILE K 442 61.62 -4.31 -52.16
CA ILE K 442 60.32 -4.55 -52.79
C ILE K 442 60.20 -3.82 -54.11
N GLY K 443 60.74 -2.60 -54.19
CA GLY K 443 60.55 -1.74 -55.33
C GLY K 443 61.78 -1.49 -56.19
N ARG K 444 62.80 -2.34 -56.11
CA ARG K 444 63.77 -2.37 -57.19
C ARG K 444 63.09 -2.68 -58.52
N GLY K 445 62.12 -3.60 -58.49
CA GLY K 445 61.25 -3.79 -59.64
C GLY K 445 60.50 -2.53 -60.01
N ASP K 446 60.07 -1.75 -59.02
CA ASP K 446 59.42 -0.48 -59.32
C ASP K 446 60.38 0.52 -59.96
N ASP K 447 61.65 0.48 -59.58
CA ASP K 447 62.66 1.35 -60.22
C ASP K 447 62.84 0.95 -61.68
N ARG K 448 62.95 -0.36 -61.94
CA ARG K 448 63.00 -0.84 -63.31
C ARG K 448 61.75 -0.41 -64.08
N ASN K 449 60.59 -0.53 -63.44
CA ASN K 449 59.34 -0.11 -64.07
C ASN K 449 59.33 1.39 -64.32
N LYS K 450 59.93 2.18 -63.43
CA LYS K 450 60.01 3.61 -63.66
C LYS K 450 60.84 3.93 -64.88
N LEU K 451 62.00 3.28 -65.02
CA LEU K 451 62.83 3.50 -66.21
C LEU K 451 62.09 3.09 -67.47
N ILE K 452 61.48 1.90 -67.46
CA ILE K 452 60.79 1.40 -68.63
C ILE K 452 59.57 2.26 -68.95
N ASP K 453 58.88 2.76 -67.93
CA ASP K 453 57.70 3.59 -68.15
C ASP K 453 58.10 4.97 -68.69
N PHE K 454 59.24 5.50 -68.25
CA PHE K 454 59.75 6.72 -68.84
C PHE K 454 60.06 6.51 -70.32
N ILE K 455 60.69 5.38 -70.64
CA ILE K 455 61.00 5.07 -72.04
C ILE K 455 59.71 4.93 -72.85
N THR K 456 58.73 4.22 -72.31
CA THR K 456 57.47 4.00 -73.01
C THR K 456 56.71 5.31 -73.19
N THR K 457 56.70 6.18 -72.17
CA THR K 457 56.03 7.46 -72.29
C THR K 457 56.68 8.33 -73.35
N ALA K 458 58.02 8.32 -73.42
CA ALA K 458 58.69 9.04 -74.48
C ALA K 458 58.32 8.48 -75.84
N ASN K 459 58.26 7.15 -75.96
CA ASN K 459 57.90 6.54 -77.24
C ASN K 459 56.48 6.90 -77.65
N GLN K 460 55.54 6.89 -76.69
CA GLN K 460 54.17 7.30 -76.97
C GLN K 460 54.11 8.76 -77.42
N ALA K 461 54.84 9.63 -76.73
CA ALA K 461 54.79 11.05 -77.04
C ALA K 461 55.38 11.35 -78.41
N LEU K 462 56.42 10.62 -78.82
CA LEU K 462 57.17 10.99 -80.01
C LEU K 462 56.95 10.01 -81.16
N GLY K 463 56.71 8.73 -80.89
CA GLY K 463 56.28 7.79 -81.90
C GLY K 463 57.42 7.08 -82.62
N PRO K 464 57.11 6.46 -83.76
CA PRO K 464 58.16 5.96 -84.64
C PRO K 464 59.32 6.92 -84.81
N GLN K 465 59.06 8.22 -84.87
CA GLN K 465 60.14 9.21 -85.01
C GLN K 465 61.01 9.25 -83.75
N ALA K 466 60.55 8.65 -82.65
CA ALA K 466 61.34 8.61 -81.43
C ALA K 466 62.47 7.59 -81.51
N MET K 467 62.84 7.20 -82.71
CA MET K 467 63.98 6.31 -82.84
C MET K 467 65.29 7.10 -83.21
N THR K 468 65.32 8.43 -83.04
CA THR K 468 66.35 9.25 -83.67
C THR K 468 67.43 9.82 -82.75
N GLN K 469 67.10 10.64 -81.73
CA GLN K 469 68.20 11.40 -81.12
C GLN K 469 68.15 11.71 -79.61
N PHE K 470 67.19 11.21 -78.81
CA PHE K 470 67.26 11.35 -77.34
C PHE K 470 67.36 10.04 -76.58
N LEU K 471 66.38 9.15 -76.64
CA LEU K 471 66.23 8.08 -75.64
C LEU K 471 66.32 6.69 -76.29
N ASN K 472 67.45 6.03 -76.09
CA ASN K 472 67.84 4.88 -76.90
C ASN K 472 66.83 3.73 -76.76
N VAL K 473 66.56 3.05 -77.89
CA VAL K 473 65.57 1.98 -77.91
C VAL K 473 66.11 0.67 -77.30
N GLU K 474 67.34 0.69 -76.80
CA GLU K 474 67.85 -0.28 -75.83
C GLU K 474 67.96 -1.71 -76.36
N GLU K 475 67.65 -1.95 -77.63
CA GLU K 475 68.27 -3.03 -78.42
C GLU K 475 68.32 -4.40 -77.74
N ALA K 476 67.21 -5.12 -77.58
CA ALA K 476 67.24 -6.33 -76.77
C ALA K 476 67.48 -7.65 -77.54
N LEU K 477 68.74 -8.08 -77.77
CA LEU K 477 69.05 -9.51 -77.95
C LEU K 477 70.32 -9.97 -77.20
N ARG K 478 71.38 -9.15 -77.18
CA ARG K 478 72.72 -9.64 -76.83
C ARG K 478 73.03 -9.54 -75.35
N ARG K 479 73.07 -8.31 -74.80
CA ARG K 479 73.73 -8.04 -73.52
C ARG K 479 72.87 -8.41 -72.32
N LEU K 480 71.61 -7.98 -72.29
CA LEU K 480 70.71 -8.38 -71.22
C LEU K 480 70.53 -9.89 -71.14
N ALA K 481 70.82 -10.61 -72.24
CA ALA K 481 70.94 -12.07 -72.15
C ALA K 481 72.18 -12.46 -71.37
N ALA K 482 73.24 -11.65 -71.47
CA ALA K 482 74.42 -11.81 -70.63
C ALA K 482 74.30 -11.10 -69.29
N SER K 483 73.30 -10.23 -69.14
CA SER K 483 72.99 -9.62 -67.86
C SER K 483 72.08 -10.56 -67.08
N GLY K 484 72.19 -10.53 -65.76
CA GLY K 484 71.62 -11.60 -64.98
C GLY K 484 72.23 -12.94 -65.32
N SER K 485 73.54 -12.95 -65.57
CA SER K 485 74.31 -14.12 -66.01
C SER K 485 73.91 -14.57 -67.41
N ILE K 486 74.17 -15.84 -67.71
CA ILE K 486 74.06 -16.43 -69.05
C ILE K 486 75.00 -15.70 -70.01
N ASP K 487 75.37 -16.35 -71.11
CA ASP K 487 76.28 -15.75 -72.06
C ASP K 487 75.52 -15.19 -73.27
N THR K 488 76.27 -14.57 -74.17
CA THR K 488 75.73 -14.05 -75.43
C THR K 488 75.76 -15.16 -76.48
N THR K 489 75.62 -14.78 -77.75
CA THR K 489 75.61 -15.69 -78.90
C THR K 489 74.36 -16.55 -78.92
N ASN K 490 74.51 -17.81 -79.32
CA ASN K 490 73.39 -18.74 -79.47
C ASN K 490 72.44 -18.23 -80.54
N LEU K 491 71.33 -17.60 -80.15
CA LEU K 491 70.48 -16.93 -81.13
C LEU K 491 71.16 -15.71 -81.72
N VAL K 492 72.04 -15.08 -80.96
CA VAL K 492 72.70 -13.87 -81.43
C VAL K 492 73.52 -14.18 -82.67
N LYS K 493 73.14 -13.58 -83.79
CA LYS K 493 74.04 -13.54 -84.94
C LYS K 493 75.19 -12.61 -84.58
N THR K 494 76.37 -13.17 -84.32
CA THR K 494 77.49 -12.37 -83.86
C THR K 494 77.85 -11.31 -84.90
N LYS K 495 78.39 -10.19 -84.42
CA LYS K 495 78.78 -9.12 -85.33
C LYS K 495 79.73 -9.61 -86.41
N ALA K 496 80.63 -10.53 -86.04
CA ALA K 496 81.49 -11.16 -87.04
C ALA K 496 80.67 -11.98 -88.04
N GLN K 497 79.75 -12.82 -87.55
CA GLN K 497 78.92 -13.61 -88.44
C GLN K 497 77.99 -12.73 -89.26
N LEU K 498 77.42 -11.68 -88.64
CA LEU K 498 76.55 -10.78 -89.38
C LEU K 498 77.32 -10.06 -90.49
N GLN K 499 78.55 -9.62 -90.20
CA GLN K 499 79.36 -8.99 -91.24
C GLN K 499 79.72 -9.98 -92.34
N GLN K 500 80.03 -11.22 -91.97
CA GLN K 500 80.34 -12.24 -92.97
C GLN K 500 79.15 -12.49 -93.87
N GLU K 501 77.96 -12.61 -93.29
CA GLU K 501 76.76 -12.83 -94.10
C GLU K 501 76.41 -11.61 -94.93
N ALA K 502 76.66 -10.40 -94.42
CA ALA K 502 76.46 -9.20 -95.21
C ALA K 502 77.40 -9.17 -96.41
N ALA K 503 78.66 -9.57 -96.20
CA ALA K 503 79.61 -9.66 -97.32
C ALA K 503 79.17 -10.71 -98.33
N ALA K 504 78.69 -11.85 -97.84
CA ALA K 504 78.19 -12.89 -98.75
C ALA K 504 77.00 -12.39 -99.55
N GLN K 505 76.08 -11.66 -98.90
CA GLN K 505 74.94 -11.09 -99.61
C GLN K 505 75.40 -10.07 -100.64
N ALA K 506 76.39 -9.23 -100.29
CA ALA K 506 76.91 -8.26 -101.22
C ALA K 506 77.52 -8.93 -102.44
N GLU K 507 78.31 -9.99 -102.23
CA GLU K 507 78.88 -10.71 -103.35
C GLU K 507 77.80 -11.38 -104.19
N ALA K 508 76.78 -11.96 -103.53
CA ALA K 508 75.71 -12.62 -104.27
C ALA K 508 74.95 -11.63 -105.13
N GLU K 509 74.62 -10.45 -104.59
CA GLU K 509 73.89 -9.48 -105.40
C GLU K 509 74.80 -8.82 -106.43
N GLN K 510 76.10 -8.75 -106.19
CA GLN K 510 77.01 -8.29 -107.24
C GLN K 510 77.06 -9.29 -108.39
N GLN K 511 77.08 -10.58 -108.09
CA GLN K 511 76.94 -11.59 -109.13
C GLN K 511 75.58 -11.48 -109.82
N ALA K 512 74.55 -11.15 -109.06
CA ALA K 512 73.25 -10.86 -109.64
C ALA K 512 73.30 -9.60 -110.51
N GLN K 513 74.35 -8.78 -110.31
CA GLN K 513 74.54 -7.62 -111.16
C GLN K 513 75.57 -7.89 -112.25
N GLN K 514 76.47 -8.85 -112.02
CA GLN K 514 77.48 -9.16 -113.02
C GLN K 514 76.84 -9.77 -114.25
N GLN K 515 77.38 -9.44 -115.43
CA GLN K 515 76.92 -9.94 -116.72
C GLN K 515 75.41 -9.82 -116.87
N GLN K 516 74.90 -8.63 -116.53
CA GLN K 516 73.46 -8.36 -116.60
C GLN K 516 72.88 -8.80 -117.93
N LEU K 517 72.01 -9.80 -117.90
CA LEU K 517 71.47 -10.41 -119.11
C LEU K 517 72.61 -10.64 -120.10
N LEU K 518 72.84 -9.67 -120.97
CA LEU K 518 73.98 -9.63 -121.88
C LEU K 518 73.94 -10.81 -122.83
N GLU K 519 74.30 -12.00 -122.34
CA GLU K 519 74.48 -13.17 -123.20
C GLU K 519 73.24 -13.48 -124.02
N THR K 520 72.06 -13.13 -123.50
CA THR K 520 70.85 -13.13 -124.29
C THR K 520 70.18 -11.76 -124.37
N GLY K 521 70.48 -10.86 -123.44
CA GLY K 521 69.79 -9.59 -123.41
C GLY K 521 70.28 -8.59 -124.43
N ILE K 522 71.45 -8.82 -125.01
CA ILE K 522 72.11 -7.80 -125.83
C ILE K 522 71.25 -7.42 -127.03
N LYS K 523 71.60 -6.27 -127.62
CA LYS K 523 70.91 -5.70 -128.77
C LYS K 523 70.53 -6.72 -129.83
N SER K 524 71.53 -7.39 -130.39
CA SER K 524 71.35 -8.50 -131.32
C SER K 524 72.69 -9.21 -131.41
N PRO K 525 72.75 -10.43 -131.97
CA PRO K 525 74.04 -11.11 -132.01
C PRO K 525 74.96 -10.49 -133.05
N ALA K 526 75.12 -9.17 -132.98
CA ALA K 526 76.08 -8.49 -133.85
C ALA K 526 77.49 -8.94 -133.51
N MET K 527 77.81 -9.10 -132.23
CA MET K 527 79.10 -9.63 -131.84
C MET K 527 79.29 -11.05 -132.35
N ALA K 528 78.24 -11.88 -132.26
CA ALA K 528 78.33 -13.25 -132.75
C ALA K 528 78.56 -13.28 -134.26
N GLN K 529 77.86 -12.43 -135.01
CA GLN K 529 78.02 -12.42 -136.46
C GLN K 529 79.38 -11.87 -136.86
N ALA K 530 79.85 -10.85 -136.14
CA ALA K 530 81.21 -10.36 -136.36
C ALA K 530 82.24 -11.43 -136.06
N VAL K 531 82.00 -12.22 -135.01
CA VAL K 531 82.87 -13.35 -134.70
C VAL K 531 82.89 -14.35 -135.85
N LYS K 532 81.71 -14.65 -136.40
CA LYS K 532 81.63 -15.57 -137.54
C LYS K 532 82.42 -15.02 -138.72
N ASN K 533 82.31 -13.72 -138.97
CA ASN K 533 83.07 -13.12 -140.06
C ASN K 533 84.56 -13.19 -139.78
N PHE K 534 84.96 -13.01 -138.52
CA PHE K 534 86.37 -13.09 -138.15
C PHE K 534 86.93 -14.48 -138.40
N GLN K 535 86.27 -15.52 -137.88
CA GLN K 535 86.79 -16.87 -138.04
C GLN K 535 86.73 -17.31 -139.50
N GLY K 536 85.65 -16.97 -140.19
CA GLY K 536 85.49 -17.33 -141.58
C GLY K 536 86.47 -16.68 -142.53
N ALA K 537 86.68 -15.37 -142.37
CA ALA K 537 87.49 -14.61 -143.31
C ALA K 537 88.92 -14.41 -142.80
N ASP K 538 89.85 -15.28 -143.22
CA ASP K 538 91.28 -15.15 -142.95
C ASP K 538 91.56 -14.92 -141.47
N PRO K 539 91.47 -15.97 -140.64
CA PRO K 539 91.65 -15.79 -139.19
C PRO K 539 92.88 -14.99 -138.80
N GLU K 540 93.93 -14.97 -139.62
CA GLU K 540 95.09 -14.14 -139.33
C GLU K 540 94.74 -12.66 -139.46
N ARG K 541 94.02 -12.29 -140.53
CA ARG K 541 93.57 -10.91 -140.64
C ARG K 541 92.53 -10.60 -139.56
N ALA K 542 91.81 -11.62 -139.11
CA ALA K 542 90.91 -11.43 -137.97
C ALA K 542 91.69 -11.10 -136.70
N ALA K 543 92.83 -11.76 -136.48
CA ALA K 543 93.68 -11.44 -135.34
C ALA K 543 94.27 -10.03 -135.48
N GLN K 544 94.65 -9.65 -136.69
CA GLN K 544 95.15 -8.29 -136.91
C GLN K 544 94.07 -7.25 -136.64
N ALA K 545 92.84 -7.53 -137.07
CA ALA K 545 91.72 -6.63 -136.77
C ALA K 545 91.40 -6.60 -135.29
N LEU K 546 91.56 -7.72 -134.59
CA LEU K 546 91.39 -7.71 -133.13
C LEU K 546 92.48 -6.90 -132.45
N SER K 547 93.69 -6.93 -132.99
CA SER K 547 94.75 -6.06 -132.51
C SER K 547 94.39 -4.59 -132.73
N ALA K 548 93.79 -4.29 -133.88
CA ALA K 548 93.30 -2.93 -134.11
C ALA K 548 92.20 -2.57 -133.12
N ILE K 549 91.33 -3.52 -132.80
CA ILE K 549 90.29 -3.31 -131.79
C ILE K 549 90.93 -2.95 -130.45
N THR K 550 91.91 -3.73 -130.02
CA THR K 550 92.62 -3.46 -128.77
C THR K 550 93.49 -2.22 -128.88
N SER K 551 93.72 -1.71 -130.09
CA SER K 551 94.37 -0.42 -130.27
C SER K 551 93.40 0.75 -130.13
N GLU K 552 92.12 0.57 -130.49
CA GLU K 552 91.12 1.57 -130.20
C GLU K 552 91.01 1.82 -128.70
N THR K 553 91.31 0.81 -127.90
CA THR K 553 91.35 0.86 -126.44
C THR K 553 92.78 0.57 -125.99
N GLY K 554 92.95 0.35 -124.69
CA GLY K 554 94.26 -0.05 -124.20
C GLY K 554 94.28 -0.24 -122.70
N GLY K 555 95.49 -0.41 -122.18
CA GLY K 555 95.71 -0.57 -120.76
C GLY K 555 95.18 -1.89 -120.21
N ILE K 556 95.14 -2.92 -121.03
CA ILE K 556 94.69 -4.25 -120.63
C ILE K 556 95.64 -5.27 -121.23
N ASP K 557 96.14 -6.19 -120.40
CA ASP K 557 97.03 -7.24 -120.88
C ASP K 557 96.27 -8.22 -121.75
N ALA K 558 96.80 -8.51 -122.94
CA ALA K 558 96.20 -9.52 -123.80
C ALA K 558 96.36 -10.92 -123.24
N ASP K 559 97.30 -11.12 -122.30
CA ASP K 559 97.44 -12.41 -121.65
C ASP K 559 96.26 -12.73 -120.73
N GLN K 560 95.47 -11.72 -120.36
CA GLN K 560 94.24 -11.97 -119.63
C GLN K 560 93.11 -12.44 -120.54
N LEU K 561 93.24 -12.24 -121.85
CA LEU K 561 92.24 -12.75 -122.78
C LEU K 561 92.29 -14.26 -122.90
N THR K 562 93.46 -14.86 -122.65
CA THR K 562 93.65 -16.29 -122.80
C THR K 562 93.51 -17.05 -121.48
N GLU K 563 92.69 -16.55 -120.54
CA GLU K 563 92.32 -17.30 -119.35
C GLU K 563 90.81 -17.29 -119.14
N ALA K 564 90.04 -17.09 -120.22
CA ALA K 564 88.59 -17.07 -120.12
C ALA K 564 87.99 -18.41 -120.54
N MET L 1 30.39 -81.04 -55.39
CA MET L 1 30.71 -80.54 -56.73
C MET L 1 31.95 -79.65 -56.63
N LYS L 2 32.48 -79.17 -57.75
CA LYS L 2 33.81 -78.58 -57.81
C LYS L 2 33.92 -77.39 -56.84
N THR L 3 34.56 -77.61 -55.69
CA THR L 3 34.78 -76.54 -54.70
C THR L 3 35.89 -75.62 -55.20
N ARG L 4 35.51 -74.51 -55.84
CA ARG L 4 36.47 -73.57 -56.42
C ARG L 4 36.21 -72.19 -55.84
N LEU L 5 36.80 -71.92 -54.68
CA LEU L 5 36.82 -70.58 -54.12
C LEU L 5 38.16 -69.90 -54.35
N THR L 6 39.19 -70.65 -54.73
CA THR L 6 40.51 -70.12 -55.01
C THR L 6 40.81 -70.26 -56.50
N ASN L 7 41.49 -69.26 -57.05
CA ASN L 7 41.83 -69.29 -58.47
C ASN L 7 42.81 -70.41 -58.77
N ASN L 8 42.74 -70.91 -60.01
CA ASN L 8 43.63 -71.95 -60.49
C ASN L 8 44.84 -71.38 -61.22
N VAL L 9 45.27 -70.18 -60.84
CA VAL L 9 46.41 -69.53 -61.50
C VAL L 9 47.73 -69.98 -60.88
N ASP L 10 47.74 -70.25 -59.56
CA ASP L 10 48.94 -70.70 -58.87
C ASP L 10 48.74 -72.07 -58.21
N ARG L 11 47.80 -72.87 -58.70
CA ARG L 11 47.55 -74.18 -58.11
C ARG L 11 48.76 -75.09 -58.32
N GLN L 12 48.98 -75.97 -57.34
CA GLN L 12 50.13 -76.86 -57.36
C GLN L 12 49.73 -78.19 -56.74
N SER L 13 50.68 -79.12 -56.71
CA SER L 13 50.44 -80.41 -56.10
C SER L 13 50.52 -80.31 -54.57
N ALA L 14 50.25 -81.43 -53.90
CA ALA L 14 50.24 -81.47 -52.44
C ALA L 14 51.67 -81.32 -51.92
N LEU L 15 51.91 -80.26 -51.15
CA LEU L 15 53.23 -79.99 -50.59
C LEU L 15 53.27 -79.94 -49.07
N TYR L 16 52.17 -79.61 -48.42
CA TYR L 16 52.10 -79.63 -46.96
C TYR L 16 51.06 -80.64 -46.51
N GLY L 17 51.39 -81.39 -45.47
CA GLY L 17 50.48 -82.32 -44.84
C GLY L 17 49.90 -81.78 -43.55
N SER L 18 49.61 -82.69 -42.62
CA SER L 18 49.01 -82.36 -41.34
C SER L 18 50.01 -82.42 -40.20
N SER L 19 51.24 -81.94 -40.42
CA SER L 19 52.30 -82.05 -39.44
C SER L 19 52.04 -81.07 -38.29
N GLY L 20 51.20 -81.52 -37.36
CA GLY L 20 50.93 -80.77 -36.15
C GLY L 20 49.58 -80.09 -36.12
N GLY L 21 48.60 -80.72 -35.49
CA GLY L 21 47.29 -80.13 -35.32
C GLY L 21 46.52 -79.95 -36.61
N THR L 22 45.35 -79.33 -36.48
CA THR L 22 44.49 -79.01 -37.60
C THR L 22 44.15 -77.52 -37.55
N ALA L 23 43.69 -76.99 -38.69
CA ALA L 23 43.35 -75.58 -38.75
C ALA L 23 42.22 -75.24 -37.79
N ALA L 24 41.33 -76.19 -37.50
CA ALA L 24 40.26 -75.94 -36.54
C ALA L 24 40.82 -75.66 -35.16
N GLN L 25 41.83 -76.42 -34.74
CA GLN L 25 42.43 -76.19 -33.43
C GLN L 25 43.10 -74.82 -33.36
N ARG L 26 43.80 -74.43 -34.43
CA ARG L 26 44.43 -73.11 -34.44
C ARG L 26 43.40 -71.99 -34.41
N TYR L 27 42.29 -72.17 -35.13
CA TYR L 27 41.22 -71.18 -35.10
C TYR L 27 40.64 -71.05 -33.70
N GLU L 28 40.39 -72.18 -33.04
CA GLU L 28 39.88 -72.15 -31.68
C GLU L 28 40.88 -71.52 -30.72
N GLN L 29 42.18 -71.69 -30.98
CA GLN L 29 43.19 -71.11 -30.13
C GLN L 29 43.26 -69.59 -30.30
N LEU L 30 43.13 -69.11 -31.54
CA LEU L 30 43.29 -67.68 -31.80
C LEU L 30 42.02 -66.87 -31.57
N ARG L 31 40.85 -67.51 -31.57
CA ARG L 31 39.63 -66.75 -31.31
C ARG L 31 39.63 -66.14 -29.92
N VAL L 32 40.34 -66.75 -28.97
CA VAL L 32 40.39 -66.21 -27.61
C VAL L 32 41.00 -64.82 -27.61
N ASP L 33 42.10 -64.64 -28.35
CA ASP L 33 42.69 -63.30 -28.45
C ASP L 33 41.89 -62.41 -29.39
N ARG L 34 41.23 -62.99 -30.39
CA ARG L 34 40.43 -62.18 -31.30
C ARG L 34 39.17 -61.61 -30.65
N ASN L 35 38.76 -62.17 -29.51
CA ASN L 35 37.46 -61.84 -28.92
C ASN L 35 37.22 -60.34 -28.81
N SER L 36 38.07 -59.64 -28.03
CA SER L 36 37.75 -58.27 -27.63
C SER L 36 37.56 -57.30 -28.79
N PRO L 37 38.45 -57.25 -29.81
CA PRO L 37 38.21 -56.31 -30.91
C PRO L 37 36.89 -56.53 -31.61
N LEU L 38 36.42 -57.77 -31.69
CA LEU L 38 35.09 -58.02 -32.25
C LEU L 38 34.01 -57.33 -31.42
N LYS L 39 34.13 -57.40 -30.10
CA LYS L 39 33.16 -56.73 -29.24
C LYS L 39 33.19 -55.22 -29.45
N ARG L 40 34.39 -54.64 -29.52
CA ARG L 40 34.49 -53.20 -29.74
C ARG L 40 33.86 -52.80 -31.06
N ALA L 41 34.16 -53.55 -32.13
CA ALA L 41 33.60 -53.23 -33.43
C ALA L 41 32.09 -53.38 -33.43
N ARG L 42 31.57 -54.40 -32.76
CA ARG L 42 30.13 -54.61 -32.70
C ARG L 42 29.45 -53.46 -31.97
N ASP L 43 30.02 -53.01 -30.85
CA ASP L 43 29.43 -51.88 -30.13
C ASP L 43 29.46 -50.61 -30.98
N CYS L 44 30.58 -50.33 -31.64
CA CYS L 44 30.66 -49.14 -32.48
C CYS L 44 29.64 -49.21 -33.62
N SER L 45 29.53 -50.36 -34.27
CA SER L 45 28.55 -50.51 -35.33
C SER L 45 27.14 -50.28 -34.81
N LYS L 46 26.82 -50.87 -33.64
CA LYS L 46 25.49 -50.69 -33.07
C LYS L 46 25.20 -49.22 -32.82
N VAL L 47 26.21 -48.45 -32.39
CA VAL L 47 25.92 -47.05 -32.13
C VAL L 47 25.84 -46.24 -33.43
N THR L 48 26.48 -46.68 -34.51
CA THR L 48 26.41 -45.93 -35.77
C THR L 48 25.40 -46.50 -36.75
N ILE L 49 25.51 -47.78 -37.11
CA ILE L 49 24.60 -48.40 -38.07
C ILE L 49 24.11 -49.73 -37.47
N PRO L 50 22.81 -49.85 -37.17
CA PRO L 50 22.37 -50.93 -36.28
C PRO L 50 22.72 -52.33 -36.73
N GLY L 51 22.69 -52.62 -38.02
CA GLY L 51 22.80 -53.99 -38.46
C GLY L 51 23.98 -54.33 -39.35
N LEU L 52 25.07 -53.57 -39.26
CA LEU L 52 26.21 -53.81 -40.14
C LEU L 52 26.99 -55.05 -39.70
N ILE L 53 27.54 -55.01 -38.49
CA ILE L 53 28.21 -56.16 -37.90
C ILE L 53 27.26 -56.77 -36.89
N GLU L 54 26.97 -58.05 -37.05
CA GLU L 54 25.86 -58.68 -36.34
C GLU L 54 26.34 -59.73 -35.35
N ASP L 55 25.52 -59.96 -34.33
CA ASP L 55 25.70 -61.07 -33.43
C ASP L 55 25.34 -62.38 -34.14
N GLU L 56 25.88 -63.49 -33.63
CA GLU L 56 25.67 -64.77 -34.29
C GLU L 56 24.23 -65.26 -34.21
N ASN L 57 23.39 -64.67 -33.36
CA ASN L 57 22.01 -65.10 -33.21
C ASN L 57 21.04 -63.96 -33.52
N TYR L 58 21.38 -63.10 -34.47
CA TYR L 58 20.52 -62.04 -34.94
C TYR L 58 20.43 -62.06 -36.46
N GLY L 59 20.24 -63.24 -37.03
CA GLY L 59 20.22 -63.39 -38.48
C GLY L 59 18.84 -63.42 -39.07
N ASP L 60 18.42 -64.60 -39.54
CA ASP L 60 17.16 -64.76 -40.25
C ASP L 60 15.96 -64.27 -39.44
N ALA L 61 16.05 -64.35 -38.11
CA ALA L 61 14.97 -63.96 -37.22
C ALA L 61 15.48 -63.07 -36.10
N GLY L 62 16.31 -62.08 -36.45
CA GLY L 62 16.76 -61.09 -35.51
C GLY L 62 16.19 -59.72 -35.82
N ARG L 63 15.94 -58.95 -34.76
CA ARG L 63 15.39 -57.61 -34.86
C ARG L 63 16.41 -56.58 -34.42
N LEU L 64 16.52 -55.49 -35.18
CA LEU L 64 17.47 -54.43 -34.91
C LEU L 64 16.75 -53.17 -34.43
N ASP L 65 17.41 -52.45 -33.54
CA ASP L 65 16.88 -51.22 -32.96
C ASP L 65 17.34 -50.02 -33.79
N THR L 66 16.89 -48.83 -33.36
CA THR L 66 17.29 -47.61 -34.04
C THR L 66 17.80 -46.58 -33.03
N PRO L 67 18.78 -45.78 -33.40
CA PRO L 67 19.29 -44.74 -32.49
C PRO L 67 18.39 -43.50 -32.55
N TYR L 68 18.72 -42.52 -31.72
CA TYR L 68 17.99 -41.26 -31.67
C TYR L 68 18.83 -40.11 -32.21
N GLN L 69 19.83 -40.43 -33.03
CA GLN L 69 20.61 -39.42 -33.72
C GLN L 69 21.13 -40.03 -35.01
N SER L 70 21.15 -39.22 -36.08
CA SER L 70 21.54 -39.69 -37.40
C SER L 70 22.85 -39.10 -37.88
N SER L 71 23.64 -38.51 -36.99
CA SER L 71 24.92 -37.95 -37.40
C SER L 71 25.90 -39.05 -37.81
N GLY L 72 25.92 -40.15 -37.06
CA GLY L 72 26.90 -41.19 -37.33
C GLY L 72 26.72 -41.85 -38.69
N ALA L 73 25.48 -42.19 -39.03
CA ALA L 73 25.23 -42.85 -40.30
C ALA L 73 25.57 -41.94 -41.47
N ARG L 74 25.16 -40.68 -41.39
CA ARG L 74 25.46 -39.73 -42.46
C ARG L 74 26.96 -39.53 -42.60
N GLY L 75 27.66 -39.39 -41.48
CA GLY L 75 29.10 -39.23 -41.53
C GLY L 75 29.79 -40.42 -42.16
N VAL L 76 29.39 -41.64 -41.76
CA VAL L 76 29.99 -42.84 -42.33
C VAL L 76 29.75 -42.89 -43.84
N GLY L 77 28.52 -42.65 -44.26
CA GLY L 77 28.22 -42.71 -45.68
C GLY L 77 29.00 -41.70 -46.48
N HIS L 78 29.01 -40.44 -46.03
CA HIS L 78 29.68 -39.38 -46.78
C HIS L 78 31.19 -39.62 -46.84
N MET L 79 31.79 -39.97 -45.70
CA MET L 79 33.23 -40.19 -45.68
C MET L 79 33.62 -41.38 -46.56
N THR L 80 32.86 -42.47 -46.49
CA THR L 80 33.16 -43.62 -47.32
C THR L 80 33.04 -43.28 -48.80
N SER L 81 32.00 -42.54 -49.17
CA SER L 81 31.80 -42.19 -50.57
C SER L 81 32.95 -41.33 -51.08
N LYS L 82 33.31 -40.29 -50.33
CA LYS L 82 34.36 -39.41 -50.80
C LYS L 82 35.71 -40.13 -50.83
N LEU L 83 35.96 -40.98 -49.84
CA LEU L 83 37.21 -41.76 -49.85
C LEU L 83 37.28 -42.67 -51.07
N ALA L 84 36.17 -43.33 -51.40
CA ALA L 84 36.16 -44.21 -52.56
C ALA L 84 36.38 -43.41 -53.85
N VAL L 85 35.73 -42.25 -53.97
CA VAL L 85 35.83 -41.50 -55.22
C VAL L 85 37.20 -40.84 -55.34
N THR L 86 37.87 -40.61 -54.23
CA THR L 86 39.19 -39.97 -54.29
C THR L 86 40.30 -41.00 -54.49
N LEU L 87 40.24 -42.11 -53.76
CA LEU L 87 41.31 -43.11 -53.84
C LEU L 87 41.38 -43.77 -55.21
N PHE L 88 40.24 -43.92 -55.88
CA PHE L 88 40.17 -44.55 -57.20
C PHE L 88 39.40 -43.64 -58.13
N PRO L 89 40.04 -42.56 -58.61
CA PRO L 89 39.33 -41.62 -59.49
C PRO L 89 38.85 -42.31 -60.75
N THR L 90 37.65 -41.92 -61.21
CA THR L 90 37.04 -42.57 -62.36
C THR L 90 37.67 -42.13 -63.67
N ASN L 91 38.26 -40.95 -63.71
CA ASN L 91 38.83 -40.42 -64.96
C ASN L 91 40.32 -40.73 -65.08
N GLU L 92 41.11 -40.24 -64.12
CA GLU L 92 42.56 -40.41 -64.19
C GLU L 92 42.97 -41.77 -63.64
N HIS L 93 44.08 -42.28 -64.18
CA HIS L 93 44.63 -43.53 -63.68
C HIS L 93 45.11 -43.36 -62.24
N PHE L 94 44.78 -44.33 -61.40
CA PHE L 94 45.17 -44.27 -59.99
C PHE L 94 46.58 -44.77 -59.75
N PHE L 95 47.27 -45.21 -60.80
CA PHE L 95 48.65 -45.65 -60.67
C PHE L 95 49.38 -45.31 -61.97
N LYS L 96 50.70 -45.14 -61.86
CA LYS L 96 51.52 -44.79 -63.00
C LYS L 96 52.70 -45.75 -63.08
N LEU L 97 52.86 -46.38 -64.23
CA LEU L 97 54.04 -47.21 -64.53
C LEU L 97 55.09 -46.32 -65.17
N GLU L 98 56.20 -46.12 -64.47
CA GLU L 98 57.24 -45.20 -64.90
C GLU L 98 58.48 -45.99 -65.33
N ILE L 99 58.97 -45.72 -66.53
CA ILE L 99 60.21 -46.33 -66.99
C ILE L 99 61.37 -45.76 -66.17
N ASP L 100 62.20 -46.66 -65.64
CA ASP L 100 63.32 -46.25 -64.79
C ASP L 100 64.36 -45.57 -65.65
N SER L 101 64.40 -44.24 -65.61
CA SER L 101 65.44 -43.50 -66.32
C SER L 101 66.83 -43.82 -65.79
N LEU L 102 66.92 -44.29 -64.54
CA LEU L 102 68.20 -44.75 -64.01
C LEU L 102 68.73 -45.92 -64.83
N ALA L 103 67.86 -46.87 -65.17
CA ALA L 103 68.28 -47.97 -66.02
C ALA L 103 68.63 -47.49 -67.43
N ILE L 104 67.91 -46.48 -67.92
CA ILE L 104 68.21 -45.92 -69.24
C ILE L 104 69.63 -45.35 -69.26
N LEU L 105 69.99 -44.61 -68.20
CA LEU L 105 71.33 -44.07 -68.10
C LEU L 105 72.37 -45.17 -67.91
N ALA L 106 72.05 -46.17 -67.08
CA ALA L 106 73.01 -47.22 -66.76
C ALA L 106 73.35 -48.06 -67.98
N SER L 107 72.35 -48.42 -68.77
CA SER L 107 72.58 -49.24 -69.95
C SER L 107 72.98 -48.42 -71.17
N ASP L 108 73.12 -47.09 -71.02
CA ASP L 108 73.42 -46.20 -72.14
C ASP L 108 72.37 -46.33 -73.24
N GLN L 109 71.11 -46.30 -72.82
CA GLN L 109 70.01 -46.48 -73.76
C GLN L 109 69.84 -45.23 -74.63
N ASN L 110 69.52 -45.46 -75.90
CA ASN L 110 69.31 -44.35 -76.82
C ASN L 110 67.99 -43.65 -76.51
N PRO L 111 68.00 -42.32 -76.37
CA PRO L 111 66.74 -41.61 -76.04
C PRO L 111 65.71 -41.64 -77.17
N GLU L 112 66.06 -42.16 -78.35
CA GLU L 112 65.10 -42.19 -79.44
C GLU L 112 63.97 -43.19 -79.19
N MET L 113 64.29 -44.33 -78.56
CA MET L 113 63.29 -45.38 -78.34
C MET L 113 62.31 -45.06 -77.23
N ILE L 114 62.52 -43.97 -76.49
CA ILE L 114 61.66 -43.69 -75.33
C ILE L 114 60.22 -43.45 -75.76
N THR L 115 60.01 -43.01 -77.01
CA THR L 115 58.64 -42.85 -77.50
C THR L 115 57.93 -44.20 -77.60
N GLU L 116 58.61 -45.20 -78.17
CA GLU L 116 58.03 -46.53 -78.25
C GLU L 116 57.85 -47.13 -76.86
N PHE L 117 58.81 -46.89 -75.96
CA PHE L 117 58.65 -47.38 -74.59
C PHE L 117 57.44 -46.74 -73.91
N ASP L 118 57.22 -45.44 -74.12
CA ASP L 118 56.06 -44.78 -73.54
C ASP L 118 54.76 -45.34 -74.13
N SER L 119 54.76 -45.61 -75.44
CA SER L 119 53.58 -46.21 -76.05
C SER L 119 53.28 -47.58 -75.43
N ALA L 120 54.31 -48.39 -75.25
CA ALA L 120 54.12 -49.69 -74.61
C ALA L 120 53.61 -49.53 -73.19
N LEU L 121 54.17 -48.57 -72.45
CA LEU L 121 53.75 -48.37 -71.06
C LEU L 121 52.30 -47.92 -70.97
N VAL L 122 51.86 -47.02 -71.85
CA VAL L 122 50.47 -46.57 -71.78
C VAL L 122 49.52 -47.68 -72.21
N LYS L 123 49.92 -48.50 -73.19
CA LYS L 123 49.10 -49.64 -73.56
C LYS L 123 48.95 -50.61 -72.39
N VAL L 124 50.05 -50.91 -71.70
CA VAL L 124 49.99 -51.81 -70.55
C VAL L 124 49.12 -51.19 -69.45
N GLU L 125 49.24 -49.88 -69.25
CA GLU L 125 48.48 -49.20 -68.21
C GLU L 125 46.98 -49.32 -68.46
N GLN L 126 46.55 -49.02 -69.69
CA GLN L 126 45.11 -49.11 -69.97
C GLN L 126 44.65 -50.56 -69.93
N ALA L 127 45.50 -51.50 -70.34
CA ALA L 127 45.11 -52.91 -70.27
C ALA L 127 44.88 -53.33 -68.82
N VAL L 128 45.79 -52.93 -67.92
CA VAL L 128 45.64 -53.26 -66.50
C VAL L 128 44.39 -52.63 -65.93
N MET L 129 44.14 -51.36 -66.26
CA MET L 129 42.94 -50.71 -65.75
C MET L 129 41.67 -51.38 -66.25
N ARG L 130 41.64 -51.77 -67.53
CA ARG L 130 40.47 -52.47 -68.06
C ARG L 130 40.25 -53.80 -67.36
N MET L 131 41.33 -54.56 -67.15
CA MET L 131 41.18 -55.86 -66.49
C MET L 131 40.69 -55.66 -65.07
N PHE L 132 41.22 -54.64 -64.38
CA PHE L 132 40.75 -54.33 -63.03
C PHE L 132 39.27 -54.01 -63.02
N GLU L 133 38.81 -53.18 -63.96
CA GLU L 133 37.41 -52.79 -63.97
C GLU L 133 36.51 -53.95 -64.39
N THR L 134 37.07 -54.94 -65.08
CA THR L 134 36.27 -56.10 -65.48
C THR L 134 35.73 -56.86 -64.28
N ILE L 135 36.56 -57.04 -63.25
CA ILE L 135 36.19 -57.87 -62.11
C ILE L 135 35.36 -57.08 -61.10
N GLY L 136 34.98 -55.86 -61.48
CA GLY L 136 34.12 -55.06 -60.63
C GLY L 136 34.76 -54.66 -59.32
N GLY L 137 35.96 -54.09 -59.38
CA GLY L 137 36.68 -53.76 -58.16
C GLY L 137 36.09 -52.60 -57.39
N ARG L 138 35.29 -51.76 -58.06
CA ARG L 138 34.75 -50.57 -57.39
C ARG L 138 33.84 -50.95 -56.23
N ALA L 139 32.92 -51.89 -56.45
CA ALA L 139 31.98 -52.26 -55.40
C ALA L 139 32.69 -52.92 -54.23
N ALA L 140 33.63 -53.82 -54.51
CA ALA L 140 34.38 -54.47 -53.44
C ALA L 140 35.20 -53.46 -52.66
N MET L 141 35.82 -52.50 -53.35
CA MET L 141 36.59 -51.48 -52.67
C MET L 141 35.68 -50.62 -51.79
N HIS L 142 34.49 -50.29 -52.28
CA HIS L 142 33.55 -49.49 -51.49
C HIS L 142 33.14 -50.23 -50.22
N GLU L 143 32.78 -51.51 -50.35
CA GLU L 143 32.37 -52.27 -49.18
C GLU L 143 33.52 -52.44 -48.19
N ALA L 144 34.72 -52.68 -48.69
CA ALA L 144 35.88 -52.81 -47.82
C ALA L 144 36.15 -51.51 -47.08
N LEU L 145 36.03 -50.37 -47.77
CA LEU L 145 36.23 -49.09 -47.11
C LEU L 145 35.19 -48.84 -46.04
N LYS L 146 33.94 -49.22 -46.31
CA LYS L 146 32.90 -49.06 -45.29
C LYS L 146 33.22 -49.90 -44.06
N HIS L 147 33.59 -51.16 -44.25
CA HIS L 147 33.92 -52.00 -43.10
C HIS L 147 35.15 -51.48 -42.36
N LEU L 148 36.14 -50.97 -43.10
CA LEU L 148 37.32 -50.41 -42.46
C LEU L 148 36.96 -49.20 -41.61
N LEU L 149 36.07 -48.35 -42.12
CA LEU L 149 35.64 -47.19 -41.34
C LEU L 149 34.90 -47.60 -40.08
N VAL L 150 33.97 -48.55 -40.19
CA VAL L 150 33.16 -48.91 -39.03
C VAL L 150 33.92 -49.87 -38.11
N GLY L 151 34.56 -50.88 -38.69
CA GLY L 151 35.18 -51.92 -37.88
C GLY L 151 36.65 -51.73 -37.62
N GLY L 152 37.41 -51.39 -38.66
CA GLY L 152 38.83 -51.16 -38.53
C GLY L 152 39.72 -52.27 -39.02
N ASN L 153 39.17 -53.44 -39.32
CA ASN L 153 39.96 -54.55 -39.83
C ASN L 153 39.17 -55.28 -40.91
N VAL L 154 39.85 -55.68 -41.98
CA VAL L 154 39.20 -56.38 -43.08
C VAL L 154 40.28 -57.09 -43.89
N LEU L 155 39.93 -58.26 -44.42
CA LEU L 155 40.84 -59.09 -45.19
C LEU L 155 40.32 -59.22 -46.61
N LEU L 156 41.20 -59.00 -47.59
CA LEU L 156 40.84 -59.03 -48.99
C LEU L 156 41.41 -60.27 -49.66
N TYR L 157 40.70 -60.77 -50.67
CA TYR L 157 41.19 -61.85 -51.52
C TYR L 157 41.04 -61.42 -52.98
N VAL L 158 42.16 -61.30 -53.67
CA VAL L 158 42.20 -60.86 -55.06
C VAL L 158 42.32 -62.10 -55.94
N SER L 159 41.43 -62.21 -56.92
CA SER L 159 41.40 -63.38 -57.78
C SER L 159 41.07 -62.95 -59.20
N ASP L 160 41.24 -63.88 -60.14
CA ASP L 160 40.86 -63.61 -61.52
C ASP L 160 39.36 -63.41 -61.66
N GLU L 161 38.58 -64.25 -60.97
CA GLU L 161 37.13 -64.13 -61.06
C GLU L 161 36.62 -62.84 -60.41
N GLY L 162 37.14 -62.51 -59.23
CA GLY L 162 36.67 -61.32 -58.54
C GLY L 162 37.38 -61.16 -57.22
N ILE L 163 36.94 -60.15 -56.47
CA ILE L 163 37.52 -59.80 -55.18
C ILE L 163 36.50 -60.14 -54.10
N LYS L 164 36.88 -61.00 -53.17
CA LYS L 164 36.02 -61.42 -52.08
C LYS L 164 36.52 -60.81 -50.78
N VAL L 165 35.63 -60.16 -50.04
CA VAL L 165 35.97 -59.54 -48.77
C VAL L 165 35.58 -60.50 -47.65
N ILE L 166 36.35 -60.46 -46.56
CA ILE L 166 36.09 -61.28 -45.38
C ILE L 166 35.96 -60.36 -44.17
N HIS L 167 34.87 -60.53 -43.43
CA HIS L 167 34.64 -59.68 -42.26
C HIS L 167 35.53 -60.12 -41.10
N LEU L 168 35.63 -59.24 -40.11
CA LEU L 168 36.50 -59.51 -38.96
C LEU L 168 36.04 -60.73 -38.18
N ASP L 169 34.79 -61.12 -38.31
CA ASP L 169 34.26 -62.26 -37.57
C ASP L 169 34.63 -63.60 -38.18
N SER L 170 35.31 -63.63 -39.32
CA SER L 170 35.54 -64.87 -40.05
C SER L 170 37.02 -65.13 -40.34
N TYR L 171 37.93 -64.54 -39.57
CA TYR L 171 39.34 -64.89 -39.71
C TYR L 171 40.11 -64.46 -38.48
N VAL L 172 41.28 -65.07 -38.30
CA VAL L 172 42.18 -64.77 -37.19
C VAL L 172 43.60 -64.73 -37.73
N LEU L 173 44.49 -64.08 -36.97
CA LEU L 173 45.88 -63.96 -37.41
C LEU L 173 46.76 -63.62 -36.22
N CYS L 174 48.07 -63.79 -36.41
CA CYS L 174 49.09 -63.42 -35.44
C CYS L 174 50.13 -62.55 -36.12
N ARG L 175 50.65 -61.56 -35.37
CA ARG L 175 51.62 -60.62 -35.90
C ARG L 175 52.80 -60.49 -34.95
N ASP L 176 53.97 -60.16 -35.51
CA ASP L 176 55.06 -59.70 -34.68
C ASP L 176 54.89 -58.21 -34.41
N PRO L 177 55.43 -57.71 -33.30
CA PRO L 177 55.30 -56.28 -33.00
C PRO L 177 55.96 -55.36 -34.02
N MET L 178 56.82 -55.87 -34.92
CA MET L 178 57.18 -55.04 -36.06
C MET L 178 55.97 -54.73 -36.93
N GLY L 179 55.16 -55.75 -37.22
CA GLY L 179 54.02 -55.60 -38.10
C GLY L 179 53.95 -56.64 -39.22
N ASN L 180 54.79 -57.67 -39.18
CA ASN L 180 54.78 -58.70 -40.20
C ASN L 180 53.88 -59.84 -39.75
N VAL L 181 52.76 -60.02 -40.45
CA VAL L 181 51.85 -61.13 -40.13
C VAL L 181 52.49 -62.44 -40.54
N THR L 182 52.21 -63.50 -39.79
CA THR L 182 52.80 -64.81 -40.04
C THR L 182 51.82 -65.88 -40.46
N GLU L 183 50.61 -65.89 -39.88
CA GLU L 183 49.68 -66.97 -40.15
C GLU L 183 48.26 -66.44 -40.09
N ILE L 184 47.43 -66.91 -41.03
CA ILE L 184 46.03 -66.51 -41.12
C ILE L 184 45.17 -67.76 -41.27
N VAL L 185 44.10 -67.85 -40.48
CA VAL L 185 43.14 -68.94 -40.58
C VAL L 185 41.77 -68.34 -40.85
N VAL L 186 41.09 -68.87 -41.86
CA VAL L 186 39.78 -68.38 -42.28
C VAL L 186 38.77 -69.51 -42.15
N GLU L 187 37.66 -69.24 -41.48
CA GLU L 187 36.59 -70.21 -41.28
C GLU L 187 35.34 -69.73 -41.97
N GLU L 188 34.70 -70.61 -42.74
CA GLU L 188 33.50 -70.26 -43.49
C GLU L 188 32.62 -71.49 -43.60
N GLU L 189 31.34 -71.25 -43.86
CA GLU L 189 30.33 -72.29 -43.81
C GLU L 189 29.51 -72.27 -45.09
N ILE L 190 29.32 -73.45 -45.69
CA ILE L 190 28.67 -73.57 -46.99
C ILE L 190 27.81 -74.83 -47.01
N PHE L 191 26.79 -74.82 -47.87
CA PHE L 191 25.92 -75.98 -48.00
C PHE L 191 26.68 -77.17 -48.57
N LYS L 192 26.24 -78.38 -48.18
CA LYS L 192 26.91 -79.60 -48.60
C LYS L 192 26.71 -79.91 -50.07
N ASP L 193 25.81 -79.22 -50.76
CA ASP L 193 25.58 -79.49 -52.18
C ASP L 193 26.81 -79.18 -53.02
N ALA L 194 27.61 -78.20 -52.60
CA ALA L 194 28.76 -77.76 -53.40
C ALA L 194 30.05 -78.48 -53.05
N LEU L 195 30.04 -79.41 -52.11
CA LEU L 195 31.25 -80.10 -51.69
C LEU L 195 31.44 -81.41 -52.44
N PRO L 196 32.68 -81.90 -52.56
CA PRO L 196 32.90 -83.19 -53.23
C PRO L 196 32.18 -84.32 -52.52
N GLU L 197 31.66 -85.25 -53.33
CA GLU L 197 30.86 -86.36 -52.80
C GLU L 197 31.68 -87.31 -51.93
N GLU L 198 32.98 -87.44 -52.20
CA GLU L 198 33.81 -88.33 -51.38
C GLU L 198 33.88 -87.85 -49.93
N TYR L 199 33.73 -86.54 -49.72
CA TYR L 199 33.75 -85.98 -48.38
C TYR L 199 32.39 -86.02 -47.68
N LEU L 200 31.35 -86.44 -48.38
CA LEU L 200 30.01 -86.53 -47.81
C LEU L 200 29.94 -87.78 -46.93
N ASP L 201 29.61 -87.59 -45.66
CA ASP L 201 29.61 -88.67 -44.69
C ASP L 201 28.33 -89.47 -44.76
N GLU L 202 28.30 -90.58 -44.00
CA GLU L 202 27.10 -91.39 -43.92
C GLU L 202 25.97 -90.64 -43.22
N GLU L 203 26.29 -89.94 -42.14
CA GLU L 203 25.25 -89.20 -41.40
C GLU L 203 24.63 -88.10 -42.26
N ASP L 204 25.46 -87.36 -43.00
CA ASP L 204 24.92 -86.35 -43.91
C ASP L 204 24.06 -86.99 -44.99
N ASP L 205 24.47 -88.16 -45.48
CA ASP L 205 23.65 -88.88 -46.46
C ASP L 205 22.36 -89.40 -45.84
N ASP L 206 22.39 -89.75 -44.56
CA ASP L 206 21.21 -90.28 -43.89
C ASP L 206 20.16 -89.22 -43.58
N ASP L 207 20.48 -87.94 -43.77
CA ASP L 207 19.57 -86.86 -43.44
C ASP L 207 18.82 -86.41 -44.69
N ASP L 208 17.55 -86.05 -44.49
CA ASP L 208 16.69 -85.55 -45.55
C ASP L 208 16.67 -84.03 -45.63
N ASP L 209 17.66 -83.36 -45.03
CA ASP L 209 17.73 -81.90 -44.98
C ASP L 209 18.93 -81.36 -45.74
N MET L 210 19.18 -81.87 -46.95
CA MET L 210 20.31 -81.42 -47.74
C MET L 210 20.28 -79.91 -47.96
N GLY L 211 19.09 -79.33 -48.05
CA GLY L 211 18.92 -77.90 -48.19
C GLY L 211 18.85 -77.14 -46.89
N LYS L 212 19.12 -77.80 -45.75
CA LYS L 212 19.06 -77.13 -44.45
C LYS L 212 20.19 -77.50 -43.51
N LYS L 213 21.19 -78.25 -43.95
CA LYS L 213 22.37 -78.56 -43.13
C LYS L 213 23.63 -78.12 -43.86
N MET L 214 24.56 -77.52 -43.13
CA MET L 214 25.80 -77.00 -43.68
C MET L 214 26.98 -77.84 -43.23
N VAL L 215 28.13 -77.60 -43.85
CA VAL L 215 29.38 -78.22 -43.47
C VAL L 215 30.47 -77.16 -43.44
N LYS L 216 31.20 -77.09 -42.33
CA LYS L 216 32.25 -76.10 -42.17
C LYS L 216 33.45 -76.41 -43.07
N ILE L 217 34.07 -75.37 -43.61
CA ILE L 217 35.26 -75.48 -44.44
C ILE L 217 36.24 -74.40 -44.03
N TYR L 218 37.50 -74.78 -43.83
CA TYR L 218 38.52 -73.90 -43.30
C TYR L 218 39.58 -73.60 -44.35
N THR L 219 40.43 -72.62 -44.04
CA THR L 219 41.54 -72.23 -44.90
C THR L 219 42.71 -71.82 -44.03
N CYS L 220 43.92 -72.21 -44.43
CA CYS L 220 45.12 -71.91 -43.66
C CYS L 220 46.09 -71.09 -44.52
N ILE L 221 46.80 -70.17 -43.88
CA ILE L 221 47.77 -69.32 -44.55
C ILE L 221 49.05 -69.31 -43.73
N LYS L 222 50.18 -69.53 -44.40
CA LYS L 222 51.49 -69.48 -43.73
C LYS L 222 52.43 -68.60 -44.54
N PHE L 223 53.12 -67.71 -43.84
CA PHE L 223 54.05 -66.75 -44.46
C PHE L 223 55.45 -67.06 -43.96
N MET L 224 56.33 -67.47 -44.88
CA MET L 224 57.72 -67.72 -44.54
C MET L 224 58.56 -67.70 -45.80
N ASP L 225 59.85 -67.38 -45.63
CA ASP L 225 60.83 -67.21 -46.71
C ASP L 225 60.20 -66.49 -47.91
N ASP L 226 59.56 -65.35 -47.61
CA ASP L 226 58.79 -64.55 -48.56
C ASP L 226 58.08 -65.41 -49.61
N GLN L 227 57.39 -66.46 -49.16
CA GLN L 227 56.63 -67.34 -50.05
C GLN L 227 55.40 -67.82 -49.28
N CYS L 228 54.27 -67.17 -49.52
CA CYS L 228 53.03 -67.57 -48.84
C CYS L 228 52.54 -68.90 -49.37
N HIS L 229 51.92 -69.67 -48.48
CA HIS L 229 51.36 -70.97 -48.81
C HIS L 229 49.97 -71.11 -48.21
N TRP L 230 49.11 -71.87 -48.88
CA TRP L 230 47.74 -72.05 -48.42
C TRP L 230 47.19 -73.36 -48.93
N TYR L 231 46.16 -73.84 -48.23
CA TYR L 231 45.44 -75.04 -48.63
C TYR L 231 44.10 -75.07 -47.91
N GLN L 232 43.14 -75.78 -48.49
CA GLN L 232 41.80 -75.89 -47.94
C GLN L 232 41.58 -77.29 -47.38
N GLU L 233 40.93 -77.36 -46.22
CA GLU L 233 40.67 -78.63 -45.57
C GLU L 233 39.23 -78.68 -45.09
N ILE L 234 38.69 -79.88 -45.03
CA ILE L 234 37.36 -80.13 -44.48
C ILE L 234 37.39 -81.42 -43.67
N LYS L 235 36.96 -81.33 -42.41
CA LYS L 235 36.92 -82.48 -41.50
C LYS L 235 38.30 -83.14 -41.35
N GLY L 236 39.33 -82.32 -41.21
CA GLY L 236 40.64 -82.80 -40.80
C GLY L 236 41.56 -83.29 -41.90
N LYS L 237 41.09 -83.37 -43.14
CA LYS L 237 41.93 -83.82 -44.24
C LYS L 237 41.83 -82.83 -45.40
N GLU L 238 42.95 -82.58 -46.05
CA GLU L 238 43.04 -81.52 -47.05
C GLU L 238 42.26 -81.89 -48.31
N VAL L 239 41.73 -80.87 -48.97
CA VAL L 239 41.02 -81.06 -50.23
C VAL L 239 42.03 -81.16 -51.36
N PRO L 240 42.00 -82.24 -52.15
CA PRO L 240 42.97 -82.37 -53.24
C PRO L 240 42.81 -81.28 -54.29
N GLY L 241 43.94 -80.83 -54.83
CA GLY L 241 43.94 -79.84 -55.88
C GLY L 241 43.74 -78.41 -55.44
N THR L 242 43.72 -78.14 -54.13
CA THR L 242 43.52 -76.80 -53.62
C THR L 242 44.83 -76.13 -53.21
N HIS L 243 45.96 -76.78 -53.40
CA HIS L 243 47.25 -76.22 -53.00
C HIS L 243 47.63 -75.05 -53.88
N GLY L 244 48.54 -74.23 -53.37
CA GLY L 244 49.05 -73.08 -54.12
C GLY L 244 50.32 -72.56 -53.50
N LYS L 245 51.01 -71.71 -54.26
CA LYS L 245 52.26 -71.11 -53.79
C LYS L 245 52.60 -69.92 -54.67
N CYS L 246 53.00 -68.82 -54.05
CA CYS L 246 53.44 -67.64 -54.79
C CYS L 246 54.29 -66.78 -53.86
N ALA L 247 55.07 -65.90 -54.46
CA ALA L 247 55.95 -65.02 -53.70
C ALA L 247 55.14 -64.04 -52.86
N ALA L 248 55.73 -63.61 -51.74
CA ALA L 248 55.03 -62.72 -50.83
C ALA L 248 54.72 -61.37 -51.50
N ASP L 249 55.59 -60.92 -52.41
CA ASP L 249 55.37 -59.66 -53.09
C ASP L 249 54.21 -59.70 -54.07
N VAL L 250 53.71 -60.89 -54.40
CA VAL L 250 52.59 -61.03 -55.33
C VAL L 250 51.48 -61.84 -54.65
N ALA L 251 51.40 -61.74 -53.33
CA ALA L 251 50.43 -62.52 -52.58
C ALA L 251 49.00 -62.11 -52.94
N PRO L 252 48.08 -63.06 -52.97
CA PRO L 252 46.68 -62.74 -53.26
C PRO L 252 45.89 -62.26 -52.05
N TRP L 253 46.45 -62.33 -50.85
CA TRP L 253 45.76 -61.97 -49.63
C TRP L 253 46.38 -60.70 -49.07
N ILE L 254 45.54 -59.74 -48.69
CA ILE L 254 45.99 -58.46 -48.17
C ILE L 254 45.28 -58.19 -46.85
N ALA L 255 46.03 -57.81 -45.83
CA ALA L 255 45.49 -57.45 -44.53
C ALA L 255 45.60 -55.95 -44.32
N LEU L 256 44.57 -55.36 -43.71
CA LEU L 256 44.49 -53.93 -43.53
C LEU L 256 44.20 -53.61 -42.07
N ARG L 257 44.42 -52.34 -41.72
CA ARG L 257 44.05 -51.83 -40.41
C ARG L 257 43.96 -50.31 -40.49
N GLN L 258 42.97 -49.74 -39.80
CA GLN L 258 42.66 -48.33 -39.98
C GLN L 258 43.75 -47.43 -39.41
N ASP L 259 43.99 -47.52 -38.11
CA ASP L 259 45.01 -46.73 -37.44
C ASP L 259 46.18 -47.65 -37.12
N ARG L 260 47.35 -47.34 -37.68
CA ARG L 260 48.51 -48.17 -37.41
C ARG L 260 48.94 -47.92 -35.97
N VAL L 261 48.53 -48.81 -35.07
CA VAL L 261 48.90 -48.77 -33.67
C VAL L 261 49.80 -49.97 -33.41
N ASP L 262 51.06 -49.71 -33.10
CA ASP L 262 52.04 -50.78 -33.02
C ASP L 262 51.74 -51.72 -31.85
N SER L 263 52.28 -52.93 -31.95
CA SER L 263 52.13 -53.95 -30.90
C SER L 263 50.67 -54.32 -30.68
N GLU L 264 49.88 -54.31 -31.76
CA GLU L 264 48.47 -54.66 -31.70
C GLU L 264 48.16 -55.61 -32.85
N MET L 265 47.55 -56.76 -32.54
CA MET L 265 47.16 -57.68 -33.59
C MET L 265 45.96 -57.17 -34.37
N TYR L 266 45.17 -56.27 -33.79
CA TYR L 266 44.03 -55.68 -34.46
C TYR L 266 44.00 -54.19 -34.18
N GLY L 267 43.65 -53.40 -35.19
CA GLY L 267 43.68 -51.96 -35.08
C GLY L 267 42.47 -51.43 -34.35
N ARG L 268 42.32 -50.10 -34.42
CA ARG L 268 41.22 -49.39 -33.82
C ARG L 268 40.40 -48.71 -34.91
N SER L 269 39.09 -48.87 -34.85
CA SER L 269 38.22 -48.22 -35.81
C SER L 269 38.27 -46.70 -35.62
N TYR L 270 38.04 -45.97 -36.71
CA TYR L 270 38.07 -44.52 -36.63
C TYR L 270 36.97 -43.98 -35.74
N VAL L 271 35.77 -44.54 -35.83
CA VAL L 271 34.63 -44.04 -35.06
C VAL L 271 34.84 -44.26 -33.56
N GLU L 272 35.78 -45.14 -33.18
CA GLU L 272 36.12 -45.29 -31.77
C GLU L 272 36.62 -43.98 -31.18
N GLN L 273 37.20 -43.12 -32.01
CA GLN L 273 37.68 -41.83 -31.53
C GLN L 273 36.55 -41.00 -30.92
N TYR L 274 35.39 -40.99 -31.57
CA TYR L 274 34.27 -40.15 -31.18
C TYR L 274 33.09 -40.95 -30.65
N TYR L 275 33.31 -42.22 -30.31
CA TYR L 275 32.26 -43.04 -29.70
C TYR L 275 31.63 -42.35 -28.49
N GLY L 276 32.45 -41.77 -27.62
CA GLY L 276 31.91 -41.15 -26.40
C GLY L 276 30.99 -39.99 -26.71
N ASP L 277 31.44 -39.10 -27.61
CA ASP L 277 30.60 -37.97 -27.99
C ASP L 277 29.32 -38.45 -28.65
N LEU L 278 29.41 -39.50 -29.48
CA LEU L 278 28.22 -40.05 -30.11
C LEU L 278 27.21 -40.51 -29.06
N LEU L 279 27.69 -41.23 -28.05
CA LEU L 279 26.80 -41.74 -27.00
C LEU L 279 26.16 -40.58 -26.23
N ALA L 280 26.96 -39.57 -25.88
CA ALA L 280 26.43 -38.45 -25.12
C ALA L 280 25.37 -37.70 -25.92
N LEU L 281 25.63 -37.45 -27.20
CA LEU L 281 24.64 -36.75 -28.03
C LEU L 281 23.37 -37.58 -28.17
N GLU L 282 23.51 -38.90 -28.34
CA GLU L 282 22.33 -39.75 -28.43
C GLU L 282 21.47 -39.65 -27.18
N ASN L 283 22.10 -39.77 -26.01
CA ASN L 283 21.33 -39.72 -24.77
C ASN L 283 20.68 -38.36 -24.56
N LEU L 284 21.38 -37.27 -24.91
CA LEU L 284 20.80 -35.95 -24.73
C LEU L 284 19.62 -35.71 -25.68
N TYR L 285 19.73 -36.20 -26.92
CA TYR L 285 18.60 -36.13 -27.84
C TYR L 285 17.40 -36.86 -27.26
N LYS L 286 17.64 -38.05 -26.69
CA LYS L 286 16.55 -38.78 -26.06
C LYS L 286 15.94 -37.95 -24.93
N ALA L 287 16.78 -37.31 -24.13
CA ALA L 287 16.28 -36.54 -22.99
C ALA L 287 15.36 -35.40 -23.44
N ILE L 288 15.78 -34.64 -24.44
CA ILE L 288 14.97 -33.51 -24.87
C ILE L 288 13.68 -34.00 -25.51
N LEU L 289 13.74 -35.07 -26.29
CA LEU L 289 12.51 -35.63 -26.86
C LEU L 289 11.57 -36.10 -25.76
N GLU L 290 12.12 -36.70 -24.70
CA GLU L 290 11.30 -37.21 -23.62
C GLU L 290 10.57 -36.06 -22.90
N ALA L 291 11.32 -35.01 -22.57
CA ALA L 291 10.69 -33.86 -21.90
C ALA L 291 9.62 -33.23 -22.77
N SER L 292 9.90 -33.09 -24.08
CA SER L 292 8.91 -32.51 -24.97
C SER L 292 7.66 -33.37 -25.06
N ALA L 293 7.83 -34.69 -25.07
CA ALA L 293 6.68 -35.59 -25.08
C ALA L 293 5.85 -35.42 -23.82
N SER L 294 6.51 -35.28 -22.67
CA SER L 294 5.77 -35.13 -21.43
C SER L 294 5.03 -33.80 -21.37
N LEU L 295 5.60 -32.72 -21.91
CA LEU L 295 4.98 -31.41 -21.76
C LEU L 295 3.79 -31.20 -22.69
N SER L 296 3.62 -32.07 -23.69
CA SER L 296 2.61 -31.81 -24.71
C SER L 296 1.19 -32.16 -24.26
N LYS L 297 1.01 -32.74 -23.08
CA LYS L 297 -0.32 -33.08 -22.62
C LYS L 297 -1.09 -31.82 -22.22
N VAL L 298 -2.41 -31.87 -22.36
CA VAL L 298 -3.29 -30.76 -22.02
C VAL L 298 -4.41 -31.26 -21.13
N LEU L 299 -4.60 -30.59 -19.99
CA LEU L 299 -5.63 -30.94 -19.04
C LEU L 299 -6.38 -29.67 -18.63
N PHE L 300 -7.57 -29.86 -18.07
CA PHE L 300 -8.37 -28.78 -17.53
C PHE L 300 -8.57 -28.98 -16.04
N LEU L 301 -8.61 -27.88 -15.30
CA LEU L 301 -8.70 -27.95 -13.85
C LEU L 301 -9.74 -26.95 -13.37
N CYS L 302 -10.69 -27.41 -12.57
CA CYS L 302 -11.76 -26.57 -12.04
C CYS L 302 -11.56 -26.36 -10.55
N ASN L 303 -11.66 -25.10 -10.12
CA ASN L 303 -11.49 -24.76 -8.72
C ASN L 303 -12.77 -25.10 -7.96
N PRO L 304 -12.71 -25.95 -6.93
CA PRO L 304 -13.93 -26.27 -6.18
C PRO L 304 -14.57 -25.07 -5.51
N ASN L 305 -13.78 -24.08 -5.11
CA ASN L 305 -14.34 -22.89 -4.45
C ASN L 305 -15.20 -22.07 -5.40
N GLY L 306 -15.09 -22.29 -6.70
CA GLY L 306 -15.90 -21.58 -7.67
C GLY L 306 -17.28 -22.19 -7.81
N THR L 307 -17.99 -21.73 -8.84
CA THR L 307 -19.35 -22.14 -9.11
C THR L 307 -19.50 -22.64 -10.54
N THR L 308 -18.57 -23.49 -10.97
CA THR L 308 -18.60 -24.10 -12.28
C THR L 308 -18.73 -25.61 -12.14
N ARG L 309 -19.69 -26.19 -12.84
CA ARG L 309 -19.88 -27.64 -12.78
C ARG L 309 -19.27 -28.28 -14.01
N PRO L 310 -18.52 -29.38 -13.85
CA PRO L 310 -17.88 -29.99 -15.03
C PRO L 310 -18.87 -30.44 -16.09
N ARG L 311 -20.05 -30.92 -15.69
CA ARG L 311 -21.03 -31.38 -16.67
C ARG L 311 -21.46 -30.24 -17.58
N THR L 312 -21.64 -29.05 -17.02
CA THR L 312 -22.03 -27.91 -17.83
C THR L 312 -20.99 -27.59 -18.88
N LEU L 313 -19.71 -27.61 -18.49
CA LEU L 313 -18.64 -27.33 -19.45
C LEU L 313 -18.56 -28.40 -20.52
N SER L 314 -18.73 -29.67 -20.15
CA SER L 314 -18.58 -30.74 -21.13
C SER L 314 -19.75 -30.79 -22.09
N GLN L 315 -20.97 -30.69 -21.59
CA GLN L 315 -22.16 -30.91 -22.41
C GLN L 315 -22.50 -29.72 -23.28
N ALA L 316 -22.08 -28.51 -22.92
CA ALA L 316 -22.50 -27.32 -23.64
C ALA L 316 -22.01 -27.34 -25.08
N SER L 317 -22.89 -26.94 -25.99
CA SER L 317 -22.55 -26.88 -27.41
C SER L 317 -21.86 -25.56 -27.73
N ASN L 318 -21.30 -25.48 -28.93
CA ASN L 318 -20.52 -24.31 -29.31
C ASN L 318 -21.40 -23.07 -29.43
N GLY L 319 -20.86 -21.93 -29.01
CA GLY L 319 -21.57 -20.68 -29.07
C GLY L 319 -22.61 -20.48 -27.99
N SER L 320 -22.83 -21.48 -27.13
CA SER L 320 -23.83 -21.36 -26.09
C SER L 320 -23.33 -20.46 -24.97
N ILE L 321 -24.25 -20.06 -24.08
CA ILE L 321 -23.93 -19.21 -22.95
C ILE L 321 -24.44 -19.90 -21.69
N VAL L 322 -23.53 -20.28 -20.80
CA VAL L 322 -23.89 -20.99 -19.59
C VAL L 322 -23.39 -20.23 -18.37
N GLN L 323 -23.67 -20.74 -17.18
CA GLN L 323 -23.36 -20.06 -15.93
C GLN L 323 -22.00 -20.54 -15.43
N GLY L 324 -21.09 -19.60 -15.19
CA GLY L 324 -19.78 -19.94 -14.66
C GLY L 324 -18.88 -18.73 -14.63
N ASN L 325 -17.69 -18.94 -14.09
CA ASN L 325 -16.67 -17.90 -13.99
C ASN L 325 -15.39 -18.41 -14.65
N ALA L 326 -14.90 -17.67 -15.64
CA ALA L 326 -13.72 -18.12 -16.39
C ALA L 326 -12.45 -18.05 -15.57
N ALA L 327 -12.44 -17.31 -14.46
CA ALA L 327 -11.25 -17.24 -13.63
C ALA L 327 -11.01 -18.51 -12.84
N ASP L 328 -11.96 -19.46 -12.85
CA ASP L 328 -11.81 -20.68 -12.07
C ASP L 328 -11.15 -21.78 -12.89
N VAL L 329 -11.61 -21.98 -14.13
CA VAL L 329 -11.07 -23.05 -14.97
C VAL L 329 -9.67 -22.68 -15.41
N THR L 330 -8.72 -23.57 -15.16
CA THR L 330 -7.32 -23.33 -15.47
C THR L 330 -6.73 -24.57 -16.14
N VAL L 331 -5.68 -24.33 -16.93
CA VAL L 331 -5.01 -25.39 -17.68
C VAL L 331 -3.65 -25.62 -17.04
N LEU L 332 -3.34 -26.89 -16.79
CA LEU L 332 -2.06 -27.25 -16.18
C LEU L 332 -0.91 -27.04 -17.17
N GLN L 333 0.16 -26.39 -16.71
CA GLN L 333 1.31 -26.12 -17.55
C GLN L 333 2.55 -25.97 -16.68
N ALA L 334 3.70 -26.04 -17.33
CA ALA L 334 5.00 -25.85 -16.67
C ALA L 334 5.33 -24.36 -16.70
N ALA L 335 5.49 -23.76 -15.53
CA ALA L 335 5.69 -22.32 -15.42
C ALA L 335 6.95 -21.87 -16.14
N GLY L 336 8.12 -22.24 -15.63
CA GLY L 336 9.36 -21.91 -16.30
C GLY L 336 10.23 -23.11 -16.57
N LYS L 337 10.34 -23.51 -17.84
CA LYS L 337 11.21 -24.61 -18.22
C LYS L 337 11.99 -24.27 -19.48
N SER L 338 11.63 -23.17 -20.13
CA SER L 338 12.23 -22.85 -21.42
C SER L 338 13.74 -22.60 -21.31
N GLN L 339 14.19 -22.03 -20.20
CA GLN L 339 15.60 -21.69 -20.06
C GLN L 339 16.48 -22.94 -20.09
N ASP L 340 16.12 -23.95 -19.30
CA ASP L 340 16.93 -25.16 -19.25
C ASP L 340 16.92 -25.89 -20.58
N LEU L 341 15.76 -25.94 -21.24
CA LEU L 341 15.69 -26.62 -22.53
C LEU L 341 16.50 -25.87 -23.59
N GLN L 342 16.53 -24.54 -23.53
CA GLN L 342 17.34 -23.80 -24.48
C GLN L 342 18.82 -24.00 -24.20
N ILE L 343 19.20 -24.14 -22.92
CA ILE L 343 20.60 -24.45 -22.60
C ILE L 343 20.98 -25.82 -23.14
N ALA L 344 20.10 -26.80 -22.96
CA ALA L 344 20.36 -28.14 -23.50
C ALA L 344 20.46 -28.11 -25.01
N ASN L 345 19.60 -27.33 -25.67
CA ASN L 345 19.69 -27.19 -27.12
C ASN L 345 21.01 -26.58 -27.53
N GLN L 346 21.48 -25.57 -26.79
CA GLN L 346 22.76 -24.95 -27.12
C GLN L 346 23.90 -25.96 -27.03
N THR L 347 23.95 -26.73 -25.94
CA THR L 347 25.06 -27.67 -25.79
C THR L 347 24.95 -28.81 -26.80
N ILE L 348 23.74 -29.26 -27.11
CA ILE L 348 23.56 -30.30 -28.12
C ILE L 348 24.01 -29.80 -29.48
N GLU L 349 23.67 -28.56 -29.81
CA GLU L 349 24.09 -27.99 -31.09
C GLU L 349 25.60 -27.87 -31.15
N ARG L 350 26.24 -27.47 -30.06
CA ARG L 350 27.69 -27.37 -30.05
C ARG L 350 28.33 -28.75 -30.26
N ILE L 351 27.84 -29.77 -29.57
CA ILE L 351 28.39 -31.11 -29.74
C ILE L 351 28.20 -31.59 -31.17
N GLU L 352 27.00 -31.36 -31.74
CA GLU L 352 26.72 -31.80 -33.09
C GLU L 352 27.61 -31.09 -34.09
N ASN L 353 27.85 -29.78 -33.89
CA ASN L 353 28.74 -29.05 -34.77
C ASN L 353 30.17 -29.59 -34.70
N ARG L 354 30.63 -29.91 -33.48
CA ARG L 354 31.97 -30.49 -33.34
C ARG L 354 32.06 -31.82 -34.08
N LEU L 355 31.03 -32.67 -33.94
CA LEU L 355 31.03 -33.95 -34.64
C LEU L 355 30.99 -33.77 -36.15
N ALA L 356 30.21 -32.81 -36.63
CA ALA L 356 30.11 -32.57 -38.06
C ALA L 356 31.43 -32.08 -38.62
N PHE L 357 32.11 -31.20 -37.90
CA PHE L 357 33.44 -30.77 -38.33
C PHE L 357 34.42 -31.93 -38.34
N ALA L 358 34.35 -32.80 -37.33
CA ALA L 358 35.28 -33.93 -37.25
C ALA L 358 35.05 -34.95 -38.37
N PHE L 359 33.80 -35.30 -38.65
CA PHE L 359 33.49 -36.30 -39.65
C PHE L 359 33.55 -35.77 -41.08
N MET L 360 33.83 -34.49 -41.25
CA MET L 360 34.15 -33.91 -42.56
C MET L 360 32.92 -33.96 -43.48
N LEU L 361 31.80 -33.50 -42.95
CA LEU L 361 30.61 -33.24 -43.73
C LEU L 361 30.64 -31.83 -44.29
N ASN L 362 29.75 -31.56 -45.24
CA ASN L 362 29.69 -30.26 -45.90
C ASN L 362 28.77 -29.27 -45.17
N THR L 363 28.01 -29.72 -44.17
CA THR L 363 27.02 -28.84 -43.55
C THR L 363 27.66 -27.80 -42.64
N ALA L 364 28.64 -28.21 -41.82
CA ALA L 364 29.25 -27.28 -40.88
C ALA L 364 30.08 -26.21 -41.58
N ILE L 365 30.35 -26.39 -42.87
CA ILE L 365 31.15 -25.43 -43.63
C ILE L 365 30.39 -24.12 -43.80
N GLN L 366 29.11 -24.19 -44.15
CA GLN L 366 28.34 -23.00 -44.46
C GLN L 366 28.15 -22.13 -43.22
N ARG L 367 28.34 -20.82 -43.39
CA ARG L 367 28.26 -19.86 -42.29
C ARG L 367 27.01 -19.02 -42.46
N PRO L 368 26.05 -19.07 -41.53
CA PRO L 368 24.83 -18.26 -41.68
C PRO L 368 25.13 -16.78 -41.60
N GLY L 369 24.37 -15.99 -42.36
CA GLY L 369 24.33 -14.55 -42.21
C GLY L 369 24.79 -13.77 -43.43
N GLU L 370 25.93 -14.15 -44.01
CA GLU L 370 26.55 -13.31 -45.03
C GLU L 370 27.15 -14.18 -46.13
N ARG L 371 27.44 -13.53 -47.25
CA ARG L 371 27.98 -14.20 -48.42
C ARG L 371 29.38 -14.76 -48.15
N VAL L 372 29.71 -15.82 -48.87
CA VAL L 372 31.03 -16.43 -48.82
C VAL L 372 31.62 -16.44 -50.22
N THR L 373 32.87 -16.01 -50.33
CA THR L 373 33.53 -15.90 -51.62
C THR L 373 33.97 -17.28 -52.12
N ALA L 374 34.23 -17.36 -53.42
CA ALA L 374 34.73 -18.61 -54.00
C ALA L 374 36.11 -18.96 -53.45
N GLU L 375 36.96 -17.96 -53.26
CA GLU L 375 38.29 -18.21 -52.70
C GLU L 375 38.19 -18.74 -51.27
N GLU L 376 37.25 -18.20 -50.49
CA GLU L 376 37.02 -18.72 -49.14
C GLU L 376 36.61 -20.19 -49.20
N ILE L 377 35.69 -20.53 -50.11
CA ILE L 377 35.20 -21.90 -50.21
C ILE L 377 36.34 -22.83 -50.62
N ARG L 378 37.19 -22.38 -51.53
CA ARG L 378 38.38 -23.16 -51.89
C ARG L 378 39.29 -23.35 -50.70
N TYR L 379 39.43 -22.31 -49.87
CA TYR L 379 40.27 -22.40 -48.68
C TYR L 379 39.77 -23.49 -47.72
N MET L 380 38.47 -23.49 -47.43
CA MET L 380 37.96 -24.48 -46.48
C MET L 380 37.86 -25.87 -47.11
N ALA L 381 37.74 -25.94 -48.45
CA ALA L 381 37.88 -27.23 -49.12
C ALA L 381 39.29 -27.77 -48.98
N GLN L 382 40.29 -26.89 -49.07
CA GLN L 382 41.67 -27.29 -48.79
C GLN L 382 41.79 -27.80 -47.36
N GLU L 383 41.14 -27.13 -46.42
CA GLU L 383 41.15 -27.59 -45.03
C GLU L 383 40.59 -29.00 -44.91
N LEU L 384 39.44 -29.24 -45.55
CA LEU L 384 38.83 -30.57 -45.48
C LEU L 384 39.73 -31.63 -46.10
N ASP L 385 40.31 -31.34 -47.26
CA ASP L 385 41.19 -32.32 -47.89
C ASP L 385 42.42 -32.57 -47.01
N ALA L 386 42.86 -31.55 -46.28
CA ALA L 386 44.00 -31.71 -45.38
C ALA L 386 43.65 -32.57 -44.17
N GLY L 387 42.40 -32.51 -43.72
CA GLY L 387 42.02 -33.14 -42.47
C GLY L 387 42.16 -34.64 -42.39
N ILE L 388 42.30 -35.36 -43.51
CA ILE L 388 42.31 -36.82 -43.48
C ILE L 388 43.53 -37.29 -44.28
N SER L 389 44.55 -36.43 -44.32
CA SER L 389 45.75 -36.72 -45.10
C SER L 389 46.45 -37.99 -44.61
N GLY L 390 46.48 -38.19 -43.29
CA GLY L 390 47.11 -39.40 -42.77
C GLY L 390 46.42 -40.67 -43.26
N LEU L 391 45.09 -40.65 -43.27
CA LEU L 391 44.36 -41.82 -43.77
C LEU L 391 44.61 -42.03 -45.26
N TYR L 392 44.59 -40.96 -46.06
CA TYR L 392 44.90 -41.18 -47.48
C TYR L 392 46.30 -41.74 -47.65
N SER L 393 47.27 -41.24 -46.89
CA SER L 393 48.65 -41.71 -47.01
C SER L 393 48.76 -43.18 -46.67
N ILE L 394 48.20 -43.59 -45.53
CA ILE L 394 48.35 -44.97 -45.11
C ILE L 394 47.61 -45.90 -46.07
N LEU L 395 46.43 -45.49 -46.54
CA LEU L 395 45.71 -46.32 -47.51
C LEU L 395 46.48 -46.45 -48.81
N SER L 396 47.10 -45.36 -49.27
CA SER L 396 47.90 -45.43 -50.50
C SER L 396 49.08 -46.38 -50.32
N ARG L 397 49.71 -46.34 -49.14
CA ARG L 397 50.85 -47.22 -48.91
C ARG L 397 50.42 -48.68 -48.79
N GLU L 398 49.22 -48.95 -48.26
CA GLU L 398 48.82 -50.30 -47.92
C GLU L 398 48.03 -51.02 -49.01
N LEU L 399 47.08 -50.35 -49.66
CA LEU L 399 46.13 -51.01 -50.54
C LEU L 399 46.47 -50.88 -52.02
N GLN L 400 46.72 -49.65 -52.49
CA GLN L 400 46.85 -49.42 -53.93
C GLN L 400 48.02 -50.18 -54.53
N LEU L 401 49.16 -50.18 -53.84
CA LEU L 401 50.38 -50.73 -54.44
C LEU L 401 50.40 -52.26 -54.47
N PRO L 402 50.18 -52.97 -53.36
CA PRO L 402 50.15 -54.44 -53.47
C PRO L 402 49.06 -54.94 -54.40
N LEU L 403 47.93 -54.24 -54.47
CA LEU L 403 46.85 -54.67 -55.36
C LEU L 403 47.30 -54.62 -56.81
N VAL L 404 47.95 -53.54 -57.22
CA VAL L 404 48.39 -53.46 -58.61
C VAL L 404 49.52 -54.44 -58.87
N ARG L 405 50.40 -54.67 -57.89
CA ARG L 405 51.44 -55.68 -58.11
C ARG L 405 50.84 -57.07 -58.33
N ARG L 406 49.87 -57.45 -57.48
CA ARG L 406 49.24 -58.76 -57.65
C ARG L 406 48.49 -58.83 -58.98
N LEU L 407 47.82 -57.73 -59.36
CA LEU L 407 47.10 -57.71 -60.63
C LEU L 407 48.06 -57.94 -61.80
N ILE L 408 49.20 -57.25 -61.80
CA ILE L 408 50.13 -57.39 -62.91
C ILE L 408 50.76 -58.78 -62.90
N HIS L 409 51.00 -59.36 -61.71
CA HIS L 409 51.53 -60.71 -61.67
C HIS L 409 50.54 -61.72 -62.25
N ILE L 410 49.27 -61.58 -61.90
CA ILE L 410 48.24 -62.47 -62.46
C ILE L 410 48.18 -62.31 -63.97
N LEU L 411 48.21 -61.06 -64.43
CA LEU L 411 48.17 -60.79 -65.86
C LEU L 411 49.33 -61.45 -66.59
N ARG L 412 50.53 -61.36 -66.03
CA ARG L 412 51.68 -61.98 -66.66
C ARG L 412 51.58 -63.49 -66.65
N ARG L 413 51.14 -64.08 -65.52
CA ARG L 413 51.02 -65.53 -65.43
C ARG L 413 50.00 -66.05 -66.44
N LYS L 414 48.99 -65.24 -66.76
CA LYS L 414 48.02 -65.63 -67.79
C LYS L 414 48.65 -65.68 -69.19
N ARG L 415 49.91 -65.28 -69.34
CA ARG L 415 50.64 -65.19 -70.61
C ARG L 415 49.97 -64.18 -71.54
N LYS L 416 49.16 -63.28 -71.01
CA LYS L 416 48.44 -62.34 -71.85
C LYS L 416 49.34 -61.19 -72.31
N LEU L 417 50.44 -60.94 -71.61
CA LEU L 417 51.42 -59.93 -71.95
C LEU L 417 52.81 -60.46 -71.60
N PRO L 418 53.77 -60.33 -72.51
CA PRO L 418 55.12 -60.85 -72.23
C PRO L 418 55.78 -60.22 -71.01
N ASP L 419 56.80 -60.90 -70.49
CA ASP L 419 57.42 -60.54 -69.22
C ASP L 419 58.14 -59.21 -69.31
N PHE L 420 58.24 -58.54 -68.16
CA PHE L 420 58.92 -57.25 -68.11
C PHE L 420 60.43 -57.45 -68.24
N PRO L 421 61.11 -56.54 -68.92
CA PRO L 421 62.59 -56.56 -68.91
C PRO L 421 63.11 -56.37 -67.49
N ARG L 422 64.26 -57.00 -67.22
CA ARG L 422 64.90 -56.90 -65.92
C ARG L 422 66.26 -56.24 -66.06
N SER L 423 66.71 -55.60 -64.98
CA SER L 423 67.98 -54.88 -64.99
C SER L 423 69.14 -55.86 -65.11
N GLU L 424 70.15 -55.46 -65.90
CA GLU L 424 71.36 -56.29 -65.99
C GLU L 424 72.20 -56.18 -64.74
N VAL L 425 72.35 -54.97 -64.20
CA VAL L 425 73.21 -54.77 -63.02
C VAL L 425 72.57 -55.38 -61.78
N THR L 426 71.28 -55.14 -61.58
CA THR L 426 70.60 -55.50 -60.34
C THR L 426 69.56 -56.59 -60.49
N GLY L 427 68.84 -56.64 -61.62
CA GLY L 427 67.78 -57.60 -61.81
C GLY L 427 66.38 -57.06 -61.53
N GLU L 428 66.27 -55.86 -60.98
CA GLU L 428 64.96 -55.28 -60.74
C GLU L 428 64.28 -54.92 -62.06
N PRO L 429 62.95 -54.99 -62.11
CA PRO L 429 62.25 -54.63 -63.36
C PRO L 429 62.54 -53.19 -63.75
N LEU L 430 62.64 -52.96 -65.05
CA LEU L 430 62.97 -51.62 -65.56
C LEU L 430 61.81 -50.64 -65.40
N ILE L 431 60.62 -51.11 -65.01
CA ILE L 431 59.45 -50.26 -64.88
C ILE L 431 58.84 -50.48 -63.51
N LYS L 432 58.61 -49.39 -62.77
CA LYS L 432 58.07 -49.44 -61.42
C LYS L 432 56.73 -48.70 -61.37
N GLU L 433 56.22 -48.52 -60.15
CA GLU L 433 54.87 -48.05 -59.93
C GLU L 433 54.84 -46.88 -58.96
N LYS L 434 53.70 -46.19 -58.93
CA LYS L 434 53.51 -45.01 -58.11
C LYS L 434 52.03 -44.86 -57.79
N ALA L 435 51.72 -44.35 -56.60
CA ALA L 435 50.35 -44.22 -56.12
C ALA L 435 49.97 -42.74 -56.05
N VAL L 436 48.79 -42.41 -56.56
CA VAL L 436 48.31 -41.03 -56.66
C VAL L 436 47.04 -40.91 -55.81
N THR L 437 47.02 -39.94 -54.91
CA THR L 437 45.89 -39.75 -53.99
C THR L 437 45.53 -38.27 -53.86
N GLY L 438 44.24 -37.98 -53.92
CA GLY L 438 43.75 -36.68 -53.50
C GLY L 438 44.05 -35.56 -54.47
N ILE L 439 44.69 -34.51 -53.96
CA ILE L 439 44.97 -33.32 -54.76
C ILE L 439 45.88 -33.66 -55.94
N GLU L 440 46.74 -34.67 -55.78
CA GLU L 440 47.57 -35.11 -56.90
C GLU L 440 46.71 -35.62 -58.05
N ALA L 441 45.70 -36.44 -57.74
CA ALA L 441 44.79 -36.93 -58.77
C ALA L 441 43.95 -35.80 -59.34
N ILE L 442 43.53 -34.86 -58.49
CA ILE L 442 42.72 -33.74 -58.98
C ILE L 442 43.54 -32.87 -59.93
N GLY L 443 44.82 -32.67 -59.62
CA GLY L 443 45.64 -31.72 -60.34
C GLY L 443 46.73 -32.31 -61.21
N ARG L 444 46.62 -33.58 -61.59
CA ARG L 444 47.41 -34.04 -62.73
C ARG L 444 47.06 -33.23 -63.98
N GLY L 445 45.76 -32.95 -64.16
CA GLY L 445 45.37 -32.01 -65.19
C GLY L 445 45.96 -30.63 -64.98
N ASP L 446 46.11 -30.21 -63.72
CA ASP L 446 46.76 -28.94 -63.44
C ASP L 446 48.25 -28.97 -63.79
N ASP L 447 48.90 -30.11 -63.62
CA ASP L 447 50.29 -30.26 -64.04
C ASP L 447 50.41 -30.15 -65.57
N ARG L 448 49.51 -30.82 -66.28
CA ARG L 448 49.45 -30.67 -67.73
C ARG L 448 49.22 -29.22 -68.12
N ASN L 449 48.31 -28.55 -67.41
CA ASN L 449 48.02 -27.14 -67.69
C ASN L 449 49.23 -26.26 -67.39
N LYS L 450 49.99 -26.60 -66.35
CA LYS L 450 51.20 -25.83 -66.04
C LYS L 450 52.23 -25.98 -67.14
N LEU L 451 52.43 -27.21 -67.65
CA LEU L 451 53.36 -27.40 -68.75
C LEU L 451 52.91 -26.62 -69.99
N ILE L 452 51.63 -26.74 -70.33
CA ILE L 452 51.11 -26.07 -71.52
C ILE L 452 51.16 -24.55 -71.34
N ASP L 453 50.91 -24.07 -70.12
CA ASP L 453 50.94 -22.64 -69.87
C ASP L 453 52.36 -22.10 -69.92
N PHE L 454 53.34 -22.89 -69.46
CA PHE L 454 54.73 -22.50 -69.62
C PHE L 454 55.09 -22.40 -71.10
N ILE L 455 54.64 -23.37 -71.90
CA ILE L 455 54.90 -23.33 -73.33
C ILE L 455 54.25 -22.11 -73.96
N THR L 456 53.00 -21.84 -73.60
CA THR L 456 52.27 -20.71 -74.15
C THR L 456 52.89 -19.38 -73.73
N THR L 457 53.33 -19.27 -72.48
CA THR L 457 53.98 -18.06 -72.02
C THR L 457 55.30 -17.82 -72.75
N ALA L 458 56.07 -18.89 -72.98
CA ALA L 458 57.27 -18.75 -73.78
C ALA L 458 56.94 -18.29 -75.19
N ASN L 459 55.90 -18.88 -75.80
CA ASN L 459 55.51 -18.48 -77.15
C ASN L 459 55.09 -17.02 -77.19
N GLN L 460 54.34 -16.57 -76.18
CA GLN L 460 53.94 -15.16 -76.11
C GLN L 460 55.16 -14.26 -75.98
N ALA L 461 56.11 -14.64 -75.12
CA ALA L 461 57.29 -13.81 -74.90
C ALA L 461 58.17 -13.72 -76.14
N LEU L 462 58.25 -14.80 -76.92
CA LEU L 462 59.21 -14.86 -78.01
C LEU L 462 58.53 -14.70 -79.37
N GLY L 463 57.30 -15.19 -79.53
CA GLY L 463 56.52 -14.93 -80.71
C GLY L 463 56.75 -15.93 -81.83
N PRO L 464 56.39 -15.55 -83.06
CA PRO L 464 56.78 -16.37 -84.22
C PRO L 464 58.24 -16.79 -84.21
N GLN L 465 59.14 -15.92 -83.74
CA GLN L 465 60.56 -16.25 -83.72
C GLN L 465 60.88 -17.34 -82.69
N ALA L 466 59.91 -17.73 -81.87
CA ALA L 466 60.17 -18.73 -80.83
C ALA L 466 60.69 -20.03 -81.43
N MET L 467 60.04 -20.50 -82.49
CA MET L 467 60.10 -21.90 -82.92
C MET L 467 61.52 -22.37 -83.35
N THR L 468 62.58 -21.65 -82.98
CA THR L 468 63.95 -21.95 -83.39
C THR L 468 64.73 -22.88 -82.47
N GLN L 469 65.05 -22.50 -81.21
CA GLN L 469 66.12 -23.25 -80.53
C GLN L 469 66.02 -23.52 -79.02
N PHE L 470 64.93 -23.22 -78.30
CA PHE L 470 64.78 -23.68 -76.91
C PHE L 470 63.61 -24.63 -76.68
N LEU L 471 62.36 -24.20 -76.87
CA LEU L 471 61.18 -24.90 -76.36
C LEU L 471 60.32 -25.42 -77.51
N ASN L 472 60.17 -26.74 -77.58
CA ASN L 472 59.68 -27.38 -78.79
C ASN L 472 58.19 -27.13 -79.00
N VAL L 473 57.80 -26.93 -80.27
CA VAL L 473 56.39 -26.67 -80.59
C VAL L 473 55.57 -27.96 -80.59
N GLU L 474 56.20 -29.10 -80.26
CA GLU L 474 55.54 -30.31 -79.80
C GLU L 474 54.61 -30.97 -80.84
N GLU L 475 54.52 -30.43 -82.06
CA GLU L 475 54.12 -31.21 -83.25
C GLU L 475 52.92 -32.13 -83.08
N ALA L 476 51.69 -31.62 -82.95
CA ALA L 476 50.58 -32.52 -82.62
C ALA L 476 49.85 -33.13 -83.83
N LEU L 477 50.28 -34.29 -84.36
CA LEU L 477 49.38 -35.19 -85.11
C LEU L 477 49.57 -36.68 -84.79
N ARG L 478 50.81 -37.15 -84.58
CA ARG L 478 51.11 -38.59 -84.63
C ARG L 478 51.08 -39.25 -83.26
N ARG L 479 51.99 -38.85 -82.36
CA ARG L 479 52.33 -39.63 -81.17
C ARG L 479 51.26 -39.57 -80.08
N LEU L 480 50.78 -38.37 -79.73
CA LEU L 480 49.69 -38.28 -78.77
C LEU L 480 48.42 -38.94 -79.27
N ALA L 481 48.30 -39.19 -80.58
CA ALA L 481 47.26 -40.08 -81.08
C ALA L 481 47.53 -41.52 -80.65
N ALA L 482 48.80 -41.86 -80.47
CA ALA L 482 49.19 -43.14 -79.88
C ALA L 482 49.33 -43.07 -78.36
N SER L 483 49.32 -41.86 -77.79
CA SER L 483 49.30 -41.68 -76.35
C SER L 483 47.85 -41.68 -75.89
N GLY L 484 47.61 -42.19 -74.69
CA GLY L 484 46.26 -42.53 -74.32
C GLY L 484 45.67 -43.58 -75.22
N SER L 485 46.49 -44.55 -75.66
CA SER L 485 46.14 -45.60 -76.61
C SER L 485 45.86 -45.04 -78.00
N ILE L 486 45.10 -45.79 -78.80
CA ILE L 486 44.86 -45.54 -80.22
C ILE L 486 46.20 -45.57 -80.96
N ASP L 487 46.16 -45.78 -82.28
CA ASP L 487 47.38 -45.87 -83.06
C ASP L 487 47.61 -44.60 -83.87
N THR L 488 48.79 -44.52 -84.48
CA THR L 488 49.15 -43.43 -85.36
C THR L 488 48.53 -43.67 -86.75
N THR L 489 49.01 -42.94 -87.76
CA THR L 489 48.54 -43.00 -89.14
C THR L 489 47.15 -42.40 -89.27
N ASN L 490 46.30 -43.04 -90.08
CA ASN L 490 44.96 -42.55 -90.40
C ASN L 490 45.08 -41.23 -91.17
N LEU L 491 44.96 -40.09 -90.49
CA LEU L 491 45.33 -38.83 -91.13
C LEU L 491 46.79 -38.80 -91.53
N VAL L 492 47.65 -39.37 -90.70
CA VAL L 492 49.08 -39.11 -90.80
C VAL L 492 49.59 -39.57 -92.16
N LYS L 493 50.02 -38.61 -92.98
CA LYS L 493 50.79 -38.95 -94.16
C LYS L 493 52.12 -39.49 -93.66
N THR L 494 52.28 -40.81 -93.68
CA THR L 494 53.46 -41.42 -93.06
C THR L 494 54.73 -40.86 -93.68
N LYS L 495 55.81 -40.88 -92.89
CA LYS L 495 57.09 -40.39 -93.39
C LYS L 495 57.46 -41.06 -94.71
N ALA L 496 57.18 -42.35 -94.84
CA ALA L 496 57.37 -43.01 -96.13
C ALA L 496 56.45 -42.43 -97.20
N GLN L 497 55.16 -42.27 -96.87
CA GLN L 497 54.23 -41.70 -97.85
C GLN L 497 54.56 -40.25 -98.15
N LEU L 498 54.94 -39.46 -97.13
CA LEU L 498 55.30 -38.08 -97.38
C LEU L 498 56.54 -37.98 -98.27
N GLN L 499 57.54 -38.84 -98.03
CA GLN L 499 58.72 -38.85 -98.88
C GLN L 499 58.37 -39.27 -100.31
N GLN L 500 57.49 -40.26 -100.46
CA GLN L 500 57.07 -40.69 -101.78
C GLN L 500 56.37 -39.56 -102.53
N GLU L 501 55.46 -38.86 -101.85
CA GLU L 501 54.75 -37.76 -102.50
C GLU L 501 55.68 -36.59 -102.79
N ALA L 502 56.64 -36.32 -101.92
CA ALA L 502 57.64 -35.29 -102.20
C ALA L 502 58.47 -35.65 -103.42
N ALA L 503 58.85 -36.92 -103.55
CA ALA L 503 59.58 -37.37 -104.72
C ALA L 503 58.74 -37.24 -105.98
N ALA L 504 57.45 -37.58 -105.90
CA ALA L 504 56.56 -37.43 -107.04
C ALA L 504 56.43 -35.96 -107.44
N GLN L 505 56.29 -35.07 -106.45
CA GLN L 505 56.22 -33.64 -106.73
C GLN L 505 57.51 -33.14 -107.38
N ALA L 506 58.65 -33.60 -106.86
CA ALA L 506 59.94 -33.20 -107.44
C ALA L 506 60.07 -33.68 -108.88
N GLU L 507 59.64 -34.91 -109.16
CA GLU L 507 59.68 -35.42 -110.52
C GLU L 507 58.75 -34.63 -111.44
N ALA L 508 57.55 -34.29 -110.94
CA ALA L 508 56.63 -33.50 -111.75
C ALA L 508 57.18 -32.12 -112.07
N GLU L 509 57.76 -31.45 -111.07
CA GLU L 509 58.30 -30.12 -111.34
C GLU L 509 59.55 -30.19 -112.20
N GLN L 510 60.33 -31.27 -112.10
CA GLN L 510 61.46 -31.45 -113.01
C GLN L 510 60.96 -31.67 -114.45
N GLN L 511 59.90 -32.46 -114.62
CA GLN L 511 59.29 -32.61 -115.94
C GLN L 511 58.82 -31.27 -116.46
N ALA L 512 58.27 -30.43 -115.58
CA ALA L 512 57.94 -29.07 -115.97
C ALA L 512 59.19 -28.32 -116.45
N GLN L 513 60.28 -28.45 -115.69
CA GLN L 513 61.55 -27.86 -116.12
C GLN L 513 62.14 -28.59 -117.32
N GLN L 514 61.96 -29.92 -117.38
CA GLN L 514 62.42 -30.67 -118.54
C GLN L 514 61.70 -30.18 -119.79
N GLN L 515 62.47 -29.94 -120.85
CA GLN L 515 61.98 -29.38 -122.11
C GLN L 515 61.10 -28.15 -121.87
N GLN L 516 61.50 -27.37 -120.86
CA GLN L 516 60.77 -26.17 -120.47
C GLN L 516 60.56 -25.27 -121.68
N LEU L 517 59.29 -25.12 -122.09
CA LEU L 517 58.96 -24.54 -123.38
C LEU L 517 59.79 -25.20 -124.47
N LEU L 518 60.84 -24.51 -124.90
CA LEU L 518 61.77 -24.99 -125.92
C LEU L 518 61.05 -25.20 -127.25
N GLU L 519 60.19 -26.23 -127.33
CA GLU L 519 59.64 -26.68 -128.61
C GLU L 519 58.92 -25.57 -129.35
N THR L 520 58.34 -24.62 -128.61
CA THR L 520 57.78 -23.42 -129.19
C THR L 520 58.46 -22.15 -128.72
N GLY L 521 59.12 -22.18 -127.57
CA GLY L 521 59.73 -20.98 -127.04
C GLY L 521 61.01 -20.58 -127.74
N ILE L 522 61.60 -21.50 -128.49
CA ILE L 522 62.91 -21.25 -129.10
C ILE L 522 62.84 -20.02 -130.01
N LYS L 523 64.00 -19.41 -130.24
CA LYS L 523 64.14 -18.17 -130.99
C LYS L 523 63.33 -18.15 -132.29
N SER L 524 63.65 -19.05 -133.21
CA SER L 524 62.97 -19.21 -134.48
C SER L 524 63.30 -20.60 -134.99
N PRO L 525 62.50 -21.16 -135.90
CA PRO L 525 62.74 -22.56 -136.29
C PRO L 525 63.99 -22.70 -137.15
N ALA L 526 65.12 -22.18 -136.64
CA ALA L 526 66.39 -22.37 -137.32
C ALA L 526 66.74 -23.86 -137.39
N MET L 527 66.50 -24.59 -136.30
CA MET L 527 66.75 -26.03 -136.31
C MET L 527 65.85 -26.74 -137.31
N ALA L 528 64.57 -26.35 -137.38
CA ALA L 528 63.66 -26.98 -138.33
C ALA L 528 64.08 -26.70 -139.77
N GLN L 529 64.45 -25.46 -140.06
CA GLN L 529 64.89 -25.11 -141.42
C GLN L 529 66.18 -25.83 -141.76
N ALA L 530 67.10 -25.93 -140.80
CA ALA L 530 68.33 -26.68 -141.02
C ALA L 530 68.03 -28.15 -141.29
N VAL L 531 67.09 -28.73 -140.54
CA VAL L 531 66.70 -30.12 -140.78
C VAL L 531 66.17 -30.28 -142.19
N LYS L 532 65.31 -29.34 -142.62
CA LYS L 532 64.80 -29.39 -143.99
C LYS L 532 65.92 -29.32 -145.01
N ASN L 533 66.89 -28.43 -144.79
CA ASN L 533 68.00 -28.28 -145.74
C ASN L 533 68.85 -29.54 -145.77
N PHE L 534 69.00 -30.21 -144.62
CA PHE L 534 69.66 -31.50 -144.59
C PHE L 534 68.87 -32.52 -145.42
N GLN L 535 67.55 -32.47 -145.32
CA GLN L 535 66.70 -33.41 -146.06
C GLN L 535 66.81 -33.19 -147.56
N GLY L 536 66.68 -31.94 -147.99
CA GLY L 536 66.71 -31.61 -149.41
C GLY L 536 68.04 -31.88 -150.07
N ALA L 537 69.13 -31.47 -149.41
CA ALA L 537 70.46 -31.60 -149.99
C ALA L 537 71.12 -32.93 -149.63
N ASP L 538 71.06 -33.90 -150.56
CA ASP L 538 71.80 -35.16 -150.61
C ASP L 538 72.00 -35.75 -149.21
N PRO L 539 70.95 -36.29 -148.60
CA PRO L 539 70.97 -36.63 -147.16
C PRO L 539 72.18 -37.43 -146.69
N GLU L 540 72.95 -38.05 -147.59
CA GLU L 540 74.19 -38.68 -147.15
C GLU L 540 75.19 -37.63 -146.67
N ARG L 541 75.30 -36.51 -147.39
CA ARG L 541 76.14 -35.41 -146.91
C ARG L 541 75.53 -34.79 -145.66
N ALA L 542 74.20 -34.84 -145.53
CA ALA L 542 73.57 -34.43 -144.29
C ALA L 542 74.00 -35.32 -143.12
N ALA L 543 74.11 -36.63 -143.35
CA ALA L 543 74.58 -37.53 -142.31
C ALA L 543 76.04 -37.26 -141.97
N GLN L 544 76.87 -36.98 -142.98
CA GLN L 544 78.28 -36.68 -142.69
C GLN L 544 78.41 -35.34 -141.96
N ALA L 545 77.51 -34.39 -142.26
CA ALA L 545 77.49 -33.13 -141.52
C ALA L 545 76.99 -33.33 -140.09
N LEU L 546 76.06 -34.26 -139.88
CA LEU L 546 75.66 -34.61 -138.51
C LEU L 546 76.81 -35.29 -137.76
N SER L 547 77.62 -36.07 -138.47
CA SER L 547 78.83 -36.60 -137.87
C SER L 547 79.79 -35.49 -137.48
N ALA L 548 79.92 -34.47 -138.33
CA ALA L 548 80.72 -33.29 -137.97
C ALA L 548 80.13 -32.58 -136.75
N ILE L 549 78.79 -32.53 -136.66
CA ILE L 549 78.14 -31.97 -135.49
C ILE L 549 78.54 -32.73 -134.24
N THR L 550 78.44 -34.06 -134.29
CA THR L 550 78.83 -34.90 -133.16
C THR L 550 80.35 -34.89 -132.95
N SER L 551 81.11 -34.36 -133.90
CA SER L 551 82.54 -34.14 -133.71
C SER L 551 82.85 -32.83 -133.02
N GLU L 552 82.05 -31.78 -133.26
CA GLU L 552 82.18 -30.55 -132.49
C GLU L 552 81.96 -30.81 -131.00
N THR L 553 81.16 -31.81 -130.67
CA THR L 553 80.89 -32.27 -129.33
C THR L 553 81.39 -33.72 -129.22
N GLY L 554 81.02 -34.39 -128.14
CA GLY L 554 81.35 -35.81 -128.03
C GLY L 554 80.89 -36.41 -126.73
N GLY L 555 81.36 -37.64 -126.49
CA GLY L 555 81.06 -38.35 -125.27
C GLY L 555 79.61 -38.77 -125.14
N ILE L 556 78.95 -38.99 -126.28
CA ILE L 556 77.56 -39.44 -126.31
C ILE L 556 77.43 -40.52 -127.37
N ASP L 557 76.84 -41.65 -127.00
CA ASP L 557 76.63 -42.74 -127.95
C ASP L 557 75.59 -42.36 -128.98
N ALA L 558 75.93 -42.55 -130.26
CA ALA L 558 74.96 -42.31 -131.33
C ALA L 558 73.84 -43.34 -131.33
N ASP L 559 74.04 -44.48 -130.68
CA ASP L 559 72.98 -45.48 -130.56
C ASP L 559 71.86 -45.00 -129.66
N GLN L 560 72.09 -43.96 -128.85
CA GLN L 560 71.01 -43.33 -128.10
C GLN L 560 70.19 -42.38 -128.96
N LEU L 561 70.72 -41.96 -130.11
CA LEU L 561 69.95 -41.10 -131.00
C LEU L 561 68.84 -41.86 -131.70
N THR L 562 69.00 -43.17 -131.88
CA THR L 562 68.00 -44.00 -132.55
C THR L 562 67.03 -44.67 -131.57
N GLU L 563 66.77 -44.04 -130.43
CA GLU L 563 65.79 -44.54 -129.47
C GLU L 563 64.80 -43.45 -129.05
N ALA L 564 64.83 -42.31 -129.75
CA ALA L 564 63.94 -41.20 -129.43
C ALA L 564 62.65 -41.29 -130.24
N MET M 1 -8.98 22.19 22.96
CA MET M 1 -10.18 22.96 23.29
C MET M 1 -11.45 22.13 23.15
N PRO M 2 -11.94 21.61 24.27
CA PRO M 2 -13.29 21.02 24.28
C PRO M 2 -14.34 22.08 24.57
N LEU M 3 -15.30 22.22 23.66
CA LEU M 3 -16.43 23.16 23.85
C LEU M 3 -17.51 22.39 24.58
N ILE M 4 -17.56 22.57 25.90
CA ILE M 4 -18.33 21.72 26.80
C ILE M 4 -19.11 22.56 27.80
N SER M 5 -20.16 21.96 28.35
CA SER M 5 -21.19 22.69 29.09
C SER M 5 -21.65 21.90 30.31
N SER M 6 -22.15 22.64 31.30
CA SER M 6 -22.83 22.09 32.46
C SER M 6 -24.18 22.77 32.60
N SER M 7 -24.85 22.52 33.73
CA SER M 7 -26.14 23.10 34.01
C SER M 7 -26.25 23.42 35.50
N ILE M 8 -27.16 24.34 35.82
CA ILE M 8 -27.44 24.72 37.20
C ILE M 8 -28.73 24.02 37.62
N PRO M 9 -28.69 23.02 38.49
CA PRO M 9 -29.90 22.24 38.77
C PRO M 9 -31.01 23.03 39.44
N ASN M 10 -30.72 23.78 40.50
CA ASN M 10 -31.75 24.46 41.26
C ASN M 10 -31.35 25.91 41.52
N LEU M 11 -32.35 26.76 41.73
CA LEU M 11 -32.18 28.17 42.02
C LEU M 11 -32.80 28.54 43.36
N ILE M 12 -32.80 27.61 44.31
CA ILE M 12 -33.59 27.75 45.52
C ILE M 12 -32.69 27.81 46.75
N ASN M 13 -31.50 28.39 46.60
CA ASN M 13 -30.52 28.36 47.68
C ASN M 13 -30.14 29.74 48.22
N GLY M 14 -30.74 30.81 47.72
CA GLY M 14 -30.59 32.10 48.36
C GLY M 14 -29.25 32.79 48.14
N VAL M 15 -28.95 33.70 49.06
CA VAL M 15 -27.84 34.64 48.94
C VAL M 15 -26.74 34.27 49.91
N SER M 16 -25.49 34.45 49.48
CA SER M 16 -24.32 34.15 50.29
C SER M 16 -23.33 35.30 50.20
N GLN M 17 -22.52 35.44 51.25
CA GLN M 17 -21.50 36.48 51.32
C GLN M 17 -20.09 35.92 51.17
N GLN M 18 -19.95 34.61 50.96
CA GLN M 18 -18.63 34.01 50.84
C GLN M 18 -17.97 34.45 49.53
N PRO M 19 -16.65 34.34 49.44
CA PRO M 19 -15.98 34.57 48.16
C PRO M 19 -16.44 33.56 47.13
N ALA M 20 -16.39 33.97 45.87
CA ALA M 20 -16.96 33.16 44.80
C ALA M 20 -16.26 31.83 44.61
N ALA M 21 -15.07 31.66 45.16
CA ALA M 21 -14.31 30.44 44.96
C ALA M 21 -14.60 29.37 46.01
N LEU M 22 -15.45 29.65 46.99
CA LEU M 22 -15.77 28.68 48.03
C LEU M 22 -17.25 28.35 48.10
N ARG M 23 -18.10 29.03 47.34
CA ARG M 23 -19.52 28.78 47.40
C ARG M 23 -19.88 27.52 46.63
N LEU M 24 -21.06 26.98 46.92
CA LEU M 24 -21.73 26.11 45.96
C LEU M 24 -22.16 26.97 44.79
N ALA M 25 -21.93 26.48 43.56
CA ALA M 25 -22.30 27.26 42.38
C ALA M 25 -23.80 27.54 42.35
N SER M 26 -24.60 26.76 43.06
CA SER M 26 -26.03 26.99 43.12
C SER M 26 -26.35 28.34 43.77
N GLN M 27 -25.61 28.70 44.82
CA GLN M 27 -25.92 29.89 45.59
C GLN M 27 -25.81 31.15 44.73
N ALA M 28 -26.71 32.10 44.99
CA ALA M 28 -26.80 33.32 44.20
C ALA M 28 -25.94 34.41 44.83
N GLU M 29 -26.12 35.65 44.36
CA GLU M 29 -25.38 36.80 44.85
C GLU M 29 -26.27 37.86 45.47
N GLU M 30 -27.36 38.22 44.80
CA GLU M 30 -28.30 39.20 45.32
C GLU M 30 -29.72 38.76 44.98
N VAL M 31 -30.57 38.64 45.99
CA VAL M 31 -31.95 38.22 45.81
C VAL M 31 -32.86 39.27 46.43
N ILE M 32 -33.83 39.76 45.65
CA ILE M 32 -34.78 40.75 46.11
C ILE M 32 -36.16 40.39 45.58
N ASN M 33 -37.15 40.39 46.47
CA ASN M 33 -38.55 40.21 46.09
C ASN M 33 -38.81 38.89 45.37
N CYS M 34 -38.03 37.86 45.70
CA CYS M 34 -38.28 36.51 45.21
C CYS M 34 -38.81 35.64 46.34
N MET M 35 -39.53 34.59 45.96
CA MET M 35 -40.07 33.61 46.90
C MET M 35 -39.62 32.24 46.42
N PRO M 36 -38.40 31.83 46.78
CA PRO M 36 -37.90 30.53 46.33
C PRO M 36 -38.61 29.40 47.08
N SER M 37 -39.29 28.53 46.34
CA SER M 37 -40.01 27.42 46.92
C SER M 37 -39.64 26.14 46.19
N PRO M 38 -39.69 24.99 46.89
CA PRO M 38 -39.35 23.73 46.23
C PRO M 38 -40.47 23.15 45.38
N VAL M 39 -41.67 23.72 45.42
CA VAL M 39 -42.78 23.19 44.64
C VAL M 39 -42.88 23.81 43.25
N GLU M 40 -42.36 25.02 43.06
CA GLU M 40 -42.39 25.65 41.75
C GLU M 40 -41.13 26.43 41.41
N GLY M 41 -40.09 26.39 42.23
CA GLY M 41 -38.83 27.02 41.89
C GLY M 41 -38.79 28.46 42.32
N LEU M 42 -38.26 29.32 41.44
CA LEU M 42 -38.14 30.75 41.70
C LEU M 42 -39.33 31.46 41.10
N LYS M 43 -39.91 32.40 41.85
CA LYS M 43 -41.06 33.13 41.37
C LYS M 43 -41.11 34.50 42.03
N LYS M 44 -41.87 35.40 41.41
CA LYS M 44 -42.04 36.73 41.96
C LYS M 44 -42.88 36.67 43.24
N ARG M 45 -42.58 37.56 44.18
CA ARG M 45 -43.19 37.46 45.50
C ARG M 45 -44.68 37.75 45.43
N PRO M 46 -45.45 37.20 46.38
CA PRO M 46 -46.89 37.44 46.36
C PRO M 46 -47.20 38.91 46.61
N PRO M 47 -48.34 39.40 46.11
CA PRO M 47 -48.68 40.80 46.29
C PRO M 47 -49.14 41.08 47.71
N MET M 48 -49.20 42.37 48.04
CA MET M 48 -49.61 42.82 49.37
C MET M 48 -50.90 43.61 49.23
N GLN M 49 -51.95 43.14 49.91
CA GLN M 49 -53.28 43.73 49.77
C GLN M 49 -53.52 44.78 50.85
N HIS M 50 -54.69 45.41 50.77
CA HIS M 50 -55.08 46.47 51.68
C HIS M 50 -56.41 46.13 52.34
N ILE M 51 -56.56 46.57 53.60
CA ILE M 51 -57.75 46.21 54.37
C ILE M 51 -58.51 47.44 54.81
N LYS M 52 -57.89 48.27 55.66
CA LYS M 52 -58.56 49.45 56.20
C LYS M 52 -57.57 50.25 57.03
N LYS M 53 -57.91 51.52 57.26
CA LYS M 53 -57.13 52.38 58.13
C LYS M 53 -57.54 52.17 59.57
N LEU M 54 -56.56 52.04 60.47
CA LEU M 54 -56.86 51.85 61.88
C LEU M 54 -57.24 53.16 62.55
N PHE M 55 -56.34 54.15 62.52
CA PHE M 55 -56.60 55.42 63.17
C PHE M 55 -55.68 56.48 62.59
N ALA M 56 -56.12 57.74 62.68
CA ALA M 56 -55.36 58.85 62.16
C ALA M 56 -54.18 59.17 63.08
N GLY M 57 -53.30 60.04 62.59
CA GLY M 57 -52.12 60.42 63.34
C GLY M 57 -51.04 59.37 63.26
N SER M 58 -49.97 59.60 64.02
CA SER M 58 -48.84 58.69 64.08
C SER M 58 -48.93 57.80 65.31
N ALA M 59 -48.06 56.80 65.36
CA ALA M 59 -48.06 55.81 66.42
C ALA M 59 -47.06 56.11 67.53
N GLY M 60 -46.37 57.24 67.47
CA GLY M 60 -45.38 57.60 68.46
C GLY M 60 -43.98 57.23 68.03
N THR M 61 -43.01 57.75 68.78
CA THR M 61 -41.60 57.53 68.44
C THR M 61 -41.20 56.07 68.63
N GLY M 62 -41.76 55.40 69.64
CA GLY M 62 -41.44 54.01 69.87
C GLY M 62 -42.24 53.07 68.97
N ARG M 63 -41.67 51.90 68.73
CA ARG M 63 -42.34 50.89 67.92
C ARG M 63 -43.44 50.22 68.75
N PRO M 64 -44.68 50.20 68.28
CA PRO M 64 -45.75 49.62 69.09
C PRO M 64 -45.63 48.11 69.19
N PHE M 65 -46.19 47.56 70.27
CA PHE M 65 -46.16 46.13 70.54
C PHE M 65 -47.48 45.52 70.12
N THR M 66 -47.42 44.52 69.25
CA THR M 66 -48.61 43.92 68.65
C THR M 66 -48.65 42.43 68.93
N HIS M 67 -49.83 41.93 69.28
CA HIS M 67 -50.08 40.51 69.45
C HIS M 67 -51.45 40.17 68.89
N ILE M 68 -51.64 38.91 68.52
CA ILE M 68 -52.89 38.44 67.94
C ILE M 68 -53.32 37.19 68.70
N VAL M 69 -54.63 37.10 68.97
CA VAL M 69 -55.20 36.00 69.75
C VAL M 69 -56.21 35.27 68.88
N ASP M 70 -56.08 33.94 68.82
CA ASP M 70 -57.00 33.09 68.08
C ASP M 70 -57.68 32.18 69.08
N ARG M 71 -58.96 32.45 69.36
CA ARG M 71 -59.66 31.75 70.43
C ARG M 71 -60.29 30.44 69.96
N ASP M 72 -61.21 30.51 68.99
CA ASP M 72 -61.97 29.33 68.61
C ASP M 72 -62.13 29.19 67.11
N GLY M 73 -61.41 29.98 66.31
CA GLY M 73 -61.51 29.93 64.87
C GLY M 73 -62.53 30.89 64.28
N VAL M 74 -63.45 31.40 65.09
CA VAL M 74 -64.40 32.41 64.63
C VAL M 74 -64.28 33.72 65.39
N ILE M 75 -63.52 33.76 66.48
CA ILE M 75 -63.31 34.97 67.27
C ILE M 75 -61.83 35.29 67.24
N ARG M 76 -61.49 36.48 66.75
CA ARG M 76 -60.11 36.91 66.67
C ARG M 76 -60.04 38.41 66.92
N TYR M 77 -58.92 38.86 67.50
CA TYR M 77 -58.74 40.28 67.74
C TYR M 77 -57.27 40.58 67.90
N LEU M 78 -56.90 41.81 67.54
CA LEU M 78 -55.52 42.29 67.69
C LEU M 78 -55.40 43.07 68.99
N ILE M 79 -54.19 43.01 69.58
CA ILE M 79 -53.88 43.74 70.80
C ILE M 79 -52.83 44.78 70.46
N PHE M 80 -53.11 46.03 70.76
CA PHE M 80 -52.25 47.15 70.41
C PHE M 80 -51.95 47.95 71.67
N ILE M 81 -50.69 47.94 72.09
CA ILE M 81 -50.25 48.63 73.30
C ILE M 81 -49.07 49.52 72.96
N GLN M 82 -49.17 50.80 73.31
CA GLN M 82 -48.05 51.71 73.13
C GLN M 82 -48.28 52.97 73.96
N ASP M 83 -47.23 53.40 74.66
CA ASP M 83 -47.12 54.72 75.28
C ASP M 83 -48.40 55.10 76.03
N ASN M 84 -48.67 54.35 77.09
CA ASN M 84 -49.71 54.69 78.07
C ASN M 84 -51.10 54.43 77.52
N ALA M 85 -51.19 54.05 76.24
CA ALA M 85 -52.47 53.77 75.60
C ALA M 85 -52.53 52.31 75.17
N ILE M 86 -53.74 51.76 75.20
CA ILE M 86 -54.00 50.39 74.78
C ILE M 86 -55.26 50.35 73.93
N LYS M 87 -55.18 49.72 72.77
CA LYS M 87 -56.31 49.66 71.84
C LYS M 87 -56.45 48.24 71.32
N VAL M 88 -57.67 47.91 70.88
CA VAL M 88 -58.01 46.58 70.38
C VAL M 88 -58.72 46.71 69.05
N PHE M 89 -58.36 45.86 68.10
CA PHE M 89 -59.02 45.80 66.79
C PHE M 89 -59.33 44.36 66.44
N ASP M 90 -60.19 44.18 65.45
CA ASP M 90 -60.46 42.88 64.87
C ASP M 90 -59.79 42.78 63.51
N LEU M 91 -59.90 41.60 62.88
CA LEU M 91 -59.18 41.38 61.63
C LEU M 91 -59.76 42.15 60.45
N ASP M 92 -60.92 42.78 60.62
CA ASP M 92 -61.48 43.63 59.57
C ASP M 92 -61.30 45.12 59.88
N GLY M 93 -60.53 45.46 60.91
CA GLY M 93 -60.24 46.85 61.20
C GLY M 93 -61.33 47.61 61.92
N ASN M 94 -62.34 46.93 62.45
CA ASN M 94 -63.41 47.58 63.19
C ASN M 94 -63.03 47.60 64.66
N ALA M 95 -62.78 48.79 65.19
CA ALA M 95 -62.29 48.93 66.56
C ALA M 95 -63.35 48.53 67.57
N GLN M 96 -62.90 47.96 68.69
CA GLN M 96 -63.76 47.58 69.79
C GLN M 96 -63.44 48.44 71.00
N THR M 97 -64.48 48.92 71.68
CA THR M 97 -64.29 49.82 72.81
C THR M 97 -63.62 49.11 73.98
N VAL M 98 -62.79 49.83 74.70
CA VAL M 98 -62.08 49.32 75.87
C VAL M 98 -62.34 50.24 77.05
N SER M 99 -62.72 49.66 78.18
CA SER M 99 -63.02 50.41 79.39
C SER M 99 -61.86 50.27 80.37
N THR M 100 -61.48 51.37 81.02
CA THR M 100 -60.34 51.43 81.93
C THR M 100 -60.81 51.98 83.28
N PRO M 101 -61.38 51.14 84.15
CA PRO M 101 -61.86 51.65 85.44
C PRO M 101 -60.76 52.24 86.32
N ASN M 102 -59.55 51.68 86.28
CA ASN M 102 -58.48 52.09 87.18
C ASN M 102 -57.46 53.01 86.53
N GLY M 103 -57.69 53.45 85.30
CA GLY M 103 -56.73 54.29 84.62
C GLY M 103 -55.59 53.49 84.02
N THR M 104 -54.73 54.20 83.29
CA THR M 104 -53.62 53.58 82.57
C THR M 104 -52.26 54.05 83.08
N SER M 105 -52.18 54.41 84.36
CA SER M 105 -50.90 54.82 84.93
C SER M 105 -49.90 53.68 84.95
N TYR M 106 -50.35 52.44 84.92
CA TYR M 106 -49.45 51.29 84.90
C TYR M 106 -48.67 51.18 83.60
N LEU M 107 -49.14 51.82 82.53
CA LEU M 107 -48.54 51.68 81.21
C LEU M 107 -47.55 52.78 80.88
N ASN M 108 -47.29 53.71 81.80
CA ASN M 108 -46.29 54.74 81.55
C ASN M 108 -44.91 54.11 81.44
N ILE M 109 -44.13 54.57 80.46
CA ILE M 109 -42.92 53.87 80.05
C ILE M 109 -41.95 54.89 79.47
N THR M 110 -40.66 54.53 79.46
CA THR M 110 -39.62 55.34 78.85
C THR M 110 -38.85 54.63 77.74
N GLY M 111 -38.83 53.30 77.73
CA GLY M 111 -38.10 52.55 76.72
C GLY M 111 -38.98 52.14 75.56
N GLU M 112 -38.53 51.10 74.85
CA GLU M 112 -39.29 50.59 73.71
C GLU M 112 -40.41 49.68 74.19
N PRO M 113 -41.66 49.98 73.85
CA PRO M 113 -42.75 49.06 74.25
C PRO M 113 -42.59 47.66 73.69
N SER M 114 -42.04 47.53 72.48
CA SER M 114 -41.92 46.21 71.87
C SER M 114 -41.03 45.29 72.70
N SER M 115 -39.94 45.81 73.24
CA SER M 115 -39.03 45.03 74.06
C SER M 115 -39.31 45.20 75.55
N THR M 116 -40.35 45.93 75.92
CA THR M 116 -40.69 46.11 77.33
C THR M 116 -41.94 45.35 77.76
N PHE M 117 -42.95 45.22 76.90
CA PHE M 117 -44.18 44.54 77.28
C PHE M 117 -44.12 43.05 76.96
N ARG M 118 -44.91 42.27 77.69
CA ARG M 118 -44.98 40.83 77.51
C ARG M 118 -46.33 40.33 77.98
N VAL M 119 -46.85 39.31 77.29
CA VAL M 119 -48.23 38.88 77.45
C VAL M 119 -48.28 37.37 77.62
N ALA M 120 -49.37 36.90 78.21
CA ALA M 120 -49.63 35.47 78.39
C ALA M 120 -51.13 35.29 78.54
N SER M 121 -51.72 34.42 77.72
CA SER M 121 -53.17 34.31 77.62
C SER M 121 -53.65 33.00 78.23
N ILE M 122 -54.72 33.07 79.02
CA ILE M 122 -55.33 31.87 79.60
C ILE M 122 -56.82 32.08 79.75
N ALA M 123 -57.60 31.26 79.04
CA ALA M 123 -59.06 31.19 79.19
C ALA M 123 -59.73 32.56 79.16
N ASP M 124 -60.03 33.09 80.34
CA ASP M 124 -60.78 34.34 80.47
C ASP M 124 -59.90 35.54 80.75
N PHE M 125 -58.58 35.39 80.71
CA PHE M 125 -57.68 36.49 81.04
C PHE M 125 -56.51 36.50 80.07
N THR M 126 -55.88 37.67 79.95
CA THR M 126 -54.67 37.85 79.16
C THR M 126 -53.75 38.77 79.96
N PHE M 127 -52.84 38.17 80.73
CA PHE M 127 -51.98 38.93 81.61
C PHE M 127 -51.03 39.82 80.81
N ILE M 128 -50.76 41.01 81.34
CA ILE M 128 -49.81 41.95 80.76
C ILE M 128 -48.75 42.28 81.79
N VAL M 129 -47.49 42.29 81.38
CA VAL M 129 -46.36 42.45 82.28
C VAL M 129 -45.52 43.63 81.82
N ASN M 130 -45.18 44.51 82.76
CA ASN M 130 -44.30 45.64 82.50
C ASN M 130 -42.91 45.29 83.02
N ARG M 131 -41.96 45.09 82.11
CA ARG M 131 -40.63 44.64 82.46
C ARG M 131 -39.77 45.74 83.07
N GLU M 132 -40.34 46.87 83.44
CA GLU M 132 -39.56 47.96 84.01
C GLU M 132 -39.99 48.31 85.43
N LYS M 133 -41.27 48.12 85.76
CA LYS M 133 -41.80 48.50 87.06
C LYS M 133 -41.19 47.65 88.16
N THR M 134 -40.87 48.30 89.29
CA THR M 134 -40.30 47.64 90.45
C THR M 134 -41.40 47.42 91.47
N VAL M 135 -41.76 46.15 91.69
CA VAL M 135 -42.84 45.84 92.62
C VAL M 135 -42.39 46.15 94.04
N ALA M 136 -43.36 46.37 94.92
CA ALA M 136 -43.06 46.74 96.30
C ALA M 136 -44.21 46.32 97.21
N MET M 137 -43.86 45.88 98.41
CA MET M 137 -44.86 45.55 99.40
C MET M 137 -45.62 46.79 99.83
N ASP M 138 -46.90 46.61 100.16
CA ASP M 138 -47.67 47.71 100.73
C ASP M 138 -47.30 47.90 102.19
N THR M 139 -47.18 49.16 102.61
CA THR M 139 -46.78 49.48 103.97
C THR M 139 -47.79 50.34 104.73
N THR M 140 -48.86 50.79 104.09
CA THR M 140 -49.82 51.67 104.76
C THR M 140 -50.97 50.87 105.37
N ASN M 141 -51.71 50.13 104.54
CA ASN M 141 -52.85 49.34 105.00
C ASN M 141 -52.34 48.01 105.54
N LYS M 142 -51.73 48.07 106.72
CA LYS M 142 -51.16 46.89 107.34
C LYS M 142 -52.26 45.96 107.83
N SER M 143 -51.85 44.83 108.41
CA SER M 143 -52.79 43.82 108.88
C SER M 143 -53.38 44.25 110.22
N TYR M 144 -54.06 43.32 110.87
CA TYR M 144 -54.67 43.59 112.16
C TYR M 144 -53.60 43.91 113.21
N ASN M 145 -54.04 44.52 114.30
CA ASN M 145 -53.17 44.81 115.43
C ASN M 145 -53.43 43.83 116.56
N TRP M 146 -52.42 43.67 117.42
CA TRP M 146 -52.54 42.75 118.54
C TRP M 146 -53.68 43.15 119.47
N GLY M 147 -53.70 44.41 119.87
CA GLY M 147 -54.62 44.87 120.90
C GLY M 147 -54.05 44.57 122.27
N THR M 148 -53.97 45.58 123.13
CA THR M 148 -53.39 45.40 124.47
C THR M 148 -54.50 44.93 125.41
N LYS M 149 -54.99 43.73 125.16
CA LYS M 149 -56.05 43.14 125.93
C LYS M 149 -55.66 41.74 126.36
N SER M 150 -56.18 41.32 127.51
CA SER M 150 -55.91 39.99 128.03
C SER M 150 -57.08 39.54 128.89
N MET M 151 -57.17 38.24 129.10
CA MET M 151 -58.24 37.67 129.90
C MET M 151 -57.64 36.68 130.90
N VAL M 152 -58.32 36.55 132.04
CA VAL M 152 -57.94 35.60 133.07
C VAL M 152 -58.99 34.49 133.08
N PHE M 153 -58.53 33.26 132.87
CA PHE M 153 -59.42 32.11 132.75
C PHE M 153 -59.37 31.31 134.05
N ILE M 154 -60.54 31.06 134.63
CA ILE M 154 -60.68 30.23 135.83
C ILE M 154 -61.35 28.93 135.39
N LYS M 155 -60.70 27.81 135.67
CA LYS M 155 -61.18 26.53 135.14
C LYS M 155 -62.14 25.84 136.11
N SER M 156 -61.68 25.55 137.33
CA SER M 156 -62.52 24.89 138.31
C SER M 156 -62.20 25.46 139.70
N ALA M 157 -62.94 24.98 140.69
CA ALA M 157 -62.80 25.45 142.05
C ALA M 157 -62.72 24.26 143.00
N ASP M 158 -62.01 24.46 144.12
CA ASP M 158 -61.82 23.40 145.11
C ASP M 158 -61.88 24.02 146.50
N PHE M 159 -62.27 23.20 147.47
CA PHE M 159 -62.43 23.68 148.84
C PHE M 159 -61.09 24.17 149.41
N SER M 160 -61.16 25.27 150.16
CA SER M 160 -60.01 25.80 150.90
C SER M 160 -58.82 26.07 149.98
N THR M 161 -59.06 26.87 148.94
CA THR M 161 -58.04 27.22 147.97
C THR M 161 -57.94 28.72 147.85
N THR M 162 -56.72 29.24 148.01
CA THR M 162 -56.46 30.67 147.92
C THR M 162 -55.96 30.99 146.52
N TYR M 163 -56.55 32.01 145.91
CA TYR M 163 -56.20 32.42 144.56
C TYR M 163 -55.40 33.72 144.59
N ARG M 164 -54.26 33.72 143.91
CA ARG M 164 -53.39 34.89 143.83
C ARG M 164 -53.26 35.31 142.37
N VAL M 165 -53.46 36.60 142.10
CA VAL M 165 -53.30 37.16 140.77
C VAL M 165 -52.29 38.30 140.85
N LYS M 166 -51.24 38.23 140.03
CA LYS M 166 -50.21 39.24 140.01
C LYS M 166 -50.30 40.03 138.71
N LEU M 167 -50.57 41.33 138.84
CA LEU M 167 -50.65 42.25 137.70
C LEU M 167 -49.75 43.44 137.97
N ASN M 168 -48.80 43.68 137.07
CA ASN M 168 -47.87 44.81 137.18
C ASN M 168 -47.10 44.77 138.49
N GLY M 169 -46.84 43.57 139.00
CA GLY M 169 -46.04 43.40 140.20
C GLY M 169 -46.79 43.44 141.51
N THR M 170 -48.09 43.70 141.49
CA THR M 170 -48.90 43.70 142.70
C THR M 170 -49.79 42.46 142.71
N GLU M 171 -50.10 41.96 143.90
CA GLU M 171 -50.85 40.72 144.06
C GLU M 171 -52.05 40.95 144.96
N LYS M 172 -53.22 40.46 144.52
CA LYS M 172 -54.43 40.43 145.33
C LYS M 172 -54.87 38.98 145.50
N SER M 173 -55.42 38.67 146.66
CA SER M 173 -55.68 37.28 147.04
C SER M 173 -57.11 37.10 147.50
N VAL M 174 -57.66 35.92 147.20
CA VAL M 174 -58.97 35.50 147.69
C VAL M 174 -58.85 34.04 148.14
N THR M 175 -59.36 33.75 149.33
CA THR M 175 -59.35 32.40 149.89
C THR M 175 -60.78 31.86 149.91
N THR M 176 -60.99 30.73 149.25
CA THR M 176 -62.30 30.13 149.22
C THR M 176 -62.58 29.35 150.51
N GLY M 177 -63.85 28.98 150.69
CA GLY M 177 -64.25 28.26 151.88
C GLY M 177 -63.79 26.81 151.86
N ASN M 178 -63.87 26.19 153.03
CA ASN M 178 -63.47 24.80 153.20
C ASN M 178 -64.62 23.88 152.76
N SER M 179 -64.48 22.58 153.08
CA SER M 179 -65.52 21.63 152.72
C SER M 179 -66.83 21.90 153.46
N SER M 180 -66.74 22.47 154.66
CA SER M 180 -67.95 22.76 155.42
C SER M 180 -68.75 23.93 154.84
N GLY M 181 -68.12 24.75 154.00
CA GLY M 181 -68.79 25.87 153.37
C GLY M 181 -69.52 25.47 152.11
N SER M 182 -70.00 26.50 151.40
CA SER M 182 -70.70 26.28 150.14
C SER M 182 -69.73 25.82 149.05
N ALA M 183 -70.27 25.24 148.01
CA ALA M 183 -69.45 24.79 146.89
C ALA M 183 -68.88 25.99 146.15
N PRO M 184 -67.56 26.12 146.03
CA PRO M 184 -66.99 27.28 145.33
C PRO M 184 -67.29 27.22 143.85
N ASP M 185 -67.39 28.40 143.24
CA ASP M 185 -67.69 28.50 141.82
C ASP M 185 -66.79 29.51 141.15
N THR M 186 -66.36 29.16 139.93
CA THR M 186 -65.47 30.01 139.16
C THR M 186 -66.09 31.38 138.92
N VAL M 187 -67.42 31.43 138.76
CA VAL M 187 -68.09 32.71 138.49
C VAL M 187 -67.88 33.68 139.65
N THR M 188 -68.17 33.23 140.87
CA THR M 188 -68.00 34.09 142.03
C THR M 188 -66.53 34.42 142.27
N ILE M 189 -65.64 33.43 142.10
CA ILE M 189 -64.22 33.70 142.32
C ILE M 189 -63.71 34.75 141.34
N ALA M 190 -64.09 34.62 140.07
CA ALA M 190 -63.68 35.59 139.05
C ALA M 190 -64.28 36.96 139.32
N SER M 191 -65.53 37.01 139.76
CA SER M 191 -66.16 38.29 140.08
C SER M 191 -65.41 39.01 141.20
N ASP M 192 -65.07 38.26 142.26
CA ASP M 192 -64.33 38.85 143.36
C ASP M 192 -62.96 39.33 142.91
N LEU M 193 -62.26 38.53 142.10
CA LEU M 193 -60.96 38.93 141.60
C LEU M 193 -61.05 40.18 140.74
N ALA M 194 -62.08 40.26 139.90
CA ALA M 194 -62.25 41.45 139.06
C ALA M 194 -62.50 42.68 139.91
N THR M 195 -63.39 42.58 140.90
CA THR M 195 -63.70 43.77 141.69
C THR M 195 -62.54 44.17 142.60
N GLN M 196 -61.63 43.24 142.90
CA GLN M 196 -60.49 43.65 143.72
C GLN M 196 -59.35 44.21 142.88
N LEU M 197 -59.07 43.63 141.71
CA LEU M 197 -58.06 44.22 140.83
C LEU M 197 -58.54 45.47 140.12
N ASN M 198 -59.85 45.76 140.11
CA ASN M 198 -60.32 46.98 139.47
C ASN M 198 -59.87 48.22 140.22
N THR M 199 -59.49 48.09 141.50
CA THR M 199 -59.02 49.23 142.26
C THR M 199 -57.67 49.74 141.79
N ILE M 200 -56.95 48.95 140.99
CA ILE M 200 -55.64 49.36 140.51
C ILE M 200 -55.81 50.44 139.46
N SER M 201 -55.19 51.60 139.70
CA SER M 201 -55.29 52.72 138.78
C SER M 201 -54.53 52.44 137.50
N GLY M 202 -55.04 52.96 136.39
CA GLY M 202 -54.45 52.75 135.09
C GLY M 202 -54.82 51.46 134.41
N PHE M 203 -55.67 50.64 135.02
CA PHE M 203 -56.09 49.37 134.47
C PHE M 203 -57.60 49.27 134.48
N THR M 204 -58.16 48.66 133.44
CA THR M 204 -59.59 48.38 133.36
C THR M 204 -59.79 46.88 133.56
N VAL M 205 -60.52 46.51 134.61
CA VAL M 205 -60.75 45.12 134.96
C VAL M 205 -62.26 44.87 134.95
N THR M 206 -62.68 43.85 134.19
CA THR M 206 -64.08 43.48 134.09
C THR M 206 -64.19 41.96 134.10
N SER M 207 -65.36 41.46 134.49
CA SER M 207 -65.59 40.03 134.57
C SER M 207 -66.92 39.67 133.93
N THR M 208 -66.96 38.50 133.29
CA THR M 208 -68.19 37.88 132.85
C THR M 208 -67.99 36.37 132.88
N ASP M 209 -69.00 35.64 133.37
CA ASP M 209 -68.88 34.20 133.56
C ASP M 209 -67.67 33.87 134.43
N TYR M 210 -66.69 33.17 133.85
CA TYR M 210 -65.45 32.83 134.53
C TYR M 210 -64.25 33.49 133.85
N ILE M 211 -64.49 34.62 133.19
CA ILE M 211 -63.44 35.33 132.45
C ILE M 211 -63.27 36.72 133.06
N ILE M 212 -62.04 37.08 133.35
CA ILE M 212 -61.70 38.40 133.88
C ILE M 212 -60.97 39.15 132.78
N ARG M 213 -61.58 40.22 132.28
CA ARG M 213 -61.02 40.99 131.18
C ARG M 213 -60.23 42.17 131.73
N ILE M 214 -58.97 42.29 131.31
CA ILE M 214 -58.06 43.32 131.79
C ILE M 214 -57.56 44.13 130.60
N THR M 215 -57.65 45.45 130.70
CA THR M 215 -57.19 46.34 129.65
C THR M 215 -56.51 47.55 130.28
N LYS M 216 -55.39 47.97 129.70
CA LYS M 216 -54.67 49.14 130.19
C LYS M 216 -55.08 50.37 129.41
N ASP M 217 -55.37 51.46 130.12
CA ASP M 217 -55.87 52.67 129.47
C ASP M 217 -54.82 53.30 128.55
N ASP M 218 -53.57 53.36 129.00
CA ASP M 218 -52.53 53.96 128.18
C ASP M 218 -52.07 53.06 127.05
N GLY M 219 -52.50 51.80 127.03
CA GLY M 219 -52.14 50.88 125.99
C GLY M 219 -50.79 50.22 126.15
N GLY M 220 -50.05 50.51 127.22
CA GLY M 220 -48.77 49.90 127.46
C GLY M 220 -48.89 48.47 127.93
N ASP M 221 -47.75 47.80 127.96
CA ASP M 221 -47.70 46.39 128.35
C ASP M 221 -47.56 46.26 129.86
N TYR M 222 -47.74 45.04 130.34
CA TYR M 222 -47.65 44.73 131.76
C TYR M 222 -47.40 43.24 131.92
N THR M 223 -46.96 42.85 133.11
CA THR M 223 -46.82 41.45 133.44
C THR M 223 -48.15 40.89 133.91
N LEU M 224 -48.27 39.56 133.85
CA LEU M 224 -49.52 38.90 134.22
C LEU M 224 -49.21 37.44 134.55
N GLU M 225 -49.60 37.02 135.75
CA GLU M 225 -49.42 35.63 136.16
C GLU M 225 -50.25 35.40 137.42
N SER M 226 -50.96 34.28 137.46
CA SER M 226 -51.81 33.94 138.59
C SER M 226 -51.62 32.47 138.96
N SER M 227 -51.89 32.15 140.22
CA SER M 227 -51.75 30.78 140.69
C SER M 227 -52.59 30.59 141.94
N ASP M 228 -53.02 29.35 142.16
CA ASP M 228 -53.73 28.97 143.37
C ASP M 228 -52.78 28.18 144.27
N THR M 229 -53.27 27.85 145.47
CA THR M 229 -52.42 27.28 146.51
C THR M 229 -52.46 25.75 146.57
N LYS M 230 -53.02 25.09 145.55
CA LYS M 230 -53.03 23.63 145.52
C LYS M 230 -52.19 23.06 144.40
N THR M 231 -52.49 23.40 143.14
CA THR M 231 -51.76 22.87 142.00
C THR M 231 -51.40 23.91 140.94
N ALA M 232 -51.94 25.12 141.00
CA ALA M 232 -51.74 26.15 139.97
C ALA M 232 -52.18 25.66 138.60
N ASP M 233 -53.30 24.94 138.53
CA ASP M 233 -53.87 24.49 137.27
C ASP M 233 -55.22 25.11 136.95
N ALA M 234 -56.02 25.44 137.96
CA ALA M 234 -57.37 25.93 137.73
C ALA M 234 -57.41 27.32 137.13
N THR M 235 -56.30 28.05 137.17
CA THR M 235 -56.22 29.39 136.62
C THR M 235 -55.32 29.40 135.39
N SER M 236 -55.67 30.26 134.43
CA SER M 236 -54.91 30.39 133.19
C SER M 236 -54.77 31.87 132.89
N ALA M 237 -53.56 32.39 133.01
CA ALA M 237 -53.27 33.80 132.71
C ALA M 237 -53.01 33.92 131.22
N ILE M 238 -54.06 34.24 130.48
CA ILE M 238 -53.98 34.36 129.02
C ILE M 238 -53.39 35.73 128.69
N LYS M 239 -52.11 35.76 128.33
CA LYS M 239 -51.43 37.01 128.04
C LYS M 239 -50.43 36.78 126.92
N GLY M 240 -50.54 37.56 125.85
CA GLY M 240 -49.58 37.45 124.76
C GLY M 240 -49.61 36.06 124.16
N THR M 241 -48.56 35.29 124.42
CA THR M 241 -48.45 33.93 123.94
C THR M 241 -48.59 32.94 125.09
N VAL M 242 -49.03 31.72 124.75
CA VAL M 242 -49.23 30.65 125.70
C VAL M 242 -48.55 29.39 125.18
N ASP M 243 -48.72 28.30 125.92
CA ASP M 243 -47.99 27.07 125.61
C ASP M 243 -48.64 26.30 124.47
N SER M 244 -49.87 25.83 124.67
CA SER M 244 -50.53 24.97 123.70
C SER M 244 -51.99 25.36 123.57
N ILE M 245 -52.58 24.99 122.42
CA ILE M 245 -53.97 25.32 122.13
C ILE M 245 -54.93 24.66 123.11
N THR M 246 -54.49 23.59 123.78
CA THR M 246 -55.36 22.91 124.74
C THR M 246 -55.76 23.83 125.89
N ASP M 247 -55.04 24.92 126.10
CA ASP M 247 -55.36 25.85 127.18
C ASP M 247 -56.34 26.94 126.77
N LEU M 248 -56.81 26.93 125.53
CA LEU M 248 -57.71 27.99 125.06
C LEU M 248 -59.10 27.82 125.68
N PRO M 249 -59.68 28.89 126.21
CA PRO M 249 -61.05 28.81 126.74
C PRO M 249 -62.06 28.65 125.61
N THR M 250 -63.20 28.05 125.97
CA THR M 250 -64.23 27.78 124.96
C THR M 250 -64.77 29.07 124.36
N ILE M 251 -65.07 30.06 125.19
CA ILE M 251 -65.64 31.32 124.72
C ILE M 251 -64.53 32.37 124.66
N ALA M 252 -64.67 33.29 123.70
CA ALA M 252 -63.71 34.36 123.51
C ALA M 252 -64.35 35.43 122.66
N GLU M 253 -63.64 36.55 122.50
CA GLU M 253 -64.07 37.60 121.60
C GLU M 253 -63.58 37.29 120.19
N HIS M 254 -64.39 37.65 119.19
CA HIS M 254 -63.96 37.49 117.81
C HIS M 254 -62.76 38.40 117.54
N ASN M 255 -62.04 38.08 116.47
CA ASN M 255 -60.83 38.78 116.03
C ASN M 255 -59.73 38.81 117.08
N PHE M 256 -59.87 38.05 118.17
CA PHE M 256 -58.84 37.99 119.19
C PHE M 256 -57.66 37.15 118.70
N THR M 257 -56.45 37.67 118.93
CA THR M 257 -55.23 37.05 118.42
C THR M 257 -54.40 36.55 119.59
N VAL M 258 -54.05 35.26 119.55
CA VAL M 258 -53.18 34.63 120.55
C VAL M 258 -52.12 33.83 119.82
N ARG M 259 -50.89 33.88 120.32
CA ARG M 259 -49.78 33.13 119.73
C ARG M 259 -49.59 31.82 120.49
N ILE M 260 -49.25 30.77 119.75
CA ILE M 260 -48.97 29.46 120.32
C ILE M 260 -47.50 29.15 120.11
N GLN M 261 -46.80 28.82 121.20
CA GLN M 261 -45.38 28.49 121.13
C GLN M 261 -45.22 27.09 120.56
N GLY M 262 -44.69 27.00 119.34
CA GLY M 262 -44.47 25.71 118.73
C GLY M 262 -43.31 24.97 119.36
N SER M 263 -43.18 23.70 118.97
CA SER M 263 -42.13 22.83 119.48
C SER M 263 -41.21 22.46 118.33
N ALA M 264 -40.01 23.06 118.32
CA ALA M 264 -39.00 22.68 117.35
C ALA M 264 -38.56 21.24 117.53
N THR M 265 -38.84 20.64 118.68
CA THR M 265 -38.61 19.21 118.87
C THR M 265 -39.38 18.40 117.85
N THR M 266 -40.56 18.86 117.45
CA THR M 266 -41.37 18.20 116.45
C THR M 266 -41.18 18.79 115.06
N ALA M 267 -40.20 19.69 114.89
CA ALA M 267 -39.86 20.31 113.60
C ALA M 267 -41.00 21.16 113.05
N PHE M 268 -41.83 21.71 113.93
CA PHE M 268 -42.80 22.74 113.58
C PHE M 268 -42.49 23.99 114.38
N ASP M 269 -42.42 25.13 113.69
CA ASP M 269 -42.15 26.41 114.33
C ASP M 269 -43.44 26.96 114.94
N ASP M 270 -43.41 28.22 115.35
CA ASP M 270 -44.56 28.83 116.00
C ASP M 270 -45.66 29.12 114.98
N TYR M 271 -46.84 29.45 115.49
CA TYR M 271 -47.95 29.90 114.67
C TYR M 271 -48.91 30.68 115.56
N PHE M 272 -49.98 31.18 114.95
CA PHE M 272 -50.94 32.03 115.63
C PHE M 272 -52.35 31.50 115.38
N VAL M 273 -53.28 31.88 116.26
CA VAL M 273 -54.67 31.47 116.16
C VAL M 273 -55.55 32.68 116.38
N LYS M 274 -56.60 32.82 115.57
CA LYS M 274 -57.55 33.92 115.65
C LYS M 274 -58.94 33.39 115.95
N PHE M 275 -59.80 34.28 116.46
CA PHE M 275 -61.13 33.92 116.91
C PHE M 275 -62.20 34.66 116.13
N GLU M 276 -63.32 34.00 115.91
CA GLU M 276 -64.51 34.60 115.30
C GLU M 276 -65.74 34.01 115.97
N ALA M 277 -66.60 34.87 116.51
CA ALA M 277 -67.78 34.40 117.21
C ALA M 277 -68.75 33.72 116.26
N THR M 278 -69.43 32.68 116.77
CA THR M 278 -70.42 31.98 115.96
C THR M 278 -71.57 32.90 115.59
N ALA M 279 -71.93 33.82 116.48
CA ALA M 279 -72.98 34.79 116.19
C ALA M 279 -72.58 35.79 115.11
N GLY M 280 -71.29 35.84 114.73
CA GLY M 280 -70.83 36.71 113.69
C GLY M 280 -70.29 38.04 114.17
N SER M 281 -70.55 38.42 115.41
CA SER M 281 -70.05 39.67 115.96
C SER M 281 -70.17 39.62 117.48
N GLY M 282 -69.45 40.52 118.15
CA GLY M 282 -69.52 40.57 119.60
C GLY M 282 -68.88 39.35 120.25
N PHE M 283 -69.37 39.04 121.45
CA PHE M 283 -68.86 37.92 122.23
C PHE M 283 -69.73 36.68 122.01
N GLY M 284 -69.09 35.52 122.06
CA GLY M 284 -69.79 34.26 121.89
C GLY M 284 -68.86 33.15 121.43
N PRO M 285 -69.28 31.90 121.61
CA PRO M 285 -68.46 30.76 121.15
C PRO M 285 -68.07 30.87 119.69
N GLY M 286 -66.99 30.19 119.31
CA GLY M 286 -66.51 30.28 117.94
C GLY M 286 -65.36 29.31 117.73
N VAL M 287 -64.59 29.59 116.68
CA VAL M 287 -63.50 28.71 116.27
C VAL M 287 -62.18 29.45 116.38
N TRP M 288 -61.12 28.69 116.65
CA TRP M 288 -59.75 29.17 116.59
C TRP M 288 -59.08 28.53 115.39
N ARG M 289 -58.59 29.37 114.48
CA ARG M 289 -58.00 28.91 113.23
C ARG M 289 -56.60 29.50 113.06
N GLU M 290 -55.74 28.78 112.37
CA GLU M 290 -54.39 29.26 112.11
C GLU M 290 -54.45 30.56 111.30
N THR M 291 -53.88 31.62 111.85
CA THR M 291 -53.98 32.95 111.26
C THR M 291 -52.59 33.54 111.07
N VAL M 292 -52.57 34.74 110.49
CA VAL M 292 -51.32 35.47 110.31
C VAL M 292 -51.05 36.31 111.56
N ALA M 293 -49.76 36.52 111.83
CA ALA M 293 -49.39 37.36 112.95
C ALA M 293 -49.83 38.80 112.70
N PRO M 294 -50.28 39.51 113.73
CA PRO M 294 -50.78 40.87 113.53
C PRO M 294 -49.66 41.90 113.49
N ASN M 295 -50.04 43.14 113.15
CA ASN M 295 -49.12 44.28 113.09
C ASN M 295 -47.96 44.01 112.12
N ILE M 296 -48.26 43.40 110.99
CA ILE M 296 -47.27 43.10 109.96
C ILE M 296 -47.87 43.39 108.60
N ASP M 297 -47.09 44.04 107.73
CA ASP M 297 -47.53 44.27 106.36
C ASP M 297 -47.81 42.93 105.68
N HIS M 298 -49.00 42.82 105.07
CA HIS M 298 -49.45 41.54 104.54
C HIS M 298 -50.13 41.65 103.19
N LEU M 299 -50.06 42.79 102.53
CA LEU M 299 -50.74 42.99 101.25
C LEU M 299 -49.73 43.37 100.17
N LEU M 300 -50.07 43.02 98.94
CA LEU M 300 -49.27 43.36 97.76
C LEU M 300 -49.89 44.56 97.07
N ASP M 301 -49.06 45.54 96.72
CA ASP M 301 -49.54 46.72 96.02
C ASP M 301 -49.96 46.33 94.61
N LYS M 302 -51.27 46.23 94.39
CA LYS M 302 -51.78 45.77 93.10
C LYS M 302 -51.49 46.75 91.97
N SER M 303 -51.14 48.00 92.28
CA SER M 303 -50.90 49.00 91.25
C SER M 303 -49.54 48.85 90.58
N THR M 304 -48.78 47.81 90.91
CA THR M 304 -47.48 47.59 90.29
C THR M 304 -47.37 46.20 89.70
N MET M 305 -48.16 45.27 90.22
CA MET M 305 -48.11 43.89 89.78
C MET M 305 -48.97 43.71 88.53
N PRO M 306 -48.75 42.64 87.76
CA PRO M 306 -49.34 42.55 86.42
C PRO M 306 -50.86 42.66 86.43
N HIS M 307 -51.38 43.29 85.38
CA HIS M 307 -52.80 43.52 85.21
C HIS M 307 -53.37 42.49 84.22
N THR M 308 -54.69 42.53 84.04
CA THR M 308 -55.39 41.60 83.17
C THR M 308 -56.28 42.35 82.20
N LEU M 309 -56.57 41.70 81.07
CA LEU M 309 -57.49 42.21 80.07
C LEU M 309 -58.57 41.17 79.83
N VAL M 310 -59.83 41.56 80.06
CA VAL M 310 -60.96 40.64 80.06
C VAL M 310 -61.94 41.04 78.97
N ARG M 311 -62.47 40.06 78.25
CA ARG M 311 -63.56 40.28 77.31
C ARG M 311 -64.85 39.80 77.92
N ASN M 312 -65.94 40.51 77.64
CA ASN M 312 -67.25 40.18 78.17
C ASN M 312 -68.09 39.48 77.10
N ALA M 313 -69.31 39.11 77.47
CA ALA M 313 -70.20 38.44 76.54
C ALA M 313 -70.79 39.38 75.50
N ASN M 314 -70.80 40.68 75.77
CA ASN M 314 -71.37 41.66 74.84
C ASN M 314 -70.33 42.24 73.90
N GLY M 315 -69.07 41.82 73.99
CA GLY M 315 -68.03 42.25 73.07
C GLY M 315 -67.12 43.34 73.60
N THR M 316 -67.51 44.05 74.65
CA THR M 316 -66.67 45.10 75.20
C THR M 316 -65.59 44.50 76.10
N PHE M 317 -64.43 45.13 76.11
CA PHE M 317 -63.28 44.69 76.88
C PHE M 317 -63.10 45.57 78.11
N THR M 318 -62.35 45.04 79.08
CA THR M 318 -62.08 45.75 80.33
C THR M 318 -60.64 45.50 80.74
N PHE M 319 -59.95 46.57 81.14
CA PHE M 319 -58.55 46.51 81.55
C PHE M 319 -58.47 46.96 83.00
N ALA M 320 -58.41 46.01 83.93
CA ALA M 320 -58.45 46.32 85.34
C ALA M 320 -57.45 45.44 86.09
N GLN M 321 -57.19 45.82 87.34
CA GLN M 321 -56.22 45.11 88.15
C GLN M 321 -56.73 43.72 88.52
N PHE M 322 -55.80 42.85 88.89
CA PHE M 322 -56.15 41.52 89.36
C PHE M 322 -56.27 41.51 90.88
N ASN M 323 -57.05 40.56 91.38
CA ASN M 323 -57.34 40.46 92.81
C ASN M 323 -56.42 39.43 93.45
N TYR M 324 -55.21 39.87 93.77
CA TYR M 324 -54.25 39.02 94.44
C TYR M 324 -54.54 38.96 95.94
N THR M 325 -54.07 37.88 96.56
CA THR M 325 -54.17 37.72 98.00
C THR M 325 -52.80 37.91 98.63
N GLY M 326 -52.80 38.23 99.92
CA GLY M 326 -51.58 38.49 100.66
C GLY M 326 -51.25 37.37 101.63
N ARG M 327 -50.28 37.65 102.50
CA ARG M 327 -49.87 36.68 103.51
C ARG M 327 -51.05 36.35 104.42
N VAL M 328 -51.28 35.06 104.64
CA VAL M 328 -52.42 34.59 105.41
C VAL M 328 -52.03 33.84 106.66
N ALA M 329 -50.78 33.45 106.83
CA ALA M 329 -50.36 32.72 108.00
C ALA M 329 -48.88 32.95 108.23
N GLY M 330 -48.43 32.63 109.45
CA GLY M 330 -47.04 32.81 109.79
C GLY M 330 -46.68 34.27 110.03
N ASP M 331 -45.37 34.51 110.11
CA ASP M 331 -44.83 35.85 110.29
C ASP M 331 -43.84 36.12 109.16
N THR M 332 -43.11 37.23 109.27
CA THR M 332 -42.18 37.61 108.21
C THR M 332 -41.08 36.57 108.04
N THR M 333 -40.53 36.06 109.14
CA THR M 333 -39.43 35.11 109.04
C THR M 333 -39.91 33.76 108.52
N THR M 334 -41.01 33.24 109.06
CA THR M 334 -41.48 31.91 108.68
C THR M 334 -42.15 31.89 107.31
N ALA M 335 -42.65 33.02 106.84
CA ALA M 335 -43.25 33.14 105.52
C ALA M 335 -42.60 34.33 104.82
N PRO M 336 -41.37 34.15 104.34
CA PRO M 336 -40.63 35.29 103.79
C PRO M 336 -41.29 35.83 102.52
N ASN M 337 -41.03 37.10 102.26
CA ASN M 337 -41.55 37.73 101.06
C ASN M 337 -41.01 37.01 99.83
N PRO M 338 -41.83 36.80 98.80
CA PRO M 338 -41.33 36.13 97.60
C PRO M 338 -40.21 36.91 96.95
N THR M 339 -39.33 36.18 96.26
CA THR M 339 -38.08 36.76 95.78
C THR M 339 -38.29 37.89 94.77
N PHE M 340 -39.45 37.95 94.11
CA PHE M 340 -39.67 39.03 93.15
C PHE M 340 -39.91 40.37 93.84
N VAL M 341 -40.25 40.36 95.13
CA VAL M 341 -40.48 41.62 95.83
C VAL M 341 -39.17 42.37 95.96
N GLY M 342 -39.15 43.59 95.45
CA GLY M 342 -37.94 44.40 95.43
C GLY M 342 -37.14 44.33 94.16
N SER M 343 -37.66 43.69 93.11
CA SER M 343 -36.95 43.57 91.86
C SER M 343 -37.96 43.45 90.72
N LYS M 344 -37.49 43.74 89.51
CA LYS M 344 -38.37 43.77 88.35
C LYS M 344 -38.82 42.37 87.97
N ILE M 345 -40.03 42.29 87.41
CA ILE M 345 -40.56 41.03 86.88
C ILE M 345 -40.22 40.94 85.41
N LYS M 346 -39.68 39.81 84.98
CA LYS M 346 -39.16 39.67 83.62
C LYS M 346 -40.14 39.03 82.66
N ASN M 347 -40.83 37.97 83.05
CA ASN M 347 -41.74 37.28 82.14
C ASN M 347 -42.74 36.47 82.93
N ILE M 348 -43.78 36.01 82.24
CA ILE M 348 -44.88 35.26 82.84
C ILE M 348 -45.27 34.11 81.92
N ASN M 349 -45.63 32.98 82.52
CA ASN M 349 -46.02 31.80 81.76
C ASN M 349 -46.84 30.88 82.66
N LEU M 350 -47.54 29.94 82.04
CA LEU M 350 -48.37 28.98 82.77
C LEU M 350 -47.86 27.56 82.48
N PHE M 351 -47.73 26.77 83.54
CA PHE M 351 -47.19 25.42 83.40
C PHE M 351 -47.74 24.55 84.52
N ARG M 352 -48.40 23.45 84.13
CA ARG M 352 -48.88 22.43 85.06
C ARG M 352 -49.81 23.05 86.11
N ASN M 353 -50.90 23.64 85.62
CA ASN M 353 -51.93 24.32 86.41
C ASN M 353 -51.33 25.15 87.54
N ARG M 354 -50.20 25.80 87.28
CA ARG M 354 -49.60 26.76 88.20
C ARG M 354 -49.13 27.96 87.40
N LEU M 355 -49.09 29.11 88.06
CA LEU M 355 -48.61 30.35 87.46
C LEU M 355 -47.10 30.45 87.65
N VAL M 356 -46.40 30.82 86.60
CA VAL M 356 -44.94 30.88 86.61
C VAL M 356 -44.52 32.34 86.43
N PHE M 357 -43.71 32.83 87.36
CA PHE M 357 -43.12 34.17 87.27
C PHE M 357 -41.60 34.05 87.19
N LEU M 358 -40.99 34.96 86.44
CA LEU M 358 -39.54 35.04 86.35
C LEU M 358 -39.08 36.34 87.01
N ALA M 359 -38.02 36.26 87.81
CA ALA M 359 -37.53 37.43 88.52
C ALA M 359 -36.10 37.17 88.96
N ASP M 360 -35.18 38.08 88.61
CA ASP M 360 -33.78 37.93 88.93
C ASP M 360 -33.25 36.58 88.48
N GLU M 361 -32.68 35.82 89.41
CA GLU M 361 -32.24 34.45 89.15
C GLU M 361 -33.24 33.42 89.64
N ASN M 362 -34.26 33.84 90.38
CA ASN M 362 -35.25 32.94 90.96
C ASN M 362 -36.41 32.73 90.00
N VAL M 363 -37.04 31.57 90.11
CA VAL M 363 -38.29 31.28 89.43
C VAL M 363 -39.35 31.01 90.49
N ILE M 364 -40.47 31.70 90.38
CA ILE M 364 -41.53 31.65 91.38
C ILE M 364 -42.76 31.00 90.78
N LEU M 365 -43.27 29.98 91.46
CA LEU M 365 -44.48 29.28 91.02
C LEU M 365 -45.59 29.55 92.02
N SER M 366 -46.81 29.71 91.52
CA SER M 366 -47.96 29.96 92.37
C SER M 366 -48.41 28.65 93.02
N ALA M 367 -49.45 28.74 93.84
CA ALA M 367 -50.01 27.56 94.47
C ALA M 367 -50.75 26.71 93.44
N ALA M 368 -51.03 25.46 93.81
CA ALA M 368 -51.67 24.53 92.90
C ALA M 368 -53.14 24.88 92.75
N ASP M 369 -53.59 25.00 91.49
CA ASP M 369 -54.99 25.26 91.14
C ASP M 369 -55.54 26.53 91.78
N SER M 370 -54.67 27.50 92.08
CA SER M 370 -55.11 28.78 92.65
C SER M 370 -54.11 29.84 92.20
N PHE M 371 -54.48 30.60 91.18
CA PHE M 371 -53.55 31.51 90.52
C PHE M 371 -53.30 32.80 91.28
N GLU M 372 -54.06 33.09 92.33
CA GLU M 372 -53.95 34.36 93.03
C GLU M 372 -53.28 34.24 94.39
N ARG M 373 -52.69 33.09 94.72
CA ARG M 373 -52.06 32.88 96.01
C ARG M 373 -50.57 32.61 95.82
N PHE M 374 -49.75 33.38 96.53
CA PHE M 374 -48.29 33.23 96.45
C PHE M 374 -47.63 33.01 97.80
N PHE M 375 -48.33 33.21 98.90
CA PHE M 375 -47.76 32.98 100.21
C PHE M 375 -48.16 31.60 100.72
N PRO M 376 -47.33 30.99 101.58
CA PRO M 376 -47.67 29.65 102.08
C PRO M 376 -48.98 29.64 102.84
N GLU M 377 -49.76 28.57 102.64
CA GLU M 377 -51.07 28.48 103.27
C GLU M 377 -50.95 28.27 104.77
N THR M 378 -50.13 27.32 105.19
CA THR M 378 -49.93 27.02 106.60
C THR M 378 -48.44 26.85 106.87
N VAL M 379 -48.05 27.12 108.11
CA VAL M 379 -46.65 27.12 108.49
C VAL M 379 -46.32 25.92 109.38
N GLN M 380 -47.33 25.16 109.80
CA GLN M 380 -47.12 24.01 110.67
C GLN M 380 -46.53 22.81 109.95
N THR M 381 -46.98 22.54 108.72
CA THR M 381 -46.53 21.36 108.00
C THR M 381 -46.41 21.69 106.52
N LEU M 382 -45.51 21.00 105.85
CA LEU M 382 -45.32 21.17 104.42
C LEU M 382 -46.49 20.55 103.66
N LEU M 383 -46.97 21.25 102.64
CA LEU M 383 -48.00 20.73 101.74
C LEU M 383 -47.55 20.90 100.30
N ASP M 384 -47.94 19.93 99.46
CA ASP M 384 -47.55 19.95 98.06
C ASP M 384 -48.28 21.03 97.27
N SER M 385 -49.30 21.66 97.82
CA SER M 385 -50.02 22.73 97.16
C SER M 385 -49.49 24.11 97.54
N ASP M 386 -48.22 24.21 97.93
CA ASP M 386 -47.67 25.48 98.36
C ASP M 386 -46.74 26.05 97.29
N PRO M 387 -46.59 27.38 97.25
CA PRO M 387 -45.74 28.00 96.23
C PRO M 387 -44.29 27.57 96.33
N ILE M 388 -43.61 27.56 95.20
CA ILE M 388 -42.24 27.08 95.07
C ILE M 388 -41.33 28.28 94.86
N ASP M 389 -40.16 28.24 95.52
CA ASP M 389 -39.15 29.27 95.37
C ASP M 389 -37.84 28.55 95.05
N ILE M 390 -37.33 28.74 93.83
CA ILE M 390 -36.19 27.99 93.33
C ILE M 390 -35.19 28.96 92.71
N SER M 391 -33.91 28.71 92.96
CA SER M 391 -32.83 29.51 92.39
C SER M 391 -32.02 28.64 91.43
N SER M 392 -31.45 29.28 90.42
CA SER M 392 -30.67 28.58 89.40
C SER M 392 -29.21 28.57 89.81
N GLY M 393 -28.60 27.39 89.81
CA GLY M 393 -27.20 27.27 90.12
C GLY M 393 -26.30 27.68 88.96
N GLY M 394 -25.02 27.84 89.28
CA GLY M 394 -24.05 28.21 88.26
C GLY M 394 -22.96 29.12 88.80
N THR M 395 -21.77 29.03 88.20
CA THR M 395 -20.64 29.86 88.63
C THR M 395 -20.64 31.23 87.99
N SER M 396 -21.60 31.52 87.11
CA SER M 396 -21.72 32.83 86.48
C SER M 396 -23.11 33.38 86.72
N VAL M 397 -23.22 34.71 86.75
CA VAL M 397 -24.50 35.35 87.02
C VAL M 397 -25.41 35.18 85.82
N ASN M 398 -26.61 34.66 86.07
CA ASN M 398 -27.60 34.40 85.02
C ASN M 398 -28.93 35.03 85.43
N PHE M 399 -29.41 36.00 84.67
CA PHE M 399 -30.72 36.59 84.88
C PHE M 399 -31.68 36.00 83.87
N LEU M 400 -32.70 35.29 84.35
CA LEU M 400 -33.63 34.62 83.45
C LEU M 400 -34.49 35.63 82.72
N ASN M 401 -34.66 35.43 81.42
CA ASN M 401 -35.39 36.36 80.57
C ASN M 401 -36.64 35.74 79.96
N SER M 402 -36.51 34.60 79.30
CA SER M 402 -37.64 34.03 78.58
C SER M 402 -37.74 32.54 78.90
N SER M 403 -38.97 32.01 78.78
CA SER M 403 -39.26 30.62 79.03
C SER M 403 -40.14 30.08 77.93
N LEU M 404 -40.12 28.76 77.75
CA LEU M 404 -40.87 28.13 76.68
C LEU M 404 -41.27 26.72 77.10
N ALA M 405 -42.52 26.35 76.80
CA ALA M 405 -43.03 25.01 77.06
C ALA M 405 -42.99 24.21 75.78
N PHE M 406 -42.16 23.18 75.73
CA PHE M 406 -41.93 22.43 74.50
C PHE M 406 -41.34 21.07 74.86
N ALA M 407 -41.27 20.20 73.87
CA ALA M 407 -40.73 18.84 74.03
C ALA M 407 -41.51 18.19 75.17
N ASN M 408 -40.88 17.86 76.30
CA ASN M 408 -41.57 17.37 77.48
C ASN M 408 -41.10 18.09 78.73
N THR M 409 -40.60 19.32 78.56
CA THR M 409 -39.99 20.04 79.67
C THR M 409 -40.35 21.51 79.55
N LEU M 410 -39.93 22.29 80.54
CA LEU M 410 -40.10 23.74 80.55
C LEU M 410 -38.71 24.35 80.45
N LEU M 411 -38.34 24.80 79.26
CA LEU M 411 -37.02 25.36 79.01
C LEU M 411 -36.95 26.78 79.54
N LEU M 412 -35.82 27.14 80.14
CA LEU M 412 -35.58 28.49 80.62
C LEU M 412 -34.30 29.02 80.00
N PHE M 413 -34.37 30.25 79.49
CA PHE M 413 -33.26 30.86 78.77
C PHE M 413 -32.67 32.00 79.59
N SER M 414 -31.36 32.14 79.52
CA SER M 414 -30.63 33.24 80.13
C SER M 414 -29.90 34.03 79.04
N LEU M 415 -29.07 34.98 79.48
CA LEU M 415 -28.27 35.72 78.52
C LEU M 415 -27.06 34.95 78.05
N HIS M 416 -26.65 33.90 78.77
CA HIS M 416 -25.47 33.13 78.37
C HIS M 416 -25.63 31.63 78.57
N GLY M 417 -26.85 31.13 78.79
CA GLY M 417 -27.00 29.70 79.01
C GLY M 417 -28.44 29.27 78.86
N GLN M 418 -28.64 27.96 78.96
CA GLN M 418 -29.95 27.34 78.86
C GLN M 418 -30.19 26.44 80.07
N PHE M 419 -31.42 26.40 80.54
CA PHE M 419 -31.77 25.61 81.71
C PHE M 419 -33.13 24.96 81.50
N ARG M 420 -33.37 23.88 82.23
CA ARG M 420 -34.67 23.21 82.21
C ARG M 420 -35.12 22.96 83.64
N LEU M 421 -36.41 23.15 83.89
CA LEU M 421 -37.02 22.88 85.19
C LEU M 421 -37.87 21.63 85.08
N ASP M 422 -37.66 20.70 86.00
CA ASP M 422 -38.39 19.45 85.94
C ASP M 422 -38.21 18.70 87.25
N THR M 423 -39.16 17.82 87.54
CA THR M 423 -38.92 16.75 88.51
C THR M 423 -37.71 15.94 88.10
N GLY M 424 -37.46 15.83 86.79
CA GLY M 424 -36.31 15.14 86.26
C GLY M 424 -36.54 13.70 85.89
N SER M 425 -37.62 13.10 86.36
CA SER M 425 -37.85 11.68 86.14
C SER M 425 -38.19 11.39 84.69
N THR M 426 -37.91 10.15 84.27
CA THR M 426 -38.54 9.63 83.07
C THR M 426 -40.06 9.63 83.22
N SER M 427 -40.54 9.64 84.46
CA SER M 427 -41.94 9.89 84.76
C SER M 427 -42.23 11.36 84.52
N VAL M 428 -42.78 11.67 83.34
CA VAL M 428 -42.96 13.06 82.93
C VAL M 428 -43.90 13.78 83.89
N GLY M 429 -45.00 13.13 84.27
CA GLY M 429 -45.99 13.76 85.11
C GLY M 429 -45.84 13.50 86.59
N THR M 430 -44.61 13.44 87.07
CA THR M 430 -44.37 13.24 88.49
C THR M 430 -44.85 14.46 89.28
N ALA M 431 -45.20 14.23 90.53
CA ALA M 431 -45.69 15.30 91.39
C ALA M 431 -44.61 16.36 91.59
N LEU M 432 -45.02 17.62 91.46
CA LEU M 432 -44.12 18.74 91.68
C LEU M 432 -44.26 19.18 93.13
N THR M 433 -43.19 19.00 93.91
CA THR M 433 -43.18 19.29 95.33
C THR M 433 -42.02 20.23 95.65
N PRO M 434 -42.09 20.94 96.78
CA PRO M 434 -40.95 21.78 97.18
C PRO M 434 -39.66 21.00 97.37
N LYS M 435 -39.74 19.70 97.64
CA LYS M 435 -38.55 18.86 97.78
C LYS M 435 -38.05 18.32 96.46
N THR M 436 -38.66 18.69 95.33
CA THR M 436 -38.29 18.12 94.05
C THR M 436 -38.03 19.15 92.95
N ALA M 437 -38.53 20.37 93.07
CA ALA M 437 -38.30 21.37 92.04
C ALA M 437 -36.83 21.73 91.97
N THR M 438 -36.30 21.74 90.74
CA THR M 438 -34.87 21.94 90.52
C THR M 438 -34.65 22.72 89.24
N ILE M 439 -33.45 23.30 89.11
CA ILE M 439 -32.99 23.92 87.88
C ILE M 439 -31.62 23.33 87.56
N THR M 440 -31.48 22.80 86.33
CA THR M 440 -30.24 22.19 85.88
C THR M 440 -29.79 22.85 84.60
N ALA M 441 -28.49 23.08 84.46
CA ALA M 441 -27.94 23.65 83.24
C ALA M 441 -28.07 22.65 82.09
N ILE M 442 -27.95 23.16 80.86
CA ILE M 442 -27.91 22.29 79.69
C ILE M 442 -26.70 22.63 78.83
N THR M 443 -26.61 23.90 78.40
CA THR M 443 -25.56 24.33 77.48
C THR M 443 -25.16 25.76 77.85
N THR M 444 -24.33 26.38 77.01
CA THR M 444 -23.82 27.72 77.26
C THR M 444 -23.84 28.57 76.00
N PHE M 445 -24.92 28.52 75.24
CA PHE M 445 -25.03 29.34 74.04
C PHE M 445 -25.46 30.76 74.42
N ASP M 446 -25.74 31.58 73.40
CA ASP M 446 -26.07 32.98 73.59
C ASP M 446 -27.52 33.25 73.20
N ILE M 447 -28.06 34.34 73.72
CA ILE M 447 -29.46 34.72 73.54
C ILE M 447 -29.55 36.23 73.44
N VAL M 448 -30.42 36.72 72.55
CA VAL M 448 -30.76 38.13 72.46
C VAL M 448 -32.07 38.35 73.21
N ASP M 449 -32.17 39.48 73.92
CA ASP M 449 -33.32 39.73 74.78
C ASP M 449 -34.44 40.51 74.10
N ALA M 450 -34.21 41.03 72.90
CA ALA M 450 -35.22 41.87 72.25
C ALA M 450 -36.48 41.09 71.91
N ILE M 451 -36.32 39.87 71.39
CA ILE M 451 -37.44 39.06 70.96
C ILE M 451 -37.49 37.77 71.76
N ASP M 452 -38.64 37.10 71.71
CA ASP M 452 -38.86 35.90 72.50
C ASP M 452 -38.61 34.67 71.62
N PRO M 453 -37.74 33.75 72.00
CA PRO M 453 -37.50 32.56 71.18
C PRO M 453 -38.78 31.77 70.96
N ILE M 454 -38.95 31.29 69.73
CA ILE M 454 -40.18 30.63 69.30
C ILE M 454 -39.87 29.17 68.99
N GLY M 455 -40.94 28.40 68.81
CA GLY M 455 -40.81 27.00 68.47
C GLY M 455 -41.65 26.62 67.26
N VAL M 456 -41.03 26.04 66.25
CA VAL M 456 -41.71 25.66 65.02
C VAL M 456 -41.52 24.17 64.81
N GLY M 457 -42.59 23.50 64.38
CA GLY M 457 -42.55 22.07 64.14
C GLY M 457 -42.05 21.29 65.33
N ARG M 458 -40.85 20.74 65.22
CA ARG M 458 -40.20 20.03 66.33
C ARG M 458 -38.91 20.72 66.77
N THR M 459 -38.65 21.93 66.31
CA THR M 459 -37.39 22.62 66.56
C THR M 459 -37.64 23.95 67.27
N VAL M 460 -36.63 24.40 68.00
CA VAL M 460 -36.68 25.67 68.72
C VAL M 460 -35.70 26.63 68.10
N TYR M 461 -36.14 27.88 67.89
CA TYR M 461 -35.36 28.90 67.21
C TYR M 461 -35.16 30.11 68.11
N PHE M 462 -34.02 30.78 67.95
CA PHE M 462 -33.79 32.06 68.60
C PHE M 462 -32.68 32.79 67.86
N GLY M 463 -32.53 34.08 68.18
CA GLY M 463 -31.52 34.91 67.58
C GLY M 463 -30.30 35.06 68.47
N ILE M 464 -29.14 35.28 67.85
CA ILE M 464 -27.89 35.41 68.58
C ILE M 464 -27.20 36.71 68.14
N PRO M 465 -26.43 37.36 69.02
CA PRO M 465 -25.80 38.62 68.64
C PRO M 465 -24.46 38.43 67.96
N LYS M 466 -24.29 39.06 66.79
CA LYS M 466 -23.05 39.01 66.03
C LYS M 466 -22.43 40.40 65.91
N GLY M 467 -22.46 41.16 66.99
CA GLY M 467 -21.96 42.52 66.98
C GLY M 467 -23.06 43.49 66.61
N ASP M 468 -22.78 44.39 65.67
CA ASP M 468 -23.82 45.30 65.20
C ASP M 468 -24.94 44.55 64.50
N PHE M 469 -24.59 43.59 63.66
CA PHE M 469 -25.57 42.75 63.00
C PHE M 469 -25.92 41.54 63.88
N SER M 470 -27.10 40.98 63.62
CA SER M 470 -27.61 39.88 64.43
C SER M 470 -27.80 38.64 63.57
N GLY M 471 -27.63 37.47 64.20
CA GLY M 471 -27.75 36.21 63.51
C GLY M 471 -28.88 35.37 64.08
N LEU M 472 -29.02 34.17 63.52
CA LEU M 472 -30.08 33.25 63.89
C LEU M 472 -29.49 31.87 64.12
N ARG M 473 -29.90 31.21 65.20
CA ARG M 473 -29.43 29.88 65.55
C ARG M 473 -30.58 29.03 66.03
N GLU M 474 -30.65 27.80 65.55
CA GLU M 474 -31.67 26.85 65.95
C GLU M 474 -31.02 25.61 66.55
N TYR M 475 -31.69 25.01 67.53
CA TYR M 475 -31.16 23.81 68.15
C TYR M 475 -32.29 22.83 68.44
N PHE M 476 -32.00 21.55 68.23
CA PHE M 476 -32.99 20.49 68.17
C PHE M 476 -32.93 19.66 69.43
N LEU M 477 -34.08 19.42 70.05
CA LEU M 477 -34.15 18.73 71.33
C LEU M 477 -34.78 17.35 71.18
N PRO M 478 -34.00 16.26 71.26
CA PRO M 478 -34.61 14.92 71.36
C PRO M 478 -35.20 14.68 72.75
N ASP M 479 -35.59 13.44 73.03
CA ASP M 479 -36.37 13.08 74.22
C ASP M 479 -35.86 13.71 75.51
N ALA M 480 -36.77 13.92 76.46
CA ALA M 480 -36.43 14.67 77.67
C ALA M 480 -35.34 13.98 78.48
N SER M 481 -35.41 12.66 78.61
CA SER M 481 -34.42 11.92 79.39
C SER M 481 -33.16 11.60 78.60
N GLY M 482 -33.08 12.00 77.34
CA GLY M 482 -32.00 11.59 76.48
C GLY M 482 -30.82 12.54 76.46
N PRO M 483 -30.10 12.54 75.34
CA PRO M 483 -28.81 13.24 75.29
C PRO M 483 -28.90 14.75 75.25
N ILE M 484 -27.74 15.39 75.20
CA ILE M 484 -27.69 16.85 75.08
C ILE M 484 -28.26 17.26 73.72
N PRO M 485 -29.13 18.26 73.66
CA PRO M 485 -29.75 18.62 72.39
C PRO M 485 -28.74 19.04 71.34
N LEU M 486 -29.01 18.65 70.11
CA LEU M 486 -28.18 19.03 68.97
C LEU M 486 -28.43 20.49 68.60
N SER M 487 -27.36 21.18 68.19
CA SER M 487 -27.43 22.59 67.87
C SER M 487 -26.70 22.85 66.56
N GLU M 488 -27.12 23.93 65.88
CA GLU M 488 -26.52 24.29 64.61
C GLU M 488 -26.79 25.77 64.35
N GLU M 489 -25.90 26.39 63.57
CA GLU M 489 -26.10 27.76 63.14
C GLU M 489 -26.44 27.79 61.65
N VAL M 490 -27.30 28.74 61.27
CA VAL M 490 -27.78 28.84 59.89
C VAL M 490 -27.39 30.16 59.24
N THR M 491 -26.78 31.09 59.98
CA THR M 491 -26.35 32.36 59.43
C THR M 491 -24.83 32.45 59.29
N SER M 492 -24.14 31.30 59.27
CA SER M 492 -22.69 31.32 59.18
C SER M 492 -22.22 31.83 57.83
N SER M 493 -23.05 31.71 56.79
CA SER M 493 -22.68 32.19 55.46
C SER M 493 -23.08 33.63 55.20
N VAL M 494 -23.83 34.26 56.10
CA VAL M 494 -24.24 35.64 55.93
C VAL M 494 -23.98 36.41 57.22
N PRO M 495 -22.72 36.69 57.55
CA PRO M 495 -22.43 37.34 58.84
C PRO M 495 -22.83 38.79 58.92
N ARG M 496 -23.17 39.43 57.81
CA ARG M 496 -23.51 40.86 57.79
C ARG M 496 -24.77 41.08 56.97
N PHE M 497 -25.83 40.31 57.26
CA PHE M 497 -27.06 40.38 56.50
C PHE M 497 -28.21 40.99 57.30
N VAL M 498 -28.52 40.44 58.46
CA VAL M 498 -29.69 40.87 59.24
C VAL M 498 -29.28 42.04 60.12
N PRO M 499 -29.96 43.18 60.05
CA PRO M 499 -29.59 44.32 60.89
C PRO M 499 -29.92 44.08 62.34
N GLY M 500 -29.31 44.90 63.20
CA GLY M 500 -29.54 44.79 64.63
C GLY M 500 -30.84 45.41 65.07
N ASN M 501 -31.12 45.28 66.37
CA ASN M 501 -32.32 45.80 67.00
C ASN M 501 -33.59 45.24 66.33
N LEU M 502 -33.73 43.92 66.43
CA LEU M 502 -34.91 43.26 65.90
C LEU M 502 -36.15 43.67 66.67
N ILE M 503 -37.30 43.68 65.99
CA ILE M 503 -38.55 44.05 66.62
C ILE M 503 -39.68 43.07 66.34
N SER M 504 -39.55 42.16 65.38
CA SER M 504 -40.64 41.23 65.09
C SER M 504 -40.08 40.00 64.42
N MET M 505 -40.20 38.86 65.08
CA MET M 505 -39.89 37.56 64.50
C MET M 505 -41.14 36.71 64.60
N SER M 506 -41.61 36.21 63.45
CA SER M 506 -42.86 35.46 63.42
C SER M 506 -42.68 34.17 62.63
N PRO M 507 -43.23 33.06 63.13
CA PRO M 507 -43.08 31.79 62.43
C PRO M 507 -44.23 31.50 61.47
N SER M 508 -44.12 30.41 60.73
CA SER M 508 -45.24 29.90 59.92
C SER M 508 -44.99 28.42 59.71
N VAL M 509 -45.66 27.57 60.50
CA VAL M 509 -45.35 26.15 60.52
C VAL M 509 -45.71 25.49 59.19
N SER M 510 -46.91 25.75 58.69
CA SER M 510 -47.37 25.05 57.49
C SER M 510 -46.62 25.51 56.25
N GLU M 511 -46.27 26.79 56.19
CA GLU M 511 -45.55 27.35 55.05
C GLU M 511 -44.05 27.44 55.30
N GLU M 512 -43.57 26.87 56.41
CA GLU M 512 -42.15 26.80 56.78
C GLU M 512 -41.37 28.03 56.33
N VAL M 513 -41.80 29.19 56.83
CA VAL M 513 -41.16 30.47 56.55
C VAL M 513 -40.96 31.21 57.86
N ILE M 514 -39.79 31.83 58.03
CA ILE M 514 -39.48 32.67 59.18
C ILE M 514 -39.28 34.09 58.68
N THR M 515 -40.03 35.03 59.26
CA THR M 515 -40.01 36.42 58.84
C THR M 515 -39.40 37.30 59.92
N MET M 516 -38.44 38.13 59.53
CA MET M 516 -37.74 39.01 60.46
C MET M 516 -37.84 40.44 59.96
N ILE M 517 -38.22 41.35 60.86
CA ILE M 517 -38.32 42.78 60.54
C ILE M 517 -37.42 43.54 61.50
N SER M 518 -36.53 44.37 60.95
CA SER M 518 -35.59 45.14 61.75
C SER M 518 -36.08 46.56 61.92
N LYS M 519 -35.25 47.39 62.54
CA LYS M 519 -35.55 48.81 62.73
C LYS M 519 -34.62 49.73 61.95
N ASP M 520 -33.35 49.37 61.81
CA ASP M 520 -32.44 50.21 61.03
C ASP M 520 -32.82 50.24 59.56
N GLN M 521 -33.60 49.27 59.10
CA GLN M 521 -34.07 49.21 57.71
C GLN M 521 -35.59 49.20 57.72
N PRO M 522 -36.24 50.36 57.66
CA PRO M 522 -37.70 50.42 57.78
C PRO M 522 -38.48 50.12 56.51
N ARG M 523 -37.85 49.55 55.48
CA ARG M 523 -38.55 49.25 54.23
C ARG M 523 -38.22 47.86 53.71
N ARG M 524 -37.86 46.93 54.58
CA ARG M 524 -37.48 45.60 54.14
C ARG M 524 -38.05 44.55 55.09
N VAL M 525 -38.33 43.38 54.54
CA VAL M 525 -38.74 42.20 55.31
C VAL M 525 -37.78 41.08 54.96
N TYR M 526 -37.13 40.51 55.96
CA TYR M 526 -36.14 39.46 55.75
C TYR M 526 -36.80 38.10 55.86
N ILE M 527 -36.60 37.25 54.85
CA ILE M 527 -37.31 36.00 54.72
C ILE M 527 -36.30 34.86 54.72
N TYR M 528 -36.49 33.90 55.63
CA TYR M 528 -35.67 32.70 55.71
C TYR M 528 -36.55 31.49 55.42
N LYS M 529 -36.17 30.72 54.41
CA LYS M 529 -36.97 29.59 53.93
C LYS M 529 -36.17 28.31 54.13
N PHE M 530 -36.77 27.33 54.81
CA PHE M 530 -36.11 26.10 55.15
C PHE M 530 -37.01 24.92 54.80
N PHE M 531 -36.40 23.75 54.64
CA PHE M 531 -37.14 22.55 54.28
C PHE M 531 -36.53 21.36 55.01
N PHE M 532 -37.37 20.38 55.34
CA PHE M 532 -36.94 19.23 56.13
C PHE M 532 -37.32 17.93 55.46
N ASP M 533 -36.57 16.88 55.81
CA ASP M 533 -36.88 15.51 55.40
C ASP M 533 -36.32 14.58 56.46
N ASP M 534 -37.21 13.97 57.26
CA ASP M 534 -36.79 13.15 58.39
C ASP M 534 -35.92 13.98 59.34
N ASP M 535 -34.61 13.89 59.18
CA ASP M 535 -33.66 14.66 59.97
C ASP M 535 -32.78 15.57 59.13
N GLN M 536 -32.41 15.14 57.93
CA GLN M 536 -31.52 15.94 57.10
C GLN M 536 -32.20 17.21 56.62
N LYS M 537 -31.40 18.25 56.40
CA LYS M 537 -31.88 19.54 55.91
C LYS M 537 -31.50 19.67 54.45
N LEU M 538 -32.49 19.97 53.61
CA LEU M 538 -32.29 20.02 52.17
C LEU M 538 -32.19 21.44 51.62
N GLN M 539 -33.00 22.37 52.12
CA GLN M 539 -32.99 23.74 51.65
C GLN M 539 -32.87 24.69 52.82
N SER M 540 -32.00 25.70 52.67
CA SER M 540 -31.83 26.74 53.69
C SER M 540 -31.32 27.97 52.97
N SER M 541 -32.21 28.94 52.72
CA SER M 541 -31.92 30.09 51.89
C SER M 541 -32.36 31.38 52.57
N TRP M 542 -31.68 32.47 52.22
CA TRP M 542 -32.00 33.79 52.74
C TRP M 542 -32.32 34.73 51.57
N SER M 543 -33.12 35.74 51.87
CA SER M 543 -33.48 36.79 50.92
C SER M 543 -34.26 37.85 51.67
N TYR M 544 -34.62 38.93 50.98
CA TYR M 544 -35.38 39.99 51.63
C TYR M 544 -36.23 40.73 50.60
N TRP M 545 -37.47 41.01 50.98
CA TRP M 545 -38.40 41.73 50.12
C TRP M 545 -38.12 43.23 50.23
N GLU M 546 -38.95 44.05 49.62
CA GLU M 546 -38.78 45.49 49.66
C GLU M 546 -40.08 46.16 49.27
N VAL M 547 -40.28 47.39 49.77
CA VAL M 547 -41.50 48.14 49.54
C VAL M 547 -41.17 49.47 48.89
N ALA M 548 -42.18 50.32 48.71
CA ALA M 548 -42.01 51.58 48.00
C ALA M 548 -41.18 52.55 48.84
N ALA M 549 -41.07 53.79 48.34
CA ALA M 549 -40.10 54.75 48.85
C ALA M 549 -40.67 55.70 49.89
N ASN M 550 -41.84 55.42 50.46
CA ASN M 550 -42.38 56.32 51.48
C ASN M 550 -42.94 55.62 52.71
N LYS M 551 -43.16 54.31 52.69
CA LYS M 551 -43.77 53.63 53.82
C LYS M 551 -42.76 53.42 54.94
N THR M 552 -43.23 52.81 56.02
CA THR M 552 -42.41 52.47 57.17
C THR M 552 -43.08 51.34 57.92
N LEU M 553 -42.46 50.16 57.89
CA LEU M 553 -43.02 49.00 58.56
C LEU M 553 -42.91 49.16 60.08
N LEU M 554 -43.85 48.54 60.79
CA LEU M 554 -43.83 48.56 62.25
C LEU M 554 -43.64 47.19 62.86
N GLY M 555 -44.41 46.20 62.44
CA GLY M 555 -44.29 44.87 62.98
C GLY M 555 -45.15 43.90 62.20
N GLY M 556 -44.81 42.62 62.33
CA GLY M 556 -45.51 41.59 61.59
C GLY M 556 -45.92 40.44 62.48
N ASN M 557 -47.06 39.86 62.15
CA ASN M 557 -47.55 38.66 62.81
C ASN M 557 -48.10 37.71 61.74
N VAL M 558 -48.10 36.43 62.07
CA VAL M 558 -48.58 35.39 61.17
C VAL M 558 -49.69 34.62 61.87
N LEU M 559 -50.84 34.52 61.19
CA LEU M 559 -51.95 33.70 61.65
C LEU M 559 -52.31 32.75 60.52
N ASP M 560 -52.44 31.47 60.86
CA ASP M 560 -52.72 30.42 59.88
C ASP M 560 -51.59 30.38 58.85
N SER M 561 -51.81 31.02 57.69
CA SER M 561 -50.77 31.08 56.68
C SER M 561 -50.69 32.46 56.02
N ASP M 562 -51.28 33.48 56.63
CA ASP M 562 -51.28 34.84 56.09
C ASP M 562 -50.54 35.76 57.03
N LEU M 563 -49.79 36.70 56.44
CA LEU M 563 -49.03 37.68 57.20
C LEU M 563 -49.84 38.96 57.33
N TYR M 564 -49.97 39.44 58.56
CA TYR M 564 -50.65 40.69 58.85
C TYR M 564 -49.64 41.74 59.29
N THR M 565 -49.66 42.89 58.63
CA THR M 565 -48.66 43.92 58.84
C THR M 565 -49.34 45.24 59.19
N CYS M 566 -48.70 46.01 60.06
CA CYS M 566 -49.18 47.33 60.47
C CYS M 566 -48.24 48.37 59.88
N VAL M 567 -48.53 48.83 58.67
CA VAL M 567 -47.70 49.80 57.99
C VAL M 567 -48.15 51.20 58.39
N GLU M 568 -47.27 52.18 58.19
CA GLU M 568 -47.53 53.56 58.55
C GLU M 568 -47.29 54.47 57.35
N TYR M 569 -48.25 55.34 57.07
CA TYR M 569 -48.15 56.33 56.02
C TYR M 569 -48.08 57.72 56.65
N SER M 570 -48.12 58.75 55.80
CA SER M 570 -48.00 60.12 56.26
C SER M 570 -49.21 60.61 57.04
N ASP M 571 -50.31 59.86 57.06
CA ASP M 571 -51.50 60.29 57.77
C ASP M 571 -52.00 59.32 58.83
N GLY M 572 -51.62 58.05 58.80
CA GLY M 572 -52.11 57.11 59.78
C GLY M 572 -51.46 55.75 59.61
N VAL M 573 -52.00 54.79 60.35
CA VAL M 573 -51.51 53.41 60.36
C VAL M 573 -52.56 52.52 59.71
N TYR M 574 -52.15 51.75 58.72
CA TYR M 574 -53.04 50.88 57.97
C TYR M 574 -52.72 49.42 58.26
N LEU M 575 -53.62 48.54 57.81
CA LEU M 575 -53.48 47.10 57.99
C LEU M 575 -53.38 46.44 56.62
N GLU M 576 -52.35 45.64 56.43
CA GLU M 576 -52.17 44.91 55.18
C GLU M 576 -52.22 43.40 55.43
N LYS M 577 -52.49 42.66 54.37
CA LYS M 577 -52.54 41.20 54.46
C LYS M 577 -51.81 40.60 53.26
N THR M 578 -51.05 39.54 53.52
CA THR M 578 -50.27 38.87 52.49
C THR M 578 -50.52 37.37 52.58
N GLN M 579 -50.48 36.70 51.43
CA GLN M 579 -50.73 35.27 51.36
C GLN M 579 -49.44 34.55 51.03
N LEU M 580 -49.02 33.64 51.92
CA LEU M 580 -47.78 32.91 51.76
C LEU M 580 -47.94 31.56 51.07
N ARG M 581 -49.17 31.13 50.83
CA ARG M 581 -49.39 29.82 50.24
C ARG M 581 -48.85 29.78 48.80
N PRO M 582 -48.38 28.63 48.35
CA PRO M 582 -47.95 28.49 46.96
C PRO M 582 -49.11 28.20 46.02
N GLU M 583 -48.89 28.53 44.75
CA GLU M 583 -49.86 28.31 43.69
C GLU M 583 -51.17 29.07 43.93
N THR M 584 -51.08 30.23 44.59
CA THR M 584 -52.26 31.06 44.77
C THR M 584 -52.70 31.65 43.44
N VAL M 585 -53.99 31.96 43.33
CA VAL M 585 -54.57 32.44 42.08
C VAL M 585 -55.77 33.31 42.39
N ASP M 586 -55.95 34.38 41.61
CA ASP M 586 -57.11 35.22 41.75
C ASP M 586 -58.37 34.44 41.40
N SER M 587 -59.49 34.84 42.01
CA SER M 587 -60.72 34.08 41.91
C SER M 587 -61.24 34.03 40.48
N GLY M 588 -61.41 32.81 39.96
CA GLY M 588 -62.01 32.59 38.67
C GLY M 588 -61.07 32.60 37.48
N THR M 589 -59.87 33.14 37.63
CA THR M 589 -58.91 33.23 36.55
C THR M 589 -57.87 32.12 36.68
N GLU M 590 -56.83 32.19 35.86
CA GLU M 590 -55.77 31.20 35.85
C GLU M 590 -54.51 31.63 36.58
N PHE M 591 -54.19 32.93 36.58
CA PHE M 591 -53.00 33.44 37.26
C PHE M 591 -53.36 34.73 37.98
N GLU M 592 -52.60 35.03 39.03
CA GLU M 592 -52.86 36.22 39.83
C GLU M 592 -52.25 37.45 39.16
N ILE M 593 -52.41 38.60 39.81
CA ILE M 593 -51.84 39.86 39.35
C ILE M 593 -51.04 40.45 40.50
N LEU M 594 -49.81 40.90 40.20
CA LEU M 594 -48.86 41.33 41.21
C LEU M 594 -48.91 42.85 41.34
N LEU M 595 -49.49 43.33 42.45
CA LEU M 595 -49.59 44.76 42.71
C LEU M 595 -49.59 44.98 44.21
N ASP M 596 -48.98 46.08 44.65
CA ASP M 596 -49.05 46.46 46.06
C ASP M 596 -50.31 47.27 46.32
N ARG M 597 -50.80 47.17 47.56
CA ARG M 597 -52.02 47.87 47.97
C ARG M 597 -53.20 47.53 47.07
N LYS M 598 -53.25 46.28 46.60
CA LYS M 598 -54.24 45.87 45.61
C LYS M 598 -55.64 45.93 46.20
N THR M 599 -56.46 46.83 45.70
CA THR M 599 -57.86 46.91 46.06
C THR M 599 -58.71 46.90 44.80
N THR M 600 -59.84 46.20 44.87
CA THR M 600 -60.66 46.01 43.68
C THR M 600 -61.38 47.30 43.30
N GLU M 601 -62.06 47.26 42.16
CA GLU M 601 -62.75 48.44 41.64
C GLU M 601 -63.94 48.82 42.52
N ALA M 602 -64.58 47.85 43.16
CA ALA M 602 -65.78 48.13 43.94
C ALA M 602 -65.51 49.08 45.09
N ALA M 603 -64.27 49.13 45.57
CA ALA M 603 -63.92 50.02 46.68
C ALA M 603 -63.56 51.43 46.22
N CYS M 604 -63.55 51.69 44.92
CA CYS M 604 -63.19 52.98 44.38
C CYS M 604 -64.34 53.55 43.54
N SER M 605 -64.47 54.86 43.56
CA SER M 605 -65.51 55.56 42.81
C SER M 605 -64.87 56.36 41.67
N THR M 606 -65.60 56.45 40.56
CA THR M 606 -65.08 57.05 39.34
C THR M 606 -66.01 58.17 38.87
N SER M 607 -65.42 59.09 38.10
CA SER M 607 -66.16 60.14 37.43
C SER M 607 -65.47 60.45 36.11
N LEU M 608 -66.23 60.96 35.15
CA LEU M 608 -65.74 61.13 33.79
C LEU M 608 -65.88 62.57 33.36
N ILE M 609 -65.03 62.98 32.41
CA ILE M 609 -64.91 64.36 31.97
C ILE M 609 -65.15 64.41 30.46
N ASN M 610 -65.95 65.38 30.02
CA ASN M 610 -66.21 65.63 28.60
C ASN M 610 -66.90 64.43 27.96
N SER M 611 -67.98 63.97 28.60
CA SER M 611 -68.67 62.78 28.16
C SER M 611 -69.33 62.99 26.80
N GLY M 612 -69.57 61.87 26.10
CA GLY M 612 -70.29 61.87 24.86
C GLY M 612 -69.45 62.12 23.62
N ALA M 613 -68.17 62.40 23.77
CA ALA M 613 -67.29 62.70 22.65
C ALA M 613 -66.16 61.68 22.60
N LEU M 614 -65.37 61.76 21.53
CA LEU M 614 -64.18 60.94 21.43
C LEU M 614 -63.10 61.49 22.36
N GLY M 615 -62.32 60.59 22.95
CA GLY M 615 -61.25 61.00 23.82
C GLY M 615 -61.72 61.48 25.18
N VAL M 616 -62.48 60.65 25.87
CA VAL M 616 -62.95 60.97 27.21
C VAL M 616 -61.93 60.51 28.24
N GLN M 617 -61.82 61.26 29.33
CA GLN M 617 -60.97 60.89 30.45
C GLN M 617 -61.82 60.57 31.67
N THR M 618 -61.38 59.59 32.44
CA THR M 618 -62.06 59.16 33.65
C THR M 618 -61.19 59.50 34.84
N VAL M 619 -61.79 60.13 35.85
CA VAL M 619 -61.09 60.48 37.07
C VAL M 619 -61.42 59.44 38.14
N ILE M 620 -60.40 58.75 38.63
CA ILE M 620 -60.56 57.68 39.62
C ILE M 620 -60.18 58.24 40.99
N THR M 621 -61.00 57.96 41.99
CA THR M 621 -60.77 58.42 43.35
C THR M 621 -60.40 57.22 44.21
N LEU M 622 -59.12 57.08 44.52
CA LEU M 622 -58.66 55.96 45.33
C LEU M 622 -59.14 56.12 46.77
N PRO M 623 -59.40 55.00 47.46
CA PRO M 623 -59.87 55.09 48.85
C PRO M 623 -58.86 55.72 49.80
N TYR M 624 -57.58 55.72 49.47
CA TYR M 624 -56.53 56.18 50.38
C TYR M 624 -55.70 57.26 49.72
N PRO M 625 -55.07 58.13 50.50
CA PRO M 625 -54.20 59.16 49.92
C PRO M 625 -52.98 58.55 49.24
N MET M 626 -52.49 59.24 48.23
CA MET M 626 -51.42 58.73 47.40
C MET M 626 -50.05 58.92 48.07
N SER M 627 -49.10 58.13 47.60
CA SER M 627 -47.67 58.35 47.84
C SER M 627 -47.07 58.68 46.47
N GLY M 628 -47.03 59.97 46.15
CA GLY M 628 -46.75 60.41 44.80
C GLY M 628 -45.42 59.97 44.25
N THR M 629 -44.47 59.62 45.11
CA THR M 629 -43.16 59.18 44.65
C THR M 629 -43.27 57.91 43.83
N GLY M 630 -44.11 56.97 44.25
CA GLY M 630 -44.30 55.75 43.52
C GLY M 630 -45.12 55.95 42.25
N THR M 631 -45.27 54.87 41.49
CA THR M 631 -46.02 54.89 40.25
C THR M 631 -47.13 53.85 40.34
N MET M 632 -48.37 54.28 40.11
CA MET M 632 -49.52 53.41 40.17
C MET M 632 -50.04 53.11 38.78
N ALA M 633 -50.67 51.94 38.64
CA ALA M 633 -51.16 51.48 37.35
C ALA M 633 -52.57 50.94 37.50
N VAL M 634 -53.16 50.56 36.38
CA VAL M 634 -54.50 49.98 36.33
C VAL M 634 -54.46 48.75 35.44
N VAL M 635 -55.01 47.64 35.92
CA VAL M 635 -55.00 46.37 35.21
C VAL M 635 -56.41 45.83 35.12
N GLY M 636 -56.80 45.34 33.96
CA GLY M 636 -58.11 44.72 33.81
C GLY M 636 -58.18 43.41 34.56
N ARG M 637 -59.33 43.14 35.18
CA ARG M 637 -59.45 42.05 36.14
C ARG M 637 -60.22 40.86 35.59
N PHE M 638 -61.44 41.08 35.10
CA PHE M 638 -62.37 40.00 34.85
C PHE M 638 -61.85 39.05 33.78
N ALA M 639 -62.23 37.77 33.92
CA ALA M 639 -61.91 36.76 32.92
C ALA M 639 -62.80 36.85 31.69
N SER M 640 -63.85 37.66 31.72
CA SER M 640 -64.77 37.81 30.58
C SER M 640 -65.67 39.02 30.84
N ASN M 641 -66.55 39.28 29.88
CA ASN M 641 -67.62 40.27 29.97
C ASN M 641 -67.15 41.59 30.59
N ASN M 642 -66.19 42.23 29.92
CA ASN M 642 -65.66 43.49 30.39
C ASN M 642 -65.22 44.33 29.19
N THR M 643 -65.14 45.65 29.42
CA THR M 643 -64.67 46.56 28.38
C THR M 643 -63.15 46.42 28.17
N ILE M 644 -62.40 46.37 29.26
CA ILE M 644 -60.95 46.24 29.21
C ILE M 644 -60.59 44.76 29.12
N ALA M 645 -59.69 44.42 28.19
CA ALA M 645 -59.27 43.04 28.05
C ALA M 645 -58.50 42.58 29.27
N HIS M 646 -58.51 41.27 29.51
CA HIS M 646 -57.80 40.70 30.64
C HIS M 646 -56.32 41.04 30.57
N GLY M 647 -55.78 41.52 31.67
CA GLY M 647 -54.35 41.79 31.76
C GLY M 647 -53.88 43.04 31.06
N GLN M 648 -54.78 43.88 30.56
CA GLN M 648 -54.36 45.12 29.92
C GLN M 648 -53.98 46.14 30.96
N VAL M 649 -52.83 46.78 30.76
CA VAL M 649 -52.28 47.74 31.71
C VAL M 649 -52.46 49.15 31.15
N ILE M 650 -52.76 50.10 32.04
CA ILE M 650 -52.96 51.49 31.67
C ILE M 650 -52.21 52.36 32.67
N LYS M 651 -51.42 53.30 32.18
CA LYS M 651 -50.68 54.22 33.03
C LYS M 651 -51.31 55.60 32.95
N ALA M 652 -51.22 56.33 34.06
CA ALA M 652 -51.91 57.61 34.20
C ALA M 652 -51.28 58.67 33.30
N THR M 653 -52.05 59.72 33.04
CA THR M 653 -51.57 60.90 32.34
C THR M 653 -51.53 62.14 33.20
N ALA M 654 -52.17 62.13 34.36
CA ALA M 654 -52.12 63.27 35.28
C ALA M 654 -52.47 62.76 36.67
N GLU M 655 -51.49 62.76 37.57
CA GLU M 655 -51.65 62.26 38.93
C GLU M 655 -51.65 63.42 39.91
N THR M 656 -52.61 63.42 40.83
CA THR M 656 -52.69 64.40 41.90
C THR M 656 -52.48 63.65 43.21
N LEU M 657 -51.51 64.12 44.01
CA LEU M 657 -51.18 63.42 45.26
C LEU M 657 -52.37 63.40 46.20
N THR M 658 -53.07 64.52 46.33
CA THR M 658 -54.29 64.59 47.12
C THR M 658 -55.15 65.73 46.60
N GLY M 659 -56.43 65.69 46.93
CA GLY M 659 -57.35 66.70 46.47
C GLY M 659 -58.73 66.19 46.15
N GLY M 660 -58.90 64.87 46.16
CA GLY M 660 -60.21 64.28 45.97
C GLY M 660 -61.09 64.44 47.20
N ALA M 661 -62.10 63.58 47.28
CA ALA M 661 -62.98 63.60 48.44
C ALA M 661 -62.25 63.09 49.67
N SER M 662 -62.38 63.80 50.78
CA SER M 662 -61.77 63.44 52.06
C SER M 662 -60.25 63.33 51.95
N GLY M 663 -59.64 64.13 51.09
CA GLY M 663 -58.20 64.13 50.94
C GLY M 663 -57.63 62.95 50.19
N ASN M 664 -58.47 62.13 49.58
CA ASN M 664 -58.00 60.96 48.85
C ASN M 664 -57.33 61.36 47.54
N GLY M 665 -56.42 60.50 47.07
CA GLY M 665 -55.75 60.76 45.82
C GLY M 665 -56.63 60.53 44.61
N THR M 666 -56.27 61.18 43.51
CA THR M 666 -56.98 61.05 42.25
C THR M 666 -56.02 60.66 41.15
N MET M 667 -56.57 60.10 40.08
CA MET M 667 -55.77 59.62 38.95
C MET M 667 -56.62 59.71 37.69
N THR M 668 -56.05 60.26 36.63
CA THR M 668 -56.77 60.47 35.38
C THR M 668 -56.19 59.58 34.28
N VAL M 669 -57.05 58.81 33.63
CA VAL M 669 -56.63 57.89 32.58
C VAL M 669 -57.52 58.10 31.35
N PRO M 670 -57.05 57.78 30.15
CA PRO M 670 -57.88 57.96 28.96
C PRO M 670 -58.96 56.88 28.86
N GLY M 671 -59.92 57.13 27.98
CA GLY M 671 -61.01 56.21 27.78
C GLY M 671 -62.11 56.39 28.81
N ASP M 672 -63.17 55.59 28.66
CA ASP M 672 -64.31 55.61 29.57
C ASP M 672 -64.27 54.34 30.40
N LEU M 673 -64.02 54.51 31.70
CA LEU M 673 -63.98 53.39 32.64
C LEU M 673 -65.01 53.58 33.75
N SER M 674 -66.22 53.99 33.36
CA SER M 674 -67.30 54.14 34.33
C SER M 674 -68.00 52.82 34.63
N SER M 675 -67.75 51.78 33.85
CA SER M 675 -68.40 50.49 34.08
C SER M 675 -67.47 49.29 33.89
N ALA M 676 -66.15 49.50 33.80
CA ALA M 676 -65.24 48.40 33.63
C ALA M 676 -64.81 47.83 34.98
N LYS M 677 -64.12 46.70 34.93
CA LYS M 677 -63.60 46.04 36.13
C LYS M 677 -62.07 46.06 36.06
N PHE M 678 -61.45 46.60 37.11
CA PHE M 678 -60.01 46.80 37.08
C PHE M 678 -59.45 46.85 38.50
N PHE M 679 -58.18 46.49 38.63
CA PHE M 679 -57.45 46.62 39.87
C PHE M 679 -56.78 47.99 39.94
N VAL M 680 -56.03 48.23 41.02
CA VAL M 680 -55.27 49.47 41.18
C VAL M 680 -54.23 49.23 42.27
N GLY M 681 -53.01 49.73 42.02
CA GLY M 681 -51.95 49.57 43.00
C GLY M 681 -50.62 50.03 42.43
N GLU M 682 -49.56 49.73 43.18
CA GLU M 682 -48.21 50.11 42.80
C GLU M 682 -47.50 48.95 42.11
N ILE M 683 -46.25 49.19 41.72
CA ILE M 683 -45.44 48.20 41.01
C ILE M 683 -44.12 48.02 41.75
N TYR M 684 -43.69 46.77 41.90
CA TYR M 684 -42.47 46.45 42.61
C TYR M 684 -41.60 45.56 41.74
N ASN M 685 -40.29 45.78 41.77
CA ASN M 685 -39.35 45.10 40.90
C ASN M 685 -38.76 43.87 41.58
N MET M 686 -38.24 42.96 40.76
CA MET M 686 -37.60 41.74 41.21
C MET M 686 -36.24 41.62 40.54
N THR M 687 -35.21 41.35 41.34
CA THR M 687 -33.84 41.29 40.84
C THR M 687 -33.16 40.03 41.36
N TYR M 688 -32.53 39.28 40.46
CA TYR M 688 -31.80 38.07 40.81
C TYR M 688 -30.48 38.09 40.03
N GLU M 689 -29.37 38.11 40.75
CA GLU M 689 -28.05 38.23 40.14
C GLU M 689 -27.29 36.92 40.30
N PHE M 690 -26.92 36.31 39.18
CA PHE M 690 -26.19 35.06 39.22
C PHE M 690 -24.76 35.30 39.71
N SER M 691 -24.11 34.22 40.13
CA SER M 691 -22.77 34.27 40.66
C SER M 691 -21.76 33.90 39.58
N THR M 692 -20.51 33.80 39.96
CA THR M 692 -19.46 33.43 39.00
C THR M 692 -19.53 31.94 38.72
N PRO M 693 -19.73 31.52 37.48
CA PRO M 693 -19.77 30.08 37.17
C PRO M 693 -18.38 29.47 37.25
N TYR M 694 -18.32 28.25 37.77
CA TYR M 694 -17.05 27.56 37.99
C TYR M 694 -17.24 26.08 37.71
N LEU M 695 -16.18 25.31 37.99
CA LEU M 695 -16.18 23.87 37.84
C LEU M 695 -15.84 23.22 39.18
N LYS M 696 -16.40 22.03 39.40
CA LYS M 696 -16.16 21.28 40.62
C LYS M 696 -15.86 19.82 40.29
N GLU M 697 -14.88 19.27 40.99
CA GLU M 697 -14.49 17.87 40.86
C GLU M 697 -14.27 17.27 42.24
N THR M 698 -14.10 15.95 42.28
CA THR M 698 -13.92 15.24 43.54
C THR M 698 -12.45 15.12 43.85
N PRO M 699 -11.95 15.70 44.94
CA PRO M 699 -10.55 15.55 45.31
C PRO M 699 -10.28 14.14 45.81
N PRO M 700 -9.00 13.75 45.92
CA PRO M 700 -8.71 12.37 46.34
C PRO M 700 -9.26 12.01 47.71
N GLY M 701 -9.36 12.97 48.63
CA GLY M 701 -9.85 12.68 49.96
C GLY M 701 -11.35 12.61 50.11
N GLY M 702 -12.10 12.86 49.05
CA GLY M 702 -13.55 12.88 49.16
C GLY M 702 -14.10 14.27 49.42
N GLY M 703 -15.29 14.52 48.89
CA GLY M 703 -15.89 15.84 49.01
C GLY M 703 -15.93 16.56 47.68
N LEU M 704 -15.85 17.89 47.70
CA LEU M 704 -15.84 18.68 46.48
C LEU M 704 -14.82 19.79 46.58
N ALA M 705 -14.33 20.24 45.43
CA ALA M 705 -13.44 21.37 45.34
C ALA M 705 -13.76 22.11 44.05
N VAL M 706 -13.36 23.38 43.98
CA VAL M 706 -13.71 24.26 42.88
C VAL M 706 -12.44 24.63 42.12
N LEU M 707 -12.41 24.31 40.83
CA LEU M 707 -11.31 24.74 39.99
C LEU M 707 -11.30 26.26 39.84
N ALA M 708 -10.11 26.84 39.79
CA ALA M 708 -10.00 28.28 39.68
C ALA M 708 -9.02 28.69 38.58
N ASN M 709 -8.06 27.83 38.29
CA ASN M 709 -6.97 28.18 37.39
C ASN M 709 -7.32 28.08 35.90
N PRO M 710 -7.92 26.99 35.41
CA PRO M 710 -8.13 26.87 33.96
C PRO M 710 -9.01 27.98 33.42
N ARG M 711 -8.71 28.40 32.19
CA ARG M 711 -9.45 29.47 31.55
C ARG M 711 -10.83 28.99 31.14
N LEU M 712 -11.85 29.73 31.55
CA LEU M 712 -13.25 29.40 31.25
C LEU M 712 -13.91 30.65 30.67
N GLN M 713 -14.13 30.64 29.36
CA GLN M 713 -14.77 31.75 28.67
C GLN M 713 -16.21 31.37 28.34
N LEU M 714 -17.17 32.08 28.93
CA LEU M 714 -18.57 31.76 28.73
C LEU M 714 -18.97 32.03 27.28
N ARG M 715 -19.89 31.21 26.78
CA ARG M 715 -20.40 31.35 25.42
C ARG M 715 -21.85 31.76 25.37
N THR M 716 -22.75 30.96 25.93
CA THR M 716 -24.17 31.24 25.89
C THR M 716 -24.80 30.97 27.24
N TRP M 717 -25.84 31.74 27.57
CA TRP M 717 -26.59 31.55 28.80
C TRP M 717 -28.05 31.29 28.45
N SER M 718 -28.59 30.19 28.93
CA SER M 718 -29.96 29.80 28.62
C SER M 718 -30.70 29.49 29.91
N ILE M 719 -32.00 29.76 29.90
CA ILE M 719 -32.86 29.56 31.05
C ILE M 719 -34.11 28.80 30.60
N VAL M 720 -34.73 28.07 31.52
CA VAL M 720 -35.93 27.30 31.26
C VAL M 720 -37.03 27.81 32.18
N PHE M 721 -38.13 28.26 31.59
CA PHE M 721 -39.25 28.81 32.34
C PHE M 721 -40.50 27.95 32.09
N ASP M 722 -41.59 28.35 32.73
CA ASP M 722 -42.87 27.67 32.55
C ASP M 722 -43.94 28.60 33.12
N GLU M 723 -44.99 28.85 32.35
CA GLU M 723 -46.07 29.74 32.76
C GLU M 723 -45.54 31.12 33.16
N THR M 724 -44.78 31.72 32.26
CA THR M 724 -44.25 33.06 32.46
C THR M 724 -44.74 33.98 31.34
N SER M 725 -44.73 35.28 31.63
CA SER M 725 -45.23 36.27 30.70
C SER M 725 -44.17 37.23 30.20
N ASN M 726 -43.38 37.81 31.10
CA ASN M 726 -42.37 38.78 30.69
C ASN M 726 -41.25 38.83 31.71
N PHE M 727 -40.02 38.93 31.22
CA PHE M 727 -38.85 39.23 32.03
C PHE M 727 -37.75 39.73 31.09
N SER M 728 -36.72 40.31 31.69
CA SER M 728 -35.61 40.85 30.92
C SER M 728 -34.31 40.43 31.56
N MET M 729 -33.27 40.28 30.73
CA MET M 729 -31.95 39.86 31.19
C MET M 729 -30.96 40.96 30.89
N LYS M 730 -30.13 41.30 31.88
CA LYS M 730 -29.15 42.38 31.77
C LYS M 730 -27.77 41.82 31.97
N ILE M 731 -26.95 41.84 30.92
CA ILE M 731 -25.61 41.27 30.93
C ILE M 731 -24.61 42.39 30.74
N THR M 732 -23.64 42.48 31.64
CA THR M 732 -22.63 43.53 31.62
C THR M 732 -21.24 42.92 31.66
N PRO M 733 -20.50 42.93 30.55
CA PRO M 733 -19.11 42.46 30.59
C PRO M 733 -18.21 43.42 31.36
N GLY M 734 -16.92 43.11 31.40
CA GLY M 734 -15.98 43.94 32.13
C GLY M 734 -15.70 45.28 31.48
N GLN M 735 -16.14 46.36 32.14
CA GLN M 735 -15.86 47.73 31.70
C GLN M 735 -16.29 47.96 30.25
N ARG M 736 -17.51 47.54 29.95
CA ARG M 736 -18.10 47.73 28.63
C ARG M 736 -19.58 48.05 28.80
N ASP M 737 -20.25 48.27 27.66
CA ASP M 737 -21.63 48.72 27.69
C ASP M 737 -22.56 47.60 28.18
N GLU M 738 -23.62 48.00 28.87
CA GLU M 738 -24.61 47.05 29.35
C GLU M 738 -25.64 46.75 28.26
N LEU M 739 -26.01 45.47 28.14
CA LEU M 739 -26.93 45.02 27.11
C LEU M 739 -28.17 44.41 27.76
N THR M 740 -29.27 44.43 27.01
CA THR M 740 -30.54 43.89 27.48
C THR M 740 -31.10 42.93 26.44
N TYR M 741 -31.95 42.01 26.90
CA TYR M 741 -32.55 41.00 26.03
C TYR M 741 -33.93 40.64 26.56
N PRO M 742 -34.95 41.41 26.22
CA PRO M 742 -36.28 41.15 26.76
C PRO M 742 -36.97 39.99 26.06
N PHE M 743 -38.02 39.50 26.71
CA PHE M 743 -38.83 38.40 26.20
C PHE M 743 -40.21 38.51 26.80
N ASN M 744 -41.24 38.51 25.94
CA ASN M 744 -42.60 38.77 26.40
C ASN M 744 -43.59 37.69 25.94
N GLY M 745 -43.11 36.53 25.52
CA GLY M 745 -44.00 35.40 25.29
C GLY M 745 -44.71 35.38 23.96
N TYR M 746 -45.04 36.54 23.41
CA TYR M 746 -45.77 36.62 22.14
C TYR M 746 -44.87 36.14 21.02
N LYS M 747 -45.08 34.91 20.56
CA LYS M 747 -44.32 34.36 19.45
C LYS M 747 -45.09 34.63 18.16
N ILE M 748 -44.52 35.47 17.30
CA ILE M 748 -45.21 35.87 16.08
C ILE M 748 -45.37 34.66 15.16
N GLY M 749 -46.58 34.51 14.61
CA GLY M 749 -46.92 33.38 13.77
C GLY M 749 -47.68 32.29 14.48
N SER M 750 -47.30 31.95 15.71
CA SER M 750 -48.02 30.94 16.47
C SER M 750 -49.39 31.47 16.89
N GLY M 751 -50.40 30.61 16.78
CA GLY M 751 -51.76 30.96 17.10
C GLY M 751 -52.26 30.53 18.45
N GLN M 752 -51.37 30.11 19.36
CA GLN M 752 -51.81 29.70 20.69
C GLN M 752 -52.37 30.87 21.48
N PHE M 753 -51.81 32.06 21.34
CA PHE M 753 -52.29 33.25 22.03
C PHE M 753 -52.92 34.21 21.04
N PRO M 754 -54.25 34.34 21.01
CA PRO M 754 -54.88 35.32 20.12
C PRO M 754 -54.61 36.74 20.59
N ILE M 755 -55.03 37.70 19.78
CA ILE M 755 -54.91 39.10 20.14
C ILE M 755 -55.93 39.44 21.20
N GLY M 756 -55.48 40.05 22.30
CA GLY M 756 -56.37 40.47 23.37
C GLY M 756 -56.37 39.59 24.59
N THR M 757 -55.46 38.64 24.71
CA THR M 757 -55.40 37.81 25.90
C THR M 757 -53.98 37.73 26.42
N PRO M 758 -53.80 37.64 27.75
CA PRO M 758 -52.45 37.52 28.30
C PRO M 758 -51.77 36.24 27.84
N SER M 759 -50.45 36.31 27.73
CA SER M 759 -49.65 35.19 27.24
C SER M 759 -48.85 34.58 28.40
N LEU M 760 -48.92 33.26 28.52
CA LEU M 760 -48.10 32.51 29.47
C LEU M 760 -47.50 31.33 28.70
N ALA M 761 -46.18 31.33 28.59
CA ALA M 761 -45.47 30.45 27.65
C ALA M 761 -44.72 29.37 28.39
N THR M 762 -43.98 28.57 27.62
CA THR M 762 -43.16 27.49 28.15
C THR M 762 -42.11 27.15 27.10
N GLY M 763 -40.85 27.33 27.44
CA GLY M 763 -39.79 27.09 26.49
C GLY M 763 -38.46 27.61 27.01
N ARG M 764 -37.47 27.61 26.13
CA ARG M 764 -36.11 27.99 26.48
C ARG M 764 -35.72 29.28 25.76
N PHE M 765 -34.89 30.08 26.44
CA PHE M 765 -34.41 31.36 25.93
C PHE M 765 -32.90 31.38 26.04
N ARG M 766 -32.22 31.79 24.97
CA ARG M 766 -30.77 31.70 24.86
C ARG M 766 -30.19 33.02 24.38
N VAL M 767 -29.16 33.50 25.06
CA VAL M 767 -28.48 34.75 24.71
C VAL M 767 -26.97 34.54 24.79
N PRO M 768 -26.20 35.33 24.04
CA PRO M 768 -24.74 35.23 24.11
C PRO M 768 -24.12 36.15 25.15
N VAL M 769 -23.00 35.69 25.72
CA VAL M 769 -22.34 36.40 26.81
C VAL M 769 -21.05 37.04 26.32
N MET M 770 -20.14 36.22 25.80
CA MET M 770 -18.89 36.69 25.17
C MET M 770 -18.00 37.45 26.16
N ALA M 771 -17.57 36.75 27.20
CA ALA M 771 -16.66 37.33 28.18
C ALA M 771 -15.98 36.22 28.96
N GLN M 772 -15.27 36.60 30.02
CA GLN M 772 -14.58 35.67 30.90
C GLN M 772 -15.38 35.49 32.19
N ASN M 773 -15.25 34.30 32.79
CA ASN M 773 -16.11 33.95 33.92
C ASN M 773 -15.91 34.88 35.10
N ILE M 774 -14.71 35.44 35.29
CA ILE M 774 -14.43 36.26 36.46
C ILE M 774 -14.71 37.74 36.23
N GLU M 775 -15.28 38.11 35.08
CA GLU M 775 -15.57 39.52 34.79
C GLU M 775 -16.97 39.67 34.19
N THR M 776 -17.94 38.95 34.72
CA THR M 776 -19.31 39.03 34.24
C THR M 776 -20.27 39.27 35.38
N LYS M 777 -21.31 40.06 35.11
CA LYS M 777 -22.46 40.23 35.98
C LYS M 777 -23.71 39.91 35.18
N ILE M 778 -24.49 38.94 35.64
CA ILE M 778 -25.73 38.55 34.98
C ILE M 778 -26.87 38.81 35.95
N VAL M 779 -27.86 39.58 35.49
CA VAL M 779 -28.98 39.98 36.32
C VAL M 779 -30.27 39.60 35.60
N LEU M 780 -31.16 38.92 36.31
CA LEU M 780 -32.47 38.56 35.78
C LEU M 780 -33.48 39.57 36.30
N PHE M 781 -33.97 40.44 35.42
CA PHE M 781 -34.78 41.58 35.82
C PHE M 781 -36.20 41.43 35.30
N SER M 782 -37.15 41.91 36.10
CA SER M 782 -38.56 41.88 35.72
C SER M 782 -39.30 42.95 36.50
N ASP M 783 -40.19 43.66 35.81
CA ASP M 783 -40.96 44.72 36.46
C ASP M 783 -42.43 44.73 36.08
N SER M 784 -42.88 43.86 35.20
CA SER M 784 -44.27 43.83 34.80
C SER M 784 -45.14 43.29 35.92
N PRO M 785 -46.42 43.65 35.94
CA PRO M 785 -47.36 43.07 36.91
C PRO M 785 -47.91 41.70 36.54
N LEU M 786 -47.31 41.01 35.56
CA LEU M 786 -47.72 39.68 35.13
C LEU M 786 -46.75 38.63 35.67
N PRO M 787 -47.21 37.40 35.88
CA PRO M 787 -46.39 36.42 36.61
C PRO M 787 -45.12 36.04 35.86
N CYS M 788 -44.13 35.58 36.63
CA CYS M 788 -42.85 35.17 36.07
C CYS M 788 -42.21 34.17 37.01
N ARG M 789 -41.93 32.96 36.53
CA ARG M 789 -41.25 31.95 37.33
C ARG M 789 -40.28 31.18 36.45
N VAL M 790 -39.17 30.75 37.05
CA VAL M 790 -38.07 30.10 36.35
C VAL M 790 -37.75 28.80 37.07
N GLN M 791 -37.14 27.86 36.35
CA GLN M 791 -36.81 26.56 36.91
C GLN M 791 -35.30 26.33 37.02
N SER M 792 -34.56 26.50 35.94
CA SER M 792 -33.13 26.21 35.96
C SER M 792 -32.45 26.99 34.84
N ALA M 793 -31.13 26.87 34.77
CA ALA M 793 -30.34 27.54 33.75
C ALA M 793 -29.13 26.69 33.43
N GLU M 794 -28.56 26.92 32.24
CA GLU M 794 -27.39 26.14 31.83
C GLU M 794 -26.58 26.94 30.83
N TRP M 795 -25.26 26.89 30.98
CA TRP M 795 -24.35 27.67 30.17
C TRP M 795 -23.38 26.76 29.44
N GLU M 796 -22.50 27.37 28.65
CA GLU M 796 -21.48 26.64 27.91
C GLU M 796 -20.37 27.61 27.54
N GLY M 797 -19.18 27.09 27.27
CA GLY M 797 -18.10 27.98 26.90
C GLY M 797 -16.80 27.24 26.69
N TRP M 798 -15.78 28.02 26.36
CA TRP M 798 -14.45 27.49 26.09
C TRP M 798 -13.78 27.06 27.38
N TYR M 799 -13.22 25.86 27.40
CA TYR M 799 -12.51 25.34 28.56
C TYR M 799 -11.13 24.88 28.12
N GLN M 800 -10.09 25.52 28.63
CA GLN M 800 -8.72 25.25 28.22
C GLN M 800 -7.89 24.85 29.42
N GLU M 801 -7.06 23.83 29.25
CA GLU M 801 -6.16 23.35 30.30
C GLU M 801 -4.73 23.37 29.77
N ARG M 802 -3.85 24.07 30.49
CA ARG M 802 -2.47 24.22 30.05
C ARG M 802 -1.66 22.94 30.23
N ALA M 803 -2.10 22.04 31.10
CA ALA M 803 -1.42 20.77 31.34
C ALA M 803 -2.47 19.73 31.69
N ARG M 804 -2.02 18.60 32.21
CA ARG M 804 -2.87 17.49 32.61
C ARG M 804 -3.06 17.50 34.12
N ARG M 805 -4.06 16.76 34.59
CA ARG M 805 -4.43 16.74 36.00
C ARG M 805 -3.89 15.49 36.68
N LEU M 806 -3.21 15.70 37.81
CA LEU M 806 -2.66 14.61 38.62
C LEU M 806 -3.75 13.64 39.06
N MET N 1 -25.98 12.45 16.50
CA MET N 1 -27.38 12.03 16.62
C MET N 1 -27.46 10.54 16.92
N PRO N 2 -27.60 10.20 18.19
CA PRO N 2 -27.99 8.83 18.54
C PRO N 2 -29.50 8.68 18.65
N LEU N 3 -30.09 7.67 18.01
CA LEU N 3 -31.51 7.38 18.17
C LEU N 3 -31.64 6.38 19.31
N ILE N 4 -32.18 6.85 20.43
CA ILE N 4 -32.07 6.17 21.71
C ILE N 4 -33.42 6.17 22.42
N SER N 5 -33.64 5.15 23.26
CA SER N 5 -34.93 4.89 23.86
C SER N 5 -34.77 4.51 25.33
N SER N 6 -35.82 4.81 26.11
CA SER N 6 -35.89 4.44 27.52
C SER N 6 -37.31 3.99 27.82
N SER N 7 -37.60 3.86 29.12
CA SER N 7 -38.89 3.34 29.55
C SER N 7 -39.28 3.97 30.88
N ILE N 8 -40.57 3.90 31.19
CA ILE N 8 -41.10 4.34 32.47
C ILE N 8 -41.36 3.10 33.32
N PRO N 9 -40.55 2.81 34.33
CA PRO N 9 -40.67 1.51 35.02
C PRO N 9 -41.98 1.31 35.75
N ASN N 10 -42.56 2.34 36.34
CA ASN N 10 -43.76 2.18 37.16
C ASN N 10 -44.78 3.26 36.83
N LEU N 11 -46.04 2.97 37.15
CA LEU N 11 -47.16 3.87 36.87
C LEU N 11 -48.05 4.04 38.10
N ILE N 12 -47.48 3.90 39.30
CA ILE N 12 -48.29 3.84 40.51
C ILE N 12 -47.93 5.02 41.41
N ASN N 13 -47.60 6.16 40.81
CA ASN N 13 -47.16 7.31 41.60
C ASN N 13 -48.16 8.45 41.65
N GLY N 14 -49.14 8.49 40.76
CA GLY N 14 -50.25 9.42 40.94
C GLY N 14 -50.09 10.76 40.23
N VAL N 15 -50.76 11.76 40.80
CA VAL N 15 -50.92 13.08 40.18
C VAL N 15 -50.00 14.09 40.86
N SER N 16 -49.47 15.02 40.08
CA SER N 16 -48.63 16.09 40.59
C SER N 16 -49.04 17.41 39.98
N GLN N 17 -48.80 18.49 40.72
CA GLN N 17 -49.08 19.85 40.26
C GLN N 17 -47.82 20.65 39.97
N GLN N 18 -46.64 20.06 40.18
CA GLN N 18 -45.39 20.76 39.96
C GLN N 18 -45.20 21.06 38.48
N PRO N 19 -44.36 22.05 38.16
CA PRO N 19 -43.98 22.25 36.75
C PRO N 19 -43.24 21.03 36.24
N ALA N 20 -43.37 20.79 34.92
CA ALA N 20 -42.89 19.54 34.34
C ALA N 20 -41.38 19.36 34.47
N ALA N 21 -40.63 20.45 34.67
CA ALA N 21 -39.18 20.36 34.72
C ALA N 21 -38.64 19.94 36.09
N LEU N 22 -39.48 19.92 37.12
CA LEU N 22 -39.05 19.54 38.46
C LEU N 22 -39.64 18.22 38.93
N ARG N 23 -40.53 17.62 38.16
CA ARG N 23 -41.17 16.37 38.56
C ARG N 23 -40.19 15.20 38.41
N LEU N 24 -40.63 14.03 38.84
CA LEU N 24 -40.09 12.78 38.35
C LEU N 24 -40.78 12.45 37.03
N ALA N 25 -40.08 11.72 36.17
CA ALA N 25 -40.74 11.21 34.97
C ALA N 25 -41.87 10.25 35.33
N SER N 26 -41.78 9.60 36.49
CA SER N 26 -42.81 8.64 36.89
C SER N 26 -44.15 9.33 37.15
N GLN N 27 -44.13 10.48 37.80
CA GLN N 27 -45.38 11.13 38.18
C GLN N 27 -46.20 11.52 36.95
N ALA N 28 -47.50 11.31 37.03
CA ALA N 28 -48.41 11.53 35.91
C ALA N 28 -48.98 12.94 35.96
N GLU N 29 -49.99 13.20 35.16
CA GLU N 29 -50.63 14.50 35.06
C GLU N 29 -52.06 14.50 35.57
N GLU N 30 -52.92 13.63 35.03
CA GLU N 30 -54.30 13.51 35.46
C GLU N 30 -54.65 12.04 35.58
N VAL N 31 -55.23 11.64 36.70
CA VAL N 31 -55.67 10.27 36.92
C VAL N 31 -57.11 10.31 37.40
N ILE N 32 -58.01 9.69 36.63
CA ILE N 32 -59.43 9.65 36.95
C ILE N 32 -59.92 8.21 36.84
N ASN N 33 -60.64 7.75 37.86
CA ASN N 33 -61.24 6.42 37.87
C ASN N 33 -60.22 5.31 37.66
N CYS N 34 -59.04 5.46 38.25
CA CYS N 34 -58.03 4.41 38.29
C CYS N 34 -57.78 4.01 39.73
N MET N 35 -57.29 2.79 39.91
CA MET N 35 -56.95 2.25 41.23
C MET N 35 -55.52 1.74 41.18
N PRO N 36 -54.54 2.64 41.25
CA PRO N 36 -53.15 2.21 41.10
C PRO N 36 -52.69 1.36 42.29
N SER N 37 -52.38 0.10 42.02
CA SER N 37 -51.99 -0.84 43.07
C SER N 37 -50.68 -1.52 42.72
N PRO N 38 -49.87 -1.87 43.72
CA PRO N 38 -48.59 -2.54 43.44
C PRO N 38 -48.72 -4.01 43.09
N VAL N 39 -49.90 -4.60 43.24
CA VAL N 39 -50.07 -6.01 42.90
C VAL N 39 -50.31 -6.20 41.40
N GLU N 40 -51.06 -5.31 40.76
CA GLU N 40 -51.38 -5.47 39.35
C GLU N 40 -51.04 -4.24 38.50
N GLY N 41 -50.30 -3.29 39.03
CA GLY N 41 -50.04 -2.07 38.28
C GLY N 41 -51.25 -1.18 38.26
N LEU N 42 -51.55 -0.62 37.10
CA LEU N 42 -52.67 0.29 36.92
C LEU N 42 -53.87 -0.50 36.39
N LYS N 43 -55.02 -0.34 37.04
CA LYS N 43 -56.24 -1.00 36.61
C LYS N 43 -57.41 -0.05 36.76
N LYS N 44 -58.48 -0.34 36.03
CA LYS N 44 -59.70 0.45 36.11
C LYS N 44 -60.35 0.29 37.48
N ARG N 45 -61.07 1.32 37.90
CA ARG N 45 -61.62 1.34 39.25
C ARG N 45 -62.70 0.27 39.41
N PRO N 46 -62.88 -0.24 40.63
CA PRO N 46 -63.90 -1.27 40.84
C PRO N 46 -65.29 -0.70 40.67
N PRO N 47 -66.28 -1.53 40.36
CA PRO N 47 -67.64 -1.04 40.18
C PRO N 47 -68.34 -0.86 41.53
N MET N 48 -69.47 -0.16 41.49
CA MET N 48 -70.30 0.08 42.66
C MET N 48 -71.63 -0.65 42.50
N GLN N 49 -71.97 -1.48 43.47
CA GLN N 49 -73.18 -2.27 43.42
C GLN N 49 -74.33 -1.53 44.10
N HIS N 50 -75.52 -2.12 44.03
CA HIS N 50 -76.73 -1.53 44.61
C HIS N 50 -77.31 -2.48 45.64
N ILE N 51 -77.89 -1.91 46.70
CA ILE N 51 -78.41 -2.73 47.80
C ILE N 51 -79.90 -2.52 48.00
N LYS N 52 -80.31 -1.32 48.39
CA LYS N 52 -81.71 -1.06 48.68
C LYS N 52 -81.91 0.44 48.91
N LYS N 53 -83.17 0.87 48.81
CA LYS N 53 -83.54 2.24 49.11
C LYS N 53 -83.84 2.37 50.60
N LEU N 54 -83.24 3.36 51.24
CA LEU N 54 -83.45 3.56 52.68
C LEU N 54 -84.80 4.18 52.96
N PHE N 55 -85.06 5.38 52.44
CA PHE N 55 -86.32 6.06 52.69
C PHE N 55 -86.57 7.07 51.59
N ALA N 56 -87.83 7.45 51.44
CA ALA N 56 -88.23 8.41 50.42
C ALA N 56 -87.90 9.83 50.86
N GLY N 57 -88.09 10.76 49.93
CA GLY N 57 -87.78 12.15 50.20
C GLY N 57 -86.29 12.42 50.21
N SER N 58 -85.94 13.61 50.65
CA SER N 58 -84.55 14.03 50.76
C SER N 58 -84.09 13.97 52.22
N ALA N 59 -82.78 14.18 52.41
CA ALA N 59 -82.15 14.08 53.72
C ALA N 59 -82.02 15.43 54.41
N GLY N 60 -82.51 16.51 53.81
CA GLY N 60 -82.41 17.83 54.38
C GLY N 60 -81.26 18.64 53.80
N THR N 61 -81.26 19.93 54.13
CA THR N 61 -80.24 20.83 53.59
C THR N 61 -78.85 20.47 54.11
N GLY N 62 -78.74 20.08 55.38
CA GLY N 62 -77.46 19.71 55.93
C GLY N 62 -77.06 18.30 55.58
N ARG N 63 -75.80 17.98 55.86
CA ARG N 63 -75.30 16.63 55.61
C ARG N 63 -75.62 15.73 56.81
N PRO N 64 -76.09 14.51 56.58
CA PRO N 64 -76.35 13.61 57.70
C PRO N 64 -75.06 13.10 58.31
N PHE N 65 -75.12 12.74 59.58
CA PHE N 65 -73.99 12.16 60.30
C PHE N 65 -74.15 10.65 60.34
N THR N 66 -73.16 9.94 59.81
CA THR N 66 -73.23 8.49 59.63
C THR N 66 -72.06 7.82 60.34
N HIS N 67 -72.35 6.79 61.12
CA HIS N 67 -71.33 6.00 61.78
C HIS N 67 -71.80 4.56 61.88
N ILE N 68 -70.89 3.61 61.66
CA ILE N 68 -71.21 2.19 61.62
C ILE N 68 -70.61 1.53 62.85
N VAL N 69 -71.33 0.56 63.42
CA VAL N 69 -70.93 -0.14 64.62
C VAL N 69 -70.80 -1.62 64.31
N ASP N 70 -69.65 -2.20 64.66
CA ASP N 70 -69.39 -3.62 64.49
C ASP N 70 -69.21 -4.23 65.88
N ARG N 71 -70.17 -5.04 66.31
CA ARG N 71 -70.19 -5.52 67.68
C ARG N 71 -69.45 -6.85 67.84
N ASP N 72 -69.91 -7.89 67.14
CA ASP N 72 -69.37 -9.23 67.35
C ASP N 72 -69.19 -10.00 66.05
N GLY N 73 -68.95 -9.28 64.96
CA GLY N 73 -68.72 -9.94 63.68
C GLY N 73 -69.99 -10.39 62.97
N VAL N 74 -71.05 -10.64 63.74
CA VAL N 74 -72.32 -11.06 63.18
C VAL N 74 -73.43 -10.05 63.41
N ILE N 75 -73.24 -9.06 64.27
CA ILE N 75 -74.24 -8.04 64.56
C ILE N 75 -73.69 -6.70 64.09
N ARG N 76 -74.38 -6.07 63.14
CA ARG N 76 -73.95 -4.79 62.63
C ARG N 76 -75.16 -3.92 62.37
N TYR N 77 -74.97 -2.60 62.49
CA TYR N 77 -76.04 -1.66 62.21
C TYR N 77 -75.44 -0.28 62.00
N LEU N 78 -76.09 0.50 61.14
CA LEU N 78 -75.72 1.88 60.91
C LEU N 78 -76.40 2.79 61.92
N ILE N 79 -75.88 4.01 62.04
CA ILE N 79 -76.49 5.06 62.83
C ILE N 79 -76.65 6.28 61.96
N PHE N 80 -77.87 6.82 61.91
CA PHE N 80 -78.23 7.90 61.00
C PHE N 80 -78.89 9.00 61.81
N ILE N 81 -78.13 10.06 62.11
CA ILE N 81 -78.61 11.17 62.92
C ILE N 81 -78.58 12.43 62.08
N GLN N 82 -79.72 13.09 61.95
CA GLN N 82 -79.77 14.36 61.24
C GLN N 82 -81.04 15.11 61.62
N ASP N 83 -80.89 16.41 61.84
CA ASP N 83 -81.99 17.37 61.93
C ASP N 83 -83.14 16.86 62.82
N ASN N 84 -82.81 16.71 64.11
CA ASN N 84 -83.80 16.44 65.14
C ASN N 84 -84.31 15.01 65.08
N ALA N 85 -83.91 14.25 64.06
CA ALA N 85 -84.37 12.88 63.89
C ALA N 85 -83.18 11.92 63.95
N ILE N 86 -83.47 10.70 64.39
CA ILE N 86 -82.48 9.63 64.46
C ILE N 86 -83.10 8.37 63.89
N LYS N 87 -82.36 7.71 62.99
CA LYS N 87 -82.83 6.47 62.37
C LYS N 87 -81.70 5.46 62.37
N VAL N 88 -82.06 4.19 62.35
CA VAL N 88 -81.12 3.08 62.41
C VAL N 88 -81.46 2.07 61.32
N PHE N 89 -80.43 1.59 60.62
CA PHE N 89 -80.57 0.53 59.62
C PHE N 89 -79.52 -0.54 59.85
N ASP N 90 -79.74 -1.69 59.24
CA ASP N 90 -78.76 -2.75 59.19
C ASP N 90 -77.94 -2.63 57.91
N LEU N 91 -77.14 -3.65 57.61
CA LEU N 91 -76.32 -3.62 56.40
C LEU N 91 -77.08 -4.09 55.17
N ASP N 92 -78.33 -4.54 55.31
CA ASP N 92 -79.16 -4.91 54.17
C ASP N 92 -80.29 -3.92 53.93
N GLY N 93 -80.28 -2.79 54.63
CA GLY N 93 -81.27 -1.75 54.40
C GLY N 93 -82.60 -1.94 55.10
N ASN N 94 -82.75 -2.96 55.93
CA ASN N 94 -83.99 -3.19 56.66
C ASN N 94 -83.98 -2.36 57.94
N ALA N 95 -84.92 -1.41 58.04
CA ALA N 95 -84.93 -0.47 59.15
C ALA N 95 -85.28 -1.17 60.46
N GLN N 96 -84.68 -0.69 61.55
CA GLN N 96 -84.97 -1.16 62.89
C GLN N 96 -85.72 -0.05 63.63
N THR N 97 -86.79 -0.43 64.32
CA THR N 97 -87.60 0.56 65.03
C THR N 97 -86.81 1.18 66.18
N VAL N 98 -87.16 2.42 66.50
CA VAL N 98 -86.54 3.17 67.60
C VAL N 98 -87.61 3.92 68.35
N SER N 99 -87.55 3.87 69.68
CA SER N 99 -88.52 4.52 70.55
C SER N 99 -87.85 5.67 71.30
N THR N 100 -88.57 6.79 71.43
CA THR N 100 -88.05 8.00 72.06
C THR N 100 -88.95 8.36 73.23
N PRO N 101 -88.69 7.81 74.42
CA PRO N 101 -89.55 8.12 75.57
C PRO N 101 -89.54 9.59 75.98
N ASN N 102 -88.40 10.27 75.86
CA ASN N 102 -88.27 11.64 76.31
C ASN N 102 -88.34 12.67 75.18
N GLY N 103 -88.58 12.24 73.96
CA GLY N 103 -88.61 13.15 72.84
C GLY N 103 -87.21 13.44 72.30
N THR N 104 -87.18 14.16 71.18
CA THR N 104 -85.93 14.47 70.50
C THR N 104 -85.59 15.95 70.53
N SER N 105 -86.06 16.67 71.56
CA SER N 105 -85.72 18.08 71.67
C SER N 105 -84.23 18.31 71.87
N TYR N 106 -83.51 17.29 72.36
CA TYR N 106 -82.07 17.42 72.54
C TYR N 106 -81.33 17.48 71.21
N LEU N 107 -81.93 17.02 70.12
CA LEU N 107 -81.26 16.95 68.83
C LEU N 107 -81.51 18.15 67.94
N ASN N 108 -82.22 19.17 68.43
CA ASN N 108 -82.42 20.37 67.63
C ASN N 108 -81.09 21.07 67.39
N ILE N 109 -80.91 21.59 66.18
CA ILE N 109 -79.60 22.04 65.72
C ILE N 109 -79.78 23.12 64.67
N THR N 110 -78.77 24.00 64.57
CA THR N 110 -78.74 25.03 63.54
C THR N 110 -77.57 24.91 62.57
N GLY N 111 -76.54 24.14 62.91
CA GLY N 111 -75.38 23.97 62.06
C GLY N 111 -75.39 22.67 61.30
N GLU N 112 -74.20 22.23 60.89
CA GLU N 112 -74.06 20.98 60.16
C GLU N 112 -74.06 19.81 61.13
N PRO N 113 -74.97 18.84 60.99
CA PRO N 113 -74.95 17.68 61.90
C PRO N 113 -73.64 16.91 61.86
N SER N 114 -73.02 16.81 60.68
CA SER N 114 -71.80 16.03 60.55
C SER N 114 -70.67 16.61 61.40
N SER N 115 -70.55 17.93 61.44
CA SER N 115 -69.53 18.59 62.25
C SER N 115 -70.05 18.98 63.62
N THR N 116 -71.30 18.64 63.95
CA THR N 116 -71.85 18.93 65.26
C THR N 116 -71.90 17.72 66.18
N PHE N 117 -72.34 16.56 65.69
CA PHE N 117 -72.48 15.40 66.55
C PHE N 117 -71.17 14.63 66.67
N ARG N 118 -71.06 13.87 67.77
CA ARG N 118 -69.92 13.00 68.00
C ARG N 118 -70.38 11.84 68.88
N VAL N 119 -69.68 10.72 68.79
CA VAL N 119 -70.14 9.46 69.37
C VAL N 119 -68.99 8.76 70.07
N ALA N 120 -69.34 7.87 70.98
CA ALA N 120 -68.39 7.02 71.69
C ALA N 120 -69.13 5.81 72.23
N SER N 121 -68.64 4.62 71.92
CA SER N 121 -69.36 3.38 72.16
C SER N 121 -68.68 2.55 73.24
N ILE N 122 -69.50 1.99 74.15
CA ILE N 122 -69.00 1.09 75.18
C ILE N 122 -70.06 0.06 75.52
N ALA N 123 -69.76 -1.21 75.25
CA ALA N 123 -70.56 -2.34 75.73
C ALA N 123 -72.05 -2.18 75.47
N ASP N 124 -72.78 -1.74 76.48
CA ASP N 124 -74.24 -1.72 76.45
C ASP N 124 -74.82 -0.35 76.13
N PHE N 125 -74.00 0.64 75.81
CA PHE N 125 -74.49 1.98 75.51
C PHE N 125 -73.76 2.55 74.31
N THR N 126 -74.23 3.71 73.87
CA THR N 126 -73.61 4.47 72.78
C THR N 126 -73.87 5.95 73.04
N PHE N 127 -72.90 6.62 73.64
CA PHE N 127 -73.06 8.02 74.02
C PHE N 127 -73.12 8.90 72.79
N ILE N 128 -74.02 9.89 72.81
CA ILE N 128 -74.12 10.90 71.77
C ILE N 128 -73.99 12.27 72.44
N VAL N 129 -73.13 13.11 71.89
CA VAL N 129 -72.83 14.42 72.47
C VAL N 129 -73.13 15.50 71.46
N ASN N 130 -73.79 16.56 71.91
CA ASN N 130 -74.11 17.71 71.07
C ASN N 130 -73.05 18.79 71.35
N ARG N 131 -72.25 19.10 70.33
CA ARG N 131 -71.17 20.07 70.48
C ARG N 131 -71.65 21.51 70.48
N GLU N 132 -72.96 21.75 70.61
CA GLU N 132 -73.48 23.10 70.55
C GLU N 132 -74.40 23.44 71.72
N LYS N 133 -74.58 22.53 72.67
CA LYS N 133 -75.50 22.73 73.77
C LYS N 133 -74.74 23.24 74.99
N THR N 134 -75.23 24.33 75.58
CA THR N 134 -74.63 24.92 76.77
C THR N 134 -75.24 24.26 78.00
N VAL N 135 -74.48 23.37 78.64
CA VAL N 135 -74.99 22.66 79.80
C VAL N 135 -75.18 23.64 80.96
N ALA N 136 -76.17 23.34 81.80
CA ALA N 136 -76.49 24.18 82.94
C ALA N 136 -76.98 23.34 84.10
N MET N 137 -76.51 23.66 85.30
CA MET N 137 -76.97 22.96 86.50
C MET N 137 -78.41 23.32 86.80
N ASP N 138 -79.15 22.37 87.35
CA ASP N 138 -80.53 22.62 87.74
C ASP N 138 -80.57 23.52 88.96
N THR N 139 -81.55 24.44 88.98
CA THR N 139 -81.70 25.39 90.07
C THR N 139 -83.05 25.30 90.77
N THR N 140 -83.96 24.46 90.31
CA THR N 140 -85.30 24.38 90.90
C THR N 140 -85.38 23.29 91.97
N ASN N 141 -85.10 22.05 91.59
CA ASN N 141 -85.18 20.92 92.52
C ASN N 141 -83.90 20.84 93.35
N LYS N 142 -83.78 21.78 94.28
CA LYS N 142 -82.59 21.86 95.11
C LYS N 142 -82.57 20.71 96.10
N SER N 143 -81.51 20.68 96.92
CA SER N 143 -81.31 19.60 97.88
C SER N 143 -82.22 19.83 99.08
N TYR N 144 -82.00 19.04 100.14
CA TYR N 144 -82.81 19.15 101.34
C TYR N 144 -82.65 20.52 101.98
N ASN N 145 -83.60 20.87 102.83
CA ASN N 145 -83.56 22.12 103.57
C ASN N 145 -83.03 21.88 104.98
N TRP N 146 -82.47 22.94 105.56
CA TRP N 146 -81.92 22.83 106.91
C TRP N 146 -83.00 22.47 107.91
N GLY N 147 -84.10 23.22 107.92
CA GLY N 147 -85.09 23.11 108.96
C GLY N 147 -84.67 23.92 110.17
N THR N 148 -85.53 24.80 110.64
CA THR N 148 -85.21 25.66 111.79
C THR N 148 -85.61 24.90 113.05
N LYS N 149 -84.81 23.90 113.39
CA LYS N 149 -85.08 23.04 114.52
C LYS N 149 -83.78 22.74 115.26
N SER N 150 -83.91 22.51 116.56
CA SER N 150 -82.77 22.15 117.40
C SER N 150 -83.30 21.37 118.60
N MET N 151 -82.38 20.72 119.30
CA MET N 151 -82.75 19.97 120.49
C MET N 151 -81.73 20.23 121.59
N VAL N 152 -82.18 20.11 122.83
CA VAL N 152 -81.32 20.26 124.00
C VAL N 152 -81.05 18.88 124.56
N PHE N 153 -79.79 18.47 124.54
CA PHE N 153 -79.39 17.13 124.97
C PHE N 153 -78.88 17.21 126.41
N ILE N 154 -79.45 16.38 127.28
CA ILE N 154 -79.02 16.28 128.66
C ILE N 154 -78.29 14.95 128.83
N LYS N 155 -77.05 15.02 129.31
CA LYS N 155 -76.19 13.85 129.34
C LYS N 155 -76.30 13.08 130.66
N SER N 156 -76.00 13.72 131.78
CA SER N 156 -76.08 13.07 133.07
C SER N 156 -76.57 14.07 134.11
N ALA N 157 -76.77 13.58 135.33
CA ALA N 157 -77.29 14.38 136.41
C ALA N 157 -76.40 14.25 137.64
N ASP N 158 -76.33 15.32 138.42
CA ASP N 158 -75.48 15.36 139.61
C ASP N 158 -76.22 16.12 140.71
N PHE N 159 -75.89 15.78 141.96
CA PHE N 159 -76.55 16.41 143.10
C PHE N 159 -76.27 17.91 143.15
N SER N 160 -77.29 18.68 143.54
CA SER N 160 -77.16 20.11 143.80
C SER N 160 -76.60 20.86 142.59
N THR N 161 -77.23 20.65 141.43
CA THR N 161 -76.81 21.27 140.19
C THR N 161 -77.97 22.06 139.59
N THR N 162 -77.72 23.34 139.32
CA THR N 162 -78.71 24.21 138.72
C THR N 162 -78.46 24.33 137.23
N TYR N 163 -79.51 24.12 136.44
CA TYR N 163 -79.43 24.16 134.99
C TYR N 163 -80.00 25.45 134.45
N ARG N 164 -79.23 26.12 133.59
CA ARG N 164 -79.66 27.35 132.93
C ARG N 164 -79.68 27.13 131.43
N VAL N 165 -80.78 27.54 130.79
CA VAL N 165 -80.93 27.46 129.34
C VAL N 165 -81.28 28.85 128.83
N LYS N 166 -80.50 29.36 127.90
CA LYS N 166 -80.70 30.69 127.34
C LYS N 166 -81.16 30.56 125.89
N LEU N 167 -82.32 31.13 125.59
CA LEU N 167 -82.89 31.14 124.26
C LEU N 167 -83.41 32.54 123.95
N ASN N 168 -82.94 33.12 122.84
CA ASN N 168 -83.40 34.42 122.37
C ASN N 168 -83.23 35.50 123.43
N GLY N 169 -82.18 35.40 124.23
CA GLY N 169 -81.87 36.42 125.22
C GLY N 169 -82.53 36.25 126.57
N THR N 170 -83.36 35.23 126.76
CA THR N 170 -83.99 34.96 128.05
C THR N 170 -83.48 33.63 128.59
N GLU N 171 -83.41 33.54 129.92
CA GLU N 171 -82.86 32.37 130.59
C GLU N 171 -83.86 31.83 131.60
N LYS N 172 -84.07 30.52 131.57
CA LYS N 172 -84.88 29.82 132.56
C LYS N 172 -83.99 28.86 133.34
N SER N 173 -84.23 28.77 134.64
CA SER N 173 -83.36 28.00 135.53
C SER N 173 -84.15 26.91 136.23
N VAL N 174 -83.57 25.71 136.28
CA VAL N 174 -84.11 24.58 137.01
C VAL N 174 -83.02 24.02 137.91
N THR N 175 -83.33 23.84 139.19
CA THR N 175 -82.36 23.43 140.19
C THR N 175 -82.71 22.04 140.71
N THR N 176 -81.72 21.14 140.71
CA THR N 176 -81.91 19.80 141.23
C THR N 176 -81.63 19.75 142.72
N GLY N 177 -81.98 18.62 143.34
CA GLY N 177 -81.78 18.45 144.75
C GLY N 177 -80.35 18.09 145.11
N ASN N 178 -80.08 18.08 146.41
CA ASN N 178 -78.76 17.76 146.93
C ASN N 178 -78.62 16.24 147.08
N SER N 179 -77.55 15.81 147.76
CA SER N 179 -77.33 14.38 147.97
C SER N 179 -78.39 13.77 148.87
N SER N 180 -78.95 14.56 149.79
CA SER N 180 -79.97 14.04 150.70
C SER N 180 -81.28 13.76 149.99
N GLY N 181 -81.50 14.34 148.81
CA GLY N 181 -82.71 14.13 148.05
C GLY N 181 -82.61 12.92 147.14
N SER N 182 -83.61 12.78 146.28
CA SER N 182 -83.63 11.68 145.33
C SER N 182 -82.55 11.86 144.27
N ALA N 183 -82.20 10.76 143.62
CA ALA N 183 -81.17 10.80 142.58
C ALA N 183 -81.71 11.54 141.36
N PRO N 184 -81.06 12.62 140.93
CA PRO N 184 -81.56 13.35 139.76
C PRO N 184 -81.42 12.54 138.49
N ASP N 185 -82.32 12.80 137.55
CA ASP N 185 -82.34 12.07 136.29
C ASP N 185 -82.54 13.04 135.14
N THR N 186 -81.88 12.72 134.01
CA THR N 186 -81.93 13.57 132.83
C THR N 186 -83.36 13.72 132.33
N VAL N 187 -84.17 12.67 132.44
CA VAL N 187 -85.54 12.73 131.94
C VAL N 187 -86.34 13.80 132.69
N THR N 188 -86.30 13.75 134.02
CA THR N 188 -87.03 14.73 134.82
C THR N 188 -86.47 16.13 134.62
N ILE N 189 -85.14 16.27 134.57
CA ILE N 189 -84.55 17.58 134.39
C ILE N 189 -84.98 18.18 133.05
N ALA N 190 -84.94 17.38 131.99
CA ALA N 190 -85.35 17.87 130.68
C ALA N 190 -86.83 18.22 130.64
N SER N 191 -87.67 17.41 131.31
CA SER N 191 -89.10 17.70 131.33
C SER N 191 -89.37 19.04 132.03
N ASP N 192 -88.72 19.25 133.18
CA ASP N 192 -88.90 20.52 133.89
C ASP N 192 -88.41 21.70 133.06
N LEU N 193 -87.25 21.54 132.42
CA LEU N 193 -86.73 22.63 131.59
C LEU N 193 -87.66 22.93 130.43
N ALA N 194 -88.20 21.90 129.78
CA ALA N 194 -89.07 22.10 128.63
C ALA N 194 -90.37 22.78 129.04
N THR N 195 -90.98 22.34 130.15
CA THR N 195 -92.21 23.00 130.57
C THR N 195 -91.94 24.41 131.07
N GLN N 196 -90.70 24.70 131.50
CA GLN N 196 -90.36 26.06 131.84
C GLN N 196 -90.24 26.94 130.60
N LEU N 197 -89.52 26.47 129.58
CA LEU N 197 -89.31 27.29 128.39
C LEU N 197 -90.55 27.40 127.52
N ASN N 198 -91.50 26.45 127.62
CA ASN N 198 -92.65 26.49 126.73
C ASN N 198 -93.52 27.72 126.94
N THR N 199 -93.36 28.43 128.05
CA THR N 199 -94.12 29.65 128.29
C THR N 199 -93.72 30.77 127.34
N ILE N 200 -92.58 30.66 126.66
CA ILE N 200 -92.14 31.69 125.73
C ILE N 200 -92.98 31.64 124.47
N SER N 201 -93.60 32.76 124.12
CA SER N 201 -94.43 32.82 122.93
C SER N 201 -93.57 32.81 121.67
N GLY N 202 -94.14 32.26 120.60
CA GLY N 202 -93.45 32.16 119.33
C GLY N 202 -92.54 30.97 119.18
N PHE N 203 -92.40 30.14 120.22
CA PHE N 203 -91.53 28.97 120.19
C PHE N 203 -92.32 27.73 120.56
N THR N 204 -92.05 26.64 119.84
CA THR N 204 -92.64 25.34 120.15
C THR N 204 -91.60 24.51 120.89
N VAL N 205 -91.91 24.16 122.14
CA VAL N 205 -91.00 23.41 123.00
C VAL N 205 -91.67 22.09 123.36
N THR N 206 -90.98 20.99 123.10
CA THR N 206 -91.46 19.66 123.43
C THR N 206 -90.31 18.84 124.00
N SER N 207 -90.65 17.84 124.81
CA SER N 207 -89.66 17.01 125.48
C SER N 207 -89.98 15.54 125.30
N THR N 208 -88.94 14.74 125.14
CA THR N 208 -89.04 13.28 125.16
C THR N 208 -87.70 12.72 125.60
N ASP N 209 -87.75 11.71 126.48
CA ASP N 209 -86.53 11.16 127.07
C ASP N 209 -85.69 12.25 127.72
N TYR N 210 -84.50 12.50 127.17
CA TYR N 210 -83.63 13.58 127.63
C TYR N 210 -83.42 14.61 126.54
N ILE N 211 -84.40 14.76 125.64
CA ILE N 211 -84.29 15.66 124.49
C ILE N 211 -85.40 16.69 124.58
N ILE N 212 -85.02 17.96 124.43
CA ILE N 212 -85.96 19.08 124.43
C ILE N 212 -85.97 19.67 123.04
N ARG N 213 -87.01 19.37 122.27
CA ARG N 213 -87.15 19.86 120.91
C ARG N 213 -87.64 21.30 120.92
N ILE N 214 -87.02 22.16 120.11
CA ILE N 214 -87.39 23.56 120.01
C ILE N 214 -87.63 23.88 118.53
N THR N 215 -88.70 24.61 118.25
CA THR N 215 -89.04 25.02 116.89
C THR N 215 -89.74 26.36 116.95
N LYS N 216 -89.25 27.31 116.16
CA LYS N 216 -89.88 28.63 116.09
C LYS N 216 -91.03 28.61 115.10
N ASP N 217 -92.14 29.24 115.48
CA ASP N 217 -93.34 29.20 114.65
C ASP N 217 -93.14 29.92 113.33
N ASP N 218 -92.46 31.08 113.35
CA ASP N 218 -92.22 31.82 112.12
C ASP N 218 -91.03 31.29 111.33
N GLY N 219 -90.27 30.34 111.88
CA GLY N 219 -89.14 29.77 111.19
C GLY N 219 -87.88 30.58 111.24
N GLY N 220 -87.87 31.71 111.96
CA GLY N 220 -86.68 32.53 112.07
C GLY N 220 -85.65 31.92 113.00
N ASP N 221 -84.45 32.48 112.94
CA ASP N 221 -83.33 31.99 113.73
C ASP N 221 -83.38 32.58 115.14
N TYR N 222 -82.47 32.11 116.00
CA TYR N 222 -82.38 32.55 117.38
C TYR N 222 -81.03 32.09 117.91
N THR N 223 -80.77 32.41 119.18
CA THR N 223 -79.59 31.93 119.87
C THR N 223 -79.97 30.78 120.78
N LEU N 224 -78.98 29.96 121.12
CA LEU N 224 -79.21 28.79 121.96
C LEU N 224 -77.92 28.42 122.66
N GLU N 225 -77.96 28.39 124.00
CA GLU N 225 -76.79 28.04 124.79
C GLU N 225 -77.25 27.74 126.21
N SER N 226 -76.74 26.64 126.78
CA SER N 226 -77.12 26.22 128.12
C SER N 226 -75.86 25.84 128.90
N SER N 227 -75.97 25.90 130.22
CA SER N 227 -74.86 25.54 131.08
C SER N 227 -75.38 25.25 132.48
N ASP N 228 -74.71 24.34 133.18
CA ASP N 228 -75.00 24.03 134.56
C ASP N 228 -74.02 24.74 135.49
N THR N 229 -74.14 24.46 136.78
CA THR N 229 -73.37 25.18 137.79
C THR N 229 -72.13 24.43 138.27
N LYS N 230 -71.78 23.31 137.65
CA LYS N 230 -70.59 22.57 138.05
C LYS N 230 -69.50 22.57 136.98
N THR N 231 -69.80 22.05 135.79
CA THR N 231 -68.79 21.95 134.73
C THR N 231 -69.28 22.37 133.36
N ALA N 232 -70.59 22.59 133.16
CA ALA N 232 -71.17 22.88 131.84
C ALA N 232 -70.85 21.78 130.83
N ASP N 233 -70.89 20.51 131.26
CA ASP N 233 -70.69 19.37 130.38
C ASP N 233 -71.91 18.48 130.23
N ALA N 234 -72.76 18.41 131.25
CA ALA N 234 -73.90 17.50 131.22
C ALA N 234 -74.98 17.92 130.23
N THR N 235 -74.92 19.15 129.71
CA THR N 235 -75.89 19.63 128.74
C THR N 235 -75.20 19.89 127.41
N SER N 236 -75.95 19.71 126.33
CA SER N 236 -75.43 19.92 124.98
C SER N 236 -76.52 20.62 124.17
N ALA N 237 -76.38 21.93 124.00
CA ALA N 237 -77.33 22.72 123.21
C ALA N 237 -76.93 22.62 121.74
N ILE N 238 -77.46 21.60 121.08
CA ILE N 238 -77.15 21.39 119.67
C ILE N 238 -77.82 22.49 118.86
N LYS N 239 -77.06 23.09 117.94
CA LYS N 239 -77.57 24.17 117.12
C LYS N 239 -76.64 24.44 115.93
N GLY N 240 -77.18 24.39 114.72
CA GLY N 240 -76.38 24.72 113.56
C GLY N 240 -75.16 23.84 113.47
N THR N 241 -74.00 24.43 113.76
CA THR N 241 -72.74 23.72 113.77
C THR N 241 -72.24 23.52 115.20
N VAL N 242 -71.45 22.46 115.38
CA VAL N 242 -70.87 22.13 116.67
C VAL N 242 -69.41 21.74 116.47
N ASP N 243 -68.77 21.30 117.56
CA ASP N 243 -67.33 21.08 117.54
C ASP N 243 -66.96 19.76 116.90
N SER N 244 -67.39 18.64 117.49
CA SER N 244 -66.96 17.32 117.05
C SER N 244 -68.12 16.35 117.09
N ILE N 245 -68.00 15.28 116.30
CA ILE N 245 -69.05 14.28 116.18
C ILE N 245 -69.29 13.54 117.49
N THR N 246 -68.30 13.55 118.40
CA THR N 246 -68.46 12.87 119.68
C THR N 246 -69.60 13.45 120.50
N ASP N 247 -70.05 14.66 120.18
CA ASP N 247 -71.13 15.30 120.91
C ASP N 247 -72.51 14.93 120.37
N LEU N 248 -72.58 14.09 119.35
CA LEU N 248 -73.86 13.76 118.75
C LEU N 248 -74.66 12.85 119.67
N PRO N 249 -75.93 13.16 119.95
CA PRO N 249 -76.77 12.24 120.71
C PRO N 249 -77.09 10.99 119.90
N THR N 250 -77.36 9.90 120.63
CA THR N 250 -77.58 8.62 119.96
C THR N 250 -78.81 8.64 119.07
N ILE N 251 -79.94 9.11 119.61
CA ILE N 251 -81.20 9.12 118.88
C ILE N 251 -81.44 10.51 118.31
N ALA N 252 -82.17 10.56 117.20
CA ALA N 252 -82.45 11.82 116.52
C ALA N 252 -83.60 11.59 115.54
N GLU N 253 -83.94 12.63 114.80
CA GLU N 253 -84.93 12.53 113.73
C GLU N 253 -84.22 12.28 112.40
N HIS N 254 -84.80 11.42 111.58
CA HIS N 254 -84.19 11.11 110.29
C HIS N 254 -84.16 12.35 109.41
N ASN N 255 -83.13 12.43 108.57
CA ASN N 255 -82.84 13.54 107.68
C ASN N 255 -82.45 14.82 108.42
N PHE N 256 -82.13 14.72 109.71
CA PHE N 256 -81.64 15.88 110.45
C PHE N 256 -80.21 16.19 110.01
N THR N 257 -79.93 17.48 109.79
CA THR N 257 -78.66 17.93 109.26
C THR N 257 -77.93 18.76 110.29
N VAL N 258 -76.69 18.38 110.60
CA VAL N 258 -75.84 19.12 111.53
C VAL N 258 -74.46 19.26 110.89
N ARG N 259 -73.87 20.45 111.02
CA ARG N 259 -72.55 20.72 110.48
C ARG N 259 -71.49 20.48 111.55
N ILE N 260 -70.33 19.98 111.13
CA ILE N 260 -69.21 19.73 112.02
C ILE N 260 -68.04 20.58 111.57
N GLN N 261 -67.45 21.33 112.51
CA GLN N 261 -66.33 22.19 112.20
C GLN N 261 -65.05 21.36 112.10
N GLY N 262 -64.52 21.25 110.89
CA GLY N 262 -63.26 20.56 110.70
C GLY N 262 -62.10 21.35 111.25
N SER N 263 -60.95 20.68 111.33
CA SER N 263 -59.73 21.26 111.86
C SER N 263 -58.75 21.45 110.70
N ALA N 264 -58.56 22.71 110.29
CA ALA N 264 -57.54 23.01 109.30
C ALA N 264 -56.14 22.66 109.79
N THR N 265 -55.97 22.53 111.11
CA THR N 265 -54.73 21.99 111.66
C THR N 265 -54.45 20.61 111.11
N THR N 266 -55.50 19.82 110.86
CA THR N 266 -55.37 18.51 110.25
C THR N 266 -55.56 18.54 108.74
N ALA N 267 -55.58 19.74 108.14
CA ALA N 267 -55.74 19.91 106.69
C ALA N 267 -57.06 19.35 106.18
N PHE N 268 -58.10 19.38 107.03
CA PHE N 268 -59.44 18.95 106.65
C PHE N 268 -60.41 20.10 106.85
N ASP N 269 -61.27 20.33 105.86
CA ASP N 269 -62.26 21.38 105.94
C ASP N 269 -63.54 20.86 106.61
N ASP N 270 -64.58 21.68 106.60
CA ASP N 270 -65.82 21.32 107.25
C ASP N 270 -66.57 20.25 106.46
N TYR N 271 -67.49 19.56 107.13
CA TYR N 271 -68.36 18.60 106.48
C TYR N 271 -69.64 18.49 107.30
N PHE N 272 -70.60 17.74 106.77
CA PHE N 272 -71.93 17.65 107.34
C PHE N 272 -72.29 16.18 107.55
N VAL N 273 -73.24 15.94 108.46
CA VAL N 273 -73.70 14.60 108.77
C VAL N 273 -75.23 14.60 108.79
N LYS N 274 -75.83 13.58 108.18
CA LYS N 274 -77.27 13.43 108.11
C LYS N 274 -77.71 12.22 108.89
N PHE N 275 -79.00 12.19 109.24
CA PHE N 275 -79.57 11.15 110.08
C PHE N 275 -80.62 10.35 109.32
N GLU N 276 -80.61 9.03 109.51
CA GLU N 276 -81.66 8.15 109.03
C GLU N 276 -82.01 7.18 110.14
N ALA N 277 -83.29 7.13 110.51
CA ALA N 277 -83.72 6.24 111.59
C ALA N 277 -83.59 4.80 111.16
N THR N 278 -83.24 3.93 112.13
CA THR N 278 -83.17 2.50 111.85
C THR N 278 -84.53 1.95 111.44
N ALA N 279 -85.60 2.45 112.07
CA ALA N 279 -86.95 2.06 111.69
C ALA N 279 -87.33 2.50 110.29
N GLY N 280 -86.56 3.41 109.68
CA GLY N 280 -86.82 3.88 108.34
C GLY N 280 -87.64 5.15 108.27
N SER N 281 -88.28 5.57 109.36
CA SER N 281 -89.07 6.79 109.39
C SER N 281 -89.32 7.16 110.84
N GLY N 282 -89.73 8.41 111.05
CA GLY N 282 -90.03 8.86 112.40
C GLY N 282 -88.79 9.01 113.25
N PHE N 283 -88.99 8.93 114.56
CA PHE N 283 -87.93 9.11 115.54
C PHE N 283 -87.45 7.76 116.07
N GLY N 284 -86.15 7.67 116.32
CA GLY N 284 -85.55 6.46 116.83
C GLY N 284 -84.05 6.43 116.60
N PRO N 285 -83.41 5.35 117.04
CA PRO N 285 -81.96 5.23 116.81
C PRO N 285 -81.63 5.14 115.32
N GLY N 286 -80.44 5.62 114.97
CA GLY N 286 -80.05 5.64 113.58
C GLY N 286 -78.56 5.88 113.45
N VAL N 287 -78.16 6.21 112.22
CA VAL N 287 -76.75 6.38 111.88
C VAL N 287 -76.53 7.77 111.30
N TRP N 288 -75.35 8.32 111.57
CA TRP N 288 -74.91 9.61 111.02
C TRP N 288 -73.86 9.35 109.96
N ARG N 289 -74.08 9.88 108.76
CA ARG N 289 -73.20 9.66 107.63
C ARG N 289 -72.83 10.99 106.99
N GLU N 290 -71.63 11.05 106.41
CA GLU N 290 -71.18 12.27 105.74
C GLU N 290 -72.12 12.60 104.59
N THR N 291 -72.76 13.77 104.66
CA THR N 291 -73.77 14.17 103.70
C THR N 291 -73.36 15.48 103.03
N VAL N 292 -74.23 15.94 102.13
CA VAL N 292 -74.04 17.21 101.45
C VAL N 292 -74.71 18.32 102.25
N ALA N 293 -74.20 19.54 102.12
CA ALA N 293 -74.80 20.67 102.79
C ALA N 293 -76.18 20.95 102.20
N PRO N 294 -77.14 21.37 103.03
CA PRO N 294 -78.51 21.57 102.55
C PRO N 294 -78.71 22.98 101.99
N ASN N 295 -79.87 23.15 101.34
CA ASN N 295 -80.25 24.40 100.71
C ASN N 295 -79.24 24.83 99.64
N ILE N 296 -78.76 23.87 98.86
CA ILE N 296 -77.80 24.13 97.78
C ILE N 296 -78.20 23.28 96.58
N ASP N 297 -78.15 23.90 95.39
CA ASP N 297 -78.42 23.16 94.17
C ASP N 297 -77.43 22.01 94.01
N HIS N 298 -77.95 20.82 93.73
CA HIS N 298 -77.10 19.63 93.70
C HIS N 298 -77.44 18.67 92.57
N LEU N 299 -78.30 19.04 91.63
CA LEU N 299 -78.69 18.15 90.54
C LEU N 299 -78.30 18.74 89.20
N LEU N 300 -78.02 17.85 88.24
CA LEU N 300 -77.64 18.24 86.90
C LEU N 300 -78.83 18.07 85.97
N ASP N 301 -79.07 19.08 85.13
CA ASP N 301 -80.18 19.02 84.18
C ASP N 301 -79.85 18.01 83.09
N LYS N 302 -80.41 16.80 83.22
CA LYS N 302 -80.11 15.72 82.28
C LYS N 302 -80.55 16.04 80.87
N SER N 303 -81.45 17.01 80.68
CA SER N 303 -81.92 17.35 79.34
C SER N 303 -80.89 18.11 78.51
N THR N 304 -79.68 18.31 79.04
CA THR N 304 -78.63 18.98 78.28
C THR N 304 -77.37 18.14 78.23
N MET N 305 -77.15 17.34 79.27
CA MET N 305 -75.97 16.50 79.35
C MET N 305 -76.08 15.36 78.34
N PRO N 306 -74.96 14.74 77.96
CA PRO N 306 -75.00 13.77 76.85
C PRO N 306 -75.96 12.62 77.10
N HIS N 307 -76.60 12.17 76.02
CA HIS N 307 -77.58 11.10 76.06
C HIS N 307 -76.96 9.77 75.65
N THR N 308 -77.74 8.71 75.74
CA THR N 308 -77.28 7.36 75.45
C THR N 308 -78.28 6.64 74.56
N LEU N 309 -77.77 5.72 73.76
CA LEU N 309 -78.58 4.88 72.88
C LEU N 309 -78.31 3.42 73.20
N VAL N 310 -79.36 2.67 73.51
CA VAL N 310 -79.24 1.29 73.97
C VAL N 310 -80.12 0.40 73.10
N ARG N 311 -79.70 -0.85 72.95
CA ARG N 311 -80.45 -1.85 72.22
C ARG N 311 -80.93 -2.93 73.17
N ASN N 312 -82.13 -3.45 72.93
CA ASN N 312 -82.69 -4.49 73.76
C ASN N 312 -82.46 -5.86 73.12
N ALA N 313 -82.76 -6.90 73.89
CA ALA N 313 -82.56 -8.27 73.40
C ALA N 313 -83.51 -8.64 72.28
N ASN N 314 -84.66 -7.97 72.18
CA ASN N 314 -85.64 -8.27 71.14
C ASN N 314 -85.35 -7.57 69.83
N GLY N 315 -84.30 -6.74 69.76
CA GLY N 315 -83.89 -6.10 68.54
C GLY N 315 -84.27 -4.63 68.43
N THR N 316 -85.18 -4.14 69.25
CA THR N 316 -85.56 -2.74 69.19
C THR N 316 -84.51 -1.87 69.89
N PHE N 317 -84.59 -0.57 69.63
CA PHE N 317 -83.65 0.41 70.17
C PHE N 317 -84.41 1.45 70.98
N THR N 318 -83.73 2.03 71.96
CA THR N 318 -84.32 3.04 72.82
C THR N 318 -83.35 4.19 73.00
N PHE N 319 -83.81 5.41 72.75
CA PHE N 319 -83.01 6.62 72.87
C PHE N 319 -83.52 7.40 74.08
N ALA N 320 -82.78 7.32 75.18
CA ALA N 320 -83.23 7.88 76.45
C ALA N 320 -82.07 8.58 77.15
N GLN N 321 -82.42 9.37 78.15
CA GLN N 321 -81.42 10.10 78.92
C GLN N 321 -80.62 9.15 79.80
N PHE N 322 -79.48 9.64 80.27
CA PHE N 322 -78.65 8.89 81.22
C PHE N 322 -79.02 9.28 82.64
N ASN N 323 -78.62 8.43 83.59
CA ASN N 323 -78.94 8.64 85.00
C ASN N 323 -77.67 9.13 85.72
N TYR N 324 -77.45 10.43 85.66
CA TYR N 324 -76.29 11.05 86.30
C TYR N 324 -76.62 11.41 87.74
N THR N 325 -75.64 11.25 88.62
CA THR N 325 -75.77 11.62 90.02
C THR N 325 -75.14 12.98 90.27
N GLY N 326 -75.64 13.67 91.28
CA GLY N 326 -75.21 15.01 91.60
C GLY N 326 -74.27 15.06 92.79
N ARG N 327 -74.07 16.27 93.29
CA ARG N 327 -73.21 16.47 94.46
C ARG N 327 -73.76 15.73 95.66
N VAL N 328 -72.88 15.00 96.35
CA VAL N 328 -73.29 14.16 97.47
C VAL N 328 -72.59 14.52 98.77
N ALA N 329 -71.56 15.36 98.74
CA ALA N 329 -70.86 15.73 99.96
C ALA N 329 -70.25 17.12 99.79
N GLY N 330 -69.92 17.74 100.91
CA GLY N 330 -69.32 19.05 100.88
C GLY N 330 -70.31 20.15 100.54
N ASP N 331 -69.77 21.32 100.25
CA ASP N 331 -70.57 22.48 99.86
C ASP N 331 -70.04 22.99 98.53
N THR N 332 -70.53 24.16 98.11
CA THR N 332 -70.16 24.70 96.81
C THR N 332 -68.67 24.98 96.73
N THR N 333 -68.10 25.56 97.79
CA THR N 333 -66.68 25.91 97.75
C THR N 333 -65.79 24.68 97.84
N THR N 334 -66.11 23.75 98.75
CA THR N 334 -65.25 22.58 98.94
C THR N 334 -65.39 21.56 97.83
N ALA N 335 -66.53 21.50 97.15
CA ALA N 335 -66.76 20.60 96.02
C ALA N 335 -67.27 21.45 94.87
N PRO N 336 -66.37 22.17 94.19
CA PRO N 336 -66.81 23.12 93.16
C PRO N 336 -67.44 22.41 91.97
N ASN N 337 -68.26 23.16 91.25
CA ASN N 337 -68.90 22.63 90.06
C ASN N 337 -67.84 22.26 89.02
N PRO N 338 -68.02 21.16 88.30
CA PRO N 338 -67.04 20.79 87.26
C PRO N 338 -66.93 21.86 86.20
N THR N 339 -65.73 21.98 85.63
CA THR N 339 -65.43 23.10 84.74
C THR N 339 -66.27 23.07 83.47
N PHE N 340 -66.88 21.93 83.11
CA PHE N 340 -67.70 21.92 81.91
C PHE N 340 -69.05 22.59 82.13
N VAL N 341 -69.44 22.81 83.39
CA VAL N 341 -70.70 23.48 83.68
C VAL N 341 -70.63 24.92 83.19
N GLY N 342 -71.63 25.34 82.43
CA GLY N 342 -71.63 26.65 81.83
C GLY N 342 -70.88 26.77 80.54
N SER N 343 -70.52 25.65 79.90
CA SER N 343 -69.78 25.67 78.65
C SER N 343 -70.13 24.44 77.84
N LYS N 344 -69.81 24.51 76.55
CA LYS N 344 -70.14 23.43 75.63
C LYS N 344 -69.14 22.28 75.76
N ILE N 345 -69.66 21.06 75.70
CA ILE N 345 -68.83 19.86 75.69
C ILE N 345 -68.38 19.60 74.26
N LYS N 346 -67.08 19.39 74.07
CA LYS N 346 -66.52 19.26 72.72
C LYS N 346 -66.38 17.81 72.25
N ASN N 347 -65.98 16.90 73.13
CA ASN N 347 -65.78 15.51 72.73
C ASN N 347 -65.85 14.62 73.97
N ILE N 348 -66.14 13.34 73.74
CA ILE N 348 -66.26 12.36 74.80
C ILE N 348 -65.52 11.10 74.40
N ASN N 349 -64.76 10.53 75.34
CA ASN N 349 -63.95 9.36 75.08
C ASN N 349 -63.84 8.55 76.36
N LEU N 350 -63.44 7.30 76.21
CA LEU N 350 -63.32 6.37 77.34
C LEU N 350 -61.88 5.88 77.43
N PHE N 351 -61.33 5.94 78.65
CA PHE N 351 -59.92 5.64 78.84
C PHE N 351 -59.68 5.18 80.26
N ARG N 352 -59.08 4.00 80.41
CA ARG N 352 -58.62 3.46 81.69
C ARG N 352 -59.75 3.44 82.72
N ASN N 353 -60.78 2.66 82.39
CA ASN N 353 -62.00 2.48 83.18
C ASN N 353 -62.50 3.78 83.80
N ARG N 354 -62.36 4.88 83.06
CA ARG N 354 -62.90 6.17 83.45
C ARG N 354 -63.46 6.85 82.22
N LEU N 355 -64.38 7.78 82.44
CA LEU N 355 -65.04 8.51 81.36
C LEU N 355 -64.37 9.86 81.19
N VAL N 356 -64.09 10.23 79.94
CA VAL N 356 -63.34 11.44 79.63
C VAL N 356 -64.26 12.42 78.91
N PHE N 357 -64.29 13.65 79.38
CA PHE N 357 -65.00 14.74 78.72
C PHE N 357 -64.00 15.83 78.34
N LEU N 358 -64.36 16.60 77.32
CA LEU N 358 -63.55 17.73 76.88
C LEU N 358 -64.39 19.00 76.91
N ALA N 359 -63.85 20.05 77.51
CA ALA N 359 -64.56 21.31 77.61
C ALA N 359 -63.57 22.43 77.89
N ASP N 360 -63.67 23.51 77.12
CA ASP N 360 -62.80 24.69 77.26
C ASP N 360 -61.36 24.22 77.18
N GLU N 361 -60.51 24.53 78.16
CA GLU N 361 -59.15 24.06 78.21
C GLU N 361 -58.96 22.93 79.20
N ASN N 362 -60.04 22.41 79.77
CA ASN N 362 -59.99 21.44 80.84
C ASN N 362 -60.39 20.07 80.35
N VAL N 363 -59.67 19.05 80.78
CA VAL N 363 -60.04 17.65 80.57
C VAL N 363 -60.66 17.13 81.86
N ILE N 364 -61.80 16.48 81.75
CA ILE N 364 -62.57 16.03 82.90
C ILE N 364 -62.62 14.51 82.91
N LEU N 365 -62.23 13.91 84.02
CA LEU N 365 -62.23 12.46 84.18
C LEU N 365 -63.22 12.08 85.25
N SER N 366 -64.06 11.08 84.96
CA SER N 366 -65.07 10.65 85.91
C SER N 366 -64.45 9.83 87.02
N ALA N 367 -65.25 9.52 88.04
CA ALA N 367 -64.80 8.67 89.12
C ALA N 367 -64.47 7.28 88.61
N ALA N 368 -63.53 6.62 89.27
CA ALA N 368 -63.06 5.32 88.81
C ALA N 368 -64.17 4.28 88.94
N ASP N 369 -64.39 3.53 87.86
CA ASP N 369 -65.34 2.42 87.80
C ASP N 369 -66.76 2.85 88.11
N SER N 370 -67.06 4.14 88.00
CA SER N 370 -68.42 4.66 88.22
C SER N 370 -68.64 5.78 87.20
N PHE N 371 -69.25 5.43 86.08
CA PHE N 371 -69.36 6.37 84.96
C PHE N 371 -70.35 7.50 85.23
N GLU N 372 -71.23 7.35 86.22
CA GLU N 372 -72.29 8.32 86.44
C GLU N 372 -71.99 9.29 87.56
N ARG N 373 -70.78 9.27 88.13
CA ARG N 373 -70.42 10.14 89.24
C ARG N 373 -69.32 11.09 88.80
N PHE N 374 -69.53 12.38 89.04
CA PHE N 374 -68.57 13.41 88.68
C PHE N 374 -68.16 14.31 89.84
N PHE N 375 -68.76 14.16 91.00
CA PHE N 375 -68.43 14.95 92.16
C PHE N 375 -67.62 14.13 93.16
N PRO N 376 -66.77 14.76 93.98
CA PRO N 376 -65.97 14.00 94.93
C PRO N 376 -66.84 13.25 95.92
N GLU N 377 -66.43 12.03 96.25
CA GLU N 377 -67.22 11.18 97.14
C GLU N 377 -67.21 11.71 98.57
N THR N 378 -66.03 12.10 99.06
CA THR N 378 -65.90 12.62 100.40
C THR N 378 -64.99 13.85 100.37
N VAL N 379 -65.15 14.73 101.35
CA VAL N 379 -64.42 15.98 101.39
C VAL N 379 -63.38 15.97 102.51
N GLN N 380 -63.38 14.95 103.35
CA GLN N 380 -62.41 14.84 104.43
C GLN N 380 -61.01 14.48 103.93
N THR N 381 -60.91 13.51 103.02
CA THR N 381 -59.63 13.12 102.45
C THR N 381 -59.85 12.75 100.99
N LEU N 382 -58.91 13.15 100.14
CA LEU N 382 -59.01 12.86 98.72
C LEU N 382 -58.63 11.40 98.49
N LEU N 383 -59.47 10.68 97.74
CA LEU N 383 -59.21 9.30 97.40
C LEU N 383 -58.89 9.20 95.90
N ASP N 384 -58.16 8.14 95.55
CA ASP N 384 -57.74 7.95 94.17
C ASP N 384 -58.89 7.65 93.23
N SER N 385 -60.08 7.36 93.75
CA SER N 385 -61.25 7.11 92.93
C SER N 385 -62.05 8.39 92.65
N ASP N 386 -61.57 9.55 93.08
CA ASP N 386 -62.29 10.79 92.89
C ASP N 386 -62.05 11.36 91.50
N PRO N 387 -62.96 12.19 90.99
CA PRO N 387 -62.79 12.75 89.65
C PRO N 387 -61.62 13.71 89.58
N ILE N 388 -61.09 13.83 88.36
CA ILE N 388 -59.86 14.59 88.10
C ILE N 388 -60.18 15.68 87.09
N ASP N 389 -59.55 16.85 87.26
CA ASP N 389 -59.68 17.95 86.32
C ASP N 389 -58.33 18.64 86.17
N ILE N 390 -57.86 18.76 84.92
CA ILE N 390 -56.57 19.36 84.63
C ILE N 390 -56.80 20.48 83.61
N SER N 391 -55.84 21.38 83.53
CA SER N 391 -55.83 22.43 82.51
C SER N 391 -54.58 22.28 81.65
N SER N 392 -54.76 22.43 80.35
CA SER N 392 -53.64 22.31 79.40
C SER N 392 -52.85 23.60 79.44
N GLY N 393 -51.70 23.57 80.10
CA GLY N 393 -50.89 24.77 80.21
C GLY N 393 -50.25 25.16 78.90
N GLY N 394 -49.94 26.45 78.79
CA GLY N 394 -49.33 26.99 77.59
C GLY N 394 -49.50 28.48 77.47
N THR N 395 -48.61 29.14 76.73
CA THR N 395 -48.67 30.59 76.59
C THR N 395 -49.67 31.05 75.53
N SER N 396 -50.33 30.12 74.85
CA SER N 396 -51.35 30.45 73.86
C SER N 396 -52.64 29.71 74.20
N VAL N 397 -53.77 30.31 73.81
CA VAL N 397 -55.06 29.72 74.10
C VAL N 397 -55.25 28.47 73.26
N ASN N 398 -55.62 27.36 73.91
CA ASN N 398 -55.76 26.07 73.25
C ASN N 398 -57.07 25.42 73.71
N PHE N 399 -58.09 25.48 72.86
CA PHE N 399 -59.36 24.82 73.14
C PHE N 399 -59.30 23.41 72.57
N LEU N 400 -59.42 22.41 73.44
CA LEU N 400 -59.29 21.03 72.99
C LEU N 400 -60.52 20.59 72.21
N ASN N 401 -60.29 19.88 71.11
CA ASN N 401 -61.37 19.43 70.23
C ASN N 401 -61.50 17.92 70.15
N SER N 402 -60.42 17.21 69.85
CA SER N 402 -60.49 15.77 69.61
C SER N 402 -59.42 15.05 70.40
N SER N 403 -59.70 13.79 70.73
CA SER N 403 -58.79 12.95 71.48
C SER N 403 -58.69 11.59 70.81
N LEU N 404 -57.58 10.90 71.06
CA LEU N 404 -57.34 9.60 70.45
C LEU N 404 -56.51 8.74 71.40
N ALA N 405 -56.88 7.47 71.52
CA ALA N 405 -56.14 6.50 72.33
C ALA N 405 -55.30 5.64 71.40
N PHE N 406 -53.99 5.90 71.39
CA PHE N 406 -53.10 5.22 70.45
C PHE N 406 -51.72 5.13 71.09
N ALA N 407 -50.90 4.23 70.56
CA ALA N 407 -49.59 3.90 71.12
C ALA N 407 -49.80 3.56 72.59
N ASN N 408 -48.98 4.06 73.51
CA ASN N 408 -49.15 3.78 74.93
C ASN N 408 -49.56 5.01 75.71
N THR N 409 -50.29 5.93 75.08
CA THR N 409 -50.64 7.19 75.70
C THR N 409 -52.05 7.60 75.30
N LEU N 410 -52.40 8.83 75.63
CA LEU N 410 -53.68 9.43 75.27
C LEU N 410 -53.37 10.77 74.61
N LEU N 411 -53.62 10.85 73.30
CA LEU N 411 -53.30 12.05 72.53
C LEU N 411 -54.49 13.00 72.53
N LEU N 412 -54.21 14.27 72.85
CA LEU N 412 -55.22 15.32 72.79
C LEU N 412 -54.77 16.38 71.81
N PHE N 413 -55.67 16.80 70.94
CA PHE N 413 -55.36 17.75 69.88
C PHE N 413 -56.10 19.06 70.10
N SER N 414 -55.47 20.16 69.71
CA SER N 414 -56.05 21.47 69.75
C SER N 414 -56.05 22.07 68.34
N LEU N 415 -56.45 23.33 68.23
CA LEU N 415 -56.44 24.00 66.94
C LEU N 415 -55.05 24.41 66.50
N HIS N 416 -54.07 24.44 67.41
CA HIS N 416 -52.72 24.85 67.02
C HIS N 416 -51.63 24.03 67.69
N GLY N 417 -51.96 22.87 68.26
CA GLY N 417 -50.92 22.08 68.91
C GLY N 417 -51.45 20.72 69.32
N GLN N 418 -50.53 19.90 69.82
CA GLN N 418 -50.83 18.56 70.30
C GLN N 418 -50.31 18.39 71.72
N PHE N 419 -51.07 17.67 72.53
CA PHE N 419 -50.72 17.43 73.93
C PHE N 419 -50.93 15.96 74.24
N ARG N 420 -50.41 15.53 75.39
CA ARG N 420 -50.59 14.17 75.86
C ARG N 420 -50.91 14.18 77.35
N LEU N 421 -51.81 13.30 77.77
CA LEU N 421 -52.14 13.10 79.17
C LEU N 421 -51.51 11.80 79.64
N ASP N 422 -50.77 11.87 80.75
CA ASP N 422 -50.12 10.66 81.25
C ASP N 422 -49.64 10.89 82.66
N THR N 423 -49.53 9.80 83.41
CA THR N 423 -48.69 9.82 84.61
C THR N 423 -47.26 10.16 84.24
N GLY N 424 -46.86 9.89 83.00
CA GLY N 424 -45.56 10.22 82.49
C GLY N 424 -44.51 9.15 82.67
N SER N 425 -44.77 8.16 83.51
CA SER N 425 -43.77 7.15 83.83
C SER N 425 -43.54 6.20 82.66
N THR N 426 -42.33 5.64 82.62
CA THR N 426 -42.12 4.43 81.83
C THR N 426 -43.03 3.31 82.31
N SER N 427 -43.51 3.41 83.54
CA SER N 427 -44.56 2.53 84.07
C SER N 427 -45.88 2.93 83.42
N VAL N 428 -46.26 2.18 82.39
CA VAL N 428 -47.44 2.55 81.59
C VAL N 428 -48.70 2.50 82.44
N GLY N 429 -48.84 1.46 83.26
CA GLY N 429 -50.05 1.29 84.05
C GLY N 429 -49.99 1.89 85.43
N THR N 430 -49.35 3.05 85.57
CA THR N 430 -49.26 3.71 86.86
C THR N 430 -50.63 4.24 87.27
N ALA N 431 -50.84 4.35 88.57
CA ALA N 431 -52.12 4.82 89.09
C ALA N 431 -52.36 6.27 88.71
N LEU N 432 -53.59 6.56 88.28
CA LEU N 432 -54.01 7.92 87.98
C LEU N 432 -54.64 8.51 89.24
N THR N 433 -53.99 9.52 89.81
CA THR N 433 -54.39 10.12 91.07
C THR N 433 -54.50 11.62 90.90
N PRO N 434 -55.23 12.31 91.79
CA PRO N 434 -55.24 13.77 91.74
C PRO N 434 -53.87 14.40 91.88
N LYS N 435 -52.94 13.74 92.58
CA LYS N 435 -51.60 14.28 92.78
C LYS N 435 -50.72 14.18 91.56
N THR N 436 -51.13 13.44 90.52
CA THR N 436 -50.22 13.06 89.46
C THR N 436 -50.66 13.46 88.06
N ALA N 437 -51.96 13.60 87.81
CA ALA N 437 -52.43 13.88 86.46
C ALA N 437 -51.92 15.23 85.98
N THR N 438 -51.67 15.32 84.67
CA THR N 438 -51.13 16.53 84.07
C THR N 438 -51.30 16.45 82.55
N ILE N 439 -51.08 17.59 81.90
CA ILE N 439 -51.04 17.68 80.45
C ILE N 439 -49.72 18.31 80.05
N THR N 440 -49.02 17.70 79.09
CA THR N 440 -47.75 18.21 78.60
C THR N 440 -47.82 18.38 77.10
N ALA N 441 -47.28 19.51 76.61
CA ALA N 441 -47.28 19.76 75.18
C ALA N 441 -46.22 18.90 74.49
N ILE N 442 -46.38 18.74 73.18
CA ILE N 442 -45.42 17.95 72.41
C ILE N 442 -44.91 18.76 71.22
N THR N 443 -45.82 19.22 70.36
CA THR N 443 -45.46 19.94 69.15
C THR N 443 -46.51 21.02 68.90
N THR N 444 -46.38 21.75 67.79
CA THR N 444 -47.25 22.88 67.46
C THR N 444 -47.71 22.84 66.01
N PHE N 445 -48.19 21.69 65.53
CA PHE N 445 -48.74 21.63 64.19
C PHE N 445 -50.20 22.09 64.19
N ASP N 446 -50.84 22.03 63.03
CA ASP N 446 -52.17 22.59 62.84
C ASP N 446 -53.20 21.50 62.56
N ILE N 447 -54.41 21.70 63.06
CA ILE N 447 -55.48 20.72 62.99
C ILE N 447 -56.74 21.39 62.44
N VAL N 448 -57.49 20.65 61.63
CA VAL N 448 -58.82 21.04 61.19
C VAL N 448 -59.85 20.36 62.07
N ASP N 449 -60.89 21.09 62.45
CA ASP N 449 -61.88 20.60 63.40
C ASP N 449 -63.05 19.85 62.74
N ALA N 450 -63.13 19.87 61.41
CA ALA N 450 -64.30 19.28 60.75
C ALA N 450 -64.37 17.77 60.97
N ILE N 451 -63.23 17.09 60.93
CA ILE N 451 -63.20 15.63 61.05
C ILE N 451 -62.18 15.24 62.11
N ASP N 452 -62.37 14.04 62.65
CA ASP N 452 -61.59 13.50 63.75
C ASP N 452 -60.37 12.76 63.22
N PRO N 453 -59.17 13.02 63.77
CA PRO N 453 -57.99 12.26 63.35
C PRO N 453 -58.17 10.77 63.64
N ILE N 454 -57.61 9.95 62.75
CA ILE N 454 -57.77 8.51 62.81
C ILE N 454 -56.41 7.86 62.98
N GLY N 455 -56.43 6.57 63.32
CA GLY N 455 -55.20 5.80 63.48
C GLY N 455 -55.16 4.59 62.58
N VAL N 456 -54.14 4.51 61.72
CA VAL N 456 -54.00 3.43 60.76
C VAL N 456 -52.68 2.73 61.03
N GLY N 457 -52.75 1.42 61.26
CA GLY N 457 -51.55 0.64 61.50
C GLY N 457 -50.77 1.13 62.70
N ARG N 458 -49.62 1.75 62.44
CA ARG N 458 -48.80 2.34 63.49
C ARG N 458 -48.70 3.85 63.39
N THR N 459 -49.41 4.47 62.45
CA THR N 459 -49.30 5.90 62.20
C THR N 459 -50.63 6.59 62.48
N VAL N 460 -50.58 7.91 62.65
CA VAL N 460 -51.75 8.74 62.93
C VAL N 460 -51.85 9.80 61.84
N TYR N 461 -53.09 10.08 61.42
CA TYR N 461 -53.36 11.00 60.32
C TYR N 461 -54.32 12.09 60.77
N PHE N 462 -54.19 13.27 60.17
CA PHE N 462 -55.17 14.34 60.33
C PHE N 462 -55.05 15.29 59.16
N GLY N 463 -56.07 16.14 59.00
CA GLY N 463 -56.07 17.13 57.95
C GLY N 463 -55.66 18.51 58.44
N ILE N 464 -55.00 19.26 57.55
CA ILE N 464 -54.51 20.59 57.90
C ILE N 464 -55.10 21.61 56.91
N PRO N 465 -55.28 22.86 57.32
CA PRO N 465 -55.86 23.86 56.41
C PRO N 465 -54.80 24.56 55.57
N LYS N 466 -55.12 24.72 54.29
CA LYS N 466 -54.26 25.40 53.34
C LYS N 466 -55.03 26.51 52.62
N GLY N 467 -55.88 27.20 53.35
CA GLY N 467 -56.70 28.26 52.76
C GLY N 467 -58.04 27.72 52.30
N ASP N 468 -58.37 27.98 51.03
CA ASP N 468 -59.61 27.44 50.47
C ASP N 468 -59.54 25.93 50.40
N PHE N 469 -58.42 25.38 49.95
CA PHE N 469 -58.25 23.94 49.83
C PHE N 469 -57.55 23.38 51.07
N SER N 470 -57.83 22.10 51.35
CA SER N 470 -57.33 21.44 52.54
C SER N 470 -56.25 20.42 52.18
N GLY N 471 -55.41 20.10 53.17
CA GLY N 471 -54.32 19.18 52.98
C GLY N 471 -54.30 18.11 54.05
N LEU N 472 -53.49 17.08 53.79
CA LEU N 472 -53.41 15.91 54.64
C LEU N 472 -51.98 15.74 55.14
N ARG N 473 -51.83 15.58 56.46
CA ARG N 473 -50.52 15.43 57.08
C ARG N 473 -50.55 14.28 58.07
N GLU N 474 -49.52 13.44 58.01
CA GLU N 474 -49.38 12.31 58.92
C GLU N 474 -48.17 12.51 59.81
N TYR N 475 -48.21 11.89 60.99
CA TYR N 475 -47.05 11.92 61.88
C TYR N 475 -46.99 10.64 62.68
N PHE N 476 -45.77 10.16 62.90
CA PHE N 476 -45.49 8.82 63.40
C PHE N 476 -44.86 8.91 64.77
N LEU N 477 -45.39 8.13 65.72
CA LEU N 477 -44.97 8.21 67.11
C LEU N 477 -44.21 6.96 67.54
N PRO N 478 -42.91 7.06 67.82
CA PRO N 478 -42.20 5.94 68.46
C PRO N 478 -42.57 5.81 69.94
N ASP N 479 -41.84 4.99 70.68
CA ASP N 479 -42.18 4.60 72.05
C ASP N 479 -42.59 5.77 72.93
N ALA N 480 -43.42 5.49 73.94
CA ALA N 480 -44.04 6.54 74.73
C ALA N 480 -42.98 7.37 75.46
N SER N 481 -41.96 6.73 76.01
CA SER N 481 -40.92 7.44 76.73
C SER N 481 -39.83 7.99 75.81
N GLY N 482 -39.95 7.80 74.50
CA GLY N 482 -38.91 8.14 73.57
C GLY N 482 -38.96 9.57 73.07
N PRO N 483 -38.38 9.80 71.90
CA PRO N 483 -38.17 11.16 71.41
C PRO N 483 -39.44 11.78 70.85
N ILE N 484 -39.27 12.97 70.30
CA ILE N 484 -40.38 13.68 69.65
C ILE N 484 -40.84 12.88 68.44
N PRO N 485 -42.15 12.74 68.22
CA PRO N 485 -42.61 11.96 67.07
C PRO N 485 -42.21 12.59 65.75
N LEU N 486 -41.96 11.75 64.76
CA LEU N 486 -41.65 12.20 63.42
C LEU N 486 -42.93 12.64 62.71
N SER N 487 -42.79 13.63 61.83
CA SER N 487 -43.92 14.17 61.09
C SER N 487 -43.52 14.42 59.65
N GLU N 488 -44.50 14.37 58.76
CA GLU N 488 -44.25 14.52 57.34
C GLU N 488 -45.55 14.90 56.64
N GLU N 489 -45.45 15.79 55.66
CA GLU N 489 -46.60 16.17 54.85
C GLU N 489 -46.57 15.42 53.53
N VAL N 490 -47.74 14.93 53.12
CA VAL N 490 -47.86 14.11 51.93
C VAL N 490 -48.68 14.80 50.84
N THR N 491 -49.07 16.06 51.05
CA THR N 491 -49.83 16.80 50.07
C THR N 491 -49.10 18.05 49.60
N SER N 492 -47.78 18.10 49.79
CA SER N 492 -47.01 19.26 49.35
C SER N 492 -46.97 19.36 47.84
N SER N 493 -46.98 18.22 47.14
CA SER N 493 -46.95 18.24 45.68
C SER N 493 -48.30 18.55 45.06
N VAL N 494 -49.37 18.63 45.85
CA VAL N 494 -50.70 18.95 45.33
C VAL N 494 -51.36 20.00 46.21
N PRO N 495 -50.91 21.25 46.17
CA PRO N 495 -51.51 22.27 47.05
C PRO N 495 -52.90 22.71 46.63
N ARG N 496 -53.41 22.24 45.48
CA ARG N 496 -54.69 22.68 44.95
C ARG N 496 -55.49 21.46 44.48
N PHE N 497 -55.62 20.47 45.34
CA PHE N 497 -56.29 19.23 44.99
C PHE N 497 -57.56 18.97 45.79
N VAL N 498 -57.47 18.92 47.11
CA VAL N 498 -58.58 18.51 47.96
C VAL N 498 -59.39 19.76 48.33
N PRO N 499 -60.68 19.80 48.04
CA PRO N 499 -61.48 20.98 48.35
C PRO N 499 -61.69 21.15 49.84
N GLY N 500 -62.23 22.32 50.21
CA GLY N 500 -62.50 22.61 51.60
C GLY N 500 -63.81 22.02 52.09
N ASN N 501 -64.03 22.16 53.40
CA ASN N 501 -65.23 21.68 54.06
C ASN N 501 -65.40 20.17 53.86
N LEU N 502 -64.43 19.42 54.37
CA LEU N 502 -64.52 17.97 54.33
C LEU N 502 -65.66 17.49 55.20
N ILE N 503 -66.23 16.33 54.85
CA ILE N 503 -67.35 15.79 55.60
C ILE N 503 -67.18 14.32 55.97
N SER N 504 -66.23 13.59 55.39
CA SER N 504 -66.07 12.19 55.74
C SER N 504 -64.67 11.73 55.36
N MET N 505 -63.93 11.22 56.33
CA MET N 505 -62.64 10.60 56.11
C MET N 505 -62.68 9.20 56.70
N SER N 506 -62.41 8.19 55.87
CA SER N 506 -62.53 6.81 56.28
C SER N 506 -61.26 6.06 55.93
N PRO N 507 -60.69 5.27 56.86
CA PRO N 507 -59.47 4.53 56.57
C PRO N 507 -59.76 3.12 56.09
N SER N 508 -58.71 2.41 55.68
CA SER N 508 -58.82 0.99 55.33
C SER N 508 -57.44 0.37 55.55
N VAL N 509 -57.29 -0.38 56.64
CA VAL N 509 -55.97 -0.80 57.08
C VAL N 509 -55.40 -1.86 56.14
N SER N 510 -56.17 -2.93 55.90
CA SER N 510 -55.65 -4.05 55.12
C SER N 510 -55.52 -3.69 53.65
N GLU N 511 -56.22 -2.66 53.20
CA GLU N 511 -56.13 -2.21 51.82
C GLU N 511 -55.37 -0.91 51.68
N GLU N 512 -54.73 -0.43 52.76
CA GLU N 512 -53.96 0.82 52.79
C GLU N 512 -54.55 1.90 51.89
N VAL N 513 -55.79 2.29 52.14
CA VAL N 513 -56.47 3.31 51.36
C VAL N 513 -57.17 4.27 52.31
N ILE N 514 -57.03 5.56 52.04
CA ILE N 514 -57.73 6.60 52.78
C ILE N 514 -58.61 7.35 51.79
N THR N 515 -59.90 7.46 52.11
CA THR N 515 -60.89 8.07 51.21
C THR N 515 -61.42 9.37 51.80
N MET N 516 -61.53 10.38 50.94
CA MET N 516 -61.99 11.71 51.34
C MET N 516 -63.12 12.16 50.43
N ILE N 517 -64.21 12.63 51.04
CA ILE N 517 -65.35 13.17 50.31
C ILE N 517 -65.58 14.61 50.75
N SER N 518 -65.61 15.53 49.79
CA SER N 518 -65.77 16.94 50.07
C SER N 518 -67.24 17.34 49.91
N LYS N 519 -67.50 18.64 50.08
CA LYS N 519 -68.83 19.19 49.88
C LYS N 519 -68.92 20.10 48.66
N ASP N 520 -67.86 20.83 48.34
CA ASP N 520 -67.88 21.69 47.15
C ASP N 520 -67.93 20.86 45.87
N GLN N 521 -67.57 19.59 45.94
CA GLN N 521 -67.61 18.68 44.79
C GLN N 521 -68.52 17.51 45.13
N PRO N 522 -69.81 17.59 44.81
CA PRO N 522 -70.74 16.52 45.20
C PRO N 522 -70.76 15.30 44.29
N ARG N 523 -69.76 15.13 43.41
CA ARG N 523 -69.74 14.00 42.50
C ARG N 523 -68.36 13.35 42.40
N ARG N 524 -67.49 13.58 43.39
CA ARG N 524 -66.14 13.04 43.34
C ARG N 524 -65.78 12.40 44.67
N VAL N 525 -64.98 11.35 44.59
CA VAL N 525 -64.37 10.71 45.75
C VAL N 525 -62.86 10.77 45.56
N TYR N 526 -62.17 11.32 46.55
CA TYR N 526 -60.72 11.46 46.49
C TYR N 526 -60.07 10.27 47.18
N ILE N 527 -59.10 9.66 46.53
CA ILE N 527 -58.47 8.44 47.01
C ILE N 527 -56.99 8.73 47.25
N TYR N 528 -56.35 7.93 48.09
CA TYR N 528 -54.95 8.11 48.44
C TYR N 528 -54.35 6.77 48.79
N LYS N 529 -53.44 6.29 47.95
CA LYS N 529 -52.85 4.96 48.10
C LYS N 529 -51.41 5.10 48.58
N PHE N 530 -51.09 4.45 49.69
CA PHE N 530 -49.78 4.52 50.30
C PHE N 530 -49.29 3.11 50.62
N PHE N 531 -47.98 2.91 50.52
CA PHE N 531 -47.39 1.60 50.76
C PHE N 531 -46.19 1.76 51.68
N PHE N 532 -45.94 0.74 52.50
CA PHE N 532 -44.91 0.80 53.53
C PHE N 532 -43.99 -0.39 53.44
N ASP N 533 -42.77 -0.20 53.94
CA ASP N 533 -41.79 -1.27 54.10
C ASP N 533 -40.86 -0.88 55.24
N ASP N 534 -40.99 -1.58 56.37
CA ASP N 534 -40.26 -1.23 57.59
C ASP N 534 -40.55 0.20 57.99
N ASP N 535 -39.69 1.13 57.56
CA ASP N 535 -39.88 2.54 57.83
C ASP N 535 -39.98 3.38 56.56
N GLN N 536 -39.20 3.04 55.53
CA GLN N 536 -39.22 3.81 54.29
C GLN N 536 -40.56 3.68 53.59
N LYS N 537 -40.94 4.73 52.86
CA LYS N 537 -42.20 4.80 52.13
C LYS N 537 -41.91 4.59 50.66
N LEU N 538 -42.56 3.60 50.06
CA LEU N 538 -42.27 3.22 48.69
C LEU N 538 -43.32 3.68 47.68
N GLN N 539 -44.41 4.29 48.13
CA GLN N 539 -45.44 4.77 47.21
C GLN N 539 -46.35 5.76 47.91
N SER N 540 -46.67 6.85 47.22
CA SER N 540 -47.62 7.83 47.73
C SER N 540 -48.25 8.51 46.51
N SER N 541 -49.52 8.19 46.23
CA SER N 541 -50.18 8.62 45.02
C SER N 541 -51.55 9.22 45.34
N TRP N 542 -51.97 10.17 44.52
CA TRP N 542 -53.26 10.82 44.66
C TRP N 542 -54.04 10.71 43.35
N SER N 543 -55.33 10.41 43.46
CA SER N 543 -56.23 10.37 42.32
C SER N 543 -57.65 10.42 42.86
N TYR N 544 -58.62 10.60 41.95
CA TYR N 544 -60.00 10.76 42.39
C TYR N 544 -60.95 10.11 41.39
N TRP N 545 -62.00 9.49 41.91
CA TRP N 545 -63.00 8.83 41.08
C TRP N 545 -64.06 9.86 40.69
N GLU N 546 -65.13 9.40 40.02
CA GLU N 546 -66.18 10.30 39.55
C GLU N 546 -67.41 9.47 39.23
N VAL N 547 -68.58 10.06 39.47
CA VAL N 547 -69.85 9.38 39.25
C VAL N 547 -70.64 10.11 38.17
N ALA N 548 -71.86 9.65 37.90
CA ALA N 548 -72.66 10.16 36.79
C ALA N 548 -73.13 11.58 37.09
N ALA N 549 -73.96 12.12 36.20
CA ALA N 549 -74.27 13.55 36.19
C ALA N 549 -75.52 13.92 36.99
N ASN N 550 -76.08 12.99 37.76
CA ASN N 550 -77.26 13.30 38.55
C ASN N 550 -77.20 12.85 40.00
N LYS N 551 -76.16 12.13 40.41
CA LYS N 551 -76.05 11.67 41.79
C LYS N 551 -75.49 12.77 42.67
N THR N 552 -75.46 12.50 43.98
CA THR N 552 -74.94 13.44 44.97
C THR N 552 -74.51 12.65 46.19
N LEU N 553 -73.21 12.56 46.42
CA LEU N 553 -72.69 11.82 47.56
C LEU N 553 -73.05 12.52 48.86
N LEU N 554 -73.17 11.73 49.93
CA LEU N 554 -73.42 12.26 51.25
C LEU N 554 -72.28 11.96 52.22
N GLY N 555 -71.89 10.70 52.35
CA GLY N 555 -70.82 10.34 53.24
C GLY N 555 -70.38 8.91 52.99
N GLY N 556 -69.21 8.57 53.53
CA GLY N 556 -68.66 7.25 53.32
C GLY N 556 -68.15 6.64 54.61
N ASN N 557 -68.18 5.32 54.64
CA ASN N 557 -67.62 4.55 55.74
C ASN N 557 -66.96 3.29 55.18
N VAL N 558 -66.05 2.72 55.94
CA VAL N 558 -65.36 1.50 55.54
C VAL N 558 -65.48 0.48 56.67
N LEU N 559 -66.01 -0.69 56.35
CA LEU N 559 -66.04 -1.83 57.25
C LEU N 559 -65.27 -2.96 56.61
N ASP N 560 -64.38 -3.58 57.38
CA ASP N 560 -63.50 -4.64 56.87
C ASP N 560 -62.65 -4.10 55.72
N SER N 561 -63.10 -4.31 54.48
CA SER N 561 -62.38 -3.81 53.32
C SER N 561 -63.31 -3.24 52.26
N ASP N 562 -64.57 -2.99 52.59
CA ASP N 562 -65.56 -2.50 51.64
C ASP N 562 -66.00 -1.10 52.02
N LEU N 563 -66.21 -0.26 51.00
CA LEU N 563 -66.64 1.12 51.18
C LEU N 563 -68.15 1.17 51.06
N TYR N 564 -68.81 1.69 52.09
CA TYR N 564 -70.26 1.84 52.13
C TYR N 564 -70.60 3.31 51.94
N THR N 565 -71.44 3.59 50.94
CA THR N 565 -71.78 4.96 50.57
C THR N 565 -73.30 5.14 50.61
N CYS N 566 -73.74 6.31 51.05
CA CYS N 566 -75.15 6.66 51.09
C CYS N 566 -75.36 7.81 50.11
N VAL N 567 -75.83 7.49 48.91
CA VAL N 567 -75.99 8.48 47.86
C VAL N 567 -77.44 8.96 47.84
N GLU N 568 -77.66 10.09 47.18
CA GLU N 568 -78.98 10.71 47.10
C GLU N 568 -79.36 10.91 45.65
N TYR N 569 -80.53 10.40 45.28
CA TYR N 569 -81.12 10.60 43.96
C TYR N 569 -82.27 11.58 44.06
N SER N 570 -83.00 11.74 42.96
CA SER N 570 -84.10 12.69 42.90
C SER N 570 -85.32 12.25 43.72
N ASP N 571 -85.33 11.02 44.24
CA ASP N 571 -86.51 10.54 44.95
C ASP N 571 -86.21 9.76 46.23
N GLY N 572 -84.95 9.71 46.67
CA GLY N 572 -84.65 9.01 47.91
C GLY N 572 -83.16 8.86 48.11
N VAL N 573 -82.83 8.11 49.16
CA VAL N 573 -81.44 7.84 49.55
C VAL N 573 -81.21 6.34 49.51
N TYR N 574 -80.15 5.92 48.83
CA TYR N 574 -79.83 4.51 48.63
C TYR N 574 -78.51 4.18 49.31
N LEU N 575 -78.23 2.88 49.39
CA LEU N 575 -77.00 2.36 49.99
C LEU N 575 -76.25 1.58 48.93
N GLU N 576 -74.96 1.89 48.76
CA GLU N 576 -74.12 1.23 47.77
C GLU N 576 -72.91 0.61 48.45
N LYS N 577 -72.53 -0.58 47.99
CA LYS N 577 -71.36 -1.27 48.49
C LYS N 577 -70.31 -1.34 47.39
N THR N 578 -69.04 -1.22 47.78
CA THR N 578 -67.93 -1.26 46.84
C THR N 578 -66.79 -2.07 47.44
N GLN N 579 -66.18 -2.92 46.63
CA GLN N 579 -65.11 -3.80 47.10
C GLN N 579 -63.77 -3.20 46.70
N LEU N 580 -62.92 -2.94 47.69
CA LEU N 580 -61.60 -2.34 47.48
C LEU N 580 -60.49 -3.36 47.31
N ARG N 581 -60.78 -4.65 47.50
CA ARG N 581 -59.73 -5.65 47.46
C ARG N 581 -59.15 -5.77 46.06
N PRO N 582 -57.86 -6.06 45.94
CA PRO N 582 -57.27 -6.31 44.63
C PRO N 582 -57.59 -7.71 44.13
N GLU N 583 -57.55 -7.86 42.81
CA GLU N 583 -57.82 -9.13 42.14
C GLU N 583 -59.22 -9.66 42.42
N THR N 584 -60.19 -8.77 42.58
CA THR N 584 -61.58 -9.19 42.72
C THR N 584 -62.06 -9.80 41.40
N VAL N 585 -62.97 -10.76 41.50
CA VAL N 585 -63.45 -11.49 40.34
C VAL N 585 -64.92 -11.83 40.53
N ASP N 586 -65.70 -11.73 39.45
CA ASP N 586 -67.11 -12.12 39.49
C ASP N 586 -67.22 -13.62 39.74
N SER N 587 -68.32 -14.01 40.37
CA SER N 587 -68.46 -15.38 40.84
C SER N 587 -68.55 -16.37 39.67
N GLY N 588 -67.64 -17.34 39.67
CA GLY N 588 -67.66 -18.42 38.70
C GLY N 588 -66.93 -18.16 37.41
N THR N 589 -66.62 -16.90 37.10
CA THR N 589 -65.96 -16.53 35.85
C THR N 589 -64.52 -16.11 36.12
N GLU N 590 -63.86 -15.63 35.08
CA GLU N 590 -62.45 -15.25 35.15
C GLU N 590 -62.21 -13.77 35.42
N PHE N 591 -63.06 -12.89 34.91
CA PHE N 591 -62.87 -11.45 35.10
C PHE N 591 -64.20 -10.80 35.45
N GLU N 592 -64.13 -9.68 36.14
CA GLU N 592 -65.33 -8.98 36.55
C GLU N 592 -65.86 -8.11 35.41
N ILE N 593 -67.03 -7.50 35.65
CA ILE N 593 -67.66 -6.59 34.70
C ILE N 593 -67.93 -5.28 35.43
N LEU N 594 -67.55 -4.16 34.80
CA LEU N 594 -67.54 -2.85 35.44
C LEU N 594 -68.79 -2.09 35.05
N LEU N 595 -69.74 -1.96 35.97
CA LEU N 595 -70.95 -1.18 35.75
C LEU N 595 -71.41 -0.59 37.08
N ASP N 596 -71.69 0.71 37.08
CA ASP N 596 -72.29 1.33 38.27
C ASP N 596 -73.71 0.84 38.46
N ARG N 597 -74.16 0.84 39.72
CA ARG N 597 -75.50 0.37 40.08
C ARG N 597 -75.75 -1.05 39.59
N LYS N 598 -74.72 -1.87 39.61
CA LYS N 598 -74.80 -3.23 39.06
C LYS N 598 -75.73 -4.08 39.89
N THR N 599 -76.89 -4.41 39.35
CA THR N 599 -77.83 -5.33 39.98
C THR N 599 -78.10 -6.47 39.01
N THR N 600 -78.08 -7.70 39.51
CA THR N 600 -78.22 -8.86 38.65
C THR N 600 -79.64 -8.95 38.08
N GLU N 601 -79.81 -9.90 37.16
CA GLU N 601 -81.09 -10.04 36.47
C GLU N 601 -82.20 -10.51 37.41
N ALA N 602 -81.85 -11.25 38.47
CA ALA N 602 -82.86 -11.80 39.37
C ALA N 602 -83.66 -10.71 40.06
N ALA N 603 -83.13 -9.51 40.18
CA ALA N 603 -83.83 -8.41 40.84
C ALA N 603 -84.67 -7.57 39.90
N CYS N 604 -84.74 -7.94 38.61
CA CYS N 604 -85.51 -7.20 37.63
C CYS N 604 -86.48 -8.13 36.91
N SER N 605 -87.63 -7.58 36.55
CA SER N 605 -88.67 -8.33 35.85
C SER N 605 -88.79 -7.84 34.42
N THR N 606 -89.09 -8.76 33.50
CA THR N 606 -89.10 -8.48 32.08
C THR N 606 -90.45 -8.84 31.49
N SER N 607 -90.77 -8.19 30.37
CA SER N 607 -91.93 -8.51 29.56
C SER N 607 -91.59 -8.23 28.10
N LEU N 608 -92.23 -8.97 27.21
CA LEU N 608 -91.87 -8.94 25.79
C LEU N 608 -93.07 -8.49 24.96
N ILE N 609 -92.76 -7.94 23.79
CA ILE N 609 -93.74 -7.31 22.91
C ILE N 609 -93.72 -8.00 21.56
N ASN N 610 -94.91 -8.30 21.03
CA ASN N 610 -95.06 -8.87 19.68
C ASN N 610 -94.38 -10.23 19.57
N SER N 611 -94.70 -11.12 20.52
CA SER N 611 -94.03 -12.40 20.59
C SER N 611 -94.43 -13.30 19.43
N GLY N 612 -93.60 -14.32 19.19
CA GLY N 612 -93.86 -15.31 18.18
C GLY N 612 -93.34 -14.99 16.79
N ALA N 613 -92.78 -13.81 16.58
CA ALA N 613 -92.31 -13.40 15.27
C ALA N 613 -90.88 -12.91 15.36
N LEU N 614 -90.17 -12.95 14.24
CA LEU N 614 -88.83 -12.39 14.17
C LEU N 614 -88.89 -10.89 14.41
N GLY N 615 -88.01 -10.39 15.27
CA GLY N 615 -88.01 -8.98 15.58
C GLY N 615 -88.83 -8.61 16.80
N VAL N 616 -88.61 -9.34 17.90
CA VAL N 616 -89.29 -9.04 19.15
C VAL N 616 -88.45 -8.06 19.97
N GLN N 617 -89.13 -7.29 20.81
CA GLN N 617 -88.46 -6.42 21.77
C GLN N 617 -88.93 -6.77 23.18
N THR N 618 -88.00 -6.75 24.12
CA THR N 618 -88.28 -7.04 25.51
C THR N 618 -88.23 -5.74 26.30
N VAL N 619 -89.23 -5.52 27.15
CA VAL N 619 -89.27 -4.35 28.01
C VAL N 619 -88.75 -4.74 29.39
N ILE N 620 -87.71 -4.06 29.86
CA ILE N 620 -87.06 -4.37 31.12
C ILE N 620 -87.48 -3.34 32.15
N THR N 621 -87.87 -3.80 33.33
CA THR N 621 -88.34 -2.93 34.42
C THR N 621 -87.32 -2.96 35.55
N LEU N 622 -86.44 -1.97 35.59
CA LEU N 622 -85.42 -1.90 36.62
C LEU N 622 -86.04 -1.57 37.98
N PRO N 623 -85.47 -2.08 39.06
CA PRO N 623 -86.04 -1.80 40.39
C PRO N 623 -86.03 -0.32 40.77
N TYR N 624 -85.07 0.46 40.28
CA TYR N 624 -84.93 1.84 40.69
C TYR N 624 -85.28 2.78 39.54
N PRO N 625 -85.74 4.00 39.84
CA PRO N 625 -86.07 4.95 38.77
C PRO N 625 -84.85 5.31 37.93
N MET N 626 -85.09 5.56 36.66
CA MET N 626 -84.02 5.89 35.72
C MET N 626 -83.40 7.24 36.06
N SER N 627 -82.11 7.36 35.77
CA SER N 627 -81.42 8.64 35.69
C SER N 627 -81.12 8.86 34.21
N GLY N 628 -82.07 9.48 33.51
CA GLY N 628 -82.06 9.52 32.06
C GLY N 628 -80.85 10.18 31.44
N THR N 629 -80.15 11.02 32.21
CA THR N 629 -78.96 11.69 31.67
C THR N 629 -77.89 10.68 31.28
N GLY N 630 -77.69 9.66 32.10
CA GLY N 630 -76.70 8.64 31.82
C GLY N 630 -77.17 7.67 30.76
N THR N 631 -76.29 6.71 30.45
CA THR N 631 -76.57 5.68 29.47
C THR N 631 -76.30 4.33 30.09
N MET N 632 -77.23 3.41 29.94
CA MET N 632 -77.12 2.07 30.52
C MET N 632 -76.95 1.02 29.43
N ALA N 633 -76.35 -0.11 29.81
CA ALA N 633 -76.08 -1.20 28.90
C ALA N 633 -76.47 -2.51 29.57
N VAL N 634 -76.54 -3.57 28.76
CA VAL N 634 -76.90 -4.91 29.22
C VAL N 634 -75.80 -5.86 28.77
N VAL N 635 -75.23 -6.60 29.73
CA VAL N 635 -74.08 -7.47 29.47
C VAL N 635 -74.42 -8.88 29.93
N GLY N 636 -74.12 -9.87 29.09
CA GLY N 636 -74.36 -11.25 29.46
C GLY N 636 -73.42 -11.69 30.58
N ARG N 637 -73.96 -12.52 31.48
CA ARG N 637 -73.28 -12.84 32.73
C ARG N 637 -72.69 -14.24 32.77
N PHE N 638 -73.52 -15.27 32.57
CA PHE N 638 -73.20 -16.60 33.03
C PHE N 638 -72.41 -17.35 31.96
N ALA N 639 -71.48 -18.19 32.42
CA ALA N 639 -70.43 -18.71 31.55
C ALA N 639 -70.92 -19.67 30.47
N SER N 640 -72.17 -20.15 30.54
CA SER N 640 -72.62 -21.16 29.58
C SER N 640 -74.15 -21.15 29.54
N ASN N 641 -74.70 -22.08 28.75
CA ASN N 641 -76.13 -22.38 28.67
C ASN N 641 -77.00 -21.13 28.77
N ASN N 642 -76.67 -20.13 27.95
CA ASN N 642 -77.37 -18.86 27.97
C ASN N 642 -77.64 -18.41 26.54
N THR N 643 -78.75 -17.69 26.36
CA THR N 643 -79.07 -17.14 25.04
C THR N 643 -78.06 -16.09 24.62
N ILE N 644 -77.67 -15.21 25.54
CA ILE N 644 -76.70 -14.16 25.26
C ILE N 644 -75.30 -14.68 25.56
N ALA N 645 -74.39 -14.48 24.62
CA ALA N 645 -73.01 -14.92 24.82
C ALA N 645 -72.34 -14.14 25.94
N HIS N 646 -71.37 -14.77 26.58
CA HIS N 646 -70.63 -14.12 27.66
C HIS N 646 -69.95 -12.86 27.15
N GLY N 647 -70.14 -11.75 27.85
CA GLY N 647 -69.51 -10.50 27.50
C GLY N 647 -70.17 -9.71 26.39
N GLN N 648 -71.27 -10.21 25.84
CA GLN N 648 -71.98 -9.46 24.80
C GLN N 648 -72.67 -8.24 25.40
N VAL N 649 -72.61 -7.13 24.69
CA VAL N 649 -73.18 -5.86 25.15
C VAL N 649 -74.33 -5.49 24.23
N ILE N 650 -75.39 -4.94 24.82
CA ILE N 650 -76.58 -4.50 24.09
C ILE N 650 -76.96 -3.12 24.58
N LYS N 651 -77.22 -2.20 23.66
CA LYS N 651 -77.65 -0.86 23.99
C LYS N 651 -79.12 -0.69 23.62
N ALA N 652 -79.83 0.09 24.45
CA ALA N 652 -81.26 0.23 24.30
C ALA N 652 -81.61 1.02 23.04
N THR N 653 -82.87 0.90 22.62
CA THR N 653 -83.38 1.64 21.49
C THR N 653 -84.42 2.69 21.88
N ALA N 654 -85.00 2.59 23.07
CA ALA N 654 -85.97 3.57 23.55
C ALA N 654 -86.00 3.52 25.06
N GLU N 655 -85.55 4.58 25.71
CA GLU N 655 -85.49 4.65 27.17
C GLU N 655 -86.55 5.58 27.69
N THR N 656 -87.30 5.13 28.69
CA THR N 656 -88.30 5.95 29.36
C THR N 656 -87.83 6.19 30.79
N LEU N 657 -87.75 7.47 31.17
CA LEU N 657 -87.19 7.82 32.48
C LEU N 657 -88.05 7.25 33.61
N THR N 658 -89.37 7.28 33.45
CA THR N 658 -90.27 6.68 34.42
C THR N 658 -91.57 6.32 33.73
N GLY N 659 -92.30 5.39 34.32
CA GLY N 659 -93.53 4.93 33.70
C GLY N 659 -93.78 3.45 33.92
N GLY N 660 -92.81 2.75 34.48
CA GLY N 660 -92.98 1.36 34.84
C GLY N 660 -93.80 1.23 36.12
N ALA N 661 -93.80 0.01 36.66
CA ALA N 661 -94.50 -0.25 37.90
C ALA N 661 -93.86 0.54 39.04
N SER N 662 -94.70 1.21 39.83
CA SER N 662 -94.26 1.99 41.00
C SER N 662 -93.25 3.07 40.61
N GLY N 663 -93.43 3.68 39.45
CA GLY N 663 -92.58 4.78 39.04
C GLY N 663 -91.19 4.40 38.61
N ASN N 664 -90.92 3.11 38.40
CA ASN N 664 -89.59 2.68 38.01
C ASN N 664 -89.31 3.01 36.55
N GLY N 665 -88.05 2.90 36.17
CA GLY N 665 -87.64 3.14 34.80
C GLY N 665 -87.78 1.90 33.93
N THR N 666 -87.98 2.12 32.64
CA THR N 666 -88.15 1.04 31.68
C THR N 666 -87.15 1.18 30.55
N MET N 667 -86.79 0.05 29.94
CA MET N 667 -85.85 0.03 28.85
C MET N 667 -86.32 -0.99 27.81
N THR N 668 -85.93 -0.77 26.56
CA THR N 668 -86.35 -1.61 25.45
C THR N 668 -85.13 -2.07 24.66
N VAL N 669 -85.02 -3.37 24.42
CA VAL N 669 -83.90 -3.93 23.68
C VAL N 669 -84.44 -4.90 22.63
N PRO N 670 -83.75 -5.09 21.51
CA PRO N 670 -84.21 -6.07 20.52
C PRO N 670 -83.97 -7.50 20.98
N GLY N 671 -84.69 -8.41 20.34
CA GLY N 671 -84.58 -9.82 20.68
C GLY N 671 -85.44 -10.20 21.87
N ASP N 672 -85.36 -11.47 22.22
CA ASP N 672 -86.11 -12.04 23.34
C ASP N 672 -85.15 -12.33 24.48
N LEU N 673 -85.28 -11.59 25.57
CA LEU N 673 -84.45 -11.78 26.77
C LEU N 673 -85.28 -12.18 27.98
N SER N 674 -86.33 -12.98 27.76
CA SER N 674 -87.17 -13.42 28.85
C SER N 674 -86.55 -14.55 29.67
N SER N 675 -85.44 -15.12 29.23
CA SER N 675 -84.78 -16.19 29.97
C SER N 675 -83.27 -16.06 30.02
N ALA N 676 -82.69 -14.97 29.53
CA ALA N 676 -81.24 -14.81 29.54
C ALA N 676 -80.76 -14.33 30.91
N LYS N 677 -79.45 -14.42 31.10
CA LYS N 677 -78.80 -13.96 32.32
C LYS N 677 -77.93 -12.76 31.96
N PHE N 678 -78.16 -11.63 32.63
CA PHE N 678 -77.48 -10.41 32.24
C PHE N 678 -77.41 -9.45 33.43
N PHE N 679 -76.40 -8.60 33.41
CA PHE N 679 -76.29 -7.48 34.34
C PHE N 679 -76.98 -6.25 33.76
N VAL N 680 -76.95 -5.16 34.52
CA VAL N 680 -77.50 -3.89 34.05
C VAL N 680 -76.93 -2.77 34.91
N GLY N 681 -76.60 -1.67 34.26
CA GLY N 681 -76.06 -0.52 34.98
C GLY N 681 -75.53 0.51 34.01
N GLU N 682 -74.91 1.53 34.59
CA GLU N 682 -74.37 2.64 33.82
C GLU N 682 -72.94 2.33 33.35
N ILE N 683 -72.34 3.29 32.67
CA ILE N 683 -70.98 3.17 32.14
C ILE N 683 -70.19 4.41 32.54
N TYR N 684 -68.94 4.21 32.94
CA TYR N 684 -68.07 5.30 33.37
C TYR N 684 -66.72 5.19 32.67
N ASN N 685 -66.09 6.35 32.47
CA ASN N 685 -64.86 6.45 31.71
C ASN N 685 -63.63 6.45 32.62
N MET N 686 -62.48 6.17 32.02
CA MET N 686 -61.20 6.13 32.72
C MET N 686 -60.16 6.85 31.87
N THR N 687 -59.55 7.90 32.44
CA THR N 687 -58.63 8.75 31.71
C THR N 687 -57.29 8.83 32.43
N TYR N 688 -56.21 8.63 31.68
CA TYR N 688 -54.86 8.73 32.22
C TYR N 688 -54.02 9.53 31.23
N GLU N 689 -53.43 10.62 31.70
CA GLU N 689 -52.67 11.53 30.85
C GLU N 689 -51.20 11.46 31.21
N PHE N 690 -50.38 11.00 30.28
CA PHE N 690 -48.95 10.91 30.50
C PHE N 690 -48.35 12.32 30.58
N SER N 691 -47.20 12.41 31.25
CA SER N 691 -46.53 13.68 31.48
C SER N 691 -45.53 13.95 30.36
N THR N 692 -44.80 15.05 30.49
CA THR N 692 -43.80 15.40 29.50
C THR N 692 -42.56 14.53 29.69
N PRO N 693 -42.16 13.75 28.70
CA PRO N 693 -40.97 12.91 28.86
C PRO N 693 -39.70 13.73 28.78
N TYR N 694 -38.80 13.49 29.73
CA TYR N 694 -37.54 14.22 29.82
C TYR N 694 -36.41 13.23 30.07
N LEU N 695 -35.22 13.78 30.29
CA LEU N 695 -34.03 13.01 30.61
C LEU N 695 -33.50 13.41 31.97
N LYS N 696 -33.06 12.42 32.73
CA LYS N 696 -32.51 12.66 34.07
C LYS N 696 -31.12 12.06 34.17
N GLU N 697 -30.19 12.85 34.72
CA GLU N 697 -28.81 12.43 34.91
C GLU N 697 -28.38 12.82 36.31
N THR N 698 -27.22 12.32 36.71
CA THR N 698 -26.74 12.51 38.08
C THR N 698 -25.76 13.68 38.13
N PRO N 699 -26.05 14.75 38.85
CA PRO N 699 -25.11 15.87 38.96
C PRO N 699 -23.95 15.49 39.85
N PRO N 700 -22.87 16.28 39.83
CA PRO N 700 -21.68 15.94 40.64
C PRO N 700 -21.98 15.85 42.13
N GLY N 701 -22.89 16.65 42.65
CA GLY N 701 -23.18 16.64 44.08
C GLY N 701 -23.98 15.46 44.57
N GLY N 702 -24.51 14.65 43.68
CA GLY N 702 -25.33 13.52 44.07
C GLY N 702 -26.80 13.84 43.99
N GLY N 703 -27.61 12.83 43.69
CA GLY N 703 -29.03 13.01 43.51
C GLY N 703 -29.42 12.89 42.05
N LEU N 704 -30.45 13.63 41.63
CA LEU N 704 -30.89 13.62 40.24
C LEU N 704 -31.18 15.03 39.77
N ALA N 705 -31.12 15.21 38.46
CA ALA N 705 -31.51 16.46 37.82
C ALA N 705 -32.11 16.14 36.47
N VAL N 706 -32.90 17.07 35.94
CA VAL N 706 -33.68 16.84 34.73
C VAL N 706 -33.16 17.79 33.65
N LEU N 707 -32.66 17.22 32.55
CA LEU N 707 -32.22 18.03 31.43
C LEU N 707 -33.41 18.67 30.75
N ALA N 708 -33.21 19.89 30.22
CA ALA N 708 -34.30 20.62 29.61
C ALA N 708 -33.94 21.20 28.26
N ASN N 709 -32.66 21.47 28.02
CA ASN N 709 -32.26 22.15 26.80
C ASN N 709 -32.18 21.27 25.56
N PRO N 710 -31.50 20.11 25.60
CA PRO N 710 -31.27 19.37 24.36
C PRO N 710 -32.58 18.95 23.69
N ARG N 711 -32.57 18.93 22.36
CA ARG N 711 -33.76 18.62 21.58
C ARG N 711 -34.06 17.14 21.70
N LEU N 712 -35.23 16.81 22.23
CA LEU N 712 -35.68 15.44 22.41
C LEU N 712 -37.02 15.31 21.66
N GLN N 713 -36.97 14.80 20.45
CA GLN N 713 -38.15 14.64 19.61
C GLN N 713 -38.64 13.20 19.71
N LEU N 714 -39.88 13.02 20.16
CA LEU N 714 -40.42 11.68 20.33
C LEU N 714 -40.75 11.06 18.97
N ARG N 715 -40.61 9.75 18.89
CA ARG N 715 -40.92 9.01 17.68
C ARG N 715 -42.04 8.00 17.87
N THR N 716 -41.90 7.07 18.80
CA THR N 716 -42.89 6.03 19.01
C THR N 716 -43.20 5.90 20.49
N TRP N 717 -44.43 5.51 20.78
CA TRP N 717 -44.88 5.26 22.14
C TRP N 717 -45.40 3.84 22.22
N SER N 718 -44.90 3.08 23.19
CA SER N 718 -45.25 1.67 23.31
C SER N 718 -45.84 1.41 24.68
N ILE N 719 -46.81 0.48 24.72
CA ILE N 719 -47.51 0.13 25.95
C ILE N 719 -47.44 -1.39 26.12
N VAL N 720 -47.24 -1.83 27.36
CA VAL N 720 -47.23 -3.25 27.70
C VAL N 720 -48.41 -3.50 28.63
N PHE N 721 -49.27 -4.45 28.25
CA PHE N 721 -50.46 -4.74 29.03
C PHE N 721 -50.55 -6.22 29.38
N ASP N 722 -51.67 -6.63 29.99
CA ASP N 722 -51.89 -8.02 30.34
C ASP N 722 -53.36 -8.17 30.72
N GLU N 723 -54.01 -9.18 30.16
CA GLU N 723 -55.43 -9.47 30.45
C GLU N 723 -56.31 -8.24 30.21
N THR N 724 -56.04 -7.53 29.11
CA THR N 724 -56.77 -6.33 28.77
C THR N 724 -57.60 -6.56 27.52
N SER N 725 -58.88 -6.23 27.59
CA SER N 725 -59.77 -6.46 26.45
C SER N 725 -59.76 -5.28 25.49
N ASN N 726 -59.91 -4.07 26.00
CA ASN N 726 -60.04 -2.91 25.13
C ASN N 726 -59.55 -1.65 25.81
N PHE N 727 -58.89 -0.79 25.04
CA PHE N 727 -58.56 0.56 25.45
C PHE N 727 -58.23 1.35 24.18
N SER N 728 -57.90 2.62 24.35
CA SER N 728 -57.63 3.47 23.20
C SER N 728 -56.62 4.53 23.58
N MET N 729 -55.97 5.09 22.56
CA MET N 729 -54.96 6.13 22.72
C MET N 729 -55.39 7.35 21.94
N LYS N 730 -55.26 8.53 22.57
CA LYS N 730 -55.63 9.79 21.94
C LYS N 730 -54.42 10.72 22.00
N ILE N 731 -53.74 10.88 20.87
CA ILE N 731 -52.52 11.66 20.77
C ILE N 731 -52.83 12.97 20.04
N THR N 732 -52.43 14.08 20.64
CA THR N 732 -52.65 15.40 20.07
C THR N 732 -51.34 16.16 19.99
N PRO N 733 -50.76 16.35 18.80
CA PRO N 733 -49.57 17.19 18.68
C PRO N 733 -49.89 18.66 18.85
N GLY N 734 -48.89 19.52 18.66
CA GLY N 734 -49.07 20.94 18.85
C GLY N 734 -49.90 21.62 17.77
N GLN N 735 -51.10 22.08 18.14
CA GLN N 735 -51.97 22.85 17.25
C GLN N 735 -52.25 22.10 15.96
N ARG N 736 -52.52 20.80 16.07
CA ARG N 736 -52.86 19.98 14.92
C ARG N 736 -53.99 19.04 15.31
N ASP N 737 -54.49 18.30 14.31
CA ASP N 737 -55.66 17.47 14.51
C ASP N 737 -55.38 16.32 15.48
N GLU N 738 -56.42 15.95 16.24
CA GLU N 738 -56.29 14.86 17.19
C GLU N 738 -56.46 13.51 16.48
N LEU N 739 -55.69 12.52 16.91
CA LEU N 739 -55.71 11.19 16.31
C LEU N 739 -56.09 10.15 17.37
N THR N 740 -56.66 9.05 16.90
CA THR N 740 -57.05 7.93 17.76
C THR N 740 -56.48 6.63 17.21
N TYR N 741 -56.29 5.66 18.09
CA TYR N 741 -55.69 4.37 17.71
C TYR N 741 -56.27 3.28 18.59
N PRO N 742 -57.50 2.86 18.33
CA PRO N 742 -58.13 1.85 19.18
C PRO N 742 -57.50 0.48 19.00
N PHE N 743 -57.63 -0.33 20.05
CA PHE N 743 -57.13 -1.70 20.07
C PHE N 743 -58.10 -2.55 20.89
N ASN N 744 -58.54 -3.68 20.33
CA ASN N 744 -59.57 -4.46 20.99
C ASN N 744 -59.29 -5.95 21.00
N GLY N 745 -58.04 -6.36 21.13
CA GLY N 745 -57.72 -7.74 21.45
C GLY N 745 -57.82 -8.76 20.34
N TYR N 746 -58.91 -8.74 19.58
CA TYR N 746 -59.17 -9.77 18.58
C TYR N 746 -58.14 -9.66 17.47
N LYS N 747 -57.20 -10.60 17.44
CA LYS N 747 -56.18 -10.65 16.41
C LYS N 747 -56.65 -11.60 15.32
N ILE N 748 -56.82 -11.08 14.10
CA ILE N 748 -57.35 -11.89 13.01
C ILE N 748 -56.33 -12.94 12.60
N GLY N 749 -56.79 -14.18 12.45
CA GLY N 749 -55.96 -15.30 12.10
C GLY N 749 -55.52 -16.16 13.28
N SER N 750 -55.55 -15.61 14.49
CA SER N 750 -55.19 -16.37 15.68
C SER N 750 -56.41 -17.05 16.27
N GLY N 751 -56.27 -18.33 16.57
CA GLY N 751 -57.35 -19.13 17.10
C GLY N 751 -57.45 -19.23 18.60
N GLN N 752 -56.70 -18.39 19.33
CA GLN N 752 -56.77 -18.43 20.78
C GLN N 752 -58.15 -17.99 21.30
N PHE N 753 -58.77 -17.04 20.62
CA PHE N 753 -60.11 -16.56 21.00
C PHE N 753 -61.10 -16.92 19.90
N PRO N 754 -61.93 -17.94 20.10
CA PRO N 754 -62.95 -18.26 19.09
C PRO N 754 -64.03 -17.20 19.06
N ILE N 755 -64.82 -17.24 17.98
CA ILE N 755 -65.95 -16.34 17.86
C ILE N 755 -66.98 -16.68 18.93
N GLY N 756 -67.31 -15.70 19.77
CA GLY N 756 -68.31 -15.88 20.79
C GLY N 756 -67.80 -15.85 22.22
N THR N 757 -66.55 -15.51 22.45
CA THR N 757 -66.04 -15.42 23.80
C THR N 757 -65.25 -14.13 24.00
N PRO N 758 -65.29 -13.54 25.19
CA PRO N 758 -64.53 -12.31 25.43
C PRO N 758 -63.04 -12.56 25.30
N SER N 759 -62.33 -11.53 24.87
CA SER N 759 -60.90 -11.60 24.61
C SER N 759 -60.14 -10.90 25.72
N LEU N 760 -59.12 -11.57 26.26
CA LEU N 760 -58.19 -10.98 27.21
C LEU N 760 -56.79 -11.37 26.76
N ALA N 761 -56.05 -10.39 26.25
CA ALA N 761 -54.80 -10.65 25.53
C ALA N 761 -53.60 -10.34 26.42
N THR N 762 -52.42 -10.44 25.81
CA THR N 762 -51.17 -10.14 26.50
C THR N 762 -50.11 -9.86 25.44
N GLY N 763 -49.61 -8.63 25.40
CA GLY N 763 -48.65 -8.27 24.38
C GLY N 763 -48.38 -6.78 24.42
N ARG N 764 -47.63 -6.32 23.42
CA ARG N 764 -47.19 -4.94 23.34
C ARG N 764 -47.87 -4.23 22.16
N PHE N 765 -47.99 -2.92 22.29
CA PHE N 765 -48.66 -2.07 21.31
C PHE N 765 -47.77 -0.88 21.00
N ARG N 766 -47.74 -0.47 19.73
CA ARG N 766 -46.86 0.60 19.29
C ARG N 766 -47.62 1.56 18.39
N VAL N 767 -47.26 2.84 18.48
CA VAL N 767 -47.94 3.90 17.72
C VAL N 767 -47.02 5.10 17.59
N PRO N 768 -46.90 5.72 16.41
CA PRO N 768 -46.03 6.88 16.27
C PRO N 768 -46.68 8.16 16.78
N VAL N 769 -45.84 9.07 17.28
CA VAL N 769 -46.29 10.33 17.87
C VAL N 769 -45.87 11.52 17.02
N MET N 770 -44.59 11.58 16.63
CA MET N 770 -44.12 12.53 15.61
C MET N 770 -44.30 13.99 16.04
N ALA N 771 -43.63 14.35 17.13
CA ALA N 771 -43.68 15.73 17.60
C ALA N 771 -42.50 15.97 18.54
N GLN N 772 -42.52 17.11 19.23
CA GLN N 772 -41.51 17.48 20.21
C GLN N 772 -42.06 17.28 21.61
N ASN N 773 -41.16 16.98 22.56
CA ASN N 773 -41.57 16.57 23.89
C ASN N 773 -42.40 17.64 24.61
N ILE N 774 -42.14 18.92 24.33
CA ILE N 774 -42.81 19.99 25.08
C ILE N 774 -44.15 20.39 24.49
N GLU N 775 -44.59 19.75 23.40
CA GLU N 775 -45.85 20.10 22.74
C GLU N 775 -46.67 18.86 22.43
N THR N 776 -46.81 17.96 23.40
CA THR N 776 -47.56 16.73 23.20
C THR N 776 -48.50 16.49 24.36
N LYS N 777 -49.68 15.96 24.03
CA LYS N 777 -50.60 15.39 24.99
C LYS N 777 -50.84 13.94 24.63
N ILE N 778 -50.49 13.04 25.54
CA ILE N 778 -50.69 11.60 25.34
C ILE N 778 -51.67 11.14 26.42
N VAL N 779 -52.79 10.56 25.99
CA VAL N 779 -53.87 10.20 26.88
C VAL N 779 -54.24 8.74 26.63
N LEU N 780 -54.31 7.96 27.70
CA LEU N 780 -54.81 6.60 27.64
C LEU N 780 -56.30 6.63 27.99
N PHE N 781 -57.14 6.22 27.05
CA PHE N 781 -58.58 6.35 27.20
C PHE N 781 -59.25 4.99 27.03
N SER N 782 -60.31 4.78 27.81
CA SER N 782 -61.06 3.53 27.77
C SER N 782 -62.44 3.77 28.33
N ASP N 783 -63.45 3.20 27.66
CA ASP N 783 -64.83 3.36 28.10
C ASP N 783 -65.63 2.07 28.06
N SER N 784 -65.06 0.96 27.62
CA SER N 784 -65.77 -0.30 27.57
C SER N 784 -66.00 -0.84 28.97
N PRO N 785 -67.02 -1.68 29.15
CA PRO N 785 -67.24 -2.33 30.45
C PRO N 785 -66.41 -3.59 30.68
N LEU N 786 -65.38 -3.84 29.86
CA LEU N 786 -64.49 -4.98 29.99
C LEU N 786 -63.17 -4.56 30.62
N PRO N 787 -62.49 -5.46 31.32
CA PRO N 787 -61.34 -5.04 32.13
C PRO N 787 -60.18 -4.54 31.29
N CYS N 788 -59.31 -3.77 31.94
CA CYS N 788 -58.12 -3.22 31.29
C CYS N 788 -57.11 -2.86 32.37
N ARG N 789 -55.93 -3.47 32.32
CA ARG N 789 -54.84 -3.15 33.23
C ARG N 789 -53.54 -3.04 32.45
N VAL N 790 -52.72 -2.07 32.84
CA VAL N 790 -51.52 -1.69 32.10
C VAL N 790 -50.33 -1.71 33.05
N GLN N 791 -49.18 -2.14 32.54
CA GLN N 791 -47.99 -2.33 33.37
C GLN N 791 -46.99 -1.17 33.23
N SER N 792 -46.51 -0.90 32.02
CA SER N 792 -45.44 0.06 31.83
C SER N 792 -45.49 0.57 30.40
N ALA N 793 -44.59 1.50 30.08
CA ALA N 793 -44.51 2.11 28.76
C ALA N 793 -43.06 2.47 28.46
N GLU N 794 -42.77 2.60 27.17
CA GLU N 794 -41.43 2.95 26.71
C GLU N 794 -41.53 3.82 25.46
N TRP N 795 -40.71 4.87 25.41
CA TRP N 795 -40.70 5.79 24.29
C TRP N 795 -39.33 5.80 23.64
N GLU N 796 -39.24 6.48 22.50
CA GLU N 796 -38.04 6.46 21.67
C GLU N 796 -38.05 7.66 20.74
N GLY N 797 -36.89 8.27 20.53
CA GLY N 797 -36.84 9.40 19.63
C GLY N 797 -35.45 9.97 19.48
N TRP N 798 -35.36 11.01 18.65
CA TRP N 798 -34.10 11.70 18.41
C TRP N 798 -33.60 12.37 19.67
N TYR N 799 -32.28 12.43 19.83
CA TYR N 799 -31.65 13.16 20.93
C TYR N 799 -30.43 13.88 20.38
N GLN N 800 -30.46 15.20 20.40
CA GLN N 800 -29.42 16.03 19.78
C GLN N 800 -28.76 16.90 20.84
N GLU N 801 -27.44 16.98 20.79
CA GLU N 801 -26.66 17.80 21.70
C GLU N 801 -25.76 18.71 20.88
N ARG N 802 -25.88 20.01 21.10
CA ARG N 802 -25.16 20.99 20.30
C ARG N 802 -23.73 21.20 20.78
N ALA N 803 -23.39 20.70 21.97
CA ALA N 803 -22.06 20.81 22.53
C ALA N 803 -21.77 19.54 23.32
N ARG N 804 -20.75 19.59 24.16
CA ARG N 804 -20.35 18.45 24.97
C ARG N 804 -20.70 18.73 26.43
N ARG N 805 -20.76 17.68 27.23
CA ARG N 805 -21.23 17.76 28.60
C ARG N 805 -20.07 17.72 29.60
N LEU N 806 -20.09 18.66 30.53
CA LEU N 806 -19.19 18.67 31.68
C LEU N 806 -19.40 17.48 32.60
N MET O 1 6.97 10.65 30.65
CA MET O 1 7.11 11.92 31.36
C MET O 1 5.88 12.79 31.17
N PRO O 2 4.85 12.56 31.99
CA PRO O 2 3.66 13.41 31.91
C PRO O 2 3.83 14.68 32.73
N LEU O 3 3.61 15.82 32.11
CA LEU O 3 3.65 17.12 32.77
C LEU O 3 2.23 17.39 33.27
N ILE O 4 1.98 17.06 34.54
CA ILE O 4 0.64 17.06 35.10
C ILE O 4 0.65 17.71 36.47
N SER O 5 -0.51 18.21 36.89
CA SER O 5 -0.61 19.16 37.99
C SER O 5 -1.81 18.84 38.89
N SER O 6 -1.81 19.45 40.07
CA SER O 6 -2.92 19.38 41.01
C SER O 6 -3.02 20.68 41.78
N SER O 7 -3.81 20.68 42.86
CA SER O 7 -4.08 21.88 43.63
C SER O 7 -4.27 21.51 45.09
N ILE O 8 -4.19 22.51 45.96
CA ILE O 8 -4.46 22.36 47.38
C ILE O 8 -5.84 22.96 47.68
N PRO O 9 -6.86 22.14 47.91
CA PRO O 9 -8.23 22.68 47.99
C PRO O 9 -8.44 23.69 49.11
N ASN O 10 -7.82 23.50 50.27
CA ASN O 10 -8.05 24.39 51.41
C ASN O 10 -6.73 24.71 52.09
N LEU O 11 -6.68 25.89 52.72
CA LEU O 11 -5.50 26.37 53.42
C LEU O 11 -5.76 26.63 54.89
N ILE O 12 -6.81 26.03 55.45
CA ILE O 12 -7.28 26.40 56.78
C ILE O 12 -7.12 25.24 57.77
N ASN O 13 -6.14 24.37 57.57
CA ASN O 13 -5.97 23.22 58.45
C ASN O 13 -4.86 23.41 59.48
N GLY O 14 -4.07 24.46 59.39
CA GLY O 14 -3.17 24.82 60.47
C GLY O 14 -1.78 24.23 60.35
N VAL O 15 -1.09 24.22 61.50
CA VAL O 15 0.31 23.87 61.59
C VAL O 15 0.44 22.45 62.12
N SER O 16 1.54 21.80 61.76
CA SER O 16 1.81 20.42 62.19
C SER O 16 3.30 20.25 62.43
N GLN O 17 3.62 19.24 63.25
CA GLN O 17 5.00 18.91 63.56
C GLN O 17 5.44 17.56 62.99
N GLN O 18 4.54 16.83 62.34
CA GLN O 18 4.90 15.54 61.77
C GLN O 18 5.89 15.73 60.63
N PRO O 19 6.70 14.72 60.32
CA PRO O 19 7.56 14.79 59.14
C PRO O 19 6.72 14.90 57.88
N ALA O 20 7.30 15.53 56.86
CA ALA O 20 6.55 15.90 55.66
C ALA O 20 5.97 14.70 54.93
N ALA O 21 6.49 13.49 55.18
CA ALA O 21 6.03 12.31 54.47
C ALA O 21 4.79 11.68 55.10
N LEU O 22 4.39 12.10 56.30
CA LEU O 22 3.23 11.53 56.97
C LEU O 22 2.11 12.53 57.18
N ARG O 23 2.24 13.74 56.64
CA ARG O 23 1.20 14.75 56.78
C ARG O 23 0.15 14.59 55.70
N LEU O 24 -0.93 15.34 55.85
CA LEU O 24 -1.78 15.70 54.73
C LEU O 24 -1.12 16.86 54.00
N ALA O 25 -1.21 16.87 52.68
CA ALA O 25 -0.68 17.99 51.92
C ALA O 25 -1.35 19.30 52.30
N SER O 26 -2.55 19.23 52.87
CA SER O 26 -3.25 20.44 53.28
C SER O 26 -2.50 21.17 54.41
N GLN O 27 -1.99 20.42 55.37
CA GLN O 27 -1.39 21.03 56.56
C GLN O 27 -0.14 21.81 56.20
N ALA O 28 0.04 22.96 56.85
CA ALA O 28 1.13 23.87 56.56
C ALA O 28 2.33 23.57 57.46
N GLU O 29 3.30 24.48 57.48
CA GLU O 29 4.52 24.33 58.26
C GLU O 29 4.68 25.41 59.32
N GLU O 30 4.40 26.67 58.99
CA GLU O 30 4.45 27.76 59.95
C GLU O 30 3.33 28.74 59.65
N VAL O 31 2.57 29.11 60.68
CA VAL O 31 1.52 30.11 60.55
C VAL O 31 1.71 31.15 61.64
N ILE O 32 1.70 32.42 61.26
CA ILE O 32 1.88 33.53 62.19
C ILE O 32 0.98 34.67 61.78
N ASN O 33 0.22 35.20 62.74
CA ASN O 33 -0.65 36.36 62.52
C ASN O 33 -1.66 36.13 61.39
N CYS O 34 -2.20 34.92 61.30
CA CYS O 34 -3.28 34.60 60.40
C CYS O 34 -4.48 34.10 61.18
N MET O 35 -5.66 34.29 60.61
CA MET O 35 -6.92 33.89 61.24
C MET O 35 -7.70 33.03 60.25
N PRO O 36 -7.34 31.75 60.12
CA PRO O 36 -8.02 30.89 59.15
C PRO O 36 -9.47 30.66 59.55
N SER O 37 -10.38 30.96 58.64
CA SER O 37 -11.81 30.82 58.88
C SER O 37 -12.47 30.14 57.69
N PRO O 38 -13.50 29.33 57.93
CA PRO O 38 -14.19 28.68 56.81
C PRO O 38 -15.08 29.62 56.01
N VAL O 39 -15.35 30.82 56.49
CA VAL O 39 -16.24 31.73 55.77
C VAL O 39 -15.49 32.55 54.74
N GLU O 40 -14.18 32.72 54.88
CA GLU O 40 -13.39 33.47 53.92
C GLU O 40 -12.12 32.79 53.46
N GLY O 41 -11.64 31.79 54.18
CA GLY O 41 -10.37 31.16 53.85
C GLY O 41 -9.26 31.61 54.81
N LEU O 42 -8.17 32.10 54.24
CA LEU O 42 -7.03 32.58 55.01
C LEU O 42 -6.96 34.09 54.89
N LYS O 43 -6.97 34.77 56.03
CA LYS O 43 -6.92 36.23 56.07
C LYS O 43 -5.96 36.69 57.14
N LYS O 44 -5.51 37.93 57.00
CA LYS O 44 -4.64 38.53 58.01
C LYS O 44 -5.42 38.73 59.31
N ARG O 45 -4.70 38.62 60.43
CA ARG O 45 -5.35 38.68 61.72
C ARG O 45 -5.95 40.07 61.97
N PRO O 46 -7.02 40.14 62.76
CA PRO O 46 -7.65 41.44 63.03
C PRO O 46 -6.73 42.33 63.85
N PRO O 47 -6.89 43.64 63.76
CA PRO O 47 -6.02 44.55 64.51
C PRO O 47 -6.47 44.65 65.97
N MET O 48 -5.59 45.25 66.78
CA MET O 48 -5.84 45.48 68.19
C MET O 48 -5.94 46.97 68.45
N GLN O 49 -7.05 47.40 69.05
CA GLN O 49 -7.29 48.81 69.30
C GLN O 49 -6.85 49.18 70.72
N HIS O 50 -6.89 50.47 71.02
CA HIS O 50 -6.45 51.00 72.31
C HIS O 50 -7.62 51.66 73.01
N ILE O 51 -7.66 51.56 74.34
CA ILE O 51 -8.80 52.09 75.09
C ILE O 51 -8.35 53.16 76.08
N LYS O 52 -7.54 52.80 77.07
CA LYS O 52 -7.15 53.74 78.10
C LYS O 52 -6.13 53.07 79.03
N LYS O 53 -5.33 53.91 79.69
CA LYS O 53 -4.40 53.44 80.70
C LYS O 53 -5.13 53.20 82.02
N LEU O 54 -4.82 52.08 82.67
CA LEU O 54 -5.46 51.77 83.94
C LEU O 54 -4.79 52.51 85.10
N PHE O 55 -3.50 52.25 85.31
CA PHE O 55 -2.79 52.87 86.41
C PHE O 55 -1.30 52.87 86.11
N ALA O 56 -0.58 53.78 86.78
CA ALA O 56 0.84 53.93 86.56
C ALA O 56 1.62 52.84 87.29
N GLY O 57 2.93 52.81 87.02
CA GLY O 57 3.78 51.81 87.63
C GLY O 57 3.58 50.43 87.00
N SER O 58 4.10 49.43 87.67
CA SER O 58 3.98 48.05 87.23
C SER O 58 2.93 47.31 88.05
N ALA O 59 2.60 46.10 87.60
CA ALA O 59 1.56 45.30 88.23
C ALA O 59 2.12 44.28 89.21
N GLY O 60 3.42 44.32 89.46
CA GLY O 60 4.03 43.36 90.37
C GLY O 60 4.67 42.20 89.63
N THR O 61 5.55 41.48 90.34
CA THR O 61 6.25 40.35 89.74
C THR O 61 5.29 39.23 89.37
N GLY O 62 4.29 38.96 90.22
CA GLY O 62 3.32 37.94 89.91
C GLY O 62 2.29 38.39 88.90
N ARG O 63 1.76 37.43 88.17
CA ARG O 63 0.73 37.73 87.18
C ARG O 63 -0.59 38.01 87.89
N PRO O 64 -1.28 39.09 87.55
CA PRO O 64 -2.55 39.40 88.19
C PRO O 64 -3.65 38.43 87.77
N PHE O 65 -4.65 38.31 88.62
CA PHE O 65 -5.82 37.48 88.35
C PHE O 65 -6.97 38.37 87.89
N THR O 66 -7.50 38.08 86.71
CA THR O 66 -8.51 38.93 86.09
C THR O 66 -9.74 38.11 85.72
N HIS O 67 -10.91 38.59 86.10
CA HIS O 67 -12.17 37.96 85.75
C HIS O 67 -13.19 39.04 85.46
N ILE O 68 -14.01 38.84 84.45
CA ILE O 68 -15.01 39.81 84.02
C ILE O 68 -16.39 39.31 84.42
N VAL O 69 -17.28 40.24 84.77
CA VAL O 69 -18.63 39.92 85.20
C VAL O 69 -19.62 40.63 84.30
N ASP O 70 -20.58 39.89 83.78
CA ASP O 70 -21.63 40.42 82.91
C ASP O 70 -22.96 40.22 83.62
N ARG O 71 -23.48 41.30 84.22
CA ARG O 71 -24.65 41.16 85.09
C ARG O 71 -25.95 41.11 84.28
N ASP O 72 -26.25 42.18 83.54
CA ASP O 72 -27.55 42.28 82.90
C ASP O 72 -27.47 42.82 81.47
N GLY O 73 -26.32 42.73 80.83
CA GLY O 73 -26.16 43.24 79.48
C GLY O 73 -25.92 44.72 79.38
N VAL O 74 -26.05 45.46 80.48
CA VAL O 74 -25.74 46.89 80.49
C VAL O 74 -24.72 47.25 81.57
N ILE O 75 -24.65 46.50 82.67
CA ILE O 75 -23.69 46.75 83.74
C ILE O 75 -22.57 45.72 83.61
N ARG O 76 -21.33 46.21 83.50
CA ARG O 76 -20.18 45.34 83.39
C ARG O 76 -19.02 45.97 84.15
N TYR O 77 -18.12 45.14 84.66
CA TYR O 77 -16.95 45.64 85.37
C TYR O 77 -15.90 44.54 85.44
N LEU O 78 -14.64 44.96 85.46
CA LEU O 78 -13.51 44.04 85.63
C LEU O 78 -13.15 43.90 87.10
N ILE O 79 -12.58 42.75 87.44
CA ILE O 79 -12.10 42.48 88.79
C ILE O 79 -10.59 42.25 88.70
N PHE O 80 -9.83 43.05 89.46
CA PHE O 80 -8.38 43.04 89.39
C PHE O 80 -7.83 42.76 90.78
N ILE O 81 -7.38 41.53 91.01
CA ILE O 81 -6.86 41.10 92.31
C ILE O 81 -5.41 40.71 92.15
N GLN O 82 -4.53 41.35 92.91
CA GLN O 82 -3.12 40.97 92.90
C GLN O 82 -2.42 41.55 94.12
N ASP O 83 -1.56 40.74 94.72
CA ASP O 83 -0.57 41.17 95.71
C ASP O 83 -1.18 42.10 96.77
N ASN O 84 -2.07 41.50 97.57
CA ASN O 84 -2.59 42.14 98.78
C ASN O 84 -3.55 43.27 98.46
N ALA O 85 -3.73 43.57 97.17
CA ALA O 85 -4.59 44.67 96.75
C ALA O 85 -5.66 44.17 95.79
N ILE O 86 -6.79 44.87 95.77
CA ILE O 86 -7.91 44.56 94.88
C ILE O 86 -8.40 45.86 94.25
N LYS O 87 -8.60 45.84 92.94
CA LYS O 87 -9.07 47.00 92.20
C LYS O 87 -10.16 46.58 91.23
N VAL O 88 -11.02 47.54 90.88
CA VAL O 88 -12.16 47.30 90.00
C VAL O 88 -12.19 48.41 88.96
N PHE O 89 -12.41 48.03 87.70
CA PHE O 89 -12.57 48.99 86.60
C PHE O 89 -13.78 48.59 85.77
N ASP O 90 -14.26 49.54 84.98
CA ASP O 90 -15.28 49.28 83.99
C ASP O 90 -14.63 48.99 82.64
N LEU O 91 -15.46 48.76 81.62
CA LEU O 91 -14.94 48.45 80.29
C LEU O 91 -14.32 49.66 79.60
N ASP O 92 -14.48 50.86 80.14
CA ASP O 92 -13.87 52.05 79.58
C ASP O 92 -12.68 52.55 80.39
N GLY O 93 -12.22 51.77 81.36
CA GLY O 93 -11.03 52.12 82.11
C GLY O 93 -11.24 53.14 83.21
N ASN O 94 -12.47 53.48 83.54
CA ASN O 94 -12.75 54.43 84.62
C ASN O 94 -12.80 53.66 85.94
N ALA O 95 -11.93 54.06 86.87
CA ALA O 95 -11.82 53.34 88.13
C ALA O 95 -13.06 53.54 88.99
N GLN O 96 -13.40 52.51 89.76
CA GLN O 96 -14.49 52.55 90.72
C GLN O 96 -13.93 52.40 92.12
N THR O 97 -14.36 53.27 93.03
CA THR O 97 -13.85 53.25 94.39
C THR O 97 -14.27 51.98 95.11
N VAL O 98 -13.37 51.44 95.94
CA VAL O 98 -13.62 50.25 96.72
C VAL O 98 -13.18 50.49 98.16
N SER O 99 -14.02 50.12 99.10
CA SER O 99 -13.77 50.32 100.52
C SER O 99 -13.51 48.98 101.20
N THR O 100 -12.55 48.96 102.12
CA THR O 100 -12.13 47.75 102.83
C THR O 100 -12.29 47.97 104.33
N PRO O 101 -13.48 47.71 104.89
CA PRO O 101 -13.66 47.93 106.33
C PRO O 101 -12.79 47.04 107.21
N ASN O 102 -12.52 45.81 106.79
CA ASN O 102 -11.78 44.85 107.60
C ASN O 102 -10.32 44.73 107.20
N GLY O 103 -9.85 45.54 106.26
CA GLY O 103 -8.49 45.42 105.79
C GLY O 103 -8.35 44.34 104.73
N THR O 104 -7.13 44.22 104.21
CA THR O 104 -6.83 43.28 103.14
C THR O 104 -5.82 42.22 103.57
N SER O 105 -5.68 41.97 104.87
CA SER O 105 -4.73 40.97 105.34
C SER O 105 -5.07 39.57 104.84
N TYR O 106 -6.31 39.34 104.43
CA TYR O 106 -6.70 38.03 103.93
C TYR O 106 -6.10 37.74 102.55
N LEU O 107 -5.65 38.76 101.84
CA LEU O 107 -5.17 38.60 100.47
C LEU O 107 -3.65 38.45 100.38
N ASN O 108 -2.93 38.57 101.49
CA ASN O 108 -1.48 38.44 101.44
C ASN O 108 -1.10 37.02 101.03
N ILE O 109 -0.15 36.91 100.09
CA ILE O 109 0.14 35.64 99.44
C ILE O 109 1.62 35.58 99.08
N THR O 110 2.08 34.38 98.74
CA THR O 110 3.45 34.13 98.33
C THR O 110 3.59 33.54 96.94
N GLY O 111 2.59 32.81 96.45
CA GLY O 111 2.65 32.19 95.15
C GLY O 111 2.09 33.08 94.05
N GLU O 112 1.69 32.44 92.96
CA GLU O 112 1.12 33.17 91.83
C GLU O 112 -0.35 33.46 92.09
N PRO O 113 -0.78 34.72 92.07
CA PRO O 113 -2.20 35.01 92.26
C PRO O 113 -3.10 34.34 91.24
N SER O 114 -2.64 34.18 90.00
CA SER O 114 -3.45 33.56 88.96
C SER O 114 -3.81 32.13 89.33
N SER O 115 -2.87 31.38 89.89
CA SER O 115 -3.12 30.01 90.31
C SER O 115 -3.52 29.93 91.78
N THR O 116 -3.67 31.07 92.46
CA THR O 116 -4.06 31.07 93.86
C THR O 116 -5.50 31.49 94.09
N PHE O 117 -6.04 32.41 93.30
CA PHE O 117 -7.38 32.93 93.56
C PHE O 117 -8.42 32.27 92.66
N ARG O 118 -9.60 32.02 93.23
CA ARG O 118 -10.74 31.51 92.50
C ARG O 118 -11.98 32.28 92.96
N VAL O 119 -12.99 32.35 92.08
CA VAL O 119 -14.12 33.22 92.28
C VAL O 119 -15.41 32.51 91.88
N ALA O 120 -16.53 32.98 92.44
CA ALA O 120 -17.86 32.50 92.09
C ALA O 120 -18.86 33.54 92.53
N SER O 121 -19.70 34.01 91.61
CA SER O 121 -20.56 35.16 91.84
C SER O 121 -22.02 34.77 91.66
N ILE O 122 -22.85 35.15 92.63
CA ILE O 122 -24.30 34.95 92.56
C ILE O 122 -25.00 36.19 93.09
N ALA O 123 -26.06 36.61 92.39
CA ALA O 123 -26.99 37.63 92.87
C ALA O 123 -26.31 38.90 93.37
N ASP O 124 -26.16 39.02 94.69
CA ASP O 124 -25.67 40.23 95.32
C ASP O 124 -24.26 40.10 95.86
N PHE O 125 -23.61 38.96 95.66
CA PHE O 125 -22.30 38.70 96.24
C PHE O 125 -21.34 38.17 95.17
N THR O 126 -20.07 38.12 95.54
CA THR O 126 -19.02 37.56 94.70
C THR O 126 -17.97 36.94 95.61
N PHE O 127 -18.06 35.63 95.84
CA PHE O 127 -17.16 34.96 96.76
C PHE O 127 -15.74 34.97 96.22
N ILE O 128 -14.77 35.18 97.11
CA ILE O 128 -13.35 35.06 96.81
C ILE O 128 -12.75 34.06 97.79
N VAL O 129 -11.98 33.10 97.27
CA VAL O 129 -11.39 32.04 98.07
C VAL O 129 -9.88 32.08 97.89
N ASN O 130 -9.16 32.02 99.01
CA ASN O 130 -7.70 32.00 99.01
C ASN O 130 -7.25 30.55 99.19
N ARG O 131 -6.66 29.97 98.15
CA ARG O 131 -6.30 28.55 98.17
C ARG O 131 -5.10 28.26 99.06
N GLU O 132 -4.41 29.26 99.57
CA GLU O 132 -3.22 29.06 100.38
C GLU O 132 -3.47 29.23 101.87
N LYS O 133 -4.70 29.53 102.28
CA LYS O 133 -5.01 29.79 103.68
C LYS O 133 -5.58 28.54 104.34
N THR O 134 -5.11 28.28 105.56
CA THR O 134 -5.56 27.13 106.32
C THR O 134 -6.69 27.54 107.25
N VAL O 135 -7.84 26.87 107.12
CA VAL O 135 -9.01 27.20 107.92
C VAL O 135 -8.83 26.63 109.32
N ALA O 136 -9.19 27.41 110.34
CA ALA O 136 -9.09 26.98 111.72
C ALA O 136 -10.25 27.54 112.52
N MET O 137 -10.79 26.72 113.42
CA MET O 137 -11.86 27.17 114.31
C MET O 137 -11.32 28.16 115.33
N ASP O 138 -12.20 29.03 115.81
CA ASP O 138 -11.84 29.93 116.90
C ASP O 138 -11.81 29.17 118.22
N THR O 139 -10.83 29.49 119.06
CA THR O 139 -10.68 28.84 120.34
C THR O 139 -10.81 29.79 121.53
N THR O 140 -10.71 31.09 121.32
CA THR O 140 -10.79 32.06 122.42
C THR O 140 -12.25 32.33 122.79
N ASN O 141 -13.02 32.86 121.85
CA ASN O 141 -14.43 33.20 122.09
C ASN O 141 -15.18 31.87 122.04
N LYS O 142 -15.38 31.27 123.21
CA LYS O 142 -16.09 30.01 123.29
C LYS O 142 -17.58 30.26 123.51
N SER O 143 -18.34 29.17 123.62
CA SER O 143 -19.78 29.25 123.80
C SER O 143 -20.10 29.54 125.26
N TYR O 144 -21.38 29.40 125.62
CA TYR O 144 -21.80 29.66 126.99
C TYR O 144 -21.18 28.64 127.93
N ASN O 145 -21.11 29.02 129.21
CA ASN O 145 -20.61 28.14 130.25
C ASN O 145 -21.76 27.46 130.97
N TRP O 146 -21.45 26.32 131.58
CA TRP O 146 -22.48 25.56 132.29
C TRP O 146 -23.06 26.37 133.44
N GLY O 147 -22.18 26.91 134.28
CA GLY O 147 -22.60 27.51 135.53
C GLY O 147 -22.80 26.43 136.58
N THR O 148 -22.17 26.59 137.74
CA THR O 148 -22.25 25.58 138.80
C THR O 148 -23.46 25.91 139.66
N LYS O 149 -24.63 25.73 139.07
CA LYS O 149 -25.88 26.05 139.72
C LYS O 149 -26.84 24.86 139.58
N SER O 150 -27.71 24.71 140.57
CA SER O 150 -28.69 23.65 140.56
C SER O 150 -29.92 24.12 141.31
N MET O 151 -31.05 23.46 141.07
CA MET O 151 -32.29 23.80 141.72
C MET O 151 -32.94 22.53 142.26
N VAL O 152 -33.65 22.68 143.38
CA VAL O 152 -34.41 21.60 143.98
C VAL O 152 -35.88 21.87 143.74
N PHE O 153 -36.52 20.98 142.99
CA PHE O 153 -37.91 21.16 142.59
C PHE O 153 -38.82 20.31 143.46
N ILE O 154 -39.80 20.96 144.08
CA ILE O 154 -40.81 20.29 144.89
C ILE O 154 -42.11 20.32 144.10
N LYS O 155 -42.69 19.14 143.86
CA LYS O 155 -43.85 19.03 142.99
C LYS O 155 -45.17 19.08 143.75
N SER O 156 -45.37 18.15 144.68
CA SER O 156 -46.61 18.11 145.45
C SER O 156 -46.30 17.64 146.87
N ALA O 157 -47.29 17.76 147.75
CA ALA O 157 -47.13 17.43 149.15
C ALA O 157 -48.24 16.48 149.59
N ASP O 158 -47.91 15.65 150.57
CA ASP O 158 -48.84 14.65 151.08
C ASP O 158 -48.71 14.57 152.60
N PHE O 159 -49.80 14.17 153.25
CA PHE O 159 -49.82 14.09 154.70
C PHE O 159 -48.79 13.09 155.21
N SER O 160 -48.12 13.45 156.31
CA SER O 160 -47.21 12.57 157.02
C SER O 160 -46.10 12.05 156.10
N THR O 161 -45.38 12.98 155.49
CA THR O 161 -44.29 12.65 154.57
C THR O 161 -43.04 13.39 154.99
N THR O 162 -41.93 12.66 155.12
CA THR O 162 -40.65 13.23 155.51
C THR O 162 -39.78 13.40 154.26
N TYR O 163 -39.20 14.58 154.11
CA TYR O 163 -38.38 14.91 152.95
C TYR O 163 -36.91 14.90 153.35
N ARG O 164 -36.09 14.16 152.60
CA ARG O 164 -34.67 14.08 152.83
C ARG O 164 -33.93 14.65 151.63
N VAL O 165 -32.95 15.51 151.89
CA VAL O 165 -32.11 16.11 150.85
C VAL O 165 -30.66 15.83 151.20
N LYS O 166 -29.95 15.18 150.29
CA LYS O 166 -28.53 14.85 150.48
C LYS O 166 -27.70 15.76 149.59
N LEU O 167 -26.92 16.65 150.21
CA LEU O 167 -26.04 17.57 149.51
C LEU O 167 -24.61 17.37 150.03
N ASN O 168 -23.71 17.00 149.12
CA ASN O 168 -22.30 16.81 149.47
C ASN O 168 -22.12 15.78 150.58
N GLY O 169 -22.97 14.76 150.60
CA GLY O 169 -22.84 13.67 151.54
C GLY O 169 -23.52 13.87 152.89
N THR O 170 -24.15 15.02 153.12
CA THR O 170 -24.90 15.26 154.35
C THR O 170 -26.38 15.39 154.04
N GLU O 171 -27.22 14.96 154.99
CA GLU O 171 -28.65 14.90 154.78
C GLU O 171 -29.38 15.67 155.87
N LYS O 172 -30.33 16.51 155.45
CA LYS O 172 -31.24 17.20 156.36
C LYS O 172 -32.67 16.82 156.01
N SER O 173 -33.54 16.81 157.02
CA SER O 173 -34.88 16.26 156.88
C SER O 173 -35.93 17.21 157.39
N VAL O 174 -37.10 17.18 156.74
CA VAL O 174 -38.31 17.86 157.19
C VAL O 174 -39.45 16.86 157.16
N THR O 175 -40.19 16.78 158.25
CA THR O 175 -41.34 15.88 158.37
C THR O 175 -42.62 16.71 158.38
N THR O 176 -43.52 16.44 157.44
CA THR O 176 -44.77 17.16 157.36
C THR O 176 -45.78 16.57 158.35
N GLY O 177 -46.88 17.30 158.54
CA GLY O 177 -47.92 16.85 159.44
C GLY O 177 -48.79 15.75 158.86
N ASN O 178 -49.58 15.15 159.73
CA ASN O 178 -50.48 14.08 159.34
C ASN O 178 -51.77 14.67 158.77
N SER O 179 -52.78 13.83 158.57
CA SER O 179 -54.06 14.30 158.04
C SER O 179 -54.75 15.24 159.00
N SER O 180 -54.53 15.08 160.31
CA SER O 180 -55.16 15.94 161.29
C SER O 180 -54.59 17.36 161.27
N GLY O 181 -53.38 17.54 160.73
CA GLY O 181 -52.76 18.84 160.65
C GLY O 181 -53.20 19.62 159.43
N SER O 182 -52.52 20.75 159.22
CA SER O 182 -52.81 21.59 158.07
C SER O 182 -52.35 20.91 156.78
N ALA O 183 -52.89 21.37 155.66
CA ALA O 183 -52.54 20.82 154.36
C ALA O 183 -51.10 21.22 154.02
N PRO O 184 -50.20 20.26 153.79
CA PRO O 184 -48.82 20.62 153.47
C PRO O 184 -48.73 21.31 152.12
N ASP O 185 -47.75 22.19 151.98
CA ASP O 185 -47.56 22.93 150.75
C ASP O 185 -46.09 22.94 150.35
N THR O 186 -45.86 22.85 149.04
CA THR O 186 -44.51 22.81 148.51
C THR O 186 -43.73 24.07 148.89
N VAL O 187 -44.42 25.21 148.96
CA VAL O 187 -43.74 26.46 149.28
C VAL O 187 -43.11 26.40 150.67
N THR O 188 -43.90 26.00 151.66
CA THR O 188 -43.38 25.91 153.03
C THR O 188 -42.34 24.82 153.15
N ILE O 189 -42.55 23.67 152.50
CA ILE O 189 -41.58 22.59 152.59
C ILE O 189 -40.24 23.02 152.00
N ALA O 190 -40.27 23.67 150.84
CA ALA O 190 -39.04 24.13 150.21
C ALA O 190 -38.38 25.23 151.04
N SER O 191 -39.17 26.10 151.65
CA SER O 191 -38.60 27.13 152.51
C SER O 191 -37.85 26.52 153.68
N ASP O 192 -38.47 25.52 154.34
CA ASP O 192 -37.79 24.85 155.45
C ASP O 192 -36.52 24.15 154.99
N LEU O 193 -36.58 23.46 153.86
CA LEU O 193 -35.40 22.76 153.35
C LEU O 193 -34.28 23.74 153.03
N ALA O 194 -34.61 24.86 152.38
CA ALA O 194 -33.60 25.85 152.06
C ALA O 194 -32.98 26.44 153.33
N THR O 195 -33.82 26.72 154.34
CA THR O 195 -33.29 27.28 155.57
C THR O 195 -32.35 26.32 156.26
N GLN O 196 -32.67 25.01 156.27
CA GLN O 196 -31.79 24.09 156.96
C GLN O 196 -30.50 23.83 156.18
N LEU O 197 -30.58 23.66 154.85
CA LEU O 197 -29.36 23.46 154.08
C LEU O 197 -28.54 24.74 153.92
N ASN O 198 -29.08 25.91 154.23
CA ASN O 198 -28.27 27.12 154.15
C ASN O 198 -27.16 27.14 155.19
N THR O 199 -27.30 26.39 156.28
CA THR O 199 -26.29 26.36 157.32
C THR O 199 -25.01 25.67 156.88
N ILE O 200 -25.02 24.96 155.75
CA ILE O 200 -23.83 24.27 155.27
C ILE O 200 -22.83 25.30 154.76
N SER O 201 -21.63 25.29 155.31
CA SER O 201 -20.60 26.24 154.91
C SER O 201 -20.10 25.93 153.51
N GLY O 202 -19.78 26.99 152.77
CA GLY O 202 -19.31 26.86 151.41
C GLY O 202 -20.39 26.72 150.36
N PHE O 203 -21.66 26.69 150.76
CA PHE O 203 -22.77 26.54 149.84
C PHE O 203 -23.74 27.70 150.01
N THR O 204 -24.24 28.21 148.89
CA THR O 204 -25.27 29.23 148.89
C THR O 204 -26.62 28.58 148.59
N VAL O 205 -27.54 28.66 149.54
CA VAL O 205 -28.86 28.05 149.43
C VAL O 205 -29.92 29.14 149.54
N THR O 206 -30.79 29.21 148.54
CA THR O 206 -31.86 30.20 148.52
C THR O 206 -33.12 29.55 147.98
N SER O 207 -34.27 30.12 148.33
CA SER O 207 -35.56 29.56 147.97
C SER O 207 -36.50 30.63 147.43
N THR O 208 -37.39 30.20 146.53
CA THR O 208 -38.52 31.01 146.08
C THR O 208 -39.57 30.06 145.52
N ASP O 209 -40.84 30.36 145.79
CA ASP O 209 -41.93 29.47 145.40
C ASP O 209 -41.68 28.06 145.92
N TYR O 210 -41.49 27.11 145.01
CA TYR O 210 -41.15 25.74 145.37
C TYR O 210 -39.80 25.34 144.79
N ILE O 211 -38.90 26.31 144.60
CA ILE O 211 -37.60 26.09 144.00
C ILE O 211 -36.54 26.51 145.00
N ILE O 212 -35.56 25.63 145.22
CA ILE O 212 -34.44 25.90 146.10
C ILE O 212 -33.19 26.01 145.24
N ARG O 213 -32.62 27.21 145.19
CA ARG O 213 -31.41 27.48 144.41
C ARG O 213 -30.19 27.18 145.26
N ILE O 214 -29.30 26.33 144.75
CA ILE O 214 -28.10 25.92 145.47
C ILE O 214 -26.90 26.24 144.59
N THR O 215 -25.91 26.93 145.15
CA THR O 215 -24.71 27.31 144.43
C THR O 215 -23.51 27.22 145.37
N LYS O 216 -22.45 26.56 144.91
CA LYS O 216 -21.23 26.44 145.70
C LYS O 216 -20.37 27.68 145.50
N ASP O 217 -19.81 28.19 146.60
CA ASP O 217 -19.05 29.44 146.53
C ASP O 217 -17.78 29.29 145.71
N ASP O 218 -17.06 28.17 145.89
CA ASP O 218 -15.83 27.97 145.14
C ASP O 218 -16.07 27.53 143.70
N GLY O 219 -17.31 27.21 143.34
CA GLY O 219 -17.63 26.81 141.98
C GLY O 219 -17.39 25.35 141.66
N GLY O 220 -16.89 24.57 142.62
CA GLY O 220 -16.67 23.16 142.36
C GLY O 220 -17.95 22.36 142.34
N ASP O 221 -17.83 21.12 141.86
CA ASP O 221 -18.97 20.24 141.74
C ASP O 221 -19.29 19.59 143.08
N TYR O 222 -20.47 18.99 143.15
CA TYR O 222 -20.93 18.31 144.36
C TYR O 222 -22.03 17.34 143.98
N THR O 223 -22.28 16.39 144.87
CA THR O 223 -23.41 15.48 144.70
C THR O 223 -24.67 16.12 145.27
N LEU O 224 -25.81 15.70 144.72
CA LEU O 224 -27.09 16.27 145.15
C LEU O 224 -28.20 15.32 144.71
N GLU O 225 -28.98 14.84 145.68
CA GLU O 225 -30.09 13.94 145.39
C GLU O 225 -31.00 13.91 146.60
N SER O 226 -32.31 13.93 146.36
CA SER O 226 -33.31 14.01 147.42
C SER O 226 -34.43 13.02 147.17
N SER O 227 -35.12 12.67 148.25
CA SER O 227 -36.25 11.75 148.15
C SER O 227 -37.12 11.90 149.40
N ASP O 228 -38.39 11.56 149.24
CA ASP O 228 -39.34 11.55 150.34
C ASP O 228 -39.53 10.14 150.86
N THR O 229 -40.44 9.99 151.83
CA THR O 229 -40.62 8.73 152.53
C THR O 229 -41.82 7.93 152.05
N LYS O 230 -42.46 8.31 150.96
CA LYS O 230 -43.60 7.56 150.43
C LYS O 230 -43.29 6.92 149.09
N THR O 231 -42.93 7.72 148.08
CA THR O 231 -42.65 7.20 146.75
C THR O 231 -41.37 7.74 146.13
N ALA O 232 -40.71 8.71 146.76
CA ALA O 232 -39.51 9.36 146.21
C ALA O 232 -39.77 9.95 144.83
N ASP O 233 -40.95 10.53 144.63
CA ASP O 233 -41.35 11.10 143.36
C ASP O 233 -41.74 12.57 143.42
N ALA O 234 -42.18 13.07 144.58
CA ALA O 234 -42.64 14.45 144.68
C ALA O 234 -41.52 15.47 144.57
N THR O 235 -40.26 15.03 144.64
CA THR O 235 -39.12 15.93 144.53
C THR O 235 -38.37 15.68 143.22
N SER O 236 -37.58 16.67 142.83
CA SER O 236 -36.78 16.58 141.61
C SER O 236 -35.44 17.24 141.87
N ALA O 237 -34.38 16.44 141.92
CA ALA O 237 -33.02 16.94 142.13
C ALA O 237 -32.45 17.31 140.77
N ILE O 238 -32.62 18.58 140.40
CA ILE O 238 -32.17 19.07 139.10
C ILE O 238 -30.69 19.37 139.19
N LYS O 239 -29.87 18.49 138.65
CA LYS O 239 -28.42 18.63 138.73
C LYS O 239 -27.78 17.98 137.50
N GLY O 240 -26.99 18.76 136.77
CA GLY O 240 -26.30 18.21 135.62
C GLY O 240 -27.28 17.75 134.56
N THR O 241 -27.40 16.43 134.42
CA THR O 241 -28.30 15.83 133.45
C THR O 241 -29.45 15.12 134.17
N VAL O 242 -30.55 14.95 133.44
CA VAL O 242 -31.75 14.30 133.95
C VAL O 242 -32.26 13.32 132.90
N ASP O 243 -33.40 12.70 133.19
CA ASP O 243 -33.90 11.63 132.34
C ASP O 243 -34.60 12.18 131.10
N SER O 244 -35.67 12.95 131.29
CA SER O 244 -36.48 13.40 130.17
C SER O 244 -36.99 14.81 130.42
N ILE O 245 -37.37 15.48 129.32
CA ILE O 245 -37.84 16.86 129.39
C ILE O 245 -39.13 16.98 130.20
N THR O 246 -39.89 15.88 130.34
CA THR O 246 -41.13 15.92 131.10
C THR O 246 -40.89 16.29 132.57
N ASP O 247 -39.67 16.15 133.05
CA ASP O 247 -39.35 16.49 134.43
C ASP O 247 -38.97 17.96 134.61
N LEU O 248 -38.97 18.74 133.55
CA LEU O 248 -38.53 20.13 133.66
C LEU O 248 -39.57 20.98 134.38
N PRO O 249 -39.17 21.79 135.34
CA PRO O 249 -40.10 22.72 135.97
C PRO O 249 -40.48 23.85 135.03
N THR O 250 -41.64 24.46 135.31
CA THR O 250 -42.17 25.48 134.42
C THR O 250 -41.28 26.72 134.40
N ILE O 251 -40.93 27.24 135.59
CA ILE O 251 -40.17 28.48 135.70
C ILE O 251 -38.69 28.14 135.90
N ALA O 252 -37.82 29.03 135.43
CA ALA O 252 -36.38 28.85 135.54
C ALA O 252 -35.70 30.17 135.22
N GLU O 253 -34.37 30.16 135.28
CA GLU O 253 -33.57 31.30 134.85
C GLU O 253 -33.23 31.17 133.38
N HIS O 254 -33.27 32.29 132.67
CA HIS O 254 -32.92 32.28 131.25
C HIS O 254 -31.47 31.88 131.07
N ASN O 255 -31.21 31.21 129.94
CA ASN O 255 -29.91 30.66 129.57
C ASN O 255 -29.47 29.52 130.48
N PHE O 256 -30.38 28.95 131.26
CA PHE O 256 -30.05 27.78 132.06
C PHE O 256 -29.97 26.55 131.18
N THR O 257 -28.86 25.82 131.28
CA THR O 257 -28.59 24.69 130.40
C THR O 257 -28.70 23.40 131.20
N VAL O 258 -29.52 22.46 130.70
CA VAL O 258 -29.68 21.15 131.31
C VAL O 258 -29.59 20.11 130.20
N ARG O 259 -28.88 19.02 130.48
CA ARG O 259 -28.72 17.94 129.50
C ARG O 259 -29.80 16.89 129.68
N ILE O 260 -30.25 16.32 128.56
CA ILE O 260 -31.24 15.25 128.56
C ILE O 260 -30.57 13.98 128.05
N GLN O 261 -30.70 12.91 128.82
CA GLN O 261 -30.11 11.63 128.44
C GLN O 261 -30.93 10.99 127.34
N GLY O 262 -30.35 10.89 126.14
CA GLY O 262 -31.06 10.31 125.02
C GLY O 262 -31.22 8.82 125.17
N SER O 263 -32.09 8.28 124.33
CA SER O 263 -32.40 6.85 124.31
C SER O 263 -31.83 6.26 123.02
N ALA O 264 -30.70 5.56 123.13
CA ALA O 264 -30.16 4.84 121.98
C ALA O 264 -31.10 3.74 121.51
N THR O 265 -32.07 3.34 122.35
CA THR O 265 -33.10 2.41 121.90
C THR O 265 -33.86 2.96 120.71
N THR O 266 -34.04 4.28 120.66
CA THR O 266 -34.71 4.93 119.54
C THR O 266 -33.72 5.54 118.55
N ALA O 267 -32.44 5.18 118.66
CA ALA O 267 -31.38 5.69 117.77
C ALA O 267 -31.26 7.21 117.84
N PHE O 268 -31.53 7.79 119.00
CA PHE O 268 -31.35 9.22 119.25
C PHE O 268 -30.28 9.40 120.32
N ASP O 269 -29.26 10.17 120.00
CA ASP O 269 -28.20 10.45 120.96
C ASP O 269 -28.65 11.53 121.93
N ASP O 270 -27.75 11.90 122.85
CA ASP O 270 -28.07 12.90 123.84
C ASP O 270 -28.17 14.28 123.17
N TYR O 271 -28.87 15.18 123.86
CA TYR O 271 -28.98 16.57 123.41
C TYR O 271 -29.18 17.44 124.63
N PHE O 272 -29.31 18.75 124.41
CA PHE O 272 -29.36 19.72 125.49
C PHE O 272 -30.53 20.66 125.27
N VAL O 273 -30.97 21.30 126.35
CA VAL O 273 -32.07 22.27 126.30
C VAL O 273 -31.68 23.49 127.11
N LYS O 274 -31.99 24.67 126.58
CA LYS O 274 -31.67 25.94 127.22
C LYS O 274 -32.96 26.69 127.54
N PHE O 275 -32.84 27.66 128.45
CA PHE O 275 -33.98 28.43 128.93
C PHE O 275 -33.88 29.87 128.46
N GLU O 276 -35.06 30.49 128.27
CA GLU O 276 -35.17 31.88 127.87
C GLU O 276 -36.46 32.43 128.45
N ALA O 277 -36.34 33.35 129.41
CA ALA O 277 -37.52 33.86 130.10
C ALA O 277 -38.41 34.65 129.15
N THR O 278 -39.72 34.52 129.34
CA THR O 278 -40.67 35.27 128.52
C THR O 278 -40.50 36.76 128.73
N ALA O 279 -40.18 37.19 129.95
CA ALA O 279 -39.92 38.59 130.24
C ALA O 279 -38.65 39.09 129.56
N GLY O 280 -37.82 38.21 129.02
CA GLY O 280 -36.61 38.60 128.34
C GLY O 280 -35.36 38.61 129.19
N SER O 281 -35.50 38.62 130.51
CA SER O 281 -34.36 38.61 131.41
C SER O 281 -34.85 38.22 132.80
N GLY O 282 -33.91 37.88 133.68
CA GLY O 282 -34.26 37.52 135.03
C GLY O 282 -35.01 36.19 135.09
N PHE O 283 -35.88 36.08 136.08
CA PHE O 283 -36.64 34.86 136.34
C PHE O 283 -38.05 34.99 135.75
N GLY O 284 -38.72 33.84 135.65
CA GLY O 284 -40.07 33.80 135.13
C GLY O 284 -40.26 32.64 134.17
N PRO O 285 -41.51 32.40 133.77
CA PRO O 285 -41.78 31.32 132.81
C PRO O 285 -41.13 31.61 131.47
N GLY O 286 -40.77 30.55 130.76
CA GLY O 286 -40.09 30.70 129.49
C GLY O 286 -40.19 29.46 128.65
N VAL O 287 -39.21 29.29 127.77
CA VAL O 287 -39.20 28.20 126.80
C VAL O 287 -37.97 27.34 127.00
N TRP O 288 -38.08 26.08 126.59
CA TRP O 288 -36.97 25.14 126.53
C TRP O 288 -36.81 24.67 125.10
N ARG O 289 -35.63 24.91 124.52
CA ARG O 289 -35.38 24.60 123.13
C ARG O 289 -34.07 23.83 122.99
N GLU O 290 -33.99 23.00 121.96
CA GLU O 290 -32.77 22.25 121.69
C GLU O 290 -31.61 23.20 121.42
N THR O 291 -30.61 23.16 122.30
CA THR O 291 -29.48 24.08 122.24
C THR O 291 -28.18 23.32 122.03
N VAL O 292 -27.09 24.08 121.97
CA VAL O 292 -25.75 23.50 121.84
C VAL O 292 -25.18 23.25 123.23
N ALA O 293 -24.33 22.24 123.33
CA ALA O 293 -23.69 21.94 124.61
C ALA O 293 -22.78 23.09 125.01
N PRO O 294 -22.75 23.46 126.29
CA PRO O 294 -21.95 24.61 126.72
C PRO O 294 -20.49 24.22 126.94
N ASN O 295 -19.66 25.26 127.07
CA ASN O 295 -18.21 25.11 127.28
C ASN O 295 -17.55 24.37 126.12
N ILE O 296 -17.94 24.72 124.90
CA ILE O 296 -17.37 24.12 123.70
C ILE O 296 -17.18 25.21 122.65
N ASP O 297 -16.01 25.21 122.00
CA ASP O 297 -15.76 26.13 120.91
C ASP O 297 -16.80 25.94 119.81
N HIS O 298 -17.43 27.03 119.38
CA HIS O 298 -18.56 26.94 118.46
C HIS O 298 -18.58 28.00 117.37
N LEU O 299 -17.54 28.81 117.25
CA LEU O 299 -17.50 29.86 116.23
C LEU O 299 -16.33 29.65 115.29
N LEU O 300 -16.52 30.04 114.03
CA LEU O 300 -15.50 29.93 113.01
C LEU O 300 -14.80 31.28 112.84
N ASP O 301 -13.47 31.25 112.79
CA ASP O 301 -12.70 32.47 112.61
C ASP O 301 -12.94 33.00 111.20
N LYS O 302 -13.71 34.08 111.10
CA LYS O 302 -14.06 34.63 109.79
C LYS O 302 -12.87 35.27 109.09
N SER O 303 -11.77 35.48 109.79
CA SER O 303 -10.59 36.10 109.18
C SER O 303 -9.87 35.16 108.22
N THR O 304 -10.24 33.89 108.16
CA THR O 304 -9.61 32.94 107.26
C THR O 304 -10.55 32.36 106.22
N MET O 305 -11.84 32.28 106.50
CA MET O 305 -12.81 31.71 105.58
C MET O 305 -13.12 32.70 104.47
N PRO O 306 -13.66 32.23 103.34
CA PRO O 306 -13.77 33.09 102.16
C PRO O 306 -14.55 34.37 102.41
N HIS O 307 -14.12 35.43 101.74
CA HIS O 307 -14.72 36.76 101.84
C HIS O 307 -15.65 36.99 100.65
N THR O 308 -16.38 38.11 100.70
CA THR O 308 -17.34 38.46 99.67
C THR O 308 -17.11 39.89 99.19
N LEU O 309 -17.44 40.12 97.92
CA LEU O 309 -17.40 41.45 97.32
C LEU O 309 -18.81 41.82 96.89
N VAL O 310 -19.30 42.97 97.37
CA VAL O 310 -20.67 43.41 97.14
C VAL O 310 -20.67 44.83 96.61
N ARG O 311 -21.52 45.08 95.62
CA ARG O 311 -21.71 46.42 95.07
C ARG O 311 -23.00 47.02 95.60
N ASN O 312 -22.99 48.34 95.82
CA ASN O 312 -24.16 49.04 96.32
C ASN O 312 -24.89 49.72 95.17
N ALA O 313 -26.01 50.37 95.51
CA ALA O 313 -26.80 51.05 94.49
C ALA O 313 -26.20 52.37 94.04
N ASN O 314 -25.29 52.95 94.81
CA ASN O 314 -24.69 54.23 94.47
C ASN O 314 -23.41 54.10 93.67
N GLY O 315 -22.99 52.88 93.33
CA GLY O 315 -21.84 52.67 92.49
C GLY O 315 -20.56 52.28 93.21
N THR O 316 -20.53 52.32 94.53
CA THR O 316 -19.35 51.91 95.27
C THR O 316 -19.34 50.41 95.51
N PHE O 317 -18.21 49.91 95.97
CA PHE O 317 -18.01 48.50 96.22
C PHE O 317 -17.49 48.29 97.65
N THR O 318 -17.83 47.13 98.23
CA THR O 318 -17.44 46.80 99.59
C THR O 318 -16.85 45.40 99.60
N PHE O 319 -15.69 45.25 100.24
CA PHE O 319 -14.99 43.97 100.36
C PHE O 319 -14.87 43.67 101.85
N ALA O 320 -15.79 42.85 102.36
CA ALA O 320 -15.86 42.57 103.78
C ALA O 320 -16.11 41.08 104.01
N GLN O 321 -16.02 40.68 105.27
CA GLN O 321 -16.21 39.28 105.64
C GLN O 321 -17.67 38.89 105.51
N PHE O 322 -17.90 37.59 105.47
CA PHE O 322 -19.25 37.03 105.45
C PHE O 322 -19.63 36.56 106.84
N ASN O 323 -20.94 36.49 107.09
CA ASN O 323 -21.47 36.18 108.41
C ASN O 323 -21.93 34.72 108.45
N TYR O 324 -20.97 33.84 108.71
CA TYR O 324 -21.31 32.44 108.90
C TYR O 324 -21.80 32.20 110.33
N THR O 325 -22.66 31.21 110.48
CA THR O 325 -23.14 30.79 111.79
C THR O 325 -22.35 29.59 112.27
N GLY O 326 -22.26 29.45 113.59
CA GLY O 326 -21.49 28.39 114.20
C GLY O 326 -22.36 27.20 114.59
N ARG O 327 -21.76 26.31 115.37
CA ARG O 327 -22.47 25.14 115.85
C ARG O 327 -23.63 25.58 116.74
N VAL O 328 -24.84 25.13 116.38
CA VAL O 328 -26.05 25.58 117.06
C VAL O 328 -26.69 24.50 117.92
N ALA O 329 -26.29 23.24 117.78
CA ALA O 329 -26.88 22.17 118.56
C ALA O 329 -25.90 21.01 118.63
N GLY O 330 -26.14 20.12 119.59
CA GLY O 330 -25.29 18.95 119.75
C GLY O 330 -23.98 19.28 120.43
N ASP O 331 -23.08 18.29 120.43
CA ASP O 331 -21.76 18.45 121.00
C ASP O 331 -20.69 18.13 119.97
N THR O 332 -19.43 18.05 120.41
CA THR O 332 -18.34 17.84 119.47
C THR O 332 -18.46 16.52 118.73
N THR O 333 -18.82 15.44 119.45
CA THR O 333 -18.90 14.13 118.82
C THR O 333 -20.12 14.03 117.90
N THR O 334 -21.29 14.46 118.37
CA THR O 334 -22.51 14.29 117.58
C THR O 334 -22.62 15.30 116.44
N ALA O 335 -21.90 16.41 116.51
CA ALA O 335 -21.86 17.40 115.43
C ALA O 335 -20.39 17.69 115.14
N PRO O 336 -19.71 16.78 114.47
CA PRO O 336 -18.26 16.94 114.27
C PRO O 336 -17.95 18.12 113.38
N ASN O 337 -16.73 18.62 113.53
CA ASN O 337 -16.27 19.73 112.71
C ASN O 337 -16.28 19.30 111.24
N PRO O 338 -16.68 20.19 110.33
CA PRO O 338 -16.69 19.83 108.91
C PRO O 338 -15.28 19.52 108.42
N THR O 339 -15.21 18.68 107.37
CA THR O 339 -13.93 18.16 106.91
C THR O 339 -12.98 19.25 106.43
N PHE O 340 -13.50 20.40 105.98
CA PHE O 340 -12.60 21.44 105.51
C PHE O 340 -11.87 22.15 106.65
N VAL O 341 -12.27 21.91 107.90
CA VAL O 341 -11.58 22.51 109.03
C VAL O 341 -10.22 21.84 109.20
N GLY O 342 -9.17 22.65 109.28
CA GLY O 342 -7.82 22.13 109.35
C GLY O 342 -7.17 21.82 108.02
N SER O 343 -7.79 22.23 106.91
CA SER O 343 -7.22 21.98 105.60
C SER O 343 -7.63 23.12 104.66
N LYS O 344 -6.82 23.32 103.63
CA LYS O 344 -7.06 24.42 102.70
C LYS O 344 -8.31 24.15 101.86
N ILE O 345 -8.99 25.23 101.49
CA ILE O 345 -10.15 25.14 100.60
C ILE O 345 -9.65 25.33 99.17
N LYS O 346 -9.96 24.37 98.31
CA LYS O 346 -9.40 24.39 96.96
C LYS O 346 -10.27 25.14 95.96
N ASN O 347 -11.58 24.99 96.01
CA ASN O 347 -12.45 25.68 95.08
C ASN O 347 -13.85 25.81 95.68
N ILE O 348 -14.62 26.74 95.13
CA ILE O 348 -15.97 27.03 95.60
C ILE O 348 -16.90 27.11 94.41
N ASN O 349 -18.11 26.58 94.59
CA ASN O 349 -19.10 26.55 93.52
C ASN O 349 -20.48 26.52 94.15
N LEU O 350 -21.50 26.81 93.34
CA LEU O 350 -22.88 26.84 93.81
C LEU O 350 -23.72 25.92 92.93
N PHE O 351 -24.52 25.07 93.56
CA PHE O 351 -25.27 24.05 92.84
C PHE O 351 -26.50 23.65 93.64
N ARG O 352 -27.66 23.71 92.99
CA ARG O 352 -28.92 23.23 93.56
C ARG O 352 -29.21 23.90 94.89
N ASN O 353 -29.31 25.24 94.84
CA ASN O 353 -29.56 26.12 95.98
C ASN O 353 -28.78 25.70 97.23
N ARG O 354 -27.56 25.23 97.04
CA ARG O 354 -26.65 24.93 98.14
C ARG O 354 -25.26 25.44 97.77
N LEU O 355 -24.46 25.70 98.79
CA LEU O 355 -23.08 26.16 98.62
C LEU O 355 -22.15 24.95 98.64
N VAL O 356 -21.25 24.89 97.65
CA VAL O 356 -20.38 23.73 97.47
C VAL O 356 -18.94 24.17 97.76
N PHE O 357 -18.27 23.44 98.65
CA PHE O 357 -16.86 23.63 98.93
C PHE O 357 -16.10 22.36 98.59
N LEU O 358 -14.84 22.51 98.22
CA LEU O 358 -13.95 21.40 97.95
C LEU O 358 -12.77 21.46 98.91
N ALA O 359 -12.44 20.33 99.54
CA ALA O 359 -11.35 20.28 100.50
C ALA O 359 -10.84 18.85 100.58
N ASP O 360 -9.52 18.69 100.46
CA ASP O 360 -8.89 17.38 100.48
C ASP O 360 -9.58 16.43 99.53
N GLU O 361 -10.19 15.38 100.06
CA GLU O 361 -10.96 14.42 99.29
C GLU O 361 -12.45 14.53 99.54
N ASN O 362 -12.88 15.55 100.29
CA ASN O 362 -14.26 15.68 100.73
C ASN O 362 -14.91 16.87 100.07
N VAL O 363 -16.17 16.70 99.66
CA VAL O 363 -16.99 17.80 99.16
C VAL O 363 -18.02 18.13 100.23
N ILE O 364 -18.16 19.41 100.53
CA ILE O 364 -19.02 19.87 101.61
C ILE O 364 -20.13 20.73 101.01
N LEU O 365 -21.37 20.38 101.30
CA LEU O 365 -22.53 21.10 100.81
C LEU O 365 -23.22 21.80 101.99
N SER O 366 -23.59 23.06 101.79
CA SER O 366 -24.24 23.82 102.83
C SER O 366 -25.70 23.37 102.99
N ALA O 367 -26.34 23.88 104.05
CA ALA O 367 -27.73 23.58 104.30
C ALA O 367 -28.61 24.16 103.19
N ALA O 368 -29.77 23.54 102.99
CA ALA O 368 -30.64 23.91 101.90
C ALA O 368 -31.21 25.32 102.11
N ASP O 369 -31.06 26.16 101.08
CA ASP O 369 -31.62 27.52 101.06
C ASP O 369 -31.11 28.38 102.21
N SER O 370 -29.92 28.08 102.73
CA SER O 370 -29.33 28.90 103.78
C SER O 370 -27.81 28.80 103.63
N PHE O 371 -27.21 29.79 102.98
CA PHE O 371 -25.81 29.72 102.60
C PHE O 371 -24.85 29.95 103.75
N GLU O 372 -25.32 30.37 104.92
CA GLU O 372 -24.44 30.70 106.03
C GLU O 372 -24.44 29.64 107.12
N ARG O 373 -25.06 28.49 106.90
CA ARG O 373 -25.11 27.43 107.89
C ARG O 373 -24.40 26.19 107.36
N PHE O 374 -23.48 25.64 108.16
CA PHE O 374 -22.77 24.42 107.81
C PHE O 374 -22.87 23.33 108.85
N PHE O 375 -23.34 23.62 110.04
CA PHE O 375 -23.48 22.64 111.10
C PHE O 375 -24.90 22.10 111.13
N PRO O 376 -25.10 20.86 111.60
CA PRO O 376 -26.46 20.30 111.63
C PRO O 376 -27.38 21.12 112.51
N GLU O 377 -28.63 21.28 112.05
CA GLU O 377 -29.58 22.11 112.78
C GLU O 377 -30.05 21.44 114.05
N THR O 378 -30.38 20.15 113.98
CA THR O 378 -30.82 19.40 115.15
C THR O 378 -30.12 18.05 115.16
N VAL O 379 -29.96 17.50 116.36
CA VAL O 379 -29.20 16.27 116.54
C VAL O 379 -30.11 15.10 116.92
N GLN O 380 -31.43 15.35 117.01
CA GLN O 380 -32.37 14.31 117.36
C GLN O 380 -32.77 13.45 116.16
N THR O 381 -33.08 14.06 115.02
CA THR O 381 -33.49 13.32 113.85
C THR O 381 -32.88 13.96 112.62
N LEU O 382 -32.61 13.13 111.62
CA LEU O 382 -32.07 13.60 110.35
C LEU O 382 -33.10 14.46 109.63
N LEU O 383 -32.64 15.50 108.96
CA LEU O 383 -33.48 16.33 108.11
C LEU O 383 -32.81 16.51 106.76
N ASP O 384 -33.64 16.55 105.71
CA ASP O 384 -33.11 16.68 104.35
C ASP O 384 -32.47 18.03 104.08
N SER O 385 -32.69 19.02 104.95
CA SER O 385 -32.07 20.33 104.80
C SER O 385 -30.73 20.44 105.50
N ASP O 386 -30.23 19.36 106.08
CA ASP O 386 -28.97 19.40 106.79
C ASP O 386 -27.79 19.26 105.82
N PRO O 387 -26.63 19.80 106.18
CA PRO O 387 -25.46 19.72 105.29
C PRO O 387 -25.00 18.29 105.07
N ILE O 388 -24.40 18.06 103.91
CA ILE O 388 -23.90 16.76 103.50
C ILE O 388 -22.39 16.76 103.61
N ASP O 389 -21.81 15.57 103.79
CA ASP O 389 -20.37 15.39 103.89
C ASP O 389 -20.01 14.07 103.24
N ILE O 390 -19.30 14.13 102.11
CA ILE O 390 -19.05 12.97 101.27
C ILE O 390 -17.56 12.84 101.05
N SER O 391 -17.14 11.64 100.62
CA SER O 391 -15.77 11.38 100.21
C SER O 391 -15.78 10.65 98.88
N SER O 392 -14.76 10.89 98.08
CA SER O 392 -14.62 10.24 96.77
C SER O 392 -13.82 8.96 96.95
N GLY O 393 -14.46 7.82 96.74
CA GLY O 393 -13.77 6.55 96.87
C GLY O 393 -12.78 6.31 95.75
N GLY O 394 -11.87 5.36 96.00
CA GLY O 394 -10.86 5.02 95.02
C GLY O 394 -9.59 4.51 95.66
N THR O 395 -8.91 3.58 94.98
CA THR O 395 -7.67 3.02 95.49
C THR O 395 -6.49 3.97 95.38
N SER O 396 -6.65 5.10 94.70
CA SER O 396 -5.61 6.10 94.56
C SER O 396 -6.04 7.40 95.22
N VAL O 397 -5.06 8.15 95.71
CA VAL O 397 -5.35 9.42 96.38
C VAL O 397 -5.77 10.45 95.35
N ASN O 398 -6.87 11.15 95.60
CA ASN O 398 -7.43 12.11 94.67
C ASN O 398 -7.84 13.36 95.44
N PHE O 399 -7.04 14.42 95.34
CA PHE O 399 -7.37 15.71 95.94
C PHE O 399 -8.15 16.52 94.91
N LEU O 400 -9.43 16.78 95.21
CA LEU O 400 -10.30 17.47 94.27
C LEU O 400 -9.84 18.91 94.08
N ASN O 401 -9.86 19.38 92.83
CA ASN O 401 -9.38 20.70 92.49
C ASN O 401 -10.42 21.59 91.84
N SER O 402 -11.19 21.07 90.88
CA SER O 402 -12.10 21.90 90.10
C SER O 402 -13.44 21.22 89.94
N SER O 403 -14.47 22.05 89.77
CA SER O 403 -15.83 21.56 89.56
C SER O 403 -16.47 22.37 88.43
N LEU O 404 -17.47 21.77 87.79
CA LEU O 404 -18.16 22.42 86.69
C LEU O 404 -19.58 21.89 86.61
N ALA O 405 -20.54 22.80 86.44
CA ALA O 405 -21.94 22.45 86.28
C ALA O 405 -22.28 22.42 84.79
N PHE O 406 -22.43 21.22 84.24
CA PHE O 406 -22.64 21.06 82.81
C PHE O 406 -23.42 19.78 82.57
N ALA O 407 -23.89 19.60 81.33
CA ALA O 407 -24.76 18.50 80.98
C ALA O 407 -25.95 18.48 81.92
N ASN O 408 -26.17 17.36 82.60
CA ASN O 408 -27.20 17.25 83.64
C ASN O 408 -26.60 16.75 84.94
N THR O 409 -25.34 17.08 85.18
CA THR O 409 -24.63 16.55 86.34
C THR O 409 -23.68 17.61 86.87
N LEU O 410 -22.99 17.29 87.94
CA LEU O 410 -21.99 18.16 88.55
C LEU O 410 -20.64 17.44 88.47
N LEU O 411 -19.87 17.76 87.43
CA LEU O 411 -18.57 17.15 87.21
C LEU O 411 -17.56 17.66 88.23
N LEU O 412 -16.75 16.75 88.77
CA LEU O 412 -15.65 17.10 89.66
C LEU O 412 -14.38 16.47 89.12
N PHE O 413 -13.28 17.22 89.15
CA PHE O 413 -12.02 16.81 88.56
C PHE O 413 -10.95 16.67 89.63
N SER O 414 -10.25 15.55 89.62
CA SER O 414 -9.07 15.34 90.44
C SER O 414 -7.84 15.31 89.54
N LEU O 415 -6.67 15.32 90.17
CA LEU O 415 -5.42 15.39 89.42
C LEU O 415 -5.17 14.16 88.55
N HIS O 416 -5.90 13.06 88.76
CA HIS O 416 -5.69 11.87 87.95
C HIS O 416 -7.00 11.19 87.56
N GLY O 417 -8.13 11.86 87.71
CA GLY O 417 -9.41 11.25 87.34
C GLY O 417 -10.53 12.25 87.40
N GLN O 418 -11.69 11.80 86.93
CA GLN O 418 -12.90 12.61 86.89
C GLN O 418 -14.03 11.86 87.57
N PHE O 419 -14.83 12.58 88.35
CA PHE O 419 -15.93 12.00 89.11
C PHE O 419 -17.18 12.84 88.87
N ARG O 420 -18.32 12.27 89.22
CA ARG O 420 -19.60 12.98 89.14
C ARG O 420 -20.35 12.85 90.45
N LEU O 421 -21.08 13.90 90.82
CA LEU O 421 -21.92 13.92 92.00
C LEU O 421 -23.36 13.97 91.56
N ASP O 422 -24.15 13.01 92.02
CA ASP O 422 -25.55 12.96 91.63
C ASP O 422 -26.30 12.03 92.57
N THR O 423 -27.60 12.29 92.70
CA THR O 423 -28.50 11.28 93.24
C THR O 423 -28.40 9.99 92.43
N GLY O 424 -28.10 10.12 91.13
CA GLY O 424 -27.87 8.98 90.26
C GLY O 424 -29.06 8.57 89.43
N SER O 425 -30.27 8.96 89.82
CA SER O 425 -31.47 8.51 89.14
C SER O 425 -31.58 9.12 87.76
N THR O 426 -32.31 8.43 86.89
CA THR O 426 -32.81 9.08 85.69
C THR O 426 -33.68 10.28 86.03
N SER O 427 -34.22 10.30 87.25
CA SER O 427 -34.89 11.48 87.80
C SER O 427 -33.83 12.52 88.12
N VAL O 428 -33.69 13.50 87.23
CA VAL O 428 -32.62 14.49 87.37
C VAL O 428 -32.80 15.31 88.64
N GLY O 429 -34.03 15.74 88.91
CA GLY O 429 -34.28 16.59 90.06
C GLY O 429 -34.70 15.83 91.31
N THR O 430 -34.08 14.69 91.56
CA THR O 430 -34.39 13.93 92.77
C THR O 430 -33.88 14.67 94.00
N ALA O 431 -34.54 14.42 95.13
CA ALA O 431 -34.14 15.05 96.38
C ALA O 431 -32.73 14.64 96.77
N LEU O 432 -31.92 15.62 97.17
CA LEU O 432 -30.56 15.38 97.63
C LEU O 432 -30.58 15.29 99.15
N THR O 433 -30.36 14.08 99.67
CA THR O 433 -30.46 13.78 101.09
C THR O 433 -29.15 13.20 101.59
N PRO O 434 -28.93 13.20 102.90
CA PRO O 434 -27.69 12.60 103.44
C PRO O 434 -27.55 11.12 103.13
N LYS O 435 -28.64 10.42 102.84
CA LYS O 435 -28.56 8.99 102.51
C LYS O 435 -28.53 8.71 101.02
N THR O 436 -28.37 9.73 100.18
CA THR O 436 -28.40 9.47 98.74
C THR O 436 -27.25 10.16 98.01
N ALA O 437 -26.64 11.16 98.64
CA ALA O 437 -25.56 11.89 98.01
C ALA O 437 -24.28 11.06 98.03
N THR O 438 -23.79 10.69 96.83
CA THR O 438 -22.61 9.85 96.70
C THR O 438 -21.75 10.38 95.56
N ILE O 439 -20.53 9.87 95.49
CA ILE O 439 -19.57 10.22 94.43
C ILE O 439 -19.15 8.94 93.74
N THR O 440 -19.19 8.95 92.40
CA THR O 440 -18.82 7.79 91.60
C THR O 440 -17.79 8.20 90.55
N ALA O 441 -16.81 7.32 90.34
CA ALA O 441 -15.77 7.58 89.35
C ALA O 441 -16.33 7.47 87.94
N ILE O 442 -15.59 8.02 86.97
CA ILE O 442 -15.99 7.88 85.57
C ILE O 442 -14.83 7.34 84.74
N THR O 443 -13.71 8.06 84.73
CA THR O 443 -12.55 7.70 83.92
C THR O 443 -11.28 8.03 84.71
N THR O 444 -10.13 7.89 84.05
CA THR O 444 -8.82 8.09 84.69
C THR O 444 -7.87 8.89 83.80
N PHE O 445 -8.33 9.98 83.20
CA PHE O 445 -7.45 10.81 82.40
C PHE O 445 -6.64 11.74 83.30
N ASP O 446 -5.92 12.69 82.68
CA ASP O 446 -5.10 13.64 83.40
C ASP O 446 -5.67 15.05 83.30
N ILE O 447 -5.05 15.96 84.05
CA ILE O 447 -5.51 17.36 84.10
C ILE O 447 -4.37 18.20 84.67
N VAL O 448 -4.41 19.50 84.40
CA VAL O 448 -3.49 20.46 84.98
C VAL O 448 -4.29 21.39 85.89
N ASP O 449 -3.68 21.81 87.00
CA ASP O 449 -4.35 22.61 88.01
C ASP O 449 -4.24 24.11 87.79
N ALA O 450 -3.43 24.55 86.84
CA ALA O 450 -3.19 25.99 86.68
C ALA O 450 -4.45 26.73 86.27
N ILE O 451 -5.24 26.15 85.36
CA ILE O 451 -6.45 26.79 84.87
C ILE O 451 -7.62 25.81 84.98
N ASP O 452 -8.81 26.38 85.09
CA ASP O 452 -10.04 25.63 85.25
C ASP O 452 -10.53 25.10 83.90
N PRO O 453 -11.21 23.95 83.91
CA PRO O 453 -11.88 23.50 82.69
C PRO O 453 -13.04 24.42 82.36
N ILE O 454 -13.35 24.51 81.06
CA ILE O 454 -14.40 25.40 80.58
C ILE O 454 -15.40 24.59 79.78
N GLY O 455 -16.60 25.14 79.64
CA GLY O 455 -17.64 24.50 78.86
C GLY O 455 -18.01 25.30 77.62
N VAL O 456 -17.70 24.75 76.45
CA VAL O 456 -17.90 25.43 75.19
C VAL O 456 -18.92 24.65 74.38
N GLY O 457 -20.03 25.28 74.03
CA GLY O 457 -21.05 24.59 73.28
C GLY O 457 -21.59 23.42 74.07
N ARG O 458 -21.45 22.22 73.52
CA ARG O 458 -21.90 20.99 74.18
C ARG O 458 -20.75 20.14 74.67
N THR O 459 -19.51 20.63 74.57
CA THR O 459 -18.32 19.85 74.92
C THR O 459 -17.52 20.58 75.98
N VAL O 460 -16.77 19.81 76.77
CA VAL O 460 -15.92 20.33 77.83
C VAL O 460 -14.48 20.28 77.39
N TYR O 461 -13.67 21.23 77.84
CA TYR O 461 -12.27 21.32 77.47
C TYR O 461 -11.41 21.47 78.73
N PHE O 462 -10.22 20.88 78.70
CA PHE O 462 -9.25 21.09 79.77
C PHE O 462 -7.86 20.79 79.23
N GLY O 463 -6.86 21.25 79.95
CA GLY O 463 -5.47 21.09 79.55
C GLY O 463 -4.81 19.90 80.23
N ILE O 464 -3.94 19.22 79.49
CA ILE O 464 -3.23 18.05 80.00
C ILE O 464 -1.74 18.31 79.95
N PRO O 465 -0.95 17.75 80.88
CA PRO O 465 0.49 17.99 80.87
C PRO O 465 1.24 17.02 79.98
N LYS O 466 2.25 17.53 79.29
CA LYS O 466 3.12 16.75 78.43
C LYS O 466 4.58 17.03 78.76
N GLY O 467 4.87 17.16 80.03
CA GLY O 467 6.24 17.44 80.48
C GLY O 467 6.48 18.95 80.55
N ASP O 468 7.45 19.43 79.78
CA ASP O 468 7.72 20.87 79.73
C ASP O 468 6.58 21.59 79.03
N PHE O 469 6.16 21.09 77.88
CA PHE O 469 5.08 21.70 77.11
C PHE O 469 3.74 21.07 77.50
N SER O 470 2.67 21.83 77.28
CA SER O 470 1.33 21.44 77.69
C SER O 470 0.47 21.16 76.47
N GLY O 471 -0.54 20.32 76.67
CA GLY O 471 -1.45 19.96 75.60
C GLY O 471 -2.89 20.15 76.02
N LEU O 472 -3.76 20.13 75.01
CA LEU O 472 -5.18 20.40 75.19
C LEU O 472 -5.99 19.18 74.78
N ARG O 473 -6.89 18.76 75.65
CA ARG O 473 -7.75 17.60 75.39
C ARG O 473 -9.20 17.94 75.71
N GLU O 474 -10.08 17.66 74.76
CA GLU O 474 -11.51 17.86 74.94
C GLU O 474 -12.19 16.51 75.03
N TYR O 475 -13.31 16.44 75.76
CA TYR O 475 -14.04 15.19 75.84
C TYR O 475 -15.53 15.49 75.98
N PHE O 476 -16.34 14.68 75.29
CA PHE O 476 -17.73 14.96 75.01
C PHE O 476 -18.62 14.06 75.87
N LEU O 477 -19.59 14.66 76.55
CA LEU O 477 -20.45 13.93 77.47
C LEU O 477 -21.85 13.77 76.90
N PRO O 478 -22.26 12.56 76.50
CA PRO O 478 -23.67 12.33 76.16
C PRO O 478 -24.55 12.28 77.40
N ASP O 479 -25.80 11.85 77.23
CA ASP O 479 -26.84 11.90 78.25
C ASP O 479 -26.39 11.48 79.64
N ALA O 480 -27.01 12.05 80.68
CA ALA O 480 -26.58 11.82 82.05
C ALA O 480 -26.70 10.35 82.43
N SER O 481 -27.79 9.69 82.04
CA SER O 481 -27.97 8.28 82.31
C SER O 481 -27.31 7.39 81.27
N GLY O 482 -26.66 7.97 80.26
CA GLY O 482 -26.15 7.23 79.15
C GLY O 482 -24.76 6.66 79.35
N PRO O 483 -24.04 6.48 78.26
CA PRO O 483 -22.78 5.72 78.28
C PRO O 483 -21.63 6.55 78.82
N ILE O 484 -20.44 5.93 78.80
CA ILE O 484 -19.22 6.62 79.19
C ILE O 484 -18.92 7.71 78.17
N PRO O 485 -18.54 8.91 78.60
CA PRO O 485 -18.32 10.00 77.64
C PRO O 485 -17.17 9.71 76.70
N LEU O 486 -17.27 10.26 75.48
CA LEU O 486 -16.23 10.13 74.49
C LEU O 486 -15.13 11.16 74.73
N SER O 487 -13.89 10.75 74.45
CA SER O 487 -12.75 11.62 74.65
C SER O 487 -11.86 11.58 73.41
N GLU O 488 -11.07 12.64 73.24
CA GLU O 488 -10.22 12.78 72.08
C GLU O 488 -9.19 13.86 72.33
N GLU O 489 -7.96 13.61 71.89
CA GLU O 489 -6.89 14.59 72.00
C GLU O 489 -6.73 15.32 70.67
N VAL O 490 -6.62 16.65 70.73
CA VAL O 490 -6.53 17.48 69.54
C VAL O 490 -5.16 18.12 69.39
N THR O 491 -4.22 17.83 70.28
CA THR O 491 -2.85 18.32 70.16
C THR O 491 -1.88 17.19 69.89
N SER O 492 -2.35 16.07 69.33
CA SER O 492 -1.49 14.92 69.11
C SER O 492 -0.42 15.21 68.06
N SER O 493 -0.71 16.11 67.11
CA SER O 493 0.22 16.41 66.04
C SER O 493 1.18 17.54 66.37
N VAL O 494 1.03 18.20 67.52
CA VAL O 494 1.91 19.28 67.90
C VAL O 494 2.39 19.08 69.34
N PRO O 495 3.28 18.12 69.58
CA PRO O 495 3.70 17.84 70.97
C PRO O 495 4.60 18.89 71.59
N ARG O 496 5.12 19.84 70.81
CA ARG O 496 6.05 20.85 71.32
C ARG O 496 5.65 22.23 70.84
N PHE O 497 4.38 22.58 71.01
CA PHE O 497 3.87 23.86 70.55
C PHE O 497 3.49 24.81 71.68
N VAL O 498 2.62 24.40 72.59
CA VAL O 498 2.13 25.27 73.65
C VAL O 498 3.10 25.19 74.83
N PRO O 499 3.62 26.30 75.32
CA PRO O 499 4.58 26.25 76.44
C PRO O 499 3.94 25.85 77.75
N GLY O 500 4.75 25.79 78.82
CA GLY O 500 4.25 25.46 80.14
C GLY O 500 3.85 26.70 80.92
N ASN O 501 3.32 26.44 82.12
CA ASN O 501 2.87 27.48 83.04
C ASN O 501 1.80 28.37 82.37
N LEU O 502 0.69 27.75 82.02
CA LEU O 502 -0.42 28.48 81.44
C LEU O 502 -1.02 29.44 82.46
N ILE O 503 -1.48 30.59 81.97
CA ILE O 503 -2.07 31.60 82.85
C ILE O 503 -3.42 32.10 82.37
N SER O 504 -3.84 31.83 81.14
CA SER O 504 -5.13 32.32 80.66
C SER O 504 -5.65 31.39 79.59
N MET O 505 -6.90 30.97 79.73
CA MET O 505 -7.61 30.21 78.71
C MET O 505 -9.03 30.71 78.66
N SER O 506 -9.42 31.28 77.52
CA SER O 506 -10.72 31.90 77.38
C SER O 506 -11.42 31.37 76.13
N PRO O 507 -12.70 31.01 76.24
CA PRO O 507 -13.43 30.48 75.08
C PRO O 507 -14.13 31.57 74.30
N SER O 508 -14.75 31.19 73.19
CA SER O 508 -15.62 32.09 72.43
C SER O 508 -16.61 31.23 71.68
N VAL O 509 -17.84 31.12 72.20
CA VAL O 509 -18.79 30.15 71.68
C VAL O 509 -19.24 30.53 70.28
N SER O 510 -19.59 31.80 70.06
CA SER O 510 -20.13 32.20 68.77
C SER O 510 -19.09 32.16 67.67
N GLU O 511 -17.82 32.36 68.01
CA GLU O 511 -16.75 32.37 67.02
C GLU O 511 -15.84 31.16 67.12
N GLU O 512 -16.23 30.14 67.91
CA GLU O 512 -15.48 28.90 68.07
C GLU O 512 -13.97 29.08 68.06
N VAL O 513 -13.47 29.90 68.98
CA VAL O 513 -12.03 30.15 69.13
C VAL O 513 -11.66 29.99 70.59
N ILE O 514 -10.58 29.26 70.85
CA ILE O 514 -10.02 29.10 72.19
C ILE O 514 -8.65 29.77 72.21
N THR O 515 -8.46 30.71 73.13
CA THR O 515 -7.26 31.53 73.18
C THR O 515 -6.42 31.13 74.39
N MET O 516 -5.13 30.92 74.16
CA MET O 516 -4.19 30.51 75.19
C MET O 516 -3.05 31.50 75.28
N ILE O 517 -2.72 31.91 76.51
CA ILE O 517 -1.59 32.80 76.77
C ILE O 517 -0.68 32.11 77.78
N SER O 518 0.60 32.00 77.45
CA SER O 518 1.57 31.35 78.30
C SER O 518 2.39 32.39 79.06
N LYS O 519 3.40 31.92 79.79
CA LYS O 519 4.31 32.79 80.52
C LYS O 519 5.74 32.75 80.01
N ASP O 520 6.20 31.61 79.51
CA ASP O 520 7.55 31.54 78.96
C ASP O 520 7.67 32.34 77.67
N GLN O 521 6.54 32.66 77.04
CA GLN O 521 6.53 33.47 75.82
C GLN O 521 5.63 34.68 76.05
N PRO O 522 6.17 35.79 76.54
CA PRO O 522 5.33 36.93 76.90
C PRO O 522 4.91 37.83 75.74
N ARG O 523 5.05 37.38 74.49
CA ARG O 523 4.68 38.19 73.35
C ARG O 523 3.88 37.40 72.32
N ARG O 524 3.21 36.34 72.73
CA ARG O 524 2.48 35.49 71.79
C ARG O 524 1.12 35.10 72.37
N VAL O 525 0.13 35.04 71.48
CA VAL O 525 -1.20 34.54 71.80
C VAL O 525 -1.46 33.33 70.93
N TYR O 526 -1.84 32.22 71.55
CA TYR O 526 -2.05 30.96 70.83
C TYR O 526 -3.52 30.81 70.50
N ILE O 527 -3.81 30.48 69.23
CA ILE O 527 -5.18 30.43 68.72
C ILE O 527 -5.46 29.03 68.21
N TYR O 528 -6.55 28.43 68.70
CA TYR O 528 -6.99 27.12 68.25
C TYR O 528 -8.39 27.26 67.68
N LYS O 529 -8.58 26.79 66.44
CA LYS O 529 -9.82 26.99 65.71
C LYS O 529 -10.45 25.64 65.39
N PHE O 530 -11.70 25.47 65.77
CA PHE O 530 -12.42 24.22 65.58
C PHE O 530 -13.76 24.49 64.92
N PHE O 531 -14.25 23.52 64.17
CA PHE O 531 -15.54 23.67 63.49
C PHE O 531 -16.29 22.35 63.52
N PHE O 532 -17.52 22.39 64.01
CA PHE O 532 -18.33 21.20 64.21
C PHE O 532 -19.43 21.10 63.17
N ASP O 533 -19.84 19.87 62.90
CA ASP O 533 -21.02 19.59 62.09
C ASP O 533 -21.70 18.36 62.66
N ASP O 534 -22.84 18.55 63.33
CA ASP O 534 -23.55 17.48 64.00
C ASP O 534 -22.64 16.78 65.00
N ASP O 535 -22.00 15.70 64.58
CA ASP O 535 -21.04 14.97 65.41
C ASP O 535 -19.63 15.00 64.85
N GLN O 536 -19.48 14.99 63.53
CA GLN O 536 -18.15 14.98 62.92
C GLN O 536 -17.46 16.33 63.08
N LYS O 537 -16.14 16.30 63.01
CA LYS O 537 -15.30 17.49 63.08
C LYS O 537 -14.67 17.74 61.72
N LEU O 538 -14.77 18.98 61.24
CA LEU O 538 -14.28 19.33 59.90
C LEU O 538 -12.95 20.06 59.93
N GLN O 539 -12.82 21.08 60.78
CA GLN O 539 -11.60 21.89 60.83
C GLN O 539 -11.07 21.92 62.24
N SER O 540 -9.77 21.67 62.40
CA SER O 540 -9.11 21.73 63.70
C SER O 540 -7.67 22.17 63.45
N SER O 541 -7.40 23.46 63.65
CA SER O 541 -6.14 24.06 63.26
C SER O 541 -5.50 24.78 64.43
N TRP O 542 -4.17 24.95 64.34
CA TRP O 542 -3.40 25.67 65.35
C TRP O 542 -2.57 26.76 64.69
N SER O 543 -2.36 27.84 65.41
CA SER O 543 -1.53 28.96 64.98
C SER O 543 -1.33 29.89 66.17
N TYR O 544 -0.53 30.93 65.97
CA TYR O 544 -0.26 31.86 67.05
C TYR O 544 0.06 33.24 66.51
N TRP O 545 -0.44 34.26 67.18
CA TRP O 545 -0.23 35.65 66.78
C TRP O 545 1.06 36.16 67.40
N GLU O 546 1.34 37.46 67.24
CA GLU O 546 2.55 38.04 67.80
C GLU O 546 2.36 39.55 67.93
N VAL O 547 3.17 40.16 68.80
CA VAL O 547 3.14 41.59 69.02
C VAL O 547 4.53 42.16 68.79
N ALA O 548 4.71 43.45 69.05
CA ALA O 548 5.99 44.12 68.83
C ALA O 548 7.00 43.68 69.89
N ALA O 549 8.16 44.32 69.91
CA ALA O 549 9.30 43.85 70.69
C ALA O 549 9.50 44.61 72.00
N ASN O 550 8.44 45.18 72.56
CA ASN O 550 8.57 45.81 73.86
C ASN O 550 7.42 45.54 74.82
N LYS O 551 6.32 44.93 74.38
CA LYS O 551 5.17 44.70 75.23
C LYS O 551 5.36 43.43 76.06
N THR O 552 4.38 43.17 76.92
CA THR O 552 4.39 41.99 77.77
C THR O 552 2.94 41.65 78.13
N LEU O 553 2.41 40.59 77.54
CA LEU O 553 1.04 40.18 77.81
C LEU O 553 0.89 39.71 79.25
N LEU O 554 -0.26 40.00 79.84
CA LEU O 554 -0.57 39.53 81.19
C LEU O 554 -1.67 38.49 81.21
N GLY O 555 -2.84 38.81 80.64
CA GLY O 555 -3.94 37.88 80.62
C GLY O 555 -5.02 38.36 79.69
N GLY O 556 -5.89 37.44 79.31
CA GLY O 556 -6.94 37.74 78.35
C GLY O 556 -8.27 37.17 78.80
N ASN O 557 -9.34 37.85 78.38
CA ASN O 557 -10.69 37.41 78.63
C ASN O 557 -11.51 37.65 77.37
N VAL O 558 -12.68 37.02 77.30
CA VAL O 558 -13.57 37.16 76.16
C VAL O 558 -14.98 37.46 76.67
N LEU O 559 -15.58 38.51 76.13
CA LEU O 559 -16.98 38.82 76.38
C LEU O 559 -17.68 38.93 75.03
N ASP O 560 -18.85 38.29 74.92
CA ASP O 560 -19.63 38.28 73.69
C ASP O 560 -18.77 37.65 72.60
N SER O 561 -18.07 38.48 71.81
CA SER O 561 -17.18 37.95 70.79
C SER O 561 -15.89 38.75 70.67
N ASP O 562 -15.52 39.51 71.70
CA ASP O 562 -14.32 40.34 71.66
C ASP O 562 -13.35 39.90 72.76
N LEU O 563 -12.07 39.98 72.44
CA LEU O 563 -11.00 39.60 73.36
C LEU O 563 -10.47 40.86 74.04
N TYR O 564 -10.55 40.88 75.37
CA TYR O 564 -10.04 42.00 76.16
C TYR O 564 -8.71 41.60 76.79
N THR O 565 -7.67 42.40 76.52
CA THR O 565 -6.33 42.09 76.96
C THR O 565 -5.81 43.21 77.85
N CYS O 566 -4.98 42.84 78.82
CA CYS O 566 -4.37 43.78 79.76
C CYS O 566 -2.86 43.66 79.63
N VAL O 567 -2.25 44.52 78.82
CA VAL O 567 -0.83 44.44 78.54
C VAL O 567 -0.09 45.44 79.43
N GLU O 568 1.23 45.28 79.50
CA GLU O 568 2.08 46.14 80.31
C GLU O 568 3.17 46.75 79.44
N TYR O 569 3.24 48.08 79.42
CA TYR O 569 4.31 48.81 78.79
C TYR O 569 5.32 49.23 79.84
N SER O 570 6.27 50.09 79.44
CA SER O 570 7.35 50.49 80.32
C SER O 570 6.91 51.41 81.45
N ASP O 571 5.68 51.91 81.45
CA ASP O 571 5.24 52.84 82.47
C ASP O 571 3.88 52.51 83.10
N GLY O 572 3.11 51.60 82.53
CA GLY O 572 1.80 51.32 83.09
C GLY O 572 1.15 50.13 82.42
N VAL O 573 -0.09 49.88 82.81
CA VAL O 573 -0.89 48.77 82.31
C VAL O 573 -2.08 49.33 81.56
N TYR O 574 -2.24 48.91 80.30
CA TYR O 574 -3.28 49.41 79.43
C TYR O 574 -4.30 48.32 79.13
N LEU O 575 -5.42 48.73 78.53
CA LEU O 575 -6.49 47.84 78.14
C LEU O 575 -6.69 47.93 76.64
N GLU O 576 -6.67 46.78 75.96
CA GLU O 576 -6.88 46.74 74.52
C GLU O 576 -8.06 45.83 74.19
N LYS O 577 -8.77 46.20 73.12
CA LYS O 577 -9.94 45.47 72.66
C LYS O 577 -9.70 44.95 71.26
N THR O 578 -10.07 43.70 71.00
CA THR O 578 -9.89 43.07 69.71
C THR O 578 -11.20 42.44 69.27
N GLN O 579 -11.52 42.56 67.98
CA GLN O 579 -12.76 42.04 67.43
C GLN O 579 -12.46 40.75 66.66
N LEU O 580 -13.12 39.66 67.04
CA LEU O 580 -12.89 38.36 66.43
C LEU O 580 -13.91 38.00 65.35
N ARG O 581 -14.93 38.82 65.16
CA ARG O 581 -15.97 38.46 64.20
C ARG O 581 -15.43 38.46 62.78
N PRO O 582 -15.95 37.60 61.91
CA PRO O 582 -15.54 37.61 60.51
C PRO O 582 -16.24 38.72 59.74
N GLU O 583 -15.66 39.06 58.59
CA GLU O 583 -16.17 40.11 57.71
C GLU O 583 -16.25 41.46 58.41
N THR O 584 -15.41 41.68 59.41
CA THR O 584 -15.39 42.97 60.09
C THR O 584 -14.90 44.05 59.13
N VAL O 585 -15.54 45.22 59.21
CA VAL O 585 -15.27 46.31 58.27
C VAL O 585 -15.24 47.62 59.03
N ASP O 586 -14.31 48.49 58.64
CA ASP O 586 -14.25 49.83 59.21
C ASP O 586 -15.50 50.62 58.84
N SER O 587 -15.87 51.55 59.72
CA SER O 587 -17.14 52.25 59.59
C SER O 587 -17.16 53.15 58.36
N GLY O 588 -18.18 52.98 57.52
CA GLY O 588 -18.40 53.84 56.37
C GLY O 588 -17.68 53.44 55.11
N THR O 589 -16.74 52.51 55.18
CA THR O 589 -15.93 52.12 54.03
C THR O 589 -16.15 50.64 53.72
N GLU O 590 -15.33 50.11 52.81
CA GLU O 590 -15.47 48.73 52.34
C GLU O 590 -14.58 47.75 53.07
N PHE O 591 -13.37 48.15 53.45
CA PHE O 591 -12.43 47.26 54.12
C PHE O 591 -11.84 47.98 55.33
N GLU O 592 -11.23 47.20 56.22
CA GLU O 592 -10.62 47.73 57.42
C GLU O 592 -9.15 48.06 57.17
N ILE O 593 -8.51 48.64 58.18
CA ILE O 593 -7.08 48.94 58.14
C ILE O 593 -6.42 48.26 59.33
N LEU O 594 -5.34 47.53 59.07
CA LEU O 594 -4.70 46.68 60.07
C LEU O 594 -3.54 47.42 60.73
N LEU O 595 -3.74 47.85 61.97
CA LEU O 595 -2.72 48.55 62.73
C LEU O 595 -2.89 48.22 64.21
N ASP O 596 -1.76 48.04 64.90
CA ASP O 596 -1.80 47.86 66.35
C ASP O 596 -1.92 49.21 67.04
N ARG O 597 -2.53 49.20 68.22
CA ARG O 597 -2.76 50.42 69.00
C ARG O 597 -3.53 51.46 68.20
N LYS O 598 -4.43 51.01 67.34
CA LYS O 598 -5.11 51.88 66.38
C LYS O 598 -6.05 52.82 67.14
N THR O 599 -5.68 54.10 67.18
CA THR O 599 -6.52 55.14 67.74
C THR O 599 -6.71 56.23 66.70
N THR O 600 -7.94 56.72 66.58
CA THR O 600 -8.25 57.67 65.53
C THR O 600 -7.60 59.03 65.80
N GLU O 601 -7.71 59.92 64.82
CA GLU O 601 -7.08 61.23 64.92
C GLU O 601 -7.71 62.08 66.02
N ALA O 602 -9.00 61.89 66.28
CA ALA O 602 -9.70 62.72 67.25
C ALA O 602 -9.11 62.62 68.65
N ALA O 603 -8.40 61.55 68.96
CA ALA O 603 -7.78 61.39 70.26
C ALA O 603 -6.36 61.96 70.33
N CYS O 604 -5.87 62.52 69.24
CA CYS O 604 -4.51 63.08 69.19
C CYS O 604 -4.57 64.54 68.72
N SER O 605 -3.64 65.33 69.24
CA SER O 605 -3.55 66.75 68.93
C SER O 605 -2.28 67.02 68.13
N THR O 606 -2.36 67.97 67.21
CA THR O 606 -1.27 68.28 66.30
C THR O 606 -0.85 69.74 66.42
N SER O 607 0.38 70.00 66.01
CA SER O 607 0.93 71.35 65.92
C SER O 607 1.63 71.50 64.58
N LEU O 608 1.95 72.74 64.23
CA LEU O 608 2.47 73.04 62.90
C LEU O 608 3.79 73.81 63.03
N ILE O 609 4.69 73.57 62.07
CA ILE O 609 6.01 74.17 62.06
C ILE O 609 6.21 74.88 60.73
N ASN O 610 6.69 76.13 60.79
CA ASN O 610 7.04 76.92 59.61
C ASN O 610 5.82 77.11 58.70
N SER O 611 4.78 77.72 59.28
CA SER O 611 3.51 77.85 58.58
C SER O 611 3.62 78.81 57.40
N GLY O 612 2.76 78.59 56.41
CA GLY O 612 2.62 79.49 55.28
C GLY O 612 3.63 79.31 54.17
N ALA O 613 4.57 78.38 54.32
CA ALA O 613 5.62 78.17 53.34
C ALA O 613 5.49 76.78 52.72
N LEU O 614 6.15 76.60 51.58
CA LEU O 614 6.22 75.28 50.98
C LEU O 614 7.10 74.37 51.82
N GLY O 615 6.63 73.15 52.05
CA GLY O 615 7.41 72.19 52.82
C GLY O 615 7.23 72.32 54.32
N VAL O 616 5.98 72.44 54.77
CA VAL O 616 5.71 72.46 56.20
C VAL O 616 5.80 71.04 56.76
N GLN O 617 5.99 70.94 58.07
CA GLN O 617 5.93 69.68 58.78
C GLN O 617 4.94 69.80 59.93
N THR O 618 4.33 68.67 60.28
CA THR O 618 3.35 68.60 61.35
C THR O 618 3.90 67.74 62.47
N VAL O 619 3.83 68.26 63.71
CA VAL O 619 4.28 67.52 64.88
C VAL O 619 3.05 66.92 65.55
N ILE O 620 2.98 65.59 65.59
CA ILE O 620 1.83 64.88 66.11
C ILE O 620 2.16 64.39 67.51
N THR O 621 1.21 64.54 68.43
CA THR O 621 1.36 64.12 69.82
C THR O 621 0.45 62.93 70.07
N LEU O 622 1.04 61.73 70.12
CA LEU O 622 0.27 60.53 70.37
C LEU O 622 -0.25 60.54 71.82
N PRO O 623 -1.39 59.90 72.07
CA PRO O 623 -1.93 59.87 73.45
C PRO O 623 -1.09 59.05 74.41
N TYR O 624 -0.21 58.19 73.92
CA TYR O 624 0.54 57.29 74.79
C TYR O 624 2.03 57.38 74.49
N PRO O 625 2.89 57.08 75.47
CA PRO O 625 4.33 57.10 75.21
C PRO O 625 4.72 56.08 74.16
N MET O 626 5.72 56.45 73.35
CA MET O 626 6.15 55.61 72.24
C MET O 626 6.93 54.40 72.72
N SER O 627 6.98 53.39 71.86
CA SER O 627 7.91 52.26 71.98
C SER O 627 8.80 52.33 70.74
N GLY O 628 9.93 53.05 70.88
CA GLY O 628 10.71 53.44 69.72
C GLY O 628 11.27 52.29 68.92
N THR O 629 11.33 51.09 69.50
CA THR O 629 11.84 49.93 68.76
C THR O 629 10.97 49.64 67.55
N GLY O 630 9.65 49.71 67.71
CA GLY O 630 8.75 49.49 66.60
C GLY O 630 8.70 50.67 65.66
N THR O 631 7.97 50.50 64.57
CA THR O 631 7.81 51.51 63.54
C THR O 631 6.34 51.86 63.39
N MET O 632 6.03 53.15 63.45
CA MET O 632 4.66 53.62 63.33
C MET O 632 4.40 54.18 61.94
N ALA O 633 3.12 54.35 61.62
CA ALA O 633 2.70 54.85 60.32
C ALA O 633 1.42 55.66 60.47
N VAL O 634 1.14 56.47 59.46
CA VAL O 634 -0.06 57.30 59.42
C VAL O 634 -0.80 57.00 58.13
N VAL O 635 -2.08 56.67 58.24
CA VAL O 635 -2.88 56.24 57.10
C VAL O 635 -4.14 57.09 57.03
N GLY O 636 -4.47 57.60 55.84
CA GLY O 636 -5.69 58.38 55.67
C GLY O 636 -6.92 57.52 55.86
N ARG O 637 -7.90 58.05 56.59
CA ARG O 637 -9.00 57.23 57.10
C ARG O 637 -10.25 57.28 56.24
N PHE O 638 -10.87 58.46 56.09
CA PHE O 638 -12.28 58.54 55.78
C PHE O 638 -12.49 58.89 54.31
N ALA O 639 -13.60 58.38 53.76
CA ALA O 639 -13.71 58.13 52.33
C ALA O 639 -13.79 59.38 51.47
N SER O 640 -13.97 60.57 52.04
CA SER O 640 -14.21 61.73 51.19
C SER O 640 -13.67 63.00 51.82
N ASN O 641 -13.78 64.10 51.07
CA ASN O 641 -13.53 65.48 51.52
C ASN O 641 -12.38 65.57 52.51
N ASN O 642 -11.26 64.96 52.15
CA ASN O 642 -10.09 64.90 53.02
C ASN O 642 -8.85 65.31 52.23
N THR O 643 -7.88 65.88 52.95
CA THR O 643 -6.62 66.27 52.32
C THR O 643 -5.82 65.05 51.90
N ILE O 644 -5.76 64.05 52.77
CA ILE O 644 -5.03 62.82 52.47
C ILE O 644 -5.99 61.84 51.79
N ALA O 645 -5.53 61.24 50.70
CA ALA O 645 -6.36 60.28 49.98
C ALA O 645 -6.57 59.03 50.83
N HIS O 646 -7.68 58.34 50.55
CA HIS O 646 -8.00 57.11 51.28
C HIS O 646 -6.89 56.07 51.08
N GLY O 647 -6.41 55.52 52.20
CA GLY O 647 -5.41 54.48 52.15
C GLY O 647 -4.00 54.94 51.90
N GLN O 648 -3.74 56.24 51.84
CA GLN O 648 -2.39 56.74 51.65
C GLN O 648 -1.59 56.55 52.94
N VAL O 649 -0.38 56.02 52.80
CA VAL O 649 0.50 55.74 53.93
C VAL O 649 1.61 56.78 53.97
N ILE O 650 1.97 57.21 55.17
CA ILE O 650 3.03 58.19 55.38
C ILE O 650 3.92 57.68 56.51
N LYS O 651 5.22 57.72 56.29
CA LYS O 651 6.18 57.29 57.30
C LYS O 651 6.93 58.49 57.85
N ALA O 652 7.33 58.38 59.11
CA ALA O 652 7.94 59.49 59.83
C ALA O 652 9.32 59.81 59.27
N THR O 653 9.76 61.05 59.50
CA THR O 653 11.11 61.47 59.19
C THR O 653 11.95 61.77 60.42
N ALA O 654 11.33 62.04 61.57
CA ALA O 654 12.06 62.25 62.81
C ALA O 654 11.11 61.95 63.96
N GLU O 655 11.32 60.83 64.63
CA GLU O 655 10.44 60.38 65.71
C GLU O 655 11.21 60.41 67.03
N THR O 656 10.55 60.89 68.07
CA THR O 656 11.13 60.95 69.41
C THR O 656 10.34 60.04 70.32
N LEU O 657 11.06 59.21 71.09
CA LEU O 657 10.40 58.23 71.95
C LEU O 657 9.54 58.92 73.00
N THR O 658 10.02 60.00 73.59
CA THR O 658 9.24 60.79 74.53
C THR O 658 9.79 62.21 74.56
N GLY O 659 8.97 63.13 75.03
CA GLY O 659 9.36 64.52 75.06
C GLY O 659 8.21 65.48 74.81
N GLY O 660 7.05 64.94 74.43
CA GLY O 660 5.87 65.75 74.27
C GLY O 660 5.26 66.12 75.60
N ALA O 661 4.03 66.63 75.53
CA ALA O 661 3.31 66.98 76.75
C ALA O 661 2.99 65.72 77.54
N SER O 662 3.22 65.78 78.86
CA SER O 662 2.93 64.68 79.78
C SER O 662 3.71 63.42 79.41
N GLY O 663 4.86 63.56 78.77
CA GLY O 663 5.67 62.42 78.40
C GLY O 663 5.21 61.67 77.18
N ASN O 664 4.19 62.16 76.49
CA ASN O 664 3.67 61.48 75.32
C ASN O 664 4.67 61.54 74.16
N GLY O 665 4.62 60.53 73.31
CA GLY O 665 5.52 60.48 72.17
C GLY O 665 5.15 61.48 71.10
N THR O 666 6.15 61.84 70.29
CA THR O 666 5.97 62.82 69.22
C THR O 666 6.45 62.23 67.90
N MET O 667 5.85 62.69 66.82
CA MET O 667 6.21 62.26 65.47
C MET O 667 6.19 63.46 64.54
N THR O 668 7.01 63.43 63.51
CA THR O 668 7.11 64.51 62.54
C THR O 668 6.93 63.95 61.14
N VAL O 669 6.01 64.54 60.37
CA VAL O 669 5.73 64.09 59.00
C VAL O 669 5.69 65.29 58.08
N PRO O 670 6.00 65.14 56.80
CA PRO O 670 5.91 66.26 55.87
C PRO O 670 4.46 66.60 55.55
N GLY O 671 4.27 67.82 55.05
CA GLY O 671 2.94 68.27 54.67
C GLY O 671 2.17 68.83 55.86
N ASP O 672 0.99 69.36 55.56
CA ASP O 672 0.10 69.96 56.55
C ASP O 672 -1.05 68.99 56.79
N LEU O 673 -1.07 68.38 57.98
CA LEU O 673 -2.13 67.46 58.37
C LEU O 673 -2.93 68.00 59.56
N SER O 674 -3.01 69.33 59.70
CA SER O 674 -3.74 69.93 60.80
C SER O 674 -5.25 69.76 60.68
N SER O 675 -5.76 69.37 59.52
CA SER O 675 -7.19 69.17 59.35
C SER O 675 -7.53 67.90 58.58
N ALA O 676 -6.62 66.93 58.50
CA ALA O 676 -6.90 65.69 57.81
C ALA O 676 -7.42 64.63 58.78
N LYS O 677 -7.97 63.56 58.22
CA LYS O 677 -8.47 62.43 59.00
C LYS O 677 -7.56 61.24 58.76
N PHE O 678 -7.03 60.66 59.83
CA PHE O 678 -6.04 59.61 59.68
C PHE O 678 -6.00 58.74 60.94
N PHE O 679 -5.53 57.51 60.76
CA PHE O 679 -5.25 56.61 61.86
C PHE O 679 -3.79 56.75 62.28
N VAL O 680 -3.39 55.98 63.28
CA VAL O 680 -1.99 55.94 63.72
C VAL O 680 -1.79 54.68 64.53
N GLY O 681 -0.66 54.01 64.28
CA GLY O 681 -0.37 52.78 65.00
C GLY O 681 0.86 52.10 64.43
N GLU O 682 1.09 50.87 64.90
CA GLU O 682 2.24 50.09 64.48
C GLU O 682 1.88 49.19 63.31
N ILE O 683 2.87 48.43 62.83
CA ILE O 683 2.70 47.53 61.70
C ILE O 683 3.23 46.16 62.10
N TYR O 684 2.48 45.12 61.74
CA TYR O 684 2.82 43.74 62.10
C TYR O 684 2.78 42.86 60.86
N ASN O 685 3.67 41.87 60.81
CA ASN O 685 3.86 41.05 59.63
C ASN O 685 3.10 39.73 59.76
N MET O 686 2.81 39.13 58.61
CA MET O 686 2.19 37.81 58.52
C MET O 686 3.08 36.90 57.69
N THR O 687 3.10 35.62 58.04
CA THR O 687 3.97 34.66 57.37
C THR O 687 3.27 33.32 57.28
N TYR O 688 3.30 32.71 56.11
CA TYR O 688 2.69 31.40 55.87
C TYR O 688 3.65 30.60 55.00
N GLU O 689 4.20 29.53 55.55
CA GLU O 689 5.20 28.71 54.86
C GLU O 689 4.58 27.40 54.42
N PHE O 690 4.53 27.19 53.11
CA PHE O 690 3.93 25.98 52.56
C PHE O 690 4.81 24.78 52.88
N SER O 691 4.20 23.60 52.80
CA SER O 691 4.88 22.35 53.11
C SER O 691 5.36 21.69 51.83
N THR O 692 6.09 20.60 52.00
CA THR O 692 6.58 19.85 50.84
C THR O 692 5.41 19.26 50.07
N PRO O 693 5.26 19.55 48.79
CA PRO O 693 4.13 18.99 48.03
C PRO O 693 4.41 17.56 47.61
N TYR O 694 3.42 16.69 47.81
CA TYR O 694 3.57 15.28 47.50
C TYR O 694 2.36 14.75 46.73
N LEU O 695 2.28 13.44 46.59
CA LEU O 695 1.16 12.78 45.94
C LEU O 695 0.56 11.73 46.86
N LYS O 696 -0.76 11.58 46.76
CA LYS O 696 -1.49 10.62 47.59
C LYS O 696 -2.39 9.79 46.70
N GLU O 697 -2.35 8.47 46.89
CA GLU O 697 -3.20 7.55 46.16
C GLU O 697 -3.71 6.48 47.12
N THR O 698 -4.86 5.92 46.80
CA THR O 698 -5.50 4.97 47.70
C THR O 698 -4.79 3.64 47.67
N PRO O 699 -4.30 3.14 48.80
CA PRO O 699 -3.69 1.81 48.84
C PRO O 699 -4.76 0.73 48.76
N PRO O 700 -4.37 -0.52 48.53
CA PRO O 700 -5.39 -1.58 48.42
C PRO O 700 -6.25 -1.75 49.66
N GLY O 701 -5.71 -1.50 50.85
CA GLY O 701 -6.48 -1.69 52.07
C GLY O 701 -7.46 -0.59 52.39
N GLY O 702 -7.42 0.51 51.66
CA GLY O 702 -8.30 1.63 51.95
C GLY O 702 -7.61 2.70 52.77
N GLY O 703 -7.90 3.95 52.47
CA GLY O 703 -7.24 5.06 53.12
C GLY O 703 -6.40 5.87 52.14
N LEU O 704 -5.38 6.55 52.64
CA LEU O 704 -4.49 7.32 51.77
C LEU O 704 -3.05 7.07 52.16
N ALA O 705 -2.19 6.99 51.14
CA ALA O 705 -0.76 6.86 51.34
C ALA O 705 -0.05 7.93 50.53
N VAL O 706 1.11 8.36 51.01
CA VAL O 706 1.87 9.44 50.40
C VAL O 706 3.03 8.84 49.62
N LEU O 707 3.04 9.06 48.30
CA LEU O 707 4.16 8.62 47.50
C LEU O 707 5.41 9.41 47.85
N ALA O 708 6.55 8.73 47.86
CA ALA O 708 7.79 9.38 48.27
C ALA O 708 8.92 9.16 47.27
N ASN O 709 8.90 8.04 46.56
CA ASN O 709 10.01 7.65 45.71
C ASN O 709 10.07 8.38 44.37
N PRO O 710 8.99 8.46 43.59
CA PRO O 710 9.11 9.01 42.23
C PRO O 710 9.57 10.46 42.24
N ARG O 711 10.35 10.82 41.22
CA ARG O 711 10.87 12.17 41.10
C ARG O 711 9.74 13.14 40.76
N LEU O 712 9.72 14.28 41.45
CA LEU O 712 8.71 15.30 41.27
C LEU O 712 9.39 16.65 41.31
N GLN O 713 9.51 17.31 40.16
CA GLN O 713 10.18 18.60 40.05
C GLN O 713 9.15 19.68 39.81
N LEU O 714 8.96 20.56 40.79
CA LEU O 714 7.98 21.61 40.68
C LEU O 714 8.38 22.59 39.57
N ARG O 715 7.38 23.10 38.87
CA ARG O 715 7.60 24.07 37.81
C ARG O 715 6.98 25.42 38.08
N THR O 716 5.67 25.50 38.29
CA THR O 716 5.00 26.78 38.48
C THR O 716 4.13 26.71 39.72
N TRP O 717 4.14 27.79 40.51
CA TRP O 717 3.32 27.91 41.70
C TRP O 717 2.34 29.05 41.51
N SER O 718 1.06 28.77 41.71
CA SER O 718 0.01 29.75 41.49
C SER O 718 -0.92 29.78 42.69
N ILE O 719 -1.48 30.95 42.96
CA ILE O 719 -2.44 31.13 44.04
C ILE O 719 -3.64 31.91 43.50
N VAL O 720 -4.75 31.82 44.22
CA VAL O 720 -5.99 32.49 43.86
C VAL O 720 -6.42 33.36 45.03
N PHE O 721 -6.55 34.65 44.80
CA PHE O 721 -6.90 35.60 45.84
C PHE O 721 -8.25 36.25 45.52
N ASP O 722 -8.68 37.16 46.39
CA ASP O 722 -9.92 37.89 46.21
C ASP O 722 -9.95 39.05 47.20
N GLU O 723 -10.24 40.26 46.71
CA GLU O 723 -10.32 41.46 47.55
C GLU O 723 -9.06 41.66 48.36
N THR O 724 -7.91 41.52 47.71
CA THR O 724 -6.62 41.74 48.34
C THR O 724 -5.92 42.90 47.66
N SER O 725 -5.08 43.59 48.43
CA SER O 725 -4.35 44.75 47.92
C SER O 725 -2.90 44.41 47.58
N ASN O 726 -2.13 43.91 48.54
CA ASN O 726 -0.71 43.69 48.31
C ASN O 726 -0.23 42.51 49.15
N PHE O 727 0.65 41.72 48.56
CA PHE O 727 1.39 40.68 49.29
C PHE O 727 2.62 40.35 48.46
N SER O 728 3.41 39.40 48.95
CA SER O 728 4.62 39.00 48.27
C SER O 728 4.88 37.52 48.52
N MET O 729 5.64 36.91 47.63
CA MET O 729 5.97 35.50 47.72
C MET O 729 7.48 35.34 47.66
N LYS O 730 8.04 34.58 48.60
CA LYS O 730 9.48 34.41 48.72
C LYS O 730 9.81 32.94 48.51
N ILE O 731 10.58 32.64 47.46
CA ILE O 731 10.90 31.28 47.07
C ILE O 731 12.41 31.08 47.19
N THR O 732 12.81 30.02 47.88
CA THR O 732 14.22 29.71 48.10
C THR O 732 14.51 28.29 47.67
N PRO O 733 15.16 28.08 46.52
CA PRO O 733 15.59 26.73 46.15
C PRO O 733 16.72 26.23 47.03
N GLY O 734 17.24 25.05 46.74
CA GLY O 734 18.28 24.47 47.56
C GLY O 734 19.63 25.15 47.44
N GLN O 735 20.06 25.80 48.51
CA GLN O 735 21.41 26.39 48.61
C GLN O 735 21.68 27.35 47.46
N ARG O 736 20.71 28.21 47.18
CA ARG O 736 20.86 29.23 46.14
C ARG O 736 20.25 30.52 46.64
N ASP O 737 20.29 31.55 45.81
CA ASP O 737 19.84 32.88 46.22
C ASP O 737 18.32 32.91 46.37
N GLU O 738 17.86 33.65 47.37
CA GLU O 738 16.43 33.84 47.57
C GLU O 738 15.86 34.81 46.54
N LEU O 739 14.66 34.53 46.07
CA LEU O 739 13.99 35.35 45.08
C LEU O 739 12.64 35.84 45.62
N THR O 740 12.24 37.02 45.18
CA THR O 740 10.98 37.63 45.58
C THR O 740 10.12 37.91 44.35
N TYR O 741 8.81 38.00 44.57
CA TYR O 741 7.86 38.27 43.49
C TYR O 741 6.68 39.02 44.04
N PRO O 742 6.80 40.34 44.19
CA PRO O 742 5.72 41.13 44.79
C PRO O 742 4.56 41.33 43.82
N PHE O 743 3.49 41.90 44.36
CA PHE O 743 2.27 42.15 43.61
C PHE O 743 1.41 43.13 44.40
N ASN O 744 0.84 44.13 43.71
CA ASN O 744 0.13 45.21 44.39
C ASN O 744 -1.22 45.54 43.76
N GLY O 745 -1.61 44.87 42.68
CA GLY O 745 -2.96 44.97 42.17
C GLY O 745 -3.20 46.03 41.13
N TYR O 746 -2.33 47.03 41.03
CA TYR O 746 -2.49 48.08 40.02
C TYR O 746 -2.10 47.51 38.67
N LYS O 747 -3.08 47.07 37.89
CA LYS O 747 -2.85 46.52 36.57
C LYS O 747 -2.83 47.67 35.58
N ILE O 748 -1.64 48.02 35.08
CA ILE O 748 -1.50 49.18 34.22
C ILE O 748 -2.27 48.97 32.92
N GLY O 749 -3.08 49.96 32.56
CA GLY O 749 -3.93 49.86 31.39
C GLY O 749 -5.39 49.73 31.75
N SER O 750 -5.69 48.94 32.77
CA SER O 750 -7.07 48.78 33.21
C SER O 750 -7.50 49.98 34.04
N GLY O 751 -8.70 50.47 33.79
CA GLY O 751 -9.24 51.62 34.47
C GLY O 751 -10.20 51.33 35.60
N GLN O 752 -10.20 50.11 36.14
CA GLN O 752 -11.08 49.81 37.27
C GLN O 752 -10.70 50.61 38.50
N PHE O 753 -9.40 50.80 38.74
CA PHE O 753 -8.91 51.59 39.87
C PHE O 753 -8.32 52.90 39.37
N PRO O 754 -8.99 54.03 39.57
CA PRO O 754 -8.40 55.31 39.20
C PRO O 754 -7.23 55.66 40.12
N ILE O 755 -6.45 56.65 39.68
CA ILE O 755 -5.34 57.13 40.49
C ILE O 755 -5.89 57.86 41.71
N GLY O 756 -5.49 57.40 42.90
CA GLY O 756 -5.89 58.02 44.14
C GLY O 756 -6.81 57.19 45.00
N THR O 757 -7.11 55.96 44.61
CA THR O 757 -7.99 55.14 45.44
C THR O 757 -7.33 53.80 45.75
N PRO O 758 -7.61 53.22 46.91
CA PRO O 758 -7.04 51.90 47.21
C PRO O 758 -7.53 50.85 46.23
N SER O 759 -6.67 49.86 45.98
CA SER O 759 -6.95 48.80 45.03
C SER O 759 -7.22 47.50 45.77
N LEU O 760 -8.32 46.84 45.43
CA LEU O 760 -8.63 45.51 45.92
C LEU O 760 -9.06 44.68 44.71
N ALA O 761 -8.20 43.74 44.31
CA ALA O 761 -8.31 43.06 43.03
C ALA O 761 -8.92 41.68 43.20
N THR O 762 -8.97 40.95 42.10
CA THR O 762 -9.48 39.58 42.07
C THR O 762 -8.95 38.90 40.83
N GLY O 763 -8.23 37.80 41.00
CA GLY O 763 -7.60 37.15 39.86
C GLY O 763 -6.66 36.05 40.33
N ARG O 764 -5.65 35.79 39.51
CA ARG O 764 -4.69 34.74 39.78
C ARG O 764 -3.27 35.23 39.52
N PHE O 765 -2.31 34.59 40.18
CA PHE O 765 -0.90 34.95 40.11
C PHE O 765 -0.09 33.68 39.87
N ARG O 766 1.04 33.81 39.18
CA ARG O 766 1.83 32.65 38.80
C ARG O 766 3.31 33.00 38.75
N VAL O 767 4.13 32.15 39.36
CA VAL O 767 5.58 32.33 39.37
C VAL O 767 6.25 30.98 39.16
N PRO O 768 7.49 30.98 38.64
CA PRO O 768 8.24 29.72 38.51
C PRO O 768 9.12 29.45 39.71
N VAL O 769 9.25 28.17 40.04
CA VAL O 769 10.03 27.73 41.20
C VAL O 769 11.33 27.04 40.78
N MET O 770 11.26 26.09 39.84
CA MET O 770 12.44 25.49 39.22
C MET O 770 13.34 24.80 40.25
N ALA O 771 12.81 23.76 40.88
CA ALA O 771 13.59 23.00 41.84
C ALA O 771 12.93 21.64 42.04
N GLN O 772 13.39 20.90 43.05
CA GLN O 772 12.85 19.61 43.41
C GLN O 772 11.99 19.73 44.67
N ASN O 773 10.98 18.87 44.77
CA ASN O 773 9.96 19.04 45.79
C ASN O 773 10.53 18.93 47.21
N ILE O 774 11.64 18.22 47.39
CA ILE O 774 12.18 18.01 48.73
C ILE O 774 13.23 19.04 49.13
N GLU O 775 13.51 20.02 48.27
CA GLU O 775 14.54 21.03 48.56
C GLU O 775 14.02 22.43 48.25
N THR O 776 12.83 22.76 48.73
CA THR O 776 12.25 24.07 48.52
C THR O 776 11.66 24.61 49.82
N LYS O 777 11.56 25.94 49.89
CA LYS O 777 10.85 26.64 50.95
C LYS O 777 10.02 27.74 50.30
N ILE O 778 8.71 27.68 50.49
CA ILE O 778 7.79 28.66 49.90
C ILE O 778 7.14 29.43 51.03
N VAL O 779 7.28 30.75 51.01
CA VAL O 779 6.77 31.62 52.06
C VAL O 779 5.88 32.67 51.43
N LEU O 780 4.69 32.84 51.98
CA LEU O 780 3.76 33.88 51.56
C LEU O 780 3.86 35.04 52.55
N PHE O 781 4.49 36.13 52.13
CA PHE O 781 4.85 37.22 53.01
C PHE O 781 4.06 38.47 52.65
N SER O 782 3.61 39.18 53.68
CA SER O 782 2.87 40.42 53.50
C SER O 782 3.04 41.29 54.73
N ASP O 783 3.27 42.58 54.50
CA ASP O 783 3.52 43.50 55.60
C ASP O 783 2.77 44.82 55.47
N SER O 784 2.02 45.04 54.39
CA SER O 784 1.30 46.28 54.22
C SER O 784 0.15 46.37 55.21
N PRO O 785 -0.30 47.58 55.53
CA PRO O 785 -1.50 47.75 56.36
C PRO O 785 -2.81 47.62 55.62
N LEU O 786 -2.81 47.08 54.40
CA LEU O 786 -3.99 46.87 53.59
C LEU O 786 -4.38 45.40 53.56
N PRO O 787 -5.66 45.09 53.37
CA PRO O 787 -6.11 43.70 53.57
C PRO O 787 -5.52 42.75 52.54
N CYS O 788 -5.47 41.47 52.93
CA CYS O 788 -4.94 40.42 52.06
C CYS O 788 -5.55 39.10 52.49
N ARG O 789 -6.22 38.42 51.57
CA ARG O 789 -6.81 37.12 51.86
C ARG O 789 -6.71 36.23 50.62
N VAL O 790 -6.48 34.94 50.86
CA VAL O 790 -6.19 33.97 49.80
C VAL O 790 -7.13 32.79 49.97
N GLN O 791 -7.39 32.07 48.88
CA GLN O 791 -8.32 30.96 48.88
C GLN O 791 -7.66 29.60 48.68
N SER O 792 -6.88 29.43 47.62
CA SER O 792 -6.30 28.13 47.31
C SER O 792 -5.03 28.34 46.48
N ALA O 793 -4.41 27.23 46.10
CA ALA O 793 -3.19 27.26 45.31
C ALA O 793 -3.12 26.01 44.45
N GLU O 794 -2.31 26.08 43.40
CA GLU O 794 -2.15 24.95 42.49
C GLU O 794 -0.76 25.00 41.87
N TRP O 795 -0.13 23.83 41.75
CA TRP O 795 1.23 23.72 41.26
C TRP O 795 1.30 22.67 40.16
N GLU O 796 2.29 22.81 39.28
CA GLU O 796 2.51 21.90 38.16
C GLU O 796 3.98 21.48 38.15
N GLY O 797 4.23 20.24 37.74
CA GLY O 797 5.60 19.78 37.70
C GLY O 797 5.75 18.51 36.88
N TRP O 798 7.01 18.13 36.68
CA TRP O 798 7.34 16.91 35.95
C TRP O 798 7.20 15.72 36.88
N TYR O 799 6.47 14.69 36.45
CA TYR O 799 6.27 13.47 37.23
C TYR O 799 6.89 12.31 36.47
N GLN O 800 8.01 11.81 36.97
CA GLN O 800 8.77 10.76 36.31
C GLN O 800 8.68 9.48 37.12
N GLU O 801 8.37 8.36 36.46
CA GLU O 801 8.24 7.07 37.12
C GLU O 801 9.16 6.06 36.48
N ARG O 802 10.07 5.51 37.27
CA ARG O 802 11.13 4.64 36.77
C ARG O 802 10.63 3.23 36.47
N ALA O 803 9.42 2.89 36.87
CA ALA O 803 8.87 1.55 36.69
C ALA O 803 7.36 1.67 36.66
N ARG O 804 6.68 0.52 36.71
CA ARG O 804 5.23 0.46 36.74
C ARG O 804 4.76 0.21 38.16
N ARG O 805 3.51 0.61 38.44
CA ARG O 805 2.92 0.53 39.76
C ARG O 805 2.01 -0.69 39.86
N LEU O 806 2.18 -1.50 40.91
CA LEU O 806 1.25 -2.59 41.18
C LEU O 806 -0.12 -2.01 41.52
N MET P 1 -10.95 -20.08 24.33
CA MET P 1 -11.14 -21.24 25.19
C MET P 1 -9.88 -21.21 26.07
N PRO P 2 -9.83 -20.25 27.01
CA PRO P 2 -8.53 -19.84 27.54
C PRO P 2 -8.18 -20.54 28.84
N LEU P 3 -6.89 -20.78 29.05
CA LEU P 3 -6.42 -21.43 30.26
C LEU P 3 -6.30 -20.34 31.32
N ILE P 4 -7.31 -20.23 32.18
CA ILE P 4 -7.38 -19.16 33.17
C ILE P 4 -7.77 -19.74 34.54
N SER P 5 -7.31 -19.07 35.60
CA SER P 5 -7.26 -19.70 36.92
C SER P 5 -7.73 -18.78 38.04
N SER P 6 -8.12 -19.39 39.15
CA SER P 6 -8.45 -18.71 40.39
C SER P 6 -7.70 -19.37 41.54
N SER P 7 -8.04 -18.98 42.76
CA SER P 7 -7.37 -19.48 43.95
C SER P 7 -8.38 -19.69 45.07
N ILE P 8 -8.02 -20.53 46.03
CA ILE P 8 -8.82 -20.79 47.22
C ILE P 8 -8.18 -20.03 48.38
N PRO P 9 -8.82 -18.98 48.90
CA PRO P 9 -8.16 -18.15 49.91
C PRO P 9 -7.90 -18.85 51.23
N ASN P 10 -8.89 -19.58 51.77
CA ASN P 10 -8.74 -20.22 53.07
C ASN P 10 -9.24 -21.65 53.01
N LEU P 11 -8.80 -22.44 53.99
CA LEU P 11 -9.17 -23.86 54.09
C LEU P 11 -9.68 -24.20 55.49
N ILE P 12 -10.32 -23.25 56.16
CA ILE P 12 -10.65 -23.42 57.57
C ILE P 12 -12.15 -23.29 57.79
N ASN P 13 -12.95 -23.70 56.81
CA ASN P 13 -14.40 -23.55 56.91
C ASN P 13 -15.12 -24.88 57.15
N GLY P 14 -14.40 -25.97 57.32
CA GLY P 14 -15.01 -27.20 57.78
C GLY P 14 -15.78 -27.97 56.71
N VAL P 15 -16.69 -28.81 57.20
CA VAL P 15 -17.38 -29.81 56.39
C VAL P 15 -18.84 -29.40 56.24
N SER P 16 -19.39 -29.62 55.03
CA SER P 16 -20.77 -29.29 54.73
C SER P 16 -21.43 -30.48 54.03
N GLN P 17 -22.74 -30.60 54.24
CA GLN P 17 -23.53 -31.64 53.61
C GLN P 17 -24.37 -31.14 52.45
N GLN P 18 -24.28 -29.86 52.11
CA GLN P 18 -25.05 -29.31 51.02
C GLN P 18 -24.55 -29.86 49.69
N PRO P 19 -25.39 -29.86 48.66
CA PRO P 19 -24.90 -30.24 47.33
C PRO P 19 -23.86 -29.26 46.83
N ALA P 20 -22.97 -29.75 45.96
CA ALA P 20 -21.80 -28.99 45.58
C ALA P 20 -22.12 -27.69 44.84
N ALA P 21 -23.34 -27.54 44.34
CA ALA P 21 -23.69 -26.37 43.56
C ALA P 21 -24.21 -25.21 44.40
N LEU P 22 -24.32 -25.38 45.72
CA LEU P 22 -24.82 -24.32 46.59
C LEU P 22 -23.84 -23.93 47.68
N ARG P 23 -22.72 -24.63 47.81
CA ARG P 23 -21.78 -24.33 48.87
C ARG P 23 -20.93 -23.11 48.52
N LEU P 24 -20.30 -22.55 49.55
CA LEU P 24 -19.12 -21.73 49.33
C LEU P 24 -17.97 -22.64 48.95
N ALA P 25 -17.31 -22.34 47.83
CA ALA P 25 -16.22 -23.19 47.34
C ALA P 25 -15.14 -23.38 48.40
N SER P 26 -15.08 -22.51 49.41
CA SER P 26 -14.15 -22.69 50.51
C SER P 26 -14.45 -23.96 51.29
N GLN P 27 -15.73 -24.26 51.50
CA GLN P 27 -16.10 -25.39 52.35
C GLN P 27 -15.60 -26.71 51.77
N ALA P 28 -15.20 -27.61 52.67
CA ALA P 28 -14.62 -28.88 52.29
C ALA P 28 -15.69 -29.96 52.19
N GLU P 29 -15.28 -31.21 52.09
CA GLU P 29 -16.19 -32.34 51.98
C GLU P 29 -16.05 -33.33 53.13
N GLU P 30 -14.82 -33.69 53.50
CA GLU P 30 -14.58 -34.61 54.60
C GLU P 30 -13.35 -34.15 55.36
N VAL P 31 -13.49 -33.92 56.66
CA VAL P 31 -12.39 -33.46 57.50
C VAL P 31 -12.25 -34.43 58.67
N ILE P 32 -11.04 -34.94 58.87
CA ILE P 32 -10.74 -35.87 59.96
C ILE P 32 -9.40 -35.50 60.56
N ASN P 33 -9.35 -35.39 61.89
CA ASN P 33 -8.10 -35.20 62.63
C ASN P 33 -7.36 -33.92 62.21
N CYS P 34 -8.10 -32.91 61.80
CA CYS P 34 -7.53 -31.60 61.54
C CYS P 34 -7.96 -30.61 62.62
N MET P 35 -7.16 -29.57 62.80
CA MET P 35 -7.45 -28.50 63.76
C MET P 35 -7.36 -27.19 62.99
N PRO P 36 -8.45 -26.79 62.33
CA PRO P 36 -8.42 -25.52 61.57
C PRO P 36 -8.42 -24.34 62.51
N SER P 37 -7.39 -23.50 62.41
CA SER P 37 -7.26 -22.32 63.24
C SER P 37 -6.96 -21.12 62.38
N PRO P 38 -7.38 -19.92 62.80
CA PRO P 38 -7.10 -18.72 62.00
C PRO P 38 -5.70 -18.16 62.19
N VAL P 39 -4.91 -18.72 63.11
CA VAL P 39 -3.58 -18.20 63.34
C VAL P 39 -2.51 -18.95 62.55
N GLU P 40 -2.77 -20.18 62.13
CA GLU P 40 -1.83 -20.91 61.29
C GLU P 40 -2.49 -21.76 60.21
N GLY P 41 -3.79 -21.67 60.02
CA GLY P 41 -4.45 -22.36 58.92
C GLY P 41 -4.83 -23.78 59.30
N LEU P 42 -4.59 -24.71 58.38
CA LEU P 42 -4.90 -26.12 58.57
C LEU P 42 -3.66 -26.84 59.08
N LYS P 43 -3.84 -27.71 60.07
CA LYS P 43 -2.72 -28.44 60.64
C LYS P 43 -3.21 -29.76 61.22
N LYS P 44 -2.27 -30.68 61.44
CA LYS P 44 -2.60 -31.95 62.05
C LYS P 44 -2.94 -31.75 63.52
N ARG P 45 -3.86 -32.57 64.02
CA ARG P 45 -4.39 -32.36 65.35
C ARG P 45 -3.33 -32.59 66.42
N PRO P 46 -3.47 -31.96 67.58
CA PRO P 46 -2.46 -32.15 68.63
C PRO P 46 -2.47 -33.59 69.13
N PRO P 47 -1.35 -34.07 69.64
CA PRO P 47 -1.30 -35.44 70.13
C PRO P 47 -2.02 -35.59 71.46
N MET P 48 -2.26 -36.84 71.84
CA MET P 48 -2.95 -37.18 73.08
C MET P 48 -1.98 -37.94 73.98
N GLN P 49 -1.73 -37.39 75.17
CA GLN P 49 -0.74 -37.93 76.08
C GLN P 49 -1.38 -38.89 77.07
N HIS P 50 -0.54 -39.48 77.92
CA HIS P 50 -0.96 -40.46 78.91
C HIS P 50 -0.52 -40.02 80.29
N ILE P 51 -1.33 -40.36 81.30
CA ILE P 51 -1.07 -39.90 82.66
C ILE P 51 -0.90 -41.07 83.62
N LYS P 52 -1.97 -41.85 83.82
CA LYS P 52 -1.94 -42.96 84.76
C LYS P 52 -3.25 -43.72 84.67
N LYS P 53 -3.22 -44.96 85.17
CA LYS P 53 -4.42 -45.77 85.27
C LYS P 53 -5.17 -45.44 86.54
N LEU P 54 -6.50 -45.28 86.43
CA LEU P 54 -7.31 -44.97 87.60
C LEU P 54 -7.57 -46.21 88.45
N PHE P 55 -8.20 -47.22 87.85
CA PHE P 55 -8.53 -48.43 88.58
C PHE P 55 -8.78 -49.57 87.59
N ALA P 56 -8.59 -50.78 88.08
CA ALA P 56 -8.77 -51.97 87.26
C ALA P 56 -10.26 -52.26 87.06
N GLY P 57 -10.54 -53.19 86.15
CA GLY P 57 -11.92 -53.55 85.84
C GLY P 57 -12.58 -52.54 84.92
N SER P 58 -13.86 -52.76 84.69
CA SER P 58 -14.65 -51.88 83.84
C SER P 58 -15.46 -50.90 84.69
N ALA P 59 -16.05 -49.92 84.01
CA ALA P 59 -16.79 -48.85 84.67
C ALA P 59 -18.29 -49.10 84.72
N GLY P 60 -18.75 -50.26 84.26
CA GLY P 60 -20.16 -50.57 84.26
C GLY P 60 -20.81 -50.29 82.92
N THR P 61 -22.05 -50.78 82.78
CA THR P 61 -22.76 -50.64 81.52
C THR P 61 -23.12 -49.18 81.23
N GLY P 62 -23.44 -48.41 82.28
CA GLY P 62 -23.77 -47.02 82.08
C GLY P 62 -22.55 -46.13 81.97
N ARG P 63 -22.73 -44.98 81.33
CA ARG P 63 -21.66 -44.02 81.18
C ARG P 63 -21.47 -43.25 82.48
N PRO P 64 -20.27 -43.23 83.05
CA PRO P 64 -20.09 -42.56 84.34
C PRO P 64 -20.20 -41.04 84.20
N PHE P 65 -20.58 -40.40 85.31
CA PHE P 65 -20.76 -38.95 85.36
C PHE P 65 -19.53 -38.33 85.99
N THR P 66 -18.90 -37.40 85.26
CA THR P 66 -17.62 -36.81 85.67
C THR P 66 -17.75 -35.30 85.77
N HIS P 67 -17.16 -34.74 86.83
CA HIS P 67 -17.08 -33.30 87.01
C HIS P 67 -15.72 -32.96 87.60
N ILE P 68 -15.28 -31.73 87.38
CA ILE P 68 -13.98 -31.25 87.85
C ILE P 68 -14.18 -29.94 88.58
N VAL P 69 -13.47 -29.78 89.70
CA VAL P 69 -13.61 -28.62 90.56
C VAL P 69 -12.27 -27.92 90.65
N ASP P 70 -12.26 -26.61 90.41
CA ASP P 70 -11.06 -25.78 90.50
C ASP P 70 -11.28 -24.77 91.62
N ARG P 71 -10.62 -24.98 92.75
CA ARG P 71 -10.90 -24.18 93.94
C ARG P 71 -10.08 -22.89 93.97
N ASP P 72 -8.74 -23.00 93.98
CA ASP P 72 -7.90 -21.83 94.19
C ASP P 72 -6.71 -21.79 93.25
N GLY P 73 -6.65 -22.67 92.26
CA GLY P 73 -5.53 -22.73 91.35
C GLY P 73 -4.44 -23.70 91.74
N VAL P 74 -4.40 -24.12 93.00
CA VAL P 74 -3.45 -25.14 93.44
C VAL P 74 -4.12 -26.39 93.97
N ILE P 75 -5.44 -26.36 94.19
CA ILE P 75 -6.19 -27.51 94.67
C ILE P 75 -7.20 -27.89 93.60
N ARG P 76 -7.12 -29.12 93.10
CA ARG P 76 -8.03 -29.60 92.08
C ARG P 76 -8.31 -31.08 92.32
N TYR P 77 -9.51 -31.52 91.95
CA TYR P 77 -9.86 -32.92 92.08
C TYR P 77 -11.01 -33.25 91.15
N LEU P 78 -11.03 -34.51 90.70
CA LEU P 78 -12.10 -35.03 89.87
C LEU P 78 -13.16 -35.68 90.73
N ILE P 79 -14.40 -35.65 90.26
CA ILE P 79 -15.53 -36.30 90.92
C ILE P 79 -16.05 -37.39 90.01
N PHE P 80 -16.12 -38.61 90.53
CA PHE P 80 -16.49 -39.78 89.76
C PHE P 80 -17.64 -40.48 90.46
N ILE P 81 -18.81 -40.49 89.84
CA ILE P 81 -20.01 -41.09 90.41
C ILE P 81 -20.61 -42.04 89.39
N GLN P 82 -20.85 -43.29 89.81
CA GLN P 82 -21.51 -44.25 88.94
C GLN P 82 -22.00 -45.42 89.77
N ASP P 83 -23.25 -45.82 89.53
CA ASP P 83 -23.81 -47.09 89.98
C ASP P 83 -23.48 -47.39 91.45
N ASN P 84 -24.05 -46.54 92.31
CA ASN P 84 -24.05 -46.78 93.76
C ASN P 84 -22.66 -46.51 94.37
N ALA P 85 -21.67 -46.25 93.53
CA ALA P 85 -20.32 -45.96 93.99
C ALA P 85 -19.91 -44.54 93.63
N ILE P 86 -19.08 -43.94 94.48
CA ILE P 86 -18.56 -42.60 94.27
C ILE P 86 -17.08 -42.59 94.60
N LYS P 87 -16.26 -42.05 93.69
CA LYS P 87 -14.83 -42.02 93.86
C LYS P 87 -14.30 -40.65 93.50
N VAL P 88 -13.13 -40.31 94.06
CA VAL P 88 -12.49 -39.01 93.85
C VAL P 88 -11.03 -39.23 93.47
N PHE P 89 -10.57 -38.47 92.49
CA PHE P 89 -9.18 -38.49 92.06
C PHE P 89 -8.66 -37.06 91.95
N ASP P 90 -7.34 -36.94 91.90
CA ASP P 90 -6.68 -35.68 91.61
C ASP P 90 -6.18 -35.69 90.16
N LEU P 91 -5.60 -34.58 89.73
CA LEU P 91 -5.18 -34.45 88.34
C LEU P 91 -3.98 -35.31 87.99
N ASP P 92 -3.30 -35.90 88.97
CA ASP P 92 -2.19 -36.81 88.72
C ASP P 92 -2.59 -38.27 88.91
N GLY P 93 -3.87 -38.56 89.09
CA GLY P 93 -4.32 -39.93 89.19
C GLY P 93 -4.11 -40.60 90.53
N ASN P 94 -3.78 -39.83 91.58
CA ASN P 94 -3.60 -40.39 92.91
C ASN P 94 -4.93 -40.31 93.65
N ALA P 95 -5.52 -41.47 93.92
CA ALA P 95 -6.85 -41.51 94.52
C ALA P 95 -6.84 -41.00 95.95
N GLN P 96 -7.94 -40.36 96.34
CA GLN P 96 -8.13 -39.87 97.69
C GLN P 96 -9.25 -40.65 98.36
N THR P 97 -9.04 -41.04 99.61
CA THR P 97 -10.01 -41.85 100.32
C THR P 97 -11.30 -41.06 100.58
N VAL P 98 -12.43 -41.76 100.53
CA VAL P 98 -13.73 -41.17 100.78
C VAL P 98 -14.44 -42.00 101.86
N SER P 99 -14.98 -41.32 102.86
CA SER P 99 -15.69 -41.97 103.97
C SER P 99 -17.18 -41.79 103.79
N THR P 100 -17.95 -42.85 104.04
CA THR P 100 -19.39 -42.86 103.85
C THR P 100 -20.07 -43.30 105.15
N PRO P 101 -20.27 -42.39 106.10
CA PRO P 101 -20.90 -42.77 107.37
C PRO P 101 -22.31 -43.32 107.22
N ASN P 102 -23.10 -42.81 106.27
CA ASN P 102 -24.50 -43.19 106.16
C ASN P 102 -24.77 -44.19 105.04
N GLY P 103 -23.74 -44.71 104.39
CA GLY P 103 -23.93 -45.64 103.29
C GLY P 103 -24.26 -44.92 101.99
N THR P 104 -24.34 -45.71 100.93
CA THR P 104 -24.57 -45.19 99.59
C THR P 104 -25.89 -45.66 98.99
N SER P 105 -26.89 -45.92 99.83
CA SER P 105 -28.19 -46.33 99.33
C SER P 105 -28.87 -45.23 98.53
N TYR P 106 -28.47 -43.97 98.75
CA TYR P 106 -29.05 -42.86 97.99
C TYR P 106 -28.64 -42.89 96.53
N LEU P 107 -27.56 -43.59 96.18
CA LEU P 107 -27.02 -43.57 94.83
C LEU P 107 -27.50 -44.73 93.97
N ASN P 108 -28.37 -45.58 94.49
CA ASN P 108 -28.91 -46.67 93.67
C ASN P 108 -29.77 -46.11 92.55
N ILE P 109 -29.61 -46.66 91.35
CA ILE P 109 -30.13 -46.04 90.15
C ILE P 109 -30.43 -47.13 89.12
N THR P 110 -31.29 -46.80 88.15
CA THR P 110 -31.59 -47.71 87.05
C THR P 110 -31.29 -47.12 85.68
N GLY P 111 -31.24 -45.79 85.54
CA GLY P 111 -30.99 -45.15 84.27
C GLY P 111 -29.53 -44.81 84.06
N GLU P 112 -29.29 -43.83 83.20
CA GLU P 112 -27.94 -43.38 82.91
C GLU P 112 -27.48 -42.40 83.96
N PRO P 113 -26.38 -42.67 84.69
CA PRO P 113 -25.89 -41.70 85.67
C PRO P 113 -25.55 -40.35 85.07
N SER P 114 -25.05 -40.33 83.82
CA SER P 114 -24.64 -39.07 83.21
C SER P 114 -25.82 -38.11 83.07
N SER P 115 -26.98 -38.63 82.69
CA SER P 115 -28.18 -37.81 82.54
C SER P 115 -29.07 -37.86 83.77
N THR P 116 -28.64 -38.53 84.83
CA THR P 116 -29.43 -38.59 86.07
C THR P 116 -28.85 -37.74 87.20
N PHE P 117 -27.54 -37.64 87.33
CA PHE P 117 -26.95 -36.91 88.43
C PHE P 117 -26.71 -35.45 88.05
N ARG P 118 -26.66 -34.59 89.06
CA ARG P 118 -26.44 -33.17 88.88
C ARG P 118 -25.82 -32.58 90.14
N VAL P 119 -24.94 -31.60 89.96
CA VAL P 119 -24.09 -31.12 91.03
C VAL P 119 -24.13 -29.60 91.08
N ALA P 120 -23.78 -29.05 92.24
CA ALA P 120 -23.68 -27.61 92.44
C ALA P 120 -22.75 -27.36 93.61
N SER P 121 -21.72 -26.55 93.40
CA SER P 121 -20.65 -26.38 94.37
C SER P 121 -20.71 -25.02 95.03
N ILE P 122 -20.55 -24.99 96.35
CA ILE P 122 -20.52 -23.74 97.09
C ILE P 122 -19.58 -23.87 98.31
N ALA P 123 -18.50 -23.10 98.31
CA ALA P 123 -17.62 -22.96 99.46
C ALA P 123 -17.18 -24.31 100.03
N ASP P 124 -17.84 -24.74 101.10
CA ASP P 124 -17.47 -25.94 101.84
C ASP P 124 -18.31 -27.15 101.48
N PHE P 125 -19.19 -27.05 100.49
CA PHE P 125 -20.08 -28.14 100.15
C PHE P 125 -20.19 -28.27 98.64
N THR P 126 -20.57 -29.47 98.20
CA THR P 126 -20.84 -29.75 96.80
C THR P 126 -22.09 -30.63 96.74
N PHE P 127 -23.25 -30.01 96.58
CA PHE P 127 -24.52 -30.72 96.61
C PHE P 127 -24.62 -31.70 95.45
N ILE P 128 -25.23 -32.85 95.71
CA ILE P 128 -25.48 -33.86 94.70
C ILE P 128 -26.98 -34.14 94.66
N VAL P 129 -27.55 -34.22 93.47
CA VAL P 129 -28.99 -34.35 93.29
C VAL P 129 -29.27 -35.58 92.45
N ASN P 130 -30.21 -36.41 92.92
CA ASN P 130 -30.67 -37.58 92.18
C ASN P 130 -31.99 -37.23 91.51
N ARG P 131 -31.98 -37.17 90.18
CA ARG P 131 -33.15 -36.74 89.42
C ARG P 131 -34.23 -37.80 89.31
N GLU P 132 -34.16 -38.87 90.08
CA GLU P 132 -35.15 -39.93 90.00
C GLU P 132 -35.87 -40.16 91.32
N LYS P 133 -35.23 -39.91 92.45
CA LYS P 133 -35.82 -40.17 93.76
C LYS P 133 -37.00 -39.26 94.01
N THR P 134 -38.06 -39.84 94.57
CA THR P 134 -39.28 -39.11 94.91
C THR P 134 -39.25 -38.76 96.39
N VAL P 135 -39.08 -37.48 96.70
CA VAL P 135 -39.01 -37.06 98.09
C VAL P 135 -40.36 -37.28 98.76
N ALA P 136 -40.33 -37.39 100.10
CA ALA P 136 -41.55 -37.65 100.84
C ALA P 136 -41.40 -37.14 102.26
N MET P 137 -42.49 -36.62 102.81
CA MET P 137 -42.52 -36.17 104.20
C MET P 137 -42.34 -37.36 105.14
N ASP P 138 -41.69 -37.12 106.27
CA ASP P 138 -41.61 -38.14 107.31
C ASP P 138 -42.94 -38.23 108.05
N THR P 139 -43.36 -39.45 108.36
CA THR P 139 -44.65 -39.68 109.00
C THR P 139 -44.53 -40.43 110.32
N THR P 140 -43.34 -40.89 110.70
CA THR P 140 -43.18 -41.67 111.92
C THR P 140 -42.81 -40.78 113.11
N ASN P 141 -41.68 -40.09 113.02
CA ASN P 141 -41.20 -39.23 114.10
C ASN P 141 -41.89 -37.88 114.01
N LYS P 142 -43.16 -37.87 114.40
CA LYS P 142 -43.96 -36.66 114.33
C LYS P 142 -43.50 -35.67 115.41
N SER P 143 -44.16 -34.51 115.42
CA SER P 143 -43.80 -33.44 116.34
C SER P 143 -44.38 -33.72 117.72
N TYR P 144 -44.36 -32.72 118.59
CA TYR P 144 -44.89 -32.87 119.93
C TYR P 144 -46.39 -33.11 119.88
N ASN P 145 -46.92 -33.68 120.96
CA ASN P 145 -48.35 -33.91 121.10
C ASN P 145 -48.96 -32.86 122.02
N TRP P 146 -50.27 -32.66 121.85
CA TRP P 146 -50.98 -31.67 122.66
C TRP P 146 -50.88 -31.99 124.14
N GLY P 147 -51.23 -33.22 124.52
CA GLY P 147 -51.35 -33.58 125.92
C GLY P 147 -52.72 -33.17 126.44
N THR P 148 -53.44 -34.11 127.04
CA THR P 148 -54.79 -33.83 127.53
C THR P 148 -54.70 -33.27 128.94
N LYS P 149 -54.13 -32.06 129.03
CA LYS P 149 -53.94 -31.38 130.29
C LYS P 149 -54.46 -29.96 130.18
N SER P 150 -54.93 -29.42 131.30
CA SER P 150 -55.43 -28.06 131.34
C SER P 150 -55.23 -27.51 132.75
N MET P 151 -55.30 -26.19 132.86
CA MET P 151 -55.10 -25.51 134.13
C MET P 151 -56.19 -24.48 134.33
N VAL P 152 -56.52 -24.22 135.59
CA VAL P 152 -57.50 -23.21 135.96
C VAL P 152 -56.76 -22.07 136.64
N PHE P 153 -56.88 -20.87 136.09
CA PHE P 153 -56.15 -19.71 136.55
C PHE P 153 -57.09 -18.82 137.35
N ILE P 154 -56.69 -18.47 138.57
CA ILE P 154 -57.43 -17.55 139.43
C ILE P 154 -56.60 -16.27 139.51
N LYS P 155 -57.22 -15.15 139.14
CA LYS P 155 -56.48 -13.90 139.03
C LYS P 155 -56.50 -13.09 140.32
N SER P 156 -57.68 -12.73 140.81
CA SER P 156 -57.80 -11.95 142.03
C SER P 156 -59.02 -12.42 142.80
N ALA P 157 -59.22 -11.82 143.98
CA ALA P 157 -60.33 -12.19 144.86
C ALA P 157 -61.04 -10.94 145.34
N ASP P 158 -62.34 -11.09 145.62
CA ASP P 158 -63.17 -9.98 146.06
C ASP P 158 -64.14 -10.48 147.13
N PHE P 159 -64.56 -9.57 148.01
CA PHE P 159 -65.45 -9.94 149.10
C PHE P 159 -66.79 -10.45 148.59
N SER P 160 -67.30 -11.49 149.25
CA SER P 160 -68.66 -11.99 149.04
C SER P 160 -68.90 -12.37 147.57
N THR P 161 -68.06 -13.27 147.06
CA THR P 161 -68.17 -13.71 145.68
C THR P 161 -68.06 -15.22 145.61
N THR P 162 -69.03 -15.85 144.94
CA THR P 162 -69.07 -17.31 144.80
C THR P 162 -68.51 -17.68 143.43
N TYR P 163 -67.59 -18.64 143.42
CA TYR P 163 -67.00 -19.14 142.18
C TYR P 163 -67.59 -20.49 141.82
N ARG P 164 -67.95 -20.64 140.54
CA ARG P 164 -68.49 -21.87 140.00
C ARG P 164 -67.56 -22.40 138.93
N VAL P 165 -67.25 -23.69 139.00
CA VAL P 165 -66.40 -24.36 138.02
C VAL P 165 -67.19 -25.52 137.43
N LYS P 166 -67.33 -25.53 136.10
CA LYS P 166 -68.07 -26.58 135.40
C LYS P 166 -67.07 -27.47 134.66
N LEU P 167 -67.01 -28.73 135.05
CA LEU P 167 -66.14 -29.72 134.42
C LEU P 167 -66.98 -30.91 134.00
N ASN P 168 -66.98 -31.19 132.69
CA ASN P 168 -67.73 -32.32 132.13
C ASN P 168 -69.21 -32.24 132.46
N GLY P 169 -69.74 -31.02 132.56
CA GLY P 169 -71.15 -30.82 132.77
C GLY P 169 -71.60 -30.73 134.22
N THR P 170 -70.71 -30.98 135.18
CA THR P 170 -71.04 -30.86 136.59
C THR P 170 -70.36 -29.62 137.16
N GLU P 171 -71.01 -29.00 138.14
CA GLU P 171 -70.55 -27.73 138.70
C GLU P 171 -70.35 -27.86 140.20
N LYS P 172 -69.20 -27.39 140.69
CA LYS P 172 -68.91 -27.28 142.11
C LYS P 172 -68.69 -25.82 142.46
N SER P 173 -69.22 -25.39 143.60
CA SER P 173 -69.25 -23.98 143.96
C SER P 173 -68.50 -23.75 145.27
N VAL P 174 -67.73 -22.67 145.31
CA VAL P 174 -67.04 -22.22 146.51
C VAL P 174 -67.38 -20.76 146.73
N THR P 175 -67.81 -20.43 147.94
CA THR P 175 -68.24 -19.07 148.29
C THR P 175 -67.26 -18.45 149.26
N THR P 176 -66.78 -17.26 148.93
CA THR P 176 -65.87 -16.53 149.81
C THR P 176 -66.67 -15.68 150.81
N GLY P 177 -65.95 -15.16 151.81
CA GLY P 177 -66.58 -14.34 152.82
C GLY P 177 -66.82 -12.92 152.36
N ASN P 178 -67.57 -12.19 153.18
CA ASN P 178 -67.91 -10.81 152.89
C ASN P 178 -66.78 -9.90 153.35
N SER P 179 -67.04 -8.58 153.37
CA SER P 179 -66.02 -7.63 153.79
C SER P 179 -65.69 -7.77 155.27
N SER P 180 -66.65 -8.22 156.09
CA SER P 180 -66.40 -8.39 157.51
C SER P 180 -65.46 -9.55 157.82
N GLY P 181 -65.27 -10.47 156.86
CA GLY P 181 -64.39 -11.60 157.04
C GLY P 181 -62.96 -11.28 156.66
N SER P 182 -62.15 -12.32 156.59
CA SER P 182 -60.76 -12.18 156.21
C SER P 182 -60.63 -11.84 154.72
N ALA P 183 -59.49 -11.29 154.36
CA ALA P 183 -59.25 -10.94 152.96
C ALA P 183 -59.12 -12.21 152.13
N PRO P 184 -59.95 -12.40 151.11
CA PRO P 184 -59.85 -13.62 150.30
C PRO P 184 -58.56 -13.67 149.51
N ASP P 185 -58.08 -14.89 149.28
CA ASP P 185 -56.84 -15.06 148.54
C ASP P 185 -56.98 -16.17 147.51
N THR P 186 -56.37 -15.95 146.35
CA THR P 186 -56.46 -16.88 145.24
C THR P 186 -55.92 -18.26 145.62
N VAL P 187 -54.88 -18.30 146.45
CA VAL P 187 -54.27 -19.57 146.82
C VAL P 187 -55.28 -20.45 147.56
N THR P 188 -55.90 -19.89 148.61
CA THR P 188 -56.87 -20.67 149.38
C THR P 188 -58.09 -21.01 148.54
N ILE P 189 -58.57 -20.06 147.73
CA ILE P 189 -59.75 -20.33 146.92
C ILE P 189 -59.47 -21.44 145.92
N ALA P 190 -58.30 -21.42 145.28
CA ALA P 190 -57.93 -22.45 144.33
C ALA P 190 -57.77 -23.81 145.02
N SER P 191 -57.20 -23.81 146.22
CA SER P 191 -57.08 -25.07 146.95
C SER P 191 -58.46 -25.66 147.25
N ASP P 192 -59.39 -24.82 147.71
CA ASP P 192 -60.74 -25.31 148.00
C ASP P 192 -61.42 -25.83 146.74
N LEU P 193 -61.30 -25.09 145.63
CA LEU P 193 -61.90 -25.54 144.38
C LEU P 193 -61.30 -26.87 143.93
N ALA P 194 -59.98 -26.99 144.00
CA ALA P 194 -59.32 -28.21 143.54
C ALA P 194 -59.75 -29.41 144.38
N THR P 195 -59.79 -29.26 145.70
CA THR P 195 -60.27 -30.39 146.50
C THR P 195 -61.76 -30.65 146.30
N GLN P 196 -62.51 -29.65 145.84
CA GLN P 196 -63.91 -29.89 145.51
C GLN P 196 -64.05 -30.74 144.24
N LEU P 197 -63.35 -30.38 143.17
CA LEU P 197 -63.46 -31.18 141.95
C LEU P 197 -62.66 -32.48 142.00
N ASN P 198 -61.76 -32.64 142.97
CA ASN P 198 -60.99 -33.89 143.03
C ASN P 198 -61.87 -35.09 143.31
N THR P 199 -63.06 -34.90 143.88
CA THR P 199 -63.97 -36.01 144.14
C THR P 199 -64.56 -36.60 142.87
N ILE P 200 -64.43 -35.92 141.73
CA ILE P 200 -64.99 -36.42 140.48
C ILE P 200 -64.13 -37.58 139.98
N SER P 201 -64.76 -38.73 139.79
CA SER P 201 -64.05 -39.90 139.32
C SER P 201 -63.65 -39.75 137.86
N GLY P 202 -62.51 -40.35 137.51
CA GLY P 202 -61.98 -40.26 136.17
C GLY P 202 -61.19 -39.01 135.86
N PHE P 203 -61.03 -38.12 136.84
CA PHE P 203 -60.30 -36.87 136.65
C PHE P 203 -59.26 -36.71 137.74
N THR P 204 -58.11 -36.16 137.38
CA THR P 204 -57.05 -35.86 138.33
C THR P 204 -57.00 -34.35 138.53
N VAL P 205 -57.27 -33.89 139.74
CA VAL P 205 -57.31 -32.47 140.06
C VAL P 205 -56.24 -32.18 141.11
N THR P 206 -55.36 -31.23 140.80
CA THR P 206 -54.31 -30.81 141.71
C THR P 206 -54.19 -29.29 141.68
N SER P 207 -53.68 -28.73 142.76
CA SER P 207 -53.55 -27.28 142.91
C SER P 207 -52.17 -26.92 143.42
N THR P 208 -51.67 -25.78 142.95
CA THR P 208 -50.47 -25.16 143.48
C THR P 208 -50.57 -23.67 143.20
N ASP P 209 -50.18 -22.85 144.19
CA ASP P 209 -50.33 -21.40 144.12
C ASP P 209 -51.78 -21.04 143.79
N TYR P 210 -52.00 -20.43 142.63
CA TYR P 210 -53.34 -20.07 142.18
C TYR P 210 -53.70 -20.83 140.91
N ILE P 211 -53.11 -22.00 140.72
CA ILE P 211 -53.33 -22.81 139.52
C ILE P 211 -53.94 -24.14 139.93
N ILE P 212 -55.02 -24.53 139.27
CA ILE P 212 -55.66 -25.82 139.47
C ILE P 212 -55.38 -26.66 138.24
N ARG P 213 -54.67 -27.76 138.41
CA ARG P 213 -54.28 -28.63 137.31
C ARG P 213 -55.25 -29.79 137.18
N ILE P 214 -55.80 -29.98 135.99
CA ILE P 214 -56.81 -30.99 135.72
C ILE P 214 -56.29 -31.91 134.63
N THR P 215 -56.39 -33.22 134.85
CA THR P 215 -55.95 -34.22 133.89
C THR P 215 -56.90 -35.42 133.94
N LYS P 216 -57.29 -35.91 132.77
CA LYS P 216 -58.17 -37.07 132.69
C LYS P 216 -57.35 -38.34 132.54
N ASP P 217 -57.70 -39.36 133.32
CA ASP P 217 -56.91 -40.59 133.33
C ASP P 217 -56.96 -41.31 131.98
N ASP P 218 -58.14 -41.38 131.36
CA ASP P 218 -58.26 -42.05 130.08
C ASP P 218 -57.75 -41.22 128.90
N GLY P 219 -57.44 -39.94 129.13
CA GLY P 219 -56.93 -39.08 128.09
C GLY P 219 -57.98 -38.48 127.18
N GLY P 220 -59.26 -38.75 127.41
CA GLY P 220 -60.30 -38.18 126.59
C GLY P 220 -60.53 -36.71 126.87
N ASP P 221 -61.26 -36.07 125.97
CA ASP P 221 -61.54 -34.65 126.09
C ASP P 221 -62.70 -34.41 127.04
N TYR P 222 -62.85 -33.15 127.44
CA TYR P 222 -63.91 -32.73 128.35
C TYR P 222 -64.10 -31.23 128.21
N THR P 223 -65.22 -30.74 128.72
CA THR P 223 -65.50 -29.31 128.70
C THR P 223 -65.00 -28.66 129.98
N LEU P 224 -64.77 -27.35 129.88
CA LEU P 224 -64.30 -26.57 131.02
C LEU P 224 -64.87 -25.17 130.94
N GLU P 225 -65.40 -24.68 132.05
CA GLU P 225 -65.96 -23.32 132.11
C GLU P 225 -66.11 -22.95 133.57
N SER P 226 -65.59 -21.78 133.95
CA SER P 226 -65.70 -21.28 135.30
C SER P 226 -66.09 -19.81 135.28
N SER P 227 -66.75 -19.38 136.34
CA SER P 227 -67.20 -17.99 136.43
C SER P 227 -67.52 -17.65 137.87
N ASP P 228 -67.27 -16.39 138.23
CA ASP P 228 -67.63 -15.85 139.53
C ASP P 228 -68.92 -15.07 139.42
N THR P 229 -69.42 -14.62 140.57
CA THR P 229 -70.74 -14.01 140.64
C THR P 229 -70.73 -12.49 140.54
N LYS P 230 -69.61 -11.87 140.18
CA LYS P 230 -69.56 -10.42 140.01
C LYS P 230 -69.32 -10.01 138.57
N THR P 231 -68.20 -10.43 137.97
CA THR P 231 -67.85 -10.03 136.62
C THR P 231 -67.36 -11.15 135.73
N ALA P 232 -67.07 -12.34 136.25
CA ALA P 232 -66.50 -13.45 135.49
C ALA P 232 -65.18 -13.07 134.83
N ASP P 233 -64.34 -12.31 135.54
CA ASP P 233 -63.02 -11.95 135.05
C ASP P 233 -61.88 -12.54 135.86
N ALA P 234 -62.07 -12.76 137.17
CA ALA P 234 -60.97 -13.21 138.02
C ALA P 234 -60.56 -14.65 137.74
N THR P 235 -61.37 -15.40 136.98
CA THR P 235 -61.06 -16.78 136.65
C THR P 235 -60.79 -16.92 135.16
N SER P 236 -59.91 -17.87 134.83
CA SER P 236 -59.53 -18.12 133.44
C SER P 236 -59.46 -19.63 133.24
N ALA P 237 -60.41 -20.17 132.48
CA ALA P 237 -60.44 -21.61 132.18
C ALA P 237 -59.54 -21.84 130.98
N ILE P 238 -58.29 -22.20 131.25
CA ILE P 238 -57.30 -22.43 130.20
C ILE P 238 -57.52 -23.83 129.65
N LYS P 239 -58.10 -23.93 128.46
CA LYS P 239 -58.42 -25.21 127.86
C LYS P 239 -58.26 -25.11 126.35
N GLY P 240 -57.43 -25.96 125.78
CA GLY P 240 -57.27 -25.97 124.33
C GLY P 240 -56.78 -24.63 123.84
N THR P 241 -57.68 -23.90 123.19
CA THR P 241 -57.38 -22.58 122.66
C THR P 241 -58.08 -21.50 123.49
N VAL P 242 -57.51 -20.30 123.47
CA VAL P 242 -58.03 -19.15 124.19
C VAL P 242 -58.09 -17.96 123.24
N ASP P 243 -58.48 -16.81 123.78
CA ASP P 243 -58.72 -15.64 122.93
C ASP P 243 -57.43 -14.93 122.56
N SER P 244 -56.71 -14.42 123.56
CA SER P 244 -55.51 -13.62 123.30
C SER P 244 -54.42 -13.98 124.30
N ILE P 245 -53.18 -13.66 123.92
CA ILE P 245 -52.02 -13.97 124.76
C ILE P 245 -52.05 -13.21 126.08
N THR P 246 -52.80 -12.11 126.15
CA THR P 246 -52.87 -11.33 127.38
C THR P 246 -53.45 -12.13 128.54
N ASP P 247 -54.14 -13.24 128.24
CA ASP P 247 -54.72 -14.06 129.29
C ASP P 247 -53.78 -15.14 129.80
N LEU P 248 -52.56 -15.21 129.29
CA LEU P 248 -51.64 -16.27 129.70
C LEU P 248 -51.12 -16.01 131.12
N PRO P 249 -51.14 -17.01 131.99
CA PRO P 249 -50.56 -16.84 133.33
C PRO P 249 -49.05 -16.75 133.28
N THR P 250 -48.48 -16.11 134.30
CA THR P 250 -47.05 -15.88 134.33
C THR P 250 -46.27 -17.20 134.39
N ILE P 251 -46.71 -18.12 135.25
CA ILE P 251 -46.03 -19.40 135.42
C ILE P 251 -46.78 -20.47 134.66
N ALA P 252 -46.02 -21.46 134.18
CA ALA P 252 -46.59 -22.57 133.42
C ALA P 252 -45.58 -23.71 133.42
N GLU P 253 -45.97 -24.81 132.79
CA GLU P 253 -45.08 -25.94 132.61
C GLU P 253 -44.35 -25.80 131.28
N HIS P 254 -43.08 -26.21 131.27
CA HIS P 254 -42.31 -26.16 130.03
C HIS P 254 -42.89 -27.12 129.00
N ASN P 255 -42.75 -26.75 127.73
CA ASN P 255 -43.26 -27.48 126.57
C ASN P 255 -44.78 -27.53 126.54
N PHE P 256 -45.46 -26.69 127.32
CA PHE P 256 -46.91 -26.62 127.28
C PHE P 256 -47.37 -25.90 126.01
N THR P 257 -48.36 -26.46 125.34
CA THR P 257 -48.82 -25.96 124.06
C THR P 257 -50.23 -25.38 124.20
N VAL P 258 -50.39 -24.12 123.80
CA VAL P 258 -51.68 -23.45 123.78
C VAL P 258 -51.84 -22.78 122.42
N ARG P 259 -53.09 -22.60 122.00
CA ARG P 259 -53.41 -21.97 120.73
C ARG P 259 -54.06 -20.62 120.99
N ILE P 260 -53.71 -19.63 120.16
CA ILE P 260 -54.29 -18.30 120.23
C ILE P 260 -55.15 -18.09 119.00
N GLN P 261 -56.40 -17.71 119.22
CA GLN P 261 -57.33 -17.46 118.11
C GLN P 261 -57.01 -16.11 117.49
N GLY P 262 -56.45 -16.13 116.29
CA GLY P 262 -56.11 -14.91 115.60
C GLY P 262 -57.34 -14.18 115.12
N SER P 263 -57.12 -12.93 114.71
CA SER P 263 -58.18 -12.05 114.22
C SER P 263 -57.96 -11.81 112.73
N ALA P 264 -58.81 -12.43 111.91
CA ALA P 264 -58.77 -12.17 110.48
C ALA P 264 -59.14 -10.74 110.14
N THR P 265 -59.77 -10.03 111.08
CA THR P 265 -60.02 -8.60 110.90
C THR P 265 -58.71 -7.83 110.72
N THR P 266 -57.64 -8.30 111.34
CA THR P 266 -56.33 -7.70 111.20
C THR P 266 -55.47 -8.39 110.15
N ALA P 267 -56.05 -9.33 109.40
CA ALA P 267 -55.36 -10.07 108.33
C ALA P 267 -54.22 -10.94 108.87
N PHE P 268 -54.32 -11.37 110.13
CA PHE P 268 -53.44 -12.39 110.68
C PHE P 268 -54.28 -13.60 111.07
N ASP P 269 -53.84 -14.79 110.65
CA ASP P 269 -54.53 -16.02 110.98
C ASP P 269 -54.11 -16.49 112.37
N ASP P 270 -54.48 -17.72 112.72
CA ASP P 270 -54.17 -18.24 114.04
C ASP P 270 -52.68 -18.56 114.16
N TYR P 271 -52.26 -18.82 115.39
CA TYR P 271 -50.90 -19.30 115.66
C TYR P 271 -50.91 -19.97 117.03
N PHE P 272 -49.75 -20.49 117.42
CA PHE P 272 -49.60 -21.24 118.65
C PHE P 272 -48.45 -20.68 119.47
N VAL P 273 -48.46 -20.97 120.76
CA VAL P 273 -47.42 -20.52 121.68
C VAL P 273 -47.00 -21.69 122.57
N LYS P 274 -45.69 -21.82 122.79
CA LYS P 274 -45.13 -22.88 123.60
C LYS P 274 -44.37 -22.30 124.78
N PHE P 275 -44.17 -23.12 125.82
CA PHE P 275 -43.57 -22.68 127.06
C PHE P 275 -42.28 -23.44 127.33
N GLU P 276 -41.36 -22.77 128.02
CA GLU P 276 -40.13 -23.38 128.50
C GLU P 276 -39.72 -22.70 129.80
N ALA P 277 -39.55 -23.47 130.86
CA ALA P 277 -39.23 -22.91 132.16
C ALA P 277 -37.84 -22.28 132.15
N THR P 278 -37.71 -21.19 132.89
CA THR P 278 -36.40 -20.52 133.00
C THR P 278 -35.37 -21.43 133.65
N ALA P 279 -35.79 -22.26 134.59
CA ALA P 279 -34.89 -23.22 135.22
C ALA P 279 -34.43 -24.31 134.26
N GLY P 280 -35.05 -24.43 133.08
CA GLY P 280 -34.66 -25.40 132.09
C GLY P 280 -35.42 -26.70 132.13
N SER P 281 -36.15 -26.99 133.22
CA SER P 281 -36.94 -28.20 133.33
C SER P 281 -37.95 -28.01 134.44
N GLY P 282 -38.96 -28.88 134.46
CA GLY P 282 -39.97 -28.80 135.50
C GLY P 282 -40.85 -27.56 135.37
N PHE P 283 -41.39 -27.15 136.51
CA PHE P 283 -42.28 -26.01 136.60
C PHE P 283 -41.52 -24.76 137.02
N GLY P 284 -41.87 -23.62 136.43
CA GLY P 284 -41.24 -22.37 136.75
C GLY P 284 -41.52 -21.31 135.69
N PRO P 285 -41.26 -20.05 136.03
CA PRO P 285 -41.46 -18.96 135.06
C PRO P 285 -40.69 -19.19 133.76
N GLY P 286 -41.17 -18.62 132.67
CA GLY P 286 -40.53 -18.83 131.39
C GLY P 286 -41.14 -17.94 130.33
N VAL P 287 -40.88 -18.28 129.08
CA VAL P 287 -41.30 -17.47 127.94
C VAL P 287 -42.32 -18.25 127.12
N TRP P 288 -43.20 -17.49 126.48
CA TRP P 288 -44.13 -18.02 125.48
C TRP P 288 -43.71 -17.51 124.11
N ARG P 289 -43.41 -18.43 123.19
CA ARG P 289 -42.90 -18.08 121.88
C ARG P 289 -43.77 -18.73 120.80
N GLU P 290 -43.84 -18.09 119.64
CA GLU P 290 -44.59 -18.64 118.53
C GLU P 290 -44.01 -19.98 118.11
N THR P 291 -44.84 -21.02 118.16
CA THR P 291 -44.40 -22.39 117.92
C THR P 291 -45.23 -23.05 116.83
N VAL P 292 -44.84 -24.27 116.50
CA VAL P 292 -45.58 -25.06 115.53
C VAL P 292 -46.72 -25.79 116.24
N ALA P 293 -47.80 -26.03 115.51
CA ALA P 293 -48.92 -26.78 116.05
C ALA P 293 -48.48 -28.22 116.35
N PRO P 294 -48.97 -28.81 117.43
CA PRO P 294 -48.54 -30.16 117.80
C PRO P 294 -49.29 -31.24 117.03
N ASN P 295 -48.81 -32.47 117.18
CA ASN P 295 -49.42 -33.65 116.57
C ASN P 295 -49.52 -33.52 115.05
N ILE P 296 -48.47 -32.98 114.43
CA ILE P 296 -48.41 -32.81 112.99
C ILE P 296 -47.01 -33.18 112.51
N ASP P 297 -46.94 -33.93 111.40
CA ASP P 297 -45.65 -34.25 110.81
C ASP P 297 -44.92 -32.97 110.43
N HIS P 298 -43.66 -32.86 110.87
CA HIS P 298 -42.91 -31.62 110.71
C HIS P 298 -41.46 -31.83 110.30
N LEU P 299 -41.08 -33.03 109.87
CA LEU P 299 -39.70 -33.33 109.52
C LEU P 299 -39.62 -33.82 108.08
N LEU P 300 -38.49 -33.52 107.44
CA LEU P 300 -38.20 -33.96 106.08
C LEU P 300 -37.32 -35.20 106.15
N ASP P 301 -37.67 -36.21 105.37
CA ASP P 301 -36.89 -37.44 105.33
C ASP P 301 -35.57 -37.16 104.63
N LYS P 302 -34.49 -37.04 105.42
CA LYS P 302 -33.19 -36.67 104.86
C LYS P 302 -32.61 -37.76 103.96
N SER P 303 -33.13 -38.98 104.03
CA SER P 303 -32.58 -40.09 103.25
C SER P 303 -33.01 -40.06 101.80
N THR P 304 -33.75 -39.04 101.37
CA THR P 304 -34.17 -38.93 99.98
C THR P 304 -33.78 -37.57 99.40
N MET P 305 -33.56 -36.59 100.26
CA MET P 305 -33.26 -35.25 99.83
C MET P 305 -31.76 -35.11 99.57
N PRO P 306 -31.35 -34.09 98.80
CA PRO P 306 -29.97 -34.05 98.30
C PRO P 306 -28.93 -34.10 99.41
N HIS P 307 -27.82 -34.76 99.11
CA HIS P 307 -26.70 -34.97 100.02
C HIS P 307 -25.58 -34.01 99.67
N THR P 308 -24.53 -34.02 100.51
CA THR P 308 -23.38 -33.14 100.34
C THR P 308 -22.09 -33.94 100.37
N LEU P 309 -21.05 -33.36 99.77
CA LEU P 309 -19.71 -33.93 99.79
C LEU P 309 -18.76 -32.88 100.34
N VAL P 310 -18.06 -33.20 101.43
CA VAL P 310 -17.25 -32.25 102.16
C VAL P 310 -15.80 -32.70 102.16
N ARG P 311 -14.88 -31.76 101.98
CA ARG P 311 -13.46 -32.01 102.13
C ARG P 311 -12.98 -31.45 103.46
N ASN P 312 -12.07 -32.15 104.10
CA ASN P 312 -11.53 -31.73 105.39
C ASN P 312 -10.16 -31.09 105.21
N ALA P 313 -9.58 -30.65 106.32
CA ALA P 313 -8.26 -30.02 106.28
C ALA P 313 -7.14 -31.02 106.07
N ASN P 314 -7.37 -32.29 106.35
CA ASN P 314 -6.34 -33.32 106.20
C ASN P 314 -6.39 -34.02 104.85
N GLY P 315 -7.31 -33.62 103.97
CA GLY P 315 -7.38 -34.16 102.62
C GLY P 315 -8.42 -35.24 102.41
N THR P 316 -8.94 -35.85 103.47
CA THR P 316 -9.95 -36.88 103.31
C THR P 316 -11.32 -36.24 103.11
N PHE P 317 -12.15 -36.92 102.31
CA PHE P 317 -13.49 -36.44 101.99
C PHE P 317 -14.53 -37.23 102.76
N THR P 318 -15.73 -36.66 102.84
CA THR P 318 -16.85 -37.28 103.56
C THR P 318 -18.13 -37.05 102.78
N PHE P 319 -18.93 -38.10 102.63
CA PHE P 319 -20.18 -38.05 101.89
C PHE P 319 -21.31 -38.41 102.86
N ALA P 320 -21.97 -37.40 103.42
CA ALA P 320 -22.99 -37.60 104.44
C ALA P 320 -24.19 -36.73 104.13
N GLN P 321 -25.28 -37.01 104.84
CA GLN P 321 -26.51 -36.27 104.65
C GLN P 321 -26.39 -34.84 105.15
N PHE P 322 -27.27 -33.98 104.67
CA PHE P 322 -27.34 -32.60 105.14
C PHE P 322 -28.41 -32.46 106.21
N ASN P 323 -28.21 -31.46 107.07
CA ASN P 323 -29.08 -31.27 108.24
C ASN P 323 -30.09 -30.17 107.93
N TYR P 324 -31.18 -30.55 107.27
CA TYR P 324 -32.26 -29.61 107.03
C TYR P 324 -33.16 -29.48 108.25
N THR P 325 -33.85 -28.36 108.33
CA THR P 325 -34.84 -28.12 109.38
C THR P 325 -36.25 -28.33 108.82
N GLY P 326 -37.19 -28.57 109.72
CA GLY P 326 -38.57 -28.81 109.36
C GLY P 326 -39.46 -27.62 109.68
N ARG P 327 -40.76 -27.88 109.60
CA ARG P 327 -41.74 -26.85 109.92
C ARG P 327 -41.59 -26.41 111.37
N VAL P 328 -41.53 -25.09 111.58
CA VAL P 328 -41.29 -24.54 112.91
C VAL P 328 -42.43 -23.70 113.43
N ALA P 329 -43.41 -23.35 112.60
CA ALA P 329 -44.53 -22.52 113.05
C ALA P 329 -45.72 -22.79 112.15
N GLY P 330 -46.90 -22.39 112.64
CA GLY P 330 -48.12 -22.58 111.89
C GLY P 330 -48.58 -24.04 111.90
N ASP P 331 -49.54 -24.32 111.03
CA ASP P 331 -50.08 -25.66 110.87
C ASP P 331 -49.96 -26.04 109.40
N THR P 332 -50.57 -27.17 109.04
CA THR P 332 -50.46 -27.66 107.66
C THR P 332 -51.06 -26.68 106.67
N THR P 333 -52.22 -26.11 106.99
CA THR P 333 -52.89 -25.20 106.05
C THR P 333 -52.13 -23.88 105.93
N THR P 334 -51.75 -23.29 107.06
CA THR P 334 -51.11 -21.97 107.02
C THR P 334 -49.66 -22.02 106.58
N ALA P 335 -49.01 -23.18 106.71
CA ALA P 335 -47.64 -23.37 106.24
C ALA P 335 -47.62 -24.64 105.39
N PRO P 336 -48.11 -24.55 104.15
CA PRO P 336 -48.25 -25.76 103.33
C PRO P 336 -46.91 -26.37 102.99
N ASN P 337 -46.94 -27.66 102.70
CA ASN P 337 -45.73 -28.35 102.30
C ASN P 337 -45.20 -27.76 101.00
N PRO P 338 -43.88 -27.60 100.87
CA PRO P 338 -43.33 -27.04 99.64
C PRO P 338 -43.66 -27.91 98.44
N THR P 339 -43.75 -27.26 97.28
CA THR P 339 -44.28 -27.93 96.08
C THR P 339 -43.44 -29.12 95.65
N PHE P 340 -42.16 -29.18 96.05
CA PHE P 340 -41.36 -30.32 95.63
C PHE P 340 -41.72 -31.59 96.38
N VAL P 341 -42.40 -31.47 97.52
CA VAL P 341 -42.79 -32.65 98.29
C VAL P 341 -43.80 -33.44 97.47
N GLY P 342 -43.51 -34.72 97.25
CA GLY P 342 -44.34 -35.56 96.42
C GLY P 342 -43.98 -35.58 94.95
N SER P 343 -42.85 -34.99 94.57
CA SER P 343 -42.43 -34.95 93.18
C SER P 343 -40.92 -34.92 93.11
N LYS P 344 -40.39 -35.35 91.96
CA LYS P 344 -38.95 -35.45 91.79
C LYS P 344 -38.30 -34.08 91.73
N ILE P 345 -37.07 -34.00 92.24
CA ILE P 345 -36.27 -32.78 92.14
C ILE P 345 -35.44 -32.83 90.87
N LYS P 346 -35.45 -31.74 90.11
CA LYS P 346 -34.84 -31.73 88.79
C LYS P 346 -33.43 -31.13 88.76
N ASN P 347 -33.21 -30.02 89.46
CA ASN P 347 -31.90 -29.38 89.43
C ASN P 347 -31.75 -28.46 90.64
N ILE P 348 -30.52 -28.04 90.89
CA ILE P 348 -30.18 -27.21 92.03
C ILE P 348 -29.20 -26.12 91.59
N ASN P 349 -29.36 -24.93 92.17
CA ASN P 349 -28.50 -23.81 91.84
C ASN P 349 -28.55 -22.80 92.98
N LEU P 350 -27.58 -21.88 92.99
CA LEU P 350 -27.51 -20.84 94.01
C LEU P 350 -27.61 -19.47 93.35
N PHE P 351 -28.44 -18.60 93.91
CA PHE P 351 -28.66 -17.28 93.32
C PHE P 351 -29.06 -16.31 94.41
N ARG P 352 -28.29 -15.23 94.54
CA ARG P 352 -28.59 -14.12 95.45
C ARG P 352 -28.75 -14.62 96.89
N ASN P 353 -27.65 -15.22 97.39
CA ASN P 353 -27.55 -15.80 98.72
C ASN P 353 -28.79 -16.56 99.14
N ARG P 354 -29.41 -17.26 98.19
CA ARG P 354 -30.51 -18.16 98.46
C ARG P 354 -30.30 -19.44 97.66
N LEU P 355 -30.84 -20.54 98.18
CA LEU P 355 -30.78 -21.83 97.51
C LEU P 355 -31.96 -21.97 96.58
N VAL P 356 -31.70 -22.45 95.36
CA VAL P 356 -32.73 -22.57 94.33
C VAL P 356 -32.94 -24.05 94.02
N PHE P 357 -34.18 -24.50 94.13
CA PHE P 357 -34.58 -25.84 93.75
C PHE P 357 -35.59 -25.76 92.60
N LEU P 358 -35.51 -26.72 91.69
CA LEU P 358 -36.48 -26.84 90.61
C LEU P 358 -37.29 -28.12 90.81
N ALA P 359 -38.59 -28.05 90.58
CA ALA P 359 -39.46 -29.20 90.76
C ALA P 359 -40.76 -28.95 90.02
N ASP P 360 -41.16 -29.91 89.18
CA ASP P 360 -42.37 -29.78 88.36
C ASP P 360 -42.34 -28.48 87.57
N GLU P 361 -43.38 -27.67 87.73
CA GLU P 361 -43.44 -26.35 87.14
C GLU P 361 -43.07 -25.26 88.13
N ASN P 362 -42.85 -25.61 89.38
CA ASN P 362 -42.56 -24.64 90.44
C ASN P 362 -41.06 -24.47 90.62
N VAL P 363 -40.67 -23.29 91.04
CA VAL P 363 -39.30 -23.01 91.47
C VAL P 363 -39.35 -22.60 92.93
N ILE P 364 -38.55 -23.26 93.76
CA ILE P 364 -38.56 -23.08 95.20
C ILE P 364 -37.25 -22.44 95.62
N LEU P 365 -37.34 -21.34 96.36
CA LEU P 365 -36.19 -20.63 96.89
C LEU P 365 -36.15 -20.79 98.39
N SER P 366 -34.94 -20.94 98.94
CA SER P 366 -34.77 -21.08 100.37
C SER P 366 -34.89 -19.71 101.05
N ALA P 367 -34.76 -19.72 102.37
CA ALA P 367 -34.78 -18.48 103.13
C ALA P 367 -33.51 -17.69 102.89
N ALA P 368 -33.55 -16.41 103.23
CA ALA P 368 -32.41 -15.53 103.00
C ALA P 368 -31.30 -15.82 104.00
N ASP P 369 -30.09 -16.03 103.47
CA ASP P 369 -28.88 -16.26 104.26
C ASP P 369 -29.01 -17.46 105.20
N SER P 370 -29.85 -18.44 104.85
CA SER P 370 -30.00 -19.65 105.65
C SER P 370 -30.40 -20.77 104.70
N PHE P 371 -29.45 -21.62 104.35
CA PHE P 371 -29.65 -22.59 103.28
C PHE P 371 -30.41 -23.83 103.73
N GLU P 372 -30.65 -24.01 105.03
CA GLU P 372 -31.28 -25.22 105.53
C GLU P 372 -32.71 -25.01 105.98
N ARG P 373 -33.32 -23.87 105.67
CA ARG P 373 -34.69 -23.57 106.09
C ARG P 373 -35.56 -23.37 104.85
N PHE P 374 -36.67 -24.11 104.79
CA PHE P 374 -37.60 -24.01 103.68
C PHE P 374 -39.03 -23.70 104.10
N PHE P 375 -39.35 -23.79 105.37
CA PHE P 375 -40.69 -23.47 105.85
C PHE P 375 -40.74 -22.05 106.37
N PRO P 376 -41.90 -21.39 106.34
CA PRO P 376 -41.98 -20.01 106.80
C PRO P 376 -41.63 -19.90 108.29
N GLU P 377 -40.92 -18.83 108.63
CA GLU P 377 -40.46 -18.64 110.00
C GLU P 377 -41.62 -18.32 110.93
N THR P 378 -42.46 -17.37 110.54
CA THR P 378 -43.61 -16.96 111.33
C THR P 378 -44.83 -16.83 110.43
N VAL P 379 -46.01 -17.01 111.02
CA VAL P 379 -47.25 -17.05 110.28
C VAL P 379 -48.10 -15.80 110.54
N GLN P 380 -47.70 -14.97 111.50
CA GLN P 380 -48.44 -13.76 111.82
C GLN P 380 -48.28 -12.67 110.78
N THR P 381 -47.07 -12.47 110.26
CA THR P 381 -46.82 -11.44 109.28
C THR P 381 -45.70 -11.91 108.35
N LEU P 382 -45.69 -11.36 107.14
CA LEU P 382 -44.68 -11.72 106.16
C LEU P 382 -43.34 -11.09 106.56
N LEU P 383 -42.27 -11.80 106.24
CA LEU P 383 -40.92 -11.26 106.31
C LEU P 383 -40.20 -11.55 105.00
N ASP P 384 -39.38 -10.59 104.56
CA ASP P 384 -38.70 -10.73 103.29
C ASP P 384 -37.66 -11.85 103.29
N SER P 385 -37.31 -12.38 104.46
CA SER P 385 -36.41 -13.53 104.56
C SER P 385 -37.15 -14.85 104.53
N ASP P 386 -38.36 -14.90 103.95
CA ASP P 386 -39.12 -16.14 103.92
C ASP P 386 -39.02 -16.82 102.56
N PRO P 387 -39.15 -18.14 102.52
CA PRO P 387 -39.03 -18.86 101.25
C PRO P 387 -40.11 -18.47 100.26
N ILE P 388 -39.77 -18.55 98.98
CA ILE P 388 -40.62 -18.12 97.89
C ILE P 388 -41.11 -19.36 97.14
N ASP P 389 -42.39 -19.36 96.78
CA ASP P 389 -43.00 -20.45 96.01
C ASP P 389 -43.65 -19.79 94.79
N ILE P 390 -43.28 -20.27 93.61
CA ILE P 390 -43.66 -19.63 92.36
C ILE P 390 -44.06 -20.70 91.35
N SER P 391 -45.08 -20.41 90.56
CA SER P 391 -45.45 -21.24 89.41
C SER P 391 -45.22 -20.44 88.14
N SER P 392 -44.84 -21.14 87.08
CA SER P 392 -44.57 -20.51 85.78
C SER P 392 -45.83 -20.52 84.94
N GLY P 393 -46.21 -19.35 84.44
CA GLY P 393 -47.39 -19.26 83.61
C GLY P 393 -47.16 -19.80 82.21
N GLY P 394 -48.27 -20.01 81.50
CA GLY P 394 -48.21 -20.49 80.14
C GLY P 394 -49.38 -21.38 79.77
N THR P 395 -49.78 -21.35 78.51
CA THR P 395 -50.90 -22.17 78.05
C THR P 395 -50.48 -23.60 77.71
N SER P 396 -49.20 -23.92 77.81
CA SER P 396 -48.70 -25.27 77.57
C SER P 396 -47.94 -25.75 78.79
N VAL P 397 -47.92 -27.08 78.98
CA VAL P 397 -47.25 -27.64 80.15
C VAL P 397 -45.74 -27.53 79.97
N ASN P 398 -45.08 -26.96 80.96
CA ASN P 398 -43.63 -26.76 80.94
C ASN P 398 -43.04 -27.29 82.23
N PHE P 399 -42.19 -28.31 82.13
CA PHE P 399 -41.47 -28.83 83.28
C PHE P 399 -40.05 -28.30 83.24
N LEU P 400 -39.68 -27.51 84.24
CA LEU P 400 -38.37 -26.89 84.26
C LEU P 400 -37.27 -27.93 84.45
N ASN P 401 -36.21 -27.82 83.66
CA ASN P 401 -35.12 -28.79 83.69
C ASN P 401 -33.80 -28.18 84.12
N SER P 402 -33.37 -27.09 83.48
CA SER P 402 -32.06 -26.53 83.76
C SER P 402 -32.16 -25.03 83.94
N SER P 403 -31.21 -24.48 84.71
CA SER P 403 -31.15 -23.07 85.00
C SER P 403 -29.71 -22.59 84.83
N LEU P 404 -29.55 -21.29 84.58
CA LEU P 404 -28.25 -20.71 84.34
C LEU P 404 -28.23 -19.26 84.82
N ALA P 405 -27.13 -18.88 85.48
CA ALA P 405 -26.93 -17.51 85.94
C ALA P 405 -26.00 -16.81 84.96
N PHE P 406 -26.51 -15.81 84.25
CA PHE P 406 -25.75 -15.17 83.18
C PHE P 406 -26.37 -13.81 82.89
N ALA P 407 -25.66 -13.01 82.09
CA ALA P 407 -26.09 -11.66 81.73
C ALA P 407 -26.38 -10.91 83.02
N ASN P 408 -27.62 -10.51 83.30
CA ASN P 408 -27.98 -9.91 84.57
C ASN P 408 -29.25 -10.55 85.14
N THR P 409 -29.50 -11.80 84.76
CA THR P 409 -30.75 -12.45 85.13
C THR P 409 -30.46 -13.92 85.43
N LEU P 410 -31.49 -14.63 85.86
CA LEU P 410 -31.43 -16.07 86.10
C LEU P 410 -32.34 -16.73 85.07
N LEU P 411 -31.75 -17.29 84.03
CA LEU P 411 -32.50 -17.91 82.95
C LEU P 411 -32.97 -19.29 83.36
N LEU P 412 -34.20 -19.63 82.98
CA LEU P 412 -34.76 -20.95 83.25
C LEU P 412 -35.21 -21.58 81.94
N PHE P 413 -34.82 -22.83 81.73
CA PHE P 413 -35.07 -23.53 80.49
C PHE P 413 -36.11 -24.63 80.70
N SER P 414 -37.01 -24.75 79.75
CA SER P 414 -38.01 -25.82 79.71
C SER P 414 -37.74 -26.72 78.51
N LEU P 415 -38.64 -27.67 78.29
CA LEU P 415 -38.51 -28.54 77.12
C LEU P 415 -38.98 -27.84 75.84
N HIS P 416 -39.76 -26.77 75.96
CA HIS P 416 -40.27 -26.10 74.77
C HIS P 416 -40.26 -24.57 74.89
N GLY P 417 -39.54 -24.02 75.85
CA GLY P 417 -39.55 -22.57 76.01
C GLY P 417 -38.43 -22.11 76.91
N GLN P 418 -38.34 -20.78 77.06
CA GLN P 418 -37.34 -20.14 77.89
C GLN P 418 -38.02 -19.13 78.81
N PHE P 419 -37.50 -19.00 80.02
CA PHE P 419 -38.08 -18.10 81.02
C PHE P 419 -36.95 -17.43 81.79
N ARG P 420 -37.29 -16.29 82.41
CA ARG P 420 -36.36 -15.59 83.27
C ARG P 420 -37.07 -15.22 84.57
N LEU P 421 -36.36 -15.33 85.68
CA LEU P 421 -36.87 -14.96 86.99
C LEU P 421 -36.17 -13.68 87.44
N ASP P 422 -36.95 -12.69 87.84
CA ASP P 422 -36.37 -11.42 88.23
C ASP P 422 -37.42 -10.58 88.93
N THR P 423 -36.95 -9.64 89.76
CA THR P 423 -37.79 -8.52 90.16
C THR P 423 -38.29 -7.78 88.92
N GLY P 424 -37.50 -7.79 87.85
CA GLY P 424 -37.88 -7.19 86.59
C GLY P 424 -37.42 -5.77 86.40
N SER P 425 -36.98 -5.10 87.46
CA SER P 425 -36.63 -3.69 87.37
C SER P 425 -35.33 -3.50 86.59
N THR P 426 -35.18 -2.30 86.02
CA THR P 426 -33.86 -1.86 85.61
C THR P 426 -32.92 -1.81 86.80
N SER P 427 -33.48 -1.71 88.01
CA SER P 427 -32.73 -1.90 89.24
C SER P 427 -32.41 -3.39 89.42
N VAL P 428 -31.19 -3.78 89.03
CA VAL P 428 -30.82 -5.19 89.01
C VAL P 428 -30.91 -5.81 90.39
N GLY P 429 -30.43 -5.09 91.40
CA GLY P 429 -30.37 -5.64 92.74
C GLY P 429 -31.53 -5.27 93.63
N THR P 430 -32.73 -5.19 93.07
CA THR P 430 -33.92 -4.89 93.86
C THR P 430 -34.20 -6.04 94.82
N ALA P 431 -34.84 -5.71 95.94
CA ALA P 431 -35.14 -6.71 96.95
C ALA P 431 -36.08 -7.77 96.40
N LEU P 432 -35.79 -9.03 96.72
CA LEU P 432 -36.63 -10.15 96.32
C LEU P 432 -37.62 -10.44 97.44
N THR P 433 -38.90 -10.19 97.17
CA THR P 433 -39.97 -10.34 98.15
C THR P 433 -41.06 -11.24 97.60
N PRO P 434 -41.89 -11.82 98.47
CA PRO P 434 -42.99 -12.66 97.98
C PRO P 434 -43.94 -11.96 97.04
N LYS P 435 -44.11 -10.65 97.15
CA LYS P 435 -44.98 -9.94 96.21
C LYS P 435 -44.24 -9.46 94.97
N THR P 436 -42.98 -9.84 94.78
CA THR P 436 -42.20 -9.30 93.67
C THR P 436 -41.54 -10.36 92.79
N ALA P 437 -41.28 -11.55 93.30
CA ALA P 437 -40.65 -12.58 92.48
C ALA P 437 -41.65 -13.13 91.47
N THR P 438 -41.20 -13.26 90.21
CA THR P 438 -42.10 -13.63 89.13
C THR P 438 -41.36 -14.52 88.12
N ILE P 439 -42.13 -15.10 87.21
CA ILE P 439 -41.61 -15.84 86.07
C ILE P 439 -42.30 -15.31 84.82
N THR P 440 -41.51 -14.93 83.81
CA THR P 440 -42.03 -14.41 82.56
C THR P 440 -41.42 -15.19 81.40
N ALA P 441 -42.23 -15.46 80.38
CA ALA P 441 -41.75 -16.14 79.20
C ALA P 441 -40.81 -15.24 78.41
N ILE P 442 -40.02 -15.86 77.52
CA ILE P 442 -39.18 -15.10 76.61
C ILE P 442 -39.40 -15.55 75.17
N THR P 443 -39.19 -16.84 74.90
CA THR P 443 -39.27 -17.38 73.56
C THR P 443 -39.85 -18.78 73.63
N THR P 444 -39.84 -19.48 72.48
CA THR P 444 -40.41 -20.83 72.39
C THR P 444 -39.51 -21.76 71.60
N PHE P 445 -38.21 -21.75 71.86
CA PHE P 445 -37.30 -22.65 71.18
C PHE P 445 -37.32 -24.03 71.86
N ASP P 446 -36.42 -24.91 71.42
CA ASP P 446 -36.37 -26.28 71.91
C ASP P 446 -35.10 -26.53 72.71
N ILE P 447 -35.15 -27.57 73.54
CA ILE P 447 -34.07 -27.91 74.46
C ILE P 447 -33.98 -29.42 74.57
N VAL P 448 -32.75 -29.95 74.62
CA VAL P 448 -32.50 -31.35 74.93
C VAL P 448 -32.14 -31.47 76.41
N ASP P 449 -32.63 -32.52 77.06
CA ASP P 449 -32.47 -32.67 78.50
C ASP P 449 -31.22 -33.44 78.90
N ALA P 450 -30.54 -34.09 77.95
CA ALA P 450 -29.41 -34.96 78.31
C ALA P 450 -28.26 -34.16 78.91
N ILE P 451 -27.95 -33.00 78.34
CA ILE P 451 -26.82 -32.21 78.77
C ILE P 451 -27.32 -30.86 79.28
N ASP P 452 -26.41 -30.14 79.96
CA ASP P 452 -26.76 -28.86 80.57
C ASP P 452 -26.28 -27.73 79.68
N PRO P 453 -27.14 -26.78 79.31
CA PRO P 453 -26.66 -25.63 78.52
C PRO P 453 -25.58 -24.86 79.25
N ILE P 454 -24.60 -24.39 78.49
CA ILE P 454 -23.40 -23.77 79.04
C ILE P 454 -23.31 -22.33 78.55
N GLY P 455 -22.42 -21.58 79.19
CA GLY P 455 -22.18 -20.19 78.81
C GLY P 455 -20.75 -19.94 78.40
N VAL P 456 -20.56 -19.47 77.17
CA VAL P 456 -19.24 -19.22 76.61
C VAL P 456 -19.12 -17.73 76.33
N GLY P 457 -18.13 -17.08 76.93
CA GLY P 457 -17.91 -15.66 76.70
C GLY P 457 -19.11 -14.80 77.04
N ARG P 458 -19.75 -14.26 76.01
CA ARG P 458 -20.96 -13.46 76.17
C ARG P 458 -22.20 -14.16 75.61
N THR P 459 -22.06 -15.39 75.14
CA THR P 459 -23.14 -16.11 74.48
C THR P 459 -23.55 -17.32 75.30
N VAL P 460 -24.73 -17.87 74.96
CA VAL P 460 -25.27 -19.05 75.62
C VAL P 460 -25.53 -20.11 74.57
N TYR P 461 -25.11 -21.34 74.85
CA TYR P 461 -25.20 -22.45 73.90
C TYR P 461 -26.05 -23.57 74.48
N PHE P 462 -26.75 -24.29 73.60
CA PHE P 462 -27.44 -25.51 73.98
C PHE P 462 -27.70 -26.33 72.72
N GLY P 463 -28.05 -27.59 72.93
CA GLY P 463 -28.35 -28.51 71.84
C GLY P 463 -29.84 -28.65 71.60
N ILE P 464 -30.20 -28.91 70.35
CA ILE P 464 -31.61 -29.06 69.97
C ILE P 464 -31.79 -30.41 69.28
N PRO P 465 -32.98 -31.01 69.37
CA PRO P 465 -33.18 -32.32 68.73
C PRO P 465 -33.59 -32.23 67.28
N LYS P 466 -32.89 -32.95 66.41
CA LYS P 466 -33.18 -32.99 64.99
C LYS P 466 -33.56 -34.39 64.56
N GLY P 467 -34.35 -35.07 65.38
CA GLY P 467 -34.72 -36.45 65.10
C GLY P 467 -33.74 -37.41 65.74
N ASP P 468 -33.27 -38.39 64.96
CA ASP P 468 -32.26 -39.31 65.46
C ASP P 468 -30.95 -38.57 65.74
N PHE P 469 -30.57 -37.67 64.85
CA PHE P 469 -29.38 -36.85 65.04
C PHE P 469 -29.74 -35.57 65.80
N SER P 470 -28.72 -34.97 66.41
CA SER P 470 -28.92 -33.80 67.26
C SER P 470 -28.13 -32.62 66.71
N GLY P 471 -28.66 -31.42 66.93
CA GLY P 471 -28.04 -30.21 66.44
C GLY P 471 -27.65 -29.29 67.59
N LEU P 472 -27.08 -28.14 67.21
CA LEU P 472 -26.58 -27.16 68.17
C LEU P 472 -27.10 -25.78 67.79
N ARG P 473 -27.60 -25.04 68.78
CA ARG P 473 -28.13 -23.70 68.57
C ARG P 473 -27.65 -22.77 69.66
N GLU P 474 -27.23 -21.57 69.28
CA GLU P 474 -26.78 -20.56 70.23
C GLU P 474 -27.62 -19.31 70.07
N TYR P 475 -27.85 -18.61 71.18
CA TYR P 475 -28.64 -17.39 71.13
C TYR P 475 -28.05 -16.36 72.07
N PHE P 476 -28.01 -15.11 71.60
CA PHE P 476 -27.25 -14.03 72.20
C PHE P 476 -28.19 -13.11 72.97
N LEU P 477 -27.83 -12.79 74.20
CA LEU P 477 -28.70 -12.00 75.08
C LEU P 477 -28.10 -10.62 75.34
N PRO P 478 -28.67 -9.56 74.75
CA PRO P 478 -28.27 -8.20 75.15
C PRO P 478 -28.86 -7.83 76.52
N ASP P 479 -28.75 -6.56 76.89
CA ASP P 479 -29.07 -6.07 78.23
C ASP P 479 -30.37 -6.61 78.80
N ALA P 480 -30.46 -6.71 80.13
CA ALA P 480 -31.58 -7.37 80.77
C ALA P 480 -32.90 -6.67 80.48
N SER P 481 -32.90 -5.34 80.51
CA SER P 481 -34.11 -4.56 80.27
C SER P 481 -34.41 -4.37 78.79
N GLY P 482 -33.57 -4.86 77.90
CA GLY P 482 -33.67 -4.56 76.49
C GLY P 482 -34.51 -5.55 75.71
N PRO P 483 -34.20 -5.67 74.42
CA PRO P 483 -35.07 -6.41 73.50
C PRO P 483 -35.04 -7.92 73.68
N ILE P 484 -35.83 -8.61 72.88
CA ILE P 484 -35.81 -10.07 72.88
C ILE P 484 -34.45 -10.55 72.39
N PRO P 485 -33.82 -11.53 73.05
CA PRO P 485 -32.48 -11.95 72.65
C PRO P 485 -32.44 -12.49 71.23
N LEU P 486 -31.34 -12.17 70.55
CA LEU P 486 -31.11 -12.67 69.19
C LEU P 486 -30.73 -14.15 69.22
N SER P 487 -31.19 -14.88 68.22
CA SER P 487 -30.95 -16.32 68.16
C SER P 487 -30.51 -16.70 66.75
N GLU P 488 -29.77 -17.80 66.66
CA GLU P 488 -29.27 -18.29 65.39
C GLU P 488 -28.96 -19.77 65.51
N GLU P 489 -29.02 -20.49 64.40
CA GLU P 489 -28.62 -21.88 64.34
C GLU P 489 -27.31 -22.01 63.58
N VAL P 490 -26.48 -22.94 64.01
CA VAL P 490 -25.16 -23.14 63.42
C VAL P 490 -24.98 -24.52 62.81
N THR P 491 -25.98 -25.40 62.92
CA THR P 491 -25.91 -26.73 62.34
C THR P 491 -26.87 -26.89 61.15
N SER P 492 -27.29 -25.77 60.55
CA SER P 492 -28.22 -25.86 59.43
C SER P 492 -27.58 -26.49 58.21
N SER P 493 -26.26 -26.42 58.09
CA SER P 493 -25.57 -27.01 56.94
C SER P 493 -25.15 -28.46 57.17
N VAL P 494 -25.31 -28.99 58.38
CA VAL P 494 -24.95 -30.37 58.66
C VAL P 494 -26.08 -31.04 59.42
N PRO P 495 -27.21 -31.34 58.77
CA PRO P 495 -28.36 -31.88 59.50
C PRO P 495 -28.19 -33.33 59.94
N ARG P 496 -27.18 -34.03 59.47
CA ARG P 496 -26.97 -35.44 59.81
C ARG P 496 -25.51 -35.69 60.18
N PHE P 497 -24.97 -34.86 61.08
CA PHE P 497 -23.57 -34.94 61.46
C PHE P 497 -23.38 -35.45 62.89
N VAL P 498 -23.99 -34.80 63.87
CA VAL P 498 -23.75 -35.12 65.28
C VAL P 498 -24.71 -36.24 65.67
N PRO P 499 -24.23 -37.35 66.21
CA PRO P 499 -25.13 -38.44 66.60
C PRO P 499 -25.95 -38.08 67.83
N GLY P 500 -27.00 -38.87 68.06
CA GLY P 500 -27.87 -38.64 69.19
C GLY P 500 -27.29 -39.16 70.50
N ASN P 501 -28.02 -38.89 71.58
CA ASN P 501 -27.65 -39.31 72.93
C ASN P 501 -26.27 -38.75 73.32
N LEU P 502 -26.20 -37.42 73.38
CA LEU P 502 -24.99 -36.76 73.84
C LEU P 502 -24.73 -37.07 75.30
N ILE P 503 -23.45 -37.12 75.68
CA ILE P 503 -23.08 -37.47 77.04
C ILE P 503 -22.09 -36.49 77.62
N SER P 504 -21.48 -35.66 76.76
CA SER P 504 -20.46 -34.73 77.23
C SER P 504 -20.33 -33.57 76.27
N MET P 505 -20.67 -32.37 76.74
CA MET P 505 -20.42 -31.13 76.02
C MET P 505 -19.60 -30.23 76.93
N SER P 506 -18.46 -29.77 76.44
CA SER P 506 -17.54 -28.98 77.26
C SER P 506 -17.06 -27.75 76.50
N PRO P 507 -17.02 -26.59 77.16
CA PRO P 507 -16.56 -25.38 76.48
C PRO P 507 -15.07 -25.14 76.63
N SER P 508 -14.56 -24.11 75.95
CA SER P 508 -13.20 -23.64 76.16
C SER P 508 -13.16 -22.17 75.72
N VAL P 509 -13.23 -21.26 76.69
CA VAL P 509 -13.43 -19.85 76.36
C VAL P 509 -12.20 -19.27 75.67
N SER P 510 -11.01 -19.55 76.21
CA SER P 510 -9.80 -18.93 75.68
C SER P 510 -9.47 -19.45 74.29
N GLU P 511 -9.66 -20.75 74.05
CA GLU P 511 -9.37 -21.35 72.76
C GLU P 511 -10.62 -21.52 71.91
N GLU P 512 -11.76 -20.98 72.35
CA GLU P 512 -12.99 -20.88 71.58
C GLU P 512 -13.28 -22.16 70.77
N VAL P 513 -13.28 -23.27 71.48
CA VAL P 513 -13.56 -24.59 70.91
C VAL P 513 -14.66 -25.25 71.73
N ILE P 514 -15.61 -25.88 71.04
CA ILE P 514 -16.68 -26.63 71.69
C ILE P 514 -16.49 -28.10 71.32
N THR P 515 -16.46 -28.97 72.34
CA THR P 515 -16.21 -30.38 72.15
C THR P 515 -17.45 -31.18 72.53
N MET P 516 -17.86 -32.08 71.63
CA MET P 516 -19.03 -32.92 71.83
C MET P 516 -18.65 -34.38 71.67
N ILE P 517 -19.06 -35.20 72.62
CA ILE P 517 -18.82 -36.64 72.58
C ILE P 517 -20.16 -37.36 72.64
N SER P 518 -20.39 -38.25 71.68
CA SER P 518 -21.64 -38.99 71.60
C SER P 518 -21.48 -40.38 72.19
N LYS P 519 -22.54 -41.18 72.07
CA LYS P 519 -22.51 -42.57 72.53
C LYS P 519 -22.62 -43.58 71.41
N ASP P 520 -23.38 -43.28 70.35
CA ASP P 520 -23.47 -44.21 69.23
C ASP P 520 -22.15 -44.35 68.50
N GLN P 521 -21.25 -43.38 68.66
CA GLN P 521 -19.91 -43.43 68.06
C GLN P 521 -18.88 -43.37 69.16
N PRO P 522 -18.40 -44.51 69.67
CA PRO P 522 -17.49 -44.51 70.82
C PRO P 522 -16.03 -44.27 70.49
N ARG P 523 -15.70 -43.81 69.28
CA ARG P 523 -14.30 -43.58 68.91
C ARG P 523 -14.10 -42.24 68.21
N ARG P 524 -14.98 -41.27 68.45
CA ARG P 524 -14.87 -39.99 67.77
C ARG P 524 -15.13 -38.86 68.75
N VAL P 525 -14.50 -37.72 68.49
CA VAL P 525 -14.73 -36.48 69.22
C VAL P 525 -15.09 -35.41 68.21
N TYR P 526 -16.26 -34.80 68.38
CA TYR P 526 -16.74 -33.80 67.43
C TYR P 526 -16.32 -32.41 67.89
N ILE P 527 -15.70 -31.65 66.99
CA ILE P 527 -15.07 -30.38 67.33
C ILE P 527 -15.70 -29.27 66.51
N TYR P 528 -16.22 -28.25 67.19
CA TYR P 528 -16.81 -27.08 66.55
C TYR P 528 -15.95 -25.87 66.89
N LYS P 529 -15.48 -25.18 65.86
CA LYS P 529 -14.55 -24.06 66.02
C LYS P 529 -15.20 -22.80 65.48
N PHE P 530 -15.22 -21.75 66.31
CA PHE P 530 -15.89 -20.51 65.96
C PHE P 530 -14.97 -19.33 66.27
N PHE P 531 -15.25 -18.20 65.62
CA PHE P 531 -14.44 -17.01 65.82
C PHE P 531 -15.35 -15.79 65.80
N PHE P 532 -14.97 -14.75 66.54
CA PHE P 532 -15.79 -13.56 66.71
C PHE P 532 -15.00 -12.30 66.41
N ASP P 533 -15.72 -11.25 66.04
CA ASP P 533 -15.17 -9.91 65.88
C ASP P 533 -16.30 -8.92 66.13
N ASP P 534 -16.25 -8.23 67.28
CA ASP P 534 -17.33 -7.36 67.70
C ASP P 534 -18.64 -8.14 67.77
N ASP P 535 -19.42 -8.09 66.70
CA ASP P 535 -20.67 -8.83 66.62
C ASP P 535 -20.70 -9.84 65.48
N GLN P 536 -20.06 -9.53 64.36
CA GLN P 536 -20.10 -10.42 63.20
C GLN P 536 -19.33 -11.70 63.47
N LYS P 537 -19.76 -12.77 62.82
CA LYS P 537 -19.13 -14.08 62.92
C LYS P 537 -18.32 -14.34 61.66
N LEU P 538 -17.04 -14.67 61.83
CA LEU P 538 -16.14 -14.84 60.70
C LEU P 538 -15.84 -16.29 60.37
N GLN P 539 -15.72 -17.15 61.38
CA GLN P 539 -15.41 -18.56 61.16
C GLN P 539 -16.40 -19.41 61.93
N SER P 540 -16.91 -20.46 61.27
CA SER P 540 -17.80 -21.42 61.93
C SER P 540 -17.66 -22.74 61.15
N SER P 541 -16.91 -23.68 61.71
CA SER P 541 -16.55 -24.90 61.01
C SER P 541 -16.77 -26.11 61.90
N TRP P 542 -17.02 -27.25 61.26
CA TRP P 542 -17.22 -28.52 61.95
C TRP P 542 -16.19 -29.53 61.46
N SER P 543 -15.87 -30.48 62.32
CA SER P 543 -14.97 -31.59 62.01
C SER P 543 -14.99 -32.55 63.19
N TYR P 544 -14.33 -33.69 63.03
CA TYR P 544 -14.30 -34.67 64.10
C TYR P 544 -13.00 -35.44 64.08
N TRP P 545 -12.43 -35.66 65.26
CA TRP P 545 -11.19 -36.42 65.40
C TRP P 545 -11.51 -37.91 65.39
N GLU P 546 -10.51 -38.74 65.65
CA GLU P 546 -10.72 -40.19 65.64
C GLU P 546 -9.56 -40.84 66.38
N VAL P 547 -9.82 -42.01 66.95
CA VAL P 547 -8.84 -42.74 67.74
C VAL P 547 -8.64 -44.13 67.15
N ALA P 548 -7.84 -44.96 67.82
CA ALA P 548 -7.47 -46.27 67.31
C ALA P 548 -8.69 -47.20 67.37
N ALA P 549 -8.46 -48.47 67.05
CA ALA P 549 -9.53 -49.41 66.77
C ALA P 549 -9.92 -50.27 67.98
N ASN P 550 -9.52 -49.90 69.19
CA ASN P 550 -9.92 -50.69 70.35
C ASN P 550 -10.39 -49.89 71.55
N LYS P 551 -10.19 -48.57 71.58
CA LYS P 551 -10.56 -47.79 72.75
C LYS P 551 -12.06 -47.53 72.77
N THR P 552 -12.50 -46.83 73.81
CA THR P 552 -13.89 -46.43 73.97
C THR P 552 -13.94 -45.22 74.88
N LEU P 553 -14.28 -44.07 74.31
CA LEU P 553 -14.35 -42.84 75.09
C LEU P 553 -15.52 -42.88 76.07
N LEU P 554 -15.38 -42.18 77.19
CA LEU P 554 -16.45 -42.10 78.17
C LEU P 554 -16.97 -40.68 78.35
N GLY P 555 -16.10 -39.71 78.55
CA GLY P 555 -16.54 -38.34 78.72
C GLY P 555 -15.35 -37.41 78.73
N GLY P 556 -15.63 -36.14 78.48
CA GLY P 556 -14.58 -35.14 78.39
C GLY P 556 -14.89 -33.92 79.20
N ASN P 557 -13.85 -33.31 79.76
CA ASN P 557 -13.95 -32.05 80.48
C ASN P 557 -12.78 -31.17 80.07
N VAL P 558 -12.98 -29.86 80.20
CA VAL P 558 -11.96 -28.88 79.84
C VAL P 558 -11.66 -28.03 81.06
N LEU P 559 -10.39 -27.95 81.43
CA LEU P 559 -9.92 -27.07 82.48
C LEU P 559 -8.83 -26.19 81.90
N ASP P 560 -8.93 -24.88 82.13
CA ASP P 560 -7.99 -23.92 81.58
C ASP P 560 -8.02 -23.99 80.05
N SER P 561 -7.06 -24.70 79.46
CA SER P 561 -7.03 -24.88 78.01
C SER P 561 -6.66 -26.30 77.62
N ASP P 562 -6.73 -27.26 78.54
CA ASP P 562 -6.39 -28.65 78.26
C ASP P 562 -7.61 -29.52 78.45
N LEU P 563 -7.73 -30.54 77.58
CA LEU P 563 -8.84 -31.47 77.62
C LEU P 563 -8.42 -32.71 78.40
N TYR P 564 -9.23 -33.07 79.40
CA TYR P 564 -9.00 -34.28 80.19
C TYR P 564 -10.05 -35.31 79.81
N THR P 565 -9.61 -36.53 79.49
CA THR P 565 -10.49 -37.57 78.98
C THR P 565 -10.33 -38.82 79.81
N CYS P 566 -11.42 -39.55 79.99
CA CYS P 566 -11.44 -40.82 80.71
C CYS P 566 -11.70 -41.93 79.70
N VAL P 567 -10.64 -42.51 79.17
CA VAL P 567 -10.76 -43.56 78.16
C VAL P 567 -10.77 -44.92 78.87
N GLU P 568 -11.27 -45.93 78.17
CA GLU P 568 -11.40 -47.27 78.70
C GLU P 568 -10.72 -48.26 77.78
N TYR P 569 -9.88 -49.13 78.34
CA TYR P 569 -9.22 -50.21 77.63
C TYR P 569 -9.77 -51.54 78.11
N SER P 570 -9.14 -52.63 77.65
CA SER P 570 -9.60 -53.97 77.98
C SER P 570 -9.35 -54.35 79.43
N ASP P 571 -8.60 -53.54 80.18
CA ASP P 571 -8.29 -53.87 81.57
C ASP P 571 -8.70 -52.81 82.58
N GLY P 572 -8.89 -51.57 82.18
CA GLY P 572 -9.23 -50.53 83.13
C GLY P 572 -9.50 -49.21 82.45
N VAL P 573 -9.64 -48.18 83.27
CA VAL P 573 -9.95 -46.82 82.81
C VAL P 573 -8.72 -45.96 83.06
N TYR P 574 -8.26 -45.27 82.02
CA TYR P 574 -7.07 -44.44 82.09
C TYR P 574 -7.46 -42.96 81.95
N LEU P 575 -6.49 -42.10 82.22
CA LEU P 575 -6.66 -40.65 82.13
C LEU P 575 -5.71 -40.10 81.09
N GLU P 576 -6.26 -39.37 80.11
CA GLU P 576 -5.45 -38.74 79.08
C GLU P 576 -5.53 -37.22 79.20
N LYS P 577 -4.60 -36.55 78.55
CA LYS P 577 -4.57 -35.09 78.54
C LYS P 577 -4.18 -34.60 77.16
N THR P 578 -4.84 -33.55 76.69
CA THR P 578 -4.62 -32.98 75.38
C THR P 578 -4.46 -31.47 75.51
N GLN P 579 -3.64 -30.89 74.65
CA GLN P 579 -3.36 -29.46 74.67
C GLN P 579 -3.99 -28.81 73.45
N LEU P 580 -4.89 -27.85 73.70
CA LEU P 580 -5.61 -27.18 72.62
C LEU P 580 -4.96 -25.88 72.17
N ARG P 581 -3.91 -25.43 72.86
CA ARG P 581 -3.30 -24.16 72.51
C ARG P 581 -2.62 -24.26 71.15
N PRO P 582 -2.60 -23.17 70.39
CA PRO P 582 -1.89 -23.16 69.12
C PRO P 582 -0.40 -22.91 69.31
N GLU P 583 0.37 -23.36 68.32
CA GLU P 583 1.83 -23.20 68.31
C GLU P 583 2.50 -23.90 69.48
N THR P 584 1.92 -25.00 69.95
CA THR P 584 2.56 -25.79 70.98
C THR P 584 3.82 -26.45 70.43
N VAL P 585 4.79 -26.70 71.31
CA VAL P 585 6.08 -27.26 70.91
C VAL P 585 6.65 -28.07 72.05
N ASP P 586 7.30 -29.17 71.72
CA ASP P 586 7.98 -29.98 72.72
C ASP P 586 9.13 -29.20 73.34
N SER P 587 9.45 -29.53 74.58
CA SER P 587 10.40 -28.74 75.37
C SER P 587 11.79 -28.76 74.74
N GLY P 588 12.28 -27.58 74.38
CA GLY P 588 13.64 -27.40 73.92
C GLY P 588 13.86 -27.51 72.43
N THR P 589 12.94 -28.12 71.69
CA THR P 589 13.10 -28.30 70.25
C THR P 589 12.33 -27.20 69.51
N GLU P 590 12.18 -27.37 68.20
CA GLU P 590 11.47 -26.42 67.37
C GLU P 590 10.05 -26.85 67.02
N PHE P 591 9.80 -28.13 66.86
CA PHE P 591 8.48 -28.64 66.53
C PHE P 591 8.17 -29.85 67.39
N GLU P 592 6.87 -30.12 67.56
CA GLU P 592 6.43 -31.24 68.39
C GLU P 592 6.46 -32.54 67.58
N ILE P 593 6.05 -33.63 68.22
CA ILE P 593 5.95 -34.94 67.60
C ILE P 593 4.55 -35.47 67.85
N LEU P 594 3.90 -35.96 66.79
CA LEU P 594 2.49 -36.34 66.83
C LEU P 594 2.38 -37.85 67.07
N LEU P 595 1.97 -38.23 68.29
CA LEU P 595 1.79 -39.62 68.66
C LEU P 595 0.70 -39.73 69.71
N ASP P 596 -0.08 -40.81 69.65
CA ASP P 596 -1.06 -41.08 70.68
C ASP P 596 -0.41 -41.82 71.84
N ARG P 597 -0.96 -41.62 73.04
CA ARG P 597 -0.44 -42.25 74.26
C ARG P 597 1.04 -41.94 74.46
N LYS P 598 1.45 -40.74 74.08
CA LYS P 598 2.86 -40.37 74.08
C LYS P 598 3.39 -40.32 75.52
N THR P 599 4.30 -41.24 75.83
CA THR P 599 5.00 -41.24 77.11
C THR P 599 6.50 -41.29 76.85
N THR P 600 7.26 -40.56 77.66
CA THR P 600 8.69 -40.44 77.42
C THR P 600 9.42 -41.72 77.79
N GLU P 601 10.72 -41.74 77.49
CA GLU P 601 11.51 -42.94 77.72
C GLU P 601 11.69 -43.23 79.20
N ALA P 602 11.70 -42.18 80.04
CA ALA P 602 11.96 -42.37 81.46
C ALA P 602 10.90 -43.23 82.13
N ALA P 603 9.69 -43.26 81.57
CA ALA P 603 8.62 -44.06 82.14
C ALA P 603 8.66 -45.53 81.69
N CYS P 604 9.58 -45.88 80.80
CA CYS P 604 9.67 -47.24 80.29
C CYS P 604 11.05 -47.82 80.59
N SER P 605 11.10 -49.13 80.79
CA SER P 605 12.33 -49.85 81.07
C SER P 605 12.68 -50.76 79.89
N THR P 606 13.99 -50.91 79.66
CA THR P 606 14.49 -51.62 78.50
C THR P 606 15.43 -52.74 78.94
N SER P 607 15.57 -53.73 78.05
CA SER P 607 16.53 -54.81 78.21
C SER P 607 16.99 -55.24 76.82
N LEU P 608 18.19 -55.81 76.75
CA LEU P 608 18.84 -56.10 75.49
C LEU P 608 19.20 -57.57 75.40
N ILE P 609 19.27 -58.08 74.16
CA ILE P 609 19.46 -59.49 73.89
C ILE P 609 20.71 -59.65 73.04
N ASN P 610 21.54 -60.63 73.38
CA ASN P 610 22.75 -60.97 72.61
C ASN P 610 23.73 -59.81 72.58
N SER P 611 24.04 -59.28 73.76
CA SER P 611 24.87 -58.09 73.86
C SER P 611 26.30 -58.38 73.44
N GLY P 612 27.01 -57.32 73.05
CA GLY P 612 28.41 -57.40 72.72
C GLY P 612 28.72 -57.77 71.29
N ALA P 613 27.71 -58.06 70.48
CA ALA P 613 27.91 -58.47 69.09
C ALA P 613 27.21 -57.50 68.16
N LEU P 614 27.43 -57.68 66.87
CA LEU P 614 26.69 -56.92 65.87
C LEU P 614 25.26 -57.44 65.77
N GLY P 615 24.32 -56.53 65.55
CA GLY P 615 22.93 -56.92 65.41
C GLY P 615 22.27 -57.25 66.72
N VAL P 616 22.35 -56.35 67.69
CA VAL P 616 21.69 -56.54 68.98
C VAL P 616 20.26 -56.03 68.89
N GLN P 617 19.36 -56.70 69.61
CA GLN P 617 17.98 -56.28 69.73
C GLN P 617 17.69 -55.84 71.15
N THR P 618 16.86 -54.81 71.28
CA THR P 618 16.48 -54.26 72.57
C THR P 618 15.00 -54.54 72.80
N VAL P 619 14.66 -55.07 73.97
CA VAL P 619 13.27 -55.35 74.32
C VAL P 619 12.78 -54.22 75.21
N ILE P 620 11.73 -53.53 74.76
CA ILE P 620 11.16 -52.39 75.48
C ILE P 620 9.89 -52.85 76.17
N THR P 621 9.74 -52.46 77.44
CA THR P 621 8.58 -52.82 78.24
C THR P 621 7.74 -51.57 78.48
N LEU P 622 6.64 -51.45 77.74
CA LEU P 622 5.78 -50.29 77.87
C LEU P 622 5.07 -50.31 79.22
N PRO P 623 4.78 -49.13 79.80
CA PRO P 623 4.09 -49.11 81.10
C PRO P 623 2.69 -49.67 81.08
N TYR P 624 2.04 -49.77 79.93
CA TYR P 624 0.66 -50.19 79.82
C TYR P 624 0.52 -51.35 78.85
N PRO P 625 -0.52 -52.17 79.00
CA PRO P 625 -0.73 -53.26 78.05
C PRO P 625 -1.05 -52.75 76.65
N MET P 626 -0.69 -53.54 75.66
CA MET P 626 -0.82 -53.12 74.27
C MET P 626 -2.24 -53.30 73.76
N SER P 627 -2.54 -52.60 72.68
CA SER P 627 -3.70 -52.85 71.84
C SER P 627 -3.14 -53.30 70.49
N GLY P 628 -2.99 -54.62 70.34
CA GLY P 628 -2.22 -55.18 69.24
C GLY P 628 -2.72 -54.81 67.87
N THR P 629 -3.99 -54.43 67.74
CA THR P 629 -4.52 -54.05 66.43
C THR P 629 -3.81 -52.84 65.87
N GLY P 630 -3.52 -51.85 66.71
CA GLY P 630 -2.80 -50.67 66.27
C GLY P 630 -1.33 -50.96 66.01
N THR P 631 -0.65 -49.95 65.47
CA THR P 631 0.77 -50.04 65.17
C THR P 631 1.50 -48.96 65.95
N MET P 632 2.52 -49.36 66.69
CA MET P 632 3.30 -48.44 67.52
C MET P 632 4.68 -48.23 66.92
N ALA P 633 5.26 -47.06 67.20
CA ALA P 633 6.53 -46.68 66.63
C ALA P 633 7.41 -46.08 67.71
N VAL P 634 8.66 -45.77 67.34
CA VAL P 634 9.63 -45.15 68.24
C VAL P 634 10.29 -44.00 67.48
N VAL P 635 10.36 -42.85 68.14
CA VAL P 635 10.91 -41.64 67.52
C VAL P 635 11.98 -41.06 68.43
N GLY P 636 13.11 -40.67 67.85
CA GLY P 636 14.17 -40.03 68.63
C GLY P 636 13.74 -38.66 69.09
N ARG P 637 13.99 -38.35 70.37
CA ARG P 637 13.39 -37.19 71.02
C ARG P 637 14.33 -36.00 71.14
N PHE P 638 15.46 -36.18 71.82
CA PHE P 638 16.20 -35.06 72.38
C PHE P 638 17.17 -34.50 71.34
N ALA P 639 17.22 -33.17 71.25
CA ALA P 639 17.85 -32.48 70.13
C ALA P 639 19.37 -32.47 70.17
N SER P 640 20.00 -33.23 71.06
CA SER P 640 21.47 -33.26 71.09
C SER P 640 21.95 -34.52 71.80
N ASN P 641 23.25 -34.80 71.62
CA ASN P 641 23.99 -35.85 72.31
C ASN P 641 23.19 -37.14 72.54
N ASN P 642 22.68 -37.73 71.47
CA ASN P 642 21.88 -38.95 71.57
C ASN P 642 22.34 -39.94 70.52
N THR P 643 22.09 -41.22 70.79
CA THR P 643 22.43 -42.26 69.81
C THR P 643 21.54 -42.18 68.59
N ILE P 644 20.24 -41.97 68.80
CA ILE P 644 19.29 -41.87 67.70
C ILE P 644 19.18 -40.41 67.29
N ALA P 645 19.24 -40.15 65.99
CA ALA P 645 19.12 -38.78 65.50
C ALA P 645 17.71 -38.24 65.72
N HIS P 646 17.61 -36.91 65.77
CA HIS P 646 16.32 -36.27 65.98
C HIS P 646 15.34 -36.67 64.89
N GLY P 647 14.13 -37.07 65.31
CA GLY P 647 13.08 -37.37 64.37
C GLY P 647 13.21 -38.69 63.62
N GLN P 648 14.16 -39.53 63.99
CA GLN P 648 14.29 -40.83 63.35
C GLN P 648 13.23 -41.80 63.86
N VAL P 649 12.55 -42.45 62.94
CA VAL P 649 11.46 -43.37 63.27
C VAL P 649 11.95 -44.80 63.12
N ILE P 650 11.48 -45.66 64.02
CA ILE P 650 11.84 -47.08 64.01
C ILE P 650 10.58 -47.90 64.24
N LYS P 651 10.37 -48.91 63.40
CA LYS P 651 9.22 -49.79 63.52
C LYS P 651 9.67 -51.15 64.04
N ALA P 652 8.77 -51.79 64.80
CA ALA P 652 9.11 -53.02 65.48
C ALA P 652 9.28 -54.17 64.49
N THR P 653 9.99 -55.21 64.95
CA THR P 653 10.12 -56.45 64.21
C THR P 653 9.42 -57.62 64.86
N ALA P 654 9.04 -57.50 66.14
CA ALA P 654 8.29 -58.56 66.82
C ALA P 654 7.55 -57.94 67.98
N GLU P 655 6.21 -57.90 67.89
CA GLU P 655 5.37 -57.29 68.90
C GLU P 655 4.62 -58.37 69.67
N THR P 656 4.62 -58.27 70.99
CA THR P 656 3.85 -59.14 71.85
C THR P 656 2.79 -58.32 72.55
N LEU P 657 1.53 -58.75 72.44
CA LEU P 657 0.43 -57.97 73.00
C LEU P 657 0.57 -57.84 74.51
N THR P 658 0.93 -58.93 75.19
CA THR P 658 1.19 -58.89 76.61
C THR P 658 2.13 -60.04 76.96
N GLY P 659 2.77 -59.94 78.11
CA GLY P 659 3.72 -60.96 78.52
C GLY P 659 4.92 -60.42 79.27
N GLY P 660 5.06 -59.11 79.33
CA GLY P 660 6.11 -58.48 80.09
C GLY P 660 5.80 -58.50 81.58
N ALA P 661 6.51 -57.65 82.32
CA ALA P 661 6.26 -57.54 83.75
C ALA P 661 4.88 -56.94 84.00
N SER P 662 4.14 -57.56 84.93
CA SER P 662 2.82 -57.09 85.32
C SER P 662 1.85 -57.05 84.14
N GLY P 663 2.03 -57.95 83.17
CA GLY P 663 1.14 -58.01 82.03
C GLY P 663 1.33 -56.91 81.01
N ASN P 664 2.38 -56.11 81.13
CA ASN P 664 2.61 -55.02 80.19
C ASN P 664 3.08 -55.55 78.85
N GLY P 665 2.84 -54.75 77.81
CA GLY P 665 3.26 -55.14 76.47
C GLY P 665 4.75 -54.96 76.26
N THR P 666 5.27 -55.72 75.29
CA THR P 666 6.69 -55.67 74.95
C THR P 666 6.84 -55.39 73.45
N MET P 667 8.00 -54.87 73.08
CA MET P 667 8.28 -54.50 71.70
C MET P 667 9.78 -54.67 71.46
N THR P 668 10.14 -55.31 70.36
CA THR P 668 11.53 -55.62 70.03
C THR P 668 11.95 -54.83 68.79
N VAL P 669 13.03 -54.08 68.91
CA VAL P 669 13.54 -53.26 67.81
C VAL P 669 15.03 -53.54 67.63
N PRO P 670 15.59 -53.33 66.44
CA PRO P 670 17.02 -53.57 66.24
C PRO P 670 17.86 -52.48 66.87
N GLY P 671 19.16 -52.75 66.98
CA GLY P 671 20.08 -51.81 67.56
C GLY P 671 20.09 -51.89 69.08
N ASP P 672 20.96 -51.07 69.67
CA ASP P 672 21.09 -50.98 71.12
C ASP P 672 20.50 -49.65 71.58
N LEU P 673 19.39 -49.73 72.32
CA LEU P 673 18.72 -48.56 72.84
C LEU P 673 18.63 -48.62 74.36
N SER P 674 19.73 -49.01 75.01
CA SER P 674 19.77 -49.04 76.47
C SER P 674 20.06 -47.67 77.07
N SER P 675 20.49 -46.70 76.27
CA SER P 675 20.80 -45.37 76.79
C SER P 675 20.32 -44.24 75.90
N ALA P 676 19.50 -44.52 74.88
CA ALA P 676 19.02 -43.47 74.00
C ALA P 676 17.77 -42.81 74.57
N LYS P 677 17.37 -41.69 73.98
CA LYS P 677 16.18 -40.96 74.36
C LYS P 677 15.17 -41.04 73.22
N PHE P 678 13.96 -41.50 73.53
CA PHE P 678 12.98 -41.75 72.49
C PHE P 678 11.58 -41.71 73.06
N PHE P 679 10.61 -41.39 72.20
CA PHE P 679 9.20 -41.45 72.53
C PHE P 679 8.64 -42.83 72.20
N VAL P 680 7.35 -43.00 72.42
CA VAL P 680 6.66 -44.24 72.07
C VAL P 680 5.16 -43.97 72.04
N GLY P 681 4.48 -44.52 71.04
CA GLY P 681 3.06 -44.33 70.93
C GLY P 681 2.53 -44.87 69.61
N GLU P 682 1.28 -44.54 69.34
CA GLU P 682 0.60 -45.00 68.12
C GLU P 682 0.65 -43.92 67.05
N ILE P 683 0.06 -44.23 65.89
CA ILE P 683 0.05 -43.33 64.74
C ILE P 683 -1.38 -43.14 64.29
N TYR P 684 -1.76 -41.90 63.98
CA TYR P 684 -3.11 -41.56 63.55
C TYR P 684 -3.04 -40.77 62.26
N ASN P 685 -3.98 -41.04 61.35
CA ASN P 685 -3.97 -40.45 60.02
C ASN P 685 -4.82 -39.19 59.97
N MET P 686 -4.55 -38.36 58.96
CA MET P 686 -5.29 -37.14 58.71
C MET P 686 -5.74 -37.11 57.26
N THR P 687 -7.01 -36.82 57.04
CA THR P 687 -7.60 -36.84 55.70
C THR P 687 -8.40 -35.57 55.47
N TYR P 688 -8.16 -34.91 54.33
CA TYR P 688 -8.88 -33.70 53.95
C TYR P 688 -9.22 -33.82 52.47
N GLU P 689 -10.51 -33.83 52.15
CA GLU P 689 -10.99 -34.04 50.80
C GLU P 689 -11.58 -32.74 50.25
N PHE P 690 -11.00 -32.25 49.16
CA PHE P 690 -11.49 -31.02 48.55
C PHE P 690 -12.83 -31.27 47.88
N SER P 691 -13.55 -30.17 47.64
CA SER P 691 -14.87 -30.23 47.02
C SER P 691 -14.75 -29.98 45.53
N THR P 692 -15.90 -29.89 44.87
CA THR P 692 -15.92 -29.63 43.43
C THR P 692 -15.63 -28.15 43.17
N PRO P 693 -14.57 -27.82 42.44
CA PRO P 693 -14.29 -26.41 42.16
C PRO P 693 -15.28 -25.84 41.15
N TYR P 694 -15.63 -24.57 41.35
CA TYR P 694 -16.63 -23.91 40.53
C TYR P 694 -16.26 -22.44 40.36
N LEU P 695 -17.12 -21.70 39.69
CA LEU P 695 -16.97 -20.26 39.48
C LEU P 695 -18.16 -19.53 40.05
N LYS P 696 -17.90 -18.33 40.58
CA LYS P 696 -18.94 -17.51 41.18
C LYS P 696 -18.87 -16.09 40.64
N GLU P 697 -20.03 -15.52 40.36
CA GLU P 697 -20.17 -14.15 39.88
C GLU P 697 -21.30 -13.47 40.64
N THR P 698 -21.40 -12.15 40.45
CA THR P 698 -22.42 -11.37 41.13
C THR P 698 -23.66 -11.26 40.26
N PRO P 699 -24.81 -11.77 40.70
CA PRO P 699 -26.04 -11.63 39.91
C PRO P 699 -26.53 -10.20 39.95
N PRO P 700 -27.47 -9.83 39.08
CA PRO P 700 -27.93 -8.43 39.05
C PRO P 700 -28.53 -7.95 40.36
N GLY P 701 -29.16 -8.83 41.13
CA GLY P 701 -29.77 -8.42 42.38
C GLY P 701 -28.85 -8.31 43.56
N GLY P 702 -27.57 -8.60 43.40
CA GLY P 702 -26.65 -8.56 44.52
C GLY P 702 -26.51 -9.92 45.20
N GLY P 703 -25.32 -10.16 45.74
CA GLY P 703 -25.03 -11.44 46.35
C GLY P 703 -24.07 -12.26 45.51
N LEU P 704 -24.18 -13.58 45.57
CA LEU P 704 -23.33 -14.46 44.78
C LEU P 704 -24.15 -15.60 44.21
N ALA P 705 -23.66 -16.15 43.09
CA ALA P 705 -24.24 -17.33 42.47
C ALA P 705 -23.11 -18.16 41.90
N VAL P 706 -23.39 -19.44 41.65
CA VAL P 706 -22.38 -20.38 41.21
C VAL P 706 -22.73 -20.85 39.81
N LEU P 707 -21.80 -20.65 38.87
CA LEU P 707 -21.96 -21.17 37.53
C LEU P 707 -21.92 -22.69 37.55
N ALA P 708 -22.71 -23.32 36.70
CA ALA P 708 -22.75 -24.78 36.65
C ALA P 708 -22.66 -25.30 35.22
N ASN P 709 -23.10 -24.50 34.25
CA ASN P 709 -23.20 -24.96 32.87
C ASN P 709 -21.87 -24.96 32.10
N PRO P 710 -21.08 -23.89 32.13
CA PRO P 710 -19.87 -23.86 31.30
C PRO P 710 -18.90 -24.99 31.63
N ARG P 711 -18.21 -25.48 30.61
CA ARG P 711 -17.28 -26.58 30.77
C ARG P 711 -16.01 -26.09 31.46
N LEU P 712 -15.67 -26.71 32.58
CA LEU P 712 -14.49 -26.37 33.38
C LEU P 712 -13.65 -27.63 33.53
N GLN P 713 -12.51 -27.66 32.86
CA GLN P 713 -11.61 -28.81 32.88
C GLN P 713 -10.36 -28.43 33.67
N LEU P 714 -10.12 -29.14 34.76
CA LEU P 714 -8.98 -28.84 35.62
C LEU P 714 -7.68 -29.24 34.95
N ARG P 715 -6.64 -28.45 35.16
CA ARG P 715 -5.33 -28.69 34.57
C ARG P 715 -4.26 -28.95 35.61
N THR P 716 -4.09 -28.06 36.57
CA THR P 716 -3.07 -28.20 37.61
C THR P 716 -3.65 -27.85 38.96
N TRP P 717 -3.19 -28.54 39.99
CA TRP P 717 -3.54 -28.24 41.37
C TRP P 717 -2.27 -27.96 42.15
N SER P 718 -2.22 -26.82 42.82
CA SER P 718 -1.03 -26.38 43.54
C SER P 718 -1.37 -26.10 44.99
N ILE P 719 -0.41 -26.36 45.87
CA ILE P 719 -0.58 -26.17 47.31
C ILE P 719 0.54 -25.27 47.81
N VAL P 720 0.25 -24.49 48.85
CA VAL P 720 1.22 -23.61 49.48
C VAL P 720 1.29 -23.99 50.96
N PHE P 721 2.47 -24.41 51.41
CA PHE P 721 2.67 -24.85 52.78
C PHE P 721 3.73 -23.98 53.45
N ASP P 722 4.03 -24.30 54.71
CA ASP P 722 5.06 -23.61 55.46
C ASP P 722 5.36 -24.46 56.69
N GLU P 723 6.64 -24.73 56.93
CA GLU P 723 7.08 -25.55 58.07
C GLU P 723 6.37 -26.90 58.08
N THR P 724 6.44 -27.61 56.95
CA THR P 724 5.89 -28.94 56.83
C THR P 724 7.01 -29.92 56.49
N SER P 725 6.76 -31.19 56.78
CA SER P 725 7.75 -32.23 56.60
C SER P 725 7.36 -33.26 55.56
N ASN P 726 6.15 -33.83 55.65
CA ASN P 726 5.73 -34.85 54.70
C ASN P 726 4.23 -34.87 54.59
N PHE P 727 3.75 -35.00 53.36
CA PHE P 727 2.33 -35.27 53.09
C PHE P 727 2.23 -35.83 51.68
N SER P 728 1.06 -36.38 51.37
CA SER P 728 0.85 -36.99 50.06
C SER P 728 -0.56 -36.65 49.58
N MET P 729 -0.73 -36.67 48.27
CA MET P 729 -2.02 -36.37 47.65
C MET P 729 -2.48 -37.56 46.82
N LYS P 730 -3.78 -37.81 46.84
CA LYS P 730 -4.38 -38.95 46.14
C LYS P 730 -5.48 -38.43 45.23
N ILE P 731 -5.18 -38.36 43.93
CA ILE P 731 -6.11 -37.83 42.93
C ILE P 731 -6.70 -39.00 42.17
N THR P 732 -8.03 -39.06 42.10
CA THR P 732 -8.73 -40.15 41.43
C THR P 732 -9.70 -39.59 40.40
N PRO P 733 -9.41 -39.72 39.12
CA PRO P 733 -10.39 -39.29 38.10
C PRO P 733 -11.60 -40.22 38.05
N GLY P 734 -12.50 -39.96 37.11
CA GLY P 734 -13.71 -40.76 37.00
C GLY P 734 -13.47 -42.16 36.46
N GLN P 735 -13.68 -43.16 37.31
CA GLN P 735 -13.60 -44.56 36.92
C GLN P 735 -12.26 -44.90 36.26
N ARG P 736 -11.17 -44.47 36.90
CA ARG P 736 -9.83 -44.75 36.44
C ARG P 736 -8.93 -44.99 37.65
N ASP P 737 -7.67 -45.28 37.38
CA ASP P 737 -6.74 -45.67 38.43
C ASP P 737 -6.41 -44.49 39.34
N GLU P 738 -6.23 -44.79 40.63
CA GLU P 738 -5.86 -43.78 41.59
C GLU P 738 -4.36 -43.54 41.56
N LEU P 739 -3.96 -42.26 41.64
CA LEU P 739 -2.57 -41.87 41.58
C LEU P 739 -2.15 -41.19 42.87
N THR P 740 -0.86 -41.24 43.16
CA THR P 740 -0.30 -40.63 44.36
C THR P 740 0.88 -39.75 43.98
N TYR P 741 1.18 -38.77 44.85
CA TYR P 741 2.26 -37.81 44.60
C TYR P 741 2.82 -37.35 45.93
N PRO P 742 3.76 -38.08 46.49
CA PRO P 742 4.30 -37.73 47.81
C PRO P 742 5.30 -36.59 47.74
N PHE P 743 5.60 -36.04 48.91
CA PHE P 743 6.55 -34.95 49.05
C PHE P 743 7.07 -34.96 50.48
N ASN P 744 8.40 -35.01 50.64
CA ASN P 744 9.00 -35.17 51.95
C ASN P 744 10.04 -34.10 52.27
N GLY P 745 10.04 -32.99 51.54
CA GLY P 745 10.85 -31.85 51.93
C GLY P 745 12.31 -31.91 51.52
N TYR P 746 12.90 -33.09 51.49
CA TYR P 746 14.31 -33.24 51.16
C TYR P 746 14.51 -32.89 49.68
N LYS P 747 15.03 -31.70 49.42
CA LYS P 747 15.33 -31.26 48.07
C LYS P 747 16.78 -31.61 47.76
N ILE P 748 16.98 -32.53 46.81
CA ILE P 748 18.34 -32.99 46.51
C ILE P 748 19.14 -31.85 45.90
N GLY P 749 20.37 -31.68 46.39
CA GLY P 749 21.24 -30.61 45.96
C GLY P 749 21.31 -29.44 46.92
N SER P 750 20.18 -29.04 47.48
CA SER P 750 20.16 -27.95 48.44
C SER P 750 20.78 -28.40 49.76
N GLY P 751 21.57 -27.52 50.35
CA GLY P 751 22.27 -27.81 51.59
C GLY P 751 21.64 -27.25 52.85
N GLN P 752 20.39 -26.78 52.78
CA GLN P 752 19.75 -26.25 53.98
C GLN P 752 19.53 -27.33 55.03
N PHE P 753 19.18 -28.54 54.60
CA PHE P 753 18.98 -29.66 55.52
C PHE P 753 20.10 -30.67 55.36
N PRO P 754 21.03 -30.75 56.30
CA PRO P 754 22.07 -31.79 56.22
C PRO P 754 21.50 -33.17 56.46
N ILE P 755 22.36 -34.17 56.28
CA ILE P 755 21.97 -35.55 56.54
C ILE P 755 21.91 -35.78 58.04
N GLY P 756 20.78 -36.31 58.52
CA GLY P 756 20.63 -36.63 59.92
C GLY P 756 19.76 -35.68 60.72
N THR P 757 19.07 -34.74 60.08
CA THR P 757 18.19 -33.84 60.79
C THR P 757 16.83 -33.77 60.09
N PRO P 758 15.75 -33.60 60.85
CA PRO P 758 14.43 -33.46 60.24
C PRO P 758 14.36 -32.23 59.36
N SER P 759 13.53 -32.31 58.34
CA SER P 759 13.37 -31.24 57.36
C SER P 759 11.99 -30.62 57.50
N LEU P 760 11.95 -29.28 57.58
CA LEU P 760 10.72 -28.51 57.54
C LEU P 760 10.89 -27.43 56.50
N ALA P 761 10.10 -27.51 55.43
CA ALA P 761 10.33 -26.72 54.22
C ALA P 761 9.32 -25.59 54.11
N THR P 762 9.42 -24.87 52.99
CA THR P 762 8.51 -23.76 52.69
C THR P 762 8.55 -23.53 51.20
N GLY P 763 7.42 -23.72 50.53
CA GLY P 763 7.38 -23.56 49.09
C GLY P 763 6.07 -24.08 48.54
N ARG P 764 6.02 -24.19 47.21
CA ARG P 764 4.83 -24.58 46.50
C ARG P 764 5.02 -25.92 45.82
N PHE P 765 3.95 -26.70 45.75
CA PHE P 765 3.93 -28.02 45.14
C PHE P 765 2.83 -28.06 44.09
N ARG P 766 3.15 -28.61 42.92
CA ARG P 766 2.25 -28.57 41.77
C ARG P 766 2.10 -29.97 41.18
N VAL P 767 0.92 -30.27 40.67
CA VAL P 767 0.60 -31.61 40.16
C VAL P 767 -0.47 -31.49 39.09
N PRO P 768 -0.52 -32.39 38.10
CA PRO P 768 -1.61 -32.35 37.13
C PRO P 768 -2.79 -33.24 37.52
N VAL P 769 -3.99 -32.79 37.16
CA VAL P 769 -5.23 -33.48 37.50
C VAL P 769 -5.79 -34.15 36.25
N MET P 770 -6.03 -33.36 35.21
CA MET P 770 -6.43 -33.86 33.90
C MET P 770 -7.74 -34.66 33.96
N ALA P 771 -8.81 -33.96 34.32
CA ALA P 771 -10.15 -34.54 34.30
C ALA P 771 -11.16 -33.40 34.29
N GLN P 772 -12.42 -33.73 34.48
CA GLN P 772 -13.50 -32.75 34.51
C GLN P 772 -13.90 -32.47 35.96
N ASN P 773 -14.34 -31.23 36.21
CA ASN P 773 -14.54 -30.77 37.57
C ASN P 773 -15.58 -31.57 38.33
N ILE P 774 -16.56 -32.16 37.63
CA ILE P 774 -17.65 -32.85 38.31
C ILE P 774 -17.35 -34.33 38.46
N GLU P 775 -16.13 -34.74 38.13
CA GLU P 775 -15.74 -36.16 38.23
C GLU P 775 -14.36 -36.30 38.83
N THR P 776 -14.05 -35.53 39.88
CA THR P 776 -12.75 -35.60 40.52
C THR P 776 -12.90 -35.71 42.03
N LYS P 777 -12.04 -36.52 42.63
CA LYS P 777 -11.84 -36.56 44.07
C LYS P 777 -10.39 -36.22 44.36
N ILE P 778 -10.17 -35.21 45.20
CA ILE P 778 -8.83 -34.81 45.61
C ILE P 778 -8.75 -34.98 47.11
N VAL P 779 -7.77 -35.76 47.57
CA VAL P 779 -7.62 -36.07 48.98
C VAL P 779 -6.20 -35.70 49.39
N LEU P 780 -6.08 -34.93 50.47
CA LEU P 780 -4.80 -34.56 51.03
C LEU P 780 -4.51 -35.49 52.21
N PHE P 781 -3.57 -36.41 52.03
CA PHE P 781 -3.33 -37.50 52.96
C PHE P 781 -1.97 -37.34 53.64
N SER P 782 -1.90 -37.72 54.90
CA SER P 782 -0.66 -37.67 55.65
C SER P 782 -0.75 -38.65 56.82
N ASP P 783 0.34 -39.38 57.04
CA ASP P 783 0.38 -40.37 58.12
C ASP P 783 1.67 -40.35 58.92
N SER P 784 2.65 -39.53 58.56
CA SER P 784 3.90 -39.50 59.29
C SER P 784 3.70 -38.83 60.66
N PRO P 785 4.55 -39.15 61.63
CA PRO P 785 4.51 -38.46 62.93
C PRO P 785 5.20 -37.12 62.96
N LEU P 786 5.54 -36.53 61.80
CA LEU P 786 6.17 -35.23 61.71
C LEU P 786 5.15 -34.17 61.31
N PRO P 787 5.36 -32.91 61.69
CA PRO P 787 4.30 -31.91 61.54
C PRO P 787 3.98 -31.62 60.08
N CYS P 788 2.75 -31.16 59.84
CA CYS P 788 2.29 -30.83 58.50
C CYS P 788 1.18 -29.80 58.61
N ARG P 789 1.41 -28.61 58.05
CA ARG P 789 0.40 -27.57 58.03
C ARG P 789 0.38 -26.89 56.67
N VAL P 790 -0.80 -26.43 56.27
CA VAL P 790 -1.06 -25.87 54.95
C VAL P 790 -1.73 -24.52 55.12
N GLN P 791 -1.55 -23.65 54.13
CA GLN P 791 -2.15 -22.32 54.16
C GLN P 791 -3.26 -22.14 53.15
N SER P 792 -3.00 -22.41 51.88
CA SER P 792 -4.01 -22.23 50.84
C SER P 792 -3.63 -23.09 49.63
N ALA P 793 -4.53 -23.14 48.66
CA ALA P 793 -4.29 -23.88 47.44
C ALA P 793 -4.95 -23.12 46.29
N GLU P 794 -4.45 -23.36 45.08
CA GLU P 794 -5.00 -22.69 43.92
C GLU P 794 -4.89 -23.61 42.71
N TRP P 795 -5.99 -23.70 41.96
CA TRP P 795 -6.06 -24.56 40.79
C TRP P 795 -6.00 -23.72 39.53
N GLU P 796 -6.13 -24.39 38.38
CA GLU P 796 -5.95 -23.74 37.10
C GLU P 796 -6.45 -24.64 35.99
N GLY P 797 -7.26 -24.09 35.08
CA GLY P 797 -7.86 -24.96 34.10
C GLY P 797 -8.50 -24.17 33.00
N TRP P 798 -9.21 -24.88 32.13
CA TRP P 798 -9.81 -24.29 30.95
C TRP P 798 -11.26 -23.89 31.21
N TYR P 799 -11.66 -22.75 30.66
CA TYR P 799 -13.01 -22.22 30.84
C TYR P 799 -13.61 -21.94 29.48
N GLN P 800 -14.72 -22.60 29.17
CA GLN P 800 -15.33 -22.52 27.84
C GLN P 800 -16.76 -22.02 27.98
N GLU P 801 -17.13 -21.05 27.15
CA GLU P 801 -18.48 -20.51 27.11
C GLU P 801 -19.03 -20.65 25.69
N ARG P 802 -20.12 -21.39 25.55
CA ARG P 802 -20.72 -21.62 24.25
C ARG P 802 -21.48 -20.39 23.73
N ALA P 803 -21.73 -19.42 24.59
CA ALA P 803 -22.42 -18.19 24.20
C ALA P 803 -21.89 -17.05 25.07
N ARG P 804 -22.59 -15.94 25.08
CA ARG P 804 -22.23 -14.76 25.85
C ARG P 804 -23.19 -14.61 27.02
N ARG P 805 -22.76 -13.86 28.04
CA ARG P 805 -23.51 -13.72 29.28
C ARG P 805 -24.37 -12.45 29.22
N LEU P 806 -25.65 -12.60 29.54
CA LEU P 806 -26.58 -11.46 29.55
C LEU P 806 -26.14 -10.40 30.56
N MET Q 1 5.85 -9.29 30.04
CA MET Q 1 6.55 -9.60 31.29
C MET Q 1 6.89 -8.29 32.01
N PRO Q 2 6.07 -7.93 32.97
CA PRO Q 2 6.17 -6.59 33.58
C PRO Q 2 7.18 -6.47 34.73
N LEU Q 3 8.00 -5.42 34.74
CA LEU Q 3 8.71 -5.02 35.95
C LEU Q 3 7.91 -3.91 36.62
N ILE Q 4 7.27 -4.22 37.76
CA ILE Q 4 6.32 -3.34 38.42
C ILE Q 4 6.53 -3.36 39.93
N SER Q 5 6.18 -2.24 40.57
CA SER Q 5 6.59 -1.95 41.95
C SER Q 5 5.44 -1.41 42.80
N SER Q 6 5.61 -1.57 44.12
CA SER Q 6 4.67 -1.03 45.11
C SER Q 6 5.45 -0.55 46.33
N SER Q 7 4.73 -0.29 47.42
CA SER Q 7 5.33 0.28 48.62
C SER Q 7 4.62 -0.24 49.87
N ILE Q 8 5.28 -0.08 51.01
CA ILE Q 8 4.69 -0.41 52.31
C ILE Q 8 4.31 0.89 53.01
N PRO Q 9 3.02 1.22 53.10
CA PRO Q 9 2.64 2.57 53.56
C PRO Q 9 3.03 2.87 55.00
N ASN Q 10 2.97 1.91 55.90
CA ASN Q 10 3.21 2.17 57.32
C ASN Q 10 4.12 1.11 57.91
N LEU Q 11 4.78 1.46 59.02
CA LEU Q 11 5.71 0.59 59.71
C LEU Q 11 5.43 0.55 61.21
N ILE Q 12 4.18 0.75 61.61
CA ILE Q 12 3.84 0.92 63.02
C ILE Q 12 2.91 -0.20 63.47
N ASN Q 13 3.08 -1.40 62.91
CA ASN Q 13 2.17 -2.49 63.21
C ASN Q 13 2.79 -3.59 64.05
N GLY Q 14 4.11 -3.65 64.18
CA GLY Q 14 4.70 -4.53 65.17
C GLY Q 14 5.06 -5.92 64.67
N VAL Q 15 5.07 -6.86 65.61
CA VAL Q 15 5.59 -8.22 65.41
C VAL Q 15 4.43 -9.20 65.30
N SER Q 16 4.61 -10.21 64.45
CA SER Q 16 3.62 -11.25 64.28
C SER Q 16 4.30 -12.61 64.25
N GLN Q 17 3.56 -13.64 64.67
CA GLN Q 17 4.04 -15.02 64.67
C GLN Q 17 3.36 -15.87 63.63
N GLN Q 18 2.41 -15.31 62.86
CA GLN Q 18 1.69 -16.07 61.86
C GLN Q 18 2.62 -16.49 60.72
N PRO Q 19 2.24 -17.53 59.98
CA PRO Q 19 2.98 -17.84 58.75
C PRO Q 19 2.89 -16.69 57.77
N ALA Q 20 3.93 -16.55 56.94
CA ALA Q 20 4.07 -15.37 56.10
C ALA Q 20 2.94 -15.23 55.09
N ALA Q 21 2.24 -16.32 54.76
CA ALA Q 21 1.21 -16.28 53.74
C ALA Q 21 -0.14 -15.79 54.26
N LEU Q 22 -0.31 -15.65 55.58
CA LEU Q 22 -1.56 -15.19 56.15
C LEU Q 22 -1.45 -13.81 56.80
N ARG Q 23 -0.26 -13.24 56.87
CA ARG Q 23 -0.08 -11.94 57.49
C ARG Q 23 -0.61 -10.83 56.60
N LEU Q 24 -0.56 -9.62 57.13
CA LEU Q 24 -0.53 -8.42 56.30
C LEU Q 24 0.90 -8.18 55.87
N ALA Q 25 1.07 -7.53 54.71
CA ALA Q 25 2.42 -7.10 54.34
C ALA Q 25 2.96 -6.07 55.32
N SER Q 26 2.09 -5.34 56.00
CA SER Q 26 2.54 -4.32 56.94
C SER Q 26 3.25 -4.93 58.13
N GLN Q 27 2.73 -6.04 58.67
CA GLN Q 27 3.28 -6.61 59.88
C GLN Q 27 4.72 -7.06 59.66
N ALA Q 28 5.57 -6.80 60.64
CA ALA Q 28 7.00 -7.08 60.55
C ALA Q 28 7.31 -8.47 61.11
N GLU Q 29 8.59 -8.75 61.31
CA GLU Q 29 9.04 -10.05 61.80
C GLU Q 29 9.67 -9.96 63.19
N GLU Q 30 10.68 -9.10 63.37
CA GLU Q 30 11.32 -8.90 64.66
C GLU Q 30 11.53 -7.41 64.87
N VAL Q 31 11.13 -6.92 66.04
CA VAL Q 31 11.34 -5.51 66.40
C VAL Q 31 11.98 -5.47 67.77
N ILE Q 32 13.17 -4.87 67.85
CA ILE Q 32 13.92 -4.77 69.10
C ILE Q 32 14.37 -3.32 69.26
N ASN Q 33 14.15 -2.76 70.44
CA ASN Q 33 14.61 -1.42 70.79
C ASN Q 33 14.09 -0.36 69.83
N CYS Q 34 12.84 -0.51 69.39
CA CYS Q 34 12.16 0.51 68.60
C CYS Q 34 10.95 1.01 69.37
N MET Q 35 10.52 2.23 69.04
CA MET Q 35 9.35 2.86 69.66
C MET Q 35 8.43 3.31 68.55
N PRO Q 36 7.67 2.40 67.96
CA PRO Q 36 6.82 2.76 66.82
C PRO Q 36 5.69 3.69 67.22
N SER Q 37 5.70 4.91 66.73
CA SER Q 37 4.71 5.91 67.09
C SER Q 37 4.08 6.52 65.85
N PRO Q 38 2.81 6.92 65.93
CA PRO Q 38 2.15 7.52 64.76
C PRO Q 38 2.54 8.96 64.50
N VAL Q 39 3.26 9.60 65.41
CA VAL Q 39 3.67 10.99 65.20
C VAL Q 39 4.92 11.08 64.32
N GLU Q 40 5.87 10.17 64.49
CA GLU Q 40 7.13 10.23 63.75
C GLU Q 40 7.47 8.94 63.02
N GLY Q 41 6.54 7.99 62.93
CA GLY Q 41 6.88 6.72 62.30
C GLY Q 41 7.70 5.87 63.24
N LEU Q 42 8.73 5.22 62.70
CA LEU Q 42 9.60 4.35 63.46
C LEU Q 42 10.82 5.12 63.90
N LYS Q 43 11.14 5.05 65.19
CA LYS Q 43 12.32 5.71 65.73
C LYS Q 43 12.99 4.81 66.75
N LYS Q 44 14.27 5.09 67.01
CA LYS Q 44 15.02 4.34 68.00
C LYS Q 44 14.48 4.63 69.40
N ARG Q 45 14.64 3.66 70.29
CA ARG Q 45 14.04 3.77 71.61
C ARG Q 45 14.70 4.88 72.42
N PRO Q 46 13.96 5.50 73.35
CA PRO Q 46 14.54 6.57 74.15
C PRO Q 46 15.61 6.03 75.08
N PRO Q 47 16.55 6.87 75.51
CA PRO Q 47 17.59 6.42 76.42
C PRO Q 47 17.09 6.36 77.86
N MET Q 48 17.88 5.70 78.70
CA MET Q 48 17.59 5.57 80.12
C MET Q 48 18.65 6.34 80.91
N GLN Q 49 18.20 7.25 81.76
CA GLN Q 49 19.11 8.07 82.55
C GLN Q 49 19.37 7.43 83.91
N HIS Q 50 20.28 8.03 84.68
CA HIS Q 50 20.68 7.55 85.98
C HIS Q 50 20.35 8.58 87.05
N ILE Q 51 19.98 8.12 88.24
CA ILE Q 51 19.56 9.03 89.29
C ILE Q 51 20.45 8.90 90.53
N LYS Q 52 20.41 7.74 91.19
CA LYS Q 52 21.15 7.55 92.43
C LYS Q 52 21.07 6.09 92.84
N LYS Q 53 21.99 5.71 93.73
CA LYS Q 53 21.98 4.37 94.31
C LYS Q 53 21.12 4.36 95.57
N LEU Q 54 20.20 3.40 95.64
CA LEU Q 54 19.30 3.32 96.78
C LEU Q 54 20.01 2.77 98.02
N PHE Q 55 20.52 1.55 97.93
CA PHE Q 55 21.17 0.92 99.07
C PHE Q 55 22.11 -0.16 98.57
N ALA Q 56 23.09 -0.49 99.41
CA ALA Q 56 24.07 -1.51 99.08
C ALA Q 56 23.48 -2.91 99.24
N GLY Q 57 24.25 -3.90 98.81
CA GLY Q 57 23.80 -5.27 98.89
C GLY Q 57 22.76 -5.59 97.83
N SER Q 58 22.13 -6.75 97.99
CA SER Q 58 21.08 -7.20 97.09
C SER Q 58 19.71 -7.06 97.74
N ALA Q 59 18.68 -7.30 96.94
CA ALA Q 59 17.30 -7.14 97.38
C ALA Q 59 16.67 -8.44 97.85
N GLY Q 60 17.42 -9.54 97.88
CA GLY Q 60 16.90 -10.82 98.30
C GLY Q 60 16.48 -11.68 97.11
N THR Q 61 16.21 -12.96 97.43
CA THR Q 61 15.85 -13.91 96.39
C THR Q 61 14.50 -13.55 95.75
N GLY Q 62 13.54 -13.10 96.55
CA GLY Q 62 12.26 -12.73 96.00
C GLY Q 62 12.26 -11.33 95.40
N ARG Q 63 11.28 -11.08 94.54
CA ARG Q 63 11.16 -9.77 93.92
C ARG Q 63 10.55 -8.79 94.92
N PRO Q 64 11.04 -7.55 94.98
CA PRO Q 64 10.43 -6.56 95.86
C PRO Q 64 9.12 -6.04 95.30
N PHE Q 65 8.26 -5.57 96.20
CA PHE Q 65 6.99 -4.98 95.83
C PHE Q 65 7.12 -3.46 95.86
N THR Q 66 6.83 -2.82 94.72
CA THR Q 66 7.05 -1.40 94.54
C THR Q 66 5.76 -0.71 94.13
N HIS Q 67 5.44 0.39 94.80
CA HIS Q 67 4.27 1.19 94.45
C HIS Q 67 4.58 2.65 94.73
N ILE Q 68 4.13 3.54 93.85
CA ILE Q 68 4.42 4.96 93.95
C ILE Q 68 3.14 5.70 94.31
N VAL Q 69 3.28 6.74 95.14
CA VAL Q 69 2.15 7.52 95.63
C VAL Q 69 2.33 8.96 95.20
N ASP Q 70 1.31 9.53 94.57
CA ASP Q 70 1.30 10.93 94.15
C ASP Q 70 0.19 11.63 94.93
N ARG Q 71 0.56 12.50 95.86
CA ARG Q 71 -0.40 13.09 96.78
C ARG Q 71 -0.98 14.40 96.26
N ASP Q 72 -0.12 15.40 96.02
CA ASP Q 72 -0.61 16.73 95.67
C ASP Q 72 0.25 17.38 94.60
N GLY Q 73 0.83 16.60 93.70
CA GLY Q 73 1.66 17.12 92.64
C GLY Q 73 3.04 17.58 93.06
N VAL Q 74 3.24 17.91 94.33
CA VAL Q 74 4.55 18.32 94.82
C VAL Q 74 5.12 17.37 95.85
N ILE Q 75 4.33 16.43 96.37
CA ILE Q 75 4.78 15.47 97.37
C ILE Q 75 4.69 14.08 96.75
N ARG Q 76 5.82 13.39 96.68
CA ARG Q 76 5.86 12.05 96.09
C ARG Q 76 6.84 11.20 96.87
N TYR Q 77 6.59 9.89 96.88
CA TYR Q 77 7.48 8.96 97.54
C TYR Q 77 7.15 7.54 97.07
N LEU Q 78 8.18 6.70 97.04
CA LEU Q 78 8.00 5.28 96.74
C LEU Q 78 7.69 4.51 98.01
N ILE Q 79 7.20 3.29 97.82
CA ILE Q 79 7.03 2.33 98.91
C ILE Q 79 7.75 1.05 98.51
N PHE Q 80 8.65 0.59 99.37
CA PHE Q 80 9.53 -0.54 99.07
C PHE Q 80 9.36 -1.57 100.19
N ILE Q 81 8.58 -2.61 99.94
CA ILE Q 81 8.29 -3.65 100.93
C ILE Q 81 8.83 -4.97 100.41
N GLN Q 82 9.70 -5.60 101.20
CA GLN Q 82 10.21 -6.91 100.83
C GLN Q 82 10.79 -7.58 102.07
N ASP Q 83 10.48 -8.87 102.23
CA ASP Q 83 11.14 -9.78 103.15
C ASP Q 83 11.30 -9.15 104.54
N ASN Q 84 10.15 -8.92 105.17
CA ASN Q 84 10.10 -8.54 106.59
C ASN Q 84 10.54 -7.09 106.80
N ALA Q 85 11.02 -6.43 105.75
CA ALA Q 85 11.51 -5.07 105.85
C ALA Q 85 10.68 -4.14 104.97
N ILE Q 86 10.60 -2.88 105.38
CA ILE Q 86 9.90 -1.85 104.63
C ILE Q 86 10.79 -0.60 104.59
N LYS Q 87 10.95 -0.04 103.40
CA LYS Q 87 11.76 1.15 103.21
C LYS Q 87 11.02 2.12 102.30
N VAL Q 88 11.33 3.41 102.45
CA VAL Q 88 10.67 4.48 101.72
C VAL Q 88 11.73 5.41 101.14
N PHE Q 89 11.54 5.80 99.87
CA PHE Q 89 12.40 6.77 99.22
C PHE Q 89 11.54 7.81 98.52
N ASP Q 90 12.15 8.95 98.19
CA ASP Q 90 11.54 9.97 97.36
C ASP Q 90 11.90 9.71 95.90
N LEU Q 91 11.63 10.69 95.05
CA LEU Q 91 11.95 10.54 93.63
C LEU Q 91 13.39 10.93 93.30
N ASP Q 92 14.15 11.43 94.26
CA ASP Q 92 15.56 11.74 94.07
C ASP Q 92 16.48 10.77 94.79
N GLY Q 93 15.93 9.69 95.36
CA GLY Q 93 16.74 8.68 95.99
C GLY Q 93 17.14 8.95 97.42
N ASN Q 94 16.69 10.05 98.01
CA ASN Q 94 17.02 10.37 99.39
C ASN Q 94 16.06 9.64 100.32
N ALA Q 95 16.60 8.74 101.14
CA ALA Q 95 15.77 7.88 101.97
C ALA Q 95 15.09 8.69 103.07
N GLN Q 96 13.88 8.27 103.42
CA GLN Q 96 13.11 8.84 104.52
C GLN Q 96 13.06 7.83 105.66
N THR Q 97 13.30 8.30 106.88
CA THR Q 97 13.32 7.41 108.02
C THR Q 97 11.93 6.85 108.29
N VAL Q 98 11.89 5.65 108.87
CA VAL Q 98 10.64 4.98 109.23
C VAL Q 98 10.81 4.31 110.59
N SER Q 99 9.81 4.47 111.45
CA SER Q 99 9.83 3.91 112.79
C SER Q 99 8.79 2.80 112.90
N THR Q 100 9.15 1.72 113.61
CA THR Q 100 8.30 0.55 113.76
C THR Q 100 8.05 0.31 115.24
N PRO Q 101 7.04 0.94 115.83
CA PRO Q 101 6.78 0.75 117.27
C PRO Q 101 6.43 -0.69 117.64
N ASN Q 102 5.73 -1.41 116.78
CA ASN Q 102 5.26 -2.75 117.11
C ASN Q 102 6.08 -3.85 116.45
N GLY Q 103 7.17 -3.51 115.77
CA GLY Q 103 7.96 -4.49 115.08
C GLY Q 103 7.38 -4.86 113.73
N THR Q 104 8.13 -5.68 113.00
CA THR Q 104 7.76 -6.09 111.65
C THR Q 104 7.44 -7.57 111.55
N SER Q 105 7.00 -8.19 112.64
CA SER Q 105 6.64 -9.61 112.58
C SER Q 105 5.46 -9.86 111.65
N TYR Q 106 4.64 -8.84 111.38
CA TYR Q 106 3.52 -9.00 110.48
C TYR Q 106 3.97 -9.18 109.03
N LEU Q 107 5.19 -8.80 108.69
CA LEU Q 107 5.66 -8.84 107.31
C LEU Q 107 6.43 -10.11 106.98
N ASN Q 108 6.54 -11.06 107.91
CA ASN Q 108 7.21 -12.31 107.61
C ASN Q 108 6.45 -13.07 106.53
N ILE Q 109 7.18 -13.69 105.61
CA ILE Q 109 6.58 -14.20 104.39
C ILE Q 109 7.43 -15.36 103.87
N THR Q 110 6.80 -16.27 103.13
CA THR Q 110 7.49 -17.36 102.47
C THR Q 110 7.40 -17.33 100.96
N GLY Q 111 6.41 -16.64 100.38
CA GLY Q 111 6.24 -16.56 98.95
C GLY Q 111 6.84 -15.31 98.35
N GLU Q 112 6.35 -14.96 97.17
CA GLU Q 112 6.82 -13.76 96.47
C GLU Q 112 6.15 -12.52 97.04
N PRO Q 113 6.92 -11.55 97.53
CA PRO Q 113 6.29 -10.32 98.06
C PRO Q 113 5.45 -9.59 97.02
N SER Q 114 5.88 -9.61 95.76
CA SER Q 114 5.15 -8.88 94.72
C SER Q 114 3.74 -9.43 94.54
N SER Q 115 3.58 -10.74 94.57
CA SER Q 115 2.28 -11.38 94.46
C SER Q 115 1.62 -11.63 95.81
N THR Q 116 2.26 -11.22 96.90
CA THR Q 116 1.68 -11.40 98.23
C THR Q 116 1.09 -10.11 98.80
N PHE Q 117 1.78 -8.98 98.66
CA PHE Q 117 1.30 -7.74 99.27
C PHE Q 117 0.33 -7.00 98.35
N ARG Q 118 -0.51 -6.17 98.97
CA ARG Q 118 -1.44 -5.33 98.25
C ARG Q 118 -1.72 -4.09 99.09
N VAL Q 119 -2.11 -3.00 98.44
CA VAL Q 119 -2.17 -1.69 99.07
C VAL Q 119 -3.44 -0.96 98.66
N ALA Q 120 -3.82 0.02 99.48
CA ALA Q 120 -4.97 0.88 99.21
C ALA Q 120 -4.80 2.15 100.04
N SER Q 121 -4.92 3.30 99.41
CA SER Q 121 -4.54 4.57 100.02
C SER Q 121 -5.74 5.48 100.24
N ILE Q 122 -5.79 6.10 101.41
CA ILE Q 122 -6.82 7.10 101.70
C ILE Q 122 -6.27 8.20 102.59
N ALA Q 123 -6.18 9.41 102.04
CA ALA Q 123 -5.92 10.61 102.82
C ALA Q 123 -4.74 10.47 103.76
N ASP Q 124 -5.02 10.15 105.02
CA ASP Q 124 -4.03 10.13 106.07
C ASP Q 124 -3.48 8.74 106.38
N PHE Q 125 -3.83 7.73 105.60
CA PHE Q 125 -3.35 6.38 105.85
C PHE Q 125 -3.01 5.70 104.54
N THR Q 126 -2.39 4.52 104.66
CA THR Q 126 -2.05 3.66 103.52
C THR Q 126 -2.12 2.23 104.00
N PHE Q 127 -3.26 1.57 103.76
CA PHE Q 127 -3.46 0.21 104.25
C PHE Q 127 -2.55 -0.77 103.52
N ILE Q 128 -1.98 -1.71 104.26
CA ILE Q 128 -1.19 -2.81 103.70
C ILE Q 128 -1.82 -4.11 104.17
N VAL Q 129 -2.05 -5.03 103.23
CA VAL Q 129 -2.72 -6.29 103.52
C VAL Q 129 -1.80 -7.45 103.12
N ASN Q 130 -1.70 -8.44 104.00
CA ASN Q 130 -0.92 -9.65 103.74
C ASN Q 130 -1.88 -10.73 103.25
N ARG Q 131 -1.72 -11.15 102.00
CA ARG Q 131 -2.60 -12.13 101.40
C ARG Q 131 -2.33 -13.56 101.87
N GLU Q 132 -1.53 -13.75 102.92
CA GLU Q 132 -1.18 -15.08 103.38
C GLU Q 132 -1.42 -15.29 104.87
N LYS Q 133 -1.93 -14.28 105.58
CA LYS Q 133 -2.13 -14.38 107.01
C LYS Q 133 -3.56 -14.81 107.31
N THR Q 134 -3.70 -15.77 108.23
CA THR Q 134 -5.00 -16.30 108.62
C THR Q 134 -5.54 -15.47 109.77
N VAL Q 135 -6.60 -14.71 109.51
CA VAL Q 135 -7.17 -13.84 110.53
C VAL Q 135 -7.83 -14.68 111.61
N ALA Q 136 -7.50 -14.39 112.87
CA ALA Q 136 -8.04 -15.12 114.00
C ALA Q 136 -8.53 -14.16 115.07
N MET Q 137 -9.70 -14.44 115.62
CA MET Q 137 -10.24 -13.64 116.71
C MET Q 137 -9.48 -13.92 118.00
N ASP Q 138 -9.36 -12.89 118.83
CA ASP Q 138 -8.70 -13.06 120.12
C ASP Q 138 -9.60 -13.85 121.07
N THR Q 139 -8.97 -14.70 121.89
CA THR Q 139 -9.70 -15.55 122.82
C THR Q 139 -9.25 -15.38 124.26
N THR Q 140 -8.26 -14.55 124.54
CA THR Q 140 -7.75 -14.39 125.90
C THR Q 140 -8.43 -13.24 126.63
N ASN Q 141 -8.32 -12.02 126.10
CA ASN Q 141 -8.90 -10.84 126.72
C ASN Q 141 -10.37 -10.76 126.34
N LYS Q 142 -11.18 -11.61 126.97
CA LYS Q 142 -12.60 -11.66 126.66
C LYS Q 142 -13.30 -10.43 127.24
N SER Q 143 -14.61 -10.39 127.06
CA SER Q 143 -15.42 -9.27 127.52
C SER Q 143 -15.64 -9.40 129.04
N TYR Q 144 -16.53 -8.57 129.56
CA TYR Q 144 -16.81 -8.58 130.99
C TYR Q 144 -17.45 -9.92 131.40
N ASN Q 145 -17.42 -10.19 132.69
CA ASN Q 145 -18.05 -11.37 133.25
C ASN Q 145 -19.43 -11.01 133.82
N TRP Q 146 -20.30 -12.03 133.87
CA TRP Q 146 -21.65 -11.81 134.38
C TRP Q 146 -21.62 -11.33 135.83
N GLY Q 147 -20.91 -12.07 136.69
CA GLY Q 147 -20.97 -11.83 138.11
C GLY Q 147 -22.17 -12.53 138.70
N THR Q 148 -21.95 -13.36 139.73
CA THR Q 148 -23.04 -14.11 140.34
C THR Q 148 -23.66 -13.23 141.43
N LYS Q 149 -24.37 -12.21 140.99
CA LYS Q 149 -24.97 -11.24 141.89
C LYS Q 149 -26.39 -10.94 141.43
N SER Q 150 -27.25 -10.62 142.40
CA SER Q 150 -28.62 -10.24 142.12
C SER Q 150 -29.11 -9.37 143.26
N MET Q 151 -30.21 -8.67 143.03
CA MET Q 151 -30.79 -7.82 144.05
C MET Q 151 -32.30 -8.03 144.08
N VAL Q 152 -32.89 -7.79 145.25
CA VAL Q 152 -34.32 -7.88 145.44
C VAL Q 152 -34.87 -6.46 145.51
N PHE Q 153 -35.73 -6.12 144.56
CA PHE Q 153 -36.28 -4.77 144.46
C PHE Q 153 -37.67 -4.74 145.09
N ILE Q 154 -37.87 -3.82 146.03
CA ILE Q 154 -39.16 -3.63 146.69
C ILE Q 154 -39.73 -2.32 146.16
N LYS Q 155 -40.94 -2.39 145.60
CA LYS Q 155 -41.51 -1.23 144.91
C LYS Q 155 -42.37 -0.37 145.84
N SER Q 156 -43.41 -0.95 146.43
CA SER Q 156 -44.29 -0.20 147.32
C SER Q 156 -44.71 -1.11 148.47
N ALA Q 157 -45.46 -0.52 149.41
CA ALA Q 157 -45.90 -1.23 150.60
C ALA Q 157 -47.40 -1.04 150.79
N ASP Q 158 -48.04 -2.04 151.37
CA ASP Q 158 -49.48 -2.03 151.57
C ASP Q 158 -49.80 -2.68 152.91
N PHE Q 159 -50.91 -2.26 153.52
CA PHE Q 159 -51.30 -2.78 154.82
C PHE Q 159 -51.58 -4.27 154.76
N SER Q 160 -51.19 -4.97 155.83
CA SER Q 160 -51.51 -6.40 156.02
C SER Q 160 -51.00 -7.24 154.85
N THR Q 161 -49.73 -7.05 154.51
CA THR Q 161 -49.11 -7.77 153.39
C THR Q 161 -47.94 -8.60 153.90
N THR Q 162 -47.97 -9.89 153.59
CA THR Q 162 -46.91 -10.80 153.98
C THR Q 162 -45.99 -11.04 152.78
N TYR Q 163 -44.69 -10.88 152.99
CA TYR Q 163 -43.70 -11.01 151.93
C TYR Q 163 -42.95 -12.32 152.08
N ARG Q 164 -42.88 -13.08 150.99
CA ARG Q 164 -42.15 -14.35 150.95
C ARG Q 164 -41.04 -14.25 149.92
N VAL Q 165 -39.84 -14.68 150.29
CA VAL Q 165 -38.69 -14.71 149.40
C VAL Q 165 -38.12 -16.11 149.41
N LYS Q 166 -38.07 -16.75 148.24
CA LYS Q 166 -37.57 -18.10 148.10
C LYS Q 166 -36.21 -18.08 147.42
N LEU Q 167 -35.20 -18.60 148.11
CA LEU Q 167 -33.85 -18.70 147.59
C LEU Q 167 -33.30 -20.09 147.87
N ASN Q 168 -32.84 -20.76 146.81
CA ASN Q 168 -32.20 -22.08 146.93
C ASN Q 168 -33.11 -23.08 147.62
N GLY Q 169 -34.41 -22.99 147.42
CA GLY Q 169 -35.35 -23.94 147.96
C GLY Q 169 -35.89 -23.62 149.35
N THR Q 170 -35.39 -22.57 149.99
CA THR Q 170 -35.88 -22.17 151.31
C THR Q 170 -36.59 -20.82 151.20
N GLU Q 171 -37.60 -20.62 152.04
CA GLU Q 171 -38.42 -19.42 152.00
C GLU Q 171 -38.45 -18.77 153.38
N LYS Q 172 -38.21 -17.47 153.43
CA LYS Q 172 -38.35 -16.66 154.64
C LYS Q 172 -39.48 -15.67 154.44
N SER Q 173 -40.29 -15.48 155.48
CA SER Q 173 -41.49 -14.67 155.40
C SER Q 173 -41.43 -13.51 156.38
N VAL Q 174 -41.82 -12.33 155.91
CA VAL Q 174 -41.95 -11.13 156.74
C VAL Q 174 -43.34 -10.55 156.52
N THR Q 175 -44.04 -10.26 157.61
CA THR Q 175 -45.42 -9.79 157.56
C THR Q 175 -45.51 -8.37 158.07
N THR Q 176 -46.15 -7.50 157.29
CA THR Q 176 -46.36 -6.11 157.67
C THR Q 176 -47.64 -5.97 158.50
N GLY Q 177 -47.80 -4.79 159.10
CA GLY Q 177 -48.96 -4.52 159.90
C GLY Q 177 -50.20 -4.18 159.08
N ASN Q 178 -51.33 -4.09 159.77
CA ASN Q 178 -52.60 -3.77 159.14
C ASN Q 178 -52.76 -2.26 159.03
N SER Q 179 -53.97 -1.81 158.69
CA SER Q 179 -54.22 -0.38 158.56
C SER Q 179 -54.14 0.34 159.90
N SER Q 180 -54.44 -0.36 161.00
CA SER Q 180 -54.37 0.26 162.32
C SER Q 180 -52.94 0.53 162.76
N GLY Q 181 -51.97 -0.14 162.15
CA GLY Q 181 -50.57 0.07 162.49
C GLY Q 181 -49.94 1.20 161.69
N SER Q 182 -48.62 1.29 161.82
CA SER Q 182 -47.87 2.32 161.12
C SER Q 182 -47.86 2.03 159.61
N ALA Q 183 -47.63 3.08 158.83
CA ALA Q 183 -47.57 2.93 157.38
C ALA Q 183 -46.36 2.12 156.98
N PRO Q 184 -46.52 0.99 156.29
CA PRO Q 184 -45.35 0.19 155.91
C PRO Q 184 -44.50 0.91 154.88
N ASP Q 185 -43.21 0.61 154.91
CA ASP Q 185 -42.26 1.23 153.99
C ASP Q 185 -41.32 0.19 153.42
N THR Q 186 -40.95 0.39 152.15
CA THR Q 186 -40.09 -0.55 151.45
C THR Q 186 -38.75 -0.69 152.15
N VAL Q 187 -38.24 0.40 152.73
CA VAL Q 187 -36.93 0.35 153.39
C VAL Q 187 -36.96 -0.63 154.55
N THR Q 188 -37.95 -0.48 155.44
CA THR Q 188 -38.05 -1.37 156.59
C THR Q 188 -38.34 -2.80 156.16
N ILE Q 189 -39.23 -2.98 155.18
CA ILE Q 189 -39.55 -4.33 154.72
C ILE Q 189 -38.30 -5.02 154.18
N ALA Q 190 -37.53 -4.30 153.34
CA ALA Q 190 -36.32 -4.88 152.78
C ALA Q 190 -35.29 -5.17 153.87
N SER Q 191 -35.15 -4.28 154.85
CA SER Q 191 -34.19 -4.52 155.93
C SER Q 191 -34.55 -5.79 156.70
N ASP Q 192 -35.83 -5.93 157.04
CA ASP Q 192 -36.27 -7.13 157.77
C ASP Q 192 -36.05 -8.39 156.95
N LEU Q 193 -36.39 -8.33 155.65
CA LEU Q 193 -36.18 -9.49 154.79
C LEU Q 193 -34.70 -9.85 154.69
N ALA Q 194 -33.84 -8.85 154.55
CA ALA Q 194 -32.41 -9.10 154.40
C ALA Q 194 -31.82 -9.71 155.67
N THR Q 195 -32.18 -9.16 156.83
CA THR Q 195 -31.65 -9.74 158.07
C THR Q 195 -32.24 -11.12 158.32
N GLN Q 196 -33.42 -11.42 157.75
CA GLN Q 196 -33.95 -12.76 157.86
C GLN Q 196 -33.18 -13.73 156.99
N LEU Q 197 -32.93 -13.38 155.72
CA LEU Q 197 -32.24 -14.30 154.82
C LEU Q 197 -30.75 -14.43 155.12
N ASN Q 198 -30.14 -13.44 155.79
CA ASN Q 198 -28.70 -13.51 156.01
C ASN Q 198 -28.28 -14.71 156.85
N THR Q 199 -29.22 -15.32 157.58
CA THR Q 199 -28.90 -16.51 158.37
C THR Q 199 -28.53 -17.71 157.52
N ILE Q 200 -28.82 -17.69 156.22
CA ILE Q 200 -28.49 -18.80 155.34
C ILE Q 200 -26.99 -18.82 155.09
N SER Q 201 -26.37 -19.95 155.38
CA SER Q 201 -24.93 -20.09 155.17
C SER Q 201 -24.60 -20.19 153.70
N GLY Q 202 -23.43 -19.66 153.34
CA GLY Q 202 -22.98 -19.66 151.96
C GLY Q 202 -23.47 -18.52 151.11
N PHE Q 203 -24.31 -17.64 151.66
CA PHE Q 203 -24.88 -16.53 150.91
C PHE Q 203 -24.58 -15.23 151.64
N THR Q 204 -24.12 -14.23 150.88
CA THR Q 204 -23.88 -12.89 151.42
C THR Q 204 -25.10 -12.03 151.10
N VAL Q 205 -25.77 -11.54 152.14
CA VAL Q 205 -26.99 -10.75 152.01
C VAL Q 205 -26.75 -9.38 152.62
N THR Q 206 -26.99 -8.34 151.84
CA THR Q 206 -26.88 -6.96 152.31
C THR Q 206 -28.07 -6.16 151.82
N SER Q 207 -28.39 -5.09 152.55
CA SER Q 207 -29.54 -4.26 152.25
C SER Q 207 -29.15 -2.78 152.25
N THR Q 208 -29.75 -2.04 151.34
CA THR Q 208 -29.64 -0.58 151.32
C THR Q 208 -30.86 -0.02 150.60
N ASP Q 209 -31.41 1.07 151.13
CA ASP Q 209 -32.65 1.64 150.60
C ASP Q 209 -33.75 0.58 150.55
N TYR Q 210 -34.20 0.25 149.35
CA TYR Q 210 -35.17 -0.81 149.14
C TYR Q 210 -34.58 -1.95 148.31
N ILE Q 211 -33.27 -2.14 148.41
CA ILE Q 211 -32.56 -3.14 147.62
C ILE Q 211 -31.89 -4.14 148.57
N ILE Q 212 -32.13 -5.43 148.32
CA ILE Q 212 -31.49 -6.50 149.06
C ILE Q 212 -30.50 -7.18 148.14
N ARG Q 213 -29.22 -7.03 148.43
CA ARG Q 213 -28.15 -7.55 147.57
C ARG Q 213 -27.76 -8.94 148.04
N ILE Q 214 -27.67 -9.88 147.10
CA ILE Q 214 -27.35 -11.27 147.40
C ILE Q 214 -26.12 -11.67 146.59
N THR Q 215 -25.23 -12.43 147.21
CA THR Q 215 -24.03 -12.92 146.55
C THR Q 215 -23.62 -14.24 147.19
N LYS Q 216 -23.39 -15.25 146.36
CA LYS Q 216 -22.96 -16.55 146.87
C LYS Q 216 -21.45 -16.60 147.00
N ASP Q 217 -20.98 -17.16 148.12
CA ASP Q 217 -19.55 -17.17 148.41
C ASP Q 217 -18.78 -18.02 147.40
N ASP Q 218 -19.32 -19.18 147.03
CA ASP Q 218 -18.63 -20.05 146.08
C ASP Q 218 -18.82 -19.62 144.64
N GLY Q 219 -19.69 -18.65 144.38
CA GLY Q 219 -19.93 -18.16 143.03
C GLY Q 219 -20.87 -19.00 142.21
N GLY Q 220 -21.44 -20.07 142.76
CA GLY Q 220 -22.37 -20.90 142.04
C GLY Q 220 -23.73 -20.25 141.90
N ASP Q 221 -24.55 -20.84 141.04
CA ASP Q 221 -25.87 -20.31 140.76
C ASP Q 221 -26.88 -20.78 141.80
N TYR Q 222 -28.09 -20.26 141.70
CA TYR Q 222 -29.18 -20.58 142.61
C TYR Q 222 -30.48 -20.11 141.99
N THR Q 223 -31.58 -20.41 142.66
CA THR Q 223 -32.89 -19.94 142.24
C THR Q 223 -33.30 -18.75 143.09
N LEU Q 224 -34.10 -17.86 142.51
CA LEU Q 224 -34.52 -16.64 143.19
C LEU Q 224 -35.94 -16.30 142.76
N GLU Q 225 -36.82 -16.08 143.73
CA GLU Q 225 -38.20 -15.74 143.45
C GLU Q 225 -38.85 -15.24 144.73
N SER Q 226 -39.72 -14.25 144.58
CA SER Q 226 -40.41 -13.67 145.73
C SER Q 226 -41.81 -13.23 145.32
N SER Q 227 -42.69 -13.13 146.31
CA SER Q 227 -44.07 -12.73 146.04
C SER Q 227 -44.72 -12.35 147.37
N ASP Q 228 -45.64 -11.39 147.29
CA ASP Q 228 -46.44 -10.97 148.43
C ASP Q 228 -47.80 -11.66 148.39
N THR Q 229 -48.65 -11.30 149.35
CA THR Q 229 -49.92 -11.99 149.53
C THR Q 229 -51.11 -11.26 148.91
N LYS Q 230 -50.88 -10.20 148.16
CA LYS Q 230 -51.98 -9.47 147.52
C LYS Q 230 -51.96 -9.58 146.00
N THR Q 231 -50.87 -9.14 145.36
CA THR Q 231 -50.79 -9.15 143.90
C THR Q 231 -49.47 -9.65 143.35
N ALA Q 232 -48.44 -9.84 144.17
CA ALA Q 232 -47.10 -10.22 143.71
C ALA Q 232 -46.54 -9.22 142.70
N ASP Q 233 -46.78 -7.92 142.93
CA ASP Q 233 -46.25 -6.86 142.08
C ASP Q 233 -45.27 -5.94 142.80
N ALA Q 234 -45.41 -5.76 144.12
CA ALA Q 234 -44.57 -4.81 144.83
C ALA Q 234 -43.12 -5.29 144.95
N THR Q 235 -42.84 -6.55 144.65
CA THR Q 235 -41.50 -7.08 144.72
C THR Q 235 -41.01 -7.45 143.32
N SER Q 236 -39.71 -7.33 143.11
CA SER Q 236 -39.09 -7.65 141.83
C SER Q 236 -37.77 -8.36 142.11
N ALA Q 237 -37.79 -9.68 141.99
CA ALA Q 237 -36.58 -10.50 142.19
C ALA Q 237 -35.81 -10.53 140.87
N ILE Q 238 -34.93 -9.54 140.71
CA ILE Q 238 -34.13 -9.46 139.49
C ILE Q 238 -33.11 -10.59 139.50
N LYS Q 239 -32.99 -11.28 138.36
CA LYS Q 239 -32.07 -12.41 138.25
C LYS Q 239 -31.85 -12.79 136.80
N GLY Q 240 -30.61 -12.82 136.36
CA GLY Q 240 -30.30 -13.26 135.01
C GLY Q 240 -31.04 -12.42 133.99
N THR Q 241 -32.06 -13.02 133.38
CA THR Q 241 -32.92 -12.34 132.44
C THR Q 241 -34.31 -12.14 133.02
N VAL Q 242 -34.98 -11.09 132.55
CA VAL Q 242 -36.32 -10.72 132.98
C VAL Q 242 -37.15 -10.31 131.77
N ASP Q 243 -38.37 -9.86 132.03
CA ASP Q 243 -39.35 -9.66 130.96
C ASP Q 243 -39.05 -8.39 130.15
N SER Q 244 -39.12 -7.23 130.78
CA SER Q 244 -39.04 -5.97 130.06
C SER Q 244 -38.22 -4.96 130.86
N ILE Q 245 -37.71 -3.96 130.13
CA ILE Q 245 -36.88 -2.92 130.74
C ILE Q 245 -37.66 -2.08 131.74
N THR Q 246 -39.00 -2.06 131.63
CA THR Q 246 -39.81 -1.29 132.57
C THR Q 246 -39.65 -1.76 134.00
N ASP Q 247 -39.14 -2.97 134.20
CA ASP Q 247 -38.96 -3.51 135.55
C ASP Q 247 -37.62 -3.14 136.16
N LEU Q 248 -36.80 -2.36 135.46
CA LEU Q 248 -35.47 -2.04 135.97
C LEU Q 248 -35.56 -1.03 137.11
N PRO Q 249 -34.90 -1.30 138.25
CA PRO Q 249 -34.84 -0.30 139.31
C PRO Q 249 -33.98 0.89 138.89
N THR Q 250 -34.26 2.04 139.50
CA THR Q 250 -33.59 3.28 139.11
C THR Q 250 -32.09 3.22 139.39
N ILE Q 251 -31.71 2.84 140.61
CA ILE Q 251 -30.31 2.81 141.02
C ILE Q 251 -29.78 1.39 140.93
N ALA Q 252 -28.47 1.27 140.71
CA ALA Q 252 -27.83 -0.03 140.58
C ALA Q 252 -26.32 0.16 140.73
N GLU Q 253 -25.58 -0.92 140.56
CA GLU Q 253 -24.12 -0.87 140.52
C GLU Q 253 -23.65 -0.75 139.08
N HIS Q 254 -22.63 0.09 138.87
CA HIS Q 254 -22.13 0.29 137.52
C HIS Q 254 -21.53 -1.01 136.98
N ASN Q 255 -21.63 -1.17 135.66
CA ASN Q 255 -21.21 -2.36 134.91
C ASN Q 255 -22.06 -3.58 135.24
N PHE Q 256 -23.25 -3.40 135.81
CA PHE Q 256 -24.15 -4.52 136.04
C PHE Q 256 -24.83 -4.92 134.74
N THR Q 257 -24.87 -6.23 134.48
CA THR Q 257 -25.38 -6.76 133.23
C THR Q 257 -26.66 -7.53 133.48
N VAL Q 258 -27.73 -7.15 132.78
CA VAL Q 258 -29.02 -7.85 132.84
C VAL Q 258 -29.50 -8.07 131.42
N ARG Q 259 -30.05 -9.25 131.16
CA ARG Q 259 -30.59 -9.60 129.85
C ARG Q 259 -32.08 -9.32 129.83
N ILE Q 260 -32.58 -8.86 128.68
CA ILE Q 260 -34.00 -8.60 128.47
C ILE Q 260 -34.50 -9.55 127.40
N GLN Q 261 -35.57 -10.28 127.73
CA GLN Q 261 -36.15 -11.24 126.79
C GLN Q 261 -36.87 -10.48 125.69
N GLY Q 262 -36.40 -10.61 124.46
CA GLY Q 262 -37.06 -9.98 123.34
C GLY Q 262 -38.34 -10.68 122.96
N SER Q 263 -39.09 -10.04 122.08
CA SER Q 263 -40.37 -10.56 121.60
C SER Q 263 -40.24 -10.87 120.12
N ALA Q 264 -40.13 -12.17 119.79
CA ALA Q 264 -40.15 -12.57 118.39
C ALA Q 264 -41.47 -12.24 117.72
N THR Q 265 -42.52 -12.00 118.51
CA THR Q 265 -43.76 -11.47 117.95
C THR Q 265 -43.53 -10.15 117.24
N THR Q 266 -42.59 -9.34 117.74
CA THR Q 266 -42.20 -8.09 117.12
C THR Q 266 -40.99 -8.24 116.21
N ALA Q 267 -40.59 -9.49 115.91
CA ALA Q 267 -39.45 -9.79 115.04
C ALA Q 267 -38.14 -9.23 115.59
N PHE Q 268 -38.03 -9.13 116.91
CA PHE Q 268 -36.82 -8.69 117.58
C PHE Q 268 -36.33 -9.79 118.52
N ASP Q 269 -35.03 -10.05 118.49
CA ASP Q 269 -34.43 -11.06 119.36
C ASP Q 269 -34.04 -10.43 120.68
N ASP Q 270 -33.34 -11.21 121.51
CA ASP Q 270 -32.95 -10.75 122.82
C ASP Q 270 -31.82 -9.71 122.72
N TYR Q 271 -31.66 -8.96 123.80
CA TYR Q 271 -30.56 -8.01 123.92
C TYR Q 271 -30.24 -7.81 125.39
N PHE Q 272 -29.18 -7.07 125.66
CA PHE Q 272 -28.68 -6.88 127.01
C PHE Q 272 -28.54 -5.40 127.31
N VAL Q 273 -28.55 -5.07 128.61
CA VAL Q 273 -28.41 -3.70 129.06
C VAL Q 273 -27.38 -3.65 130.18
N LYS Q 274 -26.49 -2.66 130.13
CA LYS Q 274 -25.43 -2.50 131.11
C LYS Q 274 -25.65 -1.21 131.90
N PHE Q 275 -25.09 -1.17 133.10
CA PHE Q 275 -25.24 -0.04 134.01
C PHE Q 275 -23.96 0.78 134.06
N GLU Q 276 -24.12 2.10 134.11
CA GLU Q 276 -23.00 3.03 134.26
C GLU Q 276 -23.45 4.13 135.20
N ALA Q 277 -22.81 4.22 136.36
CA ALA Q 277 -23.22 5.18 137.37
C ALA Q 277 -22.94 6.61 136.93
N THR Q 278 -23.84 7.52 137.30
CA THR Q 278 -23.64 8.93 136.99
C THR Q 278 -22.40 9.47 137.70
N ALA Q 279 -22.17 9.04 138.94
CA ALA Q 279 -20.98 9.43 139.68
C ALA Q 279 -19.70 8.90 139.05
N GLY Q 280 -19.80 7.93 138.14
CA GLY Q 280 -18.64 7.37 137.47
C GLY Q 280 -18.08 6.11 138.12
N SER Q 281 -18.47 5.80 139.35
CA SER Q 281 -18.02 4.61 140.04
C SER Q 281 -18.89 4.38 141.25
N GLY Q 282 -18.81 3.18 141.81
CA GLY Q 282 -19.58 2.86 142.99
C GLY Q 282 -21.07 2.72 142.70
N PHE Q 283 -21.87 2.92 143.74
CA PHE Q 283 -23.32 2.77 143.65
C PHE Q 283 -23.98 4.14 143.55
N GLY Q 284 -25.03 4.22 142.74
CA GLY Q 284 -25.76 5.46 142.56
C GLY Q 284 -26.62 5.43 141.32
N PRO Q 285 -27.34 6.52 141.06
CA PRO Q 285 -28.15 6.59 139.83
C PRO Q 285 -27.27 6.53 138.59
N GLY Q 286 -27.82 5.95 137.53
CA GLY Q 286 -27.05 5.75 136.32
C GLY Q 286 -27.94 5.47 135.14
N VAL Q 287 -27.33 5.00 134.06
CA VAL Q 287 -28.03 4.76 132.80
C VAL Q 287 -27.96 3.29 132.44
N TRP Q 288 -28.95 2.85 131.68
CA TRP Q 288 -28.97 1.51 131.09
C TRP Q 288 -28.92 1.66 129.58
N ARG Q 289 -27.93 1.01 128.95
CA ARG Q 289 -27.71 1.13 127.52
C ARG Q 289 -27.56 -0.25 126.92
N GLU Q 290 -27.98 -0.40 125.65
CA GLU Q 290 -27.83 -1.67 124.96
C GLU Q 290 -26.36 -2.06 124.87
N THR Q 291 -26.03 -3.21 125.45
CA THR Q 291 -24.65 -3.65 125.56
C THR Q 291 -24.48 -5.02 124.92
N VAL Q 292 -23.25 -5.53 124.99
CA VAL Q 292 -22.93 -6.86 124.49
C VAL Q 292 -23.06 -7.86 125.63
N ALA Q 293 -23.37 -9.10 125.29
CA ALA Q 293 -23.47 -10.15 126.29
C ALA Q 293 -22.10 -10.42 126.89
N PRO Q 294 -22.05 -10.73 128.18
CA PRO Q 294 -20.76 -10.94 128.85
C PRO Q 294 -20.26 -12.38 128.71
N ASN Q 295 -18.99 -12.56 129.10
CA ASN Q 295 -18.32 -13.86 129.04
C ASN Q 295 -18.27 -14.39 127.61
N ILE Q 296 -18.00 -13.50 126.65
CA ILE Q 296 -17.90 -13.86 125.24
C ILE Q 296 -16.72 -13.11 124.63
N ASP Q 297 -15.93 -13.80 123.83
CA ASP Q 297 -14.83 -13.16 123.12
C ASP Q 297 -15.36 -12.06 122.22
N HIS Q 298 -14.77 -10.87 122.31
CA HIS Q 298 -15.29 -9.72 121.58
C HIS Q 298 -14.21 -8.83 120.97
N LEU Q 299 -12.94 -9.24 120.98
CA LEU Q 299 -11.86 -8.43 120.46
C LEU Q 299 -11.18 -9.14 119.30
N LEU Q 300 -10.66 -8.34 118.37
CA LEU Q 300 -9.96 -8.84 117.20
C LEU Q 300 -8.46 -8.68 117.40
N ASP Q 301 -7.71 -9.76 117.13
CA ASP Q 301 -6.27 -9.72 117.26
C ASP Q 301 -5.70 -8.80 116.18
N LYS Q 302 -5.28 -7.59 116.60
CA LYS Q 302 -4.78 -6.61 115.65
C LYS Q 302 -3.46 -7.01 115.01
N SER Q 303 -2.77 -8.01 115.57
CA SER Q 303 -1.50 -8.44 115.02
C SER Q 303 -1.64 -9.27 113.76
N THR Q 304 -2.86 -9.49 113.27
CA THR Q 304 -3.07 -10.25 112.04
C THR Q 304 -3.86 -9.43 111.03
N MET Q 305 -4.75 -8.58 111.53
CA MET Q 305 -5.58 -7.76 110.67
C MET Q 305 -4.73 -6.70 109.98
N PRO Q 306 -5.21 -6.15 108.86
CA PRO Q 306 -4.35 -5.26 108.06
C PRO Q 306 -3.83 -4.06 108.84
N HIS Q 307 -2.61 -3.67 108.52
CA HIS Q 307 -1.91 -2.57 109.17
C HIS Q 307 -2.01 -1.30 108.34
N THR Q 308 -1.49 -0.21 108.89
CA THR Q 308 -1.56 1.09 108.24
C THR Q 308 -0.19 1.78 108.30
N LEU Q 309 0.06 2.62 107.30
CA LEU Q 309 1.28 3.41 107.22
C LEU Q 309 0.91 4.88 107.14
N VAL Q 310 1.43 5.69 108.06
CA VAL Q 310 1.07 7.09 108.17
C VAL Q 310 2.33 7.94 108.15
N ARG Q 311 2.19 9.16 107.63
CA ARG Q 311 3.27 10.13 107.60
C ARG Q 311 2.95 11.30 108.51
N ASN Q 312 3.96 11.83 109.17
CA ASN Q 312 3.79 12.96 110.07
C ASN Q 312 4.13 14.26 109.36
N ALA Q 313 3.82 15.38 110.03
CA ALA Q 313 4.08 16.69 109.46
C ALA Q 313 5.57 16.99 109.33
N ASN Q 314 6.40 16.37 110.15
CA ASN Q 314 7.83 16.62 110.13
C ASN Q 314 8.56 15.81 109.06
N GLY Q 315 7.85 14.94 108.33
CA GLY Q 315 8.44 14.18 107.24
C GLY Q 315 8.73 12.74 107.54
N THR Q 316 8.74 12.34 108.82
CA THR Q 316 9.01 10.96 109.15
C THR Q 316 7.76 10.10 108.93
N PHE Q 317 7.96 8.79 108.92
CA PHE Q 317 6.89 7.84 108.69
C PHE Q 317 6.79 6.88 109.88
N THR Q 318 5.59 6.35 110.09
CA THR Q 318 5.34 5.44 111.19
C THR Q 318 4.50 4.27 110.70
N PHE Q 319 4.97 3.05 110.96
CA PHE Q 319 4.29 1.83 110.56
C PHE Q 319 3.73 1.16 111.81
N ALA Q 320 2.43 1.30 112.03
CA ALA Q 320 1.81 0.86 113.27
C ALA Q 320 0.48 0.18 112.96
N GLN Q 321 -0.04 -0.53 113.96
CA GLN Q 321 -1.31 -1.23 113.83
C GLN Q 321 -2.46 -0.24 113.77
N PHE Q 322 -3.61 -0.72 113.31
CA PHE Q 322 -4.83 0.06 113.30
C PHE Q 322 -5.63 -0.21 114.56
N ASN Q 323 -6.55 0.71 114.88
CA ASN Q 323 -7.36 0.61 116.09
C ASN Q 323 -8.77 0.16 115.70
N TYR Q 324 -8.93 -1.15 115.59
CA TYR Q 324 -10.20 -1.76 115.25
C TYR Q 324 -11.04 -1.98 116.51
N THR Q 325 -12.35 -1.84 116.36
CA THR Q 325 -13.28 -2.09 117.46
C THR Q 325 -13.94 -3.44 117.28
N GLY Q 326 -14.36 -4.04 118.40
CA GLY Q 326 -14.93 -5.36 118.41
C GLY Q 326 -16.45 -5.34 118.55
N ARG Q 327 -16.99 -6.51 118.84
CA ARG Q 327 -18.43 -6.65 119.03
C ARG Q 327 -18.90 -5.80 120.19
N VAL Q 328 -19.97 -5.04 119.98
CA VAL Q 328 -20.47 -4.11 120.98
C VAL Q 328 -21.90 -4.40 121.41
N ALA Q 329 -22.62 -5.27 120.71
CA ALA Q 329 -24.00 -5.58 121.08
C ALA Q 329 -24.34 -6.99 120.60
N GLY Q 330 -25.40 -7.54 121.19
CA GLY Q 330 -25.83 -8.87 120.81
C GLY Q 330 -24.94 -9.95 121.40
N ASP Q 331 -25.14 -11.17 120.90
CA ASP Q 331 -24.35 -12.32 121.29
C ASP Q 331 -23.76 -12.95 120.04
N THR Q 332 -23.16 -14.13 120.20
CA THR Q 332 -22.49 -14.77 119.07
C THR Q 332 -23.47 -15.10 117.95
N THR Q 333 -24.65 -15.61 118.31
CA THR Q 333 -25.61 -16.01 117.29
C THR Q 333 -26.25 -14.80 116.62
N THR Q 334 -26.65 -13.80 117.40
CA THR Q 334 -27.34 -12.64 116.83
C THR Q 334 -26.40 -11.70 116.09
N ALA Q 335 -25.13 -11.69 116.44
CA ALA Q 335 -24.12 -10.87 115.76
C ALA Q 335 -22.97 -11.79 115.38
N PRO Q 336 -23.13 -12.58 114.32
CA PRO Q 336 -22.12 -13.59 113.99
C PRO Q 336 -20.80 -12.95 113.59
N ASN Q 337 -19.73 -13.73 113.77
CA ASN Q 337 -18.42 -13.26 113.38
C ASN Q 337 -18.38 -13.01 111.87
N PRO Q 338 -17.69 -11.96 111.42
CA PRO Q 338 -17.59 -11.71 109.98
C PRO Q 338 -16.92 -12.86 109.27
N THR Q 339 -17.31 -13.06 108.01
CA THR Q 339 -16.89 -14.24 107.27
C THR Q 339 -15.39 -14.28 107.01
N PHE Q 340 -14.69 -13.15 107.15
CA PHE Q 340 -13.25 -13.19 106.97
C PHE Q 340 -12.51 -13.73 108.17
N VAL Q 341 -13.20 -13.97 109.29
CA VAL Q 341 -12.57 -14.58 110.45
C VAL Q 341 -12.31 -16.05 110.15
N GLY Q 342 -11.07 -16.48 110.39
CA GLY Q 342 -10.68 -17.84 110.06
C GLY Q 342 -10.28 -18.06 108.62
N SER Q 343 -10.04 -17.01 107.86
CA SER Q 343 -9.66 -17.15 106.46
C SER Q 343 -8.79 -15.97 106.05
N LYS Q 344 -8.08 -16.15 104.93
CA LYS Q 344 -7.16 -15.14 104.45
C LYS Q 344 -7.91 -14.01 103.73
N ILE Q 345 -7.44 -12.78 103.95
CA ILE Q 345 -7.97 -11.62 103.25
C ILE Q 345 -7.24 -11.48 101.92
N LYS Q 346 -7.99 -11.28 100.84
CA LYS Q 346 -7.40 -11.26 99.50
C LYS Q 346 -7.13 -9.86 98.97
N ASN Q 347 -8.01 -8.89 99.22
CA ASN Q 347 -7.81 -7.55 98.70
C ASN Q 347 -8.65 -6.58 99.52
N ILE Q 348 -8.27 -5.30 99.43
CA ILE Q 348 -8.91 -4.23 100.20
C ILE Q 348 -9.10 -3.03 99.29
N ASN Q 349 -10.25 -2.38 99.38
CA ASN Q 349 -10.59 -1.29 98.48
C ASN Q 349 -11.60 -0.38 99.17
N LEU Q 350 -11.79 0.82 98.61
CA LEU Q 350 -12.71 1.81 99.15
C LEU Q 350 -13.81 2.10 98.15
N PHE Q 351 -15.03 2.21 98.63
CA PHE Q 351 -16.18 2.44 97.75
C PHE Q 351 -17.32 3.04 98.56
N ARG Q 352 -17.75 4.23 98.17
CA ARG Q 352 -18.96 4.86 98.71
C ARG Q 352 -18.86 5.02 100.22
N ASN Q 353 -17.86 5.81 100.64
CA ASN Q 353 -17.54 6.10 102.04
C ASN Q 353 -17.65 4.89 102.94
N ARG Q 354 -17.22 3.73 102.44
CA ARG Q 354 -17.16 2.50 103.23
C ARG Q 354 -15.86 1.78 102.88
N LEU Q 355 -15.52 0.81 103.73
CA LEU Q 355 -14.32 0.00 103.56
C LEU Q 355 -14.71 -1.37 103.04
N VAL Q 356 -14.00 -1.86 102.02
CA VAL Q 356 -14.32 -3.10 101.35
C VAL Q 356 -13.21 -4.10 101.59
N PHE Q 357 -13.56 -5.29 102.04
CA PHE Q 357 -12.64 -6.41 102.18
C PHE Q 357 -13.08 -7.55 101.27
N LEU Q 358 -12.13 -8.39 100.90
CA LEU Q 358 -12.40 -9.57 100.09
C LEU Q 358 -11.89 -10.80 100.83
N ALA Q 359 -12.74 -11.83 100.94
CA ALA Q 359 -12.37 -13.05 101.63
C ALA Q 359 -13.29 -14.18 101.19
N ASP Q 360 -12.69 -15.31 100.82
CA ASP Q 360 -13.41 -16.50 100.37
C ASP Q 360 -14.33 -16.09 99.23
N GLU Q 361 -15.64 -16.35 99.33
CA GLU Q 361 -16.59 -15.92 98.32
C GLU Q 361 -17.41 -14.71 98.76
N ASN Q 362 -17.06 -14.12 99.91
CA ASN Q 362 -17.85 -13.07 100.52
C ASN Q 362 -17.16 -11.73 100.39
N VAL Q 363 -17.95 -10.71 100.04
CA VAL Q 363 -17.50 -9.32 100.06
C VAL Q 363 -17.98 -8.68 101.34
N ILE Q 364 -17.08 -8.01 102.06
CA ILE Q 364 -17.38 -7.46 103.37
C ILE Q 364 -17.29 -5.95 103.29
N LEU Q 365 -18.36 -5.28 103.73
CA LEU Q 365 -18.42 -3.82 103.72
C LEU Q 365 -18.50 -3.32 105.15
N SER Q 366 -17.69 -2.32 105.48
CA SER Q 366 -17.67 -1.78 106.82
C SER Q 366 -18.89 -0.89 107.08
N ALA Q 367 -19.04 -0.50 108.33
CA ALA Q 367 -20.11 0.43 108.69
C ALA Q 367 -19.91 1.76 107.99
N ALA Q 368 -21.01 2.45 107.71
CA ALA Q 368 -20.97 3.69 106.95
C ALA Q 368 -20.26 4.77 107.76
N ASP Q 369 -19.30 5.45 107.12
CA ASP Q 369 -18.57 6.58 107.69
C ASP Q 369 -17.82 6.22 108.96
N SER Q 370 -17.58 4.93 109.20
CA SER Q 370 -16.82 4.48 110.37
C SER Q 370 -15.97 3.30 109.93
N PHE Q 371 -14.72 3.58 109.56
CA PHE Q 371 -13.87 2.56 108.95
C PHE Q 371 -13.42 1.49 109.94
N GLU Q 372 -13.52 1.74 111.24
CA GLU Q 372 -12.98 0.82 112.23
C GLU Q 372 -14.03 -0.06 112.87
N ARG Q 373 -15.27 -0.03 112.38
CA ARG Q 373 -16.36 -0.83 112.95
C ARG Q 373 -16.84 -1.84 111.93
N PHE Q 374 -16.90 -3.11 112.35
CA PHE Q 374 -17.34 -4.19 111.48
C PHE Q 374 -18.48 -5.01 112.05
N PHE Q 375 -18.91 -4.75 113.27
CA PHE Q 375 -20.01 -5.46 113.89
C PHE Q 375 -21.26 -4.59 113.92
N PRO Q 376 -22.45 -5.19 113.92
CA PRO Q 376 -23.67 -4.38 113.93
C PRO Q 376 -23.77 -3.53 115.19
N GLU Q 377 -24.25 -2.30 115.01
CA GLU Q 377 -24.31 -1.36 116.13
C GLU Q 377 -25.38 -1.77 117.14
N THR Q 378 -26.56 -2.17 116.65
CA THR Q 378 -27.64 -2.60 117.51
C THR Q 378 -28.28 -3.85 116.92
N VAL Q 379 -28.91 -4.64 117.79
CA VAL Q 379 -29.49 -5.91 117.38
C VAL Q 379 -31.02 -5.86 117.40
N GLN Q 380 -31.58 -4.76 117.89
CA GLN Q 380 -33.03 -4.60 117.92
C GLN Q 380 -33.63 -4.31 116.55
N THR Q 381 -32.99 -3.45 115.76
CA THR Q 381 -33.46 -3.14 114.42
C THR Q 381 -32.25 -2.88 113.55
N LEU Q 382 -32.31 -3.37 112.31
CA LEU Q 382 -31.20 -3.18 111.37
C LEU Q 382 -31.23 -1.75 110.84
N LEU Q 383 -30.10 -1.08 110.89
CA LEU Q 383 -29.95 0.26 110.37
C LEU Q 383 -29.10 0.24 109.10
N ASP Q 384 -29.30 1.25 108.25
CA ASP Q 384 -28.58 1.32 106.98
C ASP Q 384 -27.09 1.57 107.15
N SER Q 385 -26.66 1.94 108.35
CA SER Q 385 -25.24 2.15 108.62
C SER Q 385 -24.53 0.89 109.11
N ASP Q 386 -25.22 -0.24 109.15
CA ASP Q 386 -24.63 -1.48 109.63
C ASP Q 386 -23.81 -2.17 108.54
N PRO Q 387 -22.84 -2.99 108.92
CA PRO Q 387 -21.99 -3.66 107.92
C PRO Q 387 -22.79 -4.66 107.09
N ILE Q 388 -22.28 -4.90 105.88
CA ILE Q 388 -22.95 -5.71 104.88
C ILE Q 388 -22.05 -6.87 104.49
N ASP Q 389 -22.65 -8.03 104.24
CA ASP Q 389 -21.91 -9.20 103.78
C ASP Q 389 -22.75 -9.94 102.75
N ILE Q 390 -22.18 -10.17 101.57
CA ILE Q 390 -22.88 -10.84 100.48
C ILE Q 390 -22.02 -12.02 100.05
N SER Q 391 -22.66 -12.96 99.35
CA SER Q 391 -21.96 -14.08 98.73
C SER Q 391 -22.19 -14.04 97.22
N SER Q 392 -21.13 -14.33 96.47
CA SER Q 392 -21.21 -14.31 95.01
C SER Q 392 -21.86 -15.62 94.55
N GLY Q 393 -23.11 -15.54 94.13
CA GLY Q 393 -23.82 -16.74 93.71
C GLY Q 393 -23.29 -17.27 92.39
N GLY Q 394 -23.49 -18.57 92.19
CA GLY Q 394 -23.05 -19.23 90.97
C GLY Q 394 -22.89 -20.72 91.16
N THR Q 395 -22.98 -21.47 90.05
CA THR Q 395 -22.89 -22.93 90.11
C THR Q 395 -21.44 -23.43 90.16
N SER Q 396 -20.46 -22.53 90.09
CA SER Q 396 -19.06 -22.89 90.17
C SER Q 396 -18.40 -22.10 91.28
N VAL Q 397 -17.36 -22.68 91.88
CA VAL Q 397 -16.65 -22.01 92.96
C VAL Q 397 -15.87 -20.82 92.42
N ASN Q 398 -16.06 -19.65 93.04
CA ASN Q 398 -15.44 -18.41 92.58
C ASN Q 398 -14.87 -17.68 93.78
N PHE Q 399 -13.57 -17.82 94.00
CA PHE Q 399 -12.87 -17.07 95.04
C PHE Q 399 -12.45 -15.73 94.48
N LEU Q 400 -12.91 -14.65 95.11
CA LEU Q 400 -12.63 -13.31 94.59
C LEU Q 400 -11.21 -12.91 94.91
N ASN Q 401 -10.55 -12.28 93.94
CA ASN Q 401 -9.16 -11.87 94.08
C ASN Q 401 -8.97 -10.36 94.01
N SER Q 402 -9.45 -9.71 92.96
CA SER Q 402 -9.19 -8.29 92.74
C SER Q 402 -10.48 -7.55 92.44
N SER Q 403 -10.47 -6.26 92.78
CA SER Q 403 -11.62 -5.40 92.56
C SER Q 403 -11.16 -4.10 91.93
N LEU Q 404 -12.09 -3.42 91.25
CA LEU Q 404 -11.77 -2.18 90.56
C LEU Q 404 -13.00 -1.28 90.54
N ALA Q 405 -12.79 0.01 90.78
CA ALA Q 405 -13.85 1.01 90.74
C ALA Q 405 -13.74 1.77 89.42
N PHE Q 406 -14.63 1.47 88.48
CA PHE Q 406 -14.57 2.03 87.14
C PHE Q 406 -15.97 2.12 86.58
N ALA Q 407 -16.12 2.95 85.54
CA ALA Q 407 -17.41 3.27 84.95
C ALA Q 407 -18.32 3.74 86.09
N ASN Q 408 -19.57 3.28 86.17
CA ASN Q 408 -20.46 3.68 87.25
C ASN Q 408 -20.80 2.52 88.17
N THR Q 409 -19.85 1.60 88.36
CA THR Q 409 -20.11 0.40 89.14
C THR Q 409 -18.86 0.01 89.92
N LEU Q 410 -18.88 -1.19 90.47
CA LEU Q 410 -17.76 -1.78 91.20
C LEU Q 410 -17.53 -3.17 90.63
N LEU Q 411 -16.45 -3.33 89.88
CA LEU Q 411 -16.15 -4.60 89.23
C LEU Q 411 -15.36 -5.50 90.17
N LEU Q 412 -15.81 -6.75 90.30
CA LEU Q 412 -15.11 -7.76 91.07
C LEU Q 412 -14.75 -8.91 90.14
N PHE Q 413 -13.51 -9.38 90.25
CA PHE Q 413 -12.99 -10.41 89.36
C PHE Q 413 -12.69 -11.67 90.16
N SER Q 414 -12.87 -12.83 89.52
CA SER Q 414 -12.52 -14.12 90.07
C SER Q 414 -11.55 -14.82 89.14
N LEU Q 415 -11.23 -16.07 89.45
CA LEU Q 415 -10.33 -16.84 88.61
C LEU Q 415 -10.98 -17.34 87.33
N HIS Q 416 -12.32 -17.33 87.25
CA HIS Q 416 -12.98 -17.81 86.05
C HIS Q 416 -14.19 -16.97 85.65
N GLY Q 417 -14.33 -15.76 86.16
CA GLY Q 417 -15.47 -14.94 85.79
C GLY Q 417 -15.37 -13.55 86.36
N GLN Q 418 -16.34 -12.72 85.97
CA GLN Q 418 -16.44 -11.34 86.42
C GLN Q 418 -17.82 -11.09 87.01
N PHE Q 419 -17.87 -10.29 88.07
CA PHE Q 419 -19.10 -9.95 88.76
C PHE Q 419 -19.13 -8.45 89.00
N ARG Q 420 -20.30 -7.94 89.37
CA ARG Q 420 -20.47 -6.55 89.72
C ARG Q 420 -21.33 -6.44 90.97
N LEU Q 421 -20.97 -5.50 91.85
CA LEU Q 421 -21.76 -5.19 93.04
C LEU Q 421 -22.50 -3.88 92.80
N ASP Q 422 -23.80 -3.90 93.03
CA ASP Q 422 -24.59 -2.68 92.82
C ASP Q 422 -25.96 -2.85 93.44
N THR Q 423 -26.57 -1.72 93.78
CA THR Q 423 -28.02 -1.70 93.95
C THR Q 423 -28.71 -2.10 92.66
N GLY Q 424 -28.04 -1.89 91.53
CA GLY Q 424 -28.56 -2.28 90.24
C GLY Q 424 -29.40 -1.24 89.54
N SER Q 425 -29.80 -0.19 90.25
CA SER Q 425 -30.69 0.80 89.69
C SER Q 425 -29.99 1.67 88.66
N THR Q 426 -30.78 2.20 87.72
CA THR Q 426 -30.31 3.33 86.94
C THR Q 426 -29.99 4.51 87.84
N SER Q 427 -30.56 4.53 89.04
CA SER Q 427 -30.17 5.47 90.09
C SER Q 427 -28.81 5.06 90.63
N VAL Q 428 -27.77 5.76 90.17
CA VAL Q 428 -26.40 5.37 90.51
C VAL Q 428 -26.17 5.51 92.00
N GLY Q 429 -26.64 6.59 92.61
CA GLY Q 429 -26.36 6.85 94.00
C GLY Q 429 -27.44 6.40 94.98
N THR Q 430 -28.10 5.28 94.68
CA THR Q 430 -29.09 4.75 95.61
C THR Q 430 -28.42 4.23 96.87
N ALA Q 431 -29.09 4.39 98.00
CA ALA Q 431 -28.53 3.99 99.28
C ALA Q 431 -28.23 2.51 99.33
N LEU Q 432 -27.09 2.16 99.92
CA LEU Q 432 -26.68 0.78 100.11
C LEU Q 432 -27.21 0.31 101.46
N THR Q 433 -28.09 -0.69 101.43
CA THR Q 433 -28.75 -1.20 102.62
C THR Q 433 -28.59 -2.70 102.69
N PRO Q 434 -28.75 -3.29 103.88
CA PRO Q 434 -28.73 -4.76 103.97
C PRO Q 434 -29.81 -5.43 103.12
N LYS Q 435 -30.93 -4.75 102.88
CA LYS Q 435 -32.03 -5.32 102.11
C LYS Q 435 -31.76 -5.34 100.61
N THR Q 436 -30.69 -4.69 100.14
CA THR Q 436 -30.55 -4.42 98.71
C THR Q 436 -29.24 -4.91 98.10
N ALA Q 437 -28.17 -5.01 98.88
CA ALA Q 437 -26.88 -5.38 98.31
C ALA Q 437 -26.92 -6.78 97.73
N THR Q 438 -26.15 -6.97 96.65
CA THR Q 438 -26.12 -8.24 95.95
C THR Q 438 -24.92 -8.28 95.02
N ILE Q 439 -24.63 -9.46 94.49
CA ILE Q 439 -23.61 -9.67 93.48
C ILE Q 439 -24.24 -10.38 92.30
N THR Q 440 -24.01 -9.86 91.10
CA THR Q 440 -24.56 -10.45 89.88
C THR Q 440 -23.42 -10.75 88.91
N ALA Q 441 -23.47 -11.92 88.28
CA ALA Q 441 -22.45 -12.29 87.30
C ALA Q 441 -22.65 -11.51 86.01
N ILE Q 442 -21.59 -11.45 85.21
CA ILE Q 442 -21.67 -10.75 83.92
C ILE Q 442 -21.19 -11.67 82.80
N THR Q 443 -19.96 -12.16 82.90
CA THR Q 443 -19.35 -13.00 81.86
C THR Q 443 -18.48 -14.05 82.54
N THR Q 444 -17.80 -14.86 81.73
CA THR Q 444 -17.01 -15.98 82.24
C THR Q 444 -15.63 -16.05 81.57
N PHE Q 445 -14.93 -14.93 81.49
CA PHE Q 445 -13.57 -14.95 80.97
C PHE Q 445 -12.59 -15.35 82.06
N ASP Q 446 -11.29 -15.36 81.73
CA ASP Q 446 -10.26 -15.89 82.60
C ASP Q 446 -9.31 -14.79 83.06
N ILE Q 447 -8.84 -14.91 84.30
CA ILE Q 447 -8.02 -13.91 84.96
C ILE Q 447 -6.78 -14.58 85.54
N VAL Q 448 -5.65 -13.87 85.47
CA VAL Q 448 -4.42 -14.26 86.16
C VAL Q 448 -4.33 -13.47 87.46
N ASP Q 449 -3.92 -14.14 88.54
CA ASP Q 449 -3.90 -13.54 89.86
C ASP Q 449 -2.60 -12.81 90.18
N ALA Q 450 -1.58 -12.92 89.34
CA ALA Q 450 -0.28 -12.34 89.68
C ALA Q 450 -0.33 -10.83 89.77
N ILE Q 451 -1.06 -10.18 88.86
CA ILE Q 451 -1.12 -8.73 88.81
C ILE Q 451 -2.58 -8.28 88.77
N ASP Q 452 -2.81 -7.06 89.21
CA ASP Q 452 -4.13 -6.45 89.36
C ASP Q 452 -4.55 -5.81 88.05
N PRO Q 453 -5.77 -6.05 87.58
CA PRO Q 453 -6.26 -5.37 86.37
C PRO Q 453 -6.31 -3.86 86.57
N ILE Q 454 -6.02 -3.13 85.51
CA ILE Q 454 -5.89 -1.68 85.55
C ILE Q 454 -6.94 -1.07 84.62
N GLY Q 455 -7.13 0.24 84.76
CA GLY Q 455 -8.06 0.97 83.94
C GLY Q 455 -7.41 2.12 83.20
N VAL Q 456 -7.49 2.09 81.87
CA VAL Q 456 -6.85 3.10 81.02
C VAL Q 456 -7.93 3.78 80.19
N GLY Q 457 -8.01 5.10 80.30
CA GLY Q 457 -8.98 5.86 79.54
C GLY Q 457 -10.40 5.44 79.82
N ARG Q 458 -11.03 4.75 78.86
CA ARG Q 458 -12.37 4.22 79.03
C ARG Q 458 -12.42 2.70 79.01
N THR Q 459 -11.28 2.03 78.93
CA THR Q 459 -11.22 0.58 78.79
C THR Q 459 -10.51 -0.04 79.98
N VAL Q 460 -10.75 -1.33 80.19
CA VAL Q 460 -10.15 -2.09 81.29
C VAL Q 460 -9.32 -3.22 80.71
N TYR Q 461 -8.18 -3.51 81.33
CA TYR Q 461 -7.23 -4.50 80.83
C TYR Q 461 -6.93 -5.52 81.92
N PHE Q 462 -6.61 -6.75 81.50
CA PHE Q 462 -6.09 -7.77 82.41
C PHE Q 462 -5.36 -8.81 81.60
N GLY Q 463 -4.58 -9.63 82.29
CA GLY Q 463 -3.83 -10.71 81.64
C GLY Q 463 -4.53 -12.05 81.79
N ILE Q 464 -4.36 -12.89 80.76
CA ILE Q 464 -4.99 -14.21 80.75
C ILE Q 464 -3.92 -15.28 80.57
N PRO Q 465 -4.13 -16.49 81.08
CA PRO Q 465 -3.09 -17.53 80.96
C PRO Q 465 -3.24 -18.33 79.68
N LYS Q 466 -2.10 -18.59 79.04
CA LYS Q 466 -2.02 -19.36 77.81
C LYS Q 466 -1.01 -20.48 77.95
N GLY Q 467 -0.99 -21.12 79.11
CA GLY Q 467 -0.04 -22.19 79.37
C GLY Q 467 1.23 -21.65 80.01
N ASP Q 468 2.37 -21.94 79.37
CA ASP Q 468 3.64 -21.42 79.86
C ASP Q 468 3.69 -19.91 79.66
N PHE Q 469 3.31 -19.44 78.48
CA PHE Q 469 3.32 -18.03 78.17
C PHE Q 469 1.97 -17.40 78.48
N SER Q 470 1.99 -16.10 78.77
CA SER Q 470 0.81 -15.36 79.18
C SER Q 470 0.35 -14.42 78.07
N GLY Q 471 -0.93 -14.05 78.13
CA GLY Q 471 -1.52 -13.20 77.13
C GLY Q 471 -2.28 -12.05 77.76
N LEU Q 472 -2.62 -11.07 76.93
CA LEU Q 472 -3.25 -9.83 77.36
C LEU Q 472 -4.59 -9.67 76.66
N ARG Q 473 -5.64 -9.41 77.44
CA ARG Q 473 -6.99 -9.26 76.92
C ARG Q 473 -7.64 -8.04 77.53
N GLU Q 474 -8.30 -7.25 76.68
CA GLU Q 474 -9.00 -6.05 77.11
C GLU Q 474 -10.49 -6.22 76.85
N TYR Q 475 -11.29 -5.51 77.64
CA TYR Q 475 -12.73 -5.51 77.40
C TYR Q 475 -13.32 -4.17 77.81
N PHE Q 476 -14.30 -3.71 77.04
CA PHE Q 476 -14.80 -2.34 77.08
C PHE Q 476 -16.23 -2.35 77.58
N LEU Q 477 -16.53 -1.48 78.54
CA LEU Q 477 -17.83 -1.47 79.20
C LEU Q 477 -18.62 -0.22 78.85
N PRO Q 478 -19.73 -0.34 78.11
CA PRO Q 478 -20.65 0.79 77.96
C PRO Q 478 -21.45 1.06 79.22
N ASP Q 479 -22.47 1.91 79.14
CA ASP Q 479 -23.21 2.41 80.29
C ASP Q 479 -23.60 1.33 81.29
N ALA Q 480 -23.75 1.72 82.56
CA ALA Q 480 -23.94 0.74 83.64
C ALA Q 480 -25.22 -0.07 83.44
N SER Q 481 -26.29 0.59 83.02
CA SER Q 481 -27.56 -0.10 82.81
C SER Q 481 -27.66 -0.75 81.43
N GLY Q 482 -26.62 -0.66 80.62
CA GLY Q 482 -26.67 -1.11 79.25
C GLY Q 482 -26.33 -2.57 79.05
N PRO Q 483 -25.90 -2.90 77.85
CA PRO Q 483 -25.73 -4.31 77.46
C PRO Q 483 -24.47 -4.93 78.04
N ILE Q 484 -24.22 -6.16 77.63
CA ILE Q 484 -23.01 -6.89 78.05
C ILE Q 484 -21.79 -6.17 77.49
N PRO Q 485 -20.73 -5.99 78.27
CA PRO Q 485 -19.55 -5.29 77.76
C PRO Q 485 -18.89 -6.04 76.61
N LEU Q 486 -18.33 -5.27 75.68
CA LEU Q 486 -17.58 -5.83 74.57
C LEU Q 486 -16.21 -6.30 75.06
N SER Q 487 -15.71 -7.35 74.42
CA SER Q 487 -14.41 -7.92 74.78
C SER Q 487 -13.65 -8.29 73.52
N GLU Q 488 -12.33 -8.27 73.61
CA GLU Q 488 -11.47 -8.54 72.48
C GLU Q 488 -10.09 -8.93 72.97
N GLU Q 489 -9.48 -9.90 72.29
CA GLU Q 489 -8.11 -10.31 72.60
C GLU Q 489 -7.15 -9.66 71.62
N VAL Q 490 -6.02 -9.16 72.14
CA VAL Q 490 -5.05 -8.44 71.36
C VAL Q 490 -3.73 -9.18 71.25
N THR Q 491 -3.64 -10.41 71.76
CA THR Q 491 -2.42 -11.19 71.70
C THR Q 491 -2.63 -12.50 70.94
N SER Q 492 -3.67 -12.58 70.12
CA SER Q 492 -3.92 -13.79 69.36
C SER Q 492 -2.87 -14.02 68.29
N SER Q 493 -2.29 -12.95 67.76
CA SER Q 493 -1.26 -13.07 66.74
C SER Q 493 0.12 -13.38 67.31
N VAL Q 494 0.28 -13.37 68.63
CA VAL Q 494 1.56 -13.67 69.26
C VAL Q 494 1.35 -14.65 70.41
N PRO Q 495 1.06 -15.91 70.14
CA PRO Q 495 0.79 -16.85 71.24
C PRO Q 495 2.02 -17.26 72.05
N ARG Q 496 3.22 -16.89 71.61
CA ARG Q 496 4.46 -17.29 72.28
C ARG Q 496 5.38 -16.10 72.47
N PHE Q 497 4.85 -15.00 72.99
CA PHE Q 497 5.61 -13.76 73.11
C PHE Q 497 5.90 -13.38 74.56
N VAL Q 498 4.88 -13.24 75.39
CA VAL Q 498 5.04 -12.74 76.75
C VAL Q 498 5.29 -13.92 77.68
N PRO Q 499 6.38 -13.95 78.42
CA PRO Q 499 6.68 -15.09 79.29
C PRO Q 499 5.74 -15.14 80.48
N GLY Q 500 5.82 -16.26 81.20
CA GLY Q 500 4.99 -16.45 82.37
C GLY Q 500 5.55 -15.77 83.60
N ASN Q 501 4.76 -15.80 84.68
CA ASN Q 501 5.13 -15.22 85.97
C ASN Q 501 5.44 -13.74 85.84
N LEU Q 502 4.42 -12.98 85.41
CA LEU Q 502 4.57 -11.54 85.33
C LEU Q 502 4.73 -10.95 86.72
N ILE Q 503 5.44 -9.82 86.80
CA ILE Q 503 5.69 -9.18 88.09
C ILE Q 503 5.33 -7.71 88.11
N SER Q 504 5.13 -7.05 86.98
CA SER Q 504 4.80 -5.63 86.99
C SER Q 504 4.15 -5.25 85.68
N MET Q 505 2.94 -4.69 85.76
CA MET Q 505 2.24 -4.14 84.61
C MET Q 505 1.90 -2.70 84.94
N SER Q 506 2.35 -1.77 84.10
CA SER Q 506 2.15 -0.36 84.35
C SER Q 506 1.56 0.33 83.13
N PRO Q 507 0.54 1.16 83.32
CA PRO Q 507 -0.07 1.85 82.18
C PRO Q 507 0.53 3.23 81.93
N SER Q 508 0.10 3.87 80.85
CA SER Q 508 0.47 5.26 80.59
C SER Q 508 -0.62 5.84 79.70
N VAL Q 509 -1.47 6.70 80.25
CA VAL Q 509 -2.68 7.12 79.56
C VAL Q 509 -2.37 8.07 78.42
N SER Q 510 -1.66 9.16 78.73
CA SER Q 510 -1.41 10.18 77.72
C SER Q 510 -0.43 9.71 76.66
N GLU Q 511 0.34 8.66 76.95
CA GLU Q 511 1.27 8.11 75.98
C GLU Q 511 0.80 6.75 75.44
N GLU Q 512 -0.44 6.35 75.76
CA GLU Q 512 -1.03 5.09 75.32
C GLU Q 512 -0.02 3.96 75.21
N VAL Q 513 0.65 3.63 76.31
CA VAL Q 513 1.65 2.57 76.33
C VAL Q 513 1.42 1.72 77.57
N ILE Q 514 1.48 0.40 77.39
CA ILE Q 514 1.41 -0.56 78.48
C ILE Q 514 2.70 -1.36 78.50
N THR Q 515 3.35 -1.41 79.66
CA THR Q 515 4.65 -2.04 79.80
C THR Q 515 4.55 -3.28 80.68
N MET Q 516 5.22 -4.35 80.26
CA MET Q 516 5.20 -5.62 80.96
C MET Q 516 6.63 -6.10 81.20
N ILE Q 517 6.92 -6.48 82.44
CA ILE Q 517 8.22 -7.04 82.81
C ILE Q 517 8.00 -8.43 83.38
N SER Q 518 8.69 -9.41 82.83
CA SER Q 518 8.55 -10.80 83.25
C SER Q 518 9.66 -11.16 84.23
N LYS Q 519 9.68 -12.43 84.63
CA LYS Q 519 10.73 -12.96 85.50
C LYS Q 519 11.64 -13.95 84.79
N ASP Q 520 11.11 -14.75 83.86
CA ASP Q 520 11.96 -15.69 83.14
C ASP Q 520 12.95 -14.96 82.23
N GLN Q 521 12.69 -13.70 81.92
CA GLN Q 521 13.58 -12.89 81.09
C GLN Q 521 14.00 -11.66 81.88
N PRO Q 522 15.12 -11.72 82.61
CA PRO Q 522 15.52 -10.59 83.47
C PRO Q 522 16.22 -9.45 82.76
N ARG Q 523 16.18 -9.38 81.42
CA ARG Q 523 16.86 -8.33 80.70
C ARG Q 523 16.00 -7.73 79.59
N ARG Q 524 14.68 -7.92 79.65
CA ARG Q 524 13.80 -7.43 78.60
C ARG Q 524 12.62 -6.69 79.19
N VAL Q 525 12.16 -5.68 78.48
CA VAL Q 525 10.92 -4.97 78.78
C VAL Q 525 10.01 -5.10 77.57
N TYR Q 526 8.80 -5.59 77.77
CA TYR Q 526 7.84 -5.78 76.70
C TYR Q 526 6.93 -4.57 76.62
N ILE Q 527 6.77 -4.02 75.41
CA ILE Q 527 6.01 -2.80 75.20
C ILE Q 527 4.81 -3.13 74.33
N TYR Q 528 3.79 -2.29 74.37
CA TYR Q 528 2.56 -2.50 73.61
C TYR Q 528 1.93 -1.15 73.31
N LYS Q 529 1.95 -0.75 72.04
CA LYS Q 529 1.48 0.55 71.62
C LYS Q 529 0.13 0.39 70.92
N PHE Q 530 -0.88 1.11 71.41
CA PHE Q 530 -2.22 1.05 70.88
C PHE Q 530 -2.73 2.45 70.62
N PHE Q 531 -3.60 2.60 69.62
CA PHE Q 531 -4.12 3.91 69.27
C PHE Q 531 -5.62 3.79 69.02
N PHE Q 532 -6.36 4.85 69.33
CA PHE Q 532 -7.81 4.83 69.27
C PHE Q 532 -8.34 5.99 68.44
N ASP Q 533 -9.54 5.80 67.90
CA ASP Q 533 -10.29 6.85 67.22
C ASP Q 533 -11.77 6.51 67.35
N ASP Q 534 -12.49 7.29 68.17
CA ASP Q 534 -13.89 7.00 68.48
C ASP Q 534 -14.00 5.61 69.09
N ASP Q 535 -14.30 4.62 68.25
CA ASP Q 535 -14.40 3.24 68.69
C ASP Q 535 -13.43 2.31 67.98
N GLN Q 536 -13.21 2.51 66.68
CA GLN Q 536 -12.32 1.63 65.93
C GLN Q 536 -10.87 1.78 66.41
N LYS Q 537 -10.12 0.70 66.27
CA LYS Q 537 -8.72 0.66 66.68
C LYS Q 537 -7.84 0.73 65.43
N LEU Q 538 -6.99 1.75 65.37
CA LEU Q 538 -6.17 1.99 64.19
C LEU Q 538 -4.75 1.48 64.30
N GLN Q 539 -4.36 0.93 65.46
CA GLN Q 539 -3.01 0.42 65.63
C GLN Q 539 -2.92 -0.47 66.86
N SER Q 540 -2.26 -1.61 66.70
CA SER Q 540 -2.00 -2.51 67.83
C SER Q 540 -0.72 -3.27 67.50
N SER Q 541 0.37 -2.93 68.19
CA SER Q 541 1.69 -3.45 67.86
C SER Q 541 2.39 -3.96 69.11
N TRP Q 542 3.26 -4.95 68.92
CA TRP Q 542 4.04 -5.54 70.00
C TRP Q 542 5.52 -5.49 69.66
N SER Q 543 6.34 -5.14 70.64
CA SER Q 543 7.79 -5.17 70.51
C SER Q 543 8.39 -5.13 71.91
N TYR Q 544 9.69 -5.35 72.00
CA TYR Q 544 10.33 -5.43 73.32
C TYR Q 544 11.73 -4.83 73.27
N TRP Q 545 12.10 -4.14 74.33
CA TRP Q 545 13.41 -3.51 74.44
C TRP Q 545 14.40 -4.53 75.02
N GLU Q 546 15.62 -4.09 75.30
CA GLU Q 546 16.65 -4.98 75.80
C GLU Q 546 17.77 -4.14 76.42
N VAL Q 547 18.39 -4.67 77.46
CA VAL Q 547 19.45 -3.98 78.19
C VAL Q 547 20.75 -4.75 78.07
N ALA Q 548 21.79 -4.28 78.74
CA ALA Q 548 23.13 -4.84 78.59
C ALA Q 548 23.19 -6.23 79.24
N ALA Q 549 24.38 -6.80 79.28
CA ALA Q 549 24.57 -8.21 79.61
C ALA Q 549 24.84 -8.48 81.09
N ASN Q 550 24.69 -7.47 81.95
CA ASN Q 550 24.93 -7.70 83.37
C ASN Q 550 23.85 -7.12 84.28
N LYS Q 551 22.86 -6.41 83.76
CA LYS Q 551 21.81 -5.86 84.59
C LYS Q 551 20.74 -6.90 84.88
N THR Q 552 19.79 -6.53 85.74
CA THR Q 552 18.68 -7.40 86.11
C THR Q 552 17.52 -6.54 86.57
N LEU Q 553 16.46 -6.47 85.78
CA LEU Q 553 15.31 -5.66 86.13
C LEU Q 553 14.59 -6.24 87.34
N LEU Q 554 13.93 -5.37 88.09
CA LEU Q 554 13.11 -5.79 89.22
C LEU Q 554 11.65 -5.46 89.05
N GLY Q 555 11.33 -4.20 88.74
CA GLY Q 555 9.95 -3.80 88.56
C GLY Q 555 9.88 -2.41 87.96
N GLY Q 556 8.70 -2.07 87.46
CA GLY Q 556 8.51 -0.80 86.81
C GLY Q 556 7.25 -0.11 87.28
N ASN Q 557 7.29 1.22 87.22
CA ASN Q 557 6.14 2.06 87.51
C ASN Q 557 6.13 3.23 86.55
N VAL Q 558 4.97 3.83 86.37
CA VAL Q 558 4.82 5.00 85.51
C VAL Q 558 4.12 6.10 86.30
N LEU Q 559 4.76 7.26 86.38
CA LEU Q 559 4.17 8.45 86.93
C LEU Q 559 4.14 9.51 85.84
N ASP Q 560 2.98 10.16 85.67
CA ASP Q 560 2.78 11.15 84.60
C ASP Q 560 3.01 10.49 83.25
N SER Q 561 4.22 10.62 82.71
CA SER Q 561 4.55 10.00 81.43
C SER Q 561 5.95 9.40 81.42
N ASP Q 562 6.57 9.21 82.57
CA ASP Q 562 7.93 8.68 82.66
C ASP Q 562 7.92 7.33 83.35
N LEU Q 563 8.75 6.42 82.86
CA LEU Q 563 8.87 5.08 83.41
C LEU Q 563 10.01 5.06 84.43
N TYR Q 564 9.69 4.65 85.65
CA TYR Q 564 10.66 4.55 86.72
C TYR Q 564 11.00 3.08 86.96
N THR Q 565 12.28 2.75 86.91
CA THR Q 565 12.74 1.38 87.01
C THR Q 565 13.74 1.25 88.14
N CYS Q 566 13.69 0.14 88.86
CA CYS Q 566 14.63 -0.17 89.94
C CYS Q 566 15.45 -1.38 89.51
N VAL Q 567 16.64 -1.14 88.97
CA VAL Q 567 17.49 -2.19 88.45
C VAL Q 567 18.47 -2.63 89.51
N GLU Q 568 19.04 -3.81 89.32
CA GLU Q 568 19.99 -4.39 90.27
C GLU Q 568 21.30 -4.67 89.57
N TYR Q 569 22.40 -4.16 90.13
CA TYR Q 569 23.75 -4.44 89.67
C TYR Q 569 24.44 -5.38 90.65
N SER Q 570 25.74 -5.60 90.43
CA SER Q 570 26.50 -6.52 91.25
C SER Q 570 26.77 -5.98 92.66
N ASP Q 571 26.46 -4.71 92.94
CA ASP Q 571 26.76 -4.14 94.24
C ASP Q 571 25.66 -3.28 94.84
N GLY Q 572 24.48 -3.21 94.22
CA GLY Q 572 23.41 -2.43 94.80
C GLY Q 572 22.22 -2.32 93.85
N VAL Q 573 21.26 -1.51 94.28
CA VAL Q 573 20.03 -1.26 93.52
C VAL Q 573 19.95 0.23 93.21
N TYR Q 574 19.73 0.55 91.93
CA TYR Q 574 19.70 1.94 91.47
C TYR Q 574 18.31 2.28 90.95
N LEU Q 575 18.10 3.57 90.70
CA LEU Q 575 16.84 4.09 90.18
C LEU Q 575 17.11 4.77 88.85
N GLU Q 576 16.34 4.40 87.83
CA GLU Q 576 16.50 4.95 86.49
C GLU Q 576 15.19 5.58 86.03
N LYS Q 577 15.30 6.72 85.35
CA LYS Q 577 14.15 7.40 84.79
C LYS Q 577 14.23 7.36 83.27
N THR Q 578 13.07 7.22 82.62
CA THR Q 578 12.98 7.15 81.17
C THR Q 578 11.79 7.96 80.70
N GLN Q 579 11.99 8.74 79.64
CA GLN Q 579 10.95 9.61 79.11
C GLN Q 579 10.28 8.94 77.92
N LEU Q 580 8.97 8.73 78.01
CA LEU Q 580 8.19 8.07 76.96
C LEU Q 580 7.58 9.04 75.96
N ARG Q 581 7.69 10.34 76.19
CA ARG Q 581 7.02 11.31 75.33
C ARG Q 581 7.64 11.30 73.94
N PRO Q 582 6.85 11.53 72.90
CA PRO Q 582 7.41 11.66 71.56
C PRO Q 582 8.02 13.03 71.34
N GLU Q 583 8.97 13.07 70.40
CA GLU Q 583 9.68 14.30 70.03
C GLU Q 583 10.46 14.89 71.20
N THR Q 584 10.98 14.04 72.08
CA THR Q 584 11.85 14.54 73.14
C THR Q 584 13.15 15.05 72.55
N VAL Q 585 13.75 16.04 73.20
CA VAL Q 585 14.95 16.69 72.69
C VAL Q 585 15.83 17.10 73.86
N ASP Q 586 17.14 16.94 73.70
CA ASP Q 586 18.09 17.38 74.70
C ASP Q 586 18.04 18.90 74.84
N SER Q 587 18.35 19.38 76.04
CA SER Q 587 18.16 20.79 76.35
C SER Q 587 19.10 21.67 75.54
N GLY Q 588 18.51 22.61 74.81
CA GLY Q 588 19.26 23.62 74.07
C GLY Q 588 19.68 23.23 72.68
N THR Q 589 19.64 21.94 72.33
CA THR Q 589 20.08 21.45 71.04
C THR Q 589 18.89 21.01 70.21
N GLU Q 590 19.17 20.42 69.05
CA GLU Q 590 18.14 20.01 68.10
C GLU Q 590 17.73 18.56 68.22
N PHE Q 591 18.65 17.65 68.58
CA PHE Q 591 18.33 16.23 68.67
C PHE Q 591 18.97 15.65 69.92
N GLU Q 592 18.38 14.58 70.44
CA GLU Q 592 18.88 13.94 71.64
C GLU Q 592 20.04 13.01 71.31
N ILE Q 593 20.66 12.48 72.36
CA ILE Q 593 21.75 11.52 72.24
C ILE Q 593 21.38 10.27 73.04
N LEU Q 594 21.53 9.10 72.42
CA LEU Q 594 21.01 7.85 72.97
C LEU Q 594 22.13 7.09 73.66
N LEU Q 595 22.11 7.06 74.99
CA LEU Q 595 23.08 6.30 75.77
C LEU Q 595 22.42 5.84 77.05
N ASP Q 596 22.56 4.55 77.38
CA ASP Q 596 22.09 4.06 78.66
C ASP Q 596 22.96 4.61 79.78
N ARG Q 597 22.36 4.71 80.97
CA ARG Q 597 23.04 5.23 82.15
C ARG Q 597 23.62 6.63 81.90
N LYS Q 598 22.91 7.42 81.10
CA LYS Q 598 23.42 8.73 80.67
C LYS Q 598 23.47 9.68 81.85
N THR Q 599 24.69 10.00 82.30
CA THR Q 599 24.91 11.01 83.31
C THR Q 599 25.84 12.08 82.76
N THR Q 600 25.49 13.34 83.00
CA THR Q 600 26.25 14.44 82.42
C THR Q 600 27.64 14.53 83.04
N GLU Q 601 28.46 15.41 82.46
CA GLU Q 601 29.84 15.54 82.91
C GLU Q 601 29.95 16.11 84.32
N ALA Q 602 28.97 16.92 84.72
CA ALA Q 602 29.03 17.58 86.02
C ALA Q 602 29.05 16.57 87.18
N ALA Q 603 28.54 15.37 86.97
CA ALA Q 603 28.50 14.36 88.01
C ALA Q 603 29.74 13.47 88.03
N CYS Q 604 30.72 13.73 87.16
CA CYS Q 604 31.93 12.93 87.09
C CYS Q 604 33.15 13.83 87.21
N SER Q 605 34.19 13.32 87.86
CA SER Q 605 35.44 14.05 88.06
C SER Q 605 36.55 13.42 87.23
N THR Q 606 37.46 14.26 86.75
CA THR Q 606 38.51 13.83 85.85
C THR Q 606 39.89 14.12 86.46
N SER Q 607 40.87 13.34 86.03
CA SER Q 607 42.26 13.54 86.39
C SER Q 607 43.11 13.43 85.14
N LEU Q 608 44.27 14.09 85.15
CA LEU Q 608 45.08 14.24 83.96
C LEU Q 608 46.43 13.54 84.16
N ILE Q 609 46.98 13.03 83.06
CA ILE Q 609 48.23 12.29 83.07
C ILE Q 609 49.20 12.91 82.06
N ASN Q 610 50.44 13.12 82.50
CA ASN Q 610 51.53 13.58 81.63
C ASN Q 610 51.21 14.94 80.99
N SER Q 611 51.00 15.93 81.86
CA SER Q 611 50.57 17.24 81.41
C SER Q 611 51.68 17.96 80.64
N GLY Q 612 51.26 18.90 79.79
CA GLY Q 612 52.18 19.81 79.13
C GLY Q 612 52.78 19.32 77.84
N ALA Q 613 52.50 18.07 77.43
CA ALA Q 613 53.10 17.51 76.23
C ALA Q 613 52.01 17.01 75.29
N LEU Q 614 52.33 16.95 74.01
CA LEU Q 614 51.41 16.38 73.04
C LEU Q 614 51.21 14.89 73.35
N GLY Q 615 49.95 14.47 73.35
CA GLY Q 615 49.64 13.09 73.66
C GLY Q 615 49.30 12.87 75.12
N VAL Q 616 48.40 13.69 75.65
CA VAL Q 616 47.94 13.53 77.03
C VAL Q 616 46.75 12.58 77.06
N GLN Q 617 46.59 11.90 78.19
CA GLN Q 617 45.41 11.11 78.45
C GLN Q 617 44.81 11.52 79.79
N THR Q 618 43.49 11.53 79.85
CA THR Q 618 42.76 11.88 81.06
C THR Q 618 42.07 10.64 81.60
N VAL Q 619 42.08 10.49 82.92
CA VAL Q 619 41.40 9.39 83.59
C VAL Q 619 40.06 9.89 84.10
N ILE Q 620 38.98 9.24 83.68
CA ILE Q 620 37.63 9.64 84.02
C ILE Q 620 37.11 8.71 85.11
N THR Q 621 36.56 9.28 86.17
CA THR Q 621 36.06 8.53 87.31
C THR Q 621 34.54 8.63 87.34
N LEU Q 622 33.87 7.62 86.80
CA LEU Q 622 32.42 7.62 86.78
C LEU Q 622 31.86 7.40 88.19
N PRO Q 623 30.69 7.96 88.48
CA PRO Q 623 30.13 7.81 89.83
C PRO Q 623 29.78 6.38 90.21
N TYR Q 624 29.52 5.51 89.23
CA TYR Q 624 29.08 4.15 89.53
C TYR Q 624 30.11 3.13 89.06
N PRO Q 625 30.16 1.96 89.70
CA PRO Q 625 31.12 0.94 89.28
C PRO Q 625 30.87 0.47 87.85
N MET Q 626 31.95 0.16 87.15
CA MET Q 626 31.87 -0.28 85.77
C MET Q 626 31.18 -1.64 85.65
N SER Q 627 30.46 -1.83 84.56
CA SER Q 627 30.03 -3.15 84.11
C SER Q 627 30.89 -3.47 82.89
N GLY Q 628 32.04 -4.10 83.13
CA GLY Q 628 33.07 -4.20 82.11
C GLY Q 628 32.67 -4.96 80.87
N THR Q 629 31.62 -5.77 80.95
CA THR Q 629 31.18 -6.54 79.79
C THR Q 629 30.76 -5.62 78.65
N GLY Q 630 30.05 -4.53 78.97
CA GLY Q 630 29.60 -3.59 77.96
C GLY Q 630 30.71 -2.69 77.48
N THR Q 631 30.35 -1.79 76.57
CA THR Q 631 31.26 -0.82 76.00
C THR Q 631 30.67 0.57 76.14
N MET Q 632 31.48 1.52 76.59
CA MET Q 632 31.02 2.88 76.82
C MET Q 632 31.74 3.86 75.90
N ALA Q 633 31.05 4.96 75.62
CA ALA Q 633 31.57 5.99 74.73
C ALA Q 633 31.40 7.35 75.38
N VAL Q 634 32.07 8.35 74.80
CA VAL Q 634 32.03 9.72 75.29
C VAL Q 634 31.63 10.62 74.12
N VAL Q 635 30.57 11.41 74.30
CA VAL Q 635 29.99 12.21 73.23
C VAL Q 635 29.93 13.66 73.68
N GLY Q 636 30.38 14.57 72.82
CA GLY Q 636 30.31 15.99 73.14
C GLY Q 636 28.88 16.49 73.19
N ARG Q 637 28.62 17.42 74.12
CA ARG Q 637 27.26 17.80 74.46
C ARG Q 637 26.87 19.19 73.95
N PHE Q 638 27.63 20.21 74.32
CA PHE Q 638 27.12 21.57 74.31
C PHE Q 638 27.38 22.20 72.95
N ALA Q 639 26.43 23.04 72.50
CA ALA Q 639 26.37 23.44 71.10
C ALA Q 639 27.51 24.34 70.66
N SER Q 640 28.33 24.87 71.57
CA SER Q 640 29.38 25.81 71.20
C SER Q 640 30.43 25.85 72.29
N ASN Q 641 31.42 26.72 72.09
CA ASN Q 641 32.47 27.08 73.06
C ASN Q 641 32.96 25.86 73.84
N ASN Q 642 33.29 24.80 73.11
CA ASN Q 642 33.73 23.56 73.71
C ASN Q 642 34.93 23.01 72.96
N THR Q 643 35.79 22.29 73.68
CA THR Q 643 36.95 21.67 73.05
C THR Q 643 36.52 20.55 72.11
N ILE Q 644 35.58 19.71 72.54
CA ILE Q 644 35.07 18.62 71.72
C ILE Q 644 33.92 19.12 70.87
N ALA Q 645 33.95 18.82 69.58
CA ALA Q 645 32.87 19.23 68.69
C ALA Q 645 31.59 18.50 69.03
N HIS Q 646 30.46 19.16 68.73
CA HIS Q 646 29.16 18.57 68.98
C HIS Q 646 29.01 17.25 68.22
N GLY Q 647 28.59 16.22 68.94
CA GLY Q 647 28.37 14.92 68.34
C GLY Q 647 29.60 14.07 68.12
N GLN Q 648 30.79 14.55 68.50
CA GLN Q 648 32.00 13.75 68.36
C GLN Q 648 32.00 12.61 69.36
N VAL Q 649 32.44 11.44 68.92
CA VAL Q 649 32.45 10.23 69.74
C VAL Q 649 33.90 9.83 69.98
N ILE Q 650 34.18 9.36 71.19
CA ILE Q 650 35.51 8.91 71.58
C ILE Q 650 35.37 7.58 72.30
N LYS Q 651 36.20 6.62 71.93
CA LYS Q 651 36.21 5.31 72.57
C LYS Q 651 37.49 5.16 73.40
N ALA Q 652 37.35 4.48 74.53
CA ALA Q 652 38.44 4.37 75.48
C ALA Q 652 39.57 3.49 74.92
N THR Q 653 40.74 3.62 75.54
CA THR Q 653 41.89 2.80 75.20
C THR Q 653 42.29 1.83 76.30
N ALA Q 654 41.82 2.04 77.52
CA ALA Q 654 42.11 1.12 78.63
C ALA Q 654 41.04 1.31 79.68
N GLU Q 655 40.22 0.30 79.89
CA GLU Q 655 39.12 0.34 80.84
C GLU Q 655 39.44 -0.52 82.04
N THR Q 656 39.25 0.03 83.24
CA THR Q 656 39.42 -0.72 84.48
C THR Q 656 38.05 -0.86 85.13
N LEU Q 657 37.67 -2.10 85.43
CA LEU Q 657 36.32 -2.36 85.94
C LEU Q 657 36.11 -1.68 87.29
N THR Q 658 37.12 -1.70 88.15
CA THR Q 658 37.06 -0.98 89.42
C THR Q 658 38.47 -0.66 89.87
N GLY Q 659 38.59 0.34 90.72
CA GLY Q 659 39.90 0.78 91.17
C GLY Q 659 39.98 2.28 91.38
N GLY Q 660 38.94 3.00 91.00
CA GLY Q 660 38.85 4.42 91.27
C GLY Q 660 38.51 4.69 92.72
N ALA Q 661 38.15 5.94 92.99
CA ALA Q 661 37.75 6.32 94.34
C ALA Q 661 36.45 5.61 94.71
N SER Q 662 36.43 5.03 95.92
CA SER Q 662 35.25 4.34 96.45
C SER Q 662 34.80 3.20 95.55
N GLY Q 663 35.74 2.51 94.92
CA GLY Q 663 35.41 1.36 94.12
C GLY Q 663 34.77 1.66 92.78
N ASN Q 664 34.78 2.91 92.35
CA ASN Q 664 34.16 3.27 91.08
C ASN Q 664 35.02 2.83 89.90
N GLY Q 665 34.42 2.86 88.72
CA GLY Q 665 35.13 2.50 87.51
C GLY Q 665 35.90 3.67 86.93
N THR Q 666 36.97 3.36 86.20
CA THR Q 666 37.82 4.36 85.58
C THR Q 666 37.94 4.10 84.10
N MET Q 667 38.17 5.16 83.34
CA MET Q 667 38.32 5.07 81.89
C MET Q 667 39.43 6.02 81.45
N THR Q 668 40.06 5.70 80.34
CA THR Q 668 41.18 6.47 79.81
C THR Q 668 40.94 6.81 78.35
N VAL Q 669 41.06 8.10 78.02
CA VAL Q 669 40.85 8.57 76.65
C VAL Q 669 42.00 9.49 76.27
N PRO Q 670 42.35 9.58 74.99
CA PRO Q 670 43.41 10.51 74.58
C PRO Q 670 42.92 11.95 74.58
N GLY Q 671 43.88 12.87 74.50
CA GLY Q 671 43.58 14.28 74.52
C GLY Q 671 43.36 14.80 75.93
N ASP Q 672 43.06 16.10 76.00
CA ASP Q 672 42.81 16.78 77.27
C ASP Q 672 41.33 17.11 77.37
N LEU Q 673 40.65 16.44 78.30
CA LEU Q 673 39.22 16.65 78.52
C LEU Q 673 38.95 17.18 79.93
N SER Q 674 39.87 17.97 80.47
CA SER Q 674 39.69 18.52 81.81
C SER Q 674 38.69 19.67 81.85
N SER Q 675 38.27 20.18 80.70
CA SER Q 675 37.30 21.27 80.66
C SER Q 675 36.23 21.10 79.59
N ALA Q 676 36.14 19.95 78.94
CA ALA Q 676 35.13 19.75 77.90
C ALA Q 676 33.80 19.38 78.52
N LYS Q 677 32.75 19.43 77.70
CA LYS Q 677 31.40 19.06 78.09
C LYS Q 677 31.01 17.81 77.31
N PHE Q 678 30.67 16.74 78.02
CA PHE Q 678 30.43 15.46 77.37
C PHE Q 678 29.50 14.60 78.20
N PHE Q 679 28.78 13.71 77.51
CA PHE Q 679 27.99 12.68 78.17
C PHE Q 679 28.84 11.43 78.36
N VAL Q 680 28.24 10.39 78.94
CA VAL Q 680 28.93 9.12 79.13
C VAL Q 680 27.88 8.05 79.39
N GLY Q 681 28.07 6.88 78.79
CA GLY Q 681 27.15 5.78 78.98
C GLY Q 681 27.45 4.65 78.02
N GLU Q 682 26.56 3.66 78.05
CA GLU Q 682 26.72 2.47 77.21
C GLU Q 682 26.08 2.71 75.84
N ILE Q 683 26.14 1.68 74.99
CA ILE Q 683 25.59 1.72 73.64
C ILE Q 683 24.72 0.49 73.45
N TYR Q 684 23.57 0.68 72.80
CA TYR Q 684 22.62 -0.41 72.57
C TYR Q 684 22.19 -0.39 71.10
N ASN Q 685 21.87 -1.58 70.59
CA ASN Q 685 21.57 -1.79 69.19
C ASN Q 685 20.07 -1.74 68.92
N MET Q 686 19.72 -1.59 67.65
CA MET Q 686 18.33 -1.54 67.19
C MET Q 686 18.20 -2.35 65.92
N THR Q 687 17.33 -3.37 65.96
CA THR Q 687 17.19 -4.30 64.85
C THR Q 687 15.75 -4.36 64.40
N TYR Q 688 15.55 -4.27 63.08
CA TYR Q 688 14.23 -4.37 62.47
C TYR Q 688 14.34 -5.27 61.25
N GLU Q 689 13.55 -6.34 61.22
CA GLU Q 689 13.61 -7.33 60.16
C GLU Q 689 12.33 -7.28 59.34
N PHE Q 690 12.46 -6.92 58.07
CA PHE Q 690 11.30 -6.87 57.19
C PHE Q 690 10.79 -8.29 56.92
N SER Q 691 9.52 -8.36 56.54
CA SER Q 691 8.85 -9.64 56.31
C SER Q 691 8.96 -10.02 54.84
N THR Q 692 8.33 -11.13 54.49
CA THR Q 692 8.34 -11.60 53.11
C THR Q 692 7.38 -10.76 52.29
N PRO Q 693 7.85 -10.06 51.26
CA PRO Q 693 6.95 -9.24 50.44
C PRO Q 693 6.09 -10.10 49.53
N TYR Q 694 4.79 -9.82 49.51
CA TYR Q 694 3.83 -10.57 48.72
C TYR Q 694 2.91 -9.62 47.99
N LEU Q 695 1.93 -10.19 47.31
CA LEU Q 695 0.90 -9.43 46.60
C LEU Q 695 -0.48 -9.77 47.18
N LYS Q 696 -1.31 -8.74 47.31
CA LYS Q 696 -2.66 -8.90 47.84
C LYS Q 696 -3.67 -8.33 46.87
N GLU Q 697 -4.73 -9.10 46.63
CA GLU Q 697 -5.80 -8.70 45.74
C GLU Q 697 -7.13 -9.00 46.43
N THR Q 698 -8.21 -8.52 45.81
CA THR Q 698 -9.53 -8.62 46.42
C THR Q 698 -10.29 -9.82 45.84
N PRO Q 699 -10.64 -10.81 46.65
CA PRO Q 699 -11.40 -11.95 46.13
C PRO Q 699 -12.85 -11.54 45.87
N PRO Q 700 -13.60 -12.37 45.12
CA PRO Q 700 -14.99 -11.99 44.80
C PRO Q 700 -15.86 -11.79 46.03
N GLY Q 701 -15.62 -12.51 47.11
CA GLY Q 701 -16.47 -12.39 48.29
C GLY Q 701 -16.24 -11.14 49.12
N GLY Q 702 -15.20 -10.37 48.82
CA GLY Q 702 -14.89 -9.19 49.60
C GLY Q 702 -13.83 -9.47 50.64
N GLY Q 703 -13.00 -8.47 50.91
CA GLY Q 703 -11.89 -8.62 51.84
C GLY Q 703 -10.56 -8.60 51.12
N LEU Q 704 -9.58 -9.34 51.63
CA LEU Q 704 -8.27 -9.41 50.99
C LEU Q 704 -7.78 -10.85 50.99
N ALA Q 705 -6.87 -11.13 50.07
CA ALA Q 705 -6.18 -12.42 50.01
C ALA Q 705 -4.78 -12.18 49.50
N VAL Q 706 -3.88 -13.12 49.79
CA VAL Q 706 -2.47 -12.97 49.49
C VAL Q 706 -2.07 -14.02 48.46
N LEU Q 707 -1.61 -13.56 47.29
CA LEU Q 707 -1.13 -14.47 46.27
C LEU Q 707 0.16 -15.14 46.72
N ALA Q 708 0.35 -16.39 46.32
CA ALA Q 708 1.52 -17.14 46.74
C ALA Q 708 2.24 -17.83 45.60
N ASN Q 709 1.52 -18.16 44.53
CA ASN Q 709 2.12 -18.95 43.46
C ASN Q 709 2.98 -18.15 42.48
N PRO Q 710 2.52 -17.01 41.94
CA PRO Q 710 3.29 -16.36 40.87
C PRO Q 710 4.68 -15.96 41.31
N ARG Q 711 5.62 -16.04 40.38
CA ARG Q 711 7.03 -15.77 40.68
C ARG Q 711 7.22 -14.27 40.84
N LEU Q 712 7.57 -13.85 42.04
CA LEU Q 712 7.83 -12.44 42.36
C LEU Q 712 9.29 -12.33 42.79
N GLN Q 713 10.15 -11.89 41.86
CA GLN Q 713 11.57 -11.78 42.11
C GLN Q 713 11.91 -10.33 42.44
N LEU Q 714 12.44 -10.11 43.64
CA LEU Q 714 12.79 -8.76 44.05
C LEU Q 714 14.03 -8.27 43.31
N ARG Q 715 14.05 -6.97 43.00
CA ARG Q 715 15.17 -6.37 42.31
C ARG Q 715 15.87 -5.29 43.13
N THR Q 716 15.13 -4.32 43.65
CA THR Q 716 15.69 -3.22 44.43
C THR Q 716 14.82 -2.93 45.65
N TRP Q 717 15.46 -2.43 46.70
CA TRP Q 717 14.78 -2.05 47.93
C TRP Q 717 15.12 -0.60 48.26
N SER Q 718 14.10 0.18 48.62
CA SER Q 718 14.28 1.60 48.85
C SER Q 718 13.70 1.99 50.21
N ILE Q 719 14.36 2.95 50.86
CA ILE Q 719 13.96 3.44 52.17
C ILE Q 719 13.85 4.95 52.12
N VAL Q 720 12.84 5.49 52.79
CA VAL Q 720 12.63 6.93 52.91
C VAL Q 720 12.78 7.31 54.37
N PHE Q 721 13.69 8.25 54.66
CA PHE Q 721 13.95 8.65 56.04
C PHE Q 721 13.80 10.14 56.23
N ASP Q 722 14.14 10.64 57.42
CA ASP Q 722 14.08 12.06 57.72
C ASP Q 722 14.82 12.29 59.03
N GLU Q 723 15.71 13.28 59.05
CA GLU Q 723 16.48 13.64 60.23
C GLU Q 723 17.22 12.43 60.80
N THR Q 724 17.81 11.63 59.93
CA THR Q 724 18.52 10.42 60.32
C THR Q 724 20.00 10.59 60.03
N SER Q 725 20.83 10.32 61.05
CA SER Q 725 22.27 10.49 60.89
C SER Q 725 22.93 9.25 60.32
N ASN Q 726 22.60 8.06 60.86
CA ASN Q 726 23.29 6.85 60.44
C ASN Q 726 22.40 5.64 60.66
N PHE Q 727 22.48 4.71 59.71
CA PHE Q 727 21.91 3.37 59.85
C PHE Q 727 22.58 2.49 58.81
N SER Q 728 22.20 1.21 58.79
CA SER Q 728 22.82 0.28 57.88
C SER Q 728 21.81 -0.80 57.49
N MET Q 729 22.09 -1.45 56.36
CA MET Q 729 21.23 -2.51 55.83
C MET Q 729 22.06 -3.78 55.70
N LYS Q 730 21.49 -4.90 56.12
CA LYS Q 730 22.15 -6.19 56.05
C LYS Q 730 21.25 -7.16 55.30
N ILE Q 731 21.59 -7.43 54.04
CA ILE Q 731 20.79 -8.25 53.15
C ILE Q 731 21.48 -9.59 52.97
N THR Q 732 20.74 -10.67 53.18
CA THR Q 732 21.27 -12.02 53.06
C THR Q 732 20.39 -12.84 52.11
N PRO Q 733 20.85 -13.13 50.89
CA PRO Q 733 20.08 -14.02 50.02
C PRO Q 733 20.12 -15.47 50.47
N GLY Q 734 19.55 -16.36 49.69
CA GLY Q 734 19.49 -17.76 50.05
C GLY Q 734 20.83 -18.48 49.97
N GLN Q 735 21.36 -18.88 51.12
CA GLN Q 735 22.58 -19.69 51.20
C GLN Q 735 23.74 -19.03 50.47
N ARG Q 736 23.88 -17.73 50.64
CA ARG Q 736 24.99 -16.98 50.04
C ARG Q 736 25.52 -15.97 51.04
N ASP Q 737 26.58 -15.29 50.66
CA ASP Q 737 27.28 -14.41 51.59
C ASP Q 737 26.43 -13.21 51.97
N GLU Q 738 26.62 -12.72 53.19
CA GLU Q 738 25.89 -11.56 53.67
C GLU Q 738 26.56 -10.27 53.22
N LEU Q 739 25.75 -9.28 52.87
CA LEU Q 739 26.23 -8.00 52.38
C LEU Q 739 25.76 -6.87 53.28
N THR Q 740 26.53 -5.78 53.30
CA THR Q 740 26.22 -4.60 54.09
C THR Q 740 26.29 -3.36 53.21
N TYR Q 741 25.54 -2.34 53.61
CA TYR Q 741 25.44 -1.10 52.82
C TYR Q 741 25.24 0.08 53.76
N PRO Q 742 26.31 0.52 54.44
CA PRO Q 742 26.16 1.61 55.40
C PRO Q 742 25.90 2.94 54.72
N PHE Q 743 25.25 3.83 55.48
CA PHE Q 743 24.93 5.18 55.03
C PHE Q 743 25.04 6.11 56.23
N ASN Q 744 25.74 7.24 56.05
CA ASN Q 744 26.02 8.11 57.18
C ASN Q 744 25.81 9.59 56.87
N GLY Q 745 24.91 9.94 55.95
CA GLY Q 745 24.47 11.31 55.81
C GLY Q 745 25.40 12.26 55.07
N TYR Q 746 26.69 12.19 55.35
CA TYR Q 746 27.65 13.14 54.78
C TYR Q 746 27.73 12.93 53.28
N LYS Q 747 27.14 13.84 52.52
CA LYS Q 747 27.18 13.80 51.06
C LYS Q 747 28.34 14.66 50.58
N ILE Q 748 29.31 14.04 49.92
CA ILE Q 748 30.50 14.76 49.50
C ILE Q 748 30.14 15.75 48.40
N GLY Q 749 30.62 16.99 48.55
CA GLY Q 749 30.33 18.05 47.61
C GLY Q 749 29.21 18.98 48.03
N SER Q 750 28.35 18.54 48.94
CA SER Q 750 27.26 19.38 49.43
C SER Q 750 27.69 20.13 50.66
N GLY Q 751 27.43 21.44 50.67
CA GLY Q 751 27.82 22.31 51.75
C GLY Q 751 26.79 22.54 52.84
N GLN Q 752 25.72 21.75 52.87
CA GLN Q 752 24.72 21.91 53.91
C GLN Q 752 25.28 21.54 55.28
N PHE Q 753 26.14 20.53 55.35
CA PHE Q 753 26.78 20.12 56.60
C PHE Q 753 28.27 20.43 56.54
N PRO Q 754 28.73 21.49 57.20
CA PRO Q 754 30.16 21.78 57.24
C PRO Q 754 30.92 20.74 58.06
N ILE Q 755 32.23 20.74 57.89
CA ILE Q 755 33.09 19.87 58.69
C ILE Q 755 33.03 20.31 60.14
N GLY Q 756 32.62 19.42 61.02
CA GLY Q 756 32.59 19.70 62.45
C GLY Q 756 31.21 19.77 63.06
N THR Q 757 30.16 19.41 62.34
CA THR Q 757 28.82 19.42 62.92
C THR Q 757 28.10 18.12 62.58
N PRO Q 758 27.24 17.62 63.48
CA PRO Q 758 26.49 16.40 63.18
C PRO Q 758 25.58 16.59 61.99
N SER Q 759 25.37 15.50 61.26
CA SER Q 759 24.57 15.51 60.05
C SER Q 759 23.21 14.87 60.31
N LEU Q 760 22.15 15.53 59.88
CA LEU Q 760 20.80 14.99 59.90
C LEU Q 760 20.16 15.28 58.55
N ALA Q 761 20.02 14.24 57.74
CA ALA Q 761 19.68 14.39 56.33
C ALA Q 761 18.19 14.13 56.09
N THR Q 762 17.82 14.15 54.82
CA THR Q 762 16.45 13.87 54.39
C THR Q 762 16.48 13.48 52.93
N GLY Q 763 16.11 12.24 52.63
CA GLY Q 763 16.18 11.75 51.27
C GLY Q 763 15.90 10.27 51.22
N ARG Q 764 16.11 9.71 50.04
CA ARG Q 764 15.81 8.31 49.78
C ARG Q 764 17.10 7.54 49.52
N PHE Q 765 17.05 6.24 49.80
CA PHE Q 765 18.19 5.34 49.67
C PHE Q 765 17.77 4.10 48.89
N ARG Q 766 18.65 3.60 48.04
CA ARG Q 766 18.32 2.48 47.17
C ARG Q 766 19.47 1.46 47.19
N VAL Q 767 19.11 0.18 47.09
CA VAL Q 767 20.09 -0.90 47.14
C VAL Q 767 19.50 -2.15 46.48
N PRO Q 768 20.24 -2.85 45.63
CA PRO Q 768 19.68 -4.04 44.97
C PRO Q 768 19.75 -5.27 45.85
N VAL Q 769 18.70 -6.09 45.78
CA VAL Q 769 18.60 -7.31 46.56
C VAL Q 769 18.88 -8.55 45.73
N MET Q 770 18.28 -8.65 44.54
CA MET Q 770 18.64 -9.66 43.54
C MET Q 770 18.45 -11.08 44.07
N ALA Q 771 17.20 -11.42 44.38
CA ALA Q 771 16.86 -12.75 44.85
C ALA Q 771 15.37 -12.98 44.68
N GLN Q 772 14.88 -14.06 45.28
CA GLN Q 772 13.46 -14.41 45.25
C GLN Q 772 12.83 -14.09 46.60
N ASN Q 773 11.52 -13.79 46.57
CA ASN Q 773 10.85 -13.26 47.75
C ASN Q 773 10.86 -14.23 48.92
N ILE Q 774 10.83 -15.54 48.65
CA ILE Q 774 10.70 -16.52 49.72
C ILE Q 774 12.05 -16.93 50.32
N GLU Q 775 13.16 -16.38 49.84
CA GLU Q 775 14.48 -16.74 50.33
C GLU Q 775 15.32 -15.49 50.61
N THR Q 776 14.74 -14.52 51.31
CA THR Q 776 15.45 -13.29 51.62
C THR Q 776 15.27 -12.92 53.08
N LYS Q 777 16.33 -12.38 53.67
CA LYS Q 777 16.29 -11.70 54.96
C LYS Q 777 16.76 -10.28 54.76
N ILE Q 778 15.89 -9.31 55.06
CA ILE Q 778 16.22 -7.90 54.96
C ILE Q 778 16.14 -7.32 56.37
N VAL Q 779 17.24 -6.75 56.83
CA VAL Q 779 17.35 -6.28 58.21
C VAL Q 779 17.84 -4.83 58.19
N LEU Q 780 17.13 -3.97 58.93
CA LEU Q 780 17.57 -2.60 59.14
C LEU Q 780 18.33 -2.55 60.45
N PHE Q 781 19.62 -2.18 60.38
CA PHE Q 781 20.50 -2.25 61.54
C PHE Q 781 21.12 -0.89 61.79
N SER Q 782 21.31 -0.59 63.08
CA SER Q 782 21.89 0.67 63.50
C SER Q 782 22.44 0.53 64.91
N ASP Q 783 23.63 1.08 65.13
CA ASP Q 783 24.26 0.99 66.43
C ASP Q 783 24.91 2.30 66.88
N SER Q 784 24.81 3.37 66.11
CA SER Q 784 25.39 4.64 66.49
C SER Q 784 24.57 5.28 67.60
N PRO Q 785 25.18 6.19 68.37
CA PRO Q 785 24.42 6.95 69.37
C PRO Q 785 23.72 8.20 68.83
N LEU Q 786 23.62 8.34 67.50
CA LEU Q 786 22.95 9.46 66.86
C LEU Q 786 21.57 9.04 66.36
N PRO Q 787 20.61 9.97 66.27
CA PRO Q 787 19.22 9.58 66.04
C PRO Q 787 19.01 8.96 64.66
N CYS Q 788 17.91 8.22 64.55
CA CYS Q 788 17.54 7.58 63.29
C CYS Q 788 16.05 7.29 63.33
N ARG Q 789 15.29 7.87 62.41
CA ARG Q 789 13.87 7.59 62.28
C ARG Q 789 13.52 7.38 60.81
N VAL Q 790 12.64 6.42 60.54
CA VAL Q 790 12.33 5.95 59.20
C VAL Q 790 10.82 6.04 58.99
N GLN Q 791 10.42 6.43 57.78
CA GLN Q 791 9.01 6.65 57.47
C GLN Q 791 8.36 5.47 56.75
N SER Q 792 8.90 5.07 55.61
CA SER Q 792 8.28 4.03 54.80
C SER Q 792 9.33 3.42 53.89
N ALA Q 793 8.92 2.40 53.13
CA ALA Q 793 9.81 1.70 52.21
C ALA Q 793 9.02 1.23 50.99
N GLU Q 794 9.75 1.00 49.90
CA GLU Q 794 9.13 0.57 48.65
C GLU Q 794 10.06 -0.39 47.94
N TRP Q 795 9.50 -1.48 47.42
CA TRP Q 795 10.28 -2.50 46.73
C TRP Q 795 9.84 -2.60 45.28
N GLU Q 796 10.71 -3.18 44.46
CA GLU Q 796 10.47 -3.28 43.03
C GLU Q 796 11.03 -4.59 42.53
N GLY Q 797 10.22 -5.33 41.78
CA GLY Q 797 10.63 -6.67 41.38
C GLY Q 797 9.95 -7.06 40.10
N TRP Q 798 10.15 -8.32 39.73
CA TRP Q 798 9.73 -8.77 38.41
C TRP Q 798 8.51 -9.66 38.67
N TYR Q 799 7.54 -9.67 37.76
CA TYR Q 799 6.29 -10.36 38.06
C TYR Q 799 5.83 -11.20 36.86
N GLN Q 800 5.46 -12.45 37.11
CA GLN Q 800 5.09 -13.40 36.07
C GLN Q 800 3.79 -14.09 36.44
N GLU Q 801 2.93 -14.34 35.45
CA GLU Q 801 1.72 -15.14 35.62
C GLU Q 801 1.66 -16.15 34.50
N ARG Q 802 1.80 -17.43 34.83
CA ARG Q 802 1.89 -18.49 33.83
C ARG Q 802 0.56 -18.73 33.13
N ALA Q 803 -0.53 -18.17 33.65
CA ALA Q 803 -1.84 -18.28 33.04
C ALA Q 803 -2.58 -16.97 33.26
N ARG Q 804 -3.88 -16.98 33.02
CA ARG Q 804 -4.73 -15.82 33.23
C ARG Q 804 -5.54 -15.98 34.51
N ARG Q 805 -6.03 -14.86 35.02
CA ARG Q 805 -6.72 -14.83 36.30
C ARG Q 805 -8.23 -14.76 36.12
N LEU Q 806 -8.92 -15.73 36.73
CA LEU Q 806 -10.39 -15.73 36.81
C LEU Q 806 -10.91 -14.50 37.52
N MET R 1 -27.01 -7.97 17.14
CA MET R 1 -27.82 -9.15 17.40
C MET R 1 -26.99 -10.22 18.12
N PRO R 2 -26.86 -10.09 19.44
CA PRO R 2 -26.02 -11.02 20.19
C PRO R 2 -26.82 -12.22 20.68
N LEU R 3 -26.22 -13.42 20.53
CA LEU R 3 -26.79 -14.64 21.10
C LEU R 3 -26.18 -14.82 22.47
N ILE R 4 -26.94 -14.42 23.50
CA ILE R 4 -26.43 -14.34 24.87
C ILE R 4 -27.46 -14.91 25.84
N SER R 5 -26.96 -15.32 27.01
CA SER R 5 -27.71 -16.19 27.92
C SER R 5 -27.59 -15.69 29.36
N SER R 6 -28.49 -16.17 30.20
CA SER R 6 -28.50 -15.91 31.64
C SER R 6 -28.90 -17.17 32.38
N SER R 7 -29.21 -17.00 33.67
CA SER R 7 -29.56 -18.13 34.53
C SER R 7 -30.46 -17.67 35.66
N ILE R 8 -31.12 -18.62 36.29
CA ILE R 8 -31.97 -18.38 37.45
C ILE R 8 -31.23 -18.93 38.68
N PRO R 9 -30.66 -18.07 39.53
CA PRO R 9 -29.81 -18.58 40.62
C PRO R 9 -30.51 -19.51 41.59
N ASN R 10 -31.77 -19.25 41.93
CA ASN R 10 -32.46 -20.06 42.92
C ASN R 10 -33.89 -20.36 42.46
N LEU R 11 -34.42 -21.49 42.92
CA LEU R 11 -35.75 -21.96 42.56
C LEU R 11 -36.67 -22.07 43.77
N ILE R 12 -36.32 -21.42 44.88
CA ILE R 12 -36.97 -21.68 46.16
C ILE R 12 -37.75 -20.47 46.65
N ASN R 13 -38.20 -19.59 45.76
CA ASN R 13 -38.90 -18.39 46.18
C ASN R 13 -40.42 -18.53 46.13
N GLY R 14 -40.95 -19.62 45.58
CA GLY R 14 -42.37 -19.92 45.70
C GLY R 14 -43.22 -19.40 44.56
N VAL R 15 -44.52 -19.32 44.86
CA VAL R 15 -45.54 -19.01 43.88
C VAL R 15 -45.99 -17.56 44.04
N SER R 16 -46.47 -16.98 42.95
CA SER R 16 -46.92 -15.59 42.94
C SER R 16 -48.12 -15.45 42.02
N GLN R 17 -48.89 -14.38 42.26
CA GLN R 17 -50.05 -14.07 41.45
C GLN R 17 -49.91 -12.78 40.65
N GLN R 18 -48.80 -12.06 40.78
CA GLN R 18 -48.60 -10.85 40.01
C GLN R 18 -48.45 -11.19 38.54
N PRO R 19 -48.81 -10.26 37.65
CA PRO R 19 -48.55 -10.48 36.22
C PRO R 19 -47.06 -10.60 35.96
N ALA R 20 -46.71 -11.33 34.91
CA ALA R 20 -45.33 -11.72 34.69
C ALA R 20 -44.38 -10.54 34.53
N ALA R 21 -44.89 -9.37 34.17
CA ALA R 21 -44.02 -8.22 33.93
C ALA R 21 -43.59 -7.52 35.21
N LEU R 22 -44.20 -7.82 36.35
CA LEU R 22 -43.88 -7.15 37.61
C LEU R 22 -43.28 -8.10 38.63
N ARG R 23 -42.99 -9.34 38.26
CA ARG R 23 -42.41 -10.30 39.19
C ARG R 23 -40.89 -10.19 39.19
N LEU R 24 -40.29 -10.85 40.16
CA LEU R 24 -38.90 -11.28 40.03
C LEU R 24 -38.87 -12.52 39.15
N ALA R 25 -37.84 -12.61 38.30
CA ALA R 25 -37.69 -13.82 37.49
C ALA R 25 -37.54 -15.07 38.34
N SER R 26 -37.12 -14.92 39.59
CA SER R 26 -36.97 -16.07 40.48
C SER R 26 -38.31 -16.74 40.76
N GLN R 27 -39.36 -15.95 41.00
CA GLN R 27 -40.64 -16.50 41.43
C GLN R 27 -41.26 -17.38 40.36
N ALA R 28 -41.91 -18.45 40.79
CA ALA R 28 -42.49 -19.43 39.89
C ALA R 28 -43.95 -19.08 39.57
N GLU R 29 -44.67 -20.03 38.97
CA GLU R 29 -46.05 -19.83 38.56
C GLU R 29 -47.02 -20.75 39.28
N GLU R 30 -46.67 -22.03 39.45
CA GLU R 30 -47.54 -22.98 40.13
C GLU R 30 -46.68 -24.10 40.69
N VAL R 31 -46.73 -24.30 41.99
CA VAL R 31 -45.94 -25.31 42.68
C VAL R 31 -46.86 -26.27 43.40
N ILE R 32 -46.65 -27.56 43.21
CA ILE R 32 -47.47 -28.60 43.83
C ILE R 32 -46.55 -29.73 44.30
N ASN R 33 -46.74 -30.15 45.54
CA ASN R 33 -46.01 -31.30 46.11
C ASN R 33 -44.50 -31.12 46.04
N CYS R 34 -44.02 -29.91 46.32
CA CYS R 34 -42.59 -29.64 46.46
C CYS R 34 -42.32 -29.06 47.83
N MET R 35 -41.10 -29.25 48.31
CA MET R 35 -40.67 -28.77 49.63
C MET R 35 -39.39 -27.97 49.45
N PRO R 36 -39.50 -26.72 49.00
CA PRO R 36 -38.30 -25.91 48.76
C PRO R 36 -37.58 -25.60 50.07
N SER R 37 -36.30 -25.95 50.12
CA SER R 37 -35.49 -25.74 51.31
C SER R 37 -34.15 -25.14 50.93
N PRO R 38 -33.58 -24.28 51.78
CA PRO R 38 -32.27 -23.69 51.47
C PRO R 38 -31.12 -24.66 51.62
N VAL R 39 -31.32 -25.82 52.24
CA VAL R 39 -30.22 -26.74 52.46
C VAL R 39 -30.01 -27.66 51.27
N GLU R 40 -31.02 -27.87 50.43
CA GLU R 40 -30.90 -28.72 49.25
C GLU R 40 -31.42 -28.10 47.97
N GLY R 41 -32.26 -27.07 48.04
CA GLY R 41 -32.88 -26.51 46.85
C GLY R 41 -34.34 -26.93 46.75
N LEU R 42 -34.70 -27.50 45.61
CA LEU R 42 -36.06 -27.95 45.34
C LEU R 42 -36.06 -29.48 45.33
N LYS R 43 -36.91 -30.07 46.17
CA LYS R 43 -37.00 -31.52 46.27
C LYS R 43 -38.47 -31.92 46.35
N LYS R 44 -38.72 -33.19 46.03
CA LYS R 44 -40.06 -33.74 46.14
C LYS R 44 -40.47 -33.81 47.60
N ARG R 45 -41.77 -33.64 47.84
CA ARG R 45 -42.26 -33.57 49.21
C ARG R 45 -42.08 -34.91 49.92
N PRO R 46 -41.92 -34.89 51.24
CA PRO R 46 -41.73 -36.14 51.99
C PRO R 46 -42.98 -36.99 51.96
N PRO R 47 -42.85 -38.30 52.10
CA PRO R 47 -44.02 -39.18 52.07
C PRO R 47 -44.77 -39.15 53.39
N MET R 48 -45.97 -39.72 53.36
CA MET R 48 -46.83 -39.83 54.53
C MET R 48 -47.00 -41.30 54.90
N GLN R 49 -46.67 -41.64 56.14
CA GLN R 49 -46.74 -43.01 56.60
C GLN R 49 -48.09 -43.28 57.27
N HIS R 50 -48.32 -44.55 57.62
CA HIS R 50 -49.57 -44.99 58.22
C HIS R 50 -49.29 -45.56 59.61
N ILE R 51 -50.22 -45.35 60.54
CA ILE R 51 -50.01 -45.78 61.91
C ILE R 51 -51.06 -46.79 62.35
N LYS R 52 -52.33 -46.37 62.42
CA LYS R 52 -53.39 -47.24 62.90
C LYS R 52 -54.73 -46.54 62.76
N LYS R 53 -55.78 -47.35 62.69
CA LYS R 53 -57.15 -46.84 62.68
C LYS R 53 -57.58 -46.48 64.10
N LEU R 54 -58.23 -45.32 64.23
CA LEU R 54 -58.70 -44.89 65.54
C LEU R 54 -60.02 -45.54 65.90
N PHE R 55 -61.06 -45.33 65.09
CA PHE R 55 -62.37 -45.89 65.38
C PHE R 55 -63.18 -45.96 64.10
N ALA R 56 -64.19 -46.83 64.11
CA ALA R 56 -65.02 -47.04 62.94
C ALA R 56 -66.05 -45.93 62.79
N GLY R 57 -66.75 -45.95 61.66
CA GLY R 57 -67.74 -44.93 61.38
C GLY R 57 -67.10 -43.62 60.99
N SER R 58 -67.92 -42.58 60.96
CA SER R 58 -67.47 -41.24 60.65
C SER R 58 -67.29 -40.42 61.93
N ALA R 59 -66.73 -39.22 61.77
CA ALA R 59 -66.43 -38.34 62.89
C ALA R 59 -67.48 -37.26 63.08
N GLY R 60 -68.59 -37.31 62.34
CA GLY R 60 -69.62 -36.32 62.44
C GLY R 60 -69.49 -35.23 61.38
N THR R 61 -70.58 -34.50 61.18
CA THR R 61 -70.59 -33.45 60.17
C THR R 61 -69.63 -32.32 60.51
N GLY R 62 -69.53 -31.96 61.78
CA GLY R 62 -68.61 -30.92 62.19
C GLY R 62 -67.18 -31.42 62.30
N ARG R 63 -66.25 -30.51 62.09
CA ARG R 63 -64.83 -30.85 62.19
C ARG R 63 -64.44 -31.03 63.66
N PRO R 64 -63.77 -32.11 64.01
CA PRO R 64 -63.37 -32.32 65.40
C PRO R 64 -62.28 -31.36 65.82
N PHE R 65 -62.21 -31.12 67.12
CA PHE R 65 -61.17 -30.28 67.72
C PHE R 65 -60.08 -31.16 68.30
N THR R 66 -58.85 -30.95 67.85
CA THR R 66 -57.73 -31.81 68.21
C THR R 66 -56.59 -30.99 68.79
N HIS R 67 -56.07 -31.41 69.93
CA HIS R 67 -54.93 -30.77 70.56
C HIS R 67 -54.05 -31.84 71.18
N ILE R 68 -52.73 -31.67 71.08
CA ILE R 68 -51.77 -32.65 71.59
C ILE R 68 -51.08 -32.07 72.81
N VAL R 69 -50.75 -32.93 73.77
CA VAL R 69 -50.14 -32.55 75.03
C VAL R 69 -48.82 -33.29 75.17
N ASP R 70 -47.75 -32.55 75.45
CA ASP R 70 -46.42 -33.12 75.65
C ASP R 70 -46.00 -32.82 77.09
N ARG R 71 -46.12 -33.82 77.97
CA ARG R 71 -45.94 -33.58 79.39
C ARG R 71 -44.46 -33.55 79.77
N ASP R 72 -43.75 -34.66 79.56
CA ASP R 72 -42.39 -34.77 80.09
C ASP R 72 -41.43 -35.41 79.09
N GLY R 73 -41.77 -35.43 77.80
CA GLY R 73 -40.91 -36.05 76.80
C GLY R 73 -41.07 -37.55 76.66
N VAL R 74 -41.79 -38.19 77.58
CA VAL R 74 -42.06 -39.62 77.47
C VAL R 74 -43.56 -39.93 77.50
N ILE R 75 -44.38 -39.10 78.15
CA ILE R 75 -45.82 -39.29 78.21
C ILE R 75 -46.46 -38.32 77.24
N ARG R 76 -47.24 -38.85 76.30
CA ARG R 76 -47.94 -38.03 75.32
C ARG R 76 -49.30 -38.64 75.05
N TYR R 77 -50.27 -37.80 74.68
CA TYR R 77 -51.60 -38.29 74.36
C TYR R 77 -52.34 -37.22 73.57
N LEU R 78 -53.25 -37.67 72.70
CA LEU R 78 -54.10 -36.79 71.93
C LEU R 78 -55.41 -36.55 72.67
N ILE R 79 -56.01 -35.39 72.41
CA ILE R 79 -57.32 -35.03 72.95
C ILE R 79 -58.28 -34.87 71.78
N PHE R 80 -59.37 -35.61 71.81
CA PHE R 80 -60.33 -35.67 70.72
C PHE R 80 -61.71 -35.30 71.26
N ILE R 81 -62.16 -34.08 70.99
CA ILE R 81 -63.43 -33.57 71.47
C ILE R 81 -64.30 -33.23 70.27
N GLN R 82 -65.49 -33.84 70.21
CA GLN R 82 -66.43 -33.51 69.16
C GLN R 82 -67.82 -34.01 69.53
N ASP R 83 -68.83 -33.19 69.26
CA ASP R 83 -70.24 -33.57 69.26
C ASP R 83 -70.61 -34.38 70.50
N ASN R 84 -70.56 -33.70 71.64
CA ASN R 84 -71.10 -34.22 72.89
C ASN R 84 -70.24 -35.36 73.46
N ALA R 85 -69.20 -35.75 72.73
CA ALA R 85 -68.34 -36.85 73.15
C ALA R 85 -66.89 -36.38 73.22
N ILE R 86 -66.11 -37.04 74.08
CA ILE R 86 -64.69 -36.78 74.26
C ILE R 86 -63.94 -38.10 74.28
N LYS R 87 -62.85 -38.17 73.52
CA LYS R 87 -62.03 -39.37 73.45
C LYS R 87 -60.57 -38.99 73.54
N VAL R 88 -59.75 -39.94 74.01
CA VAL R 88 -58.32 -39.74 74.20
C VAL R 88 -57.58 -40.92 73.60
N PHE R 89 -56.51 -40.64 72.85
CA PHE R 89 -55.64 -41.66 72.31
C PHE R 89 -54.19 -41.29 72.59
N ASP R 90 -53.31 -42.27 72.49
CA ASP R 90 -51.87 -42.03 72.54
C ASP R 90 -51.36 -41.80 71.13
N LEU R 91 -50.04 -41.79 70.98
CA LEU R 91 -49.43 -41.57 69.67
C LEU R 91 -49.38 -42.83 68.82
N ASP R 92 -49.76 -43.98 69.36
CA ASP R 92 -49.80 -45.23 68.61
C ASP R 92 -51.23 -45.72 68.37
N GLY R 93 -52.22 -44.89 68.63
CA GLY R 93 -53.60 -45.25 68.32
C GLY R 93 -54.28 -46.14 69.34
N ASN R 94 -53.64 -46.43 70.46
CA ASN R 94 -54.25 -47.27 71.49
C ASN R 94 -55.14 -46.40 72.37
N ALA R 95 -56.42 -46.72 72.41
CA ALA R 95 -57.38 -45.90 73.13
C ALA R 95 -57.17 -46.01 74.64
N GLN R 96 -57.44 -44.91 75.33
CA GLN R 96 -57.39 -44.85 76.78
C GLN R 96 -58.80 -44.62 77.32
N THR R 97 -59.17 -45.37 78.35
CA THR R 97 -60.52 -45.27 78.90
C THR R 97 -60.71 -43.92 79.60
N VAL R 98 -61.91 -43.37 79.47
CA VAL R 98 -62.27 -42.10 80.08
C VAL R 98 -63.62 -42.26 80.77
N SER R 99 -63.71 -41.77 82.01
CA SER R 99 -64.92 -41.87 82.81
C SER R 99 -65.54 -40.49 82.98
N THR R 100 -66.88 -40.44 82.92
CA THR R 100 -67.63 -39.19 83.01
C THR R 100 -68.61 -39.29 84.17
N PRO R 101 -68.19 -38.96 85.39
CA PRO R 101 -69.13 -39.05 86.53
C PRO R 101 -70.32 -38.12 86.42
N ASN R 102 -70.16 -36.94 85.86
CA ASN R 102 -71.23 -35.94 85.81
C ASN R 102 -71.95 -35.90 84.47
N GLY R 103 -71.62 -36.80 83.54
CA GLY R 103 -72.21 -36.76 82.22
C GLY R 103 -71.50 -35.76 81.32
N THR R 104 -71.96 -35.73 80.07
CA THR R 104 -71.37 -34.88 79.04
C THR R 104 -72.34 -33.83 78.52
N SER R 105 -73.36 -33.49 79.29
CA SER R 105 -74.32 -32.48 78.86
C SER R 105 -73.68 -31.12 78.63
N TYR R 106 -72.53 -30.87 79.25
CA TYR R 106 -71.85 -29.59 79.07
C TYR R 106 -71.26 -29.43 77.68
N LEU R 107 -71.08 -30.53 76.94
CA LEU R 107 -70.43 -30.48 75.63
C LEU R 107 -71.40 -30.39 74.46
N ASN R 108 -72.71 -30.47 74.71
CA ASN R 108 -73.67 -30.37 73.62
C ASN R 108 -73.57 -29.01 72.95
N ILE R 109 -73.55 -29.00 71.62
CA ILE R 109 -73.24 -27.80 70.86
C ILE R 109 -73.99 -27.81 69.54
N THR R 110 -74.02 -26.65 68.88
CA THR R 110 -74.67 -26.49 67.59
C THR R 110 -73.73 -26.01 66.49
N GLY R 111 -72.67 -25.29 66.82
CA GLY R 111 -71.73 -24.77 65.85
C GLY R 111 -70.58 -25.72 65.58
N GLU R 112 -69.51 -25.16 65.04
CA GLU R 112 -68.33 -25.96 64.74
C GLU R 112 -67.50 -26.18 66.01
N PRO R 113 -67.24 -27.43 66.40
CA PRO R 113 -66.41 -27.65 67.59
C PRO R 113 -65.03 -27.03 67.49
N SER R 114 -64.45 -26.98 66.29
CA SER R 114 -63.11 -26.41 66.13
C SER R 114 -63.08 -24.94 66.52
N SER R 115 -64.11 -24.19 66.16
CA SER R 115 -64.20 -22.79 66.53
C SER R 115 -64.99 -22.58 67.81
N THR R 116 -65.41 -23.64 68.47
CA THR R 116 -66.15 -23.53 69.72
C THR R 116 -65.34 -23.89 70.96
N PHE R 117 -64.44 -24.85 70.88
CA PHE R 117 -63.71 -25.30 72.06
C PHE R 117 -62.32 -24.67 72.15
N ARG R 118 -61.91 -24.35 73.37
CA ARG R 118 -60.57 -23.87 73.67
C ARG R 118 -60.07 -24.55 74.94
N VAL R 119 -58.75 -24.66 75.05
CA VAL R 119 -58.13 -25.47 76.09
C VAL R 119 -56.95 -24.74 76.69
N ALA R 120 -56.59 -25.14 77.92
CA ALA R 120 -55.41 -24.63 78.61
C ALA R 120 -55.06 -25.60 79.73
N SER R 121 -53.84 -26.13 79.70
CA SER R 121 -53.44 -27.22 80.58
C SER R 121 -52.30 -26.79 81.49
N ILE R 122 -52.43 -27.08 82.79
CA ILE R 122 -51.39 -26.83 83.77
C ILE R 122 -51.33 -28.01 84.73
N ALA R 123 -50.10 -28.43 85.06
CA ALA R 123 -49.84 -29.38 86.14
C ALA R 123 -50.71 -30.63 86.09
N ASP R 124 -51.77 -30.64 86.89
CA ASP R 124 -52.61 -31.83 87.07
C ASP R 124 -53.97 -31.71 86.40
N PHE R 125 -54.24 -30.60 85.71
CA PHE R 125 -55.56 -30.35 85.15
C PHE R 125 -55.43 -29.94 83.69
N THR R 126 -56.57 -29.89 83.00
CA THR R 126 -56.66 -29.44 81.63
C THR R 126 -58.03 -28.79 81.44
N PHE R 127 -58.08 -27.46 81.57
CA PHE R 127 -59.35 -26.75 81.49
C PHE R 127 -59.94 -26.86 80.09
N ILE R 128 -61.25 -27.03 80.02
CA ILE R 128 -62.01 -26.97 78.77
C ILE R 128 -63.10 -25.92 78.93
N VAL R 129 -63.22 -25.03 77.94
CA VAL R 129 -64.18 -23.94 77.99
C VAL R 129 -65.09 -24.03 76.78
N ASN R 130 -66.40 -23.92 77.02
CA ASN R 130 -67.40 -23.94 75.96
C ASN R 130 -67.79 -22.50 75.65
N ARG R 131 -67.42 -22.02 74.47
CA ARG R 131 -67.64 -20.62 74.11
C ARG R 131 -69.10 -20.29 73.83
N GLU R 132 -69.98 -21.28 73.76
CA GLU R 132 -71.38 -21.05 73.43
C GLU R 132 -72.29 -21.11 74.65
N LYS R 133 -71.75 -21.33 75.84
CA LYS R 133 -72.55 -21.47 77.05
C LYS R 133 -72.61 -20.16 77.82
N THR R 134 -73.79 -19.82 78.30
CA THR R 134 -74.01 -18.59 79.05
C THR R 134 -73.91 -18.90 80.54
N VAL R 135 -73.01 -18.21 81.23
CA VAL R 135 -72.79 -18.43 82.65
C VAL R 135 -73.90 -17.75 83.44
N ALA R 136 -74.41 -18.44 84.46
CA ALA R 136 -75.46 -17.90 85.30
C ALA R 136 -75.26 -18.36 86.74
N MET R 137 -75.53 -17.46 87.68
CA MET R 137 -75.46 -17.80 89.09
C MET R 137 -76.59 -18.74 89.47
N ASP R 138 -76.36 -19.54 90.51
CA ASP R 138 -77.42 -20.36 91.06
C ASP R 138 -78.37 -19.50 91.89
N THR R 139 -79.67 -19.79 91.77
CA THR R 139 -80.69 -19.04 92.49
C THR R 139 -81.51 -19.88 93.46
N THR R 140 -81.40 -21.21 93.40
CA THR R 140 -82.18 -22.06 94.28
C THR R 140 -81.47 -22.30 95.61
N ASN R 141 -80.27 -22.86 95.57
CA ASN R 141 -79.49 -23.12 96.77
C ASN R 141 -78.88 -21.79 97.18
N LYS R 142 -79.57 -21.09 98.07
CA LYS R 142 -79.10 -19.79 98.54
C LYS R 142 -78.24 -19.98 99.79
N SER R 143 -77.77 -18.86 100.32
CA SER R 143 -76.90 -18.88 101.49
C SER R 143 -77.75 -19.03 102.75
N TYR R 144 -77.13 -18.83 103.91
CA TYR R 144 -77.82 -18.96 105.17
C TYR R 144 -78.92 -17.90 105.29
N ASN R 145 -79.89 -18.17 106.15
CA ASN R 145 -80.97 -17.24 106.43
C ASN R 145 -80.67 -16.47 107.71
N TRP R 146 -81.29 -15.28 107.82
CA TRP R 146 -81.06 -14.44 108.99
C TRP R 146 -81.52 -15.15 110.26
N GLY R 147 -82.76 -15.63 110.25
CA GLY R 147 -83.38 -16.12 111.47
C GLY R 147 -83.98 -14.97 112.23
N THR R 148 -85.27 -15.05 112.57
CA THR R 148 -85.95 -13.97 113.27
C THR R 148 -85.75 -14.18 114.77
N LYS R 149 -84.50 -14.02 115.19
CA LYS R 149 -84.13 -14.23 116.58
C LYS R 149 -83.34 -13.03 117.07
N SER R 150 -83.44 -12.78 118.37
CA SER R 150 -82.71 -11.69 119.00
C SER R 150 -82.43 -12.07 120.44
N MET R 151 -81.45 -11.39 121.03
CA MET R 151 -81.07 -11.63 122.41
C MET R 151 -80.95 -10.32 123.16
N VAL R 152 -81.28 -10.35 124.44
CA VAL R 152 -81.17 -9.19 125.32
C VAL R 152 -79.99 -9.44 126.24
N PHE R 153 -78.96 -8.58 126.13
CA PHE R 153 -77.72 -8.75 126.87
C PHE R 153 -77.70 -7.81 128.06
N ILE R 154 -77.48 -8.37 129.25
CA ILE R 154 -77.35 -7.61 130.48
C ILE R 154 -75.88 -7.65 130.88
N LYS R 155 -75.28 -6.48 131.05
CA LYS R 155 -73.84 -6.40 131.27
C LYS R 155 -73.48 -6.33 132.75
N SER R 156 -74.00 -5.35 133.47
CA SER R 156 -73.68 -5.19 134.89
C SER R 156 -74.91 -4.65 135.61
N ALA R 157 -74.83 -4.64 136.93
CA ALA R 157 -75.94 -4.23 137.78
C ALA R 157 -75.48 -3.18 138.78
N ASP R 158 -76.41 -2.32 139.17
CA ASP R 158 -76.11 -1.24 140.11
C ASP R 158 -77.29 -1.05 141.04
N PHE R 159 -77.01 -0.57 142.25
CA PHE R 159 -78.06 -0.37 143.25
C PHE R 159 -79.11 0.62 142.78
N SER R 160 -80.38 0.30 143.06
CA SER R 160 -81.50 1.20 142.80
C SER R 160 -81.58 1.60 141.33
N THR R 161 -81.70 0.61 140.47
CA THR R 161 -81.79 0.82 139.03
C THR R 161 -82.99 0.06 138.47
N THR R 162 -83.84 0.78 137.73
CA THR R 162 -85.01 0.20 137.11
C THR R 162 -84.72 -0.10 135.65
N TYR R 163 -85.06 -1.30 135.21
CA TYR R 163 -84.80 -1.74 133.85
C TYR R 163 -86.10 -1.76 133.06
N ARG R 164 -86.09 -1.10 131.90
CA ARG R 164 -87.23 -1.05 131.00
C ARG R 164 -86.87 -1.71 129.69
N VAL R 165 -87.75 -2.60 129.22
CA VAL R 165 -87.57 -3.29 127.95
C VAL R 165 -88.81 -3.05 127.11
N LYS R 166 -88.62 -2.49 125.92
CA LYS R 166 -89.72 -2.20 125.00
C LYS R 166 -89.68 -3.19 123.85
N LEU R 167 -90.71 -4.02 123.77
CA LEU R 167 -90.84 -5.03 122.72
C LEU R 167 -92.18 -4.86 122.02
N ASN R 168 -92.13 -4.60 120.71
CA ASN R 168 -93.34 -4.43 119.90
C ASN R 168 -94.23 -3.32 120.44
N GLY R 169 -93.61 -2.26 120.97
CA GLY R 169 -94.34 -1.10 121.42
C GLY R 169 -94.87 -1.15 122.84
N THR R 170 -94.66 -2.25 123.55
CA THR R 170 -95.05 -2.34 124.96
C THR R 170 -93.80 -2.44 125.83
N GLU R 171 -93.88 -1.90 127.03
CA GLU R 171 -92.74 -1.81 127.93
C GLU R 171 -93.06 -2.50 129.25
N LYS R 172 -92.13 -3.33 129.71
CA LYS R 172 -92.20 -3.96 131.03
C LYS R 172 -91.00 -3.52 131.85
N SER R 173 -91.22 -3.30 133.15
CA SER R 173 -90.21 -2.70 134.01
C SER R 173 -89.88 -3.63 135.17
N VAL R 174 -88.59 -3.72 135.48
CA VAL R 174 -88.09 -4.45 136.64
C VAL R 174 -87.17 -3.50 137.41
N THR R 175 -87.40 -3.38 138.71
CA THR R 175 -86.66 -2.46 139.57
C THR R 175 -85.83 -3.25 140.57
N THR R 176 -84.54 -2.91 140.64
CA THR R 176 -83.64 -3.55 141.59
C THR R 176 -83.66 -2.83 142.93
N GLY R 177 -83.03 -3.45 143.93
CA GLY R 177 -82.97 -2.87 145.24
C GLY R 177 -81.90 -1.79 145.38
N ASN R 178 -81.94 -1.12 146.52
CA ASN R 178 -81.00 -0.04 146.81
C ASN R 178 -79.72 -0.64 147.41
N SER R 179 -78.85 0.23 147.94
CA SER R 179 -77.60 -0.24 148.53
C SER R 179 -77.85 -1.06 149.79
N SER R 180 -78.93 -0.78 150.51
CA SER R 180 -79.23 -1.53 151.73
C SER R 180 -79.65 -2.97 151.44
N GLY R 181 -80.08 -3.26 150.22
CA GLY R 181 -80.49 -4.60 149.85
C GLY R 181 -79.33 -5.45 149.38
N SER R 182 -79.67 -6.61 148.82
CA SER R 182 -78.67 -7.51 148.30
C SER R 182 -78.03 -6.95 147.03
N ALA R 183 -76.84 -7.46 146.71
CA ALA R 183 -76.13 -7.01 145.53
C ALA R 183 -76.86 -7.49 144.28
N PRO R 184 -77.29 -6.59 143.39
CA PRO R 184 -78.01 -7.04 142.20
C PRO R 184 -77.09 -7.82 141.25
N ASP R 185 -77.69 -8.76 140.54
CA ASP R 185 -76.94 -9.59 139.61
C ASP R 185 -77.66 -9.68 138.27
N THR R 186 -76.87 -9.70 137.21
CA THR R 186 -77.42 -9.74 135.85
C THR R 186 -78.28 -10.97 135.65
N VAL R 187 -77.90 -12.10 136.27
CA VAL R 187 -78.66 -13.33 136.08
C VAL R 187 -80.09 -13.18 136.59
N THR R 188 -80.23 -12.71 137.82
CA THR R 188 -81.57 -12.53 138.39
C THR R 188 -82.34 -11.45 137.64
N ILE R 189 -81.68 -10.35 137.28
CA ILE R 189 -82.37 -9.28 136.57
C ILE R 189 -82.90 -9.79 135.23
N ALA R 190 -82.07 -10.51 134.49
CA ALA R 190 -82.50 -11.05 133.20
C ALA R 190 -83.60 -12.09 133.36
N SER R 191 -83.52 -12.93 134.40
CA SER R 191 -84.57 -13.92 134.62
C SER R 191 -85.90 -13.24 134.88
N ASP R 192 -85.90 -12.22 135.75
CA ASP R 192 -87.14 -11.50 136.03
C ASP R 192 -87.68 -10.82 134.79
N LEU R 193 -86.81 -10.17 134.01
CA LEU R 193 -87.25 -9.49 132.80
C LEU R 193 -87.86 -10.49 131.81
N ALA R 194 -87.18 -11.61 131.59
CA ALA R 194 -87.68 -12.59 130.62
C ALA R 194 -89.01 -13.17 131.07
N THR R 195 -89.16 -13.46 132.37
CA THR R 195 -90.45 -13.91 132.86
C THR R 195 -91.52 -12.84 132.67
N GLN R 196 -91.14 -11.56 132.74
CA GLN R 196 -92.10 -10.50 132.51
C GLN R 196 -92.56 -10.47 131.06
N LEU R 197 -91.62 -10.46 130.11
CA LEU R 197 -92.02 -10.39 128.70
C LEU R 197 -92.58 -11.71 128.17
N ASN R 198 -92.41 -12.82 128.90
CA ASN R 198 -92.96 -14.08 128.39
C ASN R 198 -94.48 -14.08 128.33
N THR R 199 -95.14 -13.20 129.07
CA THR R 199 -96.60 -13.12 129.05
C THR R 199 -97.13 -12.54 127.75
N ILE R 200 -96.29 -11.95 126.91
CA ILE R 200 -96.76 -11.36 125.66
C ILE R 200 -97.09 -12.45 124.67
N SER R 201 -98.32 -12.44 124.17
CA SER R 201 -98.75 -13.45 123.22
C SER R 201 -98.07 -13.25 121.87
N GLY R 202 -97.80 -14.36 121.19
CA GLY R 202 -97.14 -14.33 119.90
C GLY R 202 -95.63 -14.25 119.97
N PHE R 203 -95.04 -14.17 121.15
CA PHE R 203 -93.60 -14.05 121.32
C PHE R 203 -93.11 -15.16 122.23
N THR R 204 -91.96 -15.73 121.86
CA THR R 204 -91.28 -16.73 122.69
C THR R 204 -90.12 -16.04 123.41
N VAL R 205 -90.19 -16.01 124.74
CA VAL R 205 -89.17 -15.36 125.57
C VAL R 205 -88.57 -16.41 126.49
N THR R 206 -87.24 -16.54 126.44
CA THR R 206 -86.51 -17.48 127.27
C THR R 206 -85.24 -16.82 127.78
N SER R 207 -84.74 -17.31 128.90
CA SER R 207 -83.57 -16.72 129.56
C SER R 207 -82.58 -17.80 129.96
N THR R 208 -81.29 -17.44 129.92
CA THR R 208 -80.22 -18.24 130.48
C THR R 208 -79.05 -17.31 130.76
N ASP R 209 -78.37 -17.54 131.88
CA ASP R 209 -77.29 -16.66 132.34
C ASP R 209 -77.79 -15.22 132.42
N TYR R 210 -77.24 -14.36 131.57
CA TYR R 210 -77.68 -12.98 131.47
C TYR R 210 -78.18 -12.66 130.06
N ILE R 211 -78.71 -13.66 129.37
CA ILE R 211 -79.17 -13.53 127.99
C ILE R 211 -80.65 -13.89 127.95
N ILE R 212 -81.45 -13.02 127.33
CA ILE R 212 -82.87 -13.27 127.13
C ILE R 212 -83.09 -13.52 125.64
N ARG R 213 -83.47 -14.74 125.30
CA ARG R 213 -83.74 -15.11 123.91
C ARG R 213 -85.19 -14.79 123.59
N ILE R 214 -85.41 -14.02 122.53
CA ILE R 214 -86.74 -13.60 122.12
C ILE R 214 -86.95 -14.03 120.67
N THR R 215 -88.07 -14.70 120.39
CA THR R 215 -88.38 -15.19 119.06
C THR R 215 -89.88 -15.05 118.83
N LYS R 216 -90.26 -14.45 117.70
CA LYS R 216 -91.66 -14.32 117.35
C LYS R 216 -92.15 -15.60 116.69
N ASP R 217 -93.35 -16.04 117.07
CA ASP R 217 -93.87 -17.31 116.58
C ASP R 217 -94.15 -17.26 115.08
N ASP R 218 -94.73 -16.17 114.59
CA ASP R 218 -95.03 -16.06 113.17
C ASP R 218 -93.82 -15.73 112.33
N GLY R 219 -92.68 -15.40 112.96
CA GLY R 219 -91.47 -15.10 112.22
C GLY R 219 -91.36 -13.68 111.71
N GLY R 220 -92.37 -12.84 111.95
CA GLY R 220 -92.31 -11.47 111.52
C GLY R 220 -91.37 -10.63 112.35
N ASP R 221 -91.05 -9.44 111.84
CA ASP R 221 -90.14 -8.54 112.52
C ASP R 221 -90.88 -7.77 113.61
N TYR R 222 -90.08 -7.12 114.47
CA TYR R 222 -90.64 -6.34 115.57
C TYR R 222 -89.57 -5.36 116.04
N THR R 223 -90.01 -4.35 116.77
CA THR R 223 -89.07 -3.41 117.39
C THR R 223 -88.64 -3.95 118.75
N LEU R 224 -87.44 -3.55 119.17
CA LEU R 224 -86.88 -4.04 120.42
C LEU R 224 -85.78 -3.11 120.86
N GLU R 225 -85.92 -2.52 122.05
CA GLU R 225 -84.92 -1.61 122.59
C GLU R 225 -85.18 -1.46 124.08
N SER R 226 -84.10 -1.46 124.86
CA SER R 226 -84.19 -1.41 126.31
C SER R 226 -83.20 -0.41 126.88
N SER R 227 -83.48 0.05 128.09
CA SER R 227 -82.61 0.99 128.78
C SER R 227 -82.90 0.96 130.26
N ASP R 228 -81.90 1.33 131.06
CA ASP R 228 -82.04 1.45 132.49
C ASP R 228 -82.25 2.91 132.88
N THR R 229 -82.31 3.16 134.19
CA THR R 229 -82.66 4.48 134.70
C THR R 229 -81.46 5.29 135.17
N LYS R 230 -80.23 4.84 134.91
CA LYS R 230 -79.04 5.59 135.31
C LYS R 230 -78.26 6.12 134.12
N THR R 231 -77.81 5.23 133.23
CA THR R 231 -77.02 5.63 132.07
C THR R 231 -77.46 4.99 130.77
N ALA R 232 -78.42 4.07 130.79
CA ALA R 232 -78.86 3.34 129.60
C ALA R 232 -77.70 2.65 128.89
N ASP R 233 -76.77 2.08 129.66
CA ASP R 233 -75.59 1.43 129.11
C ASP R 233 -75.42 -0.01 129.54
N ALA R 234 -75.95 -0.41 130.70
CA ALA R 234 -75.75 -1.76 131.20
C ALA R 234 -76.49 -2.82 130.39
N THR R 235 -77.39 -2.42 129.51
CA THR R 235 -78.14 -3.35 128.67
C THR R 235 -77.69 -3.23 127.21
N SER R 236 -78.00 -4.27 126.44
CA SER R 236 -77.67 -4.30 125.02
C SER R 236 -78.80 -4.99 124.28
N ALA R 237 -79.55 -4.21 123.50
CA ALA R 237 -80.65 -4.75 122.70
C ALA R 237 -80.07 -5.24 121.38
N ILE R 238 -79.72 -6.52 121.34
CA ILE R 238 -79.10 -7.12 120.17
C ILE R 238 -80.21 -7.46 119.18
N LYS R 239 -80.35 -6.65 118.13
CA LYS R 239 -81.41 -6.84 117.16
C LYS R 239 -80.95 -6.28 115.81
N GLY R 240 -81.00 -7.13 114.79
CA GLY R 240 -80.61 -6.67 113.46
C GLY R 240 -79.15 -6.28 113.43
N THR R 241 -78.90 -5.00 113.24
CA THR R 241 -77.56 -4.46 113.20
C THR R 241 -77.26 -3.66 114.47
N VAL R 242 -75.97 -3.53 114.77
CA VAL R 242 -75.50 -2.81 115.95
C VAL R 242 -74.36 -1.89 115.52
N ASP R 243 -73.77 -1.21 116.50
CA ASP R 243 -72.77 -0.19 116.21
C ASP R 243 -71.41 -0.81 115.91
N SER R 244 -70.83 -1.51 116.88
CA SER R 244 -69.46 -2.02 116.74
C SER R 244 -69.36 -3.40 117.36
N ILE R 245 -68.31 -4.13 116.95
CA ILE R 245 -68.09 -5.48 117.43
C ILE R 245 -67.79 -5.50 118.92
N THR R 246 -67.34 -4.37 119.48
CA THR R 246 -67.04 -4.30 120.90
C THR R 246 -68.26 -4.56 121.76
N ASP R 247 -69.46 -4.43 121.19
CA ASP R 247 -70.68 -4.68 121.94
C ASP R 247 -71.13 -6.13 121.92
N LEU R 248 -70.38 -7.00 121.24
CA LEU R 248 -70.82 -8.39 121.11
C LEU R 248 -70.64 -9.13 122.43
N PRO R 249 -71.65 -9.90 122.85
CA PRO R 249 -71.48 -10.74 124.04
C PRO R 249 -70.57 -11.93 123.76
N THR R 250 -70.01 -12.47 124.84
CA THR R 250 -69.04 -13.55 124.68
C THR R 250 -69.68 -14.82 124.14
N ILE R 251 -70.78 -15.26 124.73
CA ILE R 251 -71.45 -16.50 124.36
C ILE R 251 -72.59 -16.20 123.40
N ALA R 252 -72.86 -17.16 122.51
CA ALA R 252 -73.93 -17.02 121.52
C ALA R 252 -74.22 -18.38 120.92
N GLU R 253 -75.18 -18.41 120.00
CA GLU R 253 -75.46 -19.60 119.22
C GLU R 253 -74.61 -19.60 117.95
N HIS R 254 -74.12 -20.78 117.57
CA HIS R 254 -73.34 -20.88 116.36
C HIS R 254 -74.19 -20.54 115.14
N ASN R 255 -73.54 -19.98 114.12
CA ASN R 255 -74.16 -19.49 112.89
C ASN R 255 -75.08 -18.30 113.12
N PHE R 256 -74.97 -17.63 114.26
CA PHE R 256 -75.75 -16.42 114.50
C PHE R 256 -75.12 -15.25 113.74
N THR R 257 -75.94 -14.58 112.92
CA THR R 257 -75.47 -13.52 112.04
C THR R 257 -75.92 -12.17 112.57
N VAL R 258 -74.97 -11.25 112.75
CA VAL R 258 -75.24 -9.89 113.17
C VAL R 258 -74.47 -8.95 112.27
N ARG R 259 -75.12 -7.86 111.85
CA ARG R 259 -74.49 -6.87 110.99
C ARG R 259 -73.84 -5.78 111.82
N ILE R 260 -72.72 -5.27 111.33
CA ILE R 260 -71.99 -4.18 111.96
C ILE R 260 -72.05 -2.98 111.03
N GLN R 261 -72.48 -1.84 111.57
CA GLN R 261 -72.58 -0.62 110.78
C GLN R 261 -71.18 -0.05 110.56
N GLY R 262 -70.75 -0.03 109.31
CA GLY R 262 -69.43 0.47 108.99
C GLY R 262 -69.34 1.98 109.12
N SER R 263 -68.12 2.47 109.10
CA SER R 263 -67.83 3.90 109.21
C SER R 263 -67.27 4.37 107.88
N ALA R 264 -68.11 5.05 107.09
CA ALA R 264 -67.63 5.67 105.85
C ALA R 264 -66.60 6.77 106.12
N THR R 265 -66.53 7.26 107.38
CA THR R 265 -65.47 8.18 107.75
C THR R 265 -64.09 7.56 107.52
N THR R 266 -63.97 6.25 107.72
CA THR R 266 -62.73 5.53 107.49
C THR R 266 -62.71 4.81 106.14
N ALA R 267 -63.67 5.14 105.26
CA ALA R 267 -63.78 4.52 103.93
C ALA R 267 -63.97 3.02 104.00
N PHE R 268 -64.64 2.54 105.05
CA PHE R 268 -64.98 1.13 105.20
C PHE R 268 -66.49 1.00 105.16
N ASP R 269 -66.99 0.16 104.26
CA ASP R 269 -68.43 -0.08 104.16
C ASP R 269 -68.86 -1.07 105.24
N ASP R 270 -70.15 -1.38 105.26
CA ASP R 270 -70.68 -2.31 106.24
C ASP R 270 -70.18 -3.72 105.98
N TYR R 271 -70.22 -4.54 107.01
CA TYR R 271 -69.86 -5.95 106.90
C TYR R 271 -70.65 -6.73 107.95
N PHE R 272 -70.44 -8.05 107.99
CA PHE R 272 -71.22 -8.93 108.84
C PHE R 272 -70.28 -9.85 109.61
N VAL R 273 -70.77 -10.38 110.72
CA VAL R 273 -70.02 -11.31 111.56
C VAL R 273 -70.91 -12.47 111.92
N LYS R 274 -70.35 -13.68 111.87
CA LYS R 274 -71.07 -14.91 112.19
C LYS R 274 -70.45 -15.59 113.40
N PHE R 275 -71.22 -16.49 114.01
CA PHE R 275 -70.80 -17.18 115.23
C PHE R 275 -70.57 -18.66 114.94
N GLU R 276 -69.66 -19.25 115.70
CA GLU R 276 -69.34 -20.67 115.61
C GLU R 276 -68.89 -21.12 117.00
N ALA R 277 -69.69 -21.98 117.64
CA ALA R 277 -69.40 -22.39 119.00
C ALA R 277 -68.12 -23.23 119.05
N THR R 278 -67.35 -23.03 120.13
CA THR R 278 -66.13 -23.81 120.32
C THR R 278 -66.43 -25.29 120.45
N ALA R 279 -67.56 -25.63 121.09
CA ALA R 279 -67.98 -27.02 121.20
C ALA R 279 -68.39 -27.62 119.86
N GLY R 280 -68.55 -26.80 118.82
CA GLY R 280 -68.89 -27.28 117.50
C GLY R 280 -70.37 -27.26 117.18
N SER R 281 -71.24 -27.17 118.19
CA SER R 281 -72.68 -27.13 117.98
C SER R 281 -73.32 -26.63 119.26
N GLY R 282 -74.60 -26.24 119.16
CA GLY R 282 -75.32 -25.76 120.32
C GLY R 282 -74.81 -24.42 120.79
N PHE R 283 -74.93 -24.20 122.10
CA PHE R 283 -74.54 -22.94 122.72
C PHE R 283 -73.15 -23.06 123.34
N GLY R 284 -72.58 -21.90 123.68
CA GLY R 284 -71.28 -21.85 124.29
C GLY R 284 -70.41 -20.77 123.69
N PRO R 285 -69.25 -20.52 124.29
CA PRO R 285 -68.35 -19.51 123.74
C PRO R 285 -67.82 -19.92 122.37
N GLY R 286 -67.50 -18.93 121.56
CA GLY R 286 -67.07 -19.21 120.20
C GLY R 286 -66.34 -18.04 119.60
N VAL R 287 -66.38 -17.96 118.27
CA VAL R 287 -65.64 -16.96 117.52
C VAL R 287 -66.61 -16.12 116.69
N TRP R 288 -66.19 -14.89 116.40
CA TRP R 288 -66.89 -13.99 115.49
C TRP R 288 -65.95 -13.64 114.36
N ARG R 289 -66.35 -13.95 113.12
CA ARG R 289 -65.51 -13.77 111.96
C ARG R 289 -66.29 -13.06 110.86
N GLU R 290 -65.58 -12.31 110.02
CA GLU R 290 -66.20 -11.63 108.90
C GLU R 290 -66.84 -12.63 107.96
N THR R 291 -68.15 -12.55 107.81
CA THR R 291 -68.92 -13.51 107.03
C THR R 291 -69.64 -12.81 105.89
N VAL R 292 -70.38 -13.61 105.12
CA VAL R 292 -71.19 -13.10 104.03
C VAL R 292 -72.58 -12.76 104.55
N ALA R 293 -73.21 -11.77 103.91
CA ALA R 293 -74.56 -11.40 104.31
C ALA R 293 -75.52 -12.55 104.01
N PRO R 294 -76.46 -12.81 104.91
CA PRO R 294 -77.37 -13.94 104.72
C PRO R 294 -78.53 -13.60 103.77
N ASN R 295 -79.23 -14.65 103.35
CA ASN R 295 -80.38 -14.53 102.43
C ASN R 295 -79.97 -13.91 101.11
N ILE R 296 -78.83 -14.33 100.57
CA ILE R 296 -78.33 -13.84 99.28
C ILE R 296 -77.76 -15.02 98.51
N ASP R 297 -78.09 -15.10 97.22
CA ASP R 297 -77.50 -16.13 96.37
C ASP R 297 -75.99 -15.98 96.35
N HIS R 298 -75.29 -17.09 96.59
CA HIS R 298 -73.84 -17.03 96.76
C HIS R 298 -73.07 -18.16 96.10
N LEU R 299 -73.71 -19.04 95.35
CA LEU R 299 -73.04 -20.16 94.70
C LEU R 299 -73.15 -20.05 93.19
N LEU R 300 -72.14 -20.56 92.50
CA LEU R 300 -72.09 -20.55 91.04
C LEU R 300 -72.49 -21.92 90.52
N ASP R 301 -73.38 -21.94 89.53
CA ASP R 301 -73.82 -23.19 88.93
C ASP R 301 -72.66 -23.82 88.17
N LYS R 302 -72.08 -24.88 88.73
CA LYS R 302 -70.92 -25.51 88.11
C LYS R 302 -71.28 -26.24 86.82
N SER R 303 -72.57 -26.44 86.54
CA SER R 303 -72.97 -27.16 85.34
C SER R 303 -72.72 -26.36 84.07
N THR R 304 -72.39 -25.08 84.17
CA THR R 304 -72.10 -24.25 83.02
C THR R 304 -70.68 -23.70 83.01
N MET R 305 -70.08 -23.53 84.18
CA MET R 305 -68.73 -23.00 84.30
C MET R 305 -67.72 -24.06 83.83
N PRO R 306 -66.61 -23.62 83.23
CA PRO R 306 -65.66 -24.55 82.60
C PRO R 306 -65.32 -25.77 83.47
N HIS R 307 -65.09 -26.89 82.79
CA HIS R 307 -64.77 -28.17 83.40
C HIS R 307 -63.28 -28.47 83.26
N THR R 308 -62.86 -29.58 83.86
CA THR R 308 -61.46 -29.98 83.87
C THR R 308 -61.34 -31.44 83.46
N LEU R 309 -60.17 -31.79 82.91
CA LEU R 309 -59.81 -33.16 82.58
C LEU R 309 -58.54 -33.52 83.33
N VAL R 310 -58.59 -34.61 84.09
CA VAL R 310 -57.49 -35.01 84.96
C VAL R 310 -57.15 -36.47 84.70
N ARG R 311 -55.86 -36.78 84.65
CA ARG R 311 -55.38 -38.14 84.50
C ARG R 311 -54.89 -38.66 85.86
N ASN R 312 -55.09 -39.95 86.09
CA ASN R 312 -54.68 -40.59 87.33
C ASN R 312 -53.37 -41.33 87.14
N ALA R 313 -52.85 -41.90 88.22
CA ALA R 313 -51.59 -42.62 88.17
C ALA R 313 -51.72 -43.98 87.51
N ASN R 314 -52.93 -44.55 87.44
CA ASN R 314 -53.13 -45.87 86.88
C ASN R 314 -53.45 -45.85 85.38
N GLY R 315 -53.45 -44.68 84.75
CA GLY R 315 -53.62 -44.57 83.32
C GLY R 315 -55.00 -44.17 82.86
N THR R 316 -55.98 -44.11 83.76
CA THR R 316 -57.32 -43.69 83.37
C THR R 316 -57.44 -42.17 83.41
N PHE R 317 -58.55 -41.67 82.86
CA PHE R 317 -58.82 -40.25 82.80
C PHE R 317 -60.20 -39.95 83.37
N THR R 318 -60.35 -38.76 83.93
CA THR R 318 -61.60 -38.33 84.54
C THR R 318 -61.97 -36.95 84.03
N PHE R 319 -63.22 -36.80 83.58
CA PHE R 319 -63.75 -35.54 83.08
C PHE R 319 -64.89 -35.13 84.00
N ALA R 320 -64.60 -34.25 84.95
CA ALA R 320 -65.56 -33.87 85.97
C ALA R 320 -65.50 -32.37 86.20
N GLN R 321 -66.49 -31.87 86.93
CA GLN R 321 -66.58 -30.45 87.22
C GLN R 321 -65.47 -30.02 88.17
N PHE R 322 -65.19 -28.73 88.17
CA PHE R 322 -64.25 -28.15 89.11
C PHE R 322 -65.00 -27.60 90.33
N ASN R 323 -64.24 -27.29 91.38
CA ASN R 323 -64.81 -26.88 92.65
C ASN R 323 -64.49 -25.41 92.88
N TYR R 324 -65.37 -24.53 92.41
CA TYR R 324 -65.23 -23.11 92.67
C TYR R 324 -65.94 -22.72 93.96
N THR R 325 -65.35 -21.77 94.66
CA THR R 325 -65.96 -21.22 95.87
C THR R 325 -66.82 -20.02 95.51
N GLY R 326 -67.83 -19.77 96.34
CA GLY R 326 -68.76 -18.69 96.12
C GLY R 326 -68.41 -17.44 96.91
N ARG R 327 -69.37 -16.51 96.92
CA ARG R 327 -69.19 -15.28 97.69
C ARG R 327 -69.04 -15.60 99.17
N VAL R 328 -67.94 -15.16 99.75
CA VAL R 328 -67.60 -15.52 101.13
C VAL R 328 -67.74 -14.36 102.10
N ALA R 329 -67.86 -13.12 101.61
CA ALA R 329 -67.98 -11.97 102.50
C ALA R 329 -68.68 -10.85 101.74
N GLY R 330 -69.18 -9.88 102.50
CA GLY R 330 -69.84 -8.73 101.91
C GLY R 330 -71.25 -9.05 101.45
N ASP R 331 -71.83 -8.10 100.71
CA ASP R 331 -73.16 -8.26 100.17
C ASP R 331 -73.15 -8.06 98.66
N THR R 332 -74.33 -7.98 98.04
CA THR R 332 -74.40 -7.89 96.59
C THR R 332 -73.74 -6.61 96.08
N THR R 333 -73.97 -5.49 96.74
CA THR R 333 -73.41 -4.23 96.27
C THR R 333 -71.90 -4.15 96.51
N THR R 334 -71.45 -4.51 97.71
CA THR R 334 -70.04 -4.37 98.04
C THR R 334 -69.17 -5.45 97.41
N ALA R 335 -69.74 -6.58 97.03
CA ALA R 335 -69.03 -7.65 96.33
C ALA R 335 -69.84 -8.01 95.10
N PRO R 336 -69.80 -7.18 94.07
CA PRO R 336 -70.65 -7.40 92.90
C PRO R 336 -70.27 -8.66 92.16
N ASN R 337 -71.24 -9.18 91.41
CA ASN R 337 -70.99 -10.36 90.61
C ASN R 337 -69.91 -10.05 89.58
N PRO R 338 -69.01 -11.00 89.30
CA PRO R 338 -67.96 -10.74 88.31
C PRO R 338 -68.56 -10.52 86.93
N THR R 339 -67.83 -9.78 86.10
CA THR R 339 -68.36 -9.33 84.82
C THR R 339 -68.70 -10.49 83.89
N PHE R 340 -68.06 -11.65 84.04
CA PHE R 340 -68.37 -12.75 83.14
C PHE R 340 -69.73 -13.38 83.45
N VAL R 341 -70.35 -13.04 84.58
CA VAL R 341 -71.67 -13.56 84.90
C VAL R 341 -72.70 -12.93 83.98
N GLY R 342 -73.51 -13.75 83.34
CA GLY R 342 -74.47 -13.28 82.37
C GLY R 342 -73.94 -13.10 80.97
N SER R 343 -72.74 -13.59 80.69
CA SER R 343 -72.17 -13.47 79.36
C SER R 343 -71.25 -14.66 79.10
N LYS R 344 -71.04 -14.95 77.83
CA LYS R 344 -70.24 -16.10 77.44
C LYS R 344 -68.77 -15.87 77.74
N ILE R 345 -68.06 -16.95 78.07
CA ILE R 345 -66.62 -16.91 78.29
C ILE R 345 -65.94 -17.23 76.96
N LYS R 346 -65.06 -16.33 76.51
CA LYS R 346 -64.48 -16.46 75.19
C LYS R 346 -63.18 -17.26 75.18
N ASN R 347 -62.31 -17.06 76.17
CA ASN R 347 -61.05 -17.79 76.21
C ASN R 347 -60.54 -17.83 77.65
N ILE R 348 -59.64 -18.77 77.89
CA ILE R 348 -59.07 -18.98 79.22
C ILE R 348 -57.56 -19.12 79.09
N ASN R 349 -56.84 -18.54 80.04
CA ASN R 349 -55.38 -18.56 80.02
C ASN R 349 -54.89 -18.43 81.45
N LEU R 350 -53.61 -18.75 81.66
CA LEU R 350 -53.00 -18.70 82.98
C LEU R 350 -51.75 -17.83 82.90
N PHE R 351 -51.63 -16.89 83.86
CA PHE R 351 -50.56 -15.91 83.83
C PHE R 351 -50.27 -15.42 85.23
N ARG R 352 -49.00 -15.48 85.63
CA ARG R 352 -48.52 -14.92 86.89
C ARG R 352 -49.31 -15.48 88.08
N ASN R 353 -49.26 -16.81 88.21
CA ASN R 353 -49.94 -17.58 89.24
C ASN R 353 -51.36 -17.10 89.51
N ARG R 354 -52.06 -16.69 88.45
CA ARG R 354 -53.47 -16.33 88.51
C ARG R 354 -54.17 -16.92 87.31
N LEU R 355 -55.47 -17.12 87.45
CA LEU R 355 -56.31 -17.64 86.37
C LEU R 355 -56.93 -16.48 85.62
N VAL R 356 -56.83 -16.50 84.29
CA VAL R 356 -57.27 -15.40 83.44
C VAL R 356 -58.47 -15.86 82.64
N PHE R 357 -59.55 -15.09 82.70
CA PHE R 357 -60.74 -15.30 81.89
C PHE R 357 -60.98 -14.09 81.00
N LEU R 358 -61.59 -14.32 79.85
CA LEU R 358 -61.98 -13.25 78.94
C LEU R 358 -63.49 -13.29 78.75
N ALA R 359 -64.12 -12.13 78.86
CA ALA R 359 -65.56 -12.03 78.71
C ALA R 359 -65.93 -10.62 78.28
N ASP R 360 -66.74 -10.51 77.24
CA ASP R 360 -67.16 -9.22 76.70
C ASP R 360 -65.96 -8.31 76.47
N GLU R 361 -65.89 -7.20 77.20
CA GLU R 361 -64.78 -6.29 77.14
C GLU R 361 -63.93 -6.34 78.41
N ASN R 362 -64.22 -7.28 79.31
CA ASN R 362 -63.57 -7.33 80.61
C ASN R 362 -62.69 -8.55 80.73
N VAL R 363 -61.52 -8.37 81.34
CA VAL R 363 -60.62 -9.46 81.68
C VAL R 363 -60.70 -9.67 83.20
N ILE R 364 -60.85 -10.93 83.60
CA ILE R 364 -61.07 -11.27 85.00
C ILE R 364 -59.90 -12.15 85.45
N LEU R 365 -59.24 -11.73 86.52
CA LEU R 365 -58.12 -12.46 87.09
C LEU R 365 -58.52 -13.03 88.44
N SER R 366 -58.16 -14.29 88.67
CA SER R 366 -58.49 -14.95 89.92
C SER R 366 -57.59 -14.44 91.05
N ALA R 367 -57.94 -14.85 92.27
CA ALA R 367 -57.14 -14.47 93.43
C ALA R 367 -55.76 -15.10 93.35
N ALA R 368 -54.79 -14.47 94.01
CA ALA R 368 -53.41 -14.89 93.92
C ALA R 368 -53.21 -16.26 94.58
N ASP R 369 -52.60 -17.19 93.84
CA ASP R 369 -52.24 -18.51 94.32
C ASP R 369 -53.45 -19.31 94.81
N SER R 370 -54.64 -19.01 94.29
CA SER R 370 -55.84 -19.77 94.65
C SER R 370 -56.77 -19.71 93.44
N PHE R 371 -56.75 -20.78 92.64
CA PHE R 371 -57.44 -20.78 91.35
C PHE R 371 -58.95 -20.96 91.47
N GLU R 372 -59.48 -21.26 92.65
CA GLU R 372 -60.89 -21.54 92.81
C GLU R 372 -61.66 -20.40 93.46
N ARG R 373 -61.03 -19.24 93.67
CA ARG R 373 -61.67 -18.10 94.30
C ARG R 373 -61.73 -16.94 93.33
N PHE R 374 -62.92 -16.36 93.18
CA PHE R 374 -63.13 -15.21 92.32
C PHE R 374 -63.77 -14.02 93.02
N PHE R 375 -64.31 -14.21 94.21
CA PHE R 375 -64.94 -13.14 94.95
C PHE R 375 -63.97 -12.54 95.97
N PRO R 376 -64.13 -11.28 96.34
CA PRO R 376 -63.20 -10.67 97.30
C PRO R 376 -63.23 -11.39 98.64
N GLU R 377 -62.05 -11.54 99.23
CA GLU R 377 -61.94 -12.28 100.48
C GLU R 377 -62.52 -11.50 101.65
N THR R 378 -62.19 -10.21 101.74
CA THR R 378 -62.70 -9.35 102.80
C THR R 378 -63.14 -8.03 102.19
N VAL R 379 -64.09 -7.38 102.86
CA VAL R 379 -64.70 -6.17 102.34
C VAL R 379 -64.32 -4.94 103.17
N GLN R 380 -63.47 -5.12 104.18
CA GLN R 380 -63.03 -4.02 105.03
C GLN R 380 -61.88 -3.24 104.43
N THR R 381 -60.89 -3.91 103.87
CA THR R 381 -59.76 -3.24 103.26
C THR R 381 -59.29 -4.05 102.06
N LEU R 382 -58.65 -3.37 101.11
CA LEU R 382 -58.09 -4.02 99.95
C LEU R 382 -56.91 -4.89 100.35
N LEU R 383 -56.83 -6.08 99.75
CA LEU R 383 -55.65 -6.94 99.83
C LEU R 383 -55.19 -7.27 98.42
N ASP R 384 -53.87 -7.28 98.24
CA ASP R 384 -53.30 -7.45 96.91
C ASP R 384 -53.57 -8.83 96.32
N SER R 385 -54.05 -9.77 97.13
CA SER R 385 -54.40 -11.09 96.66
C SER R 385 -55.84 -11.19 96.17
N ASP R 386 -56.55 -10.08 96.14
CA ASP R 386 -57.94 -10.09 95.71
C ASP R 386 -58.04 -10.05 94.18
N PRO R 387 -59.13 -10.59 93.63
CA PRO R 387 -59.28 -10.63 92.17
C PRO R 387 -59.39 -9.24 91.57
N ILE R 388 -58.97 -9.14 90.31
CA ILE R 388 -58.95 -7.89 89.56
C ILE R 388 -60.10 -7.91 88.57
N ASP R 389 -60.57 -6.73 88.18
CA ASP R 389 -61.64 -6.57 87.20
C ASP R 389 -61.36 -5.32 86.38
N ILE R 390 -61.05 -5.50 85.10
CA ILE R 390 -60.56 -4.43 84.25
C ILE R 390 -61.42 -4.37 82.99
N SER R 391 -61.38 -3.22 82.32
CA SER R 391 -62.02 -3.04 81.02
C SER R 391 -61.03 -2.39 80.06
N SER R 392 -61.15 -2.74 78.78
CA SER R 392 -60.29 -2.20 77.75
C SER R 392 -60.93 -0.93 77.18
N GLY R 393 -60.28 0.20 77.41
CA GLY R 393 -60.81 1.46 76.91
C GLY R 393 -60.67 1.58 75.40
N GLY R 394 -61.47 2.50 74.85
CA GLY R 394 -61.44 2.74 73.42
C GLY R 394 -62.77 3.26 72.89
N THR R 395 -62.70 4.10 71.87
CA THR R 395 -63.91 4.66 71.28
C THR R 395 -64.68 3.67 70.42
N SER R 396 -64.11 2.49 70.16
CA SER R 396 -64.76 1.46 69.39
C SER R 396 -64.98 0.23 70.25
N VAL R 397 -66.05 -0.52 69.95
CA VAL R 397 -66.37 -1.71 70.72
C VAL R 397 -65.36 -2.81 70.38
N ASN R 398 -64.82 -3.45 71.42
CA ASN R 398 -63.78 -4.46 71.25
C ASN R 398 -64.11 -5.63 72.17
N PHE R 399 -64.62 -6.72 71.61
CA PHE R 399 -64.86 -7.95 72.37
C PHE R 399 -63.61 -8.81 72.29
N LEU R 400 -62.96 -9.00 73.43
CA LEU R 400 -61.71 -9.74 73.47
C LEU R 400 -61.93 -11.20 73.11
N ASN R 401 -61.02 -11.75 72.32
CA ASN R 401 -61.15 -13.13 71.84
C ASN R 401 -59.97 -14.01 72.21
N SER R 402 -58.74 -13.53 72.08
CA SER R 402 -57.58 -14.38 72.25
C SER R 402 -56.51 -13.68 73.09
N SER R 403 -55.70 -14.49 73.77
CA SER R 403 -54.60 -14.00 74.58
C SER R 403 -53.38 -14.86 74.31
N LEU R 404 -52.20 -14.28 74.54
CA LEU R 404 -50.95 -14.99 74.34
C LEU R 404 -49.89 -14.44 75.28
N ALA R 405 -49.15 -15.33 75.91
CA ALA R 405 -48.05 -14.94 76.80
C ALA R 405 -46.74 -15.02 76.01
N PHE R 406 -46.20 -13.86 75.66
CA PHE R 406 -45.01 -13.80 74.82
C PHE R 406 -44.26 -12.52 75.12
N ALA R 407 -43.04 -12.43 74.59
CA ALA R 407 -42.14 -11.33 74.89
C ALA R 407 -42.00 -11.18 76.40
N ASN R 408 -42.30 -10.01 76.94
CA ASN R 408 -42.33 -9.79 78.39
C ASN R 408 -43.67 -9.21 78.81
N THR R 409 -44.73 -9.55 78.08
CA THR R 409 -46.04 -8.96 78.32
C THR R 409 -47.11 -10.02 78.09
N LEU R 410 -48.36 -9.63 78.30
CA LEU R 410 -49.52 -10.49 78.06
C LEU R 410 -50.37 -9.83 76.97
N LEU R 411 -50.14 -10.23 75.72
CA LEU R 411 -50.87 -9.68 74.59
C LEU R 411 -52.31 -10.15 74.61
N LEU R 412 -53.23 -9.24 74.29
CA LEU R 412 -54.65 -9.56 74.12
C LEU R 412 -55.12 -9.02 72.79
N PHE R 413 -55.94 -9.80 72.09
CA PHE R 413 -56.36 -9.47 70.74
C PHE R 413 -57.86 -9.28 70.70
N SER R 414 -58.30 -8.19 70.08
CA SER R 414 -59.71 -7.96 69.78
C SER R 414 -59.91 -8.05 68.27
N LEU R 415 -61.17 -8.05 67.86
CA LEU R 415 -61.49 -8.22 66.44
C LEU R 415 -60.99 -7.07 65.57
N HIS R 416 -60.61 -5.94 66.16
CA HIS R 416 -60.11 -4.81 65.37
C HIS R 416 -58.92 -4.11 66.01
N GLY R 417 -58.31 -4.70 67.03
CA GLY R 417 -57.18 -4.06 67.66
C GLY R 417 -56.46 -5.02 68.60
N GLN R 418 -55.25 -4.61 68.98
CA GLN R 418 -54.40 -5.37 69.87
C GLN R 418 -54.08 -4.55 71.11
N PHE R 419 -54.13 -5.19 72.27
CA PHE R 419 -53.91 -4.54 73.55
C PHE R 419 -52.90 -5.34 74.35
N ARG R 420 -52.35 -4.71 75.38
CA ARG R 420 -51.43 -5.39 76.29
C ARG R 420 -51.85 -5.11 77.73
N LEU R 421 -51.64 -6.10 78.60
CA LEU R 421 -51.92 -5.99 80.02
C LEU R 421 -50.60 -6.01 80.77
N ASP R 422 -50.38 -4.99 81.58
CA ASP R 422 -49.13 -4.91 82.33
C ASP R 422 -49.28 -3.93 83.48
N THR R 423 -48.47 -4.13 84.52
CA THR R 423 -48.22 -3.07 85.47
C THR R 423 -47.65 -1.85 84.77
N GLY R 424 -46.93 -2.08 83.67
CA GLY R 424 -46.43 -1.02 82.81
C GLY R 424 -44.99 -0.64 83.06
N SER R 425 -44.44 -0.97 84.22
CA SER R 425 -43.10 -0.51 84.58
C SER R 425 -42.05 -1.23 83.75
N THR R 426 -40.89 -0.58 83.63
CA THR R 426 -39.70 -1.31 83.20
C THR R 426 -39.38 -2.44 84.16
N SER R 427 -39.89 -2.35 85.39
CA SER R 427 -39.87 -3.45 86.34
C SER R 427 -40.85 -4.52 85.88
N VAL R 428 -40.35 -5.56 85.24
CA VAL R 428 -41.21 -6.58 84.63
C VAL R 428 -42.04 -7.29 85.71
N GLY R 429 -41.40 -7.64 86.82
CA GLY R 429 -42.07 -8.39 87.86
C GLY R 429 -42.64 -7.53 88.96
N THR R 430 -43.23 -6.39 88.61
CA THR R 430 -43.86 -5.52 89.60
C THR R 430 -45.12 -6.19 90.14
N ALA R 431 -45.49 -5.81 91.36
CA ALA R 431 -46.68 -6.37 91.98
C ALA R 431 -47.93 -5.98 91.19
N LEU R 432 -48.82 -6.94 90.98
CA LEU R 432 -50.07 -6.72 90.28
C LEU R 432 -51.16 -6.49 91.32
N THR R 433 -51.64 -5.26 91.41
CA THR R 433 -52.61 -4.84 92.40
C THR R 433 -53.83 -4.24 91.71
N PRO R 434 -54.98 -4.18 92.40
CA PRO R 434 -56.17 -3.55 91.81
C PRO R 434 -56.00 -2.08 91.46
N LYS R 435 -55.10 -1.34 92.11
CA LYS R 435 -54.81 0.02 91.70
C LYS R 435 -53.70 0.14 90.67
N THR R 436 -53.29 -0.96 90.03
CA THR R 436 -52.21 -0.83 89.06
C THR R 436 -52.48 -1.60 87.78
N ALA R 437 -53.40 -2.58 87.82
CA ALA R 437 -53.68 -3.37 86.64
C ALA R 437 -54.55 -2.58 85.66
N THR R 438 -54.01 -2.32 84.48
CA THR R 438 -54.72 -1.55 83.46
C THR R 438 -54.50 -2.19 82.10
N ILE R 439 -55.26 -1.72 81.11
CA ILE R 439 -55.16 -2.18 79.74
C ILE R 439 -54.91 -0.98 78.84
N THR R 440 -53.91 -1.10 77.96
CA THR R 440 -53.55 -0.02 77.05
C THR R 440 -53.52 -0.54 75.62
N ALA R 441 -54.01 0.28 74.69
CA ALA R 441 -54.02 -0.08 73.28
C ALA R 441 -52.61 -0.07 72.71
N ILE R 442 -52.45 -0.72 71.56
CA ILE R 442 -51.16 -0.68 70.87
C ILE R 442 -51.32 -0.24 69.42
N THR R 443 -52.10 -1.00 68.65
CA THR R 443 -52.32 -0.73 67.22
C THR R 443 -53.78 -1.03 66.88
N THR R 444 -54.11 -0.99 65.60
CA THR R 444 -55.47 -1.18 65.12
C THR R 444 -55.52 -2.08 63.89
N PHE R 445 -54.79 -3.20 63.90
CA PHE R 445 -54.84 -4.13 62.78
C PHE R 445 -56.09 -5.01 62.86
N ASP R 446 -56.15 -6.02 62.00
CA ASP R 446 -57.28 -6.94 61.95
C ASP R 446 -56.87 -8.33 62.41
N ILE R 447 -57.86 -9.20 62.54
CA ILE R 447 -57.63 -10.57 63.00
C ILE R 447 -58.86 -11.40 62.65
N VAL R 448 -58.69 -12.72 62.59
CA VAL R 448 -59.78 -13.67 62.41
C VAL R 448 -59.91 -14.49 63.68
N ASP R 449 -61.16 -14.86 64.01
CA ASP R 449 -61.44 -15.55 65.26
C ASP R 449 -61.42 -17.07 65.15
N ALA R 450 -61.31 -17.62 63.94
CA ALA R 450 -61.41 -19.07 63.77
C ALA R 450 -60.27 -19.80 64.46
N ILE R 451 -59.05 -19.26 64.35
CA ILE R 451 -57.87 -19.90 64.92
C ILE R 451 -57.13 -18.90 65.79
N ASP R 452 -56.36 -19.42 66.73
CA ASP R 452 -55.62 -18.65 67.71
C ASP R 452 -54.27 -18.20 67.14
N PRO R 453 -53.80 -17.00 67.49
CA PRO R 453 -52.44 -16.61 67.12
C PRO R 453 -51.43 -17.48 67.82
N ILE R 454 -50.29 -17.69 67.16
CA ILE R 454 -49.24 -18.56 67.68
C ILE R 454 -47.94 -17.77 67.77
N GLY R 455 -47.03 -18.29 68.59
CA GLY R 455 -45.72 -17.68 68.76
C GLY R 455 -44.61 -18.56 68.23
N VAL R 456 -43.95 -18.13 67.16
CA VAL R 456 -42.91 -18.90 66.50
C VAL R 456 -41.60 -18.14 66.62
N GLY R 457 -40.62 -18.77 67.24
CA GLY R 457 -39.33 -18.12 67.41
C GLY R 457 -39.49 -16.86 68.26
N ARG R 458 -39.17 -15.72 67.68
CA ARG R 458 -39.29 -14.44 68.35
C ARG R 458 -40.42 -13.58 67.78
N THR R 459 -41.20 -14.11 66.84
CA THR R 459 -42.24 -13.35 66.17
C THR R 459 -43.59 -14.02 66.36
N VAL R 460 -44.64 -13.21 66.33
CA VAL R 460 -46.01 -13.68 66.50
C VAL R 460 -46.69 -13.70 65.14
N TYR R 461 -47.60 -14.66 64.95
CA TYR R 461 -48.31 -14.82 63.68
C TYR R 461 -49.81 -14.89 63.93
N PHE R 462 -50.59 -14.37 62.99
CA PHE R 462 -52.04 -14.51 63.03
C PHE R 462 -52.59 -14.30 61.63
N GLY R 463 -53.83 -14.73 61.45
CA GLY R 463 -54.48 -14.65 60.15
C GLY R 463 -55.40 -13.44 60.04
N ILE R 464 -55.43 -12.84 58.85
CA ILE R 464 -56.26 -11.67 58.61
C ILE R 464 -57.27 -11.98 57.51
N PRO R 465 -58.46 -11.39 57.54
CA PRO R 465 -59.46 -11.68 56.51
C PRO R 465 -59.29 -10.79 55.28
N LYS R 466 -59.50 -11.40 54.12
CA LYS R 466 -59.45 -10.71 52.84
C LYS R 466 -60.70 -11.01 52.03
N GLY R 467 -61.84 -11.04 52.70
CA GLY R 467 -63.12 -11.34 52.03
C GLY R 467 -63.39 -12.84 52.03
N ASP R 468 -63.50 -13.42 50.83
CA ASP R 468 -63.70 -14.85 50.71
C ASP R 468 -62.43 -15.60 51.12
N PHE R 469 -61.29 -15.17 50.60
CA PHE R 469 -60.02 -15.79 50.90
C PHE R 469 -59.35 -15.10 52.09
N SER R 470 -58.47 -15.84 52.76
CA SER R 470 -57.83 -15.38 53.98
C SER R 470 -56.34 -15.17 53.76
N GLY R 471 -55.77 -14.26 54.54
CA GLY R 471 -54.35 -13.95 54.43
C GLY R 471 -53.67 -14.08 55.78
N LEU R 472 -52.34 -14.11 55.72
CA LEU R 472 -51.50 -14.32 56.88
C LEU R 472 -50.60 -13.11 57.11
N ARG R 473 -50.61 -12.58 58.32
CA ARG R 473 -49.81 -11.42 58.68
C ARG R 473 -49.05 -11.69 59.96
N GLU R 474 -47.74 -11.46 59.93
CA GLU R 474 -46.88 -11.60 61.10
C GLU R 474 -46.44 -10.21 61.55
N TYR R 475 -46.19 -10.07 62.86
CA TYR R 475 -45.70 -8.79 63.34
C TYR R 475 -44.78 -9.01 64.54
N PHE R 476 -43.70 -8.24 64.59
CA PHE R 476 -42.55 -8.50 65.44
C PHE R 476 -42.53 -7.50 66.59
N LEU R 477 -42.38 -8.01 67.81
CA LEU R 477 -42.42 -7.18 69.00
C LEU R 477 -41.04 -7.02 69.61
N PRO R 478 -40.44 -5.82 69.54
CA PRO R 478 -39.21 -5.57 70.30
C PRO R 478 -39.49 -5.39 71.79
N ASP R 479 -38.49 -4.94 72.55
CA ASP R 479 -38.51 -4.88 74.01
C ASP R 479 -39.81 -4.37 74.60
N ALA R 480 -40.15 -4.85 75.80
CA ALA R 480 -41.43 -4.52 76.42
C ALA R 480 -41.58 -3.02 76.64
N SER R 481 -40.52 -2.36 77.12
CA SER R 481 -40.55 -0.93 77.33
C SER R 481 -40.22 -0.14 76.07
N GLY R 482 -39.97 -0.82 74.96
CA GLY R 482 -39.48 -0.19 73.75
C GLY R 482 -40.57 0.34 72.85
N PRO R 483 -40.26 0.42 71.56
CA PRO R 483 -41.13 1.13 70.62
C PRO R 483 -42.35 0.31 70.21
N ILE R 484 -43.13 0.89 69.31
CA ILE R 484 -44.28 0.20 68.73
C ILE R 484 -43.78 -0.99 67.92
N PRO R 485 -44.40 -2.16 68.02
CA PRO R 485 -43.88 -3.32 67.29
C PRO R 485 -43.97 -3.14 65.79
N LEU R 486 -43.05 -3.79 65.08
CA LEU R 486 -43.05 -3.78 63.63
C LEU R 486 -44.02 -4.82 63.08
N SER R 487 -44.63 -4.48 61.96
CA SER R 487 -45.62 -5.36 61.33
C SER R 487 -45.32 -5.43 59.83
N GLU R 488 -45.79 -6.53 59.23
CA GLU R 488 -45.52 -6.79 57.82
C GLU R 488 -46.47 -7.88 57.33
N GLU R 489 -46.99 -7.70 56.12
CA GLU R 489 -47.84 -8.70 55.49
C GLU R 489 -47.02 -9.53 54.52
N VAL R 490 -47.16 -10.86 54.61
CA VAL R 490 -46.41 -11.78 53.78
C VAL R 490 -47.27 -12.47 52.73
N THR R 491 -48.54 -12.10 52.62
CA THR R 491 -49.42 -12.65 51.60
C THR R 491 -49.88 -11.59 50.61
N SER R 492 -49.13 -10.50 50.47
CA SER R 492 -49.54 -9.42 49.59
C SER R 492 -49.47 -9.83 48.13
N SER R 493 -48.63 -10.81 47.79
CA SER R 493 -48.47 -11.24 46.41
C SER R 493 -49.41 -12.38 46.04
N VAL R 494 -50.17 -12.92 46.98
CA VAL R 494 -51.10 -14.00 46.68
C VAL R 494 -52.47 -13.70 47.30
N PRO R 495 -53.22 -12.75 46.75
CA PRO R 495 -54.49 -12.37 47.37
C PRO R 495 -55.59 -13.42 47.25
N ARG R 496 -55.43 -14.44 46.41
CA ARG R 496 -56.47 -15.43 46.17
C ARG R 496 -55.90 -16.84 46.22
N PHE R 497 -55.15 -17.13 47.29
CA PHE R 497 -54.49 -18.42 47.43
C PHE R 497 -55.09 -19.27 48.56
N VAL R 498 -55.13 -18.75 49.78
CA VAL R 498 -55.59 -19.51 50.94
C VAL R 498 -57.10 -19.37 51.03
N PRO R 499 -57.85 -20.48 51.09
CA PRO R 499 -59.32 -20.37 51.15
C PRO R 499 -59.82 -19.85 52.48
N GLY R 500 -61.15 -19.72 52.61
CA GLY R 500 -61.75 -19.28 53.85
C GLY R 500 -62.08 -20.43 54.78
N ASN R 501 -62.58 -20.07 55.97
CA ASN R 501 -62.96 -21.03 57.00
C ASN R 501 -61.80 -21.93 57.38
N LEU R 502 -60.74 -21.31 57.90
CA LEU R 502 -59.57 -22.06 58.35
C LEU R 502 -59.93 -22.91 59.56
N ILE R 503 -59.32 -24.08 59.65
CA ILE R 503 -59.58 -24.99 60.77
C ILE R 503 -58.32 -25.45 61.47
N SER R 504 -57.13 -25.31 60.89
CA SER R 504 -55.92 -25.77 61.54
C SER R 504 -54.74 -24.91 61.11
N MET R 505 -53.97 -24.47 62.09
CA MET R 505 -52.72 -23.74 61.84
C MET R 505 -51.71 -24.21 62.88
N SER R 506 -50.62 -24.83 62.42
CA SER R 506 -49.64 -25.42 63.31
C SER R 506 -48.24 -24.97 62.92
N PRO R 507 -47.44 -24.56 63.89
CA PRO R 507 -46.08 -24.10 63.58
C PRO R 507 -45.05 -25.22 63.64
N SER R 508 -43.81 -24.91 63.28
CA SER R 508 -42.71 -25.84 63.45
C SER R 508 -41.44 -25.01 63.60
N VAL R 509 -40.99 -24.81 64.84
CA VAL R 509 -39.93 -23.85 65.10
C VAL R 509 -38.61 -24.31 64.50
N SER R 510 -38.27 -25.58 64.68
CA SER R 510 -36.96 -26.06 64.23
C SER R 510 -36.88 -26.15 62.72
N GLU R 511 -38.01 -26.36 62.05
CA GLU R 511 -38.03 -26.48 60.60
C GLU R 511 -38.69 -25.29 59.91
N GLU R 512 -38.97 -24.20 60.65
CA GLU R 512 -39.55 -22.97 60.12
C GLU R 512 -40.59 -23.21 59.05
N VAL R 513 -41.63 -23.98 59.36
CA VAL R 513 -42.73 -24.26 58.46
C VAL R 513 -44.03 -24.00 59.18
N ILE R 514 -44.95 -23.29 58.52
CA ILE R 514 -46.29 -23.06 59.02
C ILE R 514 -47.27 -23.76 58.10
N THR R 515 -48.10 -24.63 58.66
CA THR R 515 -49.00 -25.48 57.90
C THR R 515 -50.44 -25.03 58.08
N MET R 516 -51.15 -24.88 56.97
CA MET R 516 -52.54 -24.43 56.98
C MET R 516 -53.43 -25.45 56.29
N ILE R 517 -54.56 -25.77 56.92
CA ILE R 517 -55.54 -26.67 56.34
C ILE R 517 -56.88 -25.95 56.33
N SER R 518 -57.52 -25.89 55.16
CA SER R 518 -58.78 -25.20 54.99
C SER R 518 -59.93 -26.20 55.00
N LYS R 519 -61.14 -25.72 54.73
CA LYS R 519 -62.32 -26.57 54.65
C LYS R 519 -62.94 -26.61 53.27
N ASP R 520 -62.86 -25.53 52.50
CA ASP R 520 -63.39 -25.54 51.13
C ASP R 520 -62.56 -26.44 50.22
N GLN R 521 -61.34 -26.78 50.64
CA GLN R 521 -60.47 -27.68 49.88
C GLN R 521 -60.05 -28.84 50.78
N PRO R 522 -60.82 -29.93 50.81
CA PRO R 522 -60.55 -31.02 51.76
C PRO R 522 -59.45 -31.97 51.33
N ARG R 523 -58.63 -31.63 50.33
CA ARG R 523 -57.56 -32.52 49.88
C ARG R 523 -56.25 -31.78 49.68
N ARG R 524 -56.03 -30.66 50.38
CA ARG R 524 -54.84 -29.87 50.20
C ARG R 524 -54.30 -29.40 51.54
N VAL R 525 -52.98 -29.36 51.65
CA VAL R 525 -52.28 -28.80 52.79
C VAL R 525 -51.43 -27.65 52.29
N TYR R 526 -51.58 -26.48 52.90
CA TYR R 526 -50.87 -25.29 52.45
C TYR R 526 -49.60 -25.09 53.28
N ILE R 527 -48.48 -24.88 52.61
CA ILE R 527 -47.17 -24.82 53.25
C ILE R 527 -46.56 -23.45 52.99
N TYR R 528 -46.17 -22.77 54.06
CA TYR R 528 -45.48 -21.49 53.98
C TYR R 528 -44.11 -21.64 54.61
N LYS R 529 -43.07 -21.26 53.86
CA LYS R 529 -41.69 -21.48 54.28
C LYS R 529 -40.97 -20.14 54.39
N PHE R 530 -40.38 -19.89 55.55
CA PHE R 530 -39.70 -18.62 55.83
C PHE R 530 -38.30 -18.91 56.35
N PHE R 531 -37.40 -17.94 56.17
CA PHE R 531 -36.04 -18.10 56.64
C PHE R 531 -35.52 -16.76 57.11
N PHE R 532 -34.91 -16.75 58.29
CA PHE R 532 -34.48 -15.52 58.95
C PHE R 532 -32.96 -15.46 59.05
N ASP R 533 -32.44 -14.23 59.04
CA ASP R 533 -31.03 -13.97 59.31
C ASP R 533 -30.96 -12.67 60.10
N ASP R 534 -30.63 -12.77 61.39
CA ASP R 534 -30.60 -11.61 62.28
C ASP R 534 -31.96 -10.92 62.27
N ASP R 535 -32.10 -9.89 61.43
CA ASP R 535 -33.35 -9.17 61.27
C ASP R 535 -33.93 -9.32 59.87
N GLN R 536 -33.07 -9.33 58.85
CA GLN R 536 -33.53 -9.41 57.47
C GLN R 536 -34.15 -10.77 57.17
N LYS R 537 -35.00 -10.79 56.14
CA LYS R 537 -35.67 -12.00 55.69
C LYS R 537 -35.13 -12.38 54.32
N LEU R 538 -34.74 -13.64 54.17
CA LEU R 538 -34.14 -14.13 52.93
C LEU R 538 -35.11 -14.93 52.07
N GLN R 539 -35.87 -15.85 52.67
CA GLN R 539 -36.78 -16.71 51.94
C GLN R 539 -38.19 -16.57 52.50
N SER R 540 -39.16 -16.42 51.60
CA SER R 540 -40.57 -16.39 51.99
C SER R 540 -41.36 -16.90 50.79
N SER R 541 -41.76 -18.17 50.84
CA SER R 541 -42.35 -18.85 49.70
C SER R 541 -43.66 -19.51 50.08
N TRP R 542 -44.51 -19.73 49.09
CA TRP R 542 -45.80 -20.40 49.25
C TRP R 542 -45.93 -21.55 48.28
N SER R 543 -46.63 -22.59 48.71
CA SER R 543 -46.93 -23.76 47.89
C SER R 543 -47.94 -24.61 48.65
N TYR R 544 -48.41 -25.68 48.01
CA TYR R 544 -49.41 -26.53 48.64
C TYR R 544 -49.28 -27.96 48.14
N TRP R 545 -49.45 -28.91 49.06
CA TRP R 545 -49.35 -30.33 48.74
C TRP R 545 -50.71 -30.83 48.27
N GLU R 546 -50.83 -32.14 48.06
CA GLU R 546 -52.10 -32.72 47.62
C GLU R 546 -52.10 -34.20 47.95
N VAL R 547 -53.30 -34.77 48.01
CA VAL R 547 -53.49 -36.19 48.29
C VAL R 547 -54.31 -36.82 47.17
N ALA R 548 -54.66 -38.08 47.33
CA ALA R 548 -55.40 -38.80 46.30
C ALA R 548 -56.85 -38.32 46.26
N ALA R 549 -57.69 -39.00 45.49
CA ALA R 549 -59.01 -38.50 45.15
C ALA R 549 -60.12 -39.16 45.96
N ASN R 550 -59.82 -39.67 47.15
CA ASN R 550 -60.89 -40.20 48.00
C ASN R 550 -60.77 -39.83 49.47
N LYS R 551 -59.67 -39.22 49.91
CA LYS R 551 -59.49 -38.89 51.31
C LYS R 551 -60.17 -37.56 51.65
N THR R 552 -60.10 -37.20 52.93
CA THR R 552 -60.67 -35.96 53.42
C THR R 552 -59.94 -35.54 54.68
N LEU R 553 -59.12 -34.51 54.59
CA LEU R 553 -58.36 -34.04 55.73
C LEU R 553 -59.29 -33.46 56.80
N LEU R 554 -58.92 -33.64 58.05
CA LEU R 554 -59.67 -33.06 59.16
C LEU R 554 -58.88 -32.00 59.91
N GLY R 555 -57.69 -32.33 60.38
CA GLY R 555 -56.88 -31.36 61.12
C GLY R 555 -55.46 -31.86 61.26
N GLY R 556 -54.57 -30.93 61.57
CA GLY R 556 -53.17 -31.25 61.68
C GLY R 556 -52.55 -30.62 62.90
N ASN R 557 -51.54 -31.30 63.44
CA ASN R 557 -50.77 -30.81 64.57
C ASN R 557 -49.30 -31.13 64.32
N VAL R 558 -48.43 -30.46 65.07
CA VAL R 558 -46.99 -30.67 64.94
C VAL R 558 -46.39 -30.87 66.32
N LEU R 559 -45.63 -31.94 66.48
CA LEU R 559 -44.85 -32.18 67.68
C LEU R 559 -43.40 -32.38 67.28
N ASP R 560 -42.49 -31.70 68.00
CA ASP R 560 -41.06 -31.76 67.72
C ASP R 560 -40.85 -31.25 66.30
N SER R 561 -40.78 -32.16 65.31
CA SER R 561 -40.65 -31.74 63.92
C SER R 561 -41.48 -32.60 62.97
N ASP R 562 -42.50 -33.29 63.47
CA ASP R 562 -43.33 -34.15 62.64
C ASP R 562 -44.77 -33.67 62.65
N LEU R 563 -45.43 -33.81 61.52
CA LEU R 563 -46.83 -33.40 61.35
C LEU R 563 -47.72 -34.61 61.53
N TYR R 564 -48.63 -34.53 62.50
CA TYR R 564 -49.59 -35.60 62.77
C TYR R 564 -50.95 -35.21 62.20
N THR R 565 -51.48 -36.04 61.32
CA THR R 565 -52.72 -35.75 60.62
C THR R 565 -53.76 -36.81 60.94
N CYS R 566 -55.03 -36.40 60.98
CA CYS R 566 -56.16 -37.29 61.26
C CYS R 566 -57.10 -37.23 60.07
N VAL R 567 -56.97 -38.17 59.14
CA VAL R 567 -57.74 -38.17 57.92
C VAL R 567 -58.93 -39.11 58.07
N GLU R 568 -59.88 -38.99 57.16
CA GLU R 568 -61.09 -39.81 57.16
C GLU R 568 -61.24 -40.51 55.83
N TYR R 569 -61.27 -41.84 55.85
CA TYR R 569 -61.59 -42.65 54.70
C TYR R 569 -63.07 -43.01 54.71
N SER R 570 -63.45 -43.95 53.84
CA SER R 570 -64.86 -44.31 53.69
C SER R 570 -65.41 -45.13 54.85
N ASP R 571 -64.56 -45.58 55.78
CA ASP R 571 -65.04 -46.41 56.87
C ASP R 571 -64.55 -45.99 58.26
N GLY R 572 -63.57 -45.11 58.36
CA GLY R 572 -63.07 -44.75 59.67
C GLY R 572 -62.10 -43.59 59.59
N VAL R 573 -61.51 -43.27 60.74
CA VAL R 573 -60.57 -42.17 60.88
C VAL R 573 -59.21 -42.75 61.28
N TYR R 574 -58.19 -42.43 60.49
CA TYR R 574 -56.85 -42.96 60.69
C TYR R 574 -55.90 -41.86 61.12
N LEU R 575 -54.71 -42.28 61.56
CA LEU R 575 -53.66 -41.38 61.99
C LEU R 575 -52.44 -41.58 61.11
N GLU R 576 -51.92 -40.49 60.55
CA GLU R 576 -50.73 -40.55 59.70
C GLU R 576 -49.65 -39.64 60.27
N LYS R 577 -48.40 -40.07 60.08
CA LYS R 577 -47.24 -39.33 60.56
C LYS R 577 -46.37 -38.94 59.38
N THR R 578 -45.89 -37.70 59.39
CA THR R 578 -45.06 -37.17 58.32
C THR R 578 -43.81 -36.53 58.91
N GLN R 579 -42.67 -36.75 58.28
CA GLN R 579 -41.39 -36.22 58.74
C GLN R 579 -41.00 -35.01 57.90
N LEU R 580 -40.79 -33.87 58.55
CA LEU R 580 -40.47 -32.63 57.87
C LEU R 580 -38.98 -32.33 57.83
N ARG R 581 -38.14 -33.12 58.49
CA ARG R 581 -36.72 -32.81 58.58
C ARG R 581 -36.07 -32.94 57.20
N PRO R 582 -35.07 -32.12 56.91
CA PRO R 582 -34.32 -32.25 55.66
C PRO R 582 -33.32 -33.39 55.73
N GLU R 583 -32.91 -33.84 54.54
CA GLU R 583 -31.94 -34.93 54.39
C GLU R 583 -32.44 -36.23 55.03
N THR R 584 -33.75 -36.40 55.14
CA THR R 584 -34.29 -37.64 55.68
C THR R 584 -33.97 -38.80 54.76
N VAL R 585 -33.63 -39.94 55.35
CA VAL R 585 -33.17 -41.11 54.60
C VAL R 585 -33.80 -42.35 55.20
N ASP R 586 -34.20 -43.28 54.35
CA ASP R 586 -34.71 -44.57 54.81
C ASP R 586 -33.60 -45.34 55.51
N SER R 587 -34.01 -46.19 56.46
CA SER R 587 -33.07 -46.85 57.34
C SER R 587 -32.20 -47.85 56.57
N GLY R 588 -30.89 -47.72 56.71
CA GLY R 588 -29.95 -48.67 56.15
C GLY R 588 -29.53 -48.40 54.71
N THR R 589 -30.20 -47.50 54.01
CA THR R 589 -29.92 -47.24 52.61
C THR R 589 -29.48 -45.79 52.43
N GLU R 590 -29.37 -45.36 51.18
CA GLU R 590 -28.85 -44.04 50.85
C GLU R 590 -29.92 -42.99 50.62
N PHE R 591 -31.07 -43.36 50.03
CA PHE R 591 -32.10 -42.39 49.69
C PHE R 591 -33.45 -42.88 50.16
N GLU R 592 -34.42 -41.97 50.15
CA GLU R 592 -35.78 -42.26 50.58
C GLU R 592 -36.64 -42.72 49.41
N ILE R 593 -37.63 -43.55 49.72
CA ILE R 593 -38.64 -44.00 48.76
C ILE R 593 -39.94 -43.29 49.09
N LEU R 594 -40.54 -42.65 48.10
CA LEU R 594 -41.69 -41.76 48.30
C LEU R 594 -42.98 -42.49 47.94
N LEU R 595 -43.80 -42.78 48.95
CA LEU R 595 -45.09 -43.43 48.75
C LEU R 595 -46.04 -42.97 49.85
N ASP R 596 -47.30 -42.79 49.50
CA ASP R 596 -48.32 -42.50 50.49
C ASP R 596 -48.79 -43.78 51.17
N ARG R 597 -49.23 -43.64 52.42
CA ARG R 597 -49.69 -44.78 53.23
C ARG R 597 -48.61 -45.86 53.31
N LYS R 598 -47.35 -45.45 53.35
CA LYS R 598 -46.23 -46.37 53.27
C LYS R 598 -46.15 -47.23 54.53
N THR R 599 -46.52 -48.50 54.41
CA THR R 599 -46.37 -49.46 55.48
C THR R 599 -45.52 -50.63 54.98
N THR R 600 -44.60 -51.09 55.82
CA THR R 600 -43.66 -52.10 55.39
C THR R 600 -44.35 -53.45 55.21
N GLU R 601 -43.60 -54.41 54.68
CA GLU R 601 -44.14 -55.73 54.40
C GLU R 601 -44.53 -56.47 55.67
N ALA R 602 -43.82 -56.22 56.78
CA ALA R 602 -44.08 -56.95 58.01
C ALA R 602 -45.49 -56.77 58.53
N ALA R 603 -46.18 -55.70 58.13
CA ALA R 603 -47.54 -55.45 58.56
C ALA R 603 -48.58 -56.08 57.64
N CYS R 604 -48.16 -56.74 56.58
CA CYS R 604 -49.08 -57.36 55.62
C CYS R 604 -48.75 -58.84 55.45
N SER R 605 -49.78 -59.63 55.21
CA SER R 605 -49.66 -61.07 55.02
C SER R 605 -49.95 -61.43 53.57
N THR R 606 -49.24 -62.44 53.06
CA THR R 606 -49.32 -62.81 51.67
C THR R 606 -49.69 -64.28 51.53
N SER R 607 -50.14 -64.64 50.33
CA SER R 607 -50.40 -66.02 49.94
C SER R 607 -50.18 -66.14 48.44
N LEU R 608 -49.94 -67.37 47.99
CA LEU R 608 -49.57 -67.61 46.61
C LEU R 608 -50.53 -68.59 45.95
N ILE R 609 -50.63 -68.48 44.63
CA ILE R 609 -51.58 -69.25 43.83
C ILE R 609 -50.80 -70.07 42.81
N ASN R 610 -51.19 -71.35 42.67
CA ASN R 610 -50.61 -72.25 41.68
C ASN R 610 -49.11 -72.47 41.94
N SER R 611 -48.81 -72.84 43.18
CA SER R 611 -47.41 -72.93 43.62
C SER R 611 -46.68 -74.06 42.89
N GLY R 612 -45.36 -73.93 42.83
CA GLY R 612 -44.50 -74.94 42.27
C GLY R 612 -44.36 -74.92 40.76
N ALA R 613 -45.07 -74.01 40.08
CA ALA R 613 -45.05 -73.93 38.63
C ALA R 613 -44.49 -72.59 38.18
N LEU R 614 -44.11 -72.52 36.91
CA LEU R 614 -43.69 -71.25 36.33
C LEU R 614 -44.90 -70.32 36.20
N GLY R 615 -44.69 -69.06 36.54
CA GLY R 615 -45.76 -68.09 36.43
C GLY R 615 -46.72 -68.08 37.60
N VAL R 616 -46.18 -68.11 38.82
CA VAL R 616 -47.02 -68.01 40.00
C VAL R 616 -47.41 -66.55 40.24
N GLN R 617 -48.55 -66.35 40.90
CA GLN R 617 -48.95 -65.03 41.36
C GLN R 617 -49.10 -65.04 42.88
N THR R 618 -48.89 -63.89 43.48
CA THR R 618 -48.98 -63.72 44.92
C THR R 618 -50.15 -62.79 45.24
N VAL R 619 -50.99 -63.21 46.18
CA VAL R 619 -52.12 -62.39 46.62
C VAL R 619 -51.74 -61.71 47.92
N ILE R 620 -51.69 -60.37 47.90
CA ILE R 620 -51.25 -59.58 49.04
C ILE R 620 -52.48 -58.99 49.72
N THR R 621 -52.51 -59.04 51.05
CA THR R 621 -53.60 -58.52 51.85
C THR R 621 -53.11 -57.29 52.60
N LEU R 622 -53.51 -56.11 52.13
CA LEU R 622 -53.12 -54.88 52.77
C LEU R 622 -53.80 -54.76 54.14
N PRO R 623 -53.18 -54.06 55.09
CA PRO R 623 -53.82 -53.90 56.42
C PRO R 623 -55.08 -53.04 56.40
N TYR R 624 -55.30 -52.24 55.37
CA TYR R 624 -56.41 -51.31 55.36
C TYR R 624 -57.22 -51.45 54.07
N PRO R 625 -58.50 -51.11 54.10
CA PRO R 625 -59.31 -51.19 52.88
C PRO R 625 -58.79 -50.26 51.79
N MET R 626 -58.93 -50.71 50.54
CA MET R 626 -58.38 -49.98 49.42
C MET R 626 -59.23 -48.76 49.08
N SER R 627 -58.61 -47.83 48.34
CA SER R 627 -59.29 -46.74 47.66
C SER R 627 -59.01 -46.95 46.18
N GLY R 628 -59.90 -47.69 45.50
CA GLY R 628 -59.62 -48.20 44.17
C GLY R 628 -59.36 -47.13 43.13
N THR R 629 -59.80 -45.90 43.38
CA THR R 629 -59.56 -44.82 42.42
C THR R 629 -58.06 -44.59 42.23
N GLY R 630 -57.29 -44.61 43.30
CA GLY R 630 -55.86 -44.44 43.20
C GLY R 630 -55.17 -45.69 42.67
N THR R 631 -53.88 -45.56 42.42
CA THR R 631 -53.05 -46.64 41.90
C THR R 631 -51.94 -46.94 42.89
N MET R 632 -51.80 -48.22 43.25
CA MET R 632 -50.79 -48.66 44.20
C MET R 632 -49.60 -49.27 43.46
N ALA R 633 -48.53 -49.50 44.21
CA ALA R 633 -47.32 -50.08 43.66
C ALA R 633 -46.59 -50.84 44.76
N VAL R 634 -45.68 -51.72 44.34
CA VAL R 634 -44.86 -52.51 45.24
C VAL R 634 -43.40 -52.30 44.88
N VAL R 635 -42.59 -51.90 45.85
CA VAL R 635 -41.20 -51.52 45.62
C VAL R 635 -40.31 -52.32 46.56
N GLY R 636 -39.25 -52.91 46.02
CA GLY R 636 -38.29 -53.64 46.86
C GLY R 636 -37.54 -52.70 47.78
N ARG R 637 -37.35 -53.15 49.03
CA ARG R 637 -36.92 -52.26 50.11
C ARG R 637 -35.45 -52.37 50.45
N PHE R 638 -34.99 -53.56 50.86
CA PHE R 638 -33.81 -53.65 51.71
C PHE R 638 -32.60 -54.09 50.89
N ALA R 639 -31.45 -53.49 51.23
CA ALA R 639 -30.35 -53.35 50.30
C ALA R 639 -29.57 -54.63 50.03
N SER R 640 -30.03 -55.80 50.45
CA SER R 640 -29.25 -57.01 50.19
C SER R 640 -30.12 -58.25 50.29
N ASN R 641 -29.53 -59.38 49.91
CA ASN R 641 -30.04 -60.74 50.14
C ASN R 641 -31.56 -60.82 50.03
N ASN R 642 -32.08 -60.27 48.94
CA ASN R 642 -33.51 -60.20 48.70
C ASN R 642 -33.83 -60.70 47.31
N THR R 643 -35.03 -61.26 47.16
CA THR R 643 -35.46 -61.74 45.85
C THR R 643 -35.68 -60.59 44.88
N ILE R 644 -36.33 -59.52 45.34
CA ILE R 644 -36.59 -58.35 44.52
C ILE R 644 -35.40 -57.40 44.66
N ALA R 645 -34.91 -56.91 43.53
CA ALA R 645 -33.79 -55.97 43.55
C ALA R 645 -34.21 -54.65 44.18
N HIS R 646 -33.23 -53.96 44.75
CA HIS R 646 -33.50 -52.66 45.39
C HIS R 646 -34.08 -51.69 44.37
N GLY R 647 -35.19 -51.05 44.74
CA GLY R 647 -35.81 -50.05 43.89
C GLY R 647 -36.62 -50.58 42.73
N GLN R 648 -36.80 -51.88 42.63
CA GLN R 648 -37.63 -52.43 41.56
C GLN R 648 -39.11 -52.19 41.85
N VAL R 649 -39.84 -51.70 40.86
CA VAL R 649 -41.25 -51.37 41.00
C VAL R 649 -42.07 -52.44 40.28
N ILE R 650 -43.20 -52.80 40.88
CA ILE R 650 -44.11 -53.81 40.33
C ILE R 650 -45.52 -53.25 40.42
N LYS R 651 -46.25 -53.32 39.31
CA LYS R 651 -47.63 -52.84 39.27
C LYS R 651 -48.59 -54.03 39.21
N ALA R 652 -49.78 -53.81 39.77
CA ALA R 652 -50.75 -54.89 39.90
C ALA R 652 -51.31 -55.29 38.55
N THR R 653 -51.81 -56.53 38.49
CA THR R 653 -52.53 -57.03 37.32
C THR R 653 -54.01 -57.25 37.58
N ALA R 654 -54.41 -57.42 38.83
CA ALA R 654 -55.82 -57.56 39.18
C ALA R 654 -55.98 -57.14 40.63
N GLU R 655 -56.58 -55.98 40.85
CA GLU R 655 -56.75 -55.42 42.19
C GLU R 655 -58.22 -55.37 42.53
N THR R 656 -58.55 -55.73 43.77
CA THR R 656 -59.92 -55.71 44.26
C THR R 656 -60.01 -54.71 45.40
N LEU R 657 -61.03 -53.84 45.34
CA LEU R 657 -61.16 -52.78 46.33
C LEU R 657 -61.33 -53.35 47.73
N THR R 658 -62.15 -54.39 47.87
CA THR R 658 -62.32 -55.06 49.14
C THR R 658 -62.76 -56.49 48.87
N GLY R 659 -62.57 -57.35 49.87
CA GLY R 659 -62.92 -58.75 49.71
C GLY R 659 -61.98 -59.69 50.43
N GLY R 660 -60.89 -59.16 50.98
CA GLY R 660 -59.98 -59.95 51.78
C GLY R 660 -60.54 -60.18 53.18
N ALA R 661 -59.66 -60.67 54.05
CA ALA R 661 -60.05 -60.89 55.43
C ALA R 661 -60.36 -59.56 56.12
N SER R 662 -61.47 -59.53 56.85
CA SER R 662 -61.90 -58.36 57.60
C SER R 662 -62.14 -57.15 56.71
N GLY R 663 -62.47 -57.38 55.44
CA GLY R 663 -62.73 -56.29 54.52
C GLY R 663 -61.50 -55.63 53.96
N ASN R 664 -60.31 -56.13 54.27
CA ASN R 664 -59.08 -55.53 53.77
C ASN R 664 -58.94 -55.72 52.26
N GLY R 665 -58.25 -54.77 51.62
CA GLY R 665 -58.05 -54.85 50.20
C GLY R 665 -57.05 -55.91 49.81
N THR R 666 -57.16 -56.37 48.56
CA THR R 666 -56.30 -57.41 48.03
C THR R 666 -55.66 -56.95 46.72
N MET R 667 -54.47 -57.47 46.45
CA MET R 667 -53.74 -57.16 45.24
C MET R 667 -53.09 -58.43 44.72
N THR R 668 -52.88 -58.49 43.40
CA THR R 668 -52.28 -59.65 42.76
C THR R 668 -51.12 -59.19 41.87
N VAL R 669 -49.96 -59.81 42.05
CA VAL R 669 -48.77 -59.46 41.27
C VAL R 669 -48.11 -60.73 40.76
N PRO R 670 -47.41 -60.68 39.63
CA PRO R 670 -46.70 -61.87 39.15
C PRO R 670 -45.48 -62.19 40.00
N GLY R 671 -45.03 -63.43 39.90
CA GLY R 671 -43.88 -63.88 40.65
C GLY R 671 -44.25 -64.31 42.06
N ASP R 672 -43.25 -64.84 42.76
CA ASP R 672 -43.41 -65.30 44.13
C ASP R 672 -42.72 -64.31 45.06
N LEU R 673 -43.52 -63.61 45.87
CA LEU R 673 -43.01 -62.64 46.82
C LEU R 673 -43.32 -63.04 48.26
N SER R 674 -43.42 -64.35 48.52
CA SER R 674 -43.73 -64.83 49.85
C SER R 674 -42.60 -64.63 50.84
N SER R 675 -41.40 -64.30 50.37
CA SER R 675 -40.27 -64.07 51.28
C SER R 675 -39.44 -62.86 50.90
N ALA R 676 -39.97 -61.93 50.10
CA ALA R 676 -39.24 -60.73 49.74
C ALA R 676 -39.57 -59.59 50.70
N LYS R 677 -38.74 -58.54 50.64
CA LYS R 677 -38.93 -57.34 51.45
C LYS R 677 -39.33 -56.20 50.53
N PHE R 678 -40.47 -55.56 50.83
CA PHE R 678 -41.00 -54.55 49.93
C PHE R 678 -41.91 -53.60 50.69
N PHE R 679 -42.06 -52.40 50.13
CA PHE R 679 -43.02 -51.42 50.62
C PHE R 679 -44.35 -51.59 49.86
N VAL R 680 -45.32 -50.76 50.20
CA VAL R 680 -46.61 -50.74 49.50
C VAL R 680 -47.29 -49.42 49.80
N GLY R 681 -47.88 -48.83 48.77
CA GLY R 681 -48.56 -47.56 48.95
C GLY R 681 -48.97 -46.97 47.61
N GLU R 682 -49.41 -45.72 47.67
CA GLU R 682 -49.88 -45.01 46.50
C GLU R 682 -48.75 -44.18 45.88
N ILE R 683 -49.07 -43.47 44.79
CA ILE R 683 -48.11 -42.65 44.07
C ILE R 683 -48.71 -41.27 43.87
N TYR R 684 -47.90 -40.23 44.06
CA TYR R 684 -48.34 -38.86 43.95
C TYR R 684 -47.39 -38.09 43.04
N ASN R 685 -47.93 -37.11 42.31
CA ASN R 685 -47.19 -36.37 41.30
C ASN R 685 -46.71 -35.02 41.82
N MET R 686 -45.66 -34.52 41.21
CA MET R 686 -45.12 -33.19 41.48
C MET R 686 -45.10 -32.38 40.20
N THR R 687 -45.33 -31.08 40.33
CA THR R 687 -45.41 -30.20 39.17
C THR R 687 -44.81 -28.85 39.51
N TYR R 688 -43.96 -28.33 38.63
CA TYR R 688 -43.33 -27.03 38.81
C TYR R 688 -43.33 -26.33 37.46
N GLU R 689 -44.09 -25.25 37.35
CA GLU R 689 -44.26 -24.53 36.09
C GLU R 689 -43.46 -23.24 36.13
N PHE R 690 -42.46 -23.13 35.26
CA PHE R 690 -41.63 -21.94 35.22
C PHE R 690 -42.42 -20.75 34.73
N SER R 691 -41.89 -19.56 35.01
CA SER R 691 -42.54 -18.32 34.63
C SER R 691 -41.93 -17.77 33.36
N THR R 692 -42.50 -16.69 32.85
CA THR R 692 -41.99 -16.07 31.65
C THR R 692 -40.61 -15.47 31.92
N PRO R 693 -39.58 -15.86 31.18
CA PRO R 693 -38.25 -15.29 31.43
C PRO R 693 -38.12 -13.91 30.81
N TYR R 694 -37.52 -13.00 31.58
CA TYR R 694 -37.37 -11.60 31.17
C TYR R 694 -35.95 -11.17 31.50
N LEU R 695 -35.72 -9.86 31.43
CA LEU R 695 -34.43 -9.27 31.76
C LEU R 695 -34.63 -8.09 32.69
N LYS R 696 -33.65 -7.87 33.57
CA LYS R 696 -33.72 -6.81 34.55
C LYS R 696 -32.42 -6.00 34.52
N GLU R 697 -32.56 -4.68 34.57
CA GLU R 697 -31.42 -3.78 34.63
C GLU R 697 -31.73 -2.67 35.62
N THR R 698 -30.68 -2.05 36.14
CA THR R 698 -30.83 -1.02 37.15
C THR R 698 -31.27 0.29 36.50
N PRO R 699 -32.42 0.85 36.87
CA PRO R 699 -32.83 2.14 36.35
C PRO R 699 -32.01 3.25 36.98
N PRO R 700 -32.07 4.48 36.43
CA PRO R 700 -31.27 5.57 37.01
C PRO R 700 -31.58 5.86 38.47
N GLY R 701 -32.83 5.67 38.90
CA GLY R 701 -33.18 5.96 40.28
C GLY R 701 -32.75 4.94 41.29
N GLY R 702 -32.28 3.77 40.86
CA GLY R 702 -31.91 2.72 41.77
C GLY R 702 -33.03 1.69 41.93
N GLY R 703 -32.64 0.43 41.97
CA GLY R 703 -33.61 -0.65 42.04
C GLY R 703 -33.50 -1.57 40.83
N LEU R 704 -34.60 -2.25 40.48
CA LEU R 704 -34.61 -3.12 39.32
C LEU R 704 -35.87 -2.88 38.51
N ALA R 705 -35.72 -2.89 37.18
CA ALA R 705 -36.85 -2.79 36.27
C ALA R 705 -36.78 -3.94 35.28
N VAL R 706 -37.94 -4.37 34.81
CA VAL R 706 -38.06 -5.54 33.93
C VAL R 706 -38.29 -5.04 32.51
N LEU R 707 -37.36 -5.35 31.62
CA LEU R 707 -37.54 -5.01 30.21
C LEU R 707 -38.69 -5.82 29.62
N ALA R 708 -39.47 -5.19 28.75
CA ALA R 708 -40.63 -5.87 28.19
C ALA R 708 -40.68 -5.77 26.67
N ASN R 709 -40.13 -4.70 26.11
CA ASN R 709 -40.28 -4.44 24.68
C ASN R 709 -39.37 -5.26 23.78
N PRO R 710 -38.05 -5.34 24.03
CA PRO R 710 -37.16 -6.00 23.06
C PRO R 710 -37.53 -7.46 22.85
N ARG R 711 -37.34 -7.92 21.62
CA ARG R 711 -37.64 -9.29 21.25
C ARG R 711 -36.65 -10.25 21.91
N LEU R 712 -37.16 -11.31 22.51
CA LEU R 712 -36.35 -12.31 23.19
C LEU R 712 -36.89 -13.68 22.86
N GLN R 713 -36.19 -14.42 22.01
CA GLN R 713 -36.62 -15.74 21.55
C GLN R 713 -35.77 -16.79 22.24
N LEU R 714 -36.39 -17.58 23.11
CA LEU R 714 -35.67 -18.62 23.83
C LEU R 714 -35.18 -19.68 22.85
N ARG R 715 -33.98 -20.20 23.11
CA ARG R 715 -33.38 -21.22 22.26
C ARG R 715 -33.20 -22.55 22.98
N THR R 716 -32.46 -22.57 24.09
CA THR R 716 -32.20 -23.82 24.79
C THR R 716 -32.46 -23.63 26.27
N TRP R 717 -33.04 -24.64 26.90
CA TRP R 717 -33.35 -24.64 28.32
C TRP R 717 -32.58 -25.76 28.99
N SER R 718 -31.86 -25.44 30.06
CA SER R 718 -31.02 -26.40 30.75
C SER R 718 -31.26 -26.30 32.25
N ILE R 719 -31.11 -27.44 32.93
CA ILE R 719 -31.24 -27.52 34.37
C ILE R 719 -30.06 -28.29 34.94
N VAL R 720 -29.80 -28.12 36.23
CA VAL R 720 -28.70 -28.76 36.92
C VAL R 720 -29.27 -29.51 38.11
N PHE R 721 -29.08 -30.82 38.13
CA PHE R 721 -29.61 -31.68 39.18
C PHE R 721 -28.47 -32.30 39.98
N ASP R 722 -28.82 -33.11 40.97
CA ASP R 722 -27.84 -33.81 41.77
C ASP R 722 -28.59 -34.87 42.58
N GLU R 723 -28.08 -36.10 42.55
CA GLU R 723 -28.66 -37.23 43.28
C GLU R 723 -30.14 -37.40 42.94
N THR R 724 -30.44 -37.38 41.65
CA THR R 724 -31.80 -37.59 41.16
C THR R 724 -31.83 -38.84 40.29
N SER R 725 -33.00 -39.47 40.25
CA SER R 725 -33.19 -40.70 39.48
C SER R 725 -33.92 -40.44 38.16
N ASN R 726 -35.11 -39.87 38.23
CA ASN R 726 -35.94 -39.71 37.03
C ASN R 726 -36.84 -38.51 37.17
N PHE R 727 -37.01 -37.79 36.06
CA PHE R 727 -38.00 -36.74 35.94
C PHE R 727 -38.26 -36.50 34.46
N SER R 728 -39.06 -35.49 34.16
CA SER R 728 -39.41 -35.21 32.77
C SER R 728 -39.67 -33.73 32.60
N MET R 729 -39.58 -33.28 31.35
CA MET R 729 -39.83 -31.89 30.99
C MET R 729 -40.93 -31.85 29.94
N LYS R 730 -41.89 -30.94 30.12
CA LYS R 730 -43.01 -30.80 29.20
C LYS R 730 -43.05 -29.36 28.70
N ILE R 731 -42.74 -29.17 27.42
CA ILE R 731 -42.63 -27.86 26.81
C ILE R 731 -43.74 -27.71 25.78
N THR R 732 -44.48 -26.61 25.88
CA THR R 732 -45.60 -26.34 24.98
C THR R 732 -45.46 -24.95 24.37
N PRO R 733 -45.05 -24.84 23.11
CA PRO R 733 -45.05 -23.54 22.44
C PRO R 733 -46.46 -23.03 22.20
N GLY R 734 -46.57 -21.88 21.54
CA GLY R 734 -47.87 -21.27 21.32
C GLY R 734 -48.73 -22.01 20.31
N GLN R 735 -49.83 -22.60 20.78
CA GLN R 735 -50.83 -23.23 19.93
C GLN R 735 -50.21 -24.27 19.00
N ARG R 736 -49.36 -25.13 19.57
CA ARG R 736 -48.75 -26.22 18.83
C ARG R 736 -48.73 -27.46 19.72
N ASP R 737 -48.18 -28.54 19.19
CA ASP R 737 -48.22 -29.81 19.89
C ASP R 737 -47.28 -29.80 21.10
N GLU R 738 -47.71 -30.44 22.18
CA GLU R 738 -46.88 -30.57 23.37
C GLU R 738 -45.79 -31.59 23.14
N LEU R 739 -44.60 -31.31 23.67
CA LEU R 739 -43.45 -32.20 23.54
C LEU R 739 -42.92 -32.59 24.91
N THR R 740 -42.38 -33.80 25.00
CA THR R 740 -41.81 -34.31 26.24
C THR R 740 -40.35 -34.66 26.03
N TYR R 741 -39.59 -34.71 27.13
CA TYR R 741 -38.17 -35.02 27.08
C TYR R 741 -37.78 -35.70 28.38
N PRO R 742 -38.00 -37.00 28.50
CA PRO R 742 -37.72 -37.70 29.75
C PRO R 742 -36.23 -37.94 29.94
N PHE R 743 -35.90 -38.42 31.14
CA PHE R 743 -34.52 -38.69 31.52
C PHE R 743 -34.52 -39.58 32.75
N ASN R 744 -33.66 -40.60 32.76
CA ASN R 744 -33.69 -41.59 33.84
C ASN R 744 -32.33 -41.96 34.39
N GLY R 745 -31.25 -41.28 34.00
CA GLY R 745 -29.97 -41.43 34.64
C GLY R 745 -29.07 -42.52 34.10
N TYR R 746 -29.64 -43.60 33.55
CA TYR R 746 -28.83 -44.69 33.02
C TYR R 746 -28.12 -44.21 31.77
N LYS R 747 -26.84 -43.89 31.89
CA LYS R 747 -26.03 -43.47 30.76
C LYS R 747 -25.39 -44.70 30.16
N ILE R 748 -25.85 -45.10 28.97
CA ILE R 748 -25.38 -46.32 28.35
C ILE R 748 -23.90 -46.19 28.00
N GLY R 749 -23.10 -47.16 28.43
CA GLY R 749 -21.68 -47.11 28.23
C GLY R 749 -20.92 -46.91 29.53
N SER R 750 -21.42 -46.03 30.39
CA SER R 750 -20.79 -45.79 31.67
C SER R 750 -21.14 -46.90 32.65
N GLY R 751 -20.13 -47.36 33.39
CA GLY R 751 -20.29 -48.44 34.33
C GLY R 751 -20.44 -48.04 35.78
N GLN R 752 -20.79 -46.78 36.05
CA GLN R 752 -20.98 -46.36 37.43
C GLN R 752 -22.17 -47.08 38.07
N PHE R 753 -23.24 -47.28 37.31
CA PHE R 753 -24.42 -48.01 37.79
C PHE R 753 -24.51 -49.36 37.12
N PRO R 754 -24.23 -50.45 37.82
CA PRO R 754 -24.42 -51.78 37.24
C PRO R 754 -25.90 -52.10 37.05
N ILE R 755 -26.16 -53.15 36.28
CA ILE R 755 -27.53 -53.60 36.08
C ILE R 755 -28.07 -54.20 37.37
N GLY R 756 -29.20 -53.68 37.85
CA GLY R 756 -29.83 -54.18 39.03
C GLY R 756 -29.79 -53.26 40.23
N THR R 757 -29.26 -52.05 40.09
CA THR R 757 -29.22 -51.14 41.23
C THR R 757 -29.84 -49.80 40.86
N PRO R 758 -30.48 -49.13 41.81
CA PRO R 758 -31.05 -47.80 41.52
C PRO R 758 -29.96 -46.82 41.11
N SER R 759 -30.34 -45.89 40.23
CA SER R 759 -29.43 -44.90 39.70
C SER R 759 -29.74 -43.53 40.30
N LEU R 760 -28.71 -42.87 40.81
CA LEU R 760 -28.79 -41.49 41.26
C LEU R 760 -27.61 -40.74 40.68
N ALA R 761 -27.87 -39.87 39.72
CA ALA R 761 -26.85 -39.29 38.87
C ALA R 761 -26.49 -37.88 39.33
N THR R 762 -25.64 -37.23 38.54
CA THR R 762 -25.22 -35.85 38.79
C THR R 762 -24.67 -35.29 37.49
N GLY R 763 -25.26 -34.21 37.00
CA GLY R 763 -24.84 -33.68 35.72
C GLY R 763 -25.78 -32.56 35.28
N ARG R 764 -25.89 -32.40 33.96
CA ARG R 764 -26.71 -31.36 33.37
C ARG R 764 -27.51 -31.93 32.21
N PHE R 765 -28.63 -31.26 31.93
CA PHE R 765 -29.56 -31.68 30.88
C PHE R 765 -29.93 -30.46 30.04
N ARG R 766 -30.19 -30.68 28.75
CA ARG R 766 -30.43 -29.56 27.84
C ARG R 766 -31.42 -29.97 26.75
N VAL R 767 -32.40 -29.11 26.51
CA VAL R 767 -33.41 -29.33 25.48
C VAL R 767 -33.68 -28.01 24.75
N PRO R 768 -34.15 -28.10 23.50
CA PRO R 768 -34.52 -26.88 22.77
C PRO R 768 -35.99 -26.53 22.92
N VAL R 769 -36.26 -25.23 23.00
CA VAL R 769 -37.61 -24.73 23.21
C VAL R 769 -38.20 -24.14 21.93
N MET R 770 -37.46 -23.25 21.26
CA MET R 770 -37.81 -22.77 19.92
C MET R 770 -39.15 -22.04 19.90
N ALA R 771 -39.21 -20.93 20.63
CA ALA R 771 -40.42 -20.12 20.66
C ALA R 771 -40.07 -18.72 21.16
N GLN R 772 -41.10 -17.94 21.46
CA GLN R 772 -40.94 -16.59 21.99
C GLN R 772 -41.27 -16.59 23.48
N ASN R 773 -40.60 -15.70 24.21
CA ASN R 773 -40.66 -15.75 25.67
C ASN R 773 -42.06 -15.56 26.22
N ILE R 774 -42.93 -14.85 25.49
CA ILE R 774 -44.27 -14.56 26.00
C ILE R 774 -45.31 -15.58 25.60
N GLU R 775 -44.92 -16.65 24.88
CA GLU R 775 -45.86 -17.66 24.42
C GLU R 775 -45.33 -19.07 24.69
N THR R 776 -44.86 -19.31 25.90
CA THR R 776 -44.36 -20.62 26.29
C THR R 776 -44.91 -21.04 27.64
N LYS R 777 -44.94 -22.35 27.86
CA LYS R 777 -45.23 -22.94 29.16
C LYS R 777 -44.23 -24.06 29.40
N ILE R 778 -43.46 -23.94 30.47
CA ILE R 778 -42.44 -24.93 30.81
C ILE R 778 -42.83 -25.59 32.12
N VAL R 779 -42.95 -26.91 32.09
CA VAL R 779 -43.39 -27.68 33.26
C VAL R 779 -42.35 -28.75 33.55
N LEU R 780 -41.93 -28.83 34.80
CA LEU R 780 -41.02 -29.86 35.25
C LEU R 780 -41.84 -30.94 35.96
N PHE R 781 -42.04 -32.07 35.28
CA PHE R 781 -42.95 -33.10 35.73
C PHE R 781 -42.18 -34.34 36.15
N SER R 782 -42.63 -34.97 37.22
CA SER R 782 -42.01 -36.20 37.72
C SER R 782 -43.05 -36.97 38.52
N ASP R 783 -43.09 -38.29 38.30
CA ASP R 783 -44.08 -39.13 38.96
C ASP R 783 -43.52 -40.43 39.52
N SER R 784 -42.24 -40.71 39.33
CA SER R 784 -41.65 -41.94 39.82
C SER R 784 -41.60 -41.92 41.35
N PRO R 785 -41.56 -43.09 41.99
CA PRO R 785 -41.36 -43.15 43.44
C PRO R 785 -39.92 -43.05 43.89
N LEU R 786 -39.00 -42.60 43.02
CA LEU R 786 -37.58 -42.41 43.29
C LEU R 786 -37.26 -40.92 43.43
N PRO R 787 -36.22 -40.58 44.19
CA PRO R 787 -35.99 -39.17 44.53
C PRO R 787 -35.64 -38.32 43.33
N CYS R 788 -35.90 -37.02 43.46
CA CYS R 788 -35.62 -36.06 42.39
C CYS R 788 -35.47 -34.69 43.03
N ARG R 789 -34.33 -34.04 42.81
CA ARG R 789 -34.09 -32.70 43.33
C ARG R 789 -33.26 -31.91 42.35
N VAL R 790 -33.58 -30.62 42.19
CA VAL R 790 -32.99 -29.76 41.18
C VAL R 790 -32.47 -28.50 41.85
N GLN R 791 -31.32 -28.01 41.36
CA GLN R 791 -30.66 -26.86 41.94
C GLN R 791 -30.99 -25.55 41.24
N SER R 792 -30.72 -25.46 39.94
CA SER R 792 -30.89 -24.21 39.22
C SER R 792 -31.11 -24.50 37.75
N ALA R 793 -31.28 -23.44 36.96
CA ALA R 793 -31.53 -23.56 35.54
C ALA R 793 -30.91 -22.38 34.82
N GLU R 794 -30.66 -22.56 33.52
CA GLU R 794 -30.07 -21.52 32.70
C GLU R 794 -30.57 -21.67 31.27
N TRP R 795 -30.90 -20.55 30.65
CA TRP R 795 -31.46 -20.53 29.31
C TRP R 795 -30.66 -19.58 28.42
N GLU R 796 -30.66 -19.86 27.12
CA GLU R 796 -30.00 -19.04 26.13
C GLU R 796 -31.00 -18.63 25.06
N GLY R 797 -30.91 -17.38 24.61
CA GLY R 797 -31.88 -16.89 23.65
C GLY R 797 -31.30 -15.83 22.75
N TRP R 798 -32.16 -15.31 21.88
CA TRP R 798 -31.77 -14.29 20.92
C TRP R 798 -32.27 -12.94 21.42
N TYR R 799 -31.36 -12.00 21.62
CA TYR R 799 -31.71 -10.69 22.16
C TYR R 799 -31.53 -9.66 21.04
N GLN R 800 -32.64 -9.09 20.57
CA GLN R 800 -32.63 -8.16 19.45
C GLN R 800 -33.15 -6.80 19.94
N GLU R 801 -32.41 -5.74 19.64
CA GLU R 801 -32.77 -4.39 20.07
C GLU R 801 -32.90 -3.49 18.84
N ARG R 802 -34.08 -2.92 18.66
CA ARG R 802 -34.39 -2.14 17.48
C ARG R 802 -33.92 -0.70 17.57
N ALA R 803 -33.26 -0.32 18.66
CA ALA R 803 -32.77 1.03 18.86
C ALA R 803 -31.65 0.98 19.90
N ARG R 804 -31.23 2.14 20.38
CA ARG R 804 -30.21 2.23 21.41
C ARG R 804 -30.88 2.59 22.73
N ARG R 805 -30.20 2.25 23.83
CA ARG R 805 -30.73 2.45 25.16
C ARG R 805 -30.10 3.66 25.83
N LEU R 806 -30.94 4.51 26.43
CA LEU R 806 -30.46 5.61 27.25
C LEU R 806 -29.80 5.12 28.52
N ALA S 2 -53.11 11.99 -10.37
CA ALA S 2 -51.99 12.58 -9.64
C ALA S 2 -51.43 13.77 -10.39
N ALA S 3 -51.76 14.97 -9.93
CA ALA S 3 -51.35 16.19 -10.59
C ALA S 3 -49.92 16.56 -10.19
N ARG S 4 -49.44 17.68 -10.71
CA ARG S 4 -48.12 18.17 -10.34
C ARG S 4 -48.11 18.61 -8.89
N THR S 5 -46.91 18.64 -8.31
CA THR S 5 -46.76 18.97 -6.90
C THR S 5 -47.23 20.38 -6.62
N SER S 6 -47.98 20.55 -5.53
CA SER S 6 -48.51 21.85 -5.16
C SER S 6 -47.79 22.37 -3.91
N PHE S 7 -48.09 23.63 -3.56
CA PHE S 7 -47.41 24.28 -2.46
C PHE S 7 -47.69 23.57 -1.13
N LEU S 8 -48.95 23.20 -0.90
CA LEU S 8 -49.29 22.51 0.35
C LEU S 8 -48.59 21.16 0.43
N ASP S 9 -48.56 20.42 -0.68
CA ASP S 9 -47.88 19.12 -0.68
C ASP S 9 -46.39 19.28 -0.41
N ALA S 10 -45.77 20.30 -1.01
CA ALA S 10 -44.35 20.54 -0.77
C ALA S 10 -44.09 20.89 0.69
N VAL S 11 -44.93 21.74 1.27
CA VAL S 11 -44.75 22.12 2.68
C VAL S 11 -44.90 20.89 3.57
N ASN S 12 -45.92 20.07 3.31
CA ASN S 12 -46.11 18.86 4.11
C ASN S 12 -44.93 17.92 3.96
N ARG S 13 -44.39 17.80 2.75
CA ARG S 13 -43.24 16.93 2.53
C ARG S 13 -42.01 17.42 3.28
N VAL S 14 -41.79 18.74 3.27
CA VAL S 14 -40.65 19.29 4.01
C VAL S 14 -40.80 19.02 5.51
N LEU S 15 -42.00 19.24 6.04
CA LEU S 15 -42.22 18.98 7.46
C LEU S 15 -42.04 17.51 7.79
N GLN S 16 -42.53 16.62 6.91
CA GLN S 16 -42.38 15.19 7.13
C GLN S 16 -40.91 14.78 7.11
N MET S 17 -40.13 15.35 6.19
CA MET S 17 -38.70 15.04 6.16
C MET S 17 -38.00 15.54 7.42
N LEU S 18 -38.41 16.71 7.91
CA LEU S 18 -37.85 17.20 9.18
C LEU S 18 -38.19 16.25 10.33
N GLY S 19 -39.41 15.74 10.35
CA GLY S 19 -39.79 14.76 11.35
C GLY S 19 -41.04 15.13 12.12
N GLU S 20 -41.80 16.09 11.60
CA GLU S 20 -42.99 16.58 12.28
C GLU S 20 -44.26 15.99 11.65
N ALA S 21 -45.36 16.12 12.37
CA ALA S 21 -46.64 15.63 11.88
C ALA S 21 -47.11 16.49 10.71
N PRO S 22 -47.89 15.93 9.79
CA PRO S 22 -48.38 16.71 8.66
C PRO S 22 -49.34 17.81 9.11
N VAL S 23 -49.35 18.90 8.35
CA VAL S 23 -50.25 20.01 8.61
C VAL S 23 -51.52 19.81 7.79
N ASN S 24 -52.59 20.49 8.20
CA ASN S 24 -53.90 20.28 7.59
C ASN S 24 -54.15 21.20 6.40
N SER S 25 -53.97 22.50 6.59
CA SER S 25 -54.19 23.48 5.53
C SER S 25 -53.02 24.45 5.54
N LEU S 26 -53.16 25.56 4.81
CA LEU S 26 -52.10 26.54 4.69
C LEU S 26 -52.41 27.88 5.33
N GLN S 27 -53.65 28.36 5.24
CA GLN S 27 -54.02 29.68 5.72
C GLN S 27 -54.41 29.60 7.19
N GLY S 28 -53.84 30.49 8.00
CA GLY S 28 -54.17 30.54 9.42
C GLY S 28 -53.73 29.33 10.20
N GLN S 29 -52.56 28.79 9.89
CA GLN S 29 -52.03 27.68 10.64
C GLN S 29 -51.30 28.18 11.88
N PHE S 30 -50.91 27.24 12.75
CA PHE S 30 -50.29 27.55 14.02
C PHE S 30 -49.07 26.66 14.26
N GLY S 31 -48.22 26.53 13.27
CA GLY S 31 -47.06 25.66 13.36
C GLY S 31 -45.83 26.24 12.67
N LEU S 32 -44.95 25.34 12.24
CA LEU S 32 -43.72 25.69 11.55
C LEU S 32 -43.92 25.87 10.05
N ALA S 33 -45.15 25.70 9.56
CA ALA S 33 -45.41 25.79 8.13
C ALA S 33 -44.93 27.12 7.54
N LYS S 34 -44.98 28.19 8.33
CA LYS S 34 -44.52 29.48 7.84
C LYS S 34 -43.00 29.50 7.65
N GLN S 35 -42.25 28.93 8.60
CA GLN S 35 -40.81 28.80 8.40
C GLN S 35 -40.49 27.91 7.21
N ALA S 36 -41.27 26.84 7.02
CA ALA S 36 -41.08 25.99 5.85
C ALA S 36 -41.32 26.77 4.57
N GLU S 37 -42.34 27.62 4.54
CA GLU S 37 -42.60 28.46 3.38
C GLU S 37 -41.43 29.39 3.11
N VAL S 38 -40.89 30.01 4.16
CA VAL S 38 -39.77 30.92 3.98
C VAL S 38 -38.56 30.18 3.42
N ALA S 39 -38.27 28.99 3.96
CA ALA S 39 -37.14 28.22 3.46
C ALA S 39 -37.35 27.82 2.00
N LEU S 40 -38.57 27.42 1.65
CA LEU S 40 -38.86 27.05 0.27
C LEU S 40 -38.64 28.23 -0.67
N ASN S 41 -39.12 29.40 -0.29
CA ASN S 41 -38.95 30.58 -1.14
C ASN S 41 -37.47 30.93 -1.29
N ASP S 42 -36.71 30.88 -0.19
CA ASP S 42 -35.29 31.24 -0.27
C ASP S 42 -34.53 30.26 -1.16
N VAL S 43 -34.80 28.96 -1.00
CA VAL S 43 -34.11 27.98 -1.83
C VAL S 43 -34.52 28.14 -3.29
N SER S 44 -35.78 28.46 -3.54
CA SER S 44 -36.22 28.68 -4.91
C SER S 44 -35.47 29.84 -5.55
N ARG S 45 -35.30 30.94 -4.80
CA ARG S 45 -34.53 32.06 -5.32
C ARG S 45 -33.08 31.65 -5.60
N THR S 46 -32.48 30.92 -4.66
CA THR S 46 -31.08 30.50 -4.83
C THR S 46 -30.90 29.63 -6.06
N ILE S 47 -31.85 28.72 -6.32
CA ILE S 47 -31.74 27.85 -7.48
C ILE S 47 -31.97 28.64 -8.76
N GLN S 48 -33.00 29.49 -8.78
CA GLN S 48 -33.34 30.19 -10.02
C GLN S 48 -32.34 31.25 -10.41
N THR S 49 -31.55 31.77 -9.48
CA THR S 49 -30.65 32.87 -9.85
C THR S 49 -29.58 32.44 -10.85
N GLU S 50 -29.36 31.15 -11.07
CA GLU S 50 -28.31 30.72 -11.98
C GLU S 50 -28.69 30.99 -13.43
N GLY S 51 -29.92 30.66 -13.81
CA GLY S 51 -30.36 30.84 -15.18
C GLY S 51 -30.37 29.55 -15.98
N TRP S 52 -31.56 28.98 -16.16
CA TRP S 52 -31.73 27.70 -16.83
C TRP S 52 -32.60 27.90 -18.07
N SER S 53 -32.98 26.79 -18.70
CA SER S 53 -33.76 26.84 -19.93
C SER S 53 -35.14 27.44 -19.73
N PHE S 54 -35.81 27.10 -18.63
CA PHE S 54 -37.22 27.45 -18.47
C PHE S 54 -37.44 28.88 -18.01
N ASN S 55 -36.40 29.61 -17.64
CA ASN S 55 -36.55 30.94 -17.08
C ASN S 55 -35.62 31.95 -17.72
N THR S 56 -35.32 31.78 -19.00
CA THR S 56 -34.41 32.66 -19.72
C THR S 56 -35.12 33.20 -20.95
N ASP S 57 -35.04 34.50 -21.17
CA ASP S 57 -35.60 35.15 -22.35
C ASP S 57 -34.47 35.58 -23.27
N LEU S 58 -34.55 35.16 -24.53
CA LEU S 58 -33.54 35.47 -25.53
C LEU S 58 -34.03 36.61 -26.43
N GLU S 59 -33.08 37.38 -26.95
CA GLU S 59 -33.31 38.42 -27.96
C GLU S 59 -34.19 39.55 -27.41
N LYS S 60 -34.54 39.51 -26.13
CA LYS S 60 -35.47 40.48 -25.57
C LYS S 60 -34.94 41.91 -25.69
N LYS S 61 -35.85 42.84 -25.97
CA LYS S 61 -35.52 44.25 -26.13
C LYS S 61 -35.88 45.00 -24.86
N LEU S 62 -35.01 45.92 -24.45
CA LEU S 62 -35.20 46.71 -23.25
C LEU S 62 -35.37 48.19 -23.63
N GLU S 63 -36.25 48.88 -22.92
CA GLU S 63 -36.57 50.26 -23.21
C GLU S 63 -36.10 51.18 -22.09
N ARG S 64 -35.63 52.36 -22.46
CA ARG S 64 -35.12 53.33 -21.50
C ARG S 64 -36.24 54.21 -20.96
N ASN S 65 -35.89 55.03 -19.97
CA ASN S 65 -36.84 55.92 -19.33
C ASN S 65 -36.83 57.29 -20.03
N SER S 66 -37.46 58.28 -19.41
CA SER S 66 -37.42 59.64 -19.92
C SER S 66 -36.13 60.38 -19.56
N SER S 67 -35.32 59.82 -18.67
CA SER S 67 -34.06 60.43 -18.25
C SER S 67 -32.85 59.71 -18.82
N ASN S 68 -33.04 58.91 -19.88
CA ASN S 68 -31.97 58.14 -20.51
C ASN S 68 -31.30 57.22 -19.50
N GLU S 69 -32.10 56.40 -18.83
CA GLU S 69 -31.62 55.37 -17.93
C GLU S 69 -32.33 54.06 -18.23
N ILE S 70 -31.69 52.95 -17.86
CA ILE S 70 -32.28 51.63 -18.02
C ILE S 70 -32.73 51.14 -16.66
N GLU S 71 -34.02 50.91 -16.49
CA GLU S 71 -34.59 50.46 -15.24
C GLU S 71 -35.07 49.02 -15.37
N LEU S 72 -34.69 48.19 -14.40
CA LEU S 72 -35.06 46.79 -14.37
C LEU S 72 -36.25 46.58 -13.46
N SER S 73 -36.86 45.40 -13.58
CA SER S 73 -38.00 45.06 -12.74
C SER S 73 -37.51 44.61 -11.36
N SER S 74 -38.46 44.25 -10.50
CA SER S 74 -38.12 43.84 -9.15
C SER S 74 -37.56 42.43 -9.11
N ASN S 75 -37.81 41.63 -10.15
CA ASN S 75 -37.41 40.22 -10.16
C ASN S 75 -36.53 39.86 -11.34
N VAL S 76 -35.60 40.73 -11.71
CA VAL S 76 -34.63 40.43 -12.76
C VAL S 76 -33.29 40.08 -12.11
N SER S 77 -32.77 38.91 -12.43
CA SER S 77 -31.59 38.38 -11.77
C SER S 77 -30.30 38.71 -12.50
N ARG S 78 -30.25 38.50 -13.82
CA ARG S 78 -29.02 38.74 -14.57
C ARG S 78 -29.36 39.16 -15.99
N VAL S 79 -28.47 39.97 -16.57
CA VAL S 79 -28.59 40.39 -17.97
C VAL S 79 -27.23 40.22 -18.64
N VAL S 80 -27.25 39.81 -19.91
CA VAL S 80 -26.05 39.61 -20.70
C VAL S 80 -26.23 40.32 -22.03
N VAL S 81 -25.22 41.11 -22.41
CA VAL S 81 -25.21 41.75 -23.73
C VAL S 81 -24.14 41.08 -24.58
N ASP S 82 -24.29 41.23 -25.89
CA ASP S 82 -23.37 40.62 -26.84
C ASP S 82 -22.22 41.56 -27.12
N ASN S 83 -21.00 41.13 -26.76
CA ASN S 83 -19.83 41.96 -26.99
C ASN S 83 -19.60 42.19 -28.48
N LEU S 84 -19.79 41.15 -29.30
CA LEU S 84 -19.61 41.28 -30.73
C LEU S 84 -20.67 42.18 -31.37
N GLU S 85 -21.80 42.38 -30.71
CA GLU S 85 -22.83 43.28 -31.22
C GLU S 85 -22.70 44.70 -30.70
N TYR S 86 -22.12 44.89 -29.53
CA TYR S 86 -21.90 46.23 -28.96
C TYR S 86 -20.42 46.36 -28.62
N PRO S 87 -19.62 46.90 -29.53
CA PRO S 87 -18.17 46.90 -29.33
C PRO S 87 -17.67 47.98 -28.39
N ASP S 88 -18.33 49.14 -28.37
CA ASP S 88 -17.86 50.28 -27.57
C ASP S 88 -18.60 50.42 -26.26
N ILE S 89 -19.50 49.50 -25.92
CA ILE S 89 -20.23 49.53 -24.67
C ILE S 89 -20.26 48.13 -24.08
N ASP S 90 -19.87 48.01 -22.81
CA ASP S 90 -20.04 46.78 -22.06
C ASP S 90 -20.67 47.15 -20.72
N VAL S 91 -21.75 46.47 -20.37
CA VAL S 91 -22.55 46.85 -19.21
C VAL S 91 -22.47 45.76 -18.15
N VAL S 92 -22.66 46.16 -16.90
CA VAL S 92 -22.74 45.25 -15.77
C VAL S 92 -23.91 45.68 -14.90
N GLN S 93 -24.67 44.71 -14.41
CA GLN S 93 -25.82 45.03 -13.58
C GLN S 93 -25.38 45.56 -12.21
N ARG S 94 -26.11 46.56 -11.73
CA ARG S 94 -25.86 47.15 -10.41
C ARG S 94 -27.20 47.54 -9.82
N GLY S 95 -27.65 46.80 -8.81
CA GLY S 95 -28.94 47.05 -8.22
C GLY S 95 -30.06 46.80 -9.20
N ASP S 96 -30.70 47.87 -9.70
CA ASP S 96 -31.77 47.75 -10.67
C ASP S 96 -31.56 48.64 -11.89
N LYS S 97 -30.36 49.20 -12.05
CA LYS S 97 -30.06 50.03 -13.20
C LYS S 97 -28.71 49.60 -13.77
N LEU S 98 -28.64 49.47 -15.09
CA LEU S 98 -27.39 49.09 -15.74
C LEU S 98 -26.39 50.24 -15.67
N TYR S 99 -25.10 49.89 -15.61
CA TYR S 99 -24.03 50.85 -15.52
C TYR S 99 -23.03 50.59 -16.64
N ASP S 100 -22.76 51.61 -17.46
CA ASP S 100 -21.84 51.49 -18.58
C ASP S 100 -20.43 51.68 -18.04
N ARG S 101 -19.81 50.58 -17.63
CA ARG S 101 -18.51 50.64 -16.98
C ARG S 101 -17.40 51.12 -17.92
N LYS S 102 -17.60 51.03 -19.23
CA LYS S 102 -16.57 51.48 -20.16
C LYS S 102 -16.51 53.00 -20.22
N ASN S 103 -17.67 53.65 -20.28
CA ASN S 103 -17.74 55.10 -20.36
C ASN S 103 -18.01 55.76 -19.02
N ASN S 104 -18.16 54.98 -17.95
CA ASN S 104 -18.39 55.49 -16.60
C ASN S 104 -19.63 56.38 -16.54
N ARG S 105 -20.69 55.98 -17.24
CA ARG S 105 -21.94 56.73 -17.26
C ARG S 105 -23.11 55.82 -16.95
N TYR S 106 -24.15 56.40 -16.38
CA TYR S 106 -25.41 55.71 -16.14
C TYR S 106 -26.38 55.86 -17.30
N THR S 107 -26.03 56.64 -18.32
CA THR S 107 -26.94 56.96 -19.41
C THR S 107 -26.48 56.31 -20.70
N PHE S 108 -27.44 55.90 -21.51
CA PHE S 108 -27.20 55.28 -22.81
C PHE S 108 -27.80 56.17 -23.90
N ASP S 109 -27.79 55.67 -25.14
CA ASP S 109 -28.29 56.44 -26.27
C ASP S 109 -29.37 55.75 -27.07
N GLU S 110 -29.59 54.45 -26.89
CA GLU S 110 -30.63 53.75 -27.63
C GLU S 110 -31.05 52.51 -26.86
N ASP S 111 -32.16 51.93 -27.28
CA ASP S 111 -32.64 50.69 -26.68
C ASP S 111 -31.64 49.57 -26.97
N LEU S 112 -31.53 48.65 -26.02
CA LEU S 112 -30.59 47.54 -26.10
C LEU S 112 -31.31 46.23 -26.36
N ILE S 113 -30.55 45.27 -26.90
CA ILE S 113 -31.02 43.90 -27.07
C ILE S 113 -30.20 43.03 -26.13
N VAL S 114 -30.85 42.47 -25.11
CA VAL S 114 -30.18 41.76 -24.04
C VAL S 114 -30.86 40.42 -23.82
N ASP S 115 -30.15 39.54 -23.13
CA ASP S 115 -30.69 38.26 -22.67
C ASP S 115 -30.96 38.39 -21.18
N MET S 116 -32.22 38.20 -20.79
CA MET S 116 -32.65 38.48 -19.43
C MET S 116 -33.14 37.20 -18.76
N THR S 117 -32.81 37.06 -17.48
CA THR S 117 -33.24 35.93 -16.67
C THR S 117 -34.14 36.42 -15.55
N THR S 118 -35.23 35.70 -15.31
CA THR S 118 -36.25 36.12 -14.37
C THR S 118 -36.42 35.08 -13.26
N ILE S 119 -36.77 35.55 -12.07
CA ILE S 119 -37.14 34.69 -10.96
C ILE S 119 -38.64 34.45 -11.04
N LEU S 120 -39.03 33.18 -11.09
CA LEU S 120 -40.43 32.81 -11.28
C LEU S 120 -41.10 32.50 -9.95
N GLU S 121 -42.42 32.55 -9.95
CA GLU S 121 -43.20 32.15 -8.79
C GLU S 121 -43.30 30.62 -8.72
N TRP S 122 -43.80 30.14 -7.59
CA TRP S 122 -43.95 28.69 -7.43
C TRP S 122 -44.99 28.12 -8.40
N ASP S 123 -45.91 28.94 -8.89
CA ASP S 123 -46.93 28.43 -9.79
C ASP S 123 -46.34 28.07 -11.15
N LEU S 124 -45.45 28.91 -11.68
CA LEU S 124 -44.95 28.75 -13.04
C LEU S 124 -43.79 27.78 -13.15
N LEU S 125 -43.30 27.23 -12.05
CA LEU S 125 -42.17 26.33 -12.08
C LEU S 125 -42.55 24.96 -12.62
N PRO S 126 -41.69 24.34 -13.42
CA PRO S 126 -41.95 22.98 -13.90
C PRO S 126 -41.61 21.92 -12.85
N GLU S 127 -41.91 20.67 -13.21
CA GLU S 127 -41.97 19.60 -12.23
C GLU S 127 -40.60 19.27 -11.64
N HIS S 128 -39.59 19.10 -12.51
CA HIS S 128 -38.28 18.70 -12.01
C HIS S 128 -37.67 19.77 -11.11
N ALA S 129 -37.82 21.03 -11.50
CA ALA S 129 -37.36 22.13 -10.64
C ALA S 129 -38.10 22.11 -9.32
N ARG S 130 -39.41 21.84 -9.34
CA ARG S 130 -40.17 21.76 -8.10
C ARG S 130 -39.60 20.69 -7.18
N GLN S 131 -39.33 19.50 -7.73
CA GLN S 131 -38.82 18.40 -6.90
C GLN S 131 -37.46 18.74 -6.32
N TYR S 132 -36.55 19.24 -7.14
CA TYR S 132 -35.21 19.56 -6.67
C TYR S 132 -35.25 20.63 -5.59
N ILE S 133 -36.06 21.67 -5.80
CA ILE S 133 -36.18 22.74 -4.82
C ILE S 133 -36.73 22.20 -3.51
N THR S 134 -37.74 21.33 -3.59
CA THR S 134 -38.33 20.75 -2.39
C THR S 134 -37.29 20.01 -1.57
N ILE S 135 -36.55 19.10 -2.21
CA ILE S 135 -35.58 18.29 -1.48
C ILE S 135 -34.50 19.16 -0.86
N LYS S 136 -33.94 20.09 -1.64
CA LYS S 136 -32.85 20.90 -1.14
C LYS S 136 -33.30 21.79 0.02
N ALA S 137 -34.49 22.40 -0.10
CA ALA S 137 -35.00 23.23 0.97
C ALA S 137 -35.25 22.42 2.23
N GLY S 138 -35.79 21.21 2.09
CA GLY S 138 -35.99 20.38 3.25
C GLY S 138 -34.69 20.07 3.97
N ARG S 139 -33.65 19.72 3.22
CA ARG S 139 -32.36 19.43 3.84
C ARG S 139 -31.83 20.65 4.58
N GLN S 140 -31.87 21.81 3.93
CA GLN S 140 -31.32 23.02 4.55
C GLN S 140 -32.09 23.38 5.82
N LEU S 141 -33.41 23.28 5.79
CA LEU S 141 -34.20 23.60 6.97
C LEU S 141 -33.94 22.63 8.11
N GLN S 142 -33.82 21.33 7.80
CA GLN S 142 -33.52 20.36 8.85
C GLN S 142 -32.19 20.67 9.50
N GLU S 143 -31.18 21.00 8.68
CA GLU S 143 -29.88 21.37 9.23
C GLU S 143 -30.00 22.60 10.12
N ALA S 144 -30.76 23.61 9.67
CA ALA S 144 -30.86 24.84 10.44
C ALA S 144 -31.60 24.64 11.75
N ILE S 145 -32.53 23.69 11.80
CA ILE S 145 -33.36 23.53 12.99
C ILE S 145 -32.70 22.59 14.00
N ILE S 146 -32.37 21.37 13.57
CA ILE S 146 -31.85 20.38 14.52
C ILE S 146 -30.34 20.49 14.61
N GLY S 147 -29.66 20.22 13.51
CA GLY S 147 -28.21 20.30 13.46
C GLY S 147 -27.46 19.01 13.68
N SER S 148 -27.94 17.90 13.12
CA SER S 148 -27.26 16.63 13.27
C SER S 148 -26.17 16.49 12.20
N ALA S 149 -25.59 15.30 12.09
CA ALA S 149 -24.65 14.98 11.02
C ALA S 149 -25.06 13.77 10.19
N GLU S 150 -25.56 12.72 10.82
CA GLU S 150 -26.03 11.56 10.07
C GLU S 150 -27.25 11.92 9.22
N LEU S 151 -28.17 12.71 9.79
CA LEU S 151 -29.28 13.22 9.00
C LEU S 151 -28.79 14.02 7.82
N THR S 152 -27.74 14.83 8.02
CA THR S 152 -27.15 15.57 6.92
C THR S 152 -26.59 14.64 5.86
N LYS S 153 -25.97 13.53 6.27
CA LYS S 153 -25.45 12.58 5.31
C LYS S 153 -26.57 11.98 4.47
N LEU S 154 -27.64 11.54 5.11
CA LEU S 154 -28.76 10.96 4.39
C LEU S 154 -29.38 11.97 3.42
N ASN S 155 -29.60 13.19 3.89
CA ASN S 155 -30.16 14.22 3.04
C ASN S 155 -29.21 14.58 1.90
N LEU S 156 -27.90 14.48 2.13
CA LEU S 156 -26.94 14.71 1.05
C LEU S 156 -27.07 13.64 -0.02
N THR S 157 -27.24 12.38 0.38
CA THR S 157 -27.45 11.33 -0.61
C THR S 157 -28.70 11.60 -1.43
N GLN S 158 -29.80 11.94 -0.76
CA GLN S 158 -31.04 12.25 -1.46
C GLN S 158 -30.85 13.44 -2.40
N GLU S 159 -30.14 14.46 -1.94
CA GLU S 159 -29.94 15.66 -2.75
C GLU S 159 -29.10 15.36 -3.99
N VAL S 160 -28.07 14.51 -3.84
CA VAL S 160 -27.26 14.14 -4.99
C VAL S 160 -28.11 13.41 -6.02
N GLU S 161 -28.93 12.47 -5.57
CA GLU S 161 -29.79 11.75 -6.51
C GLU S 161 -30.75 12.70 -7.22
N ALA S 162 -31.37 13.61 -6.46
CA ALA S 162 -32.32 14.55 -7.05
C ALA S 162 -31.64 15.48 -8.04
N ARG S 163 -30.44 15.95 -7.71
CA ARG S 163 -29.72 16.83 -8.62
C ARG S 163 -29.36 16.11 -9.92
N SER S 164 -28.93 14.85 -9.83
CA SER S 164 -28.66 14.10 -11.05
C SER S 164 -29.91 13.97 -11.90
N ALA S 165 -31.04 13.65 -11.28
CA ALA S 165 -32.28 13.52 -12.03
C ALA S 165 -32.66 14.85 -12.69
N PHE S 166 -32.56 15.95 -11.96
CA PHE S 166 -32.92 17.25 -12.50
C PHE S 166 -32.03 17.63 -13.68
N LEU S 167 -30.72 17.41 -13.55
CA LEU S 167 -29.79 17.74 -14.62
C LEU S 167 -30.09 16.90 -15.85
N GLU S 168 -30.36 15.61 -15.67
CA GLU S 168 -30.65 14.76 -16.83
C GLU S 168 -31.94 15.22 -17.50
N GLU S 169 -32.95 15.58 -16.71
CA GLU S 169 -34.20 16.06 -17.28
C GLU S 169 -33.98 17.33 -18.10
N GLU S 170 -33.22 18.28 -17.56
CA GLU S 170 -32.98 19.52 -18.28
C GLU S 170 -32.22 19.28 -19.58
N THR S 171 -31.17 18.45 -19.52
CA THR S 171 -30.36 18.24 -20.71
C THR S 171 -31.08 17.39 -21.76
N THR S 172 -32.04 16.58 -21.35
CA THR S 172 -32.85 15.87 -22.34
C THR S 172 -33.91 16.78 -22.94
N LYS S 173 -34.49 17.66 -22.13
CA LYS S 173 -35.56 18.53 -22.62
C LYS S 173 -35.03 19.60 -23.58
N SER S 174 -33.93 20.26 -23.21
CA SER S 174 -33.54 21.47 -23.93
C SER S 174 -32.72 21.21 -25.19
N GLU S 175 -32.07 20.05 -25.30
CA GLU S 175 -31.28 19.67 -26.47
C GLU S 175 -30.15 20.70 -26.67
N HIS S 176 -29.17 20.64 -25.78
CA HIS S 176 -27.95 21.40 -25.99
C HIS S 176 -27.08 20.74 -27.05
N SER S 177 -26.17 21.52 -27.62
CA SER S 177 -25.26 21.01 -28.63
C SER S 177 -23.94 21.77 -28.58
N MET S 178 -22.90 21.15 -29.12
CA MET S 178 -21.59 21.77 -29.24
C MET S 178 -21.30 22.28 -30.64
N LEU S 179 -21.93 21.69 -31.66
CA LEU S 179 -21.74 22.15 -33.02
C LEU S 179 -22.28 23.56 -33.22
N ARG S 180 -23.44 23.85 -32.63
CA ARG S 180 -24.17 25.07 -32.97
C ARG S 180 -23.47 26.33 -32.48
N GLY S 181 -22.62 26.23 -31.45
CA GLY S 181 -22.03 27.43 -30.89
C GLY S 181 -23.04 28.20 -30.07
N HIS S 182 -22.77 29.50 -29.90
CA HIS S 182 -23.66 30.35 -29.12
C HIS S 182 -25.03 30.44 -29.78
N LEU S 183 -26.09 30.22 -29.00
CA LEU S 183 -27.42 30.04 -29.53
C LEU S 183 -28.06 31.32 -30.07
N ASN S 184 -27.43 32.48 -29.84
CA ASN S 184 -28.01 33.71 -30.35
C ASN S 184 -28.03 33.76 -31.87
N ARG S 185 -27.31 32.86 -32.53
CA ARG S 185 -27.38 32.72 -33.98
C ARG S 185 -28.38 31.63 -34.34
N THR S 186 -29.22 31.92 -35.34
CA THR S 186 -30.25 30.98 -35.76
C THR S 186 -29.62 29.69 -36.28
N SER S 187 -30.27 28.56 -36.00
CA SER S 187 -29.77 27.22 -36.28
C SER S 187 -29.62 26.94 -37.77
N PRO S 188 -28.40 26.82 -38.27
CA PRO S 188 -28.19 26.28 -39.63
C PRO S 188 -27.84 24.80 -39.66
N VAL S 189 -27.93 24.10 -38.53
CA VAL S 189 -27.33 22.78 -38.36
C VAL S 189 -28.34 21.70 -38.70
N ASN S 190 -27.94 20.77 -39.56
CA ASN S 190 -28.76 19.61 -39.86
C ASN S 190 -28.69 18.58 -38.76
N THR S 191 -27.56 18.50 -38.04
CA THR S 191 -27.25 17.41 -37.13
C THR S 191 -27.47 16.07 -37.83
N TYR S 192 -27.08 16.02 -39.09
CA TYR S 192 -27.24 14.82 -39.89
C TYR S 192 -26.52 13.64 -39.22
N ILE S 193 -27.19 12.49 -39.21
CA ILE S 193 -26.77 11.35 -38.41
C ILE S 193 -25.68 10.60 -39.17
N PRO S 194 -24.51 10.39 -38.57
CA PRO S 194 -23.59 9.39 -39.09
C PRO S 194 -23.97 7.97 -38.72
N SER S 195 -25.19 7.76 -38.21
CA SER S 195 -25.52 6.49 -37.57
C SER S 195 -26.32 5.58 -38.50
N ARG S 196 -27.43 6.07 -39.05
CA ARG S 196 -28.37 5.17 -39.73
C ARG S 196 -28.13 5.07 -41.23
N THR S 197 -28.15 6.20 -41.93
CA THR S 197 -28.23 6.19 -43.40
C THR S 197 -26.88 5.75 -43.96
N LEU S 198 -26.65 4.44 -43.88
CA LEU S 198 -25.48 3.81 -44.47
C LEU S 198 -25.84 2.73 -45.48
N GLU S 199 -27.12 2.48 -45.70
CA GLU S 199 -27.55 1.42 -46.61
C GLU S 199 -28.18 2.01 -47.87
N ALA T 2 -53.08 -15.62 -9.06
CA ALA T 2 -52.30 -14.60 -8.39
C ALA T 2 -52.31 -13.29 -9.20
N ALA T 3 -53.22 -12.39 -8.84
CA ALA T 3 -53.36 -11.14 -9.57
C ALA T 3 -52.18 -10.22 -9.29
N ARG T 4 -52.21 -9.05 -9.94
CA ARG T 4 -51.16 -8.06 -9.76
C ARG T 4 -51.27 -7.39 -8.39
N THR T 5 -50.18 -6.73 -7.99
CA THR T 5 -50.15 -6.07 -6.69
C THR T 5 -51.13 -4.91 -6.66
N SER T 6 -51.86 -4.79 -5.55
CA SER T 6 -52.86 -3.74 -5.38
C SER T 6 -52.37 -2.71 -4.36
N PHE T 7 -53.15 -1.64 -4.24
CA PHE T 7 -52.76 -0.53 -3.38
C PHE T 7 -52.65 -0.95 -1.92
N LEU T 8 -53.62 -1.74 -1.45
CA LEU T 8 -53.60 -2.15 -0.05
C LEU T 8 -52.45 -3.11 0.23
N ASP T 9 -52.15 -4.00 -0.72
CA ASP T 9 -50.99 -4.87 -0.56
C ASP T 9 -49.70 -4.07 -0.53
N ALA T 10 -49.61 -3.03 -1.37
CA ALA T 10 -48.43 -2.17 -1.34
C ALA T 10 -48.30 -1.46 0.00
N VAL T 11 -49.41 -0.97 0.55
CA VAL T 11 -49.38 -0.30 1.85
C VAL T 11 -48.94 -1.27 2.93
N ASN T 12 -49.47 -2.50 2.91
CA ASN T 12 -49.08 -3.50 3.90
C ASN T 12 -47.61 -3.83 3.80
N ARG T 13 -47.08 -3.95 2.57
CA ARG T 13 -45.66 -4.22 2.40
C ARG T 13 -44.82 -3.07 2.92
N VAL T 14 -45.22 -1.83 2.66
CA VAL T 14 -44.47 -0.68 3.14
C VAL T 14 -44.43 -0.65 4.65
N LEU T 15 -45.58 -0.89 5.29
CA LEU T 15 -45.62 -0.92 6.75
C LEU T 15 -44.78 -2.05 7.31
N GLN T 16 -44.84 -3.22 6.68
CA GLN T 16 -44.03 -4.35 7.13
C GLN T 16 -42.55 -4.03 7.04
N MET T 17 -42.12 -3.39 5.97
CA MET T 17 -40.72 -3.01 5.84
C MET T 17 -40.34 -1.95 6.85
N LEU T 18 -41.26 -1.02 7.16
CA LEU T 18 -41.02 -0.06 8.23
C LEU T 18 -40.86 -0.75 9.58
N GLY T 19 -41.55 -1.87 9.78
CA GLY T 19 -41.43 -2.65 11.00
C GLY T 19 -42.69 -2.75 11.83
N GLU T 20 -43.81 -2.16 11.41
CA GLU T 20 -45.03 -2.20 12.19
C GLU T 20 -45.87 -3.41 11.80
N ALA T 21 -47.07 -3.49 12.35
CA ALA T 21 -48.00 -4.56 12.04
C ALA T 21 -48.85 -4.20 10.82
N PRO T 22 -49.28 -5.19 10.05
CA PRO T 22 -50.11 -4.91 8.87
C PRO T 22 -51.44 -4.27 9.27
N VAL T 23 -51.95 -3.42 8.38
CA VAL T 23 -53.18 -2.67 8.60
C VAL T 23 -54.26 -3.23 7.70
N ASN T 24 -55.46 -3.39 8.26
CA ASN T 24 -56.54 -4.09 7.58
C ASN T 24 -56.97 -3.38 6.31
N SER T 25 -57.28 -2.10 6.40
CA SER T 25 -57.98 -1.42 5.31
C SER T 25 -57.25 -0.12 4.98
N LEU T 26 -57.89 0.68 4.12
CA LEU T 26 -57.42 2.00 3.75
C LEU T 26 -58.39 3.11 4.11
N GLN T 27 -59.67 2.81 4.27
CA GLN T 27 -60.72 3.81 4.45
C GLN T 27 -61.04 3.96 5.93
N GLY T 28 -60.91 5.17 6.45
CA GLY T 28 -61.18 5.41 7.85
C GLY T 28 -60.22 4.62 8.73
N GLN T 29 -58.95 4.65 8.39
CA GLN T 29 -57.96 3.89 9.13
C GLN T 29 -57.57 4.58 10.42
N PHE T 30 -57.11 3.78 11.37
CA PHE T 30 -56.64 4.30 12.64
C PHE T 30 -55.18 3.88 12.83
N GLY T 31 -54.38 4.09 11.79
CA GLY T 31 -52.96 3.81 11.86
C GLY T 31 -52.11 4.76 11.03
N LEU T 32 -51.02 4.24 10.47
CA LEU T 32 -50.11 5.03 9.65
C LEU T 32 -50.50 5.01 8.17
N ALA T 33 -51.77 4.72 7.87
CA ALA T 33 -52.19 4.58 6.49
C ALA T 33 -52.02 5.87 5.72
N LYS T 34 -52.28 7.01 6.36
CA LYS T 34 -52.13 8.28 5.67
C LYS T 34 -50.68 8.53 5.26
N GLN T 35 -49.73 8.24 6.15
CA GLN T 35 -48.33 8.40 5.81
C GLN T 35 -47.90 7.44 4.72
N ALA T 36 -48.33 6.18 4.81
CA ALA T 36 -47.97 5.23 3.76
C ALA T 36 -48.52 5.67 2.42
N GLU T 37 -49.77 6.13 2.39
CA GLU T 37 -50.38 6.57 1.14
C GLU T 37 -49.66 7.78 0.56
N VAL T 38 -49.32 8.75 1.40
CA VAL T 38 -48.67 9.96 0.89
C VAL T 38 -47.27 9.63 0.38
N ALA T 39 -46.55 8.74 1.08
CA ALA T 39 -45.23 8.35 0.61
C ALA T 39 -45.30 7.63 -0.73
N LEU T 40 -46.26 6.70 -0.86
CA LEU T 40 -46.42 5.98 -2.12
C LEU T 40 -46.76 6.94 -3.25
N ASN T 41 -47.68 7.87 -3.01
CA ASN T 41 -48.06 8.81 -4.06
C ASN T 41 -46.87 9.68 -4.47
N ASP T 42 -46.12 10.20 -3.50
CA ASP T 42 -45.00 11.07 -3.82
C ASP T 42 -43.92 10.33 -4.60
N VAL T 43 -43.60 9.10 -4.18
CA VAL T 43 -42.58 8.34 -4.91
C VAL T 43 -43.07 7.98 -6.30
N SER T 44 -44.35 7.68 -6.44
CA SER T 44 -44.89 7.40 -7.77
C SER T 44 -44.75 8.61 -8.68
N ARG T 45 -45.08 9.79 -8.17
CA ARG T 45 -44.92 11.01 -8.98
C ARG T 45 -43.47 11.25 -9.34
N THR T 46 -42.56 11.06 -8.38
CA THR T 46 -41.14 11.30 -8.64
C THR T 46 -40.62 10.33 -9.71
N ILE T 47 -41.03 9.07 -9.66
CA ILE T 47 -40.61 8.12 -10.69
C ILE T 47 -41.19 8.50 -12.04
N GLN T 48 -42.47 8.88 -12.06
CA GLN T 48 -43.13 9.10 -13.35
C GLN T 48 -42.63 10.35 -14.05
N THR T 49 -42.25 11.39 -13.31
CA THR T 49 -41.89 12.63 -13.98
C THR T 49 -40.62 12.53 -14.81
N GLU T 50 -39.86 11.44 -14.67
CA GLU T 50 -38.63 11.31 -15.45
C GLU T 50 -38.92 10.97 -16.90
N GLY T 51 -39.92 10.12 -17.15
CA GLY T 51 -40.29 9.76 -18.50
C GLY T 51 -39.69 8.45 -18.96
N TRP T 52 -40.54 7.44 -19.17
CA TRP T 52 -40.10 6.13 -19.60
C TRP T 52 -40.86 5.71 -20.86
N SER T 53 -40.74 4.44 -21.24
CA SER T 53 -41.36 3.95 -22.46
C SER T 53 -42.82 3.52 -22.27
N PHE T 54 -43.35 3.57 -21.05
CA PHE T 54 -44.72 3.11 -20.81
C PHE T 54 -45.69 4.25 -20.52
N ASN T 55 -45.24 5.51 -20.53
CA ASN T 55 -46.13 6.64 -20.28
C ASN T 55 -45.81 7.81 -21.20
N THR T 56 -45.33 7.54 -22.41
CA THR T 56 -44.95 8.58 -23.36
C THR T 56 -45.74 8.40 -24.64
N ASP T 57 -46.37 9.47 -25.10
CA ASP T 57 -47.14 9.47 -26.34
C ASP T 57 -46.33 10.13 -27.45
N LEU T 58 -46.40 9.55 -28.64
CA LEU T 58 -45.65 10.05 -29.79
C LEU T 58 -46.56 10.82 -30.73
N GLU T 59 -46.01 11.87 -31.34
CA GLU T 59 -46.66 12.64 -32.41
C GLU T 59 -48.10 13.05 -32.07
N LYS T 60 -48.39 13.22 -30.78
CA LYS T 60 -49.70 13.71 -30.37
C LYS T 60 -49.86 15.16 -30.80
N LYS T 61 -51.09 15.54 -31.14
CA LYS T 61 -51.40 16.86 -31.67
C LYS T 61 -52.11 17.70 -30.62
N LEU T 62 -51.63 18.92 -30.41
CA LEU T 62 -52.22 19.85 -29.47
C LEU T 62 -53.03 20.90 -30.21
N GLU T 63 -54.11 21.37 -29.58
CA GLU T 63 -55.02 22.33 -30.19
C GLU T 63 -55.09 23.57 -29.31
N ARG T 64 -55.08 24.74 -29.95
CA ARG T 64 -55.09 26.00 -29.23
C ARG T 64 -56.51 26.48 -28.97
N ASN T 65 -56.64 27.40 -28.03
CA ASN T 65 -57.93 27.96 -27.65
C ASN T 65 -58.22 29.19 -28.49
N SER T 66 -59.24 29.96 -28.09
CA SER T 66 -59.66 31.12 -28.87
C SER T 66 -58.64 32.26 -28.84
N SER T 67 -57.72 32.25 -27.88
CA SER T 67 -56.71 33.30 -27.76
C SER T 67 -55.33 32.85 -28.21
N ASN T 68 -55.25 31.76 -28.97
CA ASN T 68 -53.98 31.22 -29.46
C ASN T 68 -53.03 30.90 -28.31
N GLU T 69 -53.55 30.28 -27.27
CA GLU T 69 -52.76 29.85 -26.12
C GLU T 69 -52.89 28.35 -25.96
N ILE T 70 -51.76 27.65 -25.84
CA ILE T 70 -51.75 26.21 -25.65
C ILE T 70 -51.84 25.93 -24.16
N GLU T 71 -53.00 25.44 -23.72
CA GLU T 71 -53.22 25.10 -22.32
C GLU T 71 -53.09 23.59 -22.15
N LEU T 72 -52.24 23.18 -21.23
CA LEU T 72 -51.99 21.77 -20.97
C LEU T 72 -52.93 21.23 -19.91
N SER T 73 -52.98 19.91 -19.80
CA SER T 73 -53.80 19.27 -18.80
C SER T 73 -53.20 19.47 -17.41
N SER T 74 -53.85 18.91 -16.40
CA SER T 74 -53.40 19.08 -15.03
C SER T 74 -52.30 18.11 -14.64
N ASN T 75 -52.01 17.11 -15.47
CA ASN T 75 -51.01 16.10 -15.14
C ASN T 75 -50.00 15.88 -16.26
N VAL T 76 -49.65 16.93 -17.00
CA VAL T 76 -48.62 16.81 -18.02
C VAL T 76 -47.27 17.13 -17.39
N SER T 77 -46.35 16.17 -17.44
CA SER T 77 -45.06 16.31 -16.78
C SER T 77 -44.03 17.05 -17.62
N ARG T 78 -43.91 16.71 -18.90
CA ARG T 78 -42.93 17.35 -19.76
C ARG T 78 -43.41 17.32 -21.20
N VAL T 79 -43.02 18.34 -21.96
CA VAL T 79 -43.37 18.45 -23.38
C VAL T 79 -42.09 18.71 -24.16
N VAL T 80 -41.86 17.92 -25.20
CA VAL T 80 -40.67 18.04 -26.05
C VAL T 80 -41.11 18.35 -27.46
N VAL T 81 -40.48 19.35 -28.06
CA VAL T 81 -40.77 19.76 -29.43
C VAL T 81 -39.49 19.60 -30.25
N ASP T 82 -39.60 18.91 -31.39
CA ASP T 82 -38.45 18.74 -32.26
C ASP T 82 -37.99 20.09 -32.79
N ASN T 83 -36.67 20.31 -32.76
CA ASN T 83 -36.13 21.58 -33.24
C ASN T 83 -36.21 21.68 -34.76
N LEU T 84 -35.88 20.60 -35.46
CA LEU T 84 -35.81 20.66 -36.92
C LEU T 84 -37.16 20.97 -37.54
N GLU T 85 -38.25 20.43 -36.97
CA GLU T 85 -39.57 20.66 -37.53
C GLU T 85 -39.94 22.14 -37.51
N TYR T 86 -39.63 22.83 -36.43
CA TYR T 86 -39.99 24.25 -36.27
C TYR T 86 -38.73 25.04 -35.92
N PRO T 87 -37.98 25.49 -36.93
CA PRO T 87 -36.72 26.18 -36.67
C PRO T 87 -36.87 27.60 -36.14
N ASP T 88 -38.08 28.16 -36.13
CA ASP T 88 -38.28 29.55 -35.73
C ASP T 88 -38.91 29.71 -34.37
N ILE T 89 -39.19 28.62 -33.65
CA ILE T 89 -39.91 28.67 -32.38
C ILE T 89 -39.19 27.78 -31.38
N ASP T 90 -38.93 28.32 -30.19
CA ASP T 90 -38.36 27.56 -29.09
C ASP T 90 -39.37 27.60 -27.94
N VAL T 91 -39.80 26.44 -27.49
CA VAL T 91 -40.89 26.32 -26.52
C VAL T 91 -40.40 25.59 -25.27
N VAL T 92 -40.74 26.12 -24.11
CA VAL T 92 -40.46 25.48 -22.84
C VAL T 92 -41.74 25.47 -22.01
N GLN T 93 -41.89 24.45 -21.18
CA GLN T 93 -43.07 24.34 -20.33
C GLN T 93 -43.01 25.36 -19.20
N ARG T 94 -44.14 26.00 -18.91
CA ARG T 94 -44.24 26.94 -17.80
C ARG T 94 -45.62 26.77 -17.18
N GLY T 95 -45.67 26.16 -16.00
CA GLY T 95 -46.93 25.94 -15.32
C GLY T 95 -47.85 25.04 -16.11
N ASP T 96 -48.91 25.61 -16.66
CA ASP T 96 -49.86 24.85 -17.47
C ASP T 96 -49.90 25.30 -18.93
N LYS T 97 -49.14 26.32 -19.30
CA LYS T 97 -49.08 26.82 -20.66
C LYS T 97 -47.70 26.62 -21.23
N LEU T 98 -47.58 26.82 -22.54
CA LEU T 98 -46.29 26.80 -23.21
C LEU T 98 -45.84 28.21 -23.54
N TYR T 99 -44.53 28.44 -23.42
CA TYR T 99 -43.94 29.76 -23.60
C TYR T 99 -42.99 29.74 -24.78
N ASP T 100 -43.11 30.74 -25.65
CA ASP T 100 -42.25 30.87 -26.82
C ASP T 100 -41.01 31.63 -26.39
N ARG T 101 -39.96 30.88 -26.06
CA ARG T 101 -38.76 31.48 -25.48
C ARG T 101 -38.09 32.44 -26.44
N LYS T 102 -37.97 32.07 -27.71
CA LYS T 102 -37.25 32.90 -28.67
C LYS T 102 -37.97 34.22 -28.93
N ASN T 103 -39.28 34.16 -29.15
CA ASN T 103 -40.04 35.35 -29.53
C ASN T 103 -40.62 36.10 -28.35
N ASN T 104 -40.52 35.56 -27.14
CA ASN T 104 -41.01 36.20 -25.92
C ASN T 104 -42.51 36.49 -26.01
N ARG T 105 -43.27 35.47 -26.41
CA ARG T 105 -44.71 35.58 -26.54
C ARG T 105 -45.37 34.34 -25.96
N TYR T 106 -46.62 34.48 -25.56
CA TYR T 106 -47.44 33.37 -25.13
C TYR T 106 -48.41 32.90 -26.21
N THR T 107 -48.36 33.49 -27.39
CA THR T 107 -49.30 33.21 -28.46
C THR T 107 -48.59 32.50 -29.61
N PHE T 108 -49.29 31.56 -30.24
CA PHE T 108 -48.74 30.79 -31.34
C PHE T 108 -49.53 31.05 -32.61
N ASP T 109 -48.90 30.74 -33.75
CA ASP T 109 -49.51 30.98 -35.05
C ASP T 109 -50.18 29.75 -35.63
N GLU T 110 -49.88 28.57 -35.12
CA GLU T 110 -50.43 27.34 -35.68
C GLU T 110 -50.34 26.24 -34.64
N ASP T 111 -51.04 25.14 -34.90
CA ASP T 111 -51.00 23.99 -34.01
C ASP T 111 -49.62 23.34 -34.03
N LEU T 112 -49.38 22.48 -33.05
CA LEU T 112 -48.09 21.82 -32.89
C LEU T 112 -48.27 20.31 -32.83
N ILE T 113 -47.19 19.59 -33.13
CA ILE T 113 -47.12 18.14 -33.01
C ILE T 113 -46.03 17.83 -32.01
N VAL T 114 -46.42 17.52 -30.78
CA VAL T 114 -45.47 17.40 -29.68
C VAL T 114 -45.40 15.96 -29.19
N ASP T 115 -44.43 15.68 -28.32
CA ASP T 115 -44.36 14.43 -27.57
C ASP T 115 -44.46 14.77 -26.10
N MET T 116 -45.36 14.10 -25.38
CA MET T 116 -45.64 14.46 -23.99
C MET T 116 -45.60 13.21 -23.12
N THR T 117 -45.27 13.44 -21.85
CA THR T 117 -45.28 12.39 -20.84
C THR T 117 -46.41 12.64 -19.86
N THR T 118 -47.19 11.60 -19.60
CA THR T 118 -48.37 11.71 -18.73
C THR T 118 -48.09 10.99 -17.42
N ILE T 119 -48.65 11.53 -16.33
CA ILE T 119 -48.56 10.90 -15.02
C ILE T 119 -49.79 10.03 -14.84
N LEU T 120 -49.56 8.75 -14.57
CA LEU T 120 -50.62 7.75 -14.54
C LEU T 120 -51.11 7.52 -13.12
N GLU T 121 -52.35 7.06 -13.01
CA GLU T 121 -52.88 6.63 -11.72
C GLU T 121 -52.23 5.32 -11.30
N TRP T 122 -52.47 4.94 -10.04
CA TRP T 122 -51.85 3.71 -9.54
C TRP T 122 -52.36 2.49 -10.28
N ASP T 123 -53.65 2.48 -10.63
CA ASP T 123 -54.24 1.28 -11.22
C ASP T 123 -53.60 0.93 -12.55
N LEU T 124 -53.29 1.93 -13.37
CA LEU T 124 -52.85 1.70 -14.74
C LEU T 124 -51.37 1.31 -14.85
N LEU T 125 -50.61 1.34 -13.76
CA LEU T 125 -49.19 1.06 -13.85
C LEU T 125 -48.90 -0.43 -14.05
N PRO T 126 -47.83 -0.75 -14.76
CA PRO T 126 -47.43 -2.16 -14.90
C PRO T 126 -46.72 -2.69 -13.66
N GLU T 127 -46.45 -3.99 -13.70
CA GLU T 127 -46.07 -4.75 -12.51
C GLU T 127 -44.69 -4.32 -11.99
N HIS T 128 -43.70 -4.25 -12.88
CA HIS T 128 -42.35 -3.90 -12.45
C HIS T 128 -42.31 -2.49 -11.90
N ALA T 129 -43.04 -1.57 -12.52
CA ALA T 129 -43.14 -0.22 -11.98
C ALA T 129 -43.76 -0.24 -10.58
N ARG T 130 -44.79 -1.07 -10.39
CA ARG T 130 -45.40 -1.16 -9.07
C ARG T 130 -44.39 -1.61 -8.02
N GLN T 131 -43.62 -2.66 -8.32
CA GLN T 131 -42.63 -3.15 -7.36
C GLN T 131 -41.56 -2.10 -7.05
N TYR T 132 -41.00 -1.48 -8.09
CA TYR T 132 -39.96 -0.49 -7.84
C TYR T 132 -40.50 0.67 -7.02
N ILE T 133 -41.71 1.13 -7.34
CA ILE T 133 -42.32 2.23 -6.62
C ILE T 133 -42.51 1.86 -5.15
N THR T 134 -43.03 0.66 -4.90
CA THR T 134 -43.27 0.22 -3.53
C THR T 134 -41.98 0.21 -2.72
N ILE T 135 -40.94 -0.42 -3.26
CA ILE T 135 -39.70 -0.57 -2.49
C ILE T 135 -39.07 0.79 -2.23
N LYS T 136 -39.01 1.66 -3.24
CA LYS T 136 -38.41 2.98 -3.04
C LYS T 136 -39.19 3.79 -2.02
N ALA T 137 -40.52 3.74 -2.09
CA ALA T 137 -41.34 4.50 -1.15
C ALA T 137 -41.11 4.01 0.28
N GLY T 138 -41.04 2.69 0.47
CA GLY T 138 -40.78 2.17 1.79
C GLY T 138 -39.44 2.61 2.34
N ARG T 139 -38.40 2.57 1.50
CA ARG T 139 -37.08 3.02 1.94
C ARG T 139 -37.12 4.49 2.36
N GLN T 140 -37.74 5.34 1.53
CA GLN T 140 -37.80 6.76 1.86
C GLN T 140 -38.55 7.00 3.16
N LEU T 141 -39.68 6.32 3.34
CA LEU T 141 -40.47 6.51 4.55
C LEU T 141 -39.70 6.09 5.80
N GLN T 142 -39.02 4.93 5.74
CA GLN T 142 -38.25 4.49 6.89
C GLN T 142 -37.12 5.47 7.20
N GLU T 143 -36.41 5.91 6.16
CA GLU T 143 -35.29 6.83 6.36
C GLU T 143 -35.76 8.14 6.98
N ALA T 144 -36.92 8.64 6.56
CA ALA T 144 -37.40 9.90 7.09
C ALA T 144 -37.97 9.76 8.50
N ILE T 145 -38.64 8.66 8.81
CA ILE T 145 -39.37 8.56 10.07
C ILE T 145 -38.50 7.99 11.18
N ILE T 146 -37.79 6.89 10.94
CA ILE T 146 -37.02 6.27 12.02
C ILE T 146 -35.57 6.74 11.96
N GLY T 147 -34.88 6.41 10.88
CA GLY T 147 -33.50 6.84 10.73
C GLY T 147 -32.48 6.02 11.47
N SER T 148 -32.77 4.75 11.76
CA SER T 148 -31.79 3.90 12.42
C SER T 148 -30.72 3.48 11.43
N ALA T 149 -29.81 2.62 11.88
CA ALA T 149 -28.66 2.22 11.06
C ALA T 149 -28.90 0.92 10.30
N GLU T 150 -29.17 -0.17 11.03
CA GLU T 150 -29.28 -1.47 10.38
C GLU T 150 -30.46 -1.52 9.42
N LEU T 151 -31.59 -0.91 9.80
CA LEU T 151 -32.72 -0.86 8.90
C LEU T 151 -32.38 -0.09 7.62
N THR T 152 -31.63 1.01 7.77
CA THR T 152 -31.19 1.77 6.60
C THR T 152 -30.33 0.89 5.69
N LYS T 153 -29.43 0.11 6.27
CA LYS T 153 -28.57 -0.76 5.45
C LYS T 153 -29.41 -1.78 4.69
N LEU T 154 -30.35 -2.43 5.38
CA LEU T 154 -31.16 -3.47 4.74
C LEU T 154 -31.99 -2.89 3.61
N ASN T 155 -32.64 -1.75 3.84
CA ASN T 155 -33.42 -1.14 2.78
C ASN T 155 -32.54 -0.64 1.64
N LEU T 156 -31.30 -0.23 1.93
CA LEU T 156 -30.39 0.14 0.85
C LEU T 156 -30.14 -1.04 -0.07
N THR T 157 -29.82 -2.19 0.51
CA THR T 157 -29.58 -3.37 -0.32
C THR T 157 -30.81 -3.74 -1.13
N GLN T 158 -31.98 -3.74 -0.49
CA GLN T 158 -33.21 -4.10 -1.19
C GLN T 158 -33.48 -3.13 -2.34
N GLU T 159 -33.28 -1.84 -2.10
CA GLU T 159 -33.52 -0.84 -3.14
C GLU T 159 -32.57 -1.05 -4.32
N VAL T 160 -31.30 -1.36 -4.04
CA VAL T 160 -30.35 -1.58 -5.14
C VAL T 160 -30.81 -2.75 -6.00
N GLU T 161 -31.19 -3.86 -5.36
CA GLU T 161 -31.64 -5.02 -6.13
C GLU T 161 -32.89 -4.69 -6.96
N ALA T 162 -33.84 -3.99 -6.34
CA ALA T 162 -35.07 -3.64 -7.05
C ALA T 162 -34.80 -2.75 -8.25
N ARG T 163 -33.90 -1.77 -8.08
CA ARG T 163 -33.58 -0.89 -9.20
C ARG T 163 -32.95 -1.67 -10.35
N SER T 164 -32.04 -2.59 -10.03
CA SER T 164 -31.44 -3.39 -11.10
C SER T 164 -32.50 -4.17 -11.86
N ALA T 165 -33.41 -4.82 -11.12
CA ALA T 165 -34.44 -5.62 -11.77
C ALA T 165 -35.35 -4.75 -12.64
N PHE T 166 -35.78 -3.60 -12.12
CA PHE T 166 -36.68 -2.73 -12.88
C PHE T 166 -36.01 -2.22 -14.15
N LEU T 167 -34.75 -1.81 -14.06
CA LEU T 167 -34.06 -1.34 -15.26
C LEU T 167 -33.92 -2.43 -16.29
N GLU T 168 -33.57 -3.65 -15.85
CA GLU T 168 -33.43 -4.74 -16.79
C GLU T 168 -34.74 -5.02 -17.51
N GLU T 169 -35.84 -5.04 -16.74
CA GLU T 169 -37.14 -5.28 -17.35
C GLU T 169 -37.50 -4.18 -18.35
N GLU T 170 -37.25 -2.92 -18.00
CA GLU T 170 -37.58 -1.83 -18.90
C GLU T 170 -36.82 -1.96 -20.23
N THR T 171 -35.51 -2.21 -20.16
CA THR T 171 -34.74 -2.26 -21.39
C THR T 171 -35.13 -3.47 -22.24
N THR T 172 -35.31 -4.64 -21.61
CA THR T 172 -35.68 -5.81 -22.39
C THR T 172 -37.11 -5.72 -22.93
N LYS T 173 -37.95 -4.87 -22.35
CA LYS T 173 -39.30 -4.69 -22.91
C LYS T 173 -39.30 -3.69 -24.06
N SER T 174 -38.53 -2.61 -23.95
CA SER T 174 -38.63 -1.53 -24.92
C SER T 174 -37.59 -1.59 -26.03
N GLU T 175 -36.62 -2.50 -25.96
CA GLU T 175 -35.63 -2.77 -27.02
C GLU T 175 -35.11 -1.47 -27.66
N HIS T 176 -34.46 -0.66 -26.84
CA HIS T 176 -33.83 0.55 -27.35
C HIS T 176 -32.67 0.21 -28.27
N SER T 177 -32.44 1.07 -29.26
CA SER T 177 -31.45 0.82 -30.29
C SER T 177 -30.61 2.06 -30.54
N MET T 178 -29.42 1.85 -31.10
CA MET T 178 -28.51 2.93 -31.46
C MET T 178 -28.48 3.22 -32.95
N LEU T 179 -28.68 2.20 -33.79
CA LEU T 179 -28.70 2.43 -35.23
C LEU T 179 -29.94 3.21 -35.65
N ARG T 180 -31.07 2.97 -34.98
CA ARG T 180 -32.32 3.58 -35.39
C ARG T 180 -32.27 5.10 -35.28
N GLY T 181 -31.45 5.64 -34.38
CA GLY T 181 -31.43 7.07 -34.17
C GLY T 181 -32.65 7.52 -33.38
N HIS T 182 -33.05 8.77 -33.60
CA HIS T 182 -34.23 9.30 -32.93
C HIS T 182 -35.46 8.49 -33.33
N LEU T 183 -36.24 8.08 -32.32
CA LEU T 183 -37.37 7.18 -32.56
C LEU T 183 -38.50 7.82 -33.35
N ASN T 184 -38.47 9.14 -33.54
CA ASN T 184 -39.54 9.80 -34.28
C ASN T 184 -39.63 9.28 -35.71
N ARG T 185 -38.49 8.97 -36.31
CA ARG T 185 -38.49 8.40 -37.66
C ARG T 185 -39.05 6.98 -37.64
N THR T 186 -39.82 6.65 -38.68
CA THR T 186 -40.34 5.30 -38.83
C THR T 186 -39.20 4.35 -39.18
N SER T 187 -39.16 3.20 -38.50
CA SER T 187 -38.05 2.25 -38.55
C SER T 187 -37.69 1.83 -39.97
N PRO T 188 -36.53 2.24 -40.48
CA PRO T 188 -35.98 1.64 -41.70
C PRO T 188 -34.98 0.51 -41.43
N VAL T 189 -34.85 0.08 -40.18
CA VAL T 189 -33.79 -0.83 -39.75
C VAL T 189 -34.26 -2.27 -39.88
N ASN T 190 -33.31 -3.15 -40.17
CA ASN T 190 -33.55 -4.58 -40.17
C ASN T 190 -32.72 -5.31 -39.13
N THR T 191 -31.75 -4.63 -38.52
CA THR T 191 -30.88 -5.20 -37.49
C THR T 191 -30.27 -6.53 -37.98
N TYR T 192 -29.47 -6.44 -39.03
CA TYR T 192 -28.87 -7.65 -39.60
C TYR T 192 -28.02 -8.37 -38.55
N ILE T 193 -28.24 -9.68 -38.42
CA ILE T 193 -27.54 -10.52 -37.46
C ILE T 193 -26.30 -11.11 -38.12
N PRO T 194 -25.10 -10.77 -37.66
CA PRO T 194 -23.91 -11.46 -38.18
C PRO T 194 -23.73 -12.84 -37.56
N SER T 195 -24.66 -13.27 -36.71
CA SER T 195 -24.49 -14.51 -35.97
C SER T 195 -25.20 -15.70 -36.58
N ARG T 196 -25.94 -15.51 -37.67
CA ARG T 196 -26.80 -16.57 -38.18
C ARG T 196 -26.46 -17.03 -39.59
N THR T 197 -26.32 -16.10 -40.54
CA THR T 197 -26.37 -16.43 -41.96
C THR T 197 -25.00 -16.61 -42.57
N LEU T 198 -24.05 -17.19 -41.83
CA LEU T 198 -22.76 -17.55 -42.39
C LEU T 198 -22.67 -19.04 -42.70
N GLU T 199 -23.81 -19.71 -42.90
CA GLU T 199 -23.81 -21.12 -43.20
C GLU T 199 -24.57 -21.40 -44.51
N ALA U 2 -38.89 -39.43 -1.90
CA ALA U 2 -38.81 -37.99 -1.65
C ALA U 2 -39.34 -37.21 -2.84
N ALA U 3 -40.59 -36.77 -2.75
CA ALA U 3 -41.22 -36.04 -3.84
C ALA U 3 -40.69 -34.62 -3.90
N ARG U 4 -41.25 -33.83 -4.81
CA ARG U 4 -40.88 -32.43 -4.92
C ARG U 4 -41.40 -31.66 -3.70
N THR U 5 -40.80 -30.49 -3.47
CA THR U 5 -41.15 -29.68 -2.30
C THR U 5 -42.61 -29.26 -2.37
N SER U 6 -43.33 -29.45 -1.28
CA SER U 6 -44.74 -29.08 -1.23
C SER U 6 -44.93 -27.81 -0.42
N PHE U 7 -46.16 -27.30 -0.46
CA PHE U 7 -46.46 -26.03 0.19
C PHE U 7 -46.26 -26.11 1.70
N LEU U 8 -46.73 -27.20 2.32
CA LEU U 8 -46.56 -27.35 3.76
C LEU U 8 -45.09 -27.43 4.15
N ASP U 9 -44.31 -28.19 3.37
CA ASP U 9 -42.88 -28.27 3.65
C ASP U 9 -42.20 -26.93 3.50
N ALA U 10 -42.60 -26.14 2.50
CA ALA U 10 -42.02 -24.82 2.33
C ALA U 10 -42.35 -23.92 3.52
N VAL U 11 -43.60 -23.96 3.98
CA VAL U 11 -43.98 -23.14 5.13
C VAL U 11 -43.19 -23.56 6.37
N ASN U 12 -43.07 -24.88 6.57
CA ASN U 12 -42.31 -25.37 7.73
C ASN U 12 -40.85 -24.95 7.65
N ARG U 13 -40.26 -25.02 6.46
CA ARG U 13 -38.86 -24.62 6.31
C ARG U 13 -38.69 -23.13 6.58
N VAL U 14 -39.61 -22.29 6.10
CA VAL U 14 -39.51 -20.86 6.35
C VAL U 14 -39.62 -20.58 7.84
N LEU U 15 -40.58 -21.22 8.52
CA LEU U 15 -40.71 -21.02 9.96
C LEU U 15 -39.46 -21.49 10.70
N GLN U 16 -38.91 -22.63 10.28
CA GLN U 16 -37.72 -23.15 10.95
C GLN U 16 -36.53 -22.22 10.77
N MET U 17 -36.33 -21.69 9.57
CA MET U 17 -35.19 -20.81 9.35
C MET U 17 -35.40 -19.46 10.04
N LEU U 18 -36.65 -19.02 10.18
CA LEU U 18 -36.91 -17.85 11.02
C LEU U 18 -36.56 -18.14 12.48
N GLY U 19 -36.89 -19.33 12.96
CA GLY U 19 -36.51 -19.72 14.30
C GLY U 19 -37.62 -20.30 15.14
N GLU U 20 -38.82 -20.41 14.56
CA GLU U 20 -39.98 -20.89 15.28
C GLU U 20 -40.11 -22.41 15.17
N ALA U 21 -40.91 -22.99 16.07
CA ALA U 21 -41.13 -24.41 16.05
C ALA U 21 -42.00 -24.80 14.85
N PRO U 22 -41.87 -26.04 14.36
CA PRO U 22 -42.65 -26.46 13.20
C PRO U 22 -44.14 -26.54 13.51
N VAL U 23 -44.95 -26.36 12.47
CA VAL U 23 -46.38 -26.47 12.56
C VAL U 23 -46.83 -27.81 12.00
N ASN U 24 -48.00 -28.27 12.43
CA ASN U 24 -48.49 -29.60 12.08
C ASN U 24 -49.19 -29.63 10.72
N SER U 25 -50.06 -28.66 10.45
CA SER U 25 -50.77 -28.58 9.18
C SER U 25 -50.80 -27.12 8.75
N LEU U 26 -51.64 -26.81 7.76
CA LEU U 26 -51.77 -25.45 7.26
C LEU U 26 -53.18 -24.90 7.31
N GLN U 27 -54.19 -25.74 7.50
CA GLN U 27 -55.58 -25.31 7.51
C GLN U 27 -56.06 -25.20 8.95
N GLY U 28 -56.60 -24.05 9.31
CA GLY U 28 -57.10 -23.84 10.66
C GLY U 28 -56.03 -23.86 11.72
N GLN U 29 -54.85 -23.34 11.40
CA GLN U 29 -53.77 -23.25 12.38
C GLN U 29 -53.88 -21.95 13.17
N PHE U 30 -53.01 -21.80 14.16
CA PHE U 30 -53.07 -20.68 15.09
C PHE U 30 -51.68 -20.09 15.31
N GLY U 31 -50.95 -19.85 14.23
CA GLY U 31 -49.60 -19.32 14.32
C GLY U 31 -49.29 -18.34 13.21
N LEU U 32 -48.00 -18.23 12.89
CA LEU U 32 -47.50 -17.37 11.83
C LEU U 32 -47.59 -18.01 10.45
N ALA U 33 -48.27 -19.15 10.34
CA ALA U 33 -48.32 -19.86 9.07
C ALA U 33 -48.94 -19.01 7.98
N LYS U 34 -49.96 -18.21 8.32
CA LYS U 34 -50.59 -17.36 7.31
C LYS U 34 -49.66 -16.26 6.83
N GLN U 35 -48.89 -15.66 7.75
CA GLN U 35 -47.91 -14.66 7.33
C GLN U 35 -46.83 -15.29 6.46
N ALA U 36 -46.41 -16.51 6.78
CA ALA U 36 -45.43 -17.20 5.94
C ALA U 36 -46.01 -17.46 4.56
N GLU U 37 -47.29 -17.85 4.49
CA GLU U 37 -47.95 -18.05 3.20
C GLU U 37 -47.96 -16.77 2.39
N VAL U 38 -48.28 -15.65 3.04
CA VAL U 38 -48.31 -14.36 2.34
C VAL U 38 -46.93 -14.00 1.81
N ALA U 39 -45.90 -14.20 2.63
CA ALA U 39 -44.54 -13.90 2.19
C ALA U 39 -44.13 -14.76 1.01
N LEU U 40 -44.45 -16.05 1.05
CA LEU U 40 -44.13 -16.93 -0.06
C LEU U 40 -44.81 -16.48 -1.34
N ASN U 41 -46.11 -16.14 -1.24
CA ASN U 41 -46.83 -15.69 -2.44
C ASN U 41 -46.24 -14.41 -2.99
N ASP U 42 -45.90 -13.47 -2.11
CA ASP U 42 -45.35 -12.19 -2.58
C ASP U 42 -44.01 -12.40 -3.27
N VAL U 43 -43.12 -13.21 -2.68
CA VAL U 43 -41.82 -13.45 -3.30
C VAL U 43 -41.99 -14.20 -4.61
N SER U 44 -42.95 -15.12 -4.66
CA SER U 44 -43.21 -15.83 -5.92
C SER U 44 -43.63 -14.86 -7.01
N ARG U 45 -44.51 -13.92 -6.69
CA ARG U 45 -44.91 -12.92 -7.68
C ARG U 45 -43.71 -12.09 -8.12
N THR U 46 -42.89 -11.66 -7.16
CA THR U 46 -41.74 -10.82 -7.48
C THR U 46 -40.76 -11.54 -8.40
N ILE U 47 -40.54 -12.83 -8.16
CA ILE U 47 -39.62 -13.58 -9.02
C ILE U 47 -40.22 -13.83 -10.39
N GLN U 48 -41.48 -14.24 -10.45
CA GLN U 48 -42.07 -14.60 -11.73
C GLN U 48 -42.36 -13.41 -12.61
N THR U 49 -42.39 -12.19 -12.07
CA THR U 49 -42.67 -11.07 -12.96
C THR U 49 -41.51 -10.73 -13.90
N GLU U 50 -40.46 -11.55 -13.96
CA GLU U 50 -39.34 -11.25 -14.85
C GLU U 50 -39.50 -11.91 -16.21
N GLY U 51 -39.85 -13.19 -16.24
CA GLY U 51 -39.99 -13.92 -17.49
C GLY U 51 -38.83 -14.86 -17.73
N TRP U 52 -39.05 -16.13 -17.45
CA TRP U 52 -38.03 -17.16 -17.58
C TRP U 52 -38.49 -18.20 -18.60
N SER U 53 -37.73 -19.29 -18.70
CA SER U 53 -38.02 -20.31 -19.71
C SER U 53 -39.39 -20.96 -19.48
N PHE U 54 -39.72 -21.29 -18.24
CA PHE U 54 -40.89 -22.11 -17.96
C PHE U 54 -42.19 -21.33 -17.93
N ASN U 55 -42.16 -20.00 -17.84
CA ASN U 55 -43.38 -19.21 -17.70
C ASN U 55 -43.52 -18.19 -18.83
N THR U 56 -43.02 -18.51 -20.01
CA THR U 56 -43.12 -17.63 -21.17
C THR U 56 -43.75 -18.40 -22.32
N ASP U 57 -44.72 -17.77 -23.00
CA ASP U 57 -45.37 -18.36 -24.14
C ASP U 57 -45.00 -17.58 -25.39
N LEU U 58 -44.51 -18.28 -26.40
CA LEU U 58 -44.09 -17.67 -27.66
C LEU U 58 -45.18 -17.85 -28.71
N GLU U 59 -45.18 -16.95 -29.69
CA GLU U 59 -46.02 -17.02 -30.88
C GLU U 59 -47.51 -16.94 -30.54
N LYS U 60 -47.85 -16.69 -29.28
CA LYS U 60 -49.24 -16.76 -28.84
C LYS U 60 -50.11 -15.74 -29.58
N LYS U 61 -51.33 -16.16 -29.92
CA LYS U 61 -52.31 -15.29 -30.53
C LYS U 61 -53.26 -14.76 -29.47
N LEU U 62 -53.55 -13.47 -29.55
CA LEU U 62 -54.45 -12.79 -28.61
C LEU U 62 -55.67 -12.29 -29.38
N GLU U 63 -56.84 -12.43 -28.76
CA GLU U 63 -58.11 -12.14 -29.43
C GLU U 63 -58.79 -10.93 -28.79
N ARG U 64 -59.32 -10.04 -29.63
CA ARG U 64 -60.01 -8.85 -29.17
C ARG U 64 -61.48 -9.16 -28.87
N ASN U 65 -62.12 -8.24 -28.15
CA ASN U 65 -63.53 -8.34 -27.85
C ASN U 65 -64.33 -7.57 -28.90
N SER U 66 -65.62 -7.35 -28.63
CA SER U 66 -66.49 -6.69 -29.60
C SER U 66 -66.15 -5.22 -29.78
N SER U 67 -65.72 -4.54 -28.72
CA SER U 67 -65.48 -3.11 -28.76
C SER U 67 -64.09 -2.76 -29.29
N ASN U 68 -63.46 -3.67 -30.03
CA ASN U 68 -62.14 -3.45 -30.62
C ASN U 68 -61.11 -3.07 -29.57
N GLU U 69 -61.11 -3.80 -28.46
CA GLU U 69 -60.13 -3.66 -27.41
C GLU U 69 -59.48 -5.01 -27.13
N ILE U 70 -58.27 -4.99 -26.60
CA ILE U 70 -57.57 -6.21 -26.21
C ILE U 70 -57.65 -6.34 -24.70
N GLU U 71 -58.19 -7.46 -24.23
CA GLU U 71 -58.37 -7.73 -22.82
C GLU U 71 -57.35 -8.74 -22.34
N LEU U 72 -56.68 -8.43 -21.24
CA LEU U 72 -55.71 -9.32 -20.63
C LEU U 72 -56.33 -10.02 -19.43
N SER U 73 -55.80 -11.20 -19.12
CA SER U 73 -56.29 -11.95 -17.97
C SER U 73 -55.83 -11.29 -16.67
N SER U 74 -56.17 -11.91 -15.55
CA SER U 74 -55.82 -11.34 -14.26
C SER U 74 -54.33 -11.53 -13.95
N ASN U 75 -53.73 -12.59 -14.48
CA ASN U 75 -52.36 -12.95 -14.12
C ASN U 75 -51.38 -12.81 -15.28
N VAL U 76 -51.62 -11.87 -16.19
CA VAL U 76 -50.67 -11.61 -17.27
C VAL U 76 -49.75 -10.48 -16.82
N SER U 77 -48.44 -10.71 -16.93
CA SER U 77 -47.45 -9.76 -16.40
C SER U 77 -46.89 -8.85 -17.48
N ARG U 78 -46.33 -9.42 -18.54
CA ARG U 78 -45.68 -8.62 -19.58
C ARG U 78 -46.09 -9.12 -20.96
N VAL U 79 -46.14 -8.20 -21.92
CA VAL U 79 -46.53 -8.49 -23.29
C VAL U 79 -45.55 -7.80 -24.23
N VAL U 80 -44.98 -8.56 -25.16
CA VAL U 80 -43.98 -8.07 -26.09
C VAL U 80 -44.48 -8.27 -27.51
N VAL U 81 -44.40 -7.22 -28.32
CA VAL U 81 -44.69 -7.31 -29.75
C VAL U 81 -43.38 -7.31 -30.52
N ASP U 82 -43.47 -7.64 -31.80
CA ASP U 82 -42.30 -7.65 -32.68
C ASP U 82 -42.32 -6.40 -33.55
N ASN U 83 -41.29 -5.56 -33.39
CA ASN U 83 -41.22 -4.32 -34.14
C ASN U 83 -41.10 -4.59 -35.64
N LEU U 84 -40.28 -5.59 -36.01
CA LEU U 84 -40.10 -5.93 -37.41
C LEU U 84 -41.38 -6.46 -38.04
N GLU U 85 -42.26 -7.07 -37.25
CA GLU U 85 -43.52 -7.59 -37.78
C GLU U 85 -44.63 -6.55 -37.78
N TYR U 86 -44.60 -5.59 -36.86
CA TYR U 86 -45.61 -4.53 -36.81
C TYR U 86 -44.91 -3.18 -36.85
N PRO U 87 -44.70 -2.63 -38.04
CA PRO U 87 -43.92 -1.39 -38.16
C PRO U 87 -44.69 -0.14 -37.74
N ASP U 88 -45.98 -0.07 -38.05
CA ASP U 88 -46.77 1.12 -37.82
C ASP U 88 -47.51 1.12 -36.48
N ILE U 89 -47.41 0.02 -35.72
CA ILE U 89 -48.03 -0.07 -34.41
C ILE U 89 -47.00 -0.61 -33.43
N ASP U 90 -46.82 0.11 -32.32
CA ASP U 90 -46.04 -0.38 -31.17
C ASP U 90 -46.86 -0.12 -29.91
N VAL U 91 -46.93 -1.12 -29.04
CA VAL U 91 -47.87 -1.08 -27.93
C VAL U 91 -47.11 -1.24 -26.62
N VAL U 92 -47.75 -0.78 -25.54
CA VAL U 92 -47.24 -0.95 -24.18
C VAL U 92 -48.39 -1.33 -23.27
N GLN U 93 -48.13 -2.25 -22.36
CA GLN U 93 -49.16 -2.70 -21.44
C GLN U 93 -49.50 -1.61 -20.44
N ARG U 94 -50.79 -1.37 -20.24
CA ARG U 94 -51.28 -0.41 -19.25
C ARG U 94 -52.41 -1.08 -18.47
N GLY U 95 -52.15 -1.40 -17.22
CA GLY U 95 -53.14 -2.09 -16.41
C GLY U 95 -53.46 -3.46 -16.95
N ASP U 96 -54.65 -3.61 -17.55
CA ASP U 96 -55.06 -4.87 -18.15
C ASP U 96 -55.44 -4.70 -19.62
N LYS U 97 -55.13 -3.55 -20.22
CA LYS U 97 -55.45 -3.28 -21.62
C LYS U 97 -54.22 -2.76 -22.33
N LEU U 98 -54.03 -3.19 -23.57
CA LEU U 98 -52.95 -2.66 -24.40
C LEU U 98 -53.30 -1.25 -24.87
N TYR U 99 -52.28 -0.44 -25.08
CA TYR U 99 -52.44 0.95 -25.49
C TYR U 99 -51.52 1.24 -26.65
N ASP U 100 -52.10 1.56 -27.81
CA ASP U 100 -51.33 1.86 -29.00
C ASP U 100 -50.71 3.25 -28.86
N ARG U 101 -49.52 3.31 -28.25
CA ARG U 101 -48.93 4.61 -27.91
C ARG U 101 -48.54 5.42 -29.13
N LYS U 102 -48.34 4.77 -30.27
CA LYS U 102 -47.98 5.52 -31.47
C LYS U 102 -49.16 6.30 -32.03
N ASN U 103 -50.33 5.68 -32.11
CA ASN U 103 -51.53 6.32 -32.62
C ASN U 103 -52.40 6.89 -31.52
N ASN U 104 -51.99 6.78 -30.25
CA ASN U 104 -52.73 7.30 -29.11
C ASN U 104 -54.18 6.83 -29.11
N ARG U 105 -54.36 5.54 -29.32
CA ARG U 105 -55.69 4.94 -29.34
C ARG U 105 -55.70 3.69 -28.45
N TYR U 106 -56.89 3.40 -27.93
CA TYR U 106 -57.13 2.16 -27.20
C TYR U 106 -57.69 1.05 -28.07
N THR U 107 -57.88 1.31 -29.36
CA THR U 107 -58.47 0.35 -30.28
C THR U 107 -57.44 -0.17 -31.26
N PHE U 108 -57.80 -1.23 -31.97
CA PHE U 108 -56.93 -1.83 -32.97
C PHE U 108 -57.78 -2.17 -34.19
N ASP U 109 -57.17 -2.86 -35.16
CA ASP U 109 -57.86 -3.21 -36.39
C ASP U 109 -57.87 -4.71 -36.68
N GLU U 110 -56.94 -5.48 -36.12
CA GLU U 110 -56.89 -6.91 -36.38
C GLU U 110 -56.24 -7.59 -35.19
N ASP U 111 -56.29 -8.92 -35.19
CA ASP U 111 -55.79 -9.68 -34.06
C ASP U 111 -54.27 -9.70 -34.06
N LEU U 112 -53.68 -9.73 -32.87
CA LEU U 112 -52.24 -9.60 -32.69
C LEU U 112 -51.58 -10.93 -32.39
N ILE U 113 -50.27 -10.97 -32.62
CA ILE U 113 -49.41 -12.10 -32.30
C ILE U 113 -48.35 -11.61 -31.32
N VAL U 114 -48.48 -11.99 -30.05
CA VAL U 114 -47.64 -11.46 -29.00
C VAL U 114 -46.95 -12.61 -28.28
N ASP U 115 -46.00 -12.26 -27.43
CA ASP U 115 -45.33 -13.20 -26.53
C ASP U 115 -45.70 -12.82 -25.11
N MET U 116 -46.31 -13.76 -24.39
CA MET U 116 -46.95 -13.48 -23.11
C MET U 116 -46.21 -14.19 -21.98
N THR U 117 -46.09 -13.51 -20.85
CA THR U 117 -45.50 -14.07 -19.64
C THR U 117 -46.56 -14.11 -18.55
N THR U 118 -46.75 -15.27 -17.94
CA THR U 118 -47.81 -15.50 -16.98
C THR U 118 -47.23 -15.78 -15.61
N ILE U 119 -47.98 -15.41 -14.57
CA ILE U 119 -47.64 -15.75 -13.19
C ILE U 119 -48.37 -17.02 -12.82
N LEU U 120 -47.64 -18.04 -12.41
CA LEU U 120 -48.18 -19.36 -12.17
C LEU U 120 -48.48 -19.57 -10.69
N GLU U 121 -49.34 -20.56 -10.42
CA GLU U 121 -49.62 -20.97 -9.05
C GLU U 121 -48.45 -21.78 -8.50
N TRP U 122 -48.53 -22.09 -7.21
CA TRP U 122 -47.44 -22.84 -6.57
C TRP U 122 -47.35 -24.27 -7.10
N ASP U 123 -48.46 -24.83 -7.57
CA ASP U 123 -48.46 -26.22 -8.01
C ASP U 123 -47.59 -26.39 -9.25
N LEU U 124 -47.71 -25.48 -10.21
CA LEU U 124 -47.08 -25.65 -11.52
C LEU U 124 -45.60 -25.27 -11.54
N LEU U 125 -45.05 -24.77 -10.45
CA LEU U 125 -43.66 -24.38 -10.43
C LEU U 125 -42.72 -25.60 -10.41
N PRO U 126 -41.58 -25.51 -11.08
CA PRO U 126 -40.57 -26.58 -10.97
C PRO U 126 -39.68 -26.47 -9.75
N GLU U 127 -38.80 -27.47 -9.57
CA GLU U 127 -38.14 -27.68 -8.28
C GLU U 127 -37.15 -26.56 -7.96
N HIS U 128 -36.31 -26.19 -8.93
CA HIS U 128 -35.29 -25.18 -8.66
C HIS U 128 -35.93 -23.83 -8.33
N ALA U 129 -36.98 -23.48 -9.07
CA ALA U 129 -37.72 -22.27 -8.74
C ALA U 129 -38.33 -22.35 -7.36
N ARG U 130 -38.83 -23.53 -6.97
CA ARG U 130 -39.39 -23.68 -5.64
C ARG U 130 -38.33 -23.44 -4.56
N GLN U 131 -37.13 -23.98 -4.75
CA GLN U 131 -36.07 -23.80 -3.77
C GLN U 131 -35.69 -22.32 -3.65
N TYR U 132 -35.50 -21.66 -4.80
CA TYR U 132 -35.13 -20.25 -4.77
C TYR U 132 -36.21 -19.41 -4.09
N ILE U 133 -37.47 -19.69 -4.40
CA ILE U 133 -38.57 -18.96 -3.77
C ILE U 133 -38.55 -19.16 -2.27
N THR U 134 -38.36 -20.41 -1.83
CA THR U 134 -38.37 -20.70 -0.40
C THR U 134 -37.30 -19.90 0.33
N ILE U 135 -36.07 -19.95 -0.19
CA ILE U 135 -34.96 -19.28 0.51
C ILE U 135 -35.19 -17.77 0.53
N LYS U 136 -35.55 -17.19 -0.61
CA LYS U 136 -35.71 -15.74 -0.65
C LYS U 136 -36.84 -15.28 0.25
N ALA U 137 -37.97 -15.99 0.24
CA ALA U 137 -39.10 -15.60 1.09
C ALA U 137 -38.75 -15.72 2.56
N GLY U 138 -38.04 -16.79 2.94
CA GLY U 138 -37.64 -16.92 4.32
C GLY U 138 -36.75 -15.78 4.78
N ARG U 139 -35.77 -15.40 3.95
CA ARG U 139 -34.89 -14.30 4.32
C ARG U 139 -35.68 -13.00 4.48
N GLN U 140 -36.56 -12.71 3.52
CA GLN U 140 -37.32 -11.47 3.59
C GLN U 140 -38.24 -11.43 4.82
N LEU U 141 -38.90 -12.54 5.12
CA LEU U 141 -39.78 -12.58 6.29
C LEU U 141 -38.99 -12.43 7.57
N GLN U 142 -37.83 -13.07 7.68
CA GLN U 142 -37.04 -12.94 8.90
C GLN U 142 -36.59 -11.50 9.09
N GLU U 143 -36.17 -10.84 8.01
CA GLU U 143 -35.78 -9.44 8.12
C GLU U 143 -36.95 -8.58 8.56
N ALA U 144 -38.14 -8.85 8.00
CA ALA U 144 -39.29 -8.02 8.33
C ALA U 144 -39.78 -8.25 9.76
N ILE U 145 -39.54 -9.42 10.33
CA ILE U 145 -40.06 -9.72 11.65
C ILE U 145 -39.06 -9.38 12.74
N ILE U 146 -37.84 -9.94 12.68
CA ILE U 146 -36.87 -9.69 13.75
C ILE U 146 -36.16 -8.37 13.53
N GLY U 147 -35.47 -8.22 12.40
CA GLY U 147 -34.72 -7.01 12.13
C GLY U 147 -33.25 -7.10 12.48
N SER U 148 -32.63 -8.25 12.32
CA SER U 148 -31.24 -8.46 12.71
C SER U 148 -30.31 -8.00 11.60
N ALA U 149 -29.01 -8.19 11.83
CA ALA U 149 -27.99 -7.94 10.82
C ALA U 149 -27.16 -9.17 10.50
N GLU U 150 -26.66 -9.87 11.52
CA GLU U 150 -25.86 -11.08 11.29
C GLU U 150 -26.69 -12.17 10.64
N LEU U 151 -27.94 -12.33 11.11
CA LEU U 151 -28.83 -13.29 10.47
C LEU U 151 -29.06 -12.94 9.02
N THR U 152 -29.20 -11.65 8.72
CA THR U 152 -29.35 -11.22 7.33
C THR U 152 -28.10 -11.54 6.52
N LYS U 153 -26.92 -11.41 7.13
CA LYS U 153 -25.69 -11.76 6.44
C LYS U 153 -25.66 -13.24 6.07
N LEU U 154 -25.98 -14.11 7.03
CA LEU U 154 -26.02 -15.54 6.75
C LEU U 154 -27.05 -15.86 5.68
N ASN U 155 -28.23 -15.25 5.78
CA ASN U 155 -29.27 -15.48 4.78
C ASN U 155 -28.85 -14.97 3.41
N LEU U 156 -28.08 -13.89 3.35
CA LEU U 156 -27.56 -13.41 2.08
C LEU U 156 -26.59 -14.41 1.46
N THR U 157 -25.73 -14.99 2.29
CA THR U 157 -24.83 -16.04 1.77
C THR U 157 -25.63 -17.20 1.18
N GLN U 158 -26.62 -17.69 1.93
CA GLN U 158 -27.42 -18.80 1.43
C GLN U 158 -28.19 -18.41 0.18
N GLU U 159 -28.70 -17.18 0.13
CA GLU U 159 -29.45 -16.72 -1.04
C GLU U 159 -28.56 -16.64 -2.26
N VAL U 160 -27.33 -16.18 -2.10
CA VAL U 160 -26.39 -16.12 -3.23
C VAL U 160 -26.13 -17.52 -3.76
N GLU U 161 -25.90 -18.48 -2.85
CA GLU U 161 -25.67 -19.84 -3.30
C GLU U 161 -26.90 -20.39 -4.04
N ALA U 162 -28.09 -20.15 -3.51
CA ALA U 162 -29.30 -20.66 -4.14
C ALA U 162 -29.53 -20.03 -5.50
N ARG U 163 -29.27 -18.73 -5.63
CA ARG U 163 -29.42 -18.07 -6.93
C ARG U 163 -28.44 -18.64 -7.95
N SER U 164 -27.21 -18.91 -7.51
CA SER U 164 -26.25 -19.55 -8.41
C SER U 164 -26.76 -20.90 -8.90
N ALA U 165 -27.29 -21.72 -7.98
CA ALA U 165 -27.80 -23.02 -8.37
C ALA U 165 -28.99 -22.90 -9.32
N PHE U 166 -29.89 -21.96 -9.04
CA PHE U 166 -31.07 -21.77 -9.88
C PHE U 166 -30.68 -21.34 -11.29
N LEU U 167 -29.76 -20.39 -11.41
CA LEU U 167 -29.31 -19.96 -12.73
C LEU U 167 -28.62 -21.10 -13.46
N GLU U 168 -27.80 -21.88 -12.76
CA GLU U 168 -27.14 -23.02 -13.37
C GLU U 168 -28.18 -23.97 -13.97
N GLU U 169 -29.18 -24.35 -13.16
CA GLU U 169 -30.20 -25.27 -13.65
C GLU U 169 -30.97 -24.70 -14.83
N GLU U 170 -31.32 -23.41 -14.77
CA GLU U 170 -32.09 -22.81 -15.85
C GLU U 170 -31.30 -22.81 -17.16
N THR U 171 -30.04 -22.39 -17.10
CA THR U 171 -29.25 -22.32 -18.33
C THR U 171 -28.85 -23.69 -18.85
N THR U 172 -28.80 -24.71 -17.98
CA THR U 172 -28.58 -26.06 -18.48
C THR U 172 -29.83 -26.64 -19.13
N LYS U 173 -31.01 -26.37 -18.56
CA LYS U 173 -32.24 -26.92 -19.10
C LYS U 173 -32.61 -26.26 -20.43
N SER U 174 -32.57 -24.93 -20.48
CA SER U 174 -33.14 -24.22 -21.63
C SER U 174 -32.26 -24.25 -22.88
N GLU U 175 -30.94 -24.33 -22.72
CA GLU U 175 -30.00 -24.35 -23.84
C GLU U 175 -30.12 -23.08 -24.69
N HIS U 176 -29.79 -21.95 -24.09
CA HIS U 176 -29.71 -20.69 -24.83
C HIS U 176 -28.49 -20.70 -25.75
N SER U 177 -28.59 -19.93 -26.83
CA SER U 177 -27.51 -19.85 -27.80
C SER U 177 -27.30 -18.40 -28.19
N MET U 178 -26.08 -18.10 -28.65
CA MET U 178 -25.73 -16.77 -29.14
C MET U 178 -25.84 -16.65 -30.65
N LEU U 179 -25.58 -17.72 -31.40
CA LEU U 179 -25.72 -17.68 -32.84
C LEU U 179 -27.18 -17.46 -33.25
N ARG U 180 -28.11 -18.14 -32.58
CA ARG U 180 -29.48 -18.24 -33.08
C ARG U 180 -30.19 -16.90 -33.15
N GLY U 181 -29.72 -15.89 -32.41
CA GLY U 181 -30.43 -14.64 -32.44
C GLY U 181 -31.75 -14.74 -31.70
N HIS U 182 -32.65 -13.80 -31.99
CA HIS U 182 -33.96 -13.83 -31.36
C HIS U 182 -34.72 -15.07 -31.79
N LEU U 183 -35.32 -15.75 -30.82
CA LEU U 183 -35.84 -17.11 -31.01
C LEU U 183 -37.14 -17.16 -31.78
N ASN U 184 -37.74 -16.01 -32.11
CA ASN U 184 -38.97 -16.04 -32.91
C ASN U 184 -38.74 -16.59 -34.31
N ARG U 185 -37.48 -16.71 -34.74
CA ARG U 185 -37.14 -17.37 -35.98
C ARG U 185 -36.87 -18.85 -35.73
N THR U 186 -37.42 -19.69 -36.60
CA THR U 186 -37.24 -21.14 -36.46
C THR U 186 -35.77 -21.50 -36.67
N SER U 187 -35.29 -22.47 -35.89
CA SER U 187 -33.88 -22.85 -35.82
C SER U 187 -33.35 -23.43 -37.13
N PRO U 188 -32.43 -22.73 -37.81
CA PRO U 188 -31.63 -23.36 -38.85
C PRO U 188 -30.27 -23.83 -38.35
N VAL U 189 -30.06 -23.78 -37.04
CA VAL U 189 -28.73 -23.91 -36.45
C VAL U 189 -28.41 -25.37 -36.22
N ASN U 190 -27.22 -25.79 -36.66
CA ASN U 190 -26.76 -27.15 -36.46
C ASN U 190 -25.66 -27.24 -35.41
N THR U 191 -24.91 -26.16 -35.20
CA THR U 191 -23.79 -26.11 -34.24
C THR U 191 -22.91 -27.34 -34.36
N TYR U 192 -22.44 -27.61 -35.58
CA TYR U 192 -21.53 -28.72 -35.77
C TYR U 192 -20.28 -28.53 -34.91
N ILE U 193 -19.90 -29.59 -34.21
CA ILE U 193 -18.88 -29.53 -33.17
C ILE U 193 -17.53 -29.29 -33.85
N PRO U 194 -16.82 -28.21 -33.52
CA PRO U 194 -15.42 -28.10 -33.91
C PRO U 194 -14.51 -29.02 -33.13
N SER U 195 -15.03 -29.72 -32.11
CA SER U 195 -14.18 -30.46 -31.20
C SER U 195 -13.84 -31.85 -31.73
N ARG U 196 -14.85 -32.71 -31.92
CA ARG U 196 -14.59 -34.12 -32.10
C ARG U 196 -14.19 -34.50 -33.53
N THR U 197 -15.07 -34.26 -34.49
CA THR U 197 -14.98 -34.91 -35.80
C THR U 197 -13.85 -34.30 -36.62
N LEU U 198 -12.62 -34.62 -36.20
CA LEU U 198 -11.44 -34.34 -37.00
C LEU U 198 -10.67 -35.61 -37.36
N GLU U 199 -11.18 -36.78 -36.97
CA GLU U 199 -10.47 -38.03 -37.21
C GLU U 199 -11.13 -38.84 -38.33
N ALA V 2 -16.90 -53.03 8.27
CA ALA V 2 -17.29 -51.62 8.37
C ALA V 2 -18.18 -51.23 7.21
N ALA V 3 -19.49 -51.35 7.41
CA ALA V 3 -20.45 -51.08 6.35
C ALA V 3 -20.56 -49.58 6.10
N ARG V 4 -21.43 -49.22 5.15
CA ARG V 4 -21.63 -47.82 4.81
C ARG V 4 -22.45 -47.11 5.87
N THR V 5 -22.43 -45.77 5.81
CA THR V 5 -23.15 -44.96 6.77
C THR V 5 -24.66 -45.15 6.61
N SER V 6 -25.36 -45.24 7.74
CA SER V 6 -26.80 -45.41 7.76
C SER V 6 -27.47 -44.13 8.26
N PHE V 7 -28.82 -44.15 8.24
CA PHE V 7 -29.59 -42.98 8.64
C PHE V 7 -29.35 -42.62 10.10
N LEU V 8 -29.28 -43.63 10.97
CA LEU V 8 -29.08 -43.35 12.39
C LEU V 8 -27.70 -42.77 12.64
N ASP V 9 -26.67 -43.28 11.96
CA ASP V 9 -25.34 -42.70 12.10
C ASP V 9 -25.33 -41.27 11.57
N ALA V 10 -26.05 -41.02 10.48
CA ALA V 10 -26.11 -39.66 9.94
C ALA V 10 -26.76 -38.69 10.91
N VAL V 11 -27.89 -39.09 11.52
CA VAL V 11 -28.54 -38.17 12.45
C VAL V 11 -27.69 -38.00 13.72
N ASN V 12 -27.01 -39.06 14.16
CA ASN V 12 -26.10 -38.91 15.30
C ASN V 12 -24.99 -37.92 14.97
N ARG V 13 -24.42 -38.01 13.76
CA ARG V 13 -23.38 -37.07 13.35
C ARG V 13 -23.91 -35.65 13.30
N VAL V 14 -25.13 -35.46 12.79
CA VAL V 14 -25.71 -34.12 12.73
C VAL V 14 -25.89 -33.55 14.13
N LEU V 15 -26.40 -34.37 15.06
CA LEU V 15 -26.58 -33.89 16.43
C LEU V 15 -25.24 -33.56 17.07
N GLN V 16 -24.23 -34.40 16.84
CA GLN V 16 -22.91 -34.14 17.40
C GLN V 16 -22.32 -32.84 16.84
N MET V 17 -22.53 -32.58 15.56
CA MET V 17 -22.11 -31.31 14.98
C MET V 17 -22.86 -30.15 15.62
N LEU V 18 -24.16 -30.34 15.89
CA LEU V 18 -24.93 -29.31 16.58
C LEU V 18 -24.40 -29.06 17.98
N GLY V 19 -23.82 -30.09 18.62
CA GLY V 19 -23.25 -29.96 19.93
C GLY V 19 -24.03 -30.65 21.04
N GLU V 20 -25.09 -31.38 20.71
CA GLU V 20 -25.90 -32.04 21.71
C GLU V 20 -25.42 -33.47 21.95
N ALA V 21 -26.07 -34.16 22.88
CA ALA V 21 -25.75 -35.55 23.16
C ALA V 21 -26.32 -36.46 22.06
N PRO V 22 -25.61 -37.52 21.71
CA PRO V 22 -26.13 -38.44 20.70
C PRO V 22 -27.42 -39.11 21.15
N VAL V 23 -28.31 -39.34 20.19
CA VAL V 23 -29.60 -39.96 20.47
C VAL V 23 -29.54 -41.42 20.06
N ASN V 24 -30.43 -42.22 20.65
CA ASN V 24 -30.37 -43.67 20.52
C ASN V 24 -31.04 -44.17 19.25
N SER V 25 -32.30 -43.85 19.04
CA SER V 25 -33.05 -44.42 17.92
C SER V 25 -33.65 -43.34 17.04
N LEU V 26 -34.52 -43.74 16.12
CA LEU V 26 -35.28 -42.81 15.29
C LEU V 26 -36.78 -42.88 15.56
N GLN V 27 -37.27 -43.98 16.11
CA GLN V 27 -38.70 -44.23 16.26
C GLN V 27 -39.16 -43.87 17.65
N GLY V 28 -40.15 -42.98 17.74
CA GLY V 28 -40.65 -42.56 19.03
C GLY V 28 -39.57 -41.86 19.83
N GLN V 29 -38.81 -40.99 19.17
CA GLN V 29 -37.73 -40.29 19.85
C GLN V 29 -38.25 -39.16 20.71
N PHE V 30 -37.47 -38.84 21.73
CA PHE V 30 -37.80 -37.73 22.61
C PHE V 30 -36.67 -36.71 22.59
N GLY V 31 -36.22 -36.36 21.39
CA GLY V 31 -35.19 -35.35 21.23
C GLY V 31 -35.36 -34.50 19.98
N LEU V 32 -34.24 -34.04 19.42
CA LEU V 32 -34.24 -33.25 18.21
C LEU V 32 -34.29 -34.09 16.94
N ALA V 33 -34.73 -35.34 17.06
CA ALA V 33 -34.66 -36.26 15.93
C ALA V 33 -35.50 -35.77 14.77
N LYS V 34 -36.67 -35.19 15.04
CA LYS V 34 -37.53 -34.72 13.96
C LYS V 34 -36.86 -33.60 13.17
N GLN V 35 -36.26 -32.62 13.86
CA GLN V 35 -35.58 -31.54 13.15
C GLN V 35 -34.37 -32.05 12.39
N ALA V 36 -33.60 -32.95 12.99
CA ALA V 36 -32.44 -33.48 12.28
C ALA V 36 -32.86 -34.24 11.04
N GLU V 37 -33.91 -35.05 11.15
CA GLU V 37 -34.39 -35.81 9.99
C GLU V 37 -34.90 -34.89 8.90
N VAL V 38 -35.64 -33.83 9.26
CA VAL V 38 -36.17 -32.94 8.23
C VAL V 38 -35.04 -32.17 7.56
N ALA V 39 -34.01 -31.78 8.33
CA ALA V 39 -32.86 -31.10 7.73
C ALA V 39 -32.13 -32.02 6.77
N LEU V 40 -31.93 -33.28 7.17
CA LEU V 40 -31.25 -34.23 6.29
C LEU V 40 -32.03 -34.43 5.00
N ASN V 41 -33.35 -34.62 5.11
CA ASN V 41 -34.16 -34.82 3.91
C ASN V 41 -34.12 -33.59 3.00
N ASP V 42 -34.24 -32.39 3.57
CA ASP V 42 -34.27 -31.19 2.76
C ASP V 42 -32.93 -30.97 2.06
N VAL V 43 -31.82 -31.20 2.76
CA VAL V 43 -30.52 -31.01 2.14
C VAL V 43 -30.29 -32.07 1.06
N SER V 44 -30.77 -33.30 1.29
CA SER V 44 -30.66 -34.32 0.27
C SER V 44 -31.40 -33.90 -1.00
N ARG V 45 -32.63 -33.39 -0.84
CA ARG V 45 -33.39 -32.95 -2.00
C ARG V 45 -32.71 -31.79 -2.71
N THR V 46 -32.19 -30.82 -1.95
CA THR V 46 -31.55 -29.66 -2.54
C THR V 46 -30.30 -30.07 -3.34
N ILE V 47 -29.50 -30.99 -2.80
CA ILE V 47 -28.34 -31.46 -3.53
C ILE V 47 -28.76 -32.25 -4.76
N GLN V 48 -29.80 -33.07 -4.64
CA GLN V 48 -30.11 -34.02 -5.70
C GLN V 48 -30.81 -33.36 -6.88
N THR V 49 -31.53 -32.26 -6.65
CA THR V 49 -32.27 -31.67 -7.76
C THR V 49 -31.38 -31.07 -8.84
N GLU V 50 -30.09 -30.91 -8.59
CA GLU V 50 -29.22 -30.28 -9.57
C GLU V 50 -28.91 -31.22 -10.74
N GLY V 51 -28.78 -32.50 -10.48
CA GLY V 51 -28.49 -33.46 -11.53
C GLY V 51 -27.03 -33.85 -11.62
N TRP V 52 -26.71 -35.10 -11.27
CA TRP V 52 -25.35 -35.59 -11.31
C TRP V 52 -25.27 -36.85 -12.15
N SER V 53 -24.13 -37.55 -12.09
CA SER V 53 -23.93 -38.73 -12.91
C SER V 53 -24.47 -40.01 -12.32
N PHE V 54 -24.91 -40.00 -11.06
CA PHE V 54 -25.40 -41.21 -10.40
C PHE V 54 -26.91 -41.31 -10.32
N ASN V 55 -27.64 -40.32 -10.85
CA ASN V 55 -29.09 -40.33 -10.76
C ASN V 55 -29.74 -39.86 -12.06
N THR V 56 -29.10 -40.12 -13.20
CA THR V 56 -29.57 -39.63 -14.48
C THR V 56 -29.71 -40.80 -15.44
N ASP V 57 -30.85 -40.89 -16.10
CA ASP V 57 -31.12 -41.93 -17.10
C ASP V 57 -31.02 -41.33 -18.49
N LEU V 58 -30.28 -42.01 -19.37
CA LEU V 58 -30.09 -41.56 -20.74
C LEU V 58 -31.10 -42.23 -21.67
N GLU V 59 -31.50 -41.48 -22.70
CA GLU V 59 -32.39 -41.97 -23.77
C GLU V 59 -33.55 -42.81 -23.25
N LYS V 60 -34.15 -42.37 -22.15
CA LYS V 60 -35.34 -43.03 -21.65
C LYS V 60 -36.55 -42.66 -22.49
N LYS V 61 -37.51 -43.59 -22.57
CA LYS V 61 -38.69 -43.43 -23.40
C LYS V 61 -39.89 -43.09 -22.53
N LEU V 62 -40.68 -42.10 -22.94
CA LEU V 62 -41.87 -41.69 -22.24
C LEU V 62 -43.11 -42.04 -23.06
N GLU V 63 -44.20 -42.34 -22.38
CA GLU V 63 -45.44 -42.78 -23.01
C GLU V 63 -46.58 -41.85 -22.62
N ARG V 64 -47.40 -41.49 -23.60
CA ARG V 64 -48.54 -40.64 -23.37
C ARG V 64 -49.75 -41.45 -22.90
N ASN V 65 -50.71 -40.75 -22.30
CA ASN V 65 -51.92 -41.38 -21.81
C ASN V 65 -52.97 -41.41 -22.92
N SER V 66 -54.23 -41.72 -22.56
CA SER V 66 -55.29 -41.82 -23.54
C SER V 66 -55.70 -40.47 -24.12
N SER V 67 -55.24 -39.37 -23.54
CA SER V 67 -55.58 -38.03 -24.03
C SER V 67 -54.37 -37.30 -24.61
N ASN V 68 -53.34 -38.04 -25.00
CA ASN V 68 -52.11 -37.47 -25.57
C ASN V 68 -51.48 -36.45 -24.62
N GLU V 69 -51.38 -36.85 -23.35
CA GLU V 69 -50.76 -36.03 -22.31
C GLU V 69 -49.62 -36.81 -21.68
N ILE V 70 -48.49 -36.14 -21.47
CA ILE V 70 -47.31 -36.75 -20.87
C ILE V 70 -47.35 -36.46 -19.38
N GLU V 71 -47.62 -37.49 -18.57
CA GLU V 71 -47.66 -37.37 -17.13
C GLU V 71 -46.37 -37.96 -16.55
N LEU V 72 -45.68 -37.17 -15.73
CA LEU V 72 -44.46 -37.63 -15.09
C LEU V 72 -44.77 -38.23 -13.73
N SER V 73 -43.80 -38.94 -13.19
CA SER V 73 -43.88 -39.38 -11.81
C SER V 73 -43.69 -38.18 -10.89
N SER V 74 -43.97 -38.38 -9.60
CA SER V 74 -43.88 -37.27 -8.66
C SER V 74 -42.48 -37.10 -8.07
N ASN V 75 -41.52 -37.92 -8.48
CA ASN V 75 -40.14 -37.74 -8.05
C ASN V 75 -39.20 -37.49 -9.22
N VAL V 76 -39.68 -36.78 -10.24
CA VAL V 76 -38.86 -36.41 -11.39
C VAL V 76 -38.46 -34.96 -11.25
N SER V 77 -37.16 -34.69 -11.14
CA SER V 77 -36.67 -33.35 -10.86
C SER V 77 -36.55 -32.49 -12.11
N ARG V 78 -35.98 -33.02 -13.19
CA ARG V 78 -35.80 -32.25 -14.40
C ARG V 78 -35.88 -33.17 -15.61
N VAL V 79 -36.31 -32.60 -16.73
CA VAL V 79 -36.42 -33.33 -18.00
C VAL V 79 -35.81 -32.48 -19.10
N VAL V 80 -34.89 -33.06 -19.86
CA VAL V 80 -34.20 -32.37 -20.94
C VAL V 80 -34.48 -33.10 -22.24
N VAL V 81 -34.90 -32.37 -23.26
CA VAL V 81 -35.17 -32.91 -24.59
C VAL V 81 -34.24 -32.22 -25.57
N ASP V 82 -33.53 -33.01 -26.37
CA ASP V 82 -32.59 -32.45 -27.34
C ASP V 82 -33.32 -31.61 -28.38
N ASN V 83 -32.76 -30.44 -28.69
CA ASN V 83 -33.39 -29.55 -29.66
C ASN V 83 -33.19 -30.06 -31.08
N LEU V 84 -31.99 -30.55 -31.40
CA LEU V 84 -31.70 -30.96 -32.77
C LEU V 84 -32.58 -32.11 -33.23
N GLU V 85 -32.89 -33.05 -32.33
CA GLU V 85 -33.73 -34.18 -32.71
C GLU V 85 -35.13 -33.74 -33.09
N TYR V 86 -35.74 -32.86 -32.29
CA TYR V 86 -37.13 -32.42 -32.49
C TYR V 86 -37.11 -30.93 -32.80
N PRO V 87 -37.14 -30.55 -34.07
CA PRO V 87 -37.02 -29.13 -34.43
C PRO V 87 -38.33 -28.36 -34.44
N ASP V 88 -39.42 -28.93 -33.94
CA ASP V 88 -40.72 -28.26 -33.97
C ASP V 88 -41.41 -28.17 -32.61
N ILE V 89 -40.80 -28.69 -31.55
CA ILE V 89 -41.41 -28.67 -30.23
C ILE V 89 -40.38 -28.18 -29.22
N ASP V 90 -40.79 -27.28 -28.35
CA ASP V 90 -39.97 -26.79 -27.24
C ASP V 90 -40.71 -27.12 -25.94
N VAL V 91 -40.22 -28.11 -25.22
CA VAL V 91 -40.91 -28.65 -24.06
C VAL V 91 -40.24 -28.16 -22.79
N VAL V 92 -41.05 -27.72 -21.83
CA VAL V 92 -40.58 -27.34 -20.50
C VAL V 92 -41.46 -28.04 -19.47
N GLN V 93 -40.89 -28.31 -18.30
CA GLN V 93 -41.63 -28.97 -17.24
C GLN V 93 -42.54 -27.98 -16.52
N ARG V 94 -43.76 -28.40 -16.25
CA ARG V 94 -44.72 -27.59 -15.50
C ARG V 94 -45.47 -28.50 -14.55
N GLY V 95 -45.10 -28.47 -13.28
CA GLY V 95 -45.72 -29.35 -12.31
C GLY V 95 -45.38 -30.80 -12.54
N ASP V 96 -46.35 -31.57 -13.02
CA ASP V 96 -46.14 -32.98 -13.32
C ASP V 96 -46.35 -33.33 -14.78
N LYS V 97 -46.79 -32.38 -15.61
CA LYS V 97 -47.03 -32.62 -17.02
C LYS V 97 -46.13 -31.72 -17.85
N LEU V 98 -45.75 -32.20 -19.03
CA LEU V 98 -44.92 -31.41 -19.94
C LEU V 98 -45.79 -30.48 -20.77
N TYR V 99 -45.24 -29.31 -21.09
CA TYR V 99 -45.96 -28.26 -21.80
C TYR V 99 -45.21 -27.90 -23.07
N ASP V 100 -45.95 -27.69 -24.15
CA ASP V 100 -45.37 -27.33 -25.44
C ASP V 100 -45.30 -25.80 -25.50
N ARG V 101 -44.12 -25.27 -25.22
CA ARG V 101 -43.97 -23.82 -25.16
C ARG V 101 -44.19 -23.18 -26.53
N LYS V 102 -43.68 -23.80 -27.59
CA LYS V 102 -43.76 -23.19 -28.92
C LYS V 102 -45.19 -23.12 -29.43
N ASN V 103 -45.97 -24.19 -29.24
CA ASN V 103 -47.30 -24.29 -29.82
C ASN V 103 -48.41 -23.97 -28.84
N ASN V 104 -48.10 -23.74 -27.56
CA ASN V 104 -49.08 -23.40 -26.54
C ASN V 104 -50.15 -24.49 -26.42
N ARG V 105 -49.70 -25.74 -26.29
CA ARG V 105 -50.60 -26.87 -26.16
C ARG V 105 -50.07 -27.80 -25.08
N TYR V 106 -50.97 -28.58 -24.51
CA TYR V 106 -50.59 -29.65 -23.58
C TYR V 106 -50.63 -31.03 -24.24
N THR V 107 -50.95 -31.10 -25.53
CA THR V 107 -51.11 -32.36 -26.22
C THR V 107 -49.98 -32.54 -27.25
N PHE V 108 -49.53 -33.77 -27.40
CA PHE V 108 -48.45 -34.10 -28.31
C PHE V 108 -48.97 -34.98 -29.44
N ASP V 109 -48.06 -35.38 -30.33
CA ASP V 109 -48.39 -36.23 -31.46
C ASP V 109 -47.68 -37.57 -31.45
N GLU V 110 -46.62 -37.72 -30.66
CA GLU V 110 -45.87 -38.97 -30.63
C GLU V 110 -45.09 -39.03 -29.33
N ASP V 111 -44.61 -40.24 -29.01
CA ASP V 111 -43.79 -40.42 -27.83
C ASP V 111 -42.44 -39.75 -28.01
N LEU V 112 -41.76 -39.52 -26.89
CA LEU V 112 -40.53 -38.75 -26.88
C LEU V 112 -39.39 -39.57 -26.28
N ILE V 113 -38.17 -39.18 -26.61
CA ILE V 113 -36.96 -39.74 -26.04
C ILE V 113 -36.29 -38.63 -25.25
N VAL V 114 -36.27 -38.77 -23.92
CA VAL V 114 -35.87 -37.69 -23.03
C VAL V 114 -34.70 -38.15 -22.17
N ASP V 115 -34.02 -37.17 -21.57
CA ASP V 115 -33.00 -37.41 -20.56
C ASP V 115 -33.52 -36.82 -19.25
N MET V 116 -33.91 -37.67 -18.32
CA MET V 116 -34.53 -37.22 -17.09
C MET V 116 -33.75 -37.72 -15.88
N THR V 117 -33.86 -36.98 -14.78
CA THR V 117 -33.20 -37.32 -13.53
C THR V 117 -34.24 -37.59 -12.45
N THR V 118 -33.90 -38.47 -11.53
CA THR V 118 -34.80 -38.90 -10.48
C THR V 118 -34.21 -38.61 -9.11
N ILE V 119 -35.09 -38.34 -8.15
CA ILE V 119 -34.70 -38.17 -6.76
C ILE V 119 -34.69 -39.54 -6.09
N LEU V 120 -33.54 -39.93 -5.57
CA LEU V 120 -33.35 -41.25 -4.99
C LEU V 120 -33.60 -41.21 -3.49
N GLU V 121 -33.94 -42.36 -2.93
CA GLU V 121 -34.12 -42.46 -1.49
C GLU V 121 -32.76 -42.52 -0.80
N TRP V 122 -32.78 -42.40 0.53
CA TRP V 122 -31.53 -42.39 1.29
C TRP V 122 -30.78 -43.70 1.14
N ASP V 123 -31.51 -44.82 1.03
CA ASP V 123 -30.86 -46.12 0.98
C ASP V 123 -29.96 -46.25 -0.24
N LEU V 124 -30.42 -45.76 -1.38
CA LEU V 124 -29.76 -46.01 -2.66
C LEU V 124 -28.61 -45.06 -2.97
N LEU V 125 -28.35 -44.06 -2.13
CA LEU V 125 -27.29 -43.11 -2.42
C LEU V 125 -25.91 -43.74 -2.16
N PRO V 126 -24.91 -43.35 -2.95
CA PRO V 126 -23.54 -43.81 -2.70
C PRO V 126 -22.87 -43.04 -1.57
N GLU V 127 -21.66 -43.49 -1.23
CA GLU V 127 -21.01 -43.09 0.01
C GLU V 127 -20.64 -41.60 0.01
N HIS V 128 -20.07 -41.11 -1.09
CA HIS V 128 -19.64 -39.70 -1.11
C HIS V 128 -20.85 -38.77 -1.03
N ALA V 129 -21.93 -39.13 -1.72
CA ALA V 129 -23.16 -38.35 -1.60
C ALA V 129 -23.67 -38.35 -0.18
N ARG V 130 -23.64 -39.51 0.49
CA ARG V 130 -24.06 -39.58 1.88
C ARG V 130 -23.23 -38.64 2.76
N GLN V 131 -21.91 -38.68 2.59
CA GLN V 131 -21.03 -37.85 3.41
C GLN V 131 -21.31 -36.37 3.21
N TYR V 132 -21.34 -35.92 1.95
CA TYR V 132 -21.56 -34.52 1.67
C TYR V 132 -22.92 -34.06 2.18
N ILE V 133 -23.95 -34.89 1.99
CA ILE V 133 -25.28 -34.54 2.46
C ILE V 133 -25.29 -34.39 3.98
N THR V 134 -24.64 -35.32 4.69
CA THR V 134 -24.60 -35.24 6.14
C THR V 134 -23.96 -33.95 6.61
N ILE V 135 -22.78 -33.63 6.06
CA ILE V 135 -22.07 -32.44 6.53
C ILE V 135 -22.85 -31.17 6.23
N LYS V 136 -23.41 -31.07 5.01
CA LYS V 136 -24.17 -29.87 4.66
C LYS V 136 -25.40 -29.71 5.54
N ALA V 137 -26.11 -30.82 5.81
CA ALA V 137 -27.29 -30.75 6.66
C ALA V 137 -26.93 -30.29 8.06
N GLY V 138 -25.83 -30.82 8.60
CA GLY V 138 -25.41 -30.39 9.93
C GLY V 138 -25.11 -28.90 9.98
N ARG V 139 -24.37 -28.41 8.98
CA ARG V 139 -24.07 -26.98 8.94
C ARG V 139 -25.34 -26.15 8.88
N GLN V 140 -26.27 -26.53 8.00
CA GLN V 140 -27.49 -25.75 7.84
C GLN V 140 -28.30 -25.73 9.13
N LEU V 141 -28.46 -26.88 9.78
CA LEU V 141 -29.25 -26.94 11.00
C LEU V 141 -28.63 -26.09 12.10
N GLN V 142 -27.31 -26.21 12.29
CA GLN V 142 -26.66 -25.42 13.32
C GLN V 142 -26.80 -23.93 13.04
N GLU V 143 -26.57 -23.52 11.79
CA GLU V 143 -26.66 -22.11 11.45
C GLU V 143 -28.05 -21.56 11.69
N ALA V 144 -29.08 -22.35 11.36
CA ALA V 144 -30.45 -21.86 11.50
C ALA V 144 -31.00 -21.98 12.92
N ILE V 145 -30.38 -22.78 13.79
CA ILE V 145 -30.94 -23.04 15.12
C ILE V 145 -30.16 -22.34 16.22
N ILE V 146 -28.83 -22.50 16.24
CA ILE V 146 -28.05 -21.85 17.30
C ILE V 146 -27.64 -20.45 16.86
N GLY V 147 -26.86 -20.37 15.78
CA GLY V 147 -26.47 -19.08 15.25
C GLY V 147 -25.27 -18.42 15.91
N SER V 148 -24.41 -19.19 16.58
CA SER V 148 -23.21 -18.61 17.16
C SER V 148 -22.19 -18.31 16.07
N ALA V 149 -21.01 -17.86 16.49
CA ALA V 149 -19.99 -17.43 15.55
C ALA V 149 -18.91 -18.50 15.33
N GLU V 150 -18.26 -18.94 16.40
CA GLU V 150 -17.16 -19.90 16.25
C GLU V 150 -17.66 -21.23 15.71
N LEU V 151 -18.84 -21.68 16.15
CA LEU V 151 -19.42 -22.88 15.57
C LEU V 151 -19.68 -22.70 14.09
N THR V 152 -20.16 -21.52 13.69
CA THR V 152 -20.40 -21.25 12.28
C THR V 152 -19.11 -21.36 11.48
N LYS V 153 -18.01 -20.79 11.99
CA LYS V 153 -16.78 -20.84 11.21
C LYS V 153 -16.22 -22.26 11.14
N LEU V 154 -16.32 -23.03 12.23
CA LEU V 154 -15.85 -24.41 12.19
C LEU V 154 -16.64 -25.22 11.16
N ASN V 155 -17.96 -25.08 11.18
CA ASN V 155 -18.79 -25.80 10.22
C ASN V 155 -18.51 -25.33 8.79
N LEU V 156 -18.20 -24.04 8.62
CA LEU V 156 -17.83 -23.55 7.29
C LEU V 156 -16.60 -24.26 6.76
N THR V 157 -15.55 -24.34 7.59
CA THR V 157 -14.33 -25.03 7.14
C THR V 157 -14.60 -26.49 6.81
N GLN V 158 -15.34 -27.18 7.68
CA GLN V 158 -15.62 -28.60 7.43
C GLN V 158 -16.43 -28.78 6.14
N GLU V 159 -17.41 -27.91 5.91
CA GLU V 159 -18.22 -28.02 4.70
C GLU V 159 -17.40 -27.76 3.45
N VAL V 160 -16.47 -26.80 3.51
CA VAL V 160 -15.62 -26.53 2.35
C VAL V 160 -14.78 -27.77 2.02
N GLU V 161 -14.19 -28.38 3.04
CA GLU V 161 -13.40 -29.58 2.79
C GLU V 161 -14.25 -30.70 2.21
N ALA V 162 -15.45 -30.88 2.76
CA ALA V 162 -16.33 -31.93 2.26
C ALA V 162 -16.72 -31.70 0.81
N ARG V 163 -17.01 -30.44 0.44
CA ARG V 163 -17.37 -30.15 -0.93
C ARG V 163 -16.21 -30.45 -1.88
N SER V 164 -14.99 -30.07 -1.49
CA SER V 164 -13.84 -30.38 -2.34
C SER V 164 -13.72 -31.88 -2.55
N ALA V 165 -13.82 -32.65 -1.47
CA ALA V 165 -13.67 -34.11 -1.58
C ALA V 165 -14.76 -34.70 -2.48
N PHE V 166 -16.01 -34.28 -2.27
CA PHE V 166 -17.12 -34.82 -3.06
C PHE V 166 -16.96 -34.50 -4.54
N LEU V 167 -16.57 -33.27 -4.87
CA LEU V 167 -16.40 -32.91 -6.27
C LEU V 167 -15.29 -33.74 -6.91
N GLU V 168 -14.16 -33.90 -6.21
CA GLU V 168 -13.06 -34.68 -6.79
C GLU V 168 -13.48 -36.12 -7.02
N GLU V 169 -14.18 -36.70 -6.05
CA GLU V 169 -14.63 -38.09 -6.20
C GLU V 169 -15.58 -38.22 -7.37
N GLU V 170 -16.52 -37.28 -7.51
CA GLU V 170 -17.47 -37.35 -8.62
C GLU V 170 -16.76 -37.27 -9.96
N THR V 171 -15.82 -36.34 -10.11
CA THR V 171 -15.18 -36.17 -11.41
C THR V 171 -14.32 -37.39 -11.75
N THR V 172 -13.61 -37.95 -10.77
CA THR V 172 -12.78 -39.11 -11.08
C THR V 172 -13.62 -40.35 -11.31
N LYS V 173 -14.83 -40.41 -10.75
CA LYS V 173 -15.70 -41.56 -11.01
C LYS V 173 -16.36 -41.46 -12.37
N SER V 174 -16.67 -40.25 -12.83
CA SER V 174 -17.49 -40.06 -14.02
C SER V 174 -16.70 -39.71 -15.28
N GLU V 175 -15.39 -39.48 -15.16
CA GLU V 175 -14.48 -39.22 -16.30
C GLU V 175 -15.12 -38.35 -17.39
N HIS V 176 -15.41 -37.11 -17.02
CA HIS V 176 -15.94 -36.15 -17.99
C HIS V 176 -14.85 -35.74 -18.98
N SER V 177 -15.27 -35.55 -20.24
CA SER V 177 -14.32 -35.20 -21.29
C SER V 177 -14.89 -34.08 -22.15
N MET V 178 -14.00 -33.41 -22.89
CA MET V 178 -14.37 -32.32 -23.78
C MET V 178 -14.33 -32.71 -25.25
N LEU V 179 -13.47 -33.65 -25.64
CA LEU V 179 -13.43 -34.07 -27.03
C LEU V 179 -14.70 -34.85 -27.40
N ARG V 180 -15.25 -35.61 -26.45
CA ARG V 180 -16.39 -36.47 -26.75
C ARG V 180 -17.61 -35.64 -27.15
N GLY V 181 -17.72 -34.41 -26.68
CA GLY V 181 -18.90 -33.61 -26.96
C GLY V 181 -20.07 -34.05 -26.10
N HIS V 182 -21.28 -33.88 -26.66
CA HIS V 182 -22.48 -34.27 -25.94
C HIS V 182 -22.48 -35.77 -25.69
N LEU V 183 -22.72 -36.18 -24.45
CA LEU V 183 -22.61 -37.57 -24.06
C LEU V 183 -23.67 -38.45 -24.71
N ASN V 184 -24.70 -37.86 -25.32
CA ASN V 184 -25.74 -38.65 -25.95
C ASN V 184 -25.18 -39.52 -27.07
N ARG V 185 -24.13 -39.06 -27.75
CA ARG V 185 -23.52 -39.84 -28.81
C ARG V 185 -22.74 -41.02 -28.23
N THR V 186 -22.76 -42.14 -28.95
CA THR V 186 -21.96 -43.29 -28.57
C THR V 186 -20.49 -43.01 -28.87
N SER V 187 -19.62 -43.33 -27.90
CA SER V 187 -18.21 -42.95 -27.89
C SER V 187 -17.48 -43.31 -29.17
N PRO V 188 -17.11 -42.33 -29.99
CA PRO V 188 -16.16 -42.57 -31.09
C PRO V 188 -14.72 -42.22 -30.73
N VAL V 189 -14.44 -41.91 -29.47
CA VAL V 189 -13.17 -41.32 -29.05
C VAL V 189 -12.22 -42.42 -28.62
N ASN V 190 -10.93 -42.19 -28.86
CA ASN V 190 -9.89 -43.09 -28.42
C ASN V 190 -8.96 -42.46 -27.39
N THR V 191 -8.93 -41.14 -27.31
CA THR V 191 -8.06 -40.41 -26.39
C THR V 191 -6.63 -40.93 -26.44
N TYR V 192 -6.10 -41.00 -27.66
CA TYR V 192 -4.72 -41.44 -27.87
C TYR V 192 -3.76 -40.49 -27.15
N ILE V 193 -3.17 -40.99 -26.08
CA ILE V 193 -2.36 -40.17 -25.19
C ILE V 193 -1.04 -39.85 -25.88
N PRO V 194 -0.60 -38.58 -25.89
CA PRO V 194 0.76 -38.27 -26.37
C PRO V 194 1.85 -38.69 -25.39
N SER V 195 1.49 -39.13 -24.20
CA SER V 195 2.48 -39.40 -23.17
C SER V 195 3.21 -40.72 -23.42
N ARG V 196 2.56 -41.70 -24.03
CA ARG V 196 3.08 -43.06 -24.03
C ARG V 196 3.92 -43.38 -25.27
N THR V 197 3.32 -43.34 -26.45
CA THR V 197 3.88 -44.01 -27.62
C THR V 197 4.77 -43.06 -28.40
N LEU V 198 5.97 -42.83 -27.86
CA LEU V 198 7.04 -42.17 -28.58
C LEU V 198 8.34 -42.96 -28.54
N GLU V 199 8.26 -44.25 -28.25
CA GLU V 199 9.46 -45.08 -28.15
C GLU V 199 9.40 -46.24 -29.12
N ALA W 2 9.57 -51.11 19.44
CA ALA W 2 8.45 -50.21 19.20
C ALA W 2 7.67 -50.63 17.95
N ALA W 3 6.56 -51.32 18.15
CA ALA W 3 5.77 -51.84 17.06
C ALA W 3 4.91 -50.74 16.45
N ARG W 4 4.12 -51.11 15.44
CA ARG W 4 3.20 -50.17 14.82
C ARG W 4 2.09 -49.79 15.80
N THR W 5 1.47 -48.65 15.53
CA THR W 5 0.43 -48.12 16.42
C THR W 5 -0.73 -49.10 16.52
N SER W 6 -1.18 -49.35 17.75
CA SER W 6 -2.29 -50.25 18.00
C SER W 6 -3.55 -49.48 18.38
N PHE W 7 -4.65 -50.20 18.50
CA PHE W 7 -5.94 -49.55 18.76
C PHE W 7 -5.95 -48.87 20.12
N LEU W 8 -5.43 -49.53 21.15
CA LEU W 8 -5.43 -48.93 22.48
C LEU W 8 -4.53 -47.69 22.52
N ASP W 9 -3.38 -47.75 21.86
CA ASP W 9 -2.51 -46.58 21.81
C ASP W 9 -3.18 -45.43 21.09
N ALA W 10 -3.87 -45.71 19.99
CA ALA W 10 -4.58 -44.66 19.27
C ALA W 10 -5.67 -44.04 20.13
N VAL W 11 -6.43 -44.87 20.84
CA VAL W 11 -7.50 -44.35 21.70
C VAL W 11 -6.91 -43.47 22.80
N ASN W 12 -5.82 -43.92 23.42
CA ASN W 12 -5.19 -43.12 24.47
C ASN W 12 -4.66 -41.81 23.89
N ARG W 13 -4.11 -41.85 22.68
CA ARG W 13 -3.62 -40.62 22.06
C ARG W 13 -4.75 -39.64 21.79
N VAL W 14 -5.89 -40.13 21.32
CA VAL W 14 -7.03 -39.23 21.08
C VAL W 14 -7.50 -38.62 22.39
N LEU W 15 -7.61 -39.44 23.44
CA LEU W 15 -8.05 -38.91 24.72
C LEU W 15 -7.05 -37.88 25.26
N GLN W 16 -5.76 -38.14 25.12
CA GLN W 16 -4.76 -37.21 25.59
C GLN W 16 -4.80 -35.90 24.80
N MET W 17 -5.03 -35.98 23.49
CA MET W 17 -5.16 -34.78 22.68
C MET W 17 -6.37 -33.97 23.12
N LEU W 18 -7.47 -34.64 23.44
CA LEU W 18 -8.60 -33.94 24.05
C LEU W 18 -8.19 -33.30 25.36
N GLY W 19 -7.35 -33.97 26.14
CA GLY W 19 -6.85 -33.39 27.37
C GLY W 19 -7.35 -34.07 28.62
N GLU W 20 -7.60 -35.37 28.54
CA GLU W 20 -8.21 -36.10 29.64
C GLU W 20 -7.37 -37.35 29.91
N ALA W 21 -7.44 -37.85 31.14
CA ALA W 21 -6.46 -38.81 31.64
C ALA W 21 -6.47 -40.09 30.80
N PRO W 22 -5.34 -40.78 30.74
CA PRO W 22 -5.27 -42.01 29.93
C PRO W 22 -6.08 -43.15 30.55
N VAL W 23 -6.47 -44.09 29.71
CA VAL W 23 -7.25 -45.25 30.12
C VAL W 23 -6.34 -46.45 30.23
N ASN W 24 -6.81 -47.48 30.93
CA ASN W 24 -6.01 -48.67 31.20
C ASN W 24 -6.16 -49.74 30.13
N SER W 25 -7.40 -50.05 29.74
CA SER W 25 -7.67 -51.03 28.70
C SER W 25 -8.80 -50.49 27.84
N LEU W 26 -9.37 -51.33 26.99
CA LEU W 26 -10.47 -50.92 26.12
C LEU W 26 -11.74 -51.73 26.31
N GLN W 27 -11.69 -52.86 26.99
CA GLN W 27 -12.85 -53.72 27.17
C GLN W 27 -13.40 -53.54 28.57
N GLY W 28 -14.70 -53.26 28.66
CA GLY W 28 -15.33 -53.04 29.96
C GLY W 28 -14.85 -51.80 30.67
N GLN W 29 -14.55 -50.74 29.93
CA GLN W 29 -14.15 -49.49 30.55
C GLN W 29 -15.39 -48.67 30.90
N PHE W 30 -15.16 -47.54 31.56
CA PHE W 30 -16.24 -46.72 32.10
C PHE W 30 -15.99 -45.24 31.80
N GLY W 31 -15.62 -44.93 30.57
CA GLY W 31 -15.30 -43.57 30.19
C GLY W 31 -15.74 -43.22 28.78
N LEU W 32 -15.04 -42.27 28.18
CA LEU W 32 -15.30 -41.82 26.82
C LEU W 32 -14.60 -42.66 25.78
N ALA W 33 -13.89 -43.72 26.19
CA ALA W 33 -13.16 -44.56 25.25
C ALA W 33 -14.06 -45.08 24.15
N LYS W 34 -15.31 -45.37 24.46
CA LYS W 34 -16.24 -45.84 23.43
C LYS W 34 -16.52 -44.74 22.40
N GLN W 35 -16.70 -43.50 22.85
CA GLN W 35 -16.89 -42.41 21.92
C GLN W 35 -15.65 -42.18 21.06
N ALA W 36 -14.46 -42.32 21.67
CA ALA W 36 -13.23 -42.21 20.91
C ALA W 36 -13.14 -43.29 19.84
N GLU W 37 -13.55 -44.51 20.20
CA GLU W 37 -13.58 -45.60 19.22
C GLU W 37 -14.53 -45.28 18.07
N VAL W 38 -15.71 -44.74 18.39
CA VAL W 38 -16.67 -44.40 17.35
C VAL W 38 -16.10 -43.33 16.42
N ALA W 39 -15.47 -42.31 16.99
CA ALA W 39 -14.88 -41.27 16.16
C ALA W 39 -13.77 -41.82 15.29
N LEU W 40 -12.96 -42.72 15.83
CA LEU W 40 -11.90 -43.34 15.05
C LEU W 40 -12.49 -44.10 13.86
N ASN W 41 -13.53 -44.89 14.10
CA ASN W 41 -14.15 -45.65 13.02
C ASN W 41 -14.74 -44.72 11.96
N ASP W 42 -15.40 -43.65 12.38
CA ASP W 42 -16.03 -42.74 11.43
C ASP W 42 -14.97 -42.06 10.56
N VAL W 43 -13.89 -41.57 11.18
CA VAL W 43 -12.85 -40.93 10.39
C VAL W 43 -12.16 -41.93 9.48
N SER W 44 -12.00 -43.17 9.93
CA SER W 44 -11.42 -44.20 9.08
C SER W 44 -12.27 -44.41 7.84
N ARG W 45 -13.59 -44.50 8.02
CA ARG W 45 -14.46 -44.66 6.85
C ARG W 45 -14.35 -43.46 5.93
N THR W 46 -14.36 -42.25 6.51
CA THR W 46 -14.31 -41.04 5.69
C THR W 46 -13.04 -41.00 4.85
N ILE W 47 -11.90 -41.37 5.43
CA ILE W 47 -10.65 -41.34 4.67
C ILE W 47 -10.62 -42.45 3.63
N GLN W 48 -11.00 -43.68 4.02
CA GLN W 48 -10.87 -44.81 3.10
C GLN W 48 -11.83 -44.72 1.92
N THR W 49 -12.94 -43.98 2.04
CA THR W 49 -13.88 -43.97 0.93
C THR W 49 -13.35 -43.25 -0.30
N GLU W 50 -12.19 -42.60 -0.22
CA GLU W 50 -11.66 -41.88 -1.37
C GLU W 50 -11.00 -42.81 -2.38
N GLY W 51 -10.23 -43.78 -1.89
CA GLY W 51 -9.55 -44.71 -2.77
C GLY W 51 -8.09 -44.39 -2.98
N TRP W 52 -7.21 -45.11 -2.29
CA TRP W 52 -5.78 -44.86 -2.33
C TRP W 52 -5.06 -46.09 -2.89
N SER W 53 -3.73 -46.07 -2.79
CA SER W 53 -2.93 -47.13 -3.36
C SER W 53 -3.11 -48.47 -2.64
N PHE W 54 -3.29 -48.44 -1.33
CA PHE W 54 -3.25 -49.67 -0.53
C PHE W 54 -4.60 -50.38 -0.41
N ASN W 55 -5.69 -49.77 -0.90
CA ASN W 55 -7.01 -50.37 -0.73
C ASN W 55 -7.77 -50.43 -2.05
N THR W 56 -7.05 -50.50 -3.17
CA THR W 56 -7.65 -50.55 -4.49
C THR W 56 -7.21 -51.83 -5.18
N ASP W 57 -8.17 -52.55 -5.76
CA ASP W 57 -7.90 -53.78 -6.49
C ASP W 57 -8.18 -53.56 -7.97
N LEU W 58 -7.18 -53.82 -8.80
CA LEU W 58 -7.31 -53.65 -10.24
C LEU W 58 -7.63 -54.98 -10.91
N GLU W 59 -8.23 -54.90 -12.10
CA GLU W 59 -8.48 -56.05 -12.96
C GLU W 59 -9.40 -57.08 -12.29
N LYS W 60 -10.02 -56.72 -11.18
CA LYS W 60 -10.85 -57.68 -10.45
C LYS W 60 -12.07 -58.07 -11.26
N LYS W 61 -12.45 -59.35 -11.16
CA LYS W 61 -13.56 -59.91 -11.90
C LYS W 61 -14.75 -60.11 -10.96
N LEU W 62 -15.92 -59.65 -11.38
CA LEU W 62 -17.13 -59.70 -10.58
C LEU W 62 -18.11 -60.70 -11.17
N GLU W 63 -18.75 -61.49 -10.30
CA GLU W 63 -19.64 -62.55 -10.71
C GLU W 63 -21.08 -62.20 -10.34
N ARG W 64 -22.01 -62.65 -11.19
CA ARG W 64 -23.43 -62.36 -11.02
C ARG W 64 -24.15 -63.52 -10.36
N ASN W 65 -25.33 -63.22 -9.81
CA ASN W 65 -26.16 -64.23 -9.17
C ASN W 65 -27.13 -64.82 -10.19
N SER W 66 -28.11 -65.59 -9.71
CA SER W 66 -29.02 -66.30 -10.61
C SER W 66 -29.97 -65.36 -11.34
N SER W 67 -30.39 -64.26 -10.72
CA SER W 67 -31.37 -63.37 -11.32
C SER W 67 -30.74 -62.33 -12.25
N ASN W 68 -29.50 -62.57 -12.69
CA ASN W 68 -28.78 -61.64 -13.56
C ASN W 68 -28.68 -60.26 -12.93
N GLU W 69 -28.03 -60.20 -11.76
CA GLU W 69 -27.75 -58.95 -11.07
C GLU W 69 -26.35 -59.02 -10.49
N ILE W 70 -25.77 -57.85 -10.23
CA ILE W 70 -24.46 -57.76 -9.61
C ILE W 70 -24.66 -57.28 -8.18
N GLU W 71 -24.15 -58.05 -7.23
CA GLU W 71 -24.26 -57.74 -5.81
C GLU W 71 -22.89 -57.38 -5.25
N LEU W 72 -22.87 -56.40 -4.35
CA LEU W 72 -21.64 -55.93 -3.75
C LEU W 72 -21.66 -56.22 -2.25
N SER W 73 -20.48 -56.43 -1.69
CA SER W 73 -20.36 -56.68 -0.26
C SER W 73 -20.74 -55.44 0.53
N SER W 74 -20.77 -55.58 1.85
CA SER W 74 -21.18 -54.48 2.71
C SER W 74 -20.12 -53.41 2.86
N ASN W 75 -18.88 -53.69 2.48
CA ASN W 75 -17.78 -52.74 2.66
C ASN W 75 -17.16 -52.30 1.33
N VAL W 76 -17.95 -52.23 0.27
CA VAL W 76 -17.46 -51.77 -1.02
C VAL W 76 -17.85 -50.30 -1.19
N SER W 77 -16.88 -49.47 -1.52
CA SER W 77 -17.08 -48.02 -1.56
C SER W 77 -17.32 -47.49 -2.98
N ARG W 78 -16.56 -47.95 -3.97
CA ARG W 78 -16.69 -47.42 -5.31
C ARG W 78 -16.20 -48.45 -6.33
N VAL W 79 -16.81 -48.41 -7.51
CA VAL W 79 -16.43 -49.27 -8.63
C VAL W 79 -16.32 -48.40 -9.88
N VAL W 80 -15.38 -48.74 -10.75
CA VAL W 80 -15.16 -48.03 -12.00
C VAL W 80 -15.03 -49.05 -13.13
N VAL W 81 -15.76 -48.83 -14.22
CA VAL W 81 -15.64 -49.64 -15.42
C VAL W 81 -14.93 -48.83 -16.48
N ASP W 82 -14.26 -49.54 -17.40
CA ASP W 82 -13.47 -48.89 -18.44
C ASP W 82 -14.37 -48.58 -19.63
N ASN W 83 -14.50 -47.28 -19.94
CA ASN W 83 -15.37 -46.87 -21.03
C ASN W 83 -14.91 -47.42 -22.37
N LEU W 84 -13.60 -47.41 -22.61
CA LEU W 84 -13.06 -47.97 -23.85
C LEU W 84 -13.35 -49.46 -23.97
N GLU W 85 -13.20 -50.21 -22.88
CA GLU W 85 -13.46 -51.65 -22.91
C GLU W 85 -14.94 -51.97 -23.09
N TYR W 86 -15.83 -51.20 -22.47
CA TYR W 86 -17.27 -51.43 -22.60
C TYR W 86 -17.94 -50.22 -23.22
N PRO W 87 -18.24 -50.25 -24.52
CA PRO W 87 -18.77 -49.04 -25.18
C PRO W 87 -20.25 -48.79 -24.97
N ASP W 88 -21.06 -49.85 -24.92
CA ASP W 88 -22.51 -49.71 -24.88
C ASP W 88 -23.09 -49.75 -23.48
N ILE W 89 -22.28 -50.02 -22.47
CA ILE W 89 -22.75 -50.17 -21.10
C ILE W 89 -21.89 -49.33 -20.18
N ASP W 90 -22.52 -48.42 -19.43
CA ASP W 90 -21.86 -47.66 -18.38
C ASP W 90 -22.65 -47.84 -17.10
N VAL W 91 -21.95 -48.11 -16.00
CA VAL W 91 -22.59 -48.46 -14.75
C VAL W 91 -22.28 -47.41 -13.70
N VAL W 92 -23.21 -47.22 -12.77
CA VAL W 92 -23.04 -46.35 -11.62
C VAL W 92 -23.54 -47.10 -10.39
N GLN W 93 -22.79 -46.99 -9.29
CA GLN W 93 -23.16 -47.73 -8.09
C GLN W 93 -24.39 -47.12 -7.43
N ARG W 94 -25.27 -47.98 -6.96
CA ARG W 94 -26.47 -47.55 -6.24
C ARG W 94 -26.73 -48.54 -5.11
N GLY W 95 -26.40 -48.14 -3.88
CA GLY W 95 -26.56 -49.02 -2.74
C GLY W 95 -25.59 -50.18 -2.79
N ASP W 96 -26.11 -51.38 -3.04
CA ASP W 96 -25.27 -52.57 -3.15
C ASP W 96 -25.39 -53.23 -4.52
N LYS W 97 -26.03 -52.58 -5.48
CA LYS W 97 -26.23 -53.12 -6.81
C LYS W 97 -25.78 -52.09 -7.85
N LEU W 98 -25.46 -52.56 -9.04
CA LEU W 98 -25.09 -51.68 -10.13
C LEU W 98 -26.30 -51.41 -11.03
N TYR W 99 -26.27 -50.26 -11.69
CA TYR W 99 -27.36 -49.83 -12.56
C TYR W 99 -26.78 -49.48 -13.92
N ASP W 100 -27.27 -50.15 -14.97
CA ASP W 100 -26.85 -49.87 -16.33
C ASP W 100 -27.64 -48.66 -16.82
N ARG W 101 -27.11 -47.46 -16.54
CA ARG W 101 -27.89 -46.25 -16.70
C ARG W 101 -28.23 -45.94 -18.16
N LYS W 102 -27.48 -46.48 -19.11
CA LYS W 102 -27.81 -46.25 -20.52
C LYS W 102 -29.02 -47.07 -20.94
N ASN W 103 -29.07 -48.33 -20.54
CA ASN W 103 -30.17 -49.22 -20.91
C ASN W 103 -31.29 -49.24 -19.89
N ASN W 104 -31.15 -48.51 -18.79
CA ASN W 104 -32.18 -48.40 -17.75
C ASN W 104 -32.59 -49.77 -17.21
N ARG W 105 -31.61 -50.64 -17.04
CA ARG W 105 -31.87 -51.99 -16.55
C ARG W 105 -30.98 -52.29 -15.35
N TYR W 106 -31.48 -53.15 -14.48
CA TYR W 106 -30.71 -53.68 -13.36
C TYR W 106 -30.00 -54.98 -13.69
N THR W 107 -30.11 -55.47 -14.93
CA THR W 107 -29.61 -56.77 -15.32
C THR W 107 -28.53 -56.63 -16.37
N PHE W 108 -27.56 -57.54 -16.32
CA PHE W 108 -26.45 -57.60 -17.27
C PHE W 108 -26.48 -58.94 -17.98
N ASP W 109 -25.58 -59.12 -18.94
CA ASP W 109 -25.51 -60.36 -19.71
C ASP W 109 -24.22 -61.15 -19.49
N GLU W 110 -23.19 -60.55 -18.91
CA GLU W 110 -21.94 -61.27 -18.68
C GLU W 110 -21.21 -60.62 -17.53
N ASP W 111 -20.24 -61.35 -16.98
CA ASP W 111 -19.45 -60.85 -15.88
C ASP W 111 -18.61 -59.66 -16.32
N LEU W 112 -18.30 -58.78 -15.37
CA LEU W 112 -17.56 -57.56 -15.64
C LEU W 112 -16.15 -57.66 -15.09
N ILE W 113 -15.28 -56.80 -15.61
CA ILE W 113 -13.91 -56.63 -15.12
C ILE W 113 -13.78 -55.18 -14.67
N VAL W 114 -13.88 -54.95 -13.37
CA VAL W 114 -13.96 -53.62 -12.81
C VAL W 114 -12.79 -53.40 -11.86
N ASP W 115 -12.63 -52.15 -11.43
CA ASP W 115 -11.66 -51.77 -10.42
C ASP W 115 -12.42 -51.48 -9.13
N MET W 116 -11.99 -52.10 -8.04
CA MET W 116 -12.75 -52.13 -6.79
C MET W 116 -11.96 -51.50 -5.67
N THR W 117 -12.64 -50.68 -4.86
CA THR W 117 -12.05 -50.05 -3.68
C THR W 117 -12.77 -50.58 -2.45
N THR W 118 -12.00 -51.05 -1.47
CA THR W 118 -12.55 -51.70 -0.29
C THR W 118 -12.22 -50.89 0.96
N ILE W 119 -13.18 -50.82 1.87
CA ILE W 119 -12.96 -50.22 3.18
C ILE W 119 -12.43 -51.30 4.10
N LEU W 120 -11.25 -51.06 4.68
CA LEU W 120 -10.55 -52.08 5.45
C LEU W 120 -10.74 -51.85 6.95
N GLU W 121 -10.52 -52.91 7.72
CA GLU W 121 -10.56 -52.84 9.17
C GLU W 121 -9.30 -52.16 9.69
N TRP W 122 -9.29 -51.88 11.00
CA TRP W 122 -8.15 -51.18 11.58
C TRP W 122 -6.89 -52.02 11.55
N ASP W 123 -7.02 -53.35 11.56
CA ASP W 123 -5.85 -54.20 11.64
C ASP W 123 -4.98 -54.07 10.39
N LEU W 124 -5.60 -54.06 9.22
CA LEU W 124 -4.88 -54.12 7.96
C LEU W 124 -4.31 -52.78 7.51
N LEU W 125 -4.61 -51.69 8.20
CA LEU W 125 -4.17 -50.38 7.79
C LEU W 125 -2.67 -50.19 7.99
N PRO W 126 -1.98 -49.57 7.02
CA PRO W 126 -0.56 -49.26 7.19
C PRO W 126 -0.34 -48.07 8.13
N GLU W 127 0.94 -47.84 8.42
CA GLU W 127 1.33 -46.96 9.51
C GLU W 127 0.93 -45.51 9.24
N HIS W 128 1.25 -44.99 8.06
CA HIS W 128 0.97 -43.58 7.77
C HIS W 128 -0.54 -43.32 7.78
N ALA W 129 -1.32 -44.25 7.22
CA ALA W 129 -2.77 -44.11 7.31
C ALA W 129 -3.24 -44.12 8.75
N ARG W 130 -2.65 -44.98 9.59
CA ARG W 130 -3.02 -45.00 11.01
C ARG W 130 -2.76 -43.64 11.65
N GLN W 131 -1.59 -43.05 11.38
CA GLN W 131 -1.25 -41.77 12.00
C GLN W 131 -2.21 -40.66 11.55
N TYR W 132 -2.46 -40.58 10.25
CA TYR W 132 -3.37 -39.56 9.75
C TYR W 132 -4.76 -39.72 10.34
N ILE W 133 -5.25 -40.96 10.40
CA ILE W 133 -6.57 -41.22 10.98
C ILE W 133 -6.61 -40.79 12.43
N THR W 134 -5.56 -41.11 13.19
CA THR W 134 -5.53 -40.76 14.60
C THR W 134 -5.63 -39.25 14.80
N ILE W 135 -4.80 -38.49 14.08
CA ILE W 135 -4.79 -37.04 14.28
C ILE W 135 -6.13 -36.44 13.88
N LYS W 136 -6.66 -36.86 12.72
CA LYS W 136 -7.92 -36.29 12.25
C LYS W 136 -9.06 -36.60 13.21
N ALA W 137 -9.13 -37.84 13.71
CA ALA W 137 -10.18 -38.21 14.64
C ALA W 137 -10.07 -37.42 15.93
N GLY W 138 -8.84 -37.24 16.43
CA GLY W 138 -8.67 -36.45 17.64
C GLY W 138 -9.19 -35.04 17.48
N ARG W 139 -8.82 -34.39 16.37
CA ARG W 139 -9.27 -33.02 16.15
C ARG W 139 -10.80 -32.94 16.08
N GLN W 140 -11.40 -33.84 15.29
CA GLN W 140 -12.86 -33.79 15.12
C GLN W 140 -13.57 -34.05 16.44
N LEU W 141 -13.10 -35.02 17.22
CA LEU W 141 -13.75 -35.31 18.49
C LEU W 141 -13.61 -34.15 19.47
N GLN W 142 -12.43 -33.52 19.53
CA GLN W 142 -12.26 -32.39 20.44
C GLN W 142 -13.20 -31.26 20.07
N GLU W 143 -13.33 -30.98 18.77
CA GLU W 143 -14.25 -29.93 18.34
C GLU W 143 -15.68 -30.28 18.70
N ALA W 144 -16.06 -31.55 18.54
CA ALA W 144 -17.43 -31.94 18.82
C ALA W 144 -17.74 -31.89 20.31
N ILE W 145 -16.74 -32.14 21.16
CA ILE W 145 -16.98 -32.21 22.60
C ILE W 145 -16.91 -30.83 23.25
N ILE W 146 -15.84 -30.08 23.03
CA ILE W 146 -15.68 -28.82 23.75
C ILE W 146 -16.23 -27.66 22.92
N GLY W 147 -15.63 -27.43 21.74
CA GLY W 147 -16.08 -26.34 20.89
C GLY W 147 -15.20 -25.12 20.94
N SER W 148 -13.89 -25.32 20.92
CA SER W 148 -12.93 -24.24 21.01
C SER W 148 -12.74 -23.56 19.65
N ALA W 149 -11.87 -22.56 19.63
CA ALA W 149 -11.37 -21.97 18.39
C ALA W 149 -9.86 -22.04 18.30
N GLU W 150 -9.14 -21.62 19.34
CA GLU W 150 -7.68 -21.69 19.33
C GLU W 150 -7.19 -23.13 19.29
N LEU W 151 -7.84 -24.01 20.05
CA LEU W 151 -7.53 -25.43 19.97
C LEU W 151 -7.75 -25.95 18.56
N THR W 152 -8.80 -25.47 17.90
CA THR W 152 -9.03 -25.87 16.52
C THR W 152 -7.91 -25.37 15.62
N LYS W 153 -7.40 -24.17 15.87
CA LYS W 153 -6.27 -23.66 15.09
C LYS W 153 -5.05 -24.56 15.26
N LEU W 154 -4.74 -24.92 16.51
CA LEU W 154 -3.58 -25.77 16.76
C LEU W 154 -3.74 -27.14 16.12
N ASN W 155 -4.92 -27.74 16.26
CA ASN W 155 -5.16 -29.04 15.65
C ASN W 155 -5.15 -28.96 14.14
N LEU W 156 -5.57 -27.82 13.57
CA LEU W 156 -5.47 -27.64 12.12
C LEU W 156 -4.02 -27.60 11.67
N THR W 157 -3.15 -26.93 12.44
CA THR W 157 -1.73 -26.92 12.10
C THR W 157 -1.15 -28.34 12.12
N GLN W 158 -1.44 -29.09 13.20
CA GLN W 158 -0.92 -30.45 13.30
C GLN W 158 -1.48 -31.33 12.18
N GLU W 159 -2.77 -31.16 11.86
CA GLU W 159 -3.39 -31.95 10.81
C GLU W 159 -2.78 -31.65 9.45
N VAL W 160 -2.47 -30.37 9.19
CA VAL W 160 -1.82 -30.01 7.92
C VAL W 160 -0.47 -30.68 7.82
N GLU W 161 0.32 -30.64 8.90
CA GLU W 161 1.62 -31.30 8.87
C GLU W 161 1.48 -32.79 8.64
N ALA W 162 0.52 -33.43 9.33
CA ALA W 162 0.33 -34.86 9.19
C ALA W 162 -0.11 -35.23 7.78
N ARG W 163 -1.00 -34.44 7.18
CA ARG W 163 -1.43 -34.70 5.81
C ARG W 163 -0.28 -34.57 4.84
N SER W 164 0.59 -33.56 5.04
CA SER W 164 1.76 -33.44 4.18
C SER W 164 2.63 -34.69 4.28
N ALA W 165 2.88 -35.15 5.51
CA ALA W 165 3.70 -36.36 5.67
C ALA W 165 3.05 -37.57 5.00
N PHE W 166 1.74 -37.73 5.19
CA PHE W 166 1.04 -38.88 4.63
C PHE W 166 1.09 -38.87 3.11
N LEU W 167 0.84 -37.71 2.50
CA LEU W 167 0.89 -37.61 1.05
C LEU W 167 2.29 -37.89 0.52
N GLU W 168 3.32 -37.37 1.21
CA GLU W 168 4.68 -37.63 0.77
C GLU W 168 4.98 -39.12 0.84
N GLU W 169 4.54 -39.78 1.91
CA GLU W 169 4.76 -41.22 2.03
C GLU W 169 4.06 -41.98 0.91
N GLU W 170 2.81 -41.61 0.60
CA GLU W 170 2.08 -42.31 -0.45
C GLU W 170 2.74 -42.14 -1.81
N THR W 171 3.16 -40.91 -2.14
CA THR W 171 3.77 -40.69 -3.44
C THR W 171 5.18 -41.24 -3.54
N THR W 172 5.87 -41.43 -2.41
CA THR W 172 7.14 -42.13 -2.45
C THR W 172 6.95 -43.64 -2.60
N LYS W 173 5.90 -44.18 -1.96
CA LYS W 173 5.66 -45.61 -2.01
C LYS W 173 5.19 -46.06 -3.40
N SER W 174 4.10 -45.46 -3.89
CA SER W 174 3.44 -46.00 -5.06
C SER W 174 4.19 -45.72 -6.37
N GLU W 175 4.99 -44.64 -6.42
CA GLU W 175 5.74 -44.27 -7.61
C GLU W 175 4.81 -44.03 -8.80
N HIS W 176 3.99 -43.00 -8.68
CA HIS W 176 3.13 -42.60 -9.78
C HIS W 176 3.96 -42.00 -10.90
N SER W 177 3.35 -41.91 -12.08
CA SER W 177 4.03 -41.37 -13.25
C SER W 177 3.02 -40.70 -14.16
N MET W 178 3.53 -39.81 -15.01
CA MET W 178 2.72 -39.11 -16.00
C MET W 178 2.88 -39.70 -17.40
N LEU W 179 4.04 -40.26 -17.70
CA LEU W 179 4.26 -40.89 -19.01
C LEU W 179 3.37 -42.10 -19.20
N ARG W 180 3.21 -42.91 -18.15
CA ARG W 180 2.57 -44.22 -18.31
C ARG W 180 1.09 -44.12 -18.68
N GLY W 181 0.45 -42.98 -18.42
CA GLY W 181 -0.97 -42.92 -18.70
C GLY W 181 -1.76 -43.73 -17.68
N HIS W 182 -2.97 -44.11 -18.07
CA HIS W 182 -3.82 -44.90 -17.19
C HIS W 182 -3.16 -46.26 -16.93
N LEU W 183 -3.11 -46.64 -15.65
CA LEU W 183 -2.31 -47.78 -15.21
C LEU W 183 -2.91 -49.13 -15.61
N ASN W 184 -4.12 -49.17 -16.13
CA ASN W 184 -4.71 -50.44 -16.53
C ASN W 184 -3.95 -51.08 -17.68
N ARG W 185 -3.10 -50.33 -18.36
CA ARG W 185 -2.21 -50.86 -19.38
C ARG W 185 -0.86 -51.24 -18.76
N THR W 186 -0.39 -52.44 -19.10
CA THR W 186 0.86 -52.94 -18.55
C THR W 186 2.03 -52.05 -18.96
N SER W 187 2.95 -51.80 -18.02
CA SER W 187 4.07 -50.87 -18.16
C SER W 187 4.99 -51.23 -19.31
N PRO W 188 5.01 -50.45 -20.39
CA PRO W 188 6.06 -50.58 -21.42
C PRO W 188 7.21 -49.59 -21.27
N VAL W 189 7.24 -48.81 -20.19
CA VAL W 189 8.11 -47.66 -20.09
C VAL W 189 9.42 -48.06 -19.42
N ASN W 190 10.53 -47.55 -19.95
CA ASN W 190 11.82 -47.73 -19.30
C ASN W 190 12.11 -46.60 -18.33
N THR W 191 11.58 -45.40 -18.58
CA THR W 191 11.97 -44.19 -17.87
C THR W 191 13.48 -44.07 -17.80
N TYR W 192 14.12 -44.42 -18.91
CA TYR W 192 15.58 -44.42 -18.99
C TYR W 192 16.13 -43.06 -18.59
N ILE W 193 17.13 -43.09 -17.72
CA ILE W 193 17.55 -41.90 -16.98
C ILE W 193 18.22 -40.94 -17.97
N PRO W 194 17.69 -39.72 -18.14
CA PRO W 194 18.35 -38.77 -19.04
C PRO W 194 19.60 -38.14 -18.46
N SER W 195 19.87 -38.34 -17.17
CA SER W 195 20.96 -37.60 -16.53
C SER W 195 22.24 -38.40 -16.47
N ARG W 196 22.18 -39.65 -15.98
CA ARG W 196 23.41 -40.34 -15.60
C ARG W 196 24.24 -40.75 -16.80
N THR W 197 23.70 -41.59 -17.67
CA THR W 197 24.51 -42.30 -18.66
C THR W 197 24.93 -41.34 -19.78
N LEU W 198 25.86 -40.46 -19.45
CA LEU W 198 26.55 -39.64 -20.43
C LEU W 198 28.06 -39.84 -20.43
N GLU W 199 28.60 -40.60 -19.49
CA GLU W 199 30.03 -40.78 -19.37
C GLU W 199 30.46 -42.11 -19.98
N ALA X 2 31.63 -37.05 28.38
CA ALA X 2 30.27 -36.57 28.10
C ALA X 2 29.59 -37.48 27.07
N ALA X 3 28.92 -38.51 27.56
CA ALA X 3 28.29 -39.48 26.68
C ALA X 3 27.07 -38.87 26.00
N ARG X 4 26.42 -39.68 25.17
CA ARG X 4 25.24 -39.24 24.45
C ARG X 4 24.04 -39.13 25.39
N THR X 5 22.99 -38.49 24.89
CA THR X 5 21.78 -38.27 25.69
C THR X 5 21.12 -39.61 26.01
N SER X 6 20.66 -39.74 27.25
CA SER X 6 19.97 -40.93 27.69
C SER X 6 18.48 -40.68 27.82
N PHE X 7 17.73 -41.77 28.02
CA PHE X 7 16.28 -41.66 28.10
C PHE X 7 15.84 -40.82 29.30
N LEU X 8 16.52 -40.99 30.43
CA LEU X 8 16.19 -40.20 31.61
C LEU X 8 16.46 -38.73 31.39
N ASP X 9 17.58 -38.40 30.73
CA ASP X 9 17.87 -37.00 30.43
C ASP X 9 16.83 -36.42 29.48
N ALA X 10 16.39 -37.22 28.51
CA ALA X 10 15.34 -36.74 27.60
C ALA X 10 14.04 -36.48 28.36
N VAL X 11 13.67 -37.37 29.28
CA VAL X 11 12.46 -37.17 30.06
C VAL X 11 12.58 -35.92 30.92
N ASN X 12 13.73 -35.72 31.54
CA ASN X 12 13.94 -34.52 32.35
C ASN X 12 13.83 -33.26 31.50
N ARG X 13 14.39 -33.28 30.29
CA ARG X 13 14.30 -32.12 29.41
C ARG X 13 12.85 -31.86 29.00
N VAL X 14 12.09 -32.91 28.70
CA VAL X 14 10.69 -32.73 28.33
C VAL X 14 9.92 -32.10 29.48
N LEU X 15 10.12 -32.61 30.70
CA LEU X 15 9.43 -32.04 31.86
C LEU X 15 9.84 -30.60 32.09
N GLN X 16 11.13 -30.30 31.95
CA GLN X 16 11.59 -28.93 32.14
C GLN X 16 10.97 -27.98 31.13
N MET X 17 10.88 -28.42 29.87
CA MET X 17 10.24 -27.58 28.86
C MET X 17 8.75 -27.44 29.12
N LEU X 18 8.12 -28.46 29.67
CA LEU X 18 6.74 -28.32 30.12
C LEU X 18 6.62 -27.30 31.24
N GLY X 19 7.67 -27.17 32.06
CA GLY X 19 7.69 -26.18 33.12
C GLY X 19 7.64 -26.74 34.53
N GLU X 20 7.74 -28.04 34.70
CA GLU X 20 7.67 -28.68 36.02
C GLU X 20 9.07 -28.88 36.57
N ALA X 21 9.17 -29.62 37.67
CA ALA X 21 10.45 -29.92 38.28
C ALA X 21 10.99 -31.25 37.76
N PRO X 22 12.31 -31.40 37.70
CA PRO X 22 12.89 -32.65 37.21
C PRO X 22 12.56 -33.83 38.13
N VAL X 23 12.53 -35.01 37.53
CA VAL X 23 12.16 -36.24 38.20
C VAL X 23 13.37 -37.16 38.28
N ASN X 24 13.55 -37.80 39.44
CA ASN X 24 14.77 -38.54 39.72
C ASN X 24 15.00 -39.69 38.74
N SER X 25 13.98 -40.50 38.51
CA SER X 25 14.17 -41.73 37.75
C SER X 25 12.96 -41.97 36.85
N LEU X 26 12.87 -43.18 36.32
CA LEU X 26 11.76 -43.58 35.45
C LEU X 26 10.95 -44.74 36.00
N GLN X 27 11.57 -45.68 36.71
CA GLN X 27 10.89 -46.87 37.20
C GLN X 27 10.20 -46.57 38.52
N GLY X 28 8.92 -46.91 38.60
CA GLY X 28 8.16 -46.70 39.81
C GLY X 28 8.06 -45.23 40.19
N GLN X 29 7.99 -44.35 39.20
CA GLN X 29 7.87 -42.94 39.48
C GLN X 29 6.50 -42.61 40.03
N PHE X 30 6.46 -41.51 40.78
CA PHE X 30 5.23 -41.03 41.36
C PHE X 30 4.95 -39.65 40.79
N GLY X 31 5.08 -39.52 39.48
CA GLY X 31 4.88 -38.25 38.79
C GLY X 31 4.41 -38.42 37.35
N LEU X 32 4.82 -37.50 36.50
CA LEU X 32 4.41 -37.45 35.10
C LEU X 32 5.27 -38.31 34.19
N ALA X 33 6.01 -39.27 34.76
CA ALA X 33 6.94 -40.05 33.95
C ALA X 33 6.21 -40.83 32.87
N LYS X 34 5.02 -41.36 33.18
CA LYS X 34 4.27 -42.11 32.18
C LYS X 34 3.89 -41.23 31.00
N GLN X 35 3.44 -40.00 31.27
CA GLN X 35 3.06 -39.10 30.18
C GLN X 35 4.27 -38.71 29.36
N ALA X 36 5.39 -38.38 30.01
CA ALA X 36 6.58 -38.04 29.24
C ALA X 36 7.04 -39.22 28.39
N GLU X 37 7.00 -40.43 28.95
CA GLU X 37 7.46 -41.61 28.22
C GLU X 37 6.58 -41.88 27.01
N VAL X 38 5.26 -41.80 27.17
CA VAL X 38 4.38 -42.08 26.03
C VAL X 38 4.54 -41.00 24.97
N ALA X 39 4.72 -39.74 25.37
CA ALA X 39 4.94 -38.68 24.39
C ALA X 39 6.22 -38.93 23.60
N LEU X 40 7.31 -39.25 24.29
CA LEU X 40 8.58 -39.48 23.60
C LEU X 40 8.47 -40.68 22.67
N ASN X 41 7.85 -41.76 23.11
CA ASN X 41 7.71 -42.93 22.25
C ASN X 41 6.89 -42.63 21.01
N ASP X 42 5.77 -41.93 21.18
CA ASP X 42 4.91 -41.63 20.05
C ASP X 42 5.62 -40.73 19.04
N VAL X 43 6.34 -39.72 19.52
CA VAL X 43 7.05 -38.84 18.59
C VAL X 43 8.18 -39.59 17.90
N SER X 44 8.86 -40.49 18.61
CA SER X 44 9.90 -41.29 17.98
C SER X 44 9.33 -42.15 16.86
N ARG X 45 8.19 -42.79 17.11
CA ARG X 45 7.56 -43.59 16.07
C ARG X 45 7.13 -42.75 14.89
N THR X 46 6.56 -41.57 15.16
CA THR X 46 6.11 -40.70 14.06
C THR X 46 7.28 -40.24 13.21
N ILE X 47 8.41 -39.90 13.84
CA ILE X 47 9.58 -39.49 13.07
C ILE X 47 10.13 -40.66 12.27
N GLN X 48 10.17 -41.85 12.88
CA GLN X 48 10.81 -42.99 12.22
C GLN X 48 10.00 -43.52 11.05
N THR X 49 8.67 -43.38 11.09
CA THR X 49 7.88 -44.02 10.04
C THR X 49 7.98 -43.33 8.69
N GLU X 50 8.90 -42.38 8.51
CA GLU X 50 9.01 -41.70 7.22
C GLU X 50 10.13 -42.29 6.36
N GLY X 51 11.24 -42.69 6.97
CA GLY X 51 12.32 -43.32 6.23
C GLY X 51 13.49 -42.41 5.95
N TRP X 52 14.56 -42.56 6.72
CA TRP X 52 15.76 -41.75 6.54
C TRP X 52 16.95 -42.66 6.21
N SER X 53 18.15 -42.08 6.18
CA SER X 53 19.33 -42.85 5.80
C SER X 53 19.82 -43.80 6.89
N PHE X 54 19.43 -43.57 8.15
CA PHE X 54 19.96 -44.35 9.26
C PHE X 54 19.05 -45.51 9.67
N ASN X 55 17.92 -45.71 8.99
CA ASN X 55 17.02 -46.80 9.36
C ASN X 55 16.46 -47.51 8.13
N THR X 56 17.24 -47.57 7.06
CA THR X 56 16.81 -48.20 5.82
C THR X 56 17.85 -49.21 5.37
N ASP X 57 17.39 -50.40 4.98
CA ASP X 57 18.25 -51.45 4.46
C ASP X 57 18.06 -51.59 2.96
N LEU X 58 19.13 -51.94 2.27
CA LEU X 58 19.15 -52.04 0.82
C LEU X 58 19.19 -53.49 0.38
N GLU X 59 18.45 -53.78 -0.70
CA GLU X 59 18.44 -55.08 -1.38
C GLU X 59 18.43 -56.25 -0.39
N LYS X 60 17.53 -56.18 0.58
CA LYS X 60 17.36 -57.26 1.55
C LYS X 60 16.42 -58.31 0.98
N LYS X 61 16.77 -59.58 1.19
CA LYS X 61 15.99 -60.70 0.67
C LYS X 61 14.95 -61.15 1.69
N LEU X 62 13.74 -61.41 1.19
CA LEU X 62 12.64 -61.91 2.02
C LEU X 62 12.30 -63.33 1.63
N GLU X 63 11.91 -64.13 2.62
CA GLU X 63 11.64 -65.55 2.43
C GLU X 63 10.19 -65.86 2.80
N ARG X 64 9.51 -66.63 1.97
CA ARG X 64 8.13 -67.00 2.19
C ARG X 64 8.03 -68.21 3.11
N ASN X 65 6.82 -68.44 3.63
CA ASN X 65 6.55 -69.56 4.51
C ASN X 65 6.09 -70.76 3.68
N SER X 66 5.55 -71.79 4.35
CA SER X 66 5.17 -73.02 3.67
C SER X 66 3.96 -72.83 2.77
N SER X 67 3.22 -71.73 2.90
CA SER X 67 2.03 -71.48 2.11
C SER X 67 2.24 -70.39 1.07
N ASN X 68 3.48 -70.09 0.72
CA ASN X 68 3.83 -69.05 -0.25
C ASN X 68 3.23 -67.70 0.16
N GLU X 69 3.50 -67.30 1.40
CA GLU X 69 2.97 -66.07 1.97
C GLU X 69 4.08 -65.33 2.68
N ILE X 70 4.22 -64.04 2.41
CA ILE X 70 5.27 -63.22 3.00
C ILE X 70 4.73 -62.56 4.26
N GLU X 71 5.36 -62.84 5.39
CA GLU X 71 4.98 -62.25 6.67
C GLU X 71 6.10 -61.34 7.15
N LEU X 72 5.75 -60.09 7.44
CA LEU X 72 6.72 -59.12 7.92
C LEU X 72 6.90 -59.23 9.43
N SER X 73 7.93 -58.58 9.94
CA SER X 73 8.16 -58.55 11.37
C SER X 73 7.18 -57.59 12.03
N SER X 74 7.34 -57.42 13.34
CA SER X 74 6.45 -56.54 14.09
C SER X 74 6.74 -55.07 13.86
N ASN X 75 8.01 -54.71 13.61
CA ASN X 75 8.43 -53.32 13.53
C ASN X 75 8.88 -52.94 12.11
N VAL X 76 8.16 -53.39 11.09
CA VAL X 76 8.44 -53.01 9.72
C VAL X 76 7.42 -51.97 9.30
N SER X 77 7.90 -50.78 8.96
CA SER X 77 7.03 -49.64 8.66
C SER X 77 6.60 -49.57 7.20
N ARG X 78 7.52 -49.74 6.26
CA ARG X 78 7.17 -49.67 4.85
C ARG X 78 8.06 -50.61 4.05
N VAL X 79 7.53 -51.14 2.96
CA VAL X 79 8.24 -52.04 2.07
C VAL X 79 8.09 -51.54 0.65
N VAL X 80 9.21 -51.41 -0.06
CA VAL X 80 9.25 -50.88 -1.42
C VAL X 80 9.77 -51.99 -2.33
N VAL X 81 9.10 -52.16 -3.48
CA VAL X 81 9.54 -53.09 -4.51
C VAL X 81 9.73 -52.32 -5.80
N ASP X 82 10.89 -52.47 -6.42
CA ASP X 82 11.18 -51.77 -7.66
C ASP X 82 10.22 -52.24 -8.76
N ASN X 83 9.66 -51.28 -9.50
CA ASN X 83 8.69 -51.64 -10.54
C ASN X 83 9.37 -52.26 -11.75
N LEU X 84 10.51 -51.70 -12.16
CA LEU X 84 11.15 -52.15 -13.39
C LEU X 84 11.60 -53.61 -13.31
N GLU X 85 12.17 -54.01 -12.17
CA GLU X 85 12.65 -55.38 -12.02
C GLU X 85 11.53 -56.40 -12.13
N TYR X 86 10.39 -56.13 -11.48
CA TYR X 86 9.27 -57.07 -11.41
C TYR X 86 8.11 -56.45 -12.16
N PRO X 87 7.93 -56.76 -13.45
CA PRO X 87 6.92 -56.09 -14.27
C PRO X 87 5.51 -56.66 -14.15
N ASP X 88 5.35 -57.86 -13.59
CA ASP X 88 4.06 -58.53 -13.58
C ASP X 88 3.46 -58.60 -12.18
N ILE X 89 3.98 -57.83 -11.23
CA ILE X 89 3.56 -57.93 -9.84
C ILE X 89 3.61 -56.55 -9.22
N ASP X 90 2.54 -56.18 -8.52
CA ASP X 90 2.45 -54.93 -7.78
C ASP X 90 2.03 -55.27 -6.35
N VAL X 91 2.91 -54.98 -5.38
CA VAL X 91 2.67 -55.32 -3.98
C VAL X 91 2.49 -54.04 -3.18
N VAL X 92 1.63 -54.11 -2.18
CA VAL X 92 1.44 -53.04 -1.20
C VAL X 92 1.34 -53.67 0.18
N GLN X 93 1.90 -52.99 1.17
CA GLN X 93 1.85 -53.51 2.53
C GLN X 93 0.42 -53.45 3.06
N ARG X 94 0.01 -54.51 3.75
CA ARG X 94 -1.30 -54.58 4.39
C ARG X 94 -1.13 -55.29 5.72
N GLY X 95 -1.23 -54.53 6.81
CA GLY X 95 -1.03 -55.12 8.12
C GLY X 95 0.38 -55.61 8.29
N ASP X 96 0.55 -56.94 8.29
CA ASP X 96 1.88 -57.54 8.34
C ASP X 96 2.16 -58.48 7.18
N LYS X 97 1.34 -58.47 6.12
CA LYS X 97 1.54 -59.31 4.95
C LYS X 97 1.53 -58.44 3.70
N LEU X 98 2.30 -58.85 2.71
CA LEU X 98 2.27 -58.18 1.41
C LEU X 98 1.09 -58.68 0.59
N TYR X 99 0.55 -57.79 -0.24
CA TYR X 99 -0.66 -58.08 -1.02
C TYR X 99 -0.36 -57.84 -2.50
N ASP X 100 -0.50 -58.88 -3.31
CA ASP X 100 -0.30 -58.78 -4.75
C ASP X 100 -1.51 -58.04 -5.33
N ARG X 101 -1.35 -56.73 -5.49
CA ARG X 101 -2.48 -55.88 -5.88
C ARG X 101 -2.98 -56.22 -7.28
N LYS X 102 -2.07 -56.44 -8.23
CA LYS X 102 -2.47 -56.63 -9.61
C LYS X 102 -3.26 -57.92 -9.79
N ASN X 103 -2.80 -59.01 -9.20
CA ASN X 103 -3.42 -60.32 -9.39
C ASN X 103 -4.47 -60.64 -8.35
N ASN X 104 -4.67 -59.77 -7.35
CA ASN X 104 -5.66 -59.97 -6.30
C ASN X 104 -5.43 -61.29 -5.56
N ARG X 105 -4.18 -61.51 -5.15
CA ARG X 105 -3.80 -62.72 -4.45
C ARG X 105 -2.93 -62.36 -3.25
N TYR X 106 -2.94 -63.24 -2.26
CA TYR X 106 -2.03 -63.14 -1.13
C TYR X 106 -0.84 -64.08 -1.25
N THR X 107 -0.71 -64.79 -2.36
CA THR X 107 0.35 -65.76 -2.58
C THR X 107 1.34 -65.23 -3.62
N PHE X 108 2.53 -65.81 -3.60
CA PHE X 108 3.59 -65.44 -4.53
C PHE X 108 4.16 -66.68 -5.18
N ASP X 109 5.07 -66.46 -6.13
CA ASP X 109 5.72 -67.56 -6.84
C ASP X 109 7.21 -67.67 -6.55
N GLU X 110 7.83 -66.64 -6.00
CA GLU X 110 9.26 -66.65 -5.74
C GLU X 110 9.59 -65.63 -4.66
N ASP X 111 10.77 -65.77 -4.08
CA ASP X 111 11.24 -64.81 -3.10
C ASP X 111 11.56 -63.47 -3.79
N LEU X 112 11.55 -62.41 -2.99
CA LEU X 112 11.70 -61.06 -3.51
C LEU X 112 12.95 -60.40 -2.95
N ILE X 113 13.39 -59.34 -3.62
CA ILE X 113 14.49 -58.51 -3.18
C ILE X 113 13.94 -57.10 -2.98
N VAL X 114 13.79 -56.70 -1.73
CA VAL X 114 13.14 -55.43 -1.40
C VAL X 114 14.06 -54.57 -0.54
N ASP X 115 13.64 -53.34 -0.27
CA ASP X 115 14.32 -52.45 0.66
C ASP X 115 13.29 -51.92 1.65
N MET X 116 13.49 -52.22 2.93
CA MET X 116 12.49 -51.97 3.96
C MET X 116 12.99 -50.92 4.94
N THR X 117 12.05 -50.31 5.65
CA THR X 117 12.34 -49.35 6.70
C THR X 117 11.91 -49.90 8.04
N THR X 118 12.83 -49.95 9.00
CA THR X 118 12.56 -50.48 10.32
C THR X 118 12.38 -49.34 11.31
N ILE X 119 11.69 -49.63 12.41
CA ILE X 119 11.55 -48.70 13.53
C ILE X 119 12.50 -49.15 14.64
N LEU X 120 13.36 -48.25 15.07
CA LEU X 120 14.45 -48.58 15.98
C LEU X 120 14.10 -48.20 17.41
N GLU X 121 14.72 -48.90 18.36
CA GLU X 121 14.57 -48.57 19.76
C GLU X 121 15.32 -47.29 20.10
N TRP X 122 15.08 -46.77 21.30
CA TRP X 122 15.71 -45.51 21.69
C TRP X 122 17.23 -45.65 21.77
N ASP X 123 17.71 -46.78 22.26
CA ASP X 123 19.15 -46.92 22.53
C ASP X 123 19.96 -46.82 21.25
N LEU X 124 19.39 -47.22 20.12
CA LEU X 124 20.14 -47.35 18.88
C LEU X 124 20.07 -46.09 17.99
N LEU X 125 19.44 -45.02 18.45
CA LEU X 125 19.35 -43.82 17.63
C LEU X 125 20.63 -42.99 17.73
N PRO X 126 20.95 -42.24 16.68
CA PRO X 126 22.07 -41.29 16.74
C PRO X 126 21.67 -39.98 17.41
N GLU X 127 22.67 -39.14 17.62
CA GLU X 127 22.53 -37.98 18.51
C GLU X 127 21.56 -36.94 17.95
N HIS X 128 21.69 -36.61 16.66
CA HIS X 128 20.82 -35.59 16.09
C HIS X 128 19.37 -36.04 16.10
N ALA X 129 19.13 -37.32 15.79
CA ALA X 129 17.78 -37.85 15.88
C ALA X 129 17.25 -37.75 17.30
N ARG X 130 18.09 -38.06 18.30
CA ARG X 130 17.66 -37.95 19.69
C ARG X 130 17.27 -36.51 20.02
N GLN X 131 18.07 -35.54 19.60
CA GLN X 131 17.79 -34.14 19.89
C GLN X 131 16.46 -33.71 19.28
N TYR X 132 16.29 -33.99 17.98
CA TYR X 132 15.05 -33.58 17.31
C TYR X 132 13.84 -34.25 17.93
N ILE X 133 13.95 -35.55 18.26
CA ILE X 133 12.85 -36.26 18.88
C ILE X 133 12.47 -35.64 20.21
N THR X 134 13.49 -35.33 21.03
CA THR X 134 13.21 -34.74 22.35
C THR X 134 12.47 -33.42 22.21
N ILE X 135 12.96 -32.54 21.34
CA ILE X 135 12.35 -31.22 21.24
C ILE X 135 10.92 -31.33 20.70
N LYS X 136 10.70 -32.14 19.67
CA LYS X 136 9.36 -32.27 19.12
C LYS X 136 8.39 -32.86 20.15
N ALA X 137 8.84 -33.87 20.90
CA ALA X 137 7.98 -34.47 21.92
C ALA X 137 7.61 -33.47 22.99
N GLY X 138 8.57 -32.66 23.44
CA GLY X 138 8.25 -31.65 24.43
C GLY X 138 7.24 -30.65 23.92
N ARG X 139 7.42 -30.19 22.68
CA ARG X 139 6.47 -29.25 22.10
C ARG X 139 5.06 -29.86 22.07
N GLN X 140 4.95 -31.09 21.58
CA GLN X 140 3.63 -31.71 21.44
C GLN X 140 2.97 -31.89 22.80
N LEU X 141 3.73 -32.35 23.79
CA LEU X 141 3.15 -32.58 25.11
C LEU X 141 2.66 -31.28 25.72
N GLN X 142 3.48 -30.21 25.64
CA GLN X 142 3.05 -28.93 26.20
C GLN X 142 1.82 -28.40 25.50
N GLU X 143 1.80 -28.49 24.16
CA GLU X 143 0.66 -27.98 23.41
C GLU X 143 -0.62 -28.74 23.76
N ALA X 144 -0.51 -30.04 23.96
CA ALA X 144 -1.70 -30.83 24.28
C ALA X 144 -2.17 -30.64 25.72
N ILE X 145 -1.25 -30.43 26.66
CA ILE X 145 -1.61 -30.41 28.07
C ILE X 145 -1.93 -29.01 28.56
N ILE X 146 -1.02 -28.05 28.36
CA ILE X 146 -1.15 -26.75 28.98
C ILE X 146 -1.93 -25.81 28.07
N GLY X 147 -1.48 -25.66 26.83
CA GLY X 147 -2.21 -24.88 25.86
C GLY X 147 -2.14 -23.38 26.04
N SER X 148 -1.13 -22.88 26.75
CA SER X 148 -0.98 -21.44 26.92
C SER X 148 -0.47 -20.81 25.61
N ALA X 149 -0.19 -19.51 25.67
CA ALA X 149 0.23 -18.77 24.48
C ALA X 149 1.75 -18.60 24.42
N GLU X 150 2.34 -18.00 25.45
CA GLU X 150 3.76 -17.69 25.42
C GLU X 150 4.61 -18.96 25.34
N LEU X 151 4.26 -19.97 26.12
CA LEU X 151 5.00 -21.23 26.07
C LEU X 151 4.90 -21.85 24.68
N THR X 152 3.72 -21.77 24.06
CA THR X 152 3.56 -22.28 22.71
C THR X 152 4.47 -21.55 21.73
N LYS X 153 4.55 -20.22 21.85
CA LYS X 153 5.41 -19.45 20.95
C LYS X 153 6.87 -19.88 21.10
N LEU X 154 7.35 -19.97 22.34
CA LEU X 154 8.74 -20.33 22.58
C LEU X 154 9.05 -21.73 22.06
N ASN X 155 8.13 -22.68 22.31
CA ASN X 155 8.33 -24.04 21.82
C ASN X 155 8.33 -24.07 20.30
N LEU X 156 7.51 -23.25 19.65
CA LEU X 156 7.50 -23.17 18.20
C LEU X 156 8.87 -22.74 17.68
N THR X 157 9.43 -21.68 18.26
CA THR X 157 10.74 -21.21 17.80
C THR X 157 11.80 -22.29 17.99
N GLN X 158 11.82 -22.92 19.17
CA GLN X 158 12.83 -23.94 19.43
C GLN X 158 12.69 -25.12 18.48
N GLU X 159 11.45 -25.54 18.20
CA GLU X 159 11.24 -26.67 17.30
C GLU X 159 11.69 -26.34 15.89
N VAL X 160 11.45 -25.10 15.43
CA VAL X 160 11.90 -24.72 14.10
C VAL X 160 13.42 -24.81 14.01
N GLU X 161 14.11 -24.26 15.01
CA GLU X 161 15.57 -24.33 14.99
C GLU X 161 16.06 -25.77 15.00
N ALA X 162 15.44 -26.62 15.83
CA ALA X 162 15.86 -28.01 15.92
C ALA X 162 15.66 -28.74 14.61
N ARG X 163 14.54 -28.50 13.94
CA ARG X 163 14.29 -29.15 12.65
C ARG X 163 15.33 -28.74 11.62
N SER X 164 15.65 -27.44 11.57
CA SER X 164 16.69 -26.99 10.64
C SER X 164 18.00 -27.72 10.90
N ALA X 165 18.42 -27.77 12.17
CA ALA X 165 19.70 -28.41 12.49
C ALA X 165 19.70 -29.88 12.14
N PHE X 166 18.62 -30.59 12.47
CA PHE X 166 18.55 -32.03 12.21
C PHE X 166 18.59 -32.32 10.72
N LEU X 167 17.83 -31.56 9.93
CA LEU X 167 17.85 -31.78 8.48
C LEU X 167 19.23 -31.51 7.90
N GLU X 168 19.89 -30.44 8.34
CA GLU X 168 21.22 -30.15 7.82
C GLU X 168 22.19 -31.27 8.16
N GLU X 169 22.15 -31.75 9.40
CA GLU X 169 23.04 -32.83 9.79
C GLU X 169 22.78 -34.09 8.96
N GLU X 170 21.51 -34.42 8.74
CA GLU X 170 21.20 -35.61 7.95
C GLU X 170 21.74 -35.50 6.54
N THR X 171 21.52 -34.36 5.89
CA THR X 171 21.94 -34.23 4.49
C THR X 171 23.46 -34.25 4.37
N THR X 172 24.17 -33.60 5.30
CA THR X 172 25.62 -33.61 5.21
C THR X 172 26.21 -34.96 5.62
N LYS X 173 25.47 -35.75 6.40
CA LYS X 173 25.95 -37.08 6.75
C LYS X 173 25.75 -38.07 5.62
N SER X 174 24.68 -37.92 4.85
CA SER X 174 24.30 -38.96 3.89
C SER X 174 24.52 -38.58 2.43
N GLU X 175 24.98 -37.35 2.14
CA GLU X 175 25.44 -36.92 0.82
C GLU X 175 24.53 -37.41 -0.32
N HIS X 176 23.30 -36.93 -0.32
CA HIS X 176 22.39 -37.24 -1.42
C HIS X 176 22.87 -36.57 -2.71
N SER X 177 22.56 -37.19 -3.85
CA SER X 177 23.00 -36.67 -5.13
C SER X 177 21.89 -36.82 -6.17
N MET X 178 21.96 -36.00 -7.21
CA MET X 178 21.04 -36.07 -8.33
C MET X 178 21.60 -36.80 -9.54
N LEU X 179 22.91 -36.74 -9.76
CA LEU X 179 23.49 -37.41 -10.92
C LEU X 179 23.40 -38.92 -10.79
N ARG X 180 23.58 -39.44 -9.57
CA ARG X 180 23.57 -40.88 -9.37
C ARG X 180 22.22 -41.50 -9.67
N GLY X 181 21.15 -40.72 -9.66
CA GLY X 181 19.84 -41.29 -9.94
C GLY X 181 19.39 -42.21 -8.82
N HIS X 182 18.67 -43.26 -9.18
CA HIS X 182 18.18 -44.22 -8.21
C HIS X 182 19.36 -44.89 -7.50
N LEU X 183 19.34 -44.82 -6.16
CA LEU X 183 20.48 -45.30 -5.37
C LEU X 183 20.70 -46.80 -5.47
N ASN X 184 19.70 -47.56 -5.93
CA ASN X 184 19.85 -49.00 -6.01
C ASN X 184 20.96 -49.40 -6.98
N ARG X 185 21.23 -48.56 -7.97
CA ARG X 185 22.36 -48.80 -8.86
C ARG X 185 23.67 -48.53 -8.14
N THR X 186 24.63 -49.44 -8.33
CA THR X 186 25.96 -49.26 -7.75
C THR X 186 26.64 -48.06 -8.38
N SER X 187 27.27 -47.21 -7.56
CA SER X 187 27.80 -45.91 -7.94
C SER X 187 28.74 -46.00 -9.14
N PRO X 188 28.33 -45.50 -10.30
CA PRO X 188 29.26 -45.35 -11.44
C PRO X 188 29.85 -43.95 -11.56
N VAL X 189 29.56 -43.06 -10.61
CA VAL X 189 29.84 -41.64 -10.75
C VAL X 189 31.17 -41.31 -10.10
N ASN X 190 31.90 -40.38 -10.72
CA ASN X 190 33.12 -39.84 -10.14
C ASN X 190 32.91 -38.44 -9.56
N THR X 191 31.88 -37.74 -10.02
CA THR X 191 31.58 -36.38 -9.56
C THR X 191 32.80 -35.48 -9.69
N TYR X 192 33.51 -35.64 -10.80
CA TYR X 192 34.74 -34.89 -11.00
C TYR X 192 34.45 -33.39 -10.95
N ILE X 193 35.06 -32.73 -9.97
CA ILE X 193 34.69 -31.37 -9.59
C ILE X 193 35.27 -30.41 -10.62
N PRO X 194 34.46 -29.50 -11.18
CA PRO X 194 34.99 -28.52 -12.13
C PRO X 194 35.81 -27.42 -11.48
N SER X 195 35.90 -27.39 -10.15
CA SER X 195 36.49 -26.22 -9.50
C SER X 195 37.99 -26.38 -9.22
N ARG X 196 38.51 -27.60 -9.24
CA ARG X 196 39.91 -27.80 -8.87
C ARG X 196 40.85 -27.80 -10.07
N THR X 197 40.68 -28.76 -10.98
CA THR X 197 41.69 -29.07 -11.98
C THR X 197 41.57 -28.20 -13.23
N LEU X 198 41.81 -26.90 -13.08
CA LEU X 198 41.96 -26.02 -14.24
C LEU X 198 43.33 -25.34 -14.27
N GLU X 199 44.29 -25.83 -13.50
CA GLU X 199 45.61 -25.22 -13.45
C GLU X 199 46.69 -26.23 -13.85
N ALA Y 2 43.72 -10.99 32.25
CA ALA Y 2 42.40 -11.55 31.98
C ALA Y 2 42.51 -12.81 31.15
N ALA Y 3 42.37 -13.96 31.80
CA ALA Y 3 42.52 -15.24 31.14
C ALA Y 3 41.22 -15.62 30.42
N ARG Y 4 41.24 -16.79 29.79
CA ARG Y 4 40.05 -17.30 29.13
C ARG Y 4 38.97 -17.63 30.16
N THR Y 5 37.72 -17.65 29.69
CA THR Y 5 36.59 -17.87 30.57
C THR Y 5 36.67 -19.26 31.21
N SER Y 6 36.40 -19.32 32.50
CA SER Y 6 36.45 -20.56 33.26
C SER Y 6 35.04 -21.00 33.63
N PHE Y 7 34.96 -22.22 34.18
CA PHE Y 7 33.66 -22.80 34.49
C PHE Y 7 32.91 -21.99 35.54
N LEU Y 8 33.62 -21.55 36.59
CA LEU Y 8 32.98 -20.77 37.64
C LEU Y 8 32.48 -19.43 37.09
N ASP Y 9 33.29 -18.78 36.25
CA ASP Y 9 32.86 -17.52 35.66
C ASP Y 9 31.64 -17.71 34.78
N ALA Y 10 31.61 -18.78 34.00
CA ALA Y 10 30.45 -19.04 33.15
C ALA Y 10 29.20 -19.30 33.98
N VAL Y 11 29.33 -20.07 35.06
CA VAL Y 11 28.18 -20.35 35.92
C VAL Y 11 27.67 -19.05 36.55
N ASN Y 12 28.59 -18.22 37.04
CA ASN Y 12 28.18 -16.95 37.64
C ASN Y 12 27.51 -16.06 36.61
N ARG Y 13 28.02 -16.04 35.38
CA ARG Y 13 27.42 -15.22 34.33
C ARG Y 13 26.02 -15.70 34.00
N VAL Y 14 25.81 -17.03 33.93
CA VAL Y 14 24.47 -17.55 33.66
C VAL Y 14 23.51 -17.17 34.77
N LEU Y 15 23.95 -17.31 36.02
CA LEU Y 15 23.08 -16.93 37.15
C LEU Y 15 22.76 -15.45 37.12
N GLN Y 16 23.76 -14.62 36.80
CA GLN Y 16 23.55 -13.18 36.73
C GLN Y 16 22.57 -12.81 35.63
N MET Y 17 22.67 -13.48 34.47
CA MET Y 17 21.71 -13.22 33.39
C MET Y 17 20.31 -13.65 33.79
N LEU Y 18 20.19 -14.76 34.51
CA LEU Y 18 18.88 -15.18 35.01
C LEU Y 18 18.31 -14.13 35.97
N GLY Y 19 19.16 -13.57 36.83
CA GLY Y 19 18.73 -12.51 37.72
C GLY Y 19 19.02 -12.77 39.18
N GLU Y 20 19.88 -13.74 39.45
CA GLU Y 20 20.20 -14.14 40.81
C GLU Y 20 21.54 -13.56 41.25
N ALA Y 21 21.78 -13.61 42.57
CA ALA Y 21 23.03 -13.12 43.11
C ALA Y 21 24.18 -14.05 42.71
N PRO Y 22 25.39 -13.52 42.61
CA PRO Y 22 26.53 -14.38 42.25
C PRO Y 22 26.83 -15.40 43.34
N VAL Y 23 27.35 -16.55 42.90
CA VAL Y 23 27.75 -17.61 43.82
C VAL Y 23 29.23 -17.44 44.14
N ASN Y 24 29.66 -18.05 45.25
CA ASN Y 24 31.00 -17.84 45.76
C ASN Y 24 32.00 -18.85 45.20
N SER Y 25 31.68 -20.14 45.30
CA SER Y 25 32.56 -21.20 44.82
C SER Y 25 31.71 -22.20 44.05
N LEU Y 26 32.30 -23.36 43.75
CA LEU Y 26 31.63 -24.37 42.96
C LEU Y 26 31.29 -25.64 43.73
N GLN Y 27 32.20 -26.14 44.55
CA GLN Y 27 32.00 -27.40 45.25
C GLN Y 27 31.28 -27.14 46.57
N GLY Y 28 30.29 -27.97 46.88
CA GLY Y 28 29.54 -27.83 48.11
C GLY Y 28 28.70 -26.57 48.20
N GLN Y 29 28.12 -26.14 47.09
CA GLN Y 29 27.23 -24.99 47.12
C GLN Y 29 25.81 -25.43 47.48
N PHE Y 30 24.95 -24.44 47.71
CA PHE Y 30 23.58 -24.68 48.14
C PHE Y 30 22.60 -23.81 47.35
N GLY Y 31 22.74 -23.79 46.04
CA GLY Y 31 21.90 -22.97 45.20
C GLY Y 31 21.54 -23.63 43.88
N LEU Y 32 21.26 -22.81 42.88
CA LEU Y 32 20.92 -23.24 41.54
C LEU Y 32 22.14 -23.54 40.67
N ALA Y 33 23.34 -23.36 41.21
CA ALA Y 33 24.55 -23.55 40.42
C ALA Y 33 24.61 -24.92 39.79
N LYS Y 34 24.03 -25.94 40.44
CA LYS Y 34 24.04 -27.27 39.88
C LYS Y 34 23.13 -27.37 38.65
N GLN Y 35 21.95 -26.75 38.71
CA GLN Y 35 21.09 -26.69 37.54
C GLN Y 35 21.76 -25.90 36.41
N ALA Y 36 22.47 -24.83 36.76
CA ALA Y 36 23.20 -24.08 35.75
C ALA Y 36 24.28 -24.94 35.10
N GLU Y 37 24.98 -25.75 35.89
CA GLU Y 37 25.97 -26.66 35.35
C GLU Y 37 25.33 -27.66 34.39
N VAL Y 38 24.18 -28.21 34.77
CA VAL Y 38 23.50 -29.17 33.90
C VAL Y 38 23.10 -28.52 32.59
N ALA Y 39 22.55 -27.31 32.66
CA ALA Y 39 22.16 -26.61 31.43
C ALA Y 39 23.37 -26.32 30.56
N LEU Y 40 24.48 -25.90 31.17
CA LEU Y 40 25.69 -25.63 30.40
C LEU Y 40 26.18 -26.89 29.69
N ASN Y 41 26.20 -28.02 30.39
CA ASN Y 41 26.65 -29.26 29.77
C ASN Y 41 25.73 -29.67 28.62
N ASP Y 42 24.42 -29.56 28.83
CA ASP Y 42 23.49 -29.98 27.78
C ASP Y 42 23.63 -29.09 26.54
N VAL Y 43 23.75 -27.78 26.73
CA VAL Y 43 23.91 -26.88 25.60
C VAL Y 43 25.23 -27.14 24.90
N SER Y 44 26.29 -27.44 25.67
CA SER Y 44 27.58 -27.76 25.07
C SER Y 44 27.47 -28.98 24.17
N ARG Y 45 26.77 -30.02 24.65
CA ARG Y 45 26.58 -31.20 23.82
C ARG Y 45 25.81 -30.87 22.55
N THR Y 46 24.73 -30.08 22.70
CA THR Y 46 23.91 -29.73 21.55
C THR Y 46 24.71 -28.96 20.50
N ILE Y 47 25.57 -28.05 20.95
CA ILE Y 47 26.37 -27.27 19.99
C ILE Y 47 27.43 -28.15 19.35
N GLN Y 48 28.13 -28.96 20.14
CA GLN Y 48 29.24 -29.75 19.60
C GLN Y 48 28.79 -30.87 18.68
N THR Y 49 27.54 -31.34 18.79
CA THR Y 49 27.16 -32.48 17.97
C THR Y 49 27.15 -32.18 16.48
N GLU Y 50 27.21 -30.91 16.08
CA GLU Y 50 27.17 -30.59 14.65
C GLU Y 50 28.46 -30.96 13.95
N GLY Y 51 29.60 -30.62 14.56
CA GLY Y 51 30.88 -30.90 13.94
C GLY Y 51 31.52 -29.67 13.31
N TRP Y 52 32.48 -29.07 14.00
CA TRP Y 52 33.14 -27.85 13.57
C TRP Y 52 34.62 -28.11 13.36
N SER Y 53 35.37 -27.04 13.12
CA SER Y 53 36.79 -27.17 12.83
C SER Y 53 37.58 -27.70 14.01
N PHE Y 54 37.26 -27.25 15.23
CA PHE Y 54 38.11 -27.54 16.38
C PHE Y 54 37.89 -28.93 16.98
N ASN Y 55 36.87 -29.66 16.53
CA ASN Y 55 36.53 -30.95 17.14
C ASN Y 55 36.31 -32.03 16.09
N THR Y 56 37.03 -31.96 14.98
CA THR Y 56 36.91 -32.94 13.91
C THR Y 56 38.27 -33.54 13.62
N ASP Y 57 38.32 -34.86 13.50
CA ASP Y 57 39.54 -35.58 13.15
C ASP Y 57 39.41 -36.12 11.73
N LEU Y 58 40.39 -35.79 10.89
CA LEU Y 58 40.40 -36.22 9.50
C LEU Y 58 41.36 -37.40 9.34
N GLU Y 59 41.06 -38.25 8.34
CA GLU Y 59 41.92 -39.35 7.91
C GLU Y 59 42.09 -40.40 9.00
N LYS Y 60 41.40 -40.26 10.13
CA LYS Y 60 41.59 -41.15 11.26
C LYS Y 60 41.27 -42.59 10.90
N LYS Y 61 42.08 -43.51 11.44
CA LYS Y 61 41.91 -44.94 11.20
C LYS Y 61 41.21 -45.59 12.40
N LEU Y 62 40.29 -46.50 12.12
CA LEU Y 62 39.53 -47.18 13.15
C LEU Y 62 39.86 -48.67 13.12
N GLU Y 63 39.86 -49.30 14.29
CA GLU Y 63 40.27 -50.68 14.46
C GLU Y 63 39.12 -51.52 14.98
N ARG Y 64 39.03 -52.76 14.50
CA ARG Y 64 38.00 -53.69 14.91
C ARG Y 64 38.45 -54.52 16.11
N ASN Y 65 37.48 -55.17 16.76
CA ASN Y 65 37.77 -56.02 17.90
C ASN Y 65 37.97 -57.45 17.43
N SER Y 66 38.02 -58.40 18.39
CA SER Y 66 38.24 -59.80 18.05
C SER Y 66 37.03 -60.46 17.41
N SER Y 67 35.86 -59.81 17.44
CA SER Y 67 34.63 -60.37 16.89
C SER Y 67 34.27 -59.78 15.54
N ASN Y 68 35.22 -59.13 14.87
CA ASN Y 68 34.99 -58.47 13.58
C ASN Y 68 33.86 -57.45 13.67
N GLU Y 69 33.89 -56.63 14.71
CA GLU Y 69 32.94 -55.55 14.90
C GLU Y 69 33.68 -54.24 15.11
N ILE Y 70 33.02 -53.14 14.78
CA ILE Y 70 33.58 -51.81 14.99
C ILE Y 70 32.91 -51.20 16.21
N GLU Y 71 33.71 -50.87 17.22
CA GLU Y 71 33.21 -50.31 18.47
C GLU Y 71 33.67 -48.86 18.60
N LEU Y 72 32.73 -47.98 18.93
CA LEU Y 72 33.02 -46.57 19.11
C LEU Y 72 33.18 -46.24 20.59
N SER Y 73 33.73 -45.06 20.86
CA SER Y 73 33.91 -44.63 22.23
C SER Y 73 32.60 -44.09 22.79
N SER Y 74 32.64 -43.64 24.05
CA SER Y 74 31.44 -43.14 24.70
C SER Y 74 31.06 -41.75 24.20
N ASN Y 75 32.02 -41.01 23.63
CA ASN Y 75 31.80 -39.63 23.23
C ASN Y 75 32.06 -39.39 21.74
N VAL Y 76 31.64 -40.32 20.89
CA VAL Y 76 31.75 -40.12 19.44
C VAL Y 76 30.38 -39.77 18.89
N SER Y 77 30.29 -38.63 18.21
CA SER Y 77 29.02 -38.09 17.75
C SER Y 77 28.66 -38.53 16.34
N ARG Y 78 29.57 -38.39 15.39
CA ARG Y 78 29.26 -38.73 14.01
C ARG Y 78 30.51 -39.26 13.30
N VAL Y 79 30.30 -40.14 12.33
CA VAL Y 79 31.36 -40.67 11.49
C VAL Y 79 30.92 -40.60 10.04
N VAL Y 80 31.86 -40.29 9.15
CA VAL Y 80 31.61 -40.19 7.72
C VAL Y 80 32.67 -41.01 6.99
N VAL Y 81 32.24 -41.88 6.08
CA VAL Y 81 33.15 -42.62 5.22
C VAL Y 81 33.07 -42.06 3.82
N ASP Y 82 34.11 -42.30 3.03
CA ASP Y 82 34.18 -41.77 1.67
C ASP Y 82 33.56 -42.78 0.71
N ASN Y 83 32.47 -42.36 0.04
CA ASN Y 83 31.80 -43.24 -0.90
C ASN Y 83 32.71 -43.60 -2.07
N LEU Y 84 33.47 -42.62 -2.57
CA LEU Y 84 34.39 -42.87 -3.67
C LEU Y 84 35.54 -43.78 -3.28
N GLU Y 85 35.84 -43.89 -1.99
CA GLU Y 85 36.89 -44.79 -1.52
C GLU Y 85 36.38 -46.17 -1.15
N TYR Y 86 35.11 -46.29 -0.76
CA TYR Y 86 34.51 -47.57 -0.42
C TYR Y 86 33.23 -47.73 -1.25
N PRO Y 87 33.33 -48.35 -2.42
CA PRO Y 87 32.17 -48.37 -3.33
C PRO Y 87 31.12 -49.40 -2.97
N ASP Y 88 31.52 -50.53 -2.40
CA ASP Y 88 30.60 -51.62 -2.11
C ASP Y 88 30.15 -51.66 -0.66
N ILE Y 89 30.56 -50.70 0.15
CA ILE Y 89 30.16 -50.62 1.55
C ILE Y 89 29.80 -49.18 1.89
N ASP Y 90 28.61 -48.97 2.44
CA ASP Y 90 28.22 -47.68 2.99
C ASP Y 90 27.68 -47.92 4.39
N VAL Y 91 28.18 -47.18 5.36
CA VAL Y 91 27.89 -47.43 6.76
C VAL Y 91 27.11 -46.26 7.35
N VAL Y 92 26.31 -46.56 8.38
CA VAL Y 92 25.59 -45.55 9.14
C VAL Y 92 25.75 -45.89 10.62
N GLN Y 93 25.93 -44.86 11.44
CA GLN Y 93 26.12 -45.07 12.88
C GLN Y 93 24.82 -45.52 13.53
N ARG Y 94 24.94 -46.44 14.48
CA ARG Y 94 23.80 -46.92 15.27
C ARG Y 94 24.29 -47.21 16.67
N GLY Y 95 23.92 -46.35 17.62
CA GLY Y 95 24.40 -46.52 18.98
C GLY Y 95 25.90 -46.33 19.08
N ASP Y 96 26.63 -47.42 19.29
CA ASP Y 96 28.08 -47.37 19.37
C ASP Y 96 28.76 -48.34 18.41
N LYS Y 97 28.00 -49.00 17.54
CA LYS Y 97 28.55 -49.95 16.57
C LYS Y 97 28.07 -49.57 15.18
N LEU Y 98 28.98 -49.58 14.21
CA LEU Y 98 28.62 -49.28 12.84
C LEU Y 98 27.84 -50.44 12.24
N TYR Y 99 26.92 -50.11 11.33
CA TYR Y 99 26.07 -51.09 10.66
C TYR Y 99 26.22 -50.94 9.16
N ASP Y 100 26.60 -52.02 8.49
CA ASP Y 100 26.78 -52.03 7.04
C ASP Y 100 25.41 -52.22 6.41
N ARG Y 101 24.73 -51.10 6.15
CA ARG Y 101 23.36 -51.15 5.65
C ARG Y 101 23.26 -51.74 4.26
N LYS Y 102 24.36 -51.74 3.49
CA LYS Y 102 24.30 -52.30 2.14
C LYS Y 102 24.25 -53.82 2.18
N ASN Y 103 25.06 -54.44 3.03
CA ASN Y 103 25.13 -55.89 3.13
C ASN Y 103 24.32 -56.44 4.31
N ASN Y 104 23.67 -55.57 5.09
CA ASN Y 104 22.84 -55.97 6.22
C ASN Y 104 23.62 -56.81 7.23
N ARG Y 105 24.87 -56.43 7.47
CA ARG Y 105 25.73 -57.14 8.41
C ARG Y 105 26.34 -56.17 9.41
N TYR Y 106 26.61 -56.67 10.60
CA TYR Y 106 27.33 -55.92 11.63
C TYR Y 106 28.83 -56.12 11.55
N THR Y 107 29.31 -56.99 10.68
CA THR Y 107 30.71 -57.35 10.62
C THR Y 107 31.35 -56.82 9.33
N PHE Y 108 32.63 -56.45 9.45
CA PHE Y 108 33.42 -55.94 8.34
C PHE Y 108 34.59 -56.89 8.10
N ASP Y 109 35.49 -56.50 7.20
CA ASP Y 109 36.63 -57.34 6.84
C ASP Y 109 37.99 -56.68 7.03
N GLU Y 110 38.05 -55.36 7.18
CA GLU Y 110 39.32 -54.68 7.37
C GLU Y 110 39.08 -53.37 8.10
N ASP Y 111 40.18 -52.79 8.58
CA ASP Y 111 40.11 -51.49 9.24
C ASP Y 111 39.66 -50.41 8.25
N LEU Y 112 38.93 -49.43 8.75
CA LEU Y 112 38.37 -48.38 7.92
C LEU Y 112 39.10 -47.06 8.16
N ILE Y 113 39.04 -46.19 7.16
CA ILE Y 113 39.53 -44.82 7.27
C ILE Y 113 38.31 -43.90 7.25
N VAL Y 114 38.03 -43.27 8.38
CA VAL Y 114 36.81 -42.50 8.56
C VAL Y 114 37.17 -41.12 9.10
N ASP Y 115 36.20 -40.20 9.01
CA ASP Y 115 36.28 -38.89 9.62
C ASP Y 115 35.39 -38.89 10.85
N MET Y 116 35.97 -38.61 12.01
CA MET Y 116 35.28 -38.76 13.28
C MET Y 116 35.18 -37.42 13.99
N THR Y 117 34.03 -37.18 14.62
CA THR Y 117 33.78 -35.98 15.41
C THR Y 117 33.59 -36.36 16.87
N THR Y 118 34.19 -35.57 17.76
CA THR Y 118 34.21 -35.89 19.18
C THR Y 118 33.57 -34.77 19.98
N ILE Y 119 32.89 -35.13 21.06
CA ILE Y 119 32.38 -34.18 22.03
C ILE Y 119 33.48 -33.90 23.05
N LEU Y 120 33.82 -32.63 23.21
CA LEU Y 120 34.93 -32.23 24.06
C LEU Y 120 34.44 -31.78 25.43
N GLU Y 121 35.38 -31.78 26.39
CA GLU Y 121 35.07 -31.28 27.72
C GLU Y 121 35.13 -29.74 27.71
N TRP Y 122 34.68 -29.16 28.82
CA TRP Y 122 34.71 -27.70 28.93
C TRP Y 122 36.13 -27.17 28.95
N ASP Y 123 37.10 -28.01 29.35
CA ASP Y 123 38.48 -27.54 29.44
C ASP Y 123 39.07 -27.30 28.06
N LEU Y 124 38.82 -28.21 27.11
CA LEU Y 124 39.47 -28.16 25.81
C LEU Y 124 38.77 -27.25 24.82
N LEU Y 125 37.66 -26.63 25.18
CA LEU Y 125 36.92 -25.77 24.26
C LEU Y 125 37.63 -24.43 24.07
N PRO Y 126 37.63 -23.91 22.84
CA PRO Y 126 38.21 -22.58 22.60
C PRO Y 126 37.25 -21.46 22.98
N GLU Y 127 37.76 -20.23 22.86
CA GLU Y 127 37.13 -19.08 23.49
C GLU Y 127 35.78 -18.75 22.89
N HIS Y 128 35.70 -18.69 21.54
CA HIS Y 128 34.45 -18.29 20.90
C HIS Y 128 33.35 -19.30 21.16
N ALA Y 129 33.68 -20.60 21.11
CA ALA Y 129 32.71 -21.62 21.44
C ALA Y 129 32.27 -21.49 22.89
N ARG Y 130 33.20 -21.17 23.80
CA ARG Y 130 32.82 -20.97 25.19
C ARG Y 130 31.80 -19.84 25.33
N GLN Y 131 32.06 -18.71 24.67
CA GLN Y 131 31.14 -17.58 24.78
C GLN Y 131 29.77 -17.91 24.22
N TYR Y 132 29.72 -18.50 23.02
CA TYR Y 132 28.44 -18.83 22.41
C TYR Y 132 27.65 -19.81 23.27
N ILE Y 133 28.34 -20.84 23.78
CA ILE Y 133 27.66 -21.82 24.62
C ILE Y 133 27.12 -21.16 25.89
N THR Y 134 27.91 -20.27 26.49
CA THR Y 134 27.46 -19.58 27.70
C THR Y 134 26.18 -18.81 27.45
N ILE Y 135 26.16 -17.99 26.39
CA ILE Y 135 24.99 -17.15 26.15
C ILE Y 135 23.76 -18.01 25.85
N LYS Y 136 23.92 -19.01 24.98
CA LYS Y 136 22.76 -19.82 24.60
C LYS Y 136 22.21 -20.59 25.80
N ALA Y 137 23.11 -21.17 26.61
CA ALA Y 137 22.65 -21.91 27.79
C ALA Y 137 21.94 -20.99 28.77
N GLY Y 138 22.47 -19.78 28.97
CA GLY Y 138 21.78 -18.85 29.85
C GLY Y 138 20.37 -18.54 29.38
N ARG Y 139 20.22 -18.27 28.08
CA ARG Y 139 18.89 -17.98 27.55
C ARG Y 139 17.94 -19.15 27.77
N GLN Y 140 18.40 -20.36 27.44
CA GLN Y 140 17.53 -21.53 27.57
C GLN Y 140 17.14 -21.77 29.02
N LEU Y 141 18.09 -21.63 29.95
CA LEU Y 141 17.77 -21.85 31.36
C LEU Y 141 16.79 -20.80 31.88
N GLN Y 142 16.98 -19.54 31.50
CA GLN Y 142 16.03 -18.51 31.93
C GLN Y 142 14.64 -18.82 31.42
N GLU Y 143 14.53 -19.23 30.16
CA GLU Y 143 13.22 -19.59 29.63
C GLU Y 143 12.61 -20.75 30.40
N ALA Y 144 13.43 -21.76 30.73
CA ALA Y 144 12.90 -22.93 31.41
C ALA Y 144 12.45 -22.61 32.82
N ILE Y 145 13.13 -21.67 33.49
CA ILE Y 145 12.84 -21.39 34.88
C ILE Y 145 11.69 -20.40 35.04
N ILE Y 146 11.77 -19.23 34.39
CA ILE Y 146 10.75 -18.21 34.61
C ILE Y 146 9.61 -18.36 33.61
N GLY Y 147 9.92 -18.20 32.33
CA GLY Y 147 8.93 -18.31 31.29
C GLY Y 147 8.40 -17.00 30.75
N SER Y 148 9.27 -16.00 30.53
CA SER Y 148 8.84 -14.70 30.04
C SER Y 148 8.71 -14.72 28.52
N ALA Y 149 8.41 -13.55 27.96
CA ALA Y 149 8.44 -13.32 26.53
C ALA Y 149 9.39 -12.21 26.12
N GLU Y 150 9.33 -11.05 26.78
CA GLU Y 150 10.23 -9.95 26.45
C GLU Y 150 11.66 -10.28 26.86
N LEU Y 151 11.83 -10.98 27.98
CA LEU Y 151 13.15 -11.47 28.34
C LEU Y 151 13.69 -12.40 27.26
N THR Y 152 12.82 -13.25 26.71
CA THR Y 152 13.22 -14.11 25.61
C THR Y 152 13.61 -13.28 24.39
N LYS Y 153 12.90 -12.17 24.14
CA LYS Y 153 13.25 -11.29 23.03
C LYS Y 153 14.66 -10.72 23.19
N LEU Y 154 14.95 -10.19 24.38
CA LEU Y 154 16.27 -9.62 24.64
C LEU Y 154 17.36 -10.68 24.51
N ASN Y 155 17.13 -11.85 25.10
CA ASN Y 155 18.09 -12.92 25.01
C ASN Y 155 18.27 -13.41 23.57
N LEU Y 156 17.21 -13.34 22.76
CA LEU Y 156 17.33 -13.69 21.35
C LEU Y 156 18.22 -12.70 20.62
N THR Y 157 18.08 -11.40 20.92
CA THR Y 157 18.97 -10.42 20.32
C THR Y 157 20.42 -10.71 20.68
N GLN Y 158 20.68 -10.97 21.97
CA GLN Y 158 22.04 -11.29 22.40
C GLN Y 158 22.55 -12.54 21.71
N GLU Y 159 21.69 -13.56 21.59
CA GLU Y 159 22.10 -14.82 20.99
C GLU Y 159 22.43 -14.64 19.51
N VAL Y 160 21.65 -13.82 18.80
CA VAL Y 160 21.93 -13.57 17.39
C VAL Y 160 23.28 -12.90 17.23
N GLU Y 161 23.55 -11.89 18.08
CA GLU Y 161 24.85 -11.22 17.99
C GLU Y 161 25.99 -12.19 18.28
N ALA Y 162 25.84 -13.02 19.32
CA ALA Y 162 26.89 -13.96 19.67
C ALA Y 162 27.11 -14.99 18.58
N ARG Y 163 26.02 -15.48 17.96
CA ARG Y 163 26.16 -16.45 16.89
C ARG Y 163 26.88 -15.84 15.69
N SER Y 164 26.56 -14.59 15.34
CA SER Y 164 27.27 -13.95 14.24
C SER Y 164 28.76 -13.84 14.55
N ALA Y 165 29.09 -13.44 15.79
CA ALA Y 165 30.50 -13.34 16.16
C ALA Y 165 31.20 -14.69 16.08
N PHE Y 166 30.56 -15.73 16.59
CA PHE Y 166 31.16 -17.06 16.58
C PHE Y 166 31.38 -17.55 15.16
N LEU Y 167 30.38 -17.37 14.29
CA LEU Y 167 30.53 -17.81 12.90
C LEU Y 167 31.65 -17.06 12.21
N GLU Y 168 31.74 -15.75 12.42
CA GLU Y 168 32.81 -14.99 11.78
C GLU Y 168 34.17 -15.46 12.29
N GLU Y 169 34.28 -15.72 13.59
CA GLU Y 169 35.54 -16.20 14.13
C GLU Y 169 35.94 -17.53 13.51
N GLU Y 170 34.99 -18.47 13.41
CA GLU Y 170 35.31 -19.78 12.84
C GLU Y 170 35.73 -19.66 11.39
N THR Y 171 35.00 -18.86 10.60
CA THR Y 171 35.31 -18.77 9.17
C THR Y 171 36.59 -17.99 8.91
N THR Y 172 36.99 -17.09 9.83
CA THR Y 172 38.28 -16.44 9.68
C THR Y 172 39.42 -17.37 10.10
N LYS Y 173 39.20 -18.16 11.14
CA LYS Y 173 40.25 -19.03 11.64
C LYS Y 173 40.55 -20.17 10.68
N SER Y 174 39.51 -20.86 10.19
CA SER Y 174 39.71 -22.11 9.48
C SER Y 174 40.08 -21.95 8.02
N GLU Y 175 39.73 -20.83 7.39
CA GLU Y 175 40.04 -20.56 5.98
C GLU Y 175 39.40 -21.64 5.10
N HIS Y 176 38.08 -21.58 5.01
CA HIS Y 176 37.37 -22.41 4.05
C HIS Y 176 37.54 -21.85 2.65
N SER Y 177 37.33 -22.72 1.65
CA SER Y 177 37.43 -22.31 0.26
C SER Y 177 36.46 -23.12 -0.58
N MET Y 178 36.12 -22.57 -1.74
CA MET Y 178 35.28 -23.25 -2.73
C MET Y 178 36.07 -23.88 -3.86
N LEU Y 179 37.26 -23.35 -4.15
CA LEU Y 179 38.10 -23.91 -5.20
C LEU Y 179 38.57 -25.32 -4.84
N ARG Y 180 38.94 -25.54 -3.59
CA ARG Y 180 39.65 -26.75 -3.20
C ARG Y 180 38.79 -28.00 -3.29
N GLY Y 181 37.47 -27.87 -3.24
CA GLY Y 181 36.64 -29.06 -3.18
C GLY Y 181 36.70 -29.70 -1.81
N HIS Y 182 36.39 -31.00 -1.77
CA HIS Y 182 36.42 -31.73 -0.51
C HIS Y 182 37.84 -31.77 0.05
N LEU Y 183 37.96 -31.52 1.35
CA LEU Y 183 39.29 -31.32 1.95
C LEU Y 183 40.05 -32.61 2.14
N ASN Y 184 39.44 -33.77 1.93
CA ASN Y 184 40.17 -35.03 2.08
C ASN Y 184 41.26 -35.19 1.05
N ARG Y 185 41.28 -34.37 0.00
CA ARG Y 185 42.37 -34.33 -0.95
C ARG Y 185 43.37 -33.25 -0.56
N THR Y 186 44.65 -33.59 -0.60
CA THR Y 186 45.71 -32.65 -0.22
C THR Y 186 45.69 -31.45 -1.17
N SER Y 187 45.96 -30.26 -0.61
CA SER Y 187 45.86 -28.98 -1.30
C SER Y 187 46.85 -28.86 -2.46
N PRO Y 188 46.38 -28.88 -3.70
CA PRO Y 188 47.22 -28.50 -4.84
C PRO Y 188 47.06 -27.04 -5.26
N VAL Y 189 46.31 -26.24 -4.51
CA VAL Y 189 45.87 -24.92 -4.95
C VAL Y 189 46.80 -23.86 -4.38
N ASN Y 190 47.28 -22.98 -5.26
CA ASN Y 190 48.10 -21.86 -4.83
C ASN Y 190 47.26 -20.65 -4.45
N THR Y 191 46.00 -20.60 -4.89
CA THR Y 191 45.09 -19.49 -4.60
C THR Y 191 45.74 -18.16 -5.00
N TYR Y 192 46.40 -18.18 -6.16
CA TYR Y 192 47.13 -17.00 -6.61
C TYR Y 192 46.19 -15.82 -6.78
N ILE Y 193 46.66 -14.66 -6.35
CA ILE Y 193 45.83 -13.48 -6.13
C ILE Y 193 45.70 -12.73 -7.45
N PRO Y 194 44.48 -12.43 -7.90
CA PRO Y 194 44.30 -11.47 -9.00
C PRO Y 194 44.38 -10.02 -8.56
N SER Y 195 44.79 -9.75 -7.32
CA SER Y 195 44.62 -8.41 -6.76
C SER Y 195 45.85 -7.55 -6.93
N ARG Y 196 47.00 -7.99 -6.43
CA ARG Y 196 48.16 -7.12 -6.33
C ARG Y 196 49.08 -7.19 -7.54
N THR Y 197 49.55 -8.39 -7.88
CA THR Y 197 50.65 -8.55 -8.84
C THR Y 197 50.13 -8.22 -10.24
N LEU Y 198 49.98 -6.92 -10.49
CA LEU Y 198 49.62 -6.40 -11.80
C LEU Y 198 50.65 -5.41 -12.32
N GLU Y 199 51.70 -5.12 -11.57
CA GLU Y 199 52.70 -4.15 -11.97
C GLU Y 199 54.02 -4.82 -12.33
N ALA Z 2 43.68 16.62 30.96
CA ALA Z 2 42.61 15.64 30.95
C ALA Z 2 43.14 14.28 30.51
N ALA Z 3 43.49 13.43 31.48
CA ALA Z 3 44.08 12.14 31.18
C ALA Z 3 43.04 11.19 30.59
N ARG Z 4 43.48 10.00 30.24
CA ARG Z 4 42.60 8.99 29.68
C ARG Z 4 41.67 8.43 30.75
N THR Z 5 40.60 7.77 30.30
CA THR Z 5 39.62 7.21 31.21
C THR Z 5 40.23 6.10 32.05
N SER Z 6 39.93 6.09 33.34
CA SER Z 6 40.45 5.10 34.26
C SER Z 6 39.35 4.12 34.68
N PHE Z 7 39.75 3.08 35.41
CA PHE Z 7 38.82 2.03 35.79
C PHE Z 7 37.73 2.54 36.70
N LEU Z 8 38.08 3.39 37.67
CA LEU Z 8 37.07 3.91 38.59
C LEU Z 8 36.11 4.85 37.87
N ASP Z 9 36.61 5.65 36.94
CA ASP Z 9 35.72 6.50 36.15
C ASP Z 9 34.78 5.66 35.29
N ALA Z 10 35.28 4.56 34.73
CA ALA Z 10 34.42 3.67 33.97
C ALA Z 10 33.33 3.06 34.85
N VAL Z 11 33.70 2.65 36.06
CA VAL Z 11 32.72 2.08 36.99
C VAL Z 11 31.66 3.13 37.34
N ASN Z 12 32.09 4.35 37.60
CA ASN Z 12 31.14 5.42 37.93
C ASN Z 12 30.21 5.68 36.77
N ARG Z 13 30.73 5.70 35.54
CA ARG Z 13 29.88 5.91 34.37
C ARG Z 13 28.88 4.77 34.21
N VAL Z 14 29.31 3.53 34.43
CA VAL Z 14 28.40 2.40 34.30
C VAL Z 14 27.28 2.49 35.33
N LEU Z 15 27.63 2.83 36.58
CA LEU Z 15 26.60 2.98 37.61
C LEU Z 15 25.66 4.12 37.27
N GLN Z 16 26.19 5.24 36.77
CA GLN Z 16 25.35 6.37 36.40
C GLN Z 16 24.37 5.99 35.30
N MET Z 17 24.84 5.23 34.31
CA MET Z 17 23.95 4.80 33.23
C MET Z 17 22.92 3.80 33.73
N LEU Z 18 23.29 2.94 34.68
CA LEU Z 18 22.33 2.06 35.30
C LEU Z 18 21.27 2.85 36.07
N GLY Z 19 21.64 3.99 36.61
CA GLY Z 19 20.69 4.87 37.30
C GLY Z 19 20.96 5.07 38.77
N GLU Z 20 22.01 4.50 39.34
CA GLU Z 20 22.30 4.65 40.75
C GLU Z 20 23.21 5.86 40.99
N ALA Z 21 23.60 6.05 42.25
CA ALA Z 21 24.51 7.13 42.60
C ALA Z 21 25.95 6.70 42.40
N PRO Z 22 26.85 7.63 42.07
CA PRO Z 22 28.26 7.27 41.89
C PRO Z 22 28.86 6.74 43.19
N VAL Z 23 29.77 5.78 43.04
CA VAL Z 23 30.42 5.12 44.18
C VAL Z 23 31.84 5.65 44.31
N ASN Z 24 32.30 5.77 45.56
CA ASN Z 24 33.55 6.45 45.83
C ASN Z 24 34.76 5.66 45.36
N SER Z 25 34.82 4.37 45.69
CA SER Z 25 36.07 3.63 45.57
C SER Z 25 35.81 2.28 44.92
N LEU Z 26 36.85 1.46 44.87
CA LEU Z 26 36.79 0.11 44.37
C LEU Z 26 37.17 -0.93 45.42
N GLN Z 27 37.94 -0.54 46.44
CA GLN Z 27 38.48 -1.47 47.42
C GLN Z 27 37.60 -1.48 48.67
N GLY Z 28 37.04 -2.63 49.00
CA GLY Z 28 36.13 -2.73 50.12
C GLY Z 28 34.91 -1.86 49.88
N GLN Z 29 34.11 -2.23 48.89
CA GLN Z 29 32.97 -1.42 48.48
C GLN Z 29 31.67 -1.95 49.05
N PHE Z 30 30.76 -1.02 49.30
CA PHE Z 30 29.45 -1.35 49.85
C PHE Z 30 28.39 -0.87 48.87
N GLY Z 31 28.59 -1.20 47.60
CA GLY Z 31 27.60 -0.93 46.57
C GLY Z 31 27.58 -2.01 45.51
N LEU Z 32 27.32 -1.63 44.26
CA LEU Z 32 27.29 -2.55 43.14
C LEU Z 32 28.64 -2.66 42.45
N ALA Z 33 29.73 -2.37 43.16
CA ALA Z 33 31.04 -2.32 42.53
C ALA Z 33 31.45 -3.67 41.97
N LYS Z 34 31.15 -4.75 42.69
CA LYS Z 34 31.51 -6.07 42.20
C LYS Z 34 30.78 -6.40 40.91
N GLN Z 35 29.48 -6.07 40.84
CA GLN Z 35 28.72 -6.32 39.62
C GLN Z 35 29.27 -5.49 38.47
N ALA Z 36 29.56 -4.21 38.71
CA ALA Z 36 30.10 -3.37 37.64
C ALA Z 36 31.45 -3.90 37.17
N GLU Z 37 32.31 -4.30 38.10
CA GLU Z 37 33.63 -4.81 37.74
C GLU Z 37 33.53 -6.09 36.92
N VAL Z 38 32.64 -7.00 37.32
CA VAL Z 38 32.54 -8.26 36.58
C VAL Z 38 31.95 -8.02 35.19
N ALA Z 39 30.99 -7.08 35.08
CA ALA Z 39 30.44 -6.77 33.77
C ALA Z 39 31.49 -6.15 32.86
N LEU Z 40 32.28 -5.21 33.40
CA LEU Z 40 33.34 -4.59 32.60
C LEU Z 40 34.36 -5.61 32.14
N ASN Z 41 34.78 -6.50 33.04
CA ASN Z 41 35.77 -7.51 32.67
C ASN Z 41 35.23 -8.45 31.60
N ASP Z 42 33.98 -8.90 31.76
CA ASP Z 42 33.42 -9.84 30.79
C ASP Z 42 33.26 -9.19 29.42
N VAL Z 43 32.79 -7.95 29.37
CA VAL Z 43 32.62 -7.28 28.09
C VAL Z 43 33.98 -7.01 27.46
N SER Z 44 34.99 -6.68 28.27
CA SER Z 44 36.33 -6.49 27.73
C SER Z 44 36.85 -7.76 27.09
N ARG Z 45 36.66 -8.90 27.77
CA ARG Z 45 37.10 -10.17 27.20
C ARG Z 45 36.35 -10.49 25.91
N THR Z 46 35.04 -10.25 25.89
CA THR Z 46 34.25 -10.54 24.71
C THR Z 46 34.68 -9.69 23.53
N ILE Z 47 34.98 -8.42 23.77
CA ILE Z 47 35.46 -7.56 22.68
C ILE Z 47 36.82 -8.03 22.20
N GLN Z 48 37.72 -8.36 23.14
CA GLN Z 48 39.09 -8.67 22.76
C GLN Z 48 39.21 -9.98 22.01
N THR Z 49 38.38 -10.97 22.32
CA THR Z 49 38.58 -12.28 21.70
C THR Z 49 38.30 -12.28 20.20
N GLU Z 50 37.71 -11.21 19.66
CA GLU Z 50 37.43 -11.18 18.23
C GLU Z 50 38.70 -10.94 17.41
N GLY Z 51 39.59 -10.07 17.90
CA GLY Z 51 40.83 -9.81 17.21
C GLY Z 51 40.81 -8.55 16.37
N TRP Z 52 41.57 -7.54 16.76
CA TRP Z 52 41.64 -6.28 16.05
C TRP Z 52 43.08 -5.94 15.71
N SER Z 53 43.31 -4.71 15.26
CA SER Z 53 44.64 -4.30 14.84
C SER Z 53 45.52 -3.80 15.98
N PHE Z 54 45.01 -3.74 17.21
CA PHE Z 54 45.78 -3.22 18.33
C PHE Z 54 46.21 -4.31 19.31
N ASN Z 55 45.86 -5.57 19.07
CA ASN Z 55 46.25 -6.65 19.98
C ASN Z 55 46.66 -7.89 19.22
N THR Z 56 47.21 -7.73 18.02
CA THR Z 56 47.60 -8.86 17.17
C THR Z 56 49.08 -8.76 16.84
N ASP Z 57 49.81 -9.85 17.08
CA ASP Z 57 51.23 -9.92 16.78
C ASP Z 57 51.46 -10.69 15.49
N LEU Z 58 52.39 -10.20 14.67
CA LEU Z 58 52.69 -10.80 13.39
C LEU Z 58 53.98 -11.61 13.47
N GLU Z 59 54.00 -12.72 12.72
CA GLU Z 59 55.20 -13.55 12.51
C GLU Z 59 55.93 -13.90 13.81
N LYS Z 60 55.20 -13.94 14.93
CA LYS Z 60 55.80 -14.35 16.18
C LYS Z 60 56.17 -15.83 16.12
N LYS Z 61 57.24 -16.18 16.81
CA LYS Z 61 57.80 -17.54 16.76
C LYS Z 61 57.50 -18.27 18.07
N LEU Z 62 56.99 -19.48 17.96
CA LEU Z 62 56.66 -20.33 19.11
C LEU Z 62 57.72 -21.41 19.26
N GLU Z 63 57.98 -21.80 20.51
CA GLU Z 63 58.99 -22.78 20.84
C GLU Z 63 58.36 -23.96 21.58
N ARG Z 64 58.81 -25.16 21.24
CA ARG Z 64 58.27 -26.37 21.82
C ARG Z 64 59.04 -26.78 23.07
N ASN Z 65 58.40 -27.60 23.89
CA ASN Z 65 59.00 -28.09 25.13
C ASN Z 65 59.78 -29.36 24.85
N SER Z 66 60.16 -30.06 25.92
CA SER Z 66 60.98 -31.26 25.77
C SER Z 66 60.22 -32.43 25.15
N SER Z 67 58.89 -32.38 25.13
CA SER Z 67 58.07 -33.45 24.58
C SER Z 67 57.45 -33.08 23.23
N ASN Z 68 57.99 -32.05 22.57
CA ASN Z 68 57.49 -31.60 21.28
C ASN Z 68 56.01 -31.23 21.34
N GLU Z 69 55.63 -30.51 22.39
CA GLU Z 69 54.27 -30.02 22.57
C GLU Z 69 54.30 -28.50 22.66
N ILE Z 70 53.45 -27.84 21.87
CA ILE Z 70 53.37 -26.38 21.89
C ILE Z 70 52.36 -26.00 22.96
N GLU Z 71 52.84 -25.41 24.05
CA GLU Z 71 52.01 -24.95 25.14
C GLU Z 71 51.85 -23.44 25.05
N LEU Z 72 50.60 -22.99 25.03
CA LEU Z 72 50.28 -21.57 24.92
C LEU Z 72 50.18 -20.93 26.30
N SER Z 73 50.18 -19.60 26.30
CA SER Z 73 50.05 -18.85 27.54
C SER Z 73 48.62 -18.98 28.07
N SER Z 74 48.37 -18.32 29.20
CA SER Z 74 47.06 -18.40 29.83
C SER Z 74 46.04 -17.43 29.21
N ASN Z 75 46.47 -16.52 28.34
CA ASN Z 75 45.58 -15.52 27.77
C ASN Z 75 45.70 -15.42 26.26
N VAL Z 76 45.95 -16.53 25.58
CA VAL Z 76 45.99 -16.54 24.12
C VAL Z 76 44.60 -16.85 23.60
N SER Z 77 44.04 -15.92 22.83
CA SER Z 77 42.67 -16.06 22.37
C SER Z 77 42.53 -16.89 21.10
N ARG Z 78 43.39 -16.66 20.10
CA ARG Z 78 43.32 -17.39 18.85
C ARG Z 78 44.70 -17.46 18.22
N VAL Z 79 44.95 -18.55 17.49
CA VAL Z 79 46.20 -18.75 16.77
C VAL Z 79 45.88 -19.12 15.33
N VAL Z 80 46.51 -18.42 14.39
CA VAL Z 80 46.29 -18.64 12.96
C VAL Z 80 47.61 -19.05 12.34
N VAL Z 81 47.58 -20.12 11.55
CA VAL Z 81 48.75 -20.62 10.84
C VAL Z 81 48.47 -20.57 9.35
N ASP Z 82 49.38 -19.97 8.59
CA ASP Z 82 49.23 -19.90 7.15
C ASP Z 82 49.24 -21.30 6.55
N ASN Z 83 48.30 -21.56 5.64
CA ASN Z 83 48.23 -22.87 5.02
C ASN Z 83 49.39 -23.09 4.05
N LEU Z 84 49.71 -22.08 3.24
CA LEU Z 84 50.69 -22.26 2.19
C LEU Z 84 52.08 -22.55 2.77
N GLU Z 85 52.42 -21.95 3.90
CA GLU Z 85 53.74 -22.18 4.49
C GLU Z 85 53.93 -23.63 4.88
N TYR Z 86 52.91 -24.25 5.45
CA TYR Z 86 52.99 -25.63 5.95
C TYR Z 86 51.86 -26.43 5.33
N PRO Z 87 52.05 -26.99 4.13
CA PRO Z 87 50.97 -27.71 3.45
C PRO Z 87 50.63 -29.08 4.05
N ASP Z 88 51.46 -29.60 4.95
CA ASP Z 88 51.25 -30.94 5.46
C ASP Z 88 50.69 -30.99 6.88
N ILE Z 89 50.43 -29.84 7.50
CA ILE Z 89 50.00 -29.78 8.89
C ILE Z 89 48.82 -28.82 8.99
N ASP Z 90 47.74 -29.28 9.62
CA ASP Z 90 46.57 -28.44 9.93
C ASP Z 90 46.45 -28.36 11.44
N VAL Z 91 46.44 -27.14 11.98
CA VAL Z 91 46.49 -26.92 13.42
C VAL Z 91 45.29 -26.11 13.86
N VAL Z 92 44.66 -26.54 14.96
CA VAL Z 92 43.58 -25.80 15.58
C VAL Z 92 43.86 -25.68 17.07
N GLN Z 93 43.37 -24.61 17.67
CA GLN Z 93 43.59 -24.41 19.09
C GLN Z 93 42.68 -25.31 19.91
N ARG Z 94 43.24 -25.92 20.95
CA ARG Z 94 42.48 -26.76 21.87
C ARG Z 94 42.98 -26.49 23.28
N GLY Z 95 42.17 -25.80 24.08
CA GLY Z 95 42.56 -25.49 25.44
C GLY Z 95 43.79 -24.60 25.51
N ASP Z 96 44.91 -25.18 25.93
CA ASP Z 96 46.17 -24.46 26.00
C ASP Z 96 47.24 -25.02 25.07
N LYS Z 97 46.96 -26.10 24.35
CA LYS Z 97 47.90 -26.70 23.42
C LYS Z 97 47.35 -26.60 22.01
N LEU Z 98 48.21 -26.91 21.04
CA LEU Z 98 47.80 -26.97 19.65
C LEU Z 98 47.69 -28.43 19.21
N TYR Z 99 46.69 -28.68 18.37
CA TYR Z 99 46.37 -30.04 17.92
C TYR Z 99 46.58 -30.13 16.41
N ASP Z 100 47.28 -31.17 15.98
CA ASP Z 100 47.52 -31.41 14.56
C ASP Z 100 46.33 -32.18 14.02
N ARG Z 101 45.39 -31.46 13.43
CA ARG Z 101 44.12 -32.05 13.02
C ARG Z 101 44.31 -33.11 11.94
N LYS Z 102 45.17 -32.84 10.96
CA LYS Z 102 45.33 -33.76 9.84
C LYS Z 102 45.97 -35.07 10.28
N ASN Z 103 47.05 -34.99 11.07
CA ASN Z 103 47.79 -36.18 11.45
C ASN Z 103 47.32 -36.82 12.75
N ASN Z 104 46.38 -36.18 13.46
CA ASN Z 104 45.82 -36.71 14.70
C ASN Z 104 46.91 -36.95 15.75
N ARG Z 105 47.76 -35.95 15.94
CA ARG Z 105 48.84 -36.02 16.91
C ARG Z 105 48.92 -34.71 17.67
N TYR Z 106 49.48 -34.79 18.88
CA TYR Z 106 49.77 -33.60 19.68
C TYR Z 106 51.24 -33.19 19.60
N THR Z 107 52.04 -33.88 18.79
CA THR Z 107 53.48 -33.64 18.72
C THR Z 107 53.84 -33.07 17.37
N PHE Z 108 54.81 -32.15 17.36
CA PHE Z 108 55.26 -31.49 16.15
C PHE Z 108 56.71 -31.82 15.88
N ASP Z 109 57.10 -31.67 14.61
CA ASP Z 109 58.45 -32.01 14.17
C ASP Z 109 59.39 -30.80 14.16
N GLU Z 110 58.85 -29.59 14.20
CA GLU Z 110 59.68 -28.40 14.12
C GLU Z 110 58.92 -27.22 14.70
N ASP Z 111 59.64 -26.13 14.94
CA ASP Z 111 59.02 -24.91 15.44
C ASP Z 111 58.11 -24.31 14.37
N LEU Z 112 57.23 -23.41 14.82
CA LEU Z 112 56.27 -22.76 13.94
C LEU Z 112 56.40 -21.25 14.02
N ILE Z 113 55.89 -20.58 12.99
CA ILE Z 113 55.75 -19.13 12.97
C ILE Z 113 54.28 -18.82 12.75
N VAL Z 114 53.65 -18.23 13.76
CA VAL Z 114 52.20 -18.07 13.81
C VAL Z 114 51.87 -16.60 14.01
N ASP Z 115 50.57 -16.29 13.93
CA ASP Z 115 50.02 -15.00 14.31
C ASP Z 115 49.01 -15.22 15.42
N MET Z 116 49.13 -14.48 16.52
CA MET Z 116 48.32 -14.72 17.69
C MET Z 116 47.70 -13.42 18.18
N THR Z 117 46.53 -13.56 18.82
CA THR Z 117 45.84 -12.44 19.43
C THR Z 117 45.90 -12.57 20.95
N THR Z 118 46.33 -11.51 21.62
CA THR Z 118 46.50 -11.51 23.05
C THR Z 118 45.40 -10.69 23.71
N ILE Z 119 44.97 -11.13 24.89
CA ILE Z 119 43.98 -10.41 25.69
C ILE Z 119 44.72 -9.48 26.63
N LEU Z 120 44.42 -8.19 26.54
CA LEU Z 120 45.17 -7.16 27.25
C LEU Z 120 44.49 -6.80 28.56
N GLU Z 121 45.27 -6.29 29.49
CA GLU Z 121 44.73 -5.76 30.73
C GLU Z 121 44.00 -4.44 30.44
N TRP Z 122 43.27 -3.96 31.45
CA TRP Z 122 42.53 -2.71 31.27
C TRP Z 122 43.46 -1.53 31.03
N ASP Z 123 44.60 -1.51 31.72
CA ASP Z 123 45.48 -0.35 31.66
C ASP Z 123 46.02 -0.11 30.25
N LEU Z 124 46.33 -1.19 29.53
CA LEU Z 124 47.03 -1.06 28.26
C LEU Z 124 46.12 -0.73 27.08
N LEU Z 125 44.79 -0.72 27.28
CA LEU Z 125 43.89 -0.49 26.17
C LEU Z 125 43.90 0.97 25.72
N PRO Z 126 43.68 1.20 24.42
CA PRO Z 126 43.55 2.57 23.92
C PRO Z 126 42.18 3.18 24.22
N GLU Z 127 42.07 4.46 23.90
CA GLU Z 127 40.97 5.29 24.38
C GLU Z 127 39.64 4.87 23.78
N HIS Z 128 39.59 4.70 22.45
CA HIS Z 128 38.33 4.33 21.80
C HIS Z 128 37.86 2.97 22.26
N ALA Z 129 38.78 2.03 22.44
CA ALA Z 129 38.41 0.73 22.98
C ALA Z 129 37.84 0.88 24.38
N ARG Z 130 38.42 1.75 25.20
CA ARG Z 130 37.90 1.97 26.55
C ARG Z 130 36.46 2.48 26.50
N GLN Z 131 36.19 3.47 25.65
CA GLN Z 131 34.82 3.99 25.55
C GLN Z 131 33.83 2.93 25.07
N TYR Z 132 34.17 2.21 24.00
CA TYR Z 132 33.24 1.21 23.49
C TYR Z 132 32.98 0.14 24.54
N ILE Z 133 34.02 -0.31 25.24
CA ILE Z 133 33.89 -1.32 26.26
C ILE Z 133 32.97 -0.83 27.37
N THR Z 134 33.18 0.40 27.83
CA THR Z 134 32.37 0.95 28.92
C THR Z 134 30.90 0.99 28.53
N ILE Z 135 30.59 1.54 27.35
CA ILE Z 135 29.19 1.70 26.97
C ILE Z 135 28.52 0.35 26.80
N LYS Z 136 29.19 -0.60 26.13
CA LYS Z 136 28.58 -1.91 25.93
C LYS Z 136 28.36 -2.63 27.26
N ALA Z 137 29.33 -2.53 28.17
CA ALA Z 137 29.16 -3.19 29.47
C ALA Z 137 28.00 -2.60 30.24
N GLY Z 138 27.86 -1.27 30.22
CA GLY Z 138 26.74 -0.66 30.90
C GLY Z 138 25.40 -1.10 30.32
N ARG Z 139 25.30 -1.16 29.00
CA ARG Z 139 24.06 -1.62 28.38
C ARG Z 139 23.73 -3.05 28.80
N GLN Z 140 24.73 -3.94 28.76
CA GLN Z 140 24.48 -5.32 29.13
C GLN Z 140 24.04 -5.44 30.58
N LEU Z 141 24.70 -4.70 31.48
CA LEU Z 141 24.34 -4.78 32.90
C LEU Z 141 22.92 -4.29 33.13
N GLN Z 142 22.55 -3.16 32.53
CA GLN Z 142 21.20 -2.64 32.71
C GLN Z 142 20.16 -3.61 32.16
N GLU Z 143 20.42 -4.16 30.97
CA GLU Z 143 19.47 -5.09 30.37
C GLU Z 143 19.29 -6.34 31.23
N ALA Z 144 20.37 -6.82 31.82
CA ALA Z 144 20.28 -8.03 32.63
C ALA Z 144 19.65 -7.79 33.99
N ILE Z 145 19.85 -6.62 34.58
CA ILE Z 145 19.43 -6.42 35.97
C ILE Z 145 18.08 -5.73 36.05
N ILE Z 146 17.90 -4.60 35.38
CA ILE Z 146 16.66 -3.85 35.53
C ILE Z 146 15.66 -4.30 34.48
N GLY Z 147 16.06 -4.25 33.21
CA GLY Z 147 15.22 -4.76 32.14
C GLY Z 147 13.98 -3.96 31.85
N SER Z 148 13.97 -2.66 32.13
CA SER Z 148 12.82 -1.83 31.82
C SER Z 148 12.80 -1.54 30.31
N ALA Z 149 11.87 -0.68 29.91
CA ALA Z 149 11.67 -0.38 28.49
C ALA Z 149 12.44 0.86 28.03
N GLU Z 150 12.14 2.01 28.65
CA GLU Z 150 12.72 3.26 28.19
C GLU Z 150 14.23 3.27 28.38
N LEU Z 151 14.71 2.71 29.49
CA LEU Z 151 16.15 2.63 29.71
C LEU Z 151 16.80 1.76 28.65
N THR Z 152 16.15 0.64 28.29
CA THR Z 152 16.67 -0.20 27.23
C THR Z 152 16.76 0.56 25.92
N LYS Z 153 15.74 1.36 25.59
CA LYS Z 153 15.77 2.13 24.35
C LYS Z 153 16.93 3.13 24.35
N LEU Z 154 17.09 3.86 25.45
CA LEU Z 154 18.15 4.87 25.51
C LEU Z 154 19.53 4.23 25.38
N ASN Z 155 19.76 3.13 26.11
CA ASN Z 155 21.05 2.46 26.00
C ASN Z 155 21.26 1.85 24.62
N LEU Z 156 20.19 1.42 23.95
CA LEU Z 156 20.32 0.93 22.58
C LEU Z 156 20.85 2.03 21.67
N THR Z 157 20.25 3.22 21.75
CA THR Z 157 20.72 4.33 20.91
C THR Z 157 22.17 4.67 21.22
N GLN Z 158 22.52 4.75 22.51
CA GLN Z 158 23.88 5.09 22.89
C GLN Z 158 24.87 4.06 22.38
N GLU Z 159 24.52 2.78 22.49
CA GLU Z 159 25.40 1.72 22.02
C GLU Z 159 25.61 1.79 20.52
N VAL Z 160 24.54 2.09 19.77
CA VAL Z 160 24.69 2.19 18.31
C VAL Z 160 25.67 3.31 17.96
N GLU Z 161 25.50 4.47 18.58
CA GLU Z 161 26.40 5.59 18.29
C GLU Z 161 27.84 5.24 18.66
N ALA Z 162 28.04 4.61 19.82
CA ALA Z 162 29.39 4.26 20.26
C ALA Z 162 30.03 3.27 19.31
N ARG Z 163 29.28 2.28 18.85
CA ARG Z 163 29.82 1.30 17.91
C ARG Z 163 30.26 1.97 16.61
N SER Z 164 29.42 2.87 16.09
CA SER Z 164 29.81 3.57 14.86
C SER Z 164 31.11 4.34 15.06
N ALA Z 165 31.22 5.07 16.16
CA ALA Z 165 32.43 5.85 16.41
C ALA Z 165 33.66 4.96 16.54
N PHE Z 166 33.54 3.86 17.29
CA PHE Z 166 34.68 2.97 17.50
C PHE Z 166 35.14 2.35 16.19
N LEU Z 167 34.19 1.89 15.36
CA LEU Z 167 34.56 1.31 14.08
C LEU Z 167 35.26 2.32 13.19
N GLU Z 168 34.73 3.55 13.15
CA GLU Z 168 35.35 4.58 12.31
C GLU Z 168 36.78 4.85 12.77
N GLU Z 169 36.99 4.97 14.08
CA GLU Z 169 38.33 5.21 14.59
C GLU Z 169 39.27 4.06 14.23
N GLU Z 170 38.80 2.82 14.38
CA GLU Z 170 39.65 1.68 14.09
C GLU Z 170 40.07 1.66 12.63
N THR Z 171 39.13 1.87 11.71
CA THR Z 171 39.49 1.79 10.30
C THR Z 171 40.38 2.94 9.89
N THR Z 172 40.10 4.17 10.36
CA THR Z 172 40.95 5.28 9.97
C THR Z 172 42.33 5.20 10.61
N LYS Z 173 42.47 4.43 11.70
CA LYS Z 173 43.79 4.24 12.28
C LYS Z 173 44.59 3.18 11.52
N SER Z 174 43.97 2.02 11.28
CA SER Z 174 44.70 0.86 10.77
C SER Z 174 44.76 0.80 9.26
N GLU Z 175 44.08 1.71 8.55
CA GLU Z 175 44.17 1.87 7.09
C GLU Z 175 44.24 0.54 6.34
N HIS Z 176 43.18 -0.25 6.49
CA HIS Z 176 43.09 -1.51 5.78
C HIS Z 176 43.00 -1.28 4.28
N SER Z 177 43.53 -2.22 3.51
CA SER Z 177 43.59 -2.09 2.07
C SER Z 177 43.14 -3.39 1.40
N MET Z 178 42.71 -3.25 0.15
CA MET Z 178 42.28 -4.39 -0.65
C MET Z 178 43.32 -4.80 -1.69
N LEU Z 179 44.08 -3.86 -2.22
CA LEU Z 179 45.14 -4.20 -3.17
C LEU Z 179 46.28 -4.95 -2.51
N ARG Z 180 46.60 -4.62 -1.26
CA ARG Z 180 47.76 -5.23 -0.61
C ARG Z 180 47.60 -6.73 -0.45
N GLY Z 181 46.37 -7.23 -0.38
CA GLY Z 181 46.16 -8.64 -0.14
C GLY Z 181 46.43 -8.99 1.31
N HIS Z 182 46.82 -10.24 1.54
CA HIS Z 182 47.13 -10.67 2.90
C HIS Z 182 48.29 -9.86 3.46
N LEU Z 183 48.11 -9.34 4.68
CA LEU Z 183 49.09 -8.43 5.27
C LEU Z 183 50.41 -9.10 5.59
N ASN Z 184 50.48 -10.43 5.55
CA ASN Z 184 51.74 -11.10 5.87
C ASN Z 184 52.85 -10.70 4.91
N ARG Z 185 52.52 -10.47 3.65
CA ARG Z 185 53.50 -10.01 2.68
C ARG Z 185 53.93 -8.58 2.99
N THR Z 186 55.23 -8.31 2.84
CA THR Z 186 55.73 -6.95 2.99
C THR Z 186 55.21 -6.08 1.85
N SER Z 187 54.77 -4.87 2.18
CA SER Z 187 54.06 -3.97 1.28
C SER Z 187 54.84 -3.66 0.01
N PRO Z 188 54.42 -4.18 -1.15
CA PRO Z 188 54.94 -3.69 -2.43
C PRO Z 188 54.10 -2.59 -3.06
N VAL Z 189 53.12 -2.06 -2.33
CA VAL Z 189 52.11 -1.16 -2.87
C VAL Z 189 52.57 0.28 -2.71
N ASN Z 190 52.18 1.09 -3.69
CA ASN Z 190 52.39 2.53 -3.64
C ASN Z 190 51.08 3.30 -3.58
N THR Z 191 49.96 2.62 -3.79
CA THR Z 191 48.63 3.23 -3.79
C THR Z 191 48.59 4.49 -4.67
N TYR Z 192 48.83 4.29 -5.96
CA TYR Z 192 48.85 5.43 -6.88
C TYR Z 192 47.51 6.17 -6.86
N ILE Z 193 47.55 7.47 -6.57
CA ILE Z 193 46.34 8.29 -6.48
C ILE Z 193 46.06 8.91 -7.85
N PRO Z 194 44.91 8.64 -8.46
CA PRO Z 194 44.58 9.32 -9.72
C PRO Z 194 44.07 10.74 -9.53
N SER Z 195 44.05 11.23 -8.30
CA SER Z 195 43.42 12.53 -8.04
C SER Z 195 44.40 13.68 -8.12
N ARG Z 196 45.70 13.42 -8.28
CA ARG Z 196 46.70 14.46 -8.13
C ARG Z 196 47.49 14.76 -9.40
N THR Z 197 48.04 13.75 -10.05
CA THR Z 197 49.11 13.94 -11.03
C THR Z 197 48.59 13.99 -12.46
N LEU Z 198 47.41 14.58 -12.68
CA LEU Z 198 46.94 14.85 -14.02
C LEU Z 198 47.19 16.29 -14.44
N GLU Z 199 48.12 16.98 -13.81
CA GLU Z 199 48.42 18.36 -14.16
C GLU Z 199 49.89 18.52 -14.53
N ALA AA 2 29.49 40.43 23.77
CA ALA AA 2 29.20 39.02 24.00
C ALA AA 2 30.40 38.16 23.61
N ALA AA 3 31.19 37.77 24.62
CA ALA AA 3 32.39 36.98 24.39
C ALA AA 3 32.03 35.54 24.09
N ARG AA 4 33.06 34.71 23.92
CA ARG AA 4 32.85 33.29 23.70
C ARG AA 4 32.30 32.63 24.97
N THR AA 5 31.67 31.47 24.78
CA THR AA 5 31.03 30.78 25.89
C THR AA 5 32.07 30.39 26.94
N SER AA 6 31.79 30.71 28.19
CA SER AA 6 32.71 30.40 29.27
C SER AA 6 32.21 29.18 30.07
N PHE AA 7 33.07 28.71 30.97
CA PHE AA 7 32.76 27.50 31.73
C PHE AA 7 31.53 27.70 32.61
N LEU AA 8 31.44 28.84 33.29
CA LEU AA 8 30.29 29.09 34.15
C LEU AA 8 29.00 29.16 33.34
N ASP AA 9 29.04 29.83 32.18
CA ASP AA 9 27.86 29.89 31.33
C ASP AA 9 27.46 28.51 30.84
N ALA AA 10 28.44 27.68 30.51
CA ALA AA 10 28.12 26.32 30.08
C ALA AA 10 27.46 25.52 31.20
N VAL AA 11 27.97 25.63 32.42
CA VAL AA 11 27.37 24.92 33.54
C VAL AA 11 25.96 25.41 33.79
N ASN AA 12 25.76 26.73 33.74
CA ASN AA 12 24.43 27.29 33.93
C ASN AA 12 23.46 26.81 32.87
N ARG AA 13 23.91 26.77 31.61
CA ARG AA 13 23.05 26.31 30.52
C ARG AA 13 22.68 24.84 30.70
N VAL AA 14 23.64 24.01 31.10
CA VAL AA 14 23.35 22.60 31.31
C VAL AA 14 22.33 22.44 32.44
N LEU AA 15 22.53 23.15 33.55
CA LEU AA 15 21.57 23.07 34.64
C LEU AA 15 20.19 23.55 34.22
N GLN AA 16 20.13 24.64 33.44
CA GLN AA 16 18.85 25.18 33.00
C GLN AA 16 18.13 24.20 32.09
N MET AA 17 18.85 23.57 31.17
CA MET AA 17 18.19 22.64 30.26
C MET AA 17 17.80 21.36 30.99
N LEU AA 18 18.54 20.97 32.02
CA LEU AA 18 18.07 19.87 32.87
C LEU AA 18 16.79 20.25 33.59
N GLY AA 19 16.70 21.48 34.09
CA GLY AA 19 15.48 21.97 34.70
C GLY AA 19 15.67 22.67 36.03
N GLU AA 20 16.91 22.76 36.50
CA GLU AA 20 17.20 23.33 37.80
C GLU AA 20 17.42 24.84 37.70
N ALA AA 21 17.36 25.50 38.85
CA ALA AA 21 17.58 26.94 38.90
C ALA AA 21 19.05 27.27 38.64
N PRO AA 22 19.34 28.45 38.13
CA PRO AA 22 20.74 28.82 37.86
C PRO AA 22 21.54 28.98 39.13
N VAL AA 23 22.85 28.75 39.02
CA VAL AA 23 23.76 28.90 40.13
C VAL AA 23 24.53 30.21 39.95
N ASN AA 24 25.04 30.74 41.07
CA ASN AA 24 25.68 32.04 41.07
C ASN AA 24 27.15 31.98 40.65
N SER AA 25 27.91 31.02 41.16
CA SER AA 25 29.31 30.87 40.81
C SER AA 25 29.60 29.38 40.66
N LEU AA 26 30.88 29.03 40.60
CA LEU AA 26 31.29 27.64 40.47
C LEU AA 26 32.21 27.14 41.56
N GLN AA 27 32.82 28.04 42.34
CA GLN AA 27 33.73 27.64 43.40
C GLN AA 27 33.00 27.69 44.74
N GLY AA 28 33.08 26.60 45.49
CA GLY AA 28 32.43 26.52 46.78
C GLY AA 28 30.92 26.56 46.73
N GLN AA 29 30.33 25.98 45.70
CA GLN AA 29 28.88 25.92 45.59
C GLN AA 29 28.35 24.68 46.30
N PHE AA 30 27.02 24.57 46.37
CA PHE AA 30 26.36 23.53 47.13
C PHE AA 30 25.22 22.91 46.33
N GLY AA 31 25.48 22.58 45.08
CA GLY AA 31 24.47 22.01 44.21
C GLY AA 31 25.02 20.94 43.29
N LEU AA 32 24.37 20.76 42.14
CA LEU AA 32 24.77 19.80 41.12
C LEU AA 32 25.85 20.34 40.19
N ALA AA 33 26.44 21.49 40.52
CA ALA AA 33 27.41 22.10 39.64
C ALA AA 33 28.60 21.18 39.40
N LYS AA 34 29.03 20.45 40.44
CA LYS AA 34 30.17 19.56 40.27
C LYS AA 34 29.83 18.39 39.36
N GLN AA 35 28.62 17.84 39.47
CA GLN AA 35 28.21 16.78 38.56
C GLN AA 35 28.12 17.29 37.12
N ALA AA 36 27.63 18.52 36.94
CA ALA AA 36 27.61 19.11 35.61
C ALA AA 36 29.00 19.28 35.06
N GLU AA 37 29.95 19.71 35.90
CA GLU AA 37 31.33 19.83 35.48
C GLU AA 37 31.89 18.49 35.03
N VAL AA 38 31.60 17.43 35.80
CA VAL AA 38 32.09 16.11 35.44
C VAL AA 38 31.51 15.65 34.11
N ALA AA 39 30.21 15.89 33.91
CA ALA AA 39 29.58 15.49 32.65
C ALA AA 39 30.18 16.25 31.48
N LEU AA 40 30.41 17.55 31.64
CA LEU AA 40 31.03 18.34 30.57
C LEU AA 40 32.42 17.81 30.23
N ASN AA 41 33.22 17.51 31.25
CA ASN AA 41 34.57 17.01 30.99
C ASN AA 41 34.52 15.66 30.28
N ASP AA 42 33.62 14.78 30.71
CA ASP AA 42 33.52 13.46 30.09
C ASP AA 42 33.10 13.56 28.63
N VAL AA 43 32.11 14.40 28.34
CA VAL AA 43 31.66 14.54 26.95
C VAL AA 43 32.75 15.20 26.12
N SER AA 44 33.50 16.14 26.70
CA SER AA 44 34.61 16.75 25.98
C SER AA 44 35.65 15.71 25.60
N ARG AA 45 36.00 14.83 26.53
CA ARG AA 45 36.94 13.76 26.22
C ARG AA 45 36.41 12.86 25.11
N THR AA 46 35.13 12.49 25.21
CA THR AA 46 34.54 11.60 24.23
C THR AA 46 34.57 12.21 22.83
N ILE AA 47 34.28 13.50 22.72
CA ILE AA 47 34.29 14.15 21.42
C ILE AA 47 35.71 14.32 20.89
N GLN AA 48 36.64 14.76 21.75
CA GLN AA 48 37.99 15.05 21.27
C GLN AA 48 38.78 13.79 20.96
N THR AA 49 38.37 12.62 21.45
CA THR AA 49 39.17 11.45 21.12
C THR AA 49 39.03 11.00 19.67
N GLU AA 50 38.38 11.77 18.80
CA GLU AA 50 38.23 11.38 17.40
C GLU AA 50 39.36 11.93 16.53
N GLY AA 51 39.66 13.22 16.67
CA GLY AA 51 40.68 13.85 15.86
C GLY AA 51 40.10 14.73 14.78
N TRP AA 52 40.08 16.03 15.03
CA TRP AA 52 39.51 17.01 14.12
C TRP AA 52 40.60 17.98 13.67
N SER AA 53 40.18 19.03 12.98
CA SER AA 53 41.15 19.97 12.41
C SER AA 53 41.94 20.69 13.49
N PHE AA 54 41.28 21.13 14.56
CA PHE AA 54 41.91 22.02 15.53
C PHE AA 54 42.76 21.30 16.56
N ASN AA 55 42.64 19.98 16.70
CA ASN AA 55 43.35 19.24 17.74
C ASN AA 55 44.24 18.15 17.17
N THR AA 56 44.74 18.34 15.96
CA THR AA 56 45.62 17.38 15.31
C THR AA 56 46.92 18.07 14.92
N ASP AA 57 48.05 17.42 15.19
CA ASP AA 57 49.36 17.94 14.84
C ASP AA 57 49.97 17.05 13.77
N LEU AA 58 50.39 17.65 12.67
CA LEU AA 58 51.00 16.94 11.55
C LEU AA 58 52.51 17.07 11.61
N GLU AA 59 53.20 16.11 11.00
CA GLU AA 59 54.64 16.12 10.79
C GLU AA 59 55.42 16.14 12.11
N LYS AA 60 54.73 15.96 13.24
CA LYS AA 60 55.38 16.10 14.54
C LYS AA 60 56.47 15.07 14.75
N LYS AA 61 57.57 15.50 15.36
CA LYS AA 61 58.66 14.62 15.73
C LYS AA 61 58.54 14.21 17.19
N LEU AA 62 58.75 12.92 17.45
CA LEU AA 62 58.67 12.36 18.79
C LEU AA 62 60.06 11.87 19.19
N GLU AA 63 60.41 12.05 20.46
CA GLU AA 63 61.76 11.76 20.96
C GLU AA 63 61.71 10.63 21.98
N ARG AA 64 62.64 9.70 21.86
CA ARG AA 64 62.76 8.57 22.76
C ARG AA 64 63.56 8.95 24.01
N ASN AA 65 63.45 8.10 25.02
CA ASN AA 65 64.22 8.26 26.25
C ASN AA 65 65.52 7.45 26.16
N SER AA 66 66.20 7.29 27.29
CA SER AA 66 67.48 6.59 27.30
C SER AA 66 67.33 5.10 27.03
N SER AA 67 66.24 4.49 27.51
CA SER AA 67 66.05 3.05 27.41
C SER AA 67 65.48 2.61 26.06
N ASN AA 68 65.61 3.44 25.03
CA ASN AA 68 65.12 3.13 23.68
C ASN AA 68 63.63 2.81 23.70
N GLU AA 69 62.86 3.62 24.40
CA GLU AA 69 61.41 3.51 24.42
C GLU AA 69 60.82 4.87 24.04
N ILE AA 70 59.59 4.85 23.52
CA ILE AA 70 58.87 6.07 23.19
C ILE AA 70 57.84 6.32 24.28
N GLU AA 71 57.91 7.49 24.90
CA GLU AA 71 57.02 7.87 25.99
C GLU AA 71 56.00 8.89 25.48
N LEU AA 72 54.74 8.64 25.79
CA LEU AA 72 53.65 9.54 25.42
C LEU AA 72 53.23 10.35 26.64
N SER AA 73 52.69 11.53 26.39
CA SER AA 73 52.22 12.39 27.47
C SER AA 73 50.93 11.81 28.06
N SER AA 74 50.38 12.54 29.03
CA SER AA 74 49.18 12.05 29.72
C SER AA 74 47.93 12.22 28.85
N ASN AA 75 47.94 13.21 27.95
CA ASN AA 75 46.75 13.55 27.19
C ASN AA 75 46.90 13.29 25.69
N VAL AA 76 47.70 12.29 25.31
CA VAL AA 76 47.80 11.91 23.90
C VAL AA 76 46.82 10.78 23.63
N SER AA 77 46.01 10.94 22.59
CA SER AA 77 44.92 10.01 22.31
C SER AA 77 45.28 8.99 21.23
N ARG AA 78 45.69 9.45 20.05
CA ARG AA 78 45.98 8.55 18.95
C ARG AA 78 47.28 8.96 18.27
N VAL AA 79 47.98 7.97 17.73
CA VAL AA 79 49.26 8.17 17.04
C VAL AA 79 49.22 7.39 15.75
N VAL AA 80 49.52 8.06 14.63
CA VAL AA 80 49.49 7.47 13.31
C VAL AA 80 50.87 7.57 12.68
N VAL AA 81 51.36 6.46 12.13
CA VAL AA 81 52.60 6.45 11.37
C VAL AA 81 52.26 6.32 9.89
N ASP AA 82 53.24 6.61 9.04
CA ASP AA 82 53.06 6.51 7.60
C ASP AA 82 53.67 5.20 7.11
N ASN AA 83 52.81 4.34 6.56
CA ASN AA 83 53.29 3.04 6.08
C ASN AA 83 54.28 3.20 4.94
N LEU AA 84 54.01 4.13 4.01
CA LEU AA 84 54.91 4.36 2.89
C LEU AA 84 56.26 4.89 3.34
N GLU AA 85 56.33 5.57 4.48
CA GLU AA 85 57.59 6.08 5.00
C GLU AA 85 58.33 5.09 5.88
N TYR AA 86 57.61 4.19 6.56
CA TYR AA 86 58.23 3.18 7.41
C TYR AA 86 57.73 1.81 6.98
N PRO AA 87 58.44 1.16 6.06
CA PRO AA 87 57.94 -0.11 5.51
C PRO AA 87 58.13 -1.30 6.44
N ASP AA 88 59.24 -1.35 7.16
CA ASP AA 88 59.58 -2.49 7.99
C ASP AA 88 59.12 -2.36 9.43
N ILE AA 89 58.54 -1.22 9.79
CA ILE AA 89 58.02 -1.01 11.14
C ILE AA 89 56.61 -0.42 11.03
N ASP AA 90 55.66 -1.05 11.72
CA ASP AA 90 54.32 -0.50 11.89
C ASP AA 90 53.96 -0.64 13.37
N VAL AA 91 53.42 0.42 13.95
CA VAL AA 91 53.25 0.52 15.39
C VAL AA 91 51.79 0.74 15.74
N VAL AA 92 51.42 0.39 16.97
CA VAL AA 92 50.10 0.64 17.51
C VAL AA 92 50.25 1.13 18.95
N GLN AA 93 49.43 2.11 19.31
CA GLN AA 93 49.50 2.67 20.66
C GLN AA 93 48.96 1.67 21.67
N ARG AA 94 49.71 1.49 22.76
CA ARG AA 94 49.29 0.64 23.87
C ARG AA 94 49.53 1.39 25.16
N GLY AA 95 48.46 1.80 25.83
CA GLY AA 95 48.60 2.58 27.04
C GLY AA 95 49.26 3.91 26.79
N ASP AA 96 50.51 4.05 27.21
CA ASP AA 96 51.28 5.27 26.99
C ASP AA 96 52.59 5.00 26.25
N LYS AA 97 52.77 3.80 25.71
CA LYS AA 97 54.00 3.43 25.01
C LYS AA 97 53.66 2.81 23.68
N LEU AA 98 54.43 3.15 22.65
CA LEU AA 98 54.27 2.52 21.35
C LEU AA 98 54.81 1.11 21.38
N TYR AA 99 54.18 0.23 20.60
CA TYR AA 99 54.54 -1.18 20.55
C TYR AA 99 54.75 -1.58 19.10
N ASP AA 100 55.98 -1.98 18.76
CA ASP AA 100 56.30 -2.39 17.40
C ASP AA 100 55.72 -3.79 17.16
N ARG AA 101 54.46 -3.84 16.72
CA ARG AA 101 53.76 -5.12 16.63
C ARG AA 101 54.36 -6.04 15.56
N LYS AA 102 55.07 -5.49 14.58
CA LYS AA 102 55.65 -6.34 13.55
C LYS AA 102 56.85 -7.12 14.09
N ASN AA 103 57.73 -6.46 14.83
CA ASN AA 103 58.91 -7.09 15.40
C ASN AA 103 58.70 -7.57 16.83
N ASN AA 104 57.49 -7.37 17.38
CA ASN AA 104 57.16 -7.78 18.74
C ASN AA 104 58.18 -7.26 19.76
N ARG AA 105 58.50 -5.97 19.66
CA ARG AA 105 59.45 -5.33 20.55
C ARG AA 105 58.86 -4.03 21.07
N TYR AA 106 59.31 -3.65 22.27
CA TYR AA 106 58.98 -2.36 22.84
C TYR AA 106 60.04 -1.30 22.58
N THR AA 107 61.10 -1.66 21.85
CA THR AA 107 62.20 -0.75 21.57
C THR AA 107 62.23 -0.37 20.11
N PHE AA 108 63.01 0.67 19.82
CA PHE AA 108 63.16 1.17 18.45
C PHE AA 108 64.64 1.41 18.20
N ASP AA 109 64.96 1.95 17.02
CA ASP AA 109 66.33 2.23 16.65
C ASP AA 109 66.60 3.69 16.33
N GLU AA 110 65.57 4.47 15.95
CA GLU AA 110 65.77 5.86 15.60
C GLU AA 110 64.48 6.62 15.90
N ASP AA 111 64.58 7.94 15.88
CA ASP AA 111 63.45 8.77 16.24
C ASP AA 111 62.39 8.75 15.14
N LEU AA 112 61.13 8.89 15.54
CA LEU AA 112 60.00 8.73 14.63
C LEU AA 112 59.37 10.07 14.26
N ILE AA 113 58.63 10.05 13.16
CA ILE AA 113 57.86 11.20 12.68
C ILE AA 113 56.40 10.75 12.61
N VAL AA 114 55.58 11.21 13.54
CA VAL AA 114 54.22 10.73 13.70
C VAL AA 114 53.27 11.91 13.56
N ASP AA 115 51.97 11.60 13.56
CA ASP AA 115 50.91 12.59 13.59
C ASP AA 115 50.09 12.38 14.87
N MET AA 116 50.07 13.38 15.74
CA MET AA 116 49.55 13.23 17.09
C MET AA 116 48.27 14.02 17.24
N THR AA 117 47.32 13.45 17.98
CA THR AA 117 46.08 14.11 18.34
C THR AA 117 45.99 14.23 19.85
N THR AA 118 45.75 15.45 20.33
CA THR AA 118 45.79 15.75 21.75
C THR AA 118 44.39 16.11 22.25
N ILE AA 119 44.14 15.84 23.52
CA ILE AA 119 42.91 16.26 24.20
C ILE AA 119 43.20 17.58 24.89
N LEU AA 120 42.40 18.60 24.57
CA LEU AA 120 42.65 19.96 25.03
C LEU AA 120 41.80 20.30 26.23
N GLU AA 121 42.23 21.32 26.96
CA GLU AA 121 41.45 21.85 28.07
C GLU AA 121 40.28 22.67 27.54
N TRP AA 122 39.41 23.08 28.47
CA TRP AA 122 38.22 23.83 28.05
C TRP AA 122 38.58 25.21 27.50
N ASP AA 123 39.70 25.77 27.95
CA ASP AA 123 40.06 27.13 27.54
C ASP AA 123 40.38 27.17 26.04
N LEU AA 124 41.13 26.19 25.55
CA LEU AA 124 41.65 26.24 24.19
C LEU AA 124 40.64 25.82 23.13
N LEU AA 125 39.45 25.38 23.52
CA LEU AA 125 38.46 24.94 22.55
C LEU AA 125 37.85 26.11 21.81
N PRO AA 126 37.54 25.94 20.51
CA PRO AA 126 36.81 26.98 19.78
C PRO AA 126 35.30 26.94 19.97
N GLU AA 127 34.61 27.91 19.39
CA GLU AA 127 33.23 28.21 19.77
C GLU AA 127 32.27 27.09 19.36
N HIS AA 128 32.37 26.62 18.12
CA HIS AA 128 31.44 25.61 17.64
C HIS AA 128 31.60 24.31 18.44
N ALA AA 129 32.84 23.93 18.72
CA ALA AA 129 33.07 22.77 19.57
C ALA AA 129 32.49 22.98 20.95
N ARG AA 130 32.60 24.20 21.49
CA ARG AA 130 32.02 24.48 22.79
C ARG AA 130 30.51 24.28 22.79
N GLN AA 131 29.84 24.78 21.74
CA GLN AA 131 28.39 24.63 21.66
C GLN AA 131 27.99 23.16 21.58
N TYR AA 132 28.67 22.40 20.71
CA TYR AA 132 28.35 20.98 20.57
C TYR AA 132 28.56 20.23 21.89
N ILE AA 133 29.67 20.53 22.56
CA ILE AA 133 29.95 19.89 23.85
C ILE AA 133 28.86 20.22 24.86
N THR AA 134 28.46 21.48 24.92
CA THR AA 134 27.43 21.88 25.88
C THR AA 134 26.14 21.10 25.66
N ILE AA 135 25.66 21.07 24.42
CA ILE AA 135 24.37 20.43 24.15
C ILE AA 135 24.45 18.93 24.44
N LYS AA 136 25.51 18.26 23.97
CA LYS AA 136 25.61 16.82 24.16
C LYS AA 136 25.72 16.47 25.64
N ALA AA 137 26.53 17.22 26.39
CA ALA AA 137 26.68 16.93 27.82
C ALA AA 137 25.38 17.16 28.57
N GLY AA 138 24.66 18.23 28.23
CA GLY AA 138 23.37 18.46 28.88
C GLY AA 138 22.40 17.33 28.64
N ARG AA 139 22.31 16.86 27.38
CA ARG AA 139 21.40 15.76 27.09
C ARG AA 139 21.78 14.51 27.87
N GLN AA 140 23.07 14.17 27.88
CA GLN AA 140 23.50 12.95 28.58
C GLN AA 140 23.24 13.04 30.07
N LEU AA 141 23.52 14.21 30.67
CA LEU AA 141 23.28 14.36 32.11
C LEU AA 141 21.80 14.27 32.43
N GLN AA 142 20.94 14.89 31.62
CA GLN AA 142 19.51 14.83 31.88
C GLN AA 142 19.02 13.39 31.81
N GLU AA 143 19.50 12.64 30.80
CA GLU AA 143 19.09 11.23 30.70
C GLU AA 143 19.55 10.45 31.92
N ALA AA 144 20.78 10.72 32.38
CA ALA AA 144 21.31 9.95 33.50
C ALA AA 144 20.63 10.31 34.82
N ILE AA 145 20.09 11.52 34.93
CA ILE AA 145 19.50 11.93 36.21
C ILE AA 145 18.01 11.60 36.25
N ILE AA 146 17.24 12.12 35.29
CA ILE AA 146 15.79 11.92 35.35
C ILE AA 146 15.40 10.58 34.74
N GLY AA 147 15.70 10.39 33.45
CA GLY AA 147 15.37 9.16 32.78
C GLY AA 147 14.09 9.18 31.97
N SER AA 148 13.73 10.32 31.39
CA SER AA 148 12.50 10.42 30.62
C SER AA 148 12.71 9.91 29.19
N ALA AA 149 11.67 10.04 28.37
CA ALA AA 149 11.74 9.68 26.96
C ALA AA 149 11.44 10.85 26.04
N GLU AA 150 10.36 11.58 26.29
CA GLU AA 150 10.02 12.73 25.44
C GLU AA 150 11.08 13.83 25.56
N LEU AA 151 11.57 14.07 26.77
CA LEU AA 151 12.67 15.01 26.94
C LEU AA 151 13.88 14.56 26.13
N THR AA 152 14.15 13.25 26.11
CA THR AA 152 15.23 12.74 25.29
C THR AA 152 14.97 12.95 23.80
N LYS AA 153 13.71 12.85 23.37
CA LYS AA 153 13.39 13.13 21.97
C LYS AA 153 13.71 14.57 21.61
N LEU AA 154 13.28 15.50 22.46
CA LEU AA 154 13.57 16.92 22.21
C LEU AA 154 15.07 17.18 22.20
N ASN AA 155 15.78 16.59 23.17
CA ASN AA 155 17.23 16.77 23.24
C ASN AA 155 17.91 16.16 22.02
N LEU AA 156 17.38 15.06 21.50
CA LEU AA 156 17.94 14.46 20.28
C LEU AA 156 17.76 15.38 19.09
N THR AA 157 16.59 16.02 18.98
CA THR AA 157 16.39 16.99 17.90
C THR AA 157 17.40 18.12 18.00
N GLN AA 158 17.55 18.69 19.19
CA GLN AA 158 18.51 19.78 19.37
C GLN AA 158 19.93 19.32 19.08
N GLU AA 159 20.27 18.10 19.51
CA GLU AA 159 21.62 17.57 19.30
C GLU AA 159 21.90 17.37 17.82
N VAL AA 160 20.91 16.90 17.06
CA VAL AA 160 21.09 16.73 15.63
C VAL AA 160 21.34 18.08 14.96
N GLU AA 161 20.55 19.08 15.34
CA GLU AA 161 20.77 20.41 14.78
C GLU AA 161 22.16 20.94 15.11
N ALA AA 162 22.59 20.77 16.37
CA ALA AA 162 23.90 21.26 16.78
C ALA AA 162 25.02 20.53 16.05
N ARG AA 163 24.89 19.22 15.87
CA ARG AA 163 25.90 18.48 15.13
C ARG AA 163 25.98 18.94 13.68
N SER AA 164 24.83 19.21 13.07
CA SER AA 164 24.85 19.75 11.71
C SER AA 164 25.60 21.07 11.65
N ALA AA 165 25.32 21.97 12.60
CA ALA AA 165 26.00 23.26 12.61
C ALA AA 165 27.51 23.09 12.82
N PHE AA 166 27.89 22.21 13.74
CA PHE AA 166 29.31 21.99 14.03
C PHE AA 166 30.05 21.45 12.82
N LEU AA 167 29.45 20.46 12.14
CA LEU AA 167 30.09 19.91 10.95
C LEU AA 167 30.17 20.95 9.83
N GLU AA 168 29.12 21.76 9.67
CA GLU AA 168 29.14 22.83 8.69
C GLU AA 168 30.33 23.76 8.95
N GLU AA 169 30.46 24.22 10.20
CA GLU AA 169 31.55 25.12 10.54
C GLU AA 169 32.91 24.48 10.30
N GLU AA 170 33.07 23.22 10.70
CA GLU AA 170 34.35 22.55 10.54
C GLU AA 170 34.75 22.42 9.07
N THR AA 171 33.82 21.99 8.23
CA THR AA 171 34.14 21.81 6.82
C THR AA 171 34.28 23.13 6.08
N THR AA 172 33.68 24.21 6.58
CA THR AA 172 33.91 25.52 5.98
C THR AA 172 35.27 26.08 6.39
N LYS AA 173 35.68 25.84 7.63
CA LYS AA 173 36.95 26.38 8.10
C LYS AA 173 38.14 25.64 7.50
N SER AA 174 38.14 24.31 7.60
CA SER AA 174 39.34 23.55 7.28
C SER AA 174 39.63 23.44 5.78
N GLU AA 175 38.61 23.49 4.94
CA GLU AA 175 38.76 23.39 3.48
C GLU AA 175 39.42 22.07 3.08
N HIS AA 176 38.71 20.97 3.35
CA HIS AA 176 39.16 19.67 2.87
C HIS AA 176 38.96 19.57 1.36
N SER AA 177 39.79 18.73 0.73
CA SER AA 177 39.74 18.56 -0.71
C SER AA 177 39.82 17.07 -1.05
N MET AA 178 39.32 16.73 -2.23
CA MET AA 178 39.37 15.36 -2.72
C MET AA 178 40.49 15.13 -3.71
N LEU AA 179 40.85 16.14 -4.51
CA LEU AA 179 41.94 16.00 -5.46
C LEU AA 179 43.30 15.93 -4.78
N ARG AA 180 43.49 16.68 -3.69
CA ARG AA 180 44.80 16.80 -3.07
C ARG AA 180 45.33 15.48 -2.53
N GLY AA 181 44.45 14.53 -2.19
CA GLY AA 181 44.92 13.29 -1.60
C GLY AA 181 45.29 13.48 -0.14
N HIS AA 182 46.06 12.53 0.38
CA HIS AA 182 46.47 12.61 1.78
C HIS AA 182 47.36 13.83 2.00
N LEU AA 183 47.08 14.57 3.06
CA LEU AA 183 47.63 15.91 3.26
C LEU AA 183 49.09 15.90 3.70
N ASN AA 184 49.67 14.75 3.99
CA ASN AA 184 51.08 14.73 4.37
C ASN AA 184 51.98 15.16 3.22
N ARG AA 185 51.46 15.23 2.00
CA ARG AA 185 52.18 15.78 0.86
C ARG AA 185 51.85 17.27 0.70
N THR AA 186 52.89 18.07 0.49
CA THR AA 186 52.70 19.51 0.34
C THR AA 186 51.86 19.82 -0.89
N SER AA 187 50.94 20.79 -0.74
CA SER AA 187 49.95 21.15 -1.74
C SER AA 187 50.55 21.55 -3.08
N PRO AA 188 50.39 20.72 -4.11
CA PRO AA 188 50.73 21.15 -5.49
C PRO AA 188 49.53 21.64 -6.29
N VAL AA 189 48.36 21.76 -5.68
CA VAL AA 189 47.10 21.96 -6.39
C VAL AA 189 46.82 23.45 -6.51
N ASN AA 190 46.24 23.83 -7.64
CA ASN AA 190 45.77 25.19 -7.85
C ASN AA 190 44.25 25.28 -7.79
N THR AA 191 43.55 24.16 -8.02
CA THR AA 191 42.10 24.10 -8.04
C THR AA 191 41.53 25.18 -8.96
N TYR AA 192 42.15 25.31 -10.13
CA TYR AA 192 41.74 26.34 -11.07
C TYR AA 192 40.27 26.18 -11.42
N ILE AA 193 39.55 27.29 -11.35
CA ILE AA 193 38.09 27.31 -11.38
C ILE AA 193 37.62 27.02 -12.80
N PRO AA 194 36.82 25.98 -13.03
CA PRO AA 194 36.07 25.89 -14.29
C PRO AA 194 34.94 26.89 -14.38
N SER AA 195 34.68 27.66 -13.32
CA SER AA 195 33.48 28.47 -13.25
C SER AA 195 33.64 29.79 -13.98
N ARG AA 196 34.58 30.63 -13.52
CA ARG AA 196 34.57 32.03 -13.94
C ARG AA 196 35.32 32.29 -15.24
N THR AA 197 36.60 31.92 -15.29
CA THR AA 197 37.49 32.40 -16.35
C THR AA 197 37.12 31.69 -17.65
N LEU AA 198 35.99 32.13 -18.22
CA LEU AA 198 35.51 31.64 -19.51
C LEU AA 198 35.41 32.73 -20.56
N GLU AA 199 35.59 33.99 -20.18
CA GLU AA 199 35.42 35.10 -21.10
C GLU AA 199 36.75 35.70 -21.52
N ALA BA 2 7.43 54.06 13.80
CA ALA BA 2 7.58 52.67 14.24
C ALA BA 2 9.02 52.22 14.13
N ALA BA 3 9.78 52.40 15.20
CA ALA BA 3 11.20 52.07 15.18
C ALA BA 3 11.41 50.57 15.21
N ARG BA 4 12.67 50.16 15.21
CA ARG BA 4 13.02 48.75 15.22
C ARG BA 4 12.79 48.14 16.61
N THR BA 5 12.77 46.81 16.65
CA THR BA 5 12.55 46.10 17.90
C THR BA 5 13.72 46.32 18.87
N SER BA 6 13.39 46.52 20.13
CA SER BA 6 14.37 46.74 21.17
C SER BA 6 14.43 45.53 22.11
N PHE BA 7 15.38 45.60 23.06
CA PHE BA 7 15.59 44.49 23.98
C PHE BA 7 14.36 44.23 24.85
N LEU BA 8 13.72 45.30 25.32
CA LEU BA 8 12.54 45.14 26.17
C LEU BA 8 11.38 44.51 25.40
N ASP BA 9 11.18 44.94 24.15
CA ASP BA 9 10.15 44.31 23.33
C ASP BA 9 10.48 42.85 23.06
N ALA BA 10 11.76 42.54 22.87
CA ALA BA 10 12.16 41.16 22.64
C ALA BA 10 11.87 40.28 23.85
N VAL BA 11 12.20 40.75 25.05
CA VAL BA 11 11.95 39.93 26.23
C VAL BA 11 10.45 39.84 26.50
N ASN BA 12 9.69 40.91 26.23
CA ASN BA 12 8.23 40.82 26.35
C ASN BA 12 7.67 39.77 25.39
N ARG BA 13 8.16 39.75 24.16
CA ARG BA 13 7.71 38.74 23.20
C ARG BA 13 8.06 37.34 23.65
N VAL BA 14 9.26 37.16 24.20
CA VAL BA 14 9.66 35.84 24.68
C VAL BA 14 8.75 35.37 25.81
N LEU BA 15 8.46 36.27 26.76
CA LEU BA 15 7.56 35.92 27.86
C LEU BA 15 6.16 35.61 27.35
N GLN BA 16 5.68 36.39 26.38
CA GLN BA 16 4.37 36.13 25.81
C GLN BA 16 4.32 34.76 25.14
N MET BA 17 5.39 34.40 24.42
CA MET BA 17 5.46 33.07 23.83
C MET BA 17 5.47 32.00 24.90
N LEU BA 18 6.17 32.25 26.01
CA LEU BA 18 6.16 31.32 27.13
C LEU BA 18 4.77 31.16 27.73
N GLY BA 19 3.96 32.21 27.66
CA GLY BA 19 2.60 32.19 28.17
C GLY BA 19 2.36 32.98 29.43
N GLU BA 20 3.35 33.72 29.92
CA GLU BA 20 3.22 34.48 31.15
C GLU BA 20 2.75 35.91 30.86
N ALA BA 21 2.56 36.69 31.92
CA ALA BA 21 2.18 38.08 31.78
C ALA BA 21 3.39 38.91 31.35
N PRO BA 22 3.20 39.93 30.52
CA PRO BA 22 4.33 40.77 30.12
C PRO BA 22 4.92 41.52 31.31
N VAL BA 23 6.23 41.69 31.28
CA VAL BA 23 6.95 42.38 32.35
C VAL BA 23 7.23 43.81 31.91
N ASN BA 24 7.45 44.67 32.90
CA ASN BA 24 7.54 46.11 32.66
C ASN BA 24 8.92 46.56 32.21
N SER BA 25 9.94 46.29 33.01
CA SER BA 25 11.27 46.83 32.75
C SER BA 25 12.26 45.67 32.66
N LEU BA 26 13.54 46.01 32.63
CA LEU BA 26 14.61 45.03 32.68
C LEU BA 26 15.45 45.14 33.95
N GLN BA 27 15.47 46.30 34.59
CA GLN BA 27 16.35 46.57 35.71
C GLN BA 27 15.62 46.39 37.04
N GLY BA 28 16.18 45.58 37.92
CA GLY BA 28 15.56 45.29 39.20
C GLY BA 28 14.22 44.62 39.00
N GLN BA 29 14.16 43.69 38.06
CA GLN BA 29 12.92 42.98 37.78
C GLN BA 29 12.63 41.93 38.85
N PHE BA 30 11.36 41.64 39.01
CA PHE BA 30 10.93 40.61 39.96
C PHE BA 30 10.16 39.54 39.21
N GLY BA 31 10.69 39.09 38.08
CA GLY BA 31 10.08 38.03 37.31
C GLY BA 31 11.07 37.12 36.63
N LEU BA 32 10.70 36.59 35.47
CA LEU BA 32 11.54 35.69 34.68
C LEU BA 32 12.51 36.45 33.79
N ALA BA 33 12.78 37.72 34.10
CA ALA BA 33 13.59 38.55 33.21
C ALA BA 33 14.99 37.99 33.04
N LYS BA 34 15.58 37.48 34.12
CA LYS BA 34 16.94 36.94 34.02
C LYS BA 34 16.99 35.73 33.10
N GLN BA 35 16.02 34.81 33.22
CA GLN BA 35 16.00 33.65 32.34
C GLN BA 35 15.76 34.06 30.90
N ALA BA 36 14.84 34.98 30.65
CA ALA BA 36 14.59 35.42 29.28
C ALA BA 36 15.82 36.08 28.68
N GLU BA 37 16.49 36.93 29.46
CA GLU BA 37 17.69 37.60 28.98
C GLU BA 37 18.80 36.61 28.65
N VAL BA 38 19.00 35.62 29.51
CA VAL BA 38 20.07 34.66 29.26
C VAL BA 38 19.75 33.80 28.04
N ALA BA 39 18.47 33.45 27.86
CA ALA BA 39 18.09 32.69 26.68
C ALA BA 39 18.31 33.51 25.41
N LEU BA 40 17.93 34.78 25.43
CA LEU BA 40 18.13 35.64 24.27
C LEU BA 40 19.62 35.76 23.93
N ASN BA 41 20.45 36.00 24.94
CA ASN BA 41 21.88 36.14 24.70
C ASN BA 41 22.47 34.85 24.13
N ASP BA 42 22.10 33.71 24.71
CA ASP BA 42 22.67 32.44 24.26
C ASP BA 42 22.25 32.13 22.82
N VAL BA 43 20.99 32.38 22.49
CA VAL BA 43 20.54 32.12 21.12
C VAL BA 43 21.20 33.07 20.15
N SER BA 44 21.40 34.33 20.56
CA SER BA 44 22.11 35.28 19.70
C SER BA 44 23.52 34.80 19.41
N ARG BA 45 24.23 34.33 20.44
CA ARG BA 45 25.58 33.83 20.23
C ARG BA 45 25.58 32.60 19.33
N THR BA 46 24.64 31.68 19.55
CA THR BA 46 24.58 30.48 18.74
C THR BA 46 24.33 30.80 17.27
N ILE BA 47 23.44 31.76 17.00
CA ILE BA 47 23.18 32.14 15.62
C ILE BA 47 24.40 32.83 15.02
N GLN BA 48 25.05 33.72 15.78
CA GLN BA 48 26.11 34.54 15.22
C GLN BA 48 27.38 33.76 14.96
N THR BA 49 27.65 32.71 15.73
CA THR BA 49 28.92 32.02 15.57
C THR BA 49 29.07 31.30 14.24
N GLU BA 50 27.99 31.14 13.48
CA GLU BA 50 28.07 30.40 12.22
C GLU BA 50 28.73 31.23 11.13
N GLY BA 51 28.50 32.54 11.12
CA GLY BA 51 29.09 33.40 10.11
C GLY BA 51 28.17 33.72 8.96
N TRP BA 52 27.74 34.99 8.88
CA TRP BA 52 26.84 35.43 7.82
C TRP BA 52 27.43 36.63 7.09
N SER BA 53 26.62 37.28 6.25
CA SER BA 53 27.12 38.38 5.45
C SER BA 53 27.11 39.72 6.15
N PHE BA 54 26.50 39.82 7.33
CA PHE BA 54 26.40 41.10 8.03
C PHE BA 54 27.38 41.25 9.18
N ASN BA 55 28.24 40.26 9.41
CA ASN BA 55 29.17 40.33 10.53
C ASN BA 55 30.54 39.79 10.15
N THR BA 56 30.94 39.92 8.89
CA THR BA 56 32.18 39.35 8.39
C THR BA 56 33.01 40.45 7.73
N ASP BA 57 34.29 40.52 8.11
CA ASP BA 57 35.22 41.49 7.53
C ASP BA 57 36.13 40.78 6.56
N LEU BA 58 36.30 41.37 5.38
CA LEU BA 58 37.13 40.80 4.32
C LEU BA 58 38.52 41.43 4.37
N GLU BA 59 39.52 40.64 4.01
CA GLU BA 59 40.92 41.06 3.87
C GLU BA 59 41.37 41.98 5.00
N LYS BA 60 40.98 41.64 6.23
CA LYS BA 60 41.46 42.38 7.38
C LYS BA 60 42.89 41.98 7.71
N LYS BA 61 43.64 42.93 8.26
CA LYS BA 61 45.05 42.75 8.57
C LYS BA 61 45.23 42.52 10.06
N LEU BA 62 46.04 41.53 10.42
CA LEU BA 62 46.35 41.22 11.80
C LEU BA 62 47.81 41.55 12.11
N GLU BA 63 48.07 41.93 13.35
CA GLU BA 63 49.40 42.36 13.78
C GLU BA 63 49.87 41.50 14.94
N ARG BA 64 51.13 41.09 14.88
CA ARG BA 64 51.73 40.29 15.94
C ARG BA 64 52.25 41.18 17.07
N ASN BA 65 52.45 40.56 18.23
CA ASN BA 65 52.95 41.26 19.40
C ASN BA 65 54.48 41.25 19.39
N SER BA 66 55.09 41.63 20.52
CA SER BA 66 56.54 41.69 20.62
C SER BA 66 57.20 40.31 20.62
N SER BA 67 56.42 39.23 20.77
CA SER BA 67 56.97 37.88 20.78
C SER BA 67 56.51 37.07 19.57
N ASN BA 68 56.13 37.74 18.49
CA ASN BA 68 55.67 37.08 17.27
C ASN BA 68 54.50 36.12 17.54
N GLU BA 69 53.53 36.61 18.31
CA GLU BA 69 52.32 35.87 18.63
C GLU BA 69 51.11 36.65 18.17
N ILE BA 70 50.17 35.96 17.55
CA ILE BA 70 48.94 36.58 17.06
C ILE BA 70 47.88 36.41 18.14
N GLU BA 71 47.51 37.50 18.80
CA GLU BA 71 46.48 37.49 19.82
C GLU BA 71 45.21 38.08 19.24
N LEU BA 72 44.11 37.33 19.34
CA LEU BA 72 42.82 37.78 18.84
C LEU BA 72 42.08 38.54 19.93
N SER BA 73 41.03 39.26 19.51
CA SER BA 73 40.12 39.86 20.46
C SER BA 73 39.30 38.76 21.13
N SER BA 74 38.51 39.14 22.14
CA SER BA 74 37.73 38.16 22.86
C SER BA 74 36.36 37.87 22.24
N ASN BA 75 35.97 38.59 21.19
CA ASN BA 75 34.72 38.32 20.51
C ASN BA 75 34.95 37.96 19.05
N VAL BA 76 36.01 37.21 18.79
CA VAL BA 76 36.30 36.72 17.44
C VAL BA 76 35.87 35.25 17.38
N SER BA 77 34.87 34.96 16.55
CA SER BA 77 34.30 33.63 16.52
C SER BA 77 35.09 32.65 15.66
N ARG BA 78 35.53 33.07 14.48
CA ARG BA 78 36.28 32.18 13.60
C ARG BA 78 37.20 33.01 12.71
N VAL BA 79 38.31 32.40 12.31
CA VAL BA 79 39.30 33.03 11.44
C VAL BA 79 39.62 32.07 10.30
N VAL BA 80 39.54 32.56 9.07
CA VAL BA 80 39.80 31.77 7.88
C VAL BA 80 40.97 32.41 7.13
N VAL BA 81 41.96 31.60 6.78
CA VAL BA 81 43.12 32.05 6.01
C VAL BA 81 43.17 31.26 4.72
N ASP BA 82 43.30 31.95 3.60
CA ASP BA 82 43.31 31.29 2.31
C ASP BA 82 44.55 30.40 2.18
N ASN BA 83 44.35 29.19 1.66
CA ASN BA 83 45.46 28.26 1.52
C ASN BA 83 46.37 28.65 0.36
N LEU BA 84 45.79 29.08 -0.76
CA LEU BA 84 46.59 29.36 -1.95
C LEU BA 84 47.57 30.50 -1.72
N GLU BA 85 47.17 31.52 -0.96
CA GLU BA 85 48.05 32.65 -0.71
C GLU BA 85 49.28 32.23 0.10
N TYR BA 86 49.09 31.43 1.15
CA TYR BA 86 50.16 31.03 2.06
C TYR BA 86 50.32 29.52 1.95
N PRO BA 87 51.26 29.04 1.14
CA PRO BA 87 51.40 27.60 0.91
C PRO BA 87 52.29 26.88 1.91
N ASP BA 88 52.69 27.51 3.01
CA ASP BA 88 53.58 26.89 3.97
C ASP BA 88 53.08 26.92 5.40
N ILE BA 89 51.91 27.50 5.66
CA ILE BA 89 51.37 27.61 7.01
C ILE BA 89 49.91 27.16 7.00
N ASP BA 90 49.54 26.33 7.96
CA ASP BA 90 48.15 25.90 8.16
C ASP BA 90 47.74 26.37 9.55
N VAL BA 91 46.90 27.40 9.62
CA VAL BA 91 46.56 28.05 10.87
C VAL BA 91 45.15 27.64 11.29
N VAL BA 92 45.01 27.31 12.56
CA VAL BA 92 43.72 27.02 13.17
C VAL BA 92 43.61 27.82 14.47
N GLN BA 93 42.38 28.15 14.83
CA GLN BA 93 42.15 28.92 16.04
C GLN BA 93 42.21 28.02 17.27
N ARG BA 94 42.88 28.49 18.32
CA ARG BA 94 42.98 27.77 19.58
C ARG BA 94 42.84 28.78 20.70
N GLY BA 95 41.66 28.82 21.32
CA GLY BA 95 41.42 29.78 22.37
C GLY BA 95 41.39 31.20 21.84
N ASP BA 96 42.43 31.97 22.13
CA ASP BA 96 42.53 33.34 21.67
C ASP BA 96 43.76 33.59 20.79
N LYS BA 97 44.64 32.61 20.64
CA LYS BA 97 45.83 32.74 19.81
C LYS BA 97 45.78 31.75 18.66
N LEU BA 98 46.38 32.12 17.54
CA LEU BA 98 46.44 31.25 16.37
C LEU BA 98 47.60 30.29 16.50
N TYR BA 99 47.42 29.07 15.99
CA TYR BA 99 48.39 28.00 16.11
C TYR BA 99 48.78 27.51 14.72
N ASP BA 100 50.08 27.25 14.53
CA ASP BA 100 50.59 26.77 13.25
C ASP BA 100 50.54 25.24 13.28
N ARG BA 101 49.50 24.68 12.66
CA ARG BA 101 49.31 23.24 12.70
C ARG BA 101 50.43 22.50 11.98
N LYS BA 102 50.86 23.02 10.83
CA LYS BA 102 51.86 22.32 10.03
C LYS BA 102 53.22 22.26 10.72
N ASN BA 103 53.65 23.37 11.32
CA ASN BA 103 54.99 23.46 11.89
C ASN BA 103 55.03 23.25 13.39
N ASN BA 104 53.89 23.11 14.05
CA ASN BA 104 53.81 22.90 15.50
C ASN BA 104 54.50 24.02 16.27
N ARG BA 105 54.15 25.26 15.93
CA ARG BA 105 54.70 26.43 16.58
C ARG BA 105 53.59 27.43 16.85
N TYR BA 106 53.81 28.28 17.86
CA TYR BA 106 52.93 29.39 18.13
C TYR BA 106 53.46 30.71 17.60
N THR BA 107 54.62 30.71 16.95
CA THR BA 107 55.28 31.91 16.48
C THR BA 107 55.25 31.97 14.96
N PHE BA 108 55.09 33.18 14.42
CA PHE BA 108 55.02 33.40 12.99
C PHE BA 108 56.23 34.20 12.52
N ASP BA 109 56.25 34.50 11.22
CA ASP BA 109 57.34 35.27 10.63
C ASP BA 109 56.88 36.59 10.02
N GLU BA 110 55.59 36.76 9.76
CA GLU BA 110 55.09 37.97 9.14
C GLU BA 110 53.62 38.12 9.48
N ASP BA 111 53.10 39.32 9.25
CA ASP BA 111 51.68 39.58 9.46
C ASP BA 111 50.86 38.85 8.41
N LEU BA 112 49.57 38.67 8.71
CA LEU BA 112 48.68 37.87 7.88
C LEU BA 112 47.50 38.70 7.40
N ILE BA 113 46.91 38.26 6.31
CA ILE BA 113 45.68 38.83 5.76
C ILE BA 113 44.60 37.76 5.90
N VAL BA 114 43.62 38.00 6.77
CA VAL BA 114 42.67 36.98 7.18
C VAL BA 114 41.25 37.47 6.92
N ASP BA 115 40.32 36.53 6.94
CA ASP BA 115 38.89 36.81 6.94
C ASP BA 115 38.33 36.31 8.27
N MET BA 116 37.83 37.23 9.09
CA MET BA 116 37.41 36.90 10.44
C MET BA 116 35.97 37.34 10.67
N THR BA 117 35.32 36.64 11.60
CA THR BA 117 33.93 36.91 11.97
C THR BA 117 33.86 37.43 13.39
N THR BA 118 32.99 38.40 13.62
CA THR BA 118 32.84 39.05 14.92
C THR BA 118 31.45 38.80 15.47
N ILE BA 119 31.35 38.73 16.80
CA ILE BA 119 30.07 38.63 17.47
C ILE BA 119 29.59 40.03 17.80
N LEU BA 120 28.42 40.39 17.30
CA LEU BA 120 27.89 41.74 17.44
C LEU BA 120 26.98 41.84 18.66
N GLU BA 121 26.91 43.04 19.22
CA GLU BA 121 26.00 43.28 20.34
C GLU BA 121 24.56 43.38 19.82
N TRP BA 122 23.62 43.38 20.77
CA TRP BA 122 22.21 43.39 20.38
C TRP BA 122 21.84 44.68 19.65
N ASP BA 123 22.48 45.79 20.02
CA ASP BA 123 22.12 47.07 19.44
C ASP BA 123 22.40 47.11 17.94
N LEU BA 124 23.48 46.48 17.50
CA LEU BA 124 23.96 46.63 16.14
C LEU BA 124 23.35 45.62 15.16
N LEU BA 125 22.54 44.68 15.63
CA LEU BA 125 21.99 43.68 14.73
C LEU BA 125 20.89 44.27 13.86
N PRO BA 126 20.74 43.80 12.62
CA PRO BA 126 19.63 44.24 11.77
C PRO BA 126 18.33 43.52 12.13
N GLU BA 127 17.27 43.97 11.45
CA GLU BA 127 15.90 43.63 11.87
C GLU BA 127 15.61 42.14 11.71
N HIS BA 128 15.99 41.54 10.59
CA HIS BA 128 15.67 40.13 10.37
C HIS BA 128 16.41 39.25 11.36
N ALA BA 129 17.67 39.58 11.65
CA ALA BA 129 18.41 38.86 12.68
C ALA BA 129 17.72 38.98 14.03
N ARG BA 130 17.24 40.19 14.37
CA ARG BA 130 16.54 40.38 15.63
C ARG BA 130 15.29 39.49 15.70
N GLN BA 131 14.52 39.46 14.62
CA GLN BA 131 13.29 38.68 14.60
C GLN BA 131 13.58 37.19 14.78
N TYR BA 132 14.50 36.65 13.98
CA TYR BA 132 14.81 35.23 14.06
C TYR BA 132 15.36 34.87 15.44
N ILE BA 133 16.24 35.72 15.99
CA ILE BA 133 16.79 35.46 17.31
C ILE BA 133 15.70 35.42 18.36
N THR BA 134 14.77 36.38 18.30
CA THR BA 134 13.69 36.42 19.28
C THR BA 134 12.86 35.14 19.23
N ILE BA 135 12.44 34.74 18.03
CA ILE BA 135 11.57 33.56 17.93
C ILE BA 135 12.28 32.30 18.39
N LYS BA 136 13.55 32.13 17.96
CA LYS BA 136 14.28 30.93 18.37
C LYS BA 136 14.49 30.89 19.87
N ALA BA 137 14.81 32.03 20.49
CA ALA BA 137 15.02 32.06 21.92
C ALA BA 137 13.74 31.72 22.66
N GLY BA 138 12.60 32.24 22.20
CA GLY BA 138 11.34 31.90 22.83
C GLY BA 138 11.05 30.41 22.78
N ARG BA 139 11.25 29.82 21.59
CA ARG BA 139 11.01 28.38 21.46
C ARG BA 139 11.91 27.59 22.41
N GLN BA 140 13.20 27.94 22.44
CA GLN BA 140 14.13 27.19 23.28
C GLN BA 140 13.76 27.30 24.76
N LEU BA 141 13.44 28.51 25.22
CA LEU BA 141 13.11 28.69 26.63
C LEU BA 141 11.85 27.91 26.99
N GLN BA 142 10.81 27.99 26.16
CA GLN BA 142 9.59 27.26 26.47
C GLN BA 142 9.84 25.76 26.50
N GLU BA 143 10.58 25.25 25.51
CA GLU BA 143 10.86 23.81 25.46
C GLU BA 143 11.62 23.35 26.68
N ALA BA 144 12.59 24.14 27.13
CA ALA BA 144 13.42 23.71 28.25
C ALA BA 144 12.77 23.96 29.61
N ILE BA 145 11.73 24.80 29.68
CA ILE BA 145 11.15 25.19 30.96
C ILE BA 145 9.81 24.50 31.21
N ILE BA 146 8.87 24.58 30.27
CA ILE BA 146 7.56 23.98 30.50
C ILE BA 146 7.55 22.54 29.98
N GLY BA 147 7.77 22.37 28.69
CA GLY BA 147 7.84 21.04 28.12
C GLY BA 147 6.52 20.41 27.74
N SER BA 148 5.47 21.20 27.55
CA SER BA 148 4.19 20.64 27.11
C SER BA 148 4.27 20.23 25.65
N ALA BA 149 3.14 19.76 25.12
CA ALA BA 149 3.10 19.23 23.77
C ALA BA 149 2.56 20.25 22.76
N GLU BA 150 1.35 20.76 23.00
CA GLU BA 150 0.74 21.67 22.03
C GLU BA 150 1.52 22.96 21.91
N LEU BA 151 2.03 23.48 23.03
CA LEU BA 151 2.89 24.67 22.96
C LEU BA 151 4.13 24.38 22.13
N THR BA 152 4.71 23.19 22.31
CA THR BA 152 5.89 22.82 21.53
C THR BA 152 5.59 22.81 20.04
N LYS BA 153 4.44 22.25 19.64
CA LYS BA 153 4.14 22.20 18.22
C LYS BA 153 3.86 23.59 17.64
N LEU BA 154 3.16 24.44 18.40
CA LEU BA 154 2.93 25.81 17.92
C LEU BA 154 4.23 26.56 17.73
N ASN BA 155 5.13 26.47 18.72
CA ASN BA 155 6.42 27.14 18.59
C ASN BA 155 7.24 26.54 17.45
N LEU BA 156 7.11 25.24 17.21
CA LEU BA 156 7.80 24.64 16.07
C LEU BA 156 7.36 25.25 14.76
N THR BA 157 6.05 25.37 14.57
CA THR BA 157 5.55 25.97 13.31
C THR BA 157 6.03 27.41 13.17
N GLN BA 158 5.92 28.19 14.25
CA GLN BA 158 6.35 29.59 14.18
C GLN BA 158 7.84 29.69 13.85
N GLU BA 159 8.66 28.85 14.48
CA GLU BA 159 10.09 28.89 14.24
C GLU BA 159 10.42 28.51 12.79
N VAL BA 160 9.71 27.52 12.24
CA VAL BA 160 9.95 27.15 10.85
C VAL BA 160 9.66 28.32 9.93
N GLU BA 161 8.53 28.99 10.14
CA GLU BA 161 8.20 30.14 9.30
C GLU BA 161 9.25 31.24 9.43
N ALA BA 162 9.70 31.51 10.67
CA ALA BA 162 10.70 32.55 10.88
C ALA BA 162 12.01 32.20 10.18
N ARG BA 163 12.43 30.94 10.24
CA ARG BA 163 13.66 30.55 9.58
C ARG BA 163 13.56 30.74 8.08
N SER BA 164 12.42 30.35 7.49
CA SER BA 164 12.25 30.55 6.06
C SER BA 164 12.38 32.04 5.69
N ALA BA 165 11.70 32.89 6.45
CA ALA BA 165 11.73 34.32 6.15
C ALA BA 165 13.14 34.88 6.27
N PHE BA 166 13.84 34.51 7.35
CA PHE BA 166 15.19 35.02 7.57
C PHE BA 166 16.15 34.58 6.46
N LEU BA 167 16.07 33.31 6.06
CA LEU BA 167 16.95 32.84 4.99
C LEU BA 167 16.67 33.58 3.69
N GLU BA 168 15.39 33.76 3.34
CA GLU BA 168 15.09 34.45 2.08
C GLU BA 168 15.60 35.89 2.12
N GLU BA 169 15.40 36.57 3.24
CA GLU BA 169 15.86 37.95 3.36
C GLU BA 169 17.38 38.02 3.23
N GLU BA 170 18.09 37.10 3.89
CA GLU BA 170 19.54 37.11 3.81
C GLU BA 170 20.02 36.91 2.38
N THR BA 171 19.43 35.94 1.67
CA THR BA 171 19.91 35.65 0.32
C THR BA 171 19.63 36.81 -0.63
N THR BA 172 18.46 37.45 -0.50
CA THR BA 172 18.15 38.55 -1.40
C THR BA 172 18.93 39.81 -1.04
N LYS BA 173 19.39 39.92 0.20
CA LYS BA 173 20.23 41.07 0.57
C LYS BA 173 21.67 40.86 0.13
N SER BA 174 22.13 39.61 0.12
CA SER BA 174 23.56 39.33 -0.09
C SER BA 174 23.90 38.86 -1.51
N GLU BA 175 22.90 38.68 -2.37
CA GLU BA 175 23.07 38.30 -3.78
C GLU BA 175 24.25 37.35 -4.01
N HIS BA 176 24.16 36.18 -3.39
CA HIS BA 176 25.16 35.14 -3.60
C HIS BA 176 25.14 34.65 -5.04
N SER BA 177 26.31 34.33 -5.58
CA SER BA 177 26.42 33.88 -6.96
C SER BA 177 27.41 32.73 -7.04
N MET BA 178 27.33 31.99 -8.16
CA MET BA 178 28.21 30.87 -8.41
C MET BA 178 29.26 31.15 -9.48
N LEU BA 179 28.96 32.02 -10.44
CA LEU BA 179 29.94 32.36 -11.46
C LEU BA 179 31.11 33.13 -10.87
N ARG BA 180 30.83 33.97 -9.87
CA ARG BA 180 31.87 34.84 -9.32
C ARG BA 180 33.00 34.02 -8.67
N GLY BA 181 32.67 32.86 -8.13
CA GLY BA 181 33.68 32.08 -7.43
C GLY BA 181 33.90 32.59 -6.01
N HIS BA 182 35.12 32.41 -5.52
CA HIS BA 182 35.44 32.89 -4.18
C HIS BA 182 35.32 34.41 -4.12
N LEU BA 183 34.60 34.90 -3.11
CA LEU BA 183 34.29 36.32 -3.03
C LEU BA 183 35.50 37.19 -2.78
N ASN BA 184 36.64 36.59 -2.41
CA ASN BA 184 37.84 37.38 -2.15
C ASN BA 184 38.28 38.15 -3.39
N ARG BA 185 38.05 37.59 -4.58
CA ARG BA 185 38.40 38.26 -5.82
C ARG BA 185 37.48 39.45 -6.07
N THR BA 186 38.05 40.53 -6.61
CA THR BA 186 37.25 41.65 -7.05
C THR BA 186 36.43 41.27 -8.28
N SER BA 187 35.15 41.66 -8.29
CA SER BA 187 34.17 41.23 -9.27
C SER BA 187 34.61 41.46 -10.72
N PRO BA 188 34.90 40.40 -11.47
CA PRO BA 188 35.05 40.52 -12.92
C PRO BA 188 33.80 40.15 -13.70
N VAL BA 189 32.69 39.90 -13.03
CA VAL BA 189 31.50 39.32 -13.63
C VAL BA 189 30.58 40.41 -14.12
N ASN BA 190 29.85 40.13 -15.20
CA ASN BA 190 28.83 41.01 -15.72
C ASN BA 190 27.43 40.39 -15.69
N THR BA 191 27.34 39.06 -15.53
CA THR BA 191 26.08 38.34 -15.44
C THR BA 191 25.14 38.73 -16.58
N TYR BA 192 25.69 38.70 -17.80
CA TYR BA 192 24.92 39.08 -18.97
C TYR BA 192 23.68 38.21 -19.08
N ILE BA 193 22.51 38.82 -18.90
CA ILE BA 193 21.25 38.12 -18.78
C ILE BA 193 20.79 37.70 -20.17
N PRO BA 194 20.45 36.41 -20.37
CA PRO BA 194 19.83 36.02 -21.64
C PRO BA 194 18.39 36.50 -21.78
N SER BA 195 17.81 37.05 -20.73
CA SER BA 195 16.39 37.38 -20.76
C SER BA 195 16.11 38.63 -21.57
N ARG BA 196 17.03 39.58 -21.58
CA ARG BA 196 16.72 40.92 -22.08
C ARG BA 196 17.05 41.12 -23.55
N THR BA 197 18.32 41.01 -23.91
CA THR BA 197 18.81 41.58 -25.16
C THR BA 197 18.73 40.55 -26.28
N LEU BA 198 17.50 40.35 -26.77
CA LEU BA 198 17.25 39.58 -27.98
C LEU BA 198 16.36 40.34 -28.95
N GLU BA 199 16.26 41.65 -28.81
CA GLU BA 199 15.40 42.45 -29.67
C GLU BA 199 16.19 43.55 -30.38
N ALA CA 2 -18.96 52.12 2.44
CA ALA CA 2 -18.05 51.25 3.16
C ALA CA 2 -16.60 51.59 2.83
N ALA CA 3 -15.95 52.33 3.72
CA ALA CA 3 -14.60 52.79 3.50
C ALA CA 3 -13.60 51.67 3.79
N ARG CA 4 -12.32 51.99 3.63
CA ARG CA 4 -11.27 51.04 3.95
C ARG CA 4 -11.22 50.77 5.44
N THR CA 5 -10.63 49.64 5.81
CA THR CA 5 -10.58 49.22 7.20
C THR CA 5 -9.81 50.24 8.04
N SER CA 6 -10.38 50.59 9.19
CA SER CA 6 -9.77 51.55 10.09
C SER CA 6 -9.21 50.85 11.33
N PHE CA 7 -8.51 51.61 12.16
CA PHE CA 7 -7.83 51.03 13.31
C PHE CA 7 -8.82 50.45 14.31
N LEU CA 8 -9.91 51.18 14.59
CA LEU CA 8 -10.90 50.69 15.54
C LEU CA 8 -11.57 49.42 15.03
N ASP CA 9 -11.90 49.39 13.73
CA ASP CA 9 -12.51 48.19 13.16
C ASP CA 9 -11.56 47.01 13.24
N ALA CA 10 -10.27 47.23 12.96
CA ALA CA 10 -9.30 46.15 13.06
C ALA CA 10 -9.19 45.63 14.49
N VAL CA 11 -9.15 46.54 15.47
CA VAL CA 11 -9.06 46.13 16.87
C VAL CA 11 -10.29 45.31 17.26
N ASN CA 12 -11.47 45.78 16.87
CA ASN CA 12 -12.69 45.04 17.18
C ASN CA 12 -12.69 43.68 16.51
N ARG CA 13 -12.19 43.60 15.28
CA ARG CA 13 -12.12 42.31 14.59
C ARG CA 13 -11.19 41.35 15.31
N VAL CA 14 -10.04 41.84 15.77
CA VAL CA 14 -9.12 40.97 16.50
C VAL CA 14 -9.76 40.47 17.78
N LEU CA 15 -10.41 41.37 18.52
CA LEU CA 15 -11.06 40.97 19.76
C LEU CA 15 -12.17 39.95 19.50
N GLN CA 16 -12.95 40.16 18.44
CA GLN CA 16 -14.01 39.22 18.11
C GLN CA 16 -13.45 37.87 17.70
N MET CA 17 -12.35 37.85 16.96
CA MET CA 17 -11.72 36.59 16.60
C MET CA 17 -11.23 35.85 17.85
N LEU CA 18 -10.68 36.59 18.81
CA LEU CA 18 -10.36 35.98 20.09
C LEU CA 18 -11.61 35.43 20.75
N GLY CA 19 -12.73 36.13 20.62
CA GLY CA 19 -14.00 35.63 21.13
C GLY CA 19 -14.52 36.43 22.31
N GLU CA 20 -14.26 37.73 22.33
CA GLU CA 20 -14.60 38.57 23.46
C GLU CA 20 -15.34 39.80 22.94
N ALA CA 21 -16.17 40.38 23.81
CA ALA CA 21 -17.17 41.36 23.36
C ALA CA 21 -16.51 42.57 22.71
N PRO CA 22 -17.22 43.23 21.79
CA PRO CA 22 -16.64 44.38 21.09
C PRO CA 22 -16.48 45.58 22.02
N VAL CA 23 -15.57 46.47 21.64
CA VAL CA 23 -15.28 47.67 22.40
C VAL CA 23 -15.95 48.86 21.71
N ASN CA 24 -16.10 49.96 22.46
CA ASN CA 24 -16.81 51.13 21.96
C ASN CA 24 -15.89 52.12 21.26
N SER CA 25 -14.74 52.44 21.87
CA SER CA 25 -13.77 53.34 21.28
C SER CA 25 -12.38 52.77 21.54
N LEU CA 26 -11.35 53.58 21.30
CA LEU CA 26 -9.98 53.13 21.53
C LEU CA 26 -9.21 53.99 22.52
N GLN CA 27 -9.72 55.16 22.89
CA GLN CA 27 -9.02 56.06 23.79
C GLN CA 27 -9.67 56.00 25.17
N GLY CA 28 -8.86 55.80 26.19
CA GLY CA 28 -9.38 55.70 27.55
C GLY CA 28 -10.26 54.48 27.77
N GLN CA 29 -9.94 53.37 27.12
CA GLN CA 29 -10.68 52.14 27.35
C GLN CA 29 -10.12 51.39 28.55
N PHE CA 30 -10.80 50.32 28.93
CA PHE CA 30 -10.46 49.57 30.13
C PHE CA 30 -10.48 48.08 29.87
N GLY CA 31 -9.86 47.65 28.78
CA GLY CA 31 -9.84 46.25 28.41
C GLY CA 31 -8.54 45.82 27.78
N LEU CA 32 -8.62 44.80 26.93
CA LEU CA 32 -7.46 44.25 26.22
C LEU CA 32 -7.17 44.99 24.92
N ALA CA 33 -7.92 46.06 24.62
CA ALA CA 33 -7.72 46.79 23.38
C ALA CA 33 -6.28 47.26 23.23
N LYS CA 34 -5.63 47.62 24.33
CA LYS CA 34 -4.24 48.03 24.26
C LYS CA 34 -3.33 46.88 23.84
N GLN CA 35 -3.58 45.68 24.38
CA GLN CA 35 -2.80 44.51 23.95
C GLN CA 35 -3.06 44.19 22.48
N ALA CA 36 -4.30 44.33 22.04
CA ALA CA 36 -4.60 44.11 20.63
C ALA CA 36 -3.86 45.12 19.75
N GLU CA 37 -3.80 46.38 20.20
CA GLU CA 37 -3.04 47.39 19.48
C GLU CA 37 -1.56 47.02 19.39
N VAL CA 38 -1.00 46.54 20.50
CA VAL CA 38 0.41 46.15 20.51
C VAL CA 38 0.66 45.00 19.54
N ALA CA 39 -0.22 44.00 19.55
CA ALA CA 39 -0.08 42.88 18.64
C ALA CA 39 -0.19 43.32 17.19
N LEU CA 40 -1.12 44.23 16.90
CA LEU CA 40 -1.25 44.77 15.55
C LEU CA 40 0.05 45.45 15.11
N ASN CA 41 0.62 46.29 15.98
CA ASN CA 41 1.85 46.98 15.63
C ASN CA 41 3.00 46.00 15.39
N ASP CA 42 3.10 44.97 16.25
CA ASP CA 42 4.19 44.02 16.11
C ASP CA 42 4.08 43.23 14.81
N VAL CA 43 2.86 42.76 14.49
CA VAL CA 43 2.69 42.01 13.25
C VAL CA 43 2.92 42.92 12.05
N SER CA 44 2.52 44.19 12.14
CA SER CA 44 2.77 45.13 11.05
C SER CA 44 4.27 45.28 10.81
N ARG CA 45 5.04 45.42 11.88
CA ARG CA 45 6.50 45.52 11.72
C ARG CA 45 7.05 44.24 11.09
N THR CA 46 6.59 43.09 11.57
CA THR CA 46 7.11 41.82 11.07
C THR CA 46 6.85 41.67 9.56
N ILE CA 47 5.65 42.04 9.12
CA ILE CA 47 5.34 41.92 7.70
C ILE CA 47 6.10 42.94 6.88
N GLN CA 48 6.14 44.20 7.33
CA GLN CA 48 6.77 45.24 6.52
C GLN CA 48 8.27 45.07 6.41
N THR CA 49 8.91 44.40 7.37
CA THR CA 49 10.37 44.33 7.28
C THR CA 49 10.87 43.42 6.15
N GLU CA 50 9.99 42.91 5.29
CA GLU CA 50 10.45 42.06 4.19
C GLU CA 50 10.76 42.89 2.94
N GLY CA 51 9.90 43.84 2.61
CA GLY CA 51 10.10 44.66 1.42
C GLY CA 51 9.20 44.25 0.28
N TRP CA 52 8.13 45.02 0.07
CA TRP CA 52 7.13 44.74 -0.94
C TRP CA 52 7.07 45.89 -1.94
N SER CA 53 6.09 45.84 -2.82
CA SER CA 53 5.99 46.83 -3.88
C SER CA 53 5.64 48.21 -3.35
N PHE CA 54 4.81 48.30 -2.30
CA PHE CA 54 4.26 49.57 -1.88
C PHE CA 54 5.13 50.33 -0.87
N ASN CA 55 6.22 49.73 -0.38
CA ASN CA 55 7.03 50.38 0.64
C ASN CA 55 8.51 50.35 0.27
N THR CA 56 8.83 50.31 -1.02
CA THR CA 56 10.20 50.27 -1.48
C THR CA 56 10.45 51.47 -2.38
N ASP CA 57 11.54 52.18 -2.14
CA ASP CA 57 11.92 53.35 -2.92
C ASP CA 57 13.18 53.03 -3.72
N LEU CA 58 13.10 53.18 -5.03
CA LEU CA 58 14.21 52.89 -5.91
C LEU CA 58 14.98 54.18 -6.25
N GLU CA 59 16.25 54.02 -6.61
CA GLU CA 59 17.08 55.12 -7.11
C GLU CA 59 17.27 56.23 -6.08
N LYS CA 60 16.85 55.99 -4.84
CA LYS CA 60 16.93 57.02 -3.81
C LYS CA 60 18.38 57.38 -3.50
N LYS CA 61 18.63 58.67 -3.29
CA LYS CA 61 19.96 59.19 -3.02
C LYS CA 61 20.09 59.51 -1.54
N LEU CA 62 21.19 59.08 -0.93
CA LEU CA 62 21.43 59.26 0.49
C LEU CA 62 22.55 60.27 0.71
N GLU CA 63 22.40 61.09 1.75
CA GLU CA 63 23.32 62.16 2.05
C GLU CA 63 24.05 61.88 3.36
N ARG CA 64 25.31 62.32 3.43
CA ARG CA 64 26.16 62.08 4.59
C ARG CA 64 26.23 63.32 5.47
N ASN CA 65 26.64 63.10 6.72
CA ASN CA 65 26.80 64.18 7.67
C ASN CA 65 28.24 64.71 7.62
N SER CA 66 28.60 65.55 8.60
CA SER CA 66 29.91 66.20 8.58
C SER CA 66 31.06 65.23 8.82
N SER CA 67 30.87 64.21 9.65
CA SER CA 67 31.93 63.29 10.01
C SER CA 67 32.12 62.16 9.00
N ASN CA 68 31.62 62.34 7.77
CA ASN CA 68 31.71 61.31 6.73
C ASN CA 68 31.10 59.99 7.19
N GLU CA 69 29.83 60.03 7.55
CA GLU CA 69 29.08 58.84 7.94
C GLU CA 69 27.71 58.89 7.29
N ILE CA 70 27.10 57.73 7.14
CA ILE CA 70 25.74 57.62 6.62
C ILE CA 70 24.82 57.26 7.78
N GLU CA 71 23.81 58.09 8.01
CA GLU CA 71 22.85 57.89 9.08
C GLU CA 71 21.49 57.54 8.50
N LEU CA 72 20.80 56.62 9.18
CA LEU CA 72 19.50 56.15 8.75
C LEU CA 72 18.43 56.57 9.77
N SER CA 73 17.22 56.75 9.28
CA SER CA 73 16.11 57.13 10.15
C SER CA 73 15.76 55.97 11.07
N SER CA 74 14.81 56.22 11.97
CA SER CA 74 14.45 55.22 12.98
C SER CA 74 13.57 54.11 12.39
N ASN CA 75 13.02 54.32 11.20
CA ASN CA 75 12.10 53.36 10.60
C ASN CA 75 12.61 52.80 9.27
N VAL CA 76 13.93 52.68 9.12
CA VAL CA 76 14.50 52.10 7.91
C VAL CA 76 14.84 50.64 8.19
N SER CA 77 14.38 49.74 7.33
CA SER CA 77 14.51 48.31 7.55
C SER CA 77 15.67 47.68 6.80
N ARG CA 78 15.88 48.03 5.54
CA ARG CA 78 16.92 47.39 4.74
C ARG CA 78 17.36 48.31 3.62
N VAL CA 79 18.64 48.21 3.26
CA VAL CA 79 19.21 48.95 2.14
C VAL CA 79 20.02 47.99 1.28
N VAL CA 80 20.01 48.24 -0.03
CA VAL CA 80 20.73 47.43 -1.00
C VAL CA 80 21.49 48.36 -1.94
N VAL CA 81 22.76 48.06 -2.17
CA VAL CA 81 23.57 48.80 -3.14
C VAL CA 81 23.84 47.88 -4.33
N ASP CA 82 24.07 48.49 -5.48
CA ASP CA 82 24.28 47.74 -6.71
C ASP CA 82 25.75 47.35 -6.82
N ASN CA 83 26.01 46.05 -6.86
CA ASN CA 83 27.39 45.57 -6.95
C ASN CA 83 28.05 46.02 -8.24
N LEU CA 84 27.33 45.97 -9.36
CA LEU CA 84 27.89 46.42 -10.62
C LEU CA 84 28.22 47.90 -10.60
N GLU CA 85 27.35 48.73 -10.02
CA GLU CA 85 27.59 50.16 -9.95
C GLU CA 85 28.73 50.52 -9.00
N TYR CA 86 28.88 49.80 -7.90
CA TYR CA 86 29.95 50.06 -6.94
C TYR CA 86 30.80 48.81 -6.79
N PRO CA 87 31.89 48.70 -7.53
CA PRO CA 87 32.69 47.46 -7.53
C PRO CA 87 33.58 47.31 -6.31
N ASP CA 88 34.19 48.40 -5.84
CA ASP CA 88 35.18 48.33 -4.79
C ASP CA 88 34.61 48.56 -3.40
N ILE CA 89 33.31 48.84 -3.28
CA ILE CA 89 32.67 49.11 -2.00
C ILE CA 89 31.39 48.29 -1.91
N ASP CA 90 31.26 47.52 -0.84
CA ASP CA 90 30.01 46.83 -0.52
C ASP CA 90 29.63 47.16 0.91
N VAL CA 91 28.35 47.40 1.14
CA VAL CA 91 27.89 47.87 2.44
C VAL CA 91 26.89 46.89 3.01
N VAL CA 92 26.85 46.81 4.34
CA VAL CA 92 25.87 46.04 5.09
C VAL CA 92 25.35 46.89 6.23
N GLN CA 93 24.04 46.85 6.44
CA GLN CA 93 23.43 47.69 7.46
C GLN CA 93 23.76 47.17 8.86
N ARG CA 94 24.04 48.11 9.77
CA ARG CA 94 24.32 47.77 11.16
C ARG CA 94 23.71 48.85 12.04
N GLY CA 95 22.59 48.54 12.68
CA GLY CA 95 21.90 49.51 13.51
C GLY CA 95 21.31 50.63 12.69
N ASP CA 96 21.90 51.82 12.79
CA ASP CA 96 21.45 52.98 12.03
C ASP CA 96 22.54 53.53 11.12
N LYS CA 97 23.67 52.85 11.01
CA LYS CA 97 24.78 53.29 10.17
C LYS CA 97 25.18 52.16 9.24
N LEU CA 98 25.84 52.54 8.14
CA LEU CA 98 26.34 51.55 7.20
C LEU CA 98 27.81 51.25 7.47
N TYR CA 99 28.24 50.06 7.09
CA TYR CA 99 29.60 49.60 7.31
C TYR CA 99 30.17 49.12 5.99
N ASP CA 100 31.29 49.71 5.57
CA ASP CA 100 31.98 49.31 4.35
C ASP CA 100 32.84 48.10 4.70
N ARG CA 101 32.23 46.92 4.60
CA ARG CA 101 32.84 45.71 5.15
C ARG CA 101 34.12 45.30 4.42
N LYS CA 102 34.31 45.74 3.16
CA LYS CA 102 35.55 45.41 2.46
C LYS CA 102 36.72 46.24 2.98
N ASN CA 103 36.50 47.53 3.20
CA ASN CA 103 37.56 48.41 3.67
C ASN CA 103 37.60 48.54 5.18
N ASN CA 104 36.68 47.91 5.89
CA ASN CA 104 36.63 47.90 7.36
C ASN CA 104 36.58 49.32 7.92
N ARG CA 105 35.79 50.18 7.27
CA ARG CA 105 35.67 51.57 7.70
C ARG CA 105 34.19 51.92 7.86
N TYR CA 106 33.93 52.85 8.77
CA TYR CA 106 32.61 53.43 8.92
C TYR CA 106 32.41 54.68 8.10
N THR CA 107 33.42 55.09 7.33
CA THR CA 107 33.40 56.35 6.60
C THR CA 107 33.42 56.10 5.10
N PHE CA 108 32.65 56.90 4.38
CA PHE CA 108 32.58 56.86 2.93
C PHE CA 108 33.15 58.13 2.35
N ASP CA 109 33.43 58.11 1.05
CA ASP CA 109 34.03 59.26 0.39
C ASP CA 109 33.04 60.13 -0.36
N GLU CA 110 32.03 59.55 -1.01
CA GLU CA 110 31.01 60.33 -1.68
C GLU CA 110 29.65 59.77 -1.29
N ASP CA 111 28.59 60.36 -1.86
CA ASP CA 111 27.24 59.93 -1.57
C ASP CA 111 26.93 58.62 -2.29
N LEU CA 112 25.80 58.02 -1.91
CA LEU CA 112 25.39 56.73 -2.45
C LEU CA 112 24.02 56.83 -3.10
N ILE CA 113 23.76 55.92 -4.04
CA ILE CA 113 22.45 55.76 -4.66
C ILE CA 113 21.99 54.35 -4.34
N VAL CA 114 21.09 54.21 -3.37
CA VAL CA 114 20.71 52.92 -2.83
C VAL CA 114 19.20 52.73 -3.04
N ASP CA 115 18.74 51.51 -2.74
CA ASP CA 115 17.33 51.18 -2.72
C ASP CA 115 16.90 51.01 -1.28
N MET CA 116 15.82 51.69 -0.89
CA MET CA 116 15.46 51.83 0.51
C MET CA 116 14.07 51.25 0.75
N THR CA 117 13.93 50.53 1.86
CA THR CA 117 12.65 49.98 2.30
C THR CA 117 12.27 50.63 3.63
N THR CA 118 11.05 51.15 3.70
CA THR CA 118 10.59 51.90 4.85
C THR CA 118 9.45 51.18 5.54
N ILE CA 119 9.43 51.23 6.87
CA ILE CA 119 8.31 50.72 7.65
C ILE CA 119 7.32 51.85 7.82
N LEU CA 120 6.08 51.63 7.38
CA LEU CA 120 5.07 52.67 7.34
C LEU CA 120 4.11 52.57 8.52
N GLU CA 121 3.42 53.68 8.78
CA GLU CA 121 2.40 53.70 9.82
C GLU CA 121 1.13 53.03 9.32
N TRP CA 122 0.17 52.86 10.23
CA TRP CA 122 -1.06 52.17 9.88
C TRP CA 122 -1.89 52.96 8.87
N ASP CA 123 -1.76 54.29 8.86
CA ASP CA 123 -2.60 55.10 7.99
C ASP CA 123 -2.29 54.86 6.53
N LEU CA 124 -1.01 54.78 6.18
CA LEU CA 124 -0.60 54.71 4.78
C LEU CA 124 -0.71 53.32 4.17
N LEU CA 125 -1.02 52.31 4.96
CA LEU CA 125 -1.06 50.94 4.46
C LEU CA 125 -2.25 50.72 3.52
N PRO CA 126 -2.03 50.01 2.42
CA PRO CA 126 -3.14 49.67 1.52
C PRO CA 126 -4.02 48.55 2.09
N GLU CA 127 -5.12 48.30 1.37
CA GLU CA 127 -6.21 47.49 1.91
C GLU CA 127 -5.79 46.04 2.13
N HIS CA 128 -5.17 45.42 1.13
CA HIS CA 128 -4.83 44.00 1.26
C HIS CA 128 -3.81 43.78 2.37
N ALA CA 129 -2.83 44.69 2.48
CA ALA CA 129 -1.90 44.61 3.60
C ALA CA 129 -2.63 44.74 4.92
N ARG CA 130 -3.61 45.65 5.00
CA ARG CA 130 -4.39 45.78 6.23
C ARG CA 130 -5.08 44.47 6.59
N GLN CA 131 -5.70 43.82 5.62
CA GLN CA 131 -6.43 42.58 5.89
C GLN CA 131 -5.48 41.48 6.36
N TYR CA 132 -4.36 41.31 5.66
CA TYR CA 132 -3.41 40.28 6.05
C TYR CA 132 -2.87 40.53 7.46
N ILE CA 133 -2.54 41.79 7.76
CA ILE CA 133 -2.05 42.15 9.08
C ILE CA 133 -3.08 41.82 10.14
N THR CA 134 -4.35 42.17 9.88
CA THR CA 134 -5.40 41.93 10.85
C THR CA 134 -5.52 40.45 11.17
N ILE CA 135 -5.60 39.61 10.14
CA ILE CA 135 -5.80 38.18 10.38
C ILE CA 135 -4.61 37.58 11.12
N LYS CA 136 -3.39 37.93 10.68
CA LYS CA 136 -2.20 37.37 11.31
C LYS CA 136 -2.11 37.79 12.77
N ALA CA 137 -2.37 39.07 13.07
CA ALA CA 137 -2.30 39.53 14.45
C ALA CA 137 -3.36 38.86 15.30
N GLY CA 138 -4.56 38.67 14.77
CA GLY CA 138 -5.59 37.98 15.53
C GLY CA 138 -5.17 36.57 15.90
N ARG CA 139 -4.63 35.83 14.94
CA ARG CA 139 -4.21 34.46 15.22
C ARG CA 139 -3.12 34.43 16.27
N GLN CA 140 -2.10 35.29 16.12
CA GLN CA 140 -0.98 35.27 17.05
C GLN CA 140 -1.44 35.65 18.46
N LEU CA 141 -2.30 36.66 18.58
CA LEU CA 141 -2.77 37.07 19.90
C LEU CA 141 -3.62 36.00 20.55
N GLN CA 142 -4.49 35.33 19.77
CA GLN CA 142 -5.29 34.26 20.35
C GLN CA 142 -4.40 33.14 20.88
N GLU CA 143 -3.39 32.76 20.10
CA GLU CA 143 -2.49 31.70 20.56
C GLU CA 143 -1.75 32.15 21.82
N ALA CA 144 -1.34 33.41 21.88
CA ALA CA 144 -0.60 33.89 23.04
C ALA CA 144 -1.47 33.93 24.29
N ILE CA 145 -2.76 34.24 24.14
CA ILE CA 145 -3.63 34.42 25.29
C ILE CA 145 -4.21 33.11 25.79
N ILE CA 146 -4.84 32.33 24.91
CA ILE CA 146 -5.52 31.11 25.37
C ILE CA 146 -4.59 29.92 25.25
N GLY CA 147 -4.18 29.59 24.03
CA GLY CA 147 -3.27 28.49 23.80
C GLY CA 147 -3.91 27.19 23.38
N SER CA 148 -4.96 27.22 22.56
CA SER CA 148 -5.60 26.01 22.10
C SER CA 148 -4.82 25.40 20.94
N ALA CA 149 -5.37 24.34 20.35
CA ALA CA 149 -4.80 23.72 19.16
C ALA CA 149 -5.75 23.72 17.99
N GLU CA 150 -7.02 23.32 18.19
CA GLU CA 150 -7.99 23.36 17.11
C GLU CA 150 -8.27 24.79 16.65
N LEU CA 151 -8.33 25.72 17.60
CA LEU CA 151 -8.46 27.12 17.24
C LEU CA 151 -7.27 27.55 16.37
N THR CA 152 -6.08 27.09 16.71
CA THR CA 152 -4.91 27.40 15.89
C THR CA 152 -5.04 26.79 14.50
N LYS CA 153 -5.62 25.60 14.40
CA LYS CA 153 -5.84 25.00 13.08
C LYS CA 153 -6.77 25.86 12.24
N LEU CA 154 -7.88 26.29 12.84
CA LEU CA 154 -8.83 27.11 12.11
C LEU CA 154 -8.21 28.43 11.67
N ASN CA 155 -7.47 29.08 12.59
CA ASN CA 155 -6.82 30.34 12.25
C ASN CA 155 -5.74 30.14 11.20
N LEU CA 156 -5.08 28.98 11.20
CA LEU CA 156 -4.10 28.69 10.16
C LEU CA 156 -4.78 28.57 8.79
N THR CA 157 -5.94 27.92 8.74
CA THR CA 157 -6.68 27.84 7.48
C THR CA 157 -7.04 29.23 6.97
N GLN CA 158 -7.60 30.06 7.85
CA GLN CA 158 -7.97 31.41 7.45
C GLN CA 158 -6.75 32.22 7.02
N GLU CA 159 -5.64 32.07 7.74
CA GLU CA 159 -4.42 32.79 7.40
C GLU CA 159 -3.88 32.37 6.04
N VAL CA 160 -3.95 31.07 5.73
CA VAL CA 160 -3.49 30.59 4.44
C VAL CA 160 -4.33 31.21 3.32
N GLU CA 161 -5.65 31.22 3.52
CA GLU CA 161 -6.52 31.83 2.51
C GLU CA 161 -6.19 33.32 2.33
N ALA CA 162 -6.00 34.03 3.44
CA ALA CA 162 -5.72 35.45 3.37
C ALA CA 162 -4.38 35.73 2.69
N ARG CA 163 -3.37 34.91 2.98
CA ARG CA 163 -2.08 35.08 2.33
C ARG CA 163 -2.18 34.84 0.84
N SER CA 164 -2.95 33.83 0.44
CA SER CA 164 -3.16 33.60 -0.99
C SER CA 164 -3.77 34.83 -1.65
N ALA CA 165 -4.81 35.38 -1.03
CA ALA CA 165 -5.45 36.57 -1.60
C ALA CA 165 -4.49 37.74 -1.68
N PHE CA 166 -3.71 37.96 -0.62
CA PHE CA 166 -2.78 39.08 -0.59
C PHE CA 166 -1.71 38.95 -1.67
N LEU CA 167 -1.15 37.75 -1.82
CA LEU CA 167 -0.14 37.55 -2.85
C LEU CA 167 -0.72 37.73 -4.24
N GLU CA 168 -1.94 37.24 -4.47
CA GLU CA 168 -2.56 37.42 -5.78
C GLU CA 168 -2.75 38.91 -6.06
N GLU CA 169 -3.21 39.66 -5.05
CA GLU CA 169 -3.39 41.10 -5.25
C GLU CA 169 -2.07 41.78 -5.56
N GLU CA 170 -1.00 41.42 -4.86
CA GLU CA 170 0.29 42.06 -5.10
C GLU CA 170 0.81 41.77 -6.49
N THR CA 171 0.71 40.51 -6.93
CA THR CA 171 1.23 40.16 -8.26
C THR CA 171 0.34 40.66 -9.38
N THR CA 172 -0.95 40.93 -9.10
CA THR CA 172 -1.77 41.59 -10.11
C THR CA 172 -1.48 43.07 -10.18
N LYS CA 173 -1.20 43.70 -9.04
CA LYS CA 173 -0.92 45.14 -9.01
C LYS CA 173 0.41 45.45 -9.68
N SER CA 174 1.51 44.88 -9.16
CA SER CA 174 2.83 45.33 -9.54
C SER CA 174 3.24 44.92 -10.95
N GLU CA 175 2.69 43.83 -11.48
CA GLU CA 175 3.02 43.33 -12.82
C GLU CA 175 4.51 43.04 -12.95
N HIS CA 176 4.96 42.04 -12.19
CA HIS CA 176 6.33 41.60 -12.30
C HIS CA 176 6.55 40.88 -13.63
N SER CA 177 7.83 40.69 -13.98
CA SER CA 177 8.18 40.05 -15.22
C SER CA 177 9.51 39.34 -15.06
N MET CA 178 9.75 38.37 -15.94
CA MET CA 178 11.01 37.64 -15.99
C MET CA 178 11.93 38.11 -17.11
N LEU CA 179 11.35 38.63 -18.20
CA LEU CA 179 12.15 39.14 -19.29
C LEU CA 179 12.96 40.36 -18.88
N ARG CA 180 12.35 41.26 -18.11
CA ARG CA 180 12.94 42.56 -17.85
C ARG CA 180 14.22 42.48 -17.02
N GLY CA 181 14.44 41.39 -16.29
CA GLY CA 181 15.62 41.35 -15.45
C GLY CA 181 15.45 42.26 -14.24
N HIS CA 182 16.58 42.65 -13.66
CA HIS CA 182 16.56 43.54 -12.52
C HIS CA 182 15.96 44.89 -12.91
N LEU CA 183 15.03 45.38 -12.09
CA LEU CA 183 14.20 46.52 -12.47
C LEU CA 183 14.94 47.84 -12.42
N ASN CA 184 16.16 47.88 -11.88
CA ASN CA 184 16.90 49.14 -11.83
C ASN CA 184 17.22 49.66 -13.22
N ARG CA 185 17.14 48.81 -14.24
CA ARG CA 185 17.28 49.25 -15.62
C ARG CA 185 15.92 49.64 -16.18
N THR CA 186 15.87 50.81 -16.84
CA THR CA 186 14.63 51.31 -17.40
C THR CA 186 14.11 50.38 -18.48
N SER CA 187 12.78 50.16 -18.47
CA SER CA 187 12.09 49.18 -19.31
C SER CA 187 12.33 49.41 -20.80
N PRO CA 188 13.09 48.53 -21.47
CA PRO CA 188 13.14 48.53 -22.94
C PRO CA 188 12.19 47.51 -23.58
N VAL CA 189 11.40 46.80 -22.79
CA VAL CA 189 10.61 45.67 -23.27
C VAL CA 189 9.25 46.17 -23.71
N ASN CA 190 8.79 45.66 -24.86
CA ASN CA 190 7.43 45.94 -25.30
C ASN CA 190 6.49 44.84 -24.85
N THR CA 191 7.03 43.67 -24.50
CA THR CA 191 6.25 42.48 -24.16
C THR CA 191 5.20 42.21 -25.24
N TYR CA 192 5.64 42.33 -26.49
CA TYR CA 192 4.73 42.20 -27.61
C TYR CA 192 4.02 40.85 -27.58
N ILE CA 193 2.71 40.90 -27.79
CA ILE CA 193 1.82 39.78 -27.49
C ILE CA 193 1.94 38.77 -28.64
N PRO CA 194 2.29 37.51 -28.35
CA PRO CA 194 2.30 36.50 -29.40
C PRO CA 194 0.93 35.99 -29.79
N SER CA 195 -0.13 36.35 -29.05
CA SER CA 195 -1.40 35.64 -29.19
C SER CA 195 -2.30 36.28 -30.23
N ARG CA 196 -2.60 37.56 -30.10
CA ARG CA 196 -3.71 38.15 -30.87
C ARG CA 196 -3.33 38.52 -32.29
N THR CA 197 -2.31 39.38 -32.46
CA THR CA 197 -2.09 40.05 -33.73
C THR CA 197 -1.54 39.06 -34.75
N LEU CA 198 -2.42 38.17 -35.20
CA LEU CA 198 -2.11 37.26 -36.29
C LEU CA 198 -3.14 37.27 -37.41
N GLU CA 199 -4.18 38.08 -37.31
CA GLU CA 199 -5.23 38.12 -38.31
C GLU CA 199 -5.10 39.37 -39.19
N ALA DA 2 -41.11 38.07 -6.30
CA ALA DA 2 -39.99 37.61 -5.48
C ALA DA 2 -38.75 38.46 -5.75
N ALA DA 3 -38.60 39.55 -5.01
CA ALA DA 3 -37.50 40.47 -5.23
C ALA DA 3 -36.19 39.85 -4.77
N ARG DA 4 -35.11 40.61 -4.94
CA ARG DA 4 -33.78 40.14 -4.55
C ARG DA 4 -33.64 40.16 -3.03
N THR DA 5 -32.58 39.51 -2.56
CA THR DA 5 -32.34 39.41 -1.13
C THR DA 5 -32.06 40.77 -0.52
N SER DA 6 -32.65 41.03 0.64
CA SER DA 6 -32.44 42.28 1.35
C SER DA 6 -31.51 42.07 2.54
N PHE DA 7 -31.10 43.19 3.13
CA PHE DA 7 -30.16 43.15 4.25
C PHE DA 7 -30.76 42.42 5.45
N LEU DA 8 -32.04 42.66 5.71
CA LEU DA 8 -32.69 41.98 6.84
C LEU DA 8 -32.77 40.48 6.59
N ASP DA 9 -33.07 40.06 5.36
CA ASP DA 9 -33.10 38.64 5.05
C ASP DA 9 -31.71 38.03 5.21
N ALA DA 10 -30.67 38.75 4.79
CA ALA DA 10 -29.32 38.24 4.97
C ALA DA 10 -28.98 38.09 6.45
N VAL DA 11 -29.36 39.06 7.28
CA VAL DA 11 -29.10 38.97 8.71
C VAL DA 11 -29.85 37.78 9.31
N ASN DA 12 -31.10 37.59 8.91
CA ASN DA 12 -31.87 36.45 9.41
C ASN DA 12 -31.22 35.13 9.00
N ARG DA 13 -30.73 35.04 7.77
CA ARG DA 13 -30.07 33.82 7.33
C ARG DA 13 -28.79 33.57 8.12
N VAL DA 14 -28.01 34.62 8.38
CA VAL DA 14 -26.79 34.46 9.15
C VAL DA 14 -27.11 33.96 10.56
N LEU DA 15 -28.12 34.55 11.20
CA LEU DA 15 -28.51 34.11 12.54
C LEU DA 15 -28.99 32.66 12.52
N GLN DA 16 -29.78 32.30 11.51
CA GLN DA 16 -30.28 30.94 11.41
C GLN DA 16 -29.14 29.94 11.24
N MET DA 17 -28.15 30.29 10.41
CA MET DA 17 -27.00 29.40 10.24
C MET DA 17 -26.16 29.34 11.51
N LEU DA 18 -26.11 30.42 12.28
CA LEU DA 18 -25.49 30.35 13.60
C LEU DA 18 -26.27 29.42 14.53
N GLY DA 19 -27.58 29.31 14.33
CA GLY DA 19 -28.40 28.42 15.12
C GLY DA 19 -29.36 29.08 16.08
N GLU DA 20 -29.54 30.39 16.01
CA GLU DA 20 -30.42 31.11 16.91
C GLU DA 20 -31.77 31.36 16.25
N ALA DA 21 -32.66 32.02 16.99
CA ALA DA 21 -33.97 32.37 16.46
C ALA DA 21 -33.87 33.62 15.58
N PRO DA 22 -34.67 33.71 14.53
CA PRO DA 22 -34.64 34.90 13.67
C PRO DA 22 -35.11 36.14 14.42
N VAL DA 23 -34.56 37.28 14.03
CA VAL DA 23 -34.85 38.55 14.67
C VAL DA 23 -35.78 39.36 13.77
N ASN DA 24 -36.57 40.24 14.39
CA ASN DA 24 -37.60 40.95 13.68
C ASN DA 24 -37.03 41.99 12.72
N SER DA 25 -36.08 42.81 13.18
CA SER DA 25 -35.64 43.93 12.38
C SER DA 25 -34.16 44.18 12.64
N LEU DA 26 -33.68 45.35 12.24
CA LEU DA 26 -32.31 45.77 12.46
C LEU DA 26 -32.21 46.99 13.36
N GLN DA 27 -33.24 47.84 13.38
CA GLN DA 27 -33.17 49.13 14.05
C GLN DA 27 -33.57 48.99 15.51
N GLY DA 28 -32.70 49.44 16.40
CA GLY DA 28 -32.98 49.34 17.82
C GLY DA 28 -33.17 47.92 18.28
N GLN DA 29 -32.43 46.98 17.69
CA GLN DA 29 -32.56 45.59 18.07
C GLN DA 29 -32.02 45.34 19.46
N PHE DA 30 -32.55 44.30 20.09
CA PHE DA 30 -32.16 43.88 21.42
C PHE DA 30 -31.59 42.47 21.35
N GLY DA 31 -30.73 42.23 20.37
CA GLY DA 31 -30.14 40.92 20.15
C GLY DA 31 -28.77 41.03 19.49
N LEU DA 32 -28.47 40.04 18.64
CA LEU DA 32 -27.18 39.89 17.98
C LEU DA 32 -27.09 40.65 16.67
N ALA DA 33 -27.99 41.61 16.43
CA ALA DA 33 -28.03 42.30 15.15
C ALA DA 33 -26.72 43.02 14.88
N LYS DA 34 -26.10 43.60 15.91
CA LYS DA 34 -24.85 44.31 15.71
C LYS DA 34 -23.75 43.35 15.24
N GLN DA 35 -23.66 42.17 15.85
CA GLN DA 35 -22.65 41.20 15.43
C GLN DA 35 -22.90 40.71 14.02
N ALA DA 36 -24.16 40.40 13.69
CA ALA DA 36 -24.46 39.97 12.33
C ALA DA 36 -24.12 41.05 11.32
N GLU DA 37 -24.45 42.31 11.64
CA GLU DA 37 -24.19 43.41 10.73
C GLU DA 37 -22.70 43.61 10.51
N VAL DA 38 -21.90 43.59 11.58
CA VAL DA 38 -20.47 43.81 11.41
C VAL DA 38 -19.84 42.64 10.65
N ALA DA 39 -20.30 41.41 10.90
CA ALA DA 39 -19.77 40.28 10.14
C ALA DA 39 -20.08 40.42 8.65
N LEU DA 40 -21.32 40.76 8.32
CA LEU DA 40 -21.69 40.89 6.92
C LEU DA 40 -20.90 42.01 6.25
N ASN DA 41 -20.75 43.15 6.93
CA ASN DA 41 -19.99 44.25 6.35
C ASN DA 41 -18.54 43.88 6.12
N ASP DA 42 -17.90 43.23 7.10
CA ASP DA 42 -16.51 42.88 6.97
C ASP DA 42 -16.29 41.88 5.83
N VAL DA 43 -17.18 40.88 5.71
CA VAL DA 43 -17.02 39.91 4.63
C VAL DA 43 -17.27 40.58 3.28
N SER DA 44 -18.23 41.51 3.21
CA SER DA 44 -18.45 42.22 1.97
C SER DA 44 -17.22 43.01 1.55
N ARG DA 45 -16.59 43.70 2.50
CA ARG DA 45 -15.37 44.44 2.18
C ARG DA 45 -14.25 43.51 1.73
N THR DA 46 -14.10 42.38 2.43
CA THR DA 46 -13.04 41.43 2.08
C THR DA 46 -13.24 40.87 0.68
N ILE DA 47 -14.48 40.55 0.31
CA ILE DA 47 -14.74 40.04 -1.03
C ILE DA 47 -14.51 41.12 -2.07
N GLN DA 48 -14.92 42.36 -1.77
CA GLN DA 48 -14.86 43.42 -2.78
C GLN DA 48 -13.42 43.87 -3.04
N THR DA 49 -12.56 43.83 -2.03
CA THR DA 49 -11.23 44.41 -2.22
C THR DA 49 -10.35 43.63 -3.19
N GLU DA 50 -10.83 42.52 -3.74
CA GLU DA 50 -10.02 41.74 -4.66
C GLU DA 50 -10.15 42.24 -6.09
N GLY DA 51 -11.35 42.67 -6.48
CA GLY DA 51 -11.54 43.22 -7.81
C GLY DA 51 -12.16 42.24 -8.78
N TRP DA 52 -13.42 42.47 -9.14
CA TRP DA 52 -14.13 41.63 -10.09
C TRP DA 52 -14.66 42.48 -11.24
N SER DA 53 -15.50 41.88 -12.09
CA SER DA 53 -15.99 42.58 -13.27
C SER DA 53 -17.12 43.56 -12.96
N PHE DA 54 -17.79 43.42 -11.83
CA PHE DA 54 -18.94 44.25 -11.52
C PHE DA 54 -18.60 45.48 -10.69
N ASN DA 55 -17.33 45.65 -10.31
CA ASN DA 55 -16.94 46.80 -9.51
C ASN DA 55 -15.64 47.42 -10.00
N THR DA 56 -15.42 47.41 -11.31
CA THR DA 56 -14.20 47.94 -11.90
C THR DA 56 -14.55 48.88 -13.04
N ASP DA 57 -13.91 50.04 -13.08
CA ASP DA 57 -14.10 51.02 -14.14
C ASP DA 57 -12.87 51.05 -15.04
N LEU DA 58 -13.11 51.30 -16.33
CA LEU DA 58 -12.05 51.27 -17.33
C LEU DA 58 -11.71 52.69 -17.78
N GLU DA 59 -10.42 52.93 -18.00
CA GLU DA 59 -9.88 54.18 -18.56
C GLU DA 59 -10.57 55.41 -17.96
N LYS DA 60 -10.62 55.47 -16.64
CA LYS DA 60 -11.17 56.61 -15.95
C LYS DA 60 -10.10 57.68 -15.74
N LYS DA 61 -10.50 58.94 -15.95
CA LYS DA 61 -9.57 60.06 -15.82
C LYS DA 61 -9.53 60.56 -14.39
N LEU DA 62 -8.34 60.88 -13.91
CA LEU DA 62 -8.12 61.44 -12.58
C LEU DA 62 -7.55 62.84 -12.71
N GLU DA 63 -7.97 63.73 -11.80
CA GLU DA 63 -7.58 65.14 -11.85
C GLU DA 63 -6.87 65.51 -10.57
N ARG DA 64 -5.76 66.25 -10.71
CA ARG DA 64 -4.96 66.68 -9.58
C ARG DA 64 -5.52 67.95 -8.97
N ASN DA 65 -5.05 68.25 -7.75
CA ASN DA 65 -5.46 69.45 -7.04
C ASN DA 65 -4.50 70.60 -7.38
N SER DA 66 -4.59 71.69 -6.61
CA SER DA 66 -3.78 72.87 -6.89
C SER DA 66 -2.30 72.66 -6.61
N SER DA 67 -1.94 71.58 -5.91
CA SER DA 67 -0.54 71.32 -5.57
C SER DA 67 0.04 70.14 -6.36
N ASN DA 68 -0.59 69.77 -7.47
CA ASN DA 68 -0.16 68.65 -8.30
C ASN DA 68 -0.10 67.36 -7.49
N GLU DA 69 -1.19 67.07 -6.78
CA GLU DA 69 -1.27 65.89 -5.92
C GLU DA 69 -2.58 65.17 -6.20
N ILE DA 70 -2.53 63.86 -6.36
CA ILE DA 70 -3.70 63.07 -6.67
C ILE DA 70 -4.26 62.52 -5.35
N GLU DA 71 -5.51 62.87 -5.05
CA GLU DA 71 -6.19 62.39 -3.86
C GLU DA 71 -7.34 61.48 -4.27
N LEU DA 72 -7.35 60.27 -3.73
CA LEU DA 72 -8.39 59.30 -4.02
C LEU DA 72 -9.60 59.53 -3.12
N SER DA 73 -10.70 58.88 -3.48
CA SER DA 73 -11.90 58.95 -2.67
C SER DA 73 -11.75 58.09 -1.41
N SER DA 74 -12.80 58.01 -0.62
CA SER DA 74 -12.76 57.23 0.61
C SER DA 74 -12.85 55.72 0.35
N ASN DA 75 -13.55 55.31 -0.71
CA ASN DA 75 -13.81 53.90 -0.97
C ASN DA 75 -13.13 53.40 -2.23
N VAL DA 76 -11.89 53.80 -2.44
CA VAL DA 76 -11.09 53.31 -3.57
C VAL DA 76 -10.12 52.26 -3.03
N SER DA 77 -10.25 51.04 -3.51
CA SER DA 77 -9.48 49.91 -2.99
C SER DA 77 -8.13 49.73 -3.68
N ARG DA 78 -8.08 49.81 -5.00
CA ARG DA 78 -6.81 49.64 -5.72
C ARG DA 78 -6.82 50.48 -6.98
N VAL DA 79 -5.64 50.94 -7.38
CA VAL DA 79 -5.45 51.75 -8.57
C VAL DA 79 -4.33 51.13 -9.40
N VAL DA 80 -4.60 50.89 -10.68
CA VAL DA 80 -3.66 50.28 -11.60
C VAL DA 80 -3.33 51.27 -12.70
N VAL DA 81 -2.04 51.41 -13.00
CA VAL DA 81 -1.56 52.25 -14.09
C VAL DA 81 -0.76 51.37 -15.05
N ASP DA 82 -1.12 51.42 -16.33
CA ASP DA 82 -0.40 50.65 -17.33
C ASP DA 82 1.05 51.10 -17.43
N ASN DA 83 1.96 50.14 -17.49
CA ASN DA 83 3.38 50.47 -17.55
C ASN DA 83 3.75 51.04 -18.92
N LEU DA 84 3.26 50.44 -20.00
CA LEU DA 84 3.69 50.81 -21.34
C LEU DA 84 3.31 52.25 -21.68
N GLU DA 85 2.17 52.73 -21.20
CA GLU DA 85 1.75 54.09 -21.54
C GLU DA 85 2.61 55.15 -20.86
N TYR DA 86 3.14 54.85 -19.68
CA TYR DA 86 3.94 55.80 -18.90
C TYR DA 86 5.26 55.15 -18.55
N PRO DA 87 6.23 55.17 -19.47
CA PRO DA 87 7.50 54.47 -19.23
C PRO DA 87 8.39 55.09 -18.17
N ASP DA 88 8.09 56.31 -17.72
CA ASP DA 88 8.95 57.01 -16.77
C ASP DA 88 8.33 57.19 -15.40
N ILE DA 89 7.12 56.71 -15.18
CA ILE DA 89 6.39 56.94 -13.94
C ILE DA 89 5.91 55.61 -13.39
N ASP DA 90 6.21 55.35 -12.12
CA ASP DA 90 5.74 54.16 -11.42
C ASP DA 90 5.00 54.60 -10.17
N VAL DA 91 3.72 54.27 -10.08
CA VAL DA 91 2.86 54.72 -8.97
C VAL DA 91 2.41 53.51 -8.18
N VAL DA 92 2.24 53.70 -6.87
CA VAL DA 92 1.65 52.71 -5.98
C VAL DA 92 0.74 53.45 -5.01
N GLN DA 93 -0.39 52.83 -4.70
CA GLN DA 93 -1.32 53.46 -3.76
C GLN DA 93 -0.73 53.48 -2.36
N ARG DA 94 -0.90 54.61 -1.67
CA ARG DA 94 -0.45 54.76 -0.29
C ARG DA 94 -1.51 55.56 0.45
N GLY DA 95 -2.24 54.91 1.34
CA GLY DA 95 -3.32 55.57 2.05
C GLY DA 95 -4.40 56.03 1.10
N ASP DA 96 -4.47 57.34 0.86
CA ASP DA 96 -5.40 57.90 -0.10
C ASP DA 96 -4.73 58.74 -1.18
N LYS DA 97 -3.40 58.67 -1.30
CA LYS DA 97 -2.68 59.41 -2.32
C LYS DA 97 -1.77 58.46 -3.10
N LEU DA 98 -1.62 58.73 -4.40
CA LEU DA 98 -0.67 57.97 -5.19
C LEU DA 98 0.75 58.44 -4.92
N TYR DA 99 1.70 57.53 -5.08
CA TYR DA 99 3.11 57.79 -4.76
C TYR DA 99 3.96 57.46 -5.97
N ASP DA 100 4.74 58.43 -6.44
CA ASP DA 100 5.65 58.25 -7.56
C ASP DA 100 6.86 57.48 -7.04
N ARG DA 101 6.81 56.16 -7.17
CA ARG DA 101 7.83 55.31 -6.57
C ARG DA 101 9.20 55.54 -7.21
N LYS DA 102 9.26 55.67 -8.53
CA LYS DA 102 10.54 55.77 -9.20
C LYS DA 102 11.27 57.06 -8.85
N ASN DA 103 10.55 58.19 -8.86
CA ASN DA 103 11.16 59.49 -8.65
C ASN DA 103 11.15 59.93 -7.20
N ASN DA 104 10.54 59.15 -6.30
CA ASN DA 104 10.47 59.47 -4.87
C ASN DA 104 9.81 60.82 -4.64
N ARG DA 105 8.65 61.02 -5.27
CA ARG DA 105 7.92 62.28 -5.15
C ARG DA 105 6.45 61.98 -4.92
N TYR DA 106 5.76 62.95 -4.33
CA TYR DA 106 4.31 62.90 -4.21
C TYR DA 106 3.61 63.80 -5.23
N THR DA 107 4.35 64.40 -6.13
CA THR DA 107 3.81 65.31 -7.13
C THR DA 107 3.86 64.68 -8.52
N PHE DA 108 3.05 65.22 -9.42
CA PHE DA 108 2.98 64.75 -10.79
C PHE DA 108 3.11 65.92 -11.75
N ASP DA 109 3.17 65.59 -13.04
CA ASP DA 109 3.26 66.60 -14.09
C ASP DA 109 2.02 66.67 -14.98
N GLU DA 110 1.16 65.66 -14.96
CA GLU DA 110 -0.01 65.65 -15.82
C GLU DA 110 -1.04 64.70 -15.23
N ASP DA 111 -2.28 64.84 -15.71
CA ASP DA 111 -3.34 63.93 -15.31
C ASP DA 111 -3.09 62.54 -15.89
N LEU DA 112 -3.78 61.56 -15.31
CA LEU DA 112 -3.54 60.16 -15.65
C LEU DA 112 -4.83 59.49 -16.11
N ILE DA 113 -4.65 58.37 -16.79
CA ILE DA 113 -5.75 57.51 -17.22
C ILE DA 113 -5.55 56.16 -16.54
N VAL DA 114 -6.38 55.87 -15.54
CA VAL DA 114 -6.21 54.67 -14.73
C VAL DA 114 -7.49 53.85 -14.75
N ASP DA 115 -7.45 52.65 -14.19
CA ASP DA 115 -8.61 51.81 -13.97
C ASP DA 115 -8.65 51.41 -12.51
N MET DA 116 -9.70 51.80 -11.80
CA MET DA 116 -9.78 51.67 -10.36
C MET DA 116 -10.88 50.70 -9.96
N THR DA 117 -10.74 50.16 -8.75
CA THR DA 117 -11.73 49.27 -8.17
C THR DA 117 -12.38 49.94 -6.98
N THR DA 118 -13.71 50.03 -6.98
CA THR DA 118 -14.46 50.68 -5.92
C THR DA 118 -15.12 49.63 -5.03
N ILE DA 119 -15.39 50.02 -3.80
CA ILE DA 119 -16.14 49.20 -2.85
C ILE DA 119 -17.58 49.70 -2.82
N LEU DA 120 -18.52 48.80 -3.08
CA LEU DA 120 -19.91 49.17 -3.27
C LEU DA 120 -20.72 48.91 -2.00
N GLU DA 121 -21.81 49.65 -1.85
CA GLU DA 121 -22.72 49.44 -0.75
C GLU DA 121 -23.52 48.16 -0.97
N TRP DA 122 -24.26 47.76 0.06
CA TRP DA 122 -25.03 46.51 -0.02
C TRP DA 122 -26.12 46.59 -1.07
N ASP DA 123 -26.78 47.76 -1.18
CA ASP DA 123 -27.95 47.86 -2.05
C ASP DA 123 -27.59 47.64 -3.52
N LEU DA 124 -26.36 47.97 -3.91
CA LEU DA 124 -25.97 47.97 -5.31
C LEU DA 124 -25.32 46.66 -5.77
N LEU DA 125 -25.27 45.64 -4.92
CA LEU DA 125 -24.65 44.40 -5.32
C LEU DA 125 -25.63 43.52 -6.11
N PRO DA 126 -25.12 42.69 -7.01
CA PRO DA 126 -25.96 41.70 -7.71
C PRO DA 126 -26.21 40.46 -6.84
N GLU DA 127 -27.09 39.59 -7.37
CA GLU DA 127 -27.66 38.52 -6.56
C GLU DA 127 -26.64 37.47 -6.17
N HIS DA 128 -25.80 37.05 -7.12
CA HIS DA 128 -24.83 36.01 -6.81
C HIS DA 128 -23.80 36.50 -5.79
N ALA DA 129 -23.38 37.76 -5.92
CA ALA DA 129 -22.50 38.35 -4.93
C ALA DA 129 -23.17 38.38 -3.56
N ARG DA 130 -24.45 38.73 -3.51
CA ARG DA 130 -25.16 38.74 -2.24
C ARG DA 130 -25.19 37.36 -1.60
N GLN DA 131 -25.47 36.33 -2.41
CA GLN DA 131 -25.53 34.97 -1.88
C GLN DA 131 -24.18 34.54 -1.31
N TYR DA 132 -23.11 34.71 -2.09
CA TYR DA 132 -21.79 34.30 -1.63
C TYR DA 132 -21.40 35.07 -0.38
N ILE DA 133 -21.67 36.37 -0.34
CA ILE DA 133 -21.34 37.19 0.82
C ILE DA 133 -22.06 36.67 2.06
N THR DA 134 -23.36 36.40 1.93
CA THR DA 134 -24.14 35.93 3.06
C THR DA 134 -23.56 34.62 3.61
N ILE DA 135 -23.31 33.65 2.73
CA ILE DA 135 -22.85 32.35 3.20
C ILE DA 135 -21.48 32.46 3.87
N LYS DA 136 -20.56 33.20 3.25
CA LYS DA 136 -19.22 33.33 3.83
C LYS DA 136 -19.29 34.04 5.19
N ALA DA 137 -20.11 35.09 5.30
CA ALA DA 137 -20.23 35.81 6.56
C ALA DA 137 -20.77 34.90 7.65
N GLY DA 138 -21.80 34.12 7.33
CA GLY DA 138 -22.34 33.20 8.33
C GLY DA 138 -21.31 32.19 8.80
N ARG DA 139 -20.56 31.62 7.85
CA ARG DA 139 -19.53 30.65 8.23
C ARG DA 139 -18.49 31.28 9.15
N GLN DA 140 -18.00 32.48 8.79
CA GLN DA 140 -16.98 33.13 9.59
C GLN DA 140 -17.49 33.44 10.99
N LEU DA 141 -18.71 33.96 11.08
CA LEU DA 141 -19.26 34.32 12.39
C LEU DA 141 -19.41 33.10 13.27
N GLN DA 142 -19.96 32.01 12.73
CA GLN DA 142 -20.12 30.80 13.53
C GLN DA 142 -18.77 30.25 13.98
N GLU DA 143 -17.80 30.21 13.06
CA GLU DA 143 -16.49 29.67 13.41
C GLU DA 143 -15.82 30.49 14.50
N ALA DA 144 -15.98 31.82 14.45
CA ALA DA 144 -15.32 32.67 15.44
C ALA DA 144 -16.05 32.63 16.78
N ILE DA 145 -17.37 32.48 16.77
CA ILE DA 145 -18.15 32.62 18.00
C ILE DA 145 -18.30 31.30 18.74
N ILE DA 146 -18.79 30.26 18.06
CA ILE DA 146 -19.11 29.02 18.74
C ILE DA 146 -17.89 28.10 18.79
N GLY DA 147 -17.40 27.70 17.62
CA GLY DA 147 -16.23 26.85 17.56
C GLY DA 147 -16.50 25.36 17.69
N SER DA 148 -17.73 24.92 17.47
CA SER DA 148 -18.04 23.50 17.55
C SER DA 148 -17.48 22.77 16.33
N ALA DA 149 -17.78 21.47 16.24
CA ALA DA 149 -17.25 20.63 15.18
C ALA DA 149 -18.26 20.40 14.06
N GLU DA 150 -19.43 19.86 14.39
CA GLU DA 150 -20.40 19.48 13.36
C GLU DA 150 -20.89 20.71 12.59
N LEU DA 151 -21.20 21.79 13.30
CA LEU DA 151 -21.63 23.01 12.63
C LEU DA 151 -20.53 23.53 11.71
N THR DA 152 -19.28 23.45 12.14
CA THR DA 152 -18.18 23.86 11.29
C THR DA 152 -18.11 23.03 10.02
N LYS DA 153 -18.31 21.71 10.14
CA LYS DA 153 -18.29 20.85 8.96
C LYS DA 153 -19.38 21.23 7.97
N LEU DA 154 -20.60 21.41 8.48
CA LEU DA 154 -21.72 21.73 7.59
C LEU DA 154 -21.51 23.08 6.93
N ASN DA 155 -21.04 24.08 7.69
CA ASN DA 155 -20.78 25.39 7.11
C ASN DA 155 -19.68 25.32 6.07
N LEU DA 156 -18.66 24.48 6.29
CA LEU DA 156 -17.60 24.31 5.29
C LEU DA 156 -18.16 23.79 3.98
N THR DA 157 -19.01 22.76 4.05
CA THR DA 157 -19.58 22.22 2.82
C THR DA 157 -20.42 23.26 2.09
N GLN DA 158 -21.27 23.98 2.83
CA GLN DA 158 -22.12 24.98 2.20
C GLN DA 158 -21.29 26.09 1.57
N GLU DA 159 -20.23 26.53 2.26
CA GLU DA 159 -19.38 27.58 1.71
C GLU DA 159 -18.69 27.12 0.44
N VAL DA 160 -18.22 25.88 0.39
CA VAL DA 160 -17.57 25.38 -0.82
C VAL DA 160 -18.55 25.41 -1.99
N GLU DA 161 -19.76 24.92 -1.76
CA GLU DA 161 -20.75 24.93 -2.84
C GLU DA 161 -21.06 26.35 -3.31
N ALA DA 162 -21.21 27.27 -2.36
CA ALA DA 162 -21.53 28.65 -2.71
C ALA DA 162 -20.41 29.28 -3.52
N ARG DA 163 -19.16 29.03 -3.14
CA ARG DA 163 -18.03 29.60 -3.89
C ARG DA 163 -18.01 29.06 -5.32
N SER DA 164 -18.24 27.76 -5.48
CA SER DA 164 -18.30 27.19 -6.83
C SER DA 164 -19.37 27.90 -7.66
N ALA DA 165 -20.56 28.04 -7.11
CA ALA DA 165 -21.66 28.65 -7.86
C ALA DA 165 -21.34 30.10 -8.23
N PHE DA 166 -20.83 30.87 -7.27
CA PHE DA 166 -20.55 32.28 -7.52
C PHE DA 166 -19.48 32.45 -8.60
N LEU DA 167 -18.41 31.67 -8.53
CA LEU DA 167 -17.36 31.78 -9.53
C LEU DA 167 -17.88 31.41 -10.91
N GLU DA 168 -18.70 30.34 -11.00
CA GLU DA 168 -19.23 29.95 -12.29
C GLU DA 168 -20.11 31.05 -12.87
N GLU DA 169 -20.98 31.63 -12.04
CA GLU DA 169 -21.85 32.70 -12.52
C GLU DA 169 -21.03 33.88 -13.02
N GLU DA 170 -19.99 34.27 -12.26
CA GLU DA 170 -19.16 35.39 -12.68
C GLU DA 170 -18.51 35.13 -14.03
N THR DA 171 -17.94 33.93 -14.21
CA THR DA 171 -17.21 33.68 -15.46
C THR DA 171 -18.15 33.61 -16.65
N THR DA 172 -19.34 33.00 -16.49
CA THR DA 172 -20.25 32.93 -17.62
C THR DA 172 -20.87 34.28 -17.92
N LYS DA 173 -20.96 35.16 -16.92
CA LYS DA 173 -21.48 36.51 -17.19
C LYS DA 173 -20.46 37.34 -17.96
N SER DA 174 -19.19 37.30 -17.54
CA SER DA 174 -18.23 38.28 -18.03
C SER DA 174 -17.26 37.73 -19.09
N GLU DA 175 -17.44 36.46 -19.51
CA GLU DA 175 -16.82 35.91 -20.72
C GLU DA 175 -15.34 36.31 -20.86
N HIS DA 176 -14.53 35.88 -19.90
CA HIS DA 176 -13.09 36.13 -19.98
C HIS DA 176 -12.48 35.33 -21.13
N SER DA 177 -11.50 35.92 -21.80
CA SER DA 177 -10.89 35.29 -22.96
C SER DA 177 -9.38 35.44 -22.92
N MET DA 178 -8.69 34.54 -23.63
CA MET DA 178 -7.25 34.59 -23.75
C MET DA 178 -6.76 35.23 -25.04
N LEU DA 179 -7.49 35.07 -26.14
CA LEU DA 179 -7.04 35.64 -27.41
C LEU DA 179 -7.02 37.16 -27.36
N ARG DA 180 -8.02 37.77 -26.72
CA ARG DA 180 -8.11 39.23 -26.69
C ARG DA 180 -6.93 39.86 -25.97
N GLY DA 181 -6.25 39.12 -25.10
CA GLY DA 181 -5.13 39.72 -24.38
C GLY DA 181 -5.61 40.76 -23.37
N HIS DA 182 -4.79 41.78 -23.20
CA HIS DA 182 -5.11 42.85 -22.26
C HIS DA 182 -6.42 43.52 -22.67
N LEU DA 183 -7.35 43.65 -21.71
CA LEU DA 183 -8.69 44.13 -22.04
C LEU DA 183 -8.72 45.62 -22.38
N ASN DA 184 -7.65 46.35 -22.07
CA ASN DA 184 -7.64 47.78 -22.36
C ASN DA 184 -7.65 48.05 -23.85
N ARG DA 185 -7.27 47.06 -24.66
CA ARG DA 185 -7.38 47.20 -26.10
C ARG DA 185 -8.81 46.95 -26.56
N THR DA 186 -9.31 47.84 -27.42
CA THR DA 186 -10.64 47.67 -27.97
C THR DA 186 -10.70 46.40 -28.81
N SER DA 187 -11.74 45.60 -28.61
CA SER DA 187 -11.87 44.25 -29.16
C SER DA 187 -11.65 44.21 -30.66
N PRO DA 188 -10.53 43.62 -31.12
CA PRO DA 188 -10.36 43.31 -32.54
C PRO DA 188 -10.73 41.87 -32.91
N VAL DA 189 -11.25 41.11 -31.95
CA VAL DA 189 -11.42 39.67 -32.09
C VAL DA 189 -12.81 39.35 -32.62
N ASN DA 190 -12.88 38.36 -33.50
CA ASN DA 190 -14.15 37.85 -33.97
C ASN DA 190 -14.54 36.55 -33.28
N THR DA 191 -13.56 35.84 -32.70
CA THR DA 191 -13.79 34.57 -32.01
C THR DA 191 -14.57 33.60 -32.91
N TYR DA 192 -14.16 33.54 -34.17
CA TYR DA 192 -14.86 32.72 -35.14
C TYR DA 192 -14.82 31.25 -34.71
N ILE DA 193 -15.89 30.54 -35.06
CA ILE DA 193 -16.19 29.25 -34.45
C ILE DA 193 -15.78 28.10 -35.37
N PRO DA 194 -14.73 27.36 -35.02
CA PRO DA 194 -14.37 26.16 -35.79
C PRO DA 194 -15.38 25.04 -35.65
N SER DA 195 -16.44 25.22 -34.87
CA SER DA 195 -17.39 24.15 -34.62
C SER DA 195 -18.63 24.23 -35.50
N ARG DA 196 -18.79 25.30 -36.28
CA ARG DA 196 -20.02 25.52 -37.03
C ARG DA 196 -19.84 25.48 -38.53
N THR DA 197 -18.95 26.31 -39.06
CA THR DA 197 -18.91 26.59 -40.51
C THR DA 197 -18.02 25.62 -41.26
N LEU DA 198 -18.45 24.37 -41.40
CA LEU DA 198 -17.79 23.40 -42.24
C LEU DA 198 -18.75 22.70 -43.20
N GLU DA 199 -19.95 23.22 -43.37
CA GLU DA 199 -20.94 22.59 -44.23
C GLU DA 199 -21.39 23.53 -45.34
N MET EA 1 62.03 -6.69 60.80
CA MET EA 1 61.81 -7.89 60.01
C MET EA 1 61.36 -7.55 58.59
N ALA EA 2 61.32 -8.56 57.74
CA ALA EA 2 60.83 -8.37 56.37
C ALA EA 2 59.33 -8.18 56.39
N PHE EA 3 58.88 -6.95 56.18
CA PHE EA 3 57.46 -6.65 56.27
C PHE EA 3 56.65 -7.40 55.22
N ALA EA 4 57.04 -7.27 53.95
CA ALA EA 4 56.23 -7.80 52.86
C ALA EA 4 57.10 -8.43 51.78
N GLN EA 5 58.07 -9.25 52.18
CA GLN EA 5 58.86 -9.98 51.20
C GLN EA 5 59.48 -11.20 51.87
N ARG EA 6 59.30 -12.37 51.24
CA ARG EA 6 59.82 -13.62 51.76
C ARG EA 6 60.57 -14.34 50.64
N ILE EA 7 61.86 -14.59 50.85
CA ILE EA 7 62.71 -15.25 49.87
C ILE EA 7 63.24 -16.54 50.47
N ILE EA 8 63.10 -17.64 49.74
CA ILE EA 8 63.51 -18.96 50.21
C ILE EA 8 64.35 -19.64 49.16
N THR EA 9 65.05 -20.68 49.58
CA THR EA 9 65.86 -21.53 48.70
C THR EA 9 65.18 -22.90 48.63
N SER EA 10 64.73 -23.26 47.43
CA SER EA 10 63.99 -24.50 47.23
C SER EA 10 64.81 -25.70 47.66
N ASN EA 11 64.38 -26.35 48.75
CA ASN EA 11 65.19 -27.42 49.34
C ASN EA 11 65.31 -28.61 48.41
N SER EA 12 64.21 -29.05 47.80
CA SER EA 12 64.21 -30.25 46.99
C SER EA 12 63.39 -30.03 45.73
N ALA EA 13 63.78 -30.73 44.67
CA ALA EA 13 63.03 -30.67 43.42
C ALA EA 13 61.67 -31.34 43.58
N GLY EA 14 60.69 -30.83 42.83
CA GLY EA 14 59.34 -31.35 42.88
C GLY EA 14 58.43 -30.68 43.89
N ASP EA 15 58.95 -29.79 44.73
CA ASP EA 15 58.12 -29.08 45.68
C ASP EA 15 57.21 -28.09 44.96
N GLN EA 16 56.01 -27.90 45.50
CA GLN EA 16 55.03 -27.03 44.89
C GLN EA 16 54.31 -26.09 45.86
N GLU EA 17 54.50 -26.24 47.17
CA GLU EA 17 53.77 -25.44 48.15
C GLU EA 17 54.76 -24.60 48.96
N PHE EA 18 54.52 -23.30 48.99
CA PHE EA 18 55.29 -22.36 49.80
C PHE EA 18 54.34 -21.44 50.55
N THR EA 19 54.80 -20.91 51.68
CA THR EA 19 53.94 -20.14 52.58
C THR EA 19 54.40 -18.69 52.65
N PHE EA 20 53.47 -17.84 53.11
CA PHE EA 20 53.77 -16.44 53.36
C PHE EA 20 52.86 -15.94 54.47
N THR EA 21 53.27 -14.84 55.10
CA THR EA 21 52.59 -14.35 56.29
C THR EA 21 52.15 -12.89 56.21
N PHE EA 22 52.67 -12.11 55.26
CA PHE EA 22 52.31 -10.71 55.19
C PHE EA 22 50.86 -10.54 54.74
N ASP EA 23 50.25 -9.44 55.16
CA ASP EA 23 48.90 -9.13 54.74
C ASP EA 23 48.90 -8.56 53.33
N TYR EA 24 47.71 -8.51 52.73
CA TYR EA 24 47.56 -7.97 51.39
C TYR EA 24 46.15 -7.45 51.22
N ILE EA 25 45.95 -6.66 50.18
CA ILE EA 25 44.65 -6.06 49.88
C ILE EA 25 43.90 -6.84 48.81
N LYS EA 26 44.59 -7.23 47.75
CA LYS EA 26 43.98 -7.95 46.64
C LYS EA 26 44.82 -9.16 46.27
N GLU EA 27 44.14 -10.19 45.75
CA GLU EA 27 44.81 -11.42 45.38
C GLU EA 27 45.79 -11.23 44.22
N GLU EA 28 45.68 -10.13 43.48
CA GLU EA 28 46.60 -9.84 42.38
C GLU EA 28 47.79 -8.99 42.81
N HIS EA 29 47.89 -8.65 44.09
CA HIS EA 29 49.01 -7.88 44.61
C HIS EA 29 50.15 -8.74 45.14
N ILE EA 30 50.22 -10.00 44.75
CA ILE EA 30 51.34 -10.87 45.08
C ILE EA 30 52.05 -11.26 43.79
N LYS EA 31 53.34 -10.93 43.68
CA LYS EA 31 54.22 -11.45 42.64
C LYS EA 31 55.11 -12.53 43.24
N VAL EA 32 55.43 -13.53 42.41
CA VAL EA 32 56.39 -14.57 42.75
C VAL EA 32 57.42 -14.62 41.63
N PHE EA 33 58.70 -14.73 41.99
CA PHE EA 33 59.78 -14.82 41.02
C PHE EA 33 60.54 -16.12 41.23
N VAL EA 34 60.97 -16.72 40.13
CA VAL EA 34 61.74 -17.97 40.16
C VAL EA 34 62.99 -17.75 39.31
N ASN EA 35 64.10 -17.41 39.96
CA ASN EA 35 65.40 -17.18 39.32
C ASN EA 35 65.27 -16.32 38.06
N PHE EA 36 64.86 -15.07 38.29
CA PHE EA 36 64.69 -14.04 37.27
C PHE EA 36 63.44 -14.27 36.43
N VAL EA 37 62.84 -15.45 36.52
CA VAL EA 37 61.71 -15.78 35.67
C VAL EA 37 60.43 -15.37 36.37
N GLU EA 38 59.76 -14.35 35.84
CA GLU EA 38 58.51 -13.87 36.42
C GLU EA 38 57.39 -14.80 36.00
N LYS EA 39 56.52 -15.13 36.95
CA LYS EA 39 55.43 -16.07 36.72
C LYS EA 39 54.10 -15.34 36.78
N ALA EA 40 53.18 -15.74 35.93
CA ALA EA 40 51.89 -15.08 35.81
C ALA EA 40 50.88 -15.69 36.78
N GLN EA 41 50.00 -14.84 37.30
CA GLN EA 41 48.96 -15.24 38.22
C GLN EA 41 47.78 -15.81 37.44
N GLY EA 42 47.00 -16.64 38.13
CA GLY EA 42 45.79 -17.19 37.56
C GLY EA 42 45.62 -18.65 37.96
N THR EA 43 44.68 -19.31 37.29
CA THR EA 43 44.33 -20.69 37.58
C THR EA 43 44.33 -21.50 36.29
N GLY EA 44 44.90 -22.69 36.35
CA GLY EA 44 44.96 -23.55 35.19
C GLY EA 44 46.37 -23.64 34.62
N SER EA 45 46.52 -23.30 33.34
CA SER EA 45 47.84 -23.27 32.73
C SER EA 45 48.73 -22.21 33.35
N ASN EA 46 48.15 -21.27 34.10
CA ASN EA 46 48.95 -20.32 34.87
C ASN EA 46 49.87 -21.09 35.82
N GLU EA 47 51.13 -20.70 35.86
CA GLU EA 47 52.12 -21.53 36.52
C GLU EA 47 52.13 -21.37 38.03
N PHE EA 48 51.26 -20.54 38.61
CA PHE EA 48 51.14 -20.51 40.06
C PHE EA 48 49.75 -19.99 40.43
N GLN EA 49 49.21 -20.57 41.50
CA GLN EA 49 47.91 -20.18 42.05
C GLN EA 49 48.06 -19.98 43.55
N VAL EA 50 47.14 -19.20 44.12
CA VAL EA 50 47.17 -18.87 45.54
C VAL EA 50 46.06 -19.63 46.25
N ILE EA 51 46.32 -20.00 47.50
CA ILE EA 51 45.37 -20.72 48.34
C ILE EA 51 45.20 -19.96 49.63
N THR EA 52 43.94 -19.70 50.02
CA THR EA 52 43.64 -18.86 51.17
C THR EA 52 42.75 -19.53 52.20
N ASN EA 53 42.44 -20.80 52.06
CA ASN EA 53 41.57 -21.48 53.00
C ASN EA 53 42.30 -22.05 54.22
N THR EA 54 43.57 -21.71 54.39
CA THR EA 54 44.36 -22.25 55.49
C THR EA 54 45.25 -21.16 56.05
N THR EA 55 45.44 -21.17 57.37
CA THR EA 55 46.33 -20.24 58.03
C THR EA 55 47.64 -20.95 58.34
N PRO EA 56 48.79 -20.46 57.85
CA PRO EA 56 48.98 -19.27 57.01
C PRO EA 56 48.62 -19.52 55.56
N LYS EA 57 48.31 -18.47 54.80
CA LYS EA 57 48.02 -18.62 53.38
C LYS EA 57 49.25 -19.10 52.63
N LYS EA 58 49.01 -19.84 51.56
CA LYS EA 58 50.10 -20.43 50.79
C LYS EA 58 49.81 -20.30 49.30
N ILE EA 59 50.87 -20.17 48.51
CA ILE EA 59 50.77 -20.18 47.05
C ILE EA 59 51.21 -21.54 46.56
N SER EA 60 50.78 -21.90 45.35
CA SER EA 60 51.02 -23.22 44.80
C SER EA 60 51.54 -23.08 43.37
N LEU EA 61 52.82 -23.38 43.17
CA LEU EA 61 53.35 -23.47 41.81
C LEU EA 61 52.65 -24.60 41.07
N ASN EA 62 52.40 -24.39 39.78
CA ASN EA 62 51.70 -25.38 38.98
C ASN EA 62 52.62 -26.39 38.32
N THR EA 63 53.93 -26.29 38.56
CA THR EA 63 54.89 -27.24 38.02
C THR EA 63 56.08 -27.32 38.97
N GLY EA 64 56.51 -28.53 39.29
CA GLY EA 64 57.59 -28.70 40.23
C GLY EA 64 58.91 -28.15 39.72
N LEU EA 65 59.79 -27.85 40.66
CA LEU EA 65 61.09 -27.31 40.31
C LEU EA 65 61.96 -28.37 39.64
N SER EA 66 62.68 -27.96 38.60
CA SER EA 66 63.56 -28.89 37.90
C SER EA 66 64.73 -29.31 38.77
N ALA EA 67 65.40 -28.34 39.40
CA ALA EA 67 66.54 -28.59 40.26
C ALA EA 67 66.37 -27.86 41.58
N ASP EA 68 66.87 -28.47 42.65
CA ASP EA 68 66.75 -27.89 43.97
C ASP EA 68 67.69 -26.70 44.12
N ASN EA 69 67.64 -26.06 45.29
CA ASN EA 69 68.44 -24.87 45.57
C ASN EA 69 68.24 -23.79 44.51
N THR EA 70 66.98 -23.59 44.13
CA THR EA 70 66.59 -22.54 43.19
C THR EA 70 65.80 -21.47 43.95
N ARG EA 71 66.29 -20.23 43.89
CA ARG EA 71 65.70 -19.17 44.70
C ARG EA 71 64.28 -18.88 44.23
N VAL EA 72 63.38 -18.73 45.20
CA VAL EA 72 61.98 -18.40 44.94
C VAL EA 72 61.60 -17.29 45.90
N GLU EA 73 61.09 -16.18 45.37
CA GLU EA 73 60.82 -14.99 46.16
C GLU EA 73 59.34 -14.63 46.05
N ILE EA 74 58.79 -14.12 47.16
CA ILE EA 74 57.42 -13.62 47.22
C ILE EA 74 57.48 -12.18 47.69
N ARG EA 75 56.82 -11.28 46.97
CA ARG EA 75 56.82 -9.88 47.35
C ARG EA 75 55.47 -9.27 47.04
N ARG EA 76 55.04 -8.36 47.89
CA ARG EA 76 53.81 -7.61 47.70
C ARG EA 76 54.13 -6.22 47.19
N VAL EA 77 53.49 -5.84 46.08
CA VAL EA 77 53.64 -4.50 45.51
C VAL EA 77 52.25 -3.93 45.32
N SER EA 78 51.90 -2.92 46.11
CA SER EA 78 50.63 -2.24 45.93
C SER EA 78 50.68 -1.35 44.70
N SER EA 79 49.52 -0.88 44.27
CA SER EA 79 49.45 -0.03 43.10
C SER EA 79 50.23 1.26 43.33
N LEU EA 80 51.14 1.57 42.42
CA LEU EA 80 51.93 2.79 42.49
C LEU EA 80 51.51 3.83 41.45
N SER EA 81 51.00 3.40 40.31
CA SER EA 81 50.57 4.33 39.27
C SER EA 81 49.12 4.75 39.42
N THR EA 82 48.26 3.87 39.90
CA THR EA 82 46.82 4.13 40.00
C THR EA 82 46.41 4.21 41.47
N PRO EA 83 45.90 5.33 41.94
CA PRO EA 83 45.38 5.39 43.32
C PRO EA 83 44.20 4.46 43.49
N LEU EA 84 44.09 3.88 44.69
CA LEU EA 84 43.03 2.93 44.97
C LEU EA 84 41.68 3.59 45.18
N VAL EA 85 41.65 4.89 45.48
CA VAL EA 85 40.41 5.62 45.70
C VAL EA 85 40.43 6.89 44.87
N ASP EA 86 39.28 7.26 44.31
CA ASP EA 86 39.12 8.50 43.56
C ASP EA 86 37.78 9.10 43.93
N PHE EA 87 37.82 10.20 44.67
CA PHE EA 87 36.59 10.79 45.21
C PHE EA 87 35.82 11.49 44.10
N ALA EA 88 34.51 11.21 44.04
CA ALA EA 88 33.61 11.83 43.07
C ALA EA 88 32.43 12.44 43.80
N ASP EA 89 32.01 13.61 43.35
CA ASP EA 89 30.93 14.33 44.01
C ASP EA 89 29.60 13.59 43.87
N GLY EA 90 28.80 13.65 44.92
CA GLY EA 90 27.51 13.00 44.94
C GLY EA 90 27.47 11.70 45.71
N SER EA 91 28.62 11.14 46.07
CA SER EA 91 28.68 9.88 46.80
C SER EA 91 28.43 10.10 48.29
N THR EA 92 28.16 9.01 48.99
CA THR EA 92 27.98 9.01 50.44
C THR EA 92 29.30 8.55 51.06
N LEU EA 93 30.04 9.50 51.62
CA LEU EA 93 31.35 9.19 52.18
C LEU EA 93 31.21 8.22 53.35
N THR EA 94 32.01 7.16 53.33
CA THR EA 94 32.00 6.13 54.35
C THR EA 94 33.41 5.90 54.88
N ALA EA 95 33.49 5.41 56.12
CA ALA EA 95 34.78 5.21 56.75
C ALA EA 95 35.64 4.17 56.03
N ALA EA 96 35.01 3.26 55.27
CA ALA EA 96 35.77 2.21 54.60
C ALA EA 96 36.73 2.80 53.56
N ASP EA 97 36.28 3.81 52.81
CA ASP EA 97 37.14 4.41 51.81
C ASP EA 97 38.38 5.03 52.44
N LEU EA 98 38.18 5.79 53.53
CA LEU EA 98 39.31 6.41 54.21
C LEU EA 98 40.26 5.36 54.79
N ASP EA 99 39.70 4.29 55.38
CA ASP EA 99 40.54 3.24 55.92
C ASP EA 99 41.36 2.56 54.82
N THR EA 100 40.73 2.30 53.67
CA THR EA 100 41.45 1.67 52.57
C THR EA 100 42.55 2.58 52.04
N ALA EA 101 42.29 3.87 51.94
CA ALA EA 101 43.33 4.80 51.50
C ALA EA 101 44.51 4.80 52.49
N GLU EA 102 44.21 4.83 53.79
CA GLU EA 102 45.27 4.80 54.79
C GLU EA 102 46.08 3.51 54.70
N LYS EA 103 45.39 2.39 54.53
CA LYS EA 103 46.09 1.11 54.42
C LYS EA 103 46.97 1.06 53.18
N GLN EA 104 46.47 1.58 52.06
CA GLN EA 104 47.28 1.59 50.84
C GLN EA 104 48.54 2.41 51.03
N SER EA 105 48.40 3.60 51.62
CA SER EA 105 49.58 4.43 51.86
C SER EA 105 50.58 3.72 52.78
N LEU EA 106 50.09 3.12 53.86
CA LEU EA 106 50.97 2.44 54.79
C LEU EA 106 51.68 1.27 54.12
N PHE EA 107 50.96 0.50 53.31
CA PHE EA 107 51.57 -0.65 52.65
C PHE EA 107 52.62 -0.21 51.64
N ILE EA 108 52.35 0.87 50.90
CA ILE EA 108 53.37 1.37 49.98
C ILE EA 108 54.63 1.79 50.73
N ASP EA 109 54.46 2.50 51.84
CA ASP EA 109 55.62 2.93 52.62
C ASP EA 109 56.39 1.74 53.16
N GLN EA 110 55.67 0.73 53.66
CA GLN EA 110 56.33 -0.47 54.17
C GLN EA 110 57.11 -1.18 53.08
N GLU EA 111 56.52 -1.31 51.89
CA GLU EA 111 57.22 -1.98 50.80
C GLU EA 111 58.47 -1.23 50.40
N LEU EA 112 58.39 0.10 50.32
CA LEU EA 112 59.57 0.88 49.96
C LEU EA 112 60.68 0.74 51.00
N ASP EA 113 60.31 0.79 52.29
CA ASP EA 113 61.31 0.64 53.33
C ASP EA 113 61.96 -0.74 53.28
N ASP EA 114 61.15 -1.78 53.07
CA ASP EA 114 61.70 -3.13 52.99
C ASP EA 114 62.63 -3.28 51.79
N ALA EA 115 62.27 -2.68 50.65
CA ALA EA 115 63.14 -2.75 49.49
C ALA EA 115 64.47 -2.06 49.77
N LEU EA 116 64.42 -0.87 50.39
CA LEU EA 116 65.67 -0.18 50.71
C LEU EA 116 66.53 -0.99 51.67
N LYS EA 117 65.92 -1.60 52.69
CA LYS EA 117 66.68 -2.39 53.65
C LYS EA 117 67.28 -3.63 53.01
N GLN EA 118 66.50 -4.33 52.16
CA GLN EA 118 67.02 -5.49 51.46
C GLN EA 118 68.14 -5.10 50.51
N GLY EA 119 68.14 -3.86 50.02
CA GLY EA 119 69.25 -3.36 49.24
C GLY EA 119 70.49 -3.17 50.11
N ILE EA 120 71.33 -2.22 49.73
CA ILE EA 120 72.59 -1.98 50.44
C ILE EA 120 72.25 -1.20 51.72
N SER EA 121 72.09 -1.93 52.82
CA SER EA 121 71.73 -1.33 54.09
C SER EA 121 72.96 -0.72 54.76
N ILE EA 122 72.72 0.16 55.72
CA ILE EA 122 73.80 0.92 56.35
C ILE EA 122 74.56 0.02 57.30
N ASP EA 123 75.88 0.22 57.37
CA ASP EA 123 76.72 -0.43 58.37
C ASP EA 123 76.80 0.51 59.55
N THR EA 124 76.01 0.21 60.59
CA THR EA 124 75.82 1.15 61.69
C THR EA 124 77.12 1.45 62.41
N SER EA 125 77.93 0.42 62.68
CA SER EA 125 79.16 0.63 63.43
C SER EA 125 80.21 1.42 62.67
N THR EA 126 80.09 1.50 61.34
CA THR EA 126 81.07 2.23 60.54
C THR EA 126 80.48 3.45 59.85
N GLY EA 127 79.40 3.27 59.08
CA GLY EA 127 78.76 4.39 58.45
C GLY EA 127 78.46 4.21 56.97
N VAL EA 128 79.37 3.59 56.23
CA VAL EA 128 79.06 3.29 54.82
C VAL EA 128 77.98 2.23 54.77
N PRO EA 129 76.97 2.38 53.92
CA PRO EA 129 76.02 1.27 53.70
C PRO EA 129 76.74 0.00 53.31
N THR EA 130 76.61 -1.02 54.15
CA THR EA 130 77.30 -2.29 53.91
C THR EA 130 76.57 -3.12 52.85
N LEU EA 131 77.35 -3.84 52.05
CA LEU EA 131 76.76 -4.78 51.10
C LEU EA 131 76.18 -6.00 51.79
N ASN EA 132 76.55 -6.24 53.05
CA ASN EA 132 76.03 -7.33 53.86
C ASN EA 132 76.28 -8.68 53.18
N SER EA 133 77.57 -9.00 53.00
CA SER EA 133 78.02 -10.30 52.52
C SER EA 133 77.47 -10.60 51.13
N GLN EA 134 77.76 -9.70 50.19
CA GLN EA 134 77.38 -9.89 48.80
C GLN EA 134 78.52 -9.41 47.90
N ARG EA 135 78.56 -9.96 46.69
CA ARG EA 135 79.65 -9.72 45.75
C ARG EA 135 79.22 -8.63 44.77
N LEU EA 136 79.25 -7.38 45.25
CA LEU EA 136 78.91 -6.22 44.42
C LEU EA 136 79.56 -6.31 43.05
N SER EA 137 78.74 -6.27 42.01
CA SER EA 137 79.24 -6.56 40.66
C SER EA 137 78.48 -5.69 39.66
N ASN EA 138 78.57 -6.07 38.38
CA ASN EA 138 77.98 -5.34 37.27
C ASN EA 138 78.46 -3.89 37.23
N VAL EA 139 79.74 -3.71 37.58
CA VAL EA 139 80.42 -2.42 37.43
C VAL EA 139 81.33 -2.53 36.23
N SER EA 140 81.27 -1.54 35.34
CA SER EA 140 82.05 -1.57 34.11
C SER EA 140 83.54 -1.43 34.42
N ASP EA 141 84.36 -1.76 33.43
CA ASP EA 141 85.80 -1.68 33.59
C ASP EA 141 86.21 -0.23 33.88
N PRO EA 142 87.28 -0.03 34.65
CA PRO EA 142 87.65 1.33 35.06
C PRO EA 142 87.92 2.24 33.88
N VAL EA 143 87.44 3.47 33.98
CA VAL EA 143 87.60 4.49 32.95
C VAL EA 143 88.44 5.65 33.44
N ASN EA 144 88.12 6.18 34.62
CA ASN EA 144 88.86 7.28 35.20
C ASN EA 144 89.81 6.76 36.29
N ALA EA 145 90.45 7.68 37.00
CA ALA EA 145 91.49 7.31 37.94
C ALA EA 145 90.94 6.45 39.08
N GLN EA 146 89.89 6.91 39.73
CA GLN EA 146 89.37 6.25 40.93
C GLN EA 146 88.30 5.22 40.62
N ASP EA 147 88.13 4.85 39.35
CA ASP EA 147 87.08 3.91 38.98
C ASP EA 147 87.39 2.53 39.55
N ALA EA 148 86.32 1.77 39.78
CA ALA EA 148 86.43 0.46 40.40
C ALA EA 148 87.12 -0.53 39.48
N VAL EA 149 87.62 -1.61 40.08
CA VAL EA 149 88.33 -2.66 39.36
C VAL EA 149 87.41 -3.85 39.17
N THR EA 150 87.41 -4.40 37.96
CA THR EA 150 86.58 -5.55 37.63
C THR EA 150 87.45 -6.78 37.36
N LYS EA 151 86.78 -7.93 37.25
CA LYS EA 151 87.50 -9.18 37.01
C LYS EA 151 88.16 -9.17 35.64
N ALA EA 152 87.40 -8.81 34.61
CA ALA EA 152 87.94 -8.79 33.25
C ALA EA 152 89.09 -7.80 33.11
N TYR EA 153 88.97 -6.61 33.68
CA TYR EA 153 90.05 -5.63 33.63
C TYR EA 153 91.27 -6.09 34.42
N LEU EA 154 91.06 -6.64 35.62
CA LEU EA 154 92.18 -7.00 36.47
C LEU EA 154 92.93 -8.22 35.93
N GLU EA 155 92.23 -9.12 35.24
CA GLU EA 155 92.86 -10.27 34.61
C GLU EA 155 93.05 -10.09 33.10
N ARG EA 156 92.88 -8.87 32.60
CA ARG EA 156 93.02 -8.60 31.18
C ARG EA 156 94.48 -8.41 30.80
N SER EA 157 94.81 -8.82 29.58
CA SER EA 157 96.17 -8.69 29.07
C SER EA 157 96.53 -7.21 28.89
N GLY EA 158 97.81 -6.91 29.10
CA GLY EA 158 98.31 -5.56 28.96
C GLY EA 158 98.27 -4.73 30.22
N SER EA 159 97.67 -5.23 31.30
CA SER EA 159 97.61 -4.49 32.55
C SER EA 159 98.95 -4.43 33.27
N ILE EA 160 99.95 -5.18 32.82
CA ILE EA 160 101.26 -5.18 33.46
C ILE EA 160 101.99 -3.91 33.05
N THR EA 161 102.31 -3.07 34.03
CA THR EA 161 103.04 -1.82 33.80
C THR EA 161 104.19 -1.79 34.79
N SER EA 162 104.86 -0.63 34.90
CA SER EA 162 106.11 -0.53 35.63
C SER EA 162 106.02 0.26 36.92
N THR EA 163 104.95 0.14 37.70
CA THR EA 163 104.80 0.98 38.89
C THR EA 163 104.63 0.18 40.18
N GLN EA 164 103.69 -0.77 40.22
CA GLN EA 164 103.17 -1.25 41.50
C GLN EA 164 104.03 -2.30 42.20
N ILE EA 165 105.11 -2.78 41.58
CA ILE EA 165 105.89 -3.84 42.22
C ILE EA 165 106.67 -3.29 43.40
N LEU EA 166 106.91 -4.15 44.39
CA LEU EA 166 107.81 -3.88 45.49
C LEU EA 166 108.83 -5.01 45.56
N ASN EA 167 109.77 -4.90 46.48
CA ASN EA 167 110.82 -5.90 46.63
C ASN EA 167 110.66 -6.65 47.95
N GLY EA 168 111.56 -7.62 48.18
CA GLY EA 168 111.68 -8.29 49.46
C GLY EA 168 110.97 -9.63 49.55
N THR EA 169 110.39 -10.14 48.47
CA THR EA 169 109.67 -11.40 48.51
C THR EA 169 110.06 -12.39 47.43
N ILE EA 170 110.51 -11.92 46.27
CA ILE EA 170 110.58 -12.74 45.06
C ILE EA 170 111.56 -13.89 45.23
N VAL EA 171 111.08 -15.11 44.96
CA VAL EA 171 111.80 -16.34 45.24
C VAL EA 171 111.44 -17.34 44.13
N ASP EA 172 112.28 -18.37 43.97
CA ASP EA 172 112.07 -19.43 42.99
C ASP EA 172 110.64 -19.96 42.95
N ALA EA 173 109.87 -19.80 44.04
CA ALA EA 173 108.57 -20.43 44.25
C ALA EA 173 107.70 -20.55 43.01
N ASP EA 174 107.69 -19.51 42.15
CA ASP EA 174 106.88 -19.56 40.95
C ASP EA 174 107.62 -19.10 39.69
N ILE EA 175 108.93 -18.88 39.76
CA ILE EA 175 109.69 -18.52 38.57
C ILE EA 175 109.86 -19.76 37.71
N ASN EA 176 109.50 -19.66 36.43
CA ASN EA 176 109.58 -20.81 35.53
C ASN EA 176 111.03 -21.17 35.26
N ALA EA 177 111.41 -22.39 35.63
CA ALA EA 177 112.78 -22.86 35.37
C ALA EA 177 113.04 -23.02 33.88
N SER EA 178 112.07 -23.56 33.14
CA SER EA 178 112.22 -23.78 31.71
C SER EA 178 112.20 -22.48 30.91
N ALA EA 179 111.77 -21.37 31.51
CA ALA EA 179 111.74 -20.10 30.80
C ALA EA 179 113.15 -19.61 30.54
N ALA EA 180 113.35 -19.02 29.35
CA ALA EA 180 114.65 -18.47 28.96
C ALA EA 180 114.70 -17.03 29.46
N ILE EA 181 115.34 -16.85 30.62
CA ILE EA 181 115.47 -15.53 31.24
C ILE EA 181 116.73 -14.87 30.71
N ALA EA 182 116.60 -13.63 30.25
CA ALA EA 182 117.72 -12.92 29.64
C ALA EA 182 118.78 -12.61 30.69
N LYS EA 183 120.01 -13.06 30.44
CA LYS EA 183 121.10 -12.86 31.40
C LYS EA 183 121.40 -11.37 31.59
N SER EA 184 121.44 -10.62 30.48
CA SER EA 184 121.72 -9.19 30.58
C SER EA 184 120.64 -8.45 31.38
N LYS EA 185 119.37 -8.78 31.12
CA LYS EA 185 118.29 -8.18 31.88
C LYS EA 185 118.27 -8.66 33.33
N LEU EA 186 118.89 -9.80 33.62
CA LEU EA 186 119.04 -10.23 35.00
C LEU EA 186 120.08 -9.36 35.71
N ALA EA 187 120.15 -9.52 37.02
CA ALA EA 187 120.94 -8.63 37.86
C ALA EA 187 122.42 -8.95 37.77
N ALA EA 188 123.21 -8.34 38.65
CA ALA EA 188 124.65 -8.53 38.68
C ALA EA 188 125.04 -9.70 39.57
N LEU EA 189 126.30 -10.09 39.49
CA LEU EA 189 126.83 -11.17 40.31
C LEU EA 189 128.35 -11.08 40.34
N ASN EA 190 128.93 -11.13 41.54
CA ASN EA 190 130.38 -11.16 41.73
C ASN EA 190 130.73 -12.51 42.35
N ILE EA 191 131.54 -13.29 41.65
CA ILE EA 191 132.00 -14.60 42.12
C ILE EA 191 133.44 -14.41 42.60
N VAL EA 192 133.61 -14.28 43.91
CA VAL EA 192 134.92 -14.08 44.50
C VAL EA 192 135.64 -15.42 44.63
N MET FA 1 70.41 19.97 55.90
CA MET FA 1 70.10 19.52 57.26
C MET FA 1 69.11 18.37 57.25
N ALA FA 2 69.41 17.33 58.02
CA ALA FA 2 68.51 16.20 58.14
C ALA FA 2 67.21 16.61 58.81
N PHE FA 3 66.10 16.09 58.30
CA PHE FA 3 64.79 16.46 58.82
C PHE FA 3 64.62 16.01 60.27
N ALA FA 4 64.88 14.72 60.54
CA ALA FA 4 64.56 14.14 61.84
C ALA FA 4 65.66 13.23 62.32
N GLN FA 5 66.92 13.67 62.24
CA GLN FA 5 68.03 12.89 62.75
C GLN FA 5 69.15 13.82 63.18
N ARG FA 6 69.76 13.51 64.33
CA ARG FA 6 70.83 14.33 64.87
C ARG FA 6 71.78 13.43 65.64
N ILE FA 7 73.03 13.35 65.17
CA ILE FA 7 74.07 12.56 65.82
C ILE FA 7 74.98 13.49 66.59
N ILE FA 8 75.17 13.21 67.87
CA ILE FA 8 75.94 14.06 68.77
C ILE FA 8 77.13 13.29 69.29
N THR FA 9 78.32 13.86 69.13
CA THR FA 9 79.54 13.37 69.77
C THR FA 9 79.74 14.20 71.03
N SER FA 10 79.63 13.56 72.19
CA SER FA 10 79.63 14.28 73.46
C SER FA 10 80.92 15.08 73.64
N ASN FA 11 80.75 16.37 73.99
CA ASN FA 11 81.91 17.22 74.23
C ASN FA 11 82.67 16.78 75.48
N SER FA 12 81.94 16.39 76.53
CA SER FA 12 82.56 15.97 77.78
C SER FA 12 81.70 14.89 78.43
N ALA FA 13 82.32 14.15 79.34
CA ALA FA 13 81.62 13.11 80.08
C ALA FA 13 80.81 13.71 81.23
N GLY FA 14 79.69 13.06 81.54
CA GLY FA 14 78.84 13.46 82.64
C GLY FA 14 77.63 14.27 82.24
N ASP FA 15 77.61 14.84 81.03
CA ASP FA 15 76.46 15.62 80.59
C ASP FA 15 75.24 14.72 80.41
N GLN FA 16 74.07 15.32 80.61
CA GLN FA 16 72.81 14.59 80.52
C GLN FA 16 71.74 15.30 79.70
N GLU FA 17 72.00 16.51 79.20
CA GLU FA 17 71.00 17.29 78.48
C GLU FA 17 71.44 17.47 77.04
N PHE FA 18 70.63 16.99 76.11
CA PHE FA 18 70.87 17.14 74.68
C PHE FA 18 69.64 17.73 74.04
N THR FA 19 69.83 18.69 73.14
CA THR FA 19 68.72 19.39 72.52
C THR FA 19 68.47 18.88 71.11
N PHE FA 20 67.28 19.19 70.59
CA PHE FA 20 66.88 18.83 69.24
C PHE FA 20 65.82 19.80 68.77
N THR FA 21 65.60 19.83 67.46
CA THR FA 21 64.78 20.88 66.85
C THR FA 21 63.52 20.37 66.17
N PHE FA 22 63.54 19.18 65.58
CA PHE FA 22 62.42 18.72 64.78
C PHE FA 22 61.18 18.50 65.65
N ASP FA 23 60.01 18.67 65.04
CA ASP FA 23 58.74 18.46 65.71
C ASP FA 23 58.33 17.00 65.60
N TYR FA 24 57.18 16.66 66.18
CA TYR FA 24 56.71 15.28 66.25
C TYR FA 24 55.24 15.29 66.62
N ILE FA 25 54.71 14.10 66.89
CA ILE FA 25 53.31 13.91 67.28
C ILE FA 25 53.21 13.41 68.72
N LYS FA 26 53.91 12.32 69.04
CA LYS FA 26 53.89 11.73 70.36
C LYS FA 26 55.32 11.45 70.82
N GLU FA 27 55.53 11.46 72.12
CA GLU FA 27 56.88 11.34 72.66
C GLU FA 27 57.43 9.93 72.52
N GLU FA 28 56.58 8.91 72.47
CA GLU FA 28 57.05 7.55 72.30
C GLU FA 28 57.73 7.35 70.95
N HIS FA 29 57.54 8.28 70.01
CA HIS FA 29 58.17 8.19 68.70
C HIS FA 29 59.61 8.69 68.71
N ILE FA 30 60.11 9.21 69.83
CA ILE FA 30 61.48 9.69 69.93
C ILE FA 30 62.36 8.55 70.43
N LYS FA 31 63.38 8.20 69.65
CA LYS FA 31 64.30 7.12 69.98
C LYS FA 31 65.69 7.69 70.21
N VAL FA 32 66.34 7.21 71.27
CA VAL FA 32 67.65 7.69 71.68
C VAL FA 32 68.64 6.54 71.61
N PHE FA 33 69.74 6.74 70.88
CA PHE FA 33 70.77 5.73 70.74
C PHE FA 33 72.12 6.30 71.16
N VAL FA 34 72.87 5.54 71.95
CA VAL FA 34 74.23 5.87 72.37
C VAL FA 34 75.08 4.62 72.21
N ASN FA 35 76.20 4.76 71.50
CA ASN FA 35 77.15 3.66 71.31
C ASN FA 35 76.47 2.44 70.69
N PHE FA 36 75.59 2.68 69.73
CA PHE FA 36 74.89 1.62 69.00
C PHE FA 36 74.08 0.74 69.95
N VAL FA 37 73.64 1.28 71.09
CA VAL FA 37 72.87 0.54 72.09
C VAL FA 37 71.57 1.27 72.34
N GLU FA 38 70.46 0.53 72.27
CA GLU FA 38 69.14 1.12 72.47
C GLU FA 38 68.81 1.19 73.94
N LYS FA 39 68.30 2.35 74.37
CA LYS FA 39 67.87 2.60 75.74
C LYS FA 39 66.39 2.96 75.75
N ALA FA 40 65.65 2.37 76.69
CA ALA FA 40 64.20 2.47 76.74
C ALA FA 40 63.77 3.85 77.23
N GLN FA 41 62.46 4.09 77.15
CA GLN FA 41 61.84 5.34 77.56
C GLN FA 41 61.05 5.13 78.84
N GLY FA 42 61.17 6.08 79.75
CA GLY FA 42 60.47 6.02 81.02
C GLY FA 42 61.28 6.72 82.10
N THR FA 43 61.05 6.30 83.34
CA THR FA 43 61.65 6.94 84.50
C THR FA 43 62.18 5.89 85.47
N GLY FA 44 63.19 6.28 86.24
CA GLY FA 44 63.77 5.40 87.25
C GLY FA 44 64.81 4.46 86.68
N SER FA 45 64.45 3.18 86.55
CA SER FA 45 65.35 2.21 85.95
C SER FA 45 65.66 2.54 84.50
N ASN FA 46 64.79 3.29 83.83
CA ASN FA 46 65.03 3.68 82.44
C ASN FA 46 66.23 4.62 82.36
N GLU FA 47 66.59 4.96 81.13
CA GLU FA 47 67.79 5.75 80.89
C GLU FA 47 67.53 7.21 80.60
N PHE FA 48 66.39 7.55 79.99
CA PHE FA 48 66.19 8.93 79.56
C PHE FA 48 64.72 9.30 79.64
N GLN FA 49 64.48 10.61 79.77
CA GLN FA 49 63.16 11.21 79.71
C GLN FA 49 63.20 12.36 78.71
N VAL FA 50 62.03 12.90 78.40
CA VAL FA 50 61.89 14.01 77.46
C VAL FA 50 61.28 15.19 78.19
N ILE FA 51 61.91 16.35 78.07
CA ILE FA 51 61.44 17.59 78.68
C ILE FA 51 60.98 18.52 77.57
N THR FA 52 59.68 18.82 77.56
CA THR FA 52 59.09 19.71 76.56
C THR FA 52 58.72 21.06 77.15
N ASN FA 53 59.16 21.37 78.36
CA ASN FA 53 58.80 22.60 79.04
C ASN FA 53 59.51 23.83 78.46
N THR FA 54 60.67 23.65 77.83
CA THR FA 54 61.46 24.76 77.34
C THR FA 54 61.49 24.73 75.82
N THR FA 55 62.15 25.74 75.24
CA THR FA 55 62.31 25.85 73.80
C THR FA 55 63.77 26.17 73.51
N PRO FA 56 64.46 25.38 72.66
CA PRO FA 56 63.96 24.19 71.95
C PRO FA 56 63.85 22.98 72.87
N LYS FA 57 63.05 21.99 72.48
CA LYS FA 57 62.84 20.83 73.33
C LYS FA 57 64.14 20.03 73.47
N LYS FA 58 64.31 19.41 74.64
CA LYS FA 58 65.53 18.69 74.95
C LYS FA 58 65.17 17.37 75.64
N ILE FA 59 66.12 16.44 75.61
CA ILE FA 59 65.96 15.14 76.26
C ILE FA 59 67.01 15.03 77.36
N SER FA 60 66.61 14.45 78.49
CA SER FA 60 67.46 14.36 79.66
C SER FA 60 67.68 12.90 80.03
N LEU FA 61 68.93 12.55 80.33
CA LEU FA 61 69.25 11.20 80.77
C LEU FA 61 69.21 11.10 82.29
N ASN FA 62 69.13 9.87 82.78
CA ASN FA 62 69.16 9.61 84.21
C ASN FA 62 70.56 9.27 84.71
N THR FA 63 71.57 9.25 83.84
CA THR FA 63 72.94 8.96 84.23
C THR FA 63 73.87 9.65 83.24
N GLY FA 64 74.93 10.25 83.75
CA GLY FA 64 75.90 10.92 82.90
C GLY FA 64 76.70 9.94 82.08
N LEU FA 65 77.25 10.44 80.97
CA LEU FA 65 78.07 9.62 80.10
C LEU FA 65 79.37 9.24 80.79
N SER FA 66 79.84 8.02 80.54
CA SER FA 66 81.05 7.54 81.19
C SER FA 66 82.29 8.29 80.71
N ALA FA 67 82.44 8.43 79.39
CA ALA FA 67 83.61 9.05 78.80
C ALA FA 67 83.19 10.05 77.74
N ASP FA 68 84.04 11.05 77.52
CA ASP FA 68 83.77 12.06 76.51
C ASP FA 68 83.92 11.46 75.11
N ASN FA 69 83.50 12.23 74.11
CA ASN FA 69 83.50 11.79 72.71
C ASN FA 69 82.72 10.50 72.54
N THR FA 70 81.51 10.46 73.11
CA THR FA 70 80.64 9.31 73.02
C THR FA 70 79.52 9.58 72.04
N ARG FA 71 79.29 8.65 71.13
CA ARG FA 71 78.28 8.81 70.10
C ARG FA 71 76.89 8.78 70.72
N VAL FA 72 76.09 9.80 70.43
CA VAL FA 72 74.71 9.90 70.92
C VAL FA 72 73.82 10.18 69.72
N GLU FA 73 72.89 9.28 69.44
CA GLU FA 73 72.01 9.39 68.28
C GLU FA 73 70.57 9.54 68.76
N ILE FA 74 69.89 10.56 68.26
CA ILE FA 74 68.50 10.84 68.57
C ILE FA 74 67.76 11.01 67.26
N ARG FA 75 66.96 10.02 66.87
CA ARG FA 75 66.24 10.07 65.61
C ARG FA 75 64.77 9.74 65.85
N ARG FA 76 63.91 10.44 65.11
CA ARG FA 76 62.48 10.22 65.18
C ARG FA 76 62.08 9.03 64.31
N VAL FA 77 61.04 8.33 64.73
CA VAL FA 77 60.43 7.30 63.91
C VAL FA 77 58.93 7.26 64.21
N SER FA 78 58.12 7.33 63.15
CA SER FA 78 56.68 7.30 63.33
C SER FA 78 56.18 5.86 63.30
N SER FA 79 54.90 5.69 63.59
CA SER FA 79 54.29 4.38 63.60
C SER FA 79 54.22 3.82 62.18
N LEU FA 80 54.95 2.74 61.94
CA LEU FA 80 54.97 2.10 60.63
C LEU FA 80 54.05 0.89 60.54
N SER FA 81 53.85 0.18 61.65
CA SER FA 81 53.07 -1.05 61.65
C SER FA 81 51.59 -0.83 61.98
N THR FA 82 51.16 0.42 62.17
CA THR FA 82 49.77 0.67 62.54
C THR FA 82 49.38 2.10 62.19
N PRO FA 83 48.27 2.30 61.49
CA PRO FA 83 47.79 3.67 61.24
C PRO FA 83 47.48 4.37 62.55
N LEU FA 84 47.81 5.67 62.60
CA LEU FA 84 47.66 6.42 63.85
C LEU FA 84 46.19 6.69 64.16
N VAL FA 85 45.39 7.00 63.14
CA VAL FA 85 44.00 7.39 63.34
C VAL FA 85 43.13 6.49 62.47
N ASP FA 86 42.15 5.84 63.08
CA ASP FA 86 41.18 5.02 62.38
C ASP FA 86 39.82 5.70 62.41
N PHE FA 87 39.16 5.76 61.27
CA PHE FA 87 37.87 6.42 61.14
C PHE FA 87 36.75 5.46 61.52
N ALA FA 88 35.82 5.94 62.33
CA ALA FA 88 34.70 5.15 62.80
C ALA FA 88 33.41 5.67 62.18
N ASP FA 89 32.52 4.76 61.82
CA ASP FA 89 31.26 5.14 61.20
C ASP FA 89 30.21 5.44 62.25
N GLY FA 90 29.50 6.55 62.06
CA GLY FA 90 28.50 6.98 63.01
C GLY FA 90 28.89 8.14 63.90
N SER FA 91 29.76 9.03 63.43
CA SER FA 91 30.21 10.16 64.24
C SER FA 91 30.28 11.43 63.41
N THR FA 92 30.91 12.46 63.96
CA THR FA 92 31.07 13.75 63.29
C THR FA 92 32.52 13.90 62.85
N LEU FA 93 32.71 14.27 61.58
CA LEU FA 93 34.07 14.48 61.08
C LEU FA 93 34.71 15.67 61.76
N THR FA 94 36.01 15.57 62.00
CA THR FA 94 36.78 16.65 62.61
C THR FA 94 38.04 16.88 61.80
N ALA FA 95 38.40 18.15 61.61
CA ALA FA 95 39.59 18.47 60.83
C ALA FA 95 40.87 17.98 61.51
N ALA FA 96 40.81 17.79 62.84
CA ALA FA 96 42.00 17.36 63.56
C ALA FA 96 42.47 15.99 63.11
N ASP FA 97 41.53 15.06 62.87
CA ASP FA 97 41.91 13.72 62.44
C ASP FA 97 42.57 13.74 61.07
N LEU FA 98 42.01 14.50 60.13
CA LEU FA 98 42.61 14.60 58.80
C LEU FA 98 43.98 15.23 58.86
N ASP FA 99 44.13 16.28 59.67
CA ASP FA 99 45.44 16.91 59.84
C ASP FA 99 46.45 15.94 60.43
N THR FA 100 46.01 15.13 61.40
CA THR FA 100 46.90 14.14 62.00
C THR FA 100 47.35 13.11 60.98
N ALA FA 101 46.43 12.63 60.15
CA ALA FA 101 46.80 11.66 59.12
C ALA FA 101 47.80 12.25 58.14
N GLU FA 102 47.56 13.48 57.69
CA GLU FA 102 48.50 14.12 56.78
C GLU FA 102 49.87 14.29 57.43
N LYS FA 103 49.90 14.71 58.70
CA LYS FA 103 51.16 14.88 59.40
C LYS FA 103 51.92 13.57 59.50
N GLN FA 104 51.22 12.47 59.82
CA GLN FA 104 51.88 11.18 59.92
C GLN FA 104 52.49 10.77 58.59
N SER FA 105 51.73 10.89 57.50
CA SER FA 105 52.25 10.49 56.20
C SER FA 105 53.48 11.33 55.83
N LEU FA 106 53.39 12.65 56.02
CA LEU FA 106 54.52 13.50 55.68
C LEU FA 106 55.74 13.16 56.52
N PHE FA 107 55.55 12.90 57.81
CA PHE FA 107 56.69 12.60 58.67
C PHE FA 107 57.35 11.28 58.27
N ILE FA 108 56.55 10.29 57.89
CA ILE FA 108 57.12 9.01 57.46
C ILE FA 108 57.95 9.22 56.20
N ASP FA 109 57.44 9.98 55.24
CA ASP FA 109 58.21 10.24 54.02
C ASP FA 109 59.50 11.00 54.32
N GLN FA 110 59.44 11.98 55.22
CA GLN FA 110 60.63 12.72 55.60
C GLN FA 110 61.68 11.79 56.21
N GLU FA 111 61.24 10.89 57.10
CA GLU FA 111 62.19 9.96 57.72
C GLU FA 111 62.82 9.03 56.70
N LEU FA 112 62.03 8.56 55.74
CA LEU FA 112 62.58 7.68 54.71
C LEU FA 112 63.63 8.40 53.87
N ASP FA 113 63.33 9.65 53.48
CA ASP FA 113 64.31 10.41 52.70
C ASP FA 113 65.57 10.67 53.50
N ASP FA 114 65.43 10.98 54.79
CA ASP FA 114 66.60 11.19 55.63
C ASP FA 114 67.45 9.94 55.72
N ALA FA 115 66.81 8.78 55.84
CA ALA FA 115 67.55 7.53 55.88
C ALA FA 115 68.33 7.31 54.59
N LEU FA 116 67.68 7.55 53.45
CA LEU FA 116 68.37 7.37 52.18
C LEU FA 116 69.57 8.31 52.05
N LYS FA 117 69.40 9.57 52.46
CA LYS FA 117 70.48 10.54 52.37
C LYS FA 117 71.64 10.19 53.30
N GLN FA 118 71.32 9.79 54.54
CA GLN FA 118 72.37 9.32 55.46
C GLN FA 118 73.01 8.05 54.95
N GLY FA 119 72.37 7.36 54.02
CA GLY FA 119 72.95 6.18 53.41
C GLY FA 119 73.71 6.55 52.16
N ILE FA 120 73.11 6.33 50.99
CA ILE FA 120 73.79 6.55 49.71
C ILE FA 120 73.14 7.74 49.02
N SER FA 121 73.96 8.71 48.65
CA SER FA 121 73.52 9.88 47.91
C SER FA 121 74.20 9.90 46.54
N ILE FA 122 73.90 10.96 45.78
CA ILE FA 122 74.55 11.20 44.49
C ILE FA 122 75.14 12.59 44.54
N ASP FA 123 76.46 12.67 44.39
CA ASP FA 123 77.15 13.94 44.51
C ASP FA 123 76.70 14.90 43.42
N THR FA 124 76.41 16.14 43.82
CA THR FA 124 76.03 17.19 42.89
C THR FA 124 77.24 17.93 42.32
N SER FA 125 78.44 17.38 42.50
CA SER FA 125 79.65 17.92 41.90
C SER FA 125 80.11 17.14 40.69
N THR FA 126 79.82 15.85 40.63
CA THR FA 126 80.18 15.01 39.50
C THR FA 126 79.05 14.13 39.01
N GLY FA 127 77.91 14.10 39.67
CA GLY FA 127 76.82 13.23 39.28
C GLY FA 127 77.14 11.75 39.43
N VAL FA 128 77.90 11.39 40.46
CA VAL FA 128 78.29 10.00 40.68
C VAL FA 128 78.00 9.69 42.15
N PRO FA 129 77.67 8.43 42.49
CA PRO FA 129 77.41 8.12 43.91
C PRO FA 129 78.63 8.38 44.77
N THR FA 130 78.38 8.85 45.99
CA THR FA 130 79.42 9.18 46.95
C THR FA 130 79.05 8.63 48.31
N LEU FA 131 80.07 8.36 49.13
CA LEU FA 131 79.88 7.79 50.45
C LEU FA 131 80.12 8.78 51.58
N ASN FA 132 80.35 10.06 51.24
CA ASN FA 132 80.56 11.12 52.24
C ASN FA 132 81.73 10.80 53.17
N SER FA 133 82.75 10.12 52.63
CA SER FA 133 83.99 9.82 53.35
C SER FA 133 83.72 9.04 54.64
N GLN FA 134 83.18 7.84 54.48
CA GLN FA 134 82.96 6.92 55.59
C GLN FA 134 83.72 5.62 55.31
N ARG FA 135 83.45 4.61 56.15
CA ARG FA 135 84.17 3.35 56.11
C ARG FA 135 83.22 2.19 55.88
N LEU FA 136 83.65 1.25 55.04
CA LEU FA 136 82.83 0.12 54.61
C LEU FA 136 83.36 -1.17 55.22
N SER FA 137 82.44 -2.07 55.57
CA SER FA 137 82.82 -3.36 56.12
C SER FA 137 81.72 -4.37 55.79
N ASN FA 138 81.89 -5.59 56.29
CA ASN FA 138 80.93 -6.68 56.08
C ASN FA 138 80.68 -6.93 54.59
N VAL FA 139 81.75 -6.93 53.81
CA VAL FA 139 81.69 -7.17 52.37
C VAL FA 139 82.20 -8.58 52.10
N SER FA 140 81.41 -9.36 51.36
CA SER FA 140 81.81 -10.72 51.03
C SER FA 140 83.05 -10.71 50.14
N ASP FA 141 83.84 -11.77 50.24
CA ASP FA 141 85.04 -11.88 49.43
C ASP FA 141 84.65 -11.93 47.95
N PRO FA 142 85.35 -11.20 47.08
CA PRO FA 142 84.99 -11.20 45.66
C PRO FA 142 85.31 -12.51 44.98
N VAL FA 143 84.28 -13.32 44.71
CA VAL FA 143 84.49 -14.54 43.93
C VAL FA 143 84.98 -14.19 42.53
N ASN FA 144 84.35 -13.20 41.91
CA ASN FA 144 84.90 -12.54 40.73
C ASN FA 144 85.51 -11.22 41.17
N ALA FA 145 86.61 -10.83 40.52
CA ALA FA 145 87.23 -9.55 40.82
C ALA FA 145 86.42 -8.37 40.32
N GLN FA 146 85.19 -8.62 39.84
CA GLN FA 146 84.26 -7.54 39.55
C GLN FA 146 84.00 -6.69 40.78
N ASP FA 147 84.08 -7.29 41.97
CA ASP FA 147 83.80 -6.61 43.21
C ASP FA 147 85.04 -5.85 43.70
N ALA FA 148 84.79 -4.78 44.46
CA ALA FA 148 85.88 -4.02 45.04
C ALA FA 148 86.76 -4.92 45.91
N VAL FA 149 88.07 -4.74 45.78
CA VAL FA 149 89.04 -5.60 46.45
C VAL FA 149 88.95 -5.43 47.96
N THR FA 150 88.89 -6.54 48.67
CA THR FA 150 88.98 -6.54 50.13
C THR FA 150 90.44 -6.75 50.54
N LYS FA 151 90.86 -6.03 51.58
CA LYS FA 151 92.26 -6.11 51.97
C LYS FA 151 92.65 -7.48 52.50
N ALA FA 152 91.71 -8.26 53.03
CA ALA FA 152 92.03 -9.64 53.40
C ALA FA 152 92.47 -10.41 52.17
N TYR FA 153 91.72 -10.29 51.07
CA TYR FA 153 92.10 -10.94 49.83
C TYR FA 153 93.39 -10.37 49.26
N LEU FA 154 93.59 -9.06 49.43
CA LEU FA 154 94.79 -8.42 48.89
C LEU FA 154 96.05 -8.87 49.63
N GLU FA 155 96.02 -8.83 50.95
CA GLU FA 155 97.20 -9.09 51.78
C GLU FA 155 97.34 -10.55 52.19
N ARG FA 156 96.39 -11.41 51.83
CA ARG FA 156 96.53 -12.82 52.15
C ARG FA 156 97.71 -13.43 51.41
N SER FA 157 98.51 -14.22 52.13
CA SER FA 157 99.71 -14.79 51.56
C SER FA 157 99.35 -15.76 50.44
N GLY FA 158 99.93 -15.52 49.26
CA GLY FA 158 99.62 -16.32 48.10
C GLY FA 158 98.36 -15.93 47.36
N SER FA 159 97.53 -15.06 47.94
CA SER FA 159 96.31 -14.62 47.26
C SER FA 159 96.61 -13.63 46.14
N ILE FA 160 97.67 -12.85 46.26
CA ILE FA 160 98.07 -11.96 45.17
C ILE FA 160 98.43 -12.80 43.96
N THR FA 161 97.82 -12.46 42.83
CA THR FA 161 98.14 -13.14 41.59
C THR FA 161 99.47 -12.61 41.04
N SER FA 162 100.14 -13.46 40.27
CA SER FA 162 101.44 -13.08 39.71
C SER FA 162 101.33 -11.94 38.71
N THR FA 163 100.13 -11.62 38.23
CA THR FA 163 99.91 -10.50 37.33
C THR FA 163 99.40 -9.25 38.04
N GLN FA 164 98.89 -9.37 39.27
CA GLN FA 164 98.46 -8.20 40.01
C GLN FA 164 99.64 -7.31 40.39
N ILE FA 165 100.85 -7.85 40.42
CA ILE FA 165 102.06 -7.08 40.70
C ILE FA 165 102.59 -6.54 39.38
N LEU FA 166 102.86 -5.24 39.34
CA LEU FA 166 103.25 -4.56 38.11
C LEU FA 166 104.75 -4.28 38.18
N ASN FA 167 105.53 -5.11 37.48
CA ASN FA 167 106.97 -5.13 37.60
C ASN FA 167 107.60 -3.87 37.01
N GLY FA 168 108.70 -3.42 37.62
CA GLY FA 168 109.43 -2.29 37.07
C GLY FA 168 110.10 -1.32 38.04
N THR FA 169 109.88 -1.47 39.34
CA THR FA 169 110.48 -0.60 40.35
C THR FA 169 111.38 -1.38 41.30
N ILE FA 170 112.26 -2.21 40.75
CA ILE FA 170 113.16 -3.03 41.55
C ILE FA 170 114.20 -2.14 42.22
N VAL FA 171 114.19 -2.13 43.56
CA VAL FA 171 115.15 -1.37 44.36
C VAL FA 171 115.64 -2.27 45.49
N ASP FA 172 116.50 -1.70 46.35
CA ASP FA 172 117.04 -2.41 47.49
C ASP FA 172 116.39 -2.00 48.81
N ALA FA 173 115.29 -1.23 48.75
CA ALA FA 173 114.68 -0.72 49.96
C ALA FA 173 114.03 -1.84 50.77
N ASP FA 174 113.43 -2.81 50.10
CA ASP FA 174 112.61 -3.81 50.77
C ASP FA 174 113.22 -5.21 50.76
N ILE FA 175 114.25 -5.46 49.97
CA ILE FA 175 114.96 -6.73 50.03
C ILE FA 175 115.66 -6.83 51.38
N ASN FA 176 115.32 -7.87 52.14
CA ASN FA 176 115.94 -8.07 53.45
C ASN FA 176 117.44 -8.32 53.29
N ALA FA 177 118.22 -7.74 54.19
CA ALA FA 177 119.68 -7.90 54.13
C ALA FA 177 120.08 -9.35 54.31
N SER FA 178 119.42 -10.06 55.23
CA SER FA 178 119.72 -11.45 55.52
C SER FA 178 118.84 -12.42 54.73
N ALA FA 179 118.08 -11.92 53.75
CA ALA FA 179 117.23 -12.79 52.95
C ALA FA 179 118.07 -13.73 52.09
N ALA FA 180 117.76 -15.02 52.15
CA ALA FA 180 118.48 -16.03 51.39
C ALA FA 180 117.82 -16.20 50.02
N ILE FA 181 118.07 -15.22 49.15
CA ILE FA 181 117.54 -15.26 47.80
C ILE FA 181 118.15 -16.42 47.04
N ALA FA 182 117.30 -17.19 46.36
CA ALA FA 182 117.79 -18.35 45.60
C ALA FA 182 118.83 -17.92 44.57
N LYS FA 183 119.97 -18.59 44.58
CA LYS FA 183 121.11 -18.13 43.79
C LYS FA 183 120.89 -18.32 42.30
N SER FA 184 120.13 -19.35 41.90
CA SER FA 184 119.97 -19.69 40.49
C SER FA 184 118.87 -18.88 39.81
N LYS FA 185 118.54 -17.71 40.33
CA LYS FA 185 117.46 -16.89 39.80
C LYS FA 185 117.95 -15.60 39.14
N LEU FA 186 119.22 -15.24 39.29
CA LEU FA 186 119.76 -14.04 38.68
C LEU FA 186 121.10 -14.35 38.04
N ALA FA 187 121.39 -13.68 36.94
CA ALA FA 187 122.63 -13.87 36.20
C ALA FA 187 123.67 -12.87 36.70
N ALA FA 188 124.75 -12.71 35.94
CA ALA FA 188 125.83 -11.80 36.28
C ALA FA 188 125.87 -10.63 35.30
N LEU FA 189 126.25 -9.46 35.81
CA LEU FA 189 126.44 -8.30 34.96
C LEU FA 189 127.68 -8.47 34.11
N ASN FA 190 127.67 -7.85 32.93
CA ASN FA 190 128.79 -7.93 31.99
C ASN FA 190 129.86 -6.94 32.44
N ILE FA 191 130.74 -7.43 33.32
CA ILE FA 191 131.80 -6.61 33.89
C ILE FA 191 132.99 -6.59 32.94
N VAL FA 192 133.44 -5.40 32.56
CA VAL FA 192 134.60 -5.25 31.70
C VAL FA 192 135.60 -4.30 32.36
N MET GA 1 60.99 2.02 34.89
CA MET GA 1 61.22 3.25 34.14
C MET GA 1 61.32 4.45 35.09
N ALA GA 2 62.04 5.48 34.65
CA ALA GA 2 62.11 6.71 35.43
C ALA GA 2 60.74 7.36 35.49
N PHE GA 3 60.28 7.70 36.70
CA PHE GA 3 58.93 8.18 36.88
C PHE GA 3 58.79 9.68 36.65
N ALA GA 4 59.63 10.49 37.29
CA ALA GA 4 59.45 11.94 37.25
C ALA GA 4 60.79 12.65 37.05
N GLN GA 5 61.58 12.19 36.09
CA GLN GA 5 62.83 12.89 35.78
C GLN GA 5 63.24 12.56 34.34
N ARG GA 6 64.08 13.43 33.79
CA ARG GA 6 64.64 13.23 32.46
C ARG GA 6 66.00 13.91 32.42
N ILE GA 7 67.03 13.13 32.06
CA ILE GA 7 68.41 13.61 32.01
C ILE GA 7 68.86 13.65 30.56
N ILE GA 8 69.33 14.81 30.13
CA ILE GA 8 69.64 15.06 28.73
C ILE GA 8 71.11 15.45 28.60
N THR GA 9 71.83 14.75 27.72
CA THR GA 9 73.16 15.17 27.31
C THR GA 9 72.99 15.98 26.03
N SER GA 10 73.16 17.30 26.14
CA SER GA 10 72.88 18.20 25.03
C SER GA 10 73.76 17.88 23.82
N ASN GA 11 73.35 18.37 22.66
CA ASN GA 11 74.00 18.02 21.41
C ASN GA 11 74.38 19.22 20.55
N SER GA 12 73.98 20.44 20.92
CA SER GA 12 74.33 21.62 20.15
C SER GA 12 74.25 22.84 21.04
N ALA GA 13 75.32 23.64 21.04
CA ALA GA 13 75.32 24.89 21.78
C ALA GA 13 74.39 25.90 21.12
N GLY GA 14 73.80 26.77 21.94
CA GLY GA 14 72.85 27.75 21.46
C GLY GA 14 71.40 27.31 21.55
N ASP GA 15 71.15 26.06 21.90
CA ASP GA 15 69.78 25.59 22.06
C ASP GA 15 69.14 26.20 23.31
N GLN GA 16 67.81 26.22 23.33
CA GLN GA 16 67.11 26.86 24.42
C GLN GA 16 66.06 25.97 25.07
N GLU GA 17 65.37 25.16 24.28
CA GLU GA 17 64.19 24.44 24.73
C GLU GA 17 64.45 22.95 24.79
N PHE GA 18 63.91 22.31 25.83
CA PHE GA 18 64.00 20.87 26.02
C PHE GA 18 62.65 20.35 26.49
N THR GA 19 62.26 19.18 26.02
CA THR GA 19 60.93 18.65 26.31
C THR GA 19 60.94 17.76 27.54
N PHE GA 20 59.76 17.59 28.13
CA PHE GA 20 59.57 16.69 29.26
C PHE GA 20 58.13 16.22 29.24
N THR GA 21 57.88 15.08 29.87
CA THR GA 21 56.59 14.40 29.75
C THR GA 21 55.87 14.15 31.06
N PHE GA 22 56.58 14.07 32.19
CA PHE GA 22 55.93 13.66 33.43
C PHE GA 22 54.93 14.71 33.89
N ASP GA 23 53.94 14.25 34.65
CA ASP GA 23 52.90 15.12 35.18
C ASP GA 23 53.40 15.88 36.41
N TYR GA 24 52.66 16.91 36.78
CA TYR GA 24 53.01 17.74 37.93
C TYR GA 24 51.74 18.37 38.48
N ILE GA 25 51.84 18.89 39.69
CA ILE GA 25 50.72 19.55 40.37
C ILE GA 25 50.81 21.06 40.24
N LYS GA 26 51.98 21.63 40.51
CA LYS GA 26 52.21 23.06 40.37
C LYS GA 26 53.52 23.29 39.62
N GLU GA 27 53.59 24.44 38.95
CA GLU GA 27 54.77 24.74 38.13
C GLU GA 27 56.02 24.86 39.00
N GLU GA 28 55.90 25.45 40.18
CA GLU GA 28 57.05 25.66 41.04
C GLU GA 28 57.62 24.38 41.63
N HIS GA 29 57.11 23.22 41.23
CA HIS GA 29 57.67 21.94 41.65
C HIS GA 29 58.68 21.39 40.65
N ILE GA 30 59.02 22.16 39.62
CA ILE GA 30 59.95 21.73 38.59
C ILE GA 30 61.31 22.36 38.84
N LYS GA 31 62.35 21.55 38.80
CA LYS GA 31 63.71 22.01 39.02
C LYS GA 31 64.56 21.70 37.80
N VAL GA 32 65.47 22.61 37.46
CA VAL GA 32 66.33 22.49 36.29
C VAL GA 32 67.78 22.57 36.75
N PHE GA 33 68.58 21.62 36.27
CA PHE GA 33 70.01 21.58 36.59
C PHE GA 33 70.82 21.73 35.32
N VAL GA 34 71.75 22.68 35.32
CA VAL GA 34 72.70 22.86 34.23
C VAL GA 34 74.10 22.61 34.78
N ASN GA 35 74.82 21.66 34.17
CA ASN GA 35 76.17 21.23 34.52
C ASN GA 35 76.42 21.30 36.03
N PHE GA 36 75.59 20.59 36.79
CA PHE GA 36 75.69 20.50 38.24
C PHE GA 36 75.50 21.85 38.92
N VAL GA 37 74.67 22.72 38.33
CA VAL GA 37 74.29 23.99 38.96
C VAL GA 37 72.77 24.08 38.94
N GLU GA 38 72.17 24.24 40.11
CA GLU GA 38 70.71 24.42 40.19
C GLU GA 38 70.37 25.77 39.59
N LYS GA 39 69.33 25.80 38.76
CA LYS GA 39 68.95 26.98 38.02
C LYS GA 39 67.62 27.51 38.55
N ALA GA 40 67.60 28.79 38.91
CA ALA GA 40 66.43 29.37 39.56
C ALA GA 40 65.25 29.49 38.58
N GLN GA 41 64.06 29.55 39.14
CA GLN GA 41 62.82 29.66 38.39
C GLN GA 41 62.33 31.10 38.40
N GLY GA 42 61.80 31.54 37.28
CA GLY GA 42 61.31 32.92 37.17
C GLY GA 42 61.22 33.35 35.72
N THR GA 43 61.42 34.64 35.51
CA THR GA 43 61.37 35.23 34.18
C THR GA 43 62.29 36.43 34.11
N GLY GA 44 62.52 36.92 32.89
CA GLY GA 44 63.35 38.08 32.67
C GLY GA 44 64.80 37.86 33.07
N SER GA 45 65.23 38.53 34.13
CA SER GA 45 66.59 38.32 34.64
C SER GA 45 66.82 36.88 35.08
N ASN GA 46 65.76 36.16 35.44
CA ASN GA 46 65.87 34.75 35.74
C ASN GA 46 66.27 33.97 34.48
N GLU GA 47 66.59 32.70 34.68
CA GLU GA 47 67.23 31.94 33.63
C GLU GA 47 66.28 31.07 32.82
N PHE GA 48 65.22 30.53 33.41
CA PHE GA 48 64.35 29.64 32.65
C PHE GA 48 62.90 29.87 33.04
N GLN GA 49 62.01 29.49 32.12
CA GLN GA 49 60.58 29.55 32.32
C GLN GA 49 59.95 28.32 31.67
N VAL GA 50 58.75 27.98 32.13
CA VAL GA 50 58.08 26.75 31.71
C VAL GA 50 56.96 27.11 30.74
N ILE GA 51 56.96 26.46 29.58
CA ILE GA 51 55.91 26.62 28.58
C ILE GA 51 54.99 25.41 28.69
N THR GA 52 53.80 25.62 29.26
CA THR GA 52 52.85 24.54 29.50
C THR GA 52 51.73 24.50 28.48
N ASN GA 53 51.98 24.96 27.25
CA ASN GA 53 50.95 25.08 26.24
C ASN GA 53 51.08 24.05 25.12
N THR GA 54 52.28 23.88 24.57
CA THR GA 54 52.51 22.92 23.50
C THR GA 54 52.62 21.51 24.06
N THR GA 55 52.00 20.55 23.38
CA THR GA 55 52.09 19.15 23.77
C THR GA 55 53.11 18.44 22.90
N PRO GA 56 54.13 17.79 23.46
CA PRO GA 56 54.44 17.66 24.89
C PRO GA 56 55.05 18.93 25.46
N LYS GA 57 54.87 19.19 26.74
CA LYS GA 57 55.34 20.43 27.33
C LYS GA 57 56.87 20.48 27.33
N LYS GA 58 57.39 21.70 27.33
CA LYS GA 58 58.83 21.91 27.29
C LYS GA 58 59.17 23.14 28.12
N ILE GA 59 60.42 23.22 28.54
CA ILE GA 59 60.95 24.36 29.28
C ILE GA 59 61.81 25.17 28.32
N SER GA 60 61.90 26.48 28.58
CA SER GA 60 62.69 27.39 27.75
C SER GA 60 63.66 28.16 28.63
N LEU GA 61 64.92 28.17 28.24
CA LEU GA 61 65.94 28.91 28.95
C LEU GA 61 66.07 30.31 28.35
N ASN GA 62 66.29 31.29 29.22
CA ASN GA 62 66.43 32.67 28.77
C ASN GA 62 67.78 32.94 28.11
N THR GA 63 68.77 32.09 28.33
CA THR GA 63 70.09 32.25 27.74
C THR GA 63 70.49 30.95 27.05
N GLY GA 64 71.07 31.09 25.86
CA GLY GA 64 71.49 29.92 25.11
C GLY GA 64 72.64 29.19 25.77
N LEU GA 65 72.75 27.90 25.45
CA LEU GA 65 73.82 27.08 26.01
C LEU GA 65 75.17 27.56 25.50
N SER GA 66 76.12 27.76 26.43
CA SER GA 66 77.43 28.28 26.05
C SER GA 66 78.22 27.26 25.26
N ALA GA 67 78.21 26.00 25.70
CA ALA GA 67 78.98 24.95 25.04
C ALA GA 67 78.10 23.71 24.89
N ASP GA 68 78.25 23.03 23.76
CA ASP GA 68 77.49 21.82 23.51
C ASP GA 68 77.96 20.69 24.43
N ASN GA 69 77.15 19.64 24.50
CA ASN GA 69 77.37 18.51 25.41
C ASN GA 69 77.45 18.99 26.86
N THR GA 70 76.42 19.73 27.26
CA THR GA 70 76.25 20.17 28.63
C THR GA 70 75.00 19.51 29.18
N ARG GA 71 75.16 18.76 30.27
CA ARG GA 71 74.04 17.97 30.79
C ARG GA 71 72.98 18.87 31.40
N VAL GA 72 71.72 18.57 31.08
CA VAL GA 72 70.57 19.28 31.61
C VAL GA 72 69.63 18.25 32.23
N GLU GA 73 69.22 18.47 33.47
CA GLU GA 73 68.36 17.55 34.20
C GLU GA 73 67.08 18.24 34.60
N ILE GA 74 65.94 17.61 34.28
CA ILE GA 74 64.63 18.06 34.71
C ILE GA 74 64.08 16.99 35.64
N ARG GA 75 63.72 17.39 36.87
CA ARG GA 75 63.17 16.45 37.83
C ARG GA 75 62.11 17.14 38.67
N ARG GA 76 61.05 16.40 38.98
CA ARG GA 76 59.94 16.93 39.76
C ARG GA 76 60.15 16.61 41.23
N VAL GA 77 59.81 17.58 42.08
CA VAL GA 77 59.86 17.39 43.53
C VAL GA 77 58.65 18.08 44.14
N SER GA 78 57.75 17.29 44.72
CA SER GA 78 56.62 17.86 45.43
C SER GA 78 57.08 18.49 46.74
N SER GA 79 56.23 19.32 47.32
CA SER GA 79 56.58 19.98 48.57
C SER GA 79 56.70 18.97 49.68
N LEU GA 80 57.93 18.66 50.08
CA LEU GA 80 58.19 17.66 51.12
C LEU GA 80 58.20 18.25 52.53
N SER GA 81 58.06 19.57 52.67
CA SER GA 81 58.12 20.20 53.97
C SER GA 81 56.77 20.54 54.56
N THR GA 82 55.78 20.87 53.74
CA THR GA 82 54.46 21.25 54.22
C THR GA 82 53.39 20.55 53.40
N PRO GA 83 52.25 20.25 54.02
CA PRO GA 83 51.11 19.74 53.24
C PRO GA 83 50.56 20.79 52.30
N LEU GA 84 49.99 20.32 51.19
CA LEU GA 84 49.42 21.24 50.21
C LEU GA 84 48.02 21.71 50.57
N VAL GA 85 47.28 20.93 51.33
CA VAL GA 85 45.90 21.27 51.69
C VAL GA 85 45.77 21.25 53.21
N ASP GA 86 45.16 22.29 53.76
CA ASP GA 86 44.93 22.42 55.19
C ASP GA 86 43.43 22.45 55.44
N PHE GA 87 42.97 21.61 56.37
CA PHE GA 87 41.56 21.49 56.70
C PHE GA 87 41.23 22.33 57.92
N ALA GA 88 40.19 23.14 57.81
CA ALA GA 88 39.70 23.98 58.90
C ALA GA 88 38.19 23.81 59.01
N ASP GA 89 37.71 23.68 60.23
CA ASP GA 89 36.29 23.43 60.44
C ASP GA 89 35.45 24.61 59.97
N GLY GA 90 34.23 24.31 59.54
CA GLY GA 90 33.37 25.30 58.94
C GLY GA 90 33.46 25.38 57.43
N SER GA 91 34.40 24.67 56.81
CA SER GA 91 34.57 24.65 55.37
C SER GA 91 33.96 23.37 54.81
N THR GA 92 33.26 23.50 53.69
CA THR GA 92 32.59 22.36 53.07
C THR GA 92 33.61 21.53 52.30
N LEU GA 93 33.72 20.25 52.65
CA LEU GA 93 34.70 19.39 52.01
C LEU GA 93 34.32 19.13 50.56
N THR GA 94 35.31 19.11 49.68
CA THR GA 94 35.11 18.90 48.26
C THR GA 94 36.10 17.85 47.75
N ALA GA 95 35.84 17.37 46.53
CA ALA GA 95 36.71 16.34 45.96
C ALA GA 95 38.10 16.87 45.66
N ALA GA 96 38.22 18.17 45.42
CA ALA GA 96 39.51 18.73 45.01
C ALA GA 96 40.56 18.57 46.10
N ASP GA 97 40.20 18.81 47.35
CA ASP GA 97 41.17 18.71 48.44
C ASP GA 97 41.65 17.28 48.61
N LEU GA 98 40.72 16.32 48.62
CA LEU GA 98 41.09 14.92 48.78
C LEU GA 98 41.98 14.46 47.62
N ASP GA 99 41.61 14.84 46.40
CA ASP GA 99 42.41 14.46 45.24
C ASP GA 99 43.80 15.07 45.32
N THR GA 100 43.90 16.32 45.76
CA THR GA 100 45.21 16.95 45.88
C THR GA 100 46.08 16.24 46.90
N ALA GA 101 45.51 15.89 48.05
CA ALA GA 101 46.28 15.17 49.06
C ALA GA 101 46.76 13.81 48.54
N GLU GA 102 45.85 13.07 47.90
CA GLU GA 102 46.23 11.76 47.37
C GLU GA 102 47.30 11.88 46.30
N LYS GA 103 47.17 12.87 45.42
CA LYS GA 103 48.17 13.08 44.37
C LYS GA 103 49.52 13.41 44.97
N GLN GA 104 49.54 14.26 46.00
CA GLN GA 104 50.80 14.62 46.63
C GLN GA 104 51.48 13.38 47.23
N SER GA 105 50.70 12.56 47.94
CA SER GA 105 51.27 11.37 48.55
C SER GA 105 51.84 10.42 47.49
N LEU GA 106 51.04 10.16 46.44
CA LEU GA 106 51.50 9.23 45.41
C LEU GA 106 52.74 9.75 44.69
N PHE GA 107 52.77 11.04 44.38
CA PHE GA 107 53.91 11.60 43.67
C PHE GA 107 55.16 11.57 44.53
N ILE GA 108 55.02 11.84 45.84
CA ILE GA 108 56.17 11.74 46.72
C ILE GA 108 56.71 10.32 46.75
N ASP GA 109 55.82 9.34 46.84
CA ASP GA 109 56.27 7.95 46.87
C ASP GA 109 56.96 7.57 45.56
N GLN GA 110 56.41 8.02 44.43
CA GLN GA 110 57.03 7.75 43.13
C GLN GA 110 58.42 8.35 43.06
N GLU GA 111 58.58 9.59 43.51
CA GLU GA 111 59.88 10.24 43.47
C GLU GA 111 60.88 9.52 44.35
N LEU GA 112 60.44 9.08 45.53
CA LEU GA 112 61.33 8.33 46.42
C LEU GA 112 61.79 7.03 45.78
N ASP GA 113 60.86 6.30 45.16
CA ASP GA 113 61.26 5.06 44.48
C ASP GA 113 62.22 5.33 43.34
N ASP GA 114 61.99 6.42 42.60
CA ASP GA 114 62.90 6.76 41.51
C ASP GA 114 64.29 7.07 42.02
N ALA GA 115 64.39 7.82 43.12
CA ALA GA 115 65.70 8.11 43.69
C ALA GA 115 66.39 6.84 44.15
N LEU GA 116 65.65 5.93 44.80
CA LEU GA 116 66.23 4.69 45.27
C LEU GA 116 66.76 3.86 44.10
N LYS GA 117 66.00 3.79 43.00
CA LYS GA 117 66.46 3.04 41.84
C LYS GA 117 67.66 3.71 41.18
N GLN GA 118 67.65 5.04 41.10
CA GLN GA 118 68.75 5.75 40.46
C GLN GA 118 70.04 5.60 41.24
N GLY GA 119 69.97 5.50 42.57
CA GLY GA 119 71.15 5.24 43.36
C GLY GA 119 71.67 3.82 43.16
N ILE GA 120 72.37 3.28 44.14
CA ILE GA 120 72.84 1.90 44.05
C ILE GA 120 71.69 0.96 44.37
N SER GA 121 71.27 0.18 43.39
CA SER GA 121 70.19 -0.78 43.53
C SER GA 121 70.75 -2.18 43.50
N ILE GA 122 69.86 -3.17 43.51
CA ILE GA 122 70.24 -4.58 43.44
C ILE GA 122 69.97 -5.08 42.04
N ASP GA 123 71.02 -5.58 41.38
CA ASP GA 123 70.85 -6.17 40.05
C ASP GA 123 70.06 -7.46 40.17
N THR GA 124 69.11 -7.63 39.26
CA THR GA 124 68.27 -8.82 39.26
C THR GA 124 68.92 -10.01 38.58
N SER GA 125 70.10 -9.83 37.99
CA SER GA 125 70.77 -10.94 37.32
C SER GA 125 71.17 -12.02 38.30
N THR GA 126 71.73 -11.64 39.45
CA THR GA 126 72.16 -12.58 40.46
C THR GA 126 71.68 -12.20 41.86
N GLY GA 127 70.71 -11.29 41.97
CA GLY GA 127 70.30 -10.81 43.28
C GLY GA 127 71.42 -10.11 44.02
N VAL GA 128 72.20 -9.31 43.30
CA VAL GA 128 73.41 -8.69 43.86
C VAL GA 128 73.36 -7.19 43.59
N PRO GA 129 73.78 -6.36 44.54
CA PRO GA 129 73.83 -4.91 44.29
C PRO GA 129 74.75 -4.57 43.13
N THR GA 130 74.39 -3.54 42.40
CA THR GA 130 75.17 -3.07 41.26
C THR GA 130 75.28 -1.55 41.32
N LEU GA 131 76.38 -1.03 40.76
CA LEU GA 131 76.54 0.41 40.58
C LEU GA 131 76.04 0.89 39.23
N ASN GA 132 75.66 -0.03 38.34
CA ASN GA 132 75.21 0.31 36.99
C ASN GA 132 76.23 1.17 36.25
N SER GA 133 77.47 0.68 36.23
CA SER GA 133 78.57 1.33 35.50
C SER GA 133 78.82 2.75 36.00
N GLN GA 134 79.21 2.86 37.27
CA GLN GA 134 79.59 4.12 37.87
C GLN GA 134 80.94 3.96 38.59
N ARG GA 135 81.40 5.06 39.19
CA ARG GA 135 82.64 5.06 39.96
C ARG GA 135 82.30 5.43 41.40
N LEU GA 136 82.60 4.54 42.34
CA LEU GA 136 82.40 4.87 43.74
C LEU GA 136 83.43 5.90 44.18
N SER GA 137 82.94 7.02 44.71
CA SER GA 137 83.79 8.16 45.00
C SER GA 137 83.64 8.59 46.45
N ASN GA 138 84.67 9.28 46.94
CA ASN GA 138 84.68 9.87 48.27
C ASN GA 138 84.52 8.80 49.36
N VAL GA 139 85.41 7.81 49.32
CA VAL GA 139 85.49 6.77 50.33
C VAL GA 139 86.74 7.02 51.16
N SER GA 140 86.59 7.04 52.48
CA SER GA 140 87.71 7.33 53.36
C SER GA 140 88.77 6.24 53.28
N ASP GA 141 90.01 6.62 53.58
CA ASP GA 141 91.13 5.70 53.61
C ASP GA 141 90.82 4.58 54.60
N PRO GA 142 90.59 3.36 54.11
CA PRO GA 142 90.07 2.31 54.97
C PRO GA 142 91.13 1.72 55.89
N VAL GA 143 90.67 1.19 57.02
CA VAL GA 143 91.54 0.70 58.08
C VAL GA 143 91.25 -0.77 58.42
N ASN GA 144 89.97 -1.13 58.50
CA ASN GA 144 89.55 -2.45 58.94
C ASN GA 144 90.02 -3.51 57.92
N ALA GA 145 89.75 -4.77 58.23
CA ALA GA 145 90.23 -5.89 57.41
C ALA GA 145 89.22 -6.38 56.37
N GLN GA 146 88.07 -5.70 56.22
CA GLN GA 146 87.05 -6.17 55.28
C GLN GA 146 86.49 -5.04 54.42
N ASP GA 147 87.19 -3.92 54.31
CA ASP GA 147 86.70 -2.80 53.52
C ASP GA 147 86.97 -3.05 52.04
N ALA GA 148 86.67 -2.04 51.24
CA ALA GA 148 87.17 -1.98 49.87
C ALA GA 148 88.55 -1.32 49.86
N VAL GA 149 89.18 -1.29 48.70
CA VAL GA 149 90.45 -0.60 48.52
C VAL GA 149 90.26 0.51 47.50
N THR GA 150 90.89 1.64 47.75
CA THR GA 150 90.85 2.77 46.83
C THR GA 150 92.12 2.82 46.01
N LYS GA 151 92.00 3.32 44.78
CA LYS GA 151 93.17 3.43 43.92
C LYS GA 151 94.21 4.35 44.53
N ALA GA 152 93.77 5.39 45.24
CA ALA GA 152 94.72 6.27 45.92
C ALA GA 152 95.49 5.52 47.00
N TYR GA 153 94.79 4.71 47.80
CA TYR GA 153 95.45 3.97 48.86
C TYR GA 153 96.37 2.90 48.29
N LEU GA 154 96.02 2.34 47.13
CA LEU GA 154 96.89 1.36 46.49
C LEU GA 154 98.13 2.03 45.89
N GLU GA 155 97.97 3.20 45.28
CA GLU GA 155 99.06 3.84 44.55
C GLU GA 155 99.91 4.77 45.41
N ARG GA 156 99.52 5.02 46.66
CA ARG GA 156 100.38 5.83 47.51
C ARG GA 156 101.68 5.08 47.77
N SER GA 157 102.79 5.83 47.86
CA SER GA 157 104.10 5.22 47.92
C SER GA 157 104.24 4.36 49.17
N GLY GA 158 104.81 3.17 49.00
CA GLY GA 158 104.96 2.23 50.09
C GLY GA 158 103.71 1.45 50.43
N SER GA 159 102.64 1.57 49.64
CA SER GA 159 101.41 0.84 49.93
C SER GA 159 101.61 -0.67 49.84
N ILE GA 160 102.26 -1.12 48.78
CA ILE GA 160 102.51 -2.55 48.61
C ILE GA 160 103.58 -2.98 49.61
N THR GA 161 103.38 -4.14 50.22
CA THR GA 161 104.31 -4.70 51.19
C THR GA 161 104.87 -6.01 50.64
N SER GA 162 105.71 -6.65 51.45
CA SER GA 162 106.37 -7.90 51.03
C SER GA 162 105.36 -9.00 50.79
N THR GA 163 104.39 -9.17 51.70
CA THR GA 163 103.38 -10.21 51.54
C THR GA 163 102.45 -9.93 50.38
N GLN GA 164 102.32 -8.68 49.96
CA GLN GA 164 101.50 -8.32 48.80
C GLN GA 164 102.13 -8.74 47.48
N ILE GA 165 103.23 -9.49 47.52
CA ILE GA 165 103.97 -9.90 46.33
C ILE GA 165 103.96 -11.41 46.23
N LEU GA 166 103.54 -11.93 45.09
CA LEU GA 166 103.69 -13.34 44.77
C LEU GA 166 104.72 -13.49 43.66
N ASN GA 167 105.58 -14.50 43.81
CA ASN GA 167 106.74 -14.64 42.96
C ASN GA 167 106.34 -15.17 41.57
N GLY GA 168 107.28 -15.07 40.63
CA GLY GA 168 107.20 -15.79 39.39
C GLY GA 168 106.98 -14.97 38.13
N THR GA 169 106.76 -13.66 38.23
CA THR GA 169 106.47 -12.86 37.04
C THR GA 169 107.26 -11.55 37.04
N ILE GA 170 108.58 -11.65 37.27
CA ILE GA 170 109.46 -10.52 37.04
C ILE GA 170 109.75 -10.41 35.56
N VAL GA 171 109.00 -9.55 34.86
CA VAL GA 171 109.20 -9.38 33.44
C VAL GA 171 110.52 -8.64 33.20
N ASP GA 172 111.30 -9.16 32.25
CA ASP GA 172 112.59 -8.55 31.94
C ASP GA 172 112.44 -7.27 31.14
N ALA GA 173 111.31 -7.10 30.44
CA ALA GA 173 111.10 -5.90 29.64
C ALA GA 173 111.02 -4.66 30.53
N ASP GA 174 110.31 -4.76 31.64
CA ASP GA 174 110.13 -3.62 32.55
C ASP GA 174 111.22 -3.51 33.60
N ILE GA 175 112.22 -4.40 33.59
CA ILE GA 175 113.30 -4.34 34.56
C ILE GA 175 114.16 -3.12 34.28
N ASN GA 176 114.29 -2.24 35.27
CA ASN GA 176 115.09 -1.04 35.11
C ASN GA 176 116.57 -1.40 35.04
N ALA GA 177 117.29 -0.76 34.10
CA ALA GA 177 118.70 -1.05 33.93
C ALA GA 177 119.58 0.07 34.48
N SER GA 178 119.04 1.26 34.66
CA SER GA 178 119.81 2.41 35.14
C SER GA 178 119.89 2.47 36.66
N ALA GA 179 119.16 1.62 37.38
CA ALA GA 179 119.18 1.65 38.83
C ALA GA 179 120.48 1.04 39.35
N ALA GA 180 120.86 1.43 40.57
CA ALA GA 180 122.04 0.91 41.24
C ALA GA 180 121.58 -0.15 42.25
N ILE GA 181 121.78 -1.42 41.89
CA ILE GA 181 121.37 -2.55 42.72
C ILE GA 181 122.63 -3.21 43.26
N ALA GA 182 122.77 -3.22 44.59
CA ALA GA 182 123.94 -3.80 45.22
C ALA GA 182 123.97 -5.31 45.01
N LYS GA 183 125.18 -5.84 44.85
CA LYS GA 183 125.37 -7.26 44.56
C LYS GA 183 125.13 -8.15 45.77
N SER GA 184 125.11 -7.59 46.98
CA SER GA 184 124.87 -8.40 48.17
C SER GA 184 123.47 -9.01 48.14
N LYS GA 185 122.48 -8.24 47.71
CA LYS GA 185 121.10 -8.72 47.65
C LYS GA 185 120.82 -9.57 46.43
N LEU GA 186 121.78 -9.71 45.53
CA LEU GA 186 121.57 -10.40 44.26
C LEU GA 186 121.98 -11.87 44.36
N ALA GA 187 121.52 -12.64 43.38
CA ALA GA 187 121.72 -14.08 43.37
C ALA GA 187 123.03 -14.43 42.68
N ALA GA 188 123.25 -15.72 42.39
CA ALA GA 188 124.49 -16.19 41.80
C ALA GA 188 124.16 -17.27 40.76
N LEU GA 189 124.14 -16.88 39.49
CA LEU GA 189 123.88 -17.83 38.41
C LEU GA 189 124.93 -18.93 38.40
N ASN GA 190 124.47 -20.18 38.29
CA ASN GA 190 125.37 -21.34 38.31
C ASN GA 190 125.85 -21.59 36.89
N ILE GA 191 126.94 -20.91 36.52
CA ILE GA 191 127.54 -21.07 35.20
C ILE GA 191 128.41 -22.33 35.23
N VAL GA 192 127.96 -23.38 34.55
CA VAL GA 192 128.69 -24.64 34.51
C VAL GA 192 130.00 -24.47 33.74
N MET HA 1 16.95 -73.08 44.59
CA MET HA 1 16.07 -73.08 43.43
C MET HA 1 16.55 -72.08 42.39
N ALA HA 2 16.06 -72.23 41.16
CA ALA HA 2 16.37 -71.28 40.10
C ALA HA 2 15.65 -69.97 40.37
N PHE HA 3 16.41 -68.92 40.69
CA PHE HA 3 15.80 -67.66 41.09
C PHE HA 3 14.99 -67.03 39.96
N ALA HA 4 15.61 -66.88 38.79
CA ALA HA 4 15.00 -66.10 37.72
C ALA HA 4 15.21 -66.77 36.36
N GLN HA 5 14.99 -68.08 36.29
CA GLN HA 5 15.05 -68.77 35.01
C GLN HA 5 14.30 -70.09 35.13
N ARG HA 6 13.39 -70.34 34.19
CA ARG HA 6 12.61 -71.58 34.17
C ARG HA 6 12.72 -72.18 32.77
N ILE HA 7 13.28 -73.39 32.69
CA ILE HA 7 13.46 -74.09 31.42
C ILE HA 7 12.59 -75.33 31.43
N ILE HA 8 11.81 -75.52 30.37
CA ILE HA 8 10.88 -76.64 30.27
C ILE HA 8 11.09 -77.35 28.95
N THR HA 9 10.60 -78.59 28.90
CA THR HA 9 10.58 -79.40 27.68
C THR HA 9 9.12 -79.58 27.27
N SER HA 10 8.76 -79.04 26.10
CA SER HA 10 7.38 -79.01 25.67
C SER HA 10 6.84 -80.43 25.53
N ASN HA 11 5.75 -80.71 26.25
CA ASN HA 11 5.22 -82.08 26.28
C ASN HA 11 4.63 -82.48 24.95
N SER HA 12 3.80 -81.64 24.35
CA SER HA 12 3.11 -81.99 23.13
C SER HA 12 3.09 -80.80 22.19
N ALA HA 13 3.04 -81.09 20.89
CA ALA HA 13 2.93 -80.04 19.89
C ALA HA 13 1.56 -79.37 19.97
N GLY HA 14 1.54 -78.08 19.68
CA GLY HA 14 0.33 -77.30 19.77
C GLY HA 14 0.14 -76.55 21.07
N ASP HA 15 0.90 -76.87 22.11
CA ASP HA 15 0.82 -76.15 23.37
C ASP HA 15 1.35 -74.73 23.19
N GLN HA 16 0.71 -73.78 23.88
CA GLN HA 16 1.07 -72.38 23.70
C GLN HA 16 1.25 -71.65 25.02
N GLU HA 17 0.59 -72.14 26.08
CA GLU HA 17 0.61 -71.46 27.38
C GLU HA 17 1.68 -72.08 28.27
N PHE HA 18 2.54 -71.23 28.83
CA PHE HA 18 3.52 -71.62 29.82
C PHE HA 18 3.48 -70.64 30.99
N THR HA 19 3.89 -71.11 32.16
CA THR HA 19 3.81 -70.33 33.39
C THR HA 19 5.19 -70.01 33.94
N PHE HA 20 5.24 -68.97 34.77
CA PHE HA 20 6.47 -68.59 35.45
C PHE HA 20 6.10 -67.95 36.79
N THR HA 21 7.07 -67.92 37.70
CA THR HA 21 6.81 -67.52 39.07
C THR HA 21 7.70 -66.38 39.58
N PHE HA 22 8.80 -66.08 38.92
CA PHE HA 22 9.71 -65.05 39.43
C PHE HA 22 9.09 -63.66 39.29
N ASP HA 23 9.51 -62.76 40.18
CA ASP HA 23 9.09 -61.38 40.10
C ASP HA 23 9.91 -60.64 39.05
N TYR HA 24 9.41 -59.48 38.63
CA TYR HA 24 10.08 -58.68 37.62
C TYR HA 24 9.76 -57.21 37.86
N ILE HA 25 10.36 -56.36 37.03
CA ILE HA 25 10.18 -54.92 37.13
C ILE HA 25 9.31 -54.39 36.00
N LYS HA 26 9.68 -54.67 34.75
CA LYS HA 26 8.89 -54.27 33.59
C LYS HA 26 8.60 -55.50 32.74
N GLU HA 27 7.49 -55.43 32.01
CA GLU HA 27 7.10 -56.55 31.15
C GLU HA 27 8.07 -56.77 30.00
N GLU HA 28 8.96 -55.83 29.72
CA GLU HA 28 9.93 -55.98 28.65
C GLU HA 28 11.23 -56.63 29.12
N HIS HA 29 11.35 -56.95 30.40
CA HIS HA 29 12.54 -57.57 30.95
C HIS HA 29 12.48 -59.09 30.94
N ILE HA 30 11.54 -59.68 30.21
CA ILE HA 30 11.38 -61.13 30.13
C ILE HA 30 11.70 -61.57 28.71
N LYS HA 31 12.64 -62.50 28.59
CA LYS HA 31 13.06 -63.04 27.30
C LYS HA 31 12.69 -64.51 27.23
N VAL HA 32 12.22 -64.95 26.08
CA VAL HA 32 11.84 -66.33 25.85
C VAL HA 32 12.63 -66.87 24.66
N PHE HA 33 13.24 -68.03 24.83
CA PHE HA 33 14.04 -68.67 23.79
C PHE HA 33 13.44 -70.01 23.43
N VAL HA 34 13.43 -70.32 22.13
CA VAL HA 34 12.88 -71.57 21.62
C VAL HA 34 13.96 -72.19 20.73
N ASN HA 35 14.77 -73.08 21.31
CA ASN HA 35 15.92 -73.72 20.64
C ASN HA 35 16.70 -72.73 19.79
N PHE HA 36 17.31 -71.75 20.47
CA PHE HA 36 18.19 -70.74 19.89
C PHE HA 36 17.44 -69.70 19.08
N VAL HA 37 16.14 -69.89 18.88
CA VAL HA 37 15.34 -68.96 18.10
C VAL HA 37 14.77 -67.91 19.07
N GLU HA 38 15.42 -66.76 19.11
CA GLU HA 38 14.97 -65.68 20.00
C GLU HA 38 13.66 -65.11 19.48
N LYS HA 39 12.76 -64.79 20.41
CA LYS HA 39 11.44 -64.27 20.09
C LYS HA 39 11.29 -62.86 20.63
N ALA HA 40 10.60 -62.02 19.87
CA ALA HA 40 10.43 -60.62 20.22
C ALA HA 40 9.13 -60.40 20.98
N GLN HA 41 9.14 -59.42 21.88
CA GLN HA 41 7.99 -59.08 22.70
C GLN HA 41 7.03 -58.20 21.91
N GLY HA 42 5.77 -58.23 22.32
CA GLY HA 42 4.75 -57.41 21.70
C GLY HA 42 3.47 -58.19 21.53
N THR HA 43 2.57 -57.64 20.73
CA THR HA 43 1.25 -58.23 20.51
C THR HA 43 0.93 -58.18 19.02
N GLY HA 44 0.31 -59.25 18.52
CA GLY HA 44 -0.02 -59.34 17.11
C GLY HA 44 0.86 -60.34 16.39
N SER HA 45 1.52 -59.90 15.33
CA SER HA 45 2.49 -60.76 14.66
C SER HA 45 3.66 -61.10 15.58
N ASN HA 46 3.85 -60.34 16.66
CA ASN HA 46 4.81 -60.72 17.68
C ASN HA 46 4.48 -62.11 18.19
N GLU HA 47 5.49 -62.98 18.22
CA GLU HA 47 5.24 -64.40 18.38
C GLU HA 47 5.07 -64.83 19.83
N PHE HA 48 5.06 -63.91 20.78
CA PHE HA 48 4.72 -64.28 22.14
C PHE HA 48 4.14 -63.06 22.86
N GLN HA 49 3.31 -63.33 23.87
CA GLN HA 49 2.66 -62.30 24.65
C GLN HA 49 2.68 -62.70 26.12
N VAL HA 50 2.54 -61.70 26.98
CA VAL HA 50 2.54 -61.92 28.43
C VAL HA 50 1.14 -61.65 28.96
N ILE HA 51 0.76 -62.40 30.00
CA ILE HA 51 -0.55 -62.29 30.63
C ILE HA 51 -0.35 -62.19 32.13
N THR HA 52 -0.94 -61.18 32.75
CA THR HA 52 -0.72 -60.90 34.16
C THR HA 52 -2.00 -60.88 34.99
N ASN HA 53 -3.17 -61.18 34.42
CA ASN HA 53 -4.41 -61.12 35.17
C ASN HA 53 -4.68 -62.38 35.98
N THR HA 54 -3.80 -63.37 35.94
CA THR HA 54 -4.00 -64.62 36.63
C THR HA 54 -2.74 -64.97 37.42
N THR HA 55 -2.93 -65.50 38.62
CA THR HA 55 -1.82 -65.96 39.44
C THR HA 55 -1.68 -67.46 39.30
N PRO HA 56 -0.51 -67.97 38.90
CA PRO HA 56 0.73 -67.27 38.58
C PRO HA 56 0.69 -66.64 37.20
N LYS HA 57 1.46 -65.57 36.97
CA LYS HA 57 1.49 -64.94 35.66
C LYS HA 57 2.07 -65.91 34.62
N LYS HA 58 1.56 -65.82 33.40
CA LYS HA 58 1.89 -66.79 32.37
C LYS HA 58 2.05 -66.09 31.03
N ILE HA 59 2.91 -66.64 30.19
CA ILE HA 59 3.11 -66.15 28.84
C ILE HA 59 2.34 -67.03 27.87
N SER HA 60 2.18 -66.55 26.65
CA SER HA 60 1.45 -67.30 25.62
C SER HA 60 2.11 -67.08 24.28
N LEU HA 61 2.54 -68.16 23.64
CA LEU HA 61 3.05 -68.08 22.29
C LEU HA 61 1.91 -67.74 21.33
N ASN HA 62 2.29 -67.20 20.17
CA ASN HA 62 1.32 -66.87 19.13
C ASN HA 62 1.25 -67.94 18.03
N THR HA 63 1.98 -69.04 18.19
CA THR HA 63 1.93 -70.14 17.23
C THR HA 63 2.40 -71.40 17.93
N GLY HA 64 1.60 -72.47 17.83
CA GLY HA 64 1.93 -73.69 18.53
C GLY HA 64 3.21 -74.32 18.00
N LEU HA 65 3.86 -75.10 18.87
CA LEU HA 65 5.11 -75.74 18.50
C LEU HA 65 4.88 -76.79 17.43
N SER HA 66 5.83 -76.89 16.50
CA SER HA 66 5.73 -77.88 15.43
C SER HA 66 5.87 -79.30 15.96
N ALA HA 67 6.83 -79.53 16.85
CA ALA HA 67 7.10 -80.88 17.35
C ALA HA 67 7.24 -80.84 18.87
N ASP HA 68 6.92 -81.97 19.48
CA ASP HA 68 7.00 -82.10 20.92
C ASP HA 68 8.46 -82.29 21.36
N ASN HA 69 8.68 -82.15 22.67
CA ASN HA 69 10.04 -82.15 23.24
C ASN HA 69 10.92 -81.08 22.61
N THR HA 70 10.36 -79.91 22.36
CA THR HA 70 11.13 -78.75 21.96
C THR HA 70 11.36 -77.86 23.17
N ARG HA 71 12.62 -77.60 23.48
CA ARG HA 71 12.97 -76.89 24.70
C ARG HA 71 12.52 -75.43 24.60
N VAL HA 72 11.92 -74.94 25.68
CA VAL HA 72 11.46 -73.56 25.80
C VAL HA 72 12.00 -73.00 27.10
N GLU HA 73 12.63 -71.83 27.03
CA GLU HA 73 13.32 -71.25 28.17
C GLU HA 73 12.77 -69.86 28.45
N ILE HA 74 12.56 -69.56 29.73
CA ILE HA 74 12.13 -68.23 30.18
C ILE HA 74 13.19 -67.72 31.14
N ARG HA 75 13.74 -66.54 30.87
CA ARG HA 75 14.77 -65.97 31.71
C ARG HA 75 14.54 -64.49 31.88
N ARG HA 76 14.80 -63.98 33.08
CA ARG HA 76 14.70 -62.57 33.36
C ARG HA 76 16.11 -61.97 33.40
N VAL HA 77 16.31 -60.90 32.64
CA VAL HA 77 17.57 -60.16 32.64
C VAL HA 77 17.22 -58.68 32.80
N SER HA 78 17.51 -58.13 33.97
CA SER HA 78 17.32 -56.70 34.17
C SER HA 78 18.38 -55.92 33.39
N SER HA 79 18.21 -54.61 33.36
CA SER HA 79 19.14 -53.77 32.62
C SER HA 79 20.54 -53.89 33.19
N LEU HA 80 21.51 -54.15 32.32
CA LEU HA 80 22.91 -54.24 32.71
C LEU HA 80 23.76 -53.07 32.26
N SER HA 81 23.40 -52.40 31.17
CA SER HA 81 24.18 -51.31 30.63
C SER HA 81 23.69 -49.93 31.05
N THR HA 82 22.40 -49.80 31.38
CA THR HA 82 21.81 -48.52 31.71
C THR HA 82 21.23 -48.56 33.11
N PRO HA 83 21.63 -47.66 34.01
CA PRO HA 83 21.03 -47.64 35.35
C PRO HA 83 19.56 -47.27 35.28
N LEU HA 84 18.78 -47.79 36.22
CA LEU HA 84 17.37 -47.48 36.29
C LEU HA 84 17.08 -46.17 37.01
N VAL HA 85 18.07 -45.59 37.69
CA VAL HA 85 17.93 -44.31 38.36
C VAL HA 85 19.11 -43.43 37.98
N ASP HA 86 18.85 -42.13 37.81
CA ASP HA 86 19.90 -41.16 37.49
C ASP HA 86 19.50 -39.86 38.20
N PHE HA 87 20.11 -39.62 39.36
CA PHE HA 87 19.65 -38.53 40.22
C PHE HA 87 19.96 -37.19 39.58
N ALA HA 88 18.97 -36.31 39.56
CA ALA HA 88 19.08 -34.97 38.99
C ALA HA 88 18.80 -33.95 40.08
N ASP HA 89 19.52 -32.84 40.04
CA ASP HA 89 19.47 -31.86 41.11
C ASP HA 89 18.23 -30.99 40.99
N GLY HA 90 17.59 -30.72 42.13
CA GLY HA 90 16.36 -29.96 42.17
C GLY HA 90 15.11 -30.78 42.32
N SER HA 91 15.22 -32.09 42.51
CA SER HA 91 14.06 -32.95 42.65
C SER HA 91 13.74 -33.21 44.11
N THR HA 92 12.59 -33.84 44.35
CA THR HA 92 12.16 -34.22 45.69
C THR HA 92 12.47 -35.69 45.88
N LEU HA 93 13.47 -35.98 46.72
CA LEU HA 93 13.91 -37.36 46.92
C LEU HA 93 12.83 -38.15 47.66
N THR HA 94 12.36 -39.23 47.03
CA THR HA 94 11.34 -40.09 47.61
C THR HA 94 11.89 -41.50 47.75
N ALA HA 95 11.35 -42.24 48.73
CA ALA HA 95 11.86 -43.57 49.03
C ALA HA 95 11.65 -44.56 47.90
N ALA HA 96 10.72 -44.26 46.98
CA ALA HA 96 10.46 -45.18 45.87
C ALA HA 96 11.70 -45.35 44.99
N ASP HA 97 12.40 -44.25 44.71
CA ASP HA 97 13.60 -44.33 43.88
C ASP HA 97 14.67 -45.20 44.53
N LEU HA 98 14.90 -45.00 45.83
CA LEU HA 98 15.89 -45.79 46.53
C LEU HA 98 15.50 -47.26 46.55
N ASP HA 99 14.23 -47.55 46.80
CA ASP HA 99 13.78 -48.94 46.79
C ASP HA 99 13.96 -49.57 45.42
N THR HA 100 13.65 -48.84 44.36
CA THR HA 100 13.82 -49.38 43.01
C THR HA 100 15.29 -49.64 42.70
N ALA HA 101 16.18 -48.74 43.13
CA ALA HA 101 17.61 -48.99 42.93
C ALA HA 101 18.07 -50.23 43.67
N GLU HA 102 17.64 -50.38 44.92
CA GLU HA 102 17.99 -51.57 45.69
C GLU HA 102 17.48 -52.83 45.01
N LYS HA 103 16.24 -52.79 44.53
CA LYS HA 103 15.66 -53.95 43.86
C LYS HA 103 16.42 -54.30 42.58
N GLN HA 104 16.80 -53.28 41.81
CA GLN HA 104 17.55 -53.54 40.58
C GLN HA 104 18.88 -54.20 40.89
N SER HA 105 19.59 -53.68 41.90
CA SER HA 105 20.88 -54.29 42.27
C SER HA 105 20.69 -55.74 42.71
N LEU HA 106 19.67 -55.99 43.54
CA LEU HA 106 19.43 -57.35 44.02
C LEU HA 106 19.10 -58.28 42.87
N PHE HA 107 18.27 -57.83 41.93
CA PHE HA 107 17.88 -58.70 40.82
C PHE HA 107 19.06 -58.99 39.90
N ILE HA 108 19.91 -58.00 39.67
CA ILE HA 108 21.10 -58.24 38.86
C ILE HA 108 22.00 -59.27 39.52
N ASP HA 109 22.22 -59.14 40.84
CA ASP HA 109 23.05 -60.10 41.54
C ASP HA 109 22.45 -61.50 41.51
N GLN HA 110 21.13 -61.60 41.69
CA GLN HA 110 20.47 -62.90 41.63
C GLN HA 110 20.63 -63.54 40.25
N GLU HA 111 20.44 -62.75 39.19
CA GLU HA 111 20.56 -63.31 37.85
C GLU HA 111 21.98 -63.78 37.56
N LEU HA 112 22.98 -63.00 37.99
CA LEU HA 112 24.36 -63.42 37.78
C LEU HA 112 24.67 -64.72 38.54
N ASP HA 113 24.21 -64.82 39.78
CA ASP HA 113 24.44 -66.05 40.55
C ASP HA 113 23.77 -67.24 39.89
N ASP HA 114 22.53 -67.05 39.41
CA ASP HA 114 21.83 -68.14 38.77
C ASP HA 114 22.50 -68.55 37.47
N ALA HA 115 23.05 -67.59 36.72
CA ALA HA 115 23.79 -67.93 35.51
C ALA HA 115 25.04 -68.73 35.84
N LEU HA 116 25.76 -68.33 36.89
CA LEU HA 116 26.94 -69.08 37.30
C LEU HA 116 26.57 -70.51 37.69
N LYS HA 117 25.47 -70.67 38.43
CA LYS HA 117 25.03 -72.01 38.81
C LYS HA 117 24.60 -72.82 37.59
N GLN HA 118 23.93 -72.18 36.63
CA GLN HA 118 23.54 -72.84 35.40
C GLN HA 118 24.77 -73.33 34.64
N GLY HA 119 25.85 -72.57 34.70
CA GLY HA 119 27.11 -73.03 34.16
C GLY HA 119 27.64 -74.23 34.93
N ILE HA 120 28.90 -74.58 34.74
CA ILE HA 120 29.48 -75.70 35.46
C ILE HA 120 29.75 -75.27 36.91
N SER HA 121 29.21 -76.03 37.86
CA SER HA 121 29.20 -75.68 39.26
C SER HA 121 29.98 -76.70 40.08
N ILE HA 122 30.49 -76.24 41.23
CA ILE HA 122 31.48 -77.01 41.98
C ILE HA 122 30.89 -78.37 42.37
N ASP HA 123 31.71 -79.42 42.24
CA ASP HA 123 31.36 -80.75 42.71
C ASP HA 123 31.89 -80.86 44.14
N THR HA 124 30.97 -80.73 45.09
CA THR HA 124 31.36 -80.52 46.49
C THR HA 124 32.19 -81.68 47.02
N SER HA 125 31.79 -82.91 46.71
CA SER HA 125 32.51 -84.07 47.21
C SER HA 125 33.92 -84.19 46.63
N THR HA 126 34.16 -83.63 45.45
CA THR HA 126 35.47 -83.70 44.82
C THR HA 126 36.13 -82.34 44.68
N GLY HA 127 35.47 -81.37 44.05
CA GLY HA 127 36.01 -80.02 43.99
C GLY HA 127 36.00 -79.36 42.62
N VAL HA 128 36.30 -80.10 41.57
CA VAL HA 128 36.22 -79.50 40.23
C VAL HA 128 34.77 -79.21 39.91
N PRO HA 129 34.44 -78.04 39.37
CA PRO HA 129 33.05 -77.77 38.99
C PRO HA 129 32.49 -78.82 38.04
N THR HA 130 31.51 -79.59 38.52
CA THR HA 130 30.97 -80.69 37.74
C THR HA 130 30.05 -80.18 36.64
N LEU HA 131 30.11 -80.83 35.48
CA LEU HA 131 29.20 -80.50 34.39
C LEU HA 131 27.77 -80.90 34.71
N ASN HA 132 27.55 -81.76 35.71
CA ASN HA 132 26.23 -82.14 36.18
C ASN HA 132 25.40 -82.77 35.06
N SER HA 133 25.89 -83.90 34.57
CA SER HA 133 25.21 -84.71 33.55
C SER HA 133 25.00 -83.91 32.26
N GLN HA 134 26.09 -83.31 31.79
CA GLN HA 134 26.08 -82.57 30.54
C GLN HA 134 27.31 -82.93 29.73
N ARG HA 135 27.18 -82.81 28.41
CA ARG HA 135 28.25 -83.17 27.48
C ARG HA 135 29.01 -81.89 27.11
N LEU HA 136 30.10 -81.64 27.82
CA LEU HA 136 31.00 -80.56 27.45
C LEU HA 136 31.52 -80.79 26.04
N SER HA 137 31.44 -79.76 25.20
CA SER HA 137 31.79 -79.93 23.80
C SER HA 137 32.33 -78.62 23.26
N ASN HA 138 32.39 -78.52 21.93
CA ASN HA 138 32.89 -77.34 21.23
C ASN HA 138 34.33 -77.01 21.65
N VAL HA 139 35.10 -78.06 21.92
CA VAL HA 139 36.53 -77.95 22.16
C VAL HA 139 37.23 -78.41 20.89
N SER HA 140 38.11 -77.56 20.35
CA SER HA 140 38.77 -77.87 19.10
C SER HA 140 39.69 -79.08 19.25
N ASP HA 141 40.09 -79.63 18.11
CA ASP HA 141 40.95 -80.81 18.12
C ASP HA 141 42.27 -80.47 18.80
N PRO HA 142 42.91 -81.44 19.47
CA PRO HA 142 44.07 -81.13 20.29
C PRO HA 142 45.19 -80.46 19.50
N VAL HA 143 45.80 -79.46 20.12
CA VAL HA 143 46.88 -78.69 19.52
C VAL HA 143 48.19 -78.94 20.23
N ASN HA 144 48.18 -79.00 21.55
CA ASN HA 144 49.36 -79.26 22.35
C ASN HA 144 49.23 -80.63 23.03
N ALA HA 145 50.20 -80.94 23.88
CA ALA HA 145 50.26 -82.27 24.48
C ALA HA 145 49.04 -82.55 25.35
N GLN HA 146 48.73 -81.65 26.28
CA GLN HA 146 47.71 -81.90 27.28
C GLN HA 146 46.30 -81.60 26.78
N ASP HA 147 46.15 -81.16 25.53
CA ASP HA 147 44.83 -80.86 25.00
C ASP HA 147 44.00 -82.14 24.92
N ALA HA 148 42.71 -81.99 25.21
CA ALA HA 148 41.81 -83.14 25.24
C ALA HA 148 41.58 -83.68 23.84
N VAL HA 149 41.09 -84.91 23.78
CA VAL HA 149 40.86 -85.62 22.52
C VAL HA 149 39.38 -85.48 22.16
N THR HA 150 39.12 -84.95 20.97
CA THR HA 150 37.75 -84.76 20.50
C THR HA 150 37.30 -85.96 19.67
N LYS HA 151 36.04 -85.93 19.24
CA LYS HA 151 35.51 -87.01 18.42
C LYS HA 151 36.17 -87.03 17.05
N ALA HA 152 36.20 -85.87 16.38
CA ALA HA 152 36.76 -85.79 15.04
C ALA HA 152 38.27 -86.02 15.04
N TYR HA 153 38.91 -86.02 16.21
CA TYR HA 153 40.33 -86.34 16.32
C TYR HA 153 40.56 -87.81 16.65
N LEU HA 154 39.85 -88.34 17.66
CA LEU HA 154 40.06 -89.73 18.05
C LEU HA 154 39.51 -90.68 17.00
N GLU HA 155 38.59 -90.23 16.14
CA GLU HA 155 38.12 -91.03 15.03
C GLU HA 155 38.66 -90.55 13.69
N ARG HA 156 39.74 -89.77 13.70
CA ARG HA 156 40.34 -89.27 12.47
C ARG HA 156 41.34 -90.27 11.91
N SER HA 157 41.43 -90.32 10.58
CA SER HA 157 42.41 -91.17 9.93
C SER HA 157 43.83 -90.68 10.22
N GLY HA 158 44.74 -91.64 10.36
CA GLY HA 158 46.12 -91.34 10.67
C GLY HA 158 46.43 -91.26 12.15
N SER HA 159 45.43 -91.36 13.02
CA SER HA 159 45.67 -91.33 14.45
C SER HA 159 46.36 -92.58 14.97
N ILE HA 160 46.48 -93.63 14.15
CA ILE HA 160 47.17 -94.84 14.58
C ILE HA 160 48.66 -94.59 14.62
N THR HA 161 49.28 -94.89 15.76
CA THR HA 161 50.71 -94.69 15.97
C THR HA 161 51.25 -95.97 16.60
N SER HA 162 52.47 -95.89 17.15
CA SER HA 162 53.17 -97.08 17.64
C SER HA 162 53.44 -97.05 19.14
N THR HA 163 52.53 -96.51 19.96
CA THR HA 163 52.81 -96.44 21.39
C THR HA 163 51.76 -97.14 22.27
N GLN HA 164 50.47 -96.93 21.99
CA GLN HA 164 49.46 -97.18 23.00
C GLN HA 164 48.97 -98.61 23.10
N ILE HA 165 49.44 -99.54 22.25
CA ILE HA 165 48.90 -100.90 22.29
C ILE HA 165 49.49 -101.65 23.48
N LEU HA 166 48.75 -102.65 23.96
CA LEU HA 166 49.21 -103.57 24.99
C LEU HA 166 48.86 -104.98 24.54
N ASN HA 167 49.15 -105.96 25.40
CA ASN HA 167 48.94 -107.37 25.10
C ASN HA 167 47.88 -107.96 26.02
N GLY HA 168 47.66 -109.27 25.89
CA GLY HA 168 46.80 -110.02 26.78
C GLY HA 168 45.35 -110.09 26.37
N THR HA 169 44.98 -109.52 25.23
CA THR HA 169 43.59 -109.50 24.80
C THR HA 169 43.37 -109.86 23.34
N ILE HA 170 44.39 -109.72 22.48
CA ILE HA 170 44.21 -109.85 21.04
C ILE HA 170 43.81 -111.28 20.66
N VAL HA 171 42.58 -111.43 20.16
CA VAL HA 171 42.06 -112.71 19.72
C VAL HA 171 41.28 -112.52 18.43
N ASP HA 172 40.61 -113.59 17.98
CA ASP HA 172 39.82 -113.58 16.75
C ASP HA 172 38.51 -112.82 16.87
N ALA HA 173 38.29 -112.08 17.96
CA ALA HA 173 36.99 -111.46 18.18
C ALA HA 173 36.65 -110.45 17.08
N ASP HA 174 37.66 -109.77 16.54
CA ASP HA 174 37.42 -108.78 15.48
C ASP HA 174 38.47 -108.80 14.38
N ILE HA 175 39.36 -109.79 14.35
CA ILE HA 175 40.30 -109.91 13.24
C ILE HA 175 39.57 -110.42 12.01
N ASN HA 176 39.71 -109.72 10.89
CA ASN HA 176 39.03 -110.12 9.67
C ASN HA 176 39.59 -111.44 9.15
N ALA HA 177 38.70 -112.42 8.98
CA ALA HA 177 39.14 -113.73 8.49
C ALA HA 177 39.58 -113.65 7.03
N SER HA 178 38.85 -112.88 6.21
CA SER HA 178 39.19 -112.74 4.79
C SER HA 178 40.42 -111.87 4.56
N ALA HA 179 40.89 -111.16 5.58
CA ALA HA 179 42.04 -110.28 5.41
C ALA HA 179 43.29 -111.10 5.14
N ALA HA 180 44.12 -110.60 4.21
CA ALA HA 180 45.38 -111.24 3.86
C ALA HA 180 46.47 -110.67 4.77
N ILE HA 181 46.77 -111.39 5.85
CA ILE HA 181 47.76 -110.98 6.81
C ILE HA 181 49.11 -111.54 6.39
N ALA HA 182 50.13 -110.67 6.36
CA ALA HA 182 51.45 -111.08 5.89
C ALA HA 182 52.07 -112.07 6.87
N LYS HA 183 52.52 -113.22 6.33
CA LYS HA 183 53.11 -114.26 7.18
C LYS HA 183 54.38 -113.77 7.86
N SER HA 184 55.24 -113.07 7.12
CA SER HA 184 56.48 -112.57 7.72
C SER HA 184 56.18 -111.55 8.82
N LYS HA 185 55.23 -110.66 8.58
CA LYS HA 185 54.85 -109.69 9.61
C LYS HA 185 54.19 -110.38 10.81
N LEU HA 186 53.59 -111.55 10.59
CA LEU HA 186 53.05 -112.31 11.70
C LEU HA 186 54.20 -112.91 12.53
N ALA HA 187 53.84 -113.48 13.67
CA ALA HA 187 54.82 -113.90 14.67
C ALA HA 187 55.45 -115.24 14.28
N ALA HA 188 56.17 -115.83 15.22
CA ALA HA 188 56.88 -117.08 15.00
C ALA HA 188 56.02 -118.28 15.41
N LEU HA 189 56.53 -119.48 15.11
CA LEU HA 189 55.86 -120.71 15.47
C LEU HA 189 56.79 -121.89 15.29
N ASN HA 190 56.79 -122.81 16.25
CA ASN HA 190 57.49 -124.08 16.18
C ASN HA 190 56.46 -125.20 16.12
N ILE HA 191 56.56 -126.07 15.13
CA ILE HA 191 55.65 -127.20 14.96
C ILE HA 191 56.44 -128.45 15.33
N VAL HA 192 56.29 -128.90 16.57
CA VAL HA 192 57.00 -130.07 17.06
C VAL HA 192 56.30 -131.34 16.59
N MET IA 1 44.19 -64.90 48.64
CA MET IA 1 43.33 -65.27 49.75
C MET IA 1 41.87 -64.95 49.45
N ALA IA 2 40.99 -65.94 49.66
CA ALA IA 2 39.57 -65.73 49.45
C ALA IA 2 39.04 -64.71 50.44
N PHE IA 3 38.12 -63.86 49.96
CA PHE IA 3 37.59 -62.79 50.82
C PHE IA 3 36.78 -63.35 51.98
N ALA IA 4 35.87 -64.29 51.71
CA ALA IA 4 34.86 -64.67 52.71
C ALA IA 4 34.67 -66.18 52.76
N GLN IA 5 35.75 -66.94 52.76
CA GLN IA 5 35.65 -68.37 53.05
C GLN IA 5 36.98 -68.89 53.55
N ARG IA 6 36.93 -70.02 54.26
CA ARG IA 6 38.11 -70.62 54.86
C ARG IA 6 37.83 -72.09 55.09
N ILE IA 7 38.67 -72.96 54.53
CA ILE IA 7 38.52 -74.40 54.65
C ILE IA 7 39.62 -74.92 55.58
N ILE IA 8 39.21 -75.61 56.63
CA ILE IA 8 40.11 -76.10 57.67
C ILE IA 8 40.08 -77.62 57.68
N THR IA 9 41.25 -78.24 57.58
CA THR IA 9 41.42 -79.67 57.82
C THR IA 9 41.90 -79.82 59.26
N SER IA 10 41.10 -80.48 60.09
CA SER IA 10 41.34 -80.51 61.52
C SER IA 10 42.70 -81.14 61.83
N ASN IA 11 43.47 -80.47 62.69
CA ASN IA 11 44.77 -81.01 63.09
C ASN IA 11 44.59 -82.27 63.94
N SER IA 12 43.59 -82.28 64.81
CA SER IA 12 43.33 -83.43 65.66
C SER IA 12 41.86 -83.47 66.03
N ALA IA 13 41.41 -84.63 66.48
CA ALA IA 13 40.03 -84.81 66.90
C ALA IA 13 39.80 -84.18 68.26
N GLY IA 14 38.54 -83.78 68.50
CA GLY IA 14 38.14 -83.24 69.78
C GLY IA 14 38.16 -81.74 69.90
N ASP IA 15 38.75 -81.03 68.93
CA ASP IA 15 38.79 -79.58 69.00
C ASP IA 15 37.40 -79.00 68.77
N GLN IA 16 37.23 -77.75 69.22
CA GLN IA 16 35.95 -77.06 69.05
C GLN IA 16 36.10 -75.60 68.63
N GLU IA 17 37.32 -75.09 68.49
CA GLU IA 17 37.55 -73.69 68.18
C GLU IA 17 38.20 -73.55 66.80
N PHE IA 18 37.71 -72.58 66.03
CA PHE IA 18 38.27 -72.27 64.72
C PHE IA 18 38.15 -70.78 64.50
N THR IA 19 39.24 -70.17 64.01
CA THR IA 19 39.28 -68.73 63.84
C THR IA 19 38.99 -68.33 62.39
N PHE IA 20 38.54 -67.08 62.23
CA PHE IA 20 38.27 -66.52 60.91
C PHE IA 20 38.54 -65.02 60.98
N THR IA 21 38.76 -64.41 59.82
CA THR IA 21 39.26 -63.04 59.75
C THR IA 21 38.29 -62.06 59.12
N PHE IA 22 37.50 -62.48 58.14
CA PHE IA 22 36.66 -61.55 57.40
C PHE IA 22 35.59 -60.94 58.30
N ASP IA 23 35.17 -59.72 57.95
CA ASP IA 23 34.13 -59.03 58.68
C ASP IA 23 32.75 -59.42 58.13
N TYR IA 24 31.70 -58.90 58.76
CA TYR IA 24 30.34 -59.25 58.40
C TYR IA 24 29.41 -58.19 58.99
N ILE IA 25 28.11 -58.44 58.87
CA ILE IA 25 27.08 -57.54 59.38
C ILE IA 25 26.29 -58.19 60.51
N LYS IA 26 25.72 -59.37 60.25
CA LYS IA 26 24.91 -60.08 61.23
C LYS IA 26 25.43 -61.51 61.35
N GLU IA 27 25.41 -62.04 62.57
CA GLU IA 27 25.96 -63.37 62.80
C GLU IA 27 25.14 -64.46 62.12
N GLU IA 28 23.89 -64.17 61.77
CA GLU IA 28 23.07 -65.15 61.07
C GLU IA 28 23.59 -65.44 59.67
N HIS IA 29 24.51 -64.63 59.17
CA HIS IA 29 25.07 -64.81 57.84
C HIS IA 29 26.29 -65.74 57.81
N ILE IA 30 26.68 -66.29 58.96
CA ILE IA 30 27.82 -67.19 59.02
C ILE IA 30 27.32 -68.62 58.96
N LYS IA 31 27.78 -69.36 57.95
CA LYS IA 31 27.42 -70.76 57.77
C LYS IA 31 28.63 -71.64 58.05
N VAL IA 32 28.41 -72.73 58.78
CA VAL IA 32 29.46 -73.67 59.13
C VAL IA 32 29.11 -75.02 58.51
N PHE IA 33 30.04 -75.56 57.72
CA PHE IA 33 29.85 -76.84 57.04
C PHE IA 33 30.95 -77.79 57.48
N VAL IA 34 30.56 -79.02 57.81
CA VAL IA 34 31.51 -80.08 58.18
C VAL IA 34 31.15 -81.33 57.38
N ASN IA 35 32.12 -81.87 56.65
CA ASN IA 35 31.94 -83.08 55.86
C ASN IA 35 30.74 -82.98 54.93
N PHE IA 36 30.60 -81.81 54.28
CA PHE IA 36 29.48 -81.52 53.40
C PHE IA 36 28.14 -81.68 54.09
N VAL IA 37 28.11 -81.47 55.41
CA VAL IA 37 26.89 -81.53 56.21
C VAL IA 37 26.67 -80.20 56.88
N GLU IA 38 25.49 -79.63 56.69
CA GLU IA 38 25.20 -78.29 57.20
C GLU IA 38 24.78 -78.38 58.65
N LYS IA 39 25.31 -77.48 59.47
CA LYS IA 39 24.99 -77.42 60.89
C LYS IA 39 24.29 -76.11 61.21
N ALA IA 40 23.26 -76.19 62.04
CA ALA IA 40 22.43 -75.05 62.39
C ALA IA 40 23.15 -74.15 63.40
N GLN IA 41 22.64 -72.94 63.53
CA GLN IA 41 23.20 -71.94 64.42
C GLN IA 41 22.28 -71.75 65.63
N GLY IA 42 22.89 -71.68 66.80
CA GLY IA 42 22.15 -71.52 68.03
C GLY IA 42 22.89 -72.18 69.18
N THR IA 43 22.13 -72.59 70.19
CA THR IA 43 22.68 -73.21 71.38
C THR IA 43 21.86 -74.43 71.77
N GLY IA 44 22.48 -75.31 72.55
CA GLY IA 44 21.80 -76.50 73.04
C GLY IA 44 21.73 -77.61 72.00
N SER IA 45 20.54 -77.82 71.45
CA SER IA 45 20.39 -78.82 70.39
C SER IA 45 21.18 -78.47 69.15
N ASN IA 46 21.60 -77.21 69.01
CA ASN IA 46 22.41 -76.79 67.89
C ASN IA 46 23.82 -77.38 68.00
N GLU IA 47 24.66 -77.06 67.02
CA GLU IA 47 26.00 -77.60 66.96
C GLU IA 47 27.10 -76.59 67.21
N PHE IA 48 26.86 -75.30 66.95
CA PHE IA 48 27.93 -74.32 67.07
C PHE IA 48 27.37 -72.96 67.45
N GLN IA 49 28.24 -72.15 68.04
CA GLN IA 49 27.97 -70.75 68.37
C GLN IA 49 29.09 -69.90 67.81
N VAL IA 50 28.89 -68.58 67.87
CA VAL IA 50 29.89 -67.62 67.42
C VAL IA 50 30.31 -66.76 68.61
N ILE IA 51 31.61 -66.66 68.82
CA ILE IA 51 32.18 -65.86 69.90
C ILE IA 51 32.90 -64.67 69.29
N THR IA 52 32.39 -63.47 69.57
CA THR IA 52 32.99 -62.23 69.07
C THR IA 52 33.67 -61.43 70.16
N ASN IA 53 33.83 -61.98 71.37
CA ASN IA 53 34.41 -61.25 72.47
C ASN IA 53 35.90 -60.96 72.26
N THR IA 54 36.63 -61.89 71.64
CA THR IA 54 38.06 -61.76 71.46
C THR IA 54 38.39 -61.31 70.04
N THR IA 55 39.69 -61.23 69.75
CA THR IA 55 40.18 -60.85 68.43
C THR IA 55 41.39 -61.71 68.06
N PRO IA 56 41.37 -62.36 66.90
CA PRO IA 56 40.33 -62.37 65.87
C PRO IA 56 39.12 -63.21 66.28
N LYS IA 57 37.96 -62.93 65.70
CA LYS IA 57 36.74 -63.63 66.07
C LYS IA 57 36.83 -65.11 65.70
N LYS IA 58 36.21 -65.95 66.52
CA LYS IA 58 36.27 -67.40 66.33
C LYS IA 58 34.89 -67.99 66.55
N ILE IA 59 34.68 -69.18 66.02
CA ILE IA 59 33.43 -69.92 66.17
C ILE IA 59 33.71 -71.17 67.00
N SER IA 60 32.78 -71.49 67.89
CA SER IA 60 32.94 -72.61 68.81
C SER IA 60 31.82 -73.61 68.60
N LEU IA 61 32.16 -74.89 68.61
CA LEU IA 61 31.17 -75.95 68.49
C LEU IA 61 30.73 -76.44 69.87
N ASN IA 62 29.62 -77.17 69.88
CA ASN IA 62 29.12 -77.78 71.11
C ASN IA 62 29.58 -79.22 71.28
N THR IA 63 30.34 -79.76 70.33
CA THR IA 63 30.84 -81.14 70.42
C THR IA 63 32.10 -81.25 69.59
N GLY IA 64 33.08 -81.99 70.10
CA GLY IA 64 34.30 -82.21 69.36
C GLY IA 64 34.10 -83.14 68.19
N LEU IA 65 35.03 -83.05 67.23
CA LEU IA 65 34.95 -83.88 66.04
C LEU IA 65 35.26 -85.34 66.37
N SER IA 66 34.68 -86.25 65.58
CA SER IA 66 34.87 -87.67 65.84
C SER IA 66 36.29 -88.09 65.54
N ALA IA 67 36.86 -87.65 64.42
CA ALA IA 67 38.19 -88.07 64.02
C ALA IA 67 38.99 -86.84 63.57
N ASP IA 68 40.29 -87.05 63.38
CA ASP IA 68 41.15 -85.99 62.92
C ASP IA 68 40.93 -85.73 61.42
N ASN IA 69 41.76 -84.85 60.87
CA ASN IA 69 41.79 -84.46 59.45
C ASN IA 69 40.39 -84.31 58.85
N THR IA 70 39.46 -83.81 59.66
CA THR IA 70 38.07 -83.66 59.24
C THR IA 70 37.88 -82.32 58.53
N ARG IA 71 37.07 -82.32 57.48
CA ARG IA 71 36.83 -81.11 56.71
C ARG IA 71 35.83 -80.22 57.43
N VAL IA 72 36.24 -78.98 57.68
CA VAL IA 72 35.38 -77.97 58.29
C VAL IA 72 35.44 -76.72 57.42
N GLU IA 73 34.27 -76.23 57.02
CA GLU IA 73 34.17 -75.07 56.13
C GLU IA 73 33.37 -73.97 56.81
N ILE IA 74 33.87 -72.75 56.75
CA ILE IA 74 33.17 -71.57 57.25
C ILE IA 74 33.18 -70.53 56.14
N ARG IA 75 32.00 -70.10 55.71
CA ARG IA 75 31.90 -69.12 54.65
C ARG IA 75 30.71 -68.19 54.89
N ARG IA 76 30.91 -66.91 54.58
CA ARG IA 76 29.87 -65.91 54.75
C ARG IA 76 28.94 -65.88 53.55
N VAL IA 77 27.68 -65.55 53.80
CA VAL IA 77 26.71 -65.34 52.73
C VAL IA 77 25.70 -64.29 53.18
N SER IA 78 25.60 -63.20 52.44
CA SER IA 78 24.65 -62.15 52.79
C SER IA 78 23.26 -62.52 52.28
N SER IA 79 22.27 -61.77 52.76
CA SER IA 79 20.88 -62.01 52.39
C SER IA 79 20.67 -61.70 50.92
N LEU IA 80 20.37 -62.73 50.13
CA LEU IA 80 20.13 -62.58 48.70
C LEU IA 80 18.67 -62.38 48.35
N SER IA 81 17.75 -62.98 49.11
CA SER IA 81 16.34 -62.98 48.78
C SER IA 81 15.59 -61.79 49.35
N THR IA 82 16.26 -60.89 50.05
CA THR IA 82 15.58 -59.76 50.67
C THR IA 82 16.57 -58.64 50.95
N PRO IA 83 16.27 -57.39 50.56
CA PRO IA 83 17.15 -56.28 50.90
C PRO IA 83 17.28 -56.12 52.40
N LEU IA 84 18.48 -55.78 52.86
CA LEU IA 84 18.72 -55.65 54.29
C LEU IA 84 18.03 -54.43 54.88
N VAL IA 85 17.97 -53.33 54.14
CA VAL IA 85 17.43 -52.08 54.65
C VAL IA 85 16.38 -51.56 53.67
N ASP IA 86 15.20 -51.24 54.19
CA ASP IA 86 14.14 -50.62 53.40
C ASP IA 86 13.91 -49.19 53.88
N PHE IA 87 13.64 -48.31 52.92
CA PHE IA 87 13.47 -46.88 53.20
C PHE IA 87 11.99 -46.55 53.33
N ALA IA 88 11.66 -45.83 54.40
CA ALA IA 88 10.29 -45.44 54.67
C ALA IA 88 10.14 -43.93 54.53
N ASP IA 89 9.00 -43.50 54.01
CA ASP IA 89 8.75 -42.09 53.78
C ASP IA 89 8.26 -41.42 55.06
N GLY IA 90 8.61 -40.14 55.21
CA GLY IA 90 8.21 -39.37 56.37
C GLY IA 90 9.14 -39.45 57.56
N SER IA 91 10.38 -39.87 57.37
CA SER IA 91 11.36 -39.99 58.43
C SER IA 91 12.55 -39.08 58.15
N THR IA 92 13.58 -39.20 58.98
CA THR IA 92 14.82 -38.47 58.83
C THR IA 92 15.90 -39.38 58.29
N LEU IA 93 16.55 -38.97 57.21
CA LEU IA 93 17.59 -39.79 56.61
C LEU IA 93 18.77 -39.92 57.56
N THR IA 94 19.37 -41.11 57.59
CA THR IA 94 20.54 -41.37 58.41
C THR IA 94 21.62 -42.01 57.55
N ALA IA 95 22.87 -41.58 57.77
CA ALA IA 95 23.98 -42.12 57.00
C ALA IA 95 24.21 -43.60 57.28
N ALA IA 96 23.77 -44.10 58.43
CA ALA IA 96 23.98 -45.50 58.77
C ALA IA 96 23.29 -46.42 57.78
N ASP IA 97 22.07 -46.08 57.36
CA ASP IA 97 21.35 -46.92 56.42
C ASP IA 97 22.04 -46.96 55.06
N LEU IA 98 22.51 -45.81 54.58
CA LEU IA 98 23.22 -45.79 53.30
C LEU IA 98 24.51 -46.60 53.38
N ASP IA 99 25.25 -46.45 54.49
CA ASP IA 99 26.47 -47.23 54.66
C ASP IA 99 26.17 -48.72 54.69
N THR IA 100 25.09 -49.12 55.37
CA THR IA 100 24.71 -50.52 55.42
C THR IA 100 24.37 -51.06 54.04
N ALA IA 101 23.63 -50.28 53.24
CA ALA IA 101 23.29 -50.73 51.89
C ALA IA 101 24.55 -50.90 51.05
N GLU IA 102 25.47 -49.94 51.12
CA GLU IA 102 26.73 -50.08 50.38
C GLU IA 102 27.50 -51.30 50.82
N LYS IA 103 27.57 -51.54 52.13
CA LYS IA 103 28.29 -52.69 52.66
C LYS IA 103 27.67 -54.00 52.16
N GLN IA 104 26.34 -54.09 52.15
CA GLN IA 104 25.69 -55.30 51.68
C GLN IA 104 26.02 -55.56 50.22
N SER IA 105 25.91 -54.53 49.38
CA SER IA 105 26.19 -54.72 47.95
C SER IA 105 27.63 -55.17 47.74
N LEU IA 106 28.58 -54.50 48.42
CA LEU IA 106 29.98 -54.86 48.26
C LEU IA 106 30.24 -56.28 48.72
N PHE IA 107 29.66 -56.68 49.86
CA PHE IA 107 29.89 -58.02 50.38
C PHE IA 107 29.33 -59.08 49.45
N ILE IA 108 28.15 -58.84 48.87
CA ILE IA 108 27.59 -59.82 47.94
C ILE IA 108 28.49 -59.97 46.72
N ASP IA 109 28.98 -58.84 46.17
CA ASP IA 109 29.88 -58.94 45.02
C ASP IA 109 31.14 -59.70 45.37
N GLN IA 110 31.72 -59.41 46.55
CA GLN IA 110 32.91 -60.13 46.99
C GLN IA 110 32.66 -61.62 47.07
N GLU IA 111 31.52 -62.01 47.66
CA GLU IA 111 31.23 -63.42 47.85
C GLU IA 111 31.07 -64.11 46.49
N LEU IA 112 30.40 -63.47 45.54
CA LEU IA 112 30.22 -64.10 44.24
C LEU IA 112 31.54 -64.25 43.51
N ASP IA 113 32.41 -63.24 43.60
CA ASP IA 113 33.73 -63.37 42.98
C ASP IA 113 34.52 -64.50 43.61
N ASP IA 114 34.44 -64.63 44.94
CA ASP IA 114 35.13 -65.73 45.61
C ASP IA 114 34.60 -67.08 45.14
N ALA IA 115 33.29 -67.18 44.95
CA ALA IA 115 32.72 -68.43 44.45
C ALA IA 115 33.24 -68.76 43.05
N LEU IA 116 33.28 -67.77 42.17
CA LEU IA 116 33.80 -68.01 40.82
C LEU IA 116 35.26 -68.45 40.85
N LYS IA 117 36.06 -67.82 41.71
CA LYS IA 117 37.47 -68.19 41.81
C LYS IA 117 37.64 -69.60 42.37
N GLN IA 118 36.89 -69.93 43.42
CA GLN IA 118 36.92 -71.30 43.94
C GLN IA 118 36.37 -72.29 42.93
N GLY IA 119 35.68 -71.80 41.91
CA GLY IA 119 35.21 -72.65 40.84
C GLY IA 119 36.23 -72.69 39.72
N ILE IA 120 35.99 -71.93 38.65
CA ILE IA 120 36.83 -71.98 37.47
C ILE IA 120 37.58 -70.66 37.36
N SER IA 121 38.90 -70.74 37.24
CA SER IA 121 39.75 -69.58 37.07
C SER IA 121 40.53 -69.70 35.77
N ILE IA 122 41.38 -68.71 35.51
CA ILE IA 122 42.26 -68.70 34.35
C ILE IA 122 43.68 -68.53 34.87
N ASP IA 123 44.53 -69.52 34.60
CA ASP IA 123 45.91 -69.48 35.07
C ASP IA 123 46.65 -68.31 34.43
N THR IA 124 47.39 -67.57 35.25
CA THR IA 124 48.17 -66.44 34.77
C THR IA 124 49.54 -66.86 34.24
N SER IA 125 49.83 -68.15 34.18
CA SER IA 125 51.06 -68.64 33.59
C SER IA 125 50.92 -68.97 32.11
N THR IA 126 49.73 -69.35 31.67
CA THR IA 126 49.48 -69.68 30.27
C THR IA 126 48.24 -69.02 29.69
N GLY IA 127 47.31 -68.54 30.51
CA GLY IA 127 46.10 -67.93 30.01
C GLY IA 127 45.01 -68.90 29.66
N VAL IA 128 45.20 -70.19 29.90
CA VAL IA 128 44.17 -71.19 29.64
C VAL IA 128 43.46 -71.48 30.96
N PRO IA 129 42.20 -71.91 30.93
CA PRO IA 129 41.51 -72.25 32.19
C PRO IA 129 42.25 -73.36 32.93
N THR IA 130 42.30 -73.22 34.25
CA THR IA 130 42.97 -74.16 35.12
C THR IA 130 41.99 -74.64 36.20
N LEU IA 131 42.32 -75.76 36.83
CA LEU IA 131 41.44 -76.35 37.83
C LEU IA 131 42.05 -76.42 39.21
N ASN IA 132 43.28 -75.93 39.39
CA ASN IA 132 43.97 -75.97 40.68
C ASN IA 132 44.11 -77.38 41.22
N SER IA 133 44.28 -78.36 40.32
CA SER IA 133 44.62 -79.73 40.69
C SER IA 133 43.58 -80.35 41.61
N GLN IA 134 42.37 -80.53 41.08
CA GLN IA 134 41.28 -81.14 41.84
C GLN IA 134 40.65 -82.28 41.05
N ARG IA 135 39.53 -82.82 41.54
CA ARG IA 135 38.88 -83.98 40.96
C ARG IA 135 37.54 -83.61 40.35
N LEU IA 136 37.27 -84.12 39.15
CA LEU IA 136 36.03 -83.89 38.43
C LEU IA 136 35.19 -85.17 38.45
N SER IA 137 33.88 -85.03 38.54
CA SER IA 137 33.00 -86.20 38.51
C SER IA 137 31.62 -85.75 38.06
N ASN IA 138 30.66 -86.68 38.10
CA ASN IA 138 29.28 -86.45 37.69
C ASN IA 138 29.21 -85.91 36.26
N VAL IA 139 30.07 -86.44 35.40
CA VAL IA 139 30.11 -86.08 33.99
C VAL IA 139 29.40 -87.17 33.20
N SER IA 140 28.42 -86.78 32.39
CA SER IA 140 27.69 -87.75 31.58
C SER IA 140 28.63 -88.36 30.54
N ASP IA 141 28.30 -89.58 30.13
CA ASP IA 141 29.13 -90.29 29.16
C ASP IA 141 29.16 -89.51 27.85
N PRO IA 142 30.31 -89.40 27.20
CA PRO IA 142 30.38 -88.65 25.95
C PRO IA 142 29.71 -89.37 24.80
N VAL IA 143 28.52 -88.91 24.40
CA VAL IA 143 27.88 -89.45 23.21
C VAL IA 143 28.75 -89.18 21.99
N ASN IA 144 29.25 -87.96 21.87
CA ASN IA 144 30.33 -87.65 20.96
C ASN IA 144 31.62 -87.55 21.77
N ALA IA 145 32.71 -88.05 21.20
CA ALA IA 145 33.99 -87.96 21.89
C ALA IA 145 34.55 -86.54 21.92
N GLN IA 146 33.76 -85.55 21.47
CA GLN IA 146 34.09 -84.15 21.70
C GLN IA 146 34.29 -83.89 23.19
N ASP IA 147 33.50 -84.55 24.04
CA ASP IA 147 33.64 -84.44 25.47
C ASP IA 147 34.93 -85.10 25.95
N ALA IA 148 35.36 -84.74 27.15
CA ALA IA 148 36.47 -85.43 27.78
C ALA IA 148 36.10 -86.88 28.05
N VAL IA 149 37.05 -87.78 27.82
CA VAL IA 149 36.81 -89.20 27.94
C VAL IA 149 36.69 -89.57 29.42
N THR IA 150 35.66 -90.35 29.76
CA THR IA 150 35.48 -90.86 31.11
C THR IA 150 36.11 -92.24 31.23
N LYS IA 151 36.64 -92.54 32.42
CA LYS IA 151 37.31 -93.83 32.60
C LYS IA 151 36.33 -94.99 32.50
N ALA IA 152 35.06 -94.79 32.85
CA ALA IA 152 34.09 -95.85 32.65
C ALA IA 152 34.01 -96.21 31.17
N TYR IA 153 33.93 -95.20 30.31
CA TYR IA 153 33.92 -95.43 28.87
C TYR IA 153 35.24 -96.03 28.39
N LEU IA 154 36.35 -95.63 28.99
CA LEU IA 154 37.66 -96.12 28.56
C LEU IA 154 37.84 -97.59 28.95
N GLU IA 155 37.57 -97.94 30.21
CA GLU IA 155 37.88 -99.24 30.75
C GLU IA 155 36.74 -100.25 30.61
N ARG IA 156 35.57 -99.83 30.15
CA ARG IA 156 34.48 -100.78 29.94
C ARG IA 156 34.85 -101.77 28.85
N SER IA 157 34.55 -103.04 29.10
CA SER IA 157 34.87 -104.09 28.15
C SER IA 157 34.16 -103.87 26.83
N GLY IA 158 34.90 -103.97 25.72
CA GLY IA 158 34.35 -103.69 24.42
C GLY IA 158 34.09 -102.24 24.11
N SER IA 159 34.10 -101.36 25.12
CA SER IA 159 33.90 -99.93 24.87
C SER IA 159 35.09 -99.33 24.13
N ILE IA 160 36.30 -99.84 24.40
CA ILE IA 160 37.47 -99.44 23.64
C ILE IA 160 37.22 -99.70 22.17
N THR IA 161 37.53 -98.72 21.33
CA THR IA 161 37.42 -98.92 19.90
C THR IA 161 38.67 -99.57 19.35
N SER IA 162 38.52 -100.21 18.19
CA SER IA 162 39.66 -100.88 17.56
C SER IA 162 40.76 -99.91 17.18
N THR IA 163 40.42 -98.64 16.94
CA THR IA 163 41.41 -97.61 16.65
C THR IA 163 42.00 -97.00 17.90
N GLN IA 164 41.42 -97.26 19.08
CA GLN IA 164 41.99 -96.73 20.32
C GLN IA 164 43.32 -97.38 20.67
N ILE IA 165 43.57 -98.60 20.20
CA ILE IA 165 44.82 -99.29 20.45
C ILE IA 165 45.74 -99.04 19.25
N LEU IA 166 46.97 -98.64 19.53
CA LEU IA 166 47.92 -98.21 18.50
C LEU IA 166 49.09 -99.20 18.49
N ASN IA 167 49.07 -100.11 17.52
CA ASN IA 167 50.02 -101.21 17.47
C ASN IA 167 51.45 -100.67 17.43
N GLY IA 168 52.38 -101.43 18.02
CA GLY IA 168 53.77 -101.00 18.07
C GLY IA 168 54.57 -101.40 19.30
N THR IA 169 53.91 -101.86 20.36
CA THR IA 169 54.58 -102.27 21.58
C THR IA 169 54.25 -103.72 21.95
N ILE IA 170 54.38 -104.63 20.99
CA ILE IA 170 54.10 -106.04 21.25
C ILE IA 170 55.26 -106.65 22.03
N VAL IA 171 54.98 -107.10 23.25
CA VAL IA 171 55.94 -107.80 24.10
C VAL IA 171 55.22 -108.99 24.76
N ASP IA 172 55.95 -109.68 25.64
CA ASP IA 172 55.42 -110.84 26.34
C ASP IA 172 54.97 -110.52 27.76
N ALA IA 173 54.95 -109.23 28.13
CA ALA IA 173 54.66 -108.86 29.51
C ALA IA 173 53.21 -109.16 29.88
N ASP IA 174 52.28 -108.89 28.98
CA ASP IA 174 50.86 -108.91 29.31
C ASP IA 174 50.11 -110.10 28.73
N ILE IA 175 50.71 -110.87 27.82
CA ILE IA 175 50.10 -112.11 27.36
C ILE IA 175 50.12 -113.11 28.52
N ASN IA 176 48.94 -113.62 28.88
CA ASN IA 176 48.86 -114.57 29.98
C ASN IA 176 49.59 -115.86 29.62
N ALA IA 177 50.20 -116.47 30.63
CA ALA IA 177 50.96 -117.69 30.40
C ALA IA 177 50.06 -118.81 29.90
N SER IA 178 48.86 -118.93 30.47
CA SER IA 178 47.89 -119.95 30.07
C SER IA 178 46.86 -119.42 29.10
N ALA IA 179 47.10 -118.25 28.49
CA ALA IA 179 46.15 -117.68 27.54
C ALA IA 179 46.06 -118.57 26.31
N ALA IA 180 44.85 -119.04 26.02
CA ALA IA 180 44.60 -119.89 24.84
C ALA IA 180 44.37 -119.00 23.62
N ILE IA 181 45.47 -118.40 23.15
CA ILE IA 181 45.42 -117.54 21.98
C ILE IA 181 44.97 -118.36 20.78
N ALA IA 182 44.02 -117.84 20.02
CA ALA IA 182 43.52 -118.53 18.84
C ALA IA 182 44.68 -118.81 17.87
N LYS IA 183 44.82 -120.08 17.49
CA LYS IA 183 46.01 -120.51 16.77
C LYS IA 183 46.07 -119.93 15.36
N SER IA 184 44.92 -119.71 14.73
CA SER IA 184 44.88 -119.28 13.34
C SER IA 184 45.13 -117.78 13.17
N LYS IA 185 45.73 -117.13 14.16
CA LYS IA 185 45.93 -115.69 14.14
C LYS IA 185 47.37 -115.26 13.93
N LEU IA 186 48.32 -116.21 13.89
CA LEU IA 186 49.72 -115.86 13.65
C LEU IA 186 50.36 -116.94 12.77
N ALA IA 187 51.34 -116.52 11.98
CA ALA IA 187 52.08 -117.41 11.12
C ALA IA 187 53.33 -117.91 11.85
N ALA IA 188 54.26 -118.49 11.10
CA ALA IA 188 55.52 -118.98 11.65
C ALA IA 188 56.68 -118.14 11.14
N LEU IA 189 57.77 -118.14 11.92
CA LEU IA 189 58.99 -117.47 11.50
C LEU IA 189 59.73 -118.30 10.45
N ASN IA 190 60.52 -117.61 9.63
CA ASN IA 190 61.30 -118.26 8.58
C ASN IA 190 62.56 -118.82 9.21
N ILE IA 191 62.41 -120.01 9.80
CA ILE IA 191 63.51 -120.66 10.51
C ILE IA 191 64.45 -121.30 9.49
N VAL IA 192 65.74 -120.97 9.61
CA VAL IA 192 66.76 -121.54 8.72
C VAL IA 192 67.78 -122.31 9.54
N MET JA 1 29.53 -58.92 23.33
CA MET JA 1 30.71 -58.06 23.32
C MET JA 1 31.35 -58.02 24.70
N ALA JA 2 32.68 -58.08 24.74
CA ALA JA 2 33.41 -57.92 26.00
C ALA JA 2 33.13 -56.52 26.56
N PHE JA 3 32.81 -56.46 27.85
CA PHE JA 3 32.33 -55.21 28.42
C PHE JA 3 33.48 -54.28 28.78
N ALA JA 4 34.47 -54.77 29.53
CA ALA JA 4 35.52 -53.88 30.03
C ALA JA 4 36.90 -54.51 29.92
N GLN JA 5 37.22 -55.14 28.80
CA GLN JA 5 38.55 -55.68 28.60
C GLN JA 5 38.85 -55.77 27.11
N ARG JA 6 40.15 -55.77 26.78
CA ARG JA 6 40.60 -55.90 25.40
C ARG JA 6 41.92 -56.64 25.39
N ILE JA 7 41.99 -57.71 24.60
CA ILE JA 7 43.17 -58.56 24.51
C ILE JA 7 43.77 -58.39 23.12
N ILE JA 8 45.05 -58.01 23.08
CA ILE JA 8 45.73 -57.68 21.83
C ILE JA 8 46.92 -58.61 21.66
N THR JA 9 47.02 -59.22 20.49
CA THR JA 9 48.22 -59.94 20.08
C THR JA 9 49.08 -58.98 19.26
N SER JA 10 50.21 -58.55 19.82
CA SER JA 10 51.03 -57.52 19.20
C SER JA 10 51.52 -57.97 17.84
N ASN JA 11 51.92 -56.99 17.03
CA ASN JA 11 52.27 -57.25 15.64
C ASN JA 11 53.62 -56.71 15.22
N SER JA 12 54.31 -55.94 16.06
CA SER JA 12 55.60 -55.39 15.70
C SER JA 12 56.34 -54.97 16.97
N ALA JA 13 57.55 -55.50 17.14
CA ALA JA 13 58.38 -55.09 18.27
C ALA JA 13 58.81 -53.63 18.11
N GLY JA 14 58.87 -52.92 19.22
CA GLY JA 14 59.18 -51.51 19.21
C GLY JA 14 57.98 -50.60 19.36
N ASP JA 15 56.76 -51.14 19.27
CA ASP JA 15 55.56 -50.34 19.46
C ASP JA 15 55.41 -49.96 20.93
N GLN JA 16 54.68 -48.87 21.18
CA GLN JA 16 54.56 -48.35 22.53
C GLN JA 16 53.12 -48.10 22.95
N GLU JA 17 52.25 -47.75 22.00
CA GLU JA 17 50.91 -47.27 22.32
C GLU JA 17 49.86 -48.23 21.78
N PHE JA 18 48.84 -48.48 22.60
CA PHE JA 18 47.70 -49.32 22.23
C PHE JA 18 46.42 -48.65 22.69
N THR JA 19 45.39 -48.71 21.87
CA THR JA 19 44.15 -48.00 22.16
C THR JA 19 43.18 -48.88 22.93
N PHE JA 20 42.28 -48.24 23.67
CA PHE JA 20 41.25 -48.92 24.42
C PHE JA 20 40.01 -48.02 24.47
N THR JA 21 38.85 -48.64 24.57
CA THR JA 21 37.58 -47.95 24.33
C THR JA 21 36.68 -47.83 25.54
N PHE JA 22 36.75 -48.77 26.49
CA PHE JA 22 35.76 -48.81 27.57
C PHE JA 22 35.91 -47.60 28.49
N ASP JA 23 34.95 -47.45 29.39
CA ASP JA 23 34.92 -46.34 30.32
C ASP JA 23 35.60 -46.72 31.64
N TYR JA 24 35.80 -45.71 32.48
CA TYR JA 24 36.42 -45.92 33.78
C TYR JA 24 36.07 -44.74 34.68
N ILE JA 25 36.33 -44.91 35.97
CA ILE JA 25 36.05 -43.90 36.98
C ILE JA 25 37.32 -43.17 37.41
N LYS JA 26 38.37 -43.92 37.73
CA LYS JA 26 39.66 -43.35 38.08
C LYS JA 26 40.75 -44.05 37.29
N GLU JA 27 41.84 -43.31 37.03
CA GLU JA 27 42.92 -43.85 36.20
C GLU JA 27 43.57 -45.05 36.86
N GLU JA 28 43.66 -45.06 38.19
CA GLU JA 28 44.30 -46.17 38.88
C GLU JA 28 43.46 -47.45 38.86
N HIS JA 29 42.35 -47.47 38.13
CA HIS JA 29 41.56 -48.68 37.95
C HIS JA 29 41.90 -49.43 36.68
N ILE JA 30 42.93 -49.00 35.96
CA ILE JA 30 43.35 -49.64 34.71
C ILE JA 30 44.56 -50.52 34.99
N LYS JA 31 44.53 -51.74 34.47
CA LYS JA 31 45.62 -52.69 34.64
C LYS JA 31 46.12 -53.13 33.28
N VAL JA 32 47.43 -53.23 33.15
CA VAL JA 32 48.09 -53.64 31.90
C VAL JA 32 48.91 -54.89 32.17
N PHE JA 33 48.74 -55.90 31.33
CA PHE JA 33 49.49 -57.14 31.42
C PHE JA 33 50.39 -57.29 30.19
N VAL JA 34 51.65 -57.64 30.42
CA VAL JA 34 52.60 -57.96 29.36
C VAL JA 34 53.03 -59.41 29.55
N ASN JA 35 52.87 -60.22 28.49
CA ASN JA 35 53.22 -61.63 28.43
C ASN JA 35 53.06 -62.35 29.76
N PHE JA 36 51.85 -62.26 30.33
CA PHE JA 36 51.48 -62.87 31.59
C PHE JA 36 52.20 -62.26 32.79
N VAL JA 37 52.62 -61.00 32.70
CA VAL JA 37 53.21 -60.28 33.82
C VAL JA 37 52.41 -59.00 34.01
N GLU JA 38 51.85 -58.84 35.22
CA GLU JA 38 51.13 -57.62 35.54
C GLU JA 38 52.12 -56.45 35.60
N LYS JA 39 51.69 -55.29 35.10
CA LYS JA 39 52.55 -54.12 34.99
C LYS JA 39 52.06 -53.04 35.95
N ALA JA 40 52.98 -52.49 36.74
CA ALA JA 40 52.62 -51.45 37.68
C ALA JA 40 52.33 -50.13 36.95
N GLN JA 41 51.70 -49.21 37.67
CA GLN JA 41 51.26 -47.94 37.11
C GLN JA 41 52.10 -46.80 37.70
N GLY JA 42 52.40 -45.81 36.87
CA GLY JA 42 53.19 -44.68 37.31
C GLY JA 42 53.86 -44.00 36.13
N THR JA 43 55.09 -43.55 36.36
CA THR JA 43 55.87 -42.87 35.34
C THR JA 43 57.36 -43.09 35.60
N GLY JA 44 58.17 -42.84 34.58
CA GLY JA 44 59.60 -43.00 34.70
C GLY JA 44 60.01 -44.45 34.75
N SER JA 45 60.42 -44.91 35.94
CA SER JA 45 60.76 -46.33 36.12
C SER JA 45 59.54 -47.20 35.84
N ASN JA 46 58.36 -46.76 36.29
CA ASN JA 46 57.14 -47.48 35.97
C ASN JA 46 56.95 -47.53 34.46
N GLU JA 47 56.50 -48.68 33.98
CA GLU JA 47 56.63 -49.00 32.57
C GLU JA 47 55.50 -48.48 31.70
N PHE JA 48 54.43 -47.93 32.27
CA PHE JA 48 53.35 -47.45 31.42
C PHE JA 48 52.63 -46.28 32.09
N GLN JA 49 51.92 -45.52 31.26
CA GLN JA 49 51.13 -44.39 31.69
C GLN JA 49 49.95 -44.24 30.74
N VAL JA 50 48.91 -43.54 31.20
CA VAL JA 50 47.65 -43.44 30.48
C VAL JA 50 47.54 -42.05 29.86
N ILE JA 51 47.14 -42.01 28.59
CA ILE JA 51 46.93 -40.76 27.86
C ILE JA 51 45.44 -40.63 27.62
N THR JA 52 44.79 -39.73 28.37
CA THR JA 52 43.35 -39.54 28.29
C THR JA 52 42.98 -38.29 27.50
N ASN JA 53 43.86 -37.84 26.61
CA ASN JA 53 43.65 -36.60 25.88
C ASN JA 53 43.17 -36.82 24.45
N THR JA 54 43.54 -37.92 23.81
CA THR JA 54 43.19 -38.21 22.43
C THR JA 54 42.03 -39.18 22.39
N THR JA 55 41.12 -38.99 21.43
CA THR JA 55 40.00 -39.91 21.24
C THR JA 55 40.28 -40.81 20.05
N PRO JA 56 40.27 -42.14 20.23
CA PRO JA 56 40.03 -42.88 21.47
C PRO JA 56 41.25 -42.86 22.37
N LYS JA 57 41.06 -42.97 23.68
CA LYS JA 57 42.17 -42.94 24.61
C LYS JA 57 43.05 -44.18 24.43
N LYS JA 58 44.32 -44.05 24.81
CA LYS JA 58 45.28 -45.12 24.63
C LYS JA 58 46.28 -45.09 25.79
N ILE JA 59 46.94 -46.22 25.99
CA ILE JA 59 47.96 -46.36 27.03
C ILE JA 59 49.32 -46.43 26.36
N SER JA 60 50.29 -45.73 26.93
CA SER JA 60 51.64 -45.65 26.38
C SER JA 60 52.62 -46.33 27.32
N LEU JA 61 53.48 -47.17 26.77
CA LEU JA 61 54.53 -47.82 27.53
C LEU JA 61 55.81 -47.01 27.45
N ASN JA 62 56.52 -46.91 28.57
CA ASN JA 62 57.78 -46.17 28.58
C ASN JA 62 58.90 -46.91 27.88
N THR JA 63 58.79 -48.23 27.72
CA THR JA 63 59.80 -49.02 27.03
C THR JA 63 59.14 -49.77 25.87
N GLY JA 64 59.82 -49.79 24.73
CA GLY JA 64 59.29 -50.46 23.57
C GLY JA 64 59.24 -51.96 23.76
N LEU JA 65 58.37 -52.61 22.97
CA LEU JA 65 58.22 -54.05 23.04
C LEU JA 65 59.49 -54.74 22.56
N SER JA 66 59.98 -55.70 23.34
CA SER JA 66 61.22 -56.38 23.00
C SER JA 66 61.05 -57.29 21.78
N ALA JA 67 59.98 -58.07 21.75
CA ALA JA 67 59.72 -59.01 20.66
C ALA JA 67 58.26 -58.89 20.24
N ASP JA 68 58.02 -59.03 18.94
CA ASP JA 68 56.67 -58.95 18.42
C ASP JA 68 55.87 -60.20 18.80
N ASN JA 69 54.56 -60.13 18.57
CA ASN JA 69 53.62 -61.18 18.97
C ASN JA 69 53.71 -61.45 20.47
N THR JA 70 53.70 -60.38 21.26
CA THR JA 70 53.66 -60.45 22.71
C THR JA 70 52.30 -59.94 23.16
N ARG JA 71 51.55 -60.78 23.87
CA ARG JA 71 50.18 -60.45 24.21
C ARG JA 71 50.13 -59.33 25.25
N VAL JA 72 49.24 -58.38 25.03
CA VAL JA 72 49.02 -57.26 25.94
C VAL JA 72 47.52 -57.19 26.23
N GLU JA 73 47.17 -57.13 27.52
CA GLU JA 73 45.77 -57.11 27.94
C GLU JA 73 45.50 -55.85 28.73
N ILE JA 74 44.46 -55.12 28.35
CA ILE JA 74 43.97 -53.96 29.09
C ILE JA 74 42.61 -54.32 29.66
N ARG JA 75 42.49 -54.30 30.98
CA ARG JA 75 41.22 -54.64 31.63
C ARG JA 75 40.98 -53.72 32.80
N ARG JA 76 39.72 -53.33 32.99
CA ARG JA 76 39.34 -52.43 34.06
C ARG JA 76 38.83 -53.22 35.26
N VAL JA 77 39.32 -52.85 36.45
CA VAL JA 77 38.84 -53.42 37.69
C VAL JA 77 38.55 -52.26 38.65
N SER JA 78 37.33 -52.20 39.15
CA SER JA 78 37.00 -51.22 40.17
C SER JA 78 37.40 -51.73 41.54
N SER JA 79 37.44 -50.83 42.51
CA SER JA 79 37.86 -51.19 43.86
C SER JA 79 36.84 -52.15 44.49
N LEU JA 80 37.20 -53.42 44.57
CA LEU JA 80 36.34 -54.44 45.16
C LEU JA 80 36.49 -54.53 46.67
N SER JA 81 37.40 -53.77 47.26
CA SER JA 81 37.69 -53.88 48.69
C SER JA 81 37.06 -52.77 49.53
N THR JA 82 36.91 -51.56 48.99
CA THR JA 82 36.37 -50.46 49.76
C THR JA 82 35.36 -49.68 48.92
N PRO JA 83 34.31 -49.15 49.54
CA PRO JA 83 33.40 -48.27 48.81
C PRO JA 83 34.11 -46.98 48.40
N LEU JA 84 33.70 -46.44 47.25
CA LEU JA 84 34.33 -45.24 46.74
C LEU JA 84 33.81 -43.96 47.37
N VAL JA 85 32.67 -44.01 48.07
CA VAL JA 85 32.09 -42.84 48.71
C VAL JA 85 31.66 -43.20 50.12
N ASP JA 86 31.97 -42.33 51.07
CA ASP JA 86 31.62 -42.52 52.47
C ASP JA 86 30.68 -41.39 52.89
N PHE JA 87 29.58 -41.75 53.54
CA PHE JA 87 28.58 -40.80 53.98
C PHE JA 87 28.79 -40.47 55.45
N ALA JA 88 28.81 -39.18 55.76
CA ALA JA 88 28.96 -38.69 57.13
C ALA JA 88 27.86 -37.68 57.41
N ASP JA 89 27.29 -37.76 58.61
CA ASP JA 89 26.19 -36.87 58.97
C ASP JA 89 26.68 -35.43 59.03
N GLY JA 90 25.77 -34.51 58.72
CA GLY JA 90 26.11 -33.10 58.61
C GLY JA 90 26.59 -32.65 57.25
N SER JA 91 26.72 -33.57 56.30
CA SER JA 91 27.17 -33.24 54.95
C SER JA 91 25.98 -33.13 54.01
N THR JA 92 25.94 -32.07 53.23
CA THR JA 92 24.86 -31.84 52.28
C THR JA 92 24.99 -32.85 51.14
N LEU JA 93 23.99 -33.72 51.00
CA LEU JA 93 24.05 -34.75 49.97
C LEU JA 93 23.96 -34.14 48.59
N THR JA 94 24.74 -34.66 47.66
CA THR JA 94 24.76 -34.20 46.29
C THR JA 94 24.72 -35.38 45.34
N ALA JA 95 24.22 -35.14 44.13
CA ALA JA 95 24.01 -36.23 43.17
C ALA JA 95 25.32 -36.89 42.76
N ALA JA 96 26.46 -36.20 42.92
CA ALA JA 96 27.73 -36.79 42.50
C ALA JA 96 28.04 -38.06 43.27
N ASP JA 97 27.81 -38.05 44.59
CA ASP JA 97 28.10 -39.23 45.40
C ASP JA 97 27.21 -40.41 45.01
N LEU JA 98 25.91 -40.15 44.84
CA LEU JA 98 24.98 -41.22 44.49
C LEU JA 98 25.30 -41.79 43.12
N ASP JA 99 25.61 -40.91 42.16
CA ASP JA 99 26.00 -41.38 40.83
C ASP JA 99 27.29 -42.21 40.90
N THR JA 100 28.23 -41.79 41.73
CA THR JA 100 29.47 -42.55 41.86
C THR JA 100 29.21 -43.94 42.41
N ALA JA 101 28.35 -44.04 43.43
CA ALA JA 101 28.01 -45.36 43.98
C ALA JA 101 27.33 -46.23 42.93
N GLU JA 102 26.38 -45.66 42.19
CA GLU JA 102 25.68 -46.44 41.17
C GLU JA 102 26.64 -46.90 40.07
N LYS JA 103 27.53 -46.03 39.63
CA LYS JA 103 28.50 -46.41 38.62
C LYS JA 103 29.42 -47.50 39.12
N GLN JA 104 29.86 -47.42 40.37
CA GLN JA 104 30.73 -48.46 40.91
C GLN JA 104 30.02 -49.80 40.91
N SER JA 105 28.78 -49.83 41.38
CA SER JA 105 28.04 -51.10 41.43
C SER JA 105 27.85 -51.67 40.03
N LEU JA 106 27.41 -50.84 39.09
CA LEU JA 106 27.16 -51.32 37.74
C LEU JA 106 28.43 -51.82 37.07
N PHE JA 107 29.55 -51.10 37.25
CA PHE JA 107 30.81 -51.52 36.63
C PHE JA 107 31.31 -52.81 37.23
N ILE JA 108 31.15 -52.99 38.55
CA ILE JA 108 31.55 -54.25 39.16
C ILE JA 108 30.74 -55.40 38.59
N ASP JA 109 29.42 -55.22 38.46
CA ASP JA 109 28.59 -56.28 37.90
C ASP JA 109 28.97 -56.59 36.45
N GLN JA 110 29.25 -55.55 35.67
CA GLN JA 110 29.66 -55.75 34.28
C GLN JA 110 30.95 -56.56 34.20
N GLU JA 111 31.94 -56.20 35.02
CA GLU JA 111 33.20 -56.92 35.00
C GLU JA 111 33.02 -58.37 35.43
N LEU JA 112 32.16 -58.60 36.43
CA LEU JA 112 31.91 -59.97 36.86
C LEU JA 112 31.27 -60.80 35.76
N ASP JA 113 30.30 -60.22 35.05
CA ASP JA 113 29.69 -60.92 33.92
C ASP JA 113 30.72 -61.20 32.84
N ASP JA 114 31.60 -60.23 32.57
CA ASP JA 114 32.63 -60.44 31.56
C ASP JA 114 33.56 -61.58 31.95
N ALA JA 115 33.96 -61.65 33.21
CA ALA JA 115 34.82 -62.75 33.65
C ALA JA 115 34.10 -64.09 33.53
N LEU JA 116 32.83 -64.13 33.91
CA LEU JA 116 32.07 -65.38 33.79
C LEU JA 116 31.98 -65.84 32.34
N LYS JA 117 31.73 -64.91 31.42
CA LYS JA 117 31.65 -65.27 30.01
C LYS JA 117 33.02 -65.71 29.47
N GLN JA 118 34.09 -65.01 29.87
CA GLN JA 118 35.41 -65.35 29.39
C GLN JA 118 35.86 -66.72 29.90
N GLY JA 119 35.36 -67.13 31.06
CA GLY JA 119 35.64 -68.47 31.54
C GLY JA 119 34.92 -69.53 30.75
N ILE JA 120 34.60 -70.67 31.37
CA ILE JA 120 33.89 -71.74 30.67
C ILE JA 120 32.41 -71.40 30.73
N SER JA 121 31.87 -70.93 29.60
CA SER JA 121 30.47 -70.57 29.51
C SER JA 121 29.67 -71.78 29.01
N ILE JA 122 28.41 -71.56 28.66
CA ILE JA 122 27.55 -72.61 28.12
C ILE JA 122 27.30 -72.32 26.65
N ASP JA 123 27.60 -73.31 25.80
CA ASP JA 123 27.36 -73.17 24.37
C ASP JA 123 25.86 -73.24 24.10
N THR JA 124 25.29 -72.16 23.57
CA THR JA 124 23.87 -72.09 23.32
C THR JA 124 23.40 -72.96 22.17
N SER JA 125 24.33 -73.49 21.37
CA SER JA 125 23.95 -74.31 20.22
C SER JA 125 23.17 -75.55 20.65
N THR JA 126 23.64 -76.20 21.71
CA THR JA 126 22.96 -77.37 22.26
C THR JA 126 22.73 -77.27 23.76
N GLY JA 127 22.89 -76.08 24.33
CA GLY JA 127 22.73 -75.92 25.77
C GLY JA 127 23.73 -76.71 26.58
N VAL JA 128 24.97 -76.79 26.14
CA VAL JA 128 26.00 -77.56 26.83
C VAL JA 128 27.18 -76.66 27.12
N PRO JA 129 27.97 -76.98 28.14
CA PRO JA 129 29.17 -76.18 28.43
C PRO JA 129 30.18 -76.29 27.30
N THR JA 130 30.97 -75.23 27.13
CA THR JA 130 32.01 -75.19 26.11
C THR JA 130 33.27 -74.53 26.68
N LEU JA 131 34.43 -74.99 26.20
CA LEU JA 131 35.69 -74.35 26.54
C LEU JA 131 36.11 -73.29 25.54
N ASN JA 132 35.37 -73.14 24.44
CA ASN JA 132 35.68 -72.18 23.38
C ASN JA 132 37.10 -72.40 22.84
N SER JA 133 37.35 -73.64 22.43
CA SER JA 133 38.62 -74.03 21.79
C SER JA 133 39.82 -73.72 22.68
N GLN JA 134 39.70 -74.02 23.97
CA GLN JA 134 40.80 -73.88 24.91
C GLN JA 134 41.33 -75.27 25.31
N ARG JA 135 42.29 -75.27 26.22
CA ARG JA 135 42.91 -76.50 26.71
C ARG JA 135 42.72 -76.54 28.22
N LEU JA 136 41.97 -77.53 28.70
CA LEU JA 136 41.85 -77.74 30.14
C LEU JA 136 43.20 -78.20 30.68
N SER JA 137 43.65 -77.57 31.76
CA SER JA 137 44.98 -77.80 32.29
C SER JA 137 44.94 -77.90 33.80
N ASN JA 138 46.01 -78.48 34.35
CA ASN JA 138 46.20 -78.59 35.80
C ASN JA 138 45.08 -79.39 36.46
N VAL JA 139 44.83 -80.58 35.91
CA VAL JA 139 43.91 -81.54 36.51
C VAL JA 139 44.75 -82.68 37.09
N SER JA 140 44.56 -82.96 38.37
CA SER JA 140 45.34 -84.00 39.02
C SER JA 140 44.98 -85.37 38.47
N ASP JA 141 45.73 -86.38 38.90
CA ASP JA 141 45.54 -87.74 38.41
C ASP JA 141 44.17 -88.26 38.83
N PRO JA 142 43.31 -88.64 37.89
CA PRO JA 142 41.94 -89.01 38.24
C PRO JA 142 41.87 -90.43 38.81
N VAL JA 143 40.88 -90.65 39.68
CA VAL JA 143 40.75 -91.91 40.41
C VAL JA 143 39.38 -92.54 40.21
N ASN JA 144 38.31 -91.78 40.46
CA ASN JA 144 36.96 -92.33 40.49
C ASN JA 144 36.55 -92.79 39.09
N ALA JA 145 35.32 -93.32 38.99
CA ALA JA 145 34.85 -93.93 37.76
C ALA JA 145 34.23 -92.94 36.76
N GLN JA 146 34.16 -91.65 37.09
CA GLN JA 146 33.50 -90.69 36.21
C GLN JA 146 34.33 -89.44 35.93
N ASP JA 147 35.60 -89.40 36.36
CA ASP JA 147 36.42 -88.24 36.05
C ASP JA 147 36.77 -88.22 34.57
N ALA JA 148 37.39 -87.12 34.15
CA ALA JA 148 37.96 -87.04 32.83
C ALA JA 148 39.31 -87.76 32.82
N VAL JA 149 39.84 -88.01 31.63
CA VAL JA 149 41.15 -88.63 31.48
C VAL JA 149 42.14 -87.57 31.03
N THR JA 150 43.41 -87.79 31.35
CA THR JA 150 44.47 -86.87 31.03
C THR JA 150 45.49 -87.55 30.12
N LYS JA 151 46.19 -86.73 29.33
CA LYS JA 151 47.25 -87.28 28.48
C LYS JA 151 48.34 -87.94 29.33
N ALA JA 152 48.68 -87.33 30.46
CA ALA JA 152 49.70 -87.92 31.33
C ALA JA 152 49.26 -89.28 31.86
N TYR JA 153 48.01 -89.38 32.30
CA TYR JA 153 47.52 -90.63 32.87
C TYR JA 153 47.33 -91.69 31.79
N LEU JA 154 47.03 -91.27 30.57
CA LEU JA 154 46.88 -92.23 29.48
C LEU JA 154 48.24 -92.70 28.95
N GLU JA 155 49.25 -91.83 28.99
CA GLU JA 155 50.54 -92.15 28.40
C GLU JA 155 51.58 -92.62 29.40
N ARG JA 156 51.28 -92.62 30.70
CA ARG JA 156 52.23 -93.17 31.65
C ARG JA 156 52.33 -94.68 31.45
N SER JA 157 53.53 -95.22 31.68
CA SER JA 157 53.81 -96.60 31.31
C SER JA 157 52.87 -97.56 32.04
N GLY JA 158 52.32 -98.52 31.30
CA GLY JA 158 51.37 -99.45 31.85
C GLY JA 158 49.96 -98.91 31.99
N SER JA 159 49.67 -97.73 31.43
CA SER JA 159 48.34 -97.15 31.58
C SER JA 159 47.27 -98.02 30.95
N ILE JA 160 47.47 -98.45 29.70
CA ILE JA 160 46.55 -99.35 29.05
C ILE JA 160 46.65 -100.71 29.72
N THR JA 161 45.50 -101.38 29.87
CA THR JA 161 45.43 -102.71 30.45
C THR JA 161 44.84 -103.67 29.42
N SER JA 162 44.73 -104.95 29.83
CA SER JA 162 44.20 -105.96 28.93
C SER JA 162 42.77 -105.68 28.54
N THR JA 163 41.92 -105.30 29.51
CA THR JA 163 40.54 -104.96 29.20
C THR JA 163 40.42 -103.70 28.38
N GLN JA 164 41.45 -102.84 28.38
CA GLN JA 164 41.47 -101.62 27.59
C GLN JA 164 41.80 -101.88 26.12
N ILE JA 165 41.73 -103.14 25.67
CA ILE JA 165 42.08 -103.51 24.31
C ILE JA 165 40.86 -104.18 23.68
N LEU JA 166 40.45 -103.68 22.51
CA LEU JA 166 39.49 -104.38 21.67
C LEU JA 166 40.20 -104.92 20.44
N ASN JA 167 39.84 -106.15 20.07
CA ASN JA 167 40.60 -106.92 19.10
C ASN JA 167 40.38 -106.38 17.68
N GLY JA 168 41.20 -106.88 16.76
CA GLY JA 168 40.96 -106.70 15.34
C GLY JA 168 41.88 -105.72 14.63
N THR JA 169 42.69 -104.95 15.36
CA THR JA 169 43.52 -103.91 14.75
C THR JA 169 44.97 -104.03 15.19
N ILE JA 170 45.53 -105.24 15.07
CA ILE JA 170 46.97 -105.40 15.18
C ILE JA 170 47.59 -105.15 13.81
N VAL JA 171 47.89 -103.90 13.51
CA VAL JA 171 48.38 -103.54 12.18
C VAL JA 171 49.79 -104.09 11.99
N ASP JA 172 50.04 -104.63 10.80
CA ASP JA 172 51.34 -105.22 10.50
C ASP JA 172 52.40 -104.16 10.23
N ALA JA 173 51.98 -102.96 9.82
CA ALA JA 173 52.94 -101.90 9.54
C ALA JA 173 53.71 -101.49 10.79
N ASP JA 174 53.02 -101.41 11.93
CA ASP JA 174 53.63 -101.00 13.18
C ASP JA 174 54.21 -102.16 13.98
N ILE JA 175 54.10 -103.40 13.48
CA ILE JA 175 54.66 -104.55 14.17
C ILE JA 175 56.18 -104.49 14.11
N ASN JA 176 56.83 -104.59 15.28
CA ASN JA 176 58.27 -104.48 15.34
C ASN JA 176 58.93 -105.73 14.76
N ALA JA 177 59.94 -105.53 13.91
CA ALA JA 177 60.73 -106.64 13.41
C ALA JA 177 61.73 -107.15 14.43
N SER JA 178 62.27 -106.26 15.27
CA SER JA 178 63.28 -106.63 16.24
C SER JA 178 62.69 -107.08 17.58
N ALA JA 179 61.37 -107.12 17.70
CA ALA JA 179 60.75 -107.54 18.95
C ALA JA 179 61.03 -109.01 19.23
N ALA JA 180 61.31 -109.31 20.50
CA ALA JA 180 61.57 -110.68 20.95
C ALA JA 180 60.30 -111.22 21.58
N ILE JA 181 59.61 -112.10 20.85
CA ILE JA 181 58.34 -112.68 21.29
C ILE JA 181 58.54 -114.19 21.41
N ALA JA 182 58.30 -114.71 22.61
CA ALA JA 182 58.48 -116.14 22.84
C ALA JA 182 57.42 -116.94 22.08
N LYS JA 183 57.84 -118.10 21.55
CA LYS JA 183 56.96 -118.91 20.73
C LYS JA 183 55.83 -119.55 21.54
N SER JA 184 55.97 -119.66 22.86
CA SER JA 184 54.91 -120.24 23.68
C SER JA 184 53.65 -119.38 23.64
N LYS JA 185 53.81 -118.06 23.68
CA LYS JA 185 52.68 -117.14 23.73
C LYS JA 185 52.08 -116.88 22.34
N LEU JA 186 52.57 -117.56 21.31
CA LEU JA 186 52.16 -117.28 19.95
C LEU JA 186 51.13 -118.29 19.45
N ALA JA 187 50.56 -117.99 18.28
CA ALA JA 187 49.54 -118.80 17.66
C ALA JA 187 50.17 -119.77 16.67
N ALA JA 188 49.34 -120.53 15.95
CA ALA JA 188 49.82 -121.59 15.07
C ALA JA 188 49.04 -121.55 13.75
N LEU JA 189 49.67 -120.99 12.71
CA LEU JA 189 49.05 -120.94 11.39
C LEU JA 189 48.79 -122.35 10.88
N ASN JA 190 47.60 -122.57 10.31
CA ASN JA 190 47.20 -123.88 9.83
C ASN JA 190 47.55 -123.98 8.35
N ILE JA 191 48.81 -124.32 8.08
CA ILE JA 191 49.30 -124.48 6.71
C ILE JA 191 48.81 -125.84 6.22
N VAL JA 192 47.92 -125.84 5.22
CA VAL JA 192 47.37 -127.07 4.68
C VAL JA 192 48.44 -127.86 3.95
N MET KA 1 -57.10 -64.59 12.48
CA MET KA 1 -57.47 -63.55 11.52
C MET KA 1 -56.23 -62.99 10.81
N ALA KA 2 -56.47 -62.29 9.70
CA ALA KA 2 -55.38 -61.65 8.96
C ALA KA 2 -54.81 -60.51 9.78
N PHE KA 3 -53.63 -60.72 10.36
CA PHE KA 3 -53.06 -59.74 11.27
C PHE KA 3 -52.76 -58.42 10.58
N ALA KA 4 -52.03 -58.47 9.47
CA ALA KA 4 -51.52 -57.24 8.87
C ALA KA 4 -51.65 -57.28 7.35
N GLN KA 5 -52.80 -57.72 6.85
CA GLN KA 5 -53.04 -57.69 5.41
C GLN KA 5 -54.52 -57.84 5.15
N ARG KA 6 -55.06 -56.97 4.29
CA ARG KA 6 -56.47 -57.01 3.90
C ARG KA 6 -56.56 -56.95 2.39
N ILE KA 7 -57.15 -57.97 1.79
CA ILE KA 7 -57.34 -58.05 0.34
C ILE KA 7 -58.82 -57.90 0.04
N ILE KA 8 -59.15 -56.99 -0.88
CA ILE KA 8 -60.53 -56.65 -1.18
C ILE KA 8 -60.71 -56.62 -2.69
N THR KA 9 -61.82 -57.18 -3.17
CA THR KA 9 -62.19 -57.12 -4.57
C THR KA 9 -63.06 -55.88 -4.78
N SER KA 10 -62.58 -54.96 -5.62
CA SER KA 10 -63.28 -53.70 -5.85
C SER KA 10 -64.66 -53.96 -6.44
N ASN KA 11 -65.69 -53.53 -5.72
CA ASN KA 11 -67.06 -53.86 -6.11
C ASN KA 11 -67.47 -53.11 -7.38
N SER KA 12 -67.21 -51.81 -7.44
CA SER KA 12 -67.66 -51.01 -8.57
C SER KA 12 -66.53 -50.10 -9.02
N ALA KA 13 -66.50 -49.83 -10.33
CA ALA KA 13 -65.52 -48.92 -10.89
C ALA KA 13 -65.79 -47.49 -10.41
N GLY KA 14 -64.71 -46.73 -10.21
CA GLY KA 14 -64.81 -45.37 -9.74
C GLY KA 14 -64.64 -45.19 -8.25
N ASP KA 15 -64.66 -46.26 -7.47
CA ASP KA 15 -64.44 -46.13 -6.03
C ASP KA 15 -63.00 -45.73 -5.75
N GLN KA 16 -62.81 -45.01 -4.64
CA GLN KA 16 -61.49 -44.48 -4.33
C GLN KA 16 -61.11 -44.71 -2.87
N GLU KA 17 -62.08 -44.95 -2.00
CA GLU KA 17 -61.84 -45.06 -0.58
C GLU KA 17 -61.92 -46.52 -0.13
N PHE KA 18 -60.88 -46.97 0.57
CA PHE KA 18 -60.83 -48.30 1.14
C PHE KA 18 -60.36 -48.21 2.59
N THR KA 19 -60.76 -49.18 3.40
CA THR KA 19 -60.52 -49.15 4.83
C THR KA 19 -59.59 -50.28 5.26
N PHE KA 20 -58.91 -50.06 6.38
CA PHE KA 20 -58.03 -51.06 6.98
C PHE KA 20 -58.00 -50.84 8.48
N THR KA 21 -57.57 -51.87 9.21
CA THR KA 21 -57.66 -51.85 10.67
C THR KA 21 -56.36 -52.19 11.39
N PHE KA 22 -55.36 -52.76 10.73
CA PHE KA 22 -54.14 -53.15 11.42
C PHE KA 22 -53.36 -51.93 11.88
N ASP KA 23 -52.62 -52.10 12.98
CA ASP KA 23 -51.76 -51.04 13.48
C ASP KA 23 -50.51 -50.90 12.61
N TYR KA 24 -49.81 -49.79 12.78
CA TYR KA 24 -48.59 -49.55 12.02
C TYR KA 24 -47.70 -48.60 12.80
N ILE KA 25 -46.43 -48.53 12.38
CA ILE KA 25 -45.46 -47.66 13.01
C ILE KA 25 -45.28 -46.36 12.24
N LYS KA 26 -45.19 -46.43 10.91
CA LYS KA 26 -44.99 -45.26 10.08
C LYS KA 26 -45.95 -45.28 8.90
N GLU KA 27 -46.28 -44.09 8.41
CA GLU KA 27 -47.16 -43.98 7.26
C GLU KA 27 -46.53 -44.50 5.98
N GLU KA 28 -45.22 -44.75 5.98
CA GLU KA 28 -44.56 -45.31 4.82
C GLU KA 28 -44.45 -46.83 4.88
N HIS KA 29 -44.91 -47.46 5.95
CA HIS KA 29 -44.89 -48.91 6.08
C HIS KA 29 -46.14 -49.58 5.54
N ILE KA 30 -46.85 -48.93 4.62
CA ILE KA 30 -48.06 -49.48 4.03
C ILE KA 30 -47.84 -49.60 2.52
N LYS KA 31 -48.07 -50.80 1.99
CA LYS KA 31 -47.93 -51.07 0.57
C LYS KA 31 -49.30 -51.43 0.00
N VAL KA 32 -49.64 -50.82 -1.13
CA VAL KA 32 -50.91 -51.05 -1.81
C VAL KA 32 -50.62 -51.56 -3.22
N PHE KA 33 -51.30 -52.64 -3.59
CA PHE KA 33 -51.12 -53.28 -4.89
C PHE KA 33 -52.44 -53.35 -5.62
N VAL KA 34 -52.40 -53.11 -6.93
CA VAL KA 34 -53.59 -53.11 -7.77
C VAL KA 34 -53.30 -53.97 -8.99
N ASN KA 35 -53.66 -55.25 -8.92
CA ASN KA 35 -53.47 -56.23 -9.99
C ASN KA 35 -52.07 -56.15 -10.60
N PHE KA 36 -51.09 -56.50 -9.76
CA PHE KA 36 -49.67 -56.53 -10.12
C PHE KA 36 -49.04 -55.15 -10.24
N VAL KA 37 -49.83 -54.10 -10.14
CA VAL KA 37 -49.31 -52.74 -10.31
C VAL KA 37 -49.06 -52.16 -8.93
N GLU KA 38 -47.80 -51.85 -8.64
CA GLU KA 38 -47.45 -51.27 -7.35
C GLU KA 38 -47.66 -49.76 -7.42
N LYS KA 39 -48.22 -49.21 -6.35
CA LYS KA 39 -48.56 -47.80 -6.27
C LYS KA 39 -47.60 -47.08 -5.34
N ALA KA 40 -47.04 -45.97 -5.82
CA ALA KA 40 -46.11 -45.18 -5.03
C ALA KA 40 -46.85 -44.35 -3.98
N GLN KA 41 -46.17 -44.09 -2.87
CA GLN KA 41 -46.76 -43.44 -1.72
C GLN KA 41 -46.44 -41.96 -1.72
N GLY KA 42 -47.41 -41.15 -1.36
CA GLY KA 42 -47.23 -39.72 -1.26
C GLY KA 42 -48.54 -39.00 -1.55
N THR KA 43 -48.41 -37.77 -2.04
CA THR KA 43 -49.54 -36.92 -2.34
C THR KA 43 -49.33 -36.24 -3.69
N GLY KA 44 -50.41 -36.13 -4.46
CA GLY KA 44 -50.34 -35.50 -5.76
C GLY KA 44 -50.36 -36.50 -6.90
N SER KA 45 -49.28 -36.54 -7.69
CA SER KA 45 -49.20 -37.53 -8.75
C SER KA 45 -49.13 -38.94 -8.19
N ASN KA 46 -48.62 -39.09 -6.97
CA ASN KA 46 -48.74 -40.34 -6.24
C ASN KA 46 -50.20 -40.78 -6.20
N GLU KA 47 -50.45 -42.00 -6.64
CA GLU KA 47 -51.79 -42.43 -6.99
C GLU KA 47 -52.59 -42.92 -5.79
N PHE KA 48 -52.02 -42.88 -4.59
CA PHE KA 48 -52.83 -43.12 -3.40
C PHE KA 48 -52.29 -42.28 -2.25
N GLN KA 49 -53.19 -41.95 -1.33
CA GLN KA 49 -52.87 -41.16 -0.15
C GLN KA 49 -53.50 -41.81 1.07
N VAL KA 50 -52.94 -41.51 2.23
CA VAL KA 50 -53.42 -42.08 3.49
C VAL KA 50 -54.21 -41.02 4.24
N ILE KA 51 -55.23 -41.47 4.96
CA ILE KA 51 -56.08 -40.60 5.77
C ILE KA 51 -56.14 -41.20 7.17
N THR KA 52 -55.89 -40.37 8.19
CA THR KA 52 -55.76 -40.86 9.55
C THR KA 52 -56.72 -40.21 10.55
N ASN KA 53 -57.45 -39.17 10.15
CA ASN KA 53 -58.30 -38.44 11.08
C ASN KA 53 -59.66 -39.10 11.29
N THR KA 54 -59.82 -40.36 10.90
CA THR KA 54 -61.10 -41.06 11.03
C THR KA 54 -60.85 -42.50 11.44
N THR KA 55 -61.71 -43.01 12.32
CA THR KA 55 -61.63 -44.40 12.75
C THR KA 55 -62.71 -45.19 12.03
N PRO KA 56 -62.37 -46.25 11.28
CA PRO KA 56 -61.02 -46.78 11.03
C PRO KA 56 -60.24 -45.96 10.02
N LYS KA 57 -58.91 -46.03 10.06
CA LYS KA 57 -58.09 -45.32 9.08
C LYS KA 57 -58.35 -45.87 7.68
N LYS KA 58 -58.30 -44.98 6.70
CA LYS KA 58 -58.63 -45.35 5.33
C LYS KA 58 -57.60 -44.78 4.38
N ILE KA 59 -57.36 -45.49 3.28
CA ILE KA 59 -56.50 -45.02 2.20
C ILE KA 59 -57.39 -44.52 1.08
N SER KA 60 -56.83 -43.66 0.23
CA SER KA 60 -57.59 -42.99 -0.83
C SER KA 60 -56.79 -43.04 -2.13
N LEU KA 61 -57.30 -43.79 -3.11
CA LEU KA 61 -56.70 -43.78 -4.43
C LEU KA 61 -56.90 -42.41 -5.07
N ASN KA 62 -55.97 -42.05 -5.95
CA ASN KA 62 -56.03 -40.77 -6.66
C ASN KA 62 -56.66 -40.91 -8.04
N THR KA 63 -57.13 -42.10 -8.42
CA THR KA 63 -57.78 -42.31 -9.70
C THR KA 63 -58.72 -43.50 -9.58
N GLY KA 64 -59.97 -43.30 -9.97
CA GLY KA 64 -60.94 -44.38 -9.86
C GLY KA 64 -60.59 -45.55 -10.75
N LEU KA 65 -61.05 -46.74 -10.33
CA LEU KA 65 -60.75 -47.95 -11.06
C LEU KA 65 -61.44 -47.94 -12.43
N SER KA 66 -60.73 -48.42 -13.45
CA SER KA 66 -61.30 -48.50 -14.78
C SER KA 66 -62.43 -49.52 -14.84
N ALA KA 67 -62.23 -50.70 -14.26
CA ALA KA 67 -63.22 -51.76 -14.29
C ALA KA 67 -63.38 -52.33 -12.88
N ASP KA 68 -64.58 -52.84 -12.61
CA ASP KA 68 -64.89 -53.39 -11.29
C ASP KA 68 -64.31 -54.80 -11.19
N ASN KA 69 -64.46 -55.40 -10.00
CA ASN KA 69 -63.93 -56.72 -9.71
C ASN KA 69 -62.43 -56.80 -10.01
N THR KA 70 -61.73 -55.76 -9.60
CA THR KA 70 -60.27 -55.69 -9.71
C THR KA 70 -59.67 -55.74 -8.30
N ARG KA 71 -58.80 -56.72 -8.08
CA ARG KA 71 -58.28 -56.96 -6.74
C ARG KA 71 -57.42 -55.79 -6.29
N VAL KA 72 -57.61 -55.39 -5.03
CA VAL KA 72 -56.84 -54.33 -4.40
C VAL KA 72 -56.37 -54.86 -3.05
N GLU KA 73 -55.07 -54.78 -2.80
CA GLU KA 73 -54.46 -55.39 -1.63
C GLU KA 73 -53.77 -54.32 -0.79
N ILE KA 74 -54.02 -54.34 0.52
CA ILE KA 74 -53.32 -53.50 1.48
C ILE KA 74 -52.52 -54.42 2.39
N ARG KA 75 -51.21 -54.17 2.47
CA ARG KA 75 -50.33 -55.03 3.22
C ARG KA 75 -49.29 -54.20 3.96
N ARG KA 76 -49.14 -54.46 5.25
CA ARG KA 76 -48.11 -53.82 6.05
C ARG KA 76 -46.84 -54.65 6.00
N VAL KA 77 -45.73 -54.02 5.64
CA VAL KA 77 -44.42 -54.65 5.72
C VAL KA 77 -43.54 -53.71 6.53
N SER KA 78 -42.95 -54.24 7.61
CA SER KA 78 -41.97 -53.48 8.37
C SER KA 78 -40.59 -53.64 7.75
N SER KA 79 -39.67 -52.77 8.14
CA SER KA 79 -38.33 -52.82 7.59
C SER KA 79 -37.65 -54.12 7.98
N LEU KA 80 -37.15 -54.84 6.99
CA LEU KA 80 -36.47 -56.12 7.21
C LEU KA 80 -34.95 -56.01 7.09
N SER KA 81 -34.44 -55.02 6.37
CA SER KA 81 -33.01 -54.89 6.14
C SER KA 81 -32.31 -53.96 7.12
N THR KA 82 -33.05 -53.08 7.79
CA THR KA 82 -32.46 -52.08 8.68
C THR KA 82 -33.15 -52.13 10.03
N PRO KA 83 -32.42 -52.34 11.12
CA PRO KA 83 -33.05 -52.25 12.44
C PRO KA 83 -33.56 -50.85 12.72
N LEU KA 84 -34.66 -50.77 13.47
CA LEU KA 84 -35.23 -49.48 13.82
C LEU KA 84 -34.49 -48.79 14.96
N VAL KA 85 -33.63 -49.50 15.69
CA VAL KA 85 -32.86 -48.93 16.78
C VAL KA 85 -31.40 -49.29 16.58
N ASP KA 86 -30.51 -48.35 16.92
CA ASP KA 86 -29.07 -48.59 16.86
C ASP KA 86 -28.45 -47.89 18.07
N PHE KA 87 -28.06 -48.68 19.06
CA PHE KA 87 -27.59 -48.11 20.32
C PHE KA 87 -26.22 -47.48 20.14
N ALA KA 88 -26.08 -46.24 20.62
CA ALA KA 88 -24.83 -45.50 20.55
C ALA KA 88 -24.41 -45.08 21.94
N ASP KA 89 -23.11 -45.19 22.22
CA ASP KA 89 -22.60 -44.93 23.55
C ASP KA 89 -22.70 -43.44 23.89
N GLY KA 90 -23.01 -43.16 25.15
CA GLY KA 90 -23.18 -41.80 25.62
C GLY KA 90 -24.60 -41.30 25.67
N SER KA 91 -25.58 -42.11 25.28
CA SER KA 91 -26.97 -41.70 25.29
C SER KA 91 -27.61 -41.98 26.64
N THR KA 92 -28.85 -41.54 26.78
CA THR KA 92 -29.66 -41.78 27.98
C THR KA 92 -30.74 -42.78 27.61
N LEU KA 93 -30.56 -44.03 28.04
CA LEU KA 93 -31.49 -45.09 27.66
C LEU KA 93 -32.86 -44.84 28.25
N THR KA 94 -33.86 -44.74 27.38
CA THR KA 94 -35.24 -44.53 27.78
C THR KA 94 -36.09 -45.72 27.36
N ALA KA 95 -37.23 -45.88 28.03
CA ALA KA 95 -38.09 -47.03 27.78
C ALA KA 95 -38.65 -47.06 26.36
N ALA KA 96 -38.72 -45.91 25.70
CA ALA KA 96 -39.33 -45.85 24.37
C ALA KA 96 -38.53 -46.67 23.37
N ASP KA 97 -37.19 -46.61 23.45
CA ASP KA 97 -36.36 -47.36 22.51
C ASP KA 97 -36.60 -48.86 22.65
N LEU KA 98 -36.61 -49.36 23.88
CA LEU KA 98 -36.85 -50.78 24.11
C LEU KA 98 -38.24 -51.17 23.65
N ASP KA 99 -39.24 -50.34 23.95
CA ASP KA 99 -40.60 -50.67 23.52
C ASP KA 99 -40.71 -50.72 22.01
N THR KA 100 -40.07 -49.77 21.31
CA THR KA 100 -40.12 -49.77 19.85
C THR KA 100 -39.40 -50.97 19.27
N ALA KA 101 -38.27 -51.36 19.87
CA ALA KA 101 -37.58 -52.55 19.40
C ALA KA 101 -38.47 -53.79 19.53
N GLU KA 102 -39.10 -53.94 20.69
CA GLU KA 102 -39.99 -55.09 20.88
C GLU KA 102 -41.14 -55.05 19.89
N LYS KA 103 -41.72 -53.87 19.68
CA LYS KA 103 -42.85 -53.74 18.77
C LYS KA 103 -42.45 -54.09 17.34
N GLN KA 104 -41.27 -53.63 16.91
CA GLN KA 104 -40.81 -53.96 15.56
C GLN KA 104 -40.59 -55.45 15.39
N SER KA 105 -39.97 -56.09 16.38
CA SER KA 105 -39.75 -57.53 16.27
C SER KA 105 -41.09 -58.28 16.21
N LEU KA 106 -42.03 -57.91 17.07
CA LEU KA 106 -43.32 -58.58 17.08
C LEU KA 106 -44.06 -58.38 15.77
N PHE KA 107 -44.02 -57.17 15.21
CA PHE KA 107 -44.71 -56.91 13.95
C PHE KA 107 -44.09 -57.68 12.81
N ILE KA 108 -42.76 -57.79 12.78
CA ILE KA 108 -42.11 -58.57 11.74
C ILE KA 108 -42.54 -60.03 11.83
N ASP KA 109 -42.56 -60.59 13.04
CA ASP KA 109 -42.98 -61.97 13.20
C ASP KA 109 -44.43 -62.17 12.78
N GLN KA 110 -45.30 -61.23 13.14
CA GLN KA 110 -46.70 -61.32 12.74
C GLN KA 110 -46.84 -61.30 11.22
N GLU KA 111 -46.11 -60.40 10.55
CA GLU KA 111 -46.22 -60.31 9.10
C GLU KA 111 -45.74 -61.59 8.43
N LEU KA 112 -44.62 -62.16 8.92
CA LEU KA 112 -44.13 -63.40 8.33
C LEU KA 112 -45.13 -64.54 8.53
N ASP KA 113 -45.70 -64.65 9.74
CA ASP KA 113 -46.67 -65.70 9.99
C ASP KA 113 -47.89 -65.55 9.08
N ASP KA 114 -48.37 -64.32 8.91
CA ASP KA 114 -49.54 -64.11 8.07
C ASP KA 114 -49.22 -64.42 6.60
N ALA KA 115 -48.02 -64.10 6.15
CA ALA KA 115 -47.64 -64.44 4.78
C ALA KA 115 -47.63 -65.96 4.58
N LEU KA 116 -47.05 -66.69 5.54
CA LEU KA 116 -47.05 -68.14 5.44
C LEU KA 116 -48.46 -68.69 5.45
N LYS KA 117 -49.33 -68.12 6.29
CA LYS KA 117 -50.72 -68.60 6.35
C LYS KA 117 -51.46 -68.34 5.05
N GLN KA 118 -51.30 -67.14 4.47
CA GLN KA 118 -51.92 -66.85 3.18
C GLN KA 118 -51.41 -67.78 2.09
N GLY KA 119 -50.15 -68.21 2.22
CA GLY KA 119 -49.62 -69.17 1.27
C GLY KA 119 -50.27 -70.53 1.41
N ILE KA 120 -49.56 -71.58 1.03
CA ILE KA 120 -50.13 -72.92 1.00
C ILE KA 120 -50.15 -73.42 2.45
N SER KA 121 -51.27 -73.25 3.12
CA SER KA 121 -51.41 -73.58 4.54
C SER KA 121 -51.76 -75.06 4.70
N ILE KA 122 -51.50 -75.58 5.91
CA ILE KA 122 -51.60 -77.01 6.14
C ILE KA 122 -53.08 -77.43 6.12
N ASP KA 123 -53.34 -78.62 5.60
CA ASP KA 123 -54.66 -79.25 5.69
C ASP KA 123 -54.63 -80.14 6.92
N THR KA 124 -55.26 -79.66 7.99
CA THR KA 124 -55.13 -80.31 9.30
C THR KA 124 -55.66 -81.74 9.29
N SER KA 125 -56.81 -81.97 8.66
CA SER KA 125 -57.42 -83.30 8.69
C SER KA 125 -56.60 -84.33 7.94
N THR KA 126 -55.79 -83.91 6.97
CA THR KA 126 -54.99 -84.84 6.18
C THR KA 126 -53.50 -84.69 6.43
N GLY KA 127 -52.95 -83.49 6.27
CA GLY KA 127 -51.54 -83.27 6.56
C GLY KA 127 -50.78 -82.51 5.49
N VAL KA 128 -51.06 -82.77 4.22
CA VAL KA 128 -50.41 -81.98 3.18
C VAL KA 128 -50.90 -80.54 3.26
N PRO KA 129 -50.03 -79.55 3.21
CA PRO KA 129 -50.49 -78.16 3.10
C PRO KA 129 -51.45 -77.97 1.93
N THR KA 130 -52.69 -77.63 2.25
CA THR KA 130 -53.71 -77.47 1.21
C THR KA 130 -53.55 -76.14 0.49
N LEU KA 131 -53.96 -76.12 -0.78
CA LEU KA 131 -53.98 -74.88 -1.54
C LEU KA 131 -55.18 -74.01 -1.21
N ASN KA 132 -56.17 -74.55 -0.49
CA ASN KA 132 -57.34 -73.81 -0.03
C ASN KA 132 -58.09 -73.18 -1.21
N SER KA 133 -58.50 -74.06 -2.13
CA SER KA 133 -59.30 -73.67 -3.30
C SER KA 133 -58.57 -72.66 -4.17
N GLN KA 134 -57.34 -73.02 -4.54
CA GLN KA 134 -56.54 -72.21 -5.45
C GLN KA 134 -55.80 -73.13 -6.42
N ARG KA 135 -55.56 -72.62 -7.62
CA ARG KA 135 -54.96 -73.40 -8.70
C ARG KA 135 -53.44 -73.26 -8.62
N LEU KA 136 -52.77 -74.32 -8.19
CA LEU KA 136 -51.31 -74.33 -8.18
C LEU KA 136 -50.80 -74.36 -9.62
N SER KA 137 -50.10 -73.32 -10.03
CA SER KA 137 -49.75 -73.15 -11.43
C SER KA 137 -48.28 -72.78 -11.54
N ASN KA 138 -47.87 -72.37 -12.74
CA ASN KA 138 -46.49 -72.00 -13.04
C ASN KA 138 -45.53 -73.15 -12.75
N VAL KA 139 -45.99 -74.36 -13.05
CA VAL KA 139 -45.16 -75.56 -13.01
C VAL KA 139 -44.84 -75.94 -14.45
N SER KA 140 -43.56 -76.06 -14.75
CA SER KA 140 -43.13 -76.34 -16.11
C SER KA 140 -43.55 -77.74 -16.54
N ASP KA 141 -43.51 -77.98 -17.85
CA ASP KA 141 -43.91 -79.28 -18.38
C ASP KA 141 -43.00 -80.37 -17.81
N PRO KA 142 -43.53 -81.59 -17.64
CA PRO KA 142 -42.76 -82.62 -16.93
C PRO KA 142 -41.43 -82.91 -17.60
N VAL KA 143 -40.40 -83.05 -16.76
CA VAL KA 143 -39.05 -83.35 -17.21
C VAL KA 143 -38.65 -84.77 -16.86
N ASN KA 144 -38.83 -85.16 -15.60
CA ASN KA 144 -38.55 -86.52 -15.16
C ASN KA 144 -39.87 -87.28 -15.02
N ALA KA 145 -39.78 -88.51 -14.50
CA ALA KA 145 -40.96 -89.37 -14.43
C ALA KA 145 -42.00 -88.80 -13.47
N GLN KA 146 -41.58 -88.45 -12.26
CA GLN KA 146 -42.51 -88.06 -11.20
C GLN KA 146 -43.07 -86.65 -11.40
N ASP KA 147 -42.54 -85.89 -12.35
CA ASP KA 147 -43.06 -84.55 -12.60
C ASP KA 147 -44.50 -84.64 -13.12
N ALA KA 148 -45.36 -83.79 -12.55
CA ALA KA 148 -46.77 -83.81 -12.90
C ALA KA 148 -46.98 -83.26 -14.31
N VAL KA 149 -48.20 -83.44 -14.81
CA VAL KA 149 -48.56 -83.08 -16.17
C VAL KA 149 -49.25 -81.72 -16.15
N THR KA 150 -48.77 -80.81 -16.99
CA THR KA 150 -49.35 -79.48 -17.09
C THR KA 150 -50.33 -79.42 -18.26
N LYS KA 151 -50.92 -78.25 -18.48
CA LYS KA 151 -51.86 -78.09 -19.58
C LYS KA 151 -51.16 -78.19 -20.94
N ALA KA 152 -50.06 -77.45 -21.11
CA ALA KA 152 -49.35 -77.45 -22.37
C ALA KA 152 -48.69 -78.78 -22.68
N TYR KA 153 -48.62 -79.69 -21.71
CA TYR KA 153 -48.10 -81.04 -21.93
C TYR KA 153 -49.21 -82.05 -22.17
N LEU KA 154 -50.28 -82.00 -21.35
CA LEU KA 154 -51.37 -82.95 -21.53
C LEU KA 154 -52.16 -82.68 -22.80
N GLU KA 155 -52.17 -81.43 -23.28
CA GLU KA 155 -52.81 -81.10 -24.54
C GLU KA 155 -51.80 -80.88 -25.66
N ARG KA 156 -50.58 -81.41 -25.52
CA ARG KA 156 -49.55 -81.24 -26.53
C ARG KA 156 -49.62 -82.35 -27.56
N SER KA 157 -49.27 -82.02 -28.80
CA SER KA 157 -49.22 -83.02 -29.87
C SER KA 157 -48.08 -84.00 -29.61
N GLY KA 158 -48.33 -85.26 -29.98
CA GLY KA 158 -47.38 -86.33 -29.77
C GLY KA 158 -47.48 -87.03 -28.43
N SER KA 159 -48.34 -86.53 -27.53
CA SER KA 159 -48.52 -87.16 -26.23
C SER KA 159 -49.26 -88.49 -26.30
N ILE KA 160 -49.84 -88.82 -27.45
CA ILE KA 160 -50.55 -90.09 -27.62
C ILE KA 160 -49.52 -91.20 -27.74
N THR KA 161 -49.62 -92.20 -26.88
CA THR KA 161 -48.67 -93.32 -26.85
C THR KA 161 -49.49 -94.61 -26.77
N SER KA 162 -48.83 -95.72 -26.45
CA SER KA 162 -49.45 -97.03 -26.51
C SER KA 162 -49.64 -97.70 -25.15
N THR KA 163 -49.91 -96.96 -24.09
CA THR KA 163 -50.01 -97.58 -22.76
C THR KA 163 -51.36 -97.35 -22.07
N GLN KA 164 -51.85 -96.11 -22.05
CA GLN KA 164 -52.86 -95.74 -21.06
C GLN KA 164 -54.30 -96.10 -21.43
N ILE KA 165 -54.56 -96.60 -22.65
CA ILE KA 165 -55.95 -96.89 -22.99
C ILE KA 165 -56.43 -98.15 -22.28
N LEU KA 166 -57.75 -98.26 -22.13
CA LEU KA 166 -58.40 -99.43 -21.57
C LEU KA 166 -59.65 -99.71 -22.39
N ASN KA 167 -60.31 -100.83 -22.07
CA ASN KA 167 -61.47 -101.27 -22.84
C ASN KA 167 -62.75 -101.09 -22.03
N GLY KA 168 -63.88 -101.39 -22.68
CA GLY KA 168 -65.18 -101.38 -22.05
C GLY KA 168 -65.99 -100.12 -22.24
N THR KA 169 -65.47 -99.15 -22.98
CA THR KA 169 -66.17 -97.88 -23.16
C THR KA 169 -66.21 -97.38 -24.59
N ILE KA 170 -65.30 -97.81 -25.47
CA ILE KA 170 -65.17 -97.26 -26.81
C ILE KA 170 -66.45 -97.52 -27.60
N VAL KA 171 -67.18 -96.46 -27.90
CA VAL KA 171 -68.52 -96.51 -28.50
C VAL KA 171 -68.64 -95.32 -29.43
N ASP KA 172 -69.67 -95.33 -30.30
CA ASP KA 172 -69.89 -94.29 -31.29
C ASP KA 172 -70.14 -92.91 -30.69
N ALA KA 173 -70.06 -92.76 -29.36
CA ALA KA 173 -70.41 -91.47 -28.75
C ALA KA 173 -69.47 -90.35 -29.20
N ASP KA 174 -68.25 -90.68 -29.63
CA ASP KA 174 -67.32 -89.67 -30.12
C ASP KA 174 -66.54 -90.06 -31.37
N ILE KA 175 -66.74 -91.26 -31.90
CA ILE KA 175 -66.02 -91.68 -33.10
C ILE KA 175 -66.59 -90.96 -34.31
N ASN KA 176 -65.72 -90.36 -35.12
CA ASN KA 176 -66.16 -89.65 -36.31
C ASN KA 176 -66.76 -90.63 -37.32
N ALA KA 177 -67.98 -90.34 -37.77
CA ALA KA 177 -68.63 -91.21 -38.75
C ALA KA 177 -67.98 -91.08 -40.12
N SER KA 178 -67.68 -89.84 -40.53
CA SER KA 178 -67.06 -89.61 -41.84
C SER KA 178 -65.60 -90.05 -41.90
N ALA KA 179 -64.99 -90.37 -40.76
CA ALA KA 179 -63.60 -90.79 -40.76
C ALA KA 179 -63.43 -92.11 -41.49
N ALA KA 180 -62.37 -92.19 -42.30
CA ALA KA 180 -62.06 -93.40 -43.06
C ALA KA 180 -61.19 -94.30 -42.20
N ILE KA 181 -61.82 -95.22 -41.48
CA ILE KA 181 -61.12 -96.14 -40.59
C ILE KA 181 -60.71 -97.36 -41.38
N ALA KA 182 -59.44 -97.74 -41.29
CA ALA KA 182 -58.92 -98.86 -42.06
C ALA KA 182 -59.57 -100.16 -41.61
N LYS KA 183 -60.08 -100.92 -42.59
CA LYS KA 183 -60.77 -102.17 -42.27
C LYS KA 183 -59.82 -103.18 -41.66
N SER KA 184 -58.60 -103.31 -42.21
CA SER KA 184 -57.64 -104.25 -41.65
C SER KA 184 -57.24 -103.86 -40.24
N LYS KA 185 -57.01 -102.57 -39.99
CA LYS KA 185 -56.70 -102.12 -38.64
C LYS KA 185 -57.87 -102.27 -37.69
N LEU KA 186 -59.10 -102.32 -38.22
CA LEU KA 186 -60.25 -102.60 -37.38
C LEU KA 186 -60.23 -104.08 -36.97
N ALA KA 187 -61.17 -104.43 -36.09
CA ALA KA 187 -61.18 -105.74 -35.46
C ALA KA 187 -61.75 -106.79 -36.40
N ALA KA 188 -62.00 -107.99 -35.87
CA ALA KA 188 -62.52 -109.11 -36.63
C ALA KA 188 -64.04 -109.17 -36.55
N LEU KA 189 -64.62 -110.07 -37.35
CA LEU KA 189 -66.07 -110.29 -37.35
C LEU KA 189 -66.39 -111.56 -38.11
N ASN KA 190 -67.30 -112.35 -37.54
CA ASN KA 190 -67.86 -113.54 -38.20
C ASN KA 190 -69.33 -113.28 -38.48
N ILE KA 191 -69.74 -113.48 -39.72
CA ILE KA 191 -71.13 -113.29 -40.14
C ILE KA 191 -71.71 -114.68 -40.38
N VAL KA 192 -72.56 -115.14 -39.47
CA VAL KA 192 -73.16 -116.46 -39.57
C VAL KA 192 -74.49 -116.39 -40.31
N MET LA 1 -35.83 -83.47 15.21
CA MET LA 1 -36.93 -83.39 16.17
C MET LA 1 -37.57 -82.00 16.16
N ALA LA 2 -38.89 -81.96 16.12
CA ALA LA 2 -39.60 -80.69 16.19
C ALA LA 2 -39.34 -80.00 17.52
N PHE LA 3 -39.16 -78.68 17.47
CA PHE LA 3 -38.82 -77.94 18.68
C PHE LA 3 -39.96 -77.96 19.70
N ALA LA 4 -41.17 -77.64 19.27
CA ALA LA 4 -42.25 -77.40 20.22
C ALA LA 4 -43.57 -78.02 19.77
N GLN LA 5 -43.52 -79.26 19.28
CA GLN LA 5 -44.77 -80.00 19.04
C GLN LA 5 -44.48 -81.49 19.06
N ARG LA 6 -45.51 -82.26 19.36
CA ARG LA 6 -45.39 -83.71 19.47
C ARG LA 6 -46.77 -84.33 19.27
N ILE LA 7 -46.96 -84.99 18.13
CA ILE LA 7 -48.22 -85.65 17.81
C ILE LA 7 -48.15 -87.08 18.32
N ILE LA 8 -49.16 -87.48 19.11
CA ILE LA 8 -49.20 -88.79 19.74
C ILE LA 8 -50.46 -89.51 19.28
N THR LA 9 -50.30 -90.74 18.79
CA THR LA 9 -51.41 -91.64 18.52
C THR LA 9 -51.54 -92.56 19.72
N SER LA 10 -52.69 -92.51 20.38
CA SER LA 10 -52.88 -93.22 21.65
C SER LA 10 -52.68 -94.72 21.47
N ASN LA 11 -51.86 -95.30 22.34
CA ASN LA 11 -51.63 -96.75 22.29
C ASN LA 11 -52.89 -97.51 22.67
N SER LA 12 -53.62 -97.04 23.69
CA SER LA 12 -54.83 -97.69 24.15
C SER LA 12 -55.81 -96.65 24.62
N ALA LA 13 -57.09 -97.03 24.63
CA ALA LA 13 -58.15 -96.14 25.09
C ALA LA 13 -58.14 -96.02 26.61
N GLY LA 14 -58.64 -94.90 27.10
CA GLY LA 14 -58.77 -94.67 28.52
C GLY LA 14 -57.57 -94.06 29.20
N ASP LA 15 -56.45 -93.89 28.51
CA ASP LA 15 -55.28 -93.30 29.13
C ASP LA 15 -55.51 -91.82 29.41
N GLN LA 16 -54.70 -91.28 30.31
CA GLN LA 16 -54.85 -89.89 30.73
C GLN LA 16 -53.53 -89.13 30.83
N GLU LA 17 -52.39 -89.78 30.58
CA GLU LA 17 -51.09 -89.17 30.76
C GLU LA 17 -50.33 -89.10 29.44
N PHE LA 18 -49.69 -87.96 29.19
CA PHE LA 18 -48.86 -87.78 28.02
C PHE LA 18 -47.70 -86.87 28.39
N THR LA 19 -46.49 -87.23 27.98
CA THR LA 19 -45.31 -86.49 28.37
C THR LA 19 -44.81 -85.60 27.22
N PHE LA 20 -44.05 -84.58 27.59
CA PHE LA 20 -43.44 -83.66 26.63
C PHE LA 20 -42.11 -83.18 27.19
N THR LA 21 -41.26 -82.69 26.31
CA THR LA 21 -39.88 -82.40 26.68
C THR LA 21 -39.50 -80.92 26.60
N PHE LA 22 -40.08 -80.15 25.67
CA PHE LA 22 -39.64 -78.77 25.46
C PHE LA 22 -39.94 -77.91 26.67
N ASP LA 23 -39.15 -76.85 26.84
CA ASP LA 23 -39.37 -75.88 27.90
C ASP LA 23 -40.37 -74.83 27.43
N TYR LA 24 -40.70 -73.91 28.33
CA TYR LA 24 -41.72 -72.89 28.07
C TYR LA 24 -41.55 -71.80 29.12
N ILE LA 25 -42.50 -70.85 29.15
CA ILE LA 25 -42.45 -69.75 30.10
C ILE LA 25 -43.69 -69.77 30.98
N LYS LA 26 -44.88 -69.81 30.36
CA LYS LA 26 -46.14 -69.80 31.07
C LYS LA 26 -46.98 -70.99 30.63
N GLU LA 27 -47.66 -71.61 31.60
CA GLU LA 27 -48.46 -72.79 31.31
C GLU LA 27 -49.69 -72.48 30.45
N GLU LA 28 -50.08 -71.21 30.34
CA GLU LA 28 -51.16 -70.84 29.44
C GLU LA 28 -50.77 -70.99 27.98
N HIS LA 29 -49.50 -71.23 27.69
CA HIS LA 29 -49.01 -71.37 26.33
C HIS LA 29 -49.03 -72.80 25.83
N ILE LA 30 -49.47 -73.76 26.64
CA ILE LA 30 -49.53 -75.16 26.23
C ILE LA 30 -50.93 -75.47 25.73
N LYS LA 31 -51.07 -75.69 24.43
CA LYS LA 31 -52.34 -76.00 23.80
C LYS LA 31 -52.45 -77.49 23.54
N VAL LA 32 -53.63 -78.05 23.80
CA VAL LA 32 -53.88 -79.47 23.62
C VAL LA 32 -55.02 -79.63 22.62
N PHE LA 33 -54.79 -80.45 21.59
CA PHE LA 33 -55.77 -80.72 20.57
C PHE LA 33 -56.06 -82.22 20.53
N VAL LA 34 -57.34 -82.57 20.43
CA VAL LA 34 -57.76 -83.97 20.37
C VAL LA 34 -58.69 -84.12 19.18
N ASN LA 35 -58.28 -84.94 18.21
CA ASN LA 35 -59.09 -85.25 17.03
C ASN LA 35 -59.55 -83.96 16.32
N PHE LA 36 -58.61 -83.05 16.14
CA PHE LA 36 -58.86 -81.75 15.51
C PHE LA 36 -59.91 -80.94 16.27
N VAL LA 37 -60.06 -81.19 17.57
CA VAL LA 37 -60.98 -80.45 18.41
C VAL LA 37 -60.17 -79.84 19.55
N GLU LA 38 -60.31 -78.52 19.73
CA GLU LA 38 -59.57 -77.82 20.77
C GLU LA 38 -60.10 -78.20 22.14
N LYS LA 39 -59.18 -78.30 23.11
CA LYS LA 39 -59.52 -78.66 24.48
C LYS LA 39 -59.17 -77.51 25.40
N ALA LA 40 -60.08 -77.22 26.34
CA ALA LA 40 -59.91 -76.10 27.25
C ALA LA 40 -58.89 -76.44 28.33
N GLN LA 41 -58.39 -75.38 28.98
CA GLN LA 41 -57.38 -75.49 30.04
C GLN LA 41 -58.02 -75.10 31.36
N GLY LA 42 -57.79 -75.90 32.39
CA GLY LA 42 -58.33 -75.63 33.70
C GLY LA 42 -58.71 -76.88 34.47
N THR LA 43 -59.70 -76.79 35.36
CA THR LA 43 -60.12 -77.89 36.19
C THR LA 43 -61.64 -77.98 36.20
N GLY LA 44 -62.14 -79.20 36.44
CA GLY LA 44 -63.57 -79.42 36.54
C GLY LA 44 -64.25 -79.58 35.20
N SER LA 45 -65.00 -78.56 34.78
CA SER LA 45 -65.62 -78.60 33.47
C SER LA 45 -64.60 -78.64 32.34
N ASN LA 46 -63.35 -78.26 32.62
CA ASN LA 46 -62.30 -78.29 31.61
C ASN LA 46 -61.92 -79.74 31.31
N GLU LA 47 -60.95 -79.90 30.41
CA GLU LA 47 -60.57 -81.22 29.93
C GLU LA 47 -59.20 -81.69 30.41
N PHE LA 48 -58.25 -80.78 30.64
CA PHE LA 48 -56.89 -81.21 30.94
C PHE LA 48 -56.22 -80.23 31.90
N GLN LA 49 -55.20 -80.74 32.57
CA GLN LA 49 -54.35 -79.97 33.47
C GLN LA 49 -52.89 -80.23 33.11
N VAL LA 50 -52.02 -79.37 33.62
CA VAL LA 50 -50.58 -79.48 33.42
C VAL LA 50 -49.93 -79.79 34.76
N ILE LA 51 -49.10 -80.83 34.79
CA ILE LA 51 -48.42 -81.26 36.00
C ILE LA 51 -46.92 -81.06 35.78
N THR LA 52 -46.33 -80.15 36.56
CA THR LA 52 -44.91 -79.86 36.49
C THR LA 52 -44.13 -80.40 37.69
N ASN LA 53 -44.76 -81.21 38.53
CA ASN LA 53 -44.10 -81.72 39.72
C ASN LA 53 -43.02 -82.74 39.41
N THR LA 54 -43.20 -83.54 38.35
CA THR LA 54 -42.28 -84.61 38.00
C THR LA 54 -41.35 -84.16 36.88
N THR LA 55 -40.51 -85.09 36.42
CA THR LA 55 -39.59 -84.86 35.31
C THR LA 55 -39.48 -86.11 34.46
N PRO LA 56 -39.73 -86.02 33.15
CA PRO LA 56 -40.10 -84.83 32.38
C PRO LA 56 -41.55 -84.40 32.63
N LYS LA 57 -41.88 -83.15 32.37
CA LYS LA 57 -43.23 -82.65 32.64
C LYS LA 57 -44.25 -83.35 31.76
N LYS LA 58 -45.44 -83.55 32.31
CA LYS LA 58 -46.51 -84.26 31.63
C LYS LA 58 -47.81 -83.51 31.81
N ILE LA 59 -48.74 -83.73 30.88
CA ILE LA 59 -50.07 -83.14 30.92
C ILE LA 59 -51.07 -84.26 31.16
N SER LA 60 -52.07 -83.99 31.98
CA SER LA 60 -53.07 -84.98 32.39
C SER LA 60 -54.45 -84.50 32.01
N LEU LA 61 -55.28 -85.41 31.50
CA LEU LA 61 -56.64 -85.09 31.14
C LEU LA 61 -57.58 -85.38 32.31
N ASN LA 62 -58.85 -85.03 32.12
CA ASN LA 62 -59.90 -85.34 33.09
C ASN LA 62 -60.81 -86.47 32.65
N THR LA 63 -60.62 -87.00 31.44
CA THR LA 63 -61.42 -88.11 30.94
C THR LA 63 -60.59 -88.88 29.92
N GLY LA 64 -60.63 -90.20 30.03
CA GLY LA 64 -59.88 -91.03 29.10
C GLY LA 64 -60.48 -90.99 27.70
N LEU LA 65 -59.63 -91.31 26.72
CA LEU LA 65 -60.06 -91.35 25.33
C LEU LA 65 -61.10 -92.44 25.12
N SER LA 66 -62.06 -92.17 24.25
CA SER LA 66 -63.13 -93.12 23.99
C SER LA 66 -62.60 -94.39 23.34
N ALA LA 67 -61.75 -94.25 22.33
CA ALA LA 67 -61.21 -95.37 21.58
C ALA LA 67 -59.71 -95.21 21.41
N ASP LA 68 -59.02 -96.33 21.24
CA ASP LA 68 -57.59 -96.30 21.02
C ASP LA 68 -57.26 -95.70 19.65
N ASN LA 69 -55.97 -95.49 19.40
CA ASN LA 69 -55.49 -94.84 18.19
C ASN LA 69 -56.13 -93.47 18.00
N THR LA 70 -56.22 -92.72 19.09
CA THR LA 70 -56.77 -91.37 19.07
C THR LA 70 -55.64 -90.36 18.98
N ARG LA 71 -55.79 -89.39 18.08
CA ARG LA 71 -54.76 -88.39 17.83
C ARG LA 71 -54.87 -87.28 18.87
N VAL LA 72 -53.79 -87.05 19.60
CA VAL LA 72 -53.67 -85.93 20.54
C VAL LA 72 -52.44 -85.12 20.16
N GLU LA 73 -52.62 -83.80 20.04
CA GLU LA 73 -51.55 -82.91 19.61
C GLU LA 73 -51.21 -81.96 20.74
N ILE LA 74 -49.93 -81.94 21.13
CA ILE LA 74 -49.44 -81.04 22.16
C ILE LA 74 -48.41 -80.14 21.52
N ARG LA 75 -48.75 -78.85 21.38
CA ARG LA 75 -47.83 -77.90 20.78
C ARG LA 75 -47.85 -76.59 21.55
N ARG LA 76 -46.67 -75.99 21.67
CA ARG LA 76 -46.52 -74.71 22.35
C ARG LA 76 -46.79 -73.57 21.38
N VAL LA 77 -47.32 -72.47 21.92
CA VAL LA 77 -47.41 -71.23 21.17
C VAL LA 77 -47.19 -70.07 22.12
N SER LA 78 -46.38 -69.09 21.71
CA SER LA 78 -46.12 -67.95 22.56
C SER LA 78 -47.11 -66.83 22.26
N SER LA 79 -47.09 -65.81 23.11
CA SER LA 79 -47.98 -64.68 22.94
C SER LA 79 -47.62 -63.93 21.67
N LEU LA 80 -48.56 -63.89 20.72
CA LEU LA 80 -48.34 -63.22 19.44
C LEU LA 80 -49.07 -61.90 19.32
N SER LA 81 -50.12 -61.67 20.10
CA SER LA 81 -50.91 -60.45 20.01
C SER LA 81 -50.48 -59.39 21.01
N THR LA 82 -49.48 -59.66 21.84
CA THR LA 82 -49.07 -58.72 22.87
C THR LA 82 -47.67 -59.05 23.37
N PRO LA 83 -46.77 -58.08 23.49
CA PRO LA 83 -45.45 -58.35 24.07
C PRO LA 83 -45.58 -58.86 25.50
N LEU LA 84 -44.72 -59.82 25.85
CA LEU LA 84 -44.81 -60.43 27.17
C LEU LA 84 -44.40 -59.47 28.27
N VAL LA 85 -43.37 -58.66 28.03
CA VAL LA 85 -42.82 -57.77 29.04
C VAL LA 85 -42.75 -56.36 28.46
N ASP LA 86 -43.30 -55.39 29.18
CA ASP LA 86 -43.23 -53.99 28.81
C ASP LA 86 -42.38 -53.23 29.82
N PHE LA 87 -41.60 -52.28 29.34
CA PHE LA 87 -40.68 -51.52 30.17
C PHE LA 87 -41.34 -50.22 30.63
N ALA LA 88 -41.19 -49.90 31.90
CA ALA LA 88 -41.73 -48.68 32.48
C ALA LA 88 -40.60 -47.77 32.93
N ASP LA 89 -40.81 -46.48 32.78
CA ASP LA 89 -39.80 -45.50 33.17
C ASP LA 89 -39.80 -45.30 34.69
N GLY LA 90 -38.67 -44.83 35.19
CA GLY LA 90 -38.55 -44.55 36.62
C GLY LA 90 -38.34 -45.74 37.51
N SER LA 91 -37.85 -46.86 36.98
CA SER LA 91 -37.61 -48.07 37.76
C SER LA 91 -36.13 -48.43 37.70
N THR LA 92 -35.81 -49.59 38.26
CA THR LA 92 -34.47 -50.14 38.21
C THR LA 92 -34.46 -51.32 37.23
N LEU LA 93 -33.54 -51.28 36.28
CA LEU LA 93 -33.48 -52.34 35.28
C LEU LA 93 -33.11 -53.66 35.93
N THR LA 94 -33.77 -54.73 35.49
CA THR LA 94 -33.50 -56.07 35.97
C THR LA 94 -33.17 -56.98 34.79
N ALA LA 95 -32.11 -57.77 34.93
CA ALA LA 95 -31.69 -58.65 33.85
C ALA LA 95 -32.74 -59.70 33.53
N ALA LA 96 -33.62 -59.99 34.49
CA ALA LA 96 -34.67 -60.98 34.25
C ALA LA 96 -35.60 -60.54 33.13
N ASP LA 97 -35.93 -59.26 33.07
CA ASP LA 97 -36.81 -58.76 32.02
C ASP LA 97 -36.18 -58.93 30.64
N LEU LA 98 -34.90 -58.58 30.51
CA LEU LA 98 -34.21 -58.73 29.23
C LEU LA 98 -34.12 -60.20 28.84
N ASP LA 99 -33.82 -61.07 29.80
CA ASP LA 99 -33.76 -62.50 29.51
C ASP LA 99 -35.11 -63.03 29.06
N THR LA 100 -36.19 -62.57 29.70
CA THR LA 100 -37.53 -62.99 29.31
C THR LA 100 -37.86 -62.54 27.89
N ALA LA 101 -37.51 -61.30 27.54
CA ALA LA 101 -37.77 -60.81 26.19
C ALA LA 101 -37.01 -61.64 25.15
N GLU LA 102 -35.74 -61.92 25.42
CA GLU LA 102 -34.96 -62.71 24.49
C GLU LA 102 -35.53 -64.12 24.36
N LYS LA 103 -35.94 -64.71 25.47
CA LYS LA 103 -36.53 -66.05 25.43
C LYS LA 103 -37.81 -66.06 24.61
N GLN LA 104 -38.66 -65.05 24.77
CA GLN LA 104 -39.91 -65.00 24.00
C GLN LA 104 -39.62 -64.91 22.51
N SER LA 105 -38.68 -64.03 22.13
CA SER LA 105 -38.37 -63.89 20.71
C SER LA 105 -37.82 -65.19 20.13
N LEU LA 106 -36.90 -65.83 20.85
CA LEU LA 106 -36.36 -67.10 20.38
C LEU LA 106 -37.45 -68.14 20.24
N PHE LA 107 -38.36 -68.22 21.22
CA PHE LA 107 -39.40 -69.24 21.18
C PHE LA 107 -40.35 -69.03 20.01
N ILE LA 108 -40.73 -67.79 19.75
CA ILE LA 108 -41.66 -67.56 18.63
C ILE LA 108 -40.97 -67.87 17.30
N ASP LA 109 -39.69 -67.55 17.18
CA ASP LA 109 -38.98 -67.94 15.95
C ASP LA 109 -38.92 -69.45 15.80
N GLN LA 110 -38.65 -70.17 16.89
CA GLN LA 110 -38.63 -71.63 16.85
C GLN LA 110 -39.98 -72.18 16.41
N GLU LA 111 -41.06 -71.64 16.95
CA GLU LA 111 -42.39 -72.13 16.59
C GLU LA 111 -42.69 -71.89 15.12
N LEU LA 112 -42.32 -70.72 14.59
CA LEU LA 112 -42.56 -70.46 13.18
C LEU LA 112 -41.77 -71.43 12.30
N ASP LA 113 -40.51 -71.68 12.65
CA ASP LA 113 -39.72 -72.61 11.86
C ASP LA 113 -40.32 -74.01 11.91
N ASP LA 114 -40.78 -74.44 13.08
CA ASP LA 114 -41.41 -75.75 13.20
C ASP LA 114 -42.67 -75.84 12.34
N ALA LA 115 -43.46 -74.77 12.31
CA ALA LA 115 -44.65 -74.76 11.46
C ALA LA 115 -44.27 -74.92 10.00
N LEU LA 116 -43.24 -74.18 9.55
CA LEU LA 116 -42.83 -74.30 8.16
C LEU LA 116 -42.35 -75.71 7.83
N LYS LA 117 -41.59 -76.32 8.74
CA LYS LA 117 -41.08 -77.67 8.50
C LYS LA 117 -42.20 -78.70 8.47
N GLN LA 118 -43.15 -78.61 9.42
CA GLN LA 118 -44.31 -79.49 9.38
C GLN LA 118 -45.19 -79.20 8.17
N GLY LA 119 -44.96 -78.08 7.52
CA GLY LA 119 -45.64 -77.78 6.27
C GLY LA 119 -44.84 -78.27 5.09
N ILE LA 120 -44.12 -77.38 4.41
CA ILE LA 120 -43.39 -77.74 3.21
C ILE LA 120 -41.90 -77.57 3.47
N SER LA 121 -41.14 -78.63 3.19
CA SER LA 121 -39.69 -78.62 3.32
C SER LA 121 -39.06 -78.84 1.94
N ILE LA 122 -37.74 -78.94 1.94
CA ILE LA 122 -36.97 -79.27 0.75
C ILE LA 122 -36.13 -80.49 1.06
N ASP LA 123 -36.33 -81.56 0.29
CA ASP LA 123 -35.62 -82.80 0.55
C ASP LA 123 -34.12 -82.62 0.37
N THR LA 124 -33.36 -83.14 1.32
CA THR LA 124 -31.90 -83.10 1.25
C THR LA 124 -31.32 -84.26 0.45
N SER LA 125 -32.16 -85.07 -0.18
CA SER LA 125 -31.71 -86.13 -1.05
C SER LA 125 -31.69 -85.74 -2.52
N THR LA 126 -32.59 -84.85 -2.93
CA THR LA 126 -32.65 -84.40 -4.32
C THR LA 126 -32.76 -82.89 -4.47
N GLY LA 127 -32.90 -82.14 -3.38
CA GLY LA 127 -33.02 -80.70 -3.49
C GLY LA 127 -34.33 -80.23 -4.10
N VAL LA 128 -35.38 -81.04 -4.01
CA VAL LA 128 -36.67 -80.69 -4.58
C VAL LA 128 -37.71 -80.73 -3.47
N PRO LA 129 -38.76 -79.91 -3.52
CA PRO LA 129 -39.77 -79.96 -2.46
C PRO LA 129 -40.38 -81.36 -2.32
N THR LA 130 -40.62 -81.74 -1.07
CA THR LA 130 -41.17 -83.04 -0.72
C THR LA 130 -42.31 -82.86 0.27
N LEU LA 131 -43.27 -83.78 0.24
CA LEU LA 131 -44.45 -83.69 1.09
C LEU LA 131 -44.45 -84.69 2.23
N ASN LA 132 -43.37 -85.45 2.41
CA ASN LA 132 -43.25 -86.42 3.49
C ASN LA 132 -44.35 -87.48 3.45
N SER LA 133 -44.82 -87.80 2.24
CA SER LA 133 -45.78 -88.87 2.00
C SER LA 133 -47.06 -88.66 2.83
N GLN LA 134 -47.78 -87.60 2.47
CA GLN LA 134 -49.05 -87.30 3.12
C GLN LA 134 -50.16 -87.11 2.08
N ARG LA 135 -51.32 -86.62 2.52
CA ARG LA 135 -52.52 -86.57 1.69
C ARG LA 135 -53.00 -85.14 1.53
N LEU LA 136 -53.39 -84.78 0.31
CA LEU LA 136 -53.77 -83.43 -0.06
C LEU LA 136 -55.26 -83.36 -0.36
N SER LA 137 -55.88 -82.23 -0.01
CA SER LA 137 -57.32 -82.04 -0.23
C SER LA 137 -57.58 -80.55 -0.39
N ASN LA 138 -58.86 -80.21 -0.59
CA ASN LA 138 -59.32 -78.82 -0.71
C ASN LA 138 -58.57 -78.08 -1.82
N VAL LA 139 -58.44 -78.74 -2.97
CA VAL LA 139 -57.82 -78.16 -4.16
C VAL LA 139 -58.92 -77.86 -5.16
N SER LA 140 -58.94 -76.63 -5.67
CA SER LA 140 -59.95 -76.25 -6.64
C SER LA 140 -59.75 -77.03 -7.94
N ASP LA 141 -60.84 -77.21 -8.68
CA ASP LA 141 -60.76 -77.93 -9.94
C ASP LA 141 -59.83 -77.20 -10.90
N PRO LA 142 -58.95 -77.91 -11.60
CA PRO LA 142 -58.00 -77.24 -12.49
C PRO LA 142 -58.67 -76.63 -13.71
N VAL LA 143 -58.81 -75.31 -13.73
CA VAL LA 143 -59.31 -74.64 -14.92
C VAL LA 143 -58.36 -74.87 -16.09
N ASN LA 144 -57.06 -74.72 -15.84
CA ASN LA 144 -56.04 -75.20 -16.75
C ASN LA 144 -55.41 -76.46 -16.16
N ALA LA 145 -54.97 -77.35 -17.04
CA ALA LA 145 -54.29 -78.55 -16.57
C ALA LA 145 -52.89 -78.26 -16.06
N GLN LA 146 -52.47 -76.99 -16.06
CA GLN LA 146 -51.27 -76.58 -15.35
C GLN LA 146 -51.33 -77.02 -13.89
N ASP LA 147 -52.50 -76.92 -13.28
CA ASP LA 147 -52.71 -77.41 -11.93
C ASP LA 147 -52.55 -78.92 -11.88
N ALA LA 148 -52.17 -79.42 -10.71
CA ALA LA 148 -52.15 -80.87 -10.49
C ALA LA 148 -53.54 -81.43 -10.72
N VAL LA 149 -53.62 -82.52 -11.48
CA VAL LA 149 -54.91 -83.06 -11.87
C VAL LA 149 -55.59 -83.69 -10.67
N THR LA 150 -56.83 -83.28 -10.42
CA THR LA 150 -57.65 -83.86 -9.38
C THR LA 150 -58.34 -85.11 -9.89
N LYS LA 151 -58.36 -86.16 -9.06
CA LYS LA 151 -58.94 -87.42 -9.50
C LYS LA 151 -60.44 -87.32 -9.72
N ALA LA 152 -61.12 -86.37 -9.07
CA ALA LA 152 -62.52 -86.14 -9.40
C ALA LA 152 -62.67 -85.69 -10.85
N TYR LA 153 -61.83 -84.74 -11.27
CA TYR LA 153 -61.80 -84.32 -12.66
C TYR LA 153 -61.36 -85.45 -13.59
N LEU LA 154 -60.50 -86.35 -13.09
CA LEU LA 154 -60.08 -87.48 -13.90
C LEU LA 154 -61.21 -88.48 -14.11
N GLU LA 155 -61.90 -88.84 -13.04
CA GLU LA 155 -62.88 -89.92 -13.06
C GLU LA 155 -64.30 -89.47 -13.37
N ARG LA 156 -64.54 -88.17 -13.49
CA ARG LA 156 -65.90 -87.71 -13.80
C ARG LA 156 -66.30 -88.18 -15.20
N SER LA 157 -67.54 -88.65 -15.30
CA SER LA 157 -68.03 -89.19 -16.57
C SER LA 157 -68.06 -88.10 -17.64
N GLY LA 158 -67.35 -88.33 -18.72
CA GLY LA 158 -67.22 -87.35 -19.78
C GLY LA 158 -66.14 -86.31 -19.56
N SER LA 159 -65.60 -86.20 -18.34
CA SER LA 159 -64.51 -85.27 -18.11
C SER LA 159 -63.21 -85.76 -18.74
N ILE LA 160 -63.07 -87.07 -18.92
CA ILE LA 160 -61.92 -87.61 -19.64
C ILE LA 160 -61.93 -87.05 -21.06
N THR LA 161 -60.78 -86.56 -21.50
CA THR LA 161 -60.66 -86.09 -22.86
C THR LA 161 -60.28 -87.24 -23.79
N SER LA 162 -60.57 -87.04 -25.08
CA SER LA 162 -60.24 -88.07 -26.07
C SER LA 162 -58.74 -88.32 -26.15
N THR LA 163 -57.92 -87.33 -25.84
CA THR LA 163 -56.46 -87.50 -25.83
C THR LA 163 -55.95 -88.06 -24.52
N GLN LA 164 -56.80 -88.14 -23.48
CA GLN LA 164 -56.36 -88.73 -22.22
C GLN LA 164 -56.14 -90.23 -22.32
N ILE LA 165 -56.76 -90.89 -23.30
CA ILE LA 165 -56.59 -92.33 -23.51
C ILE LA 165 -55.56 -92.52 -24.60
N LEU LA 166 -54.59 -93.41 -24.35
CA LEU LA 166 -53.48 -93.65 -25.26
C LEU LA 166 -53.60 -95.07 -25.80
N ASN LA 167 -54.09 -95.18 -27.03
CA ASN LA 167 -54.44 -96.47 -27.61
C ASN LA 167 -53.21 -97.37 -27.72
N GLY LA 168 -53.43 -98.68 -27.58
CA GLY LA 168 -52.35 -99.64 -27.71
C GLY LA 168 -52.45 -100.87 -26.83
N THR LA 169 -53.37 -100.86 -25.86
CA THR LA 169 -53.54 -101.97 -24.93
C THR LA 169 -54.94 -102.57 -25.04
N ILE LA 170 -55.39 -102.84 -26.25
CA ILE LA 170 -56.73 -103.37 -26.47
C ILE LA 170 -56.73 -104.86 -26.13
N VAL LA 171 -57.50 -105.23 -25.10
CA VAL LA 171 -57.69 -106.61 -24.67
C VAL LA 171 -59.17 -106.83 -24.39
N ASP LA 172 -59.52 -108.05 -23.98
CA ASP LA 172 -60.88 -108.42 -23.66
C ASP LA 172 -61.17 -108.36 -22.18
N ALA LA 173 -60.23 -107.88 -21.37
CA ALA LA 173 -60.39 -107.92 -19.92
C ALA LA 173 -61.51 -107.00 -19.46
N ASP LA 174 -61.65 -105.83 -20.07
CA ASP LA 174 -62.54 -104.79 -19.57
C ASP LA 174 -63.79 -104.61 -20.41
N ILE LA 175 -63.91 -105.28 -21.55
CA ILE LA 175 -65.15 -105.26 -22.31
C ILE LA 175 -66.18 -106.13 -21.60
N ASN LA 176 -67.35 -105.57 -21.31
CA ASN LA 176 -68.42 -106.32 -20.69
C ASN LA 176 -68.91 -107.41 -21.63
N ALA LA 177 -69.28 -108.56 -21.04
CA ALA LA 177 -69.77 -109.67 -21.85
C ALA LA 177 -71.06 -109.31 -22.57
N SER LA 178 -71.96 -108.59 -21.90
CA SER LA 178 -73.23 -108.18 -22.47
C SER LA 178 -73.19 -106.77 -23.03
N ALA LA 179 -72.00 -106.18 -23.19
CA ALA LA 179 -71.88 -104.84 -23.72
C ALA LA 179 -72.35 -104.80 -25.18
N ALA LA 180 -73.34 -103.95 -25.45
CA ALA LA 180 -73.88 -103.82 -26.81
C ALA LA 180 -73.05 -102.79 -27.58
N ILE LA 181 -71.86 -103.24 -27.99
CA ILE LA 181 -70.98 -102.40 -28.77
C ILE LA 181 -71.63 -102.09 -30.11
N ALA LA 182 -71.61 -100.82 -30.51
CA ALA LA 182 -72.19 -100.41 -31.77
C ALA LA 182 -71.59 -101.18 -32.92
N LYS LA 183 -72.44 -101.80 -33.73
CA LYS LA 183 -71.96 -102.76 -34.73
C LYS LA 183 -71.17 -102.09 -35.84
N SER LA 184 -71.52 -100.86 -36.21
CA SER LA 184 -70.89 -100.18 -37.33
C SER LA 184 -69.56 -99.52 -36.97
N LYS LA 185 -68.91 -99.98 -35.89
CA LYS LA 185 -67.68 -99.39 -35.42
C LYS LA 185 -66.45 -100.25 -35.67
N LEU LA 186 -66.62 -101.49 -36.13
CA LEU LA 186 -65.48 -102.36 -36.40
C LEU LA 186 -65.73 -103.15 -37.68
N ALA LA 187 -64.66 -103.46 -38.39
CA ALA LA 187 -64.71 -104.24 -39.62
C ALA LA 187 -64.53 -105.73 -39.29
N ALA LA 188 -64.27 -106.52 -40.32
CA ALA LA 188 -64.06 -107.96 -40.18
C ALA LA 188 -62.61 -108.30 -40.53
N LEU LA 189 -62.14 -109.42 -39.98
CA LEU LA 189 -60.81 -109.92 -40.30
C LEU LA 189 -60.80 -110.53 -41.70
N ASN LA 190 -59.62 -110.53 -42.32
CA ASN LA 190 -59.44 -111.11 -43.64
C ASN LA 190 -59.27 -112.62 -43.51
N ILE LA 191 -60.41 -113.29 -43.34
CA ILE LA 191 -60.43 -114.73 -43.12
C ILE LA 191 -60.20 -115.46 -44.45
N VAL LA 192 -59.25 -116.40 -44.44
CA VAL LA 192 -58.97 -117.20 -45.63
C VAL LA 192 -59.30 -118.67 -45.35
N MET MA 1 -34.72 -60.81 -2.26
CA MET MA 1 -33.95 -61.83 -2.97
C MET MA 1 -33.45 -62.90 -2.01
N ALA MA 2 -32.45 -63.66 -2.45
CA ALA MA 2 -31.77 -64.59 -1.56
C ALA MA 2 -30.93 -63.79 -0.57
N PHE MA 3 -31.43 -63.65 0.65
CA PHE MA 3 -30.79 -62.76 1.62
C PHE MA 3 -29.45 -63.31 2.10
N ALA MA 4 -29.40 -64.58 2.48
CA ALA MA 4 -28.22 -65.14 3.13
C ALA MA 4 -27.90 -66.53 2.61
N GLN MA 5 -27.92 -66.71 1.29
CA GLN MA 5 -27.57 -68.00 0.73
C GLN MA 5 -27.09 -67.81 -0.71
N ARG MA 6 -26.41 -68.83 -1.22
CA ARG MA 6 -25.92 -68.83 -2.59
C ARG MA 6 -25.77 -70.27 -3.04
N ILE MA 7 -26.32 -70.58 -4.21
CA ILE MA 7 -26.32 -71.92 -4.78
C ILE MA 7 -25.55 -71.89 -6.08
N ILE MA 8 -24.57 -72.79 -6.21
CA ILE MA 8 -23.64 -72.78 -7.34
C ILE MA 8 -23.67 -74.15 -8.00
N THR MA 9 -23.88 -74.16 -9.32
CA THR MA 9 -23.65 -75.35 -10.13
C THR MA 9 -22.24 -75.24 -10.68
N SER MA 10 -21.33 -76.05 -10.16
CA SER MA 10 -19.91 -75.94 -10.49
C SER MA 10 -19.68 -76.14 -11.98
N ASN MA 11 -18.55 -75.62 -12.46
CA ASN MA 11 -18.27 -75.61 -13.89
C ASN MA 11 -16.95 -76.28 -14.26
N SER MA 12 -16.15 -76.73 -13.30
CA SER MA 12 -14.89 -77.38 -13.61
C SER MA 12 -14.43 -78.19 -12.39
N ALA MA 13 -14.19 -79.47 -12.60
CA ALA MA 13 -13.67 -80.31 -11.53
C ALA MA 13 -12.23 -79.91 -11.21
N GLY MA 14 -11.88 -80.00 -9.92
CA GLY MA 14 -10.59 -79.57 -9.45
C GLY MA 14 -10.56 -78.21 -8.80
N ASP MA 15 -11.65 -77.44 -8.90
CA ASP MA 15 -11.72 -76.15 -8.25
C ASP MA 15 -11.82 -76.31 -6.74
N GLN MA 16 -11.44 -75.25 -6.01
CA GLN MA 16 -11.40 -75.33 -4.57
C GLN MA 16 -12.17 -74.19 -3.90
N GLU MA 17 -12.11 -72.99 -4.48
CA GLU MA 17 -12.60 -71.79 -3.82
C GLU MA 17 -13.86 -71.27 -4.50
N PHE MA 18 -14.80 -70.81 -3.70
CA PHE MA 18 -16.02 -70.16 -4.16
C PHE MA 18 -16.28 -68.92 -3.33
N THR MA 19 -16.96 -67.94 -3.92
CA THR MA 19 -17.16 -66.66 -3.26
C THR MA 19 -18.59 -66.54 -2.73
N PHE MA 20 -18.77 -65.62 -1.78
CA PHE MA 20 -20.08 -65.31 -1.22
C PHE MA 20 -20.06 -63.89 -0.70
N THR MA 21 -21.24 -63.29 -0.60
CA THR MA 21 -21.36 -61.86 -0.36
C THR MA 21 -22.09 -61.48 0.91
N PHE MA 22 -22.95 -62.35 1.46
CA PHE MA 22 -23.78 -61.95 2.57
C PHE MA 22 -22.95 -61.74 3.83
N ASP MA 23 -23.59 -61.17 4.85
CA ASP MA 23 -22.95 -60.87 6.13
C ASP MA 23 -23.22 -61.98 7.14
N TYR MA 24 -22.47 -61.94 8.23
CA TYR MA 24 -22.61 -62.94 9.28
C TYR MA 24 -22.05 -62.37 10.58
N ILE MA 25 -22.28 -63.10 11.67
CA ILE MA 25 -21.78 -62.70 12.98
C ILE MA 25 -20.57 -63.54 13.40
N LYS MA 26 -20.67 -64.86 13.28
CA LYS MA 26 -19.57 -65.76 13.60
C LYS MA 26 -19.33 -66.71 12.43
N GLU MA 27 -18.08 -67.15 12.30
CA GLU MA 27 -17.72 -68.03 11.19
C GLU MA 27 -18.45 -69.37 11.29
N GLU MA 28 -18.65 -69.87 12.51
CA GLU MA 28 -19.28 -71.17 12.69
C GLU MA 28 -20.77 -71.16 12.38
N HIS MA 29 -21.30 -70.06 11.85
CA HIS MA 29 -22.68 -70.00 11.40
C HIS MA 29 -22.82 -70.31 9.91
N ILE MA 30 -21.74 -70.69 9.24
CA ILE MA 30 -21.74 -70.96 7.82
C ILE MA 30 -21.75 -72.48 7.60
N LYS MA 31 -22.63 -72.93 6.71
CA LYS MA 31 -22.75 -74.34 6.38
C LYS MA 31 -22.53 -74.53 4.88
N VAL MA 32 -21.84 -75.61 4.51
CA VAL MA 32 -21.52 -75.91 3.13
C VAL MA 32 -22.11 -77.26 2.78
N PHE MA 33 -22.81 -77.32 1.65
CA PHE MA 33 -23.39 -78.56 1.14
C PHE MA 33 -22.73 -78.92 -0.17
N VAL MA 34 -22.26 -80.16 -0.28
CA VAL MA 34 -21.66 -80.68 -1.51
C VAL MA 34 -22.45 -81.90 -1.93
N ASN MA 35 -23.01 -81.87 -3.14
CA ASN MA 35 -23.92 -82.87 -3.70
C ASN MA 35 -24.83 -83.46 -2.63
N PHE MA 36 -25.61 -82.61 -1.97
CA PHE MA 36 -26.57 -83.01 -0.94
C PHE MA 36 -25.91 -83.65 0.27
N VAL MA 37 -24.67 -83.30 0.57
CA VAL MA 37 -23.99 -83.79 1.77
C VAL MA 37 -23.49 -82.59 2.56
N GLU MA 38 -23.88 -82.51 3.83
CA GLU MA 38 -23.39 -81.44 4.68
C GLU MA 38 -21.91 -81.65 4.97
N LYS MA 39 -21.16 -80.55 4.98
CA LYS MA 39 -19.70 -80.59 5.07
C LYS MA 39 -19.26 -79.95 6.37
N ALA MA 40 -18.48 -80.69 7.16
CA ALA MA 40 -18.08 -80.21 8.47
C ALA MA 40 -17.04 -79.10 8.36
N GLN MA 41 -16.95 -78.29 9.42
CA GLN MA 41 -16.08 -77.12 9.45
C GLN MA 41 -14.83 -77.42 10.27
N GLY MA 42 -13.70 -76.95 9.79
CA GLY MA 42 -12.43 -77.16 10.48
C GLY MA 42 -11.26 -77.00 9.51
N THR MA 43 -10.19 -77.74 9.79
CA THR MA 43 -8.97 -77.68 9.01
C THR MA 43 -8.29 -79.04 9.03
N GLY MA 44 -7.71 -79.42 7.90
CA GLY MA 44 -7.00 -80.69 7.78
C GLY MA 44 -7.92 -81.80 7.26
N SER MA 45 -8.25 -82.76 8.13
CA SER MA 45 -9.22 -83.78 7.76
C SER MA 45 -10.57 -83.16 7.43
N ASN MA 46 -10.94 -82.11 8.15
CA ASN MA 46 -12.13 -81.33 7.80
C ASN MA 46 -11.96 -80.74 6.41
N GLU MA 47 -13.05 -80.70 5.65
CA GLU MA 47 -12.95 -80.53 4.22
C GLU MA 47 -12.91 -79.08 3.76
N PHE MA 48 -13.52 -78.15 4.49
CA PHE MA 48 -13.54 -76.76 4.02
C PHE MA 48 -13.09 -75.83 5.14
N GLN MA 49 -12.58 -74.67 4.73
CA GLN MA 49 -12.06 -73.67 5.64
C GLN MA 49 -12.39 -72.30 5.06
N VAL MA 50 -12.74 -71.37 5.95
CA VAL MA 50 -13.23 -70.05 5.56
C VAL MA 50 -12.05 -69.10 5.45
N ILE MA 51 -12.10 -68.22 4.44
CA ILE MA 51 -11.09 -67.19 4.24
C ILE MA 51 -11.80 -65.84 4.33
N THR MA 52 -11.45 -65.05 5.34
CA THR MA 52 -12.09 -63.76 5.58
C THR MA 52 -11.12 -62.59 5.37
N ASN MA 53 -10.20 -62.71 4.42
CA ASN MA 53 -9.18 -61.70 4.21
C ASN MA 53 -9.33 -60.97 2.88
N THR MA 54 -10.02 -61.55 1.91
CA THR MA 54 -10.17 -60.97 0.58
C THR MA 54 -11.61 -60.54 0.36
N THR MA 55 -11.79 -59.42 -0.35
CA THR MA 55 -13.12 -58.95 -0.69
C THR MA 55 -13.42 -59.26 -2.15
N PRO MA 56 -14.48 -60.01 -2.46
CA PRO MA 56 -15.45 -60.62 -1.54
C PRO MA 56 -14.89 -61.87 -0.88
N LYS MA 57 -15.43 -62.25 0.28
CA LYS MA 57 -14.89 -63.38 1.03
C LYS MA 57 -15.16 -64.69 0.28
N LYS MA 58 -14.31 -65.68 0.56
CA LYS MA 58 -14.37 -66.96 -0.12
C LYS MA 58 -14.08 -68.08 0.88
N ILE MA 59 -14.53 -69.28 0.54
CA ILE MA 59 -14.27 -70.48 1.32
C ILE MA 59 -13.50 -71.46 0.45
N SER MA 60 -12.44 -72.03 1.01
CA SER MA 60 -11.56 -72.93 0.27
C SER MA 60 -11.77 -74.35 0.78
N LEU MA 61 -11.99 -75.28 -0.14
CA LEU MA 61 -12.11 -76.68 0.20
C LEU MA 61 -10.72 -77.33 0.24
N ASN MA 62 -10.49 -78.15 1.25
CA ASN MA 62 -9.21 -78.83 1.39
C ASN MA 62 -9.01 -79.92 0.35
N THR MA 63 -10.07 -80.40 -0.29
CA THR MA 63 -9.99 -81.42 -1.32
C THR MA 63 -10.67 -80.93 -2.58
N GLY MA 64 -10.02 -81.14 -3.72
CA GLY MA 64 -10.58 -80.69 -4.97
C GLY MA 64 -11.83 -81.46 -5.35
N LEU MA 65 -12.66 -80.82 -6.17
CA LEU MA 65 -13.90 -81.43 -6.61
C LEU MA 65 -13.61 -82.63 -7.52
N SER MA 66 -14.25 -83.75 -7.22
CA SER MA 66 -13.97 -84.97 -7.97
C SER MA 66 -14.55 -84.91 -9.39
N ALA MA 67 -15.79 -84.45 -9.53
CA ALA MA 67 -16.45 -84.35 -10.82
C ALA MA 67 -17.09 -82.98 -10.97
N ASP MA 68 -17.02 -82.45 -12.19
CA ASP MA 68 -17.58 -81.13 -12.45
C ASP MA 68 -19.11 -81.19 -12.43
N ASN MA 69 -19.72 -80.00 -12.41
CA ASN MA 69 -21.18 -79.86 -12.29
C ASN MA 69 -21.69 -80.54 -11.03
N THR MA 70 -21.06 -80.23 -9.90
CA THR MA 70 -21.50 -80.68 -8.59
C THR MA 70 -22.01 -79.46 -7.83
N ARG MA 71 -23.25 -79.52 -7.38
CA ARG MA 71 -23.87 -78.35 -6.75
C ARG MA 71 -23.26 -78.10 -5.38
N VAL MA 72 -22.96 -76.83 -5.10
CA VAL MA 72 -22.43 -76.41 -3.82
C VAL MA 72 -23.31 -75.29 -3.30
N GLU MA 73 -23.88 -75.46 -2.12
CA GLU MA 73 -24.78 -74.48 -1.52
C GLU MA 73 -24.15 -73.96 -0.24
N ILE MA 74 -24.09 -72.63 -0.12
CA ILE MA 74 -23.55 -71.96 1.05
C ILE MA 74 -24.66 -71.10 1.64
N ARG MA 75 -25.12 -71.45 2.84
CA ARG MA 75 -26.22 -70.74 3.47
C ARG MA 75 -25.86 -70.44 4.91
N ARG MA 76 -26.30 -69.27 5.39
CA ARG MA 76 -26.05 -68.84 6.75
C ARG MA 76 -27.23 -69.24 7.64
N VAL MA 77 -26.90 -69.75 8.82
CA VAL MA 77 -27.91 -70.06 9.83
C VAL MA 77 -27.40 -69.56 11.18
N SER MA 78 -28.16 -68.67 11.82
CA SER MA 78 -27.80 -68.22 13.15
C SER MA 78 -28.17 -69.30 14.17
N SER MA 79 -27.64 -69.14 15.37
CA SER MA 79 -27.91 -70.11 16.43
C SER MA 79 -29.38 -70.05 16.83
N LEU MA 80 -30.15 -71.05 16.43
CA LEU MA 80 -31.58 -71.11 16.72
C LEU MA 80 -31.90 -71.82 18.02
N SER MA 81 -30.89 -72.28 18.75
CA SER MA 81 -31.12 -73.04 19.97
C SER MA 81 -30.82 -72.27 21.25
N THR MA 82 -29.84 -71.38 21.25
CA THR MA 82 -29.48 -70.63 22.44
C THR MA 82 -29.26 -69.17 22.07
N PRO MA 83 -29.54 -68.25 22.99
CA PRO MA 83 -29.21 -66.83 22.74
C PRO MA 83 -27.71 -66.63 22.72
N LEU MA 84 -27.27 -65.64 21.94
CA LEU MA 84 -25.86 -65.35 21.82
C LEU MA 84 -25.33 -64.46 22.93
N VAL MA 85 -26.21 -63.89 23.75
CA VAL MA 85 -25.80 -62.99 24.83
C VAL MA 85 -26.64 -63.30 26.07
N ASP MA 86 -25.99 -63.33 27.23
CA ASP MA 86 -26.65 -63.56 28.50
C ASP MA 86 -26.39 -62.38 29.42
N PHE MA 87 -27.44 -61.89 30.06
CA PHE MA 87 -27.36 -60.74 30.94
C PHE MA 87 -27.29 -61.20 32.39
N ALA MA 88 -26.32 -60.67 33.14
CA ALA MA 88 -26.15 -60.99 34.54
C ALA MA 88 -25.98 -59.70 35.33
N ASP MA 89 -26.64 -59.60 36.48
CA ASP MA 89 -26.59 -58.39 37.27
C ASP MA 89 -25.17 -58.16 37.79
N GLY MA 90 -24.84 -56.89 38.01
CA GLY MA 90 -23.50 -56.50 38.37
C GLY MA 90 -22.57 -56.26 37.20
N SER MA 91 -23.07 -56.34 35.97
CA SER MA 91 -22.27 -56.11 34.78
C SER MA 91 -22.76 -54.84 34.07
N THR MA 92 -21.81 -54.02 33.66
CA THR MA 92 -22.12 -52.77 32.98
C THR MA 92 -22.67 -53.07 31.59
N LEU MA 93 -23.79 -52.46 31.24
CA LEU MA 93 -24.42 -52.70 29.95
C LEU MA 93 -23.73 -51.86 28.89
N THR MA 94 -23.34 -52.49 27.79
CA THR MA 94 -22.65 -51.83 26.70
C THR MA 94 -23.40 -52.05 25.39
N ALA MA 95 -23.11 -51.19 24.42
CA ALA MA 95 -23.82 -51.24 23.15
C ALA MA 95 -23.57 -52.52 22.38
N ALA MA 96 -22.45 -53.20 22.64
CA ALA MA 96 -22.12 -54.41 21.90
C ALA MA 96 -23.15 -55.50 22.12
N ASP MA 97 -23.61 -55.68 23.36
CA ASP MA 97 -24.58 -56.74 23.65
C ASP MA 97 -25.91 -56.47 22.97
N LEU MA 98 -26.40 -55.24 23.07
CA LEU MA 98 -27.68 -54.90 22.44
C LEU MA 98 -27.61 -55.04 20.94
N ASP MA 99 -26.50 -54.58 20.33
CA ASP MA 99 -26.35 -54.72 18.89
C ASP MA 99 -26.26 -56.18 18.48
N THR MA 100 -25.59 -57.00 19.29
CA THR MA 100 -25.51 -58.42 18.98
C THR MA 100 -26.89 -59.08 19.01
N ALA MA 101 -27.69 -58.76 20.03
CA ALA MA 101 -29.02 -59.34 20.10
C ALA MA 101 -29.89 -58.90 18.93
N GLU MA 102 -29.84 -57.61 18.58
CA GLU MA 102 -30.62 -57.11 17.46
C GLU MA 102 -30.19 -57.76 16.15
N LYS MA 103 -28.89 -57.89 15.94
CA LYS MA 103 -28.38 -58.54 14.74
C LYS MA 103 -28.85 -59.99 14.66
N GLN MA 104 -28.79 -60.71 15.79
CA GLN MA 104 -29.24 -62.10 15.78
C GLN MA 104 -30.70 -62.21 15.39
N SER MA 105 -31.55 -61.39 16.01
CA SER MA 105 -32.98 -61.46 15.69
C SER MA 105 -33.24 -61.13 14.22
N LEU MA 106 -32.63 -60.06 13.73
CA LEU MA 106 -32.87 -59.67 12.34
C LEU MA 106 -32.37 -60.72 11.37
N PHE MA 107 -31.19 -61.29 11.64
CA PHE MA 107 -30.65 -62.30 10.73
C PHE MA 107 -31.51 -63.56 10.72
N ILE MA 108 -32.03 -63.95 11.89
CA ILE MA 108 -32.93 -65.10 11.94
C ILE MA 108 -34.17 -64.83 11.10
N ASP MA 109 -34.73 -63.64 11.22
CA ASP MA 109 -35.92 -63.31 10.42
C ASP MA 109 -35.60 -63.32 8.92
N GLN MA 110 -34.43 -62.79 8.54
CA GLN MA 110 -34.02 -62.82 7.14
C GLN MA 110 -33.93 -64.26 6.63
N GLU MA 111 -33.32 -65.15 7.42
CA GLU MA 111 -33.17 -66.53 6.99
C GLU MA 111 -34.53 -67.22 6.87
N LEU MA 112 -35.45 -66.93 7.79
CA LEU MA 112 -36.78 -67.51 7.70
C LEU MA 112 -37.49 -67.05 6.43
N ASP MA 113 -37.37 -65.77 6.10
CA ASP MA 113 -37.96 -65.29 4.85
C ASP MA 113 -37.33 -65.98 3.64
N ASP MA 114 -36.01 -66.17 3.69
CA ASP MA 114 -35.32 -66.86 2.59
C ASP MA 114 -35.87 -68.27 2.41
N ALA MA 115 -36.04 -69.00 3.52
CA ALA MA 115 -36.56 -70.36 3.43
C ALA MA 115 -37.98 -70.37 2.90
N LEU MA 116 -38.81 -69.43 3.36
CA LEU MA 116 -40.19 -69.36 2.89
C LEU MA 116 -40.24 -69.11 1.39
N LYS MA 117 -39.41 -68.19 0.89
CA LYS MA 117 -39.39 -67.94 -0.55
C LYS MA 117 -38.85 -69.13 -1.32
N GLN MA 118 -37.81 -69.79 -0.80
CA GLN MA 118 -37.23 -70.95 -1.48
C GLN MA 118 -38.22 -72.09 -1.58
N GLY MA 119 -39.09 -72.25 -0.58
CA GLY MA 119 -40.12 -73.26 -0.66
C GLY MA 119 -41.17 -72.94 -1.70
N ILE MA 120 -42.36 -73.53 -1.58
CA ILE MA 120 -43.46 -73.22 -2.48
C ILE MA 120 -44.03 -71.86 -2.09
N SER MA 121 -43.72 -70.84 -2.88
CA SER MA 121 -44.21 -69.49 -2.62
C SER MA 121 -45.53 -69.30 -3.35
N ILE MA 122 -46.01 -68.06 -3.41
CA ILE MA 122 -47.21 -67.69 -4.14
C ILE MA 122 -46.81 -66.87 -5.35
N ASP MA 123 -47.21 -67.32 -6.54
CA ASP MA 123 -46.94 -66.57 -7.75
C ASP MA 123 -47.81 -65.32 -7.78
N THR MA 124 -47.19 -64.18 -8.05
CA THR MA 124 -47.92 -62.93 -8.06
C THR MA 124 -48.70 -62.71 -9.36
N SER MA 125 -48.48 -63.55 -10.37
CA SER MA 125 -49.11 -63.34 -11.67
C SER MA 125 -50.63 -63.37 -11.57
N THR MA 126 -51.16 -64.35 -10.82
CA THR MA 126 -52.59 -64.42 -10.56
C THR MA 126 -52.89 -64.68 -9.09
N GLY MA 127 -51.94 -64.42 -8.20
CA GLY MA 127 -52.12 -64.70 -6.79
C GLY MA 127 -52.33 -66.16 -6.48
N VAL MA 128 -51.58 -67.04 -7.14
CA VAL MA 128 -51.76 -68.48 -6.98
C VAL MA 128 -50.42 -69.11 -6.59
N PRO MA 129 -50.46 -70.23 -5.89
CA PRO MA 129 -49.20 -70.91 -5.53
C PRO MA 129 -48.44 -71.36 -6.76
N THR MA 130 -47.12 -71.41 -6.63
CA THR MA 130 -46.24 -71.88 -7.69
C THR MA 130 -45.14 -72.76 -7.11
N LEU MA 131 -44.76 -73.79 -7.86
CA LEU MA 131 -43.59 -74.59 -7.53
C LEU MA 131 -42.31 -74.07 -8.17
N ASN MA 132 -42.41 -73.03 -9.01
CA ASN MA 132 -41.26 -72.48 -9.72
C ASN MA 132 -40.52 -73.55 -10.50
N SER MA 133 -41.29 -74.32 -11.28
CA SER MA 133 -40.76 -75.33 -12.19
C SER MA 133 -40.00 -76.43 -11.45
N GLN MA 134 -40.60 -76.94 -10.38
CA GLN MA 134 -40.08 -78.08 -9.65
C GLN MA 134 -40.97 -79.30 -9.88
N ARG MA 135 -40.63 -80.40 -9.20
CA ARG MA 135 -41.39 -81.64 -9.26
C ARG MA 135 -41.81 -82.02 -7.86
N LEU MA 136 -43.11 -82.04 -7.60
CA LEU MA 136 -43.59 -82.49 -6.30
C LEU MA 136 -43.24 -83.96 -6.11
N SER MA 137 -42.63 -84.26 -4.96
CA SER MA 137 -42.09 -85.59 -4.71
C SER MA 137 -42.57 -86.10 -3.36
N ASN MA 138 -42.56 -87.43 -3.23
CA ASN MA 138 -42.91 -88.11 -1.98
C ASN MA 138 -44.32 -87.75 -1.53
N VAL MA 139 -45.30 -88.08 -2.38
CA VAL MA 139 -46.71 -87.89 -2.09
C VAL MA 139 -47.35 -89.26 -1.98
N SER MA 140 -48.09 -89.48 -0.89
CA SER MA 140 -48.72 -90.77 -0.67
C SER MA 140 -49.80 -91.03 -1.73
N ASP MA 141 -50.16 -92.30 -1.88
CA ASP MA 141 -51.16 -92.69 -2.86
C ASP MA 141 -52.49 -92.05 -2.50
N PRO MA 142 -53.09 -91.27 -3.40
CA PRO MA 142 -54.31 -90.52 -3.04
C PRO MA 142 -55.50 -91.44 -2.80
N VAL MA 143 -56.35 -91.03 -1.86
CA VAL MA 143 -57.54 -91.79 -1.47
C VAL MA 143 -58.80 -90.93 -1.55
N ASN MA 144 -58.74 -89.72 -1.01
CA ASN MA 144 -59.90 -88.85 -0.88
C ASN MA 144 -60.38 -88.44 -2.28
N ALA MA 145 -61.55 -87.80 -2.35
CA ALA MA 145 -62.14 -87.43 -3.63
C ALA MA 145 -61.58 -86.14 -4.23
N GLN MA 146 -60.65 -85.47 -3.54
CA GLN MA 146 -60.12 -84.21 -4.04
C GLN MA 146 -58.60 -84.11 -3.94
N ASP MA 147 -57.90 -85.24 -3.94
CA ASP MA 147 -56.44 -85.17 -3.92
C ASP MA 147 -55.91 -84.75 -5.29
N ALA MA 148 -54.58 -84.75 -5.39
CA ALA MA 148 -53.93 -84.72 -6.68
C ALA MA 148 -53.60 -86.14 -7.13
N VAL MA 149 -53.29 -86.30 -8.42
CA VAL MA 149 -52.96 -87.59 -8.99
C VAL MA 149 -51.45 -87.68 -9.16
N THR MA 150 -50.91 -88.88 -8.98
CA THR MA 150 -49.49 -89.14 -9.12
C THR MA 150 -49.24 -90.01 -10.33
N LYS MA 151 -48.03 -89.89 -10.90
CA LYS MA 151 -47.69 -90.68 -12.07
C LYS MA 151 -47.69 -92.17 -11.73
N ALA MA 152 -47.23 -92.53 -10.55
CA ALA MA 152 -47.23 -93.94 -10.15
C ALA MA 152 -48.65 -94.47 -10.03
N TYR MA 153 -49.56 -93.68 -9.44
CA TYR MA 153 -50.94 -94.13 -9.28
C TYR MA 153 -51.66 -94.17 -10.62
N LEU MA 154 -51.28 -93.30 -11.55
CA LEU MA 154 -51.88 -93.32 -12.89
C LEU MA 154 -51.37 -94.52 -13.69
N GLU MA 155 -50.08 -94.83 -13.59
CA GLU MA 155 -49.47 -95.85 -14.42
C GLU MA 155 -49.49 -97.24 -13.78
N ARG MA 156 -49.92 -97.37 -12.53
CA ARG MA 156 -50.02 -98.69 -11.92
C ARG MA 156 -51.09 -99.50 -12.64
N SER MA 157 -50.77 -100.77 -12.89
CA SER MA 157 -51.51 -101.56 -13.88
C SER MA 157 -52.99 -101.62 -13.53
N GLY MA 158 -53.84 -101.37 -14.53
CA GLY MA 158 -55.27 -101.32 -14.35
C GLY MA 158 -55.81 -100.07 -13.70
N SER MA 159 -54.99 -99.03 -13.55
CA SER MA 159 -55.45 -97.80 -12.90
C SER MA 159 -56.62 -97.18 -13.64
N ILE MA 160 -56.55 -97.11 -14.97
CA ILE MA 160 -57.63 -96.61 -15.79
C ILE MA 160 -58.77 -97.62 -15.76
N THR MA 161 -59.99 -97.11 -15.62
CA THR MA 161 -61.19 -97.93 -15.59
C THR MA 161 -62.08 -97.55 -16.77
N SER MA 162 -63.24 -98.20 -16.84
CA SER MA 162 -64.15 -97.99 -17.96
C SER MA 162 -64.65 -96.55 -18.00
N THR MA 163 -65.03 -96.00 -16.85
CA THR MA 163 -65.47 -94.61 -16.80
C THR MA 163 -64.33 -93.64 -17.09
N GLN MA 164 -63.09 -94.06 -16.89
CA GLN MA 164 -61.92 -93.24 -17.19
C GLN MA 164 -61.61 -93.18 -18.68
N ILE MA 165 -62.52 -93.61 -19.54
CA ILE MA 165 -62.31 -93.67 -20.98
C ILE MA 165 -63.36 -92.79 -21.65
N LEU MA 166 -62.91 -91.90 -22.52
CA LEU MA 166 -63.78 -91.19 -23.43
C LEU MA 166 -63.57 -91.71 -24.84
N ASN MA 167 -64.66 -91.74 -25.60
CA ASN MA 167 -64.68 -92.32 -26.93
C ASN MA 167 -63.97 -91.39 -27.93
N GLY MA 168 -63.82 -91.88 -29.16
CA GLY MA 168 -63.46 -91.05 -30.29
C GLY MA 168 -62.01 -91.15 -30.74
N THR MA 169 -61.12 -91.69 -29.90
CA THR MA 169 -59.69 -91.69 -30.22
C THR MA 169 -59.10 -93.08 -30.03
N ILE MA 170 -59.77 -94.10 -30.57
CA ILE MA 170 -59.18 -95.44 -30.68
C ILE MA 170 -58.39 -95.43 -32.00
N VAL MA 171 -57.14 -94.99 -31.92
CA VAL MA 171 -56.35 -94.77 -33.13
C VAL MA 171 -55.93 -96.11 -33.74
N ASP MA 172 -55.76 -96.11 -35.06
CA ASP MA 172 -55.40 -97.33 -35.76
C ASP MA 172 -53.90 -97.56 -35.78
N ALA MA 173 -53.10 -96.48 -35.67
CA ALA MA 173 -51.65 -96.63 -35.70
C ALA MA 173 -51.15 -97.44 -34.52
N ASP MA 174 -51.72 -97.21 -33.34
CA ASP MA 174 -51.30 -97.90 -32.12
C ASP MA 174 -52.07 -99.18 -31.86
N ILE MA 175 -53.02 -99.54 -32.72
CA ILE MA 175 -53.77 -100.78 -32.54
C ILE MA 175 -52.82 -101.96 -32.74
N ASN MA 176 -52.81 -102.89 -31.78
CA ASN MA 176 -51.91 -104.02 -31.84
C ASN MA 176 -52.36 -105.00 -32.92
N ALA MA 177 -51.42 -105.40 -33.78
CA ALA MA 177 -51.72 -106.39 -34.81
C ALA MA 177 -51.78 -107.80 -34.25
N SER MA 178 -50.98 -108.09 -33.23
CA SER MA 178 -50.91 -109.42 -32.63
C SER MA 178 -51.89 -109.62 -31.48
N ALA MA 179 -52.72 -108.62 -31.18
CA ALA MA 179 -53.67 -108.74 -30.09
C ALA MA 179 -54.71 -109.82 -30.40
N ALA MA 180 -55.05 -110.60 -29.38
CA ALA MA 180 -56.04 -111.67 -29.49
C ALA MA 180 -57.36 -111.15 -28.92
N ILE MA 181 -58.27 -110.77 -29.80
CA ILE MA 181 -59.57 -110.22 -29.41
C ILE MA 181 -60.65 -111.16 -29.92
N ALA MA 182 -61.47 -111.66 -28.99
CA ALA MA 182 -62.54 -112.59 -29.35
C ALA MA 182 -63.61 -111.87 -30.18
N LYS MA 183 -64.18 -112.60 -31.14
CA LYS MA 183 -65.16 -112.01 -32.05
C LYS MA 183 -66.48 -111.70 -31.37
N SER MA 184 -66.77 -112.30 -30.22
CA SER MA 184 -68.02 -112.02 -29.52
C SER MA 184 -68.09 -110.57 -29.06
N LYS MA 185 -66.97 -110.04 -28.56
CA LYS MA 185 -66.93 -108.67 -28.06
C LYS MA 185 -66.82 -107.63 -29.17
N LEU MA 186 -66.72 -108.06 -30.43
CA LEU MA 186 -66.46 -107.17 -31.54
C LEU MA 186 -67.76 -106.73 -32.22
N ALA MA 187 -67.63 -105.73 -33.08
CA ALA MA 187 -68.76 -105.13 -33.77
C ALA MA 187 -68.98 -105.83 -35.11
N ALA MA 188 -69.85 -105.27 -35.95
CA ALA MA 188 -70.22 -105.89 -37.23
C ALA MA 188 -70.31 -104.81 -38.31
N LEU MA 189 -69.29 -104.71 -39.15
CA LEU MA 189 -69.29 -103.74 -40.23
C LEU MA 189 -70.45 -104.03 -41.19
N ASN MA 190 -71.15 -102.97 -41.59
CA ASN MA 190 -72.31 -103.09 -42.47
C ASN MA 190 -71.85 -102.96 -43.92
N ILE MA 191 -71.37 -104.08 -44.46
CA ILE MA 191 -70.92 -104.13 -45.84
C ILE MA 191 -72.15 -104.21 -46.74
N VAL MA 192 -72.41 -103.15 -47.50
CA VAL MA 192 -73.57 -103.10 -48.37
C VAL MA 192 -73.43 -104.10 -49.50
N MET NA 1 -86.60 9.39 -3.71
CA MET NA 1 -85.81 10.52 -4.19
C MET NA 1 -84.49 10.05 -4.81
N ALA NA 2 -83.78 10.96 -5.45
CA ALA NA 2 -82.48 10.66 -6.01
C ALA NA 2 -81.46 10.53 -4.88
N PHE NA 3 -81.03 9.29 -4.60
CA PHE NA 3 -80.14 9.06 -3.47
C PHE NA 3 -78.81 9.75 -3.66
N ALA NA 4 -78.14 9.52 -4.79
CA ALA NA 4 -76.77 9.98 -4.97
C ALA NA 4 -76.55 10.53 -6.38
N GLN NA 5 -77.49 11.34 -6.87
CA GLN NA 5 -77.28 11.99 -8.16
C GLN NA 5 -78.16 13.22 -8.25
N ARG NA 6 -77.56 14.35 -8.60
CA ARG NA 6 -78.27 15.61 -8.74
C ARG NA 6 -77.97 16.18 -10.12
N ILE NA 7 -79.01 16.45 -10.89
CA ILE NA 7 -78.88 17.01 -12.24
C ILE NA 7 -79.57 18.36 -12.28
N ILE NA 8 -78.87 19.36 -12.81
CA ILE NA 8 -79.35 20.74 -12.81
C ILE NA 8 -79.09 21.35 -14.17
N THR NA 9 -80.07 22.12 -14.66
CA THR NA 9 -79.92 22.90 -15.88
C THR NA 9 -79.43 24.30 -15.51
N SER NA 10 -78.24 24.65 -16.01
CA SER NA 10 -77.61 25.91 -15.62
C SER NA 10 -78.46 27.09 -16.05
N ASN NA 11 -78.81 27.94 -15.09
CA ASN NA 11 -79.74 29.03 -15.36
C ASN NA 11 -79.12 30.12 -16.22
N SER NA 12 -77.90 30.54 -15.88
CA SER NA 12 -77.27 31.66 -16.56
C SER NA 12 -75.80 31.37 -16.82
N ALA NA 13 -75.28 31.96 -17.88
CA ALA NA 13 -73.86 31.81 -18.19
C ALA NA 13 -73.01 32.54 -17.16
N GLY NA 14 -71.82 32.01 -16.92
CA GLY NA 14 -70.90 32.58 -15.96
C GLY NA 14 -71.02 32.02 -14.55
N ASP NA 15 -72.03 31.20 -14.28
CA ASP NA 15 -72.15 30.59 -12.97
C ASP NA 15 -71.04 29.57 -12.73
N GLN NA 16 -70.61 29.46 -11.47
CA GLN NA 16 -69.52 28.57 -11.12
C GLN NA 16 -69.75 27.74 -9.87
N GLU NA 17 -70.80 28.00 -9.10
CA GLU NA 17 -71.04 27.29 -7.84
C GLU NA 17 -72.33 26.49 -7.94
N PHE NA 18 -72.24 25.20 -7.62
CA PHE NA 18 -73.38 24.32 -7.56
C PHE NA 18 -73.31 23.51 -6.27
N THR NA 19 -74.46 23.02 -5.82
CA THR NA 19 -74.57 22.37 -4.52
C THR NA 19 -75.01 20.91 -4.69
N PHE NA 20 -74.72 20.12 -3.65
CA PHE NA 20 -75.17 18.74 -3.58
C PHE NA 20 -75.32 18.35 -2.12
N THR NA 21 -76.11 17.30 -1.88
CA THR NA 21 -76.49 16.92 -0.54
C THR NA 21 -76.19 15.47 -0.17
N PHE NA 22 -75.91 14.60 -1.14
CA PHE NA 22 -75.65 13.21 -0.82
C PHE NA 22 -74.34 13.05 -0.08
N ASP NA 23 -74.25 12.01 0.74
CA ASP NA 23 -73.03 11.71 1.46
C ASP NA 23 -72.02 11.04 0.53
N TYR NA 24 -70.77 10.99 0.99
CA TYR NA 24 -69.71 10.36 0.21
C TYR NA 24 -68.62 9.90 1.17
N ILE NA 25 -67.76 9.03 0.66
CA ILE NA 25 -66.66 8.46 1.44
C ILE NA 25 -65.35 9.18 1.18
N LYS NA 26 -65.04 9.46 -0.08
CA LYS NA 26 -63.80 10.10 -0.46
C LYS NA 26 -64.08 11.26 -1.42
N GLU NA 27 -63.20 12.26 -1.37
CA GLU NA 27 -63.35 13.43 -2.23
C GLU NA 27 -63.19 13.11 -3.70
N GLU NA 28 -62.64 11.94 -4.04
CA GLU NA 28 -62.45 11.54 -5.43
C GLU NA 28 -63.59 10.69 -5.96
N HIS NA 29 -64.61 10.44 -5.15
CA HIS NA 29 -65.75 9.63 -5.58
C HIS NA 29 -66.88 10.47 -6.17
N ILE NA 30 -66.63 11.74 -6.48
CA ILE NA 30 -67.65 12.61 -7.07
C ILE NA 30 -67.24 12.93 -8.49
N LYS NA 31 -68.12 12.66 -9.45
CA LYS NA 31 -67.91 12.97 -10.85
C LYS NA 31 -68.91 14.03 -11.29
N VAL NA 32 -68.46 14.95 -12.13
CA VAL NA 32 -69.31 15.99 -12.68
C VAL NA 32 -69.19 15.97 -14.19
N PHE NA 33 -70.31 16.04 -14.89
CA PHE NA 33 -70.36 16.04 -16.34
C PHE NA 33 -71.00 17.32 -16.82
N VAL NA 34 -70.41 17.92 -17.86
CA VAL NA 34 -70.91 19.15 -18.46
C VAL NA 34 -71.22 18.86 -19.92
N ASN NA 35 -72.48 19.06 -20.30
CA ASN NA 35 -73.00 18.75 -21.64
C ASN NA 35 -72.40 17.46 -22.20
N PHE NA 36 -72.54 16.40 -21.40
CA PHE NA 36 -72.07 15.05 -21.75
C PHE NA 36 -70.57 14.96 -21.96
N VAL NA 37 -69.80 15.83 -21.32
CA VAL NA 37 -68.34 15.81 -21.42
C VAL NA 37 -67.78 15.67 -20.00
N GLU NA 38 -66.87 14.72 -19.83
CA GLU NA 38 -66.32 14.41 -18.51
C GLU NA 38 -65.27 15.46 -18.13
N LYS NA 39 -65.29 15.86 -16.87
CA LYS NA 39 -64.36 16.86 -16.35
C LYS NA 39 -63.50 16.24 -15.26
N ALA NA 40 -62.23 16.66 -15.21
CA ALA NA 40 -61.26 16.08 -14.29
C ALA NA 40 -61.27 16.81 -12.95
N GLN NA 41 -60.98 16.05 -11.90
CA GLN NA 41 -60.93 16.56 -10.54
C GLN NA 41 -59.54 17.11 -10.24
N GLY NA 42 -59.48 17.98 -9.25
CA GLY NA 42 -58.21 18.50 -8.77
C GLY NA 42 -58.34 19.98 -8.46
N THR NA 43 -57.18 20.62 -8.29
CA THR NA 43 -57.10 22.02 -7.90
C THR NA 43 -56.15 22.74 -8.84
N GLY NA 44 -56.55 23.92 -9.31
CA GLY NA 44 -55.73 24.70 -10.20
C GLY NA 44 -56.25 24.70 -11.62
N SER NA 45 -55.43 24.25 -12.57
CA SER NA 45 -55.88 24.14 -13.95
C SER NA 45 -56.98 23.10 -14.11
N ASN NA 46 -57.17 22.24 -13.10
CA ASN NA 46 -58.31 21.33 -13.11
C ASN NA 46 -59.59 22.13 -13.17
N GLU NA 47 -60.51 21.72 -14.05
CA GLU NA 47 -61.65 22.56 -14.37
C GLU NA 47 -62.74 22.53 -13.32
N PHE NA 48 -62.59 21.78 -12.23
CA PHE NA 48 -63.54 21.87 -11.14
C PHE NA 48 -62.88 21.43 -9.84
N GLN NA 49 -63.26 22.09 -8.75
CA GLN NA 49 -62.77 21.78 -7.42
C GLN NA 49 -63.96 21.68 -6.46
N VAL NA 50 -63.75 21.01 -5.34
CA VAL NA 50 -64.80 20.80 -4.35
C VAL NA 50 -64.52 21.67 -3.14
N ILE NA 51 -65.60 22.11 -2.49
CA ILE NA 51 -65.54 22.96 -1.31
C ILE NA 51 -66.32 22.28 -0.20
N THR NA 52 -65.71 22.15 0.98
CA THR NA 52 -66.29 21.36 2.06
C THR NA 52 -66.52 22.14 3.35
N ASN NA 53 -66.10 23.41 3.42
CA ASN NA 53 -66.21 24.17 4.66
C ASN NA 53 -67.57 24.80 4.87
N THR NA 54 -68.60 24.38 4.11
CA THR NA 54 -69.92 24.99 4.20
C THR NA 54 -70.98 23.91 4.03
N THR NA 55 -72.05 24.03 4.81
CA THR NA 55 -73.20 23.15 4.68
C THR NA 55 -74.28 23.87 3.88
N PRO NA 56 -74.76 23.31 2.78
CA PRO NA 56 -74.41 22.01 2.18
C PRO NA 56 -73.09 22.07 1.41
N LYS NA 57 -72.49 20.91 1.14
CA LYS NA 57 -71.27 20.86 0.36
C LYS NA 57 -71.53 21.39 -1.05
N LYS NA 58 -70.53 22.04 -1.62
CA LYS NA 58 -70.66 22.61 -2.96
C LYS NA 58 -69.37 22.39 -3.74
N ILE NA 59 -69.52 22.22 -5.05
CA ILE NA 59 -68.39 22.12 -5.97
C ILE NA 59 -68.29 23.43 -6.74
N SER NA 60 -67.11 23.68 -7.30
CA SER NA 60 -66.83 24.94 -7.99
C SER NA 60 -66.17 24.66 -9.32
N LEU NA 61 -66.88 24.90 -10.41
CA LEU NA 61 -66.26 24.87 -11.72
C LEU NA 61 -65.20 25.95 -11.82
N ASN NA 62 -64.10 25.65 -12.51
CA ASN NA 62 -63.00 26.59 -12.64
C ASN NA 62 -63.14 27.52 -13.84
N THR NA 63 -64.21 27.39 -14.61
CA THR NA 63 -64.45 28.27 -15.75
C THR NA 63 -65.96 28.38 -15.96
N GLY NA 64 -66.45 29.60 -16.15
CA GLY NA 64 -67.87 29.80 -16.29
C GLY NA 64 -68.43 29.18 -17.55
N LEU NA 65 -69.73 28.92 -17.52
CA LEU NA 65 -70.40 28.30 -18.65
C LEU NA 65 -70.48 29.27 -19.82
N SER NA 66 -70.23 28.75 -21.03
CA SER NA 66 -70.31 29.59 -22.21
C SER NA 66 -71.74 30.03 -22.49
N ALA NA 67 -72.69 29.09 -22.47
CA ALA NA 67 -74.08 29.38 -22.75
C ALA NA 67 -74.96 28.79 -21.65
N ASP NA 68 -76.04 29.50 -21.34
CA ASP NA 68 -76.96 29.06 -20.31
C ASP NA 68 -77.79 27.88 -20.81
N ASN NA 69 -78.58 27.31 -19.89
CA ASN NA 69 -79.35 26.09 -20.17
C ASN NA 69 -78.45 24.96 -20.67
N THR NA 70 -77.30 24.82 -20.03
CA THR NA 70 -76.39 23.71 -20.29
C THR NA 70 -76.39 22.79 -19.08
N ARG NA 71 -76.72 21.52 -19.31
CA ARG NA 71 -76.93 20.59 -18.21
C ARG NA 71 -75.63 20.33 -17.46
N VAL NA 72 -75.74 20.22 -16.15
CA VAL NA 72 -74.62 19.88 -15.27
C VAL NA 72 -75.10 18.80 -14.32
N GLU NA 73 -74.39 17.68 -14.27
CA GLU NA 73 -74.80 16.54 -13.48
C GLU NA 73 -73.74 16.20 -12.45
N ILE NA 74 -74.17 15.77 -11.28
CA ILE NA 74 -73.31 15.32 -10.20
C ILE NA 74 -73.74 13.92 -9.81
N ARG NA 75 -72.78 13.00 -9.74
CA ARG NA 75 -73.11 11.63 -9.38
C ARG NA 75 -71.96 11.03 -8.58
N ARG NA 76 -72.32 10.21 -7.59
CA ARG NA 76 -71.35 9.49 -6.77
C ARG NA 76 -71.25 8.05 -7.26
N VAL NA 77 -70.03 7.62 -7.56
CA VAL NA 77 -69.78 6.23 -7.94
C VAL NA 77 -68.69 5.71 -7.01
N SER NA 78 -69.05 4.74 -6.17
CA SER NA 78 -68.07 4.10 -5.32
C SER NA 78 -67.25 3.12 -6.13
N SER NA 79 -66.15 2.66 -5.53
CA SER NA 79 -65.27 1.73 -6.22
C SER NA 79 -66.01 0.42 -6.51
N LEU NA 80 -66.04 0.05 -7.79
CA LEU NA 80 -66.66 -1.20 -8.22
C LEU NA 80 -65.66 -2.29 -8.53
N SER NA 81 -64.46 -1.93 -8.98
CA SER NA 81 -63.44 -2.93 -9.30
C SER NA 81 -62.57 -3.29 -8.13
N THR NA 82 -62.28 -2.34 -7.24
CA THR NA 82 -61.37 -2.57 -6.12
C THR NA 82 -62.15 -2.51 -4.81
N PRO NA 83 -62.18 -3.58 -4.02
CA PRO NA 83 -62.82 -3.52 -2.71
C PRO NA 83 -62.10 -2.53 -1.81
N LEU NA 84 -62.86 -1.86 -0.96
CA LEU NA 84 -62.29 -0.86 -0.06
C LEU NA 84 -61.54 -1.47 1.12
N VAL NA 85 -61.79 -2.73 1.44
CA VAL NA 85 -61.11 -3.41 2.54
C VAL NA 85 -60.56 -4.74 2.04
N ASP NA 86 -59.39 -5.12 2.54
CA ASP NA 86 -58.77 -6.40 2.20
C ASP NA 86 -58.13 -6.94 3.46
N PHE NA 87 -58.77 -7.95 4.06
CA PHE NA 87 -58.31 -8.45 5.35
C PHE NA 87 -57.01 -9.21 5.21
N ALA NA 88 -56.06 -8.92 6.10
CA ALA NA 88 -54.77 -9.57 6.12
C ALA NA 88 -54.49 -10.08 7.53
N ASP NA 89 -53.90 -11.27 7.61
CA ASP NA 89 -53.65 -11.90 8.90
C ASP NA 89 -52.62 -11.12 9.70
N GLY NA 90 -52.81 -11.08 11.02
CA GLY NA 90 -51.92 -10.38 11.91
C GLY NA 90 -52.40 -9.02 12.37
N SER NA 91 -53.45 -8.48 11.76
CA SER NA 91 -53.96 -7.17 12.13
C SER NA 91 -54.88 -7.26 13.34
N THR NA 92 -55.14 -6.11 13.95
CA THR NA 92 -56.08 -6.00 15.06
C THR NA 92 -57.42 -5.55 14.49
N LEU NA 93 -58.37 -6.48 14.41
CA LEU NA 93 -59.68 -6.17 13.84
C LEU NA 93 -60.37 -5.10 14.66
N THR NA 94 -60.91 -4.09 13.97
CA THR NA 94 -61.59 -2.97 14.61
C THR NA 94 -62.93 -2.75 13.91
N ALA NA 95 -63.85 -2.12 14.65
CA ALA NA 95 -65.19 -1.87 14.12
C ALA NA 95 -65.18 -0.93 12.92
N ALA NA 96 -64.15 -0.12 12.76
CA ALA NA 96 -64.11 0.83 11.65
C ALA NA 96 -64.09 0.12 10.31
N ASP NA 97 -63.31 -0.96 10.19
CA ASP NA 97 -63.23 -1.69 8.93
C ASP NA 97 -64.58 -2.27 8.55
N LEU NA 98 -65.26 -2.90 9.52
CA LEU NA 98 -66.57 -3.48 9.25
C LEU NA 98 -67.58 -2.42 8.87
N ASP NA 99 -67.57 -1.28 9.59
CA ASP NA 99 -68.50 -0.20 9.25
C ASP NA 99 -68.24 0.34 7.86
N THR NA 100 -66.97 0.50 7.49
CA THR NA 100 -66.64 1.01 6.16
C THR NA 100 -67.08 0.04 5.08
N ALA NA 101 -66.89 -1.27 5.31
CA ALA NA 101 -67.36 -2.25 4.34
C ALA NA 101 -68.87 -2.19 4.18
N GLU NA 102 -69.59 -2.10 5.29
CA GLU NA 102 -71.05 -1.99 5.23
C GLU NA 102 -71.48 -0.76 4.46
N LYS NA 103 -70.84 0.39 4.74
CA LYS NA 103 -71.19 1.62 4.05
C LYS NA 103 -70.90 1.53 2.56
N GLN NA 104 -69.77 0.92 2.19
CA GLN NA 104 -69.45 0.79 0.78
C GLN NA 104 -70.48 -0.07 0.06
N SER NA 105 -70.87 -1.20 0.66
CA SER NA 105 -71.88 -2.03 0.04
C SER NA 105 -73.20 -1.29 -0.12
N LEU NA 106 -73.62 -0.58 0.95
CA LEU NA 106 -74.89 0.14 0.88
C LEU NA 106 -74.85 1.23 -0.17
N PHE NA 107 -73.73 1.96 -0.27
CA PHE NA 107 -73.63 3.03 -1.26
C PHE NA 107 -73.64 2.48 -2.68
N ILE NA 108 -72.97 1.35 -2.91
CA ILE NA 108 -73.01 0.74 -4.24
C ILE NA 108 -74.44 0.35 -4.60
N ASP NA 109 -75.15 -0.28 -3.66
CA ASP NA 109 -76.52 -0.68 -3.94
C ASP NA 109 -77.41 0.53 -4.22
N GLN NA 110 -77.25 1.60 -3.43
CA GLN NA 110 -78.02 2.81 -3.65
C GLN NA 110 -77.75 3.41 -5.02
N GLU NA 111 -76.48 3.46 -5.42
CA GLU NA 111 -76.14 4.02 -6.72
C GLU NA 111 -76.74 3.19 -7.85
N LEU NA 112 -76.68 1.86 -7.74
CA LEU NA 112 -77.26 1.02 -8.78
C LEU NA 112 -78.76 1.22 -8.88
N ASP NA 113 -79.45 1.28 -7.73
CA ASP NA 113 -80.90 1.49 -7.75
C ASP NA 113 -81.24 2.84 -8.36
N ASP NA 114 -80.48 3.89 -8.01
CA ASP NA 114 -80.76 5.21 -8.57
C ASP NA 114 -80.52 5.22 -10.07
N ALA NA 115 -79.48 4.54 -10.55
CA ALA NA 115 -79.25 4.49 -11.98
C ALA NA 115 -80.40 3.79 -12.69
N LEU NA 116 -80.86 2.66 -12.15
CA LEU NA 116 -81.98 1.96 -12.76
C LEU NA 116 -83.23 2.83 -12.79
N LYS NA 117 -83.52 3.54 -11.69
CA LYS NA 117 -84.69 4.40 -11.66
C LYS NA 117 -84.58 5.56 -12.64
N GLN NA 118 -83.40 6.18 -12.73
CA GLN NA 118 -83.19 7.24 -13.70
C GLN NA 118 -83.35 6.73 -15.12
N GLY NA 119 -83.05 5.46 -15.35
CA GLY NA 119 -83.30 4.86 -16.65
C GLY NA 119 -84.79 4.71 -16.91
N ILE NA 120 -85.16 3.75 -17.75
CA ILE NA 120 -86.55 3.55 -18.12
C ILE NA 120 -87.23 2.84 -16.96
N SER NA 121 -87.92 3.61 -16.11
CA SER NA 121 -88.55 3.09 -14.91
C SER NA 121 -89.92 2.50 -15.23
N ILE NA 122 -90.44 1.73 -14.28
CA ILE NA 122 -91.68 0.98 -14.49
C ILE NA 122 -92.86 1.95 -14.49
N ASP NA 123 -93.78 1.76 -15.44
CA ASP NA 123 -95.07 2.43 -15.40
C ASP NA 123 -96.00 1.55 -14.58
N THR NA 124 -96.27 1.98 -13.35
CA THR NA 124 -96.99 1.15 -12.40
C THR NA 124 -98.40 0.83 -12.88
N SER NA 125 -99.10 1.83 -13.42
CA SER NA 125 -100.50 1.64 -13.80
C SER NA 125 -100.69 0.66 -14.94
N THR NA 126 -99.66 0.47 -15.78
CA THR NA 126 -99.80 -0.42 -16.94
C THR NA 126 -98.91 -1.65 -16.83
N GLY NA 127 -97.62 -1.48 -16.61
CA GLY NA 127 -96.72 -2.61 -16.48
C GLY NA 127 -95.46 -2.52 -17.30
N VAL NA 128 -95.54 -1.99 -18.51
CA VAL NA 128 -94.30 -1.75 -19.27
C VAL NA 128 -93.52 -0.64 -18.57
N PRO NA 129 -92.20 -0.78 -18.41
CA PRO NA 129 -91.39 0.35 -17.92
C PRO NA 129 -91.61 1.58 -18.78
N THR NA 130 -92.13 2.64 -18.16
CA THR NA 130 -92.42 3.88 -18.87
C THR NA 130 -91.14 4.58 -19.28
N LEU NA 131 -91.18 5.21 -20.45
CA LEU NA 131 -90.07 6.05 -20.88
C LEU NA 131 -90.00 7.33 -20.07
N ASN NA 132 -91.13 7.77 -19.52
CA ASN NA 132 -91.21 8.95 -18.65
C ASN NA 132 -90.74 10.21 -19.38
N SER NA 133 -91.48 10.57 -20.43
CA SER NA 133 -91.34 11.84 -21.13
C SER NA 133 -89.93 12.03 -21.71
N GLN NA 134 -89.57 11.13 -22.61
CA GLN NA 134 -88.32 11.23 -23.34
C GLN NA 134 -88.51 10.68 -24.75
N ARG NA 135 -87.56 11.01 -25.62
CA ARG NA 135 -87.64 10.63 -27.03
C ARG NA 135 -86.66 9.49 -27.30
N LEU NA 136 -87.11 8.27 -27.08
CA LEU NA 136 -86.29 7.08 -27.31
C LEU NA 136 -85.68 7.13 -28.71
N SER NA 137 -84.37 6.94 -28.79
CA SER NA 137 -83.67 7.15 -30.04
C SER NA 137 -82.48 6.19 -30.11
N ASN NA 138 -81.59 6.45 -31.07
CA ASN NA 138 -80.40 5.64 -31.31
C ASN NA 138 -80.77 4.18 -31.60
N VAL NA 139 -81.93 3.99 -32.24
CA VAL NA 139 -82.36 2.70 -32.72
C VAL NA 139 -82.16 2.68 -34.22
N SER NA 140 -81.51 1.62 -34.71
CA SER NA 140 -81.18 1.53 -36.14
C SER NA 140 -82.45 1.36 -36.98
N ASP NA 141 -82.29 1.58 -38.28
CA ASP NA 141 -83.41 1.47 -39.19
C ASP NA 141 -83.96 0.04 -39.18
N PRO NA 142 -85.26 -0.14 -39.40
CA PRO NA 142 -85.85 -1.48 -39.27
C PRO NA 142 -85.20 -2.49 -40.20
N VAL NA 143 -84.99 -3.69 -39.68
CA VAL NA 143 -84.38 -4.78 -40.42
C VAL NA 143 -85.36 -5.94 -40.61
N ASN NA 144 -86.02 -6.36 -39.54
CA ASN NA 144 -86.99 -7.43 -39.59
C ASN NA 144 -88.40 -6.86 -39.58
N ALA NA 145 -89.39 -7.75 -39.48
CA ALA NA 145 -90.78 -7.33 -39.62
C ALA NA 145 -91.20 -6.37 -38.52
N GLN NA 146 -90.96 -6.74 -37.27
CA GLN NA 146 -91.45 -5.99 -36.12
C GLN NA 146 -90.45 -4.94 -35.63
N ASP NA 147 -89.40 -4.67 -36.42
CA ASP NA 147 -88.37 -3.73 -35.99
C ASP NA 147 -88.94 -2.32 -35.92
N ALA NA 148 -88.34 -1.50 -35.05
CA ALA NA 148 -88.82 -0.15 -34.82
C ALA NA 148 -88.57 0.73 -36.04
N VAL NA 149 -89.28 1.85 -36.08
CA VAL NA 149 -89.21 2.80 -37.18
C VAL NA 149 -88.42 4.02 -36.72
N THR NA 150 -87.54 4.50 -37.59
CA THR NA 150 -86.69 5.65 -37.30
C THR NA 150 -87.07 6.83 -38.18
N LYS NA 151 -86.50 7.99 -37.86
CA LYS NA 151 -86.77 9.19 -38.64
C LYS NA 151 -86.25 9.07 -40.05
N ALA NA 152 -84.98 8.65 -40.20
CA ALA NA 152 -84.38 8.51 -41.51
C ALA NA 152 -85.10 7.47 -42.36
N TYR NA 153 -85.47 6.33 -41.79
CA TYR NA 153 -86.22 5.32 -42.52
C TYR NA 153 -87.62 5.79 -42.90
N LEU NA 154 -88.32 6.43 -41.96
CA LEU NA 154 -89.70 6.82 -42.23
C LEU NA 154 -89.78 7.96 -43.22
N GLU NA 155 -88.78 8.83 -43.26
CA GLU NA 155 -88.72 9.91 -44.24
C GLU NA 155 -87.77 9.62 -45.38
N ARG NA 156 -87.32 8.38 -45.53
CA ARG NA 156 -86.40 8.01 -46.58
C ARG NA 156 -87.14 7.73 -47.88
N SER NA 157 -86.47 8.03 -48.99
CA SER NA 157 -87.05 7.80 -50.31
C SER NA 157 -87.20 6.31 -50.57
N GLY NA 158 -88.24 5.97 -51.35
CA GLY NA 158 -88.52 4.59 -51.70
C GLY NA 158 -89.41 3.85 -50.73
N SER NA 159 -89.79 4.46 -49.61
CA SER NA 159 -90.67 3.81 -48.65
C SER NA 159 -92.12 3.75 -49.12
N ILE NA 160 -92.46 4.45 -50.20
CA ILE NA 160 -93.83 4.44 -50.71
C ILE NA 160 -94.08 3.12 -51.41
N THR NA 161 -95.07 2.37 -50.94
CA THR NA 161 -95.45 1.09 -51.53
C THR NA 161 -96.97 1.09 -51.68
N SER NA 162 -97.54 -0.08 -51.97
CA SER NA 162 -98.94 -0.18 -52.38
C SER NA 162 -99.84 -0.88 -51.36
N THR NA 163 -99.67 -0.63 -50.06
CA THR NA 163 -100.44 -1.38 -49.07
C THR NA 163 -101.24 -0.49 -48.11
N GLN NA 164 -100.60 0.51 -47.51
CA GLN NA 164 -101.14 1.11 -46.29
C GLN NA 164 -102.20 2.19 -46.53
N ILE NA 165 -102.51 2.55 -47.77
CA ILE NA 165 -103.47 3.63 -47.98
C ILE NA 165 -104.88 3.16 -47.68
N LEU NA 166 -105.73 4.09 -47.24
CA LEU NA 166 -107.16 3.91 -47.10
C LEU NA 166 -107.86 5.01 -47.89
N ASN NA 167 -109.18 4.96 -47.93
CA ASN NA 167 -109.96 5.94 -48.66
C ASN NA 167 -110.79 6.80 -47.70
N GLY NA 168 -111.51 7.77 -48.27
CA GLY NA 168 -112.46 8.57 -47.53
C GLY NA 168 -111.95 9.89 -47.01
N THR NA 169 -110.74 10.30 -47.39
CA THR NA 169 -110.16 11.55 -46.92
C THR NA 169 -109.64 12.43 -48.03
N ILE NA 170 -109.24 11.85 -49.17
CA ILE NA 170 -108.50 12.54 -50.21
C ILE NA 170 -109.29 13.71 -50.77
N VAL NA 171 -108.69 14.90 -50.73
CA VAL NA 171 -109.32 16.16 -51.13
C VAL NA 171 -108.24 17.02 -51.77
N ASP NA 172 -108.68 18.05 -52.52
CA ASP NA 172 -107.76 18.99 -53.19
C ASP NA 172 -106.69 19.53 -52.24
N ALA NA 173 -106.97 19.56 -50.93
CA ALA NA 173 -106.23 20.36 -49.95
C ALA NA 173 -104.71 20.40 -50.14
N ASP NA 174 -104.09 19.28 -50.55
CA ASP NA 174 -102.65 19.26 -50.76
C ASP NA 174 -102.24 18.69 -52.12
N ILE NA 175 -103.18 18.50 -53.05
CA ILE NA 175 -102.82 18.05 -54.39
C ILE NA 175 -102.24 19.22 -55.17
N ASN NA 176 -101.07 19.01 -55.77
CA ASN NA 176 -100.44 20.05 -56.57
C ASN NA 176 -101.26 20.30 -57.84
N ALA NA 177 -101.81 21.52 -57.96
CA ALA NA 177 -102.56 21.88 -59.16
C ALA NA 177 -101.66 21.90 -60.38
N SER NA 178 -100.44 22.42 -60.23
CA SER NA 178 -99.50 22.51 -61.33
C SER NA 178 -98.96 21.14 -61.77
N ALA NA 179 -99.14 20.11 -60.95
CA ALA NA 179 -98.66 18.78 -61.31
C ALA NA 179 -99.46 18.21 -62.47
N ALA NA 180 -98.77 17.54 -63.38
CA ALA NA 180 -99.40 16.91 -64.54
C ALA NA 180 -99.85 15.51 -64.13
N ILE NA 181 -101.13 15.40 -63.77
CA ILE NA 181 -101.71 14.13 -63.33
C ILE NA 181 -102.21 13.38 -64.55
N ALA NA 182 -101.82 12.11 -64.68
CA ALA NA 182 -102.18 11.32 -65.85
C ALA NA 182 -103.68 11.05 -65.87
N LYS NA 183 -104.33 11.45 -66.97
CA LYS NA 183 -105.78 11.28 -67.08
C LYS NA 183 -106.18 9.81 -67.06
N SER NA 184 -105.43 8.96 -67.78
CA SER NA 184 -105.75 7.54 -67.81
C SER NA 184 -105.60 6.92 -66.43
N LYS NA 185 -104.53 7.26 -65.71
CA LYS NA 185 -104.36 6.76 -64.35
C LYS NA 185 -105.37 7.35 -63.39
N LEU NA 186 -105.97 8.49 -63.73
CA LEU NA 186 -107.06 9.01 -62.92
C LEU NA 186 -108.32 8.17 -63.12
N ALA NA 187 -109.32 8.43 -62.29
CA ALA NA 187 -110.49 7.57 -62.21
C ALA NA 187 -111.44 7.85 -63.38
N ALA NA 188 -112.64 7.29 -63.30
CA ALA NA 188 -113.65 7.42 -64.34
C ALA NA 188 -114.52 8.65 -64.08
N LEU NA 189 -115.32 9.00 -65.10
CA LEU NA 189 -116.25 10.12 -64.99
C LEU NA 189 -117.32 9.98 -66.06
N ASN NA 190 -118.58 10.11 -65.66
CA ASN NA 190 -119.71 10.10 -66.57
C ASN NA 190 -120.39 11.47 -66.51
N ILE NA 191 -120.37 12.20 -67.63
CA ILE NA 191 -121.00 13.51 -67.73
C ILE NA 191 -122.34 13.31 -68.43
N VAL NA 192 -123.41 13.29 -67.65
CA VAL NA 192 -124.75 13.10 -68.18
C VAL NA 192 -125.30 14.42 -68.71
N MET OA 1 -89.72 -17.88 -11.08
CA MET OA 1 -90.47 -17.32 -9.97
C MET OA 1 -89.73 -16.14 -9.35
N ALA OA 2 -90.46 -15.05 -9.10
CA ALA OA 2 -89.88 -13.88 -8.46
C ALA OA 2 -89.46 -14.21 -7.03
N PHE OA 3 -88.30 -13.70 -6.63
CA PHE OA 3 -87.79 -13.99 -5.30
C PHE OA 3 -88.70 -13.43 -4.21
N ALA OA 4 -89.03 -12.14 -4.29
CA ALA OA 4 -89.70 -11.46 -3.20
C ALA OA 4 -90.79 -10.53 -3.70
N GLN OA 5 -91.62 -11.00 -4.62
CA GLN OA 5 -92.75 -10.22 -5.08
C GLN OA 5 -93.85 -11.14 -5.56
N ARG OA 6 -95.10 -10.80 -5.20
CA ARG OA 6 -96.25 -11.62 -5.53
C ARG OA 6 -97.43 -10.70 -5.81
N ILE OA 7 -97.94 -10.72 -7.04
CA ILE OA 7 -99.08 -9.92 -7.44
C ILE OA 7 -100.30 -10.81 -7.53
N ILE OA 8 -101.37 -10.44 -6.84
CA ILE OA 8 -102.58 -11.25 -6.73
C ILE OA 8 -103.75 -10.45 -7.28
N THR OA 9 -104.48 -11.04 -8.22
CA THR OA 9 -105.77 -10.52 -8.67
C THR OA 9 -106.85 -11.26 -7.90
N SER OA 10 -107.59 -10.53 -7.06
CA SER OA 10 -108.52 -11.15 -6.14
C SER OA 10 -109.57 -11.97 -6.88
N ASN OA 11 -109.75 -13.22 -6.43
CA ASN OA 11 -110.75 -14.09 -7.03
C ASN OA 11 -112.16 -13.59 -6.76
N SER OA 12 -112.41 -13.08 -5.55
CA SER OA 12 -113.72 -12.60 -5.17
C SER OA 12 -113.57 -11.45 -4.17
N ALA OA 13 -114.63 -10.66 -4.05
CA ALA OA 13 -114.64 -9.56 -3.12
C ALA OA 13 -114.95 -10.04 -1.71
N GLY OA 14 -114.38 -9.34 -0.72
CA GLY OA 14 -114.60 -9.63 0.68
C GLY OA 14 -113.50 -10.43 1.34
N ASP OA 15 -112.64 -11.08 0.58
CA ASP OA 15 -111.56 -11.86 1.16
C ASP OA 15 -110.55 -10.94 1.85
N GLN OA 16 -109.90 -11.48 2.89
CA GLN OA 16 -108.95 -10.71 3.68
C GLN OA 16 -107.63 -11.44 3.95
N GLU OA 17 -107.48 -12.69 3.52
CA GLU OA 17 -106.29 -13.47 3.79
C GLU OA 17 -105.57 -13.78 2.48
N PHE OA 18 -104.31 -13.34 2.39
CA PHE OA 18 -103.46 -13.62 1.24
C PHE OA 18 -102.15 -14.22 1.75
N THR OA 19 -101.69 -15.27 1.09
CA THR OA 19 -100.49 -15.98 1.53
C THR OA 19 -99.28 -15.57 0.70
N PHE OA 20 -98.10 -15.88 1.23
CA PHE OA 20 -96.84 -15.60 0.56
C PHE OA 20 -95.80 -16.59 1.09
N THR OA 21 -94.70 -16.71 0.35
CA THR OA 21 -93.74 -17.77 0.61
C THR OA 21 -92.35 -17.28 1.02
N PHE OA 22 -91.90 -16.14 0.51
CA PHE OA 22 -90.53 -15.71 0.74
C PHE OA 22 -90.30 -15.38 2.21
N ASP OA 23 -89.05 -15.54 2.64
CA ASP OA 23 -88.65 -15.22 4.00
C ASP OA 23 -88.25 -13.75 4.11
N TYR OA 24 -87.86 -13.33 5.31
CA TYR OA 24 -87.55 -11.94 5.59
C TYR OA 24 -86.80 -11.87 6.91
N ILE OA 25 -86.57 -10.65 7.37
CA ILE OA 25 -85.89 -10.39 8.64
C ILE OA 25 -86.82 -9.73 9.65
N LYS OA 26 -87.54 -8.69 9.24
CA LYS OA 26 -88.45 -7.97 10.09
C LYS OA 26 -89.77 -7.75 9.38
N GLU OA 27 -90.85 -7.65 10.15
CA GLU OA 27 -92.18 -7.54 9.55
C GLU OA 27 -92.42 -6.17 8.93
N GLU OA 28 -91.76 -5.12 9.44
CA GLU OA 28 -91.91 -3.81 8.85
C GLU OA 28 -91.38 -3.74 7.42
N HIS OA 29 -90.59 -4.74 7.01
CA HIS OA 29 -90.10 -4.80 5.65
C HIS OA 29 -91.13 -5.30 4.65
N ILE OA 30 -92.29 -5.77 5.11
CA ILE OA 30 -93.33 -6.27 4.23
C ILE OA 30 -94.26 -5.12 3.86
N LYS OA 31 -94.37 -4.84 2.56
CA LYS OA 31 -95.22 -3.77 2.04
C LYS OA 31 -96.36 -4.37 1.23
N VAL OA 32 -97.57 -3.84 1.44
CA VAL OA 32 -98.78 -4.34 0.80
C VAL OA 32 -99.36 -3.22 -0.05
N PHE OA 33 -99.62 -3.51 -1.32
CA PHE OA 33 -100.19 -2.55 -2.25
C PHE OA 33 -101.44 -3.13 -2.89
N VAL OA 34 -102.49 -2.32 -2.97
CA VAL OA 34 -103.75 -2.69 -3.63
C VAL OA 34 -104.19 -1.48 -4.45
N ASN OA 35 -104.48 -1.72 -5.73
CA ASN OA 35 -104.97 -0.68 -6.64
C ASN OA 35 -104.01 0.52 -6.67
N PHE OA 36 -102.71 0.23 -6.67
CA PHE OA 36 -101.66 1.24 -6.72
C PHE OA 36 -101.77 2.22 -5.56
N VAL OA 37 -102.29 1.76 -4.41
CA VAL OA 37 -102.47 2.59 -3.22
C VAL OA 37 -101.75 1.94 -2.06
N GLU OA 38 -100.86 2.69 -1.42
CA GLU OA 38 -100.13 2.20 -0.26
C GLU OA 38 -101.02 2.21 0.98
N LYS OA 39 -100.87 1.19 1.82
CA LYS OA 39 -101.60 1.08 3.08
C LYS OA 39 -100.61 0.80 4.20
N ALA OA 40 -100.81 1.45 5.34
CA ALA OA 40 -99.87 1.39 6.45
C ALA OA 40 -99.97 0.05 7.18
N GLN OA 41 -98.99 -0.19 8.04
CA GLN OA 41 -98.93 -1.39 8.86
C GLN OA 41 -99.31 -1.06 10.29
N GLY OA 42 -100.10 -1.93 10.91
CA GLY OA 42 -100.53 -1.75 12.27
C GLY OA 42 -101.89 -2.36 12.48
N THR OA 43 -102.60 -1.86 13.49
CA THR OA 43 -103.89 -2.42 13.90
C THR OA 43 -104.90 -1.30 14.09
N GLY OA 44 -106.18 -1.65 13.91
CA GLY OA 44 -107.26 -0.71 14.12
C GLY OA 44 -107.52 0.15 12.91
N SER OA 45 -107.13 1.43 12.98
CA SER OA 45 -107.29 2.33 11.84
C SER OA 45 -106.47 1.87 10.64
N ASN OA 46 -105.42 1.08 10.87
CA ASN OA 46 -104.59 0.58 9.79
C ASN OA 46 -105.39 -0.39 8.92
N GLU OA 47 -104.77 -0.86 7.85
CA GLU OA 47 -105.47 -1.69 6.87
C GLU OA 47 -105.11 -3.16 6.97
N PHE OA 48 -103.92 -3.51 7.42
CA PHE OA 48 -103.50 -4.90 7.37
C PHE OA 48 -102.56 -5.22 8.53
N GLN OA 49 -102.54 -6.51 8.88
CA GLN OA 49 -101.60 -7.08 9.85
C GLN OA 49 -100.94 -8.29 9.22
N VAL OA 50 -99.93 -8.83 9.89
CA VAL OA 50 -99.20 -9.99 9.43
C VAL OA 50 -99.35 -11.10 10.46
N ILE OA 51 -99.73 -12.29 10.00
CA ILE OA 51 -99.90 -13.45 10.87
C ILE OA 51 -98.81 -14.45 10.50
N THR OA 52 -97.93 -14.74 11.46
CA THR OA 52 -96.84 -15.69 11.26
C THR OA 52 -97.05 -16.98 12.05
N ASN OA 53 -98.23 -17.18 12.61
CA ASN OA 53 -98.51 -18.36 13.44
C ASN OA 53 -98.61 -19.64 12.63
N THR OA 54 -98.96 -19.56 11.35
CA THR OA 54 -99.18 -20.75 10.52
C THR OA 54 -98.08 -20.84 9.46
N THR OA 55 -98.18 -21.88 8.64
CA THR OA 55 -97.25 -22.11 7.54
C THR OA 55 -98.04 -22.49 6.30
N PRO OA 56 -97.87 -21.80 5.18
CA PRO OA 56 -96.98 -20.65 4.95
C PRO OA 56 -97.54 -19.37 5.55
N LYS OA 57 -96.67 -18.39 5.80
CA LYS OA 57 -97.12 -17.15 6.44
C LYS OA 57 -98.09 -16.39 5.53
N LYS OA 58 -99.03 -15.69 6.15
CA LYS OA 58 -100.06 -14.98 5.41
C LYS OA 58 -100.28 -13.61 6.06
N ILE OA 59 -100.84 -12.70 5.28
CA ILE OA 59 -101.17 -11.35 5.74
C ILE OA 59 -102.68 -11.20 5.74
N SER OA 60 -103.20 -10.52 6.76
CA SER OA 60 -104.64 -10.36 6.95
C SER OA 60 -105.00 -8.89 6.91
N LEU OA 61 -106.07 -8.57 6.20
CA LEU OA 61 -106.58 -7.21 6.15
C LEU OA 61 -107.66 -6.98 7.20
N ASN OA 62 -107.89 -5.71 7.51
CA ASN OA 62 -108.95 -5.34 8.44
C ASN OA 62 -110.27 -5.03 7.74
N THR OA 63 -110.31 -5.09 6.41
CA THR OA 63 -111.53 -4.83 5.65
C THR OA 63 -111.45 -5.60 4.34
N GLY OA 64 -112.57 -6.22 3.97
CA GLY OA 64 -112.60 -6.96 2.72
C GLY OA 64 -112.56 -6.05 1.51
N LEU OA 65 -112.17 -6.65 0.38
CA LEU OA 65 -112.10 -5.89 -0.87
C LEU OA 65 -113.50 -5.52 -1.34
N SER OA 66 -113.61 -4.34 -1.95
CA SER OA 66 -114.91 -3.86 -2.41
C SER OA 66 -115.44 -4.70 -3.57
N ALA OA 67 -114.59 -4.94 -4.57
CA ALA OA 67 -115.00 -5.66 -5.76
C ALA OA 67 -113.97 -6.72 -6.11
N ASP OA 68 -114.43 -7.76 -6.79
CA ASP OA 68 -113.53 -8.83 -7.22
C ASP OA 68 -112.60 -8.34 -8.32
N ASN OA 69 -111.61 -9.18 -8.65
CA ASN OA 69 -110.59 -8.85 -9.64
C ASN OA 69 -109.87 -7.55 -9.27
N THR OA 70 -109.48 -7.44 -8.00
CA THR OA 70 -108.78 -6.26 -7.50
C THR OA 70 -107.30 -6.59 -7.35
N ARG OA 71 -106.44 -5.71 -7.87
CA ARG OA 71 -105.01 -5.92 -7.82
C ARG OA 71 -104.51 -5.79 -6.40
N VAL OA 72 -103.77 -6.80 -5.93
CA VAL OA 72 -103.17 -6.81 -4.61
C VAL OA 72 -101.70 -7.17 -4.78
N GLU OA 73 -100.82 -6.25 -4.39
CA GLU OA 73 -99.38 -6.42 -4.54
C GLU OA 73 -98.72 -6.50 -3.17
N ILE OA 74 -97.96 -7.55 -2.94
CA ILE OA 74 -97.21 -7.74 -1.70
C ILE OA 74 -95.76 -7.99 -2.08
N ARG OA 75 -94.90 -7.02 -1.79
CA ARG OA 75 -93.49 -7.15 -2.14
C ARG OA 75 -92.63 -6.76 -0.95
N ARG OA 76 -91.51 -7.47 -0.78
CA ARG OA 76 -90.57 -7.19 0.28
C ARG OA 76 -89.63 -6.07 -0.11
N VAL OA 77 -89.19 -5.31 0.87
CA VAL OA 77 -88.13 -4.32 0.69
C VAL OA 77 -87.31 -4.23 1.96
N SER OA 78 -86.00 -4.31 1.83
CA SER OA 78 -85.14 -4.22 2.99
C SER OA 78 -84.70 -2.78 3.22
N SER OA 79 -84.04 -2.55 4.36
CA SER OA 79 -83.59 -1.21 4.71
C SER OA 79 -82.49 -0.77 3.74
N LEU OA 80 -82.80 0.24 2.93
CA LEU OA 80 -81.84 0.78 1.97
C LEU OA 80 -81.10 2.01 2.48
N SER OA 81 -81.74 2.81 3.33
CA SER OA 81 -81.16 4.06 3.80
C SER OA 81 -80.40 3.92 5.12
N THR OA 82 -80.27 2.71 5.65
CA THR OA 82 -79.60 2.53 6.93
C THR OA 82 -79.12 1.09 7.09
N PRO OA 83 -77.86 0.88 7.43
CA PRO OA 83 -77.39 -0.49 7.70
C PRO OA 83 -78.14 -1.09 8.89
N LEU OA 84 -78.45 -2.38 8.78
CA LEU OA 84 -79.26 -3.02 9.80
C LEU OA 84 -78.50 -3.22 11.10
N VAL OA 85 -77.22 -3.58 11.01
CA VAL OA 85 -76.41 -3.91 12.18
C VAL OA 85 -75.15 -3.04 12.14
N ASP OA 86 -74.90 -2.31 13.22
CA ASP OA 86 -73.69 -1.53 13.38
C ASP OA 86 -72.81 -2.17 14.45
N PHE OA 87 -71.52 -2.26 14.15
CA PHE OA 87 -70.57 -2.91 15.04
C PHE OA 87 -70.03 -1.89 16.03
N ALA OA 88 -70.01 -2.28 17.31
CA ALA OA 88 -69.53 -1.41 18.38
C ALA OA 88 -68.22 -1.93 18.92
N ASP OA 89 -67.31 -1.02 19.24
CA ASP OA 89 -66.00 -1.39 19.75
C ASP OA 89 -66.07 -1.59 21.26
N GLY OA 90 -65.43 -2.66 21.72
CA GLY OA 90 -65.43 -2.99 23.13
C GLY OA 90 -66.41 -4.07 23.55
N SER OA 91 -66.63 -5.08 22.71
CA SER OA 91 -67.58 -6.14 23.03
C SER OA 91 -67.10 -7.49 22.50
N THR OA 92 -67.99 -8.46 22.47
CA THR OA 92 -67.68 -9.81 21.99
C THR OA 92 -68.37 -10.03 20.66
N LEU OA 93 -67.61 -10.49 19.67
CA LEU OA 93 -68.20 -10.79 18.37
C LEU OA 93 -69.17 -11.95 18.48
N THR OA 94 -70.23 -11.90 17.68
CA THR OA 94 -71.22 -12.97 17.63
C THR OA 94 -71.52 -13.29 16.18
N ALA OA 95 -71.67 -14.59 15.88
CA ALA OA 95 -71.93 -14.99 14.51
C ALA OA 95 -73.29 -14.50 14.02
N ALA OA 96 -74.21 -14.20 14.95
CA ALA OA 96 -75.54 -13.75 14.55
C ALA OA 96 -75.48 -12.44 13.79
N ASP OA 97 -74.63 -11.50 14.24
CA ASP OA 97 -74.53 -10.22 13.56
C ASP OA 97 -74.01 -10.37 12.13
N LEU OA 98 -72.96 -11.18 11.97
CA LEU OA 98 -72.41 -11.40 10.63
C LEU OA 98 -73.44 -12.07 9.72
N ASP OA 99 -74.16 -13.06 10.25
CA ASP OA 99 -75.19 -13.72 9.46
C ASP OA 99 -76.29 -12.73 9.07
N THR OA 100 -76.66 -11.84 10.00
CA THR OA 100 -77.68 -10.83 9.69
C THR OA 100 -77.21 -9.90 8.58
N ALA OA 101 -75.95 -9.46 8.63
CA ALA OA 101 -75.44 -8.58 7.59
C ALA OA 101 -75.44 -9.28 6.23
N GLU OA 102 -74.99 -10.54 6.20
CA GLU OA 102 -75.00 -11.28 4.94
C GLU OA 102 -76.42 -11.44 4.41
N LYS OA 103 -77.36 -11.75 5.29
CA LYS OA 103 -78.76 -11.91 4.87
C LYS OA 103 -79.30 -10.62 4.30
N GLN OA 104 -79.01 -9.49 4.94
CA GLN OA 104 -79.50 -8.21 4.43
C GLN OA 104 -78.95 -7.93 3.04
N SER OA 105 -77.64 -8.11 2.86
CA SER OA 105 -77.05 -7.83 1.55
C SER OA 105 -77.65 -8.72 0.47
N LEU OA 106 -77.78 -10.03 0.77
CA LEU OA 106 -78.34 -10.94 -0.21
C LEU OA 106 -79.78 -10.57 -0.55
N PHE OA 107 -80.58 -10.22 0.45
CA PHE OA 107 -81.97 -9.87 0.20
C PHE OA 107 -82.09 -8.62 -0.66
N ILE OA 108 -81.22 -7.63 -0.41
CA ILE OA 108 -81.26 -6.42 -1.22
C ILE OA 108 -80.93 -6.74 -2.68
N ASP OA 109 -79.91 -7.57 -2.90
CA ASP OA 109 -79.57 -7.95 -4.27
C ASP OA 109 -80.71 -8.72 -4.93
N GLN OA 110 -81.35 -9.62 -4.20
CA GLN OA 110 -82.48 -10.36 -4.75
C GLN OA 110 -83.60 -9.41 -5.16
N GLU OA 111 -83.91 -8.43 -4.31
CA GLU OA 111 -84.97 -7.48 -4.64
C GLU OA 111 -84.63 -6.67 -5.88
N LEU OA 112 -83.37 -6.24 -5.99
CA LEU OA 112 -82.98 -5.48 -7.18
C LEU OA 112 -83.11 -6.31 -8.45
N ASP OA 113 -82.68 -7.57 -8.40
CA ASP OA 113 -82.81 -8.42 -9.58
C ASP OA 113 -84.27 -8.67 -9.93
N ASP OA 114 -85.12 -8.86 -8.92
CA ASP OA 114 -86.54 -9.04 -9.18
C ASP OA 114 -87.14 -7.80 -9.84
N ALA OA 115 -86.74 -6.62 -9.37
CA ALA OA 115 -87.24 -5.39 -9.99
C ALA OA 115 -86.82 -5.32 -11.45
N LEU OA 116 -85.56 -5.62 -11.74
CA LEU OA 116 -85.10 -5.56 -13.14
C LEU OA 116 -85.87 -6.55 -14.01
N LYS OA 117 -86.08 -7.77 -13.51
CA LYS OA 117 -86.78 -8.79 -14.28
C LYS OA 117 -88.24 -8.40 -14.52
N GLN OA 118 -88.93 -7.92 -13.47
CA GLN OA 118 -90.29 -7.44 -13.65
C GLN OA 118 -90.35 -6.21 -14.53
N GLY OA 119 -89.20 -5.57 -14.76
CA GLY OA 119 -89.13 -4.46 -15.67
C GLY OA 119 -88.74 -4.93 -17.06
N ILE OA 120 -87.48 -4.77 -17.44
CA ILE OA 120 -87.02 -5.08 -18.79
C ILE OA 120 -86.11 -6.29 -18.72
N SER OA 121 -86.44 -7.32 -19.49
CA SER OA 121 -85.64 -8.53 -19.59
C SER OA 121 -85.13 -8.69 -21.01
N ILE OA 122 -84.39 -9.76 -21.23
CA ILE OA 122 -83.91 -10.14 -22.56
C ILE OA 122 -84.43 -11.55 -22.85
N ASP OA 123 -85.23 -11.68 -23.90
CA ASP OA 123 -85.84 -12.96 -24.22
C ASP OA 123 -84.78 -14.00 -24.55
N THR OA 124 -84.94 -15.19 -24.00
CA THR OA 124 -84.05 -16.31 -24.29
C THR OA 124 -84.47 -17.10 -25.52
N SER OA 125 -85.47 -16.61 -26.25
CA SER OA 125 -85.89 -17.24 -27.50
C SER OA 125 -85.27 -16.58 -28.72
N THR OA 126 -85.01 -15.27 -28.66
CA THR OA 126 -84.39 -14.56 -29.77
C THR OA 126 -83.24 -13.66 -29.35
N GLY OA 127 -82.96 -13.52 -28.06
CA GLY OA 127 -81.90 -12.63 -27.61
C GLY OA 127 -82.15 -11.18 -27.88
N VAL OA 128 -83.41 -10.74 -27.79
CA VAL OA 128 -83.76 -9.34 -27.96
C VAL OA 128 -84.59 -8.91 -26.75
N PRO OA 129 -84.60 -7.64 -26.38
CA PRO OA 129 -85.43 -7.20 -25.25
C PRO OA 129 -86.89 -7.47 -25.51
N THR OA 130 -87.61 -7.85 -24.45
CA THR OA 130 -89.03 -8.15 -24.52
C THR OA 130 -89.74 -7.48 -23.37
N LEU OA 131 -91.02 -7.17 -23.57
CA LEU OA 131 -91.84 -6.50 -22.57
C LEU OA 131 -92.86 -7.41 -21.91
N ASN OA 132 -92.82 -8.71 -22.20
CA ASN OA 132 -93.73 -9.69 -21.60
C ASN OA 132 -95.19 -9.34 -21.84
N SER OA 133 -95.49 -8.74 -22.99
CA SER OA 133 -96.85 -8.44 -23.42
C SER OA 133 -97.56 -7.55 -22.40
N GLN OA 134 -97.06 -6.33 -22.27
CA GLN OA 134 -97.68 -5.31 -21.43
C GLN OA 134 -97.90 -4.05 -22.27
N ARG OA 135 -98.26 -2.95 -21.60
CA ARG OA 135 -98.65 -1.71 -22.26
C ARG OA 135 -97.77 -0.56 -21.79
N LEU OA 136 -97.32 0.24 -22.75
CA LEU OA 136 -96.40 1.35 -22.52
C LEU OA 136 -97.15 2.67 -22.57
N SER OA 137 -96.80 3.57 -21.65
CA SER OA 137 -97.46 4.86 -21.59
C SER OA 137 -96.46 5.92 -21.14
N ASN OA 138 -96.94 7.16 -21.07
CA ASN OA 138 -96.13 8.30 -20.63
C ASN OA 138 -94.87 8.47 -21.47
N VAL OA 139 -95.00 8.29 -22.78
CA VAL OA 139 -93.90 8.46 -23.73
C VAL OA 139 -94.05 9.82 -24.39
N SER OA 140 -92.97 10.60 -24.38
CA SER OA 140 -93.00 11.91 -25.01
C SER OA 140 -93.19 11.79 -26.51
N ASP OA 141 -93.77 12.84 -27.09
CA ASP OA 141 -94.00 12.84 -28.53
C ASP OA 141 -92.67 12.77 -29.28
N PRO OA 142 -92.57 11.96 -30.32
CA PRO OA 142 -91.30 11.85 -31.04
C PRO OA 142 -90.97 13.09 -31.84
N VAL OA 143 -90.01 13.89 -31.36
CA VAL OA 143 -89.55 15.04 -32.13
C VAL OA 143 -88.91 14.57 -33.42
N ASN OA 144 -88.07 13.54 -33.34
CA ASN OA 144 -87.62 12.80 -34.50
C ASN OA 144 -88.42 11.50 -34.56
N ALA OA 145 -88.66 11.02 -35.79
CA ALA OA 145 -89.37 9.75 -35.88
C ALA OA 145 -88.50 8.55 -35.51
N GLN OA 146 -87.29 8.83 -34.98
CA GLN OA 146 -86.46 7.79 -34.39
C GLN OA 146 -87.20 7.04 -33.28
N ASP OA 147 -88.09 7.74 -32.58
CA ASP OA 147 -88.84 7.16 -31.47
C ASP OA 147 -90.04 6.38 -31.97
N ALA OA 148 -90.47 5.39 -31.19
CA ALA OA 148 -91.66 4.63 -31.52
C ALA OA 148 -92.86 5.57 -31.65
N VAL OA 149 -93.67 5.33 -32.68
CA VAL OA 149 -94.77 6.23 -33.00
C VAL OA 149 -95.82 6.16 -31.91
N THR OA 150 -96.25 7.34 -31.45
CA THR OA 150 -97.38 7.44 -30.53
C THR OA 150 -98.66 7.66 -31.32
N LYS OA 151 -99.74 6.99 -30.90
CA LYS OA 151 -100.97 7.06 -31.67
C LYS OA 151 -101.60 8.45 -31.65
N ALA OA 152 -101.31 9.28 -30.65
CA ALA OA 152 -101.75 10.66 -30.70
C ALA OA 152 -101.14 11.35 -31.92
N TYR OA 153 -99.84 11.17 -32.13
CA TYR OA 153 -99.18 11.71 -33.31
C TYR OA 153 -99.69 11.06 -34.59
N LEU OA 154 -100.01 9.76 -34.52
CA LEU OA 154 -100.46 9.05 -35.71
C LEU OA 154 -101.84 9.52 -36.15
N GLU OA 155 -102.78 9.59 -35.22
CA GLU OA 155 -104.18 9.89 -35.52
C GLU OA 155 -104.51 11.37 -35.45
N ARG OA 156 -103.56 12.22 -35.07
CA ARG OA 156 -103.82 13.64 -35.05
C ARG OA 156 -104.09 14.15 -36.46
N SER OA 157 -105.12 15.00 -36.60
CA SER OA 157 -105.53 15.49 -37.90
C SER OA 157 -104.43 16.34 -38.52
N GLY OA 158 -103.98 15.95 -39.71
CA GLY OA 158 -102.91 16.63 -40.40
C GLY OA 158 -101.51 16.25 -39.94
N SER OA 159 -101.38 15.47 -38.86
CA SER OA 159 -100.07 15.04 -38.41
C SER OA 159 -99.47 13.99 -39.31
N ILE OA 160 -100.31 13.16 -39.94
CA ILE OA 160 -99.81 12.19 -40.91
C ILE OA 160 -99.17 12.93 -42.07
N THR OA 161 -97.95 12.54 -42.42
CA THR OA 161 -97.28 13.12 -43.57
C THR OA 161 -97.85 12.52 -44.85
N SER OA 162 -97.72 13.28 -45.93
CA SER OA 162 -98.21 12.81 -47.23
C SER OA 162 -97.46 11.59 -47.74
N THR OA 163 -96.30 11.28 -47.17
CA THR OA 163 -95.54 10.10 -47.53
C THR OA 163 -95.73 8.94 -46.57
N GLN OA 164 -96.26 9.18 -45.37
CA GLN OA 164 -96.54 8.10 -44.45
C GLN OA 164 -97.65 7.19 -44.96
N ILE OA 165 -98.50 7.68 -45.86
CA ILE OA 165 -99.55 6.88 -46.47
C ILE OA 165 -98.99 6.19 -47.70
N LEU OA 166 -99.16 4.88 -47.79
CA LEU OA 166 -98.58 4.08 -48.86
C LEU OA 166 -99.69 3.74 -49.86
N ASN OA 167 -99.68 4.45 -50.99
CA ASN OA 167 -100.80 4.45 -51.91
C ASN OA 167 -100.85 3.18 -52.75
N GLY OA 168 -102.07 2.75 -53.08
CA GLY OA 168 -102.24 1.60 -53.96
C GLY OA 168 -103.41 0.68 -53.73
N THR OA 169 -104.18 0.88 -52.65
CA THR OA 169 -105.33 0.04 -52.34
C THR OA 169 -106.64 0.84 -52.41
N ILE OA 170 -106.81 1.61 -53.47
CA ILE OA 170 -108.00 2.45 -53.61
C ILE OA 170 -109.22 1.57 -53.87
N VAL OA 171 -110.16 1.59 -52.94
CA VAL OA 171 -111.45 0.91 -53.06
C VAL OA 171 -112.54 1.88 -52.63
N ASP OA 172 -113.79 1.41 -52.67
CA ASP OA 172 -114.95 2.22 -52.33
C ASP OA 172 -115.46 1.95 -50.92
N ALA OA 173 -114.70 1.20 -50.12
CA ALA OA 173 -115.18 0.83 -48.79
C ALA OA 173 -115.28 2.03 -47.87
N ASP OA 174 -114.34 2.96 -47.96
CA ASP OA 174 -114.21 4.02 -46.98
C ASP OA 174 -114.57 5.41 -47.52
N ILE OA 175 -114.77 5.56 -48.83
CA ILE OA 175 -115.27 6.82 -49.35
C ILE OA 175 -116.72 6.99 -48.93
N ASN OA 176 -117.01 8.12 -48.27
CA ASN OA 176 -118.37 8.38 -47.85
C ASN OA 176 -119.27 8.57 -49.06
N ALA OA 177 -120.49 8.05 -48.97
CA ALA OA 177 -121.44 8.16 -50.08
C ALA OA 177 -121.79 9.61 -50.36
N SER OA 178 -121.96 10.41 -49.31
CA SER OA 178 -122.33 11.81 -49.43
C SER OA 178 -121.12 12.74 -49.42
N ALA OA 179 -119.90 12.19 -49.50
CA ALA OA 179 -118.70 13.01 -49.49
C ALA OA 179 -118.65 13.86 -50.76
N ALA OA 180 -118.39 15.15 -50.59
CA ALA OA 180 -118.30 16.08 -51.71
C ALA OA 180 -116.85 16.18 -52.19
N ILE OA 181 -116.43 15.13 -52.89
CA ILE OA 181 -115.07 15.09 -53.43
C ILE OA 181 -114.92 16.18 -54.48
N ALA OA 182 -113.80 16.92 -54.41
CA ALA OA 182 -113.54 17.99 -55.36
C ALA OA 182 -113.54 17.44 -56.78
N LYS OA 183 -114.32 18.09 -57.66
CA LYS OA 183 -114.56 17.53 -58.99
C LYS OA 183 -113.32 17.60 -59.86
N SER OA 184 -112.48 18.62 -59.70
CA SER OA 184 -111.34 18.83 -60.58
C SER OA 184 -110.11 18.02 -60.19
N LYS OA 185 -110.31 16.90 -59.49
CA LYS OA 185 -109.20 16.09 -59.02
C LYS OA 185 -109.11 14.74 -59.72
N LEU OA 186 -110.11 14.34 -60.48
CA LEU OA 186 -110.08 13.07 -61.21
C LEU OA 186 -110.55 13.30 -62.64
N ALA OA 187 -109.95 12.54 -63.55
CA ALA OA 187 -110.27 12.62 -64.97
C ALA OA 187 -111.40 11.64 -65.31
N ALA OA 188 -111.59 11.38 -66.60
CA ALA OA 188 -112.60 10.46 -67.08
C ALA OA 188 -111.96 9.23 -67.68
N LEU OA 189 -112.63 8.09 -67.53
CA LEU OA 189 -112.18 6.86 -68.16
C LEU OA 189 -112.42 6.92 -69.66
N ASN OA 190 -111.57 6.20 -70.41
CA ASN OA 190 -111.67 6.16 -71.86
C ASN OA 190 -112.77 5.18 -72.26
N ILE OA 191 -113.99 5.70 -72.33
CA ILE OA 191 -115.16 4.89 -72.63
C ILE OA 191 -115.32 4.78 -74.14
N VAL OA 192 -115.37 3.55 -74.65
CA VAL OA 192 -115.58 3.31 -76.07
C VAL OA 192 -116.77 2.39 -76.27
N MET PA 1 -67.39 -1.33 -20.06
CA MET PA 1 -67.05 -2.61 -20.64
C MET PA 1 -67.83 -3.74 -19.99
N ALA PA 2 -68.03 -4.83 -20.74
CA ALA PA 2 -68.66 -6.01 -20.18
C ALA PA 2 -67.79 -6.58 -19.06
N PHE PA 3 -68.41 -6.85 -17.92
CA PHE PA 3 -67.65 -7.25 -16.73
C PHE PA 3 -67.42 -8.75 -16.65
N ALA PA 4 -68.48 -9.55 -16.77
CA ALA PA 4 -68.37 -10.99 -16.55
C ALA PA 4 -69.15 -11.76 -17.60
N GLN PA 5 -68.99 -11.40 -18.86
CA GLN PA 5 -69.65 -12.16 -19.93
C GLN PA 5 -68.87 -11.96 -21.23
N ARG PA 6 -69.08 -12.89 -22.15
CA ARG PA 6 -68.49 -12.81 -23.48
C ARG PA 6 -69.42 -13.53 -24.46
N ILE PA 7 -69.84 -12.81 -25.49
CA ILE PA 7 -70.78 -13.32 -26.49
C ILE PA 7 -70.02 -13.50 -27.80
N ILE PA 8 -70.10 -14.71 -28.37
CA ILE PA 8 -69.31 -15.09 -29.53
C ILE PA 8 -70.24 -15.53 -30.65
N THR PA 9 -70.07 -14.94 -31.82
CA THR PA 9 -70.71 -15.43 -33.04
C THR PA 9 -69.69 -16.33 -33.74
N SER PA 10 -69.93 -17.64 -33.68
CA SER PA 10 -68.96 -18.61 -34.17
C SER PA 10 -68.69 -18.41 -35.65
N ASN PA 11 -67.57 -18.97 -36.10
CA ASN PA 11 -67.11 -18.74 -37.46
C ASN PA 11 -66.79 -20.01 -38.24
N SER PA 12 -66.82 -21.18 -37.60
CA SER PA 12 -66.54 -22.43 -38.30
C SER PA 12 -67.17 -23.58 -37.54
N ALA PA 13 -67.93 -24.41 -38.24
CA ALA PA 13 -68.51 -25.59 -37.64
C ALA PA 13 -67.43 -26.62 -37.35
N GLY PA 14 -67.65 -27.41 -36.30
CA GLY PA 14 -66.69 -28.39 -35.85
C GLY PA 14 -65.74 -27.90 -34.78
N ASP PA 15 -65.77 -26.62 -34.45
CA ASP PA 15 -64.92 -26.10 -33.38
C ASP PA 15 -65.41 -26.59 -32.02
N GLN PA 16 -64.51 -26.57 -31.04
CA GLN PA 16 -64.84 -27.10 -29.73
C GLN PA 16 -64.55 -26.13 -28.60
N GLU PA 17 -63.48 -25.37 -28.71
CA GLU PA 17 -62.97 -24.57 -27.60
C GLU PA 17 -63.14 -23.08 -27.86
N PHE PA 18 -63.49 -22.35 -26.80
CA PHE PA 18 -63.64 -20.90 -26.86
C PHE PA 18 -63.04 -20.32 -25.59
N THR PA 19 -62.41 -19.16 -25.71
CA THR PA 19 -61.68 -18.57 -24.60
C THR PA 19 -62.55 -17.57 -23.83
N PHE PA 20 -62.16 -17.32 -22.58
CA PHE PA 20 -62.80 -16.33 -21.74
C PHE PA 20 -61.77 -15.81 -20.75
N THR PA 21 -62.02 -14.62 -20.22
CA THR PA 21 -61.03 -13.91 -19.43
C THR PA 21 -61.48 -13.53 -18.02
N PHE PA 22 -62.78 -13.39 -17.77
CA PHE PA 22 -63.22 -12.88 -16.49
C PHE PA 22 -62.89 -13.85 -15.36
N ASP PA 23 -62.75 -13.30 -14.16
CA ASP PA 23 -62.44 -14.08 -12.98
C ASP PA 23 -63.69 -14.77 -12.45
N TYR PA 24 -63.49 -15.74 -11.56
CA TYR PA 24 -64.59 -16.49 -10.97
C TYR PA 24 -64.13 -17.03 -9.62
N ILE PA 25 -65.09 -17.46 -8.82
CA ILE PA 25 -64.83 -18.02 -7.50
C ILE PA 25 -64.85 -19.55 -7.53
N LYS PA 26 -65.87 -20.14 -8.16
CA LYS PA 26 -65.98 -21.58 -8.30
C LYS PA 26 -66.35 -21.92 -9.74
N GLU PA 27 -65.96 -23.12 -10.17
CA GLU PA 27 -66.19 -23.52 -11.56
C GLU PA 27 -67.67 -23.63 -11.86
N GLU PA 28 -68.47 -24.10 -10.91
CA GLU PA 28 -69.89 -24.28 -11.14
C GLU PA 28 -70.66 -22.97 -11.24
N HIS PA 29 -69.99 -21.83 -11.24
CA HIS PA 29 -70.63 -20.55 -11.47
C HIS PA 29 -70.59 -20.11 -12.93
N ILE PA 30 -70.10 -20.97 -13.81
CA ILE PA 30 -69.98 -20.65 -15.23
C ILE PA 30 -71.12 -21.31 -15.99
N LYS PA 31 -71.78 -20.53 -16.84
CA LYS PA 31 -72.90 -21.01 -17.64
C LYS PA 31 -72.59 -20.82 -19.11
N VAL PA 32 -73.01 -21.78 -19.94
CA VAL PA 32 -72.74 -21.76 -21.37
C VAL PA 32 -74.08 -21.88 -22.10
N PHE PA 33 -74.28 -21.01 -23.08
CA PHE PA 33 -75.50 -21.00 -23.88
C PHE PA 33 -75.14 -21.28 -25.34
N VAL PA 34 -75.81 -22.26 -25.93
CA VAL PA 34 -75.67 -22.58 -27.35
C VAL PA 34 -77.01 -22.31 -28.01
N ASN PA 35 -77.00 -21.44 -29.03
CA ASN PA 35 -78.16 -21.01 -29.82
C ASN PA 35 -79.43 -20.95 -28.98
N PHE PA 36 -79.39 -20.16 -27.90
CA PHE PA 36 -80.51 -19.97 -26.98
C PHE PA 36 -80.91 -21.23 -26.25
N VAL PA 37 -79.97 -22.14 -26.02
CA VAL PA 37 -80.20 -23.34 -25.22
C VAL PA 37 -79.14 -23.39 -24.14
N GLU PA 38 -79.57 -23.43 -22.88
CA GLU PA 38 -78.62 -23.55 -21.78
C GLU PA 38 -77.99 -24.94 -21.81
N LYS PA 39 -76.71 -25.01 -21.48
CA LYS PA 39 -75.94 -26.24 -21.57
C LYS PA 39 -75.51 -26.67 -20.18
N ALA PA 40 -75.83 -27.91 -19.83
CA ALA PA 40 -75.52 -28.42 -18.50
C ALA PA 40 -74.02 -28.61 -18.33
N GLN PA 41 -73.57 -28.54 -17.09
CA GLN PA 41 -72.16 -28.64 -16.74
C GLN PA 41 -71.84 -30.04 -16.23
N GLY PA 42 -70.67 -30.55 -16.61
CA GLY PA 42 -70.27 -31.88 -16.22
C GLY PA 42 -69.22 -32.43 -17.17
N THR PA 43 -69.33 -33.73 -17.45
CA THR PA 43 -68.39 -34.41 -18.32
C THR PA 43 -69.10 -35.59 -18.98
N GLY PA 44 -68.45 -36.14 -20.01
CA GLY PA 44 -68.98 -37.28 -20.73
C GLY PA 44 -70.24 -36.95 -21.49
N SER PA 45 -71.38 -37.45 -21.01
CA SER PA 45 -72.66 -37.11 -21.63
C SER PA 45 -72.93 -35.62 -21.55
N ASN PA 46 -72.54 -34.98 -20.46
CA ASN PA 46 -72.62 -33.53 -20.36
C ASN PA 46 -71.77 -32.89 -21.45
N GLU PA 47 -72.28 -31.81 -22.02
CA GLU PA 47 -71.79 -31.34 -23.31
C GLU PA 47 -70.61 -30.39 -23.23
N PHE PA 48 -70.17 -29.99 -22.04
CA PHE PA 48 -68.98 -29.15 -21.96
C PHE PA 48 -68.29 -29.33 -20.62
N GLN PA 49 -67.01 -28.92 -20.60
CA GLN PA 49 -66.20 -28.92 -19.40
C GLN PA 49 -65.25 -27.73 -19.48
N VAL PA 50 -64.72 -27.34 -18.32
CA VAL PA 50 -63.90 -26.13 -18.21
C VAL PA 50 -62.44 -26.53 -18.03
N ILE PA 51 -61.58 -25.99 -18.88
CA ILE PA 51 -60.14 -26.19 -18.78
C ILE PA 51 -59.54 -24.95 -18.14
N THR PA 52 -59.12 -25.07 -16.88
CA THR PA 52 -58.62 -23.94 -16.11
C THR PA 52 -57.11 -23.95 -15.98
N ASN PA 53 -56.41 -24.45 -17.00
CA ASN PA 53 -54.95 -24.62 -16.94
C ASN PA 53 -54.21 -23.69 -17.88
N THR PA 54 -54.63 -23.61 -19.14
CA THR PA 54 -53.97 -22.76 -20.12
C THR PA 54 -54.41 -21.31 -19.94
N THR PA 55 -53.46 -20.38 -20.03
CA THR PA 55 -53.76 -18.96 -19.93
C THR PA 55 -53.80 -18.35 -21.32
N PRO PA 56 -54.90 -17.70 -21.72
CA PRO PA 56 -56.14 -17.45 -20.96
C PRO PA 56 -57.01 -18.69 -20.90
N LYS PA 57 -57.82 -18.84 -19.86
CA LYS PA 57 -58.62 -20.04 -19.68
C LYS PA 57 -59.67 -20.15 -20.77
N LYS PA 58 -60.06 -21.39 -21.07
CA LYS PA 58 -61.02 -21.66 -22.13
C LYS PA 58 -61.90 -22.83 -21.71
N ILE PA 59 -63.06 -22.92 -22.33
CA ILE PA 59 -64.00 -24.02 -22.13
C ILE PA 59 -63.92 -24.94 -23.34
N SER PA 60 -64.23 -26.21 -23.14
CA SER PA 60 -64.19 -27.20 -24.21
C SER PA 60 -65.51 -27.94 -24.26
N LEU PA 61 -66.11 -28.00 -25.44
CA LEU PA 61 -67.36 -28.73 -25.63
C LEU PA 61 -67.06 -30.17 -26.04
N ASN PA 62 -67.86 -31.09 -25.51
CA ASN PA 62 -67.68 -32.51 -25.81
C ASN PA 62 -68.16 -32.88 -27.20
N THR PA 63 -68.96 -32.03 -27.84
CA THR PA 63 -69.47 -32.29 -29.19
C THR PA 63 -69.20 -31.08 -30.06
N GLY PA 64 -68.76 -31.32 -31.29
CA GLY PA 64 -68.47 -30.24 -32.19
C GLY PA 64 -69.72 -29.50 -32.62
N LEU PA 65 -69.52 -28.25 -33.06
CA LEU PA 65 -70.63 -27.43 -33.49
C LEU PA 65 -71.23 -27.97 -34.79
N SER PA 66 -72.55 -28.14 -34.81
CA SER PA 66 -73.20 -28.72 -35.97
C SER PA 66 -73.14 -27.79 -37.17
N ALA PA 67 -73.38 -26.50 -36.97
CA ALA PA 67 -73.40 -25.53 -38.05
C ALA PA 67 -72.65 -24.28 -37.62
N ASP PA 68 -71.91 -23.69 -38.55
CA ASP PA 68 -71.17 -22.48 -38.25
C ASP PA 68 -72.12 -21.30 -38.06
N ASN PA 69 -71.57 -20.22 -37.49
CA ASN PA 69 -72.34 -19.03 -37.13
C ASN PA 69 -73.46 -19.39 -36.14
N THR PA 70 -73.07 -20.08 -35.07
CA THR PA 70 -73.96 -20.41 -33.97
C THR PA 70 -73.48 -19.66 -32.74
N ARG PA 71 -74.36 -18.84 -32.16
CA ARG PA 71 -73.96 -17.98 -31.06
C ARG PA 71 -73.68 -18.79 -29.80
N VAL PA 72 -72.57 -18.46 -29.14
CA VAL PA 72 -72.18 -19.09 -27.88
C VAL PA 72 -71.94 -17.99 -26.86
N GLU PA 73 -72.56 -18.11 -25.70
CA GLU PA 73 -72.48 -17.10 -24.65
C GLU PA 73 -71.90 -17.72 -23.38
N ILE PA 74 -70.87 -17.08 -22.84
CA ILE PA 74 -70.28 -17.45 -21.56
C ILE PA 74 -70.54 -16.29 -20.60
N ARG PA 75 -71.19 -16.58 -19.48
CA ARG PA 75 -71.48 -15.55 -18.49
C ARG PA 75 -71.38 -16.15 -17.10
N ARG PA 76 -70.86 -15.35 -16.17
CA ARG PA 76 -70.68 -15.77 -14.79
C ARG PA 76 -71.88 -15.36 -13.95
N VAL PA 77 -72.29 -16.24 -13.04
CA VAL PA 77 -73.37 -15.95 -12.11
C VAL PA 77 -72.98 -16.54 -10.75
N SER PA 78 -72.76 -15.68 -9.77
CA SER PA 78 -72.51 -16.15 -8.43
C SER PA 78 -73.81 -16.68 -7.81
N SER PA 79 -73.66 -17.45 -6.74
CA SER PA 79 -74.82 -18.02 -6.07
C SER PA 79 -75.69 -16.92 -5.48
N LEU PA 80 -76.81 -16.62 -6.12
CA LEU PA 80 -77.70 -15.57 -5.68
C LEU PA 80 -78.75 -16.04 -4.68
N SER PA 81 -78.79 -17.33 -4.37
CA SER PA 81 -79.80 -17.87 -3.47
C SER PA 81 -79.31 -18.12 -2.06
N THR PA 82 -78.04 -18.47 -1.88
CA THR PA 82 -77.50 -18.77 -0.57
C THR PA 82 -76.14 -18.11 -0.40
N PRO PA 83 -75.79 -17.72 0.82
CA PRO PA 83 -74.42 -17.22 1.07
C PRO PA 83 -73.40 -18.34 0.90
N LEU PA 84 -72.19 -17.95 0.50
CA LEU PA 84 -71.12 -18.92 0.30
C LEU PA 84 -70.45 -19.33 1.61
N VAL PA 85 -70.44 -18.45 2.61
CA VAL PA 85 -69.76 -18.73 3.88
C VAL PA 85 -70.76 -18.58 5.01
N ASP PA 86 -70.78 -19.55 5.92
CA ASP PA 86 -71.66 -19.54 7.07
C ASP PA 86 -70.81 -19.50 8.33
N PHE PA 87 -71.14 -18.59 9.23
CA PHE PA 87 -70.40 -18.39 10.47
C PHE PA 87 -71.09 -19.12 11.61
N ALA PA 88 -70.31 -19.91 12.35
CA ALA PA 88 -70.79 -20.63 13.52
C ALA PA 88 -69.82 -20.41 14.68
N ASP PA 89 -70.37 -20.17 15.86
CA ASP PA 89 -69.54 -19.85 17.01
C ASP PA 89 -68.66 -21.04 17.38
N GLY PA 90 -67.49 -20.73 17.95
CA GLY PA 90 -66.49 -21.73 18.23
C GLY PA 90 -65.47 -21.94 17.14
N SER PA 91 -65.66 -21.32 15.97
CA SER PA 91 -64.71 -21.41 14.87
C SER PA 91 -63.85 -20.16 14.81
N THR PA 92 -62.56 -20.36 14.59
CA THR PA 92 -61.61 -19.25 14.56
C THR PA 92 -61.73 -18.52 13.23
N LEU PA 93 -62.01 -17.22 13.28
CA LEU PA 93 -62.21 -16.45 12.07
C LEU PA 93 -60.88 -16.28 11.33
N THR PA 94 -60.94 -16.37 10.00
CA THR PA 94 -59.76 -16.26 9.15
C THR PA 94 -60.04 -15.29 8.02
N ALA PA 95 -58.97 -14.88 7.34
CA ALA PA 95 -59.12 -13.93 6.24
C ALA PA 95 -59.87 -14.52 5.07
N ALA PA 96 -59.83 -15.85 4.90
CA ALA PA 96 -60.44 -16.48 3.73
C ALA PA 96 -61.95 -16.26 3.71
N ASP PA 97 -62.62 -16.40 4.85
CA ASP PA 97 -64.06 -16.25 4.89
C ASP PA 97 -64.48 -14.82 4.55
N LEU PA 98 -63.81 -13.84 5.16
CA LEU PA 98 -64.14 -12.45 4.88
C LEU PA 98 -63.89 -12.11 3.41
N ASP PA 99 -62.76 -12.57 2.87
CA ASP PA 99 -62.46 -12.30 1.47
C ASP PA 99 -63.49 -12.95 0.56
N THR PA 100 -63.92 -14.17 0.89
CA THR PA 100 -64.93 -14.83 0.07
C THR PA 100 -66.25 -14.07 0.08
N ALA PA 101 -66.68 -13.60 1.26
CA ALA PA 101 -67.92 -12.84 1.33
C ALA PA 101 -67.82 -11.55 0.53
N GLU PA 102 -66.72 -10.83 0.68
CA GLU PA 102 -66.55 -9.57 -0.05
C GLU PA 102 -66.51 -9.81 -1.56
N LYS PA 103 -65.82 -10.87 -1.98
CA LYS PA 103 -65.76 -11.19 -3.40
C LYS PA 103 -67.13 -11.52 -3.94
N GLN PA 104 -67.92 -12.29 -3.19
CA GLN PA 104 -69.27 -12.62 -3.64
C GLN PA 104 -70.11 -11.37 -3.81
N SER PA 105 -70.06 -10.48 -2.83
CA SER PA 105 -70.86 -9.25 -2.93
C SER PA 105 -70.45 -8.42 -4.13
N LEU PA 106 -69.14 -8.21 -4.31
CA LEU PA 106 -68.67 -7.38 -5.41
C LEU PA 106 -69.03 -8.00 -6.75
N PHE PA 107 -68.86 -9.31 -6.89
CA PHE PA 107 -69.16 -9.96 -8.15
C PHE PA 107 -70.64 -9.90 -8.48
N ILE PA 108 -71.49 -10.06 -7.46
CA ILE PA 108 -72.94 -9.94 -7.70
C ILE PA 108 -73.27 -8.53 -8.18
N ASP PA 109 -72.69 -7.52 -7.54
CA ASP PA 109 -72.96 -6.14 -7.96
C ASP PA 109 -72.49 -5.89 -9.39
N GLN PA 110 -71.30 -6.41 -9.73
CA GLN PA 110 -70.78 -6.27 -11.09
C GLN PA 110 -71.72 -6.92 -12.11
N GLU PA 111 -72.19 -8.13 -11.80
CA GLU PA 111 -73.09 -8.81 -12.73
C GLU PA 111 -74.39 -8.05 -12.89
N LEU PA 112 -74.93 -7.51 -11.80
CA LEU PA 112 -76.16 -6.73 -11.90
C LEU PA 112 -75.96 -5.50 -12.77
N ASP PA 113 -74.85 -4.79 -12.59
CA ASP PA 113 -74.58 -3.62 -13.42
C ASP PA 113 -74.44 -4.01 -14.89
N ASP PA 114 -73.78 -5.14 -15.15
CA ASP PA 114 -73.62 -5.59 -16.52
C ASP PA 114 -74.96 -5.91 -17.16
N ALA PA 115 -75.85 -6.57 -16.42
CA ALA PA 115 -77.18 -6.85 -16.96
C ALA PA 115 -77.95 -5.57 -17.24
N LEU PA 116 -77.87 -4.61 -16.32
CA LEU PA 116 -78.57 -3.34 -16.52
C LEU PA 116 -78.06 -2.63 -17.77
N LYS PA 117 -76.74 -2.63 -17.97
CA LYS PA 117 -76.18 -1.99 -19.16
C LYS PA 117 -76.56 -2.73 -20.43
N GLN PA 118 -76.55 -4.06 -20.39
CA GLN PA 118 -76.90 -4.86 -21.56
C GLN PA 118 -78.35 -4.66 -21.96
N GLY PA 119 -79.23 -4.42 -20.98
CA GLY PA 119 -80.61 -4.10 -21.31
C GLY PA 119 -80.74 -2.71 -21.94
N ILE PA 120 -81.91 -2.10 -21.81
CA ILE PA 120 -82.11 -0.75 -22.33
C ILE PA 120 -81.51 0.25 -21.34
N SER PA 121 -80.48 0.97 -21.78
CA SER PA 121 -79.76 1.94 -20.99
C SER PA 121 -80.00 3.34 -21.54
N ILE PA 122 -79.30 4.33 -21.00
CA ILE PA 122 -79.42 5.72 -21.40
C ILE PA 122 -78.16 6.11 -22.16
N ASP PA 123 -78.35 6.61 -23.37
CA ASP PA 123 -77.23 7.05 -24.20
C ASP PA 123 -76.56 8.27 -23.58
N THR PA 124 -75.24 8.34 -23.73
CA THR PA 124 -74.48 9.47 -23.21
C THR PA 124 -74.37 10.62 -24.21
N SER PA 125 -74.70 10.39 -25.49
CA SER PA 125 -74.61 11.46 -26.48
C SER PA 125 -75.63 12.56 -26.20
N THR PA 126 -76.87 12.18 -25.88
CA THR PA 126 -77.93 13.15 -25.64
C THR PA 126 -78.63 12.95 -24.30
N GLY PA 127 -78.14 12.05 -23.44
CA GLY PA 127 -78.83 11.78 -22.20
C GLY PA 127 -80.21 11.18 -22.41
N VAL PA 128 -80.36 10.32 -23.41
CA VAL PA 128 -81.66 9.79 -23.79
C VAL PA 128 -81.57 8.27 -23.86
N PRO PA 129 -82.58 7.55 -23.38
CA PRO PA 129 -82.55 6.08 -23.45
C PRO PA 129 -82.45 5.59 -24.89
N THR PA 130 -81.74 4.48 -25.07
CA THR PA 130 -81.54 3.87 -26.37
C THR PA 130 -81.69 2.37 -26.28
N LEU PA 131 -82.09 1.75 -27.40
CA LEU PA 131 -82.12 0.30 -27.49
C LEU PA 131 -80.83 -0.29 -28.02
N ASN PA 132 -79.89 0.55 -28.45
CA ASN PA 132 -78.61 0.10 -29.01
C ASN PA 132 -78.83 -0.84 -30.19
N SER PA 133 -79.65 -0.39 -31.14
CA SER PA 133 -79.90 -1.13 -32.39
C SER PA 133 -80.47 -2.52 -32.13
N GLN PA 134 -81.65 -2.56 -31.54
CA GLN PA 134 -82.39 -3.79 -31.30
C GLN PA 134 -83.82 -3.63 -31.79
N ARG PA 135 -84.60 -4.70 -31.63
CA ARG PA 135 -86.02 -4.69 -31.99
C ARG PA 135 -86.83 -4.94 -30.73
N LEU PA 136 -87.71 -4.01 -30.38
CA LEU PA 136 -88.60 -4.21 -29.25
C LEU PA 136 -89.66 -5.24 -29.62
N SER PA 137 -89.76 -6.30 -28.81
CA SER PA 137 -90.61 -7.44 -29.13
C SER PA 137 -91.56 -7.73 -27.99
N ASN PA 138 -92.66 -8.40 -28.34
CA ASN PA 138 -93.65 -8.88 -27.39
C ASN PA 138 -94.28 -7.73 -26.61
N VAL PA 139 -94.85 -6.79 -27.35
CA VAL PA 139 -95.61 -5.68 -26.80
C VAL PA 139 -97.08 -5.90 -27.13
N SER PA 140 -97.92 -5.81 -26.10
CA SER PA 140 -99.35 -6.07 -26.28
C SER PA 140 -99.99 -5.02 -27.18
N ASP PA 141 -101.07 -5.44 -27.85
CA ASP PA 141 -101.86 -4.56 -28.70
C ASP PA 141 -102.35 -3.37 -27.87
N PRO PA 142 -101.84 -2.18 -28.11
CA PRO PA 142 -102.10 -1.05 -27.21
C PRO PA 142 -103.47 -0.44 -27.42
N VAL PA 143 -103.95 0.23 -26.38
CA VAL PA 143 -105.29 0.82 -26.35
C VAL PA 143 -105.23 2.32 -26.05
N ASN PA 144 -104.39 2.73 -25.10
CA ASN PA 144 -104.35 4.10 -24.61
C ASN PA 144 -103.91 5.05 -25.74
N ALA PA 145 -103.93 6.35 -25.45
CA ALA PA 145 -103.61 7.37 -26.44
C ALA PA 145 -102.16 7.80 -26.43
N GLN PA 146 -101.30 7.19 -25.61
CA GLN PA 146 -99.90 7.56 -25.55
C GLN PA 146 -98.96 6.36 -25.62
N ASP PA 147 -99.44 5.21 -26.12
CA ASP PA 147 -98.58 4.05 -26.22
C ASP PA 147 -97.65 4.18 -27.42
N ALA PA 148 -96.90 3.12 -27.67
CA ALA PA 148 -96.23 2.95 -28.95
C ALA PA 148 -97.15 2.20 -29.91
N VAL PA 149 -96.75 2.11 -31.17
CA VAL PA 149 -97.49 1.36 -32.17
C VAL PA 149 -96.64 0.20 -32.66
N THR PA 150 -97.28 -0.93 -32.87
CA THR PA 150 -96.61 -2.11 -33.38
C THR PA 150 -96.92 -2.28 -34.86
N LYS PA 151 -95.96 -2.87 -35.59
CA LYS PA 151 -96.16 -3.08 -37.01
C LYS PA 151 -97.35 -4.00 -37.28
N ALA PA 152 -97.60 -4.97 -36.40
CA ALA PA 152 -98.77 -5.82 -36.55
C ALA PA 152 -100.05 -5.01 -36.43
N TYR PA 153 -100.12 -4.11 -35.43
CA TYR PA 153 -101.32 -3.30 -35.26
C TYR PA 153 -101.49 -2.31 -36.40
N LEU PA 154 -100.38 -1.84 -36.98
CA LEU PA 154 -100.49 -0.94 -38.12
C LEU PA 154 -100.93 -1.69 -39.38
N GLU PA 155 -100.41 -2.89 -39.60
CA GLU PA 155 -100.64 -3.63 -40.83
C GLU PA 155 -101.88 -4.52 -40.79
N ARG PA 156 -102.54 -4.63 -39.64
CA ARG PA 156 -103.80 -5.38 -39.61
C ARG PA 156 -104.83 -4.66 -40.46
N SER PA 157 -105.71 -5.44 -41.10
CA SER PA 157 -106.64 -4.87 -42.06
C SER PA 157 -107.60 -3.91 -41.39
N GLY PA 158 -107.84 -2.76 -42.03
CA GLY PA 158 -108.68 -1.74 -41.48
C GLY PA 158 -108.03 -0.88 -40.41
N SER PA 159 -106.73 -1.05 -40.15
CA SER PA 159 -106.08 -0.28 -39.10
C SER PA 159 -106.08 1.22 -39.40
N ILE PA 160 -105.76 1.60 -40.62
CA ILE PA 160 -105.76 3.00 -41.02
C ILE PA 160 -107.20 3.47 -41.14
N THR PA 161 -107.47 4.67 -40.64
CA THR PA 161 -108.79 5.29 -40.70
C THR PA 161 -108.74 6.51 -41.60
N SER PA 162 -109.88 7.18 -41.71
CA SER PA 162 -109.97 8.35 -42.59
C SER PA 162 -109.07 9.48 -42.10
N THR PA 163 -109.07 9.75 -40.79
CA THR PA 163 -108.22 10.82 -40.25
C THR PA 163 -106.74 10.49 -40.34
N GLN PA 164 -106.39 9.21 -40.43
CA GLN PA 164 -105.00 8.78 -40.57
C GLN PA 164 -104.44 9.09 -41.96
N ILE PA 165 -105.19 9.79 -42.80
CA ILE PA 165 -104.78 10.07 -44.18
C ILE PA 165 -104.66 11.58 -44.34
N LEU PA 166 -103.53 12.02 -44.86
CA LEU PA 166 -103.36 13.39 -45.32
C LEU PA 166 -103.25 13.38 -46.84
N ASN PA 167 -104.06 14.23 -47.48
CA ASN PA 167 -104.21 14.22 -48.92
C ASN PA 167 -102.97 14.81 -49.61
N GLY PA 168 -102.90 14.61 -50.92
CA GLY PA 168 -101.91 15.27 -51.75
C GLY PA 168 -100.89 14.37 -52.41
N THR PA 169 -100.85 13.07 -52.09
CA THR PA 169 -99.82 12.19 -52.65
C THR PA 169 -100.41 10.86 -53.10
N ILE PA 170 -101.49 10.90 -53.88
CA ILE PA 170 -102.01 9.69 -54.50
C ILE PA 170 -101.18 9.42 -55.75
N VAL PA 171 -100.15 8.58 -55.61
CA VAL PA 171 -99.27 8.30 -56.74
C VAL PA 171 -100.04 7.53 -57.81
N ASP PA 172 -99.88 7.96 -59.06
CA ASP PA 172 -100.57 7.30 -60.16
C ASP PA 172 -99.94 5.97 -60.51
N ALA PA 173 -98.65 5.79 -60.19
CA ALA PA 173 -97.97 4.54 -60.51
C ALA PA 173 -98.58 3.37 -59.75
N ASP PA 174 -98.92 3.56 -58.48
CA ASP PA 174 -99.48 2.51 -57.65
C ASP PA 174 -100.99 2.42 -57.73
N ILE PA 175 -101.63 3.30 -58.50
CA ILE PA 175 -103.09 3.24 -58.65
C ILE PA 175 -103.45 1.98 -59.42
N ASN PA 176 -104.31 1.15 -58.82
CA ASN PA 176 -104.70 -0.11 -59.44
C ASN PA 176 -105.61 0.14 -60.64
N ALA PA 177 -105.27 -0.47 -61.78
CA ALA PA 177 -106.08 -0.31 -62.98
C ALA PA 177 -107.22 -1.32 -63.04
N SER PA 178 -107.07 -2.47 -62.38
CA SER PA 178 -108.08 -3.52 -62.40
C SER PA 178 -109.15 -3.34 -61.34
N ALA PA 179 -109.02 -2.33 -60.48
CA ALA PA 179 -110.01 -2.12 -59.43
C ALA PA 179 -111.33 -1.65 -60.01
N ALA PA 180 -112.42 -2.08 -59.39
CA ALA PA 180 -113.77 -1.68 -59.78
C ALA PA 180 -114.20 -0.52 -58.88
N ILE PA 181 -114.14 0.69 -59.41
CA ILE PA 181 -114.46 1.90 -58.67
C ILE PA 181 -115.71 2.52 -59.28
N ALA PA 182 -116.76 2.63 -58.47
CA ALA PA 182 -118.01 3.21 -58.95
C ALA PA 182 -117.84 4.69 -59.24
N LYS PA 183 -118.57 5.16 -60.27
CA LYS PA 183 -118.44 6.55 -60.71
C LYS PA 183 -119.13 7.54 -59.79
N SER PA 184 -120.00 7.09 -58.89
CA SER PA 184 -120.66 8.00 -57.97
C SER PA 184 -119.66 8.68 -57.04
N LYS PA 185 -118.70 7.91 -56.53
CA LYS PA 185 -117.71 8.44 -55.61
C LYS PA 185 -116.60 9.22 -56.31
N LEU PA 186 -116.59 9.24 -57.63
CA LEU PA 186 -115.50 9.84 -58.39
C LEU PA 186 -115.81 11.30 -58.72
N ALA PA 187 -114.77 12.01 -59.14
CA ALA PA 187 -114.83 13.43 -59.40
C ALA PA 187 -115.24 13.69 -60.86
N ALA PA 188 -115.11 14.94 -61.31
CA ALA PA 188 -115.53 15.33 -62.65
C ALA PA 188 -114.51 16.32 -63.20
N LEU PA 189 -113.61 15.83 -64.04
CA LEU PA 189 -112.60 16.71 -64.66
C LEU PA 189 -113.29 17.77 -65.51
N ASN PA 190 -112.85 19.02 -65.37
CA ASN PA 190 -113.43 20.14 -66.08
C ASN PA 190 -112.75 20.27 -67.43
N ILE PA 191 -113.25 19.53 -68.42
CA ILE PA 191 -112.71 19.58 -69.77
C ILE PA 191 -113.28 20.81 -70.46
N VAL PA 192 -112.42 21.80 -70.70
CA VAL PA 192 -112.84 23.04 -71.34
C VAL PA 192 -113.20 22.78 -72.81
N MET QA 1 -41.50 75.65 12.70
CA MET QA 1 -40.06 75.63 12.49
C MET QA 1 -39.67 74.54 11.51
N ALA QA 2 -38.44 74.62 10.99
CA ALA QA 2 -37.93 73.59 10.12
C ALA QA 2 -37.65 72.32 10.93
N PHE QA 3 -38.45 71.28 10.68
CA PHE QA 3 -38.35 70.07 11.49
C PHE QA 3 -36.99 69.40 11.34
N ALA QA 4 -36.58 69.13 10.11
CA ALA QA 4 -35.40 68.29 9.87
C ALA QA 4 -34.55 68.84 8.74
N GLN QA 5 -34.32 70.16 8.73
CA GLN QA 5 -33.41 70.75 7.75
C GLN QA 5 -32.95 72.10 8.26
N ARG QA 6 -31.64 72.32 8.24
CA ARG QA 6 -31.05 73.58 8.68
C ARG QA 6 -30.10 74.07 7.60
N ILE QA 7 -30.42 75.23 7.02
CA ILE QA 7 -29.58 75.85 6.00
C ILE QA 7 -28.91 77.07 6.60
N ILE QA 8 -27.59 77.17 6.42
CA ILE QA 8 -26.78 78.22 7.03
C ILE QA 8 -25.84 78.79 5.98
N THR QA 9 -25.72 80.11 5.97
CA THR QA 9 -24.75 80.80 5.12
C THR QA 9 -23.47 81.01 5.93
N SER QA 10 -22.38 80.42 5.46
CA SER QA 10 -21.12 80.45 6.20
C SER QA 10 -20.63 81.88 6.38
N ASN QA 11 -20.31 82.23 7.62
CA ASN QA 11 -19.94 83.61 7.92
C ASN QA 11 -18.56 83.94 7.38
N SER QA 12 -17.57 83.07 7.60
CA SER QA 12 -16.20 83.37 7.24
C SER QA 12 -15.53 82.12 6.68
N ALA QA 13 -14.56 82.34 5.80
CA ALA QA 13 -13.78 81.24 5.26
C ALA QA 13 -12.90 80.64 6.34
N GLY QA 14 -12.69 79.33 6.25
CA GLY QA 14 -11.93 78.59 7.24
C GLY QA 14 -12.74 77.95 8.33
N ASP QA 15 -14.01 78.32 8.48
CA ASP QA 15 -14.87 77.70 9.48
C ASP QA 15 -15.16 76.25 9.09
N GLN QA 16 -15.26 75.39 10.10
CA GLN QA 16 -15.47 73.97 9.87
C GLN QA 16 -16.55 73.34 10.73
N GLU QA 17 -16.91 73.94 11.87
CA GLU QA 17 -17.87 73.35 12.79
C GLU QA 17 -19.25 73.97 12.58
N PHE QA 18 -20.26 73.12 12.41
CA PHE QA 18 -21.65 73.54 12.32
C PHE QA 18 -22.49 72.66 13.24
N THR QA 19 -23.60 73.21 13.71
CA THR QA 19 -24.45 72.55 14.68
C THR QA 19 -25.82 72.23 14.09
N PHE QA 20 -26.48 71.24 14.69
CA PHE QA 20 -27.83 70.87 14.30
C PHE QA 20 -28.57 70.36 15.54
N THR QA 21 -29.90 70.38 15.46
CA THR QA 21 -30.74 70.10 16.63
C THR QA 21 -31.76 69.00 16.43
N PHE QA 22 -32.04 68.59 15.19
CA PHE QA 22 -33.08 67.59 14.97
C PHE QA 22 -32.61 66.22 15.43
N ASP QA 23 -33.57 65.39 15.82
CA ASP QA 23 -33.27 64.01 16.17
C ASP QA 23 -33.10 63.16 14.92
N TYR QA 24 -32.47 62.00 15.09
CA TYR QA 24 -32.22 61.11 13.98
C TYR QA 24 -32.21 59.68 14.50
N ILE QA 25 -32.00 58.73 13.59
CA ILE QA 25 -31.94 57.32 13.90
C ILE QA 25 -30.53 56.77 13.75
N LYS QA 26 -29.90 57.01 12.62
CA LYS QA 26 -28.55 56.55 12.35
C LYS QA 26 -27.68 57.70 11.88
N GLU QA 27 -26.38 57.59 12.15
CA GLU QA 27 -25.43 58.61 11.74
C GLU QA 27 -25.28 58.70 10.22
N GLU QA 28 -25.77 57.69 9.49
CA GLU QA 28 -25.70 57.69 8.04
C GLU QA 28 -26.93 58.31 7.38
N HIS QA 29 -27.92 58.74 8.17
CA HIS QA 29 -29.12 59.35 7.64
C HIS QA 29 -29.01 60.87 7.53
N ILE QA 30 -27.85 61.44 7.78
CA ILE QA 30 -27.64 62.89 7.74
C ILE QA 30 -26.82 63.22 6.51
N LYS QA 31 -27.34 64.09 5.66
CA LYS QA 31 -26.68 64.50 4.43
C LYS QA 31 -26.32 65.97 4.51
N VAL QA 32 -25.15 66.33 3.99
CA VAL QA 32 -24.67 67.70 4.00
C VAL QA 32 -24.34 68.11 2.56
N PHE QA 33 -24.83 69.28 2.16
CA PHE QA 33 -24.60 69.81 0.83
C PHE QA 33 -23.89 71.15 0.92
N VAL QA 34 -22.97 71.40 0.00
CA VAL QA 34 -22.18 72.64 -0.03
C VAL QA 34 -22.22 73.17 -1.46
N ASN QA 35 -23.11 74.12 -1.72
CA ASN QA 35 -23.33 74.71 -3.03
C ASN QA 35 -23.31 73.66 -4.14
N PHE QA 36 -24.25 72.71 -4.02
CA PHE QA 36 -24.55 71.62 -4.94
C PHE QA 36 -23.55 70.46 -4.84
N VAL QA 37 -22.44 70.61 -4.14
CA VAL QA 37 -21.48 69.51 -4.04
C VAL QA 37 -21.96 68.56 -2.96
N GLU QA 38 -21.85 67.27 -3.22
CA GLU QA 38 -22.33 66.26 -2.28
C GLU QA 38 -21.15 65.67 -1.54
N LYS QA 39 -21.25 65.64 -0.21
CA LYS QA 39 -20.16 65.21 0.65
C LYS QA 39 -20.49 63.86 1.26
N ALA QA 40 -19.54 62.93 1.17
CA ALA QA 40 -19.75 61.58 1.64
C ALA QA 40 -19.42 61.46 3.13
N GLN QA 41 -20.17 60.60 3.81
CA GLN QA 41 -19.98 60.35 5.23
C GLN QA 41 -18.78 59.44 5.45
N GLY QA 42 -18.18 59.56 6.63
CA GLY QA 42 -17.07 58.74 7.01
C GLY QA 42 -16.04 59.54 7.76
N THR QA 43 -14.85 58.96 7.90
CA THR QA 43 -13.75 59.57 8.64
C THR QA 43 -12.46 59.44 7.87
N GLY QA 44 -11.64 60.48 7.90
CA GLY QA 44 -10.39 60.48 7.18
C GLY QA 44 -10.44 61.38 5.97
N SER QA 45 -10.16 60.82 4.78
CA SER QA 45 -10.31 61.58 3.56
C SER QA 45 -11.76 61.96 3.31
N ASN QA 46 -12.70 61.28 3.96
CA ASN QA 46 -14.09 61.72 3.95
C ASN QA 46 -14.18 63.16 4.42
N GLU QA 47 -14.87 63.98 3.64
CA GLU QA 47 -14.76 65.42 3.82
C GLU QA 47 -15.67 65.97 4.90
N PHE QA 48 -16.38 65.13 5.64
CA PHE QA 48 -17.13 65.61 6.79
C PHE QA 48 -17.30 64.48 7.79
N GLN QA 49 -17.45 64.85 9.06
CA GLN QA 49 -17.60 63.91 10.15
C GLN QA 49 -18.67 64.41 11.11
N VAL QA 50 -19.22 63.49 11.88
CA VAL QA 50 -20.25 63.82 12.86
C VAL QA 50 -19.68 63.65 14.26
N ILE QA 51 -20.14 64.49 15.17
CA ILE QA 51 -19.71 64.48 16.56
C ILE QA 51 -20.94 64.49 17.46
N THR QA 52 -21.00 63.55 18.40
CA THR QA 52 -22.18 63.37 19.23
C THR QA 52 -21.92 63.47 20.72
N ASN QA 53 -20.68 63.74 21.15
CA ASN QA 53 -20.37 63.78 22.57
C ASN QA 53 -20.71 65.11 23.22
N THR QA 54 -21.28 66.05 22.48
CA THR QA 54 -21.60 67.36 23.00
C THR QA 54 -23.03 67.73 22.61
N THR QA 55 -23.75 68.36 23.53
CA THR QA 55 -25.10 68.85 23.26
C THR QA 55 -25.03 70.33 22.95
N PRO QA 56 -25.54 70.78 21.78
CA PRO QA 56 -26.18 70.00 20.72
C PRO QA 56 -25.16 69.27 19.85
N LYS QA 57 -25.56 68.16 19.24
CA LYS QA 57 -24.66 67.44 18.35
C LYS QA 57 -24.31 68.29 17.14
N LYS QA 58 -23.07 68.14 16.68
CA LYS QA 58 -22.54 69.01 15.65
C LYS QA 58 -21.72 68.21 14.64
N ILE QA 59 -21.70 68.67 13.40
CA ILE QA 59 -20.91 68.07 12.34
C ILE QA 59 -19.65 68.91 12.15
N SER QA 60 -18.66 68.33 11.48
CA SER QA 60 -17.38 69.00 11.27
C SER QA 60 -16.86 68.65 9.89
N LEU QA 61 -16.62 69.67 9.07
CA LEU QA 61 -15.99 69.46 7.79
C LEU QA 61 -14.53 69.06 7.99
N ASN QA 62 -13.95 68.45 6.96
CA ASN QA 62 -12.53 68.08 6.98
C ASN QA 62 -11.66 69.04 6.21
N THR QA 63 -12.24 70.14 5.69
CA THR QA 63 -11.48 71.16 4.97
C THR QA 63 -12.25 72.45 5.03
N GLY QA 64 -11.60 73.53 5.44
CA GLY QA 64 -12.29 74.80 5.58
C GLY QA 64 -12.77 75.33 4.26
N LEU QA 65 -13.81 76.16 4.32
CA LEU QA 65 -14.39 76.73 3.12
C LEU QA 65 -13.41 77.70 2.46
N SER QA 66 -13.40 77.69 1.12
CA SER QA 66 -12.51 78.58 0.39
C SER QA 66 -12.92 80.03 0.55
N ALA QA 67 -14.21 80.33 0.41
CA ALA QA 67 -14.70 81.70 0.48
C ALA QA 67 -15.91 81.77 1.39
N ASP QA 68 -16.10 82.92 2.01
CA ASP QA 68 -17.21 83.13 2.93
C ASP QA 68 -18.52 83.28 2.14
N ASN QA 69 -19.62 83.29 2.89
CA ASN QA 69 -20.97 83.35 2.30
C ASN QA 69 -21.19 82.22 1.31
N THR QA 70 -20.72 81.02 1.65
CA THR QA 70 -21.02 79.82 0.88
C THR QA 70 -22.06 78.99 1.61
N ARG QA 71 -23.16 78.69 0.93
CA ARG QA 71 -24.29 78.04 1.57
C ARG QA 71 -23.93 76.61 1.98
N VAL QA 72 -24.34 76.24 3.18
CA VAL QA 72 -24.14 74.91 3.73
C VAL QA 72 -25.47 74.42 4.26
N GLU QA 73 -25.87 73.22 3.86
CA GLU QA 73 -27.19 72.69 4.18
C GLU QA 73 -27.05 71.34 4.87
N ILE QA 74 -27.80 71.18 5.96
CA ILE QA 74 -27.89 69.91 6.68
C ILE QA 74 -29.33 69.44 6.63
N ARG QA 75 -29.57 68.26 6.08
CA ARG QA 75 -30.92 67.73 5.96
C ARG QA 75 -30.94 66.27 6.35
N ARG QA 76 -32.01 65.86 7.02
CA ARG QA 76 -32.21 64.48 7.42
C ARG QA 76 -33.20 63.83 6.47
N VAL QA 77 -32.80 62.70 5.88
CA VAL QA 77 -33.70 61.91 5.04
C VAL QA 77 -33.59 60.46 5.50
N SER QA 78 -34.68 59.95 6.07
CA SER QA 78 -34.71 58.55 6.46
C SER QA 78 -34.89 57.67 5.23
N SER QA 79 -34.84 56.36 5.44
CA SER QA 79 -35.00 55.43 4.34
C SER QA 79 -36.38 55.59 3.70
N LEU QA 80 -36.41 55.72 2.38
CA LEU QA 80 -37.67 55.82 1.65
C LEU QA 80 -37.97 54.59 0.81
N SER QA 81 -36.95 53.85 0.37
CA SER QA 81 -37.15 52.68 -0.48
C SER QA 81 -37.15 51.37 0.28
N THR QA 82 -36.50 51.31 1.43
CA THR QA 82 -36.37 50.07 2.20
C THR QA 82 -36.99 50.25 3.58
N PRO QA 83 -37.94 49.41 3.98
CA PRO QA 83 -38.49 49.52 5.33
C PRO QA 83 -37.44 49.19 6.38
N LEU QA 84 -37.57 49.81 7.54
CA LEU QA 84 -36.66 49.55 8.64
C LEU QA 84 -37.01 48.31 9.43
N VAL QA 85 -38.21 47.76 9.23
CA VAL QA 85 -38.64 46.53 9.90
C VAL QA 85 -39.22 45.58 8.86
N ASP QA 86 -38.93 44.30 9.01
CA ASP QA 86 -39.47 43.26 8.13
C ASP QA 86 -39.75 42.05 9.00
N PHE QA 87 -41.02 41.86 9.37
CA PHE QA 87 -41.38 40.86 10.36
C PHE QA 87 -41.17 39.46 9.81
N ALA QA 88 -40.49 38.62 10.58
CA ALA QA 88 -40.21 37.24 10.22
C ALA QA 88 -40.83 36.31 11.25
N ASP QA 89 -41.34 35.18 10.78
CA ASP QA 89 -42.11 34.28 11.63
C ASP QA 89 -41.20 33.45 12.51
N GLY QA 90 -41.59 33.29 13.78
CA GLY QA 90 -40.80 32.58 14.74
C GLY QA 90 -40.01 33.44 15.70
N SER QA 91 -40.19 34.75 15.65
CA SER QA 91 -39.45 35.67 16.51
C SER QA 91 -40.30 36.06 17.73
N THR QA 92 -39.66 36.75 18.66
CA THR QA 92 -40.32 37.23 19.88
C THR QA 92 -40.62 38.72 19.68
N LEU QA 93 -41.90 39.03 19.50
CA LEU QA 93 -42.30 40.40 19.22
C LEU QA 93 -42.06 41.28 20.44
N THR QA 94 -41.28 42.34 20.26
CA THR QA 94 -40.95 43.28 21.33
C THR QA 94 -41.39 44.68 20.93
N ALA QA 95 -41.70 45.50 21.94
CA ALA QA 95 -42.22 46.83 21.68
C ALA QA 95 -41.21 47.74 20.98
N ALA QA 96 -39.92 47.41 21.04
CA ALA QA 96 -38.91 48.25 20.40
C ALA QA 96 -39.11 48.30 18.89
N ASP QA 97 -39.44 47.16 18.28
CA ASP QA 97 -39.65 47.13 16.83
C ASP QA 97 -40.83 48.01 16.43
N LEU QA 98 -41.93 47.90 17.17
CA LEU QA 98 -43.11 48.71 16.87
C LEU QA 98 -42.81 50.20 17.05
N ASP QA 99 -42.08 50.54 18.12
CA ASP QA 99 -41.73 51.94 18.34
C ASP QA 99 -40.85 52.46 17.21
N THR QA 100 -39.88 51.65 16.76
CA THR QA 100 -39.02 52.08 15.67
C THR QA 100 -39.79 52.27 14.38
N ALA QA 101 -40.74 51.39 14.09
CA ALA QA 101 -41.57 51.55 12.90
C ALA QA 101 -42.39 52.84 12.98
N GLU QA 102 -43.00 53.10 14.14
CA GLU QA 102 -43.75 54.34 14.32
C GLU QA 102 -42.86 55.56 14.13
N LYS QA 103 -41.65 55.52 14.70
CA LYS QA 103 -40.74 56.65 14.57
C LYS QA 103 -40.33 56.86 13.12
N GLN QA 104 -40.06 55.78 12.38
CA GLN QA 104 -39.69 55.91 10.98
C GLN QA 104 -40.81 56.55 10.18
N SER QA 105 -42.04 56.09 10.40
CA SER QA 105 -43.16 56.69 9.67
C SER QA 105 -43.31 58.17 10.00
N LEU QA 106 -43.21 58.52 11.28
CA LEU QA 106 -43.34 59.92 11.68
C LEU QA 106 -42.25 60.78 11.06
N PHE QA 107 -41.01 60.28 11.06
CA PHE QA 107 -39.91 61.06 10.51
C PHE QA 107 -40.05 61.24 9.00
N ILE QA 108 -40.51 60.21 8.30
CA ILE QA 108 -40.73 60.35 6.87
C ILE QA 108 -41.79 61.40 6.59
N ASP QA 109 -42.90 61.36 7.35
CA ASP QA 109 -43.95 62.35 7.15
C ASP QA 109 -43.46 63.77 7.44
N GLN QA 110 -42.68 63.92 8.52
CA GLN QA 110 -42.13 65.23 8.86
C GLN QA 110 -41.23 65.75 7.75
N GLU QA 111 -40.36 64.89 7.22
CA GLU QA 111 -39.45 65.33 6.17
C GLU QA 111 -40.22 65.73 4.91
N LEU QA 112 -41.24 64.96 4.54
CA LEU QA 112 -42.02 65.32 3.36
C LEU QA 112 -42.73 66.66 3.55
N ASP QA 113 -43.32 66.87 4.73
CA ASP QA 113 -43.99 68.15 4.99
C ASP QA 113 -43.01 69.30 4.94
N ASP QA 114 -41.82 69.12 5.53
CA ASP QA 114 -40.82 70.18 5.50
C ASP QA 114 -40.33 70.47 4.09
N ALA QA 115 -40.21 69.43 3.26
CA ALA QA 115 -39.82 69.65 1.87
C ALA QA 115 -40.90 70.42 1.12
N LEU QA 116 -42.17 70.09 1.37
CA LEU QA 116 -43.25 70.83 0.73
C LEU QA 116 -43.23 72.30 1.15
N LYS QA 117 -43.01 72.56 2.44
CA LYS QA 117 -42.93 73.94 2.91
C LYS QA 117 -41.72 74.66 2.33
N GLN QA 118 -40.59 73.95 2.19
CA GLN QA 118 -39.40 74.52 1.58
C GLN QA 118 -39.68 74.92 0.13
N GLY QA 119 -40.48 74.13 -0.56
CA GLY QA 119 -40.94 74.52 -1.89
C GLY QA 119 -41.82 75.75 -1.83
N ILE QA 120 -42.53 76.05 -2.90
CA ILE QA 120 -43.43 77.20 -2.90
C ILE QA 120 -44.65 76.85 -2.05
N SER QA 121 -44.94 77.71 -1.08
CA SER QA 121 -45.95 77.45 -0.06
C SER QA 121 -47.07 78.48 -0.14
N ILE QA 122 -48.25 78.08 0.32
CA ILE QA 122 -49.46 78.86 0.08
C ILE QA 122 -49.31 80.25 0.69
N ASP QA 123 -49.73 81.26 -0.07
CA ASP QA 123 -49.81 82.63 0.44
C ASP QA 123 -51.21 82.80 1.01
N THR QA 124 -51.29 82.77 2.34
CA THR QA 124 -52.57 82.65 3.01
C THR QA 124 -53.51 83.80 2.69
N SER QA 125 -52.98 85.03 2.68
CA SER QA 125 -53.84 86.19 2.44
C SER QA 125 -54.33 86.25 0.99
N THR QA 126 -53.65 85.57 0.06
CA THR QA 126 -54.05 85.60 -1.34
C THR QA 126 -54.51 84.25 -1.85
N GLY QA 127 -53.69 83.21 -1.72
CA GLY QA 127 -54.10 81.88 -2.12
C GLY QA 127 -53.13 81.13 -2.99
N VAL QA 128 -52.49 81.81 -3.94
CA VAL QA 128 -51.47 81.13 -4.75
C VAL QA 128 -50.27 80.83 -3.86
N PRO QA 129 -49.68 79.63 -3.94
CA PRO QA 129 -48.45 79.38 -3.19
C PRO QA 129 -47.35 80.37 -3.53
N THR QA 130 -47.00 81.21 -2.56
CA THR QA 130 -46.02 82.26 -2.78
C THR QA 130 -44.60 81.69 -2.87
N LEU QA 131 -43.78 82.30 -3.72
CA LEU QA 131 -42.38 81.91 -3.80
C LEU QA 131 -41.59 82.37 -2.59
N ASN QA 132 -42.14 83.30 -1.80
CA ASN QA 132 -41.53 83.75 -0.55
C ASN QA 132 -40.14 84.34 -0.80
N SER QA 133 -40.10 85.40 -1.60
CA SER QA 133 -38.89 86.17 -1.87
C SER QA 133 -37.80 85.31 -2.50
N GLN QA 134 -38.20 84.59 -3.55
CA GLN QA 134 -37.27 83.78 -4.33
C GLN QA 134 -37.53 84.02 -5.81
N ARG QA 135 -36.47 83.85 -6.61
CA ARG QA 135 -36.54 84.08 -8.05
C ARG QA 135 -36.84 82.75 -8.73
N LEU QA 136 -38.12 82.53 -9.03
CA LEU QA 136 -38.50 81.38 -9.85
C LEU QA 136 -37.81 81.48 -11.20
N SER QA 137 -37.18 80.39 -11.64
CA SER QA 137 -36.39 80.44 -12.86
C SER QA 137 -36.42 79.06 -13.51
N ASN QA 138 -35.50 78.85 -14.45
CA ASN QA 138 -35.38 77.59 -15.19
C ASN QA 138 -36.67 77.25 -15.93
N VAL QA 139 -37.40 78.29 -16.35
CA VAL QA 139 -38.55 78.16 -17.22
C VAL QA 139 -38.10 78.52 -18.63
N SER QA 140 -38.36 77.62 -19.57
CA SER QA 140 -37.90 77.82 -20.94
C SER QA 140 -38.60 79.03 -21.57
N ASP QA 141 -38.04 79.48 -22.69
CA ASP QA 141 -38.61 80.62 -23.39
C ASP QA 141 -40.03 80.27 -23.84
N PRO QA 142 -40.91 81.27 -23.92
CA PRO QA 142 -42.33 80.98 -24.18
C PRO QA 142 -42.53 80.21 -25.48
N VAL QA 143 -43.43 79.23 -25.42
CA VAL QA 143 -43.75 78.38 -26.55
C VAL QA 143 -45.16 78.65 -27.07
N ASN QA 144 -46.12 78.82 -26.17
CA ASN QA 144 -47.50 79.11 -26.51
C ASN QA 144 -47.84 80.54 -26.08
N ALA QA 145 -49.12 80.90 -26.26
CA ALA QA 145 -49.54 82.27 -25.98
C ALA QA 145 -49.37 82.62 -24.51
N GLN QA 146 -49.89 81.78 -23.62
CA GLN QA 146 -49.93 82.09 -22.21
C GLN QA 146 -48.61 81.82 -21.50
N ASP QA 147 -47.61 81.26 -22.20
CA ASP QA 147 -46.33 80.99 -21.58
C ASP QA 147 -45.66 82.29 -21.16
N ALA QA 148 -45.08 82.28 -19.95
CA ALA QA 148 -44.46 83.47 -19.40
C ALA QA 148 -43.17 83.80 -20.14
N VAL QA 149 -42.72 85.04 -19.97
CA VAL QA 149 -41.54 85.54 -20.65
C VAL QA 149 -40.32 85.25 -19.79
N THR QA 150 -39.17 85.03 -20.45
CA THR QA 150 -37.90 84.84 -19.78
C THR QA 150 -36.97 85.98 -20.15
N LYS QA 151 -35.78 86.00 -19.54
CA LYS QA 151 -34.81 87.04 -19.83
C LYS QA 151 -34.27 86.91 -21.24
N ALA QA 152 -33.84 85.69 -21.61
CA ALA QA 152 -33.27 85.47 -22.94
C ALA QA 152 -34.31 85.62 -24.04
N TYR QA 153 -35.60 85.70 -23.68
CA TYR QA 153 -36.65 85.96 -24.66
C TYR QA 153 -37.01 87.44 -24.74
N LEU QA 154 -37.24 88.07 -23.58
CA LEU QA 154 -37.63 89.47 -23.59
C LEU QA 154 -36.48 90.40 -23.99
N GLU QA 155 -35.24 89.93 -23.87
CA GLU QA 155 -34.09 90.68 -24.34
C GLU QA 155 -33.50 90.08 -25.62
N ARG QA 156 -34.26 89.24 -26.32
CA ARG QA 156 -33.79 88.62 -27.55
C ARG QA 156 -34.06 89.52 -28.74
N SER QA 157 -33.16 89.46 -29.73
CA SER QA 157 -33.33 90.21 -30.96
C SER QA 157 -34.54 89.68 -31.73
N GLY QA 158 -35.24 90.61 -32.38
CA GLY QA 158 -36.44 90.27 -33.12
C GLY QA 158 -37.72 90.30 -32.32
N SER QA 159 -37.64 90.53 -31.00
CA SER QA 159 -38.84 90.60 -30.18
C SER QA 159 -39.65 91.87 -30.42
N ILE QA 160 -39.11 92.83 -31.17
CA ILE QA 160 -39.85 94.06 -31.46
C ILE QA 160 -40.93 93.77 -32.49
N THR QA 161 -42.16 94.14 -32.16
CA THR QA 161 -43.32 93.90 -33.03
C THR QA 161 -44.10 95.21 -33.10
N SER QA 162 -45.34 95.14 -33.59
CA SER QA 162 -46.13 96.33 -33.88
C SER QA 162 -47.41 96.43 -33.05
N THR QA 163 -47.41 95.98 -31.80
CA THR QA 163 -48.64 96.02 -31.01
C THR QA 163 -48.52 96.83 -29.71
N GLN QA 164 -47.45 96.61 -28.94
CA GLN QA 164 -47.48 96.97 -27.53
C GLN QA 164 -47.15 98.43 -27.21
N ILE QA 165 -46.81 99.25 -28.20
CA ILE QA 165 -46.41 100.62 -27.88
C ILE QA 165 -47.65 101.46 -27.58
N LEU QA 166 -47.45 102.53 -26.80
CA LEU QA 166 -48.47 103.52 -26.52
C LEU QA 166 -47.86 104.90 -26.69
N ASN QA 167 -48.68 105.93 -26.48
CA ASN QA 167 -48.26 107.32 -26.65
C ASN QA 167 -48.20 108.03 -25.30
N GLY QA 168 -47.84 109.31 -25.34
CA GLY QA 168 -47.90 110.18 -24.19
C GLY QA 168 -46.62 110.30 -23.38
N THR QA 169 -45.56 109.61 -23.78
CA THR QA 169 -44.31 109.64 -23.02
C THR QA 169 -43.07 109.92 -23.86
N ILE QA 170 -43.06 109.54 -25.14
CA ILE QA 170 -41.83 109.55 -25.93
C ILE QA 170 -41.29 110.97 -26.04
N VAL QA 171 -40.07 111.17 -25.53
CA VAL QA 171 -39.42 112.48 -25.56
C VAL QA 171 -37.94 112.31 -25.91
N ASP QA 172 -37.19 113.41 -25.84
CA ASP QA 172 -35.77 113.41 -26.17
C ASP QA 172 -34.93 112.64 -25.15
N ALA QA 173 -35.53 112.19 -24.05
CA ALA QA 173 -34.76 111.68 -22.93
C ALA QA 173 -33.90 110.47 -23.31
N ASP QA 174 -34.28 109.76 -24.38
CA ASP QA 174 -33.50 108.59 -24.80
C ASP QA 174 -33.36 108.46 -26.31
N ILE QA 175 -33.84 109.42 -27.09
CA ILE QA 175 -33.69 109.34 -28.54
C ILE QA 175 -32.27 109.75 -28.92
N ASN QA 176 -31.61 108.92 -29.72
CA ASN QA 176 -30.23 109.20 -30.11
C ASN QA 176 -30.18 110.45 -30.98
N ALA QA 177 -29.41 111.44 -30.54
CA ALA QA 177 -29.27 112.69 -31.30
C ALA QA 177 -28.53 112.45 -32.60
N SER QA 178 -27.47 111.66 -32.56
CA SER QA 178 -26.68 111.39 -33.76
C SER QA 178 -27.37 110.47 -34.74
N ALA QA 179 -28.47 109.82 -34.35
CA ALA QA 179 -29.18 108.91 -35.23
C ALA QA 179 -29.81 109.67 -36.39
N ALA QA 180 -29.73 109.09 -37.59
CA ALA QA 180 -30.33 109.66 -38.79
C ALA QA 180 -31.74 109.12 -38.91
N ILE QA 181 -32.71 109.91 -38.43
CA ILE QA 181 -34.11 109.52 -38.46
C ILE QA 181 -34.73 110.01 -39.77
N ALA QA 182 -35.41 109.11 -40.47
CA ALA QA 182 -35.97 109.44 -41.78
C ALA QA 182 -37.07 110.49 -41.63
N LYS QA 183 -36.96 111.56 -42.41
CA LYS QA 183 -37.92 112.65 -42.33
C LYS QA 183 -39.33 112.19 -42.72
N SER QA 184 -39.43 111.40 -43.81
CA SER QA 184 -40.74 110.92 -44.24
C SER QA 184 -41.35 110.00 -43.19
N LYS QA 185 -40.55 109.11 -42.61
CA LYS QA 185 -41.05 108.24 -41.56
C LYS QA 185 -41.42 109.03 -40.31
N LEU QA 186 -40.82 110.19 -40.11
CA LEU QA 186 -41.23 111.06 -39.02
C LEU QA 186 -42.59 111.68 -39.32
N ALA QA 187 -43.14 112.36 -38.31
CA ALA QA 187 -44.52 112.82 -38.36
C ALA QA 187 -44.64 114.09 -39.20
N ALA QA 188 -45.80 114.75 -39.12
CA ALA QA 188 -46.08 115.94 -39.88
C ALA QA 188 -45.74 117.20 -39.07
N LEU QA 189 -45.84 118.35 -39.73
CA LEU QA 189 -45.60 119.63 -39.10
C LEU QA 189 -46.08 120.76 -40.00
N ASN QA 190 -46.73 121.75 -39.38
CA ASN QA 190 -47.13 122.99 -40.04
C ASN QA 190 -46.36 124.14 -39.39
N ILE QA 191 -45.67 124.92 -40.21
CA ILE QA 191 -44.90 126.07 -39.74
C ILE QA 191 -45.66 127.32 -40.18
N VAL QA 192 -46.44 127.88 -39.26
CA VAL QA 192 -47.23 129.07 -39.55
C VAL QA 192 -46.35 130.32 -39.47
N MET RA 1 -63.50 67.08 -3.61
CA MET RA 1 -63.70 67.51 -2.23
C MET RA 1 -62.47 67.22 -1.37
N ALA RA 2 -62.00 68.24 -0.65
CA ALA RA 2 -60.87 68.06 0.24
C ALA RA 2 -61.26 67.12 1.38
N PHE RA 3 -60.31 66.26 1.76
CA PHE RA 3 -60.60 65.27 2.81
C PHE RA 3 -60.86 65.94 4.16
N ALA RA 4 -60.01 66.89 4.55
CA ALA RA 4 -60.04 67.37 5.93
C ALA RA 4 -59.90 68.89 5.99
N GLN RA 5 -60.63 69.61 5.14
CA GLN RA 5 -60.69 71.06 5.27
C GLN RA 5 -61.96 71.58 4.61
N ARG RA 6 -62.40 72.75 5.06
CA ARG RA 6 -63.63 73.35 4.56
C ARG RA 6 -63.57 74.85 4.81
N ILE RA 7 -63.70 75.64 3.75
CA ILE RA 7 -63.64 77.09 3.83
C ILE RA 7 -65.04 77.65 3.64
N ILE RA 8 -65.50 78.44 4.61
CA ILE RA 8 -66.86 78.99 4.61
C ILE RA 8 -66.78 80.50 4.54
N THR RA 9 -67.48 81.08 3.57
CA THR RA 9 -67.72 82.52 3.51
C THR RA 9 -69.09 82.77 4.14
N SER RA 10 -69.10 83.50 5.26
CA SER RA 10 -70.31 83.64 6.05
C SER RA 10 -71.43 84.27 5.25
N ASN RA 11 -72.61 83.63 5.28
CA ASN RA 11 -73.77 84.18 4.60
C ASN RA 11 -74.21 85.50 5.22
N SER RA 12 -74.19 85.60 6.54
CA SER RA 12 -74.58 86.80 7.23
C SER RA 12 -73.82 86.91 8.54
N ALA RA 13 -73.75 88.13 9.06
CA ALA RA 13 -73.09 88.36 10.34
C ALA RA 13 -73.96 87.89 11.49
N GLY RA 14 -73.30 87.53 12.60
CA GLY RA 14 -73.99 87.12 13.80
C GLY RA 14 -74.14 85.62 13.99
N ASP RA 15 -73.88 84.82 12.96
CA ASP RA 15 -74.02 83.38 13.10
C ASP RA 15 -72.91 82.82 14.00
N GLN RA 16 -73.16 81.62 14.52
CA GLN RA 16 -72.19 80.96 15.38
C GLN RA 16 -72.03 79.48 15.11
N GLU RA 17 -72.77 78.91 14.16
CA GLU RA 17 -72.74 77.48 13.89
C GLU RA 17 -72.22 77.21 12.48
N PHE RA 18 -71.34 76.21 12.36
CA PHE RA 18 -70.81 75.78 11.08
C PHE RA 18 -70.62 74.26 11.13
N THR RA 19 -71.05 73.58 10.07
CA THR RA 19 -71.00 72.13 10.04
C THR RA 19 -69.76 71.64 9.30
N PHE RA 20 -69.38 70.39 9.58
CA PHE RA 20 -68.27 69.74 8.92
C PHE RA 20 -68.54 68.24 8.89
N THR RA 21 -67.87 67.55 7.97
CA THR RA 21 -68.20 66.16 7.69
C THR RA 21 -67.11 65.16 8.01
N PHE RA 22 -65.83 65.53 7.89
CA PHE RA 22 -64.76 64.56 8.07
C PHE RA 22 -64.70 64.06 9.50
N ASP RA 23 -64.19 62.83 9.65
CA ASP RA 23 -64.03 62.23 10.97
C ASP RA 23 -62.67 62.63 11.56
N TYR RA 24 -62.42 62.20 12.79
CA TYR RA 24 -61.21 62.56 13.51
C TYR RA 24 -61.02 61.59 14.66
N ILE RA 25 -60.03 61.87 15.50
CA ILE RA 25 -59.72 61.05 16.67
C ILE RA 25 -59.97 61.82 17.96
N LYS RA 26 -59.35 62.99 18.11
CA LYS RA 26 -59.48 63.80 19.31
C LYS RA 26 -59.88 65.22 18.91
N GLU RA 27 -60.73 65.84 19.73
CA GLU RA 27 -61.24 67.16 19.40
C GLU RA 27 -60.15 68.22 19.43
N GLU RA 28 -59.04 67.95 20.12
CA GLU RA 28 -57.94 68.90 20.14
C GLU RA 28 -57.27 69.05 18.79
N HIS RA 29 -57.57 68.16 17.84
CA HIS RA 29 -56.98 68.21 16.51
C HIS RA 29 -57.77 69.09 15.54
N ILE RA 30 -58.84 69.72 15.99
CA ILE RA 30 -59.65 70.58 15.13
C ILE RA 30 -59.21 72.03 15.34
N LYS RA 31 -58.76 72.66 14.26
CA LYS RA 31 -58.33 74.06 14.29
C LYS RA 31 -59.33 74.92 13.54
N VAL RA 32 -59.68 76.06 14.11
CA VAL RA 32 -60.62 77.01 13.51
C VAL RA 32 -59.88 78.31 13.23
N PHE RA 33 -59.94 78.77 11.99
CA PHE RA 33 -59.29 79.99 11.56
C PHE RA 33 -60.34 80.95 11.00
N VAL RA 34 -60.24 82.22 11.40
CA VAL RA 34 -61.12 83.26 10.88
C VAL RA 34 -60.26 84.47 10.52
N ASN RA 35 -60.37 84.91 9.27
CA ASN RA 35 -59.63 86.08 8.78
C ASN RA 35 -58.13 85.94 9.02
N PHE RA 36 -57.61 84.74 8.77
CA PHE RA 36 -56.20 84.39 9.00
C PHE RA 36 -55.79 84.64 10.45
N VAL RA 37 -56.75 84.54 11.38
CA VAL RA 37 -56.49 84.70 12.80
C VAL RA 37 -56.89 83.41 13.51
N GLU RA 38 -55.98 82.86 14.29
CA GLU RA 38 -56.21 81.57 14.94
C GLU RA 38 -56.88 81.79 16.29
N LYS RA 39 -57.90 81.00 16.56
CA LYS RA 39 -58.62 81.05 17.83
C LYS RA 39 -58.41 79.76 18.60
N ALA RA 40 -58.27 79.89 19.91
CA ALA RA 40 -58.02 78.77 20.80
C ALA RA 40 -59.29 77.97 21.04
N GLN RA 41 -59.11 76.76 21.58
CA GLN RA 41 -60.21 75.85 21.84
C GLN RA 41 -60.46 75.78 23.35
N GLY RA 42 -61.73 75.81 23.73
CA GLY RA 42 -62.12 75.78 25.12
C GLY RA 42 -63.43 76.51 25.31
N THR RA 43 -63.62 77.03 26.52
CA THR RA 43 -64.84 77.74 26.89
C THR RA 43 -64.50 79.02 27.64
N GLY RA 44 -65.46 79.92 27.69
CA GLY RA 44 -65.30 81.16 28.42
C GLY RA 44 -64.48 82.19 27.66
N SER RA 45 -63.24 82.40 28.10
CA SER RA 45 -62.34 83.32 27.41
C SER RA 45 -62.02 82.84 26.01
N ASN RA 46 -62.24 81.57 25.71
CA ASN RA 46 -62.00 81.04 24.38
C ASN RA 46 -63.04 81.60 23.39
N GLU RA 47 -62.92 81.17 22.14
CA GLU RA 47 -63.79 81.67 21.08
C GLU RA 47 -64.76 80.64 20.55
N PHE RA 48 -64.45 79.34 20.65
CA PHE RA 48 -65.31 78.34 20.03
C PHE RA 48 -65.25 77.04 20.80
N GLN RA 49 -66.30 76.24 20.65
CA GLN RA 49 -66.38 74.88 21.18
C GLN RA 49 -66.79 73.96 20.04
N VAL RA 50 -66.74 72.66 20.33
CA VAL RA 50 -67.12 71.62 19.37
C VAL RA 50 -68.31 70.85 19.95
N ILE RA 51 -69.36 70.72 19.15
CA ILE RA 51 -70.56 69.99 19.55
C ILE RA 51 -70.65 68.73 18.70
N THR RA 52 -70.57 67.57 19.36
CA THR RA 52 -70.66 66.28 18.68
C THR RA 52 -71.94 65.53 18.99
N ASN RA 53 -72.89 66.17 19.69
CA ASN RA 53 -74.12 65.48 20.07
C ASN RA 53 -75.00 65.15 18.88
N THR RA 54 -75.03 66.00 17.86
CA THR RA 54 -75.90 65.82 16.70
C THR RA 54 -75.10 65.26 15.52
N THR RA 55 -75.79 65.11 14.40
CA THR RA 55 -75.19 64.62 13.16
C THR RA 55 -75.73 65.41 11.98
N PRO RA 56 -74.86 65.97 11.13
CA PRO RA 56 -73.39 65.92 11.19
C PRO RA 56 -72.82 66.83 12.27
N LYS RA 57 -71.61 66.55 12.74
CA LYS RA 57 -71.02 67.33 13.81
C LYS RA 57 -70.77 68.77 13.37
N LYS RA 58 -70.90 69.68 14.32
CA LYS RA 58 -70.75 71.11 14.03
C LYS RA 58 -69.94 71.76 15.14
N ILE RA 59 -69.37 72.92 14.82
CA ILE RA 59 -68.59 73.70 15.77
C ILE RA 59 -69.34 75.00 16.04
N SER RA 60 -69.33 75.42 17.30
CA SER RA 60 -70.08 76.60 17.75
C SER RA 60 -69.12 77.63 18.33
N LEU RA 61 -69.31 78.89 17.97
CA LEU RA 61 -68.51 79.96 18.52
C LEU RA 61 -69.18 80.56 19.75
N ASN RA 62 -68.41 81.34 20.50
CA ASN RA 62 -68.92 82.05 21.66
C ASN RA 62 -69.32 83.49 21.34
N THR RA 63 -69.14 83.93 20.10
CA THR RA 63 -69.51 85.28 19.69
C THR RA 63 -69.79 85.30 18.20
N GLY RA 64 -70.79 86.06 17.79
CA GLY RA 64 -71.09 86.18 16.38
C GLY RA 64 -70.06 87.00 15.64
N LEU RA 65 -70.04 86.83 14.32
CA LEU RA 65 -69.09 87.55 13.50
C LEU RA 65 -69.49 89.01 13.36
N SER RA 66 -68.48 89.87 13.18
CA SER RA 66 -68.74 91.31 13.09
C SER RA 66 -69.46 91.67 11.81
N ALA RA 67 -69.02 91.12 10.67
CA ALA RA 67 -69.59 91.47 9.38
C ALA RA 67 -69.82 90.20 8.57
N ASP RA 68 -70.71 90.31 7.59
CA ASP RA 68 -71.00 89.19 6.71
C ASP RA 68 -69.86 88.98 5.73
N ASN RA 69 -69.94 87.88 4.98
CA ASN RA 69 -68.90 87.50 4.02
C ASN RA 69 -67.53 87.43 4.69
N THR RA 70 -67.48 86.79 5.87
CA THR RA 70 -66.25 86.66 6.62
C THR RA 70 -65.65 85.27 6.42
N ARG RA 71 -64.33 85.23 6.21
CA ARG RA 71 -63.65 83.96 5.96
C ARG RA 71 -63.54 83.16 7.25
N VAL RA 72 -64.05 81.94 7.22
CA VAL RA 72 -63.96 81.01 8.34
C VAL RA 72 -63.41 79.69 7.81
N GLU RA 73 -62.33 79.22 8.42
CA GLU RA 73 -61.65 78.01 7.97
C GLU RA 73 -61.62 76.99 9.11
N ILE RA 74 -61.97 75.75 8.78
CA ILE RA 74 -61.90 74.63 9.72
C ILE RA 74 -61.14 73.51 9.03
N ARG RA 75 -60.02 73.11 9.61
CA ARG RA 75 -59.21 72.05 9.03
C ARG RA 75 -58.62 71.19 10.13
N ARG RA 76 -58.58 69.88 9.89
CA ARG RA 76 -58.03 68.92 10.82
C ARG RA 76 -56.51 68.85 10.68
N VAL RA 77 -55.84 68.56 11.79
CA VAL RA 77 -54.41 68.30 11.77
C VAL RA 77 -54.07 67.34 12.91
N SER RA 78 -53.44 66.22 12.58
CA SER RA 78 -53.08 65.23 13.58
C SER RA 78 -51.74 65.59 14.22
N SER RA 79 -51.44 64.90 15.32
CA SER RA 79 -50.20 65.16 16.04
C SER RA 79 -49.00 64.74 15.20
N LEU RA 80 -48.21 65.72 14.77
CA LEU RA 80 -47.01 65.46 13.99
C LEU RA 80 -45.76 65.28 14.83
N SER RA 81 -45.66 65.98 15.96
CA SER RA 81 -44.44 66.00 16.75
C SER RA 81 -44.38 64.88 17.79
N THR RA 82 -45.39 64.01 17.85
CA THR RA 82 -45.41 62.96 18.84
C THR RA 82 -46.33 61.83 18.41
N PRO RA 83 -45.88 60.57 18.46
CA PRO RA 83 -46.78 59.47 18.13
C PRO RA 83 -47.96 59.41 19.09
N LEU RA 84 -49.13 59.07 18.55
CA LEU RA 84 -50.34 59.05 19.37
C LEU RA 84 -50.33 57.90 20.37
N VAL RA 85 -49.78 56.75 20.00
CA VAL RA 85 -49.82 55.55 20.82
C VAL RA 85 -48.41 55.00 20.95
N ASP RA 86 -47.99 54.74 22.18
CA ASP RA 86 -46.71 54.11 22.46
C ASP RA 86 -46.94 52.73 23.06
N PHE RA 87 -46.08 51.79 22.70
CA PHE RA 87 -46.21 50.41 23.11
C PHE RA 87 -45.31 50.13 24.30
N ALA RA 88 -45.87 49.54 25.35
CA ALA RA 88 -45.14 49.22 26.56
C ALA RA 88 -44.97 47.71 26.65
N ASP RA 89 -43.80 47.28 27.12
CA ASP RA 89 -43.52 45.86 27.23
C ASP RA 89 -44.08 45.30 28.53
N GLY RA 90 -44.50 44.04 28.49
CA GLY RA 90 -45.06 43.38 29.65
C GLY RA 90 -46.55 43.50 29.81
N SER RA 91 -47.29 43.70 28.73
CA SER RA 91 -48.75 43.84 28.81
C SER RA 91 -49.43 42.95 27.79
N THR RA 92 -50.74 43.13 27.62
CA THR RA 92 -51.52 42.36 26.66
C THR RA 92 -51.82 43.23 25.45
N LEU RA 93 -51.52 42.72 24.26
CA LEU RA 93 -51.78 43.48 23.04
C LEU RA 93 -53.28 43.65 22.83
N THR RA 94 -53.66 44.81 22.32
CA THR RA 94 -55.05 45.11 22.02
C THR RA 94 -55.15 45.61 20.59
N ALA RA 95 -56.18 45.18 19.87
CA ALA RA 95 -56.36 45.60 18.49
C ALA RA 95 -56.68 47.08 18.39
N ALA RA 96 -57.19 47.68 19.47
CA ALA RA 96 -57.54 49.10 19.44
C ALA RA 96 -56.32 49.97 19.19
N ASP RA 97 -55.19 49.63 19.82
CA ASP RA 97 -53.98 50.43 19.64
C ASP RA 97 -53.48 50.35 18.20
N LEU RA 98 -53.47 49.15 17.62
CA LEU RA 98 -53.03 49.00 16.24
C LEU RA 98 -53.95 49.77 15.29
N ASP RA 99 -55.26 49.68 15.52
CA ASP RA 99 -56.20 50.43 14.69
C ASP RA 99 -55.98 51.92 14.81
N THR RA 100 -55.73 52.41 16.03
CA THR RA 100 -55.48 53.83 16.24
C THR RA 100 -54.22 54.28 15.51
N ALA RA 101 -53.15 53.48 15.57
CA ALA RA 101 -51.92 53.84 14.87
C ALA RA 101 -52.15 53.91 13.36
N GLU RA 102 -52.85 52.91 12.81
CA GLU RA 102 -53.14 52.93 11.38
C GLU RA 102 -53.98 54.14 11.01
N LYS RA 103 -54.98 54.47 11.83
CA LYS RA 103 -55.82 55.63 11.55
C LYS RA 103 -55.01 56.91 11.56
N GLN RA 104 -54.10 57.05 12.53
CA GLN RA 104 -53.28 58.26 12.58
C GLN RA 104 -52.43 58.40 11.33
N SER RA 105 -51.78 57.31 10.91
CA SER RA 105 -50.94 57.39 9.72
C SER RA 105 -51.76 57.76 8.49
N LEU RA 106 -52.92 57.12 8.33
CA LEU RA 106 -53.75 57.41 7.17
C LEU RA 106 -54.23 58.86 7.18
N PHE RA 107 -54.62 59.36 8.35
CA PHE RA 107 -55.13 60.73 8.43
C PHE RA 107 -54.03 61.73 8.11
N ILE RA 108 -52.81 61.49 8.59
CA ILE RA 108 -51.71 62.41 8.28
C ILE RA 108 -51.45 62.43 6.78
N ASP RA 109 -51.44 61.26 6.14
CA ASP RA 109 -51.21 61.22 4.69
C ASP RA 109 -52.32 61.95 3.95
N GLN RA 110 -53.57 61.76 4.38
CA GLN RA 110 -54.69 62.47 3.76
C GLN RA 110 -54.52 63.97 3.88
N GLU RA 111 -54.13 64.44 5.07
CA GLU RA 111 -54.02 65.88 5.29
C GLU RA 111 -52.90 66.45 4.42
N LEU RA 112 -51.79 65.73 4.30
CA LEU RA 112 -50.68 66.22 3.47
C LEU RA 112 -51.09 66.30 2.00
N ASP RA 113 -51.81 65.29 1.50
CA ASP RA 113 -52.27 65.33 0.13
C ASP RA 113 -53.22 66.50 -0.09
N ASP RA 114 -54.11 66.75 0.87
CA ASP RA 114 -55.02 67.87 0.77
C ASP RA 114 -54.26 69.19 0.72
N ALA RA 115 -53.22 69.32 1.53
CA ALA RA 115 -52.41 70.55 1.50
C ALA RA 115 -51.76 70.75 0.14
N LEU RA 116 -51.18 69.68 -0.42
CA LEU RA 116 -50.56 69.80 -1.74
C LEU RA 116 -51.58 70.20 -2.79
N LYS RA 117 -52.78 69.62 -2.75
CA LYS RA 117 -53.81 69.95 -3.72
C LYS RA 117 -54.28 71.39 -3.57
N GLN RA 118 -54.49 71.84 -2.34
CA GLN RA 118 -54.84 73.25 -2.10
C GLN RA 118 -53.70 74.17 -2.46
N GLY RA 119 -52.50 73.62 -2.64
CA GLY RA 119 -51.37 74.38 -3.10
C GLY RA 119 -51.28 74.32 -4.61
N ILE RA 120 -50.39 73.49 -5.14
CA ILE RA 120 -50.14 73.42 -6.57
C ILE RA 120 -50.60 72.05 -7.08
N SER RA 121 -51.43 72.06 -8.10
CA SER RA 121 -51.91 70.85 -8.74
C SER RA 121 -51.50 70.85 -10.21
N ILE RA 122 -51.93 69.81 -10.92
CA ILE RA 122 -51.72 69.69 -12.36
C ILE RA 122 -53.08 69.51 -13.01
N ASP RA 123 -53.44 70.46 -13.87
CA ASP RA 123 -54.74 70.41 -14.53
C ASP RA 123 -54.84 69.19 -15.42
N THR RA 124 -55.95 68.47 -15.32
CA THR RA 124 -56.20 67.29 -16.14
C THR RA 124 -56.79 67.63 -17.49
N SER RA 125 -56.74 68.90 -17.90
CA SER RA 125 -57.16 69.30 -19.23
C SER RA 125 -56.00 69.52 -20.18
N THR RA 126 -54.84 69.92 -19.66
CA THR RA 126 -53.64 70.10 -20.47
C THR RA 126 -52.39 69.46 -19.90
N GLY RA 127 -52.39 69.10 -18.61
CA GLY RA 127 -51.22 68.51 -18.02
C GLY RA 127 -50.18 69.49 -17.53
N VAL RA 128 -50.49 70.78 -17.54
CA VAL RA 128 -49.56 71.80 -17.05
C VAL RA 128 -50.01 72.23 -15.67
N PRO RA 129 -49.09 72.70 -14.81
CA PRO RA 129 -49.50 73.18 -13.49
C PRO RA 129 -50.50 74.31 -13.59
N THR RA 130 -51.44 74.33 -12.64
CA THR RA 130 -52.51 75.32 -12.61
C THR RA 130 -52.65 75.88 -11.21
N LEU RA 131 -53.25 77.07 -11.11
CA LEU RA 131 -53.42 77.75 -9.84
C LEU RA 131 -54.87 77.91 -9.42
N ASN RA 132 -55.82 77.39 -10.21
CA ASN RA 132 -57.25 77.47 -9.89
C ASN RA 132 -57.72 78.91 -9.70
N SER RA 133 -57.14 79.84 -10.47
CA SER RA 133 -57.57 81.23 -10.50
C SER RA 133 -57.46 81.89 -9.13
N GLN RA 134 -56.24 81.97 -8.62
CA GLN RA 134 -55.94 82.70 -7.40
C GLN RA 134 -54.90 83.79 -7.70
N ARG RA 135 -54.41 84.43 -6.65
CA ARG RA 135 -53.52 85.58 -6.77
C ARG RA 135 -52.18 85.29 -6.10
N LEU RA 136 -51.10 85.62 -6.81
CA LEU RA 136 -49.74 85.38 -6.35
C LEU RA 136 -49.14 86.69 -5.83
N SER RA 137 -48.39 86.59 -4.74
CA SER RA 137 -47.75 87.77 -4.16
C SER RA 137 -46.48 87.34 -3.45
N ASN RA 138 -45.82 88.30 -2.80
CA ASN RA 138 -44.57 88.07 -2.07
C ASN RA 138 -43.50 87.45 -2.95
N VAL RA 139 -43.42 87.89 -4.20
CA VAL RA 139 -42.42 87.42 -5.15
C VAL RA 139 -41.32 88.47 -5.23
N SER RA 140 -40.07 88.04 -5.07
CA SER RA 140 -38.95 88.96 -5.18
C SER RA 140 -38.83 89.46 -6.61
N ASP RA 141 -38.25 90.66 -6.75
CA ASP RA 141 -38.08 91.25 -8.06
C ASP RA 141 -37.19 90.37 -8.93
N PRO RA 142 -37.53 90.17 -10.20
CA PRO RA 142 -36.70 89.31 -11.04
C PRO RA 142 -35.37 89.95 -11.41
N VAL RA 143 -34.29 89.50 -10.79
CA VAL RA 143 -32.97 89.97 -11.18
C VAL RA 143 -32.67 89.57 -12.63
N ASN RA 144 -32.96 88.31 -12.97
CA ASN RA 144 -33.05 87.87 -14.35
C ASN RA 144 -34.52 87.77 -14.71
N ALA RA 145 -34.85 88.17 -15.93
CA ALA RA 145 -36.24 88.13 -16.35
C ALA RA 145 -36.74 86.73 -16.66
N GLN RA 146 -35.93 85.69 -16.37
CA GLN RA 146 -36.45 84.32 -16.40
C GLN RA 146 -37.67 84.19 -15.51
N ASP RA 147 -37.68 84.91 -14.39
CA ASP RA 147 -38.81 84.93 -13.48
C ASP RA 147 -40.03 85.57 -14.14
N ALA RA 148 -41.20 85.23 -13.62
CA ALA RA 148 -42.41 85.92 -14.03
C ALA RA 148 -42.30 87.40 -13.69
N VAL RA 149 -42.66 88.25 -14.64
CA VAL RA 149 -42.48 89.69 -14.49
C VAL RA 149 -43.41 90.20 -13.41
N THR RA 150 -42.87 90.95 -12.46
CA THR RA 150 -43.67 91.57 -11.43
C THR RA 150 -44.20 92.91 -11.93
N LYS RA 151 -45.47 93.19 -11.64
CA LYS RA 151 -46.09 94.40 -12.15
C LYS RA 151 -45.48 95.67 -11.56
N ALA RA 152 -44.89 95.60 -10.36
CA ALA RA 152 -44.16 96.75 -9.86
C ALA RA 152 -42.96 97.06 -10.75
N TYR RA 153 -42.22 96.02 -11.14
CA TYR RA 153 -41.12 96.19 -12.07
C TYR RA 153 -41.60 96.65 -13.44
N LEU RA 154 -42.82 96.25 -13.83
CA LEU RA 154 -43.37 96.67 -15.11
C LEU RA 154 -43.74 98.15 -15.08
N GLU RA 155 -44.44 98.59 -14.04
CA GLU RA 155 -45.00 99.93 -13.99
C GLU RA 155 -44.08 100.96 -13.34
N ARG RA 156 -42.92 100.55 -12.84
CA ARG RA 156 -42.02 101.52 -12.23
C ARG RA 156 -41.47 102.46 -13.30
N SER RA 157 -41.41 103.76 -12.96
CA SER RA 157 -40.98 104.77 -13.91
C SER RA 157 -39.51 104.55 -14.28
N GLY RA 158 -39.26 104.40 -15.57
CA GLY RA 158 -37.92 104.12 -16.06
C GLY RA 158 -37.52 102.67 -15.99
N SER RA 159 -38.29 101.82 -15.32
CA SER RA 159 -37.97 100.40 -15.27
C SER RA 159 -38.27 99.71 -16.60
N ILE RA 160 -39.24 100.23 -17.35
CA ILE RA 160 -39.52 99.69 -18.68
C ILE RA 160 -38.29 99.85 -19.55
N THR RA 161 -37.89 98.77 -20.20
CA THR RA 161 -36.78 98.83 -21.13
C THR RA 161 -37.23 99.41 -22.47
N SER RA 162 -36.26 99.95 -23.22
CA SER RA 162 -36.58 100.52 -24.51
C SER RA 162 -37.11 99.48 -25.49
N THR RA 163 -36.76 98.20 -25.30
CA THR RA 163 -37.29 97.12 -26.12
C THR RA 163 -38.63 96.60 -25.63
N GLN RA 164 -39.07 97.00 -24.43
CA GLN RA 164 -40.38 96.55 -23.95
C GLN RA 164 -41.53 97.22 -24.69
N ILE RA 165 -41.30 98.37 -25.30
CA ILE RA 165 -42.31 99.06 -26.09
C ILE RA 165 -42.11 98.69 -27.56
N LEU RA 166 -43.19 98.25 -28.20
CA LEU RA 166 -43.12 97.70 -29.55
C LEU RA 166 -43.88 98.64 -30.49
N ASN RA 167 -43.12 99.46 -31.23
CA ASN RA 167 -43.69 100.53 -32.03
C ASN RA 167 -44.67 99.98 -33.06
N GLY RA 168 -45.68 100.78 -33.39
CA GLY RA 168 -46.65 100.41 -34.41
C GLY RA 168 -48.07 100.88 -34.18
N THR RA 169 -48.40 101.33 -32.98
CA THR RA 169 -49.75 101.78 -32.68
C THR RA 169 -49.78 103.23 -32.23
N ILE RA 170 -49.13 104.11 -32.99
CA ILE RA 170 -49.09 105.53 -32.65
C ILE RA 170 -50.41 106.18 -33.06
N VAL RA 171 -51.14 106.70 -32.07
CA VAL RA 171 -52.37 107.46 -32.29
C VAL RA 171 -52.35 108.68 -31.40
N ASP RA 172 -53.43 109.44 -31.41
CA ASP RA 172 -53.56 110.65 -30.60
C ASP RA 172 -54.30 110.42 -29.29
N ALA RA 173 -54.52 109.16 -28.91
CA ALA RA 173 -55.33 108.87 -27.73
C ALA RA 173 -54.62 109.27 -26.44
N ASP RA 174 -53.31 109.02 -26.36
CA ASP RA 174 -52.59 109.14 -25.11
C ASP RA 174 -51.61 110.32 -25.08
N ILE RA 175 -51.36 110.98 -26.20
CA ILE RA 175 -50.57 112.20 -26.16
C ILE RA 175 -51.38 113.28 -25.46
N ASN RA 176 -50.81 113.84 -24.40
CA ASN RA 176 -51.52 114.88 -23.65
C ASN RA 176 -51.70 116.12 -24.51
N ALA RA 177 -52.84 116.80 -24.31
CA ALA RA 177 -53.14 117.98 -25.11
C ALA RA 177 -52.11 119.08 -24.87
N SER RA 178 -51.70 119.26 -23.62
CA SER RA 178 -50.71 120.27 -23.25
C SER RA 178 -49.30 119.69 -23.15
N ALA RA 179 -49.09 118.47 -23.64
CA ALA RA 179 -47.76 117.86 -23.58
C ALA RA 179 -46.78 118.64 -24.44
N ALA RA 180 -45.73 119.16 -23.82
CA ALA RA 180 -44.70 119.91 -24.52
C ALA RA 180 -43.66 118.95 -25.10
N ILE RA 181 -44.09 118.24 -26.16
CA ILE RA 181 -43.21 117.30 -26.84
C ILE RA 181 -42.01 118.05 -27.40
N ALA RA 182 -40.82 117.50 -27.18
CA ALA RA 182 -39.60 118.13 -27.68
C ALA RA 182 -39.68 118.30 -29.19
N LYS RA 183 -39.45 119.54 -29.64
CA LYS RA 183 -39.75 119.88 -31.03
C LYS RA 183 -38.78 119.20 -32.01
N SER RA 184 -37.54 118.95 -31.59
CA SER RA 184 -36.52 118.43 -32.48
C SER RA 184 -36.61 116.91 -32.65
N LYS RA 185 -37.77 116.32 -32.40
CA LYS RA 185 -37.92 114.87 -32.46
C LYS RA 185 -38.77 114.38 -33.63
N LEU RA 186 -39.39 115.28 -34.40
CA LEU RA 186 -40.19 114.87 -35.54
C LEU RA 186 -39.98 115.85 -36.69
N ALA RA 187 -40.09 115.33 -37.91
CA ALA RA 187 -39.96 116.13 -39.11
C ALA RA 187 -41.33 116.64 -39.56
N ALA RA 188 -41.42 117.13 -40.79
CA ALA RA 188 -42.66 117.62 -41.36
C ALA RA 188 -43.13 116.70 -42.48
N LEU RA 189 -44.43 116.71 -42.73
CA LEU RA 189 -44.99 115.96 -43.85
C LEU RA 189 -44.73 116.69 -45.16
N ASN RA 190 -44.71 115.91 -46.25
CA ASN RA 190 -44.47 116.45 -47.58
C ASN RA 190 -45.77 117.05 -48.11
N ILE RA 191 -46.05 118.27 -47.68
CA ILE RA 191 -47.29 118.94 -48.04
C ILE RA 191 -47.18 119.46 -49.47
N VAL RA 192 -48.17 119.12 -50.30
CA VAL RA 192 -48.20 119.58 -51.67
C VAL RA 192 -49.45 120.43 -51.91
N MET SA 1 -35.32 58.96 -9.77
CA MET SA 1 -36.37 58.91 -10.79
C MET SA 1 -37.77 58.91 -10.18
N ALA SA 2 -38.77 59.01 -11.04
CA ALA SA 2 -40.14 58.85 -10.59
C ALA SA 2 -40.35 57.45 -10.04
N PHE SA 3 -41.00 57.36 -8.88
CA PHE SA 3 -41.07 56.09 -8.17
C PHE SA 3 -42.15 55.17 -8.70
N ALA SA 4 -43.36 55.68 -8.93
CA ALA SA 4 -44.48 54.81 -9.28
C ALA SA 4 -45.32 55.40 -10.40
N GLN SA 5 -44.68 55.91 -11.45
CA GLN SA 5 -45.43 56.41 -12.59
C GLN SA 5 -44.54 56.35 -13.83
N ARG SA 6 -45.21 56.30 -14.99
CA ARG SA 6 -44.52 56.32 -16.27
C ARG SA 6 -45.39 57.02 -17.29
N ILE SA 7 -44.83 57.99 -17.98
CA ILE SA 7 -45.54 58.81 -18.97
C ILE SA 7 -44.96 58.52 -20.34
N ILE SA 8 -45.81 58.09 -21.26
CA ILE SA 8 -45.40 57.65 -22.59
C ILE SA 8 -46.08 58.52 -23.64
N THR SA 9 -45.27 59.06 -24.56
CA THR SA 9 -45.79 59.70 -25.76
C THR SA 9 -45.81 58.65 -26.87
N SER SA 10 -47.02 58.22 -27.26
CA SER SA 10 -47.16 57.11 -28.19
C SER SA 10 -46.51 57.44 -29.53
N ASN SA 11 -46.21 56.39 -30.29
CA ASN SA 11 -45.42 56.54 -31.50
C ASN SA 11 -46.07 55.92 -32.73
N SER SA 12 -47.18 55.19 -32.59
CA SER SA 12 -47.84 54.58 -33.74
C SER SA 12 -49.27 54.24 -33.38
N ALA SA 13 -50.22 54.71 -34.18
CA ALA SA 13 -51.62 54.37 -33.97
C ALA SA 13 -51.84 52.90 -34.28
N GLY SA 14 -52.74 52.27 -33.52
CA GLY SA 14 -53.00 50.85 -33.63
C GLY SA 14 -52.30 49.99 -32.61
N ASP SA 15 -51.40 50.57 -31.82
CA ASP SA 15 -50.74 49.81 -30.76
C ASP SA 15 -51.71 49.56 -29.61
N GLN SA 16 -51.41 48.52 -28.83
CA GLN SA 16 -52.32 48.11 -27.78
C GLN SA 16 -51.64 47.95 -26.42
N GLU SA 17 -50.36 47.55 -26.42
CA GLU SA 17 -49.69 47.14 -25.20
C GLU SA 17 -48.54 48.10 -24.88
N PHE SA 18 -48.41 48.43 -23.60
CA PHE SA 18 -47.34 49.28 -23.11
C PHE SA 18 -46.81 48.69 -21.80
N THR SA 19 -45.50 48.71 -21.63
CA THR SA 19 -44.89 48.07 -20.47
C THR SA 19 -44.75 49.05 -19.31
N PHE SA 20 -44.68 48.50 -18.10
CA PHE SA 20 -44.47 49.27 -16.90
C PHE SA 20 -43.70 48.42 -15.90
N THR SA 21 -42.96 49.09 -15.02
CA THR SA 21 -41.93 48.42 -14.22
C THR SA 21 -42.18 48.42 -12.73
N PHE SA 22 -42.87 49.44 -12.19
CA PHE SA 22 -42.97 49.58 -10.75
C PHE SA 22 -43.79 48.44 -10.14
N ASP SA 23 -43.78 48.40 -8.80
CA ASP SA 23 -44.47 47.36 -8.06
C ASP SA 23 -45.88 47.82 -7.68
N TYR SA 24 -46.67 46.88 -7.17
CA TYR SA 24 -48.03 47.17 -6.75
C TYR SA 24 -48.47 46.07 -5.78
N ILE SA 25 -49.58 46.34 -5.09
CA ILE SA 25 -50.15 45.41 -4.12
C ILE SA 25 -51.36 44.68 -4.69
N LYS SA 26 -52.29 45.42 -5.29
CA LYS SA 26 -53.45 44.84 -5.94
C LYS SA 26 -53.62 45.44 -7.33
N GLU SA 27 -54.19 44.64 -8.24
CA GLU SA 27 -54.32 45.09 -9.62
C GLU SA 27 -55.21 46.32 -9.74
N GLU SA 28 -56.25 46.41 -8.89
CA GLU SA 28 -57.15 47.55 -8.95
C GLU SA 28 -56.51 48.85 -8.48
N HIS SA 29 -55.21 48.85 -8.17
CA HIS SA 29 -54.50 50.07 -7.82
C HIS SA 29 -53.79 50.71 -9.00
N ILE SA 30 -54.00 50.19 -10.21
CA ILE SA 30 -53.36 50.72 -11.41
C ILE SA 30 -54.36 51.58 -12.17
N LYS SA 31 -53.92 52.76 -12.59
CA LYS SA 31 -54.75 53.70 -13.33
C LYS SA 31 -54.11 54.01 -14.67
N VAL SA 32 -54.94 54.11 -15.71
CA VAL SA 32 -54.48 54.40 -17.06
C VAL SA 32 -55.20 55.66 -17.54
N PHE SA 33 -54.44 56.57 -18.14
CA PHE SA 33 -54.98 57.80 -18.70
C PHE SA 33 -54.71 57.83 -20.20
N VAL SA 34 -55.71 58.21 -20.97
CA VAL SA 34 -55.58 58.40 -22.42
C VAL SA 34 -55.99 59.83 -22.74
N ASN SA 35 -55.08 60.58 -23.36
CA ASN SA 35 -55.27 62.00 -23.75
C ASN SA 35 -56.10 62.76 -22.72
N PHE SA 36 -55.61 62.75 -21.48
CA PHE SA 36 -56.25 63.44 -20.36
C PHE SA 36 -57.64 62.90 -20.06
N VAL SA 37 -57.87 61.62 -20.30
CA VAL SA 37 -59.12 60.96 -19.92
C VAL SA 37 -58.78 59.72 -19.10
N GLU SA 38 -59.27 59.66 -17.88
CA GLU SA 38 -59.05 58.50 -17.04
C GLU SA 38 -59.79 57.31 -17.65
N LYS SA 39 -59.15 56.14 -17.62
CA LYS SA 39 -59.66 54.94 -18.27
C LYS SA 39 -60.12 53.95 -17.21
N ALA SA 40 -61.34 53.45 -17.37
CA ALA SA 40 -61.87 52.49 -16.42
C ALA SA 40 -61.17 51.15 -16.56
N GLN SA 41 -61.29 50.32 -15.51
CA GLN SA 41 -60.64 49.02 -15.44
C GLN SA 41 -61.67 47.91 -15.52
N GLY SA 42 -61.31 46.84 -16.20
CA GLY SA 42 -62.20 45.69 -16.35
C GLY SA 42 -61.83 44.88 -17.57
N THR SA 43 -62.86 44.42 -18.29
CA THR SA 43 -62.67 43.61 -19.49
C THR SA 43 -63.88 43.76 -20.39
N GLY SA 44 -63.71 43.36 -21.64
CA GLY SA 44 -64.78 43.44 -22.61
C GLY SA 44 -65.10 44.87 -23.00
N SER SA 45 -66.26 45.37 -22.52
CA SER SA 45 -66.60 46.76 -22.76
C SER SA 45 -65.56 47.69 -22.15
N ASN SA 46 -65.08 47.36 -20.96
CA ASN SA 46 -63.98 48.10 -20.35
C ASN SA 46 -62.75 48.02 -21.25
N GLU SA 47 -62.02 49.12 -21.34
CA GLU SA 47 -61.08 49.33 -22.42
C GLU SA 47 -59.70 48.74 -22.19
N PHE SA 48 -59.34 48.37 -20.96
CA PHE SA 48 -57.99 47.87 -20.73
C PHE SA 48 -57.99 46.80 -19.64
N GLN SA 49 -56.92 46.01 -19.65
CA GLN SA 49 -56.72 44.95 -18.67
C GLN SA 49 -55.22 44.78 -18.47
N VAL SA 50 -54.85 44.16 -17.36
CA VAL SA 50 -53.46 44.05 -16.93
C VAL SA 50 -52.97 42.62 -17.18
N ILE SA 51 -51.79 42.50 -17.76
CA ILE SA 51 -51.15 41.22 -18.02
C ILE SA 51 -49.95 41.12 -17.09
N THR SA 52 -50.08 40.30 -16.03
CA THR SA 52 -49.03 40.15 -15.03
C THR SA 52 -48.24 38.86 -15.21
N ASN SA 53 -48.24 38.30 -16.42
CA ASN SA 53 -47.62 37.01 -16.68
C ASN SA 53 -46.24 37.13 -17.32
N THR SA 54 -46.00 38.18 -18.11
CA THR SA 54 -44.74 38.36 -18.82
C THR SA 54 -43.88 39.38 -18.09
N THR SA 55 -42.57 39.14 -18.07
CA THR SA 55 -41.63 40.08 -17.46
C THR SA 55 -40.93 40.88 -18.56
N PRO SA 56 -41.01 42.22 -18.54
CA PRO SA 56 -41.71 43.06 -17.57
C PRO SA 56 -43.21 43.09 -17.83
N LYS SA 57 -44.01 43.29 -16.80
CA LYS SA 57 -45.46 43.30 -16.97
C LYS SA 57 -45.89 44.49 -17.83
N LYS SA 58 -47.04 44.35 -18.48
CA LYS SA 58 -47.54 45.37 -19.38
C LYS SA 58 -49.06 45.40 -19.31
N ILE SA 59 -49.64 46.52 -19.73
CA ILE SA 59 -51.09 46.70 -19.76
C ILE SA 59 -51.54 46.67 -21.21
N SER SA 60 -52.65 45.99 -21.46
CA SER SA 60 -53.19 45.83 -22.81
C SER SA 60 -54.52 46.55 -22.91
N LEU SA 61 -54.69 47.31 -23.99
CA LEU SA 61 -55.95 47.99 -24.27
C LEU SA 61 -56.79 47.13 -25.21
N ASN SA 62 -58.11 47.09 -24.94
CA ASN SA 62 -59.00 46.32 -25.78
C ASN SA 62 -59.25 46.96 -27.14
N THR SA 63 -59.01 48.27 -27.25
CA THR SA 63 -59.17 48.99 -28.51
C THR SA 63 -57.86 49.65 -28.89
N GLY SA 64 -57.51 49.55 -30.16
CA GLY SA 64 -56.27 50.15 -30.63
C GLY SA 64 -56.32 51.67 -30.60
N LEU SA 65 -55.12 52.26 -30.55
CA LEU SA 65 -55.02 53.71 -30.51
C LEU SA 65 -55.51 54.31 -31.82
N SER SA 66 -56.39 55.32 -31.71
CA SER SA 66 -56.97 55.93 -32.90
C SER SA 66 -55.94 56.74 -33.67
N ALA SA 67 -55.17 57.57 -32.98
CA ALA SA 67 -54.17 58.42 -33.61
C ALA SA 67 -52.87 58.32 -32.84
N ASP SA 68 -51.75 58.36 -33.57
CA ASP SA 68 -50.44 58.29 -32.94
C ASP SA 68 -50.14 59.59 -32.20
N ASN SA 69 -49.08 59.53 -31.38
CA ASN SA 69 -48.69 60.64 -30.51
C ASN SA 69 -49.83 61.04 -29.57
N THR SA 70 -50.45 60.04 -28.95
CA THR SA 70 -51.45 60.24 -27.92
C THR SA 70 -50.85 59.80 -26.60
N ARG SA 71 -50.79 60.70 -25.62
CA ARG SA 71 -50.09 60.42 -24.38
C ARG SA 71 -50.86 59.40 -23.54
N VAL SA 72 -50.13 58.44 -23.00
CA VAL SA 72 -50.67 57.42 -22.12
C VAL SA 72 -49.85 57.41 -20.84
N GLU SA 73 -50.52 57.49 -19.70
CA GLU SA 73 -49.86 57.55 -18.40
C GLU SA 73 -50.29 56.37 -17.54
N ILE SA 74 -49.32 55.65 -17.01
CA ILE SA 74 -49.57 54.56 -16.05
C ILE SA 74 -49.03 55.01 -14.70
N ARG SA 75 -49.90 55.11 -13.71
CA ARG SA 75 -49.48 55.54 -12.38
C ARG SA 75 -50.20 54.72 -11.33
N ARG SA 76 -49.48 54.40 -10.25
CA ARG SA 76 -50.02 53.59 -9.17
C ARG SA 76 -50.53 54.48 -8.05
N VAL SA 77 -51.73 54.18 -7.56
CA VAL SA 77 -52.28 54.86 -6.39
C VAL SA 77 -52.81 53.79 -5.44
N SER SA 78 -52.35 53.82 -4.20
CA SER SA 78 -52.88 52.92 -3.19
C SER SA 78 -54.15 53.52 -2.59
N SER SA 79 -54.89 52.69 -1.85
CA SER SA 79 -56.14 53.15 -1.25
C SER SA 79 -55.86 54.18 -0.17
N LEU SA 80 -56.10 55.45 -0.50
CA LEU SA 80 -55.90 56.55 0.45
C LEU SA 80 -57.10 56.74 1.38
N SER SA 81 -58.18 56.01 1.18
CA SER SA 81 -59.41 56.21 1.94
C SER SA 81 -59.62 55.20 3.05
N THR SA 82 -59.18 53.96 2.88
CA THR SA 82 -59.40 52.93 3.89
C THR SA 82 -58.11 52.13 4.11
N PRO SA 83 -57.86 51.68 5.34
CA PRO SA 83 -56.74 50.77 5.57
C PRO SA 83 -56.97 49.44 4.86
N LEU SA 84 -55.87 48.82 4.43
CA LEU SA 84 -55.98 47.57 3.70
C LEU SA 84 -56.13 46.36 4.62
N VAL SA 85 -55.85 46.50 5.90
CA VAL SA 85 -55.94 45.41 6.85
C VAL SA 85 -56.65 45.89 8.12
N ASP SA 86 -57.59 45.09 8.60
CA ASP SA 86 -58.35 45.40 9.81
C ASP SA 86 -58.05 44.34 10.87
N PHE SA 87 -57.74 44.79 12.08
CA PHE SA 87 -57.41 43.89 13.18
C PHE SA 87 -58.63 43.67 14.05
N ALA SA 88 -58.91 42.41 14.36
CA ALA SA 88 -60.01 42.03 15.22
C ALA SA 88 -59.49 41.07 16.29
N ASP SA 89 -59.97 41.27 17.52
CA ASP SA 89 -59.51 40.45 18.63
C ASP SA 89 -59.93 39.00 18.43
N GLY SA 90 -59.09 38.09 18.94
CA GLY SA 90 -59.30 36.67 18.74
C GLY SA 90 -58.67 36.10 17.49
N SER SA 91 -58.04 36.94 16.67
CA SER SA 91 -57.39 36.49 15.44
C SER SA 91 -55.89 36.35 15.68
N THR SA 92 -55.33 35.22 15.24
CA THR SA 92 -53.92 34.96 15.39
C THR SA 92 -53.14 35.87 14.44
N LEU SA 93 -52.32 36.75 15.00
CA LEU SA 93 -51.59 37.71 14.18
C LEU SA 93 -50.55 36.98 13.34
N THR SA 94 -50.40 37.41 12.09
CA THR SA 94 -49.44 36.84 11.17
C THR SA 94 -48.68 37.94 10.47
N ALA SA 95 -47.47 37.63 10.02
CA ALA SA 95 -46.61 38.64 9.43
C ALA SA 95 -47.18 39.24 8.15
N ALA SA 96 -48.11 38.53 7.49
CA ALA SA 96 -48.67 39.04 6.24
C ALA SA 96 -49.38 40.35 6.45
N ASP SA 97 -50.18 40.46 7.52
CA ASP SA 97 -50.93 41.69 7.78
C ASP SA 97 -49.99 42.85 8.06
N LEU SA 98 -48.99 42.64 8.91
CA LEU SA 98 -48.05 43.71 9.25
C LEU SA 98 -47.25 44.14 8.04
N ASP SA 99 -46.81 43.19 7.22
CA ASP SA 99 -46.10 43.54 6.00
C ASP SA 99 -47.01 44.32 5.05
N THR SA 100 -48.28 43.94 4.95
CA THR SA 100 -49.20 44.67 4.08
C THR SA 100 -49.36 46.11 4.55
N ALA SA 101 -49.51 46.31 5.86
CA ALA SA 101 -49.61 47.67 6.37
C ALA SA 101 -48.36 48.49 6.07
N GLU SA 102 -47.18 47.89 6.28
CA GLU SA 102 -45.94 48.60 6.03
C GLU SA 102 -45.79 48.96 4.56
N LYS SA 103 -46.11 48.02 3.67
CA LYS SA 103 -46.03 48.30 2.24
C LYS SA 103 -47.00 49.40 1.85
N GLN SA 104 -48.22 49.40 2.39
CA GLN SA 104 -49.18 50.44 2.06
C GLN SA 104 -48.64 51.81 2.48
N SER SA 105 -48.12 51.92 3.70
CA SER SA 105 -47.60 53.20 4.17
C SER SA 105 -46.43 53.67 3.31
N LEU SA 106 -45.48 52.78 3.03
CA LEU SA 106 -44.32 53.17 2.25
C LEU SA 106 -44.71 53.58 0.84
N PHE SA 107 -45.62 52.85 0.21
CA PHE SA 107 -46.04 53.18 -1.15
C PHE SA 107 -46.77 54.51 -1.20
N ILE SA 108 -47.61 54.78 -0.19
CA ILE SA 108 -48.29 56.07 -0.15
C ILE SA 108 -47.28 57.20 -0.05
N ASP SA 109 -46.27 57.03 0.83
CA ASP SA 109 -45.26 58.07 0.98
C ASP SA 109 -44.47 58.26 -0.32
N GLN SA 110 -44.13 57.16 -0.99
CA GLN SA 110 -43.41 57.26 -2.26
C GLN SA 110 -44.22 58.00 -3.30
N GLU SA 111 -45.52 57.70 -3.40
CA GLU SA 111 -46.36 58.37 -4.38
C GLU SA 111 -46.49 59.86 -4.07
N LEU SA 112 -46.59 60.21 -2.78
CA LEU SA 112 -46.66 61.62 -2.41
C LEU SA 112 -45.37 62.35 -2.80
N ASP SA 113 -44.22 61.72 -2.55
CA ASP SA 113 -42.96 62.33 -2.96
C ASP SA 113 -42.90 62.49 -4.48
N ASP SA 114 -43.38 61.49 -5.20
CA ASP SA 114 -43.39 61.57 -6.66
C ASP SA 114 -44.24 62.74 -7.15
N ALA SA 115 -45.43 62.91 -6.56
CA ALA SA 115 -46.29 64.02 -6.95
C ALA SA 115 -45.64 65.35 -6.63
N LEU SA 116 -45.02 65.47 -5.46
CA LEU SA 116 -44.36 66.73 -5.09
C LEU SA 116 -43.23 67.06 -6.06
N LYS SA 117 -42.44 66.06 -6.45
CA LYS SA 117 -41.35 66.30 -7.39
C LYS SA 117 -41.88 66.65 -8.77
N GLN SA 118 -42.94 65.97 -9.21
CA GLN SA 118 -43.50 66.22 -10.54
C GLN SA 118 -44.12 67.61 -10.62
N GLY SA 119 -44.62 68.13 -9.51
CA GLY SA 119 -45.13 69.49 -9.48
C GLY SA 119 -44.00 70.52 -9.57
N ILE SA 120 -44.23 71.72 -9.05
CA ILE SA 120 -43.19 72.75 -9.07
C ILE SA 120 -42.23 72.49 -7.92
N SER SA 121 -41.06 71.93 -8.24
CA SER SA 121 -40.04 71.64 -7.27
C SER SA 121 -39.09 72.83 -7.13
N ILE SA 122 -37.98 72.61 -6.45
CA ILE SA 122 -36.95 73.64 -6.29
C ILE SA 122 -35.74 73.24 -7.13
N ASP SA 123 -35.30 74.15 -7.99
CA ASP SA 123 -34.11 73.90 -8.80
C ASP SA 123 -32.89 73.99 -7.91
N THR SA 124 -32.17 72.87 -7.77
CA THR SA 124 -31.01 72.80 -6.90
C THR SA 124 -29.83 73.60 -7.43
N SER SA 125 -29.88 74.06 -8.68
CA SER SA 125 -28.74 74.76 -9.26
C SER SA 125 -28.44 76.04 -8.49
N THR SA 126 -29.48 76.79 -8.12
CA THR SA 126 -29.32 78.00 -7.32
C THR SA 126 -30.25 78.02 -6.11
N GLY SA 127 -30.84 76.88 -5.77
CA GLY SA 127 -31.77 76.83 -4.65
C GLY SA 127 -33.01 77.67 -4.86
N VAL SA 128 -33.55 77.68 -6.08
CA VAL SA 128 -34.72 78.49 -6.40
C VAL SA 128 -35.78 77.58 -7.01
N PRO SA 129 -37.06 77.96 -6.89
CA PRO SA 129 -38.12 77.16 -7.51
C PRO SA 129 -38.00 77.16 -9.03
N THR SA 130 -38.47 76.07 -9.63
CA THR SA 130 -38.46 75.91 -11.08
C THR SA 130 -39.77 75.27 -11.54
N LEU SA 131 -40.18 75.62 -12.76
CA LEU SA 131 -41.32 74.97 -13.38
C LEU SA 131 -40.93 73.82 -14.29
N ASN SA 132 -39.63 73.62 -14.52
CA ASN SA 132 -39.12 72.57 -15.40
C ASN SA 132 -39.70 72.69 -16.81
N SER SA 133 -39.55 73.89 -17.37
CA SER SA 133 -39.94 74.18 -18.75
C SER SA 133 -41.42 73.90 -19.00
N GLN SA 134 -42.26 74.31 -18.05
CA GLN SA 134 -43.71 74.23 -18.19
C GLN SA 134 -44.29 75.63 -18.39
N ARG SA 135 -45.61 75.68 -18.53
CA ARG SA 135 -46.32 76.94 -18.68
C ARG SA 135 -47.29 77.09 -17.50
N LEU SA 136 -47.11 78.15 -16.72
CA LEU SA 136 -48.06 78.45 -15.66
C LEU SA 136 -49.39 78.88 -16.28
N SER SA 137 -50.49 78.31 -15.80
CA SER SA 137 -51.79 78.54 -16.42
C SER SA 137 -52.84 78.77 -15.34
N ASN SA 138 -53.94 79.40 -15.77
CA ASN SA 138 -55.10 79.63 -14.91
C ASN SA 138 -54.74 80.50 -13.71
N VAL SA 139 -54.11 81.64 -13.97
CA VAL SA 139 -53.76 82.62 -12.95
C VAL SA 139 -54.73 83.79 -13.09
N SER SA 140 -55.31 84.21 -11.97
CA SER SA 140 -56.27 85.30 -11.98
C SER SA 140 -55.59 86.61 -12.37
N ASP SA 141 -56.40 87.58 -12.77
CA ASP SA 141 -55.88 88.87 -13.19
C ASP SA 141 -55.20 89.57 -12.03
N PRO SA 142 -53.94 89.95 -12.16
CA PRO SA 142 -53.22 90.52 -11.01
C PRO SA 142 -53.82 91.85 -10.56
N VAL SA 143 -53.78 92.08 -9.24
CA VAL SA 143 -54.31 93.29 -8.65
C VAL SA 143 -53.26 93.93 -7.73
N ASN SA 144 -52.68 93.13 -6.85
CA ASN SA 144 -51.75 93.63 -5.83
C ASN SA 144 -50.48 94.13 -6.52
N ALA SA 145 -49.71 94.94 -5.80
CA ALA SA 145 -48.51 95.55 -6.36
C ALA SA 145 -47.40 94.57 -6.65
N GLN SA 146 -47.50 93.31 -6.20
CA GLN SA 146 -46.40 92.36 -6.35
C GLN SA 146 -46.82 91.05 -6.99
N ASP SA 147 -47.88 91.03 -7.80
CA ASP SA 147 -48.24 89.78 -8.46
C ASP SA 147 -47.34 89.55 -9.68
N ALA SA 148 -47.60 88.46 -10.38
CA ALA SA 148 -47.00 88.23 -11.68
C ALA SA 148 -47.89 88.81 -12.77
N VAL SA 149 -47.34 88.95 -13.97
CA VAL SA 149 -48.10 89.49 -15.10
C VAL SA 149 -48.51 88.34 -15.99
N THR SA 150 -49.64 88.51 -16.66
CA THR SA 150 -50.19 87.52 -17.58
C THR SA 150 -50.21 88.08 -18.99
N LYS SA 151 -50.15 87.18 -19.98
CA LYS SA 151 -50.22 87.63 -21.37
C LYS SA 151 -51.54 88.30 -21.66
N ALA SA 152 -52.64 87.79 -21.10
CA ALA SA 152 -53.94 88.42 -21.31
C ALA SA 152 -53.97 89.84 -20.74
N TYR SA 153 -53.44 90.01 -19.53
CA TYR SA 153 -53.46 91.33 -18.90
C TYR SA 153 -52.50 92.29 -19.59
N LEU SA 154 -51.42 91.77 -20.16
CA LEU SA 154 -50.49 92.62 -20.88
C LEU SA 154 -51.01 93.01 -22.26
N GLU SA 155 -51.80 92.13 -22.88
CA GLU SA 155 -52.25 92.35 -24.25
C GLU SA 155 -53.67 92.88 -24.34
N ARG SA 156 -54.39 93.02 -23.23
CA ARG SA 156 -55.72 93.60 -23.32
C ARG SA 156 -55.60 95.09 -23.66
N SER SA 157 -56.62 95.62 -24.33
CA SER SA 157 -56.55 96.97 -24.89
C SER SA 157 -56.30 97.99 -23.78
N GLY SA 158 -55.36 98.89 -24.02
CA GLY SA 158 -54.99 99.88 -23.05
C GLY SA 158 -54.11 99.39 -21.91
N SER SA 159 -53.57 98.18 -22.01
CA SER SA 159 -52.77 97.64 -20.92
C SER SA 159 -51.54 98.48 -20.63
N ILE SA 160 -50.80 98.86 -21.66
CA ILE SA 160 -49.66 99.73 -21.50
C ILE SA 160 -50.16 101.14 -21.20
N THR SA 161 -49.47 101.83 -20.32
CA THR SA 161 -49.80 103.20 -19.95
C THR SA 161 -48.63 104.12 -20.29
N SER SA 162 -48.81 105.42 -20.04
CA SER SA 162 -47.79 106.39 -20.35
C SER SA 162 -46.52 106.14 -19.53
N THR SA 163 -46.67 105.86 -18.24
CA THR SA 163 -45.51 105.55 -17.41
C THR SA 163 -44.86 104.24 -17.79
N GLN SA 164 -45.58 103.34 -18.46
CA GLN SA 164 -45.06 102.08 -18.94
C GLN SA 164 -44.22 102.22 -20.21
N ILE SA 165 -43.84 103.45 -20.57
CA ILE SA 165 -43.08 103.72 -21.78
C ILE SA 165 -41.78 104.41 -21.38
N LEU SA 166 -40.66 103.88 -21.87
CA LEU SA 166 -39.37 104.55 -21.78
C LEU SA 166 -38.91 104.89 -23.19
N ASN SA 167 -38.40 106.11 -23.36
CA ASN SA 167 -38.17 106.68 -24.66
C ASN SA 167 -37.00 105.98 -25.37
N GLY SA 168 -36.75 106.40 -26.61
CA GLY SA 168 -35.57 106.03 -27.35
C GLY SA 168 -35.78 105.00 -28.44
N THR SA 169 -36.91 104.30 -28.45
CA THR SA 169 -37.10 103.24 -29.44
C THR SA 169 -38.41 103.35 -30.19
N ILE SA 170 -38.69 104.52 -30.77
CA ILE SA 170 -39.79 104.65 -31.71
C ILE SA 170 -39.26 104.29 -33.09
N VAL SA 171 -39.28 103.00 -33.42
CA VAL SA 171 -38.68 102.54 -34.67
C VAL SA 171 -39.48 103.03 -35.85
N ASP SA 172 -38.77 103.46 -36.89
CA ASP SA 172 -39.43 103.99 -38.09
C ASP SA 172 -40.02 102.88 -38.94
N ALA SA 173 -39.47 101.66 -38.85
CA ALA SA 173 -39.97 100.55 -39.65
C ALA SA 173 -41.42 100.21 -39.31
N ASP SA 174 -41.76 100.23 -38.03
CA ASP SA 174 -43.10 99.88 -37.59
C ASP SA 174 -44.05 101.07 -37.54
N ILE SA 175 -43.56 102.28 -37.84
CA ILE SA 175 -44.43 103.45 -37.82
C ILE SA 175 -45.44 103.36 -38.95
N ASN SA 176 -46.73 103.52 -38.61
CA ASN SA 176 -47.79 103.35 -39.60
C ASN SA 176 -47.78 104.52 -40.58
N ALA SA 177 -47.86 104.18 -41.88
CA ALA SA 177 -47.95 105.22 -42.90
C ALA SA 177 -49.35 105.81 -42.99
N SER SA 178 -50.38 105.00 -42.75
CA SER SA 178 -51.76 105.44 -42.86
C SER SA 178 -52.32 106.02 -41.55
N ALA SA 179 -51.50 106.11 -40.51
CA ALA SA 179 -51.97 106.64 -39.23
C ALA SA 179 -52.31 108.11 -39.36
N ALA SA 180 -53.42 108.51 -38.73
CA ALA SA 180 -53.88 109.89 -38.72
C ALA SA 180 -53.42 110.53 -37.41
N ILE SA 181 -52.38 111.36 -37.48
CA ILE SA 181 -51.81 112.01 -36.31
C ILE SA 181 -51.98 113.52 -36.49
N ALA SA 182 -52.66 114.16 -35.55
CA ALA SA 182 -52.89 115.59 -35.63
C ALA SA 182 -51.58 116.36 -35.45
N LYS SA 183 -51.44 117.46 -36.18
CA LYS SA 183 -50.19 118.22 -36.16
C LYS SA 183 -49.97 118.96 -34.83
N SER SA 184 -51.03 119.17 -34.05
CA SER SA 184 -50.87 119.84 -32.77
C SER SA 184 -50.01 119.03 -31.81
N LYS SA 185 -50.20 117.71 -31.79
CA LYS SA 185 -49.48 116.82 -30.88
C LYS SA 185 -48.08 116.48 -31.36
N LEU SA 186 -47.64 117.06 -32.47
CA LEU SA 186 -46.37 116.68 -33.10
C LEU SA 186 -45.27 117.68 -32.77
N ALA SA 187 -44.05 117.29 -33.10
CA ALA SA 187 -42.85 118.08 -32.84
C ALA SA 187 -42.58 119.00 -34.04
N ALA SA 188 -41.44 119.70 -34.02
CA ALA SA 188 -41.12 120.68 -35.06
C ALA SA 188 -39.64 120.56 -35.42
N LEU SA 189 -39.35 119.91 -36.54
CA LEU SA 189 -37.97 119.79 -37.00
C LEU SA 189 -37.37 121.16 -37.27
N ASN SA 190 -36.14 121.36 -36.83
CA ASN SA 190 -35.46 122.65 -36.97
C ASN SA 190 -34.64 122.63 -38.25
N ILE SA 191 -35.30 122.89 -39.37
CA ILE SA 191 -34.64 122.95 -40.67
C ILE SA 191 -33.91 124.28 -40.77
N VAL SA 192 -32.58 124.22 -40.82
CA VAL SA 192 -31.76 125.42 -40.88
C VAL SA 192 -31.95 126.13 -42.22
N MET TA 1 32.92 67.20 44.97
CA MET TA 1 33.65 65.97 44.66
C MET TA 1 33.18 65.39 43.33
N ALA TA 2 34.06 64.63 42.68
CA ALA TA 2 33.72 64.01 41.41
C ALA TA 2 32.72 62.88 41.64
N PHE TA 3 31.49 63.09 41.18
CA PHE TA 3 30.40 62.16 41.47
C PHE TA 3 30.67 60.78 40.89
N ALA TA 4 30.96 60.71 39.59
CA ALA TA 4 31.02 59.43 38.89
C ALA TA 4 32.21 59.38 37.94
N GLN TA 5 33.38 59.81 38.41
CA GLN TA 5 34.59 59.68 37.59
C GLN TA 5 35.81 59.86 38.47
N ARG TA 6 36.76 58.94 38.35
CA ARG TA 6 38.01 58.99 39.10
C ARG TA 6 39.17 58.82 38.13
N ILE TA 7 40.05 59.81 38.09
CA ILE TA 7 41.23 59.77 37.22
C ILE TA 7 42.47 59.65 38.09
N ILE TA 8 43.32 58.69 37.77
CA ILE TA 8 44.48 58.37 38.58
C ILE TA 8 45.70 58.23 37.69
N THR TA 9 46.83 58.78 38.13
CA THR TA 9 48.10 58.63 37.45
C THR TA 9 48.81 57.42 38.04
N SER TA 10 49.09 56.43 37.19
CA SER TA 10 49.69 55.18 37.65
C SER TA 10 51.07 55.44 38.24
N ASN TA 11 51.25 55.10 39.52
CA ASN TA 11 52.49 55.42 40.21
C ASN TA 11 53.66 54.59 39.69
N SER TA 12 53.47 53.27 39.55
CA SER TA 12 54.56 52.39 39.17
C SER TA 12 54.07 51.42 38.10
N ALA TA 13 54.98 51.06 37.21
CA ALA TA 13 54.67 50.08 36.17
C ALA TA 13 54.46 48.70 36.79
N GLY TA 14 53.57 47.93 36.19
CA GLY TA 14 53.25 46.61 36.67
C GLY TA 14 52.04 46.52 37.57
N ASP TA 15 51.52 47.65 38.04
CA ASP TA 15 50.33 47.63 38.89
C ASP TA 15 49.11 47.19 38.07
N GLN TA 16 48.16 46.55 38.75
CA GLN TA 16 47.01 46.01 38.06
C GLN TA 16 45.69 46.33 38.75
N GLU TA 17 45.75 46.70 40.04
CA GLU TA 17 44.56 46.92 40.83
C GLU TA 17 44.33 48.40 41.09
N PHE TA 18 43.13 48.88 40.78
CA PHE TA 18 42.72 50.25 41.05
C PHE TA 18 41.35 50.25 41.71
N THR TA 19 41.07 51.30 42.47
CA THR TA 19 39.87 51.37 43.27
C THR TA 19 38.95 52.50 42.82
N PHE TA 20 37.66 52.34 43.10
CA PHE TA 20 36.66 53.36 42.81
C PHE TA 20 35.54 53.25 43.84
N THR TA 21 34.76 54.32 43.95
CA THR TA 21 33.77 54.42 45.02
C THR TA 21 32.36 54.77 44.56
N PHE TA 22 32.17 55.24 43.32
CA PHE TA 22 30.83 55.64 42.88
C PHE TA 22 29.92 54.44 42.73
N ASP TA 23 28.63 54.67 42.91
CA ASP TA 23 27.62 53.63 42.72
C ASP TA 23 27.39 53.40 41.24
N TYR TA 24 26.74 52.28 40.92
CA TYR TA 24 26.46 51.92 39.54
C TYR TA 24 25.24 51.00 39.51
N ILE TA 25 24.70 50.84 38.31
CA ILE TA 25 23.54 49.96 38.10
C ILE TA 25 23.95 48.61 37.55
N LYS TA 26 24.82 48.60 36.54
CA LYS TA 26 25.27 47.37 35.90
C LYS TA 26 26.78 47.33 35.84
N GLU TA 27 27.32 46.10 35.83
CA GLU TA 27 28.76 45.92 35.69
C GLU TA 27 29.26 46.32 34.32
N GLU TA 28 28.37 46.54 33.35
CA GLU TA 28 28.76 47.00 32.02
C GLU TA 28 28.67 48.52 31.87
N HIS TA 29 28.26 49.23 32.90
CA HIS TA 29 28.18 50.68 32.87
C HIS TA 29 29.47 51.36 33.34
N ILE TA 30 30.58 50.64 33.36
CA ILE TA 30 31.86 51.19 33.80
C ILE TA 30 32.83 51.15 32.63
N LYS TA 31 33.39 52.32 32.30
CA LYS TA 31 34.36 52.45 31.22
C LYS TA 31 35.73 52.79 31.80
N VAL TA 32 36.76 52.17 31.23
CA VAL TA 32 38.15 52.40 31.65
C VAL TA 32 38.95 52.80 30.43
N PHE TA 33 39.73 53.88 30.57
CA PHE TA 33 40.56 54.41 29.50
C PHE TA 33 42.00 54.48 29.95
N VAL TA 34 42.91 54.12 29.04
CA VAL TA 34 44.34 54.08 29.32
C VAL TA 34 45.06 54.82 28.20
N ASN TA 35 45.28 56.12 28.39
CA ASN TA 35 45.96 56.99 27.43
C ASN TA 35 45.46 56.77 26.00
N PHE TA 36 44.19 57.15 25.79
CA PHE TA 36 43.42 57.00 24.56
C PHE TA 36 42.96 55.57 24.28
N VAL TA 37 43.47 54.58 24.99
CA VAL TA 37 43.25 53.20 24.60
C VAL TA 37 42.05 52.69 25.39
N GLU TA 38 40.91 52.55 24.71
CA GLU TA 38 39.71 52.05 25.33
C GLU TA 38 39.85 50.55 25.56
N LYS TA 39 39.44 50.10 26.74
CA LYS TA 39 39.57 48.72 27.15
C LYS TA 39 38.20 48.05 27.15
N ALA TA 40 38.12 46.89 26.50
CA ALA TA 40 36.88 46.14 26.43
C ALA TA 40 36.64 45.38 27.72
N GLN TA 41 35.36 45.15 28.01
CA GLN TA 41 34.93 44.58 29.29
C GLN TA 41 34.68 43.09 29.16
N GLY TA 42 35.08 42.35 30.18
CA GLY TA 42 34.82 40.93 30.22
C GLY TA 42 35.87 40.24 31.08
N THR TA 43 36.02 38.94 30.85
CA THR TA 43 36.99 38.11 31.55
C THR TA 43 37.78 37.29 30.55
N GLY TA 44 39.11 37.26 30.71
CA GLY TA 44 39.96 36.53 29.81
C GLY TA 44 40.88 37.43 29.00
N SER TA 45 40.81 37.32 27.67
CA SER TA 45 41.62 38.20 26.83
C SER TA 45 41.18 39.66 26.95
N ASN TA 46 39.99 39.91 27.48
CA ASN TA 46 39.63 41.26 27.90
C ASN TA 46 40.66 41.79 28.89
N GLU TA 47 41.08 43.03 28.69
CA GLU TA 47 42.24 43.54 29.38
C GLU TA 47 41.92 44.15 30.73
N PHE TA 48 40.66 44.11 31.16
CA PHE TA 48 40.34 44.47 32.53
C PHE TA 48 39.11 43.70 32.99
N GLN TA 49 39.04 43.47 34.30
CA GLN TA 49 37.94 42.76 34.94
C GLN TA 49 37.51 43.54 36.17
N VAL TA 50 36.28 43.30 36.61
CA VAL TA 50 35.74 43.98 37.77
C VAL TA 50 35.70 43.00 38.94
N ILE TA 51 35.88 43.55 40.14
CA ILE TA 51 35.85 42.77 41.37
C ILE TA 51 34.91 43.47 42.34
N THR TA 52 33.96 42.72 42.90
CA THR TA 52 32.91 43.30 43.72
C THR TA 52 32.83 42.77 45.14
N ASN TA 53 33.58 41.72 45.47
CA ASN TA 53 33.47 41.09 46.80
C ASN TA 53 34.27 41.82 47.87
N THR TA 54 34.71 43.04 47.61
CA THR TA 54 35.52 43.79 48.58
C THR TA 54 35.09 45.25 48.56
N THR TA 55 35.06 45.85 49.75
CA THR TA 55 34.74 47.26 49.89
C THR TA 55 36.03 48.04 50.12
N PRO TA 56 36.37 49.02 49.28
CA PRO TA 56 35.63 49.49 48.09
C PRO TA 56 35.81 48.57 46.89
N LYS TA 57 34.87 48.61 45.95
CA LYS TA 57 34.98 47.81 44.74
C LYS TA 57 36.19 48.25 43.93
N LYS TA 58 36.85 47.28 43.29
CA LYS TA 58 38.07 47.56 42.56
C LYS TA 58 38.03 46.87 41.20
N ILE TA 59 38.69 47.49 40.23
CA ILE TA 59 38.87 46.91 38.90
C ILE TA 59 40.26 46.35 38.81
N SER TA 60 40.46 45.41 37.89
CA SER TA 60 41.73 44.70 37.76
C SER TA 60 42.11 44.64 36.28
N LEU TA 61 43.20 45.31 35.92
CA LEU TA 61 43.75 45.18 34.59
C LEU TA 61 44.30 43.77 34.38
N ASN TA 62 44.28 43.32 33.13
CA ASN TA 62 44.79 42.00 32.80
C ASN TA 62 46.22 42.02 32.30
N THR TA 63 46.86 43.20 32.29
CA THR TA 63 48.25 43.33 31.86
C THR TA 63 48.84 44.54 32.54
N GLY TA 64 50.00 44.38 33.17
CA GLY TA 64 50.63 45.49 33.87
C GLY TA 64 51.04 46.58 32.93
N LEU TA 65 51.12 47.80 33.48
CA LEU TA 65 51.49 48.96 32.67
C LEU TA 65 52.94 48.86 32.23
N SER TA 66 53.20 49.24 30.97
CA SER TA 66 54.57 49.23 30.47
C SER TA 66 55.42 50.28 31.17
N ALA TA 67 54.89 51.49 31.33
CA ALA TA 67 55.62 52.58 31.95
C ALA TA 67 54.74 53.26 32.98
N ASP TA 68 55.39 53.81 34.01
CA ASP TA 68 54.68 54.48 35.09
C ASP TA 68 54.27 55.89 34.64
N ASN TA 69 53.53 56.59 35.49
CA ASN TA 69 52.99 57.91 35.17
C ASN TA 69 52.19 57.88 33.88
N THR TA 70 51.37 56.85 33.73
CA THR TA 70 50.44 56.72 32.61
C THR TA 70 49.02 56.86 33.14
N ARG TA 71 48.28 57.83 32.59
CA ARG TA 71 46.97 58.15 33.13
C ARG TA 71 46.00 57.00 32.90
N VAL TA 72 45.20 56.72 33.94
CA VAL TA 72 44.17 55.70 33.89
C VAL TA 72 42.89 56.31 34.43
N GLU TA 73 41.81 56.21 33.67
CA GLU TA 73 40.56 56.87 33.99
C GLU TA 73 39.45 55.85 34.14
N ILE TA 74 38.68 55.98 35.22
CA ILE TA 74 37.48 55.20 35.44
C ILE TA 74 36.28 56.14 35.42
N ARG TA 75 35.32 55.87 34.54
CA ARG TA 75 34.20 56.76 34.36
C ARG TA 75 32.93 55.96 34.17
N ARG TA 76 31.89 56.31 34.93
CA ARG TA 76 30.58 55.70 34.78
C ARG TA 76 29.76 56.50 33.79
N VAL TA 77 29.23 55.83 32.78
CA VAL TA 77 28.28 56.42 31.84
C VAL TA 77 27.05 55.51 31.82
N SER TA 78 25.87 56.11 32.00
CA SER TA 78 24.64 55.35 31.89
C SER TA 78 24.13 55.41 30.44
N SER TA 79 23.17 54.54 30.15
CA SER TA 79 22.62 54.50 28.80
C SER TA 79 21.92 55.81 28.47
N LEU TA 80 22.37 56.46 27.40
CA LEU TA 80 21.79 57.71 26.96
C LEU TA 80 20.85 57.56 25.79
N SER TA 81 20.93 56.47 25.02
CA SER TA 81 20.10 56.28 23.86
C SER TA 81 18.90 55.38 24.11
N THR TA 82 18.95 54.52 25.12
CA THR TA 82 17.89 53.57 25.40
C THR TA 82 17.37 53.77 26.81
N PRO TA 83 16.07 54.05 26.99
CA PRO TA 83 15.52 54.12 28.34
C PRO TA 83 15.61 52.77 29.03
N LEU TA 84 15.83 52.80 30.35
CA LEU TA 84 15.93 51.57 31.13
C LEU TA 84 14.57 50.94 31.40
N VAL TA 85 13.48 51.69 31.25
CA VAL TA 85 12.13 51.17 31.48
C VAL TA 85 11.28 51.47 30.26
N ASP TA 86 10.38 50.54 29.93
CA ASP TA 86 9.45 50.71 28.81
C ASP TA 86 8.13 50.09 29.24
N PHE TA 87 7.16 50.93 29.60
CA PHE TA 87 5.92 50.44 30.17
C PHE TA 87 5.08 49.75 29.10
N ALA TA 88 4.60 48.55 29.41
CA ALA TA 88 3.77 47.76 28.53
C ALA TA 88 2.45 47.44 29.21
N ASP TA 89 1.36 47.53 28.45
CA ASP TA 89 0.04 47.35 29.01
C ASP TA 89 -0.19 45.89 29.43
N GLY TA 90 -0.89 45.73 30.54
CA GLY TA 90 -1.17 44.41 31.08
C GLY TA 90 -0.24 43.97 32.19
N SER TA 91 0.75 44.77 32.56
CA SER TA 91 1.68 44.40 33.61
C SER TA 91 1.14 44.81 34.98
N THR TA 92 1.89 44.44 36.02
CA THR TA 92 1.58 44.79 37.40
C THR TA 92 2.64 45.80 37.86
N LEU TA 93 2.25 47.06 37.92
CA LEU TA 93 3.20 48.13 38.24
C LEU TA 93 3.72 47.96 39.67
N THR TA 94 5.03 47.84 39.81
CA THR TA 94 5.68 47.71 41.10
C THR TA 94 6.61 48.89 41.33
N ALA TA 95 6.93 49.13 42.61
CA ALA TA 95 7.74 50.29 42.96
C ALA TA 95 9.15 50.21 42.40
N ALA TA 96 9.65 49.01 42.08
CA ALA TA 96 11.01 48.87 41.59
C ALA TA 96 11.22 49.58 40.28
N ASP TA 97 10.23 49.49 39.37
CA ASP TA 97 10.36 50.15 38.07
C ASP TA 97 10.48 51.65 38.22
N LEU TA 98 9.62 52.24 39.04
CA LEU TA 98 9.66 53.69 39.26
C LEU TA 98 10.97 54.09 39.92
N ASP TA 99 11.42 53.32 40.91
CA ASP TA 99 12.68 53.64 41.58
C ASP TA 99 13.85 53.58 40.60
N THR TA 100 13.88 52.57 39.73
CA THR TA 100 14.97 52.45 38.77
C THR TA 100 14.92 53.59 37.75
N ALA TA 101 13.73 53.99 37.32
CA ALA TA 101 13.64 55.12 36.40
C ALA TA 101 14.18 56.39 37.04
N GLU TA 102 13.78 56.65 38.28
CA GLU TA 102 14.30 57.82 38.99
C GLU TA 102 15.81 57.76 39.14
N LYS TA 103 16.33 56.58 39.51
CA LYS TA 103 17.76 56.43 39.70
C LYS TA 103 18.52 56.66 38.40
N GLN TA 104 18.01 56.13 37.29
CA GLN TA 104 18.68 56.32 36.01
C GLN TA 104 18.70 57.80 35.62
N SER TA 105 17.57 58.50 35.80
CA SER TA 105 17.55 59.92 35.46
C SER TA 105 18.54 60.70 36.32
N LEU TA 106 18.56 60.42 37.62
CA LEU TA 106 19.46 61.14 38.51
C LEU TA 106 20.92 60.86 38.16
N PHE TA 107 21.25 59.61 37.84
CA PHE TA 107 22.63 59.28 37.49
C PHE TA 107 23.06 59.94 36.20
N ILE TA 108 22.16 60.00 35.21
CA ILE TA 108 22.49 60.68 33.96
C ILE TA 108 22.78 62.15 34.23
N ASP TA 109 21.92 62.79 35.03
CA ASP TA 109 22.14 64.21 35.34
C ASP TA 109 23.45 64.42 36.08
N GLN TA 110 23.77 63.54 37.03
CA GLN TA 110 25.04 63.65 37.75
C GLN TA 110 26.23 63.53 36.82
N GLU TA 111 26.18 62.55 35.90
CA GLU TA 111 27.30 62.35 34.99
C GLU TA 111 27.49 63.57 34.09
N LEU TA 112 26.38 64.12 33.57
CA LEU TA 112 26.50 65.29 32.71
C LEU TA 112 27.08 66.48 33.48
N ASP TA 113 26.62 66.71 34.70
CA ASP TA 113 27.14 67.81 35.50
C ASP TA 113 28.63 67.63 35.76
N ASP TA 114 29.05 66.40 36.10
CA ASP TA 114 30.46 66.17 36.37
C ASP TA 114 31.31 66.36 35.12
N ALA TA 115 30.80 65.96 33.95
CA ALA TA 115 31.54 66.18 32.73
C ALA TA 115 31.72 67.67 32.46
N LEU TA 116 30.65 68.45 32.64
CA LEU TA 116 30.76 69.90 32.46
C LEU TA 116 31.74 70.50 33.44
N LYS TA 117 31.73 70.04 34.69
CA LYS TA 117 32.64 70.56 35.69
C LYS TA 117 34.10 70.23 35.36
N GLN TA 118 34.35 68.99 34.91
CA GLN TA 118 35.71 68.62 34.52
C GLN TA 118 36.18 69.43 33.33
N GLY TA 119 35.25 69.81 32.44
CA GLY TA 119 35.61 70.69 31.35
C GLY TA 119 35.97 72.08 31.83
N ILE TA 120 35.85 73.08 30.96
CA ILE TA 120 36.24 74.44 31.31
C ILE TA 120 35.24 74.97 32.34
N SER TA 121 35.65 75.00 33.60
CA SER TA 121 34.78 75.33 34.71
C SER TA 121 34.80 76.83 34.99
N ILE TA 122 33.72 77.32 35.59
CA ILE TA 122 33.54 78.75 35.79
C ILE TA 122 34.54 79.25 36.81
N ASP TA 123 35.30 80.29 36.44
CA ASP TA 123 36.13 81.02 37.40
C ASP TA 123 35.24 82.11 37.97
N THR TA 124 34.77 81.88 39.20
CA THR TA 124 33.75 82.74 39.78
C THR TA 124 34.25 84.16 40.01
N SER TA 125 35.50 84.31 40.45
CA SER TA 125 36.00 85.60 40.88
C SER TA 125 36.05 86.61 39.73
N THR TA 126 36.14 86.17 38.48
CA THR TA 126 36.25 87.08 37.36
C THR TA 126 35.09 86.97 36.40
N GLY TA 127 34.73 85.75 35.99
CA GLY TA 127 33.60 85.57 35.10
C GLY TA 127 33.83 84.64 33.92
N VAL TA 128 35.01 84.70 33.32
CA VAL TA 128 35.31 83.71 32.27
C VAL TA 128 35.51 82.35 32.92
N PRO TA 129 34.89 81.29 32.41
CA PRO TA 129 35.23 79.95 32.89
C PRO TA 129 36.71 79.66 32.72
N THR TA 130 37.36 79.30 33.83
CA THR TA 130 38.79 79.05 33.82
C THR TA 130 39.11 77.69 33.21
N LEU TA 131 40.31 77.59 32.63
CA LEU TA 131 40.82 76.30 32.20
C LEU TA 131 41.36 75.48 33.35
N ASN TA 132 41.52 76.09 34.53
CA ASN TA 132 41.98 75.41 35.75
C ASN TA 132 43.35 74.75 35.52
N SER TA 133 44.30 75.58 35.09
CA SER TA 133 45.69 75.17 34.90
C SER TA 133 45.80 74.05 33.85
N GLN TA 134 45.24 74.32 32.67
CA GLN TA 134 45.32 73.41 31.54
C GLN TA 134 45.55 74.23 30.28
N ARG TA 135 46.20 73.60 29.30
CA ARG TA 135 46.60 74.28 28.06
C ARG TA 135 45.49 74.11 27.04
N LEU TA 136 44.75 75.19 26.78
CA LEU TA 136 43.74 75.19 25.74
C LEU TA 136 44.42 75.09 24.38
N SER TA 137 44.20 73.98 23.69
CA SER TA 137 44.98 73.66 22.50
C SER TA 137 44.05 73.22 21.39
N ASN TA 138 44.64 72.67 20.33
CA ASN TA 138 43.92 72.22 19.14
C ASN TA 138 43.10 73.35 18.52
N VAL TA 139 43.67 74.55 18.55
CA VAL TA 139 43.09 75.71 17.87
C VAL TA 139 43.94 75.97 16.64
N SER TA 140 43.29 76.02 15.48
CA SER TA 140 44.00 76.17 14.22
C SER TA 140 44.65 77.55 14.14
N ASP TA 141 45.56 77.70 13.18
CA ASP TA 141 46.26 78.96 13.01
C ASP TA 141 45.26 80.06 12.67
N PRO TA 142 45.54 81.30 13.08
CA PRO TA 142 44.54 82.36 12.95
C PRO TA 142 44.10 82.56 11.50
N VAL TA 143 42.79 82.74 11.33
CA VAL TA 143 42.19 82.97 10.01
C VAL TA 143 41.73 84.40 9.87
N ASN TA 144 40.97 84.90 10.84
CA ASN TA 144 40.51 86.28 10.84
C ASN TA 144 41.34 87.09 11.84
N ALA TA 145 40.98 88.37 11.99
CA ALA TA 145 41.77 89.26 12.83
C ALA TA 145 41.75 88.82 14.29
N GLN TA 146 40.56 88.56 14.83
CA GLN TA 146 40.40 88.27 16.24
C GLN TA 146 40.85 86.87 16.63
N ASP TA 147 41.18 86.02 15.66
CA ASP TA 147 41.67 84.70 15.98
C ASP TA 147 43.02 84.78 16.68
N ALA TA 148 43.14 84.07 17.79
CA ALA TA 148 44.37 84.10 18.57
C ALA TA 148 45.50 83.39 17.85
N VAL TA 149 46.71 83.56 18.35
CA VAL TA 149 47.91 83.03 17.73
C VAL TA 149 48.15 81.63 18.25
N THR TA 150 48.73 80.78 17.41
CA THR TA 150 49.13 79.44 17.80
C THR TA 150 50.65 79.31 17.75
N LYS TA 151 51.15 78.13 18.11
CA LYS TA 151 52.59 77.90 18.05
C LYS TA 151 53.09 77.88 16.61
N ALA TA 152 52.43 77.09 15.76
CA ALA TA 152 52.84 76.94 14.37
C ALA TA 152 52.65 78.22 13.57
N TYR TA 153 51.94 79.21 14.11
CA TYR TA 153 51.79 80.51 13.46
C TYR TA 153 52.74 81.55 14.03
N LEU TA 154 52.87 81.62 15.36
CA LEU TA 154 53.76 82.60 15.95
C LEU TA 154 55.23 82.28 15.70
N GLU TA 155 55.55 81.00 15.51
CA GLU TA 155 56.92 80.61 15.16
C GLU TA 155 57.05 80.28 13.67
N ARG TA 156 56.08 80.68 12.85
CA ARG TA 156 56.12 80.41 11.43
C ARG TA 156 56.95 81.45 10.69
N SER TA 157 57.61 81.01 9.62
CA SER TA 157 58.37 81.92 8.77
C SER TA 157 57.43 82.89 8.05
N GLY TA 158 57.90 84.12 7.87
CA GLY TA 158 57.12 85.16 7.23
C GLY TA 158 56.25 85.96 8.17
N SER TA 159 56.17 85.58 9.45
CA SER TA 159 55.38 86.33 10.42
C SER TA 159 56.02 87.66 10.80
N ILE TA 160 57.26 87.91 10.39
CA ILE TA 160 57.92 89.18 10.68
C ILE TA 160 57.35 90.24 9.76
N THR TA 161 56.86 91.33 10.33
CA THR TA 161 56.23 92.42 9.59
C THR TA 161 56.78 93.73 10.14
N SER TA 162 56.10 94.84 9.82
CA SER TA 162 56.62 96.17 10.12
C SER TA 162 55.81 96.95 11.14
N THR TA 163 55.19 96.30 12.13
CA THR TA 163 54.33 97.03 13.06
C THR TA 163 54.75 96.89 14.52
N GLN TA 164 55.02 95.67 14.98
CA GLN TA 164 54.97 95.39 16.42
C GLN TA 164 56.24 95.76 17.18
N ILE TA 165 57.32 96.18 16.51
CA ILE TA 165 58.53 96.49 17.27
C ILE TA 165 58.38 97.83 18.00
N LEU TA 166 59.21 98.01 19.03
CA LEU TA 166 59.28 99.24 19.79
C LEU TA 166 60.75 99.53 20.08
N ASN TA 167 61.01 100.67 20.71
CA ASN TA 167 62.36 101.11 21.00
C ASN TA 167 62.66 101.06 22.49
N GLY TA 168 63.92 101.30 22.83
CA GLY TA 168 64.35 101.46 24.20
C GLY TA 168 65.00 100.24 24.83
N THR TA 169 65.16 99.14 24.09
CA THR TA 169 65.73 97.94 24.69
C THR TA 169 66.87 97.37 23.85
N ILE TA 170 66.82 97.56 22.53
CA ILE TA 170 67.69 96.84 21.59
C ILE TA 170 69.16 97.10 21.92
N VAL TA 171 69.87 96.02 22.26
CA VAL TA 171 71.25 96.09 22.74
C VAL TA 171 72.01 94.88 22.18
N ASP TA 172 73.34 94.89 22.30
CA ASP TA 172 74.18 93.81 21.78
C ASP TA 172 73.87 92.46 22.42
N ALA TA 173 72.89 92.38 23.32
CA ALA TA 173 72.65 91.14 24.06
C ALA TA 173 72.36 89.96 23.13
N ASP TA 174 71.80 90.22 21.95
CA ASP TA 174 71.47 89.16 21.02
C ASP TA 174 71.78 89.48 19.56
N ILE TA 175 72.37 90.64 19.27
CA ILE TA 175 72.72 90.96 17.88
C ILE TA 175 73.96 90.18 17.48
N ASN TA 176 73.88 89.49 16.34
CA ASN TA 176 75.01 88.68 15.88
C ASN TA 176 76.19 89.58 15.53
N ALA TA 177 77.31 89.35 16.22
CA ALA TA 177 78.51 90.14 15.95
C ALA TA 177 79.06 89.85 14.55
N SER TA 178 79.06 88.58 14.15
CA SER TA 178 79.58 88.20 12.85
C SER TA 178 78.66 88.59 11.69
N ALA TA 179 77.43 89.00 11.98
CA ALA TA 179 76.49 89.37 10.93
C ALA TA 179 76.96 90.63 10.22
N ALA TA 180 76.81 90.64 8.90
CA ALA TA 180 77.17 91.78 8.07
C ALA TA 180 75.97 92.70 7.96
N ILE TA 181 75.89 93.66 8.88
CA ILE TA 181 74.79 94.62 8.92
C ILE TA 181 75.10 95.77 7.98
N ALA TA 182 74.15 96.10 7.10
CA ALA TA 182 74.38 97.14 6.12
C ALA TA 182 74.54 98.50 6.79
N LYS TA 183 75.61 99.20 6.43
CA LYS TA 183 75.90 100.50 7.05
C LYS TA 183 74.83 101.52 6.72
N SER TA 184 74.39 101.57 5.46
CA SER TA 184 73.35 102.52 5.07
C SER TA 184 72.04 102.23 5.79
N LYS TA 185 71.66 100.95 5.89
CA LYS TA 185 70.46 100.60 6.63
C LYS TA 185 70.61 100.86 8.12
N LEU TA 186 71.84 100.88 8.64
CA LEU TA 186 72.05 101.28 10.02
C LEU TA 186 71.81 102.78 10.18
N ALA TA 187 71.82 103.23 11.43
CA ALA TA 187 71.42 104.59 11.76
C ALA TA 187 72.54 105.58 11.44
N ALA TA 188 72.38 106.82 11.91
CA ALA TA 188 73.34 107.89 11.67
C ALA TA 188 74.34 108.00 12.82
N LEU TA 189 75.34 108.85 12.63
CA LEU TA 189 76.34 109.11 13.65
C LEU TA 189 77.17 110.32 13.27
N ASN TA 190 77.41 111.19 14.26
CA ASN TA 190 78.31 112.32 14.11
C ASN TA 190 79.51 112.12 15.02
N ILE TA 191 80.71 112.23 14.47
CA ILE TA 191 81.95 112.08 15.23
C ILE TA 191 82.56 113.47 15.36
N VAL TA 192 82.59 113.98 16.58
CA VAL TA 192 83.11 115.32 16.85
C VAL TA 192 84.55 115.23 17.32
N MET UA 1 16.51 85.54 29.86
CA MET UA 1 16.56 85.58 31.32
C MET UA 1 16.95 84.20 31.88
N ALA UA 2 17.89 84.21 32.82
CA ALA UA 2 18.29 82.97 33.47
C ALA UA 2 17.12 82.39 34.26
N PHE UA 3 16.98 81.06 34.20
CA PHE UA 3 15.84 80.41 34.84
C PHE UA 3 15.89 80.56 36.36
N ALA UA 4 17.02 80.25 36.98
CA ALA UA 4 17.06 80.10 38.44
C ALA UA 4 18.31 80.74 39.03
N GLN UA 5 18.66 81.95 38.59
CA GLN UA 5 19.71 82.69 39.27
C GLN UA 5 19.53 84.18 38.99
N ARG UA 6 20.09 85.00 39.89
CA ARG UA 6 19.97 86.45 39.78
C ARG UA 6 21.12 87.08 40.56
N ILE UA 7 22.07 87.67 39.84
CA ILE UA 7 23.20 88.33 40.46
C ILE UA 7 22.85 89.80 40.65
N ILE UA 8 23.00 90.29 41.89
CA ILE UA 8 22.62 91.64 42.25
C ILE UA 8 23.84 92.36 42.80
N THR UA 9 24.11 93.55 42.26
CA THR UA 9 25.10 94.46 42.81
C THR UA 9 24.37 95.49 43.66
N SER UA 10 24.68 95.51 44.95
CA SER UA 10 23.92 96.32 45.89
C SER UA 10 23.98 97.80 45.52
N ASN UA 11 22.80 98.43 45.46
CA ASN UA 11 22.75 99.86 45.15
C ASN UA 11 23.37 100.69 46.28
N SER UA 12 23.10 100.33 47.53
CA SER UA 12 23.61 101.05 48.67
C SER UA 12 23.91 100.07 49.80
N ALA UA 13 24.80 100.49 50.70
CA ALA UA 13 25.15 99.67 51.85
C ALA UA 13 24.04 99.70 52.89
N GLY UA 14 23.96 98.63 53.68
CA GLY UA 14 23.02 98.54 54.76
C GLY UA 14 21.67 97.95 54.41
N ASP UA 15 21.42 97.66 53.14
CA ASP UA 15 20.15 97.09 52.76
C ASP UA 15 20.03 95.66 53.28
N GLN UA 16 18.79 95.16 53.31
CA GLN UA 16 18.53 93.83 53.84
C GLN UA 16 17.53 93.03 53.02
N GLU UA 17 16.98 93.58 51.94
CA GLU UA 17 15.93 92.92 51.17
C GLU UA 17 16.38 92.74 49.73
N PHE UA 18 16.07 91.56 49.18
CA PHE UA 18 16.34 91.26 47.79
C PHE UA 18 15.23 90.33 47.29
N THR UA 19 14.74 90.60 46.09
CA THR UA 19 13.61 89.86 45.55
C THR UA 19 14.08 88.87 44.49
N PHE UA 20 13.21 87.87 44.23
CA PHE UA 20 13.46 86.87 43.20
C PHE UA 20 12.13 86.40 42.66
N THR UA 21 12.16 85.80 41.47
CA THR UA 21 10.93 85.49 40.75
C THR UA 21 10.67 84.01 40.55
N PHE UA 22 11.70 83.19 40.40
CA PHE UA 22 11.51 81.80 40.04
C PHE UA 22 10.83 81.03 41.17
N ASP UA 23 10.11 79.97 40.79
CA ASP UA 23 9.47 79.08 41.74
C ASP UA 23 10.47 78.03 42.23
N TYR UA 24 10.02 77.19 43.15
CA TYR UA 24 10.88 76.19 43.80
C TYR UA 24 9.97 75.17 44.48
N ILE UA 25 10.58 74.28 45.27
CA ILE UA 25 9.83 73.25 45.98
C ILE UA 25 10.07 73.38 47.47
N LYS UA 26 11.34 73.40 47.87
CA LYS UA 26 11.73 73.48 49.27
C LYS UA 26 12.63 74.69 49.49
N GLU UA 27 12.42 75.39 50.61
CA GLU UA 27 13.22 76.57 50.90
C GLU UA 27 14.67 76.24 51.22
N GLU UA 28 14.97 74.98 51.53
CA GLU UA 28 16.36 74.58 51.71
C GLU UA 28 17.14 74.61 50.41
N HIS UA 29 16.47 74.76 49.28
CA HIS UA 29 17.12 74.78 47.98
C HIS UA 29 17.55 76.17 47.54
N ILE UA 30 17.29 77.20 48.34
CA ILE UA 30 17.66 78.57 47.99
C ILE UA 30 19.00 78.87 48.67
N LYS UA 31 20.05 78.99 47.88
CA LYS UA 31 21.39 79.30 48.37
C LYS UA 31 21.72 80.75 48.11
N VAL UA 32 22.33 81.40 49.09
CA VAL UA 32 22.69 82.81 49.01
C VAL UA 32 24.20 82.93 49.14
N PHE UA 33 24.83 83.63 48.19
CA PHE UA 33 26.26 83.85 48.18
C PHE UA 33 26.55 85.34 48.26
N VAL UA 34 27.50 85.73 49.10
CA VAL UA 34 27.90 87.12 49.26
C VAL UA 34 29.41 87.21 49.12
N ASN UA 35 29.86 87.95 48.10
CA ASN UA 35 31.29 88.16 47.86
C ASN UA 35 32.06 86.85 47.80
N PHE UA 36 31.50 85.90 47.05
CA PHE UA 36 32.07 84.56 46.89
C PHE UA 36 32.22 83.84 48.23
N VAL UA 37 31.40 84.20 49.21
CA VAL UA 37 31.39 83.55 50.52
C VAL UA 37 29.99 83.01 50.76
N GLU UA 38 29.90 81.73 51.09
CA GLU UA 38 28.60 81.10 51.31
C GLU UA 38 27.99 81.59 52.61
N LYS UA 39 26.68 81.77 52.61
CA LYS UA 39 25.94 82.24 53.77
C LYS UA 39 24.99 81.15 54.25
N ALA UA 40 24.93 80.97 55.57
CA ALA UA 40 24.11 79.92 56.16
C ALA UA 40 22.65 80.31 56.12
N GLN UA 41 21.79 79.30 56.28
CA GLN UA 41 20.34 79.47 56.26
C GLN UA 41 19.79 79.21 57.65
N GLY UA 42 18.89 80.08 58.10
CA GLY UA 42 18.29 79.93 59.42
C GLY UA 42 18.08 81.25 60.13
N THR UA 43 18.12 81.22 61.46
CA THR UA 43 17.87 82.40 62.27
C THR UA 43 18.91 82.49 63.38
N GLY UA 44 19.17 83.72 63.83
CA GLY UA 44 20.10 83.96 64.92
C GLY UA 44 21.54 83.99 64.47
N SER UA 45 22.29 82.94 64.78
CA SER UA 45 23.67 82.84 64.33
C SER UA 45 23.79 82.80 62.81
N ASN UA 46 22.70 82.46 62.12
CA ASN UA 46 22.70 82.42 60.66
C ASN UA 46 22.74 83.83 60.10
N GLU UA 47 22.68 83.92 58.77
CA GLU UA 47 22.83 85.20 58.08
C GLU UA 47 21.57 85.67 57.38
N PHE UA 48 20.70 84.76 56.93
CA PHE UA 48 19.56 85.19 56.12
C PHE UA 48 18.38 84.27 56.36
N GLN UA 49 17.20 84.81 56.04
CA GLN UA 49 15.94 84.08 56.09
C GLN UA 49 15.20 84.27 54.79
N VAL UA 50 14.21 83.41 54.55
CA VAL UA 50 13.36 83.48 53.36
C VAL UA 50 11.96 83.86 53.79
N ILE UA 51 11.39 84.85 53.11
CA ILE UA 51 10.04 85.34 53.41
C ILE UA 51 9.17 85.08 52.20
N THR UA 52 8.17 84.22 52.37
CA THR UA 52 7.24 83.87 51.31
C THR UA 52 5.84 84.46 51.54
N ASN UA 53 5.68 85.34 52.52
CA ASN UA 53 4.37 85.91 52.81
C ASN UA 53 3.89 86.86 51.73
N THR UA 54 4.79 87.59 51.08
CA THR UA 54 4.44 88.60 50.09
C THR UA 54 4.59 88.05 48.69
N THR UA 55 4.41 88.92 47.70
CA THR UA 55 4.56 88.57 46.30
C THR UA 55 5.14 89.76 45.52
N PRO UA 56 6.27 89.58 44.83
CA PRO UA 56 7.06 88.35 44.68
C PRO UA 56 7.85 88.02 45.93
N LYS UA 57 8.23 86.75 46.11
CA LYS UA 57 8.93 86.34 47.31
C LYS UA 57 10.31 87.00 47.39
N LYS UA 58 10.74 87.28 48.62
CA LYS UA 58 11.99 87.97 48.86
C LYS UA 58 12.75 87.26 49.96
N ILE UA 59 14.07 87.47 49.98
CA ILE UA 59 14.94 86.94 51.01
C ILE UA 59 15.50 88.10 51.82
N SER UA 60 15.59 87.90 53.14
CA SER UA 60 16.00 88.96 54.06
C SER UA 60 17.22 88.49 54.84
N LEU UA 61 18.17 89.39 55.04
CA LEU UA 61 19.38 89.09 55.79
C LEU UA 61 19.19 89.46 57.27
N ASN UA 62 20.15 89.03 58.09
CA ASN UA 62 20.18 89.40 59.49
C ASN UA 62 21.15 90.54 59.79
N THR UA 63 21.86 91.04 58.78
CA THR UA 63 22.79 92.14 58.96
C THR UA 63 22.95 92.86 57.63
N GLY UA 64 23.00 94.19 57.68
CA GLY UA 64 23.20 94.97 56.48
C GLY UA 64 24.62 94.81 55.93
N LEU UA 65 24.74 95.03 54.62
CA LEU UA 65 26.03 94.91 53.96
C LEU UA 65 26.97 96.03 54.41
N SER UA 66 28.26 95.71 54.45
CA SER UA 66 29.25 96.67 54.94
C SER UA 66 29.38 97.86 54.01
N ALA UA 67 29.53 97.61 52.71
CA ALA UA 67 29.74 98.66 51.73
C ALA UA 67 28.83 98.43 50.52
N ASP UA 68 28.54 99.51 49.81
CA ASP UA 68 27.71 99.42 48.62
C ASP UA 68 28.48 98.74 47.49
N ASN UA 69 27.77 98.48 46.39
CA ASN UA 69 28.31 97.75 45.25
C ASN UA 69 28.85 96.39 45.68
N THR UA 70 28.09 95.70 46.53
CA THR UA 70 28.47 94.38 47.01
C THR UA 70 27.69 93.31 46.25
N ARG UA 71 28.41 92.28 45.81
CA ARG UA 71 27.82 91.23 44.97
C ARG UA 71 27.11 90.22 45.86
N VAL UA 72 25.82 90.03 45.61
CA VAL UA 72 25.03 88.99 46.26
C VAL UA 72 24.43 88.11 45.17
N GLU UA 73 24.56 86.80 45.33
CA GLU UA 73 24.12 85.84 44.33
C GLU UA 73 23.03 84.96 44.94
N ILE UA 74 21.88 84.91 44.26
CA ILE UA 74 20.75 84.09 44.68
C ILE UA 74 20.47 83.10 43.58
N ARG UA 75 20.80 81.83 43.80
CA ARG UA 75 20.56 80.81 42.79
C ARG UA 75 19.96 79.58 43.44
N ARG UA 76 19.02 78.95 42.74
CA ARG UA 76 18.38 77.73 43.19
C ARG UA 76 19.22 76.53 42.81
N VAL UA 77 19.15 75.48 43.63
CA VAL UA 77 19.72 74.18 43.28
C VAL UA 77 18.84 73.09 43.89
N SER UA 78 18.54 72.08 43.10
CA SER UA 78 17.70 70.99 43.61
C SER UA 78 18.57 69.88 44.20
N SER UA 79 17.91 68.93 44.84
CA SER UA 79 18.62 67.82 45.45
C SER UA 79 19.27 66.95 44.37
N LEU UA 80 20.59 66.92 44.36
CA LEU UA 80 21.35 66.15 43.38
C LEU UA 80 21.90 64.84 43.91
N SER UA 81 22.05 64.70 45.22
CA SER UA 81 22.63 63.50 45.80
C SER UA 81 21.59 62.51 46.29
N THR UA 82 20.30 62.79 46.10
CA THR UA 82 19.25 61.92 46.61
C THR UA 82 17.92 62.24 45.92
N PRO UA 83 17.20 61.23 45.43
CA PRO UA 83 15.87 61.50 44.85
C PRO UA 83 14.94 62.12 45.88
N LEU UA 84 14.12 63.07 45.43
CA LEU UA 84 13.24 63.78 46.35
C LEU UA 84 12.13 62.89 46.88
N VAL UA 85 11.56 62.04 46.04
CA VAL UA 85 10.42 61.20 46.40
C VAL UA 85 10.74 59.75 46.09
N ASP UA 86 10.56 58.88 47.06
CA ASP UA 86 10.74 57.45 46.88
C ASP UA 86 9.40 56.74 47.03
N PHE UA 87 9.18 55.73 46.19
CA PHE UA 87 7.92 55.00 46.17
C PHE UA 87 8.01 53.76 47.05
N ALA UA 88 6.94 53.49 47.78
CA ALA UA 88 6.87 52.34 48.67
C ALA UA 88 5.73 51.43 48.25
N ASP UA 89 5.94 50.13 48.40
CA ASP UA 89 4.93 49.15 48.02
C ASP UA 89 3.83 49.09 49.06
N GLY UA 90 2.65 48.64 48.63
CA GLY UA 90 1.53 48.46 49.54
C GLY UA 90 0.84 49.72 49.97
N SER UA 91 0.82 50.75 49.12
CA SER UA 91 0.12 51.99 49.42
C SER UA 91 -0.80 52.35 48.27
N THR UA 92 -1.38 53.55 48.34
CA THR UA 92 -2.24 54.07 47.29
C THR UA 92 -1.49 55.15 46.52
N LEU UA 93 -1.46 55.02 45.20
CA LEU UA 93 -0.74 55.99 44.38
C LEU UA 93 -1.40 57.36 44.46
N THR UA 94 -0.59 58.40 44.53
CA THR UA 94 -1.06 59.77 44.56
C THR UA 94 -0.39 60.56 43.44
N ALA UA 95 -1.20 61.33 42.71
CA ALA UA 95 -0.67 62.10 41.58
C ALA UA 95 0.32 63.15 42.05
N ALA UA 96 0.25 63.55 43.32
CA ALA UA 96 1.16 64.56 43.84
C ALA UA 96 2.61 64.07 43.78
N ASP UA 97 2.83 62.79 44.08
CA ASP UA 97 4.19 62.25 44.03
C ASP UA 97 4.76 62.30 42.62
N LEU UA 98 3.96 61.89 41.63
CA LEU UA 98 4.42 61.93 40.25
C LEU UA 98 4.69 63.35 39.79
N ASP UA 99 3.80 64.29 40.16
CA ASP UA 99 4.02 65.68 39.81
C ASP UA 99 5.29 66.21 40.44
N THR UA 100 5.56 65.85 41.71
CA THR UA 100 6.77 66.28 42.37
C THR UA 100 8.01 65.75 41.68
N ALA UA 101 8.00 64.47 41.28
CA ALA UA 101 9.15 63.89 40.59
C ALA UA 101 9.41 64.61 39.26
N GLU UA 102 8.34 64.86 38.50
CA GLU UA 102 8.51 65.56 37.23
C GLU UA 102 9.04 66.96 37.45
N LYS UA 103 8.52 67.66 38.46
CA LYS UA 103 9.01 69.01 38.75
C LYS UA 103 10.48 69.00 39.12
N GLN UA 104 10.91 68.03 39.94
CA GLN UA 104 12.32 67.96 40.32
C GLN UA 104 13.20 67.75 39.11
N SER UA 105 12.82 66.80 38.23
CA SER UA 105 13.65 66.55 37.06
C SER UA 105 13.73 67.78 36.16
N LEU UA 106 12.60 68.44 35.94
CA LEU UA 106 12.60 69.63 35.10
C LEU UA 106 13.48 70.72 35.70
N PHE UA 107 13.38 70.93 37.02
CA PHE UA 107 14.17 71.98 37.66
C PHE UA 107 15.67 71.68 37.56
N ILE UA 108 16.05 70.41 37.72
CA ILE UA 108 17.45 70.05 37.59
C ILE UA 108 17.95 70.37 36.19
N ASP UA 109 17.17 70.02 35.16
CA ASP UA 109 17.59 70.31 33.80
C ASP UA 109 17.71 71.82 33.56
N GLN UA 110 16.74 72.59 34.10
CA GLN UA 110 16.81 74.04 33.96
C GLN UA 110 18.08 74.60 34.59
N GLU UA 111 18.42 74.14 35.79
CA GLU UA 111 19.61 74.63 36.46
C GLU UA 111 20.87 74.28 35.68
N LEU UA 112 20.94 73.07 35.13
CA LEU UA 112 22.12 72.69 34.36
C LEU UA 112 22.26 73.56 33.12
N ASP UA 113 21.15 73.82 32.42
CA ASP UA 113 21.22 74.67 31.24
C ASP UA 113 21.65 76.09 31.61
N ASP UA 114 21.13 76.61 32.72
CA ASP UA 114 21.54 77.94 33.17
C ASP UA 114 23.03 77.98 33.48
N ALA UA 115 23.55 76.93 34.12
CA ALA UA 115 24.99 76.89 34.40
C ALA UA 115 25.80 76.92 33.10
N LEU UA 116 25.39 76.13 32.11
CA LEU UA 116 26.11 76.11 30.84
C LEU UA 116 26.08 77.48 30.17
N LYS UA 117 24.91 78.14 30.20
CA LYS UA 117 24.79 79.45 29.56
C LYS UA 117 25.61 80.51 30.28
N GLN UA 118 25.58 80.52 31.62
CA GLN UA 118 26.44 81.42 32.37
C GLN UA 118 27.91 81.06 32.19
N GLY UA 119 28.19 79.88 31.67
CA GLY UA 119 29.54 79.50 31.34
C GLY UA 119 29.85 79.89 29.91
N ILE UA 120 29.83 78.93 28.99
CA ILE UA 120 30.23 79.19 27.61
C ILE UA 120 29.01 79.00 26.70
N SER UA 121 28.68 80.03 25.95
CA SER UA 121 27.60 80.00 24.98
C SER UA 121 28.16 80.06 23.57
N ILE UA 122 27.26 80.12 22.60
CA ILE UA 122 27.61 80.30 21.19
C ILE UA 122 26.85 81.51 20.69
N ASP UA 123 27.57 82.53 20.23
CA ASP UA 123 26.94 83.75 19.77
C ASP UA 123 26.04 83.48 18.58
N THR UA 124 24.84 84.06 18.60
CA THR UA 124 23.89 83.93 17.51
C THR UA 124 24.10 84.99 16.43
N SER UA 125 25.13 85.81 16.56
CA SER UA 125 25.48 86.78 15.53
C SER UA 125 26.51 86.26 14.55
N THR UA 126 27.38 85.35 14.98
CA THR UA 126 28.42 84.79 14.12
C THR UA 126 28.54 83.28 14.22
N GLY UA 127 27.85 82.63 15.13
CA GLY UA 127 27.96 81.19 15.27
C GLY UA 127 29.28 80.71 15.84
N VAL UA 128 29.99 81.58 16.54
CA VAL UA 128 31.29 81.23 17.12
C VAL UA 128 31.16 81.39 18.64
N PRO UA 129 31.82 80.56 19.44
CA PRO UA 129 31.72 80.71 20.89
C PRO UA 129 32.20 82.08 21.35
N THR UA 130 31.51 82.63 22.35
CA THR UA 130 31.78 83.94 22.88
C THR UA 130 31.84 83.88 24.40
N LEU UA 131 32.54 84.84 25.01
CA LEU UA 131 32.72 84.86 26.45
C LEU UA 131 31.91 85.93 27.15
N ASN UA 132 31.07 86.67 26.43
CA ASN UA 132 30.19 87.69 26.99
C ASN UA 132 30.97 88.77 27.74
N SER UA 133 32.19 89.06 27.27
CA SER UA 133 33.00 90.16 27.78
C SER UA 133 33.27 90.02 29.28
N GLN UA 134 34.04 89.00 29.62
CA GLN UA 134 34.46 88.76 31.00
C GLN UA 134 35.99 88.63 31.05
N ARG UA 135 36.49 88.20 32.21
CA ARG UA 135 37.92 88.15 32.49
C ARG UA 135 38.35 86.74 32.85
N LEU UA 136 39.49 86.31 32.32
CA LEU UA 136 39.98 84.95 32.45
C LEU UA 136 41.21 84.88 33.34
N SER UA 137 41.32 83.83 34.12
CA SER UA 137 42.46 83.65 35.01
C SER UA 137 42.71 82.16 35.20
N ASN UA 138 43.73 81.84 36.01
CA ASN UA 138 44.08 80.46 36.35
C ASN UA 138 44.35 79.61 35.11
N VAL UA 139 45.07 80.18 34.15
CA VAL UA 139 45.47 79.48 32.94
C VAL UA 139 46.95 79.15 33.06
N SER UA 140 47.29 77.88 32.81
CA SER UA 140 48.69 77.46 32.90
C SER UA 140 49.50 78.11 31.80
N ASP UA 141 50.80 78.26 32.06
CA ASP UA 141 51.68 78.88 31.09
C ASP UA 141 51.71 78.04 29.81
N PRO UA 142 51.64 78.68 28.64
CA PRO UA 142 51.60 77.90 27.39
C PRO UA 142 52.93 77.24 27.09
N VAL UA 143 53.01 75.92 27.28
CA VAL UA 143 54.20 75.18 26.87
C VAL UA 143 54.37 75.27 25.36
N ASN UA 144 53.30 75.05 24.62
CA ASN UA 144 53.22 75.42 23.22
C ASN UA 144 52.45 76.72 23.09
N ALA UA 145 52.81 77.51 22.08
CA ALA UA 145 52.06 78.74 21.83
C ALA UA 145 50.71 78.46 21.17
N GLN UA 146 50.35 77.19 20.97
CA GLN UA 146 48.98 76.82 20.63
C GLN UA 146 48.00 77.39 21.64
N ASP UA 147 48.37 77.36 22.92
CA ASP UA 147 47.56 77.97 23.96
C ASP UA 147 47.50 79.48 23.79
N ALA UA 148 46.42 80.07 24.30
CA ALA UA 148 46.32 81.51 24.33
C ALA UA 148 47.46 82.09 25.18
N VAL UA 149 48.06 83.17 24.68
CA VAL UA 149 49.26 83.73 25.28
C VAL UA 149 48.87 84.44 26.58
N THR UA 150 49.57 84.11 27.66
CA THR UA 150 49.40 84.79 28.94
C THR UA 150 50.33 85.98 29.02
N LYS UA 151 49.86 87.05 29.68
CA LYS UA 151 50.69 88.25 29.75
C LYS UA 151 51.91 88.08 30.64
N ALA UA 152 51.89 87.14 31.59
CA ALA UA 152 53.13 86.84 32.30
C ALA UA 152 54.19 86.33 31.33
N TYR UA 153 53.80 85.42 30.45
CA TYR UA 153 54.70 84.93 29.42
C TYR UA 153 55.10 86.04 28.46
N LEU UA 154 54.16 86.96 28.16
CA LEU UA 154 54.46 88.03 27.22
C LEU UA 154 55.46 89.02 27.81
N GLU UA 155 55.21 89.48 29.04
CA GLU UA 155 55.96 90.58 29.63
C GLU UA 155 57.12 90.12 30.50
N ARG UA 156 57.33 88.82 30.67
CA ARG UA 156 58.48 88.37 31.46
C ARG UA 156 59.78 88.75 30.76
N SER UA 157 60.75 89.21 31.55
CA SER UA 157 62.01 89.68 31.01
C SER UA 157 62.74 88.56 30.28
N GLY UA 158 62.99 88.76 29.00
CA GLY UA 158 63.61 87.76 28.17
C GLY UA 158 62.69 86.68 27.63
N SER UA 159 61.45 86.63 28.12
CA SER UA 159 60.48 85.65 27.60
C SER UA 159 60.04 86.01 26.19
N ILE UA 160 60.08 87.30 25.82
CA ILE UA 160 59.80 87.69 24.45
C ILE UA 160 60.81 87.03 23.53
N THR UA 161 60.32 86.43 22.45
CA THR UA 161 61.22 85.86 21.47
C THR UA 161 61.69 86.94 20.50
N SER UA 162 62.84 86.68 19.88
CA SER UA 162 63.39 87.63 18.92
C SER UA 162 62.46 87.84 17.73
N THR UA 163 61.61 86.85 17.41
CA THR UA 163 60.63 86.99 16.35
C THR UA 163 59.32 87.62 16.82
N GLN UA 164 59.14 87.80 18.13
CA GLN UA 164 57.94 88.45 18.63
C GLN UA 164 57.93 89.94 18.33
N ILE UA 165 59.09 90.54 18.06
CA ILE UA 165 59.18 91.95 17.72
C ILE UA 165 59.31 92.06 16.20
N LEU UA 166 58.50 92.93 15.60
CA LEU UA 166 58.41 93.06 14.15
C LEU UA 166 58.93 94.44 13.76
N ASN UA 167 60.17 94.48 13.29
CA ASN UA 167 60.87 95.74 13.04
C ASN UA 167 60.12 96.58 12.01
N GLY UA 168 60.22 97.89 12.16
CA GLY UA 168 59.60 98.81 11.22
C GLY UA 168 59.06 100.11 11.79
N THR UA 169 58.99 100.22 13.12
CA THR UA 169 58.46 101.40 13.78
C THR UA 169 59.50 102.04 14.69
N ILE UA 170 60.72 102.22 14.17
CA ILE UA 170 61.80 102.80 14.96
C ILE UA 170 61.61 104.31 15.04
N VAL UA 171 61.36 104.81 16.25
CA VAL UA 171 61.24 106.23 16.54
C VAL UA 171 62.02 106.53 17.81
N ASP UA 172 61.99 107.80 18.22
CA ASP UA 172 62.69 108.25 19.42
C ASP UA 172 61.79 108.30 20.65
N ALA UA 173 60.55 107.83 20.54
CA ALA UA 173 59.61 107.95 21.65
C ALA UA 173 60.05 107.11 22.85
N ASP UA 174 60.58 105.91 22.60
CA ASP UA 174 60.83 104.94 23.67
C ASP UA 174 62.31 104.74 23.97
N ILE UA 175 63.21 105.34 23.19
CA ILE UA 175 64.63 105.29 23.54
C ILE UA 175 64.87 106.23 24.72
N ASN UA 176 65.42 105.69 25.80
CA ASN UA 176 65.72 106.52 26.96
C ASN UA 176 66.81 107.51 26.62
N ALA UA 177 66.69 108.73 27.16
CA ALA UA 177 67.67 109.78 26.89
C ALA UA 177 69.05 109.38 27.41
N SER UA 178 69.11 108.78 28.60
CA SER UA 178 70.36 108.38 29.22
C SER UA 178 70.73 106.93 28.93
N ALA UA 179 70.00 106.27 28.03
CA ALA UA 179 70.30 104.88 27.71
C ALA UA 179 71.66 104.78 27.02
N ALA UA 180 72.52 103.93 27.58
CA ALA UA 180 73.87 103.72 27.03
C ALA UA 180 73.82 102.62 25.97
N ILE UA 181 73.30 103.00 24.80
CA ILE UA 181 73.21 102.07 23.68
C ILE UA 181 74.62 101.67 23.26
N ALA UA 182 74.83 100.37 23.06
CA ALA UA 182 76.15 99.87 22.66
C ALA UA 182 76.59 100.54 21.36
N LYS UA 183 77.79 101.11 21.40
CA LYS UA 183 78.23 101.98 20.30
C LYS UA 183 78.45 101.20 19.01
N SER UA 184 78.92 99.96 19.09
CA SER UA 184 79.27 99.19 17.92
C SER UA 184 78.06 98.55 17.24
N LYS UA 185 76.86 99.06 17.51
CA LYS UA 185 75.63 98.48 16.97
C LYS UA 185 75.00 99.28 15.85
N LEU UA 186 75.49 100.48 15.57
CA LEU UA 186 74.96 101.29 14.48
C LEU UA 186 76.08 101.97 13.73
N ALA UA 187 75.86 102.18 12.44
CA ALA UA 187 76.82 102.86 11.57
C ALA UA 187 76.52 104.36 11.55
N ALA UA 188 77.12 105.07 10.60
CA ALA UA 188 76.91 106.49 10.42
C ALA UA 188 76.18 106.76 9.11
N LEU UA 189 75.49 107.90 9.05
CA LEU UA 189 74.82 108.31 7.83
C LEU UA 189 75.84 108.81 6.82
N ASN UA 190 75.45 108.75 5.53
CA ASN UA 190 76.30 109.22 4.45
C ASN UA 190 76.14 110.73 4.31
N ILE UA 191 76.82 111.45 5.19
CA ILE UA 191 76.71 112.90 5.24
C ILE UA 191 77.54 113.51 4.12
N VAL UA 192 76.93 114.43 3.36
CA VAL UA 192 77.61 115.13 2.29
C VAL UA 192 77.73 116.62 2.63
N MET VA 1 27.94 61.53 18.76
CA MET VA 1 27.80 62.49 17.67
C MET VA 1 26.75 63.54 17.98
N ALA VA 2 26.46 64.40 17.01
CA ALA VA 2 25.35 65.32 17.13
C ALA VA 2 24.05 64.54 17.21
N PHE VA 3 23.31 64.73 18.29
CA PHE VA 3 22.14 63.89 18.58
C PHE VA 3 20.86 64.41 17.93
N ALA VA 4 20.57 65.70 18.03
CA ALA VA 4 19.31 66.24 17.55
C ALA VA 4 19.52 67.56 16.83
N GLN VA 5 20.50 67.60 15.93
CA GLN VA 5 20.74 68.83 15.18
C GLN VA 5 21.43 68.49 13.87
N ARG VA 6 21.40 69.45 12.95
CA ARG VA 6 22.05 69.31 11.66
C ARG VA 6 22.35 70.70 11.11
N ILE VA 7 23.57 70.89 10.65
CA ILE VA 7 24.05 72.18 10.14
C ILE VA 7 24.41 72.00 8.67
N ILE VA 8 23.86 72.87 7.82
CA ILE VA 8 24.01 72.75 6.37
C ILE VA 8 24.58 74.05 5.84
N THR VA 9 25.67 73.96 5.08
CA THR VA 9 26.16 75.07 4.27
C THR VA 9 25.59 74.87 2.88
N SER VA 10 24.59 75.69 2.52
CA SER VA 10 23.86 75.50 1.28
C SER VA 10 24.78 75.58 0.07
N ASN VA 11 24.34 75.00 -1.04
CA ASN VA 11 25.17 74.87 -2.21
C ASN VA 11 24.55 75.47 -3.47
N SER VA 12 23.31 75.96 -3.42
CA SER VA 12 22.68 76.55 -4.60
C SER VA 12 21.52 77.43 -4.15
N ALA VA 13 21.55 78.69 -4.56
CA ALA VA 13 20.45 79.59 -4.26
C ALA VA 13 19.20 79.17 -5.04
N GLY VA 14 18.05 79.33 -4.41
CA GLY VA 14 16.79 78.91 -4.98
C GLY VA 14 16.25 77.60 -4.46
N ASP VA 15 17.05 76.86 -3.68
CA ASP VA 15 16.58 75.62 -3.09
C ASP VA 15 15.57 75.90 -1.99
N GLN VA 16 14.75 74.89 -1.69
CA GLN VA 16 13.68 75.07 -0.72
C GLN VA 16 13.70 74.02 0.39
N GLU VA 17 14.05 72.77 0.05
CA GLU VA 17 13.87 71.64 0.96
C GLU VA 17 15.22 71.14 1.45
N PHE VA 18 15.27 70.78 2.73
CA PHE VA 18 16.44 70.17 3.35
C PHE VA 18 15.98 69.03 4.23
N THR VA 19 16.77 67.95 4.26
CA THR VA 19 16.39 66.75 4.98
C THR VA 19 16.96 66.74 6.39
N PHE VA 20 16.40 65.86 7.23
CA PHE VA 20 16.90 65.65 8.58
C PHE VA 20 16.46 64.27 9.03
N THR VA 21 17.16 63.73 10.02
CA THR VA 21 17.03 62.33 10.39
C THR VA 21 16.60 62.07 11.82
N PHE VA 22 16.84 63.01 12.75
CA PHE VA 22 16.60 62.72 14.15
C PHE VA 22 15.11 62.60 14.44
N ASP VA 23 14.80 62.10 15.63
CA ASP VA 23 13.43 61.88 16.06
C ASP VA 23 12.92 63.07 16.87
N TYR VA 24 11.60 63.10 17.09
CA TYR VA 24 10.98 64.18 17.84
C TYR VA 24 9.65 63.69 18.37
N ILE VA 25 9.02 64.51 19.20
CA ILE VA 25 7.72 64.21 19.79
C ILE VA 25 6.61 65.03 19.14
N LYS VA 26 6.81 66.34 19.01
CA LYS VA 26 5.84 67.22 18.37
C LYS VA 26 6.55 68.07 17.33
N GLU VA 27 5.81 68.46 16.29
CA GLU VA 27 6.39 69.25 15.21
C GLU VA 27 6.86 70.61 15.71
N GLU VA 28 6.12 71.21 16.65
CA GLU VA 28 6.47 72.54 17.14
C GLU VA 28 7.72 72.54 18.02
N HIS VA 29 8.43 71.43 18.12
CA HIS VA 29 9.71 71.39 18.81
C HIS VA 29 10.89 71.58 17.86
N ILE VA 30 10.64 71.86 16.60
CA ILE VA 30 11.69 72.04 15.59
C ILE VA 30 11.90 73.52 15.34
N LYS VA 31 13.16 73.94 15.34
CA LYS VA 31 13.52 75.33 15.08
C LYS VA 31 14.45 75.39 13.88
N VAL VA 32 14.26 76.39 13.03
CA VAL VA 32 15.04 76.57 11.82
C VAL VA 32 15.74 77.93 11.89
N PHE VA 33 17.04 77.93 11.60
CA PHE VA 33 17.82 79.16 11.59
C PHE VA 33 18.31 79.42 10.16
N VAL VA 34 18.06 80.62 9.68
CA VAL VA 34 18.57 81.07 8.39
C VAL VA 34 19.53 82.22 8.66
N ASN VA 35 20.78 82.09 8.19
CA ASN VA 35 21.88 83.03 8.35
C ASN VA 35 21.79 83.79 9.68
N PHE VA 36 21.79 83.03 10.79
CA PHE VA 36 21.74 83.55 12.14
C PHE VA 36 20.43 84.26 12.46
N VAL VA 37 19.33 83.88 11.82
CA VAL VA 37 18.00 84.39 12.15
C VAL VA 37 17.08 83.21 12.35
N GLU VA 38 16.42 83.16 13.51
CA GLU VA 38 15.44 82.13 13.76
C GLU VA 38 14.22 82.33 12.87
N LYS VA 39 13.68 81.23 12.37
CA LYS VA 39 12.64 81.26 11.35
C LYS VA 39 11.33 80.78 11.98
N ALA VA 40 10.28 81.60 11.85
CA ALA VA 40 9.01 81.28 12.47
C ALA VA 40 8.35 80.09 11.80
N GLN VA 41 7.50 79.39 12.55
CA GLN VA 41 6.83 78.18 12.10
C GLN VA 41 5.39 78.51 11.73
N GLY VA 42 4.93 77.95 10.62
CA GLY VA 42 3.56 78.18 10.18
C GLY VA 42 3.43 77.87 8.70
N THR VA 43 2.50 78.58 8.06
CA THR VA 43 2.20 78.38 6.64
C THR VA 43 1.74 79.69 6.04
N GLY VA 44 2.15 79.94 4.78
CA GLY VA 44 1.74 81.14 4.07
C GLY VA 44 2.71 82.29 4.27
N SER VA 45 2.28 83.31 5.01
CA SER VA 45 3.19 84.39 5.37
C SER VA 45 4.35 83.87 6.20
N ASN VA 46 4.11 82.83 7.00
CA ASN VA 46 5.18 82.17 7.72
C ASN VA 46 6.15 81.52 6.73
N GLU VA 47 7.36 81.30 7.20
CA GLU VA 47 8.47 81.03 6.29
C GLU VA 47 8.68 79.55 5.97
N PHE VA 48 8.60 78.65 6.95
CA PHE VA 48 8.89 77.25 6.67
C PHE VA 48 7.74 76.36 7.16
N GLN VA 49 7.65 75.19 6.54
CA GLN VA 49 6.61 74.22 6.84
C GLN VA 49 7.24 72.83 6.81
N VAL VA 50 6.81 71.98 7.74
CA VAL VA 50 7.42 70.67 7.94
C VAL VA 50 6.66 69.65 7.12
N ILE VA 51 7.39 68.73 6.50
CA ILE VA 51 6.82 67.63 5.72
C ILE VA 51 7.20 66.34 6.42
N THR VA 52 6.20 65.61 6.92
CA THR VA 52 6.41 64.37 7.66
C THR VA 52 5.87 63.16 6.91
N ASN VA 53 5.92 63.17 5.58
CA ASN VA 53 5.33 62.10 4.79
C ASN VA 53 6.36 61.29 4.02
N THR VA 54 7.55 61.82 3.80
CA THR VA 54 8.59 61.15 3.02
C THR VA 54 9.73 60.75 3.93
N THR VA 55 10.33 59.59 3.65
CA THR VA 55 11.48 59.12 4.42
C THR VA 55 12.74 59.33 3.61
N PRO VA 56 13.74 60.07 4.12
CA PRO VA 56 13.76 60.78 5.41
C PRO VA 56 12.95 62.06 5.36
N LYS VA 57 12.46 62.52 6.52
CA LYS VA 57 11.63 63.71 6.56
C LYS VA 57 12.43 64.95 6.19
N LYS VA 58 11.72 65.98 5.72
CA LYS VA 58 12.36 67.21 5.29
C LYS VA 58 11.43 68.37 5.54
N ILE VA 59 12.00 69.57 5.58
CA ILE VA 59 11.26 70.80 5.79
C ILE VA 59 11.40 71.67 4.56
N SER VA 60 10.28 72.26 4.13
CA SER VA 60 10.24 73.07 2.92
C SER VA 60 10.03 74.53 3.29
N LEU VA 61 10.90 75.40 2.77
CA LEU VA 61 10.76 76.83 2.98
C LEU VA 61 9.79 77.40 1.95
N ASN VA 62 8.94 78.33 2.40
CA ASN VA 62 7.98 78.96 1.52
C ASN VA 62 8.62 79.96 0.56
N THR VA 63 9.83 80.42 0.85
CA THR VA 63 10.55 81.36 -0.01
C THR VA 63 11.92 80.79 -0.34
N GLY VA 64 12.30 80.89 -1.61
CA GLY VA 64 13.59 80.37 -2.02
C GLY VA 64 14.75 81.15 -1.45
N LEU VA 65 15.89 80.47 -1.36
CA LEU VA 65 17.09 81.09 -0.81
C LEU VA 65 17.58 82.20 -1.73
N SER VA 66 17.85 83.37 -1.15
CA SER VA 66 18.24 84.52 -1.96
C SER VA 66 19.66 84.36 -2.50
N ALA VA 67 20.59 83.92 -1.67
CA ALA VA 67 21.98 83.75 -2.05
C ALA VA 67 22.48 82.40 -1.59
N ASP VA 68 23.30 81.75 -2.42
CA ASP VA 68 23.83 80.44 -2.08
C ASP VA 68 24.87 80.57 -0.97
N ASN VA 69 25.25 79.40 -0.43
CA ASN VA 69 26.17 79.31 0.71
C ASN VA 69 25.63 80.10 1.91
N THR VA 70 24.37 79.84 2.26
CA THR VA 70 23.73 80.40 3.44
C THR VA 70 23.49 79.26 4.42
N ARG VA 71 24.03 79.40 5.63
CA ARG VA 71 23.95 78.32 6.60
C ARG VA 71 22.52 78.17 7.13
N VAL VA 72 22.09 76.91 7.28
CA VAL VA 72 20.77 76.58 7.79
C VAL VA 72 20.93 75.62 8.95
N GLU VA 73 20.34 75.95 10.10
CA GLU VA 73 20.42 75.13 11.29
C GLU VA 73 19.06 74.54 11.59
N ILE VA 74 19.02 73.23 11.80
CA ILE VA 74 17.80 72.51 12.17
C ILE VA 74 18.11 71.74 13.44
N ARG VA 75 17.63 72.24 14.57
CA ARG VA 75 17.91 71.61 15.86
C ARG VA 75 16.62 71.42 16.62
N ARG VA 76 16.53 70.30 17.34
CA ARG VA 76 15.35 69.98 18.14
C ARG VA 76 15.54 70.49 19.56
N VAL VA 77 14.46 71.04 20.12
CA VAL VA 77 14.45 71.50 21.51
C VAL VA 77 13.11 71.10 22.10
N SER VA 78 13.14 70.26 23.14
CA SER VA 78 11.92 69.91 23.84
C SER VA 78 11.48 71.07 24.73
N SER VA 79 10.23 71.00 25.17
CA SER VA 79 9.70 72.06 26.02
C SER VA 79 10.42 72.08 27.36
N LEU VA 80 11.28 73.07 27.57
CA LEU VA 80 12.05 73.20 28.80
C LEU VA 80 11.35 74.02 29.86
N SER VA 81 10.14 74.51 29.60
CA SER VA 81 9.43 75.36 30.54
C SER VA 81 8.29 74.68 31.26
N THR VA 82 7.57 73.76 30.60
CA THR VA 82 6.44 73.09 31.22
C THR VA 82 6.50 71.60 30.93
N PRO VA 83 6.01 70.76 31.85
CA PRO VA 83 5.90 69.34 31.55
C PRO VA 83 4.88 69.08 30.47
N LEU VA 84 5.12 68.02 29.70
CA LEU VA 84 4.21 67.67 28.61
C LEU VA 84 3.01 66.85 29.06
N VAL VA 85 3.01 66.35 30.30
CA VAL VA 85 1.92 65.54 30.81
C VAL VA 85 1.61 65.98 32.24
N ASP VA 86 0.33 66.08 32.56
CA ASP VA 86 -0.13 66.44 33.89
C ASP VA 86 -1.01 65.32 34.42
N PHE VA 87 -0.76 64.91 35.67
CA PHE VA 87 -1.50 63.83 36.31
C PHE VA 87 -2.58 64.42 37.21
N ALA VA 88 -3.80 63.91 37.07
CA ALA VA 88 -4.93 64.34 37.88
C ALA VA 88 -5.66 63.10 38.39
N ASP VA 89 -6.04 63.12 39.66
CA ASP VA 89 -6.69 61.96 40.26
C ASP VA 89 -8.05 61.73 39.62
N GLY VA 90 -8.48 60.46 39.62
CA GLY VA 90 -9.68 60.06 38.93
C GLY VA 90 -9.47 59.70 37.48
N SER VA 91 -8.23 59.69 37.00
CA SER VA 91 -7.91 59.31 35.63
C SER VA 91 -7.12 58.01 35.60
N THR VA 92 -7.45 57.17 34.63
CA THR VA 92 -6.80 55.87 34.49
C THR VA 92 -5.43 56.06 33.87
N LEU VA 93 -4.41 55.50 34.52
CA LEU VA 93 -3.04 55.67 34.05
C LEU VA 93 -2.78 54.71 32.89
N THR VA 94 -2.28 55.24 31.78
CA THR VA 94 -1.98 54.47 30.60
C THR VA 94 -0.50 54.58 30.27
N ALA VA 95 -0.01 53.64 29.46
CA ALA VA 95 1.40 53.61 29.10
C ALA VA 95 1.83 54.85 28.32
N ALA VA 96 0.89 55.50 27.63
CA ALA VA 96 1.24 56.65 26.80
C ALA VA 96 1.84 57.78 27.63
N ASP VA 97 1.25 58.07 28.79
CA ASP VA 97 1.74 59.17 29.62
C ASP VA 97 3.15 58.90 30.13
N LEU VA 98 3.38 57.69 30.67
CA LEU VA 98 4.71 57.37 31.18
C LEU VA 98 5.74 57.38 30.06
N ASP VA 99 5.39 56.83 28.90
CA ASP VA 99 6.33 56.85 27.78
C ASP VA 99 6.62 58.28 27.34
N THR VA 100 5.61 59.14 27.33
CA THR VA 100 5.82 60.54 26.95
C THR VA 100 6.77 61.23 27.91
N ALA VA 101 6.58 61.02 29.22
CA ALA VA 101 7.46 61.64 30.19
C ALA VA 101 8.90 61.14 30.04
N GLU VA 102 9.07 59.82 29.86
CA GLU VA 102 10.40 59.27 29.69
C GLU VA 102 11.07 59.82 28.43
N LYS VA 103 10.32 59.89 27.34
CA LYS VA 103 10.87 60.42 26.10
C LYS VA 103 11.29 61.87 26.27
N GLN VA 104 10.46 62.68 26.94
CA GLN VA 104 10.82 64.07 27.16
C GLN VA 104 12.13 64.19 27.94
N SER VA 105 12.24 63.44 29.04
CA SER VA 105 13.44 63.53 29.86
C SER VA 105 14.67 63.12 29.07
N LEU VA 106 14.59 61.98 28.37
CA LEU VA 106 15.75 61.49 27.62
C LEU VA 106 16.14 62.44 26.50
N PHE VA 107 15.16 62.99 25.80
CA PHE VA 107 15.46 63.92 24.71
C PHE VA 107 16.11 65.19 25.23
N ILE VA 108 15.63 65.70 26.38
CA ILE VA 108 16.25 66.89 26.96
C ILE VA 108 17.70 66.60 27.33
N ASP VA 109 17.96 65.44 27.94
CA ASP VA 109 19.34 65.12 28.31
C ASP VA 109 20.22 64.98 27.07
N GLN VA 110 19.70 64.35 26.02
CA GLN VA 110 20.45 64.23 24.78
C GLN VA 110 20.79 65.60 24.21
N GLU VA 111 19.82 66.51 24.18
CA GLU VA 111 20.07 67.84 23.64
C GLU VA 111 21.10 68.59 24.47
N LEU VA 112 21.05 68.45 25.80
CA LEU VA 112 22.05 69.10 26.64
C LEU VA 112 23.45 68.56 26.35
N ASP VA 113 23.57 67.24 26.21
CA ASP VA 113 24.87 66.68 25.87
C ASP VA 113 25.35 67.19 24.51
N ASP VA 114 24.43 67.30 23.54
CA ASP VA 114 24.79 67.82 22.23
C ASP VA 114 25.32 69.23 22.31
N ALA VA 115 24.65 70.09 23.10
CA ALA VA 115 25.12 71.46 23.24
C ALA VA 115 26.47 71.52 23.92
N LEU VA 116 26.68 70.68 24.94
CA LEU VA 116 27.97 70.66 25.64
C LEU VA 116 29.08 70.26 24.70
N LYS VA 117 28.86 69.24 23.86
CA LYS VA 117 29.88 68.83 22.90
C LYS VA 117 30.10 69.91 21.85
N GLN VA 118 29.03 70.57 21.40
CA GLN VA 118 29.13 71.58 20.37
C GLN VA 118 29.98 72.75 20.86
N GLY VA 119 29.80 73.15 22.12
CA GLY VA 119 30.60 74.23 22.66
C GLY VA 119 32.05 73.83 22.87
N ILE VA 120 32.74 74.49 23.80
CA ILE VA 120 34.14 74.17 24.08
C ILE VA 120 34.18 72.88 24.90
N SER VA 121 34.58 71.79 24.26
CA SER VA 121 34.68 70.49 24.90
C SER VA 121 36.13 70.28 25.37
N ILE VA 122 36.43 69.06 25.79
CA ILE VA 122 37.79 68.69 26.18
C ILE VA 122 38.35 67.76 25.11
N ASP VA 123 39.51 68.14 24.57
CA ASP VA 123 40.16 67.32 23.54
C ASP VA 123 40.80 66.11 24.19
N THR VA 124 40.57 64.93 23.61
CA THR VA 124 41.13 63.71 24.17
C THR VA 124 42.58 63.50 23.79
N SER VA 125 43.16 64.39 22.97
CA SER VA 125 44.54 64.23 22.55
C SER VA 125 45.49 64.22 23.73
N THR VA 126 45.33 65.16 24.65
CA THR VA 126 46.11 65.20 25.88
C THR VA 126 45.26 65.55 27.09
N GLY VA 127 43.95 65.32 27.03
CA GLY VA 127 43.08 65.69 28.14
C GLY VA 127 43.03 67.19 28.38
N VAL VA 128 43.00 67.98 27.31
CA VAL VA 128 43.04 69.43 27.42
C VAL VA 128 41.86 70.01 26.65
N PRO VA 129 41.39 71.19 27.05
CA PRO VA 129 40.29 71.83 26.32
C PRO VA 129 40.66 72.14 24.89
N THR VA 130 39.67 72.13 24.00
CA THR VA 130 39.85 72.49 22.60
C THR VA 130 38.73 73.42 22.16
N LEU VA 131 39.05 74.32 21.23
CA LEU VA 131 38.04 75.12 20.58
C LEU VA 131 37.58 74.54 19.26
N ASN VA 132 38.19 73.44 18.81
CA ASN VA 132 37.88 72.81 17.52
C ASN VA 132 38.00 73.83 16.38
N SER VA 133 39.11 74.55 16.37
CA SER VA 133 39.45 75.49 15.29
C SER VA 133 38.44 76.60 15.16
N GLN VA 134 38.06 77.20 16.29
CA GLN VA 134 37.22 78.39 16.34
C GLN VA 134 38.04 79.61 16.73
N ARG VA 135 37.35 80.73 16.88
CA ARG VA 135 37.95 82.00 17.28
C ARG VA 135 37.23 82.52 18.51
N LEU VA 136 37.93 82.59 19.64
CA LEU VA 136 37.34 83.17 20.83
C LEU VA 136 37.00 84.63 20.58
N SER VA 137 35.78 85.01 20.94
CA SER VA 137 35.27 86.34 20.62
C SER VA 137 34.66 86.98 21.85
N ASN VA 138 34.63 88.31 21.84
CA ASN VA 138 34.00 89.13 22.88
C ASN VA 138 34.61 88.84 24.25
N VAL VA 139 35.92 89.08 24.36
CA VAL VA 139 36.66 88.95 25.61
C VAL VA 139 37.03 90.36 26.07
N SER VA 140 36.72 90.65 27.33
CA SER VA 140 36.98 91.99 27.86
C SER VA 140 38.49 92.26 27.91
N ASP VA 141 38.83 93.55 27.79
CA ASP VA 141 40.21 94.00 27.88
C ASP VA 141 40.80 93.56 29.21
N PRO VA 142 41.71 92.60 29.21
CA PRO VA 142 42.13 91.97 30.45
C PRO VA 142 43.03 92.87 31.29
N VAL VA 143 43.06 92.57 32.59
CA VAL VA 143 43.82 93.36 33.55
C VAL VA 143 44.79 92.48 34.34
N ASN VA 144 44.31 91.34 34.82
CA ASN VA 144 45.07 90.47 35.70
C ASN VA 144 46.31 89.94 34.97
N ALA VA 145 47.22 89.32 35.73
CA ALA VA 145 48.50 88.87 35.21
C ALA VA 145 48.46 87.46 34.62
N GLN VA 146 47.29 86.81 34.56
CA GLN VA 146 47.20 85.45 34.03
C GLN VA 146 46.11 85.29 32.97
N ASP VA 147 45.62 86.38 32.40
CA ASP VA 147 44.61 86.29 31.35
C ASP VA 147 45.24 85.77 30.05
N ALA VA 148 44.38 85.67 29.04
CA ALA VA 148 44.84 85.58 27.67
C ALA VA 148 45.01 86.98 27.09
N VAL VA 149 45.68 87.07 25.95
CA VAL VA 149 45.92 88.33 25.26
C VAL VA 149 45.05 88.39 24.02
N THR VA 150 44.44 89.54 23.78
CA THR VA 150 43.60 89.74 22.60
C THR VA 150 44.38 90.50 21.54
N LYS VA 151 43.98 90.30 20.28
CA LYS VA 151 44.63 90.98 19.18
C LYS VA 151 44.46 92.50 19.29
N ALA VA 152 43.30 92.95 19.75
CA ALA VA 152 43.08 94.37 19.93
C ALA VA 152 44.01 94.95 20.99
N TYR VA 153 44.16 94.24 22.11
CA TYR VA 153 45.03 94.72 23.18
C TYR VA 153 46.49 94.66 22.78
N LEU VA 154 46.86 93.71 21.91
CA LEU VA 154 48.24 93.65 21.43
C LEU VA 154 48.52 94.74 20.41
N GLU VA 155 47.57 95.02 19.52
CA GLU VA 155 47.78 95.94 18.42
C GLU VA 155 47.39 97.38 18.76
N ARG VA 156 46.89 97.65 19.96
CA ARG VA 156 46.60 99.03 20.32
C ARG VA 156 47.91 99.81 20.43
N SER VA 157 47.86 101.09 20.06
CA SER VA 157 49.08 101.89 19.93
C SER VA 157 49.85 101.91 21.24
N GLY VA 158 51.13 101.60 21.16
CA GLY VA 158 52.01 101.60 22.32
C GLY VA 158 51.87 100.40 23.23
N SER VA 159 51.14 99.36 22.81
CA SER VA 159 50.89 98.21 23.69
C SER VA 159 52.19 97.53 24.08
N ILE VA 160 53.10 97.38 23.13
CA ILE VA 160 54.42 96.82 23.40
C ILE VA 160 55.22 97.85 24.19
N THR VA 161 55.96 97.39 25.18
CA THR VA 161 56.80 98.24 26.01
C THR VA 161 58.25 97.84 25.85
N SER VA 162 59.12 98.52 26.60
CA SER VA 162 60.56 98.26 26.48
C SER VA 162 60.90 96.84 26.92
N THR VA 163 60.34 96.40 28.04
CA THR VA 163 60.59 95.04 28.51
C THR VA 163 59.99 94.00 27.59
N GLN VA 164 59.00 94.37 26.78
CA GLN VA 164 58.40 93.48 25.80
C GLN VA 164 59.29 93.27 24.58
N ILE VA 165 60.55 93.71 24.63
CA ILE VA 165 61.46 93.62 23.50
C ILE VA 165 62.66 92.77 23.91
N LEU VA 166 62.92 91.74 23.12
CA LEU VA 166 64.17 90.99 23.23
C LEU VA 166 65.03 91.31 22.01
N ASN VA 167 66.31 91.57 22.26
CA ASN VA 167 67.19 92.12 21.25
C ASN VA 167 67.54 91.06 20.20
N GLY VA 168 68.26 91.48 19.17
CA GLY VA 168 68.86 90.59 18.21
C GLY VA 168 68.21 90.57 16.84
N THR VA 169 67.00 91.12 16.69
CA THR VA 169 66.26 91.02 15.43
C THR VA 169 65.74 92.38 14.99
N ILE VA 170 66.63 93.37 14.92
CA ILE VA 170 66.30 94.62 14.24
C ILE VA 170 66.62 94.45 12.76
N VAL VA 171 65.66 93.92 12.00
CA VAL VA 171 65.92 93.58 10.60
C VAL VA 171 66.11 94.85 9.79
N ASP VA 172 67.09 94.80 8.87
CA ASP VA 172 67.38 95.96 8.04
C ASP VA 172 66.35 96.16 6.93
N ALA VA 173 65.69 95.08 6.51
CA ALA VA 173 64.71 95.17 5.43
C ALA VA 173 63.54 96.06 5.82
N ASP VA 174 63.07 95.95 7.06
CA ASP VA 174 61.93 96.72 7.53
C ASP VA 174 62.32 98.04 8.18
N ILE VA 175 63.62 98.34 8.25
CA ILE VA 175 64.05 99.61 8.83
C ILE VA 175 63.60 100.75 7.92
N ASN VA 176 62.94 101.74 8.50
CA ASN VA 176 62.40 102.85 7.71
C ASN VA 176 63.52 103.74 7.21
N ALA VA 177 63.50 104.05 5.91
CA ALA VA 177 64.48 104.96 5.34
C ALA VA 177 64.15 106.41 5.67
N SER VA 178 62.88 106.76 5.77
CA SER VA 178 62.44 108.13 6.03
C SER VA 178 62.32 108.43 7.52
N ALA VA 179 62.66 107.50 8.40
CA ALA VA 179 62.54 107.72 9.83
C ALA VA 179 63.50 108.81 10.28
N ALA VA 180 63.01 109.70 11.15
CA ALA VA 180 63.79 110.80 11.71
C ALA VA 180 64.26 110.37 13.09
N ILE VA 181 65.52 109.95 13.18
CA ILE VA 181 66.11 109.48 14.43
C ILE VA 181 67.27 110.41 14.79
N ALA VA 182 67.20 111.00 15.97
CA ALA VA 182 68.24 111.92 16.42
C ALA VA 182 69.54 111.17 16.69
N LYS VA 183 70.66 111.83 16.38
CA LYS VA 183 71.96 111.18 16.50
C LYS VA 183 72.39 110.97 17.96
N SER VA 184 71.78 111.69 18.90
CA SER VA 184 72.14 111.51 20.31
C SER VA 184 71.79 110.11 20.79
N LYS VA 185 70.63 109.60 20.39
CA LYS VA 185 70.18 108.28 20.80
C LYS VA 185 70.88 107.15 20.06
N LEU VA 186 71.69 107.47 19.05
CA LEU VA 186 72.28 106.46 18.17
C LEU VA 186 73.64 106.02 18.68
N ALA VA 187 74.14 104.94 18.08
CA ALA VA 187 75.40 104.33 18.48
C ALA VA 187 76.54 104.93 17.67
N ALA VA 188 77.73 104.32 17.75
CA ALA VA 188 78.93 104.86 17.11
C ALA VA 188 79.74 103.70 16.51
N LEU VA 189 79.64 103.52 15.19
CA LEU VA 189 80.40 102.48 14.52
C LEU VA 189 81.90 102.73 14.69
N ASN VA 190 82.64 101.66 14.99
CA ASN VA 190 84.08 101.75 15.22
C ASN VA 190 84.81 101.51 13.90
N ILE VA 191 84.89 102.57 13.10
CA ILE VA 191 85.59 102.51 11.82
C ILE VA 191 87.09 102.56 12.10
N VAL VA 192 87.78 101.45 11.83
CA VAL VA 192 89.21 101.36 12.08
C VAL VA 192 89.97 102.27 11.11
#